data_7JGN
#
_entry.id   7JGN
#
_cell.length_a   215.750
_cell.length_b   215.460
_cell.length_c   156.460
_cell.angle_alpha   90.000
_cell.angle_beta   89.952
_cell.angle_gamma   90.000
#
_symmetry.space_group_name_H-M   'P 1 21 1'
#
loop_
_entity.id
_entity.type
_entity.pdbx_description
1 polymer 'Ferritin heavy chain'
2 non-polymer 'ZINC ION'
3 non-polymer 'SODIUM ION'
4 non-polymer N~1~,N~3~-dihydroxybenzene-1,3-dicarboxamide
5 water water
#
_entity_poly.entity_id   1
_entity_poly.type   'polypeptide(L)'
_entity_poly.pdbx_seq_one_letter_code
;TTASTSQVRQNYHQDSEAAINRQINLELYASYVYLSMSYYFDRDDVALKNFAKYFLHQSHEEREHAEKLMKLQNQRGGRI
FLQDIQKPDEDDWESGLNAMEAALHLEKNVNQSLLELHKLAHDKNDPHLADFIETHYLNEQVKAIKELGDHVTNLRKMGA
PESGLAEYLFDKHTLGDSDNES
;
_entity_poly.pdbx_strand_id   A,B,C,D,E,F,G,H,I,J,K,L,M,N,O,P,Q,R,S,T,U,V,W,X,a,b,c,d,e,f,g,h,i,j,k,l,m,n,o,p,q,r,s,t,u,v,w,x
#
loop_
_chem_comp.id
_chem_comp.type
_chem_comp.name
_chem_comp.formula
NA non-polymer 'SODIUM ION' 'Na 1'
V9D non-polymer N~1~,N~3~-dihydroxybenzene-1,3-dicarboxamide 'C8 H8 N2 O4'
ZN non-polymer 'ZINC ION' 'Zn 2'
#
# COMPACT_ATOMS: atom_id res chain seq x y z
N SER A 4 -52.21 -27.20 -28.05
CA SER A 4 -51.33 -26.57 -29.04
C SER A 4 -49.89 -27.01 -28.85
N THR A 5 -49.10 -26.96 -29.93
CA THR A 5 -47.70 -27.34 -29.83
C THR A 5 -46.88 -26.10 -29.49
N SER A 6 -46.00 -26.26 -28.52
CA SER A 6 -45.02 -25.22 -28.26
C SER A 6 -44.18 -24.97 -29.50
N GLN A 7 -43.94 -23.71 -29.80
CA GLN A 7 -43.03 -23.30 -30.86
C GLN A 7 -41.60 -23.81 -30.66
N VAL A 8 -41.20 -24.18 -29.44
CA VAL A 8 -39.86 -24.72 -29.23
C VAL A 8 -39.83 -26.25 -29.26
N ARG A 9 -40.97 -26.92 -29.09
CA ARG A 9 -40.96 -28.36 -28.89
C ARG A 9 -40.35 -29.08 -30.09
N GLN A 10 -39.42 -29.98 -29.80
CA GLN A 10 -38.80 -30.76 -30.85
C GLN A 10 -38.25 -32.03 -30.22
N ASN A 11 -38.63 -33.19 -30.77
CA ASN A 11 -38.16 -34.49 -30.30
C ASN A 11 -38.49 -34.74 -28.82
N TYR A 12 -39.59 -34.18 -28.32
CA TYR A 12 -39.95 -34.27 -26.91
C TYR A 12 -41.25 -35.04 -26.81
N HIS A 13 -41.16 -36.30 -26.41
CA HIS A 13 -42.32 -37.17 -26.37
C HIS A 13 -43.25 -36.82 -25.21
N GLN A 14 -44.55 -36.98 -25.43
CA GLN A 14 -45.50 -36.70 -24.35
C GLN A 14 -45.30 -37.63 -23.14
N ASP A 15 -44.75 -38.83 -23.35
CA ASP A 15 -44.38 -39.67 -22.21
C ASP A 15 -43.24 -39.05 -21.42
N SER A 16 -42.23 -38.52 -22.11
CA SER A 16 -41.12 -37.91 -21.37
C SER A 16 -41.63 -36.75 -20.56
N GLU A 17 -42.53 -35.97 -21.16
CA GLU A 17 -43.10 -34.81 -20.49
C GLU A 17 -43.84 -35.22 -19.23
N ALA A 18 -44.65 -36.27 -19.32
CA ALA A 18 -45.38 -36.73 -18.14
C ALA A 18 -44.41 -37.26 -17.09
N ALA A 19 -43.42 -38.03 -17.51
CA ALA A 19 -42.44 -38.53 -16.56
C ALA A 19 -41.71 -37.38 -15.86
N ILE A 20 -41.45 -36.29 -16.58
CA ILE A 20 -40.76 -35.14 -15.97
C ILE A 20 -41.65 -34.51 -14.90
N ASN A 21 -42.95 -34.37 -15.17
CA ASN A 21 -43.86 -33.86 -14.14
C ASN A 21 -43.86 -34.76 -12.91
N ARG A 22 -43.83 -36.08 -13.11
CA ARG A 22 -43.81 -36.99 -11.96
C ARG A 22 -42.52 -36.83 -11.17
N GLN A 23 -41.39 -36.68 -11.85
CA GLN A 23 -40.12 -36.49 -11.15
C GLN A 23 -40.11 -35.20 -10.36
N ILE A 24 -40.74 -34.14 -10.89
CA ILE A 24 -40.82 -32.87 -10.16
C ILE A 24 -41.53 -33.11 -8.83
N ASN A 25 -42.64 -33.84 -8.85
CA ASN A 25 -43.36 -34.08 -7.60
C ASN A 25 -42.53 -34.92 -6.64
N LEU A 26 -41.82 -35.92 -7.15
CA LEU A 26 -41.00 -36.77 -6.30
C LEU A 26 -39.84 -36.00 -5.66
N GLU A 27 -39.20 -35.08 -6.40
CA GLU A 27 -38.15 -34.25 -5.79
C GLU A 27 -38.71 -33.39 -4.66
N LEU A 28 -39.82 -32.72 -4.93
CA LEU A 28 -40.49 -31.91 -3.93
C LEU A 28 -40.86 -32.75 -2.72
N TYR A 29 -41.30 -34.00 -2.95
CA TYR A 29 -41.54 -34.93 -1.85
C TYR A 29 -40.27 -35.21 -1.05
N ALA A 30 -39.16 -35.54 -1.71
CA ALA A 30 -37.92 -35.76 -0.97
C ALA A 30 -37.53 -34.53 -0.16
N SER A 31 -37.70 -33.35 -0.75
CA SER A 31 -37.40 -32.14 -0.04
C SER A 31 -38.21 -32.05 1.25
N TYR A 32 -39.48 -32.48 1.19
CA TYR A 32 -40.38 -32.38 2.35
C TYR A 32 -39.98 -33.39 3.42
N VAL A 33 -39.64 -34.62 2.99
CA VAL A 33 -39.09 -35.62 3.90
C VAL A 33 -37.89 -35.06 4.67
N TYR A 34 -36.96 -34.44 3.95
CA TYR A 34 -35.74 -33.97 4.62
C TYR A 34 -36.02 -32.80 5.56
N LEU A 35 -36.93 -31.89 5.17
CA LEU A 35 -37.36 -30.83 6.07
C LEU A 35 -37.93 -31.41 7.37
N SER A 36 -38.77 -32.46 7.28
CA SER A 36 -39.29 -33.12 8.48
C SER A 36 -38.17 -33.70 9.34
N MET A 37 -37.26 -34.46 8.71
CA MET A 37 -36.16 -35.00 9.48
C MET A 37 -35.41 -33.89 10.20
N SER A 38 -35.15 -32.76 9.51
CA SER A 38 -34.28 -31.76 10.10
C SER A 38 -34.87 -31.22 11.39
N TYR A 39 -36.14 -30.83 11.35
CA TYR A 39 -36.73 -30.26 12.56
C TYR A 39 -37.11 -31.30 13.60
N TYR A 40 -37.06 -32.60 13.25
CA TYR A 40 -37.10 -33.60 14.32
C TYR A 40 -35.83 -33.53 15.19
N PHE A 41 -34.64 -33.33 14.59
CA PHE A 41 -33.41 -33.26 15.39
C PHE A 41 -33.22 -31.92 16.08
N ASP A 42 -34.03 -30.93 15.72
CA ASP A 42 -34.10 -29.65 16.41
C ASP A 42 -34.97 -29.70 17.67
N ARG A 43 -35.70 -30.80 17.90
CA ARG A 43 -36.54 -30.89 19.10
C ARG A 43 -35.69 -30.87 20.36
N ASP A 44 -36.22 -30.27 21.43
CA ASP A 44 -35.44 -30.15 22.65
C ASP A 44 -35.10 -31.50 23.25
N ASP A 45 -35.86 -32.53 22.89
CA ASP A 45 -35.65 -33.87 23.42
C ASP A 45 -34.88 -34.75 22.46
N VAL A 46 -34.28 -34.16 21.42
CA VAL A 46 -33.43 -34.87 20.47
C VAL A 46 -32.11 -34.11 20.39
N ALA A 47 -32.19 -32.84 19.95
CA ALA A 47 -31.14 -31.84 20.17
C ALA A 47 -29.81 -32.25 19.55
N LEU A 48 -29.85 -32.64 18.28
CA LEU A 48 -28.65 -33.01 17.52
C LEU A 48 -28.60 -32.03 16.36
N LYS A 49 -27.88 -30.92 16.56
CA LYS A 49 -27.99 -29.75 15.69
C LYS A 49 -27.30 -29.97 14.36
N ASN A 50 -26.29 -30.82 14.32
CA ASN A 50 -25.65 -31.06 13.03
C ASN A 50 -26.43 -32.08 12.20
N PHE A 51 -27.06 -33.07 12.85
CA PHE A 51 -28.07 -33.85 12.15
C PHE A 51 -29.14 -32.92 11.60
N ALA A 52 -29.59 -31.96 12.42
CA ALA A 52 -30.63 -31.05 11.93
C ALA A 52 -30.11 -30.24 10.75
N LYS A 53 -28.86 -29.78 10.83
CA LYS A 53 -28.29 -28.99 9.75
C LYS A 53 -28.11 -29.83 8.49
N TYR A 54 -27.66 -31.08 8.65
CA TYR A 54 -27.43 -31.94 7.50
C TYR A 54 -28.72 -32.19 6.74
N PHE A 55 -29.81 -32.51 7.44
CA PHE A 55 -31.04 -32.80 6.70
C PHE A 55 -31.65 -31.53 6.08
N LEU A 56 -31.51 -30.38 6.73
CA LEU A 56 -32.03 -29.15 6.15
C LEU A 56 -31.33 -28.82 4.84
N HIS A 57 -30.00 -29.00 4.82
CA HIS A 57 -29.26 -28.81 3.57
C HIS A 57 -29.77 -29.74 2.48
N GLN A 58 -30.00 -31.03 2.80
CA GLN A 58 -30.52 -31.90 1.76
C GLN A 58 -31.91 -31.46 1.32
N SER A 59 -32.72 -30.96 2.25
CA SER A 59 -34.04 -30.46 1.88
C SER A 59 -33.94 -29.34 0.85
N HIS A 60 -33.03 -28.37 1.06
CA HIS A 60 -32.87 -27.29 0.09
C HIS A 60 -32.29 -27.78 -1.24
N GLU A 61 -31.41 -28.77 -1.20
CA GLU A 61 -30.88 -29.32 -2.45
C GLU A 61 -31.95 -30.01 -3.27
N GLU A 62 -32.82 -30.79 -2.61
CA GLU A 62 -33.93 -31.41 -3.32
C GLU A 62 -34.85 -30.37 -3.95
N ARG A 63 -35.10 -29.25 -3.27
CA ARG A 63 -35.91 -28.20 -3.88
C ARG A 63 -35.23 -27.69 -5.16
N GLU A 64 -33.90 -27.57 -5.12
CA GLU A 64 -33.15 -27.16 -6.30
C GLU A 64 -33.23 -28.21 -7.42
N HIS A 65 -33.13 -29.49 -7.06
CA HIS A 65 -33.35 -30.54 -8.06
C HIS A 65 -34.69 -30.39 -8.76
N ALA A 66 -35.73 -30.03 -8.00
CA ALA A 66 -37.07 -29.96 -8.57
C ALA A 66 -37.21 -28.77 -9.51
N GLU A 67 -36.66 -27.62 -9.11
CA GLU A 67 -36.74 -26.42 -9.94
C GLU A 67 -35.97 -26.60 -11.23
N LYS A 68 -34.85 -27.32 -11.20
CA LYS A 68 -34.11 -27.60 -12.42
C LYS A 68 -34.94 -28.45 -13.39
N LEU A 69 -35.74 -29.36 -12.85
CA LEU A 69 -36.62 -30.14 -13.72
C LEU A 69 -37.74 -29.27 -14.25
N MET A 70 -38.21 -28.31 -13.46
CA MET A 70 -39.23 -27.40 -13.96
C MET A 70 -38.67 -26.54 -15.07
N LYS A 71 -37.40 -26.11 -14.92
CA LYS A 71 -36.71 -25.37 -15.98
C LYS A 71 -36.60 -26.22 -17.25
N LEU A 72 -36.20 -27.48 -17.10
CA LEU A 72 -36.08 -28.38 -18.24
C LEU A 72 -37.42 -28.50 -18.96
N GLN A 73 -38.50 -28.73 -18.20
CA GLN A 73 -39.84 -28.86 -18.79
C GLN A 73 -40.13 -27.70 -19.73
N ASN A 74 -39.94 -26.47 -19.25
CA ASN A 74 -40.20 -25.29 -20.07
C ASN A 74 -39.22 -25.18 -21.22
N GLN A 75 -37.94 -25.50 -20.98
CA GLN A 75 -36.97 -25.40 -22.08
C GLN A 75 -37.39 -26.26 -23.27
N ARG A 76 -37.90 -27.46 -22.99
CA ARG A 76 -38.26 -28.41 -24.04
C ARG A 76 -39.68 -28.19 -24.56
N GLY A 77 -40.42 -27.24 -23.99
CA GLY A 77 -41.74 -26.94 -24.46
C GLY A 77 -42.82 -27.81 -23.88
N GLY A 78 -42.51 -28.63 -22.88
CA GLY A 78 -43.52 -29.31 -22.12
C GLY A 78 -44.22 -28.38 -21.15
N ARG A 79 -45.22 -28.91 -20.48
CA ARG A 79 -46.04 -28.06 -19.63
C ARG A 79 -46.09 -28.62 -18.23
N ILE A 80 -45.83 -27.75 -17.26
CA ILE A 80 -45.72 -28.13 -15.86
C ILE A 80 -47.12 -28.33 -15.28
N PHE A 81 -47.35 -29.48 -14.66
CA PHE A 81 -48.54 -29.72 -13.85
C PHE A 81 -48.08 -30.22 -12.49
N LEU A 82 -48.28 -29.41 -11.47
CA LEU A 82 -47.95 -29.73 -10.10
C LEU A 82 -49.09 -30.53 -9.47
N GLN A 83 -48.73 -31.40 -8.55
CA GLN A 83 -49.70 -32.15 -7.76
C GLN A 83 -49.44 -31.87 -6.29
N ASP A 84 -50.38 -32.28 -5.45
CA ASP A 84 -50.17 -32.24 -4.02
C ASP A 84 -48.82 -32.85 -3.65
N ILE A 85 -48.15 -32.29 -2.65
CA ILE A 85 -46.95 -32.90 -2.08
C ILE A 85 -47.38 -33.70 -0.85
N GLN A 86 -47.29 -35.01 -0.94
CA GLN A 86 -47.70 -35.90 0.14
C GLN A 86 -46.80 -35.71 1.37
N LYS A 87 -47.40 -35.73 2.55
CA LYS A 87 -46.60 -35.56 3.76
C LYS A 87 -45.67 -36.77 3.92
N PRO A 88 -44.60 -36.61 4.67
CA PRO A 88 -43.68 -37.74 4.88
C PRO A 88 -44.35 -38.87 5.66
N ASP A 89 -43.73 -40.04 5.56
CA ASP A 89 -44.27 -41.26 6.16
C ASP A 89 -44.28 -41.25 7.68
N GLU A 90 -43.38 -40.47 8.31
CA GLU A 90 -43.26 -40.45 9.76
C GLU A 90 -43.28 -39.00 10.23
N ASP A 91 -43.71 -38.82 11.46
CA ASP A 91 -43.55 -37.53 12.12
C ASP A 91 -42.39 -37.53 13.08
N ASP A 92 -42.03 -38.70 13.59
CA ASP A 92 -40.98 -38.89 14.59
C ASP A 92 -39.97 -39.82 13.97
N TRP A 93 -38.72 -39.39 13.85
CA TRP A 93 -37.77 -40.17 13.08
C TRP A 93 -36.87 -41.03 13.94
N GLU A 94 -37.14 -41.06 15.28
CA GLU A 94 -36.60 -42.02 16.24
C GLU A 94 -35.18 -41.76 16.66
N SER A 95 -34.27 -41.58 15.70
CA SER A 95 -32.85 -41.48 16.02
C SER A 95 -32.07 -41.06 14.79
N GLY A 96 -30.84 -40.62 15.04
CA GLY A 96 -29.92 -40.29 13.96
C GLY A 96 -29.75 -41.43 12.98
N LEU A 97 -29.51 -42.64 13.50
CA LEU A 97 -29.27 -43.77 12.60
C LEU A 97 -30.53 -44.12 11.80
N ASN A 98 -31.69 -44.12 12.46
CA ASN A 98 -32.93 -44.43 11.76
C ASN A 98 -33.21 -43.45 10.63
N ALA A 99 -32.97 -42.16 10.87
CA ALA A 99 -33.16 -41.15 9.83
C ALA A 99 -32.19 -41.36 8.68
N MET A 100 -30.92 -41.66 8.98
CA MET A 100 -29.97 -41.97 7.92
C MET A 100 -30.45 -43.16 7.09
N GLU A 101 -30.94 -44.21 7.76
CA GLU A 101 -31.46 -45.37 7.02
C GLU A 101 -32.67 -44.98 6.18
N ALA A 102 -33.58 -44.19 6.73
CA ALA A 102 -34.72 -43.76 5.92
C ALA A 102 -34.27 -42.93 4.74
N ALA A 103 -33.29 -42.03 4.94
CA ALA A 103 -32.79 -41.21 3.83
C ALA A 103 -32.17 -42.08 2.76
N LEU A 104 -31.42 -43.09 3.18
CA LEU A 104 -30.79 -43.99 2.22
C LEU A 104 -31.86 -44.68 1.38
N HIS A 105 -32.91 -45.16 2.03
CA HIS A 105 -34.01 -45.79 1.32
C HIS A 105 -34.66 -44.82 0.34
N LEU A 106 -34.93 -43.59 0.78
CA LEU A 106 -35.53 -42.60 -0.13
C LEU A 106 -34.63 -42.33 -1.33
N GLU A 107 -33.33 -42.13 -1.08
CA GLU A 107 -32.46 -41.76 -2.18
C GLU A 107 -32.37 -42.88 -3.21
N LYS A 108 -32.42 -44.15 -2.76
CA LYS A 108 -32.41 -45.25 -3.74
C LYS A 108 -33.74 -45.30 -4.51
N ASN A 109 -34.86 -44.99 -3.85
CA ASN A 109 -36.12 -44.90 -4.60
C ASN A 109 -36.08 -43.76 -5.60
N VAL A 110 -35.54 -42.60 -5.22
CA VAL A 110 -35.44 -41.51 -6.18
C VAL A 110 -34.54 -41.90 -7.33
N ASN A 111 -33.41 -42.55 -7.00
CA ASN A 111 -32.52 -43.06 -8.03
C ASN A 111 -33.25 -44.00 -8.98
N GLN A 112 -34.11 -44.89 -8.45
CA GLN A 112 -34.82 -45.82 -9.33
C GLN A 112 -35.68 -45.06 -10.33
N SER A 113 -36.36 -44.01 -9.87
CA SER A 113 -37.23 -43.25 -10.76
C SER A 113 -36.43 -42.53 -11.84
N LEU A 114 -35.26 -42.02 -11.48
CA LEU A 114 -34.37 -41.37 -12.45
C LEU A 114 -33.85 -42.37 -13.47
N LEU A 115 -33.53 -43.60 -13.03
CA LEU A 115 -33.07 -44.60 -13.98
C LEU A 115 -34.18 -44.98 -14.97
N GLU A 116 -35.41 -45.06 -14.49
CA GLU A 116 -36.50 -45.32 -15.41
C GLU A 116 -36.75 -44.11 -16.30
N LEU A 117 -36.57 -42.90 -15.76
CA LEU A 117 -36.69 -41.73 -16.62
C LEU A 117 -35.62 -41.76 -17.70
N HIS A 118 -34.40 -42.13 -17.34
CA HIS A 118 -33.35 -42.22 -18.36
C HIS A 118 -33.69 -43.29 -19.39
N LYS A 119 -34.20 -44.42 -18.93
CA LYS A 119 -34.58 -45.50 -19.84
C LYS A 119 -35.67 -45.06 -20.82
N LEU A 120 -36.68 -44.35 -20.33
CA LEU A 120 -37.66 -43.73 -21.22
C LEU A 120 -36.97 -42.84 -22.26
N ALA A 121 -36.13 -41.91 -21.81
CA ALA A 121 -35.48 -41.00 -22.73
C ALA A 121 -34.72 -41.76 -23.81
N HIS A 122 -34.00 -42.81 -23.42
CA HIS A 122 -33.31 -43.61 -24.41
C HIS A 122 -34.29 -44.33 -25.35
N ASP A 123 -35.42 -44.82 -24.83
CA ASP A 123 -36.38 -45.52 -25.69
C ASP A 123 -37.00 -44.57 -26.70
N LYS A 124 -37.21 -43.31 -26.33
CA LYS A 124 -37.81 -42.34 -27.23
C LYS A 124 -36.76 -41.59 -28.04
N ASN A 125 -35.51 -42.08 -28.04
CA ASN A 125 -34.42 -41.45 -28.79
C ASN A 125 -34.34 -39.94 -28.51
N ASP A 126 -34.27 -39.61 -27.22
CA ASP A 126 -34.17 -38.22 -26.76
C ASP A 126 -32.82 -38.04 -26.08
N PRO A 127 -31.75 -37.83 -26.85
CA PRO A 127 -30.43 -37.75 -26.22
C PRO A 127 -30.24 -36.50 -25.35
N HIS A 128 -30.90 -35.39 -25.69
CA HIS A 128 -30.82 -34.23 -24.82
C HIS A 128 -31.35 -34.55 -23.43
N LEU A 129 -32.51 -35.22 -23.36
CA LEU A 129 -33.03 -35.61 -22.05
C LEU A 129 -32.14 -36.66 -21.38
N ALA A 130 -31.69 -37.65 -22.14
CA ALA A 130 -30.80 -38.66 -21.59
C ALA A 130 -29.57 -37.99 -20.96
N ASP A 131 -28.94 -37.07 -21.70
CA ASP A 131 -27.74 -36.43 -21.18
C ASP A 131 -28.05 -35.48 -20.04
N PHE A 132 -29.22 -34.84 -20.05
CA PHE A 132 -29.61 -33.98 -18.95
C PHE A 132 -29.67 -34.77 -17.66
N ILE A 133 -30.30 -35.94 -17.70
CA ILE A 133 -30.38 -36.81 -16.51
C ILE A 133 -29.00 -37.30 -16.08
N GLU A 134 -28.20 -37.79 -17.03
CA GLU A 134 -26.87 -38.29 -16.67
C GLU A 134 -26.04 -37.19 -16.01
N THR A 135 -26.17 -35.96 -16.52
CA THR A 135 -25.28 -34.88 -16.13
C THR A 135 -25.67 -34.28 -14.79
N HIS A 136 -26.95 -34.08 -14.56
CA HIS A 136 -27.35 -33.33 -13.38
C HIS A 136 -27.87 -34.19 -12.25
N TYR A 137 -28.17 -35.49 -12.49
CA TYR A 137 -28.84 -36.28 -11.45
C TYR A 137 -28.17 -37.62 -11.15
N LEU A 138 -27.65 -38.33 -12.15
CA LEU A 138 -27.23 -39.72 -11.92
C LEU A 138 -26.06 -39.79 -10.93
N ASN A 139 -24.95 -39.08 -11.21
CA ASN A 139 -23.83 -39.17 -10.26
C ASN A 139 -24.15 -38.49 -8.92
N GLU A 140 -24.99 -37.46 -8.94
CA GLU A 140 -25.42 -36.87 -7.67
C GLU A 140 -26.13 -37.90 -6.80
N GLN A 141 -26.97 -38.75 -7.41
CA GLN A 141 -27.62 -39.82 -6.65
C GLN A 141 -26.61 -40.83 -6.14
N VAL A 142 -25.70 -41.28 -7.02
CA VAL A 142 -24.68 -42.24 -6.60
C VAL A 142 -23.87 -41.68 -5.44
N LYS A 143 -23.49 -40.40 -5.52
CA LYS A 143 -22.71 -39.79 -4.44
C LYS A 143 -23.50 -39.77 -3.14
N ALA A 144 -24.78 -39.39 -3.21
CA ALA A 144 -25.58 -39.26 -2.00
C ALA A 144 -25.82 -40.63 -1.36
N ILE A 145 -26.07 -41.64 -2.20
CA ILE A 145 -26.28 -42.98 -1.70
C ILE A 145 -25.01 -43.48 -1.01
N LYS A 146 -23.85 -43.28 -1.65
CA LYS A 146 -22.59 -43.68 -1.03
C LYS A 146 -22.37 -42.96 0.28
N GLU A 147 -22.63 -41.65 0.32
CA GLU A 147 -22.43 -40.91 1.55
C GLU A 147 -23.34 -41.41 2.66
N LEU A 148 -24.62 -41.64 2.34
CA LEU A 148 -25.55 -42.11 3.37
C LEU A 148 -25.18 -43.52 3.84
N GLY A 149 -24.72 -44.39 2.95
CA GLY A 149 -24.22 -45.68 3.41
C GLY A 149 -23.05 -45.56 4.37
N ASP A 150 -22.06 -44.72 4.01
CA ASP A 150 -20.95 -44.41 4.90
C ASP A 150 -21.44 -44.00 6.30
N HIS A 151 -22.42 -43.09 6.36
CA HIS A 151 -22.92 -42.61 7.64
C HIS A 151 -23.58 -43.73 8.43
N VAL A 152 -24.36 -44.56 7.73
CA VAL A 152 -25.02 -45.66 8.42
C VAL A 152 -23.99 -46.63 8.98
N THR A 153 -22.97 -46.97 8.18
CA THR A 153 -21.93 -47.88 8.65
C THR A 153 -21.27 -47.35 9.91
N ASN A 154 -20.84 -46.08 9.90
CA ASN A 154 -20.16 -45.53 11.06
C ASN A 154 -21.07 -45.47 12.27
N LEU A 155 -22.32 -45.04 12.09
CA LEU A 155 -23.23 -44.98 13.24
C LEU A 155 -23.42 -46.37 13.84
N ARG A 156 -23.54 -47.40 13.00
CA ARG A 156 -23.70 -48.76 13.53
C ARG A 156 -22.44 -49.20 14.28
N LYS A 157 -21.27 -49.00 13.67
CA LYS A 157 -20.02 -49.47 14.27
C LYS A 157 -19.72 -48.77 15.59
N MET A 158 -20.22 -47.53 15.79
CA MET A 158 -20.08 -46.78 17.02
C MET A 158 -21.09 -47.21 18.09
N GLY A 159 -22.08 -48.02 17.73
CA GLY A 159 -23.01 -48.52 18.69
C GLY A 159 -24.33 -47.81 18.72
N ALA A 160 -24.66 -47.00 17.72
CA ALA A 160 -26.01 -46.46 17.62
C ALA A 160 -26.98 -47.58 17.20
N PRO A 161 -28.28 -47.45 17.51
CA PRO A 161 -28.97 -46.33 18.16
C PRO A 161 -28.90 -46.44 19.68
N GLU A 162 -28.51 -47.64 20.12
CA GLU A 162 -28.46 -47.96 21.54
C GLU A 162 -27.62 -46.94 22.31
N SER A 163 -26.38 -46.72 21.87
CA SER A 163 -25.42 -45.83 22.54
C SER A 163 -25.71 -44.38 22.14
N GLY A 164 -26.18 -43.58 23.10
CA GLY A 164 -26.47 -42.19 22.82
C GLY A 164 -25.22 -41.32 22.75
N LEU A 165 -24.14 -41.77 23.39
CA LEU A 165 -22.82 -41.20 23.14
C LEU A 165 -22.43 -41.31 21.67
N ALA A 166 -22.81 -42.42 21.00
CA ALA A 166 -22.46 -42.59 19.60
C ALA A 166 -23.06 -41.48 18.72
N GLU A 167 -24.38 -41.27 18.80
CA GLU A 167 -25.00 -40.24 17.97
C GLU A 167 -24.49 -38.85 18.33
N TYR A 168 -24.25 -38.58 19.62
CA TYR A 168 -23.67 -37.29 20.02
C TYR A 168 -22.32 -37.05 19.36
N LEU A 169 -21.42 -38.04 19.41
CA LEU A 169 -20.07 -37.85 18.87
C LEU A 169 -20.07 -37.82 17.35
N PHE A 170 -20.93 -38.63 16.72
CA PHE A 170 -21.04 -38.59 15.27
C PHE A 170 -21.53 -37.21 14.83
N ASP A 171 -22.54 -36.68 15.52
CA ASP A 171 -23.03 -35.35 15.22
C ASP A 171 -21.89 -34.33 15.30
N LYS A 172 -21.04 -34.47 16.32
CA LYS A 172 -19.90 -33.56 16.48
C LYS A 172 -18.85 -33.79 15.41
N HIS A 173 -18.41 -35.04 15.26
CA HIS A 173 -17.16 -35.25 14.54
C HIS A 173 -17.35 -35.52 13.06
N THR A 174 -18.51 -36.01 12.64
CA THR A 174 -18.74 -36.21 11.22
C THR A 174 -19.62 -35.14 10.62
N LEU A 175 -20.77 -34.87 11.22
CA LEU A 175 -21.68 -33.89 10.65
C LEU A 175 -21.32 -32.46 11.00
N GLY A 176 -20.42 -32.24 11.94
CA GLY A 176 -20.06 -30.87 12.30
C GLY A 176 -18.77 -30.40 11.66
N ASP A 177 -18.60 -30.71 10.36
CA ASP A 177 -17.41 -30.44 9.52
C ASP A 177 -16.37 -31.54 9.63
N SER B 4 -5.70 -44.77 -47.52
CA SER B 4 -4.89 -44.86 -46.31
C SER B 4 -5.74 -44.64 -45.07
N THR B 5 -5.54 -45.47 -44.06
CA THR B 5 -6.21 -45.29 -42.78
C THR B 5 -5.28 -44.55 -41.82
N SER B 6 -5.83 -43.55 -41.12
CA SER B 6 -4.98 -42.73 -40.27
C SER B 6 -4.53 -43.57 -39.09
N GLN B 7 -3.32 -43.30 -38.61
CA GLN B 7 -2.79 -44.04 -37.45
C GLN B 7 -3.61 -43.80 -36.18
N VAL B 8 -4.43 -42.75 -36.11
CA VAL B 8 -5.21 -42.51 -34.89
C VAL B 8 -6.63 -43.07 -34.98
N ARG B 9 -7.13 -43.38 -36.17
CA ARG B 9 -8.53 -43.76 -36.34
C ARG B 9 -8.85 -45.00 -35.55
N GLN B 10 -9.96 -44.96 -34.82
CA GLN B 10 -10.41 -46.12 -34.07
C GLN B 10 -11.90 -45.98 -33.79
N ASN B 11 -12.70 -46.96 -34.23
CA ASN B 11 -14.13 -47.02 -33.97
C ASN B 11 -14.87 -45.83 -34.59
N TYR B 12 -14.41 -45.35 -35.73
CA TYR B 12 -14.94 -44.14 -36.34
C TYR B 12 -15.45 -44.47 -37.72
N HIS B 13 -16.77 -44.53 -37.85
CA HIS B 13 -17.38 -45.09 -39.04
C HIS B 13 -17.38 -44.09 -40.19
N GLN B 14 -17.23 -44.61 -41.42
CA GLN B 14 -17.22 -43.73 -42.58
C GLN B 14 -18.45 -42.85 -42.66
N ASP B 15 -19.63 -43.38 -42.29
CA ASP B 15 -20.83 -42.56 -42.31
C ASP B 15 -20.77 -41.45 -41.26
N SER B 16 -20.22 -41.76 -40.09
CA SER B 16 -19.99 -40.72 -39.11
C SER B 16 -19.12 -39.62 -39.70
N GLU B 17 -17.98 -39.99 -40.28
CA GLU B 17 -17.05 -39.03 -40.87
C GLU B 17 -17.75 -38.18 -41.92
N ALA B 18 -18.63 -38.81 -42.71
CA ALA B 18 -19.38 -38.07 -43.72
C ALA B 18 -20.42 -37.16 -43.09
N ALA B 19 -21.10 -37.61 -42.03
CA ALA B 19 -22.10 -36.75 -41.39
C ALA B 19 -21.42 -35.55 -40.73
N ILE B 20 -20.23 -35.76 -40.17
CA ILE B 20 -19.50 -34.65 -39.55
C ILE B 20 -19.15 -33.59 -40.61
N ASN B 21 -18.66 -34.01 -41.78
CA ASN B 21 -18.42 -33.07 -42.88
C ASN B 21 -19.70 -32.31 -43.28
N ARG B 22 -20.85 -32.99 -43.32
CA ARG B 22 -22.10 -32.25 -43.62
C ARG B 22 -22.46 -31.25 -42.51
N GLN B 23 -22.32 -31.66 -41.26
CA GLN B 23 -22.59 -30.73 -40.16
C GLN B 23 -21.68 -29.51 -40.23
N ILE B 24 -20.41 -29.70 -40.58
CA ILE B 24 -19.50 -28.57 -40.73
C ILE B 24 -20.10 -27.57 -41.69
N ASN B 25 -20.49 -28.03 -42.89
CA ASN B 25 -21.08 -27.12 -43.87
C ASN B 25 -22.34 -26.46 -43.32
N LEU B 26 -23.15 -27.22 -42.59
CA LEU B 26 -24.37 -26.65 -42.05
C LEU B 26 -24.07 -25.56 -41.01
N GLU B 27 -23.03 -25.72 -40.19
CA GLU B 27 -22.74 -24.68 -39.21
C GLU B 27 -22.24 -23.41 -39.89
N LEU B 28 -21.33 -23.55 -40.86
CA LEU B 28 -20.90 -22.40 -41.65
C LEU B 28 -22.08 -21.72 -42.31
N TYR B 29 -23.05 -22.51 -42.82
CA TYR B 29 -24.22 -21.94 -43.46
C TYR B 29 -25.00 -21.10 -42.47
N ALA B 30 -25.21 -21.63 -41.27
CA ALA B 30 -25.94 -20.90 -40.24
C ALA B 30 -25.21 -19.60 -39.90
N SER B 31 -23.88 -19.64 -39.86
CA SER B 31 -23.12 -18.46 -39.54
C SER B 31 -23.35 -17.39 -40.59
N TYR B 32 -23.46 -17.81 -41.85
CA TYR B 32 -23.69 -16.91 -42.98
C TYR B 32 -25.07 -16.30 -42.91
N VAL B 33 -26.09 -17.11 -42.58
CA VAL B 33 -27.43 -16.55 -42.39
C VAL B 33 -27.39 -15.46 -41.32
N TYR B 34 -26.74 -15.74 -40.19
CA TYR B 34 -26.74 -14.74 -39.12
C TYR B 34 -25.94 -13.50 -39.52
N LEU B 35 -24.85 -13.69 -40.24
CA LEU B 35 -24.12 -12.53 -40.76
C LEU B 35 -25.03 -11.68 -41.63
N SER B 36 -25.81 -12.33 -42.49
CA SER B 36 -26.74 -11.60 -43.35
C SER B 36 -27.75 -10.83 -42.50
N MET B 37 -28.33 -11.49 -41.49
CA MET B 37 -29.33 -10.81 -40.69
C MET B 37 -28.72 -9.63 -39.95
N SER B 38 -27.50 -9.82 -39.41
CA SER B 38 -26.86 -8.75 -38.66
C SER B 38 -26.80 -7.47 -39.47
N TYR B 39 -26.28 -7.55 -40.71
CA TYR B 39 -26.07 -6.36 -41.51
C TYR B 39 -27.35 -5.85 -42.18
N TYR B 40 -28.42 -6.64 -42.17
CA TYR B 40 -29.74 -6.08 -42.49
C TYR B 40 -30.15 -5.06 -41.44
N PHE B 41 -29.93 -5.36 -40.16
CA PHE B 41 -30.33 -4.39 -39.14
C PHE B 41 -29.37 -3.21 -39.03
N ASP B 42 -28.23 -3.28 -39.70
CA ASP B 42 -27.28 -2.18 -39.77
C ASP B 42 -27.65 -1.18 -40.86
N ARG B 43 -28.63 -1.51 -41.70
CA ARG B 43 -29.01 -0.61 -42.79
C ARG B 43 -29.57 0.68 -42.22
N ASP B 44 -29.33 1.79 -42.91
CA ASP B 44 -29.84 3.07 -42.44
C ASP B 44 -31.37 3.11 -42.39
N ASP B 45 -32.07 2.24 -43.13
CA ASP B 45 -33.54 2.26 -43.13
C ASP B 45 -34.14 1.15 -42.26
N VAL B 46 -33.34 0.51 -41.42
CA VAL B 46 -33.77 -0.44 -40.41
C VAL B 46 -33.22 0.02 -39.06
N ALA B 47 -31.89 0.11 -38.94
CA ALA B 47 -31.25 0.86 -37.84
C ALA B 47 -31.70 0.39 -36.46
N LEU B 48 -31.59 -0.91 -36.22
CA LEU B 48 -31.80 -1.52 -34.90
C LEU B 48 -30.45 -2.14 -34.51
N LYS B 49 -29.63 -1.35 -33.80
CA LYS B 49 -28.25 -1.72 -33.55
C LYS B 49 -28.12 -2.99 -32.73
N ASN B 50 -29.03 -3.20 -31.77
CA ASN B 50 -28.89 -4.37 -30.90
C ASN B 50 -29.38 -5.65 -31.58
N PHE B 51 -30.37 -5.57 -32.47
CA PHE B 51 -30.63 -6.72 -33.33
C PHE B 51 -29.40 -7.03 -34.16
N ALA B 52 -28.75 -6.00 -34.70
CA ALA B 52 -27.53 -6.18 -35.46
C ALA B 52 -26.46 -6.89 -34.61
N LYS B 53 -26.24 -6.41 -33.39
CA LYS B 53 -25.23 -7.03 -32.53
C LYS B 53 -25.63 -8.46 -32.16
N TYR B 54 -26.90 -8.68 -31.81
CA TYR B 54 -27.35 -10.02 -31.44
C TYR B 54 -27.04 -11.03 -32.55
N PHE B 55 -27.43 -10.72 -33.79
CA PHE B 55 -27.18 -11.69 -34.86
C PHE B 55 -25.71 -11.81 -35.23
N LEU B 56 -24.93 -10.71 -35.13
CA LEU B 56 -23.49 -10.84 -35.36
C LEU B 56 -22.88 -11.79 -34.33
N HIS B 57 -23.32 -11.71 -33.07
CA HIS B 57 -22.82 -12.62 -32.06
C HIS B 57 -23.19 -14.06 -32.41
N GLN B 58 -24.45 -14.31 -32.79
CA GLN B 58 -24.80 -15.66 -33.24
C GLN B 58 -23.91 -16.10 -34.40
N SER B 59 -23.60 -15.19 -35.31
CA SER B 59 -22.81 -15.56 -36.48
C SER B 59 -21.46 -16.10 -36.06
N HIS B 60 -20.79 -15.42 -35.12
CA HIS B 60 -19.46 -15.86 -34.73
C HIS B 60 -19.54 -17.14 -33.94
N GLU B 61 -20.59 -17.31 -33.12
CA GLU B 61 -20.77 -18.58 -32.41
C GLU B 61 -20.88 -19.76 -33.38
N GLU B 62 -21.66 -19.61 -34.45
CA GLU B 62 -21.82 -20.70 -35.40
C GLU B 62 -20.49 -21.05 -36.05
N ARG B 63 -19.69 -20.03 -36.37
CA ARG B 63 -18.36 -20.31 -36.87
C ARG B 63 -17.56 -21.14 -35.87
N GLU B 64 -17.61 -20.78 -34.58
CA GLU B 64 -16.95 -21.61 -33.55
C GLU B 64 -17.46 -23.05 -33.60
N HIS B 65 -18.79 -23.23 -33.67
CA HIS B 65 -19.38 -24.57 -33.78
C HIS B 65 -18.76 -25.34 -34.93
N ALA B 66 -18.62 -24.68 -36.08
CA ALA B 66 -18.04 -25.33 -37.24
C ALA B 66 -16.60 -25.73 -36.97
N GLU B 67 -15.81 -24.83 -36.38
CA GLU B 67 -14.40 -25.16 -36.16
C GLU B 67 -14.23 -26.30 -35.15
N LYS B 68 -15.09 -26.37 -34.14
CA LYS B 68 -14.96 -27.45 -33.17
C LYS B 68 -15.27 -28.80 -33.82
N LEU B 69 -16.20 -28.83 -34.81
CA LEU B 69 -16.43 -30.05 -35.58
C LEU B 69 -15.22 -30.38 -36.45
N MET B 70 -14.58 -29.37 -37.03
CA MET B 70 -13.37 -29.64 -37.83
C MET B 70 -12.28 -30.26 -36.96
N LYS B 71 -12.08 -29.72 -35.74
CA LYS B 71 -11.17 -30.30 -34.76
C LYS B 71 -11.50 -31.76 -34.48
N LEU B 72 -12.78 -32.04 -34.23
CA LEU B 72 -13.22 -33.40 -33.96
C LEU B 72 -12.87 -34.33 -35.12
N GLN B 73 -13.15 -33.90 -36.36
CA GLN B 73 -12.85 -34.73 -37.52
C GLN B 73 -11.38 -35.16 -37.51
N ASN B 74 -10.46 -34.21 -37.29
CA ASN B 74 -9.05 -34.58 -37.27
C ASN B 74 -8.69 -35.38 -36.02
N GLN B 75 -9.31 -35.09 -34.87
CA GLN B 75 -9.01 -35.85 -33.67
C GLN B 75 -9.32 -37.33 -33.87
N ARG B 76 -10.40 -37.64 -34.57
CA ARG B 76 -10.80 -39.03 -34.79
C ARG B 76 -10.11 -39.65 -35.99
N GLY B 77 -9.36 -38.86 -36.77
CA GLY B 77 -8.72 -39.38 -37.95
C GLY B 77 -9.56 -39.29 -39.21
N GLY B 78 -10.72 -38.64 -39.16
CA GLY B 78 -11.46 -38.37 -40.38
C GLY B 78 -10.79 -37.28 -41.20
N ARG B 79 -11.30 -37.06 -42.40
CA ARG B 79 -10.71 -36.09 -43.31
C ARG B 79 -11.75 -35.04 -43.69
N ILE B 80 -11.39 -33.79 -43.46
CA ILE B 80 -12.29 -32.68 -43.74
C ILE B 80 -12.42 -32.53 -45.25
N PHE B 81 -13.66 -32.43 -45.73
CA PHE B 81 -13.94 -32.01 -47.10
C PHE B 81 -14.95 -30.89 -47.02
N LEU B 82 -14.51 -29.70 -47.41
CA LEU B 82 -15.36 -28.52 -47.41
C LEU B 82 -16.17 -28.44 -48.70
N GLN B 83 -17.33 -27.81 -48.62
CA GLN B 83 -18.20 -27.60 -49.76
C GLN B 83 -18.55 -26.12 -49.82
N ASP B 84 -19.11 -25.69 -50.95
CA ASP B 84 -19.64 -24.33 -51.06
C ASP B 84 -20.53 -23.99 -49.88
N ILE B 85 -20.49 -22.75 -49.45
CA ILE B 85 -21.41 -22.29 -48.43
C ILE B 85 -22.50 -21.53 -49.17
N GLN B 86 -23.69 -22.12 -49.22
CA GLN B 86 -24.80 -21.52 -49.93
C GLN B 86 -25.19 -20.18 -49.32
N LYS B 87 -25.54 -19.20 -50.16
CA LYS B 87 -26.04 -17.93 -49.66
C LYS B 87 -27.40 -18.12 -48.94
N PRO B 88 -27.69 -17.30 -47.93
CA PRO B 88 -28.98 -17.40 -47.24
C PRO B 88 -30.14 -17.25 -48.21
N ASP B 89 -31.34 -17.67 -47.77
CA ASP B 89 -32.52 -17.60 -48.63
C ASP B 89 -33.08 -16.21 -48.82
N GLU B 90 -32.74 -15.24 -47.98
CA GLU B 90 -33.24 -13.89 -48.15
C GLU B 90 -32.06 -12.94 -48.17
N ASP B 91 -32.25 -11.82 -48.85
CA ASP B 91 -31.39 -10.65 -48.74
C ASP B 91 -31.93 -9.61 -47.77
N ASP B 92 -33.25 -9.53 -47.65
CA ASP B 92 -33.98 -8.55 -46.87
C ASP B 92 -34.81 -9.35 -45.86
N TRP B 93 -34.60 -9.09 -44.57
CA TRP B 93 -35.22 -9.93 -43.55
C TRP B 93 -36.46 -9.29 -42.93
N GLU B 94 -36.93 -8.17 -43.51
CA GLU B 94 -38.25 -7.57 -43.27
C GLU B 94 -38.41 -6.85 -41.93
N SER B 95 -38.04 -7.50 -40.84
CA SER B 95 -38.30 -6.94 -39.51
C SER B 95 -37.57 -7.76 -38.48
N GLY B 96 -37.49 -7.19 -37.27
CA GLY B 96 -36.89 -7.92 -36.17
C GLY B 96 -37.62 -9.20 -35.85
N LEU B 97 -38.95 -9.13 -35.75
CA LEU B 97 -39.73 -10.34 -35.50
C LEU B 97 -39.50 -11.38 -36.59
N ASN B 98 -39.54 -10.95 -37.86
CA ASN B 98 -39.36 -11.91 -38.95
C ASN B 98 -37.99 -12.58 -38.88
N ALA B 99 -36.93 -11.80 -38.59
CA ALA B 99 -35.60 -12.38 -38.43
C ALA B 99 -35.57 -13.38 -37.28
N MET B 100 -36.18 -13.02 -36.14
CA MET B 100 -36.22 -13.97 -35.02
C MET B 100 -36.95 -15.26 -35.41
N GLU B 101 -38.06 -15.14 -36.16
CA GLU B 101 -38.77 -16.34 -36.60
C GLU B 101 -37.92 -17.14 -37.55
N ALA B 102 -37.22 -16.49 -38.46
CA ALA B 102 -36.34 -17.23 -39.37
C ALA B 102 -35.21 -17.91 -38.60
N ALA B 103 -34.63 -17.21 -37.62
CA ALA B 103 -33.58 -17.83 -36.80
C ALA B 103 -34.13 -19.02 -36.03
N LEU B 104 -35.34 -18.90 -35.49
CA LEU B 104 -35.93 -20.03 -34.77
C LEU B 104 -36.06 -21.25 -35.69
N HIS B 105 -36.62 -21.03 -36.88
CA HIS B 105 -36.72 -22.10 -37.85
C HIS B 105 -35.34 -22.68 -38.17
N LEU B 106 -34.35 -21.82 -38.37
CA LEU B 106 -32.99 -22.29 -38.68
C LEU B 106 -32.46 -23.19 -37.57
N GLU B 107 -32.57 -22.74 -36.31
CA GLU B 107 -31.96 -23.48 -35.20
C GLU B 107 -32.63 -24.85 -35.02
N LYS B 108 -33.94 -24.95 -35.26
CA LYS B 108 -34.61 -26.25 -35.15
C LYS B 108 -34.18 -27.17 -36.28
N ASN B 109 -33.90 -26.61 -37.46
CA ASN B 109 -33.31 -27.39 -38.53
C ASN B 109 -31.90 -27.87 -38.18
N VAL B 110 -31.08 -27.00 -37.61
CA VAL B 110 -29.75 -27.44 -37.18
C VAL B 110 -29.87 -28.50 -36.08
N ASN B 111 -30.77 -28.28 -35.11
CA ASN B 111 -30.99 -29.26 -34.05
C ASN B 111 -31.39 -30.61 -34.64
N GLN B 112 -32.30 -30.60 -35.61
CA GLN B 112 -32.71 -31.85 -36.24
C GLN B 112 -31.51 -32.57 -36.85
N SER B 113 -30.63 -31.83 -37.51
CA SER B 113 -29.46 -32.48 -38.08
C SER B 113 -28.52 -33.01 -36.99
N LEU B 114 -28.36 -32.28 -35.88
CA LEU B 114 -27.58 -32.81 -34.75
C LEU B 114 -28.21 -34.06 -34.14
N LEU B 115 -29.54 -34.09 -33.99
CA LEU B 115 -30.19 -35.28 -33.45
C LEU B 115 -29.98 -36.50 -34.36
N GLU B 116 -30.04 -36.30 -35.66
CA GLU B 116 -29.78 -37.43 -36.54
C GLU B 116 -28.32 -37.87 -36.48
N LEU B 117 -27.39 -36.92 -36.33
CA LEU B 117 -26.00 -37.30 -36.17
C LEU B 117 -25.79 -38.08 -34.87
N HIS B 118 -26.46 -37.68 -33.80
CA HIS B 118 -26.34 -38.43 -32.55
C HIS B 118 -26.87 -39.85 -32.73
N LYS B 119 -28.03 -39.98 -33.39
CA LYS B 119 -28.60 -41.30 -33.66
C LYS B 119 -27.62 -42.15 -34.47
N LEU B 120 -26.96 -41.54 -35.45
CA LEU B 120 -26.00 -42.29 -36.23
C LEU B 120 -24.86 -42.77 -35.34
N ALA B 121 -24.40 -41.92 -34.40
CA ALA B 121 -23.32 -42.32 -33.52
C ALA B 121 -23.74 -43.45 -32.59
N HIS B 122 -24.94 -43.35 -32.04
CA HIS B 122 -25.50 -44.44 -31.23
C HIS B 122 -25.61 -45.72 -32.04
N ASP B 123 -26.12 -45.64 -33.28
CA ASP B 123 -26.26 -46.85 -34.07
C ASP B 123 -24.92 -47.42 -34.48
N LYS B 124 -23.87 -46.60 -34.57
CA LYS B 124 -22.55 -47.11 -34.94
C LYS B 124 -21.71 -47.42 -33.71
N ASN B 125 -22.34 -47.47 -32.54
CA ASN B 125 -21.70 -47.76 -31.26
C ASN B 125 -20.45 -46.91 -31.07
N ASP B 126 -20.62 -45.58 -31.28
CA ASP B 126 -19.53 -44.63 -31.19
C ASP B 126 -19.81 -43.70 -30.01
N PRO B 127 -19.51 -44.15 -28.78
CA PRO B 127 -19.94 -43.36 -27.62
C PRO B 127 -19.13 -42.09 -27.44
N HIS B 128 -17.88 -42.06 -27.93
CA HIS B 128 -17.14 -40.82 -27.89
C HIS B 128 -17.83 -39.75 -28.71
N LEU B 129 -18.27 -40.11 -29.93
CA LEU B 129 -18.93 -39.12 -30.78
C LEU B 129 -20.30 -38.72 -30.22
N ALA B 130 -21.03 -39.67 -29.66
CA ALA B 130 -22.34 -39.34 -29.07
C ALA B 130 -22.18 -38.38 -27.89
N ASP B 131 -21.21 -38.65 -27.03
CA ASP B 131 -21.03 -37.76 -25.90
C ASP B 131 -20.54 -36.38 -26.35
N PHE B 132 -19.67 -36.34 -27.39
CA PHE B 132 -19.28 -35.06 -27.98
C PHE B 132 -20.50 -34.24 -28.40
N ILE B 133 -21.45 -34.86 -29.12
CA ILE B 133 -22.65 -34.15 -29.56
C ILE B 133 -23.49 -33.73 -28.36
N GLU B 134 -23.62 -34.62 -27.38
CA GLU B 134 -24.38 -34.32 -26.16
C GLU B 134 -23.76 -33.15 -25.40
N THR B 135 -22.44 -33.21 -25.20
CA THR B 135 -21.78 -32.22 -24.35
C THR B 135 -21.70 -30.86 -25.03
N HIS B 136 -21.38 -30.82 -26.30
CA HIS B 136 -21.07 -29.55 -26.93
C HIS B 136 -22.20 -29.01 -27.79
N TYR B 137 -23.23 -29.79 -28.10
CA TYR B 137 -24.17 -29.22 -29.07
C TYR B 137 -25.62 -29.26 -28.63
N LEU B 138 -26.08 -30.34 -27.99
CA LEU B 138 -27.52 -30.54 -27.84
C LEU B 138 -28.13 -29.55 -26.84
N ASN B 139 -27.49 -29.34 -25.68
CA ASN B 139 -28.12 -28.39 -24.76
C ASN B 139 -27.94 -26.96 -25.27
N GLU B 140 -26.84 -26.68 -25.95
CA GLU B 140 -26.69 -25.39 -26.64
C GLU B 140 -27.86 -25.13 -27.59
N GLN B 141 -28.24 -26.13 -28.41
CA GLN B 141 -29.38 -25.95 -29.31
C GLN B 141 -30.67 -25.73 -28.53
N VAL B 142 -30.89 -26.51 -27.47
CA VAL B 142 -32.16 -26.38 -26.75
C VAL B 142 -32.26 -24.97 -26.12
N LYS B 143 -31.14 -24.49 -25.55
CA LYS B 143 -31.11 -23.13 -25.01
C LYS B 143 -31.36 -22.10 -26.11
N ALA B 144 -30.69 -22.26 -27.26
CA ALA B 144 -30.88 -21.29 -28.34
C ALA B 144 -32.34 -21.20 -28.79
N ILE B 145 -32.99 -22.36 -28.91
CA ILE B 145 -34.37 -22.41 -29.42
C ILE B 145 -35.32 -21.78 -28.41
N LYS B 146 -35.12 -22.10 -27.12
CA LYS B 146 -35.91 -21.48 -26.06
C LYS B 146 -35.74 -19.96 -26.05
N GLU B 147 -34.51 -19.49 -26.18
CA GLU B 147 -34.29 -18.04 -26.20
C GLU B 147 -34.99 -17.41 -27.40
N LEU B 148 -34.87 -18.02 -28.57
CA LEU B 148 -35.53 -17.47 -29.74
C LEU B 148 -37.04 -17.48 -29.60
N GLY B 149 -37.60 -18.60 -29.12
CA GLY B 149 -39.02 -18.64 -28.84
C GLY B 149 -39.43 -17.53 -27.89
N ASP B 150 -38.64 -17.33 -26.83
CA ASP B 150 -38.92 -16.27 -25.87
C ASP B 150 -38.95 -14.90 -26.56
N HIS B 151 -37.97 -14.63 -27.43
CA HIS B 151 -37.92 -13.33 -28.09
C HIS B 151 -39.12 -13.16 -29.02
N VAL B 152 -39.45 -14.22 -29.75
CA VAL B 152 -40.59 -14.17 -30.66
C VAL B 152 -41.85 -13.87 -29.87
N THR B 153 -42.04 -14.58 -28.76
CA THR B 153 -43.22 -14.34 -27.92
C THR B 153 -43.32 -12.88 -27.50
N ASN B 154 -42.20 -12.29 -27.06
CA ASN B 154 -42.31 -10.91 -26.54
C ASN B 154 -42.59 -9.94 -27.68
N LEU B 155 -41.93 -10.12 -28.81
CA LEU B 155 -42.15 -9.20 -29.91
C LEU B 155 -43.61 -9.22 -30.35
N ARG B 156 -44.23 -10.41 -30.39
CA ARG B 156 -45.64 -10.46 -30.77
C ARG B 156 -46.52 -9.77 -29.73
N LYS B 157 -46.32 -10.07 -28.45
CA LYS B 157 -47.17 -9.43 -27.44
C LYS B 157 -46.99 -7.92 -27.39
N MET B 158 -45.80 -7.42 -27.73
CA MET B 158 -45.60 -5.97 -27.76
C MET B 158 -46.23 -5.32 -28.99
N GLY B 159 -46.69 -6.11 -29.96
CA GLY B 159 -47.36 -5.59 -31.12
C GLY B 159 -46.54 -5.56 -32.38
N ALA B 160 -45.38 -6.24 -32.41
CA ALA B 160 -44.63 -6.35 -33.66
C ALA B 160 -45.40 -7.27 -34.61
N PRO B 161 -45.11 -7.19 -35.94
CA PRO B 161 -44.15 -6.30 -36.61
C PRO B 161 -44.76 -4.94 -36.96
N GLU B 162 -46.08 -4.84 -36.80
CA GLU B 162 -46.84 -3.63 -37.08
C GLU B 162 -46.21 -2.44 -36.36
N SER B 163 -46.33 -2.44 -35.04
CA SER B 163 -45.89 -1.35 -34.18
C SER B 163 -44.37 -1.21 -34.26
N GLY B 164 -43.93 -0.11 -34.86
CA GLY B 164 -42.50 0.14 -34.95
C GLY B 164 -41.91 0.51 -33.61
N LEU B 165 -42.73 1.11 -32.74
CA LEU B 165 -42.39 1.25 -31.33
C LEU B 165 -41.97 -0.06 -30.68
N ALA B 166 -42.66 -1.16 -30.99
CA ALA B 166 -42.39 -2.42 -30.32
C ALA B 166 -40.96 -2.89 -30.56
N GLU B 167 -40.53 -2.92 -31.83
CA GLU B 167 -39.19 -3.38 -32.17
C GLU B 167 -38.12 -2.45 -31.61
N TYR B 168 -38.39 -1.14 -31.56
CA TYR B 168 -37.43 -0.19 -31.00
C TYR B 168 -37.23 -0.43 -29.51
N LEU B 169 -38.32 -0.56 -28.75
CA LEU B 169 -38.23 -0.80 -27.31
C LEU B 169 -37.62 -2.17 -27.02
N PHE B 170 -37.97 -3.20 -27.80
CA PHE B 170 -37.38 -4.53 -27.61
C PHE B 170 -35.88 -4.51 -27.87
N ASP B 171 -35.47 -3.83 -28.94
CA ASP B 171 -34.04 -3.63 -29.19
C ASP B 171 -33.35 -2.95 -28.01
N LYS B 172 -33.98 -1.92 -27.43
CA LYS B 172 -33.35 -1.24 -26.30
CA LYS B 172 -33.36 -1.24 -26.28
C LYS B 172 -33.35 -2.11 -25.04
N HIS B 173 -34.50 -2.66 -24.67
CA HIS B 173 -34.66 -3.23 -23.34
C HIS B 173 -34.38 -4.71 -23.22
N THR B 174 -34.56 -5.49 -24.29
CA THR B 174 -34.18 -6.89 -24.23
C THR B 174 -32.81 -7.15 -24.81
N LEU B 175 -32.54 -6.68 -26.02
CA LEU B 175 -31.30 -7.02 -26.69
C LEU B 175 -30.14 -6.12 -26.29
N GLY B 176 -30.41 -4.93 -25.76
CA GLY B 176 -29.35 -4.04 -25.31
C GLY B 176 -29.09 -4.16 -23.83
N ASP B 177 -28.48 -5.27 -23.42
CA ASP B 177 -28.35 -5.63 -22.00
C ASP B 177 -29.74 -5.68 -21.35
N SER C 4 -23.03 -61.04 0.95
CA SER C 4 -24.13 -60.09 1.05
C SER C 4 -23.98 -58.91 0.07
N THR C 5 -25.12 -58.36 -0.34
CA THR C 5 -25.14 -57.23 -1.26
C THR C 5 -24.87 -55.94 -0.49
N SER C 6 -24.07 -55.07 -1.08
CA SER C 6 -23.79 -53.76 -0.50
C SER C 6 -25.08 -52.98 -0.30
N GLN C 7 -25.17 -52.24 0.82
CA GLN C 7 -26.31 -51.38 1.04
C GLN C 7 -26.43 -50.29 -0.02
N VAL C 8 -25.37 -50.02 -0.79
CA VAL C 8 -25.46 -48.96 -1.79
C VAL C 8 -25.71 -49.50 -3.18
N ARG C 9 -25.50 -50.79 -3.41
CA ARG C 9 -25.53 -51.31 -4.77
C ARG C 9 -26.91 -51.09 -5.37
N GLN C 10 -26.94 -50.60 -6.60
CA GLN C 10 -28.21 -50.44 -7.31
C GLN C 10 -27.91 -50.38 -8.81
N ASN C 11 -28.52 -51.31 -9.56
CA ASN C 11 -28.45 -51.33 -11.01
C ASN C 11 -27.01 -51.54 -11.49
N TYR C 12 -26.21 -52.22 -10.69
CA TYR C 12 -24.79 -52.43 -10.98
C TYR C 12 -24.60 -53.91 -11.26
N HIS C 13 -24.38 -54.27 -12.52
CA HIS C 13 -24.31 -55.67 -12.87
C HIS C 13 -22.98 -56.30 -12.45
N GLN C 14 -23.02 -57.59 -12.11
CA GLN C 14 -21.82 -58.35 -11.80
C GLN C 14 -20.80 -58.28 -12.93
N ASP C 15 -21.27 -58.33 -14.19
CA ASP C 15 -20.33 -58.21 -15.29
C ASP C 15 -19.63 -56.85 -15.30
N SER C 16 -20.39 -55.76 -15.07
CA SER C 16 -19.77 -54.45 -15.01
C SER C 16 -18.75 -54.40 -13.88
N GLU C 17 -19.14 -54.85 -12.69
CA GLU C 17 -18.20 -54.89 -11.58
C GLU C 17 -16.93 -55.64 -11.93
N ALA C 18 -17.07 -56.75 -12.69
CA ALA C 18 -15.88 -57.50 -13.07
C ALA C 18 -15.06 -56.74 -14.11
N ALA C 19 -15.72 -56.04 -15.04
CA ALA C 19 -14.97 -55.32 -16.06
C ALA C 19 -14.19 -54.13 -15.46
N ILE C 20 -14.79 -53.45 -14.49
CA ILE C 20 -14.08 -52.38 -13.79
C ILE C 20 -12.78 -52.92 -13.18
N ASN C 21 -12.85 -54.07 -12.52
CA ASN C 21 -11.63 -54.64 -11.94
C ASN C 21 -10.56 -54.90 -13.00
N ARG C 22 -10.96 -55.36 -14.19
CA ARG C 22 -9.98 -55.60 -15.23
C ARG C 22 -9.40 -54.28 -15.72
N GLN C 23 -10.23 -53.26 -15.87
CA GLN C 23 -9.76 -51.97 -16.36
C GLN C 23 -8.79 -51.34 -15.35
N ILE C 24 -9.09 -51.48 -14.05
CA ILE C 24 -8.16 -51.03 -13.01
C ILE C 24 -6.79 -51.65 -13.25
N ASN C 25 -6.77 -52.96 -13.48
CA ASN C 25 -5.47 -53.60 -13.70
C ASN C 25 -4.82 -53.08 -14.98
N LEU C 26 -5.61 -52.92 -16.05
CA LEU C 26 -5.05 -52.42 -17.29
C LEU C 26 -4.46 -51.03 -17.10
N GLU C 27 -5.14 -50.15 -16.35
CA GLU C 27 -4.62 -48.81 -16.11
C GLU C 27 -3.31 -48.87 -15.34
N LEU C 28 -3.25 -49.70 -14.30
CA LEU C 28 -2.01 -49.88 -13.54
C LEU C 28 -0.91 -50.41 -14.43
N TYR C 29 -1.24 -51.31 -15.35
CA TYR C 29 -0.26 -51.82 -16.31
C TYR C 29 0.29 -50.68 -17.18
N ALA C 30 -0.60 -49.83 -17.70
CA ALA C 30 -0.17 -48.73 -18.55
C ALA C 30 0.74 -47.76 -17.78
N SER C 31 0.37 -47.46 -16.54
CA SER C 31 1.26 -46.67 -15.69
C SER C 31 2.66 -47.28 -15.64
N TYR C 32 2.73 -48.60 -15.49
CA TYR C 32 4.02 -49.30 -15.39
C TYR C 32 4.79 -49.21 -16.71
N VAL C 33 4.11 -49.40 -17.84
CA VAL C 33 4.80 -49.25 -19.14
C VAL C 33 5.42 -47.85 -19.23
N TYR C 34 4.65 -46.83 -18.85
CA TYR C 34 5.16 -45.46 -18.99
C TYR C 34 6.30 -45.19 -18.01
N LEU C 35 6.23 -45.75 -16.81
CA LEU C 35 7.34 -45.66 -15.88
C LEU C 35 8.61 -46.27 -16.48
N SER C 36 8.48 -47.46 -17.08
CA SER C 36 9.60 -48.09 -17.74
C SER C 36 10.18 -47.21 -18.82
N MET C 37 9.33 -46.71 -19.73
CA MET C 37 9.80 -45.85 -20.80
C MET C 37 10.50 -44.63 -20.26
N SER C 38 9.95 -44.07 -19.19
CA SER C 38 10.50 -42.82 -18.68
C SER C 38 11.97 -43.01 -18.31
N TYR C 39 12.26 -44.05 -17.53
CA TYR C 39 13.62 -44.25 -17.06
C TYR C 39 14.52 -44.84 -18.11
N TYR C 40 13.99 -45.40 -19.19
CA TYR C 40 14.87 -45.69 -20.31
C TYR C 40 15.48 -44.40 -20.83
N PHE C 41 14.68 -43.33 -20.97
CA PHE C 41 15.25 -42.11 -21.55
C PHE C 41 16.14 -41.36 -20.56
N ASP C 42 16.13 -41.75 -19.28
CA ASP C 42 17.01 -41.26 -18.24
C ASP C 42 18.40 -41.90 -18.27
N ARG C 43 18.58 -42.99 -19.01
CA ARG C 43 19.89 -43.64 -19.09
C ARG C 43 20.93 -42.68 -19.65
N ASP C 44 22.18 -42.83 -19.18
CA ASP C 44 23.27 -41.98 -19.65
C ASP C 44 23.55 -42.19 -21.13
N ASP C 45 23.14 -43.33 -21.69
CA ASP C 45 23.37 -43.57 -23.12
C ASP C 45 22.14 -43.31 -23.98
N VAL C 46 21.08 -42.74 -23.41
CA VAL C 46 19.92 -42.28 -24.16
C VAL C 46 19.79 -40.78 -23.91
N ALA C 47 19.58 -40.40 -22.65
CA ALA C 47 19.77 -39.03 -22.15
C ALA C 47 18.91 -37.99 -22.89
N LEU C 48 17.62 -38.29 -23.04
CA LEU C 48 16.64 -37.35 -23.57
C LEU C 48 15.69 -37.00 -22.42
N LYS C 49 16.03 -35.93 -21.67
CA LYS C 49 15.32 -35.67 -20.42
C LYS C 49 13.85 -35.31 -20.62
N ASN C 50 13.48 -34.67 -21.74
CA ASN C 50 12.08 -34.29 -21.89
C ASN C 50 11.23 -35.46 -22.34
N PHE C 51 11.80 -36.38 -23.11
CA PHE C 51 11.18 -37.68 -23.30
C PHE C 51 10.95 -38.35 -21.94
N ALA C 52 11.98 -38.36 -21.08
CA ALA C 52 11.82 -38.98 -19.77
C ALA C 52 10.70 -38.31 -18.99
N LYS C 53 10.67 -36.98 -19.00
CA LYS C 53 9.65 -36.28 -18.24
C LYS C 53 8.27 -36.52 -18.83
N TYR C 54 8.17 -36.56 -20.15
CA TYR C 54 6.89 -36.78 -20.80
C TYR C 54 6.25 -38.10 -20.37
N PHE C 55 7.01 -39.19 -20.44
CA PHE C 55 6.44 -40.50 -20.11
C PHE C 55 6.23 -40.64 -18.62
N LEU C 56 7.08 -39.99 -17.80
CA LEU C 56 6.84 -40.04 -16.36
C LEU C 56 5.52 -39.37 -16.00
N HIS C 57 5.23 -38.23 -16.64
CA HIS C 57 3.92 -37.61 -16.46
C HIS C 57 2.80 -38.56 -16.88
N GLN C 58 2.90 -39.17 -18.07
CA GLN C 58 1.87 -40.12 -18.47
C GLN C 58 1.71 -41.22 -17.43
N SER C 59 2.82 -41.67 -16.85
CA SER C 59 2.77 -42.76 -15.88
C SER C 59 1.93 -42.37 -14.67
N HIS C 60 2.13 -41.16 -14.16
CA HIS C 60 1.37 -40.74 -12.98
C HIS C 60 -0.10 -40.53 -13.34
N GLU C 61 -0.36 -40.10 -14.57
CA GLU C 61 -1.74 -39.90 -14.98
C GLU C 61 -2.49 -41.22 -15.04
N GLU C 62 -1.87 -42.26 -15.66
CA GLU C 62 -2.49 -43.59 -15.66
C GLU C 62 -2.79 -44.06 -14.25
N ARG C 63 -1.90 -43.77 -13.31
CA ARG C 63 -2.16 -44.22 -11.95
C ARG C 63 -3.40 -43.52 -11.39
N GLU C 64 -3.56 -42.22 -11.69
CA GLU C 64 -4.78 -41.53 -11.31
C GLU C 64 -6.00 -42.16 -11.97
N HIS C 65 -5.85 -42.60 -13.24
CA HIS C 65 -6.97 -43.27 -13.90
C HIS C 65 -7.37 -44.52 -13.15
N ALA C 66 -6.39 -45.31 -12.70
CA ALA C 66 -6.69 -46.52 -11.97
C ALA C 66 -7.42 -46.21 -10.70
N GLU C 67 -6.96 -45.16 -10.00
CA GLU C 67 -7.54 -44.83 -8.69
C GLU C 67 -8.97 -44.32 -8.83
N LYS C 68 -9.25 -43.57 -9.88
CA LYS C 68 -10.62 -43.11 -10.09
C LYS C 68 -11.55 -44.28 -10.37
N LEU C 69 -11.04 -45.34 -11.01
CA LEU C 69 -11.88 -46.52 -11.21
C LEU C 69 -12.10 -47.28 -9.91
N MET C 70 -11.10 -47.29 -9.02
CA MET C 70 -11.28 -47.95 -7.72
C MET C 70 -12.30 -47.21 -6.88
N LYS C 71 -12.30 -45.88 -6.93
CA LYS C 71 -13.35 -45.10 -6.26
C LYS C 71 -14.72 -45.41 -6.84
N LEU C 72 -14.81 -45.46 -8.16
CA LEU C 72 -16.06 -45.84 -8.81
C LEU C 72 -16.54 -47.19 -8.30
N GLN C 73 -15.63 -48.17 -8.25
CA GLN C 73 -16.00 -49.50 -7.80
C GLN C 73 -16.67 -49.44 -6.43
N ASN C 74 -16.06 -48.72 -5.49
CA ASN C 74 -16.63 -48.57 -4.15
C ASN C 74 -17.91 -47.73 -4.18
N GLN C 75 -17.98 -46.68 -5.02
CA GLN C 75 -19.19 -45.86 -5.03
C GLN C 75 -20.41 -46.68 -5.42
N ARG C 76 -20.27 -47.60 -6.38
CA ARG C 76 -21.41 -48.39 -6.82
C ARG C 76 -21.65 -49.62 -5.97
N GLY C 77 -20.77 -49.89 -4.99
CA GLY C 77 -20.93 -51.02 -4.11
C GLY C 77 -20.31 -52.29 -4.62
N GLY C 78 -19.53 -52.21 -5.70
CA GLY C 78 -18.69 -53.31 -6.12
C GLY C 78 -17.50 -53.52 -5.19
N ARG C 79 -16.78 -54.60 -5.45
CA ARG C 79 -15.67 -54.98 -4.61
C ARG C 79 -14.41 -55.06 -5.45
N ILE C 80 -13.38 -54.35 -5.01
CA ILE C 80 -12.10 -54.34 -5.72
C ILE C 80 -11.38 -55.66 -5.49
N PHE C 81 -10.92 -56.28 -6.56
CA PHE C 81 -9.96 -57.37 -6.48
C PHE C 81 -8.80 -57.00 -7.38
N LEU C 82 -7.64 -56.79 -6.78
CA LEU C 82 -6.45 -56.44 -7.54
C LEU C 82 -5.73 -57.70 -8.01
N GLN C 83 -5.06 -57.61 -9.16
CA GLN C 83 -4.25 -58.69 -9.69
C GLN C 83 -2.80 -58.23 -9.83
N ASP C 84 -1.90 -59.20 -10.09
CA ASP C 84 -0.52 -58.87 -10.43
C ASP C 84 -0.49 -57.83 -11.53
N ILE C 85 0.50 -56.93 -11.47
CA ILE C 85 0.76 -56.00 -12.56
C ILE C 85 1.88 -56.61 -13.39
N GLN C 86 1.57 -56.96 -14.63
CA GLN C 86 2.57 -57.60 -15.47
C GLN C 86 3.61 -56.57 -15.89
N LYS C 87 4.88 -57.02 -15.95
CA LYS C 87 5.94 -56.12 -16.40
C LYS C 87 5.76 -55.76 -17.87
N PRO C 88 6.25 -54.59 -18.31
CA PRO C 88 6.10 -54.21 -19.72
C PRO C 88 6.81 -55.20 -20.62
N ASP C 89 6.48 -55.11 -21.91
CA ASP C 89 6.96 -56.04 -22.91
C ASP C 89 8.41 -55.84 -23.30
N GLU C 90 8.99 -54.68 -23.01
CA GLU C 90 10.41 -54.42 -23.30
C GLU C 90 11.08 -53.84 -22.07
N ASP C 91 12.40 -54.03 -22.02
CA ASP C 91 13.24 -53.33 -21.08
C ASP C 91 13.97 -52.17 -21.72
N ASP C 92 14.16 -52.26 -23.03
CA ASP C 92 14.91 -51.32 -23.83
C ASP C 92 13.95 -50.80 -24.88
N TRP C 93 13.67 -49.50 -24.85
CA TRP C 93 12.63 -48.98 -25.71
C TRP C 93 13.18 -48.41 -27.02
N GLU C 94 14.51 -48.48 -27.21
CA GLU C 94 15.19 -48.31 -28.51
C GLU C 94 15.40 -46.87 -28.93
N SER C 95 14.35 -46.08 -28.90
CA SER C 95 14.44 -44.74 -29.49
C SER C 95 13.20 -43.94 -29.10
N GLY C 96 13.33 -42.61 -29.19
CA GLY C 96 12.20 -41.76 -28.94
C GLY C 96 11.05 -42.10 -29.86
N LEU C 97 11.33 -42.33 -31.14
CA LEU C 97 10.25 -42.68 -32.06
C LEU C 97 9.63 -44.03 -31.68
N ASN C 98 10.46 -45.02 -31.32
CA ASN C 98 9.90 -46.33 -31.02
C ASN C 98 9.03 -46.30 -29.78
N ALA C 99 9.42 -45.51 -28.77
CA ALA C 99 8.59 -45.40 -27.58
C ALA C 99 7.26 -44.74 -27.90
N MET C 100 7.26 -43.71 -28.75
CA MET C 100 6.02 -43.02 -29.06
C MET C 100 5.07 -43.96 -29.79
N GLU C 101 5.60 -44.77 -30.70
CA GLU C 101 4.79 -45.76 -31.40
C GLU C 101 4.24 -46.81 -30.46
N ALA C 102 5.09 -47.29 -29.55
CA ALA C 102 4.62 -48.25 -28.56
C ALA C 102 3.54 -47.63 -27.67
N ALA C 103 3.71 -46.35 -27.33
CA ALA C 103 2.68 -45.67 -26.55
C ALA C 103 1.38 -45.54 -27.35
N LEU C 104 1.47 -45.15 -28.63
CA LEU C 104 0.26 -45.06 -29.45
C LEU C 104 -0.48 -46.39 -29.48
N HIS C 105 0.25 -47.50 -29.62
CA HIS C 105 -0.37 -48.83 -29.62
C HIS C 105 -1.03 -49.13 -28.28
N LEU C 106 -0.35 -48.80 -27.18
CA LEU C 106 -0.91 -49.03 -25.86
C LEU C 106 -2.21 -48.23 -25.65
N GLU C 107 -2.20 -46.96 -26.00
CA GLU C 107 -3.37 -46.12 -25.78
C GLU C 107 -4.57 -46.60 -26.59
N LYS C 108 -4.32 -47.09 -27.80
CA LYS C 108 -5.39 -47.66 -28.61
C LYS C 108 -5.91 -48.97 -28.01
N ASN C 109 -5.01 -49.79 -27.46
CA ASN C 109 -5.44 -50.98 -26.72
C ASN C 109 -6.31 -50.62 -25.52
N VAL C 110 -5.91 -49.59 -24.75
CA VAL C 110 -6.71 -49.22 -23.58
C VAL C 110 -8.03 -48.61 -24.02
N ASN C 111 -8.02 -47.81 -25.09
CA ASN C 111 -9.27 -47.26 -25.63
C ASN C 111 -10.25 -48.38 -26.04
N GLN C 112 -9.75 -49.44 -26.66
CA GLN C 112 -10.61 -50.56 -27.05
C GLN C 112 -11.29 -51.16 -25.83
N SER C 113 -10.51 -51.42 -24.77
CA SER C 113 -11.06 -51.89 -23.50
C SER C 113 -12.15 -50.97 -22.96
N LEU C 114 -11.90 -49.64 -22.99
CA LEU C 114 -12.92 -48.70 -22.50
C LEU C 114 -14.16 -48.73 -23.39
N LEU C 115 -13.98 -48.86 -24.71
CA LEU C 115 -15.15 -48.93 -25.58
C LEU C 115 -15.95 -50.21 -25.30
N GLU C 116 -15.25 -51.33 -25.05
CA GLU C 116 -15.94 -52.56 -24.64
C GLU C 116 -16.60 -52.38 -23.29
N LEU C 117 -15.97 -51.64 -22.38
CA LEU C 117 -16.62 -51.37 -21.10
C LEU C 117 -17.86 -50.53 -21.30
N HIS C 118 -17.77 -49.51 -22.15
CA HIS C 118 -18.93 -48.66 -22.34
C HIS C 118 -20.09 -49.44 -22.97
N LYS C 119 -19.79 -50.23 -24.00
CA LYS C 119 -20.79 -51.12 -24.59
C LYS C 119 -21.44 -52.01 -23.51
N LEU C 120 -20.62 -52.63 -22.67
CA LEU C 120 -21.16 -53.41 -21.55
C LEU C 120 -22.13 -52.58 -20.72
N ALA C 121 -21.73 -51.36 -20.35
CA ALA C 121 -22.61 -50.53 -19.54
C ALA C 121 -23.92 -50.27 -20.27
N HIS C 122 -23.86 -50.00 -21.58
CA HIS C 122 -25.08 -49.70 -22.30
C HIS C 122 -25.95 -50.93 -22.46
N ASP C 123 -25.33 -52.10 -22.65
CA ASP C 123 -26.10 -53.35 -22.75
C ASP C 123 -26.81 -53.69 -21.45
N LYS C 124 -26.27 -53.28 -20.30
CA LYS C 124 -26.90 -53.57 -19.03
C LYS C 124 -27.77 -52.43 -18.51
N ASN C 125 -28.08 -51.44 -19.36
CA ASN C 125 -28.86 -50.27 -18.94
C ASN C 125 -28.32 -49.65 -17.63
N ASP C 126 -27.03 -49.34 -17.66
CA ASP C 126 -26.33 -48.71 -16.55
C ASP C 126 -25.88 -47.35 -17.07
N PRO C 127 -26.79 -46.39 -17.16
CA PRO C 127 -26.39 -45.07 -17.68
C PRO C 127 -25.46 -44.32 -16.74
N HIS C 128 -25.47 -44.57 -15.44
CA HIS C 128 -24.47 -43.90 -14.61
C HIS C 128 -23.06 -44.34 -14.99
N LEU C 129 -22.86 -45.63 -15.25
CA LEU C 129 -21.55 -46.12 -15.61
C LEU C 129 -21.15 -45.71 -17.02
N ALA C 130 -22.13 -45.69 -17.93
CA ALA C 130 -21.84 -45.24 -19.29
C ALA C 130 -21.39 -43.78 -19.28
N ASP C 131 -22.08 -42.95 -18.51
CA ASP C 131 -21.71 -41.55 -18.45
C ASP C 131 -20.35 -41.37 -17.78
N PHE C 132 -20.09 -42.11 -16.71
CA PHE C 132 -18.76 -42.08 -16.08
C PHE C 132 -17.66 -42.33 -17.11
N ILE C 133 -17.83 -43.37 -17.93
CA ILE C 133 -16.79 -43.71 -18.91
C ILE C 133 -16.66 -42.60 -19.95
N GLU C 134 -17.80 -42.12 -20.48
CA GLU C 134 -17.77 -41.03 -21.46
C GLU C 134 -17.08 -39.78 -20.89
N THR C 135 -17.45 -39.38 -19.68
CA THR C 135 -17.05 -38.10 -19.12
C THR C 135 -15.59 -38.11 -18.67
N HIS C 136 -15.11 -39.21 -18.11
CA HIS C 136 -13.75 -39.22 -17.56
C HIS C 136 -12.73 -39.95 -18.41
N TYR C 137 -13.15 -40.69 -19.45
CA TYR C 137 -12.15 -41.52 -20.12
C TYR C 137 -12.12 -41.39 -21.63
N LEU C 138 -13.29 -41.37 -22.28
CA LEU C 138 -13.29 -41.54 -23.74
C LEU C 138 -12.61 -40.38 -24.46
N ASN C 139 -12.94 -39.14 -24.08
CA ASN C 139 -12.30 -38.01 -24.79
C ASN C 139 -10.84 -37.85 -24.37
N GLU C 140 -10.51 -38.25 -23.14
CA GLU C 140 -9.11 -38.31 -22.74
C GLU C 140 -8.32 -39.27 -23.61
N GLN C 141 -8.89 -40.45 -23.94
CA GLN C 141 -8.20 -41.39 -24.82
C GLN C 141 -8.01 -40.82 -26.23
N VAL C 142 -9.06 -40.24 -26.77
CA VAL C 142 -8.96 -39.64 -28.11
C VAL C 142 -7.87 -38.56 -28.14
N LYS C 143 -7.80 -37.70 -27.11
CA LYS C 143 -6.77 -36.67 -27.09
C LYS C 143 -5.38 -37.27 -27.00
N ALA C 144 -5.19 -38.25 -26.12
CA ALA C 144 -3.89 -38.90 -25.99
C ALA C 144 -3.49 -39.59 -27.30
N ILE C 145 -4.44 -40.25 -27.96
CA ILE C 145 -4.09 -40.94 -29.20
C ILE C 145 -3.74 -39.93 -30.27
N LYS C 146 -4.48 -38.81 -30.32
CA LYS C 146 -4.19 -37.76 -31.30
C LYS C 146 -2.80 -37.17 -31.08
N GLU C 147 -2.49 -36.87 -29.82
CA GLU C 147 -1.18 -36.29 -29.48
C GLU C 147 -0.05 -37.24 -29.80
N LEU C 148 -0.20 -38.52 -29.47
CA LEU C 148 0.84 -39.48 -29.80
C LEU C 148 1.03 -39.58 -31.32
N GLY C 149 -0.07 -39.56 -32.07
CA GLY C 149 0.06 -39.58 -33.52
C GLY C 149 0.79 -38.36 -34.05
N ASP C 150 0.42 -37.17 -33.55
CA ASP C 150 1.15 -35.93 -33.87
C ASP C 150 2.64 -36.10 -33.64
N HIS C 151 3.01 -36.60 -32.47
CA HIS C 151 4.42 -36.73 -32.14
C HIS C 151 5.10 -37.72 -33.08
N VAL C 152 4.48 -38.88 -33.31
CA VAL C 152 5.07 -39.86 -34.22
C VAL C 152 5.27 -39.24 -35.61
N THR C 153 4.24 -38.56 -36.11
CA THR C 153 4.35 -37.88 -37.40
C THR C 153 5.55 -36.93 -37.45
N ASN C 154 5.75 -36.14 -36.39
CA ASN C 154 6.83 -35.15 -36.46
C ASN C 154 8.19 -35.84 -36.39
N LEU C 155 8.34 -36.82 -35.49
CA LEU C 155 9.63 -37.51 -35.41
C LEU C 155 9.99 -38.17 -36.73
N ARG C 156 9.02 -38.85 -37.37
CA ARG C 156 9.33 -39.48 -38.65
C ARG C 156 9.74 -38.43 -39.67
N LYS C 157 8.96 -37.34 -39.75
CA LYS C 157 9.24 -36.37 -40.78
C LYS C 157 10.55 -35.63 -40.51
N MET C 158 10.99 -35.56 -39.25
CA MET C 158 12.28 -34.95 -38.95
C MET C 158 13.45 -35.87 -39.26
N GLY C 159 13.21 -37.14 -39.53
CA GLY C 159 14.28 -38.08 -39.81
C GLY C 159 14.62 -39.05 -38.70
N ALA C 160 13.84 -39.08 -37.62
CA ALA C 160 13.99 -40.15 -36.64
C ALA C 160 13.60 -41.48 -37.28
N PRO C 161 14.10 -42.61 -36.76
CA PRO C 161 15.02 -42.67 -35.61
C PRO C 161 16.50 -42.69 -36.01
N GLU C 162 16.79 -42.68 -37.31
CA GLU C 162 18.17 -42.66 -37.78
C GLU C 162 18.89 -41.41 -37.31
N SER C 163 18.33 -40.24 -37.66
CA SER C 163 18.98 -38.98 -37.38
C SER C 163 18.87 -38.70 -35.88
N GLY C 164 20.00 -38.81 -35.17
CA GLY C 164 19.99 -38.51 -33.74
C GLY C 164 19.69 -37.06 -33.46
N LEU C 165 20.04 -36.18 -34.42
CA LEU C 165 19.67 -34.76 -34.38
C LEU C 165 18.16 -34.58 -34.25
N ALA C 166 17.37 -35.40 -34.94
CA ALA C 166 15.91 -35.24 -34.90
C ALA C 166 15.36 -35.43 -33.49
N GLU C 167 15.79 -36.50 -32.79
CA GLU C 167 15.23 -36.76 -31.46
C GLU C 167 15.67 -35.71 -30.46
N TYR C 168 16.94 -35.33 -30.49
CA TYR C 168 17.45 -34.22 -29.68
C TYR C 168 16.60 -32.96 -29.87
N LEU C 169 16.34 -32.55 -31.13
CA LEU C 169 15.62 -31.31 -31.36
C LEU C 169 14.14 -31.46 -30.99
N PHE C 170 13.55 -32.64 -31.24
CA PHE C 170 12.16 -32.87 -30.84
C PHE C 170 12.02 -32.84 -29.32
N ASP C 171 12.94 -33.49 -28.63
CA ASP C 171 13.00 -33.40 -27.17
C ASP C 171 13.05 -31.95 -26.68
N LYS C 172 13.83 -31.10 -27.36
CA LYS C 172 13.97 -29.71 -26.94
CA LYS C 172 13.97 -29.73 -26.92
C LYS C 172 12.74 -28.90 -27.30
N HIS C 173 12.35 -28.93 -28.57
CA HIS C 173 11.39 -27.96 -29.06
C HIS C 173 9.94 -28.38 -28.91
N THR C 174 9.65 -29.68 -28.88
CA THR C 174 8.26 -30.09 -28.66
C THR C 174 8.02 -30.54 -27.22
N LEU C 175 8.87 -31.43 -26.72
CA LEU C 175 8.61 -32.00 -25.40
C LEU C 175 9.08 -31.09 -24.27
N GLY C 176 9.92 -30.11 -24.52
CA GLY C 176 10.20 -29.13 -23.49
C GLY C 176 9.35 -27.88 -23.63
N ASP C 177 8.06 -27.97 -23.28
CA ASP C 177 7.03 -26.92 -23.50
C ASP C 177 6.64 -26.74 -24.96
N SER D 4 -36.32 2.79 -54.42
CA SER D 4 -36.11 4.11 -53.82
C SER D 4 -34.63 4.31 -53.45
N THR D 5 -34.14 5.54 -53.58
CA THR D 5 -32.78 5.85 -53.20
C THR D 5 -32.67 5.90 -51.67
N SER D 6 -31.59 5.36 -51.14
CA SER D 6 -31.31 5.53 -49.72
C SER D 6 -31.23 7.00 -49.36
N GLN D 7 -31.82 7.36 -48.22
CA GLN D 7 -31.72 8.73 -47.72
C GLN D 7 -30.26 9.14 -47.44
N VAL D 8 -29.35 8.20 -47.20
CA VAL D 8 -27.98 8.65 -46.92
C VAL D 8 -27.13 8.69 -48.19
N ARG D 9 -27.59 8.10 -49.28
CA ARG D 9 -26.69 7.89 -50.41
C ARG D 9 -26.26 9.22 -51.04
N GLN D 10 -24.98 9.30 -51.33
CA GLN D 10 -24.45 10.53 -51.90
C GLN D 10 -23.11 10.22 -52.57
N ASN D 11 -23.00 10.55 -53.86
CA ASN D 11 -21.78 10.38 -54.63
C ASN D 11 -21.35 8.92 -54.68
N TYR D 12 -22.28 7.99 -54.61
CA TYR D 12 -21.94 6.57 -54.54
C TYR D 12 -22.46 5.89 -55.81
N HIS D 13 -21.55 5.60 -56.74
CA HIS D 13 -21.96 5.07 -58.03
C HIS D 13 -22.44 3.62 -57.93
N GLN D 14 -23.44 3.27 -58.74
CA GLN D 14 -23.90 1.89 -58.85
C GLN D 14 -22.78 0.89 -59.14
N ASP D 15 -21.80 1.26 -59.96
CA ASP D 15 -20.71 0.30 -60.20
C ASP D 15 -19.89 0.07 -58.94
N SER D 16 -19.69 1.12 -58.15
CA SER D 16 -18.94 0.97 -56.92
C SER D 16 -19.67 0.02 -55.98
N GLU D 17 -20.97 0.25 -55.83
CA GLU D 17 -21.80 -0.59 -54.98
C GLU D 17 -21.71 -2.06 -55.38
N ALA D 18 -21.76 -2.35 -56.69
CA ALA D 18 -21.63 -3.73 -57.13
C ALA D 18 -20.23 -4.29 -56.85
N ALA D 19 -19.20 -3.46 -57.06
CA ALA D 19 -17.82 -3.88 -56.83
C ALA D 19 -17.55 -4.21 -55.36
N ILE D 20 -18.17 -3.46 -54.44
CA ILE D 20 -18.07 -3.75 -53.01
C ILE D 20 -18.68 -5.11 -52.70
N ASN D 21 -19.86 -5.40 -53.27
CA ASN D 21 -20.45 -6.72 -53.09
C ASN D 21 -19.54 -7.82 -53.60
N ARG D 22 -18.84 -7.59 -54.71
CA ARG D 22 -17.91 -8.62 -55.17
C ARG D 22 -16.72 -8.77 -54.22
N GLN D 23 -16.17 -7.64 -53.75
CA GLN D 23 -15.07 -7.70 -52.79
C GLN D 23 -15.47 -8.42 -51.51
N ILE D 24 -16.71 -8.20 -51.04
CA ILE D 24 -17.19 -8.89 -49.83
C ILE D 24 -17.12 -10.40 -50.03
N ASN D 25 -17.61 -10.88 -51.18
CA ASN D 25 -17.56 -12.31 -51.47
C ASN D 25 -16.12 -12.80 -51.56
N LEU D 26 -15.23 -12.01 -52.17
CA LEU D 26 -13.84 -12.44 -52.32
C LEU D 26 -13.16 -12.53 -50.96
N GLU D 27 -13.44 -11.60 -50.06
CA GLU D 27 -12.84 -11.67 -48.71
C GLU D 27 -13.35 -12.89 -47.93
N LEU D 28 -14.65 -13.18 -48.02
CA LEU D 28 -15.15 -14.40 -47.38
C LEU D 28 -14.51 -15.63 -48.00
N TYR D 29 -14.29 -15.59 -49.32
CA TYR D 29 -13.62 -16.70 -49.97
C TYR D 29 -12.22 -16.90 -49.40
N ALA D 30 -11.46 -15.80 -49.31
CA ALA D 30 -10.13 -15.89 -48.73
C ALA D 30 -10.18 -16.47 -47.32
N SER D 31 -11.18 -16.07 -46.54
CA SER D 31 -11.32 -16.56 -45.18
C SER D 31 -11.48 -18.07 -45.17
N TYR D 32 -12.26 -18.58 -46.12
CA TYR D 32 -12.51 -20.02 -46.24
C TYR D 32 -11.25 -20.78 -46.67
N VAL D 33 -10.50 -20.24 -47.64
CA VAL D 33 -9.21 -20.84 -48.02
C VAL D 33 -8.32 -20.98 -46.80
N TYR D 34 -8.21 -19.90 -46.01
CA TYR D 34 -7.30 -19.95 -44.85
C TYR D 34 -7.80 -20.92 -43.81
N LEU D 35 -9.13 -21.01 -43.64
CA LEU D 35 -9.70 -21.98 -42.72
C LEU D 35 -9.36 -23.41 -43.15
N SER D 36 -9.47 -23.69 -44.45
CA SER D 36 -9.07 -25.01 -44.96
C SER D 36 -7.62 -25.29 -44.68
N MET D 37 -6.77 -24.32 -44.99
CA MET D 37 -5.34 -24.52 -44.78
C MET D 37 -5.05 -24.77 -43.31
N SER D 38 -5.70 -24.00 -42.42
CA SER D 38 -5.46 -24.18 -40.99
C SER D 38 -5.68 -25.63 -40.59
N TYR D 39 -6.86 -26.16 -40.87
CA TYR D 39 -7.17 -27.50 -40.35
C TYR D 39 -6.45 -28.61 -41.10
N TYR D 40 -5.85 -28.32 -42.26
CA TYR D 40 -4.92 -29.27 -42.86
C TYR D 40 -3.69 -29.47 -41.98
N PHE D 41 -3.15 -28.39 -41.42
CA PHE D 41 -1.96 -28.54 -40.58
C PHE D 41 -2.27 -29.12 -39.21
N ASP D 42 -3.55 -29.17 -38.83
CA ASP D 42 -4.07 -29.85 -37.64
C ASP D 42 -4.19 -31.36 -37.81
N ARG D 43 -4.07 -31.86 -39.04
CA ARG D 43 -4.20 -33.30 -39.27
C ARG D 43 -3.11 -34.04 -38.48
N ASP D 44 -3.45 -35.23 -37.97
CA ASP D 44 -2.47 -36.02 -37.24
C ASP D 44 -1.29 -36.42 -38.13
N ASP D 45 -1.46 -36.44 -39.44
CA ASP D 45 -0.37 -36.81 -40.34
C ASP D 45 0.32 -35.59 -40.96
N VAL D 46 0.04 -34.38 -40.45
CA VAL D 46 0.77 -33.19 -40.83
C VAL D 46 1.35 -32.58 -39.56
N ALA D 47 0.47 -32.20 -38.63
CA ALA D 47 0.84 -31.93 -37.24
C ALA D 47 1.85 -30.78 -37.09
N LEU D 48 1.58 -29.66 -37.76
CA LEU D 48 2.40 -28.46 -37.60
C LEU D 48 1.46 -27.42 -36.99
N LYS D 49 1.42 -27.36 -35.65
CA LYS D 49 0.43 -26.55 -34.94
C LYS D 49 0.60 -25.06 -35.19
N ASN D 50 1.84 -24.60 -35.41
CA ASN D 50 2.03 -23.17 -35.61
C ASN D 50 1.67 -22.76 -37.04
N PHE D 51 1.88 -23.64 -38.02
CA PHE D 51 1.27 -23.36 -39.32
C PHE D 51 -0.24 -23.29 -39.18
N ALA D 52 -0.84 -24.18 -38.37
CA ALA D 52 -2.30 -24.17 -38.22
C ALA D 52 -2.79 -22.85 -37.62
N LYS D 53 -2.13 -22.38 -36.55
CA LYS D 53 -2.54 -21.16 -35.86
C LYS D 53 -2.37 -19.95 -36.77
N TYR D 54 -1.28 -19.92 -37.53
CA TYR D 54 -1.02 -18.84 -38.48
C TYR D 54 -2.16 -18.67 -39.46
N PHE D 55 -2.58 -19.78 -40.10
CA PHE D 55 -3.63 -19.68 -41.12
C PHE D 55 -4.99 -19.44 -40.48
N LEU D 56 -5.21 -19.95 -39.26
CA LEU D 56 -6.47 -19.67 -38.58
C LEU D 56 -6.60 -18.17 -38.28
N HIS D 57 -5.49 -17.54 -37.91
CA HIS D 57 -5.50 -16.11 -37.67
C HIS D 57 -5.76 -15.34 -38.97
N GLN D 58 -5.10 -15.73 -40.07
CA GLN D 58 -5.41 -15.07 -41.34
C GLN D 58 -6.89 -15.25 -41.70
N SER D 59 -7.45 -16.42 -41.39
CA SER D 59 -8.85 -16.68 -41.73
C SER D 59 -9.78 -15.72 -40.98
N HIS D 60 -9.52 -15.51 -39.68
CA HIS D 60 -10.36 -14.59 -38.90
C HIS D 60 -10.19 -13.14 -39.36
N GLU D 61 -8.97 -12.75 -39.77
CA GLU D 61 -8.74 -11.41 -40.31
C GLU D 61 -9.50 -11.18 -41.62
N GLU D 62 -9.48 -12.15 -42.54
CA GLU D 62 -10.27 -12.01 -43.77
C GLU D 62 -11.75 -11.82 -43.47
N ARG D 63 -12.26 -12.52 -42.47
CA ARG D 63 -13.66 -12.34 -42.10
C ARG D 63 -13.88 -10.92 -41.58
N GLU D 64 -12.94 -10.41 -40.79
CA GLU D 64 -13.01 -9.00 -40.40
C GLU D 64 -13.00 -8.08 -41.62
N HIS D 65 -12.16 -8.37 -42.62
CA HIS D 65 -12.12 -7.51 -43.81
C HIS D 65 -13.48 -7.49 -44.49
N ALA D 66 -14.10 -8.66 -44.60
CA ALA D 66 -15.42 -8.77 -45.22
C ALA D 66 -16.43 -7.91 -44.48
N GLU D 67 -16.41 -7.98 -43.14
CA GLU D 67 -17.43 -7.27 -42.36
C GLU D 67 -17.26 -5.77 -42.46
N LYS D 68 -16.02 -5.29 -42.56
CA LYS D 68 -15.82 -3.86 -42.70
C LYS D 68 -16.35 -3.34 -44.03
N LEU D 69 -16.29 -4.17 -45.09
CA LEU D 69 -16.86 -3.79 -46.38
C LEU D 69 -18.38 -3.80 -46.32
N MET D 70 -18.97 -4.75 -45.57
CA MET D 70 -20.42 -4.76 -45.38
C MET D 70 -20.85 -3.51 -44.62
N LYS D 71 -20.13 -3.17 -43.55
CA LYS D 71 -20.36 -1.90 -42.87
C LYS D 71 -20.30 -0.73 -43.85
N LEU D 72 -19.24 -0.68 -44.67
CA LEU D 72 -19.09 0.44 -45.61
C LEU D 72 -20.28 0.52 -46.57
N GLN D 73 -20.67 -0.61 -47.16
CA GLN D 73 -21.84 -0.64 -48.04
C GLN D 73 -23.04 0.05 -47.39
N ASN D 74 -23.32 -0.30 -46.13
CA ASN D 74 -24.48 0.29 -45.45
C ASN D 74 -24.25 1.77 -45.16
N GLN D 75 -23.02 2.13 -44.82
CA GLN D 75 -22.71 3.54 -44.54
C GLN D 75 -23.01 4.41 -45.74
N ARG D 76 -22.68 3.93 -46.95
CA ARG D 76 -22.87 4.74 -48.14
C ARG D 76 -24.28 4.64 -48.71
N GLY D 77 -25.12 3.76 -48.15
CA GLY D 77 -26.47 3.61 -48.65
C GLY D 77 -26.63 2.60 -49.78
N GLY D 78 -25.60 1.79 -50.05
CA GLY D 78 -25.73 0.66 -50.93
C GLY D 78 -26.36 -0.53 -50.22
N ARG D 79 -26.58 -1.59 -51.00
CA ARG D 79 -27.33 -2.73 -50.50
C ARG D 79 -26.51 -3.99 -50.68
N ILE D 80 -26.30 -4.70 -49.56
CA ILE D 80 -25.51 -5.91 -49.51
C ILE D 80 -26.30 -7.02 -50.20
N PHE D 81 -25.70 -7.66 -51.18
CA PHE D 81 -26.22 -8.88 -51.75
C PHE D 81 -25.12 -9.93 -51.62
N LEU D 82 -25.34 -10.94 -50.77
CA LEU D 82 -24.38 -12.01 -50.56
C LEU D 82 -24.52 -13.09 -51.63
N GLN D 83 -23.42 -13.76 -51.93
CA GLN D 83 -23.43 -14.84 -52.90
C GLN D 83 -22.84 -16.08 -52.25
N ASP D 84 -23.06 -17.23 -52.87
CA ASP D 84 -22.38 -18.45 -52.41
C ASP D 84 -20.89 -18.18 -52.19
N ILE D 85 -20.32 -18.82 -51.18
CA ILE D 85 -18.87 -18.77 -50.97
C ILE D 85 -18.33 -20.06 -51.52
N GLN D 86 -17.53 -19.99 -52.58
CA GLN D 86 -17.15 -21.24 -53.19
C GLN D 86 -16.03 -21.87 -52.39
N LYS D 87 -16.03 -23.20 -52.35
CA LYS D 87 -15.04 -23.93 -51.58
C LYS D 87 -13.63 -23.72 -52.16
N PRO D 88 -12.61 -23.91 -51.35
CA PRO D 88 -11.23 -23.71 -51.83
C PRO D 88 -10.85 -24.70 -52.94
N ASP D 89 -9.76 -24.38 -53.63
CA ASP D 89 -9.36 -25.17 -54.78
C ASP D 89 -8.73 -26.51 -54.44
N GLU D 90 -8.20 -26.66 -53.23
CA GLU D 90 -7.62 -27.91 -52.76
C GLU D 90 -8.31 -28.32 -51.47
N ASP D 91 -8.29 -29.62 -51.19
CA ASP D 91 -8.59 -30.13 -49.85
C ASP D 91 -7.34 -30.53 -49.09
N ASP D 92 -6.28 -30.89 -49.81
CA ASP D 92 -4.99 -31.29 -49.25
C ASP D 92 -3.99 -30.22 -49.68
N TRP D 93 -3.34 -29.53 -48.73
CA TRP D 93 -2.46 -28.43 -49.12
C TRP D 93 -0.99 -28.83 -49.23
N GLU D 94 -0.69 -30.13 -49.14
CA GLU D 94 0.61 -30.73 -49.46
C GLU D 94 1.72 -30.46 -48.45
N SER D 95 1.94 -29.21 -48.05
CA SER D 95 3.09 -28.92 -47.20
C SER D 95 3.03 -27.48 -46.73
N GLY D 96 3.84 -27.17 -45.73
CA GLY D 96 3.90 -25.80 -45.27
C GLY D 96 4.31 -24.87 -46.39
N LEU D 97 5.34 -25.26 -47.15
CA LEU D 97 5.82 -24.41 -48.24
C LEU D 97 4.74 -24.22 -49.30
N ASN D 98 4.07 -25.30 -49.68
CA ASN D 98 3.04 -25.18 -50.69
C ASN D 98 1.87 -24.29 -50.23
N ALA D 99 1.46 -24.46 -48.97
CA ALA D 99 0.39 -23.61 -48.43
C ALA D 99 0.79 -22.13 -48.43
N MET D 100 2.03 -21.83 -48.02
CA MET D 100 2.48 -20.44 -48.07
C MET D 100 2.47 -19.92 -49.49
N GLU D 101 2.86 -20.75 -50.47
CA GLU D 101 2.89 -20.26 -51.84
C GLU D 101 1.47 -20.01 -52.34
N ALA D 102 0.53 -20.88 -51.98
CA ALA D 102 -0.85 -20.68 -52.41
C ALA D 102 -1.44 -19.44 -51.75
N ALA D 103 -1.09 -19.19 -50.49
CA ALA D 103 -1.50 -17.97 -49.79
C ALA D 103 -0.94 -16.73 -50.46
N LEU D 104 0.32 -16.76 -50.84
CA LEU D 104 0.92 -15.63 -51.55
C LEU D 104 0.18 -15.35 -52.85
N HIS D 105 -0.17 -16.40 -53.59
CA HIS D 105 -0.90 -16.22 -54.84
C HIS D 105 -2.30 -15.66 -54.56
N LEU D 106 -2.98 -16.17 -53.53
CA LEU D 106 -4.29 -15.64 -53.15
C LEU D 106 -4.21 -14.16 -52.79
N GLU D 107 -3.20 -13.77 -52.01
CA GLU D 107 -3.12 -12.39 -51.55
C GLU D 107 -2.86 -11.44 -52.71
N LYS D 108 -2.07 -11.87 -53.72
CA LYS D 108 -1.89 -11.02 -54.89
C LYS D 108 -3.17 -10.93 -55.72
N ASN D 109 -3.95 -12.00 -55.79
CA ASN D 109 -5.26 -11.91 -56.43
C ASN D 109 -6.17 -10.96 -55.65
N VAL D 110 -6.22 -11.09 -54.32
CA VAL D 110 -7.08 -10.17 -53.57
C VAL D 110 -6.59 -8.74 -53.76
N ASN D 111 -5.25 -8.53 -53.74
CA ASN D 111 -4.68 -7.22 -53.98
C ASN D 111 -5.08 -6.66 -55.36
N GLN D 112 -4.99 -7.49 -56.40
CA GLN D 112 -5.37 -7.02 -57.75
C GLN D 112 -6.81 -6.52 -57.76
N SER D 113 -7.70 -7.23 -57.10
CA SER D 113 -9.09 -6.82 -57.07
C SER D 113 -9.27 -5.53 -56.27
N LEU D 114 -8.49 -5.34 -55.20
CA LEU D 114 -8.57 -4.07 -54.48
C LEU D 114 -8.05 -2.91 -55.33
N LEU D 115 -6.99 -3.15 -56.10
CA LEU D 115 -6.48 -2.09 -56.97
C LEU D 115 -7.51 -1.71 -58.03
N GLU D 116 -8.17 -2.72 -58.59
CA GLU D 116 -9.25 -2.42 -59.54
C GLU D 116 -10.36 -1.65 -58.86
N LEU D 117 -10.68 -1.99 -57.61
CA LEU D 117 -11.75 -1.27 -56.93
C LEU D 117 -11.33 0.17 -56.65
N HIS D 118 -10.04 0.38 -56.35
CA HIS D 118 -9.58 1.75 -56.12
C HIS D 118 -9.65 2.57 -57.41
N LYS D 119 -9.26 1.96 -58.52
CA LYS D 119 -9.30 2.63 -59.82
C LYS D 119 -10.74 2.98 -60.17
N LEU D 120 -11.67 2.09 -59.85
CA LEU D 120 -13.08 2.39 -60.04
C LEU D 120 -13.50 3.59 -59.20
N ALA D 121 -13.12 3.62 -57.92
CA ALA D 121 -13.52 4.74 -57.05
C ALA D 121 -12.99 6.08 -57.59
N HIS D 122 -11.72 6.10 -57.99
CA HIS D 122 -11.12 7.29 -58.59
C HIS D 122 -11.79 7.65 -59.92
N ASP D 123 -12.17 6.66 -60.72
CA ASP D 123 -12.87 6.93 -62.00
C ASP D 123 -14.22 7.58 -61.76
N LYS D 124 -14.92 7.17 -60.70
CA LYS D 124 -16.22 7.75 -60.36
C LYS D 124 -16.08 8.94 -59.43
N ASN D 125 -14.87 9.46 -59.24
CA ASN D 125 -14.67 10.66 -58.41
C ASN D 125 -15.33 10.50 -57.05
N ASP D 126 -15.04 9.36 -56.40
CA ASP D 126 -15.52 8.96 -55.08
C ASP D 126 -14.31 8.96 -54.12
N PRO D 127 -13.85 10.12 -53.66
CA PRO D 127 -12.66 10.10 -52.82
C PRO D 127 -12.90 9.42 -51.48
N HIS D 128 -14.13 9.41 -50.98
CA HIS D 128 -14.37 8.69 -49.74
C HIS D 128 -14.07 7.21 -49.90
N LEU D 129 -14.52 6.60 -51.00
CA LEU D 129 -14.28 5.17 -51.20
C LEU D 129 -12.81 4.89 -51.45
N ALA D 130 -12.19 5.73 -52.27
CA ALA D 130 -10.77 5.63 -52.57
C ALA D 130 -9.95 5.61 -51.29
N ASP D 131 -10.19 6.59 -50.42
CA ASP D 131 -9.40 6.69 -49.19
C ASP D 131 -9.71 5.53 -48.25
N PHE D 132 -10.97 5.07 -48.24
CA PHE D 132 -11.33 3.88 -47.49
C PHE D 132 -10.46 2.70 -47.87
N ILE D 133 -10.20 2.53 -49.17
CA ILE D 133 -9.45 1.38 -49.64
C ILE D 133 -7.97 1.57 -49.35
N GLU D 134 -7.46 2.79 -49.54
CA GLU D 134 -6.06 3.07 -49.21
C GLU D 134 -5.78 2.84 -47.74
N THR D 135 -6.68 3.33 -46.88
CA THR D 135 -6.48 3.30 -45.44
C THR D 135 -6.60 1.89 -44.87
N HIS D 136 -7.61 1.13 -45.27
CA HIS D 136 -7.92 -0.12 -44.59
C HIS D 136 -7.45 -1.37 -45.33
N TYR D 137 -7.00 -1.27 -46.59
CA TYR D 137 -6.72 -2.50 -47.32
C TYR D 137 -5.38 -2.50 -48.06
N LEU D 138 -4.96 -1.37 -48.64
CA LEU D 138 -3.85 -1.43 -49.60
C LEU D 138 -2.55 -1.75 -48.90
N ASN D 139 -2.23 -1.03 -47.83
CA ASN D 139 -0.99 -1.35 -47.12
C ASN D 139 -1.08 -2.68 -46.39
N GLU D 140 -2.27 -3.04 -45.88
CA GLU D 140 -2.43 -4.38 -45.30
C GLU D 140 -2.06 -5.46 -46.31
N GLN D 141 -2.54 -5.33 -47.56
CA GLN D 141 -2.20 -6.33 -48.58
C GLN D 141 -0.72 -6.35 -48.85
N VAL D 142 -0.11 -5.17 -48.93
CA VAL D 142 1.31 -5.14 -49.22
C VAL D 142 2.10 -5.78 -48.08
N LYS D 143 1.70 -5.51 -46.82
CA LYS D 143 2.38 -6.17 -45.70
C LYS D 143 2.19 -7.68 -45.74
N ALA D 144 0.97 -8.13 -46.00
CA ALA D 144 0.72 -9.58 -46.05
C ALA D 144 1.53 -10.24 -47.17
N ILE D 145 1.59 -9.60 -48.34
CA ILE D 145 2.33 -10.18 -49.45
C ILE D 145 3.84 -10.23 -49.12
N LYS D 146 4.36 -9.16 -48.51
CA LYS D 146 5.77 -9.16 -48.15
C LYS D 146 6.08 -10.27 -47.14
N GLU D 147 5.24 -10.41 -46.13
CA GLU D 147 5.47 -11.43 -45.11
C GLU D 147 5.40 -12.84 -45.69
N LEU D 148 4.42 -13.10 -46.56
CA LEU D 148 4.35 -14.43 -47.16
C LEU D 148 5.56 -14.71 -48.04
N GLY D 149 6.02 -13.68 -48.77
CA GLY D 149 7.27 -13.82 -49.52
C GLY D 149 8.47 -14.12 -48.63
N ASP D 150 8.56 -13.46 -47.47
CA ASP D 150 9.64 -13.76 -46.54
C ASP D 150 9.56 -15.22 -46.09
N HIS D 151 8.35 -15.67 -45.76
CA HIS D 151 8.17 -17.06 -45.30
C HIS D 151 8.55 -18.08 -46.39
N VAL D 152 8.09 -17.84 -47.61
CA VAL D 152 8.40 -18.75 -48.72
C VAL D 152 9.91 -18.82 -48.93
N THR D 153 10.57 -17.66 -48.98
CA THR D 153 12.03 -17.60 -49.08
C THR D 153 12.70 -18.44 -48.01
N ASN D 154 12.34 -18.22 -46.74
CA ASN D 154 13.02 -18.94 -45.67
C ASN D 154 12.81 -20.44 -45.79
N LEU D 155 11.58 -20.85 -46.08
CA LEU D 155 11.30 -22.27 -46.19
C LEU D 155 12.12 -22.89 -47.30
N ARG D 156 12.21 -22.20 -48.44
CA ARG D 156 12.97 -22.76 -49.55
C ARG D 156 14.43 -22.88 -49.17
N LYS D 157 15.01 -21.82 -48.59
CA LYS D 157 16.43 -21.88 -48.28
C LYS D 157 16.74 -22.90 -47.19
N MET D 158 15.79 -23.15 -46.29
CA MET D 158 15.96 -24.19 -45.28
C MET D 158 15.92 -25.60 -45.88
N GLY D 159 15.37 -25.74 -47.09
CA GLY D 159 15.31 -27.03 -47.75
C GLY D 159 13.94 -27.66 -47.83
N ALA D 160 12.88 -26.91 -47.50
CA ALA D 160 11.52 -27.40 -47.72
C ALA D 160 11.24 -27.50 -49.23
N PRO D 161 10.31 -28.40 -49.66
CA PRO D 161 9.48 -29.27 -48.84
C PRO D 161 10.12 -30.63 -48.58
N GLU D 162 11.25 -30.92 -49.23
CA GLU D 162 11.96 -32.18 -49.04
C GLU D 162 12.25 -32.40 -47.56
N SER D 163 13.07 -31.54 -46.98
CA SER D 163 13.44 -31.63 -45.57
C SER D 163 12.21 -31.42 -44.69
N GLY D 164 11.75 -32.50 -44.07
CA GLY D 164 10.76 -32.38 -43.02
C GLY D 164 11.29 -31.65 -41.79
N LEU D 165 12.61 -31.77 -41.52
CA LEU D 165 13.26 -30.95 -40.51
C LEU D 165 13.00 -29.46 -40.75
N ALA D 166 13.12 -28.99 -42.00
CA ALA D 166 12.97 -27.58 -42.30
C ALA D 166 11.61 -27.05 -41.84
N GLU D 167 10.51 -27.73 -42.20
CA GLU D 167 9.19 -27.20 -41.86
C GLU D 167 8.96 -27.29 -40.36
N TYR D 168 9.42 -28.37 -39.73
CA TYR D 168 9.33 -28.48 -38.29
C TYR D 168 10.00 -27.28 -37.61
N LEU D 169 11.25 -26.98 -38.01
CA LEU D 169 11.98 -25.90 -37.36
C LEU D 169 11.36 -24.54 -37.69
N PHE D 170 10.93 -24.33 -38.94
CA PHE D 170 10.27 -23.06 -39.28
C PHE D 170 8.99 -22.88 -38.47
N ASP D 171 8.20 -23.95 -38.35
CA ASP D 171 7.00 -23.93 -37.53
C ASP D 171 7.33 -23.50 -36.11
N LYS D 172 8.40 -24.07 -35.52
CA LYS D 172 8.83 -23.69 -34.17
C LYS D 172 9.38 -22.27 -34.12
N HIS D 173 10.32 -21.94 -35.01
CA HIS D 173 11.15 -20.76 -34.75
C HIS D 173 10.63 -19.50 -35.42
N THR D 174 9.90 -19.61 -36.52
CA THR D 174 9.30 -18.43 -37.15
C THR D 174 7.84 -18.26 -36.77
N LEU D 175 7.03 -19.31 -36.89
CA LEU D 175 5.62 -19.14 -36.64
C LEU D 175 5.26 -19.31 -35.17
N GLY D 176 6.15 -19.86 -34.35
CA GLY D 176 5.79 -20.08 -32.97
C GLY D 176 6.18 -18.91 -32.08
N ASP D 177 6.08 -17.71 -32.63
CA ASP D 177 6.61 -16.49 -32.02
C ASP D 177 6.10 -16.23 -30.59
N SER E 4 2.36 40.13 -51.65
CA SER E 4 3.53 39.27 -51.60
C SER E 4 3.17 37.83 -51.22
N THR E 5 3.92 36.89 -51.75
CA THR E 5 3.66 35.48 -51.48
C THR E 5 4.26 35.10 -50.12
N SER E 6 3.50 34.30 -49.37
CA SER E 6 4.02 33.74 -48.13
C SER E 6 5.28 32.92 -48.40
N GLN E 7 6.28 33.06 -47.53
CA GLN E 7 7.51 32.25 -47.57
C GLN E 7 7.24 30.74 -47.47
N VAL E 8 6.10 30.31 -46.94
CA VAL E 8 5.82 28.87 -46.82
C VAL E 8 4.99 28.32 -47.98
N ARG E 9 4.35 29.18 -48.77
CA ARG E 9 3.41 28.73 -49.79
C ARG E 9 4.11 27.88 -50.83
N GLN E 10 3.52 26.72 -51.13
CA GLN E 10 4.11 25.86 -52.15
C GLN E 10 3.02 24.96 -52.70
N ASN E 11 2.82 25.01 -54.03
CA ASN E 11 1.83 24.15 -54.69
C ASN E 11 0.42 24.38 -54.12
N TYR E 12 0.12 25.59 -53.70
CA TYR E 12 -1.18 25.94 -53.13
C TYR E 12 -1.86 26.92 -54.07
N HIS E 13 -2.88 26.45 -54.79
CA HIS E 13 -3.52 27.24 -55.82
C HIS E 13 -4.43 28.31 -55.22
N GLN E 14 -4.52 29.45 -55.89
CA GLN E 14 -5.34 30.52 -55.34
C GLN E 14 -6.81 30.12 -55.26
N ASP E 15 -7.28 29.25 -56.17
CA ASP E 15 -8.65 28.74 -56.10
C ASP E 15 -8.87 27.86 -54.87
N SER E 16 -7.90 26.98 -54.56
CA SER E 16 -7.99 26.19 -53.33
C SER E 16 -8.06 27.11 -52.11
N GLU E 17 -7.17 28.10 -52.05
CA GLU E 17 -7.18 29.08 -50.97
C GLU E 17 -8.56 29.73 -50.80
N ALA E 18 -9.18 30.14 -51.92
CA ALA E 18 -10.52 30.73 -51.86
C ALA E 18 -11.56 29.71 -51.43
N ALA E 19 -11.44 28.48 -51.93
CA ALA E 19 -12.43 27.48 -51.53
C ALA E 19 -12.28 27.14 -50.05
N ILE E 20 -11.06 27.22 -49.51
CA ILE E 20 -10.91 26.99 -48.07
C ILE E 20 -11.58 28.12 -47.28
N ASN E 21 -11.47 29.37 -47.73
CA ASN E 21 -12.20 30.43 -47.03
C ASN E 21 -13.72 30.22 -47.09
N ARG E 22 -14.24 29.76 -48.24
CA ARG E 22 -15.68 29.45 -48.29
C ARG E 22 -16.04 28.30 -47.34
N GLN E 23 -15.23 27.25 -47.31
CA GLN E 23 -15.58 26.13 -46.44
C GLN E 23 -15.51 26.53 -44.97
N ILE E 24 -14.60 27.43 -44.60
CA ILE E 24 -14.60 27.91 -43.22
C ILE E 24 -15.94 28.55 -42.89
N ASN E 25 -16.44 29.41 -43.80
CA ASN E 25 -17.74 30.04 -43.53
C ASN E 25 -18.86 29.01 -43.43
N LEU E 26 -18.82 27.98 -44.27
CA LEU E 26 -19.88 26.96 -44.23
C LEU E 26 -19.86 26.18 -42.92
N GLU E 27 -18.67 25.86 -42.40
CA GLU E 27 -18.60 25.12 -41.14
C GLU E 27 -19.14 25.95 -39.98
N LEU E 28 -18.82 27.24 -39.96
CA LEU E 28 -19.35 28.13 -38.94
C LEU E 28 -20.85 28.32 -39.09
N TYR E 29 -21.35 28.37 -40.34
CA TYR E 29 -22.80 28.35 -40.56
C TYR E 29 -23.42 27.10 -39.95
N ALA E 30 -22.84 25.92 -40.27
CA ALA E 30 -23.39 24.69 -39.71
C ALA E 30 -23.37 24.73 -38.19
N SER E 31 -22.29 25.22 -37.60
CA SER E 31 -22.22 25.35 -36.14
C SER E 31 -23.40 26.17 -35.60
N TYR E 32 -23.73 27.26 -36.30
CA TYR E 32 -24.80 28.17 -35.88
C TYR E 32 -26.17 27.51 -35.99
N VAL E 33 -26.40 26.76 -37.06
CA VAL E 33 -27.65 26.02 -37.22
C VAL E 33 -27.85 25.06 -36.05
N TYR E 34 -26.81 24.31 -35.71
CA TYR E 34 -26.93 23.35 -34.62
C TYR E 34 -27.11 24.05 -33.27
N LEU E 35 -26.48 25.22 -33.09
CA LEU E 35 -26.69 26.00 -31.88
C LEU E 35 -28.16 26.39 -31.74
N SER E 36 -28.76 26.87 -32.83
CA SER E 36 -30.19 27.19 -32.86
C SER E 36 -31.05 26.00 -32.51
N MET E 37 -30.84 24.89 -33.21
CA MET E 37 -31.55 23.67 -32.92
C MET E 37 -31.44 23.30 -31.44
N SER E 38 -30.24 23.36 -30.88
CA SER E 38 -30.05 22.93 -29.49
C SER E 38 -30.97 23.71 -28.57
N TYR E 39 -30.93 25.04 -28.66
CA TYR E 39 -31.69 25.80 -27.69
C TYR E 39 -33.18 25.84 -28.02
N TYR E 40 -33.58 25.38 -29.21
CA TYR E 40 -35.00 25.11 -29.46
C TYR E 40 -35.49 24.00 -28.56
N PHE E 41 -34.71 22.92 -28.42
CA PHE E 41 -35.12 21.81 -27.56
C PHE E 41 -35.00 22.14 -26.08
N ASP E 42 -34.36 23.25 -25.75
CA ASP E 42 -34.23 23.73 -24.39
C ASP E 42 -35.43 24.57 -23.96
N ARG E 43 -36.32 24.90 -24.90
CA ARG E 43 -37.51 25.69 -24.58
C ARG E 43 -38.43 24.94 -23.63
N ASP E 44 -39.08 25.68 -22.71
CA ASP E 44 -39.97 25.03 -21.75
C ASP E 44 -41.14 24.31 -22.42
N ASP E 45 -41.48 24.68 -23.66
CA ASP E 45 -42.58 24.04 -24.35
C ASP E 45 -42.10 23.02 -25.37
N VAL E 46 -40.82 22.62 -25.30
CA VAL E 46 -40.29 21.54 -26.12
C VAL E 46 -39.64 20.55 -25.17
N ALA E 47 -38.60 21.00 -24.46
CA ALA E 47 -38.13 20.36 -23.22
C ALA E 47 -37.69 18.91 -23.46
N LEU E 48 -36.85 18.71 -24.47
CA LEU E 48 -36.21 17.42 -24.75
C LEU E 48 -34.71 17.63 -24.56
N LYS E 49 -34.23 17.40 -23.33
CA LYS E 49 -32.87 17.75 -22.91
C LYS E 49 -31.81 17.06 -23.77
N ASN E 50 -32.06 15.80 -24.14
CA ASN E 50 -31.05 15.04 -24.84
C ASN E 50 -30.99 15.40 -26.31
N PHE E 51 -32.12 15.76 -26.95
CA PHE E 51 -32.03 16.42 -28.24
C PHE E 51 -31.19 17.67 -28.14
N ALA E 52 -31.44 18.48 -27.10
CA ALA E 52 -30.68 19.74 -26.95
C ALA E 52 -29.18 19.45 -26.82
N LYS E 53 -28.83 18.46 -26.00
CA LYS E 53 -27.42 18.12 -25.79
C LYS E 53 -26.79 17.59 -27.07
N TYR E 54 -27.50 16.74 -27.81
CA TYR E 54 -26.97 16.20 -29.05
C TYR E 54 -26.62 17.31 -30.05
N PHE E 55 -27.54 18.27 -30.26
CA PHE E 55 -27.24 19.29 -31.25
C PHE E 55 -26.17 20.27 -30.74
N LEU E 56 -26.11 20.51 -29.44
CA LEU E 56 -25.07 21.40 -28.92
C LEU E 56 -23.69 20.80 -29.13
N HIS E 57 -23.57 19.48 -28.96
CA HIS E 57 -22.34 18.77 -29.27
C HIS E 57 -21.95 18.94 -30.73
N GLN E 58 -22.91 18.72 -31.66
CA GLN E 58 -22.61 18.92 -33.08
C GLN E 58 -22.18 20.36 -33.34
N SER E 59 -22.80 21.34 -32.66
CA SER E 59 -22.42 22.74 -32.86
C SER E 59 -20.95 22.98 -32.50
N HIS E 60 -20.52 22.43 -31.36
CA HIS E 60 -19.12 22.62 -30.98
C HIS E 60 -18.19 21.88 -31.93
N GLU E 61 -18.65 20.74 -32.45
CA GLU E 61 -17.82 19.98 -33.38
C GLU E 61 -17.64 20.75 -34.69
N GLU E 62 -18.72 21.34 -35.19
CA GLU E 62 -18.59 22.15 -36.40
C GLU E 62 -17.62 23.30 -36.21
N ARG E 63 -17.70 23.97 -35.07
CA ARG E 63 -16.76 25.04 -34.80
C ARG E 63 -15.33 24.51 -34.89
N GLU E 64 -15.08 23.33 -34.33
CA GLU E 64 -13.74 22.73 -34.41
C GLU E 64 -13.36 22.44 -35.85
N HIS E 65 -14.32 21.96 -36.67
CA HIS E 65 -14.08 21.77 -38.10
C HIS E 65 -13.62 23.07 -38.74
N ALA E 66 -14.25 24.19 -38.38
CA ALA E 66 -13.88 25.47 -38.95
C ALA E 66 -12.45 25.85 -38.56
N GLU E 67 -12.12 25.73 -37.27
CA GLU E 67 -10.80 26.16 -36.82
C GLU E 67 -9.68 25.33 -37.44
N LYS E 68 -9.92 24.04 -37.66
CA LYS E 68 -8.95 23.19 -38.33
C LYS E 68 -8.66 23.68 -39.75
N LEU E 69 -9.71 24.13 -40.46
CA LEU E 69 -9.51 24.70 -41.79
C LEU E 69 -8.76 26.02 -41.70
N MET E 70 -9.06 26.81 -40.67
CA MET E 70 -8.29 28.05 -40.51
C MET E 70 -6.83 27.73 -40.27
N LYS E 71 -6.54 26.70 -39.47
CA LYS E 71 -5.16 26.30 -39.23
C LYS E 71 -4.49 25.82 -40.54
N LEU E 72 -5.22 25.02 -41.32
CA LEU E 72 -4.75 24.59 -42.63
C LEU E 72 -4.43 25.78 -43.53
N GLN E 73 -5.34 26.76 -43.58
CA GLN E 73 -5.13 27.93 -44.43
C GLN E 73 -3.77 28.56 -44.13
N ASN E 74 -3.47 28.76 -42.83
CA ASN E 74 -2.20 29.35 -42.44
C ASN E 74 -1.03 28.40 -42.70
N GLN E 75 -1.22 27.10 -42.46
CA GLN E 75 -0.12 26.15 -42.71
C GLN E 75 0.34 26.22 -44.16
N ARG E 76 -0.60 26.39 -45.10
CA ARG E 76 -0.24 26.39 -46.51
C ARG E 76 0.14 27.78 -47.01
N GLY E 77 0.05 28.79 -46.15
CA GLY E 77 0.41 30.14 -46.55
C GLY E 77 -0.69 30.91 -47.21
N GLY E 78 -1.95 30.40 -47.18
CA GLY E 78 -3.09 31.19 -47.59
C GLY E 78 -3.51 32.18 -46.54
N ARG E 79 -4.42 33.06 -46.91
CA ARG E 79 -4.83 34.14 -46.02
C ARG E 79 -6.32 34.02 -45.72
N ILE E 80 -6.64 33.96 -44.43
CA ILE E 80 -8.02 33.78 -43.98
C ILE E 80 -8.79 35.07 -44.22
N PHE E 81 -9.93 34.97 -44.90
CA PHE E 81 -10.88 36.09 -44.99
C PHE E 81 -12.23 35.58 -44.51
N LEU E 82 -12.65 36.08 -43.36
CA LEU E 82 -13.91 35.67 -42.77
C LEU E 82 -15.06 36.47 -43.36
N GLN E 83 -16.26 35.88 -43.35
CA GLN E 83 -17.45 36.56 -43.83
C GLN E 83 -18.55 36.49 -42.77
N ASP E 84 -19.57 37.33 -42.94
CA ASP E 84 -20.75 37.21 -42.09
C ASP E 84 -21.18 35.76 -42.01
N ILE E 85 -21.61 35.33 -40.81
CA ILE E 85 -22.24 34.03 -40.65
C ILE E 85 -23.74 34.24 -40.75
N GLN E 86 -24.34 33.67 -41.78
CA GLN E 86 -25.77 33.84 -41.99
CA GLN E 86 -25.77 33.81 -42.00
C GLN E 86 -26.55 33.09 -40.91
N LYS E 87 -27.63 33.70 -40.44
CA LYS E 87 -28.48 33.07 -39.46
C LYS E 87 -29.15 31.84 -40.09
N PRO E 88 -29.54 30.85 -39.28
CA PRO E 88 -30.19 29.65 -39.81
C PRO E 88 -31.53 30.01 -40.44
N ASP E 89 -32.04 29.06 -41.22
CA ASP E 89 -33.26 29.28 -41.99
C ASP E 89 -34.52 29.28 -41.14
N GLU E 90 -34.50 28.65 -39.97
CA GLU E 90 -35.64 28.60 -39.08
C GLU E 90 -35.26 29.14 -37.72
N ASP E 91 -36.25 29.67 -37.02
CA ASP E 91 -36.13 29.95 -35.59
C ASP E 91 -36.78 28.88 -34.73
N ASP E 92 -37.78 28.21 -35.30
CA ASP E 92 -38.57 27.17 -34.65
C ASP E 92 -38.36 25.91 -35.48
N TRP E 93 -37.79 24.87 -34.88
CA TRP E 93 -37.45 23.68 -35.63
C TRP E 93 -38.52 22.61 -35.55
N GLU E 94 -39.66 22.93 -34.91
CA GLU E 94 -40.92 22.18 -35.00
C GLU E 94 -40.98 20.90 -34.18
N SER E 95 -39.98 20.04 -34.30
CA SER E 95 -39.95 18.79 -33.54
C SER E 95 -38.59 18.11 -33.68
N GLY E 96 -38.42 17.04 -32.90
CA GLY E 96 -37.18 16.28 -32.96
C GLY E 96 -36.94 15.64 -34.31
N LEU E 97 -37.99 15.01 -34.88
CA LEU E 97 -37.87 14.45 -36.23
C LEU E 97 -37.55 15.53 -37.27
N ASN E 98 -38.26 16.65 -37.22
CA ASN E 98 -37.99 17.69 -38.21
C ASN E 98 -36.57 18.23 -38.09
N ALA E 99 -36.08 18.43 -36.86
CA ALA E 99 -34.69 18.88 -36.68
C ALA E 99 -33.71 17.86 -37.25
N MET E 100 -33.94 16.57 -37.00
CA MET E 100 -33.04 15.55 -37.53
C MET E 100 -33.02 15.54 -39.04
N GLU E 101 -34.18 15.75 -39.65
CA GLU E 101 -34.23 15.77 -41.11
C GLU E 101 -33.49 16.99 -41.64
N ALA E 102 -33.72 18.14 -41.02
CA ALA E 102 -32.99 19.35 -41.40
C ALA E 102 -31.48 19.17 -41.20
N ALA E 103 -31.07 18.47 -40.12
CA ALA E 103 -29.64 18.21 -39.92
C ALA E 103 -29.11 17.30 -41.02
N LEU E 104 -29.87 16.27 -41.36
CA LEU E 104 -29.46 15.38 -42.43
C LEU E 104 -29.25 16.16 -43.73
N HIS E 105 -30.22 17.01 -44.09
CA HIS E 105 -30.08 17.87 -45.28
C HIS E 105 -28.81 18.71 -45.22
N LEU E 106 -28.53 19.33 -44.08
CA LEU E 106 -27.36 20.17 -43.92
C LEU E 106 -26.06 19.39 -44.09
N GLU E 107 -25.97 18.21 -43.46
CA GLU E 107 -24.74 17.44 -43.56
C GLU E 107 -24.47 17.04 -45.00
N LYS E 108 -25.53 16.72 -45.75
CA LYS E 108 -25.32 16.38 -47.16
C LYS E 108 -24.88 17.60 -47.95
N ASN E 109 -25.40 18.79 -47.62
CA ASN E 109 -24.92 19.98 -48.31
CA ASN E 109 -24.92 20.01 -48.28
C ASN E 109 -23.47 20.27 -47.93
N VAL E 110 -23.10 20.09 -46.67
CA VAL E 110 -21.72 20.29 -46.29
C VAL E 110 -20.83 19.25 -46.97
N ASN E 111 -21.30 18.01 -47.02
CA ASN E 111 -20.56 16.94 -47.68
C ASN E 111 -20.33 17.27 -49.15
N GLN E 112 -21.39 17.73 -49.83
CA GLN E 112 -21.27 18.11 -51.23
C GLN E 112 -20.18 19.15 -51.40
N SER E 113 -20.13 20.13 -50.47
CA SER E 113 -19.13 21.18 -50.63
C SER E 113 -17.73 20.62 -50.41
N LEU E 114 -17.57 19.69 -49.45
CA LEU E 114 -16.26 19.06 -49.26
C LEU E 114 -15.84 18.22 -50.47
N LEU E 115 -16.80 17.55 -51.12
CA LEU E 115 -16.44 16.76 -52.29
C LEU E 115 -16.02 17.64 -53.45
N GLU E 116 -16.67 18.78 -53.62
CA GLU E 116 -16.18 19.72 -54.62
C GLU E 116 -14.83 20.30 -54.23
N LEU E 117 -14.54 20.41 -52.93
CA LEU E 117 -13.24 20.90 -52.52
C LEU E 117 -12.15 19.86 -52.80
N HIS E 118 -12.45 18.60 -52.57
CA HIS E 118 -11.51 17.53 -52.89
C HIS E 118 -11.24 17.47 -54.39
N LYS E 119 -12.31 17.62 -55.19
CA LYS E 119 -12.18 17.63 -56.65
C LYS E 119 -11.28 18.75 -57.12
N LEU E 120 -11.48 19.94 -56.57
CA LEU E 120 -10.58 21.05 -56.83
C LEU E 120 -9.14 20.69 -56.47
N ALA E 121 -8.91 20.11 -55.29
CA ALA E 121 -7.53 19.78 -54.90
C ALA E 121 -6.91 18.79 -55.87
N HIS E 122 -7.69 17.77 -56.26
CA HIS E 122 -7.20 16.80 -57.22
C HIS E 122 -6.90 17.47 -58.56
N ASP E 123 -7.77 18.37 -58.98
CA ASP E 123 -7.61 19.04 -60.27
C ASP E 123 -6.44 20.01 -60.26
N LYS E 124 -6.11 20.62 -59.10
CA LYS E 124 -4.92 21.46 -58.97
C LYS E 124 -3.66 20.68 -58.62
N ASN E 125 -3.72 19.35 -58.60
CA ASN E 125 -2.58 18.50 -58.23
C ASN E 125 -1.99 18.89 -56.88
N ASP E 126 -2.85 18.86 -55.87
CA ASP E 126 -2.51 19.27 -54.52
C ASP E 126 -2.82 18.07 -53.65
N PRO E 127 -1.92 17.09 -53.61
CA PRO E 127 -2.21 15.87 -52.84
C PRO E 127 -2.24 16.13 -51.35
N HIS E 128 -1.53 17.15 -50.87
CA HIS E 128 -1.59 17.43 -49.45
C HIS E 128 -2.98 17.86 -49.04
N LEU E 129 -3.58 18.76 -49.82
CA LEU E 129 -4.92 19.21 -49.51
C LEU E 129 -5.93 18.09 -49.69
N ALA E 130 -5.79 17.31 -50.76
CA ALA E 130 -6.72 16.21 -50.98
C ALA E 130 -6.67 15.21 -49.83
N ASP E 131 -5.46 14.86 -49.39
CA ASP E 131 -5.32 13.97 -48.24
C ASP E 131 -5.88 14.58 -46.97
N PHE E 132 -5.72 15.90 -46.81
CA PHE E 132 -6.26 16.58 -45.64
C PHE E 132 -7.78 16.45 -45.60
N ILE E 133 -8.44 16.67 -46.74
CA ILE E 133 -9.90 16.54 -46.76
C ILE E 133 -10.32 15.10 -46.50
N GLU E 134 -9.65 14.15 -47.15
CA GLU E 134 -9.99 12.73 -46.96
C GLU E 134 -9.88 12.33 -45.50
N THR E 135 -8.79 12.73 -44.86
CA THR E 135 -8.45 12.25 -43.53
C THR E 135 -9.30 12.90 -42.45
N HIS E 136 -9.55 14.21 -42.56
CA HIS E 136 -10.23 14.90 -41.47
C HIS E 136 -11.71 15.13 -41.72
N TYR E 137 -12.18 15.04 -42.96
CA TYR E 137 -13.55 15.46 -43.21
C TYR E 137 -14.43 14.39 -43.85
N LEU E 138 -13.93 13.63 -44.83
CA LEU E 138 -14.86 12.87 -45.67
C LEU E 138 -15.50 11.72 -44.91
N ASN E 139 -14.72 10.97 -44.16
CA ASN E 139 -15.36 9.89 -43.40
C ASN E 139 -16.19 10.42 -42.24
N GLU E 140 -15.77 11.53 -41.62
CA GLU E 140 -16.59 12.15 -40.60
C GLU E 140 -17.97 12.52 -41.15
N GLN E 141 -18.02 13.05 -42.39
CA GLN E 141 -19.29 13.37 -43.01
C GLN E 141 -20.11 12.11 -43.24
N VAL E 142 -19.48 11.05 -43.75
CA VAL E 142 -20.24 9.83 -44.03
C VAL E 142 -20.82 9.27 -42.73
N LYS E 143 -20.05 9.32 -41.65
CA LYS E 143 -20.54 8.83 -40.36
C LYS E 143 -21.70 9.66 -39.84
N ALA E 144 -21.58 11.00 -39.90
CA ALA E 144 -22.68 11.85 -39.45
C ALA E 144 -23.94 11.62 -40.28
N ILE E 145 -23.78 11.52 -41.60
CA ILE E 145 -24.94 11.30 -42.46
C ILE E 145 -25.60 9.97 -42.13
N LYS E 146 -24.81 8.92 -41.91
CA LYS E 146 -25.38 7.61 -41.58
C LYS E 146 -26.12 7.65 -40.23
N GLU E 147 -25.51 8.31 -39.25
CA GLU E 147 -26.12 8.44 -37.93
C GLU E 147 -27.45 9.18 -38.00
N LEU E 148 -27.50 10.30 -38.73
CA LEU E 148 -28.73 11.07 -38.82
C LEU E 148 -29.77 10.28 -39.58
N GLY E 149 -29.35 9.57 -40.63
CA GLY E 149 -30.23 8.62 -41.29
C GLY E 149 -30.85 7.63 -40.33
N ASP E 150 -30.01 6.95 -39.53
CA ASP E 150 -30.50 6.02 -38.52
C ASP E 150 -31.50 6.69 -37.59
N HIS E 151 -31.18 7.88 -37.09
CA HIS E 151 -32.07 8.57 -36.15
C HIS E 151 -33.42 8.86 -36.79
N VAL E 152 -33.42 9.42 -38.01
CA VAL E 152 -34.67 9.72 -38.72
C VAL E 152 -35.50 8.44 -38.89
N THR E 153 -34.83 7.34 -39.27
CA THR E 153 -35.51 6.07 -39.46
C THR E 153 -36.21 5.64 -38.18
N ASN E 154 -35.50 5.68 -37.07
CA ASN E 154 -36.11 5.21 -35.82
C ASN E 154 -37.24 6.14 -35.37
N LEU E 155 -37.05 7.46 -35.48
CA LEU E 155 -38.11 8.35 -35.05
C LEU E 155 -39.38 8.13 -35.87
N ARG E 156 -39.23 7.96 -37.18
CA ARG E 156 -40.39 7.68 -38.02
C ARG E 156 -41.05 6.36 -37.64
N LYS E 157 -40.26 5.29 -37.50
CA LYS E 157 -40.84 3.98 -37.19
C LYS E 157 -41.53 3.99 -35.83
N MET E 158 -41.03 4.77 -34.86
CA MET E 158 -41.70 4.90 -33.56
C MET E 158 -42.99 5.70 -33.63
N GLY E 159 -43.23 6.44 -34.71
CA GLY E 159 -44.41 7.23 -34.85
C GLY E 159 -44.24 8.72 -34.66
N ALA E 160 -43.01 9.23 -34.63
CA ALA E 160 -42.82 10.67 -34.69
C ALA E 160 -43.35 11.20 -36.03
N PRO E 161 -43.74 12.48 -36.08
CA PRO E 161 -43.64 13.45 -34.98
C PRO E 161 -44.96 13.63 -34.24
N GLU E 162 -46.00 12.94 -34.70
CA GLU E 162 -47.33 13.03 -34.10
C GLU E 162 -47.33 12.49 -32.68
N SER E 163 -46.81 11.27 -32.50
CA SER E 163 -46.67 10.67 -31.17
C SER E 163 -45.57 11.40 -30.39
N GLY E 164 -45.98 12.23 -29.42
CA GLY E 164 -45.01 12.85 -28.53
C GLY E 164 -44.32 11.84 -27.63
N LEU E 165 -45.02 10.75 -27.30
CA LEU E 165 -44.36 9.59 -26.68
C LEU E 165 -43.14 9.13 -27.48
N ALA E 166 -43.25 9.08 -28.80
CA ALA E 166 -42.09 8.63 -29.60
C ALA E 166 -40.87 9.51 -29.33
N GLU E 167 -41.03 10.83 -29.46
CA GLU E 167 -39.90 11.74 -29.26
C GLU E 167 -39.37 11.69 -27.83
N TYR E 168 -40.27 11.57 -26.85
CA TYR E 168 -39.83 11.44 -25.45
C TYR E 168 -38.95 10.21 -25.26
N LEU E 169 -39.41 9.06 -25.76
CA LEU E 169 -38.65 7.83 -25.52
C LEU E 169 -37.36 7.79 -26.34
N PHE E 170 -37.38 8.38 -27.54
CA PHE E 170 -36.16 8.43 -28.34
C PHE E 170 -35.13 9.29 -27.65
N ASP E 171 -35.57 10.44 -27.11
CA ASP E 171 -34.69 11.32 -26.35
C ASP E 171 -34.05 10.58 -25.18
N LYS E 172 -34.84 9.73 -24.49
CA LYS E 172 -34.32 8.98 -23.36
CA LYS E 172 -34.32 8.97 -23.36
C LYS E 172 -33.40 7.84 -23.80
N HIS E 173 -33.86 7.01 -24.72
CA HIS E 173 -33.21 5.74 -24.94
C HIS E 173 -32.17 5.74 -26.04
N THR E 174 -32.27 6.62 -27.01
CA THR E 174 -31.21 6.72 -28.02
C THR E 174 -30.26 7.86 -27.73
N LEU E 175 -30.80 9.06 -27.52
CA LEU E 175 -29.95 10.22 -27.30
C LEU E 175 -29.49 10.37 -25.85
N GLY E 176 -30.10 9.66 -24.90
CA GLY E 176 -29.66 9.78 -23.53
C GLY E 176 -28.53 8.82 -23.19
N ASP E 177 -28.40 7.76 -23.98
CA ASP E 177 -27.22 6.87 -23.91
C ASP E 177 -26.92 6.34 -22.52
N SER F 4 15.36 -10.53 -62.71
CA SER F 4 14.35 -11.39 -62.10
C SER F 4 13.32 -10.55 -61.35
N THR F 5 12.04 -10.80 -61.57
CA THR F 5 11.02 -10.05 -60.83
C THR F 5 10.90 -10.62 -59.42
N SER F 6 10.84 -9.73 -58.43
CA SER F 6 10.50 -10.16 -57.08
C SER F 6 9.16 -10.91 -57.04
N GLN F 7 9.11 -11.97 -56.24
CA GLN F 7 7.85 -12.66 -56.00
C GLN F 7 6.79 -11.76 -55.37
N VAL F 8 7.18 -10.64 -54.73
CA VAL F 8 6.19 -9.76 -54.12
C VAL F 8 5.76 -8.64 -55.05
N ARG F 9 6.51 -8.38 -56.11
CA ARG F 9 6.26 -7.16 -56.89
C ARG F 9 4.89 -7.22 -57.55
N GLN F 10 4.19 -6.09 -57.51
CA GLN F 10 2.84 -5.99 -58.05
C GLN F 10 2.42 -4.53 -58.21
N ASN F 11 2.14 -4.10 -59.44
CA ASN F 11 1.73 -2.72 -59.72
C ASN F 11 2.80 -1.69 -59.32
N TYR F 12 4.07 -2.06 -59.36
CA TYR F 12 5.15 -1.16 -58.95
C TYR F 12 5.99 -0.84 -60.19
N HIS F 13 5.84 0.36 -60.71
CA HIS F 13 6.50 0.72 -61.96
C HIS F 13 7.99 0.97 -61.74
N GLN F 14 8.79 0.62 -62.75
CA GLN F 14 10.25 0.82 -62.64
C GLN F 14 10.61 2.28 -62.41
N ASP F 15 9.78 3.21 -62.87
CA ASP F 15 10.03 4.63 -62.61
C ASP F 15 9.79 4.98 -61.14
N SER F 16 8.74 4.45 -60.55
CA SER F 16 8.52 4.63 -59.12
C SER F 16 9.72 4.09 -58.34
N GLU F 17 10.15 2.88 -58.69
CA GLU F 17 11.28 2.25 -58.02
C GLU F 17 12.51 3.16 -58.08
N ALA F 18 12.78 3.74 -59.28
CA ALA F 18 13.92 4.63 -59.41
C ALA F 18 13.73 5.92 -58.64
N ALA F 19 12.50 6.46 -58.65
CA ALA F 19 12.24 7.70 -57.91
C ALA F 19 12.38 7.49 -56.41
N ILE F 20 12.03 6.29 -55.90
CA ILE F 20 12.22 6.03 -54.49
C ILE F 20 13.72 6.01 -54.14
N ASN F 21 14.54 5.40 -54.99
CA ASN F 21 15.98 5.43 -54.73
C ASN F 21 16.51 6.86 -54.71
N ARG F 22 15.99 7.75 -55.57
CA ARG F 22 16.44 9.14 -55.55
C ARG F 22 16.01 9.82 -54.26
N GLN F 23 14.79 9.53 -53.80
CA GLN F 23 14.29 10.15 -52.59
C GLN F 23 15.06 9.66 -51.38
N ILE F 24 15.48 8.39 -51.38
CA ILE F 24 16.32 7.89 -50.30
C ILE F 24 17.59 8.72 -50.20
N ASN F 25 18.26 8.96 -51.33
CA ASN F 25 19.49 9.75 -51.31
C ASN F 25 19.22 11.17 -50.86
N LEU F 26 18.11 11.75 -51.32
CA LEU F 26 17.76 13.11 -50.92
C LEU F 26 17.53 13.22 -49.42
N GLU F 27 16.84 12.24 -48.82
CA GLU F 27 16.61 12.27 -47.38
C GLU F 27 17.91 12.16 -46.61
N LEU F 28 18.82 11.29 -47.08
CA LEU F 28 20.12 11.15 -46.42
C LEU F 28 20.93 12.43 -46.57
N TYR F 29 20.80 13.09 -47.73
CA TYR F 29 21.45 14.39 -47.91
C TYR F 29 20.91 15.39 -46.90
N ALA F 30 19.58 15.44 -46.74
CA ALA F 30 19.00 16.38 -45.79
C ALA F 30 19.48 16.09 -44.39
N SER F 31 19.62 14.80 -44.05
CA SER F 31 20.17 14.44 -42.74
C SER F 31 21.57 15.03 -42.56
N TYR F 32 22.40 14.97 -43.60
CA TYR F 32 23.77 15.47 -43.56
C TYR F 32 23.79 16.99 -43.42
N VAL F 33 22.94 17.69 -44.16
CA VAL F 33 22.88 19.15 -44.02
C VAL F 33 22.59 19.52 -42.57
N TYR F 34 21.59 18.87 -41.95
CA TYR F 34 21.22 19.20 -40.57
C TYR F 34 22.31 18.82 -39.57
N LEU F 35 22.98 17.66 -39.76
CA LEU F 35 24.13 17.34 -38.92
C LEU F 35 25.17 18.46 -38.97
N SER F 36 25.46 18.94 -40.18
CA SER F 36 26.43 20.02 -40.33
C SER F 36 25.99 21.25 -39.58
N MET F 37 24.73 21.65 -39.78
CA MET F 37 24.18 22.81 -39.08
C MET F 37 24.33 22.65 -37.56
N SER F 38 23.95 21.48 -37.05
CA SER F 38 24.00 21.28 -35.60
C SER F 38 25.37 21.57 -35.03
N TYR F 39 26.41 20.97 -35.61
CA TYR F 39 27.72 21.11 -35.01
C TYR F 39 28.37 22.46 -35.30
N TYR F 40 27.86 23.23 -36.26
CA TYR F 40 28.24 24.64 -36.34
C TYR F 40 27.80 25.40 -35.09
N PHE F 41 26.58 25.14 -34.59
CA PHE F 41 26.12 25.89 -33.42
C PHE F 41 26.76 25.39 -32.13
N ASP F 42 27.47 24.27 -32.19
CA ASP F 42 28.26 23.70 -31.10
C ASP F 42 29.67 24.31 -31.00
N ARG F 43 30.13 25.04 -32.02
CA ARG F 43 31.44 25.70 -31.98
C ARG F 43 31.54 26.69 -30.82
N ASP F 44 32.74 26.82 -30.28
CA ASP F 44 32.92 27.70 -29.13
C ASP F 44 32.70 29.15 -29.52
N ASP F 45 32.80 29.49 -30.82
CA ASP F 45 32.59 30.86 -31.25
C ASP F 45 31.19 31.07 -31.83
N VAL F 46 30.28 30.12 -31.62
CA VAL F 46 28.89 30.30 -31.98
C VAL F 46 28.07 30.01 -30.72
N ALA F 47 28.20 28.79 -30.20
CA ALA F 47 27.74 28.42 -28.86
C ALA F 47 26.25 28.72 -28.62
N LEU F 48 25.41 28.24 -29.51
CA LEU F 48 23.97 28.27 -29.29
C LEU F 48 23.48 26.83 -29.17
N LYS F 49 23.42 26.33 -27.92
CA LYS F 49 23.15 24.91 -27.65
C LYS F 49 21.78 24.47 -28.15
N ASN F 50 20.76 25.31 -28.07
CA ASN F 50 19.45 24.79 -28.45
C ASN F 50 19.25 24.85 -29.96
N PHE F 51 19.90 25.79 -30.65
CA PHE F 51 20.02 25.68 -32.11
C PHE F 51 20.69 24.36 -32.48
N ALA F 52 21.79 24.03 -31.80
CA ALA F 52 22.49 22.78 -32.09
C ALA F 52 21.58 21.57 -31.89
N LYS F 53 20.83 21.55 -30.77
CA LYS F 53 20.00 20.38 -30.50
C LYS F 53 18.81 20.33 -31.46
N TYR F 54 18.27 21.49 -31.85
CA TYR F 54 17.17 21.51 -32.80
C TYR F 54 17.57 20.90 -34.14
N PHE F 55 18.70 21.34 -34.70
CA PHE F 55 19.13 20.78 -35.97
C PHE F 55 19.56 19.32 -35.83
N LEU F 56 20.18 18.94 -34.69
CA LEU F 56 20.56 17.54 -34.53
C LEU F 56 19.34 16.63 -34.56
N HIS F 57 18.24 17.10 -33.95
CA HIS F 57 17.00 16.30 -33.96
C HIS F 57 16.46 16.20 -35.38
N GLN F 58 16.48 17.30 -36.14
CA GLN F 58 16.06 17.19 -37.54
C GLN F 58 16.95 16.19 -38.27
N SER F 59 18.26 16.17 -37.95
CA SER F 59 19.13 15.27 -38.71
C SER F 59 18.70 13.82 -38.49
N HIS F 60 18.40 13.44 -37.24
CA HIS F 60 17.96 12.07 -36.96
C HIS F 60 16.61 11.77 -37.57
N GLU F 61 15.69 12.74 -37.59
CA GLU F 61 14.40 12.53 -38.27
CA GLU F 61 14.41 12.50 -38.26
C GLU F 61 14.60 12.26 -39.75
N GLU F 62 15.44 13.06 -40.42
CA GLU F 62 15.69 12.83 -41.85
C GLU F 62 16.20 11.42 -42.10
N ARG F 63 17.07 10.93 -41.22
CA ARG F 63 17.58 9.57 -41.39
C ARG F 63 16.46 8.54 -41.25
N GLU F 64 15.54 8.77 -40.32
CA GLU F 64 14.37 7.89 -40.24
C GLU F 64 13.53 7.96 -41.52
N HIS F 65 13.32 9.16 -42.08
CA HIS F 65 12.61 9.26 -43.35
C HIS F 65 13.27 8.39 -44.40
N ALA F 66 14.61 8.40 -44.44
CA ALA F 66 15.33 7.62 -45.44
C ALA F 66 15.13 6.14 -45.22
N GLU F 67 15.18 5.71 -43.94
CA GLU F 67 15.03 4.29 -43.62
C GLU F 67 13.61 3.79 -43.94
N LYS F 68 12.60 4.62 -43.71
CA LYS F 68 11.24 4.20 -44.05
C LYS F 68 11.07 4.01 -45.56
N LEU F 69 11.74 4.85 -46.35
CA LEU F 69 11.67 4.67 -47.80
C LEU F 69 12.40 3.40 -48.23
N MET F 70 13.52 3.07 -47.59
CA MET F 70 14.22 1.82 -47.91
C MET F 70 13.34 0.62 -47.56
N LYS F 71 12.62 0.71 -46.44
CA LYS F 71 11.63 -0.33 -46.09
C LYS F 71 10.57 -0.46 -47.16
N LEU F 72 9.96 0.67 -47.56
CA LEU F 72 8.98 0.68 -48.63
C LEU F 72 9.53 0.03 -49.90
N GLN F 73 10.77 0.38 -50.28
CA GLN F 73 11.34 -0.19 -51.50
C GLN F 73 11.31 -1.71 -51.45
N ASN F 74 11.77 -2.30 -50.32
CA ASN F 74 11.73 -3.76 -50.16
C ASN F 74 10.32 -4.30 -50.06
N GLN F 75 9.43 -3.56 -49.41
CA GLN F 75 8.05 -4.02 -49.29
C GLN F 75 7.42 -4.22 -50.67
N ARG F 76 7.66 -3.30 -51.61
CA ARG F 76 7.06 -3.37 -52.92
C ARG F 76 7.82 -4.29 -53.88
N GLY F 77 8.99 -4.79 -53.46
CA GLY F 77 9.81 -5.63 -54.29
C GLY F 77 10.80 -4.87 -55.13
N GLY F 78 10.98 -3.58 -54.89
CA GLY F 78 12.02 -2.83 -55.56
C GLY F 78 13.37 -3.19 -54.97
N ARG F 79 14.41 -2.66 -55.59
CA ARG F 79 15.79 -2.95 -55.20
C ARG F 79 16.49 -1.64 -54.86
N ILE F 80 17.04 -1.59 -53.66
CA ILE F 80 17.73 -0.40 -53.17
C ILE F 80 19.05 -0.26 -53.90
N PHE F 81 19.30 0.93 -54.46
CA PHE F 81 20.64 1.25 -54.93
C PHE F 81 21.04 2.57 -54.29
N LEU F 82 22.08 2.52 -53.46
CA LEU F 82 22.50 3.72 -52.75
C LEU F 82 23.57 4.45 -53.57
N GLN F 83 23.62 5.76 -53.39
CA GLN F 83 24.59 6.59 -54.08
C GLN F 83 25.37 7.39 -53.04
N ASP F 84 26.48 7.99 -53.49
CA ASP F 84 27.21 8.88 -52.61
C ASP F 84 26.28 9.91 -51.98
N ILE F 85 26.56 10.27 -50.74
CA ILE F 85 25.83 11.35 -50.09
C ILE F 85 26.66 12.61 -50.23
N GLN F 86 26.20 13.56 -51.05
CA GLN F 86 26.96 14.78 -51.29
C GLN F 86 27.12 15.59 -50.00
N LYS F 87 28.30 16.18 -49.78
CA LYS F 87 28.45 17.03 -48.60
C LYS F 87 27.57 18.29 -48.72
N PRO F 88 27.24 18.93 -47.60
CA PRO F 88 26.38 20.13 -47.67
C PRO F 88 27.06 21.27 -48.40
N ASP F 89 26.26 22.29 -48.76
CA ASP F 89 26.77 23.42 -49.54
C ASP F 89 27.62 24.41 -48.74
N GLU F 90 27.56 24.38 -47.42
CA GLU F 90 28.34 25.26 -46.58
C GLU F 90 29.01 24.46 -45.49
N ASP F 91 30.15 24.94 -45.03
CA ASP F 91 30.75 24.47 -43.80
C ASP F 91 30.45 25.40 -42.64
N ASP F 92 30.19 26.68 -42.93
CA ASP F 92 29.91 27.73 -41.98
C ASP F 92 28.52 28.28 -42.30
N TRP F 93 27.58 28.12 -41.38
CA TRP F 93 26.19 28.47 -41.61
C TRP F 93 25.87 29.90 -41.13
N GLU F 94 26.88 30.67 -40.70
CA GLU F 94 26.86 32.12 -40.47
C GLU F 94 26.11 32.58 -39.22
N SER F 95 24.86 32.14 -39.04
CA SER F 95 24.08 32.55 -37.90
C SER F 95 22.84 31.69 -37.78
N GLY F 96 22.13 31.85 -36.67
CA GLY F 96 20.91 31.09 -36.48
C GLY F 96 19.87 31.39 -37.55
N LEU F 97 19.67 32.69 -37.83
CA LEU F 97 18.74 33.10 -38.88
C LEU F 97 19.11 32.48 -40.24
N ASN F 98 20.37 32.57 -40.63
CA ASN F 98 20.76 32.04 -41.93
C ASN F 98 20.55 30.53 -42.00
N ALA F 99 20.87 29.83 -40.91
CA ALA F 99 20.62 28.39 -40.88
C ALA F 99 19.14 28.08 -41.01
N MET F 100 18.28 28.82 -40.27
CA MET F 100 16.84 28.61 -40.41
C MET F 100 16.40 28.86 -41.85
N GLU F 101 16.96 29.90 -42.48
CA GLU F 101 16.59 30.19 -43.87
C GLU F 101 17.04 29.09 -44.82
N ALA F 102 18.27 28.57 -44.63
CA ALA F 102 18.75 27.46 -45.45
C ALA F 102 17.92 26.21 -45.22
N ALA F 103 17.50 25.97 -43.97
CA ALA F 103 16.65 24.81 -43.70
C ALA F 103 15.31 24.96 -44.42
N LEU F 104 14.72 26.15 -44.39
CA LEU F 104 13.43 26.36 -45.05
C LEU F 104 13.56 26.11 -46.54
N HIS F 105 14.64 26.61 -47.14
CA HIS F 105 14.89 26.35 -48.55
C HIS F 105 15.06 24.86 -48.81
N LEU F 106 15.80 24.16 -47.94
CA LEU F 106 15.98 22.72 -48.11
C LEU F 106 14.65 22.00 -48.03
N GLU F 107 13.86 22.32 -46.99
CA GLU F 107 12.62 21.58 -46.80
C GLU F 107 11.65 21.77 -47.97
N LYS F 108 11.65 22.95 -48.60
CA LYS F 108 10.80 23.16 -49.78
C LYS F 108 11.34 22.41 -51.00
N ASN F 109 12.67 22.32 -51.16
CA ASN F 109 13.18 21.44 -52.21
C ASN F 109 12.78 19.98 -51.96
N VAL F 110 12.87 19.52 -50.70
CA VAL F 110 12.49 18.13 -50.43
C VAL F 110 11.00 17.93 -50.69
N ASN F 111 10.18 18.87 -50.23
CA ASN F 111 8.77 18.86 -50.53
C ASN F 111 8.53 18.78 -52.04
N GLN F 112 9.30 19.54 -52.83
CA GLN F 112 9.09 19.50 -54.28
C GLN F 112 9.34 18.09 -54.83
N SER F 113 10.39 17.43 -54.35
CA SER F 113 10.66 16.09 -54.81
C SER F 113 9.54 15.12 -54.39
N LEU F 114 9.02 15.24 -53.15
CA LEU F 114 7.92 14.36 -52.73
C LEU F 114 6.65 14.58 -53.57
N LEU F 115 6.34 15.84 -53.88
CA LEU F 115 5.16 16.14 -54.71
C LEU F 115 5.31 15.54 -56.11
N GLU F 116 6.53 15.59 -56.66
CA GLU F 116 6.77 14.95 -57.94
C GLU F 116 6.68 13.42 -57.83
N LEU F 117 7.17 12.88 -56.72
CA LEU F 117 7.01 11.45 -56.47
C LEU F 117 5.54 11.08 -56.37
N HIS F 118 4.75 11.90 -55.68
CA HIS F 118 3.33 11.61 -55.57
C HIS F 118 2.66 11.67 -56.94
N LYS F 119 2.98 12.69 -57.72
CA LYS F 119 2.40 12.79 -59.07
C LYS F 119 2.77 11.57 -59.92
N LEU F 120 4.01 11.09 -59.80
CA LEU F 120 4.41 9.88 -60.53
C LEU F 120 3.56 8.69 -60.12
N ALA F 121 3.37 8.49 -58.81
CA ALA F 121 2.56 7.36 -58.36
C ALA F 121 1.13 7.48 -58.89
N HIS F 122 0.59 8.70 -58.88
CA HIS F 122 -0.75 8.89 -59.43
C HIS F 122 -0.79 8.58 -60.93
N ASP F 123 0.21 9.06 -61.69
CA ASP F 123 0.23 8.80 -63.13
C ASP F 123 0.43 7.33 -63.46
N LYS F 124 1.05 6.57 -62.58
CA LYS F 124 1.24 5.15 -62.81
C LYS F 124 0.19 4.30 -62.13
N ASN F 125 -0.92 4.93 -61.70
CA ASN F 125 -2.03 4.26 -61.00
C ASN F 125 -1.54 3.33 -59.90
N ASP F 126 -0.69 3.89 -59.04
CA ASP F 126 -0.14 3.19 -57.88
C ASP F 126 -0.72 3.83 -56.62
N PRO F 127 -1.93 3.46 -56.22
CA PRO F 127 -2.55 4.12 -55.05
C PRO F 127 -1.88 3.74 -53.74
N HIS F 128 -1.22 2.59 -53.66
CA HIS F 128 -0.49 2.29 -52.43
C HIS F 128 0.65 3.26 -52.24
N LEU F 129 1.37 3.57 -53.31
CA LEU F 129 2.52 4.45 -53.20
C LEU F 129 2.06 5.88 -52.93
N ALA F 130 1.02 6.33 -53.65
CA ALA F 130 0.46 7.66 -53.40
C ALA F 130 0.02 7.82 -51.95
N ASP F 131 -0.73 6.86 -51.42
CA ASP F 131 -1.16 6.96 -50.03
C ASP F 131 0.02 6.94 -49.06
N PHE F 132 1.04 6.12 -49.35
CA PHE F 132 2.21 6.06 -48.50
C PHE F 132 2.87 7.41 -48.39
N ILE F 133 3.00 8.12 -49.53
CA ILE F 133 3.59 9.46 -49.56
C ILE F 133 2.70 10.45 -48.83
N GLU F 134 1.39 10.40 -49.06
CA GLU F 134 0.44 11.25 -48.35
C GLU F 134 0.56 11.06 -46.85
N THR F 135 0.52 9.82 -46.41
CA THR F 135 0.35 9.53 -44.99
C THR F 135 1.60 9.86 -44.21
N HIS F 136 2.78 9.58 -44.76
CA HIS F 136 4.01 9.63 -43.99
C HIS F 136 4.89 10.82 -44.32
N TYR F 137 4.65 11.51 -45.45
CA TYR F 137 5.60 12.55 -45.83
C TYR F 137 4.95 13.91 -46.05
N LEU F 138 3.74 13.99 -46.65
CA LEU F 138 3.26 15.27 -47.13
C LEU F 138 2.91 16.21 -45.99
N ASN F 139 2.12 15.75 -45.01
CA ASN F 139 1.81 16.71 -43.94
C ASN F 139 3.04 16.99 -43.10
N GLU F 140 3.92 16.00 -42.92
CA GLU F 140 5.20 16.23 -42.26
C GLU F 140 5.94 17.40 -42.88
N GLN F 141 6.01 17.44 -44.22
CA GLN F 141 6.73 18.54 -44.88
C GLN F 141 6.05 19.86 -44.63
N VAL F 142 4.73 19.90 -44.78
CA VAL F 142 3.98 21.15 -44.57
C VAL F 142 4.21 21.69 -43.16
N LYS F 143 4.24 20.80 -42.15
CA LYS F 143 4.46 21.24 -40.77
C LYS F 143 5.88 21.78 -40.59
N ALA F 144 6.87 21.06 -41.13
CA ALA F 144 8.26 21.50 -41.02
C ALA F 144 8.44 22.86 -41.65
N ILE F 145 7.83 23.08 -42.83
CA ILE F 145 7.99 24.35 -43.54
C ILE F 145 7.28 25.45 -42.77
N LYS F 146 6.08 25.18 -42.27
CA LYS F 146 5.40 26.16 -41.43
C LYS F 146 6.25 26.54 -40.22
N GLU F 147 6.80 25.55 -39.53
CA GLU F 147 7.57 25.83 -38.31
C GLU F 147 8.80 26.65 -38.64
N LEU F 148 9.50 26.32 -39.73
CA LEU F 148 10.69 27.07 -40.07
C LEU F 148 10.33 28.50 -40.46
N GLY F 149 9.20 28.68 -41.16
CA GLY F 149 8.75 30.03 -41.45
C GLY F 149 8.50 30.81 -40.18
N ASP F 150 7.79 30.19 -39.23
CA ASP F 150 7.57 30.82 -37.92
C ASP F 150 8.90 31.25 -37.29
N HIS F 151 9.89 30.36 -37.28
CA HIS F 151 11.16 30.68 -36.63
C HIS F 151 11.85 31.84 -37.32
N VAL F 152 11.93 31.77 -38.66
CA VAL F 152 12.52 32.84 -39.44
C VAL F 152 11.84 34.17 -39.13
N THR F 153 10.50 34.16 -39.12
CA THR F 153 9.79 35.41 -38.84
C THR F 153 10.17 35.98 -37.48
N ASN F 154 10.19 35.14 -36.46
CA ASN F 154 10.51 35.67 -35.14
C ASN F 154 11.94 36.18 -35.07
N LEU F 155 12.91 35.43 -35.63
CA LEU F 155 14.30 35.92 -35.59
C LEU F 155 14.43 37.29 -36.28
N ARG F 156 13.78 37.46 -37.44
CA ARG F 156 13.86 38.76 -38.12
C ARG F 156 13.23 39.84 -37.25
N LYS F 157 12.03 39.59 -36.75
CA LYS F 157 11.36 40.61 -35.94
C LYS F 157 12.16 40.98 -34.69
N MET F 158 12.87 40.01 -34.11
CA MET F 158 13.71 40.29 -32.94
C MET F 158 14.98 41.05 -33.28
N GLY F 159 15.36 41.17 -34.55
CA GLY F 159 16.59 41.83 -34.90
C GLY F 159 17.72 40.95 -35.37
N ALA F 160 17.52 39.64 -35.51
CA ALA F 160 18.57 38.82 -36.09
C ALA F 160 18.81 39.23 -37.55
N PRO F 161 20.03 38.98 -38.08
CA PRO F 161 21.14 38.41 -37.30
C PRO F 161 22.05 39.50 -36.71
N GLU F 162 21.73 40.77 -36.97
CA GLU F 162 22.42 41.93 -36.39
C GLU F 162 22.59 41.69 -34.90
N SER F 163 21.48 41.76 -34.17
CA SER F 163 21.48 41.70 -32.71
C SER F 163 21.83 40.28 -32.25
N GLY F 164 23.01 40.14 -31.66
CA GLY F 164 23.36 38.85 -31.06
C GLY F 164 22.50 38.50 -29.87
N LEU F 165 21.94 39.53 -29.20
CA LEU F 165 20.91 39.34 -28.18
C LEU F 165 19.68 38.61 -28.72
N ALA F 166 19.28 38.94 -29.95
CA ALA F 166 18.11 38.28 -30.54
C ALA F 166 18.31 36.77 -30.64
N GLU F 167 19.45 36.33 -31.18
CA GLU F 167 19.64 34.90 -31.37
C GLU F 167 19.82 34.20 -30.04
N TYR F 168 20.42 34.88 -29.07
CA TYR F 168 20.58 34.29 -27.73
C TYR F 168 19.22 34.04 -27.08
N LEU F 169 18.34 35.04 -27.11
CA LEU F 169 17.03 34.91 -26.48
C LEU F 169 16.15 33.92 -27.25
N PHE F 170 16.25 33.89 -28.59
CA PHE F 170 15.48 32.91 -29.36
C PHE F 170 15.94 31.50 -29.01
N ASP F 171 17.25 31.29 -28.93
CA ASP F 171 17.79 30.00 -28.53
C ASP F 171 17.20 29.57 -27.21
N LYS F 172 17.11 30.49 -26.24
CA LYS F 172 16.62 30.20 -24.90
C LYS F 172 15.10 30.02 -24.84
N HIS F 173 14.33 30.95 -25.37
CA HIS F 173 12.90 30.98 -25.13
C HIS F 173 12.07 30.24 -26.17
N THR F 174 12.56 30.11 -27.41
CA THR F 174 11.83 29.31 -28.39
C THR F 174 12.43 27.91 -28.55
N LEU F 175 13.72 27.80 -28.81
CA LEU F 175 14.27 26.48 -29.06
C LEU F 175 14.56 25.71 -27.77
N GLY F 176 14.57 26.39 -26.62
CA GLY F 176 14.92 25.73 -25.38
C GLY F 176 13.72 25.18 -24.63
N ASP F 177 12.52 25.60 -25.04
CA ASP F 177 11.21 25.18 -24.49
C ASP F 177 11.26 24.17 -23.35
N SER G 4 -38.44 47.53 22.97
CA SER G 4 -37.13 48.14 22.78
C SER G 4 -36.53 47.76 21.42
N THR G 5 -35.57 48.55 20.95
CA THR G 5 -34.92 48.23 19.68
C THR G 5 -33.82 47.20 19.91
N SER G 6 -33.72 46.24 18.99
CA SER G 6 -32.66 45.26 19.09
C SER G 6 -31.32 45.98 18.96
N GLN G 7 -30.32 45.54 19.73
CA GLN G 7 -29.00 46.14 19.63
C GLN G 7 -28.38 45.92 18.24
N VAL G 8 -28.79 44.92 17.46
CA VAL G 8 -28.14 44.75 16.16
C VAL G 8 -28.88 45.46 15.05
N ARG G 9 -30.10 45.94 15.30
CA ARG G 9 -30.95 46.40 14.20
C ARG G 9 -30.39 47.65 13.54
N GLN G 10 -30.38 47.66 12.22
CA GLN G 10 -29.83 48.79 11.48
C GLN G 10 -30.40 48.75 10.06
N ASN G 11 -31.01 49.87 9.65
CA ASN G 11 -31.55 50.03 8.30
C ASN G 11 -32.59 48.97 7.96
N TYR G 12 -33.33 48.50 8.95
CA TYR G 12 -34.27 47.40 8.74
C TYR G 12 -35.67 47.94 9.00
N HIS G 13 -36.44 48.16 7.93
CA HIS G 13 -37.75 48.77 8.08
C HIS G 13 -38.74 47.78 8.71
N GLN G 14 -39.65 48.33 9.52
CA GLN G 14 -40.79 47.56 10.06
C GLN G 14 -41.60 46.86 8.95
N ASP G 15 -41.80 47.51 7.80
CA ASP G 15 -42.54 46.83 6.74
C ASP G 15 -41.77 45.60 6.24
N SER G 16 -40.46 45.73 6.12
CA SER G 16 -39.64 44.60 5.70
C SER G 16 -39.77 43.47 6.69
N GLU G 17 -39.58 43.78 7.98
CA GLU G 17 -39.71 42.79 9.04
C GLU G 17 -41.06 42.05 8.97
N ALA G 18 -42.16 42.79 8.77
CA ALA G 18 -43.46 42.14 8.65
C ALA G 18 -43.56 41.27 7.39
N ALA G 19 -43.01 41.76 6.28
CA ALA G 19 -43.04 41.02 5.03
C ALA G 19 -42.26 39.70 5.14
N ILE G 20 -41.15 39.70 5.90
CA ILE G 20 -40.37 38.48 6.12
C ILE G 20 -41.20 37.44 6.90
N ASN G 21 -41.92 37.88 7.94
CA ASN G 21 -42.81 36.97 8.67
C ASN G 21 -43.89 36.41 7.74
N ARG G 22 -44.42 37.21 6.82
CA ARG G 22 -45.38 36.64 5.88
C ARG G 22 -44.71 35.61 4.97
N GLN G 23 -43.50 35.92 4.49
CA GLN G 23 -42.80 35.00 3.59
C GLN G 23 -42.49 33.67 4.28
N ILE G 24 -42.11 33.71 5.56
CA ILE G 24 -41.87 32.49 6.32
C ILE G 24 -43.12 31.61 6.32
N ASN G 25 -44.29 32.21 6.57
CA ASN G 25 -45.54 31.45 6.56
C ASN G 25 -45.81 30.87 5.19
N LEU G 26 -45.50 31.63 4.13
CA LEU G 26 -45.79 31.15 2.78
C LEU G 26 -44.88 29.99 2.41
N GLU G 27 -43.61 30.04 2.82
CA GLU G 27 -42.69 28.92 2.54
C GLU G 27 -43.08 27.66 3.31
N LEU G 28 -43.45 27.79 4.60
CA LEU G 28 -43.96 26.64 5.33
C LEU G 28 -45.22 26.09 4.67
N TYR G 29 -46.09 26.98 4.17
CA TYR G 29 -47.28 26.54 3.47
C TYR G 29 -46.88 25.72 2.24
N ALA G 30 -45.99 26.26 1.41
CA ALA G 30 -45.56 25.51 0.24
C ALA G 30 -44.97 24.15 0.66
N SER G 31 -44.25 24.12 1.79
CA SER G 31 -43.73 22.85 2.25
C SER G 31 -44.84 21.86 2.50
N TYR G 32 -45.95 22.33 3.08
CA TYR G 32 -47.07 21.46 3.42
C TYR G 32 -47.78 20.96 2.16
N VAL G 33 -47.97 21.84 1.18
CA VAL G 33 -48.57 21.42 -0.08
C VAL G 33 -47.78 20.28 -0.71
N TYR G 34 -46.46 20.45 -0.78
CA TYR G 34 -45.61 19.41 -1.37
C TYR G 34 -45.67 18.13 -0.56
N LEU G 35 -45.72 18.23 0.77
CA LEU G 35 -45.87 17.04 1.59
C LEU G 35 -47.15 16.31 1.25
N SER G 36 -48.24 17.06 1.08
CA SER G 36 -49.51 16.49 0.67
C SER G 36 -49.41 15.77 -0.66
N MET G 37 -48.83 16.45 -1.65
CA MET G 37 -48.68 15.83 -2.96
C MET G 37 -47.85 14.56 -2.87
N SER G 38 -46.79 14.60 -2.06
CA SER G 38 -45.89 13.46 -1.99
C SER G 38 -46.66 12.21 -1.58
N TYR G 39 -47.40 12.29 -0.49
CA TYR G 39 -48.05 11.09 0.02
C TYR G 39 -49.30 10.69 -0.76
N TYR G 40 -49.85 11.60 -1.56
CA TYR G 40 -50.86 11.16 -2.52
C TYR G 40 -50.28 10.15 -3.50
N PHE G 41 -49.05 10.39 -3.97
CA PHE G 41 -48.46 9.47 -4.92
C PHE G 41 -47.96 8.19 -4.26
N ASP G 42 -47.88 8.16 -2.92
CA ASP G 42 -47.58 6.95 -2.15
C ASP G 42 -48.81 6.05 -1.99
N ARG G 43 -50.01 6.52 -2.35
CA ARG G 43 -51.23 5.74 -2.19
C ARG G 43 -51.17 4.47 -3.03
N ASP G 44 -51.73 3.38 -2.48
CA ASP G 44 -51.72 2.10 -3.20
C ASP G 44 -52.48 2.18 -4.51
N ASP G 45 -53.39 3.14 -4.66
CA ASP G 45 -54.18 3.30 -5.87
C ASP G 45 -53.64 4.39 -6.77
N VAL G 46 -52.42 4.87 -6.50
CA VAL G 46 -51.76 5.83 -7.38
C VAL G 46 -50.39 5.23 -7.72
N ALA G 47 -49.59 5.00 -6.68
CA ALA G 47 -48.37 4.16 -6.72
C ALA G 47 -47.32 4.63 -7.73
N LEU G 48 -47.01 5.92 -7.73
CA LEU G 48 -45.91 6.45 -8.55
C LEU G 48 -44.83 6.93 -7.56
N LYS G 49 -43.87 6.03 -7.24
CA LYS G 49 -42.91 6.32 -6.18
C LYS G 49 -41.97 7.47 -6.53
N ASN G 50 -41.71 7.70 -7.81
CA ASN G 50 -40.77 8.77 -8.12
C ASN G 50 -41.45 10.12 -8.13
N PHE G 51 -42.72 10.19 -8.53
CA PHE G 51 -43.49 11.39 -8.20
C PHE G 51 -43.49 11.62 -6.70
N ALA G 52 -43.64 10.55 -5.91
CA ALA G 52 -43.69 10.77 -4.46
C ALA G 52 -42.36 11.32 -3.97
N LYS G 53 -41.22 10.76 -4.44
CA LYS G 53 -39.92 11.23 -3.97
C LYS G 53 -39.65 12.66 -4.42
N TYR G 54 -40.07 12.99 -5.64
CA TYR G 54 -39.86 14.33 -6.17
C TYR G 54 -40.52 15.36 -5.28
N PHE G 55 -41.78 15.15 -4.90
CA PHE G 55 -42.50 16.18 -4.14
C PHE G 55 -42.04 16.24 -2.69
N LEU G 56 -41.64 15.09 -2.12
CA LEU G 56 -41.06 15.09 -0.79
C LEU G 56 -39.76 15.89 -0.75
N HIS G 57 -38.96 15.77 -1.80
CA HIS G 57 -37.74 16.59 -1.86
C HIS G 57 -38.10 18.06 -1.93
N GLN G 58 -39.09 18.44 -2.75
CA GLN G 58 -39.48 19.84 -2.76
C GLN G 58 -39.99 20.27 -1.39
N SER G 59 -40.67 19.37 -0.66
CA SER G 59 -41.23 19.74 0.63
C SER G 59 -40.12 20.08 1.62
N HIS G 60 -39.09 19.24 1.69
CA HIS G 60 -37.96 19.51 2.58
C HIS G 60 -37.21 20.77 2.16
N GLU G 61 -37.14 21.03 0.84
CA GLU G 61 -36.46 22.25 0.39
C GLU G 61 -37.25 23.51 0.80
N GLU G 62 -38.59 23.49 0.70
CA GLU G 62 -39.37 24.64 1.17
C GLU G 62 -39.18 24.91 2.67
N ARG G 63 -39.06 23.85 3.47
CA ARG G 63 -38.85 24.07 4.90
C ARG G 63 -37.49 24.73 5.14
N GLU G 64 -36.48 24.31 4.38
CA GLU G 64 -35.20 24.98 4.44
C GLU G 64 -35.31 26.46 4.01
N HIS G 65 -36.10 26.78 2.97
CA HIS G 65 -36.28 28.19 2.63
C HIS G 65 -36.85 28.97 3.81
N ALA G 66 -37.87 28.41 4.47
CA ALA G 66 -38.49 29.06 5.62
C ALA G 66 -37.47 29.32 6.72
N GLU G 67 -36.63 28.31 7.03
CA GLU G 67 -35.70 28.47 8.14
C GLU G 67 -34.62 29.49 7.81
N LYS G 68 -34.23 29.60 6.55
CA LYS G 68 -33.27 30.64 6.18
C LYS G 68 -33.85 32.03 6.39
N LEU G 69 -35.16 32.19 6.14
CA LEU G 69 -35.80 33.49 6.37
C LEU G 69 -35.89 33.78 7.86
N MET G 70 -36.14 32.74 8.66
CA MET G 70 -36.16 32.91 10.11
C MET G 70 -34.79 33.32 10.61
N LYS G 71 -33.73 32.66 10.11
CA LYS G 71 -32.39 33.09 10.42
C LYS G 71 -32.17 34.56 10.04
N LEU G 72 -32.62 34.94 8.83
CA LEU G 72 -32.43 36.31 8.38
C LEU G 72 -33.10 37.29 9.35
N GLN G 73 -34.37 37.01 9.69
CA GLN G 73 -35.11 37.88 10.61
C GLN G 73 -34.30 38.15 11.86
N ASN G 74 -33.69 37.10 12.44
CA ASN G 74 -32.92 37.26 13.68
C ASN G 74 -31.62 38.01 13.43
N GLN G 75 -30.99 37.76 12.28
CA GLN G 75 -29.76 38.48 11.94
C GLN G 75 -29.97 39.98 11.91
N ARG G 76 -31.11 40.43 11.34
CA ARG G 76 -31.33 41.85 11.20
C ARG G 76 -31.92 42.46 12.45
N GLY G 77 -32.20 41.65 13.48
CA GLY G 77 -32.83 42.20 14.68
C GLY G 77 -34.35 42.31 14.64
N GLY G 78 -35.02 41.74 13.62
CA GLY G 78 -36.46 41.63 13.63
C GLY G 78 -36.92 40.45 14.46
N ARG G 79 -38.24 40.35 14.64
CA ARG G 79 -38.81 39.37 15.56
C ARG G 79 -39.78 38.45 14.85
N ILE G 80 -39.56 37.15 15.02
CA ILE G 80 -40.31 36.12 14.31
C ILE G 80 -41.66 35.99 14.99
N PHE G 81 -42.72 36.15 14.22
CA PHE G 81 -44.06 35.83 14.70
C PHE G 81 -44.62 34.80 13.73
N LEU G 82 -44.76 33.57 14.20
CA LEU G 82 -45.32 32.49 13.41
C LEU G 82 -46.85 32.55 13.41
N GLN G 83 -47.43 32.04 12.32
CA GLN G 83 -48.87 31.96 12.20
C GLN G 83 -49.25 30.53 11.85
N ASP G 84 -50.55 30.22 11.99
CA ASP G 84 -51.05 28.94 11.52
C ASP G 84 -50.56 28.66 10.09
N ILE G 85 -50.28 27.40 9.80
CA ILE G 85 -49.96 26.97 8.45
C ILE G 85 -51.24 26.39 7.86
N GLN G 86 -51.79 27.04 6.85
CA GLN G 86 -53.05 26.60 6.28
C GLN G 86 -52.87 25.25 5.57
N LYS G 87 -53.85 24.36 5.70
CA LYS G 87 -53.76 23.11 4.97
C LYS G 87 -53.88 23.35 3.46
N PRO G 88 -53.35 22.45 2.67
CA PRO G 88 -53.41 22.65 1.20
C PRO G 88 -54.84 22.64 0.69
N ASP G 89 -55.00 23.09 -0.57
CA ASP G 89 -56.32 23.22 -1.18
C ASP G 89 -56.95 21.92 -1.62
N GLU G 90 -56.19 20.87 -1.80
CA GLU G 90 -56.76 19.59 -2.17
C GLU G 90 -56.21 18.55 -1.21
N ASP G 91 -56.98 17.48 -1.03
CA ASP G 91 -56.52 16.24 -0.42
C ASP G 91 -56.15 15.18 -1.44
N ASP G 92 -56.77 15.23 -2.61
CA ASP G 92 -56.57 14.29 -3.71
C ASP G 92 -56.00 15.10 -4.87
N TRP G 93 -54.80 14.73 -5.35
CA TRP G 93 -54.19 15.56 -6.40
C TRP G 93 -54.42 15.03 -7.81
N GLU G 94 -55.23 13.98 -7.99
CA GLU G 94 -55.79 13.57 -9.29
C GLU G 94 -54.83 12.78 -10.18
N SER G 95 -53.65 13.33 -10.48
CA SER G 95 -52.75 12.70 -11.43
C SER G 95 -51.39 13.36 -11.30
N GLY G 96 -50.39 12.70 -11.87
CA GLY G 96 -49.07 13.33 -11.90
C GLY G 96 -49.10 14.67 -12.61
N LEU G 97 -49.77 14.72 -13.77
CA LEU G 97 -49.80 15.97 -14.53
C LEU G 97 -50.51 17.07 -13.73
N ASN G 98 -51.63 16.75 -13.10
CA ASN G 98 -52.34 17.77 -12.32
C ASN G 98 -51.49 18.26 -11.15
N ALA G 99 -50.81 17.36 -10.44
CA ALA G 99 -49.94 17.82 -9.35
C ALA G 99 -48.83 18.72 -9.87
N MET G 100 -48.22 18.35 -11.00
CA MET G 100 -47.21 19.22 -11.60
C MET G 100 -47.77 20.59 -11.90
N GLU G 101 -49.01 20.64 -12.40
CA GLU G 101 -49.58 21.95 -12.75
C GLU G 101 -49.88 22.76 -11.51
N ALA G 102 -50.36 22.11 -10.46
CA ALA G 102 -50.62 22.83 -9.22
C ALA G 102 -49.33 23.35 -8.62
N ALA G 103 -48.23 22.58 -8.77
CA ALA G 103 -46.93 23.01 -8.27
C ALA G 103 -46.40 24.21 -9.07
N LEU G 104 -46.55 24.18 -10.39
CA LEU G 104 -46.18 25.33 -11.19
C LEU G 104 -46.94 26.58 -10.74
N HIS G 105 -48.24 26.45 -10.53
CA HIS G 105 -49.03 27.61 -10.09
C HIS G 105 -48.59 28.08 -8.69
N LEU G 106 -48.26 27.14 -7.80
CA LEU G 106 -47.77 27.50 -6.46
C LEU G 106 -46.46 28.27 -6.55
N GLU G 107 -45.53 27.77 -7.35
CA GLU G 107 -44.22 28.38 -7.44
C GLU G 107 -44.29 29.78 -8.03
N LYS G 108 -45.17 29.98 -9.02
CA LYS G 108 -45.35 31.34 -9.52
C LYS G 108 -45.94 32.26 -8.44
N ASN G 109 -46.85 31.74 -7.61
CA ASN G 109 -47.37 32.58 -6.54
C ASN G 109 -46.30 32.87 -5.50
N VAL G 110 -45.50 31.87 -5.14
CA VAL G 110 -44.37 32.11 -4.24
C VAL G 110 -43.41 33.11 -4.87
N ASN G 111 -43.14 32.96 -6.18
CA ASN G 111 -42.24 33.89 -6.87
C ASN G 111 -42.80 35.33 -6.83
N GLN G 112 -44.10 35.50 -7.09
CA GLN G 112 -44.71 36.84 -7.04
C GLN G 112 -44.49 37.49 -5.68
N SER G 113 -44.66 36.73 -4.61
CA SER G 113 -44.42 37.24 -3.27
C SER G 113 -42.98 37.67 -3.07
N LEU G 114 -42.02 36.91 -3.61
CA LEU G 114 -40.62 37.28 -3.46
C LEU G 114 -40.29 38.54 -4.24
N LEU G 115 -40.86 38.67 -5.44
CA LEU G 115 -40.66 39.90 -6.20
C LEU G 115 -41.23 41.11 -5.45
N GLU G 116 -42.38 40.93 -4.82
CA GLU G 116 -42.93 42.02 -4.03
C GLU G 116 -42.02 42.34 -2.84
N LEU G 117 -41.51 41.29 -2.19
CA LEU G 117 -40.58 41.50 -1.08
C LEU G 117 -39.32 42.21 -1.55
N HIS G 118 -38.85 41.88 -2.76
CA HIS G 118 -37.66 42.55 -3.26
C HIS G 118 -37.95 44.03 -3.57
N LYS G 119 -39.10 44.29 -4.19
CA LYS G 119 -39.53 45.66 -4.43
C LYS G 119 -39.62 46.45 -3.13
N LEU G 120 -40.15 45.83 -2.08
CA LEU G 120 -40.17 46.46 -0.76
C LEU G 120 -38.75 46.80 -0.28
N ALA G 121 -37.81 45.85 -0.41
CA ALA G 121 -36.45 46.12 0.09
C ALA G 121 -35.80 47.28 -0.64
N HIS G 122 -35.93 47.31 -1.97
CA HIS G 122 -35.45 48.44 -2.78
C HIS G 122 -36.14 49.75 -2.38
N ASP G 123 -37.46 49.73 -2.14
CA ASP G 123 -38.17 50.96 -1.75
C ASP G 123 -37.67 51.50 -0.42
N LYS G 124 -37.35 50.62 0.51
CA LYS G 124 -36.83 51.01 1.81
C LYS G 124 -35.32 51.18 1.81
N ASN G 125 -34.69 51.14 0.64
CA ASN G 125 -33.22 51.29 0.51
C ASN G 125 -32.50 50.34 1.47
N ASP G 126 -32.89 49.06 1.39
CA ASP G 126 -32.30 47.98 2.18
C ASP G 126 -31.51 47.09 1.24
N PRO G 127 -30.29 47.47 0.84
CA PRO G 127 -29.55 46.63 -0.10
C PRO G 127 -29.18 45.28 0.48
N HIS G 128 -28.99 45.16 1.80
CA HIS G 128 -28.70 43.84 2.33
C HIS G 128 -29.84 42.86 2.05
N LEU G 129 -31.09 43.29 2.31
CA LEU G 129 -32.24 42.41 2.13
C LEU G 129 -32.50 42.11 0.65
N ALA G 130 -32.36 43.13 -0.19
CA ALA G 130 -32.51 42.94 -1.63
C ALA G 130 -31.55 41.88 -2.13
N ASP G 131 -30.27 42.00 -1.77
CA ASP G 131 -29.31 41.02 -2.25
C ASP G 131 -29.53 39.65 -1.64
N PHE G 132 -30.03 39.60 -0.40
CA PHE G 132 -30.40 38.33 0.20
C PHE G 132 -31.45 37.63 -0.65
N ILE G 133 -32.47 38.37 -1.08
CA ILE G 133 -33.55 37.79 -1.86
C ILE G 133 -33.03 37.35 -3.22
N GLU G 134 -32.21 38.20 -3.85
CA GLU G 134 -31.64 37.86 -5.16
C GLU G 134 -30.79 36.61 -5.07
N THR G 135 -29.88 36.57 -4.09
CA THR G 135 -28.90 35.48 -3.98
C THR G 135 -29.58 34.17 -3.66
N HIS G 136 -30.45 34.14 -2.67
CA HIS G 136 -30.97 32.90 -2.11
C HIS G 136 -32.32 32.47 -2.68
N TYR G 137 -33.07 33.34 -3.41
CA TYR G 137 -34.43 32.92 -3.78
C TYR G 137 -34.79 33.14 -5.25
N LEU G 138 -34.34 34.24 -5.87
CA LEU G 138 -34.92 34.61 -7.17
C LEU G 138 -34.53 33.63 -8.26
N ASN G 139 -33.24 33.31 -8.39
CA ASN G 139 -32.91 32.29 -9.37
C ASN G 139 -33.47 30.93 -8.99
N GLU G 140 -33.53 30.64 -7.68
CA GLU G 140 -34.10 29.36 -7.26
C GLU G 140 -35.52 29.21 -7.77
N GLN G 141 -36.34 30.27 -7.63
CA GLN G 141 -37.71 30.22 -8.14
C GLN G 141 -37.72 30.07 -9.66
N VAL G 142 -36.90 30.86 -10.34
CA VAL G 142 -36.88 30.77 -11.79
C VAL G 142 -36.50 29.35 -12.23
N LYS G 143 -35.52 28.72 -11.56
CA LYS G 143 -35.17 27.34 -11.99
C LYS G 143 -36.32 26.37 -11.71
N ALA G 144 -36.94 26.48 -10.55
CA ALA G 144 -38.03 25.59 -10.22
C ALA G 144 -39.20 25.78 -11.19
N ILE G 145 -39.53 27.03 -11.53
CA ILE G 145 -40.64 27.26 -12.45
C ILE G 145 -40.31 26.68 -13.82
N LYS G 146 -39.07 26.85 -14.28
CA LYS G 146 -38.71 26.30 -15.59
C LYS G 146 -38.76 24.77 -15.59
N GLU G 147 -38.26 24.15 -14.52
CA GLU G 147 -38.30 22.68 -14.47
C GLU G 147 -39.72 22.15 -14.40
N LEU G 148 -40.61 22.81 -13.66
CA LEU G 148 -41.98 22.33 -13.63
C LEU G 148 -42.65 22.52 -14.99
N GLY G 149 -42.35 23.63 -15.68
CA GLY G 149 -42.88 23.80 -17.03
C GLY G 149 -42.41 22.70 -17.97
N ASP G 150 -41.12 22.33 -17.88
CA ASP G 150 -40.61 21.24 -18.68
C ASP G 150 -41.36 19.94 -18.39
N HIS G 151 -41.58 19.63 -17.11
CA HIS G 151 -42.32 18.41 -16.76
C HIS G 151 -43.75 18.44 -17.30
N VAL G 152 -44.44 19.57 -17.10
CA VAL G 152 -45.82 19.66 -17.60
C VAL G 152 -45.83 19.44 -19.11
N THR G 153 -44.91 20.09 -19.84
CA THR G 153 -44.83 19.91 -21.29
C THR G 153 -44.64 18.45 -21.65
N ASN G 154 -43.67 17.78 -21.02
CA ASN G 154 -43.42 16.38 -21.39
C ASN G 154 -44.61 15.50 -21.08
N LEU G 155 -45.20 15.66 -19.89
CA LEU G 155 -46.33 14.83 -19.53
C LEU G 155 -47.47 15.02 -20.53
N ARG G 156 -47.75 16.25 -20.93
CA ARG G 156 -48.81 16.50 -21.91
C ARG G 156 -48.47 15.85 -23.23
N LYS G 157 -47.25 16.07 -23.73
CA LYS G 157 -46.93 15.52 -25.05
C LYS G 157 -46.94 14.00 -25.04
N MET G 158 -46.58 13.35 -23.92
CA MET G 158 -46.69 11.90 -23.80
C MET G 158 -48.14 11.40 -23.75
N GLY G 159 -49.12 12.28 -23.54
CA GLY G 159 -50.52 11.88 -23.50
C GLY G 159 -51.14 11.80 -22.11
N ALA G 160 -50.49 12.32 -21.08
CA ALA G 160 -51.11 12.39 -19.77
C ALA G 160 -52.22 13.44 -19.78
N PRO G 161 -53.22 13.35 -18.87
CA PRO G 161 -53.38 12.34 -17.81
C PRO G 161 -54.14 11.10 -18.26
N GLU G 162 -54.70 11.13 -19.46
CA GLU G 162 -55.43 10.00 -20.02
C GLU G 162 -54.59 8.73 -20.01
N SER G 163 -53.44 8.76 -20.69
CA SER G 163 -52.57 7.60 -20.75
C SER G 163 -51.93 7.39 -19.38
N GLY G 164 -52.37 6.35 -18.68
CA GLY G 164 -51.66 5.90 -17.49
C GLY G 164 -50.25 5.42 -17.81
N LEU G 165 -50.05 4.89 -19.04
CA LEU G 165 -48.71 4.58 -19.54
C LEU G 165 -47.80 5.80 -19.48
N ALA G 166 -48.28 6.96 -19.93
CA ALA G 166 -47.46 8.17 -19.91
C ALA G 166 -46.93 8.47 -18.52
N GLU G 167 -47.80 8.47 -17.50
CA GLU G 167 -47.33 8.86 -16.17
C GLU G 167 -46.37 7.81 -15.62
N TYR G 168 -46.62 6.53 -15.92
CA TYR G 168 -45.73 5.49 -15.47
C TYR G 168 -44.34 5.65 -16.07
N LEU G 169 -44.26 5.85 -17.39
CA LEU G 169 -42.96 6.00 -18.04
C LEU G 169 -42.24 7.27 -17.59
N PHE G 170 -43.00 8.38 -17.44
CA PHE G 170 -42.38 9.62 -16.97
C PHE G 170 -41.82 9.45 -15.57
N ASP G 171 -42.64 8.87 -14.67
CA ASP G 171 -42.16 8.52 -13.34
C ASP G 171 -40.85 7.73 -13.41
N LYS G 172 -40.75 6.79 -14.36
CA LYS G 172 -39.53 5.99 -14.45
CA LYS G 172 -39.53 5.99 -14.44
C LYS G 172 -38.39 6.79 -15.06
N HIS G 173 -38.63 7.43 -16.22
CA HIS G 173 -37.51 7.90 -17.03
C HIS G 173 -37.11 9.34 -16.77
N THR G 174 -38.04 10.20 -16.35
CA THR G 174 -37.67 11.55 -15.94
C THR G 174 -37.44 11.68 -14.44
N LEU G 175 -38.33 11.17 -13.63
CA LEU G 175 -38.17 11.42 -12.21
C LEU G 175 -37.35 10.36 -11.51
N GLY G 176 -37.03 9.25 -12.16
CA GLY G 176 -36.28 8.23 -11.46
C GLY G 176 -34.79 8.17 -11.80
N ASP G 177 -34.27 9.09 -12.60
CA ASP G 177 -32.84 9.05 -12.99
C ASP G 177 -31.92 8.95 -11.77
N SER H 4 -5.05 62.59 -16.57
CA SER H 4 -5.83 62.02 -17.68
C SER H 4 -6.72 60.88 -17.20
N THR H 5 -7.75 60.58 -17.97
CA THR H 5 -8.64 59.49 -17.61
C THR H 5 -7.93 58.15 -17.85
N SER H 6 -8.17 57.19 -16.97
CA SER H 6 -7.60 55.88 -17.14
C SER H 6 -8.26 55.19 -18.34
N GLN H 7 -7.45 54.50 -19.16
CA GLN H 7 -7.97 53.71 -20.28
C GLN H 7 -9.03 52.67 -19.87
N VAL H 8 -9.09 52.27 -18.59
CA VAL H 8 -10.08 51.27 -18.20
C VAL H 8 -11.36 51.90 -17.63
N ARG H 9 -11.31 53.17 -17.22
CA ARG H 9 -12.43 53.77 -16.49
C ARG H 9 -13.70 53.72 -17.33
N GLN H 10 -14.78 53.25 -16.73
CA GLN H 10 -16.04 53.26 -17.47
C GLN H 10 -17.17 53.27 -16.46
N ASN H 11 -18.05 54.28 -16.57
CA ASN H 11 -19.22 54.38 -15.69
C ASN H 11 -18.82 54.44 -14.22
N TYR H 12 -17.71 55.09 -13.93
CA TYR H 12 -17.18 55.17 -12.58
C TYR H 12 -17.16 56.64 -12.17
N HIS H 13 -18.10 57.05 -11.32
CA HIS H 13 -18.26 58.45 -11.00
C HIS H 13 -17.15 58.93 -10.08
N GLN H 14 -16.70 60.18 -10.28
CA GLN H 14 -15.69 60.72 -9.38
C GLN H 14 -16.14 60.71 -7.93
N ASP H 15 -17.45 60.84 -7.68
CA ASP H 15 -17.95 60.76 -6.31
C ASP H 15 -17.77 59.35 -5.75
N SER H 16 -18.07 58.32 -6.55
CA SER H 16 -17.83 56.95 -6.10
C SER H 16 -16.36 56.74 -5.79
N GLU H 17 -15.48 57.21 -6.68
CA GLU H 17 -14.03 57.10 -6.49
C GLU H 17 -13.60 57.71 -5.15
N ALA H 18 -14.11 58.88 -4.83
CA ALA H 18 -13.73 59.55 -3.59
C ALA H 18 -14.26 58.78 -2.39
N ALA H 19 -15.49 58.28 -2.49
CA ALA H 19 -16.04 57.56 -1.36
C ALA H 19 -15.28 56.26 -1.12
N ILE H 20 -14.73 55.65 -2.18
CA ILE H 20 -13.94 54.42 -1.99
C ILE H 20 -12.64 54.76 -1.24
N ASN H 21 -11.98 55.87 -1.57
CA ASN H 21 -10.83 56.29 -0.76
C ASN H 21 -11.22 56.50 0.72
N ARG H 22 -12.39 57.09 0.98
CA ARG H 22 -12.80 57.22 2.38
C ARG H 22 -13.01 55.84 3.03
N GLN H 23 -13.69 54.92 2.35
CA GLN H 23 -13.92 53.61 2.95
C GLN H 23 -12.61 52.87 3.20
N ILE H 24 -11.63 53.02 2.32
CA ILE H 24 -10.32 52.40 2.57
C ILE H 24 -9.76 52.91 3.89
N ASN H 25 -9.85 54.23 4.11
CA ASN H 25 -9.29 54.77 5.34
C ASN H 25 -10.04 54.24 6.54
N LEU H 26 -11.36 54.11 6.45
CA LEU H 26 -12.17 53.63 7.56
C LEU H 26 -11.88 52.17 7.88
N GLU H 27 -11.65 51.34 6.87
CA GLU H 27 -11.33 49.94 7.11
C GLU H 27 -9.99 49.82 7.83
N LEU H 28 -8.99 50.55 7.36
CA LEU H 28 -7.69 50.57 8.02
C LEU H 28 -7.82 51.10 9.44
N TYR H 29 -8.71 52.09 9.66
CA TYR H 29 -8.97 52.56 11.01
C TYR H 29 -9.54 51.44 11.88
N ALA H 30 -10.57 50.74 11.36
CA ALA H 30 -11.16 49.64 12.12
C ALA H 30 -10.11 48.60 12.46
N SER H 31 -9.22 48.30 11.51
CA SER H 31 -8.14 47.35 11.77
C SER H 31 -7.27 47.80 12.95
N TYR H 32 -6.96 49.10 12.99
CA TYR H 32 -6.12 49.65 14.06
C TYR H 32 -6.83 49.56 15.41
N VAL H 33 -8.15 49.78 15.43
CA VAL H 33 -8.92 49.68 16.67
C VAL H 33 -8.85 48.26 17.22
N TYR H 34 -9.03 47.28 16.35
CA TYR H 34 -9.00 45.88 16.76
C TYR H 34 -7.60 45.46 17.17
N LEU H 35 -6.58 46.00 16.50
CA LEU H 35 -5.21 45.74 16.91
C LEU H 35 -5.00 46.21 18.34
N SER H 36 -5.46 47.43 18.64
CA SER H 36 -5.31 47.99 19.99
C SER H 36 -6.06 47.16 21.01
N MET H 37 -7.31 46.82 20.70
CA MET H 37 -8.09 45.97 21.57
C MET H 37 -7.38 44.66 21.85
N SER H 38 -6.80 44.05 20.83
CA SER H 38 -6.23 42.72 21.01
C SER H 38 -5.10 42.78 22.02
N TYR H 39 -4.17 43.71 21.86
CA TYR H 39 -3.05 43.74 22.79
C TYR H 39 -3.41 44.28 24.17
N TYR H 40 -4.58 44.92 24.33
CA TYR H 40 -5.06 45.20 25.68
C TYR H 40 -5.30 43.90 26.45
N PHE H 41 -5.95 42.91 25.81
CA PHE H 41 -6.19 41.63 26.46
C PHE H 41 -4.92 40.79 26.62
N ASP H 42 -3.84 41.16 25.95
CA ASP H 42 -2.53 40.53 26.13
C ASP H 42 -1.77 41.09 27.33
N ARG H 43 -2.26 42.15 27.98
CA ARG H 43 -1.57 42.70 29.14
C ARG H 43 -1.56 41.72 30.30
N ASP H 44 -0.48 41.77 31.11
CA ASP H 44 -0.36 40.81 32.20
C ASP H 44 -1.44 41.01 33.26
N ASP H 45 -2.01 42.21 33.34
CA ASP H 45 -3.08 42.49 34.29
C ASP H 45 -4.46 42.43 33.65
N VAL H 46 -4.57 41.85 32.44
CA VAL H 46 -5.88 41.58 31.82
C VAL H 46 -5.93 40.11 31.47
N ALA H 47 -4.97 39.67 30.63
CA ALA H 47 -4.59 38.26 30.49
C ALA H 47 -5.77 37.36 30.09
N LEU H 48 -6.47 37.76 29.04
CA LEU H 48 -7.55 36.96 28.45
C LEU H 48 -7.14 36.64 27.01
N LYS H 49 -6.47 35.49 26.84
CA LYS H 49 -5.80 35.15 25.60
C LYS H 49 -6.77 35.05 24.43
N ASN H 50 -8.00 34.56 24.69
CA ASN H 50 -8.91 34.31 23.57
C ASN H 50 -9.63 35.58 23.15
N PHE H 51 -9.90 36.50 24.07
CA PHE H 51 -10.28 37.84 23.63
C PHE H 51 -9.21 38.44 22.74
N ALA H 52 -7.94 38.32 23.16
CA ALA H 52 -6.84 38.87 22.39
C ALA H 52 -6.80 38.23 21.00
N LYS H 53 -6.88 36.90 20.93
CA LYS H 53 -6.90 36.22 19.65
C LYS H 53 -8.09 36.65 18.80
N TYR H 54 -9.28 36.75 19.40
CA TYR H 54 -10.47 37.14 18.66
C TYR H 54 -10.31 38.53 18.00
N PHE H 55 -9.83 39.52 18.74
CA PHE H 55 -9.72 40.86 18.13
C PHE H 55 -8.58 40.93 17.12
N LEU H 56 -7.48 40.22 17.36
CA LEU H 56 -6.39 40.19 16.38
C LEU H 56 -6.88 39.65 15.04
N HIS H 57 -7.71 38.59 15.08
CA HIS H 57 -8.31 38.05 13.86
C HIS H 57 -9.13 39.10 13.14
N GLN H 58 -10.01 39.81 13.88
CA GLN H 58 -10.77 40.92 13.29
C GLN H 58 -9.85 41.98 12.69
N SER H 59 -8.76 42.33 13.39
CA SER H 59 -7.81 43.30 12.86
C SER H 59 -7.27 42.88 11.49
N HIS H 60 -6.92 41.60 11.34
CA HIS H 60 -6.34 41.18 10.08
C HIS H 60 -7.41 41.11 8.99
N GLU H 61 -8.65 40.80 9.37
CA GLU H 61 -9.74 40.81 8.42
C GLU H 61 -10.05 42.21 7.92
N GLU H 62 -10.06 43.20 8.82
CA GLU H 62 -10.30 44.56 8.38
C GLU H 62 -9.24 45.02 7.38
N ARG H 63 -7.98 44.68 7.64
CA ARG H 63 -6.93 45.02 6.70
C ARG H 63 -7.20 44.41 5.33
N GLU H 64 -7.70 43.17 5.31
CA GLU H 64 -8.09 42.53 4.06
C GLU H 64 -9.21 43.29 3.36
N HIS H 65 -10.24 43.70 4.13
CA HIS H 65 -11.31 44.56 3.62
C HIS H 65 -10.75 45.79 2.95
N ALA H 66 -9.75 46.42 3.57
CA ALA H 66 -9.13 47.59 2.97
C ALA H 66 -8.43 47.25 1.67
N GLU H 67 -7.63 46.19 1.66
CA GLU H 67 -6.88 45.88 0.46
C GLU H 67 -7.82 45.57 -0.72
N LYS H 68 -8.94 44.89 -0.44
CA LYS H 68 -9.90 44.58 -1.50
C LYS H 68 -10.50 45.84 -2.12
N LEU H 69 -10.74 46.86 -1.30
CA LEU H 69 -11.22 48.16 -1.82
C LEU H 69 -10.15 48.84 -2.65
N MET H 70 -8.89 48.72 -2.23
CA MET H 70 -7.79 49.27 -3.03
C MET H 70 -7.70 48.56 -4.38
N LYS H 71 -7.86 47.24 -4.38
CA LYS H 71 -7.88 46.50 -5.63
C LYS H 71 -9.06 46.94 -6.51
N LEU H 72 -10.24 47.13 -5.90
CA LEU H 72 -11.40 47.61 -6.63
C LEU H 72 -11.13 48.97 -7.25
N GLN H 73 -10.57 49.89 -6.46
CA GLN H 73 -10.25 51.22 -6.98
C GLN H 73 -9.45 51.13 -8.26
N ASN H 74 -8.38 50.32 -8.25
CA ASN H 74 -7.54 50.20 -9.44
C ASN H 74 -8.26 49.49 -10.57
N GLN H 75 -9.09 48.48 -10.26
CA GLN H 75 -9.84 47.78 -11.31
C GLN H 75 -10.70 48.75 -12.10
N ARG H 76 -11.28 49.74 -11.42
CA ARG H 76 -12.21 50.65 -12.09
C ARG H 76 -11.49 51.84 -12.69
N GLY H 77 -10.20 51.94 -12.46
CA GLY H 77 -9.42 53.04 -12.97
C GLY H 77 -9.47 54.28 -12.11
N GLY H 78 -9.92 54.18 -10.84
CA GLY H 78 -9.78 55.27 -9.89
C GLY H 78 -8.39 55.30 -9.28
N ARG H 79 -8.10 56.37 -8.55
CA ARG H 79 -6.74 56.54 -8.05
C ARG H 79 -6.77 56.57 -6.52
N ILE H 80 -5.99 55.66 -5.93
CA ILE H 80 -5.93 55.50 -4.48
C ILE H 80 -5.24 56.73 -3.88
N PHE H 81 -5.88 57.39 -2.92
CA PHE H 81 -5.20 58.40 -2.11
C PHE H 81 -5.38 58.02 -0.64
N LEU H 82 -4.29 57.67 0.01
CA LEU H 82 -4.28 57.25 1.41
C LEU H 82 -4.19 58.46 2.33
N GLN H 83 -4.75 58.32 3.53
CA GLN H 83 -4.72 59.38 4.53
C GLN H 83 -4.18 58.79 5.84
N ASP H 84 -3.80 59.69 6.74
CA ASP H 84 -3.42 59.26 8.08
C ASP H 84 -4.44 58.28 8.63
N ILE H 85 -3.98 57.27 9.36
CA ILE H 85 -4.88 56.41 10.12
C ILE H 85 -4.92 56.95 11.54
N GLN H 86 -6.09 57.43 11.93
CA GLN H 86 -6.24 57.98 13.26
CA GLN H 86 -6.27 57.98 13.26
C GLN H 86 -6.10 56.89 14.31
N LYS H 87 -5.46 57.23 15.42
CA LYS H 87 -5.32 56.27 16.49
C LYS H 87 -6.68 56.01 17.12
N PRO H 88 -6.90 54.83 17.72
CA PRO H 88 -8.20 54.54 18.30
C PRO H 88 -8.54 55.49 19.44
N ASP H 89 -9.82 55.51 19.80
CA ASP H 89 -10.34 56.41 20.84
C ASP H 89 -9.84 56.11 22.25
N GLU H 90 -9.45 54.87 22.53
CA GLU H 90 -9.04 54.45 23.86
C GLU H 90 -7.66 53.79 23.77
N ASP H 91 -6.91 53.89 24.87
CA ASP H 91 -5.72 53.06 25.08
C ASP H 91 -6.01 51.85 25.94
N ASP H 92 -7.03 51.95 26.78
CA ASP H 92 -7.40 50.96 27.78
C ASP H 92 -8.87 50.67 27.50
N TRP H 93 -9.20 49.42 27.15
CA TRP H 93 -10.54 49.05 26.74
C TRP H 93 -11.36 48.50 27.89
N GLU H 94 -10.81 48.52 29.11
CA GLU H 94 -11.55 48.34 30.37
C GLU H 94 -11.93 46.90 30.70
N SER H 95 -12.54 46.18 29.77
CA SER H 95 -12.94 44.80 30.01
C SER H 95 -13.40 44.15 28.71
N GLY H 96 -13.63 42.84 28.79
CA GLY H 96 -14.10 42.09 27.63
C GLY H 96 -15.45 42.59 27.16
N LEU H 97 -16.40 42.73 28.09
CA LEU H 97 -17.70 43.30 27.73
C LEU H 97 -17.56 44.69 27.09
N ASN H 98 -16.77 45.58 27.68
CA ASN H 98 -16.66 46.92 27.13
C ASN H 98 -16.04 46.91 25.74
N ALA H 99 -15.00 46.07 25.52
CA ALA H 99 -14.42 45.97 24.18
C ALA H 99 -15.47 45.46 23.19
N MET H 100 -16.26 44.47 23.59
CA MET H 100 -17.27 43.93 22.69
C MET H 100 -18.30 44.98 22.34
N GLU H 101 -18.70 45.79 23.32
CA GLU H 101 -19.67 46.84 23.03
C GLU H 101 -19.07 47.88 22.09
N ALA H 102 -17.82 48.26 22.32
CA ALA H 102 -17.16 49.20 21.43
C ALA H 102 -17.01 48.62 20.03
N ALA H 103 -16.69 47.33 19.91
CA ALA H 103 -16.61 46.71 18.59
C ALA H 103 -17.96 46.73 17.88
N LEU H 104 -19.03 46.48 18.63
CA LEU H 104 -20.36 46.52 18.04
C LEU H 104 -20.67 47.91 17.51
N HIS H 105 -20.38 48.95 18.31
CA HIS H 105 -20.56 50.33 17.85
C HIS H 105 -19.74 50.60 16.60
N LEU H 106 -18.51 50.11 16.57
CA LEU H 106 -17.64 50.33 15.43
C LEU H 106 -18.22 49.67 14.17
N GLU H 107 -18.65 48.41 14.28
CA GLU H 107 -19.17 47.70 13.11
C GLU H 107 -20.44 48.33 12.57
N LYS H 108 -21.29 48.87 13.46
CA LYS H 108 -22.46 49.56 12.96
C LYS H 108 -22.07 50.85 12.27
N ASN H 109 -21.06 51.55 12.80
CA ASN H 109 -20.54 52.73 12.11
C ASN H 109 -20.00 52.36 10.73
N VAL H 110 -19.19 51.32 10.65
CA VAL H 110 -18.67 50.89 9.35
C VAL H 110 -19.81 50.48 8.43
N ASN H 111 -20.79 49.77 8.98
CA ASN H 111 -21.93 49.35 8.16
C ASN H 111 -22.66 50.56 7.59
N GLN H 112 -22.86 51.58 8.42
CA GLN H 112 -23.55 52.79 7.97
C GLN H 112 -22.81 53.41 6.79
N SER H 113 -21.48 53.40 6.83
CA SER H 113 -20.71 54.00 5.76
C SER H 113 -20.81 53.18 4.47
N LEU H 114 -20.86 51.83 4.60
CA LEU H 114 -21.06 50.94 3.46
C LEU H 114 -22.45 51.12 2.83
N LEU H 115 -23.47 51.34 3.67
CA LEU H 115 -24.81 51.59 3.15
C LEU H 115 -24.89 52.93 2.42
N GLU H 116 -24.21 53.95 2.92
CA GLU H 116 -24.14 55.19 2.16
C GLU H 116 -23.31 55.00 0.90
N LEU H 117 -22.34 54.08 0.91
CA LEU H 117 -21.57 53.84 -0.32
C LEU H 117 -22.42 53.13 -1.36
N HIS H 118 -23.22 52.17 -0.92
CA HIS H 118 -24.12 51.47 -1.82
C HIS H 118 -25.14 52.43 -2.41
N LYS H 119 -25.68 53.33 -1.57
CA LYS H 119 -26.66 54.31 -2.03
C LYS H 119 -26.06 55.22 -3.09
N LEU H 120 -24.82 55.67 -2.87
CA LEU H 120 -24.13 56.44 -3.87
C LEU H 120 -24.00 55.65 -5.17
N ALA H 121 -23.61 54.37 -5.07
CA ALA H 121 -23.46 53.57 -6.30
C ALA H 121 -24.80 53.43 -7.01
N HIS H 122 -25.87 53.17 -6.26
CA HIS H 122 -27.18 53.08 -6.89
C HIS H 122 -27.54 54.42 -7.51
N ASP H 123 -27.24 55.51 -6.82
CA ASP H 123 -27.63 56.82 -7.33
C ASP H 123 -26.81 57.21 -8.55
N LYS H 124 -25.58 56.69 -8.71
CA LYS H 124 -24.79 56.96 -9.92
C LYS H 124 -25.02 55.92 -11.00
N ASN H 125 -25.98 55.01 -10.85
CA ASN H 125 -26.19 53.94 -11.83
C ASN H 125 -24.90 53.16 -12.11
N ASP H 126 -24.30 52.64 -11.02
CA ASP H 126 -23.06 51.88 -11.05
C ASP H 126 -23.38 50.51 -10.50
N PRO H 127 -24.04 49.65 -11.29
CA PRO H 127 -24.43 48.33 -10.78
C PRO H 127 -23.24 47.47 -10.44
N HIS H 128 -22.08 47.70 -11.08
CA HIS H 128 -20.93 46.90 -10.73
C HIS H 128 -20.45 47.23 -9.32
N LEU H 129 -20.39 48.52 -8.98
CA LEU H 129 -19.97 48.89 -7.64
C LEU H 129 -20.98 48.44 -6.60
N ALA H 130 -22.27 48.63 -6.90
CA ALA H 130 -23.32 48.23 -5.97
C ALA H 130 -23.26 46.74 -5.70
N ASP H 131 -23.08 45.93 -6.74
CA ASP H 131 -22.98 44.49 -6.53
C ASP H 131 -21.70 44.11 -5.79
N PHE H 132 -20.60 44.84 -6.03
CA PHE H 132 -19.37 44.60 -5.29
C PHE H 132 -19.61 44.83 -3.80
N ILE H 133 -20.28 45.93 -3.45
CA ILE H 133 -20.54 46.19 -2.04
C ILE H 133 -21.46 45.12 -1.45
N GLU H 134 -22.54 44.76 -2.17
CA GLU H 134 -23.44 43.72 -1.68
C GLU H 134 -22.68 42.42 -1.44
N THR H 135 -21.90 41.99 -2.42
CA THR H 135 -21.34 40.64 -2.41
C THR H 135 -20.25 40.51 -1.37
N HIS H 136 -19.41 41.53 -1.22
CA HIS H 136 -18.22 41.41 -0.40
C HIS H 136 -18.36 42.04 0.98
N TYR H 137 -19.35 42.92 1.18
CA TYR H 137 -19.30 43.64 2.44
C TYR H 137 -20.59 43.55 3.24
N LEU H 138 -21.76 43.61 2.60
CA LEU H 138 -22.97 43.89 3.37
C LEU H 138 -23.34 42.73 4.28
N ASN H 139 -23.27 41.50 3.76
CA ASN H 139 -23.63 40.40 4.64
C ASN H 139 -22.54 40.13 5.66
N GLU H 140 -21.28 40.35 5.29
CA GLU H 140 -20.20 40.22 6.26
C GLU H 140 -20.45 41.16 7.44
N GLN H 141 -20.89 42.41 7.17
CA GLN H 141 -21.21 43.34 8.26
C GLN H 141 -22.39 42.84 9.09
N VAL H 142 -23.45 42.35 8.44
CA VAL H 142 -24.61 41.87 9.19
C VAL H 142 -24.22 40.70 10.10
N LYS H 143 -23.39 39.78 9.60
CA LYS H 143 -22.94 38.66 10.42
C LYS H 143 -22.08 39.11 11.58
N ALA H 144 -21.15 40.03 11.33
CA ALA H 144 -20.29 40.55 12.40
C ALA H 144 -21.10 41.24 13.48
N ILE H 145 -22.09 42.04 13.05
CA ILE H 145 -22.93 42.76 14.00
C ILE H 145 -23.74 41.77 14.84
N LYS H 146 -24.31 40.75 14.21
CA LYS H 146 -25.08 39.74 14.92
C LYS H 146 -24.21 39.00 15.93
N GLU H 147 -23.02 38.55 15.48
CA GLU H 147 -22.07 37.88 16.36
C GLU H 147 -21.72 38.72 17.59
N LEU H 148 -21.39 40.00 17.37
CA LEU H 148 -21.00 40.84 18.49
C LEU H 148 -22.18 41.08 19.42
N GLY H 149 -23.38 41.27 18.85
CA GLY H 149 -24.58 41.30 19.68
C GLY H 149 -24.74 40.06 20.54
N ASP H 150 -24.66 38.87 19.92
CA ASP H 150 -24.66 37.61 20.67
C ASP H 150 -23.63 37.62 21.81
N HIS H 151 -22.38 38.02 21.51
CA HIS H 151 -21.34 38.00 22.53
C HIS H 151 -21.70 38.93 23.69
N VAL H 152 -22.12 40.15 23.36
CA VAL H 152 -22.49 41.12 24.39
C VAL H 152 -23.61 40.55 25.25
N THR H 153 -24.61 39.94 24.61
CA THR H 153 -25.71 39.36 25.35
C THR H 153 -25.21 38.31 26.33
N ASN H 154 -24.37 37.38 25.86
CA ASN H 154 -23.94 36.32 26.78
C ASN H 154 -23.09 36.87 27.92
N LEU H 155 -22.23 37.85 27.64
CA LEU H 155 -21.37 38.38 28.70
C LEU H 155 -22.18 39.06 29.77
N ARG H 156 -23.16 39.88 29.37
CA ARG H 156 -24.04 40.52 30.33
C ARG H 156 -24.80 39.48 31.14
N LYS H 157 -25.44 38.52 30.46
CA LYS H 157 -26.19 37.48 31.15
C LYS H 157 -25.32 36.69 32.13
N MET H 158 -24.05 36.47 31.80
CA MET H 158 -23.15 35.76 32.72
C MET H 158 -22.76 36.61 33.91
N GLY H 159 -23.00 37.92 33.87
CA GLY H 159 -22.65 38.80 34.95
C GLY H 159 -21.43 39.67 34.73
N ALA H 160 -20.95 39.79 33.48
CA ALA H 160 -19.90 40.75 33.21
C ALA H 160 -20.44 42.17 33.39
N PRO H 161 -19.56 43.17 33.61
CA PRO H 161 -18.10 43.01 33.69
C PRO H 161 -17.61 42.89 35.13
N GLU H 162 -18.52 42.96 36.10
CA GLU H 162 -18.15 42.93 37.51
C GLU H 162 -17.66 41.55 37.94
N SER H 163 -18.37 40.49 37.51
CA SER H 163 -17.94 39.11 37.75
C SER H 163 -16.77 38.78 36.82
N GLY H 164 -15.56 38.72 37.38
CA GLY H 164 -14.41 38.32 36.59
C GLY H 164 -14.44 36.85 36.19
N LEU H 165 -15.09 36.01 37.00
CA LEU H 165 -15.41 34.65 36.56
C LEU H 165 -16.14 34.64 35.20
N ALA H 166 -17.12 35.54 35.01
CA ALA H 166 -17.83 35.58 33.74
C ALA H 166 -16.86 35.72 32.56
N GLU H 167 -16.01 36.73 32.60
CA GLU H 167 -15.13 36.98 31.46
C GLU H 167 -14.17 35.82 31.24
N TYR H 168 -13.70 35.21 32.33
CA TYR H 168 -12.77 34.08 32.20
C TYR H 168 -13.44 32.89 31.50
N LEU H 169 -14.64 32.52 31.93
CA LEU H 169 -15.36 31.39 31.33
C LEU H 169 -15.77 31.69 29.89
N PHE H 170 -16.20 32.91 29.63
CA PHE H 170 -16.57 33.28 28.26
C PHE H 170 -15.37 33.17 27.34
N ASP H 171 -14.23 33.72 27.78
CA ASP H 171 -12.97 33.58 27.06
C ASP H 171 -12.68 32.10 26.75
N LYS H 172 -12.86 31.22 27.74
CA LYS H 172 -12.63 29.79 27.53
C LYS H 172 -13.69 29.17 26.63
N HIS H 173 -14.96 29.34 26.95
CA HIS H 173 -15.99 28.49 26.36
C HIS H 173 -16.61 29.05 25.10
N THR H 174 -16.60 30.37 24.90
CA THR H 174 -17.10 30.89 23.63
C THR H 174 -15.96 31.26 22.70
N LEU H 175 -15.01 32.04 23.17
CA LEU H 175 -13.94 32.52 22.30
C LEU H 175 -12.80 31.52 22.16
N GLY H 176 -12.76 30.47 22.96
CA GLY H 176 -11.70 29.50 22.77
C GLY H 176 -12.24 28.27 22.05
N ASP H 177 -12.93 28.50 20.93
CA ASP H 177 -13.66 27.47 20.16
C ASP H 177 -14.49 26.54 21.06
N SER I 4 -48.51 33.34 -28.14
CA SER I 4 -48.91 32.67 -26.91
C SER I 4 -47.93 32.97 -25.81
N THR I 5 -48.40 33.16 -24.58
CA THR I 5 -47.46 33.42 -23.48
C THR I 5 -46.93 32.08 -22.97
N SER I 6 -45.63 32.01 -22.76
CA SER I 6 -45.04 30.85 -22.13
C SER I 6 -45.66 30.58 -20.76
N GLN I 7 -45.86 29.29 -20.45
CA GLN I 7 -46.34 28.95 -19.12
C GLN I 7 -45.36 29.37 -18.02
N VAL I 8 -44.08 29.63 -18.33
CA VAL I 8 -43.14 29.99 -17.27
C VAL I 8 -43.00 31.49 -17.10
N ARG I 9 -43.45 32.27 -18.07
CA ARG I 9 -43.09 33.69 -18.09
C ARG I 9 -43.72 34.44 -16.92
N GLN I 10 -42.92 35.28 -16.28
CA GLN I 10 -43.38 36.01 -15.10
C GLN I 10 -42.45 37.19 -14.90
N ASN I 11 -43.01 38.41 -14.97
CA ASN I 11 -42.25 39.63 -14.71
C ASN I 11 -41.11 39.86 -15.71
N TYR I 12 -41.27 39.40 -16.93
CA TYR I 12 -40.23 39.47 -17.95
C TYR I 12 -40.75 40.37 -19.06
N HIS I 13 -40.25 41.59 -19.13
CA HIS I 13 -40.76 42.56 -20.09
C HIS I 13 -40.28 42.27 -21.52
N GLN I 14 -41.15 42.57 -22.50
CA GLN I 14 -40.79 42.35 -23.90
C GLN I 14 -39.54 43.11 -24.30
N ASP I 15 -39.30 44.27 -23.70
CA ASP I 15 -38.04 44.98 -23.97
C ASP I 15 -36.84 44.17 -23.47
N SER I 16 -36.95 43.57 -22.29
CA SER I 16 -35.83 42.80 -21.77
C SER I 16 -35.55 41.62 -22.68
N GLU I 17 -36.62 40.93 -23.07
CA GLU I 17 -36.49 39.80 -24.00
C GLU I 17 -35.79 40.22 -25.28
N ALA I 18 -36.17 41.39 -25.84
CA ALA I 18 -35.50 41.83 -27.06
C ALA I 18 -34.05 42.19 -26.77
N ALA I 19 -33.78 42.79 -25.62
CA ALA I 19 -32.42 43.21 -25.31
C ALA I 19 -31.49 42.01 -25.11
N ILE I 20 -32.03 40.93 -24.55
CA ILE I 20 -31.27 39.69 -24.41
C ILE I 20 -30.94 39.13 -25.78
N ASN I 21 -31.88 39.18 -26.71
CA ASN I 21 -31.55 38.69 -28.04
C ASN I 21 -30.45 39.52 -28.68
N ARG I 22 -30.45 40.84 -28.45
CA ARG I 22 -29.36 41.67 -28.99
C ARG I 22 -28.04 41.32 -28.33
N GLN I 23 -28.06 41.08 -27.01
CA GLN I 23 -26.82 40.77 -26.31
C GLN I 23 -26.26 39.43 -26.78
N ILE I 24 -27.13 38.47 -27.07
CA ILE I 24 -26.69 37.20 -27.62
C ILE I 24 -25.90 37.43 -28.91
N ASN I 25 -26.45 38.22 -29.84
CA ASN I 25 -25.73 38.47 -31.09
C ASN I 25 -24.40 39.16 -30.82
N LEU I 26 -24.39 40.10 -29.87
CA LEU I 26 -23.18 40.84 -29.57
C LEU I 26 -22.09 39.93 -29.01
N GLU I 27 -22.45 39.00 -28.12
CA GLU I 27 -21.46 38.07 -27.59
C GLU I 27 -20.92 37.17 -28.68
N LEU I 28 -21.79 36.70 -29.58
CA LEU I 28 -21.33 35.85 -30.69
C LEU I 28 -20.41 36.65 -31.60
N TYR I 29 -20.70 37.95 -31.78
CA TYR I 29 -19.82 38.81 -32.56
C TYR I 29 -18.45 38.92 -31.88
N ALA I 30 -18.46 39.17 -30.57
CA ALA I 30 -17.20 39.27 -29.84
C ALA I 30 -16.40 37.98 -29.99
N SER I 31 -17.07 36.83 -29.88
CA SER I 31 -16.41 35.55 -30.11
C SER I 31 -15.75 35.48 -31.49
N TYR I 32 -16.43 36.02 -32.51
CA TYR I 32 -15.90 35.99 -33.89
C TYR I 32 -14.71 36.92 -34.04
N VAL I 33 -14.77 38.10 -33.45
CA VAL I 33 -13.61 39.00 -33.46
C VAL I 33 -12.38 38.30 -32.88
N TYR I 34 -12.54 37.69 -31.71
CA TYR I 34 -11.40 37.03 -31.06
C TYR I 34 -10.89 35.84 -31.88
N LEU I 35 -11.80 35.08 -32.51
CA LEU I 35 -11.34 34.00 -33.37
C LEU I 35 -10.46 34.53 -34.50
N SER I 36 -10.88 35.64 -35.12
CA SER I 36 -10.11 36.27 -36.18
C SER I 36 -8.75 36.69 -35.66
N MET I 37 -8.72 37.33 -34.49
CA MET I 37 -7.44 37.77 -33.92
C MET I 37 -6.52 36.59 -33.68
N SER I 38 -7.07 35.51 -33.13
CA SER I 38 -6.26 34.34 -32.82
C SER I 38 -5.54 33.84 -34.07
N TYR I 39 -6.27 33.66 -35.18
CA TYR I 39 -5.59 33.03 -36.31
C TYR I 39 -4.75 34.01 -37.10
N TYR I 40 -4.89 35.32 -36.88
CA TYR I 40 -3.90 36.25 -37.38
C TYR I 40 -2.53 36.00 -36.75
N PHE I 41 -2.50 35.73 -35.43
CA PHE I 41 -1.21 35.49 -34.77
C PHE I 41 -0.64 34.11 -35.08
N ASP I 42 -1.44 33.20 -35.63
CA ASP I 42 -1.04 31.91 -36.15
C ASP I 42 -0.38 31.97 -37.55
N ARG I 43 -0.48 33.10 -38.25
CA ARG I 43 0.15 33.28 -39.56
C ARG I 43 1.67 33.08 -39.51
N ASP I 44 2.22 32.46 -40.54
CA ASP I 44 3.65 32.22 -40.55
C ASP I 44 4.43 33.53 -40.53
N ASP I 45 3.81 34.65 -40.92
CA ASP I 45 4.52 35.93 -40.91
C ASP I 45 4.17 36.78 -39.71
N VAL I 46 3.52 36.20 -38.71
CA VAL I 46 3.29 36.89 -37.44
C VAL I 46 3.85 35.98 -36.34
N ALA I 47 3.28 34.78 -36.25
CA ALA I 47 3.87 33.65 -35.53
C ALA I 47 4.11 33.97 -34.05
N LEU I 48 3.07 34.45 -33.38
CA LEU I 48 3.11 34.65 -31.93
C LEU I 48 2.09 33.72 -31.30
N LYS I 49 2.54 32.51 -30.96
CA LYS I 49 1.67 31.42 -30.53
C LYS I 49 0.90 31.75 -29.27
N ASN I 50 1.53 32.45 -28.31
CA ASN I 50 0.75 32.71 -27.10
C ASN I 50 -0.25 33.85 -27.26
N PHE I 51 0.02 34.82 -28.14
CA PHE I 51 -1.04 35.73 -28.54
C PHE I 51 -2.20 34.97 -29.16
N ALA I 52 -1.90 34.02 -30.05
CA ALA I 52 -2.94 33.21 -30.69
C ALA I 52 -3.74 32.45 -29.65
N LYS I 53 -3.05 31.78 -28.72
CA LYS I 53 -3.73 31.01 -27.68
C LYS I 53 -4.61 31.91 -26.81
N TYR I 54 -4.11 33.10 -26.47
CA TYR I 54 -4.86 34.00 -25.60
C TYR I 54 -6.19 34.43 -26.26
N PHE I 55 -6.13 34.86 -27.51
CA PHE I 55 -7.36 35.30 -28.15
C PHE I 55 -8.30 34.13 -28.42
N LEU I 56 -7.75 32.95 -28.72
CA LEU I 56 -8.62 31.81 -28.97
C LEU I 56 -9.42 31.44 -27.71
N HIS I 57 -8.78 31.58 -26.54
CA HIS I 57 -9.45 31.33 -25.27
C HIS I 57 -10.55 32.37 -25.04
N GLN I 58 -10.26 33.66 -25.26
CA GLN I 58 -11.32 34.65 -25.20
C GLN I 58 -12.46 34.28 -26.14
N SER I 59 -12.15 33.77 -27.34
CA SER I 59 -13.21 33.47 -28.28
C SER I 59 -14.16 32.42 -27.73
N HIS I 60 -13.62 31.34 -27.15
CA HIS I 60 -14.45 30.31 -26.57
C HIS I 60 -15.23 30.82 -25.36
N GLU I 61 -14.64 31.71 -24.59
CA GLU I 61 -15.39 32.29 -23.47
C GLU I 61 -16.55 33.15 -23.94
N GLU I 62 -16.34 33.96 -24.97
CA GLU I 62 -17.46 34.74 -25.52
C GLU I 62 -18.60 33.84 -25.96
N ARG I 63 -18.28 32.72 -26.61
CA ARG I 63 -19.34 31.79 -27.03
C ARG I 63 -20.08 31.26 -25.82
N GLU I 64 -19.36 31.01 -24.73
CA GLU I 64 -20.04 30.61 -23.51
C GLU I 64 -20.93 31.72 -22.95
N HIS I 65 -20.48 32.98 -22.96
CA HIS I 65 -21.36 34.07 -22.55
C HIS I 65 -22.65 34.07 -23.37
N ALA I 66 -22.53 33.79 -24.67
CA ALA I 66 -23.71 33.80 -25.53
C ALA I 66 -24.65 32.68 -25.16
N GLU I 67 -24.11 31.47 -24.90
CA GLU I 67 -24.97 30.33 -24.60
C GLU I 67 -25.69 30.50 -23.27
N LYS I 68 -25.03 31.10 -22.29
CA LYS I 68 -25.65 31.37 -21.01
C LYS I 68 -26.84 32.33 -21.15
N LEU I 69 -26.70 33.33 -22.02
CA LEU I 69 -27.81 34.24 -22.29
C LEU I 69 -28.96 33.52 -22.98
N MET I 70 -28.64 32.60 -23.92
CA MET I 70 -29.68 31.81 -24.57
C MET I 70 -30.41 30.95 -23.56
N LYS I 71 -29.66 30.35 -22.63
CA LYS I 71 -30.27 29.62 -21.53
C LYS I 71 -31.20 30.52 -20.72
N LEU I 72 -30.71 31.70 -20.34
CA LEU I 72 -31.51 32.66 -19.59
C LEU I 72 -32.81 32.99 -20.32
N GLN I 73 -32.71 33.25 -21.63
CA GLN I 73 -33.90 33.59 -22.41
C GLN I 73 -34.97 32.52 -22.23
N ASN I 74 -34.57 31.24 -22.39
CA ASN I 74 -35.54 30.13 -22.25
C ASN I 74 -36.00 29.96 -20.82
N GLN I 75 -35.12 30.19 -19.86
CA GLN I 75 -35.54 30.07 -18.45
C GLN I 75 -36.67 31.03 -18.15
N ARG I 76 -36.59 32.26 -18.67
CA ARG I 76 -37.60 33.27 -18.37
C ARG I 76 -38.82 33.15 -19.27
N GLY I 77 -38.76 32.27 -20.26
CA GLY I 77 -39.88 32.12 -21.17
C GLY I 77 -39.82 33.04 -22.36
N GLY I 78 -38.71 33.76 -22.56
CA GLY I 78 -38.53 34.52 -23.78
C GLY I 78 -38.24 33.57 -24.95
N ARG I 79 -38.18 34.13 -26.14
CA ARG I 79 -37.96 33.36 -27.36
C ARG I 79 -36.71 33.86 -28.07
N ILE I 80 -35.79 32.93 -28.34
CA ILE I 80 -34.54 33.26 -28.99
C ILE I 80 -34.80 33.56 -30.46
N PHE I 81 -34.28 34.70 -30.93
CA PHE I 81 -34.24 34.98 -32.36
C PHE I 81 -32.80 35.36 -32.70
N LEU I 82 -32.14 34.52 -33.50
CA LEU I 82 -30.76 34.73 -33.86
C LEU I 82 -30.67 35.59 -35.12
N GLN I 83 -29.61 36.36 -35.20
CA GLN I 83 -29.39 37.22 -36.35
C GLN I 83 -28.03 36.85 -36.94
N ASP I 84 -27.81 37.32 -38.16
CA ASP I 84 -26.50 37.18 -38.77
C ASP I 84 -25.39 37.61 -37.81
N ILE I 85 -24.27 36.91 -37.85
CA ILE I 85 -23.10 37.35 -37.10
C ILE I 85 -22.21 38.12 -38.07
N GLN I 86 -22.13 39.43 -37.88
CA GLN I 86 -21.32 40.29 -38.73
C GLN I 86 -19.84 39.91 -38.64
N LYS I 87 -19.13 39.91 -39.77
CA LYS I 87 -17.69 39.62 -39.71
C LYS I 87 -16.96 40.76 -39.00
N PRO I 88 -15.77 40.50 -38.46
CA PRO I 88 -15.02 41.55 -37.76
C PRO I 88 -14.60 42.68 -38.69
N ASP I 89 -14.18 43.79 -38.08
CA ASP I 89 -13.83 45.00 -38.84
C ASP I 89 -12.48 44.92 -39.52
N GLU I 90 -11.65 43.96 -39.15
CA GLU I 90 -10.33 43.82 -39.74
C GLU I 90 -10.11 42.37 -40.08
N ASP I 91 -9.36 42.14 -41.15
CA ASP I 91 -8.81 40.84 -41.46
C ASP I 91 -7.38 40.71 -40.96
N ASP I 92 -6.67 41.82 -40.89
CA ASP I 92 -5.28 41.92 -40.50
C ASP I 92 -5.21 42.82 -39.27
N TRP I 93 -4.81 42.25 -38.14
CA TRP I 93 -4.82 42.98 -36.88
C TRP I 93 -3.50 43.67 -36.57
N GLU I 94 -2.55 43.67 -37.51
CA GLU I 94 -1.35 44.53 -37.50
C GLU I 94 -0.25 44.15 -36.51
N SER I 95 -0.57 44.00 -35.24
CA SER I 95 0.46 43.73 -34.24
C SER I 95 -0.20 43.23 -32.96
N GLY I 96 0.63 42.72 -32.06
CA GLY I 96 0.09 42.31 -30.77
C GLY I 96 -0.53 43.48 -30.03
N LEU I 97 0.15 44.61 -30.02
CA LEU I 97 -0.37 45.79 -29.31
C LEU I 97 -1.67 46.27 -29.94
N ASN I 98 -1.76 46.28 -31.27
CA ASN I 98 -2.99 46.76 -31.90
C ASN I 98 -4.15 45.84 -31.58
N ALA I 99 -3.88 44.52 -31.59
CA ALA I 99 -4.92 43.57 -31.25
C ALA I 99 -5.41 43.79 -29.83
N MET I 100 -4.48 44.00 -28.88
CA MET I 100 -4.90 44.24 -27.50
C MET I 100 -5.73 45.51 -27.39
N GLU I 101 -5.33 46.55 -28.14
CA GLU I 101 -6.08 47.81 -28.11
C GLU I 101 -7.49 47.63 -28.70
N ALA I 102 -7.61 46.87 -29.79
CA ALA I 102 -8.94 46.57 -30.35
C ALA I 102 -9.76 45.74 -29.37
N ALA I 103 -9.14 44.77 -28.71
CA ALA I 103 -9.87 43.98 -27.73
C ALA I 103 -10.36 44.85 -26.58
N LEU I 104 -9.51 45.73 -26.06
CA LEU I 104 -9.92 46.67 -25.01
C LEU I 104 -11.14 47.48 -25.46
N HIS I 105 -11.07 48.05 -26.66
CA HIS I 105 -12.19 48.81 -27.21
C HIS I 105 -13.46 47.96 -27.31
N LEU I 106 -13.31 46.72 -27.78
CA LEU I 106 -14.44 45.80 -27.88
C LEU I 106 -15.02 45.48 -26.50
N GLU I 107 -14.16 45.18 -25.53
CA GLU I 107 -14.69 44.80 -24.23
C GLU I 107 -15.46 45.95 -23.58
N LYS I 108 -15.04 47.20 -23.81
CA LYS I 108 -15.77 48.35 -23.26
C LYS I 108 -17.11 48.55 -23.98
N ASN I 109 -17.15 48.32 -25.29
CA ASN I 109 -18.44 48.36 -25.98
CA ASN I 109 -18.42 48.32 -26.01
C ASN I 109 -19.38 47.26 -25.46
N VAL I 110 -18.86 46.05 -25.23
CA VAL I 110 -19.72 45.01 -24.67
C VAL I 110 -20.18 45.38 -23.25
N ASN I 111 -19.27 45.95 -22.46
CA ASN I 111 -19.62 46.43 -21.13
C ASN I 111 -20.72 47.50 -21.20
N GLN I 112 -20.63 48.43 -22.15
CA GLN I 112 -21.67 49.46 -22.27
C GLN I 112 -23.03 48.82 -22.53
N SER I 113 -23.07 47.81 -23.40
CA SER I 113 -24.32 47.12 -23.68
C SER I 113 -24.83 46.41 -22.42
N LEU I 114 -23.93 45.73 -21.68
CA LEU I 114 -24.38 45.05 -20.45
C LEU I 114 -24.94 46.04 -19.44
N LEU I 115 -24.30 47.21 -19.33
CA LEU I 115 -24.76 48.22 -18.37
C LEU I 115 -26.12 48.77 -18.78
N GLU I 116 -26.34 48.97 -20.07
CA GLU I 116 -27.66 49.37 -20.53
C GLU I 116 -28.69 48.27 -20.31
N LEU I 117 -28.30 47.02 -20.48
CA LEU I 117 -29.21 45.92 -20.20
C LEU I 117 -29.51 45.87 -18.70
N HIS I 118 -28.53 46.18 -17.87
CA HIS I 118 -28.81 46.18 -16.45
C HIS I 118 -29.76 47.31 -16.08
N LYS I 119 -29.55 48.49 -16.66
CA LYS I 119 -30.45 49.62 -16.46
C LYS I 119 -31.89 49.28 -16.85
N LEU I 120 -32.06 48.62 -18.01
CA LEU I 120 -33.39 48.19 -18.45
C LEU I 120 -34.03 47.25 -17.44
N ALA I 121 -33.26 46.32 -16.89
CA ALA I 121 -33.86 45.36 -15.97
C ALA I 121 -34.31 46.08 -14.71
N HIS I 122 -33.49 47.03 -14.25
CA HIS I 122 -33.84 47.85 -13.10
C HIS I 122 -35.09 48.70 -13.39
N ASP I 123 -35.17 49.33 -14.57
CA ASP I 123 -36.31 50.17 -14.90
C ASP I 123 -37.60 49.38 -15.01
N LYS I 124 -37.50 48.13 -15.46
CA LYS I 124 -38.64 47.25 -15.56
C LYS I 124 -38.88 46.44 -14.30
N ASN I 125 -38.18 46.76 -13.21
CA ASN I 125 -38.35 46.08 -11.91
C ASN I 125 -38.23 44.58 -12.05
N ASP I 126 -37.15 44.17 -12.71
CA ASP I 126 -36.82 42.77 -12.94
C ASP I 126 -35.55 42.46 -12.16
N PRO I 127 -35.67 42.17 -10.87
CA PRO I 127 -34.47 41.94 -10.06
C PRO I 127 -33.79 40.63 -10.39
N HIS I 128 -34.52 39.63 -10.87
CA HIS I 128 -33.84 38.41 -11.29
C HIS I 128 -32.87 38.71 -12.42
N LEU I 129 -33.29 39.52 -13.38
CA LEU I 129 -32.46 39.78 -14.53
C LEU I 129 -31.31 40.70 -14.17
N ALA I 130 -31.59 41.72 -13.36
CA ALA I 130 -30.52 42.59 -12.85
C ALA I 130 -29.46 41.76 -12.13
N ASP I 131 -29.88 40.88 -11.22
CA ASP I 131 -28.90 40.07 -10.49
C ASP I 131 -28.17 39.10 -11.43
N PHE I 132 -28.87 38.55 -12.42
CA PHE I 132 -28.23 37.67 -13.37
C PHE I 132 -27.09 38.39 -14.09
N ILE I 133 -27.33 39.64 -14.49
CA ILE I 133 -26.30 40.42 -15.18
C ILE I 133 -25.16 40.76 -14.23
N GLU I 134 -25.50 41.21 -13.00
CA GLU I 134 -24.48 41.48 -11.99
C GLU I 134 -23.58 40.27 -11.76
N THR I 135 -24.18 39.12 -11.53
CA THR I 135 -23.43 37.96 -11.04
C THR I 135 -22.55 37.37 -12.13
N HIS I 136 -23.06 37.28 -13.36
CA HIS I 136 -22.36 36.52 -14.40
C HIS I 136 -21.63 37.38 -15.41
N TYR I 137 -21.94 38.69 -15.50
CA TYR I 137 -21.33 39.49 -16.56
C TYR I 137 -20.56 40.70 -16.07
N LEU I 138 -21.04 41.41 -15.02
CA LEU I 138 -20.51 42.75 -14.76
C LEU I 138 -19.07 42.68 -14.25
N ASN I 139 -18.79 41.85 -13.23
CA ASN I 139 -17.40 41.85 -12.75
C ASN I 139 -16.47 41.17 -13.75
N GLU I 140 -16.99 40.20 -14.51
CA GLU I 140 -16.21 39.60 -15.58
C GLU I 140 -15.72 40.64 -16.57
N GLN I 141 -16.60 41.60 -16.95
CA GLN I 141 -16.20 42.64 -17.89
C GLN I 141 -15.14 43.53 -17.28
N VAL I 142 -15.33 43.93 -16.02
CA VAL I 142 -14.36 44.78 -15.35
C VAL I 142 -12.99 44.08 -15.28
N LYS I 143 -12.97 42.76 -14.98
CA LYS I 143 -11.70 42.04 -14.95
C LYS I 143 -11.04 42.01 -16.32
N ALA I 144 -11.82 41.69 -17.35
CA ALA I 144 -11.28 41.62 -18.70
C ALA I 144 -10.70 42.96 -19.14
N ILE I 145 -11.39 44.05 -18.83
CA ILE I 145 -10.92 45.37 -19.23
C ILE I 145 -9.67 45.74 -18.46
N LYS I 146 -9.64 45.44 -17.14
CA LYS I 146 -8.43 45.71 -16.36
C LYS I 146 -7.23 44.94 -16.91
N GLU I 147 -7.42 43.68 -17.31
CA GLU I 147 -6.30 42.88 -17.81
C GLU I 147 -5.82 43.40 -19.17
N LEU I 148 -6.74 43.73 -20.08
CA LEU I 148 -6.31 44.28 -21.36
C LEU I 148 -5.58 45.60 -21.18
N GLY I 149 -6.08 46.44 -20.27
CA GLY I 149 -5.35 47.64 -19.93
C GLY I 149 -3.94 47.33 -19.46
N ASP I 150 -3.80 46.37 -18.54
CA ASP I 150 -2.48 45.95 -18.07
C ASP I 150 -1.60 45.54 -19.25
N HIS I 151 -2.14 44.66 -20.12
CA HIS I 151 -1.37 44.19 -21.26
C HIS I 151 -0.95 45.35 -22.16
N VAL I 152 -1.89 46.23 -22.50
CA VAL I 152 -1.57 47.37 -23.36
C VAL I 152 -0.44 48.18 -22.73
N THR I 153 -0.53 48.42 -21.43
CA THR I 153 0.47 49.25 -20.77
C THR I 153 1.85 48.61 -20.87
N ASN I 154 1.94 47.32 -20.57
CA ASN I 154 3.24 46.67 -20.63
C ASN I 154 3.81 46.66 -22.06
N LEU I 155 2.98 46.36 -23.07
CA LEU I 155 3.52 46.36 -24.44
C LEU I 155 4.03 47.74 -24.83
N ARG I 156 3.31 48.80 -24.45
CA ARG I 156 3.79 50.14 -24.79
C ARG I 156 5.09 50.44 -24.08
N LYS I 157 5.16 50.16 -22.78
CA LYS I 157 6.39 50.44 -22.05
C LYS I 157 7.57 49.64 -22.60
N MET I 158 7.32 48.41 -23.05
CA MET I 158 8.40 47.61 -23.61
C MET I 158 8.83 48.07 -25.00
N GLY I 159 8.14 49.02 -25.62
CA GLY I 159 8.50 49.47 -26.96
C GLY I 159 7.65 48.95 -28.09
N ALA I 160 6.60 48.18 -27.82
CA ALA I 160 5.69 47.80 -28.90
C ALA I 160 5.01 49.05 -29.47
N PRO I 161 4.62 49.03 -30.77
CA PRO I 161 4.91 47.89 -31.66
C PRO I 161 6.15 48.08 -32.51
N GLU I 162 6.89 49.18 -32.30
CA GLU I 162 8.21 49.38 -32.93
C GLU I 162 9.03 48.12 -32.74
N SER I 163 9.43 47.83 -31.50
CA SER I 163 10.32 46.71 -31.16
C SER I 163 9.62 45.37 -31.35
N GLY I 164 10.00 44.63 -32.38
CA GLY I 164 9.53 43.26 -32.51
C GLY I 164 10.01 42.37 -31.38
N LEU I 165 11.19 42.68 -30.81
CA LEU I 165 11.67 42.08 -29.55
C LEU I 165 10.66 42.25 -28.42
N ALA I 166 10.02 43.41 -28.31
CA ALA I 166 9.04 43.62 -27.26
C ALA I 166 7.88 42.61 -27.35
N GLU I 167 7.27 42.46 -28.53
CA GLU I 167 6.12 41.57 -28.63
C GLU I 167 6.52 40.13 -28.45
N TYR I 168 7.72 39.76 -28.90
CA TYR I 168 8.21 38.40 -28.72
C TYR I 168 8.36 38.05 -27.24
N LEU I 169 9.01 38.93 -26.45
CA LEU I 169 9.18 38.67 -25.02
C LEU I 169 7.84 38.75 -24.28
N PHE I 170 6.97 39.69 -24.65
CA PHE I 170 5.64 39.72 -24.01
C PHE I 170 4.91 38.43 -24.28
N ASP I 171 4.98 37.96 -25.52
CA ASP I 171 4.33 36.70 -25.87
C ASP I 171 4.84 35.58 -24.98
N LYS I 172 6.17 35.52 -24.77
CA LYS I 172 6.79 34.48 -23.96
C LYS I 172 6.50 34.65 -22.45
N HIS I 173 6.75 35.82 -21.88
CA HIS I 173 6.79 35.97 -20.44
C HIS I 173 5.48 36.40 -19.79
N THR I 174 4.57 37.03 -20.54
CA THR I 174 3.26 37.33 -19.98
C THR I 174 2.18 36.37 -20.48
N LEU I 175 2.05 36.19 -21.79
CA LEU I 175 1.00 35.32 -22.28
C LEU I 175 1.37 33.84 -22.24
N GLY I 176 2.64 33.50 -21.98
CA GLY I 176 3.05 32.10 -22.01
C GLY I 176 3.15 31.38 -20.67
N ASP I 177 2.46 31.85 -19.63
CA ASP I 177 2.61 31.43 -18.20
C ASP I 177 3.75 32.22 -17.55
N SER J 4 -43.91 13.38 46.54
CA SER J 4 -43.75 14.01 45.23
C SER J 4 -43.93 12.98 44.11
N THR J 5 -44.71 13.32 43.10
CA THR J 5 -44.69 12.51 41.89
C THR J 5 -43.47 12.90 41.06
N SER J 6 -42.93 11.92 40.34
CA SER J 6 -41.89 12.24 39.39
C SER J 6 -42.47 13.12 38.29
N GLN J 7 -41.71 14.15 37.89
CA GLN J 7 -42.05 14.96 36.72
C GLN J 7 -42.15 14.15 35.42
N VAL J 8 -41.56 12.95 35.37
CA VAL J 8 -41.69 12.13 34.16
C VAL J 8 -42.78 11.09 34.24
N ARG J 9 -43.30 10.81 35.43
CA ARG J 9 -44.19 9.66 35.57
C ARG J 9 -45.46 9.87 34.75
N GLN J 10 -45.81 8.86 33.98
CA GLN J 10 -47.01 8.93 33.15
C GLN J 10 -47.47 7.51 32.87
N ASN J 11 -48.72 7.21 33.20
CA ASN J 11 -49.32 5.89 32.95
C ASN J 11 -48.55 4.75 33.61
N TYR J 12 -47.92 4.99 34.75
CA TYR J 12 -47.07 4.00 35.40
C TYR J 12 -47.67 3.68 36.77
N HIS J 13 -48.33 2.54 36.87
CA HIS J 13 -49.04 2.17 38.08
C HIS J 13 -48.09 1.81 39.22
N GLN J 14 -48.53 2.14 40.44
CA GLN J 14 -47.82 1.73 41.66
C GLN J 14 -47.52 0.24 41.66
N ASP J 15 -48.48 -0.58 41.23
CA ASP J 15 -48.26 -2.01 41.22
C ASP J 15 -47.16 -2.38 40.24
N SER J 16 -47.16 -1.74 39.06
CA SER J 16 -46.11 -2.05 38.10
C SER J 16 -44.75 -1.70 38.69
N GLU J 17 -44.68 -0.56 39.38
CA GLU J 17 -43.44 -0.10 40.00
C GLU J 17 -42.91 -1.15 40.98
N ALA J 18 -43.80 -1.68 41.83
CA ALA J 18 -43.37 -2.64 42.84
C ALA J 18 -43.00 -3.97 42.19
N ALA J 19 -43.76 -4.39 41.17
CA ALA J 19 -43.40 -5.62 40.47
C ALA J 19 -42.03 -5.51 39.83
N ILE J 20 -41.68 -4.30 39.35
CA ILE J 20 -40.37 -4.12 38.74
C ILE J 20 -39.28 -4.24 39.80
N ASN J 21 -39.49 -3.66 41.00
CA ASN J 21 -38.51 -3.84 42.07
C ASN J 21 -38.33 -5.32 42.43
N ARG J 22 -39.43 -6.09 42.42
CA ARG J 22 -39.33 -7.53 42.69
C ARG J 22 -38.52 -8.24 41.61
N GLN J 23 -38.75 -7.87 40.33
CA GLN J 23 -38.04 -8.52 39.25
C GLN J 23 -36.55 -8.22 39.30
N ILE J 24 -36.18 -6.99 39.70
CA ILE J 24 -34.76 -6.65 39.86
C ILE J 24 -34.10 -7.58 40.86
N ASN J 25 -34.72 -7.74 42.04
CA ASN J 25 -34.16 -8.67 43.02
C ASN J 25 -34.07 -10.09 42.46
N LEU J 26 -35.10 -10.53 41.74
CA LEU J 26 -35.07 -11.88 41.19
C LEU J 26 -33.94 -12.06 40.17
N GLU J 27 -33.69 -11.06 39.33
CA GLU J 27 -32.57 -11.18 38.37
C GLU J 27 -31.23 -11.20 39.09
N LEU J 28 -31.08 -10.37 40.12
CA LEU J 28 -29.85 -10.38 40.90
C LEU J 28 -29.67 -11.74 41.58
N TYR J 29 -30.79 -12.35 41.98
CA TYR J 29 -30.75 -13.69 42.56
C TYR J 29 -30.28 -14.72 41.53
N ALA J 30 -30.89 -14.73 40.34
CA ALA J 30 -30.41 -15.64 39.30
C ALA J 30 -28.92 -15.43 39.03
N SER J 31 -28.49 -14.17 39.04
CA SER J 31 -27.08 -13.90 38.78
C SER J 31 -26.20 -14.56 39.85
N TYR J 32 -26.64 -14.50 41.13
CA TYR J 32 -25.89 -15.10 42.24
C TYR J 32 -25.86 -16.63 42.12
N VAL J 33 -27.01 -17.24 41.79
CA VAL J 33 -27.08 -18.68 41.56
C VAL J 33 -26.05 -19.12 40.51
N TYR J 34 -25.99 -18.41 39.39
CA TYR J 34 -25.08 -18.79 38.31
C TYR J 34 -23.63 -18.60 38.71
N LEU J 35 -23.34 -17.52 39.46
CA LEU J 35 -21.99 -17.33 39.99
C LEU J 35 -21.57 -18.52 40.85
N SER J 36 -22.47 -19.00 41.72
CA SER J 36 -22.15 -20.14 42.56
C SER J 36 -21.92 -21.41 41.74
N MET J 37 -22.80 -21.69 40.78
CA MET J 37 -22.57 -22.82 39.92
C MET J 37 -21.21 -22.74 39.25
N SER J 38 -20.86 -21.56 38.73
CA SER J 38 -19.62 -21.41 37.97
C SER J 38 -18.43 -21.85 38.80
N TYR J 39 -18.28 -21.28 39.99
CA TYR J 39 -17.13 -21.61 40.81
C TYR J 39 -17.23 -22.98 41.47
N TYR J 40 -18.41 -23.62 41.47
CA TYR J 40 -18.41 -25.04 41.77
C TYR J 40 -17.61 -25.84 40.74
N PHE J 41 -17.76 -25.52 39.44
CA PHE J 41 -17.07 -26.28 38.39
C PHE J 41 -15.60 -25.91 38.29
N ASP J 42 -15.18 -24.85 38.96
CA ASP J 42 -13.79 -24.46 39.05
C ASP J 42 -13.05 -25.20 40.16
N ARG J 43 -13.75 -25.97 40.99
CA ARG J 43 -13.11 -26.72 42.08
C ARG J 43 -12.16 -27.77 41.55
N ASP J 44 -11.03 -27.96 42.26
CA ASP J 44 -10.03 -28.90 41.77
C ASP J 44 -10.57 -30.32 41.66
N ASP J 45 -11.64 -30.65 42.39
CA ASP J 45 -12.23 -31.98 42.37
C ASP J 45 -13.46 -32.03 41.48
N VAL J 46 -13.67 -31.01 40.65
CA VAL J 46 -14.75 -30.98 39.66
C VAL J 46 -14.11 -30.66 38.32
N ALA J 47 -13.43 -29.49 38.24
CA ALA J 47 -12.50 -29.17 37.15
C ALA J 47 -13.11 -29.33 35.76
N LEU J 48 -14.25 -28.69 35.55
CA LEU J 48 -14.89 -28.70 34.23
C LEU J 48 -14.92 -27.24 33.80
N LYS J 49 -13.90 -26.81 33.05
CA LYS J 49 -13.66 -25.38 32.86
C LYS J 49 -14.71 -24.75 31.96
N ASN J 50 -15.31 -25.52 31.04
CA ASN J 50 -16.28 -24.89 30.15
C ASN J 50 -17.66 -24.81 30.79
N PHE J 51 -18.01 -25.77 31.65
CA PHE J 51 -19.17 -25.57 32.52
C PHE J 51 -18.97 -24.33 33.37
N ALA J 52 -17.78 -24.16 33.94
CA ALA J 52 -17.54 -22.97 34.76
C ALA J 52 -17.72 -21.72 33.91
N LYS J 53 -17.15 -21.72 32.71
CA LYS J 53 -17.28 -20.57 31.82
C LYS J 53 -18.74 -20.32 31.43
N TYR J 54 -19.46 -21.38 31.07
CA TYR J 54 -20.85 -21.23 30.67
C TYR J 54 -21.66 -20.57 31.78
N PHE J 55 -21.51 -21.02 33.01
CA PHE J 55 -22.35 -20.45 34.07
C PHE J 55 -21.93 -19.03 34.41
N LEU J 56 -20.63 -18.73 34.34
CA LEU J 56 -20.18 -17.37 34.64
C LEU J 56 -20.73 -16.38 33.63
N HIS J 57 -20.78 -16.77 32.35
CA HIS J 57 -21.43 -15.94 31.35
C HIS J 57 -22.90 -15.70 31.70
N GLN J 58 -23.63 -16.75 32.08
CA GLN J 58 -25.04 -16.53 32.46
C GLN J 58 -25.15 -15.58 33.64
N SER J 59 -24.22 -15.67 34.59
CA SER J 59 -24.27 -14.81 35.77
C SER J 59 -24.13 -13.34 35.38
N HIS J 60 -23.17 -13.01 34.51
CA HIS J 60 -23.03 -11.64 34.04
C HIS J 60 -24.24 -11.19 33.21
N GLU J 61 -24.83 -12.10 32.43
CA GLU J 61 -26.03 -11.71 31.68
C GLU J 61 -27.19 -11.37 32.61
N GLU J 62 -27.37 -12.15 33.67
CA GLU J 62 -28.43 -11.84 34.63
C GLU J 62 -28.19 -10.49 35.29
N ARG J 63 -26.93 -10.14 35.54
CA ARG J 63 -26.68 -8.82 36.11
C ARG J 63 -27.11 -7.72 35.15
N GLU J 64 -26.82 -7.90 33.85
CA GLU J 64 -27.29 -6.96 32.85
C GLU J 64 -28.81 -6.88 32.82
N HIS J 65 -29.51 -8.02 32.90
CA HIS J 65 -30.97 -8.01 32.98
C HIS J 65 -31.44 -7.15 34.14
N ALA J 66 -30.75 -7.23 35.28
CA ALA J 66 -31.18 -6.47 36.45
C ALA J 66 -30.97 -4.99 36.25
N GLU J 67 -29.84 -4.61 35.66
CA GLU J 67 -29.53 -3.21 35.48
C GLU J 67 -30.46 -2.56 34.46
N LYS J 68 -30.89 -3.33 33.46
CA LYS J 68 -31.83 -2.81 32.50
C LYS J 68 -33.19 -2.54 33.14
N LEU J 69 -33.58 -3.35 34.13
CA LEU J 69 -34.83 -3.08 34.81
C LEU J 69 -34.70 -1.88 35.74
N MET J 70 -33.50 -1.70 36.31
CA MET J 70 -33.26 -0.51 37.12
C MET J 70 -33.33 0.73 36.27
N LYS J 71 -32.80 0.66 35.05
CA LYS J 71 -32.87 1.78 34.11
C LYS J 71 -34.32 2.07 33.73
N LEU J 72 -35.10 1.01 33.42
CA LEU J 72 -36.52 1.14 33.16
C LEU J 72 -37.22 1.85 34.32
N GLN J 73 -36.94 1.42 35.55
CA GLN J 73 -37.60 2.00 36.72
C GLN J 73 -37.43 3.51 36.72
N ASN J 74 -36.19 3.96 36.48
CA ASN J 74 -35.92 5.39 36.49
C ASN J 74 -36.53 6.06 35.27
N GLN J 75 -36.49 5.41 34.09
CA GLN J 75 -37.09 6.04 32.91
C GLN J 75 -38.55 6.37 33.13
N ARG J 76 -39.29 5.47 33.79
CA ARG J 76 -40.71 5.69 34.01
C ARG J 76 -40.98 6.52 35.27
N GLY J 77 -39.92 6.85 36.03
CA GLY J 77 -40.13 7.67 37.19
C GLY J 77 -40.55 6.91 38.41
N GLY J 78 -40.48 5.58 38.39
CA GLY J 78 -40.56 4.79 39.58
C GLY J 78 -39.30 4.95 40.42
N ARG J 79 -39.33 4.31 41.59
CA ARG J 79 -38.23 4.48 42.53
C ARG J 79 -37.70 3.12 42.94
N ILE J 80 -36.40 2.93 42.72
CA ILE J 80 -35.71 1.69 43.00
C ILE J 80 -35.62 1.46 44.51
N PHE J 81 -36.07 0.29 44.96
CA PHE J 81 -35.79 -0.17 46.31
C PHE J 81 -35.21 -1.57 46.22
N LEU J 82 -33.96 -1.70 46.64
CA LEU J 82 -33.24 -2.95 46.60
C LEU J 82 -33.43 -3.68 47.93
N GLN J 83 -33.41 -5.00 47.85
CA GLN J 83 -33.53 -5.86 49.02
C GLN J 83 -32.30 -6.77 49.07
N ASP J 84 -32.14 -7.46 50.19
CA ASP J 84 -31.11 -8.49 50.30
C ASP J 84 -31.15 -9.44 49.11
N ILE J 85 -29.98 -9.90 48.67
CA ILE J 85 -29.93 -10.95 47.66
C ILE J 85 -29.71 -12.26 48.40
N GLN J 86 -30.72 -13.12 48.36
CA GLN J 86 -30.70 -14.38 49.08
C GLN J 86 -29.63 -15.30 48.49
N LYS J 87 -28.88 -15.97 49.34
CA LYS J 87 -27.87 -16.89 48.85
C LYS J 87 -28.56 -18.01 48.08
N PRO J 88 -27.86 -18.65 47.14
CA PRO J 88 -28.45 -19.76 46.39
C PRO J 88 -28.77 -20.93 47.29
N ASP J 89 -29.61 -21.82 46.76
CA ASP J 89 -30.17 -22.92 47.53
C ASP J 89 -29.16 -24.02 47.84
N GLU J 90 -28.09 -24.15 47.05
CA GLU J 90 -27.08 -25.18 47.22
C GLU J 90 -25.71 -24.54 47.25
N ASP J 91 -24.79 -25.16 47.97
CA ASP J 91 -23.39 -24.79 47.84
C ASP J 91 -22.65 -25.74 46.94
N ASP J 92 -23.12 -26.98 46.84
CA ASP J 92 -22.51 -28.02 46.02
C ASP J 92 -23.51 -28.40 44.96
N TRP J 93 -23.13 -28.28 43.70
CA TRP J 93 -24.11 -28.47 42.64
C TRP J 93 -24.07 -29.84 42.04
N GLU J 94 -23.20 -30.74 42.58
CA GLU J 94 -23.23 -32.19 42.35
C GLU J 94 -22.66 -32.63 41.01
N SER J 95 -23.12 -32.03 39.90
CA SER J 95 -22.58 -32.44 38.61
C SER J 95 -23.01 -31.48 37.53
N GLY J 96 -22.39 -31.64 36.37
CA GLY J 96 -22.79 -30.86 35.20
C GLY J 96 -24.27 -31.01 34.89
N LEU J 97 -24.76 -32.24 34.85
CA LEU J 97 -26.17 -32.43 34.53
C LEU J 97 -27.08 -31.83 35.61
N ASN J 98 -26.72 -32.00 36.88
CA ASN J 98 -27.55 -31.46 37.96
C ASN J 98 -27.67 -29.94 37.87
N ALA J 99 -26.56 -29.26 37.58
CA ALA J 99 -26.57 -27.82 37.50
C ALA J 99 -27.39 -27.35 36.31
N MET J 100 -27.28 -28.07 35.19
CA MET J 100 -28.12 -27.74 34.04
C MET J 100 -29.61 -27.90 34.38
N GLU J 101 -29.97 -28.98 35.07
CA GLU J 101 -31.36 -29.13 35.51
C GLU J 101 -31.78 -28.01 36.46
N ALA J 102 -30.90 -27.65 37.39
CA ALA J 102 -31.21 -26.57 38.30
C ALA J 102 -31.38 -25.26 37.55
N ALA J 103 -30.50 -25.00 36.57
CA ALA J 103 -30.62 -23.77 35.78
C ALA J 103 -31.92 -23.76 34.98
N LEU J 104 -32.31 -24.91 34.45
CA LEU J 104 -33.56 -25.01 33.72
C LEU J 104 -34.75 -24.64 34.61
N HIS J 105 -34.77 -25.21 35.81
CA HIS J 105 -35.80 -24.87 36.79
C HIS J 105 -35.81 -23.38 37.10
N LEU J 106 -34.64 -22.81 37.38
CA LEU J 106 -34.54 -21.39 37.68
C LEU J 106 -35.09 -20.54 36.54
N GLU J 107 -34.69 -20.86 35.32
CA GLU J 107 -35.08 -20.01 34.19
C GLU J 107 -36.58 -20.05 33.95
N LYS J 108 -37.23 -21.21 34.15
CA LYS J 108 -38.70 -21.24 34.03
C LYS J 108 -39.36 -20.46 35.16
N ASN J 109 -38.80 -20.52 36.36
CA ASN J 109 -39.32 -19.69 37.43
CA ASN J 109 -39.29 -19.68 37.45
C ASN J 109 -39.17 -18.21 37.10
N VAL J 110 -38.01 -17.80 36.58
CA VAL J 110 -37.84 -16.40 36.19
C VAL J 110 -38.81 -16.04 35.08
N ASN J 111 -38.96 -16.94 34.11
CA ASN J 111 -39.94 -16.75 33.05
C ASN J 111 -41.35 -16.56 33.62
N GLN J 112 -41.73 -17.37 34.62
CA GLN J 112 -43.09 -17.24 35.16
C GLN J 112 -43.30 -15.85 35.73
N SER J 113 -42.32 -15.36 36.48
CA SER J 113 -42.39 -14.03 37.05
C SER J 113 -42.52 -12.95 35.96
N LEU J 114 -41.77 -13.08 34.86
CA LEU J 114 -41.90 -12.14 33.73
C LEU J 114 -43.28 -12.22 33.08
N LEU J 115 -43.84 -13.42 32.94
CA LEU J 115 -45.17 -13.53 32.37
C LEU J 115 -46.21 -12.85 33.26
N GLU J 116 -46.08 -13.01 34.57
CA GLU J 116 -46.98 -12.32 35.48
C GLU J 116 -46.70 -10.83 35.45
N LEU J 117 -45.44 -10.43 35.27
CA LEU J 117 -45.14 -9.02 35.09
C LEU J 117 -45.83 -8.50 33.83
N HIS J 118 -45.76 -9.26 32.74
CA HIS J 118 -46.41 -8.80 31.50
C HIS J 118 -47.93 -8.71 31.68
N LYS J 119 -48.52 -9.71 32.34
CA LYS J 119 -49.96 -9.71 32.59
C LYS J 119 -50.40 -8.48 33.40
N LEU J 120 -49.66 -8.15 34.45
CA LEU J 120 -49.87 -6.89 35.15
C LEU J 120 -49.89 -5.69 34.21
N ALA J 121 -48.87 -5.57 33.35
CA ALA J 121 -48.76 -4.42 32.46
C ALA J 121 -49.96 -4.33 31.53
N HIS J 122 -50.37 -5.46 30.95
CA HIS J 122 -51.59 -5.47 30.17
C HIS J 122 -52.80 -5.09 31.03
N ASP J 123 -52.89 -5.60 32.28
CA ASP J 123 -54.05 -5.27 33.11
C ASP J 123 -54.11 -3.77 33.38
N LYS J 124 -52.96 -3.14 33.59
CA LYS J 124 -52.94 -1.73 33.89
C LYS J 124 -52.85 -0.86 32.64
N ASN J 125 -53.05 -1.45 31.47
CA ASN J 125 -53.01 -0.70 30.20
C ASN J 125 -51.73 0.12 30.06
N ASP J 126 -50.59 -0.57 30.22
CA ASP J 126 -49.26 0.03 30.13
C ASP J 126 -48.54 -0.62 28.96
N PRO J 127 -48.86 -0.22 27.73
CA PRO J 127 -48.23 -0.90 26.58
C PRO J 127 -46.72 -0.67 26.49
N HIS J 128 -46.19 0.44 27.00
CA HIS J 128 -44.74 0.60 26.99
C HIS J 128 -44.05 -0.45 27.85
N LEU J 129 -44.58 -0.70 29.04
CA LEU J 129 -44.04 -1.75 29.89
C LEU J 129 -44.26 -3.13 29.26
N ALA J 130 -45.44 -3.36 28.70
CA ALA J 130 -45.69 -4.63 28.02
C ALA J 130 -44.68 -4.84 26.90
N ASP J 131 -44.45 -3.83 26.07
CA ASP J 131 -43.51 -4.01 24.97
C ASP J 131 -42.07 -4.12 25.47
N PHE J 132 -41.74 -3.42 26.55
CA PHE J 132 -40.40 -3.54 27.12
C PHE J 132 -40.13 -4.97 27.51
N ILE J 133 -41.10 -5.62 28.17
CA ILE J 133 -40.93 -7.01 28.58
C ILE J 133 -40.87 -7.94 27.38
N GLU J 134 -41.80 -7.78 26.42
CA GLU J 134 -41.78 -8.65 25.25
C GLU J 134 -40.46 -8.54 24.52
N THR J 135 -39.96 -7.31 24.37
CA THR J 135 -38.79 -7.06 23.54
C THR J 135 -37.50 -7.53 24.18
N HIS J 136 -37.31 -7.26 25.46
CA HIS J 136 -36.02 -7.46 26.07
C HIS J 136 -35.93 -8.72 26.90
N TYR J 137 -37.06 -9.39 27.19
CA TYR J 137 -37.00 -10.49 28.15
C TYR J 137 -37.68 -11.77 27.70
N LEU J 138 -38.82 -11.70 26.99
CA LEU J 138 -39.61 -12.93 26.81
C LEU J 138 -38.91 -13.91 25.88
N ASN J 139 -38.45 -13.45 24.69
CA ASN J 139 -37.79 -14.40 23.80
C ASN J 139 -36.41 -14.82 24.34
N GLU J 140 -35.75 -13.95 25.10
CA GLU J 140 -34.52 -14.36 25.77
C GLU J 140 -34.77 -15.53 26.71
N GLN J 141 -35.87 -15.49 27.50
CA GLN J 141 -36.17 -16.62 28.39
C GLN J 141 -36.49 -17.88 27.60
N VAL J 142 -37.28 -17.75 26.54
CA VAL J 142 -37.59 -18.92 25.71
C VAL J 142 -36.32 -19.52 25.13
N LYS J 143 -35.42 -18.67 24.63
CA LYS J 143 -34.18 -19.19 24.07
C LYS J 143 -33.33 -19.90 25.15
N ALA J 144 -33.23 -19.29 26.33
CA ALA J 144 -32.40 -19.90 27.37
C ALA J 144 -33.00 -21.23 27.82
N ILE J 145 -34.33 -21.29 27.92
CA ILE J 145 -34.98 -22.52 28.35
C ILE J 145 -34.76 -23.62 27.30
N LYS J 146 -34.93 -23.29 26.03
CA LYS J 146 -34.71 -24.25 24.97
C LYS J 146 -33.27 -24.74 24.99
N GLU J 147 -32.31 -23.83 25.20
CA GLU J 147 -30.91 -24.22 25.22
C GLU J 147 -30.61 -25.14 26.40
N LEU J 148 -31.12 -24.79 27.58
CA LEU J 148 -30.89 -25.64 28.75
C LEU J 148 -31.56 -27.00 28.57
N GLY J 149 -32.77 -27.04 27.99
CA GLY J 149 -33.37 -28.31 27.65
C GLY J 149 -32.48 -29.16 26.74
N ASP J 150 -31.98 -28.55 25.65
CA ASP J 150 -31.05 -29.25 24.75
C ASP J 150 -29.85 -29.83 25.51
N HIS J 151 -29.29 -29.05 26.44
CA HIS J 151 -28.10 -29.49 27.16
C HIS J 151 -28.43 -30.66 28.07
N VAL J 152 -29.54 -30.55 28.81
CA VAL J 152 -29.97 -31.66 29.65
C VAL J 152 -30.15 -32.91 28.81
N THR J 153 -30.79 -32.77 27.64
CA THR J 153 -31.08 -33.95 26.83
C THR J 153 -29.80 -34.66 26.42
N ASN J 154 -28.83 -33.90 25.88
CA ASN J 154 -27.59 -34.51 25.45
C ASN J 154 -26.81 -35.09 26.61
N LEU J 155 -26.75 -34.39 27.75
CA LEU J 155 -26.01 -34.97 28.88
C LEU J 155 -26.63 -36.30 29.30
N ARG J 156 -27.95 -36.38 29.36
CA ARG J 156 -28.61 -37.63 29.72
C ARG J 156 -28.30 -38.72 28.70
N LYS J 157 -28.50 -38.41 27.41
CA LYS J 157 -28.31 -39.40 26.35
C LYS J 157 -26.88 -39.93 26.33
N MET J 158 -25.88 -39.11 26.71
CA MET J 158 -24.50 -39.55 26.78
C MET J 158 -24.19 -40.37 28.01
N GLY J 159 -25.08 -40.43 28.98
CA GLY J 159 -24.89 -41.27 30.15
C GLY J 159 -24.53 -40.54 31.41
N ALA J 160 -24.59 -39.20 31.42
CA ALA J 160 -24.45 -38.47 32.66
C ALA J 160 -25.66 -38.77 33.55
N PRO J 161 -25.52 -38.66 34.89
CA PRO J 161 -24.34 -38.19 35.65
C PRO J 161 -23.39 -39.32 35.96
N GLU J 162 -23.87 -40.55 35.73
CA GLU J 162 -23.12 -41.74 36.09
C GLU J 162 -21.79 -41.82 35.34
N SER J 163 -21.82 -41.67 34.02
CA SER J 163 -20.65 -41.76 33.15
C SER J 163 -19.82 -40.47 33.26
N GLY J 164 -18.61 -40.56 33.83
CA GLY J 164 -17.77 -39.37 33.94
C GLY J 164 -17.19 -38.92 32.61
N LEU J 165 -16.92 -39.87 31.72
CA LEU J 165 -16.58 -39.55 30.33
C LEU J 165 -17.61 -38.59 29.72
N ALA J 166 -18.90 -38.77 30.04
CA ALA J 166 -19.96 -37.98 29.42
C ALA J 166 -19.77 -36.48 29.66
N GLU J 167 -19.75 -36.07 30.94
CA GLU J 167 -19.62 -34.65 31.25
C GLU J 167 -18.31 -34.07 30.73
N TYR J 168 -17.22 -34.85 30.77
CA TYR J 168 -15.94 -34.40 30.24
C TYR J 168 -16.05 -34.05 28.75
N LEU J 169 -16.63 -34.96 27.95
CA LEU J 169 -16.73 -34.75 26.50
C LEU J 169 -17.76 -33.67 26.17
N PHE J 170 -18.85 -33.61 26.94
CA PHE J 170 -19.83 -32.54 26.73
C PHE J 170 -19.19 -31.19 26.99
N ASP J 171 -18.44 -31.09 28.08
CA ASP J 171 -17.70 -29.87 28.38
C ASP J 171 -16.79 -29.48 27.21
N LYS J 172 -16.14 -30.46 26.57
CA LYS J 172 -15.25 -30.12 25.46
C LYS J 172 -16.04 -29.79 24.20
N HIS J 173 -16.98 -30.65 23.83
CA HIS J 173 -17.52 -30.54 22.48
C HIS J 173 -18.73 -29.62 22.40
N THR J 174 -19.47 -29.43 23.48
CA THR J 174 -20.62 -28.56 23.42
C THR J 174 -20.35 -27.21 24.06
N LEU J 175 -19.80 -27.20 25.27
CA LEU J 175 -19.56 -25.95 25.96
C LEU J 175 -18.22 -25.31 25.59
N GLY J 176 -17.33 -26.04 24.94
CA GLY J 176 -16.08 -25.43 24.48
C GLY J 176 -16.15 -24.97 23.03
N ASP J 177 -17.38 -24.79 22.55
CA ASP J 177 -17.73 -24.52 21.14
C ASP J 177 -17.24 -25.61 20.19
N SER K 4 -65.01 4.27 -1.78
CA SER K 4 -64.59 2.93 -2.17
C SER K 4 -63.55 2.41 -1.19
N THR K 5 -63.52 1.10 -0.98
CA THR K 5 -62.55 0.53 -0.06
C THR K 5 -61.26 0.18 -0.81
N SER K 6 -60.14 0.50 -0.19
CA SER K 6 -58.83 0.20 -0.75
C SER K 6 -58.66 -1.30 -0.96
N GLN K 7 -57.99 -1.67 -2.04
CA GLN K 7 -57.66 -3.09 -2.27
C GLN K 7 -56.72 -3.66 -1.20
N VAL K 8 -55.98 -2.82 -0.48
CA VAL K 8 -55.08 -3.35 0.53
C VAL K 8 -55.71 -3.39 1.92
N ARG K 9 -56.82 -2.65 2.13
CA ARG K 9 -57.32 -2.47 3.49
C ARG K 9 -57.73 -3.81 4.08
N GLN K 10 -57.36 -4.03 5.33
CA GLN K 10 -57.70 -5.28 5.99
C GLN K 10 -57.52 -5.07 7.48
N ASN K 11 -58.61 -5.23 8.24
CA ASN K 11 -58.58 -5.17 9.71
C ASN K 11 -58.21 -3.79 10.21
N TYR K 12 -58.61 -2.77 9.49
CA TYR K 12 -58.20 -1.40 9.77
C TYR K 12 -59.46 -0.57 9.99
N HIS K 13 -59.69 -0.21 11.23
CA HIS K 13 -60.98 0.36 11.60
C HIS K 13 -61.03 1.84 11.28
N GLN K 14 -62.21 2.32 10.89
CA GLN K 14 -62.35 3.74 10.56
C GLN K 14 -61.91 4.66 11.69
N ASP K 15 -62.15 4.30 12.96
CA ASP K 15 -61.70 5.16 14.06
C ASP K 15 -60.17 5.18 14.13
N SER K 16 -59.56 4.02 13.90
CA SER K 16 -58.11 3.93 13.85
C SER K 16 -57.60 4.89 12.79
N GLU K 17 -58.17 4.81 11.58
CA GLU K 17 -57.77 5.66 10.48
C GLU K 17 -57.89 7.14 10.85
N ALA K 18 -58.95 7.49 11.59
CA ALA K 18 -59.17 8.87 11.96
C ALA K 18 -58.20 9.28 13.07
N ALA K 19 -57.88 8.37 14.00
CA ALA K 19 -56.92 8.73 15.04
C ALA K 19 -55.53 8.92 14.47
N ILE K 20 -55.16 8.14 13.45
CA ILE K 20 -53.87 8.32 12.79
C ILE K 20 -53.80 9.71 12.15
N ASN K 21 -54.87 10.11 11.46
CA ASN K 21 -54.93 11.47 10.90
C ASN K 21 -54.79 12.54 11.97
N ARG K 22 -55.38 12.34 13.15
CA ARG K 22 -55.16 13.31 14.23
C ARG K 22 -53.72 13.27 14.74
N GLN K 23 -53.14 12.07 14.87
CA GLN K 23 -51.75 12.01 15.31
C GLN K 23 -50.81 12.71 14.34
N ILE K 24 -51.07 12.57 13.03
CA ILE K 24 -50.25 13.25 12.03
C ILE K 24 -50.22 14.74 12.33
N ASN K 25 -51.40 15.34 12.51
CA ASN K 25 -51.46 16.77 12.78
C ASN K 25 -50.76 17.12 14.09
N LEU K 26 -50.91 16.28 15.11
CA LEU K 26 -50.25 16.55 16.39
C LEU K 26 -48.73 16.51 16.24
N GLU K 27 -48.19 15.58 15.44
CA GLU K 27 -46.74 15.54 15.26
C GLU K 27 -46.22 16.77 14.51
N LEU K 28 -46.89 17.17 13.42
CA LEU K 28 -46.54 18.41 12.76
C LEU K 28 -46.61 19.58 13.73
N TYR K 29 -47.62 19.59 14.61
CA TYR K 29 -47.77 20.68 15.58
C TYR K 29 -46.55 20.73 16.50
N ALA K 30 -46.15 19.56 17.02
CA ALA K 30 -44.97 19.51 17.87
C ALA K 30 -43.74 19.98 17.11
N SER K 31 -43.63 19.59 15.85
CA SER K 31 -42.49 20.02 15.06
C SER K 31 -42.46 21.52 14.97
N TYR K 32 -43.64 22.15 14.81
CA TYR K 32 -43.76 23.60 14.73
C TYR K 32 -43.38 24.25 16.05
N VAL K 33 -43.84 23.69 17.18
CA VAL K 33 -43.44 24.24 18.48
C VAL K 33 -41.92 24.25 18.61
N TYR K 34 -41.28 23.14 18.22
CA TYR K 34 -39.83 23.04 18.40
C TYR K 34 -39.09 23.99 17.47
N LEU K 35 -39.59 24.17 16.26
CA LEU K 35 -39.03 25.18 15.37
C LEU K 35 -39.08 26.56 16.01
N SER K 36 -40.24 26.91 16.59
CA SER K 36 -40.37 28.21 17.25
C SER K 36 -39.33 28.34 18.35
N MET K 37 -39.20 27.30 19.18
CA MET K 37 -38.29 27.39 20.31
C MET K 37 -36.86 27.60 19.81
N SER K 38 -36.50 26.85 18.75
CA SER K 38 -35.14 26.90 18.25
C SER K 38 -34.76 28.32 17.87
N TYR K 39 -35.62 29.00 17.08
CA TYR K 39 -35.27 30.33 16.61
C TYR K 39 -35.47 31.41 17.68
N TYR K 40 -36.16 31.09 18.77
CA TYR K 40 -36.09 31.96 19.94
C TYR K 40 -34.67 31.99 20.51
N PHE K 41 -34.01 30.83 20.60
CA PHE K 41 -32.67 30.84 21.16
C PHE K 41 -31.64 31.39 20.18
N ASP K 42 -32.00 31.58 18.91
CA ASP K 42 -31.16 32.18 17.90
C ASP K 42 -31.19 33.71 17.92
N ARG K 43 -32.10 34.31 18.70
CA ARG K 43 -32.20 35.77 18.78
C ARG K 43 -30.94 36.36 19.37
N ASP K 44 -30.57 37.55 18.90
CA ASP K 44 -29.36 38.18 19.42
C ASP K 44 -29.46 38.52 20.91
N ASP K 45 -30.66 38.66 21.46
CA ASP K 45 -30.81 38.95 22.89
C ASP K 45 -31.10 37.70 23.71
N VAL K 46 -30.88 36.50 23.14
CA VAL K 46 -30.94 35.23 23.85
C VAL K 46 -29.63 34.48 23.61
N ALA K 47 -29.32 34.21 22.34
CA ALA K 47 -27.97 33.80 21.92
C ALA K 47 -27.43 32.61 22.71
N LEU K 48 -28.23 31.54 22.75
CA LEU K 48 -27.82 30.22 23.25
C LEU K 48 -27.89 29.22 22.10
N LYS K 49 -26.76 29.05 21.40
CA LYS K 49 -26.76 28.31 20.13
C LYS K 49 -27.05 26.82 20.31
N ASN K 50 -26.64 26.21 21.42
CA ASN K 50 -26.88 24.78 21.56
C ASN K 50 -28.31 24.49 21.96
N PHE K 51 -28.94 25.37 22.75
CA PHE K 51 -30.39 25.31 22.91
C PHE K 51 -31.06 25.40 21.56
N ALA K 52 -30.61 26.35 20.72
CA ALA K 52 -31.16 26.47 19.36
C ALA K 52 -31.01 25.16 18.60
N LYS K 53 -29.80 24.58 18.59
CA LYS K 53 -29.57 23.33 17.87
C LYS K 53 -30.42 22.20 18.44
N TYR K 54 -30.49 22.09 19.78
CA TYR K 54 -31.24 21.00 20.37
C TYR K 54 -32.69 21.02 19.89
N PHE K 55 -33.33 22.17 19.97
CA PHE K 55 -34.74 22.26 19.58
C PHE K 55 -34.92 22.12 18.06
N LEU K 56 -33.99 22.62 17.25
CA LEU K 56 -34.12 22.39 15.81
C LEU K 56 -34.06 20.90 15.51
N HIS K 57 -33.21 20.16 16.23
CA HIS K 57 -33.14 18.72 16.02
C HIS K 57 -34.45 18.05 16.40
N GLN K 58 -35.03 18.41 17.56
CA GLN K 58 -36.35 17.88 17.90
C GLN K 58 -37.37 18.20 16.80
N SER K 59 -37.30 19.42 16.25
CA SER K 59 -38.27 19.81 15.22
C SER K 59 -38.23 18.85 14.06
N HIS K 60 -37.02 18.53 13.59
CA HIS K 60 -36.92 17.67 12.42
C HIS K 60 -37.34 16.26 12.77
N GLU K 61 -37.04 15.81 14.00
CA GLU K 61 -37.47 14.49 14.43
C GLU K 61 -38.99 14.38 14.42
N GLU K 62 -39.68 15.41 14.89
CA GLU K 62 -41.14 15.37 14.93
C GLU K 62 -41.70 15.33 13.52
N ARG K 63 -41.09 16.05 12.58
CA ARG K 63 -41.54 15.96 11.20
C ARG K 63 -41.38 14.53 10.69
N GLU K 64 -40.29 13.88 11.07
CA GLU K 64 -40.10 12.48 10.66
C GLU K 64 -41.19 11.60 11.28
N HIS K 65 -41.54 11.83 12.56
CA HIS K 65 -42.63 11.08 13.18
C HIS K 65 -43.92 11.20 12.36
N ALA K 66 -44.20 12.42 11.89
CA ALA K 66 -45.45 12.64 11.17
C ALA K 66 -45.42 11.93 9.82
N GLU K 67 -44.28 11.96 9.13
CA GLU K 67 -44.20 11.28 7.83
C GLU K 67 -44.34 9.77 7.98
N LYS K 68 -43.80 9.20 9.04
CA LYS K 68 -43.92 7.77 9.23
C LYS K 68 -45.39 7.39 9.47
N LEU K 69 -46.16 8.25 10.14
CA LEU K 69 -47.59 7.98 10.28
C LEU K 69 -48.31 8.12 8.94
N MET K 70 -47.91 9.09 8.12
CA MET K 70 -48.55 9.17 6.79
C MET K 70 -48.28 7.91 5.98
N LYS K 71 -47.02 7.41 6.00
CA LYS K 71 -46.70 6.16 5.32
C LYS K 71 -47.59 5.02 5.83
N LEU K 72 -47.69 4.89 7.15
CA LEU K 72 -48.54 3.86 7.72
C LEU K 72 -49.97 4.00 7.25
N GLN K 73 -50.50 5.23 7.22
CA GLN K 73 -51.87 5.42 6.74
C GLN K 73 -52.07 4.82 5.36
N ASN K 74 -51.12 5.09 4.44
CA ASN K 74 -51.24 4.51 3.10
C ASN K 74 -50.97 3.02 3.10
N GLN K 75 -50.03 2.54 3.92
CA GLN K 75 -49.75 1.09 3.96
C GLN K 75 -50.98 0.28 4.33
N ARG K 76 -51.78 0.78 5.27
CA ARG K 76 -52.97 0.08 5.72
C ARG K 76 -54.18 0.36 4.83
N GLY K 77 -54.05 1.28 3.89
CA GLY K 77 -55.14 1.60 3.01
C GLY K 77 -56.03 2.71 3.53
N GLY K 78 -55.65 3.38 4.60
CA GLY K 78 -56.35 4.57 5.05
C GLY K 78 -56.07 5.74 4.13
N ARG K 79 -56.73 6.86 4.41
CA ARG K 79 -56.63 8.03 3.54
C ARG K 79 -56.23 9.23 4.37
N ILE K 80 -55.15 9.89 3.94
CA ILE K 80 -54.62 11.03 4.65
C ILE K 80 -55.53 12.23 4.44
N PHE K 81 -55.86 12.91 5.54
CA PHE K 81 -56.56 14.19 5.51
C PHE K 81 -55.81 15.14 6.42
N LEU K 82 -55.19 16.15 5.82
CA LEU K 82 -54.37 17.09 6.58
C LEU K 82 -55.25 18.24 7.05
N GLN K 83 -54.85 18.85 8.15
CA GLN K 83 -55.52 19.98 8.76
C GLN K 83 -54.51 21.10 8.95
N ASP K 84 -55.03 22.31 9.16
CA ASP K 84 -54.19 23.46 9.54
C ASP K 84 -53.22 23.05 10.64
N ILE K 85 -52.03 23.62 10.61
CA ILE K 85 -51.12 23.41 11.72
C ILE K 85 -51.21 24.66 12.55
N GLN K 86 -51.76 24.53 13.74
CA GLN K 86 -51.90 25.65 14.64
C GLN K 86 -50.54 26.20 15.06
N LYS K 87 -50.44 27.53 15.20
CA LYS K 87 -49.21 28.13 15.68
C LYS K 87 -48.99 27.78 17.15
N PRO K 88 -47.74 27.72 17.60
CA PRO K 88 -47.48 27.45 19.02
C PRO K 88 -48.14 28.49 19.91
N ASP K 89 -48.31 28.14 21.19
CA ASP K 89 -48.96 29.05 22.13
C ASP K 89 -48.11 30.23 22.53
N GLU K 90 -46.79 30.22 22.30
CA GLU K 90 -45.96 31.38 22.62
C GLU K 90 -45.16 31.79 21.39
N ASP K 91 -44.78 33.06 21.35
CA ASP K 91 -43.74 33.55 20.43
C ASP K 91 -42.40 33.71 21.13
N ASP K 92 -42.44 33.99 22.43
CA ASP K 92 -41.29 34.26 23.28
C ASP K 92 -41.27 33.16 24.33
N TRP K 93 -40.16 32.43 24.43
CA TRP K 93 -40.12 31.26 25.29
C TRP K 93 -39.36 31.52 26.59
N GLU K 94 -39.01 32.78 26.87
CA GLU K 94 -38.52 33.29 28.17
C GLU K 94 -37.08 32.91 28.54
N SER K 95 -36.76 31.62 28.47
CA SER K 95 -35.52 31.13 29.05
C SER K 95 -35.33 29.68 28.62
N GLY K 96 -34.09 29.21 28.78
CA GLY K 96 -33.82 27.81 28.48
C GLY K 96 -34.63 26.87 29.36
N LEU K 97 -34.65 27.14 30.67
CA LEU K 97 -35.44 26.28 31.55
C LEU K 97 -36.92 26.30 31.15
N ASN K 98 -37.48 27.48 30.86
CA ASN K 98 -38.90 27.54 30.53
C ASN K 98 -39.21 26.76 29.26
N ALA K 99 -38.32 26.85 28.26
CA ALA K 99 -38.51 26.06 27.05
C ALA K 99 -38.46 24.58 27.36
N MET K 100 -37.49 24.15 28.18
CA MET K 100 -37.42 22.73 28.50
C MET K 100 -38.69 22.28 29.23
N GLU K 101 -39.21 23.12 30.13
CA GLU K 101 -40.45 22.76 30.82
C GLU K 101 -41.62 22.68 29.84
N ALA K 102 -41.70 23.62 28.91
CA ALA K 102 -42.78 23.57 27.92
C ALA K 102 -42.64 22.34 27.03
N ALA K 103 -41.41 22.01 26.64
CA ALA K 103 -41.18 20.79 25.83
C ALA K 103 -41.56 19.54 26.61
N LEU K 104 -41.22 19.48 27.90
CA LEU K 104 -41.63 18.33 28.72
C LEU K 104 -43.14 18.18 28.73
N HIS K 105 -43.84 19.28 28.98
CA HIS K 105 -45.29 19.28 28.95
C HIS K 105 -45.80 18.83 27.58
N LEU K 106 -45.20 19.35 26.51
CA LEU K 106 -45.62 18.96 25.17
C LEU K 106 -45.44 17.45 24.95
N GLU K 107 -44.28 16.91 25.32
CA GLU K 107 -44.00 15.50 25.05
C GLU K 107 -44.94 14.57 25.83
N LYS K 108 -45.31 14.93 27.07
CA LYS K 108 -46.25 14.11 27.84
C LYS K 108 -47.63 14.16 27.20
N ASN K 109 -48.01 15.34 26.68
CA ASN K 109 -49.23 15.48 25.88
C ASN K 109 -49.21 14.56 24.67
N VAL K 110 -48.13 14.60 23.89
CA VAL K 110 -48.04 13.73 22.71
C VAL K 110 -48.07 12.26 23.13
N ASN K 111 -47.40 11.95 24.24
CA ASN K 111 -47.38 10.58 24.74
C ASN K 111 -48.77 10.12 25.13
N GLN K 112 -49.54 11.01 25.74
CA GLN K 112 -50.92 10.67 26.10
C GLN K 112 -51.74 10.36 24.85
N SER K 113 -51.59 11.15 23.80
CA SER K 113 -52.32 10.85 22.57
C SER K 113 -51.86 9.52 21.95
N LEU K 114 -50.55 9.21 22.00
CA LEU K 114 -50.12 7.89 21.53
C LEU K 114 -50.68 6.76 22.41
N LEU K 115 -50.76 6.96 23.71
CA LEU K 115 -51.32 5.91 24.58
C LEU K 115 -52.79 5.65 24.26
N GLU K 116 -53.56 6.71 24.02
CA GLU K 116 -54.95 6.49 23.66
C GLU K 116 -55.06 5.84 22.28
N LEU K 117 -54.14 6.17 21.37
CA LEU K 117 -54.17 5.53 20.07
C LEU K 117 -53.83 4.04 20.17
N HIS K 118 -52.89 3.70 21.05
CA HIS K 118 -52.57 2.28 21.24
C HIS K 118 -53.76 1.54 21.85
N LYS K 119 -54.41 2.17 22.84
CA LYS K 119 -55.61 1.58 23.45
C LYS K 119 -56.67 1.35 22.38
N LEU K 120 -56.85 2.33 21.49
CA LEU K 120 -57.84 2.16 20.45
C LEU K 120 -57.48 0.96 19.56
N ALA K 121 -56.18 0.77 19.28
CA ALA K 121 -55.78 -0.34 18.43
C ALA K 121 -56.02 -1.68 19.14
N HIS K 122 -55.66 -1.74 20.42
CA HIS K 122 -55.96 -2.93 21.21
C HIS K 122 -57.47 -3.19 21.25
N ASP K 123 -58.26 -2.15 21.45
CA ASP K 123 -59.71 -2.35 21.48
C ASP K 123 -60.26 -2.75 20.13
N LYS K 124 -59.59 -2.42 19.03
CA LYS K 124 -60.11 -2.80 17.70
C LYS K 124 -59.44 -4.07 17.19
N ASN K 125 -58.72 -4.78 18.08
CA ASN K 125 -57.97 -5.98 17.75
C ASN K 125 -57.13 -5.75 16.49
N ASP K 126 -56.41 -4.62 16.49
CA ASP K 126 -55.51 -4.31 15.40
C ASP K 126 -54.07 -4.48 15.90
N PRO K 127 -53.55 -5.70 15.91
CA PRO K 127 -52.21 -5.89 16.49
C PRO K 127 -51.09 -5.32 15.62
N HIS K 128 -51.27 -5.26 14.31
CA HIS K 128 -50.28 -4.56 13.49
C HIS K 128 -50.13 -3.12 13.93
N LEU K 129 -51.26 -2.42 14.11
CA LEU K 129 -51.20 -1.01 14.52
C LEU K 129 -50.63 -0.86 15.93
N ALA K 130 -51.01 -1.72 16.86
CA ALA K 130 -50.49 -1.67 18.23
C ALA K 130 -48.97 -1.86 18.25
N ASP K 131 -48.46 -2.90 17.57
CA ASP K 131 -47.03 -3.10 17.53
C ASP K 131 -46.32 -1.94 16.86
N PHE K 132 -46.91 -1.37 15.81
CA PHE K 132 -46.32 -0.18 15.17
C PHE K 132 -46.11 0.96 16.17
N ILE K 133 -47.14 1.27 16.98
CA ILE K 133 -47.05 2.31 18.01
C ILE K 133 -46.04 1.92 19.08
N GLU K 134 -46.08 0.65 19.49
CA GLU K 134 -45.10 0.09 20.42
C GLU K 134 -43.68 0.28 19.91
N THR K 135 -43.43 -0.16 18.67
CA THR K 135 -42.06 -0.24 18.16
C THR K 135 -41.49 1.12 17.85
N HIS K 136 -42.30 2.02 17.29
CA HIS K 136 -41.75 3.24 16.74
C HIS K 136 -41.99 4.46 17.59
N TYR K 137 -42.94 4.42 18.54
CA TYR K 137 -43.27 5.66 19.23
C TYR K 137 -43.15 5.62 20.75
N LEU K 138 -43.57 4.53 21.41
CA LEU K 138 -43.77 4.58 22.87
C LEU K 138 -42.45 4.71 23.62
N ASN K 139 -41.46 3.89 23.27
CA ASN K 139 -40.20 4.01 24.00
C ASN K 139 -39.47 5.29 23.62
N GLU K 140 -39.59 5.72 22.36
CA GLU K 140 -39.07 7.03 21.99
C GLU K 140 -39.67 8.14 22.87
N GLN K 141 -40.99 8.13 23.10
CA GLN K 141 -41.58 9.14 23.98
C GLN K 141 -41.03 9.03 25.38
N VAL K 142 -40.89 7.80 25.89
CA VAL K 142 -40.43 7.64 27.27
C VAL K 142 -39.00 8.16 27.42
N LYS K 143 -38.17 7.89 26.41
CA LYS K 143 -36.80 8.43 26.41
C LYS K 143 -36.82 9.96 26.34
N ALA K 144 -37.67 10.53 25.49
CA ALA K 144 -37.68 11.99 25.36
C ALA K 144 -38.07 12.65 26.68
N ILE K 145 -39.10 12.11 27.36
CA ILE K 145 -39.60 12.69 28.61
C ILE K 145 -38.53 12.60 29.71
N LYS K 146 -37.88 11.44 29.82
CA LYS K 146 -36.77 11.27 30.75
C LYS K 146 -35.63 12.26 30.46
N GLU K 147 -35.27 12.41 29.19
CA GLU K 147 -34.23 13.38 28.86
C GLU K 147 -34.66 14.80 29.21
N LEU K 148 -35.90 15.16 28.89
CA LEU K 148 -36.34 16.51 29.24
C LEU K 148 -36.40 16.71 30.75
N GLY K 149 -36.90 15.72 31.49
CA GLY K 149 -36.89 15.79 32.94
C GLY K 149 -35.48 15.99 33.48
N ASP K 150 -34.54 15.19 32.98
CA ASP K 150 -33.13 15.34 33.34
C ASP K 150 -32.63 16.78 33.14
N HIS K 151 -32.92 17.37 31.97
CA HIS K 151 -32.40 18.70 31.69
C HIS K 151 -33.03 19.73 32.62
N VAL K 152 -34.35 19.62 32.83
CA VAL K 152 -35.04 20.51 33.76
C VAL K 152 -34.38 20.43 35.13
N THR K 153 -34.21 19.20 35.65
CA THR K 153 -33.57 19.02 36.94
C THR K 153 -32.23 19.75 37.01
N ASN K 154 -31.41 19.59 35.96
CA ASN K 154 -30.07 20.17 36.04
C ASN K 154 -30.14 21.68 36.01
N LEU K 155 -30.99 22.24 35.16
CA LEU K 155 -31.06 23.68 35.08
C LEU K 155 -31.54 24.28 36.40
N ARG K 156 -32.55 23.68 37.05
CA ARG K 156 -32.95 24.20 38.35
C ARG K 156 -31.81 24.10 39.36
N LYS K 157 -31.14 22.95 39.43
CA LYS K 157 -30.09 22.81 40.43
C LYS K 157 -28.92 23.77 40.19
N MET K 158 -28.61 24.10 38.94
CA MET K 158 -27.56 25.07 38.64
C MET K 158 -27.99 26.50 38.93
N GLY K 159 -29.28 26.72 39.18
CA GLY K 159 -29.78 28.01 39.55
C GLY K 159 -30.53 28.75 38.48
N ALA K 160 -30.88 28.09 37.37
CA ALA K 160 -31.73 28.74 36.39
C ALA K 160 -33.12 28.93 37.02
N PRO K 161 -33.94 29.85 36.48
CA PRO K 161 -33.75 30.71 35.30
C PRO K 161 -33.01 32.00 35.63
N GLU K 162 -32.89 32.32 36.92
CA GLU K 162 -32.36 33.62 37.32
C GLU K 162 -30.90 33.74 36.94
N SER K 163 -30.06 32.83 37.45
CA SER K 163 -28.63 32.83 37.17
C SER K 163 -28.40 32.61 35.68
N GLY K 164 -28.02 33.67 34.96
CA GLY K 164 -27.76 33.53 33.54
C GLY K 164 -26.49 32.78 33.23
N LEU K 165 -25.56 32.75 34.20
CA LEU K 165 -24.42 31.84 34.17
C LEU K 165 -24.86 30.38 34.04
N ALA K 166 -25.96 30.00 34.71
CA ALA K 166 -26.38 28.59 34.68
C ALA K 166 -26.78 28.16 33.27
N GLU K 167 -27.58 28.98 32.58
CA GLU K 167 -28.03 28.65 31.24
C GLU K 167 -26.87 28.66 30.24
N TYR K 168 -25.94 29.60 30.37
CA TYR K 168 -24.75 29.60 29.51
C TYR K 168 -23.93 28.31 29.70
N LEU K 169 -23.67 27.91 30.96
CA LEU K 169 -22.85 26.72 31.20
C LEU K 169 -23.57 25.46 30.80
N PHE K 170 -24.89 25.38 31.03
CA PHE K 170 -25.66 24.21 30.59
C PHE K 170 -25.67 24.10 29.06
N ASP K 171 -25.87 25.22 28.37
CA ASP K 171 -25.73 25.27 26.91
C ASP K 171 -24.37 24.74 26.46
N LYS K 172 -23.28 25.14 27.14
CA LYS K 172 -21.95 24.68 26.73
C LYS K 172 -21.74 23.20 27.05
N HIS K 173 -21.99 22.80 28.31
CA HIS K 173 -21.49 21.52 28.80
C HIS K 173 -22.47 20.37 28.66
N THR K 174 -23.77 20.64 28.63
CA THR K 174 -24.72 19.55 28.37
C THR K 174 -25.19 19.50 26.92
N LEU K 175 -25.63 20.64 26.37
CA LEU K 175 -26.25 20.63 25.05
C LEU K 175 -25.24 20.69 23.92
N GLY K 176 -24.01 21.16 24.19
CA GLY K 176 -22.99 21.23 23.17
C GLY K 176 -22.02 20.06 23.25
N ASP K 177 -22.52 18.85 23.03
CA ASP K 177 -21.75 17.62 23.28
C ASP K 177 -21.33 17.55 24.76
N SER L 4 -46.51 -37.18 27.32
CA SER L 4 -45.46 -36.56 28.14
C SER L 4 -45.23 -35.10 27.72
N THR L 5 -45.14 -34.22 28.72
CA THR L 5 -44.96 -32.80 28.44
C THR L 5 -43.48 -32.50 28.22
N SER L 6 -43.22 -31.59 27.28
CA SER L 6 -41.87 -31.13 27.02
C SER L 6 -41.26 -30.51 28.28
N GLN L 7 -39.98 -30.79 28.53
CA GLN L 7 -39.30 -30.12 29.62
C GLN L 7 -39.24 -28.60 29.43
N VAL L 8 -39.40 -28.09 28.21
CA VAL L 8 -39.32 -26.65 28.01
C VAL L 8 -40.69 -25.99 28.00
N ARG L 9 -41.76 -26.76 27.79
CA ARG L 9 -43.07 -26.16 27.58
C ARG L 9 -43.45 -25.30 28.77
N GLN L 10 -43.94 -24.10 28.49
CA GLN L 10 -44.41 -23.21 29.56
C GLN L 10 -45.36 -22.20 28.95
N ASN L 11 -46.59 -22.15 29.48
CA ASN L 11 -47.58 -21.17 29.04
C ASN L 11 -47.93 -21.32 27.56
N TYR L 12 -47.78 -22.52 27.02
CA TYR L 12 -48.02 -22.78 25.60
C TYR L 12 -49.27 -23.63 25.47
N HIS L 13 -50.37 -23.02 25.05
CA HIS L 13 -51.64 -23.73 24.97
C HIS L 13 -51.65 -24.74 23.81
N GLN L 14 -52.41 -25.83 23.99
CA GLN L 14 -52.54 -26.82 22.93
C GLN L 14 -53.21 -26.22 21.69
N ASP L 15 -54.13 -25.25 21.86
CA ASP L 15 -54.71 -24.60 20.69
C ASP L 15 -53.67 -23.79 19.91
N SER L 16 -52.75 -23.12 20.62
CA SER L 16 -51.70 -22.36 19.92
C SER L 16 -50.79 -23.29 19.17
N GLU L 17 -50.38 -24.38 19.82
CA GLU L 17 -49.59 -25.40 19.16
C GLU L 17 -50.27 -25.93 17.91
N ALA L 18 -51.60 -26.10 17.95
CA ALA L 18 -52.29 -26.60 16.78
C ALA L 18 -52.34 -25.54 15.67
N ALA L 19 -52.51 -24.27 16.06
CA ALA L 19 -52.59 -23.20 15.07
C ALA L 19 -51.25 -22.97 14.39
N ILE L 20 -50.16 -23.12 15.13
CA ILE L 20 -48.83 -23.03 14.54
C ILE L 20 -48.67 -24.10 13.47
N ASN L 21 -49.04 -25.36 13.78
CA ASN L 21 -48.97 -26.40 12.75
C ASN L 21 -49.79 -26.04 11.51
N ARG L 22 -50.94 -25.39 11.69
CA ARG L 22 -51.74 -25.02 10.52
C ARG L 22 -51.08 -23.88 9.74
N GLN L 23 -50.54 -22.88 10.43
CA GLN L 23 -49.84 -21.80 9.73
C GLN L 23 -48.62 -22.34 8.98
N ILE L 24 -47.91 -23.31 9.56
CA ILE L 24 -46.79 -23.93 8.85
C ILE L 24 -47.24 -24.46 7.51
N ASN L 25 -48.34 -25.24 7.51
CA ASN L 25 -48.81 -25.79 6.25
C ASN L 25 -49.25 -24.69 5.30
N LEU L 26 -49.86 -23.63 5.83
CA LEU L 26 -50.31 -22.55 4.97
C LEU L 26 -49.13 -21.81 4.34
N GLU L 27 -48.04 -21.58 5.10
CA GLU L 27 -46.85 -20.94 4.53
C GLU L 27 -46.25 -21.78 3.41
N LEU L 28 -46.15 -23.09 3.64
CA LEU L 28 -45.64 -24.02 2.63
C LEU L 28 -46.53 -24.00 1.40
N TYR L 29 -47.84 -23.88 1.61
CA TYR L 29 -48.78 -23.78 0.49
C TYR L 29 -48.53 -22.50 -0.31
N ALA L 30 -48.37 -21.37 0.37
CA ALA L 30 -48.06 -20.12 -0.33
C ALA L 30 -46.76 -20.25 -1.10
N SER L 31 -45.75 -20.87 -0.48
CA SER L 31 -44.51 -21.11 -1.20
C SER L 31 -44.78 -21.83 -2.52
N TYR L 32 -45.66 -22.84 -2.50
CA TYR L 32 -45.97 -23.64 -3.68
C TYR L 32 -46.72 -22.81 -4.72
N VAL L 33 -47.72 -22.03 -4.28
CA VAL L 33 -48.41 -21.14 -5.23
C VAL L 33 -47.39 -20.26 -5.96
N TYR L 34 -46.44 -19.69 -5.21
CA TYR L 34 -45.48 -18.77 -5.84
C TYR L 34 -44.52 -19.50 -6.75
N LEU L 35 -44.13 -20.70 -6.38
CA LEU L 35 -43.33 -21.52 -7.28
C LEU L 35 -44.06 -21.79 -8.59
N SER L 36 -45.35 -22.12 -8.53
CA SER L 36 -46.11 -22.36 -9.76
C SER L 36 -46.17 -21.09 -10.61
N MET L 37 -46.47 -19.95 -9.99
CA MET L 37 -46.52 -18.69 -10.73
C MET L 37 -45.19 -18.41 -11.39
N SER L 38 -44.10 -18.65 -10.66
CA SER L 38 -42.78 -18.30 -11.19
C SER L 38 -42.52 -19.03 -12.50
N TYR L 39 -42.74 -20.34 -12.53
CA TYR L 39 -42.44 -21.09 -13.73
C TYR L 39 -43.50 -20.95 -14.81
N TYR L 40 -44.67 -20.42 -14.49
CA TYR L 40 -45.57 -20.04 -15.58
C TYR L 40 -44.92 -18.93 -16.41
N PHE L 41 -44.34 -17.92 -15.73
CA PHE L 41 -43.78 -16.80 -16.48
C PHE L 41 -42.49 -17.17 -17.19
N ASP L 42 -41.92 -18.34 -16.86
CA ASP L 42 -40.76 -18.92 -17.51
C ASP L 42 -41.10 -19.64 -18.82
N ARG L 43 -42.38 -19.93 -19.09
CA ARG L 43 -42.76 -20.58 -20.34
C ARG L 43 -42.37 -19.74 -21.55
N ASP L 44 -41.98 -20.42 -22.63
CA ASP L 44 -41.62 -19.74 -23.88
C ASP L 44 -42.77 -18.95 -24.46
N ASP L 45 -44.00 -19.24 -24.08
CA ASP L 45 -45.12 -18.47 -24.60
C ASP L 45 -45.63 -17.42 -23.62
N VAL L 46 -44.90 -17.17 -22.54
CA VAL L 46 -45.19 -16.07 -21.63
C VAL L 46 -43.94 -15.21 -21.56
N ALA L 47 -42.83 -15.81 -21.11
CA ALA L 47 -41.48 -15.26 -21.27
C ALA L 47 -41.33 -13.86 -20.68
N LEU L 48 -41.72 -13.71 -19.41
CA LEU L 48 -41.49 -12.48 -18.64
C LEU L 48 -40.54 -12.85 -17.50
N LYS L 49 -39.22 -12.74 -17.75
CA LYS L 49 -38.24 -13.26 -16.81
C LYS L 49 -38.28 -12.58 -15.44
N ASN L 50 -38.67 -11.30 -15.39
CA ASN L 50 -38.63 -10.64 -14.08
C ASN L 50 -39.89 -10.92 -13.28
N PHE L 51 -41.02 -11.11 -13.95
CA PHE L 51 -42.15 -11.72 -13.26
C PHE L 51 -41.74 -13.06 -12.68
N ALA L 52 -41.01 -13.87 -13.47
CA ALA L 52 -40.60 -15.19 -12.99
C ALA L 52 -39.69 -15.07 -11.78
N LYS L 53 -38.73 -14.15 -11.84
CA LYS L 53 -37.82 -13.96 -10.71
C LYS L 53 -38.54 -13.44 -9.49
N TYR L 54 -39.49 -12.53 -9.68
CA TYR L 54 -40.21 -11.94 -8.55
C TYR L 54 -40.95 -13.02 -7.75
N PHE L 55 -41.71 -13.87 -8.44
CA PHE L 55 -42.47 -14.88 -7.71
C PHE L 55 -41.57 -15.95 -7.14
N LEU L 56 -40.47 -16.28 -7.83
CA LEU L 56 -39.54 -17.27 -7.27
C LEU L 56 -38.96 -16.78 -5.97
N HIS L 57 -38.55 -15.51 -5.93
CA HIS L 57 -38.13 -14.89 -4.68
C HIS L 57 -39.23 -15.04 -3.62
N GLN L 58 -40.46 -14.66 -3.96
CA GLN L 58 -41.55 -14.77 -2.98
C GLN L 58 -41.69 -16.21 -2.50
N SER L 59 -41.50 -17.18 -3.40
CA SER L 59 -41.65 -18.58 -3.03
C SER L 59 -40.63 -18.98 -1.98
N HIS L 60 -39.37 -18.52 -2.16
CA HIS L 60 -38.34 -18.86 -1.19
C HIS L 60 -38.58 -18.16 0.14
N GLU L 61 -39.14 -16.95 0.12
CA GLU L 61 -39.42 -16.28 1.38
C GLU L 61 -40.47 -17.02 2.18
N GLU L 62 -41.55 -17.46 1.51
CA GLU L 62 -42.60 -18.20 2.21
C GLU L 62 -42.02 -19.44 2.87
N ARG L 63 -41.12 -20.11 2.18
CA ARG L 63 -40.51 -21.30 2.76
C ARG L 63 -39.77 -20.94 4.04
N GLU L 64 -39.04 -19.82 4.03
CA GLU L 64 -38.37 -19.40 5.24
C GLU L 64 -39.39 -19.06 6.34
N HIS L 65 -40.53 -18.47 5.97
CA HIS L 65 -41.61 -18.23 6.94
C HIS L 65 -42.07 -19.52 7.58
N ALA L 66 -42.29 -20.55 6.76
CA ALA L 66 -42.64 -21.85 7.29
C ALA L 66 -41.58 -22.35 8.26
N GLU L 67 -40.31 -22.26 7.86
CA GLU L 67 -39.24 -22.81 8.69
C GLU L 67 -39.12 -22.07 10.02
N LYS L 68 -39.32 -20.76 10.01
CA LYS L 68 -39.27 -20.03 11.26
C LYS L 68 -40.42 -20.44 12.19
N LEU L 69 -41.57 -20.79 11.63
CA LEU L 69 -42.64 -21.29 12.50
C LEU L 69 -42.30 -22.67 13.09
N MET L 70 -41.57 -23.50 12.33
CA MET L 70 -41.20 -24.82 12.81
C MET L 70 -40.20 -24.72 13.95
N LYS L 71 -39.24 -23.81 13.81
CA LYS L 71 -38.34 -23.46 14.92
C LYS L 71 -39.11 -23.00 16.14
N LEU L 72 -40.05 -22.08 15.95
CA LEU L 72 -40.88 -21.61 17.05
C LEU L 72 -41.56 -22.76 17.76
N GLN L 73 -42.17 -23.66 16.97
CA GLN L 73 -42.90 -24.79 17.55
C GLN L 73 -41.99 -25.58 18.48
N ASN L 74 -40.76 -25.86 18.02
CA ASN L 74 -39.80 -26.60 18.84
C ASN L 74 -39.30 -25.77 20.02
N GLN L 75 -39.12 -24.46 19.85
CA GLN L 75 -38.65 -23.64 20.96
C GLN L 75 -39.61 -23.68 22.15
N ARG L 76 -40.91 -23.70 21.88
CA ARG L 76 -41.92 -23.67 22.92
C ARG L 76 -42.27 -25.05 23.44
N GLY L 77 -41.68 -26.10 22.85
CA GLY L 77 -41.95 -27.46 23.25
C GLY L 77 -43.16 -28.08 22.59
N GLY L 78 -43.77 -27.39 21.63
CA GLY L 78 -44.78 -28.00 20.79
C GLY L 78 -44.18 -29.06 19.87
N ARG L 79 -45.06 -29.76 19.17
CA ARG L 79 -44.65 -30.86 18.30
C ARG L 79 -45.17 -30.61 16.90
N ILE L 80 -44.25 -30.66 15.93
CA ILE L 80 -44.61 -30.41 14.55
C ILE L 80 -45.36 -31.61 13.98
N PHE L 81 -46.51 -31.37 13.37
CA PHE L 81 -47.15 -32.38 12.53
C PHE L 81 -47.38 -31.76 11.17
N LEU L 82 -46.69 -32.26 10.15
CA LEU L 82 -46.84 -31.77 8.79
C LEU L 82 -48.03 -32.46 8.10
N GLN L 83 -48.64 -31.77 7.15
CA GLN L 83 -49.74 -32.31 6.37
C GLN L 83 -49.38 -32.18 4.89
N ASP L 84 -50.14 -32.88 4.04
CA ASP L 84 -49.97 -32.73 2.59
C ASP L 84 -49.94 -31.25 2.21
N ILE L 85 -49.17 -30.91 1.20
CA ILE L 85 -49.18 -29.56 0.66
C ILE L 85 -50.05 -29.60 -0.59
N GLN L 86 -51.21 -28.96 -0.51
CA GLN L 86 -52.14 -28.94 -1.62
C GLN L 86 -51.57 -28.16 -2.81
N LYS L 87 -51.76 -28.71 -4.02
CA LYS L 87 -51.32 -28.00 -5.21
C LYS L 87 -52.09 -26.69 -5.37
N PRO L 88 -51.51 -25.72 -6.09
CA PRO L 88 -52.21 -24.44 -6.27
C PRO L 88 -53.48 -24.61 -7.09
N ASP L 89 -54.33 -23.60 -6.99
CA ASP L 89 -55.63 -23.61 -7.59
C ASP L 89 -55.62 -23.48 -9.11
N GLU L 90 -54.53 -22.98 -9.72
CA GLU L 90 -54.42 -22.92 -11.17
C GLU L 90 -53.11 -23.56 -11.62
N ASP L 91 -53.08 -24.00 -12.87
CA ASP L 91 -51.83 -24.37 -13.54
C ASP L 91 -51.33 -23.29 -14.49
N ASP L 92 -52.24 -22.46 -14.98
CA ASP L 92 -52.00 -21.43 -15.96
C ASP L 92 -52.45 -20.14 -15.31
N TRP L 93 -51.54 -19.17 -15.19
CA TRP L 93 -51.84 -18.01 -14.36
C TRP L 93 -52.27 -16.81 -15.21
N GLU L 94 -52.33 -16.98 -16.54
CA GLU L 94 -53.04 -16.12 -17.49
C GLU L 94 -52.27 -14.88 -17.92
N SER L 95 -51.75 -14.13 -16.97
CA SER L 95 -51.12 -12.86 -17.27
C SER L 95 -50.39 -12.35 -16.04
N GLY L 96 -49.51 -11.37 -16.27
CA GLY L 96 -48.81 -10.76 -15.16
C GLY L 96 -49.77 -10.09 -14.21
N LEU L 97 -50.80 -9.44 -14.76
CA LEU L 97 -51.76 -8.80 -13.88
C LEU L 97 -52.57 -9.85 -13.11
N ASN L 98 -52.96 -10.95 -13.77
CA ASN L 98 -53.78 -11.94 -13.08
C ASN L 98 -53.02 -12.58 -11.93
N ALA L 99 -51.72 -12.88 -12.15
CA ALA L 99 -50.91 -13.48 -11.09
C ALA L 99 -50.77 -12.51 -9.91
N MET L 100 -50.57 -11.23 -10.19
CA MET L 100 -50.41 -10.26 -9.12
C MET L 100 -51.70 -10.14 -8.31
N GLU L 101 -52.84 -10.19 -8.99
CA GLU L 101 -54.12 -10.18 -8.28
C GLU L 101 -54.30 -11.43 -7.44
N ALA L 102 -53.94 -12.58 -7.99
CA ALA L 102 -54.02 -13.82 -7.23
C ALA L 102 -53.08 -13.77 -6.03
N ALA L 103 -51.88 -13.21 -6.22
CA ALA L 103 -50.96 -13.08 -5.09
C ALA L 103 -51.53 -12.15 -4.02
N LEU L 104 -52.11 -11.02 -4.42
CA LEU L 104 -52.73 -10.10 -3.45
C LEU L 104 -53.80 -10.83 -2.63
N HIS L 105 -54.63 -11.63 -3.29
CA HIS L 105 -55.65 -12.42 -2.60
C HIS L 105 -55.01 -13.39 -1.63
N LEU L 106 -53.97 -14.10 -2.09
CA LEU L 106 -53.26 -15.04 -1.24
C LEU L 106 -52.70 -14.35 0.01
N GLU L 107 -52.00 -13.24 -0.17
CA GLU L 107 -51.36 -12.62 0.98
C GLU L 107 -52.40 -12.13 1.99
N LYS L 108 -53.56 -11.67 1.50
CA LYS L 108 -54.62 -11.24 2.41
C LYS L 108 -55.22 -12.43 3.16
N ASN L 109 -55.34 -13.59 2.49
CA ASN L 109 -55.74 -14.80 3.21
C ASN L 109 -54.71 -15.21 4.25
N VAL L 110 -53.42 -15.15 3.92
CA VAL L 110 -52.41 -15.53 4.92
C VAL L 110 -52.41 -14.51 6.05
N ASN L 111 -52.60 -13.22 5.75
CA ASN L 111 -52.69 -12.20 6.79
C ASN L 111 -53.83 -12.50 7.78
N GLN L 112 -55.01 -12.85 7.26
CA GLN L 112 -56.16 -13.16 8.12
C GLN L 112 -55.83 -14.30 9.07
N SER L 113 -55.22 -15.38 8.55
CA SER L 113 -54.84 -16.49 9.40
C SER L 113 -53.88 -16.06 10.52
N LEU L 114 -52.91 -15.18 10.17
CA LEU L 114 -51.98 -14.64 11.15
C LEU L 114 -52.70 -13.79 12.19
N LEU L 115 -53.68 -12.98 11.77
CA LEU L 115 -54.41 -12.17 12.74
C LEU L 115 -55.22 -13.04 13.69
N GLU L 116 -55.77 -14.15 13.16
CA GLU L 116 -56.45 -15.12 14.01
C GLU L 116 -55.47 -15.80 14.95
N LEU L 117 -54.27 -16.11 14.46
CA LEU L 117 -53.27 -16.68 15.35
C LEU L 117 -52.91 -15.70 16.45
N HIS L 118 -52.76 -14.43 16.09
CA HIS L 118 -52.40 -13.45 17.12
C HIS L 118 -53.52 -13.29 18.14
N LYS L 119 -54.77 -13.28 17.68
CA LYS L 119 -55.90 -13.20 18.61
C LYS L 119 -55.90 -14.41 19.54
N LEU L 120 -55.70 -15.60 18.99
CA LEU L 120 -55.55 -16.79 19.82
C LEU L 120 -54.46 -16.60 20.87
N ALA L 121 -53.29 -16.13 20.46
CA ALA L 121 -52.22 -15.96 21.45
C ALA L 121 -52.64 -14.99 22.53
N HIS L 122 -53.31 -13.90 22.15
CA HIS L 122 -53.73 -12.91 23.13
C HIS L 122 -54.79 -13.49 24.06
N ASP L 123 -55.74 -14.24 23.51
CA ASP L 123 -56.78 -14.85 24.33
C ASP L 123 -56.20 -15.84 25.32
N LYS L 124 -55.08 -16.49 25.01
CA LYS L 124 -54.47 -17.44 25.93
C LYS L 124 -53.39 -16.82 26.80
N ASN L 125 -53.29 -15.48 26.82
CA ASN L 125 -52.27 -14.79 27.59
C ASN L 125 -50.88 -15.39 27.33
N ASP L 126 -50.54 -15.49 26.05
CA ASP L 126 -49.25 -15.96 25.61
C ASP L 126 -48.56 -14.77 24.94
N PRO L 127 -48.00 -13.85 25.72
CA PRO L 127 -47.36 -12.68 25.09
C PRO L 127 -46.10 -13.02 24.31
N HIS L 128 -45.41 -14.13 24.61
CA HIS L 128 -44.27 -14.46 23.78
C HIS L 128 -44.71 -14.79 22.36
N LEU L 129 -45.80 -15.54 22.24
CA LEU L 129 -46.26 -15.91 20.90
C LEU L 129 -46.87 -14.71 20.19
N ALA L 130 -47.56 -13.85 20.94
CA ALA L 130 -48.12 -12.65 20.34
C ALA L 130 -47.00 -11.77 19.79
N ASP L 131 -45.92 -11.62 20.56
CA ASP L 131 -44.86 -10.73 20.11
C ASP L 131 -44.11 -11.33 18.93
N PHE L 132 -43.90 -12.65 18.95
CA PHE L 132 -43.29 -13.33 17.80
C PHE L 132 -44.08 -13.05 16.52
N ILE L 133 -45.41 -13.17 16.58
CA ILE L 133 -46.25 -12.95 15.40
C ILE L 133 -46.14 -11.49 14.94
N GLU L 134 -46.26 -10.55 15.87
CA GLU L 134 -46.12 -9.12 15.56
C GLU L 134 -44.78 -8.82 14.90
N THR L 135 -43.70 -9.32 15.50
CA THR L 135 -42.36 -8.90 15.14
C THR L 135 -41.93 -9.48 13.80
N HIS L 136 -42.27 -10.73 13.53
CA HIS L 136 -41.77 -11.42 12.35
C HIS L 136 -42.79 -11.57 11.22
N TYR L 137 -44.09 -11.31 11.46
CA TYR L 137 -45.04 -11.61 10.40
C TYR L 137 -45.97 -10.46 10.04
N LEU L 138 -46.49 -9.72 11.03
CA LEU L 138 -47.60 -8.83 10.75
C LEU L 138 -47.18 -7.66 9.85
N ASN L 139 -46.03 -7.02 10.13
CA ASN L 139 -45.64 -5.92 9.24
C ASN L 139 -45.12 -6.43 7.90
N GLU L 140 -44.52 -7.62 7.88
CA GLU L 140 -44.16 -8.25 6.61
C GLU L 140 -45.39 -8.43 5.72
N GLN L 141 -46.51 -8.92 6.28
CA GLN L 141 -47.75 -9.06 5.50
C GLN L 141 -48.24 -7.70 4.99
N VAL L 142 -48.25 -6.70 5.86
CA VAL L 142 -48.73 -5.37 5.44
C VAL L 142 -47.87 -4.84 4.27
N LYS L 143 -46.53 -4.93 4.37
CA LYS L 143 -45.67 -4.49 3.28
C LYS L 143 -45.93 -5.29 2.01
N ALA L 144 -46.07 -6.60 2.14
CA ALA L 144 -46.30 -7.43 0.96
C ALA L 144 -47.64 -7.09 0.32
N ILE L 145 -48.67 -6.89 1.14
CA ILE L 145 -49.98 -6.56 0.57
C ILE L 145 -49.94 -5.19 -0.10
N LYS L 146 -49.25 -4.24 0.52
CA LYS L 146 -49.13 -2.90 -0.05
C LYS L 146 -48.39 -2.92 -1.37
N GLU L 147 -47.30 -3.68 -1.44
CA GLU L 147 -46.51 -3.77 -2.67
C GLU L 147 -47.29 -4.42 -3.79
N LEU L 148 -48.05 -5.49 -3.49
CA LEU L 148 -48.86 -6.15 -4.50
C LEU L 148 -49.95 -5.22 -5.01
N GLY L 149 -50.57 -4.44 -4.11
CA GLY L 149 -51.54 -3.46 -4.55
C GLY L 149 -50.94 -2.42 -5.47
N ASP L 150 -49.77 -1.88 -5.09
CA ASP L 150 -49.01 -0.98 -5.96
C ASP L 150 -48.80 -1.60 -7.35
N HIS L 151 -48.33 -2.86 -7.38
CA HIS L 151 -48.06 -3.47 -8.67
C HIS L 151 -49.34 -3.63 -9.48
N VAL L 152 -50.42 -4.11 -8.84
CA VAL L 152 -51.71 -4.23 -9.54
C VAL L 152 -52.18 -2.88 -10.06
N THR L 153 -52.07 -1.84 -9.24
CA THR L 153 -52.48 -0.50 -9.68
C THR L 153 -51.70 -0.09 -10.92
N ASN L 154 -50.38 -0.27 -10.93
CA ASN L 154 -49.62 0.18 -12.07
C ASN L 154 -49.95 -0.63 -13.32
N LEU L 155 -50.02 -1.96 -13.19
CA LEU L 155 -50.33 -2.76 -14.38
C LEU L 155 -51.66 -2.33 -15.01
N ARG L 156 -52.68 -2.09 -14.19
CA ARG L 156 -53.98 -1.68 -14.71
C ARG L 156 -53.87 -0.33 -15.40
N LYS L 157 -53.23 0.63 -14.74
CA LYS L 157 -53.11 1.95 -15.33
C LYS L 157 -52.32 1.88 -16.63
N MET L 158 -51.35 0.96 -16.72
CA MET L 158 -50.59 0.86 -17.97
C MET L 158 -51.38 0.20 -19.10
N GLY L 159 -52.54 -0.37 -18.81
CA GLY L 159 -53.36 -0.98 -19.84
C GLY L 159 -53.29 -2.49 -19.90
N ALA L 160 -52.60 -3.13 -18.96
CA ALA L 160 -52.72 -4.57 -18.81
C ALA L 160 -54.16 -4.94 -18.44
N PRO L 161 -54.59 -6.19 -18.74
CA PRO L 161 -53.83 -7.25 -19.42
C PRO L 161 -54.00 -7.26 -20.94
N GLU L 162 -54.76 -6.34 -21.52
CA GLU L 162 -54.92 -6.31 -22.96
C GLU L 162 -53.61 -5.94 -23.63
N SER L 163 -53.08 -4.77 -23.27
CA SER L 163 -51.83 -4.28 -23.83
C SER L 163 -50.69 -5.18 -23.35
N GLY L 164 -50.18 -6.03 -24.28
CA GLY L 164 -49.00 -6.82 -23.96
C GLY L 164 -47.75 -6.00 -23.82
N LEU L 165 -47.74 -4.81 -24.47
CA LEU L 165 -46.72 -3.79 -24.21
C LEU L 165 -46.66 -3.42 -22.73
N ALA L 166 -47.80 -3.35 -22.05
CA ALA L 166 -47.80 -2.94 -20.65
C ALA L 166 -47.05 -3.94 -19.77
N GLU L 167 -47.29 -5.24 -19.94
CA GLU L 167 -46.63 -6.21 -19.05
C GLU L 167 -45.14 -6.31 -19.34
N TYR L 168 -44.76 -6.24 -20.62
CA TYR L 168 -43.35 -6.20 -21.00
C TYR L 168 -42.62 -5.03 -20.32
N LEU L 169 -43.18 -3.81 -20.42
CA LEU L 169 -42.52 -2.65 -19.84
C LEU L 169 -42.53 -2.70 -18.31
N PHE L 170 -43.60 -3.25 -17.71
CA PHE L 170 -43.64 -3.36 -16.25
C PHE L 170 -42.61 -4.37 -15.77
N ASP L 171 -42.51 -5.49 -16.46
CA ASP L 171 -41.47 -6.47 -16.18
C ASP L 171 -40.07 -5.84 -16.24
N LYS L 172 -39.83 -4.94 -17.20
CA LYS L 172 -38.50 -4.36 -17.36
C LYS L 172 -38.25 -3.28 -16.31
N HIS L 173 -39.17 -2.34 -16.17
CA HIS L 173 -38.92 -1.09 -15.45
C HIS L 173 -39.30 -1.15 -13.99
N THR L 174 -40.26 -1.99 -13.61
CA THR L 174 -40.57 -2.14 -12.19
C THR L 174 -39.93 -3.37 -11.59
N LEU L 175 -40.10 -4.53 -12.23
CA LEU L 175 -39.62 -5.77 -11.63
C LEU L 175 -38.16 -6.06 -11.97
N GLY L 176 -37.60 -5.40 -12.96
CA GLY L 176 -36.19 -5.56 -13.28
C GLY L 176 -35.26 -4.71 -12.46
N ASP L 177 -35.81 -3.83 -11.62
CA ASP L 177 -35.08 -3.05 -10.60
C ASP L 177 -33.77 -2.42 -11.07
N SER M 4 28.43 -53.96 -23.46
CA SER M 4 29.30 -52.85 -23.11
C SER M 4 29.05 -52.41 -21.67
N THR M 5 30.09 -51.89 -21.03
CA THR M 5 29.91 -51.29 -19.73
C THR M 5 29.57 -49.82 -19.93
N SER M 6 28.78 -49.27 -19.01
CA SER M 6 28.39 -47.89 -19.14
C SER M 6 29.61 -46.98 -18.99
N GLN M 7 29.66 -45.91 -19.80
CA GLN M 7 30.70 -44.88 -19.68
C GLN M 7 30.73 -44.21 -18.31
N VAL M 8 29.65 -44.27 -17.51
CA VAL M 8 29.68 -43.67 -16.18
C VAL M 8 30.01 -44.68 -15.08
N ARG M 9 29.88 -45.98 -15.34
CA ARG M 9 29.99 -46.96 -14.27
C ARG M 9 31.38 -46.94 -13.64
N GLN M 10 31.41 -46.96 -12.31
CA GLN M 10 32.66 -46.92 -11.57
C GLN M 10 32.37 -47.39 -10.16
N ASN M 11 33.13 -48.38 -9.70
CA ASN M 11 32.96 -48.94 -8.35
C ASN M 11 31.55 -49.46 -8.11
N TYR M 12 30.87 -49.93 -9.13
CA TYR M 12 29.47 -50.38 -9.00
C TYR M 12 29.40 -51.86 -9.32
N HIS M 13 29.33 -52.68 -8.29
CA HIS M 13 29.30 -54.12 -8.43
C HIS M 13 28.00 -54.62 -9.06
N GLN M 14 28.10 -55.68 -9.87
CA GLN M 14 26.88 -56.25 -10.47
C GLN M 14 25.94 -56.81 -9.42
N ASP M 15 26.46 -57.26 -8.27
CA ASP M 15 25.57 -57.66 -7.18
C ASP M 15 24.79 -56.46 -6.65
N SER M 16 25.45 -55.33 -6.48
CA SER M 16 24.73 -54.14 -6.04
C SER M 16 23.65 -53.79 -7.02
N GLU M 17 24.00 -53.82 -8.32
CA GLU M 17 23.07 -53.52 -9.39
C GLU M 17 21.84 -54.41 -9.28
N ALA M 18 22.04 -55.71 -9.09
CA ALA M 18 20.92 -56.64 -9.02
C ALA M 18 20.10 -56.41 -7.75
N ALA M 19 20.78 -56.15 -6.64
CA ALA M 19 20.05 -55.86 -5.41
C ALA M 19 19.19 -54.62 -5.57
N ILE M 20 19.67 -53.61 -6.32
CA ILE M 20 18.88 -52.40 -6.50
C ILE M 20 17.62 -52.72 -7.32
N ASN M 21 17.73 -53.57 -8.35
CA ASN M 21 16.53 -53.95 -9.10
C ASN M 21 15.52 -54.66 -8.22
N ARG M 22 16.00 -55.49 -7.29
CA ARG M 22 15.11 -56.19 -6.38
C ARG M 22 14.42 -55.21 -5.44
N GLN M 23 15.17 -54.22 -4.94
CA GLN M 23 14.58 -53.24 -4.05
C GLN M 23 13.54 -52.40 -4.78
N ILE M 24 13.78 -52.06 -6.05
CA ILE M 24 12.79 -51.34 -6.85
C ILE M 24 11.47 -52.12 -6.88
N ASN M 25 11.54 -53.42 -7.22
CA ASN M 25 10.32 -54.22 -7.21
C ASN M 25 9.67 -54.24 -5.83
N LEU M 26 10.46 -54.36 -4.76
CA LEU M 26 9.89 -54.42 -3.42
C LEU M 26 9.21 -53.09 -3.04
N GLU M 27 9.78 -51.95 -3.44
CA GLU M 27 9.10 -50.68 -3.14
C GLU M 27 7.78 -50.55 -3.89
N LEU M 28 7.79 -50.91 -5.17
CA LEU M 28 6.56 -50.91 -5.95
C LEU M 28 5.52 -51.85 -5.36
N TYR M 29 5.95 -52.97 -4.78
CA TYR M 29 5.03 -53.87 -4.10
C TYR M 29 4.44 -53.24 -2.85
N ALA M 30 5.26 -52.62 -2.01
CA ALA M 30 4.72 -51.91 -0.85
C ALA M 30 3.71 -50.83 -1.27
N SER M 31 4.00 -50.15 -2.38
CA SER M 31 3.08 -49.13 -2.86
C SER M 31 1.73 -49.75 -3.19
N TYR M 32 1.77 -50.93 -3.83
CA TYR M 32 0.55 -51.64 -4.20
C TYR M 32 -0.22 -52.09 -2.96
N VAL M 33 0.50 -52.60 -1.96
CA VAL M 33 -0.13 -52.98 -0.69
C VAL M 33 -0.89 -51.82 -0.08
N TYR M 34 -0.22 -50.67 0.04
CA TYR M 34 -0.87 -49.50 0.66
C TYR M 34 -2.04 -49.00 -0.17
N LEU M 35 -1.91 -49.07 -1.50
CA LEU M 35 -3.04 -48.73 -2.35
C LEU M 35 -4.25 -49.63 -2.04
N SER M 36 -4.03 -50.94 -1.88
CA SER M 36 -5.13 -51.84 -1.54
C SER M 36 -5.74 -51.48 -0.19
N MET M 37 -4.88 -51.25 0.80
CA MET M 37 -5.38 -50.86 2.11
C MET M 37 -6.25 -49.61 2.02
N SER M 38 -5.80 -48.60 1.27
CA SER M 38 -6.51 -47.33 1.28
C SER M 38 -7.93 -47.50 0.77
N TYR M 39 -8.08 -48.16 -0.38
CA TYR M 39 -9.41 -48.30 -0.93
C TYR M 39 -10.23 -49.36 -0.21
N TYR M 40 -9.62 -50.17 0.66
CA TYR M 40 -10.44 -50.94 1.58
C TYR M 40 -11.19 -50.02 2.56
N PHE M 41 -10.52 -48.96 3.08
CA PHE M 41 -11.19 -48.09 4.05
C PHE M 41 -12.15 -47.12 3.40
N ASP M 42 -12.09 -47.03 2.07
CA ASP M 42 -13.04 -46.26 1.29
C ASP M 42 -14.34 -47.01 1.03
N ARG M 43 -14.44 -48.29 1.39
CA ARG M 43 -15.67 -49.06 1.15
C ARG M 43 -16.82 -48.54 1.99
N ASP M 44 -18.05 -48.62 1.43
CA ASP M 44 -19.19 -48.07 2.14
C ASP M 44 -19.45 -48.82 3.43
N ASP M 45 -18.97 -50.06 3.55
CA ASP M 45 -19.15 -50.85 4.76
C ASP M 45 -17.95 -50.76 5.68
N VAL M 46 -17.03 -49.83 5.41
CA VAL M 46 -15.85 -49.66 6.25
C VAL M 46 -15.77 -48.18 6.62
N ALA M 47 -15.61 -47.33 5.61
CA ALA M 47 -15.94 -45.91 5.68
C ALA M 47 -15.14 -45.15 6.75
N LEU M 48 -13.84 -45.33 6.70
CA LEU M 48 -12.90 -44.64 7.61
C LEU M 48 -11.99 -43.80 6.71
N LYS M 49 -12.40 -42.56 6.43
CA LYS M 49 -11.76 -41.76 5.38
C LYS M 49 -10.33 -41.39 5.73
N ASN M 50 -10.01 -41.23 7.00
CA ASN M 50 -8.64 -40.81 7.31
C ASN M 50 -7.67 -41.99 7.30
N PHE M 51 -8.14 -43.20 7.66
CA PHE M 51 -7.38 -44.41 7.35
C PHE M 51 -7.16 -44.50 5.85
N ALA M 52 -8.21 -44.27 5.07
CA ALA M 52 -8.06 -44.34 3.62
C ALA M 52 -7.01 -43.34 3.15
N LYS M 53 -7.12 -42.10 3.62
CA LYS M 53 -6.16 -41.09 3.20
C LYS M 53 -4.74 -41.41 3.70
N TYR M 54 -4.63 -41.92 4.93
CA TYR M 54 -3.31 -42.24 5.46
C TYR M 54 -2.61 -43.31 4.59
N PHE M 55 -3.32 -44.36 4.20
CA PHE M 55 -2.65 -45.40 3.43
C PHE M 55 -2.38 -44.97 1.98
N LEU M 56 -3.25 -44.13 1.40
CA LEU M 56 -2.98 -43.62 0.06
C LEU M 56 -1.70 -42.78 0.05
N HIS M 57 -1.51 -41.95 1.09
CA HIS M 57 -0.27 -41.21 1.21
C HIS M 57 0.94 -42.14 1.29
N GLN M 58 0.89 -43.20 2.10
CA GLN M 58 2.04 -44.11 2.13
C GLN M 58 2.25 -44.76 0.76
N SER M 59 1.16 -45.07 0.05
CA SER M 59 1.28 -45.67 -1.28
C SER M 59 2.06 -44.75 -2.23
N HIS M 60 1.70 -43.46 -2.27
CA HIS M 60 2.45 -42.55 -3.15
C HIS M 60 3.89 -42.38 -2.69
N GLU M 61 4.14 -42.35 -1.38
CA GLU M 61 5.50 -42.27 -0.89
C GLU M 61 6.35 -43.46 -1.36
N GLU M 62 5.78 -44.66 -1.33
CA GLU M 62 6.54 -45.84 -1.75
C GLU M 62 6.86 -45.77 -3.22
N ARG M 63 5.95 -45.23 -4.02
CA ARG M 63 6.23 -45.08 -5.45
C ARG M 63 7.42 -44.15 -5.66
N GLU M 64 7.48 -43.07 -4.87
CA GLU M 64 8.63 -42.17 -4.87
C GLU M 64 9.91 -42.88 -4.43
N HIS M 65 9.85 -43.71 -3.38
CA HIS M 65 11.02 -44.53 -3.03
C HIS M 65 11.50 -45.36 -4.23
N ALA M 66 10.57 -45.94 -4.98
CA ALA M 66 10.95 -46.79 -6.10
C ALA M 66 11.61 -45.97 -7.20
N GLU M 67 11.10 -44.76 -7.44
CA GLU M 67 11.62 -43.98 -8.55
C GLU M 67 13.01 -43.44 -8.24
N LYS M 68 13.26 -43.14 -6.96
CA LYS M 68 14.59 -42.70 -6.57
C LYS M 68 15.62 -43.82 -6.71
N LEU M 69 15.21 -45.07 -6.51
CA LEU M 69 16.14 -46.17 -6.76
C LEU M 69 16.36 -46.38 -8.25
N MET M 70 15.34 -46.12 -9.06
CA MET M 70 15.53 -46.21 -10.50
C MET M 70 16.47 -45.12 -10.98
N LYS M 71 16.29 -43.91 -10.44
CA LYS M 71 17.23 -42.80 -10.69
C LYS M 71 18.64 -43.19 -10.34
N LEU M 72 18.83 -43.72 -9.12
CA LEU M 72 20.14 -44.18 -8.65
C LEU M 72 20.73 -45.20 -9.61
N GLN M 73 19.93 -46.19 -10.03
CA GLN M 73 20.45 -47.23 -10.92
C GLN M 73 21.06 -46.60 -12.16
N ASN M 74 20.37 -45.63 -12.76
CA ASN M 74 20.89 -44.98 -13.95
C ASN M 74 22.09 -44.11 -13.62
N GLN M 75 22.08 -43.43 -12.47
CA GLN M 75 23.22 -42.58 -12.13
C GLN M 75 24.51 -43.39 -12.05
N ARG M 76 24.43 -44.58 -11.48
CA ARG M 76 25.62 -45.42 -11.36
C ARG M 76 25.90 -46.24 -12.62
N GLY M 77 25.02 -46.16 -13.62
CA GLY M 77 25.26 -46.87 -14.86
C GLY M 77 24.83 -48.33 -14.85
N GLY M 78 24.08 -48.75 -13.83
CA GLY M 78 23.40 -50.02 -13.90
C GLY M 78 22.20 -49.97 -14.82
N ARG M 79 21.57 -51.12 -15.02
CA ARG M 79 20.46 -51.17 -15.94
C ARG M 79 19.22 -51.71 -15.23
N ILE M 80 18.13 -50.97 -15.39
CA ILE M 80 16.85 -51.28 -14.77
C ILE M 80 16.21 -52.47 -15.47
N PHE M 81 15.81 -53.48 -14.69
CA PHE M 81 14.99 -54.57 -15.16
C PHE M 81 13.82 -54.69 -14.20
N LEU M 82 12.64 -54.38 -14.69
CA LEU M 82 11.42 -54.43 -13.90
C LEU M 82 10.83 -55.83 -13.95
N GLN M 83 10.10 -56.20 -12.90
CA GLN M 83 9.44 -57.50 -12.86
C GLN M 83 7.97 -57.27 -12.54
N ASP M 84 7.15 -58.32 -12.72
CA ASP M 84 5.76 -58.27 -12.28
C ASP M 84 5.68 -57.70 -10.87
N ILE M 85 4.65 -56.88 -10.63
CA ILE M 85 4.35 -56.45 -9.27
C ILE M 85 3.27 -57.37 -8.70
N GLN M 86 3.65 -58.14 -7.70
CA GLN M 86 2.76 -59.15 -7.14
C GLN M 86 1.61 -58.47 -6.39
N LYS M 87 0.41 -59.03 -6.52
CA LYS M 87 -0.74 -58.43 -5.83
C LYS M 87 -0.56 -58.59 -4.33
N PRO M 88 -1.22 -57.76 -3.52
CA PRO M 88 -1.09 -57.88 -2.07
C PRO M 88 -1.69 -59.18 -1.55
N ASP M 89 -1.25 -59.54 -0.34
CA ASP M 89 -1.59 -60.81 0.28
C ASP M 89 -3.08 -60.95 0.61
N GLU M 90 -3.77 -59.83 0.86
CA GLU M 90 -5.20 -59.82 1.15
C GLU M 90 -5.92 -58.87 0.21
N ASP M 91 -7.22 -59.08 0.09
CA ASP M 91 -8.11 -58.14 -0.55
C ASP M 91 -8.95 -57.40 0.45
N ASP M 92 -9.16 -58.00 1.62
CA ASP M 92 -9.97 -57.46 2.70
C ASP M 92 -9.05 -57.31 3.88
N TRP M 93 -8.93 -56.09 4.41
CA TRP M 93 -7.92 -55.86 5.42
C TRP M 93 -8.48 -55.84 6.83
N GLU M 94 -9.78 -56.16 6.99
CA GLU M 94 -10.41 -56.51 8.25
C GLU M 94 -10.72 -55.34 9.15
N SER M 95 -9.76 -54.45 9.39
CA SER M 95 -9.97 -53.38 10.36
C SER M 95 -8.81 -52.40 10.36
N GLY M 96 -9.08 -51.21 10.89
CA GLY M 96 -8.02 -50.24 11.07
C GLY M 96 -6.81 -50.84 11.78
N LEU M 97 -7.04 -51.52 12.90
CA LEU M 97 -5.89 -52.06 13.63
C LEU M 97 -5.17 -53.15 12.82
N ASN M 98 -5.93 -54.02 12.15
CA ASN M 98 -5.30 -55.09 11.37
C ASN M 98 -4.42 -54.51 10.26
N ALA M 99 -4.92 -53.49 9.55
CA ALA M 99 -4.13 -52.87 8.49
C ALA M 99 -2.86 -52.25 9.05
N MET M 100 -2.97 -51.62 10.22
CA MET M 100 -1.78 -51.04 10.84
C MET M 100 -0.76 -52.12 11.17
N GLU M 101 -1.20 -53.25 11.73
CA GLU M 101 -0.24 -54.32 12.04
C GLU M 101 0.37 -54.89 10.77
N ALA M 102 -0.45 -55.08 9.74
CA ALA M 102 0.07 -55.50 8.45
C ALA M 102 1.10 -54.52 7.90
N ALA M 103 0.81 -53.21 7.99
CA ALA M 103 1.77 -52.21 7.52
C ALA M 103 3.07 -52.28 8.30
N LEU M 104 2.96 -52.42 9.62
CA LEU M 104 4.14 -52.52 10.47
C LEU M 104 4.99 -53.72 10.07
N HIS M 105 4.35 -54.87 9.86
CA HIS M 105 5.06 -56.05 9.37
C HIS M 105 5.73 -55.77 8.03
N LEU M 106 5.01 -55.16 7.09
CA LEU M 106 5.60 -54.87 5.78
C LEU M 106 6.81 -53.95 5.91
N GLU M 107 6.67 -52.86 6.68
CA GLU M 107 7.76 -51.89 6.77
C GLU M 107 9.01 -52.51 7.39
N LYS M 108 8.85 -53.43 8.34
CA LYS M 108 10.04 -54.12 8.88
C LYS M 108 10.65 -55.07 7.86
N ASN M 109 9.82 -55.71 7.03
CA ASN M 109 10.36 -56.50 5.93
C ASN M 109 11.13 -55.63 4.94
N VAL M 110 10.56 -54.49 4.57
CA VAL M 110 11.27 -53.59 3.67
C VAL M 110 12.56 -53.09 4.31
N ASN M 111 12.49 -52.76 5.59
CA ASN M 111 13.69 -52.38 6.34
C ASN M 111 14.76 -53.48 6.31
N GLN M 112 14.35 -54.74 6.48
CA GLN M 112 15.36 -55.81 6.49
C GLN M 112 16.09 -55.85 5.15
N SER M 113 15.34 -55.71 4.06
CA SER M 113 15.92 -55.76 2.74
C SER M 113 16.88 -54.60 2.50
N LEU M 114 16.58 -53.44 3.09
CA LEU M 114 17.45 -52.27 2.95
C LEU M 114 18.72 -52.44 3.77
N LEU M 115 18.61 -53.01 4.97
CA LEU M 115 19.79 -53.30 5.78
C LEU M 115 20.73 -54.27 5.06
N GLU M 116 20.17 -55.29 4.42
CA GLU M 116 21.01 -56.22 3.67
C GLU M 116 21.56 -55.55 2.42
N LEU M 117 20.80 -54.61 1.83
CA LEU M 117 21.35 -53.85 0.73
C LEU M 117 22.52 -53.03 1.21
N HIS M 118 22.41 -52.43 2.40
CA HIS M 118 23.51 -51.66 2.95
C HIS M 118 24.72 -52.55 3.23
N LYS M 119 24.48 -53.72 3.83
CA LYS M 119 25.56 -54.64 4.12
C LYS M 119 26.30 -55.04 2.84
N LEU M 120 25.55 -55.33 1.78
CA LEU M 120 26.15 -55.55 0.47
C LEU M 120 27.02 -54.37 0.05
N ALA M 121 26.51 -53.14 0.17
CA ALA M 121 27.28 -52.00 -0.29
C ALA M 121 28.58 -51.87 0.50
N HIS M 122 28.50 -52.07 1.81
CA HIS M 122 29.72 -52.06 2.61
C HIS M 122 30.65 -53.20 2.21
N ASP M 123 30.10 -54.39 1.88
CA ASP M 123 30.97 -55.53 1.54
C ASP M 123 31.72 -55.25 0.23
N LYS M 124 31.07 -54.56 -0.69
CA LYS M 124 31.71 -54.28 -1.96
C LYS M 124 32.43 -52.94 -1.97
N ASN M 125 32.67 -52.37 -0.79
CA ASN M 125 33.36 -51.08 -0.65
C ASN M 125 32.79 -50.04 -1.61
N ASP M 126 31.47 -49.83 -1.49
CA ASP M 126 30.72 -48.87 -2.30
C ASP M 126 30.15 -47.82 -1.35
N PRO M 127 30.96 -46.85 -0.94
CA PRO M 127 30.49 -45.87 0.04
C PRO M 127 29.41 -44.94 -0.51
N HIS M 128 29.42 -44.65 -1.82
CA HIS M 128 28.34 -43.86 -2.39
C HIS M 128 27.01 -44.56 -2.23
N LEU M 129 26.99 -45.87 -2.52
CA LEU M 129 25.75 -46.62 -2.35
C LEU M 129 25.35 -46.71 -0.88
N ALA M 130 26.34 -46.99 -0.02
CA ALA M 130 26.07 -47.08 1.41
C ALA M 130 25.47 -45.77 1.94
N ASP M 131 26.07 -44.63 1.54
CA ASP M 131 25.56 -43.35 2.01
C ASP M 131 24.19 -43.04 1.41
N PHE M 132 23.96 -43.43 0.15
CA PHE M 132 22.65 -43.23 -0.45
C PHE M 132 21.57 -43.93 0.36
N ILE M 133 21.82 -45.17 0.77
CA ILE M 133 20.84 -45.91 1.57
C ILE M 133 20.65 -45.23 2.92
N GLU M 134 21.76 -44.96 3.63
CA GLU M 134 21.64 -44.33 4.94
C GLU M 134 20.84 -43.03 4.86
N THR M 135 21.15 -42.21 3.85
CA THR M 135 20.62 -40.87 3.75
C THR M 135 19.14 -40.86 3.39
N HIS M 136 18.74 -41.70 2.45
CA HIS M 136 17.41 -41.57 1.86
C HIS M 136 16.43 -42.63 2.36
N TYR M 137 16.88 -43.69 3.01
CA TYR M 137 15.99 -44.80 3.32
C TYR M 137 16.00 -45.21 4.80
N LEU M 138 17.17 -45.23 5.45
CA LEU M 138 17.25 -45.92 6.74
C LEU M 138 16.47 -45.18 7.83
N ASN M 139 16.70 -43.87 8.01
CA ASN M 139 15.92 -43.21 9.05
C ASN M 139 14.44 -43.09 8.66
N GLU M 140 14.14 -43.00 7.36
CA GLU M 140 12.74 -43.02 6.94
C GLU M 140 12.06 -44.32 7.38
N GLN M 141 12.73 -45.47 7.24
CA GLN M 141 12.12 -46.72 7.69
C GLN M 141 11.95 -46.73 9.21
N VAL M 142 12.96 -46.24 9.95
CA VAL M 142 12.86 -46.20 11.40
C VAL M 142 11.71 -45.31 11.83
N LYS M 143 11.55 -44.15 11.19
CA LYS M 143 10.44 -43.28 11.55
C LYS M 143 9.09 -43.94 11.24
N ALA M 144 8.98 -44.59 10.09
CA ALA M 144 7.72 -45.21 9.73
C ALA M 144 7.38 -46.35 10.70
N ILE M 145 8.38 -47.16 11.06
CA ILE M 145 8.14 -48.26 11.98
C ILE M 145 7.72 -47.72 13.35
N LYS M 146 8.39 -46.65 13.82
CA LYS M 146 8.02 -46.06 15.10
C LYS M 146 6.61 -45.48 15.05
N GLU M 147 6.26 -44.83 13.93
CA GLU M 147 4.90 -44.28 13.82
C GLU M 147 3.86 -45.40 13.78
N LEU M 148 4.11 -46.46 13.01
CA LEU M 148 3.12 -47.53 12.93
C LEU M 148 2.97 -48.23 14.28
N GLY M 149 4.09 -48.42 15.00
CA GLY M 149 4.01 -48.93 16.36
C GLY M 149 3.16 -48.05 17.27
N ASP M 150 3.43 -46.74 17.27
CA ASP M 150 2.59 -45.80 18.03
C ASP M 150 1.09 -45.99 17.71
N HIS M 151 0.76 -46.11 16.41
CA HIS M 151 -0.65 -46.24 16.04
C HIS M 151 -1.24 -47.55 16.55
N VAL M 152 -0.50 -48.64 16.39
CA VAL M 152 -0.97 -49.93 16.88
C VAL M 152 -1.22 -49.85 18.38
N THR M 153 -0.29 -49.25 19.12
CA THR M 153 -0.45 -49.19 20.57
C THR M 153 -1.72 -48.43 20.94
N ASN M 154 -1.92 -47.26 20.36
CA ASN M 154 -3.10 -46.48 20.71
C ASN M 154 -4.38 -47.18 20.32
N LEU M 155 -4.42 -47.83 19.14
CA LEU M 155 -5.64 -48.52 18.75
C LEU M 155 -5.97 -49.67 19.70
N ARG M 156 -4.94 -50.40 20.15
CA ARG M 156 -5.18 -51.48 21.10
C ARG M 156 -5.67 -50.94 22.43
N LYS M 157 -5.03 -49.87 22.91
CA LYS M 157 -5.38 -49.33 24.22
C LYS M 157 -6.78 -48.73 24.23
N MET M 158 -7.24 -48.19 23.09
CA MET M 158 -8.61 -47.67 23.01
C MET M 158 -9.64 -48.79 22.89
N GLY M 159 -9.21 -50.02 22.64
CA GLY M 159 -10.13 -51.14 22.60
C GLY M 159 -10.47 -51.67 21.24
N ALA M 160 -9.68 -51.37 20.22
CA ALA M 160 -9.84 -52.00 18.92
C ALA M 160 -9.26 -53.41 18.98
N PRO M 161 -9.70 -54.32 18.09
CA PRO M 161 -10.64 -54.11 16.98
C PRO M 161 -12.09 -54.25 17.41
N GLU M 162 -12.30 -54.76 18.63
CA GLU M 162 -13.66 -55.05 19.08
C GLU M 162 -14.53 -53.79 19.12
N SER M 163 -14.01 -52.71 19.72
CA SER M 163 -14.77 -51.47 19.89
C SER M 163 -14.70 -50.65 18.61
N GLY M 164 -15.84 -50.52 17.92
CA GLY M 164 -15.89 -49.77 16.68
C GLY M 164 -15.83 -48.26 16.89
N LEU M 165 -16.33 -47.80 18.05
CA LEU M 165 -16.05 -46.46 18.54
C LEU M 165 -14.57 -46.13 18.50
N ALA M 166 -13.71 -47.07 18.92
CA ALA M 166 -12.26 -46.81 18.96
C ALA M 166 -11.71 -46.41 17.60
N GLU M 167 -11.91 -47.25 16.58
CA GLU M 167 -11.40 -46.94 15.24
C GLU M 167 -12.00 -45.65 14.69
N TYR M 168 -13.28 -45.39 14.98
CA TYR M 168 -13.91 -44.15 14.54
C TYR M 168 -13.18 -42.95 15.12
N LEU M 169 -12.92 -42.97 16.42
CA LEU M 169 -12.33 -41.82 17.09
C LEU M 169 -10.85 -41.69 16.78
N PHE M 170 -10.16 -42.83 16.60
CA PHE M 170 -8.76 -42.77 16.17
C PHE M 170 -8.67 -42.17 14.78
N ASP M 171 -9.56 -42.60 13.88
CA ASP M 171 -9.62 -42.01 12.56
C ASP M 171 -9.77 -40.49 12.63
N LYS M 172 -10.65 -40.00 13.53
CA LYS M 172 -10.85 -38.56 13.65
C LYS M 172 -9.67 -37.87 14.32
N HIS M 173 -9.21 -38.41 15.44
CA HIS M 173 -8.36 -37.61 16.31
C HIS M 173 -6.88 -37.80 16.04
N THR M 174 -6.47 -38.96 15.50
CA THR M 174 -5.06 -39.16 15.20
C THR M 174 -4.79 -39.01 13.71
N LEU M 175 -5.55 -39.69 12.87
CA LEU M 175 -5.30 -39.67 11.44
C LEU M 175 -5.93 -38.47 10.75
N GLY M 176 -6.86 -37.79 11.40
CA GLY M 176 -7.51 -36.67 10.75
C GLY M 176 -6.99 -35.29 11.09
N ASP M 177 -6.01 -35.19 12.00
CA ASP M 177 -5.49 -33.90 12.46
C ASP M 177 -5.00 -33.03 11.29
N SER N 4 55.13 -31.03 17.39
CA SER N 4 54.03 -30.56 18.23
C SER N 4 52.70 -31.04 17.66
N THR N 5 51.86 -31.61 18.52
CA THR N 5 50.54 -32.04 18.10
C THR N 5 49.53 -30.96 18.42
N SER N 6 48.66 -30.70 17.46
CA SER N 6 47.59 -29.73 17.62
C SER N 6 46.71 -30.05 18.82
N GLN N 7 46.30 -29.01 19.55
CA GLN N 7 45.35 -29.16 20.65
C GLN N 7 43.99 -29.70 20.21
N VAL N 8 43.64 -29.60 18.92
CA VAL N 8 42.35 -30.10 18.48
C VAL N 8 42.44 -31.52 17.94
N ARG N 9 43.65 -32.01 17.61
CA ARG N 9 43.76 -33.25 16.85
C ARG N 9 43.24 -34.39 17.68
N GLN N 10 42.42 -35.24 17.06
CA GLN N 10 41.86 -36.40 17.74
C GLN N 10 41.42 -37.38 16.68
N ASN N 11 41.93 -38.62 16.73
CA ASN N 11 41.51 -39.70 15.84
C ASN N 11 41.80 -39.38 14.37
N TYR N 12 42.86 -38.62 14.12
CA TYR N 12 43.16 -38.12 12.79
C TYR N 12 44.54 -38.63 12.39
N HIS N 13 44.55 -39.64 11.53
CA HIS N 13 45.77 -40.38 11.25
C HIS N 13 46.63 -39.62 10.26
N GLN N 14 47.95 -39.74 10.42
CA GLN N 14 48.87 -39.03 9.52
C GLN N 14 48.67 -39.39 8.06
N ASP N 15 48.33 -40.65 7.75
CA ASP N 15 48.06 -40.97 6.35
C ASP N 15 46.83 -40.21 5.84
N SER N 16 45.81 -40.08 6.69
CA SER N 16 44.64 -39.31 6.32
C SER N 16 45.03 -37.87 6.04
N GLU N 17 45.83 -37.28 6.93
CA GLU N 17 46.30 -35.91 6.76
C GLU N 17 47.07 -35.77 5.45
N ALA N 18 47.90 -36.75 5.12
CA ALA N 18 48.66 -36.69 3.88
C ALA N 18 47.73 -36.85 2.68
N ALA N 19 46.73 -37.74 2.78
CA ALA N 19 45.83 -37.94 1.65
C ALA N 19 44.97 -36.71 1.39
N ILE N 20 44.57 -36.02 2.47
CA ILE N 20 43.85 -34.76 2.33
C ILE N 20 44.70 -33.74 1.57
N ASN N 21 45.99 -33.62 1.94
CA ASN N 21 46.88 -32.71 1.20
C ASN N 21 46.99 -33.08 -0.27
N ARG N 22 47.01 -34.39 -0.59
CA ARG N 22 47.04 -34.77 -2.01
C ARG N 22 45.72 -34.44 -2.71
N GLN N 23 44.59 -34.62 -2.04
CA GLN N 23 43.30 -34.30 -2.66
C GLN N 23 43.17 -32.81 -2.95
N ILE N 24 43.68 -31.97 -2.03
CA ILE N 24 43.67 -30.53 -2.24
C ILE N 24 44.35 -30.20 -3.55
N ASN N 25 45.57 -30.72 -3.75
CA ASN N 25 46.28 -30.48 -5.00
C ASN N 25 45.50 -30.98 -6.20
N LEU N 26 44.87 -32.15 -6.06
CA LEU N 26 44.08 -32.69 -7.18
C LEU N 26 42.87 -31.82 -7.50
N GLU N 27 42.18 -31.27 -6.49
CA GLU N 27 41.06 -30.39 -6.78
C GLU N 27 41.53 -29.12 -7.49
N LEU N 28 42.60 -28.51 -7.00
CA LEU N 28 43.18 -27.35 -7.68
C LEU N 28 43.57 -27.69 -9.11
N TYR N 29 44.12 -28.89 -9.32
CA TYR N 29 44.49 -29.31 -10.66
C TYR N 29 43.26 -29.37 -11.57
N ALA N 30 42.19 -29.99 -11.07
CA ALA N 30 40.97 -30.09 -11.87
C ALA N 30 40.42 -28.71 -12.18
N SER N 31 40.49 -27.80 -11.23
CA SER N 31 39.99 -26.46 -11.47
C SER N 31 40.80 -25.80 -12.57
N TYR N 32 42.11 -26.06 -12.59
CA TYR N 32 43.00 -25.55 -13.63
C TYR N 32 42.66 -26.14 -14.98
N VAL N 33 42.41 -27.46 -15.05
CA VAL N 33 42.01 -28.07 -16.33
C VAL N 33 40.75 -27.39 -16.86
N TYR N 34 39.77 -27.16 -15.98
CA TYR N 34 38.50 -26.59 -16.41
C TYR N 34 38.67 -25.14 -16.87
N LEU N 35 39.51 -24.39 -16.17
CA LEU N 35 39.82 -23.03 -16.63
C LEU N 35 40.39 -23.05 -18.03
N SER N 36 41.32 -23.96 -18.29
CA SER N 36 41.93 -24.04 -19.60
C SER N 36 40.87 -24.33 -20.67
N MET N 37 40.01 -25.31 -20.40
CA MET N 37 38.99 -25.67 -21.38
C MET N 37 38.07 -24.49 -21.64
N SER N 38 37.67 -23.80 -20.57
CA SER N 38 36.76 -22.66 -20.71
C SER N 38 37.31 -21.65 -21.71
N TYR N 39 38.56 -21.21 -21.52
CA TYR N 39 39.07 -20.17 -22.40
C TYR N 39 39.51 -20.72 -23.77
N TYR N 40 39.55 -22.04 -23.93
CA TYR N 40 39.61 -22.58 -25.29
C TYR N 40 38.33 -22.30 -26.04
N PHE N 41 37.18 -22.42 -25.38
CA PHE N 41 35.94 -22.17 -26.11
C PHE N 41 35.69 -20.67 -26.27
N ASP N 42 36.49 -19.83 -25.64
CA ASP N 42 36.40 -18.38 -25.78
C ASP N 42 37.21 -17.87 -26.97
N ARG N 43 38.03 -18.74 -27.60
CA ARG N 43 38.83 -18.36 -28.75
C ARG N 43 37.95 -17.94 -29.92
N ASP N 44 38.40 -16.95 -30.68
CA ASP N 44 37.60 -16.49 -31.81
C ASP N 44 37.42 -17.56 -32.88
N ASP N 45 38.27 -18.59 -32.91
CA ASP N 45 38.12 -19.66 -33.90
C ASP N 45 37.47 -20.90 -33.31
N VAL N 46 36.89 -20.79 -32.11
CA VAL N 46 36.03 -21.80 -31.52
C VAL N 46 34.67 -21.19 -31.21
N ALA N 47 34.64 -20.18 -30.34
CA ALA N 47 33.47 -19.29 -30.17
C ALA N 47 32.19 -20.05 -29.83
N LEU N 48 32.27 -20.88 -28.78
CA LEU N 48 31.10 -21.54 -28.20
C LEU N 48 30.95 -21.02 -26.77
N LYS N 49 30.17 -19.94 -26.60
CA LYS N 49 30.14 -19.23 -25.33
C LYS N 49 29.62 -20.09 -24.19
N ASN N 50 28.66 -20.97 -24.45
CA ASN N 50 28.08 -21.69 -23.33
C ASN N 50 28.94 -22.87 -22.90
N PHE N 51 29.67 -23.48 -23.83
CA PHE N 51 30.75 -24.38 -23.43
C PHE N 51 31.75 -23.62 -22.57
N ALA N 52 32.13 -22.40 -23.00
CA ALA N 52 33.02 -21.56 -22.20
C ALA N 52 32.48 -21.36 -20.78
N LYS N 53 31.20 -20.99 -20.66
CA LYS N 53 30.61 -20.72 -19.35
C LYS N 53 30.52 -22.00 -18.53
N TYR N 54 30.11 -23.11 -19.15
CA TYR N 54 29.97 -24.37 -18.43
C TYR N 54 31.30 -24.76 -17.79
N PHE N 55 32.37 -24.79 -18.56
CA PHE N 55 33.66 -25.16 -18.00
C PHE N 55 34.18 -24.14 -16.99
N LEU N 56 33.89 -22.84 -17.17
CA LEU N 56 34.35 -21.88 -16.17
C LEU N 56 33.64 -22.12 -14.85
N HIS N 57 32.35 -22.47 -14.90
CA HIS N 57 31.61 -22.79 -13.69
C HIS N 57 32.21 -24.00 -12.99
N GLN N 58 32.49 -25.07 -13.77
CA GLN N 58 33.15 -26.24 -13.18
C GLN N 58 34.47 -25.84 -12.52
N SER N 59 35.21 -24.92 -13.15
CA SER N 59 36.49 -24.49 -12.61
C SER N 59 36.32 -23.89 -11.23
N HIS N 60 35.33 -22.99 -11.07
CA HIS N 60 35.14 -22.34 -9.77
C HIS N 60 34.64 -23.33 -8.75
N GLU N 61 33.82 -24.29 -9.16
CA GLU N 61 33.37 -25.31 -8.22
C GLU N 61 34.55 -26.13 -7.70
N GLU N 62 35.48 -26.50 -8.56
CA GLU N 62 36.62 -27.31 -8.11
C GLU N 62 37.46 -26.53 -7.11
N ARG N 63 37.70 -25.25 -7.39
CA ARG N 63 38.38 -24.41 -6.41
C ARG N 63 37.65 -24.44 -5.07
N GLU N 64 36.33 -24.35 -5.09
CA GLU N 64 35.56 -24.49 -3.85
C GLU N 64 35.81 -25.85 -3.18
N HIS N 65 35.79 -26.94 -3.97
CA HIS N 65 36.12 -28.26 -3.41
C HIS N 65 37.45 -28.24 -2.68
N ALA N 66 38.45 -27.59 -3.29
CA ALA N 66 39.77 -27.55 -2.68
C ALA N 66 39.76 -26.76 -1.38
N GLU N 67 39.06 -25.62 -1.35
CA GLU N 67 39.06 -24.82 -0.12
C GLU N 67 38.35 -25.54 1.03
N LYS N 68 37.32 -26.32 0.72
CA LYS N 68 36.62 -27.03 1.79
C LYS N 68 37.48 -28.15 2.36
N LEU N 69 38.37 -28.74 1.56
CA LEU N 69 39.32 -29.71 2.09
C LEU N 69 40.38 -29.00 2.94
N MET N 70 40.80 -27.80 2.54
CA MET N 70 41.73 -27.05 3.38
C MET N 70 41.10 -26.74 4.73
N LYS N 71 39.82 -26.34 4.74
CA LYS N 71 39.13 -26.09 6.00
C LYS N 71 39.09 -27.35 6.85
N LEU N 72 38.74 -28.48 6.24
CA LEU N 72 38.73 -29.75 6.95
C LEU N 72 40.10 -30.03 7.57
N GLN N 73 41.17 -29.87 6.78
CA GLN N 73 42.51 -30.14 7.32
C GLN N 73 42.74 -29.38 8.61
N ASN N 74 42.43 -28.08 8.62
CA ASN N 74 42.63 -27.27 9.83
C ASN N 74 41.65 -27.64 10.94
N GLN N 75 40.41 -27.98 10.58
CA GLN N 75 39.44 -28.37 11.59
C GLN N 75 39.92 -29.58 12.37
N ARG N 76 40.54 -30.53 11.69
CA ARG N 76 40.99 -31.76 12.32
C ARG N 76 42.37 -31.62 12.96
N GLY N 77 43.01 -30.48 12.77
CA GLY N 77 44.33 -30.25 13.30
C GLY N 77 45.45 -30.74 12.41
N GLY N 78 45.17 -31.10 11.16
CA GLY N 78 46.22 -31.37 10.20
C GLY N 78 46.87 -30.08 9.71
N ARG N 79 47.90 -30.24 8.90
CA ARG N 79 48.67 -29.09 8.43
C ARG N 79 48.72 -29.11 6.91
N ILE N 80 48.32 -27.99 6.32
CA ILE N 80 48.25 -27.88 4.87
C ILE N 80 49.66 -27.75 4.33
N PHE N 81 49.98 -28.53 3.31
CA PHE N 81 51.21 -28.37 2.55
C PHE N 81 50.79 -28.36 1.08
N LEU N 82 50.93 -27.20 0.46
CA LEU N 82 50.57 -27.03 -0.93
C LEU N 82 51.74 -27.41 -1.84
N GLN N 83 51.41 -27.83 -3.06
CA GLN N 83 52.38 -28.24 -4.05
C GLN N 83 52.09 -27.48 -5.34
N ASP N 84 53.06 -27.51 -6.27
CA ASP N 84 52.85 -26.97 -7.61
C ASP N 84 51.54 -27.48 -8.19
N ILE N 85 50.84 -26.65 -8.93
CA ILE N 85 49.67 -27.12 -9.65
C ILE N 85 50.12 -27.34 -11.07
N GLN N 86 50.19 -28.60 -11.49
CA GLN N 86 50.62 -28.93 -12.84
C GLN N 86 49.70 -28.32 -13.87
N LYS N 87 50.27 -27.88 -15.00
CA LYS N 87 49.44 -27.41 -16.09
C LYS N 87 48.68 -28.60 -16.72
N PRO N 88 47.49 -28.34 -17.27
CA PRO N 88 46.73 -29.41 -17.93
C PRO N 88 47.52 -30.07 -19.05
N ASP N 89 47.07 -31.26 -19.46
CA ASP N 89 47.79 -32.02 -20.49
C ASP N 89 47.62 -31.47 -21.89
N GLU N 90 46.65 -30.59 -22.13
CA GLU N 90 46.46 -30.00 -23.45
C GLU N 90 46.39 -28.49 -23.31
N ASP N 91 46.78 -27.80 -24.38
CA ASP N 91 46.50 -26.38 -24.56
C ASP N 91 45.30 -26.14 -25.47
N ASP N 92 45.04 -27.09 -26.36
CA ASP N 92 44.03 -27.03 -27.40
C ASP N 92 43.13 -28.24 -27.19
N TRP N 93 41.84 -28.01 -26.98
CA TRP N 93 40.97 -29.10 -26.57
C TRP N 93 40.11 -29.63 -27.72
N GLU N 94 40.38 -29.20 -28.95
CA GLU N 94 39.83 -29.77 -30.20
C GLU N 94 38.37 -29.47 -30.51
N SER N 95 37.47 -29.68 -29.56
CA SER N 95 36.04 -29.63 -29.85
C SER N 95 35.26 -29.75 -28.57
N GLY N 96 33.98 -29.36 -28.64
CA GLY N 96 33.10 -29.53 -27.50
C GLY N 96 33.02 -30.98 -27.03
N LEU N 97 32.79 -31.91 -27.96
CA LEU N 97 32.74 -33.32 -27.56
C LEU N 97 34.04 -33.76 -26.90
N ASN N 98 35.19 -33.39 -27.50
CA ASN N 98 36.46 -33.86 -26.93
C ASN N 98 36.67 -33.31 -25.52
N ALA N 99 36.33 -32.03 -25.30
CA ALA N 99 36.45 -31.48 -23.94
C ALA N 99 35.55 -32.22 -22.96
N MET N 100 34.32 -32.53 -23.38
CA MET N 100 33.43 -33.29 -22.49
C MET N 100 34.03 -34.66 -22.19
N GLU N 101 34.61 -35.31 -23.21
CA GLU N 101 35.22 -36.61 -22.95
C GLU N 101 36.39 -36.47 -22.00
N ALA N 102 37.24 -35.46 -22.21
CA ALA N 102 38.36 -35.25 -21.29
C ALA N 102 37.86 -34.95 -19.88
N ALA N 103 36.80 -34.14 -19.77
CA ALA N 103 36.20 -33.83 -18.46
C ALA N 103 35.68 -35.10 -17.79
N LEU N 104 35.00 -35.95 -18.55
CA LEU N 104 34.47 -37.19 -18.01
C LEU N 104 35.60 -38.07 -17.45
N HIS N 105 36.69 -38.21 -18.22
CA HIS N 105 37.84 -38.95 -17.74
C HIS N 105 38.39 -38.33 -16.46
N LEU N 106 38.53 -37.01 -16.45
CA LEU N 106 39.05 -36.32 -15.27
C LEU N 106 38.19 -36.58 -14.04
N GLU N 107 36.87 -36.38 -14.16
CA GLU N 107 36.00 -36.58 -13.00
C GLU N 107 36.04 -38.01 -12.47
N LYS N 108 36.23 -39.00 -13.35
CA LYS N 108 36.31 -40.37 -12.88
C LYS N 108 37.63 -40.61 -12.15
N ASN N 109 38.72 -39.99 -12.61
CA ASN N 109 39.98 -40.05 -11.88
C ASN N 109 39.87 -39.37 -10.53
N VAL N 110 39.21 -38.20 -10.46
CA VAL N 110 39.02 -37.56 -9.17
C VAL N 110 38.15 -38.42 -8.26
N ASN N 111 37.08 -38.99 -8.82
CA ASN N 111 36.24 -39.90 -8.05
C ASN N 111 37.05 -41.09 -7.51
N GLN N 112 37.91 -41.67 -8.35
CA GLN N 112 38.75 -42.77 -7.88
C GLN N 112 39.59 -42.32 -6.68
N SER N 113 40.19 -41.14 -6.78
CA SER N 113 40.98 -40.65 -5.66
C SER N 113 40.12 -40.46 -4.40
N LEU N 114 38.89 -39.93 -4.56
CA LEU N 114 38.00 -39.80 -3.40
C LEU N 114 37.62 -41.16 -2.81
N LEU N 115 37.40 -42.17 -3.64
CA LEU N 115 37.03 -43.48 -3.11
C LEU N 115 38.18 -44.10 -2.30
N GLU N 116 39.40 -43.96 -2.79
CA GLU N 116 40.55 -44.43 -2.03
C GLU N 116 40.71 -43.63 -0.73
N LEU N 117 40.45 -42.32 -0.77
CA LEU N 117 40.46 -41.54 0.45
C LEU N 117 39.39 -42.02 1.42
N HIS N 118 38.20 -42.35 0.90
CA HIS N 118 37.18 -42.86 1.82
C HIS N 118 37.58 -44.21 2.39
N LYS N 119 38.15 -45.10 1.56
CA LYS N 119 38.60 -46.38 2.07
C LYS N 119 39.62 -46.20 3.17
N LEU N 120 40.55 -45.26 2.97
CA LEU N 120 41.55 -44.98 3.98
C LEU N 120 40.90 -44.53 5.27
N ALA N 121 39.88 -43.69 5.18
CA ALA N 121 39.20 -43.21 6.39
C ALA N 121 38.53 -44.37 7.12
N HIS N 122 37.81 -45.20 6.37
CA HIS N 122 37.21 -46.42 6.94
C HIS N 122 38.26 -47.30 7.59
N ASP N 123 39.38 -47.51 6.90
CA ASP N 123 40.42 -48.38 7.44
C ASP N 123 41.07 -47.78 8.66
N LYS N 124 41.06 -46.45 8.79
CA LYS N 124 41.65 -45.82 9.99
C LYS N 124 40.60 -45.54 11.07
N ASN N 125 39.40 -46.12 10.92
CA ASN N 125 38.27 -45.90 11.84
C ASN N 125 38.08 -44.42 12.12
N ASP N 126 38.03 -43.63 11.04
CA ASP N 126 37.82 -42.20 11.14
C ASP N 126 36.45 -41.90 10.55
N PRO N 127 35.38 -42.08 11.32
CA PRO N 127 34.04 -41.91 10.74
C PRO N 127 33.71 -40.45 10.45
N HIS N 128 34.25 -39.48 11.21
CA HIS N 128 34.09 -38.10 10.82
C HIS N 128 34.60 -37.86 9.41
N LEU N 129 35.81 -38.34 9.11
CA LEU N 129 36.36 -38.11 7.76
C LEU N 129 35.57 -38.88 6.70
N ALA N 130 35.13 -40.10 7.02
CA ALA N 130 34.36 -40.90 6.07
C ALA N 130 33.04 -40.21 5.73
N ASP N 131 32.32 -39.73 6.74
CA ASP N 131 31.07 -39.02 6.47
C ASP N 131 31.30 -37.72 5.73
N PHE N 132 32.35 -36.97 6.10
CA PHE N 132 32.70 -35.76 5.34
C PHE N 132 32.80 -36.05 3.84
N ILE N 133 33.52 -37.12 3.47
CA ILE N 133 33.70 -37.48 2.07
C ILE N 133 32.38 -37.92 1.46
N GLU N 134 31.61 -38.72 2.21
CA GLU N 134 30.30 -39.14 1.74
C GLU N 134 29.40 -37.93 1.48
N THR N 135 29.28 -37.07 2.48
CA THR N 135 28.32 -35.97 2.44
C THR N 135 28.70 -34.92 1.41
N HIS N 136 29.98 -34.58 1.31
CA HIS N 136 30.32 -33.42 0.52
C HIS N 136 30.91 -33.76 -0.85
N TYR N 137 31.35 -35.01 -1.09
CA TYR N 137 32.06 -35.29 -2.33
C TYR N 137 31.45 -36.41 -3.16
N LEU N 138 31.06 -37.55 -2.56
CA LEU N 138 30.80 -38.75 -3.37
C LEU N 138 29.62 -38.56 -4.31
N ASN N 139 28.49 -38.06 -3.79
CA ASN N 139 27.33 -37.91 -4.68
C ASN N 139 27.56 -36.79 -5.68
N GLU N 140 28.22 -35.70 -5.28
CA GLU N 140 28.62 -34.68 -6.26
C GLU N 140 29.38 -35.30 -7.42
N GLN N 141 30.35 -36.18 -7.14
CA GLN N 141 31.09 -36.83 -8.23
C GLN N 141 30.16 -37.67 -9.09
N VAL N 142 29.26 -38.42 -8.46
CA VAL N 142 28.42 -39.32 -9.24
C VAL N 142 27.50 -38.50 -10.15
N LYS N 143 26.97 -37.40 -9.63
CA LYS N 143 26.16 -36.49 -10.44
C LYS N 143 26.99 -35.88 -11.58
N ALA N 144 28.21 -35.43 -11.28
CA ALA N 144 29.03 -34.84 -12.34
C ALA N 144 29.29 -35.83 -13.46
N ILE N 145 29.62 -37.08 -13.10
CA ILE N 145 29.96 -38.09 -14.12
C ILE N 145 28.73 -38.44 -14.96
N LYS N 146 27.57 -38.60 -14.31
CA LYS N 146 26.32 -38.83 -15.04
C LYS N 146 26.00 -37.68 -16.00
N GLU N 147 26.18 -36.45 -15.56
CA GLU N 147 25.90 -35.32 -16.43
C GLU N 147 26.88 -35.26 -17.60
N LEU N 148 28.16 -35.48 -17.33
CA LEU N 148 29.11 -35.50 -18.43
C LEU N 148 28.81 -36.65 -19.38
N GLY N 149 28.50 -37.82 -18.83
CA GLY N 149 28.06 -38.91 -19.67
C GLY N 149 26.89 -38.52 -20.56
N ASP N 150 25.87 -37.90 -19.95
CA ASP N 150 24.71 -37.47 -20.73
C ASP N 150 25.13 -36.54 -21.88
N HIS N 151 26.02 -35.59 -21.59
CA HIS N 151 26.35 -34.61 -22.61
C HIS N 151 27.09 -35.27 -23.76
N VAL N 152 28.04 -36.15 -23.42
CA VAL N 152 28.79 -36.89 -24.44
C VAL N 152 27.82 -37.66 -25.33
N THR N 153 26.87 -38.38 -24.71
CA THR N 153 25.90 -39.16 -25.48
C THR N 153 25.15 -38.29 -26.48
N ASN N 154 24.72 -37.10 -26.06
CA ASN N 154 23.93 -36.27 -26.96
C ASN N 154 24.80 -35.71 -28.07
N LEU N 155 25.99 -35.25 -27.73
CA LEU N 155 26.87 -34.73 -28.76
C LEU N 155 27.14 -35.77 -29.84
N ARG N 156 27.42 -37.02 -29.43
CA ARG N 156 27.64 -38.08 -30.42
CA ARG N 156 27.63 -38.10 -30.40
C ARG N 156 26.40 -38.30 -31.27
N LYS N 157 25.23 -38.42 -30.64
CA LYS N 157 24.03 -38.70 -31.41
C LYS N 157 23.68 -37.57 -32.37
N MET N 158 23.95 -36.32 -31.99
CA MET N 158 23.72 -35.20 -32.89
C MET N 158 24.70 -35.15 -34.05
N GLY N 159 25.80 -35.91 -33.97
CA GLY N 159 26.75 -35.99 -35.05
C GLY N 159 28.04 -35.26 -34.83
N ALA N 160 28.34 -34.83 -33.60
CA ALA N 160 29.65 -34.30 -33.29
C ALA N 160 30.67 -35.43 -33.39
N PRO N 161 31.97 -35.10 -33.53
CA PRO N 161 32.61 -33.78 -33.55
C PRO N 161 32.64 -33.17 -34.94
N GLU N 162 32.33 -34.01 -35.93
CA GLU N 162 32.50 -33.59 -37.32
C GLU N 162 31.52 -32.50 -37.69
N SER N 163 30.23 -32.72 -37.41
CA SER N 163 29.17 -31.77 -37.76
C SER N 163 29.27 -30.54 -36.84
N GLY N 164 29.67 -29.40 -37.41
CA GLY N 164 29.78 -28.20 -36.61
C GLY N 164 28.44 -27.65 -36.18
N LEU N 165 27.39 -27.93 -36.98
CA LEU N 165 26.01 -27.67 -36.56
C LEU N 165 25.68 -28.34 -35.23
N ALA N 166 26.21 -29.53 -34.97
CA ALA N 166 25.84 -30.23 -33.74
C ALA N 166 26.33 -29.51 -32.48
N GLU N 167 27.60 -29.11 -32.47
CA GLU N 167 28.14 -28.40 -31.31
C GLU N 167 27.47 -27.04 -31.14
N TYR N 168 27.18 -26.34 -32.23
CA TYR N 168 26.49 -25.04 -32.14
C TYR N 168 25.12 -25.21 -31.49
N LEU N 169 24.34 -26.18 -31.96
CA LEU N 169 22.98 -26.36 -31.44
C LEU N 169 23.01 -26.89 -30.02
N PHE N 170 23.98 -27.76 -29.70
CA PHE N 170 24.10 -28.25 -28.32
C PHE N 170 24.48 -27.12 -27.37
N ASP N 171 25.39 -26.24 -27.79
CA ASP N 171 25.74 -25.06 -27.02
C ASP N 171 24.51 -24.19 -26.77
N LYS N 172 23.67 -23.99 -27.79
CA LYS N 172 22.49 -23.17 -27.59
C LYS N 172 21.49 -23.86 -26.68
N HIS N 173 21.12 -25.11 -27.00
CA HIS N 173 19.93 -25.73 -26.43
C HIS N 173 20.19 -26.53 -25.15
N THR N 174 21.37 -27.10 -24.97
CA THR N 174 21.63 -27.80 -23.71
C THR N 174 22.42 -26.94 -22.72
N LEU N 175 23.50 -26.32 -23.18
CA LEU N 175 24.36 -25.60 -22.26
C LEU N 175 23.91 -24.17 -21.97
N GLY N 176 23.09 -23.58 -22.84
CA GLY N 176 22.65 -22.22 -22.61
C GLY N 176 21.21 -22.12 -22.16
N ASP N 177 20.91 -22.57 -20.94
CA ASP N 177 19.53 -22.67 -20.45
C ASP N 177 18.70 -23.59 -21.37
N SER O 4 10.13 -58.26 27.47
CA SER O 4 9.37 -58.10 26.22
C SER O 4 10.16 -57.30 25.18
N THR O 5 10.24 -57.83 23.97
CA THR O 5 10.88 -57.11 22.88
C THR O 5 9.91 -56.10 22.28
N SER O 6 10.41 -54.89 22.03
CA SER O 6 9.59 -53.84 21.45
C SER O 6 9.08 -54.27 20.08
N GLN O 7 7.81 -53.97 19.79
CA GLN O 7 7.29 -54.22 18.45
C GLN O 7 8.07 -53.49 17.37
N VAL O 8 8.87 -52.47 17.70
CA VAL O 8 9.58 -51.75 16.64
C VAL O 8 11.03 -52.18 16.54
N ARG O 9 11.58 -52.79 17.59
CA ARG O 9 12.99 -53.14 17.60
C ARG O 9 13.37 -53.97 16.40
N GLN O 10 14.48 -53.61 15.76
CA GLN O 10 14.97 -54.36 14.62
C GLN O 10 16.43 -53.99 14.42
N ASN O 11 17.32 -55.00 14.49
CA ASN O 11 18.74 -54.82 14.24
C ASN O 11 19.40 -53.89 15.24
N TYR O 12 18.89 -53.86 16.46
CA TYR O 12 19.38 -52.94 17.49
C TYR O 12 19.94 -53.77 18.63
N HIS O 13 21.27 -53.78 18.75
CA HIS O 13 21.91 -54.64 19.73
C HIS O 13 21.75 -54.11 21.16
N GLN O 14 21.68 -55.05 22.11
CA GLN O 14 21.59 -54.63 23.51
C GLN O 14 22.82 -53.82 23.94
N ASP O 15 24.01 -54.10 23.36
CA ASP O 15 25.16 -53.25 23.65
C ASP O 15 24.93 -51.81 23.17
N SER O 16 24.34 -51.65 21.97
CA SER O 16 24.12 -50.30 21.45
C SER O 16 23.14 -49.56 22.35
N GLU O 17 22.05 -50.25 22.72
CA GLU O 17 21.08 -49.68 23.64
C GLU O 17 21.73 -49.23 24.94
N ALA O 18 22.65 -50.05 25.48
CA ALA O 18 23.34 -49.68 26.70
C ALA O 18 24.26 -48.48 26.49
N ALA O 19 24.97 -48.45 25.37
CA ALA O 19 25.87 -47.34 25.11
C ALA O 19 25.11 -46.03 24.93
N ILE O 20 23.92 -46.08 24.33
CA ILE O 20 23.11 -44.87 24.17
C ILE O 20 22.75 -44.31 25.54
N ASN O 21 22.31 -45.18 26.45
CA ASN O 21 22.01 -44.72 27.81
C ASN O 21 23.22 -44.06 28.47
N ARG O 22 24.42 -44.57 28.22
CA ARG O 22 25.61 -43.93 28.78
C ARG O 22 25.86 -42.58 28.11
N GLN O 23 25.68 -42.50 26.79
CA GLN O 23 25.89 -41.23 26.12
C GLN O 23 24.88 -40.18 26.62
N ILE O 24 23.64 -40.61 26.85
CA ILE O 24 22.63 -39.69 27.40
C ILE O 24 23.12 -39.08 28.69
N ASN O 25 23.62 -39.91 29.60
CA ASN O 25 24.11 -39.39 30.88
C ASN O 25 25.32 -38.49 30.68
N LEU O 26 26.23 -38.86 29.79
CA LEU O 26 27.39 -38.01 29.53
C LEU O 26 26.96 -36.64 28.98
N GLU O 27 25.95 -36.61 28.11
CA GLU O 27 25.52 -35.32 27.56
C GLU O 27 24.89 -34.44 28.63
N LEU O 28 24.03 -35.03 29.47
CA LEU O 28 23.49 -34.31 30.61
C LEU O 28 24.60 -33.83 31.53
N TYR O 29 25.61 -34.67 31.73
CA TYR O 29 26.76 -34.23 32.54
C TYR O 29 27.43 -33.01 31.91
N ALA O 30 27.70 -33.07 30.60
CA ALA O 30 28.31 -31.93 29.92
C ALA O 30 27.45 -30.67 30.06
N SER O 31 26.14 -30.81 29.91
CA SER O 31 25.26 -29.67 30.13
C SER O 31 25.48 -29.05 31.49
N TYR O 32 25.67 -29.88 32.51
CA TYR O 32 25.81 -29.41 33.89
C TYR O 32 27.15 -28.70 34.09
N VAL O 33 28.23 -29.26 33.55
CA VAL O 33 29.51 -28.56 33.60
C VAL O 33 29.35 -27.15 33.00
N TYR O 34 28.70 -27.04 31.84
CA TYR O 34 28.57 -25.73 31.21
C TYR O 34 27.68 -24.80 32.03
N LEU O 35 26.63 -25.32 32.62
CA LEU O 35 25.83 -24.50 33.52
C LEU O 35 26.67 -23.96 34.67
N SER O 36 27.51 -24.80 35.26
CA SER O 36 28.38 -24.34 36.34
C SER O 36 29.31 -23.25 35.85
N MET O 37 29.98 -23.48 34.71
CA MET O 37 30.89 -22.47 34.18
C MET O 37 30.17 -21.17 33.92
N SER O 38 28.97 -21.25 33.36
CA SER O 38 28.24 -20.05 33.01
C SER O 38 28.08 -19.14 34.23
N TYR O 39 27.58 -19.70 35.34
CA TYR O 39 27.29 -18.86 36.48
C TYR O 39 28.53 -18.53 37.29
N TYR O 40 29.65 -19.21 37.08
CA TYR O 40 30.89 -18.67 37.61
C TYR O 40 31.18 -17.30 37.01
N PHE O 41 31.00 -17.15 35.69
CA PHE O 41 31.36 -15.86 35.09
C PHE O 41 30.34 -14.76 35.39
N ASP O 42 29.19 -15.13 35.96
CA ASP O 42 28.15 -14.24 36.45
C ASP O 42 28.43 -13.68 37.85
N ARG O 43 29.40 -14.24 38.59
CA ARG O 43 29.78 -13.70 39.90
C ARG O 43 30.27 -12.26 39.78
N ASP O 44 29.94 -11.46 40.81
CA ASP O 44 30.36 -10.06 40.85
C ASP O 44 31.87 -9.89 40.91
N ASP O 45 32.60 -10.90 41.36
CA ASP O 45 34.06 -10.81 41.35
C ASP O 45 34.68 -11.47 40.12
N VAL O 46 33.86 -11.86 39.13
CA VAL O 46 34.38 -12.36 37.87
C VAL O 46 33.81 -11.47 36.76
N ALA O 47 32.49 -11.48 36.61
CA ALA O 47 31.73 -10.44 35.88
C ALA O 47 32.15 -10.31 34.42
N LEU O 48 32.15 -11.44 33.72
CA LEU O 48 32.42 -11.50 32.28
C LEU O 48 31.14 -12.04 31.65
N LYS O 49 30.24 -11.12 31.30
CA LYS O 49 28.87 -11.49 30.92
C LYS O 49 28.83 -12.32 29.65
N ASN O 50 29.76 -12.10 28.71
CA ASN O 50 29.70 -12.86 27.46
C ASN O 50 30.35 -14.23 27.61
N PHE O 51 31.37 -14.35 28.46
CA PHE O 51 31.75 -15.69 28.89
C PHE O 51 30.55 -16.40 29.48
N ALA O 52 29.79 -15.70 30.33
CA ALA O 52 28.63 -16.33 30.97
C ALA O 52 27.62 -16.77 29.92
N LYS O 53 27.31 -15.90 28.94
CA LYS O 53 26.30 -16.31 27.95
C LYS O 53 26.82 -17.41 27.04
N TYR O 54 28.09 -17.35 26.67
CA TYR O 54 28.68 -18.41 25.84
C TYR O 54 28.49 -19.80 26.45
N PHE O 55 28.90 -19.97 27.72
CA PHE O 55 28.78 -21.29 28.32
C PHE O 55 27.34 -21.66 28.58
N LEU O 56 26.49 -20.68 28.90
CA LEU O 56 25.07 -20.99 29.09
C LEU O 56 24.44 -21.54 27.82
N HIS O 57 24.79 -20.94 26.68
CA HIS O 57 24.35 -21.49 25.39
C HIS O 57 24.85 -22.91 25.20
N GLN O 58 26.14 -23.17 25.46
CA GLN O 58 26.64 -24.54 25.32
C GLN O 58 25.84 -25.49 26.21
N SER O 59 25.44 -25.02 27.41
CA SER O 59 24.70 -25.88 28.33
C SER O 59 23.38 -26.33 27.75
N HIS O 60 22.64 -25.38 27.17
CA HIS O 60 21.35 -25.72 26.59
C HIS O 60 21.53 -26.63 25.39
N GLU O 61 22.61 -26.41 24.63
CA GLU O 61 22.89 -27.26 23.48
C GLU O 61 23.15 -28.71 23.91
N GLU O 62 23.99 -28.91 24.94
CA GLU O 62 24.24 -30.27 25.43
C GLU O 62 22.94 -30.93 25.86
N ARG O 63 22.03 -30.14 26.42
CA ARG O 63 20.78 -30.73 26.85
C ARG O 63 19.96 -31.20 25.65
N GLU O 64 19.94 -30.42 24.57
CA GLU O 64 19.31 -30.89 23.33
C GLU O 64 19.96 -32.18 22.84
N HIS O 65 21.29 -32.27 22.95
CA HIS O 65 21.99 -33.48 22.52
C HIS O 65 21.48 -34.69 23.29
N ALA O 66 21.36 -34.55 24.61
CA ALA O 66 20.82 -35.63 25.42
C ALA O 66 19.42 -35.99 24.96
N GLU O 67 18.58 -34.98 24.71
CA GLU O 67 17.19 -35.26 24.38
C GLU O 67 17.10 -35.95 23.03
N LYS O 68 17.95 -35.58 22.08
CA LYS O 68 17.90 -36.27 20.80
C LYS O 68 18.32 -37.73 20.93
N LEU O 69 19.24 -38.05 21.85
CA LEU O 69 19.60 -39.46 22.06
C LEU O 69 18.44 -40.23 22.68
N MET O 70 17.71 -39.59 23.61
CA MET O 70 16.56 -40.23 24.25
C MET O 70 15.47 -40.55 23.24
N LYS O 71 15.24 -39.64 22.29
CA LYS O 71 14.32 -39.92 21.20
C LYS O 71 14.81 -41.07 20.34
N LEU O 72 16.11 -41.11 20.06
CA LEU O 72 16.69 -42.24 19.33
C LEU O 72 16.43 -43.55 20.05
N GLN O 73 16.68 -43.58 21.36
CA GLN O 73 16.46 -44.79 22.14
C GLN O 73 15.04 -45.31 21.93
N ASN O 74 14.05 -44.41 22.03
CA ASN O 74 12.66 -44.81 21.81
C ASN O 74 12.37 -45.18 20.35
N GLN O 75 12.91 -44.43 19.38
CA GLN O 75 12.66 -44.78 17.98
C GLN O 75 13.09 -46.22 17.67
N ARG O 76 14.22 -46.65 18.22
CA ARG O 76 14.73 -47.99 17.91
C ARG O 76 14.13 -49.05 18.82
N GLY O 77 13.30 -48.66 19.78
CA GLY O 77 12.68 -49.60 20.68
C GLY O 77 13.52 -50.00 21.88
N GLY O 78 14.63 -49.31 22.12
CA GLY O 78 15.35 -49.45 23.36
C GLY O 78 14.64 -48.76 24.52
N ARG O 79 15.18 -48.95 25.72
CA ARG O 79 14.55 -48.44 26.92
C ARG O 79 15.50 -47.52 27.65
N ILE O 80 15.03 -46.32 27.94
CA ILE O 80 15.85 -45.33 28.61
C ILE O 80 15.98 -45.70 30.08
N PHE O 81 17.20 -45.72 30.59
CA PHE O 81 17.45 -45.79 32.03
C PHE O 81 18.36 -44.63 32.38
N LEU O 82 17.85 -43.67 33.13
CA LEU O 82 18.63 -42.51 33.53
C LEU O 82 19.44 -42.82 34.80
N GLN O 83 20.58 -42.15 34.93
CA GLN O 83 21.43 -42.30 36.11
C GLN O 83 21.63 -40.94 36.75
N ASP O 84 22.20 -40.93 37.95
CA ASP O 84 22.55 -39.66 38.59
C ASP O 84 23.41 -38.83 37.65
N ILE O 85 23.28 -37.52 37.76
CA ILE O 85 24.15 -36.60 37.03
C ILE O 85 25.18 -36.12 38.03
N GLN O 86 26.44 -36.55 37.84
CA GLN O 86 27.53 -36.14 38.71
C GLN O 86 27.75 -34.63 38.61
N LYS O 87 27.97 -33.98 39.75
CA LYS O 87 28.34 -32.57 39.74
C LYS O 87 29.68 -32.36 39.03
N PRO O 88 29.91 -31.15 38.50
CA PRO O 88 31.19 -30.87 37.84
C PRO O 88 32.36 -30.98 38.81
N ASP O 89 33.53 -31.13 38.21
CA ASP O 89 34.77 -31.36 38.94
C ASP O 89 35.26 -30.12 39.67
N GLU O 90 34.77 -28.93 39.33
CA GLU O 90 35.15 -27.71 40.03
C GLU O 90 33.90 -26.92 40.36
N ASP O 91 34.02 -26.09 41.39
CA ASP O 91 33.07 -25.05 41.73
C ASP O 91 33.50 -23.68 41.23
N ASP O 92 34.80 -23.49 41.11
CA ASP O 92 35.45 -22.22 40.81
C ASP O 92 36.29 -22.44 39.57
N TRP O 93 35.97 -21.74 38.49
CA TRP O 93 36.59 -22.10 37.23
C TRP O 93 37.81 -21.24 36.91
N GLU O 94 38.18 -20.31 37.81
CA GLU O 94 39.46 -19.61 37.84
C GLU O 94 39.60 -18.43 36.89
N SER O 95 39.25 -18.63 35.63
CA SER O 95 39.51 -17.63 34.60
C SER O 95 38.83 -18.05 33.31
N GLY O 96 38.63 -17.06 32.43
CA GLY O 96 38.08 -17.35 31.13
C GLY O 96 38.93 -18.36 30.39
N LEU O 97 40.25 -18.21 30.47
CA LEU O 97 41.13 -19.14 29.78
C LEU O 97 41.02 -20.55 30.39
N ASN O 98 41.02 -20.65 31.72
CA ASN O 98 40.94 -21.97 32.35
C ASN O 98 39.68 -22.70 31.97
N ALA O 99 38.54 -21.99 31.98
CA ALA O 99 37.28 -22.57 31.59
C ALA O 99 37.33 -23.05 30.14
N MET O 100 37.89 -22.25 29.26
CA MET O 100 37.94 -22.64 27.86
C MET O 100 38.80 -23.90 27.70
N GLU O 101 39.91 -23.98 28.42
CA GLU O 101 40.72 -25.20 28.37
C GLU O 101 39.96 -26.39 28.95
N ALA O 102 39.22 -26.16 30.03
CA ALA O 102 38.43 -27.24 30.60
C ALA O 102 37.32 -27.66 29.66
N ALA O 103 36.71 -26.69 28.95
CA ALA O 103 35.68 -27.05 27.96
C ALA O 103 36.29 -27.84 26.80
N LEU O 104 37.49 -27.46 26.36
CA LEU O 104 38.15 -28.21 25.28
C LEU O 104 38.41 -29.66 25.69
N HIS O 105 38.90 -29.86 26.92
CA HIS O 105 39.11 -31.20 27.45
C HIS O 105 37.79 -31.97 27.51
N LEU O 106 36.73 -31.31 27.96
CA LEU O 106 35.43 -31.98 28.06
C LEU O 106 34.94 -32.42 26.67
N GLU O 107 35.05 -31.56 25.68
CA GLU O 107 34.50 -31.89 24.37
C GLU O 107 35.27 -33.04 23.72
N LYS O 108 36.59 -33.07 23.93
CA LYS O 108 37.38 -34.18 23.41
C LYS O 108 37.02 -35.49 24.11
N ASN O 109 36.72 -35.43 25.42
CA ASN O 109 36.17 -36.58 26.12
C ASN O 109 34.85 -37.03 25.52
N VAL O 110 33.91 -36.09 25.31
CA VAL O 110 32.63 -36.50 24.75
C VAL O 110 32.82 -37.04 23.33
N ASN O 111 33.77 -36.47 22.57
CA ASN O 111 34.03 -36.97 21.22
C ASN O 111 34.57 -38.40 21.23
N GLN O 112 35.51 -38.70 22.12
CA GLN O 112 36.00 -40.06 22.25
C GLN O 112 34.85 -41.02 22.49
N SER O 113 33.94 -40.68 23.40
CA SER O 113 32.79 -41.54 23.69
C SER O 113 31.91 -41.74 22.46
N LEU O 114 31.73 -40.69 21.64
CA LEU O 114 30.94 -40.83 20.42
C LEU O 114 31.66 -41.67 19.37
N LEU O 115 32.99 -41.55 19.28
CA LEU O 115 33.71 -42.40 18.34
C LEU O 115 33.62 -43.87 18.78
N GLU O 116 33.68 -44.12 20.08
CA GLU O 116 33.45 -45.49 20.59
C GLU O 116 32.05 -45.96 20.26
N LEU O 117 31.06 -45.07 20.40
CA LEU O 117 29.70 -45.44 20.06
C LEU O 117 29.59 -45.77 18.58
N HIS O 118 30.22 -44.97 17.73
CA HIS O 118 30.11 -45.22 16.31
C HIS O 118 30.78 -46.55 15.95
N LYS O 119 31.93 -46.84 16.55
CA LYS O 119 32.59 -48.12 16.35
C LYS O 119 31.68 -49.26 16.78
N LEU O 120 31.05 -49.15 17.94
CA LEU O 120 30.11 -50.17 18.36
C LEU O 120 29.03 -50.38 17.31
N ALA O 121 28.50 -49.29 16.74
CA ALA O 121 27.42 -49.47 15.78
C ALA O 121 27.92 -50.15 14.52
N HIS O 122 29.12 -49.78 14.07
CA HIS O 122 29.69 -50.42 12.89
C HIS O 122 29.99 -51.89 13.16
N ASP O 123 30.47 -52.20 14.37
CA ASP O 123 30.76 -53.59 14.71
C ASP O 123 29.50 -54.43 14.79
N LYS O 124 28.35 -53.84 15.12
CA LYS O 124 27.12 -54.60 15.16
C LYS O 124 26.31 -54.49 13.88
N ASN O 125 26.90 -53.98 12.80
CA ASN O 125 26.18 -53.82 11.53
C ASN O 125 24.84 -53.10 11.72
N ASP O 126 24.92 -51.93 12.38
CA ASP O 126 23.78 -51.06 12.63
C ASP O 126 24.07 -49.77 11.89
N PRO O 127 23.84 -49.75 10.57
CA PRO O 127 24.13 -48.53 9.81
C PRO O 127 23.15 -47.41 10.14
N HIS O 128 21.94 -47.69 10.59
CA HIS O 128 21.08 -46.58 10.98
C HIS O 128 21.68 -45.82 12.15
N LEU O 129 22.25 -46.53 13.13
CA LEU O 129 22.83 -45.87 14.29
C LEU O 129 24.15 -45.20 13.95
N ALA O 130 24.94 -45.83 13.09
CA ALA O 130 26.19 -45.21 12.65
C ALA O 130 25.90 -43.89 11.96
N ASP O 131 24.89 -43.89 11.09
CA ASP O 131 24.60 -42.67 10.36
C ASP O 131 23.97 -41.62 11.26
N PHE O 132 23.15 -42.03 12.23
CA PHE O 132 22.66 -41.08 13.21
C PHE O 132 23.81 -40.39 13.91
N ILE O 133 24.84 -41.14 14.29
CA ILE O 133 25.96 -40.56 15.03
C ILE O 133 26.78 -39.61 14.15
N GLU O 134 27.09 -40.05 12.92
CA GLU O 134 27.80 -39.19 11.96
C GLU O 134 27.05 -37.89 11.69
N THR O 135 25.73 -37.96 11.54
CA THR O 135 24.96 -36.83 11.02
C THR O 135 24.71 -35.79 12.10
N HIS O 136 24.39 -36.21 13.31
CA HIS O 136 23.98 -35.27 14.34
C HIS O 136 25.05 -34.97 15.38
N TYR O 137 26.17 -35.71 15.39
CA TYR O 137 27.12 -35.52 16.48
C TYR O 137 28.56 -35.31 16.03
N LEU O 138 29.07 -36.13 15.11
CA LEU O 138 30.51 -36.16 14.89
C LEU O 138 31.02 -34.82 14.36
N ASN O 139 30.33 -34.23 13.36
CA ASN O 139 30.86 -32.94 12.88
C ASN O 139 30.55 -31.81 13.86
N GLU O 140 29.47 -31.92 14.62
CA GLU O 140 29.25 -30.99 15.72
C GLU O 140 30.43 -30.97 16.69
N GLN O 141 30.92 -32.15 17.11
CA GLN O 141 32.06 -32.20 18.02
C GLN O 141 33.32 -31.58 17.41
N VAL O 142 33.60 -31.90 16.14
CA VAL O 142 34.82 -31.37 15.52
C VAL O 142 34.77 -29.84 15.48
N LYS O 143 33.61 -29.27 15.11
CA LYS O 143 33.44 -27.81 15.10
C LYS O 143 33.63 -27.21 16.49
N ALA O 144 33.03 -27.83 17.50
CA ALA O 144 33.14 -27.31 18.85
C ALA O 144 34.57 -27.38 19.35
N ILE O 145 35.27 -28.48 19.04
CA ILE O 145 36.67 -28.61 19.45
C ILE O 145 37.51 -27.58 18.74
N LYS O 146 37.27 -27.38 17.43
CA LYS O 146 38.02 -26.36 16.68
C LYS O 146 37.80 -24.98 17.27
N GLU O 147 36.55 -24.62 17.55
CA GLU O 147 36.22 -23.31 18.10
C GLU O 147 36.88 -23.09 19.45
N LEU O 148 36.82 -24.09 20.33
CA LEU O 148 37.44 -23.95 21.65
C LEU O 148 38.94 -23.75 21.53
N GLY O 149 39.57 -24.52 20.62
CA GLY O 149 40.98 -24.33 20.38
C GLY O 149 41.30 -22.93 19.90
N ASP O 150 40.54 -22.44 18.92
CA ASP O 150 40.64 -21.05 18.46
C ASP O 150 40.58 -20.09 19.65
N HIS O 151 39.56 -20.25 20.51
CA HIS O 151 39.41 -19.33 21.63
C HIS O 151 40.60 -19.42 22.58
N VAL O 152 41.04 -20.64 22.91
CA VAL O 152 42.19 -20.80 23.81
C VAL O 152 43.43 -20.13 23.19
N THR O 153 43.68 -20.40 21.91
CA THR O 153 44.79 -19.75 21.20
C THR O 153 44.74 -18.23 21.35
N ASN O 154 43.58 -17.62 21.14
CA ASN O 154 43.53 -16.16 21.18
C ASN O 154 43.73 -15.65 22.59
N LEU O 155 43.07 -16.27 23.59
CA LEU O 155 43.26 -15.82 24.97
C LEU O 155 44.73 -15.88 25.38
N ARG O 156 45.42 -16.97 25.07
CA ARG O 156 46.83 -17.09 25.42
C ARG O 156 47.66 -16.01 24.74
N LYS O 157 47.46 -15.83 23.42
CA LYS O 157 48.23 -14.82 22.70
C LYS O 157 47.96 -13.42 23.23
N MET O 158 46.75 -13.15 23.72
CA MET O 158 46.45 -11.81 24.24
C MET O 158 47.07 -11.56 25.61
N GLY O 159 47.61 -12.58 26.26
CA GLY O 159 48.19 -12.42 27.58
C GLY O 159 47.37 -12.97 28.72
N ALA O 160 46.24 -13.63 28.46
CA ALA O 160 45.50 -14.31 29.52
C ALA O 160 46.34 -15.44 30.11
N PRO O 161 46.09 -15.84 31.37
CA PRO O 161 45.06 -15.33 32.27
C PRO O 161 45.58 -14.25 33.22
N GLU O 162 46.87 -13.89 33.09
CA GLU O 162 47.48 -12.87 33.91
C GLU O 162 46.88 -11.50 33.63
N SER O 163 47.03 -11.05 32.38
CA SER O 163 46.48 -9.77 31.93
C SER O 163 44.96 -9.90 31.95
N GLY O 164 44.32 -9.29 32.96
CA GLY O 164 42.87 -9.24 33.00
C GLY O 164 42.26 -8.39 31.90
N LEU O 165 43.06 -7.45 31.36
CA LEU O 165 42.69 -6.71 30.15
C LEU O 165 42.39 -7.64 28.99
N ALA O 166 43.14 -8.73 28.88
CA ALA O 166 42.95 -9.66 27.78
C ALA O 166 41.60 -10.35 27.86
N GLU O 167 41.19 -10.82 29.05
CA GLU O 167 39.90 -11.50 29.17
C GLU O 167 38.74 -10.54 28.99
N TYR O 168 38.88 -9.32 29.51
CA TYR O 168 37.88 -8.28 29.27
C TYR O 168 37.70 -8.03 27.77
N LEU O 169 38.81 -7.85 27.04
CA LEU O 169 38.70 -7.51 25.62
C LEU O 169 38.23 -8.72 24.81
N PHE O 170 38.67 -9.94 25.18
CA PHE O 170 38.19 -11.14 24.48
C PHE O 170 36.69 -11.32 24.70
N ASP O 171 36.23 -11.15 25.93
CA ASP O 171 34.79 -11.21 26.23
C ASP O 171 34.00 -10.19 25.39
N LYS O 172 34.56 -9.01 25.18
CA LYS O 172 33.86 -7.98 24.41
CA LYS O 172 33.86 -7.99 24.42
C LYS O 172 33.89 -8.28 22.92
N HIS O 173 35.09 -8.52 22.36
CA HIS O 173 35.29 -8.50 20.92
C HIS O 173 35.13 -9.84 20.25
N THR O 174 35.37 -10.95 20.94
CA THR O 174 35.10 -12.26 20.37
C THR O 174 33.78 -12.82 20.85
N LEU O 175 33.53 -12.81 22.16
CA LEU O 175 32.33 -13.49 22.64
C LEU O 175 31.08 -12.62 22.58
N GLY O 176 31.20 -11.32 22.31
CA GLY O 176 30.01 -10.48 22.35
C GLY O 176 29.43 -10.09 21.01
N ASP O 177 29.28 -11.04 20.08
CA ASP O 177 28.91 -10.78 18.66
C ASP O 177 30.08 -10.17 17.87
N SER P 4 48.80 -20.46 -38.82
CA SER P 4 47.66 -19.58 -39.05
C SER P 4 47.74 -18.31 -38.22
N THR P 5 47.39 -17.17 -38.81
CA THR P 5 47.16 -15.98 -38.01
C THR P 5 45.68 -15.93 -37.65
N SER P 6 45.39 -15.49 -36.45
CA SER P 6 43.99 -15.33 -36.08
C SER P 6 43.36 -14.28 -36.99
N GLN P 7 42.12 -14.53 -37.40
CA GLN P 7 41.38 -13.54 -38.17
C GLN P 7 41.18 -12.22 -37.42
N VAL P 8 41.21 -12.22 -36.08
CA VAL P 8 41.01 -10.94 -35.37
C VAL P 8 42.32 -10.20 -35.10
N ARG P 9 43.47 -10.86 -35.27
CA ARG P 9 44.72 -10.27 -34.77
C ARG P 9 45.08 -9.02 -35.55
N GLN P 10 45.47 -7.99 -34.82
CA GLN P 10 45.79 -6.71 -35.46
C GLN P 10 46.65 -5.91 -34.49
N ASN P 11 47.87 -5.56 -34.92
CA ASN P 11 48.77 -4.72 -34.14
C ASN P 11 49.13 -5.38 -32.82
N TYR P 12 49.13 -6.71 -32.79
CA TYR P 12 49.43 -7.45 -31.56
C TYR P 12 50.76 -8.16 -31.72
N HIS P 13 51.80 -7.63 -31.09
CA HIS P 13 53.14 -8.22 -31.25
C HIS P 13 53.27 -9.56 -30.52
N GLN P 14 54.07 -10.46 -31.11
CA GLN P 14 54.40 -11.74 -30.48
C GLN P 14 55.01 -11.55 -29.08
N ASP P 15 55.84 -10.54 -28.89
CA ASP P 15 56.40 -10.33 -27.56
C ASP P 15 55.30 -9.97 -26.55
N SER P 16 54.35 -9.16 -26.98
CA SER P 16 53.24 -8.81 -26.09
C SER P 16 52.45 -10.05 -25.75
N GLU P 17 52.14 -10.86 -26.77
CA GLU P 17 51.40 -12.09 -26.56
C GLU P 17 52.09 -12.99 -25.54
N ALA P 18 53.43 -13.14 -25.67
CA ALA P 18 54.18 -13.96 -24.71
C ALA P 18 54.16 -13.34 -23.31
N ALA P 19 54.25 -12.01 -23.24
CA ALA P 19 54.29 -11.32 -21.95
C ALA P 19 52.97 -11.46 -21.21
N ILE P 20 51.85 -11.48 -21.95
CA ILE P 20 50.53 -11.71 -21.38
C ILE P 20 50.46 -13.12 -20.76
N ASN P 21 50.93 -14.12 -21.49
CA ASN P 21 50.98 -15.47 -20.92
C ASN P 21 51.82 -15.51 -19.66
N ARG P 22 52.92 -14.75 -19.61
CA ARG P 22 53.68 -14.75 -18.35
C ARG P 22 52.91 -14.06 -17.23
N GLN P 23 52.22 -12.95 -17.55
CA GLN P 23 51.45 -12.25 -16.52
C GLN P 23 50.31 -13.13 -15.99
N ILE P 24 49.66 -13.89 -16.87
CA ILE P 24 48.59 -14.82 -16.44
C ILE P 24 49.13 -15.78 -15.37
N ASN P 25 50.31 -16.37 -15.62
CA ASN P 25 50.90 -17.29 -14.65
C ASN P 25 51.23 -16.56 -13.35
N LEU P 26 51.73 -15.33 -13.43
CA LEU P 26 52.09 -14.61 -12.21
C LEU P 26 50.86 -14.24 -11.40
N GLU P 27 49.75 -13.91 -12.06
CA GLU P 27 48.52 -13.61 -11.32
C GLU P 27 47.96 -14.85 -10.63
N LEU P 28 47.98 -16.00 -11.31
CA LEU P 28 47.60 -17.25 -10.66
C LEU P 28 48.55 -17.57 -9.52
N TYR P 29 49.85 -17.33 -9.71
CA TYR P 29 50.79 -17.52 -8.62
C TYR P 29 50.39 -16.68 -7.41
N ALA P 30 50.12 -15.40 -7.63
CA ALA P 30 49.73 -14.55 -6.51
C ALA P 30 48.44 -15.07 -5.85
N SER P 31 47.50 -15.54 -6.66
CA SER P 31 46.28 -16.11 -6.08
C SER P 31 46.60 -17.25 -5.12
N TYR P 32 47.56 -18.10 -5.50
CA TYR P 32 47.94 -19.25 -4.68
C TYR P 32 48.64 -18.82 -3.38
N VAL P 33 49.55 -17.84 -3.46
CA VAL P 33 50.16 -17.28 -2.26
C VAL P 33 49.11 -16.79 -1.30
N TYR P 34 48.12 -16.02 -1.81
CA TYR P 34 47.10 -15.49 -0.91
C TYR P 34 46.23 -16.61 -0.34
N LEU P 35 45.93 -17.62 -1.16
CA LEU P 35 45.19 -18.78 -0.65
C LEU P 35 45.96 -19.40 0.51
N SER P 36 47.27 -19.57 0.33
CA SER P 36 48.08 -20.20 1.38
C SER P 36 48.06 -19.35 2.65
N MET P 37 48.22 -18.04 2.52
CA MET P 37 48.19 -17.19 3.71
C MET P 37 46.84 -17.27 4.40
N SER P 38 45.76 -17.27 3.62
CA SER P 38 44.43 -17.31 4.22
C SER P 38 44.32 -18.49 5.15
N TYR P 39 44.60 -19.69 4.66
CA TYR P 39 44.32 -20.85 5.49
C TYR P 39 45.38 -21.05 6.58
N TYR P 40 46.51 -20.36 6.51
CA TYR P 40 47.38 -20.26 7.69
C TYR P 40 46.67 -19.58 8.85
N PHE P 41 45.95 -18.49 8.59
CA PHE P 41 45.30 -17.78 9.69
C PHE P 41 44.05 -18.49 10.18
N ASP P 42 43.57 -19.50 9.43
CA ASP P 42 42.51 -20.41 9.83
C ASP P 42 42.97 -21.51 10.79
N ARG P 43 44.28 -21.71 10.95
CA ARG P 43 44.78 -22.74 11.86
C ARG P 43 44.30 -22.51 13.29
N ASP P 44 44.00 -23.61 14.01
CA ASP P 44 43.57 -23.48 15.40
C ASP P 44 44.63 -22.81 16.26
N ASP P 45 45.90 -22.82 15.85
CA ASP P 45 46.98 -22.23 16.63
C ASP P 45 47.36 -20.84 16.13
N VAL P 46 46.57 -20.27 15.21
CA VAL P 46 46.77 -18.90 14.77
C VAL P 46 45.45 -18.17 15.00
N ALA P 47 44.39 -18.61 14.33
CA ALA P 47 43.01 -18.31 14.70
C ALA P 47 42.70 -16.80 14.62
N LEU P 48 43.10 -16.16 13.52
CA LEU P 48 42.77 -14.76 13.23
C LEU P 48 41.87 -14.77 11.99
N LYS P 49 40.56 -14.84 12.24
CA LYS P 49 39.60 -15.06 11.17
C LYS P 49 39.55 -13.92 10.17
N ASN P 50 39.83 -12.68 10.61
CA ASN P 50 39.72 -11.55 9.69
C ASN P 50 40.98 -11.41 8.85
N PHE P 51 42.14 -11.75 9.39
CA PHE P 51 43.29 -11.98 8.51
C PHE P 51 42.96 -13.07 7.49
N ALA P 52 42.32 -14.15 7.93
CA ALA P 52 42.03 -15.21 6.97
C ALA P 52 41.11 -14.71 5.86
N LYS P 53 40.04 -13.99 6.23
CA LYS P 53 39.07 -13.52 5.22
C LYS P 53 39.73 -12.52 4.27
N TYR P 54 40.55 -11.62 4.81
CA TYR P 54 41.26 -10.63 4.02
C TYR P 54 42.08 -11.29 2.92
N PHE P 55 42.91 -12.28 3.28
CA PHE P 55 43.77 -12.87 2.25
C PHE P 55 42.98 -13.75 1.27
N LEU P 56 41.92 -14.41 1.74
CA LEU P 56 41.05 -15.17 0.83
C LEU P 56 40.42 -14.24 -0.22
N HIS P 57 40.01 -13.05 0.21
CA HIS P 57 39.48 -12.08 -0.74
C HIS P 57 40.57 -11.68 -1.74
N GLN P 58 41.78 -11.40 -1.27
CA GLN P 58 42.85 -11.11 -2.23
C GLN P 58 43.09 -12.30 -3.16
N SER P 59 42.97 -13.53 -2.65
CA SER P 59 43.19 -14.70 -3.50
C SER P 59 42.20 -14.71 -4.66
N HIS P 60 40.92 -14.53 -4.36
CA HIS P 60 39.89 -14.56 -5.41
C HIS P 60 40.05 -13.40 -6.36
N GLU P 61 40.50 -12.25 -5.86
CA GLU P 61 40.75 -11.11 -6.75
C GLU P 61 41.88 -11.41 -7.76
N GLU P 62 42.98 -12.01 -7.31
CA GLU P 62 44.07 -12.34 -8.22
C GLU P 62 43.60 -13.31 -9.31
N ARG P 63 42.70 -14.22 -8.95
CA ARG P 63 42.23 -15.16 -9.94
C ARG P 63 41.40 -14.43 -10.99
N GLU P 64 40.61 -13.46 -10.56
CA GLU P 64 39.89 -12.63 -11.50
C GLU P 64 40.84 -11.84 -12.40
N HIS P 65 41.96 -11.32 -11.86
CA HIS P 65 42.95 -10.64 -12.73
C HIS P 65 43.46 -11.58 -13.80
N ALA P 66 43.80 -12.80 -13.40
CA ALA P 66 44.30 -13.79 -14.35
C ALA P 66 43.28 -14.02 -15.46
N GLU P 67 42.00 -14.18 -15.10
CA GLU P 67 41.00 -14.47 -16.09
C GLU P 67 40.79 -13.30 -17.04
N LYS P 68 40.92 -12.06 -16.55
CA LYS P 68 40.75 -10.94 -17.45
C LYS P 68 41.90 -10.87 -18.46
N LEU P 69 43.08 -11.32 -18.05
CA LEU P 69 44.21 -11.37 -18.98
C LEU P 69 44.01 -12.46 -20.01
N MET P 70 43.39 -13.57 -19.61
CA MET P 70 43.06 -14.65 -20.54
C MET P 70 42.02 -14.19 -21.54
N LYS P 71 40.98 -13.48 -21.05
CA LYS P 71 40.04 -12.85 -21.96
C LYS P 71 40.76 -11.92 -22.93
N LEU P 72 41.69 -11.08 -22.43
CA LEU P 72 42.39 -10.15 -23.31
C LEU P 72 43.15 -10.90 -24.40
N GLN P 73 43.89 -11.97 -24.01
CA GLN P 73 44.64 -12.75 -24.98
C GLN P 73 43.76 -13.20 -26.14
N ASN P 74 42.57 -13.74 -25.81
CA ASN P 74 41.69 -14.21 -26.89
C ASN P 74 41.11 -13.05 -27.68
N GLN P 75 40.83 -11.91 -27.03
CA GLN P 75 40.31 -10.76 -27.76
C GLN P 75 41.30 -10.30 -28.82
N ARG P 76 42.59 -10.30 -28.50
CA ARG P 76 43.56 -9.79 -29.48
C ARG P 76 43.98 -10.88 -30.47
N GLY P 77 43.50 -12.10 -30.29
CA GLY P 77 43.90 -13.17 -31.19
C GLY P 77 45.21 -13.85 -30.83
N GLY P 78 45.77 -13.60 -29.63
CA GLY P 78 46.85 -14.41 -29.09
C GLY P 78 46.35 -15.75 -28.58
N ARG P 79 47.29 -16.62 -28.22
CA ARG P 79 46.96 -17.98 -27.80
C ARG P 79 47.48 -18.22 -26.39
N ILE P 80 46.56 -18.62 -25.51
CA ILE P 80 46.86 -18.90 -24.11
C ILE P 80 47.68 -20.18 -24.02
N PHE P 81 48.83 -20.10 -23.37
CA PHE P 81 49.58 -21.28 -22.98
C PHE P 81 49.78 -21.16 -21.48
N LEU P 82 49.14 -22.07 -20.75
CA LEU P 82 49.28 -22.11 -19.31
C LEU P 82 50.55 -22.87 -18.90
N GLN P 83 51.06 -22.53 -17.73
CA GLN P 83 52.21 -23.24 -17.17
C GLN P 83 51.85 -23.67 -15.76
N ASP P 84 52.69 -24.55 -15.20
CA ASP P 84 52.56 -24.91 -13.81
C ASP P 84 52.45 -23.66 -12.94
N ILE P 85 51.61 -23.73 -11.92
CA ILE P 85 51.56 -22.68 -10.93
C ILE P 85 52.45 -23.12 -9.78
N GLN P 86 53.51 -22.38 -9.51
CA GLN P 86 54.44 -22.90 -8.53
C GLN P 86 53.95 -22.58 -7.12
N LYS P 87 54.20 -23.49 -6.19
CA LYS P 87 53.70 -23.30 -4.83
C LYS P 87 54.36 -22.09 -4.16
N PRO P 88 53.68 -21.50 -3.19
CA PRO P 88 54.24 -20.32 -2.50
C PRO P 88 55.55 -20.66 -1.79
N ASP P 89 56.29 -19.61 -1.41
CA ASP P 89 57.63 -19.80 -0.85
C ASP P 89 57.63 -20.24 0.61
N GLU P 90 56.54 -20.03 1.33
CA GLU P 90 56.42 -20.52 2.68
C GLU P 90 55.18 -21.41 2.76
N ASP P 91 55.18 -22.28 3.76
CA ASP P 91 53.99 -22.97 4.25
C ASP P 91 53.44 -22.38 5.55
N ASP P 92 54.31 -21.77 6.35
CA ASP P 92 53.95 -21.18 7.62
C ASP P 92 54.28 -19.69 7.49
N TRP P 93 53.30 -18.81 7.68
CA TRP P 93 53.53 -17.38 7.42
C TRP P 93 53.85 -16.58 8.67
N GLU P 94 54.04 -17.24 9.82
CA GLU P 94 54.65 -16.69 11.03
C GLU P 94 53.73 -15.78 11.83
N SER P 95 53.11 -14.78 11.21
CA SER P 95 52.34 -13.80 11.98
C SER P 95 51.55 -12.94 11.01
N GLY P 96 50.58 -12.20 11.57
CA GLY P 96 49.86 -11.24 10.74
C GLY P 96 50.79 -10.23 10.10
N LEU P 97 51.69 -9.64 10.90
CA LEU P 97 52.61 -8.65 10.34
C LEU P 97 53.49 -9.26 9.25
N ASN P 98 54.04 -10.44 9.49
CA ASN P 98 54.90 -11.05 8.47
C ASN P 98 54.14 -11.34 7.18
N ALA P 99 52.91 -11.86 7.28
CA ALA P 99 52.12 -12.11 6.07
C ALA P 99 51.87 -10.80 5.32
N MET P 100 51.51 -9.75 6.05
CA MET P 100 51.29 -8.46 5.40
C MET P 100 52.55 -8.01 4.69
N GLU P 101 53.71 -8.22 5.32
CA GLU P 101 54.95 -7.78 4.67
C GLU P 101 55.24 -8.60 3.41
N ALA P 102 55.02 -9.90 3.49
CA ALA P 102 55.22 -10.74 2.32
C ALA P 102 54.27 -10.34 1.20
N ALA P 103 53.04 -9.97 1.59
CA ALA P 103 52.07 -9.50 0.60
C ALA P 103 52.52 -8.19 -0.06
N LEU P 104 53.03 -7.26 0.75
CA LEU P 104 53.52 -6.01 0.18
C LEU P 104 54.62 -6.27 -0.83
N HIS P 105 55.54 -7.19 -0.48
CA HIS P 105 56.62 -7.54 -1.39
C HIS P 105 56.08 -8.21 -2.65
N LEU P 106 55.10 -9.10 -2.51
CA LEU P 106 54.51 -9.73 -3.68
C LEU P 106 53.83 -8.70 -4.58
N GLU P 107 53.09 -7.77 -3.98
CA GLU P 107 52.39 -6.78 -4.79
C GLU P 107 53.36 -5.84 -5.48
N LYS P 108 54.50 -5.53 -4.87
CA LYS P 108 55.47 -4.74 -5.62
C LYS P 108 56.10 -5.54 -6.77
N ASN P 109 56.32 -6.84 -6.58
CA ASN P 109 56.86 -7.64 -7.68
C ASN P 109 55.84 -7.75 -8.81
N VAL P 110 54.56 -7.98 -8.48
CA VAL P 110 53.54 -8.01 -9.51
C VAL P 110 53.46 -6.67 -10.21
N ASN P 111 53.51 -5.55 -9.45
CA ASN P 111 53.52 -4.22 -10.04
C ASN P 111 54.67 -4.05 -11.02
N GLN P 112 55.87 -4.48 -10.61
CA GLN P 112 57.03 -4.33 -11.49
C GLN P 112 56.80 -5.03 -12.83
N SER P 113 56.24 -6.23 -12.79
CA SER P 113 56.01 -6.96 -14.02
C SER P 113 54.96 -6.28 -14.89
N LEU P 114 53.94 -5.64 -14.28
CA LEU P 114 52.95 -4.91 -15.08
C LEU P 114 53.55 -3.65 -15.72
N LEU P 115 54.44 -2.98 -14.99
CA LEU P 115 55.12 -1.82 -15.57
C LEU P 115 55.97 -2.23 -16.76
N GLU P 116 56.66 -3.37 -16.65
CA GLU P 116 57.43 -3.87 -17.78
C GLU P 116 56.52 -4.22 -18.96
N LEU P 117 55.34 -4.78 -18.67
CA LEU P 117 54.39 -5.09 -19.72
C LEU P 117 53.86 -3.82 -20.37
N HIS P 118 53.61 -2.79 -19.57
CA HIS P 118 53.18 -1.53 -20.16
C HIS P 118 54.28 -0.94 -21.04
N LYS P 119 55.53 -1.01 -20.58
CA LYS P 119 56.66 -0.51 -21.37
C LYS P 119 56.76 -1.27 -22.68
N LEU P 120 56.63 -2.59 -22.64
CA LEU P 120 56.56 -3.39 -23.85
C LEU P 120 55.43 -2.91 -24.76
N ALA P 121 54.24 -2.67 -24.20
CA ALA P 121 53.12 -2.27 -25.05
C ALA P 121 53.42 -0.96 -25.76
N HIS P 122 53.90 0.03 -25.01
CA HIS P 122 54.34 1.30 -25.57
C HIS P 122 55.45 1.11 -26.61
N ASP P 123 56.44 0.25 -26.30
CA ASP P 123 57.54 0.01 -27.25
C ASP P 123 57.03 -0.57 -28.57
N LYS P 124 56.02 -1.44 -28.50
CA LYS P 124 55.44 -2.00 -29.71
C LYS P 124 54.31 -1.16 -30.27
N ASN P 125 54.11 0.05 -29.76
CA ASN P 125 53.08 0.95 -30.27
C ASN P 125 51.71 0.26 -30.28
N ASP P 126 51.37 -0.34 -29.14
CA ASP P 126 50.11 -1.05 -28.95
C ASP P 126 49.29 -0.24 -27.94
N PRO P 127 48.62 0.85 -28.35
CA PRO P 127 47.89 1.65 -27.36
C PRO P 127 46.72 0.90 -26.76
N HIS P 128 46.09 -0.04 -27.49
CA HIS P 128 45.01 -0.81 -26.87
C HIS P 128 45.52 -1.56 -25.64
N LEU P 129 46.68 -2.21 -25.77
CA LEU P 129 47.20 -3.01 -24.65
C LEU P 129 47.68 -2.11 -23.52
N ALA P 130 48.37 -1.04 -23.88
CA ALA P 130 48.82 -0.07 -22.91
C ALA P 130 47.66 0.44 -22.07
N ASP P 131 46.57 0.86 -22.72
CA ASP P 131 45.44 1.40 -21.98
C ASP P 131 44.74 0.33 -21.17
N PHE P 132 44.73 -0.91 -21.68
CA PHE P 132 44.17 -2.02 -20.93
C PHE P 132 44.88 -2.18 -19.60
N ILE P 133 46.22 -2.05 -19.61
CA ILE P 133 47.02 -2.21 -18.42
C ILE P 133 46.79 -1.03 -17.48
N GLU P 134 46.85 0.21 -18.02
CA GLU P 134 46.61 1.39 -17.18
C GLU P 134 45.26 1.29 -16.49
N THR P 135 44.23 0.89 -17.25
CA THR P 135 42.84 0.97 -16.78
C THR P 135 42.56 -0.11 -15.74
N HIS P 136 42.95 -1.36 -16.02
CA HIS P 136 42.53 -2.48 -15.19
C HIS P 136 43.56 -2.91 -14.14
N TYR P 137 44.83 -2.45 -14.21
CA TYR P 137 45.84 -2.99 -13.27
C TYR P 137 46.69 -1.94 -12.56
N LEU P 138 47.07 -0.85 -13.23
CA LEU P 138 48.10 0.01 -12.65
C LEU P 138 47.61 0.67 -11.37
N ASN P 139 46.43 1.31 -11.42
CA ASN P 139 45.95 1.94 -10.19
C ASN P 139 45.52 0.90 -9.16
N GLU P 140 45.02 -0.27 -9.60
CA GLU P 140 44.72 -1.34 -8.66
C GLU P 140 45.96 -1.71 -7.86
N GLN P 141 47.10 -1.88 -8.54
CA GLN P 141 48.33 -2.21 -7.83
C GLN P 141 48.71 -1.09 -6.89
N VAL P 142 48.62 0.16 -7.35
CA VAL P 142 49.00 1.25 -6.47
C VAL P 142 48.11 1.26 -5.23
N LYS P 143 46.79 1.03 -5.38
CA LYS P 143 45.94 1.01 -4.19
C LYS P 143 46.27 -0.15 -3.26
N ALA P 144 46.52 -1.33 -3.84
CA ALA P 144 46.85 -2.48 -3.00
C ALA P 144 48.17 -2.25 -2.26
N ILE P 145 49.16 -1.68 -2.93
CA ILE P 145 50.44 -1.43 -2.26
C ILE P 145 50.26 -0.41 -1.15
N LYS P 146 49.44 0.62 -1.37
CA LYS P 146 49.27 1.63 -0.34
C LYS P 146 48.52 1.05 0.86
N GLU P 147 47.51 0.24 0.60
CA GLU P 147 46.77 -0.37 1.70
C GLU P 147 47.66 -1.33 2.50
N LEU P 148 48.49 -2.14 1.83
CA LEU P 148 49.30 -3.06 2.61
C LEU P 148 50.35 -2.30 3.42
N GLY P 149 50.87 -1.19 2.86
CA GLY P 149 51.75 -0.33 3.64
C GLY P 149 51.07 0.23 4.87
N ASP P 150 49.82 0.73 4.72
CA ASP P 150 49.09 1.23 5.88
C ASP P 150 48.96 0.14 6.94
N HIS P 151 48.64 -1.09 6.52
CA HIS P 151 48.46 -2.19 7.48
C HIS P 151 49.76 -2.52 8.21
N VAL P 152 50.86 -2.64 7.46
CA VAL P 152 52.16 -2.94 8.07
C VAL P 152 52.52 -1.84 9.07
N THR P 153 52.38 -0.57 8.66
CA THR P 153 52.64 0.54 9.56
C THR P 153 51.85 0.42 10.86
N ASN P 154 50.53 0.18 10.75
CA ASN P 154 49.72 0.12 11.96
C ASN P 154 50.10 -1.05 12.83
N LEU P 155 50.30 -2.22 12.23
CA LEU P 155 50.68 -3.39 13.03
C LEU P 155 51.99 -3.14 13.79
N ARG P 156 52.98 -2.55 13.11
CA ARG P 156 54.26 -2.29 13.77
C ARG P 156 54.06 -1.32 14.91
N LYS P 157 53.30 -0.26 14.69
CA LYS P 157 53.16 0.75 15.75
C LYS P 157 52.35 0.22 16.93
N MET P 158 51.43 -0.74 16.68
CA MET P 158 50.71 -1.38 17.78
C MET P 158 51.59 -2.32 18.58
N GLY P 159 52.79 -2.64 18.11
CA GLY P 159 53.68 -3.54 18.82
C GLY P 159 53.73 -4.95 18.29
N ALA P 160 53.13 -5.23 17.13
CA ALA P 160 53.30 -6.53 16.51
C ALA P 160 54.74 -6.69 16.01
N PRO P 161 55.24 -7.94 15.85
CA PRO P 161 54.54 -9.21 16.04
C PRO P 161 54.64 -9.77 17.46
N GLU P 162 55.48 -9.17 18.30
CA GLU P 162 55.62 -9.62 19.70
C GLU P 162 54.29 -9.61 20.41
N SER P 163 53.67 -8.44 20.51
CA SER P 163 52.38 -8.31 21.19
C SER P 163 51.32 -9.06 20.40
N GLY P 164 50.89 -10.21 20.94
CA GLY P 164 49.73 -10.90 20.41
C GLY P 164 48.44 -10.11 20.55
N LEU P 165 48.36 -9.22 21.55
CA LEU P 165 47.25 -8.27 21.65
C LEU P 165 47.16 -7.40 20.40
N ALA P 166 48.30 -6.91 19.89
CA ALA P 166 48.28 -6.07 18.70
C ALA P 166 47.54 -6.74 17.54
N GLU P 167 47.95 -7.98 17.18
CA GLU P 167 47.37 -8.66 16.02
C GLU P 167 45.90 -8.98 16.27
N TYR P 168 45.56 -9.34 17.51
CA TYR P 168 44.17 -9.64 17.82
C TYR P 168 43.31 -8.41 17.61
N LEU P 169 43.76 -7.26 18.14
CA LEU P 169 42.98 -6.04 18.02
C LEU P 169 42.95 -5.55 16.58
N PHE P 170 44.09 -5.65 15.88
CA PHE P 170 44.10 -5.22 14.47
C PHE P 170 43.14 -6.09 13.66
N ASP P 171 43.19 -7.41 13.86
CA ASP P 171 42.25 -8.31 13.21
C ASP P 171 40.81 -7.86 13.46
N LYS P 172 40.50 -7.45 14.70
CA LYS P 172 39.14 -7.04 15.06
CA LYS P 172 39.13 -7.09 14.96
C LYS P 172 38.79 -5.67 14.46
N HIS P 173 39.66 -4.67 14.67
CA HIS P 173 39.26 -3.29 14.43
C HIS P 173 39.60 -2.76 13.04
N THR P 174 40.63 -3.28 12.38
CA THR P 174 40.91 -2.92 10.99
C THR P 174 40.36 -3.92 9.99
N LEU P 175 40.61 -5.21 10.17
CA LEU P 175 40.18 -6.14 9.15
C LEU P 175 38.75 -6.62 9.33
N GLY P 176 38.14 -6.38 10.47
CA GLY P 176 36.79 -6.85 10.67
C GLY P 176 35.70 -5.85 10.33
N ASP P 177 36.05 -4.71 9.75
CA ASP P 177 35.13 -3.56 9.53
C ASP P 177 33.71 -3.97 9.08
N SER Q 4 41.45 32.74 -37.96
CA SER Q 4 42.06 33.07 -36.68
C SER Q 4 42.05 31.84 -35.78
N THR Q 5 42.79 31.90 -34.67
CA THR Q 5 42.87 30.76 -33.77
C THR Q 5 41.68 30.79 -32.81
N SER Q 6 41.10 29.63 -32.57
CA SER Q 6 40.02 29.56 -31.61
C SER Q 6 40.56 29.96 -30.23
N GLN Q 7 39.76 30.71 -29.47
CA GLN Q 7 40.11 31.04 -28.08
C GLN Q 7 40.28 29.81 -27.19
N VAL Q 8 39.75 28.64 -27.56
CA VAL Q 8 39.92 27.47 -26.70
C VAL Q 8 41.12 26.61 -27.11
N ARG Q 9 41.63 26.77 -28.33
CA ARG Q 9 42.61 25.85 -28.85
C ARG Q 9 43.86 25.84 -27.98
N GLN Q 10 44.34 24.65 -27.65
CA GLN Q 10 45.58 24.57 -26.88
C GLN Q 10 46.19 23.21 -27.12
N ASN Q 11 47.45 23.17 -27.58
CA ASN Q 11 48.18 21.91 -27.79
C ASN Q 11 47.44 21.01 -28.79
N TYR Q 12 46.77 21.60 -29.77
CA TYR Q 12 46.02 20.84 -30.76
C TYR Q 12 46.65 21.08 -32.14
N HIS Q 13 47.36 20.07 -32.65
CA HIS Q 13 48.14 20.22 -33.87
C HIS Q 13 47.23 20.24 -35.10
N GLN Q 14 47.58 21.06 -36.07
CA GLN Q 14 46.81 21.08 -37.31
C GLN Q 14 46.69 19.71 -37.94
N ASP Q 15 47.73 18.88 -37.84
CA ASP Q 15 47.66 17.53 -38.39
C ASP Q 15 46.61 16.69 -37.65
N SER Q 16 46.53 16.82 -36.32
CA SER Q 16 45.52 16.08 -35.58
C SER Q 16 44.12 16.53 -35.99
N GLU Q 17 43.93 17.85 -36.08
CA GLU Q 17 42.67 18.40 -36.57
C GLU Q 17 42.27 17.80 -37.92
N ALA Q 18 43.22 17.72 -38.85
CA ALA Q 18 42.92 17.16 -40.17
C ALA Q 18 42.56 15.68 -40.06
N ALA Q 19 43.30 14.93 -39.25
CA ALA Q 19 43.02 13.51 -39.15
C ALA Q 19 41.67 13.25 -38.47
N ILE Q 20 41.25 14.14 -37.56
CA ILE Q 20 39.92 13.98 -36.96
C ILE Q 20 38.84 14.20 -38.03
N ASN Q 21 39.01 15.17 -38.92
CA ASN Q 21 38.07 15.33 -40.02
C ASN Q 21 38.02 14.08 -40.91
N ARG Q 22 39.17 13.48 -41.20
CA ARG Q 22 39.16 12.22 -41.97
C ARG Q 22 38.43 11.11 -41.22
N GLN Q 23 38.70 10.95 -39.92
CA GLN Q 23 38.04 9.89 -39.15
C GLN Q 23 36.53 10.10 -39.10
N ILE Q 24 36.08 11.34 -38.99
CA ILE Q 24 34.64 11.60 -39.03
C ILE Q 24 34.05 11.05 -40.33
N ASN Q 25 34.71 11.34 -41.46
CA ASN Q 25 34.18 10.84 -42.71
C ASN Q 25 34.18 9.32 -42.74
N LEU Q 26 35.20 8.68 -42.14
CA LEU Q 26 35.27 7.22 -42.19
C LEU Q 26 34.19 6.59 -41.32
N GLU Q 27 33.86 7.18 -40.18
CA GLU Q 27 32.78 6.64 -39.35
C GLU Q 27 31.43 6.76 -40.05
N LEU Q 28 31.17 7.88 -40.73
CA LEU Q 28 29.92 8.03 -41.47
C LEU Q 28 29.85 7.03 -42.62
N TYR Q 29 30.99 6.78 -43.28
CA TYR Q 29 31.06 5.75 -44.31
C TYR Q 29 30.72 4.38 -43.74
N ALA Q 30 31.35 4.03 -42.61
CA ALA Q 30 31.04 2.76 -41.97
C ALA Q 30 29.55 2.65 -41.63
N SER Q 31 28.96 3.74 -41.14
CA SER Q 31 27.53 3.73 -40.87
C SER Q 31 26.71 3.40 -42.13
N TYR Q 32 27.10 3.98 -43.27
CA TYR Q 32 26.43 3.77 -44.55
C TYR Q 32 26.56 2.33 -45.03
N VAL Q 33 27.74 1.73 -44.84
CA VAL Q 33 27.93 0.34 -45.23
C VAL Q 33 26.96 -0.55 -44.46
N TYR Q 34 26.91 -0.35 -43.15
CA TYR Q 34 26.02 -1.15 -42.30
C TYR Q 34 24.55 -0.91 -42.61
N LEU Q 35 24.19 0.33 -42.93
CA LEU Q 35 22.83 0.62 -43.37
C LEU Q 35 22.47 -0.20 -44.61
N SER Q 36 23.37 -0.20 -45.60
CA SER Q 36 23.18 -1.01 -46.82
C SER Q 36 23.02 -2.48 -46.50
N MET Q 37 23.95 -3.00 -45.70
CA MET Q 37 23.89 -4.38 -45.27
C MET Q 37 22.55 -4.69 -44.63
N SER Q 38 22.09 -3.82 -43.71
CA SER Q 38 20.85 -4.11 -43.00
C SER Q 38 19.70 -4.30 -43.98
N TYR Q 39 19.54 -3.36 -44.92
CA TYR Q 39 18.33 -3.50 -45.73
C TYR Q 39 18.50 -4.54 -46.82
N TYR Q 40 19.73 -5.02 -47.08
CA TYR Q 40 19.88 -6.22 -47.89
C TYR Q 40 19.18 -7.39 -47.22
N PHE Q 41 19.30 -7.53 -45.90
CA PHE Q 41 18.68 -8.65 -45.22
C PHE Q 41 17.17 -8.49 -45.02
N ASP Q 42 16.66 -7.28 -45.24
CA ASP Q 42 15.24 -7.00 -45.24
C ASP Q 42 14.57 -7.34 -46.57
N ARG Q 43 15.34 -7.68 -47.61
CA ARG Q 43 14.74 -8.06 -48.89
C ARG Q 43 13.88 -9.31 -48.78
N ASP Q 44 12.77 -9.34 -49.54
CA ASP Q 44 11.86 -10.49 -49.46
C ASP Q 44 12.55 -11.78 -49.89
N ASP Q 45 13.63 -11.69 -50.66
CA ASP Q 45 14.35 -12.88 -51.14
C ASP Q 45 15.62 -13.13 -50.35
N VAL Q 46 15.78 -12.48 -49.19
CA VAL Q 46 16.84 -12.80 -48.24
C VAL Q 46 16.18 -13.07 -46.91
N ALA Q 47 15.52 -12.05 -46.34
CA ALA Q 47 14.51 -12.22 -45.30
C ALA Q 47 15.09 -12.83 -44.03
N LEU Q 48 16.21 -12.28 -43.58
CA LEU Q 48 16.80 -12.66 -42.31
C LEU Q 48 16.72 -11.42 -41.40
N LYS Q 49 15.65 -11.37 -40.60
CA LYS Q 49 15.30 -10.17 -39.83
C LYS Q 49 16.37 -9.81 -38.80
N ASN Q 50 16.99 -10.83 -38.19
CA ASN Q 50 17.92 -10.52 -37.10
C ASN Q 50 19.29 -10.13 -37.62
N PHE Q 51 19.72 -10.66 -38.78
CA PHE Q 51 20.84 -10.03 -39.48
C PHE Q 51 20.54 -8.57 -39.78
N ALA Q 52 19.32 -8.29 -40.26
CA ALA Q 52 18.97 -6.90 -40.60
C ALA Q 52 19.02 -6.02 -39.36
N LYS Q 53 18.45 -6.51 -38.25
CA LYS Q 53 18.48 -5.74 -37.01
C LYS Q 53 19.90 -5.57 -36.51
N TYR Q 54 20.74 -6.60 -36.62
CA TYR Q 54 22.11 -6.49 -36.16
C TYR Q 54 22.89 -5.39 -36.90
N PHE Q 55 22.80 -5.36 -38.22
CA PHE Q 55 23.57 -4.35 -38.96
C PHE Q 55 22.97 -2.95 -38.79
N LEU Q 56 21.63 -2.85 -38.67
CA LEU Q 56 21.03 -1.55 -38.40
C LEU Q 56 21.56 -0.95 -37.08
N HIS Q 57 21.65 -1.78 -36.03
CA HIS Q 57 22.22 -1.33 -34.77
C HIS Q 57 23.66 -0.84 -34.95
N GLN Q 58 24.52 -1.63 -35.61
CA GLN Q 58 25.87 -1.17 -35.92
C GLN Q 58 25.88 0.17 -36.66
N SER Q 59 24.96 0.33 -37.62
CA SER Q 59 24.93 1.58 -38.39
C SER Q 59 24.66 2.78 -37.50
N HIS Q 60 23.67 2.68 -36.62
CA HIS Q 60 23.40 3.79 -35.71
C HIS Q 60 24.56 4.01 -34.76
N GLU Q 61 25.23 2.93 -34.36
CA GLU Q 61 26.39 3.09 -33.49
C GLU Q 61 27.51 3.84 -34.19
N GLU Q 62 27.76 3.53 -35.47
CA GLU Q 62 28.81 4.23 -36.20
C GLU Q 62 28.50 5.72 -36.32
N ARG Q 63 27.24 6.06 -36.52
CA ARG Q 63 26.84 7.47 -36.57
C ARG Q 63 27.13 8.14 -35.23
N GLU Q 64 26.90 7.43 -34.13
CA GLU Q 64 27.25 7.98 -32.82
C GLU Q 64 28.76 8.20 -32.70
N HIS Q 65 29.57 7.25 -33.21
CA HIS Q 65 31.02 7.44 -33.25
C HIS Q 65 31.41 8.70 -33.99
N ALA Q 66 30.75 8.96 -35.13
CA ALA Q 66 31.09 10.15 -35.90
C ALA Q 66 30.73 11.42 -35.13
N GLU Q 67 29.54 11.45 -34.55
CA GLU Q 67 29.14 12.65 -33.84
C GLU Q 67 30.05 12.93 -32.64
N LYS Q 68 30.55 11.88 -31.98
CA LYS Q 68 31.43 12.12 -30.83
C LYS Q 68 32.74 12.77 -31.29
N LEU Q 69 33.24 12.37 -32.47
CA LEU Q 69 34.42 13.00 -33.04
C LEU Q 69 34.15 14.45 -33.45
N MET Q 70 32.96 14.71 -34.00
CA MET Q 70 32.62 16.09 -34.30
C MET Q 70 32.58 16.92 -33.02
N LYS Q 71 32.00 16.37 -31.94
CA LYS Q 71 32.03 17.08 -30.67
C LYS Q 71 33.47 17.35 -30.20
N LEU Q 72 34.32 16.33 -30.31
CA LEU Q 72 35.73 16.47 -29.93
C LEU Q 72 36.39 17.59 -30.73
N GLN Q 73 36.18 17.60 -32.04
CA GLN Q 73 36.75 18.67 -32.88
C GLN Q 73 36.43 20.04 -32.30
N ASN Q 74 35.13 20.28 -31.99
CA ASN Q 74 34.76 21.58 -31.45
C ASN Q 74 35.33 21.82 -30.06
N GLN Q 75 35.36 20.78 -29.21
CA GLN Q 75 35.92 20.95 -27.86
C GLN Q 75 37.36 21.46 -27.91
N ARG Q 76 38.15 20.94 -28.84
CA ARG Q 76 39.57 21.31 -28.92
C ARG Q 76 39.80 22.58 -29.73
N GLY Q 77 38.76 23.10 -30.36
CA GLY Q 77 38.89 24.32 -31.12
C GLY Q 77 39.24 24.11 -32.58
N GLY Q 78 39.19 22.87 -33.08
CA GLY Q 78 39.33 22.60 -34.49
C GLY Q 78 38.05 22.89 -35.26
N ARG Q 79 38.15 22.84 -36.58
CA ARG Q 79 37.03 23.21 -37.43
C ARG Q 79 36.63 22.02 -38.28
N ILE Q 80 35.36 21.64 -38.18
CA ILE Q 80 34.82 20.48 -38.88
C ILE Q 80 34.72 20.80 -40.36
N PHE Q 81 35.31 19.96 -41.21
CA PHE Q 81 35.01 20.01 -42.64
C PHE Q 81 34.49 18.64 -43.09
N LEU Q 82 33.23 18.59 -43.51
CA LEU Q 82 32.61 17.35 -43.95
C LEU Q 82 32.90 17.12 -45.43
N GLN Q 83 32.92 15.85 -45.83
CA GLN Q 83 33.12 15.49 -47.23
C GLN Q 83 32.00 14.56 -47.67
N ASP Q 84 31.92 14.34 -48.98
CA ASP Q 84 31.01 13.34 -49.52
C ASP Q 84 31.14 12.04 -48.76
N ILE Q 85 30.02 11.37 -48.50
CA ILE Q 85 30.07 10.02 -47.95
C ILE Q 85 29.98 9.05 -49.13
N GLN Q 86 31.06 8.31 -49.36
CA GLN Q 86 31.08 7.43 -50.51
CA GLN Q 86 31.11 7.40 -50.50
C GLN Q 86 30.10 6.28 -50.31
N LYS Q 87 29.45 5.89 -51.39
CA LYS Q 87 28.53 4.76 -51.30
C LYS Q 87 29.30 3.48 -51.03
N PRO Q 88 28.68 2.48 -50.39
CA PRO Q 88 29.39 1.23 -50.10
C PRO Q 88 29.80 0.48 -51.37
N ASP Q 89 30.73 -0.47 -51.20
CA ASP Q 89 31.29 -1.22 -52.33
C ASP Q 89 30.28 -2.12 -53.03
N GLU Q 90 29.32 -2.67 -52.30
CA GLU Q 90 28.35 -3.61 -52.86
C GLU Q 90 26.96 -3.06 -52.68
N ASP Q 91 26.05 -3.45 -53.57
CA ASP Q 91 24.62 -3.29 -53.40
C ASP Q 91 23.97 -4.55 -52.87
N ASP Q 92 24.56 -5.68 -53.19
CA ASP Q 92 24.08 -7.02 -52.88
C ASP Q 92 25.18 -7.65 -52.05
N TRP Q 93 24.89 -8.03 -50.80
CA TRP Q 93 25.90 -8.52 -49.89
C TRP Q 93 25.96 -10.04 -49.84
N GLU Q 94 25.18 -10.73 -50.71
CA GLU Q 94 25.26 -12.16 -51.02
C GLU Q 94 24.70 -13.12 -49.99
N SER Q 95 25.05 -12.93 -48.71
CA SER Q 95 24.67 -13.90 -47.68
C SER Q 95 25.08 -13.38 -46.31
N GLY Q 96 24.56 -14.03 -45.28
CA GLY Q 96 24.91 -13.61 -43.92
C GLY Q 96 26.38 -13.74 -43.64
N LEU Q 97 26.98 -14.88 -44.01
CA LEU Q 97 28.42 -15.06 -43.85
C LEU Q 97 29.23 -13.99 -44.61
N ASN Q 98 28.89 -13.76 -45.86
CA ASN Q 98 29.67 -12.78 -46.63
C ASN Q 98 29.58 -11.38 -46.02
N ALA Q 99 28.39 -10.98 -45.53
CA ALA Q 99 28.27 -9.68 -44.89
C ALA Q 99 29.11 -9.60 -43.62
N MET Q 100 29.14 -10.68 -42.83
CA MET Q 100 29.93 -10.65 -41.60
C MET Q 100 31.41 -10.57 -41.92
N GLU Q 101 31.82 -11.20 -43.01
CA GLU Q 101 33.23 -11.12 -43.39
C GLU Q 101 33.55 -9.71 -43.87
N ALA Q 102 32.67 -9.10 -44.66
CA ALA Q 102 32.91 -7.73 -45.10
C ALA Q 102 32.88 -6.77 -43.90
N ALA Q 103 32.01 -7.03 -42.91
CA ALA Q 103 32.02 -6.18 -41.72
C ALA Q 103 33.33 -6.33 -40.96
N LEU Q 104 33.82 -7.56 -40.84
CA LEU Q 104 35.08 -7.77 -40.15
C LEU Q 104 36.21 -6.99 -40.84
N HIS Q 105 36.27 -7.08 -42.18
CA HIS Q 105 37.26 -6.32 -42.94
C HIS Q 105 37.12 -4.82 -42.71
N LEU Q 106 35.89 -4.33 -42.70
CA LEU Q 106 35.63 -2.92 -42.46
C LEU Q 106 36.13 -2.49 -41.08
N GLU Q 107 35.78 -3.25 -40.03
CA GLU Q 107 36.17 -2.85 -38.67
C GLU Q 107 37.68 -2.85 -38.49
N LYS Q 108 38.36 -3.78 -39.15
CA LYS Q 108 39.82 -3.79 -39.04
C LYS Q 108 40.41 -2.60 -39.78
N ASN Q 109 39.79 -2.17 -40.88
CA ASN Q 109 40.25 -0.97 -41.54
C ASN Q 109 39.96 0.26 -40.70
N VAL Q 110 38.79 0.33 -40.10
CA VAL Q 110 38.51 1.46 -39.21
C VAL Q 110 39.48 1.46 -38.04
N ASN Q 111 39.80 0.27 -37.53
CA ASN Q 111 40.71 0.17 -36.40
C ASN Q 111 42.11 0.64 -36.79
N GLN Q 112 42.57 0.24 -37.98
CA GLN Q 112 43.87 0.71 -38.48
C GLN Q 112 43.93 2.23 -38.49
N SER Q 113 42.85 2.87 -38.96
CA SER Q 113 42.84 4.32 -39.02
C SER Q 113 42.87 4.93 -37.62
N LEU Q 114 42.14 4.32 -36.66
CA LEU Q 114 42.20 4.79 -35.27
C LEU Q 114 43.60 4.61 -34.66
N LEU Q 115 44.28 3.50 -34.97
CA LEU Q 115 45.64 3.31 -34.45
C LEU Q 115 46.61 4.33 -35.06
N GLU Q 116 46.44 4.65 -36.34
CA GLU Q 116 47.24 5.72 -36.90
C GLU Q 116 46.89 7.07 -36.30
N LEU Q 117 45.62 7.28 -35.92
CA LEU Q 117 45.24 8.54 -35.26
C LEU Q 117 45.87 8.64 -33.87
N HIS Q 118 45.86 7.53 -33.14
CA HIS Q 118 46.51 7.52 -31.83
C HIS Q 118 48.00 7.82 -31.96
N LYS Q 119 48.65 7.19 -32.95
CA LYS Q 119 50.08 7.37 -33.13
C LYS Q 119 50.40 8.83 -33.47
N LEU Q 120 49.56 9.46 -34.30
CA LEU Q 120 49.70 10.87 -34.57
C LEU Q 120 49.58 11.69 -33.29
N ALA Q 121 48.61 11.35 -32.42
CA ALA Q 121 48.44 12.12 -31.19
C ALA Q 121 49.65 11.96 -30.28
N HIS Q 122 50.13 10.72 -30.15
CA HIS Q 122 51.33 10.48 -29.37
C HIS Q 122 52.49 11.29 -29.94
N ASP Q 123 52.69 11.25 -31.26
CA ASP Q 123 53.78 11.97 -31.90
C ASP Q 123 53.65 13.48 -31.70
N LYS Q 124 52.43 14.01 -31.62
CA LYS Q 124 52.30 15.45 -31.41
C LYS Q 124 52.21 15.82 -29.93
N ASN Q 125 52.51 14.87 -29.03
CA ASN Q 125 52.42 15.14 -27.58
C ASN Q 125 51.07 15.74 -27.20
N ASP Q 126 50.01 15.02 -27.57
CA ASP Q 126 48.64 15.42 -27.30
C ASP Q 126 48.02 14.32 -26.46
N PRO Q 127 48.30 14.30 -25.15
CA PRO Q 127 47.79 13.19 -24.34
C PRO Q 127 46.30 13.23 -24.18
N HIS Q 128 45.66 14.40 -24.32
CA HIS Q 128 44.22 14.42 -24.23
C HIS Q 128 43.60 13.68 -25.42
N LEU Q 129 44.11 13.95 -26.63
CA LEU Q 129 43.59 13.25 -27.79
C LEU Q 129 43.90 11.77 -27.72
N ALA Q 130 45.12 11.42 -27.32
CA ALA Q 130 45.48 10.01 -27.22
C ALA Q 130 44.58 9.29 -26.24
N ASP Q 131 44.27 9.92 -25.11
CA ASP Q 131 43.38 9.31 -24.12
C ASP Q 131 41.94 9.20 -24.64
N PHE Q 132 41.49 10.23 -25.38
CA PHE Q 132 40.17 10.19 -25.96
C PHE Q 132 40.02 9.00 -26.91
N ILE Q 133 41.05 8.74 -27.73
CA ILE Q 133 40.96 7.61 -28.65
C ILE Q 133 40.99 6.29 -27.88
N GLU Q 134 41.86 6.21 -26.86
CA GLU Q 134 41.91 4.99 -26.05
C GLU Q 134 40.56 4.70 -25.41
N THR Q 135 39.98 5.72 -24.80
CA THR Q 135 38.83 5.51 -23.94
C THR Q 135 37.57 5.21 -24.73
N HIS Q 136 37.39 5.87 -25.87
CA HIS Q 136 36.13 5.79 -26.56
C HIS Q 136 36.19 4.89 -27.78
N TYR Q 137 37.36 4.60 -28.33
CA TYR Q 137 37.34 3.89 -29.60
C TYR Q 137 38.09 2.56 -29.57
N LEU Q 138 39.26 2.48 -28.91
CA LEU Q 138 40.16 1.36 -29.19
C LEU Q 138 39.60 0.03 -28.65
N ASN Q 139 39.08 0.01 -27.43
CA ASN Q 139 38.52 -1.26 -26.96
C ASN Q 139 37.19 -1.56 -27.66
N GLU Q 140 36.41 -0.53 -28.01
CA GLU Q 140 35.20 -0.77 -28.79
C GLU Q 140 35.55 -1.46 -30.11
N GLN Q 141 36.62 -1.03 -30.79
CA GLN Q 141 37.03 -1.72 -32.02
C GLN Q 141 37.46 -3.15 -31.75
N VAL Q 142 38.19 -3.38 -30.66
CA VAL Q 142 38.68 -4.74 -30.40
C VAL Q 142 37.50 -5.68 -30.12
N LYS Q 143 36.52 -5.20 -29.36
CA LYS Q 143 35.32 -6.00 -29.10
C LYS Q 143 34.51 -6.28 -30.37
N ALA Q 144 34.30 -5.27 -31.20
CA ALA Q 144 33.56 -5.49 -32.44
C ALA Q 144 34.28 -6.51 -33.32
N ILE Q 145 35.61 -6.37 -33.43
CA ILE Q 145 36.38 -7.28 -34.25
C ILE Q 145 36.29 -8.69 -33.71
N LYS Q 146 36.42 -8.84 -32.38
CA LYS Q 146 36.34 -10.18 -31.79
C LYS Q 146 34.95 -10.79 -32.01
N GLU Q 147 33.91 -9.98 -31.77
CA GLU Q 147 32.54 -10.43 -31.99
C GLU Q 147 32.30 -10.87 -33.43
N LEU Q 148 32.77 -10.08 -34.40
CA LEU Q 148 32.56 -10.46 -35.80
C LEU Q 148 33.34 -11.71 -36.14
N GLY Q 149 34.56 -11.84 -35.61
CA GLY Q 149 35.30 -13.07 -35.80
C GLY Q 149 34.54 -14.28 -35.24
N ASP Q 150 34.02 -14.16 -34.01
CA ASP Q 150 33.15 -15.21 -33.44
C ASP Q 150 32.01 -15.56 -34.39
N HIS Q 151 31.28 -14.55 -34.89
CA HIS Q 151 30.13 -14.84 -35.74
C HIS Q 151 30.56 -15.55 -37.02
N VAL Q 152 31.63 -15.08 -37.65
CA VAL Q 152 32.14 -15.70 -38.87
C VAL Q 152 32.47 -17.15 -38.60
N THR Q 153 33.13 -17.42 -37.47
CA THR Q 153 33.52 -18.78 -37.10
C THR Q 153 32.30 -19.68 -36.98
N ASN Q 154 31.27 -19.23 -36.26
CA ASN Q 154 30.10 -20.10 -36.09
C ASN Q 154 29.36 -20.32 -37.41
N LEU Q 155 29.30 -19.31 -38.26
CA LEU Q 155 28.58 -19.48 -39.51
C LEU Q 155 29.30 -20.47 -40.40
N ARG Q 156 30.61 -20.34 -40.50
CA ARG Q 156 31.39 -21.32 -41.26
C ARG Q 156 31.20 -22.70 -40.67
N LYS Q 157 31.30 -22.84 -39.34
CA LYS Q 157 31.22 -24.18 -38.76
C LYS Q 157 29.83 -24.79 -38.92
N MET Q 158 28.76 -23.99 -38.87
CA MET Q 158 27.42 -24.54 -39.13
C MET Q 158 27.22 -24.94 -40.59
N GLY Q 159 28.11 -24.53 -41.49
CA GLY Q 159 27.98 -24.86 -42.89
C GLY Q 159 27.49 -23.75 -43.80
N ALA Q 160 27.50 -22.50 -43.36
CA ALA Q 160 27.21 -21.40 -44.27
C ALA Q 160 28.34 -21.25 -45.30
N PRO Q 161 28.05 -20.61 -46.46
CA PRO Q 161 26.72 -20.10 -46.77
C PRO Q 161 25.93 -21.02 -47.69
N GLU Q 162 26.52 -22.18 -48.03
CA GLU Q 162 25.80 -23.20 -48.80
C GLU Q 162 24.51 -23.59 -48.09
N SER Q 163 24.62 -24.08 -46.85
CA SER Q 163 23.44 -24.48 -46.07
C SER Q 163 22.63 -23.25 -45.68
N GLY Q 164 21.47 -23.08 -46.32
CA GLY Q 164 20.55 -22.01 -45.92
C GLY Q 164 19.94 -22.25 -44.56
N LEU Q 165 19.86 -23.53 -44.13
CA LEU Q 165 19.54 -23.84 -42.75
C LEU Q 165 20.52 -23.18 -41.76
N ALA Q 166 21.83 -23.19 -42.09
CA ALA Q 166 22.82 -22.57 -41.21
C ALA Q 166 22.46 -21.11 -40.93
N GLU Q 167 22.28 -20.31 -41.98
CA GLU Q 167 22.02 -18.87 -41.79
C GLU Q 167 20.69 -18.64 -41.06
N TYR Q 168 19.67 -19.46 -41.35
CA TYR Q 168 18.38 -19.33 -40.67
C TYR Q 168 18.52 -19.56 -39.16
N LEU Q 169 19.20 -20.65 -38.78
CA LEU Q 169 19.32 -20.96 -37.35
C LEU Q 169 20.24 -19.97 -36.64
N PHE Q 170 21.32 -19.52 -37.31
CA PHE Q 170 22.18 -18.52 -36.70
C PHE Q 170 21.42 -17.23 -36.45
N ASP Q 171 20.60 -16.83 -37.43
CA ASP Q 171 19.79 -15.63 -37.30
C ASP Q 171 18.86 -15.74 -36.09
N LYS Q 172 18.28 -16.92 -35.86
CA LYS Q 172 17.37 -17.13 -34.74
CA LYS Q 172 17.38 -17.14 -34.74
C LYS Q 172 18.12 -17.20 -33.42
N HIS Q 173 19.14 -18.06 -33.33
CA HIS Q 173 19.73 -18.42 -32.05
C HIS Q 173 20.89 -17.56 -31.61
N THR Q 174 21.65 -16.97 -32.51
CA THR Q 174 22.71 -16.05 -32.08
C THR Q 174 22.25 -14.61 -32.17
N LEU Q 175 21.79 -14.19 -33.33
CA LEU Q 175 21.43 -12.80 -33.54
C LEU Q 175 20.04 -12.46 -33.01
N GLY Q 176 19.21 -13.43 -32.67
CA GLY Q 176 17.90 -13.09 -32.16
C GLY Q 176 17.79 -13.16 -30.64
N ASP Q 177 18.89 -12.92 -29.93
CA ASP Q 177 18.99 -13.16 -28.46
C ASP Q 177 18.00 -12.36 -27.59
N SER R 4 64.52 8.86 4.11
CA SER R 4 63.94 7.53 4.12
C SER R 4 63.12 7.31 2.86
N THR R 5 63.22 6.14 2.23
CA THR R 5 62.33 5.83 1.12
C THR R 5 61.05 5.22 1.69
N SER R 6 59.91 5.67 1.19
CA SER R 6 58.66 5.06 1.58
C SER R 6 58.64 3.56 1.24
N GLN R 7 58.09 2.76 2.15
CA GLN R 7 57.88 1.35 1.82
C GLN R 7 56.98 1.15 0.60
N VAL R 8 56.20 2.16 0.19
CA VAL R 8 55.29 1.95 -0.94
C VAL R 8 55.88 2.47 -2.24
N ARG R 9 56.91 3.31 -2.18
CA ARG R 9 57.38 3.99 -3.39
C ARG R 9 57.90 3.00 -4.42
N GLN R 10 57.53 3.22 -5.67
CA GLN R 10 57.95 2.34 -6.76
C GLN R 10 57.75 3.07 -8.08
N ASN R 11 58.82 3.25 -8.86
CA ASN R 11 58.75 3.87 -10.17
C ASN R 11 58.27 5.33 -10.10
N TYR R 12 58.54 6.01 -9.00
CA TYR R 12 58.05 7.38 -8.79
C TYR R 12 59.26 8.30 -8.69
N HIS R 13 59.51 9.04 -9.76
CA HIS R 13 60.69 9.88 -9.84
C HIS R 13 60.56 11.14 -8.96
N GLN R 14 61.68 11.56 -8.36
CA GLN R 14 61.66 12.75 -7.51
C GLN R 14 61.18 14.00 -8.25
N ASP R 15 61.40 14.06 -9.57
CA ASP R 15 60.87 15.18 -10.34
C ASP R 15 59.34 15.14 -10.41
N SER R 16 58.77 13.95 -10.57
CA SER R 16 57.33 13.83 -10.56
C SER R 16 56.77 14.27 -9.20
N GLU R 17 57.38 13.76 -8.14
CA GLU R 17 56.97 14.12 -6.79
C GLU R 17 56.99 15.62 -6.60
N ALA R 18 58.04 16.29 -7.12
CA ALA R 18 58.13 17.73 -6.97
C ALA R 18 57.08 18.42 -7.84
N ALA R 19 56.86 17.89 -9.04
CA ALA R 19 55.87 18.48 -9.93
C ALA R 19 54.46 18.36 -9.35
N ILE R 20 54.19 17.30 -8.58
CA ILE R 20 52.88 17.15 -7.95
C ILE R 20 52.70 18.19 -6.86
N ASN R 21 53.75 18.48 -6.09
CA ASN R 21 53.61 19.51 -5.07
C ASN R 21 53.34 20.86 -5.71
N ARG R 22 53.96 21.15 -6.86
CA ARG R 22 53.67 22.40 -7.55
C ARG R 22 52.22 22.43 -8.03
N GLN R 23 51.73 21.30 -8.56
CA GLN R 23 50.36 21.28 -9.05
C GLN R 23 49.37 21.46 -7.91
N ILE R 24 49.66 20.87 -6.75
CA ILE R 24 48.81 21.09 -5.58
C ILE R 24 48.68 22.58 -5.29
N ASN R 25 49.80 23.31 -5.30
CA ASN R 25 49.71 24.74 -5.01
C ASN R 25 48.94 25.47 -6.10
N LEU R 26 49.17 25.09 -7.36
CA LEU R 26 48.47 25.75 -8.46
C LEU R 26 46.96 25.55 -8.35
N GLU R 27 46.52 24.34 -7.97
CA GLU R 27 45.09 24.09 -7.85
C GLU R 27 44.50 24.89 -6.70
N LEU R 28 45.19 24.94 -5.54
CA LEU R 28 44.71 25.75 -4.43
C LEU R 28 44.67 27.23 -4.83
N TYR R 29 45.64 27.69 -5.62
CA TYR R 29 45.61 29.05 -6.15
C TYR R 29 44.36 29.28 -7.01
N ALA R 30 44.10 28.36 -7.94
CA ALA R 30 42.92 28.51 -8.78
C ALA R 30 41.64 28.54 -7.94
N SER R 31 41.58 27.70 -6.90
CA SER R 31 40.45 27.76 -5.98
C SER R 31 40.27 29.16 -5.38
N TYR R 32 41.38 29.79 -4.99
CA TYR R 32 41.38 31.13 -4.39
C TYR R 32 40.93 32.18 -5.40
N VAL R 33 41.42 32.10 -6.63
CA VAL R 33 40.96 33.03 -7.66
C VAL R 33 39.43 32.97 -7.78
N TYR R 34 38.88 31.76 -7.88
CA TYR R 34 37.44 31.61 -8.05
C TYR R 34 36.66 32.10 -6.85
N LEU R 35 37.15 31.81 -5.63
CA LEU R 35 36.50 32.34 -4.44
C LEU R 35 36.42 33.86 -4.51
N SER R 36 37.54 34.51 -4.88
CA SER R 36 37.55 35.96 -5.03
C SER R 36 36.51 36.41 -6.04
N MET R 37 36.47 35.76 -7.21
CA MET R 37 35.49 36.12 -8.25
C MET R 37 34.08 35.99 -7.72
N SER R 38 33.80 34.88 -7.02
CA SER R 38 32.46 34.66 -6.50
C SER R 38 31.98 35.82 -5.64
N TYR R 39 32.80 36.26 -4.69
CA TYR R 39 32.31 37.25 -3.76
C TYR R 39 32.37 38.65 -4.35
N TYR R 40 33.10 38.86 -5.44
CA TYR R 40 32.93 40.09 -6.21
C TYR R 40 31.51 40.22 -6.75
N PHE R 41 30.93 39.13 -7.29
CA PHE R 41 29.56 39.19 -7.83
C PHE R 41 28.47 39.21 -6.76
N ASP R 42 28.83 38.89 -5.52
CA ASP R 42 27.97 39.02 -4.34
C ASP R 42 27.88 40.45 -3.80
N ARG R 43 28.74 41.37 -4.26
CA ARG R 43 28.69 42.77 -3.79
C ARG R 43 27.39 43.46 -4.15
N ASP R 44 26.97 44.38 -3.28
CA ASP R 44 25.69 45.05 -3.51
C ASP R 44 25.72 45.91 -4.77
N ASP R 45 26.91 46.32 -5.21
CA ASP R 45 27.01 47.13 -6.43
C ASP R 45 27.39 46.30 -7.64
N VAL R 46 27.33 44.98 -7.54
CA VAL R 46 27.52 44.13 -8.71
C VAL R 46 26.30 43.26 -8.83
N ALA R 47 26.09 42.40 -7.82
CA ALA R 47 24.83 41.72 -7.55
C ALA R 47 24.35 40.84 -8.70
N LEU R 48 25.22 39.95 -9.15
CA LEU R 48 24.84 38.92 -10.11
C LEU R 48 24.98 37.58 -9.39
N LYS R 49 23.87 37.12 -8.78
CA LYS R 49 23.95 35.94 -7.90
C LYS R 49 24.32 34.67 -8.63
N ASN R 50 23.96 34.52 -9.91
CA ASN R 50 24.32 33.25 -10.55
C ASN R 50 25.76 33.24 -11.01
N PHE R 51 26.31 34.41 -11.38
CA PHE R 51 27.76 34.51 -11.54
C PHE R 51 28.45 34.14 -10.23
N ALA R 52 27.96 34.68 -9.10
CA ALA R 52 28.55 34.34 -7.81
C ALA R 52 28.50 32.84 -7.57
N LYS R 53 27.34 32.22 -7.81
CA LYS R 53 27.21 30.80 -7.57
C LYS R 53 28.11 29.99 -8.53
N TYR R 54 28.24 30.44 -9.76
CA TYR R 54 29.01 29.70 -10.75
C TYR R 54 30.48 29.63 -10.33
N PHE R 55 31.06 30.76 -9.94
CA PHE R 55 32.46 30.77 -9.56
C PHE R 55 32.69 30.08 -8.22
N LEU R 56 31.72 30.17 -7.29
CA LEU R 56 31.90 29.47 -6.01
C LEU R 56 31.97 27.97 -6.21
N HIS R 57 31.14 27.43 -7.10
CA HIS R 57 31.20 26.01 -7.44
C HIS R 57 32.57 25.67 -8.04
N GLN R 58 33.05 26.47 -8.99
CA GLN R 58 34.39 26.23 -9.51
C GLN R 58 35.42 26.25 -8.39
N SER R 59 35.28 27.18 -7.43
CA SER R 59 36.26 27.27 -6.36
C SER R 59 36.31 25.97 -5.56
N HIS R 60 35.14 25.43 -5.20
CA HIS R 60 35.09 24.18 -4.46
C HIS R 60 35.61 23.01 -5.28
N GLU R 61 35.35 22.99 -6.60
CA GLU R 61 35.94 21.94 -7.44
C GLU R 61 37.46 22.01 -7.50
N GLU R 62 38.04 23.21 -7.62
CA GLU R 62 39.50 23.31 -7.63
C GLU R 62 40.09 22.78 -6.33
N ARG R 63 39.43 23.07 -5.21
CA ARG R 63 39.88 22.52 -3.93
C ARG R 63 39.88 20.99 -3.97
N GLU R 64 38.87 20.39 -4.59
CA GLU R 64 38.86 18.94 -4.72
C GLU R 64 39.99 18.43 -5.62
N HIS R 65 40.26 19.11 -6.74
CA HIS R 65 41.41 18.76 -7.59
C HIS R 65 42.70 18.73 -6.78
N ALA R 66 42.87 19.71 -5.88
CA ALA R 66 44.08 19.80 -5.08
C ALA R 66 44.17 18.63 -4.13
N GLU R 67 43.04 18.28 -3.49
CA GLU R 67 43.00 17.20 -2.53
C GLU R 67 43.27 15.84 -3.20
N LYS R 68 42.76 15.65 -4.40
CA LYS R 68 43.03 14.41 -5.10
C LYS R 68 44.51 14.26 -5.43
N LEU R 69 45.20 15.37 -5.70
CA LEU R 69 46.64 15.32 -5.94
C LEU R 69 47.41 15.01 -4.65
N MET R 70 46.94 15.56 -3.52
CA MET R 70 47.56 15.25 -2.24
C MET R 70 47.40 13.76 -1.94
N LYS R 71 46.22 13.22 -2.24
CA LYS R 71 45.99 11.78 -2.09
C LYS R 71 46.97 10.99 -2.93
N LEU R 72 47.07 11.35 -4.22
CA LEU R 72 48.00 10.71 -5.15
C LEU R 72 49.43 10.76 -4.60
N GLN R 73 49.84 11.93 -4.10
CA GLN R 73 51.20 12.04 -3.57
C GLN R 73 51.44 10.98 -2.50
N ASN R 74 50.52 10.84 -1.54
CA ASN R 74 50.66 9.82 -0.50
C ASN R 74 50.56 8.41 -1.07
N GLN R 75 49.67 8.20 -2.04
CA GLN R 75 49.54 6.86 -2.61
C GLN R 75 50.87 6.37 -3.19
N ARG R 76 51.59 7.24 -3.89
CA ARG R 76 52.83 6.85 -4.53
C ARG R 76 54.01 6.89 -3.57
N GLY R 77 53.79 7.36 -2.35
CA GLY R 77 54.86 7.50 -1.39
C GLY R 77 55.66 8.77 -1.51
N GLY R 78 55.18 9.76 -2.27
CA GLY R 78 55.78 11.07 -2.21
C GLY R 78 55.45 11.73 -0.89
N ARG R 79 56.04 12.90 -0.68
CA ARG R 79 55.85 13.67 0.56
C ARG R 79 55.32 15.06 0.19
N ILE R 80 54.17 15.39 0.77
CA ILE R 80 53.50 16.65 0.50
C ILE R 80 54.29 17.78 1.15
N PHE R 81 54.61 18.81 0.35
CA PHE R 81 55.14 20.05 0.92
C PHE R 81 54.28 21.20 0.41
N LEU R 82 53.55 21.83 1.33
CA LEU R 82 52.66 22.92 0.95
C LEU R 82 53.43 24.25 0.98
N GLN R 83 52.99 25.18 0.14
CA GLN R 83 53.61 26.50 0.05
C GLN R 83 52.51 27.53 0.25
N ASP R 84 52.90 28.78 0.47
CA ASP R 84 51.92 29.84 0.56
C ASP R 84 51.00 29.80 -0.66
N ILE R 85 49.75 30.18 -0.46
CA ILE R 85 48.81 30.34 -1.56
C ILE R 85 48.78 31.83 -1.89
N GLN R 86 49.36 32.20 -3.04
CA GLN R 86 49.40 33.60 -3.46
C GLN R 86 47.99 34.16 -3.63
N LYS R 87 47.77 35.40 -3.20
CA LYS R 87 46.45 36.00 -3.42
C LYS R 87 46.22 36.22 -4.93
N PRO R 88 44.95 36.31 -5.35
CA PRO R 88 44.67 36.54 -6.77
C PRO R 88 45.19 37.89 -7.25
N ASP R 89 45.26 38.06 -8.57
CA ASP R 89 45.87 39.24 -9.18
C ASP R 89 44.96 40.46 -9.19
N GLU R 90 43.67 40.30 -8.91
CA GLU R 90 42.72 41.39 -8.83
C GLU R 90 41.90 41.23 -7.57
N ASP R 91 41.47 42.35 -7.01
CA ASP R 91 40.42 42.39 -6.01
C ASP R 91 39.07 42.71 -6.63
N ASP R 92 39.07 43.44 -7.74
CA ASP R 92 37.89 43.89 -8.45
C ASP R 92 37.95 43.27 -9.86
N TRP R 93 36.97 42.44 -10.18
CA TRP R 93 36.99 41.67 -11.42
C TRP R 93 36.20 42.33 -12.54
N GLU R 94 35.69 43.55 -12.30
CA GLU R 94 35.15 44.47 -13.31
C GLU R 94 33.77 44.15 -13.86
N SER R 95 33.57 42.93 -14.37
CA SER R 95 32.30 42.60 -15.02
C SER R 95 32.23 41.08 -15.16
N GLY R 96 31.03 40.60 -15.49
CA GLY R 96 30.90 39.16 -15.74
C GLY R 96 31.79 38.71 -16.89
N LEU R 97 31.77 39.47 -17.98
CA LEU R 97 32.61 39.13 -19.12
C LEU R 97 34.09 39.08 -18.74
N ASN R 98 34.56 40.08 -18.00
CA ASN R 98 35.98 40.13 -17.66
C ASN R 98 36.35 38.95 -16.78
N ALA R 99 35.47 38.60 -15.83
CA ALA R 99 35.74 37.45 -14.99
C ALA R 99 35.77 36.17 -15.81
N MET R 100 34.83 35.99 -16.74
CA MET R 100 34.87 34.80 -17.60
C MET R 100 36.18 34.75 -18.40
N GLU R 101 36.60 35.91 -18.94
CA GLU R 101 37.86 35.96 -19.68
C GLU R 101 39.06 35.62 -18.78
N ALA R 102 39.08 36.13 -17.54
CA ALA R 102 40.16 35.77 -16.62
C ALA R 102 40.12 34.30 -16.26
N ALA R 103 38.92 33.73 -16.10
CA ALA R 103 38.84 32.31 -15.80
C ALA R 103 39.36 31.46 -16.95
N LEU R 104 38.99 31.81 -18.18
CA LEU R 104 39.47 31.10 -19.35
C LEU R 104 40.99 31.14 -19.41
N HIS R 105 41.58 32.31 -19.20
CA HIS R 105 43.03 32.44 -19.18
C HIS R 105 43.63 31.58 -18.06
N LEU R 106 43.01 31.59 -16.87
CA LEU R 106 43.51 30.78 -15.78
C LEU R 106 43.43 29.28 -16.11
N GLU R 107 42.30 28.84 -16.66
CA GLU R 107 42.13 27.42 -16.93
C GLU R 107 43.14 26.94 -17.99
N LYS R 108 43.44 27.79 -18.96
CA LYS R 108 44.47 27.44 -19.96
C LYS R 108 45.87 27.39 -19.34
N ASN R 109 46.19 28.26 -18.38
CA ASN R 109 47.45 28.11 -17.64
C ASN R 109 47.48 26.81 -16.81
N VAL R 110 46.39 26.48 -16.12
CA VAL R 110 46.36 25.24 -15.35
C VAL R 110 46.49 24.04 -16.29
N ASN R 111 45.85 24.13 -17.46
CA ASN R 111 45.97 23.06 -18.46
C ASN R 111 47.43 22.94 -18.92
N GLN R 112 48.11 24.06 -19.14
CA GLN R 112 49.51 23.97 -19.57
C GLN R 112 50.35 23.23 -18.52
N SER R 113 50.14 23.54 -17.25
CA SER R 113 50.90 22.85 -16.21
C SER R 113 50.56 21.36 -16.16
N LEU R 114 49.27 20.99 -16.35
CA LEU R 114 48.95 19.56 -16.37
C LEU R 114 49.58 18.85 -17.57
N LEU R 115 49.63 19.52 -18.73
CA LEU R 115 50.25 18.91 -19.91
C LEU R 115 51.75 18.71 -19.71
N GLU R 116 52.41 19.68 -19.07
CA GLU R 116 53.82 19.50 -18.74
C GLU R 116 54.01 18.41 -17.69
N LEU R 117 53.08 18.32 -16.73
CA LEU R 117 53.15 17.19 -15.81
C LEU R 117 52.94 15.87 -16.54
N HIS R 118 52.02 15.84 -17.50
CA HIS R 118 51.83 14.59 -18.22
C HIS R 118 53.09 14.22 -19.00
N LYS R 119 53.74 15.20 -19.62
CA LYS R 119 54.95 14.90 -20.37
C LYS R 119 56.06 14.41 -19.44
N LEU R 120 56.17 14.99 -18.25
CA LEU R 120 57.16 14.53 -17.28
C LEU R 120 56.92 13.06 -16.93
N ALA R 121 55.66 12.70 -16.68
CA ALA R 121 55.35 11.32 -16.32
C ALA R 121 55.70 10.39 -17.47
N HIS R 122 55.43 10.83 -18.70
CA HIS R 122 55.78 10.03 -19.86
C HIS R 122 57.30 9.87 -19.99
N ASP R 123 58.04 10.97 -19.82
CA ASP R 123 59.49 10.95 -19.94
C ASP R 123 60.16 10.10 -18.86
N LYS R 124 59.51 9.95 -17.70
CA LYS R 124 60.06 9.12 -16.64
C LYS R 124 59.45 7.73 -16.62
N ASN R 125 58.76 7.35 -17.70
CA ASN R 125 58.15 6.02 -17.83
C ASN R 125 57.31 5.69 -16.61
N ASP R 126 56.44 6.63 -16.26
CA ASP R 126 55.54 6.46 -15.13
C ASP R 126 54.11 6.39 -15.69
N PRO R 127 53.68 5.23 -16.18
CA PRO R 127 52.34 5.16 -16.79
C PRO R 127 51.23 5.31 -15.78
N HIS R 128 51.45 4.91 -14.53
CA HIS R 128 50.40 5.15 -13.55
C HIS R 128 50.11 6.63 -13.42
N LEU R 129 51.16 7.45 -13.37
CA LEU R 129 50.98 8.86 -13.20
C LEU R 129 50.39 9.49 -14.46
N ALA R 130 50.88 9.06 -15.63
CA ALA R 130 50.33 9.60 -16.87
C ALA R 130 48.85 9.29 -16.99
N ASP R 131 48.47 8.05 -16.70
CA ASP R 131 47.06 7.70 -16.75
C ASP R 131 46.24 8.49 -15.73
N PHE R 132 46.76 8.64 -14.51
CA PHE R 132 46.05 9.41 -13.49
C PHE R 132 45.72 10.80 -13.99
N ILE R 133 46.67 11.44 -14.67
CA ILE R 133 46.47 12.80 -15.17
C ILE R 133 45.46 12.80 -16.29
N GLU R 134 45.58 11.83 -17.22
CA GLU R 134 44.63 11.68 -18.31
C GLU R 134 43.22 11.51 -17.77
N THR R 135 43.06 10.62 -16.81
CA THR R 135 41.72 10.20 -16.40
C THR R 135 41.02 11.28 -15.62
N HIS R 136 41.74 11.92 -14.71
CA HIS R 136 41.11 12.80 -13.73
C HIS R 136 41.26 14.28 -14.06
N TYR R 137 42.20 14.65 -14.95
CA TYR R 137 42.42 16.08 -15.13
C TYR R 137 42.29 16.56 -16.57
N LEU R 138 42.73 15.76 -17.57
CA LEU R 138 42.90 16.31 -18.91
C LEU R 138 41.56 16.60 -19.58
N ASN R 139 40.62 15.65 -19.58
CA ASN R 139 39.34 15.99 -20.22
C ASN R 139 38.56 17.02 -19.40
N GLU R 140 38.72 17.00 -18.07
CA GLU R 140 38.07 18.02 -17.25
C GLU R 140 38.52 19.41 -17.66
N GLN R 141 39.82 19.60 -17.89
CA GLN R 141 40.32 20.90 -18.33
C GLN R 141 39.77 21.27 -19.69
N VAL R 142 39.75 20.31 -20.63
CA VAL R 142 39.23 20.64 -21.95
C VAL R 142 37.76 21.08 -21.87
N LYS R 143 36.94 20.38 -21.06
CA LYS R 143 35.54 20.78 -20.91
C LYS R 143 35.43 22.17 -20.26
N ALA R 144 36.20 22.39 -19.20
CA ALA R 144 36.13 23.69 -18.54
C ALA R 144 36.47 24.81 -19.53
N ILE R 145 37.49 24.59 -20.36
CA ILE R 145 37.91 25.63 -21.29
C ILE R 145 36.84 25.83 -22.35
N LYS R 146 36.31 24.72 -22.88
CA LYS R 146 35.21 24.83 -23.85
C LYS R 146 34.05 25.64 -23.29
N GLU R 147 33.66 25.40 -22.04
CA GLU R 147 32.49 26.05 -21.49
C GLU R 147 32.74 27.53 -21.27
N LEU R 148 33.94 27.88 -20.78
CA LEU R 148 34.27 29.28 -20.60
C LEU R 148 34.31 30.00 -21.93
N GLY R 149 34.85 29.34 -22.96
CA GLY R 149 34.80 29.94 -24.28
C GLY R 149 33.38 30.20 -24.73
N ASP R 150 32.50 29.22 -24.51
CA ASP R 150 31.09 29.38 -24.86
C ASP R 150 30.49 30.58 -24.13
N HIS R 151 30.72 30.67 -22.82
CA HIS R 151 30.18 31.78 -22.04
C HIS R 151 30.70 33.11 -22.56
N VAL R 152 32.02 33.21 -22.80
CA VAL R 152 32.60 34.44 -23.33
C VAL R 152 31.94 34.80 -24.64
N THR R 153 31.76 33.82 -25.52
CA THR R 153 31.16 34.11 -26.82
C THR R 153 29.76 34.68 -26.64
N ASN R 154 28.96 34.05 -25.78
CA ASN R 154 27.59 34.53 -25.64
C ASN R 154 27.54 35.93 -25.03
N LEU R 155 28.36 36.20 -24.00
CA LEU R 155 28.33 37.55 -23.40
C LEU R 155 28.75 38.61 -24.39
N ARG R 156 29.78 38.35 -25.21
CA ARG R 156 30.18 39.32 -26.22
C ARG R 156 29.07 39.52 -27.23
N LYS R 157 28.52 38.43 -27.76
CA LYS R 157 27.43 38.50 -28.73
C LYS R 157 26.23 39.28 -28.18
N MET R 158 25.89 39.11 -26.89
CA MET R 158 24.77 39.82 -26.30
C MET R 158 25.04 41.29 -26.04
N GLY R 159 26.29 41.76 -26.14
CA GLY R 159 26.59 43.15 -25.87
C GLY R 159 27.37 43.42 -24.59
N ALA R 160 27.75 42.41 -23.82
CA ALA R 160 28.59 42.67 -22.66
C ALA R 160 29.96 43.20 -23.09
N PRO R 161 30.66 43.95 -22.20
CA PRO R 161 30.16 44.36 -20.88
C PRO R 161 29.48 45.73 -20.93
N GLU R 162 29.40 46.32 -22.14
CA GLU R 162 28.67 47.57 -22.35
C GLU R 162 27.27 47.49 -21.79
N SER R 163 26.44 46.62 -22.40
CA SER R 163 25.05 46.43 -21.99
C SER R 163 24.99 45.72 -20.64
N GLY R 164 24.56 46.46 -19.59
CA GLY R 164 24.28 45.80 -18.32
C GLY R 164 23.11 44.83 -18.37
N LEU R 165 22.14 45.09 -19.29
CA LEU R 165 21.10 44.13 -19.67
C LEU R 165 21.65 42.78 -20.12
N ALA R 166 22.74 42.77 -20.89
CA ALA R 166 23.32 41.50 -21.35
C ALA R 166 23.78 40.63 -20.17
N GLU R 167 24.55 41.20 -19.24
CA GLU R 167 25.04 40.38 -18.12
C GLU R 167 23.90 39.93 -17.25
N TYR R 168 22.91 40.78 -17.04
CA TYR R 168 21.75 40.41 -16.24
C TYR R 168 21.01 39.21 -16.85
N LEU R 169 20.75 39.25 -18.16
CA LEU R 169 20.03 38.16 -18.80
C LEU R 169 20.88 36.90 -18.87
N PHE R 170 22.20 37.04 -19.12
CA PHE R 170 23.07 35.87 -19.11
C PHE R 170 23.08 35.22 -17.75
N ASP R 171 23.14 36.05 -16.69
CA ASP R 171 23.13 35.52 -15.33
C ASP R 171 21.86 34.71 -15.10
N LYS R 172 20.71 35.24 -15.55
CA LYS R 172 19.43 34.57 -15.43
C LYS R 172 19.32 33.32 -16.32
N HIS R 173 19.58 33.44 -17.62
CA HIS R 173 19.16 32.39 -18.55
C HIS R 173 20.22 31.34 -18.82
N THR R 174 21.51 31.66 -18.64
CA THR R 174 22.55 30.65 -18.80
C THR R 174 23.08 30.14 -17.47
N LEU R 175 23.49 31.03 -16.57
CA LEU R 175 24.01 30.57 -15.29
C LEU R 175 22.91 30.19 -14.31
N GLY R 176 21.66 30.57 -14.56
CA GLY R 176 20.63 30.30 -13.58
C GLY R 176 19.90 28.99 -13.84
N ASP R 177 19.90 28.54 -15.10
CA ASP R 177 19.03 27.46 -15.64
C ASP R 177 18.08 26.76 -14.65
N SER S 4 46.32 24.50 38.98
CA SER S 4 46.55 24.43 37.53
C SER S 4 45.50 25.23 36.75
N THR S 5 45.92 25.86 35.66
CA THR S 5 44.97 26.46 34.74
C THR S 5 44.52 25.39 33.75
N SER S 6 43.21 25.27 33.57
CA SER S 6 42.68 24.39 32.56
C SER S 6 43.29 24.69 31.19
N GLN S 7 43.60 23.64 30.42
CA GLN S 7 44.07 23.84 29.07
C GLN S 7 43.04 24.56 28.19
N VAL S 8 41.75 24.48 28.49
CA VAL S 8 40.78 25.17 27.63
C VAL S 8 40.45 26.58 28.09
N ARG S 9 40.89 26.99 29.27
CA ARG S 9 40.43 28.26 29.81
C ARG S 9 40.94 29.43 28.98
N GLN S 10 40.04 30.37 28.68
CA GLN S 10 40.42 31.55 27.91
C GLN S 10 39.39 32.64 28.13
N ASN S 11 39.86 33.81 28.58
CA ASN S 11 39.00 34.97 28.77
C ASN S 11 37.89 34.70 29.79
N TYR S 12 38.15 33.85 30.77
CA TYR S 12 37.14 33.44 31.74
C TYR S 12 37.57 33.91 33.14
N HIS S 13 36.94 34.98 33.64
CA HIS S 13 37.35 35.57 34.91
C HIS S 13 36.97 34.70 36.10
N GLN S 14 37.85 34.66 37.11
CA GLN S 14 37.53 33.98 38.37
C GLN S 14 36.19 34.43 38.97
N ASP S 15 35.85 35.73 38.87
CA ASP S 15 34.55 36.14 39.44
C ASP S 15 33.38 35.51 38.67
N SER S 16 33.53 35.43 37.36
CA SER S 16 32.51 34.81 36.53
C SER S 16 32.34 33.36 36.93
N GLU S 17 33.46 32.64 37.06
CA GLU S 17 33.43 31.25 37.48
C GLU S 17 32.68 31.08 38.79
N ALA S 18 32.94 31.96 39.77
CA ALA S 18 32.28 31.86 41.07
C ALA S 18 30.79 32.19 40.95
N ALA S 19 30.45 33.20 40.15
CA ALA S 19 29.05 33.58 39.94
C ALA S 19 28.25 32.44 39.30
N ILE S 20 28.87 31.68 38.40
CA ILE S 20 28.25 30.49 37.78
C ILE S 20 27.96 29.43 38.85
N ASN S 21 28.92 29.17 39.73
CA ASN S 21 28.66 28.23 40.82
C ASN S 21 27.51 28.70 41.69
N ARG S 22 27.40 30.00 41.94
CA ARG S 22 26.25 30.50 42.70
C ARG S 22 24.95 30.27 41.93
N GLN S 23 24.94 30.63 40.63
CA GLN S 23 23.74 30.45 39.82
C GLN S 23 23.31 28.98 39.77
N ILE S 24 24.27 28.05 39.69
CA ILE S 24 23.96 26.62 39.72
C ILE S 24 23.19 26.27 41.00
N ASN S 25 23.66 26.78 42.15
CA ASN S 25 22.96 26.51 43.41
C ASN S 25 21.57 27.14 43.40
N LEU S 26 21.44 28.34 42.82
CA LEU S 26 20.14 29.00 42.82
C LEU S 26 19.14 28.26 41.95
N GLU S 27 19.58 27.70 40.82
CA GLU S 27 18.64 26.98 39.95
C GLU S 27 18.17 25.67 40.58
N LEU S 28 19.09 24.95 41.22
CA LEU S 28 18.71 23.78 41.99
C LEU S 28 17.77 24.15 43.11
N TYR S 29 18.01 25.30 43.75
CA TYR S 29 17.10 25.75 44.79
C TYR S 29 15.71 25.98 44.21
N ALA S 30 15.63 26.63 43.05
CA ALA S 30 14.32 26.85 42.46
C ALA S 30 13.68 25.51 42.09
N SER S 31 14.48 24.54 41.64
CA SER S 31 13.91 23.21 41.34
C SER S 31 13.22 22.63 42.56
N TYR S 32 13.86 22.77 43.73
CA TYR S 32 13.35 22.22 44.97
C TYR S 32 12.06 22.93 45.42
N VAL S 33 12.03 24.26 45.31
CA VAL S 33 10.81 25.01 45.63
C VAL S 33 9.63 24.48 44.81
N TYR S 34 9.82 24.37 43.49
CA TYR S 34 8.75 23.89 42.63
C TYR S 34 8.38 22.45 42.95
N LEU S 35 9.37 21.63 43.31
CA LEU S 35 9.05 20.26 43.72
C LEU S 35 8.14 20.26 44.95
N SER S 36 8.44 21.13 45.92
CA SER S 36 7.62 21.22 47.12
C SER S 36 6.22 21.70 46.78
N MET S 37 6.12 22.71 45.92
CA MET S 37 4.80 23.19 45.51
C MET S 37 4.01 22.10 44.82
N SER S 38 4.66 21.36 43.92
CA SER S 38 3.96 20.32 43.19
C SER S 38 3.28 19.36 44.13
N TYR S 39 4.03 18.81 45.07
CA TYR S 39 3.43 17.78 45.89
C TYR S 39 2.52 18.32 46.99
N TYR S 40 2.59 19.62 47.29
CA TYR S 40 1.51 20.22 48.08
C TYR S 40 0.16 20.07 47.38
N PHE S 41 0.14 20.29 46.07
CA PHE S 41 -1.10 20.18 45.32
C PHE S 41 -1.54 18.74 45.10
N ASP S 42 -0.65 17.77 45.32
CA ASP S 42 -0.97 16.36 45.32
C ASP S 42 -1.65 15.90 46.61
N ARG S 43 -1.69 16.74 47.65
CA ARG S 43 -2.28 16.33 48.92
C ARG S 43 -3.77 16.06 48.76
N ASP S 44 -4.27 15.05 49.49
CA ASP S 44 -5.68 14.68 49.43
C ASP S 44 -6.58 15.82 49.86
N ASP S 45 -6.09 16.74 50.69
CA ASP S 45 -6.87 17.87 51.15
C ASP S 45 -6.61 19.13 50.34
N VAL S 46 -5.93 18.99 49.19
CA VAL S 46 -5.77 20.12 48.27
C VAL S 46 -6.28 19.65 46.91
N ALA S 47 -5.66 18.59 46.36
CA ALA S 47 -6.18 17.81 45.25
C ALA S 47 -6.47 18.64 43.99
N LEU S 48 -5.49 19.44 43.57
CA LEU S 48 -5.54 20.18 42.31
C LEU S 48 -4.44 19.61 41.41
N LYS S 49 -4.77 18.57 40.62
CA LYS S 49 -3.75 17.80 39.90
C LYS S 49 -3.05 18.62 38.82
N ASN S 50 -3.71 19.65 38.28
CA ASN S 50 -3.08 20.40 37.20
C ASN S 50 -2.15 21.47 37.76
N PHE S 51 -2.49 22.06 38.91
CA PHE S 51 -1.45 22.79 39.65
C PHE S 51 -0.27 21.89 39.96
N ALA S 52 -0.52 20.65 40.41
CA ALA S 52 0.61 19.79 40.74
C ALA S 52 1.49 19.53 39.53
N LYS S 53 0.85 19.23 38.39
CA LYS S 53 1.60 18.89 37.18
C LYS S 53 2.37 20.11 36.67
N TYR S 54 1.77 21.30 36.77
CA TYR S 54 2.41 22.53 36.33
C TYR S 54 3.69 22.79 37.11
N PHE S 55 3.64 22.67 38.44
CA PHE S 55 4.86 22.99 39.22
C PHE S 55 5.90 21.90 39.07
N LEU S 56 5.48 20.64 38.92
CA LEU S 56 6.43 19.58 38.66
C LEU S 56 7.18 19.81 37.36
N HIS S 57 6.47 20.29 36.33
CA HIS S 57 7.16 20.63 35.09
C HIS S 57 8.14 21.77 35.30
N GLN S 58 7.77 22.81 36.05
CA GLN S 58 8.75 23.86 36.34
C GLN S 58 9.94 23.29 37.09
N SER S 59 9.69 22.37 38.03
CA SER S 59 10.79 21.78 38.81
C SER S 59 11.82 21.12 37.90
N HIS S 60 11.35 20.30 36.95
CA HIS S 60 12.26 19.59 36.05
C HIS S 60 12.99 20.57 35.14
N GLU S 61 12.33 21.66 34.75
CA GLU S 61 12.96 22.65 33.90
C GLU S 61 14.10 23.38 34.64
N GLU S 62 13.90 23.73 35.91
CA GLU S 62 14.97 24.35 36.71
C GLU S 62 16.18 23.43 36.85
N ARG S 63 15.94 22.13 37.01
CA ARG S 63 17.08 21.24 37.11
C ARG S 63 17.83 21.21 35.78
N GLU S 64 17.09 21.26 34.67
CA GLU S 64 17.74 21.37 33.39
C GLU S 64 18.51 22.69 33.27
N HIS S 65 17.97 23.79 33.80
CA HIS S 65 18.74 25.05 33.82
C HIS S 65 20.06 24.89 34.58
N ALA S 66 20.01 24.22 35.73
CA ALA S 66 21.20 24.00 36.52
C ALA S 66 22.24 23.20 35.74
N GLU S 67 21.80 22.14 35.05
CA GLU S 67 22.74 21.27 34.37
C GLU S 67 23.41 21.99 33.20
N LYS S 68 22.67 22.88 32.52
CA LYS S 68 23.27 23.63 31.43
C LYS S 68 24.38 24.56 31.94
N LEU S 69 24.20 25.12 33.15
CA LEU S 69 25.26 25.96 33.72
C LEU S 69 26.47 25.13 34.13
N MET S 70 26.24 23.91 34.61
CA MET S 70 27.33 23.02 34.94
C MET S 70 28.11 22.63 33.70
N LYS S 71 27.39 22.30 32.62
CA LYS S 71 28.02 22.11 31.33
C LYS S 71 28.86 23.32 30.93
N LEU S 72 28.31 24.53 31.11
CA LEU S 72 29.04 25.73 30.70
C LEU S 72 30.33 25.89 31.52
N GLN S 73 30.23 25.70 32.84
CA GLN S 73 31.41 25.80 33.70
C GLN S 73 32.55 24.93 33.16
N ASN S 74 32.23 23.67 32.85
CA ASN S 74 33.22 22.74 32.31
C ASN S 74 33.71 23.18 30.93
N GLN S 75 32.80 23.66 30.09
CA GLN S 75 33.20 24.14 28.76
C GLN S 75 34.24 25.25 28.85
N ARG S 76 34.08 26.16 29.82
CA ARG S 76 35.00 27.29 29.88
C ARG S 76 36.23 26.96 30.73
N GLY S 77 36.32 25.75 31.27
CA GLY S 77 37.46 25.44 32.12
C GLY S 77 37.34 25.90 33.57
N GLY S 78 36.18 26.39 33.99
CA GLY S 78 35.92 26.58 35.41
C GLY S 78 35.69 25.25 36.12
N ARG S 79 35.57 25.33 37.44
CA ARG S 79 35.46 24.13 38.25
C ARG S 79 34.22 24.22 39.11
N ILE S 80 33.37 23.20 39.01
CA ILE S 80 32.08 23.15 39.68
C ILE S 80 32.34 22.87 41.16
N PHE S 81 31.79 23.72 42.03
CA PHE S 81 31.74 23.43 43.46
C PHE S 81 30.28 23.50 43.86
N LEU S 82 29.71 22.36 44.23
CA LEU S 82 28.33 22.30 44.66
C LEU S 82 28.21 22.69 46.13
N GLN S 83 27.03 23.21 46.51
CA GLN S 83 26.75 23.53 47.90
C GLN S 83 25.43 22.90 48.32
N ASP S 84 25.19 22.90 49.63
CA ASP S 84 23.89 22.49 50.12
C ASP S 84 22.77 23.18 49.33
N ILE S 85 21.71 22.44 49.06
CA ILE S 85 20.50 23.01 48.49
C ILE S 85 19.58 23.29 49.66
N GLN S 86 19.26 24.55 49.86
CA GLN S 86 18.48 24.94 51.02
C GLN S 86 17.03 24.54 50.80
N LYS S 87 16.40 23.99 51.82
CA LYS S 87 14.99 23.64 51.68
C LYS S 87 14.14 24.90 51.45
N PRO S 88 12.98 24.74 50.82
CA PRO S 88 12.12 25.91 50.56
C PRO S 88 11.65 26.56 51.85
N ASP S 89 11.07 27.74 51.69
CA ASP S 89 10.69 28.57 52.82
C ASP S 89 9.35 28.18 53.45
N GLU S 90 8.51 27.44 52.74
CA GLU S 90 7.27 26.92 53.30
C GLU S 90 7.23 25.42 53.06
N ASP S 91 6.45 24.74 53.90
CA ASP S 91 6.01 23.38 53.66
C ASP S 91 4.56 23.30 53.21
N ASP S 92 3.77 24.31 53.55
CA ASP S 92 2.37 24.42 53.18
C ASP S 92 2.25 25.65 52.28
N TRP S 93 1.76 25.48 51.04
CA TRP S 93 1.76 26.63 50.14
C TRP S 93 0.41 27.36 50.08
N GLU S 94 -0.54 26.97 50.96
CA GLU S 94 -1.81 27.66 51.23
C GLU S 94 -2.85 27.54 50.12
N SER S 95 -2.51 27.84 48.87
CA SER S 95 -3.54 27.87 47.83
C SER S 95 -2.87 27.97 46.48
N GLY S 96 -3.65 27.74 45.43
CA GLY S 96 -3.11 27.88 44.09
C GLY S 96 -2.63 29.30 43.85
N LEU S 97 -3.44 30.29 44.24
CA LEU S 97 -3.05 31.68 44.05
C LEU S 97 -1.77 32.00 44.83
N ASN S 98 -1.68 31.57 46.08
CA ASN S 98 -0.49 31.88 46.88
C ASN S 98 0.77 31.23 46.27
N ALA S 99 0.64 29.98 45.81
CA ALA S 99 1.78 29.33 45.17
C ALA S 99 2.20 30.07 43.90
N MET S 100 1.24 30.50 43.08
CA MET S 100 1.61 31.27 41.90
C MET S 100 2.33 32.54 42.29
N GLU S 101 1.88 33.20 43.37
CA GLU S 101 2.50 34.44 43.79
C GLU S 101 3.92 34.20 44.29
N ALA S 102 4.10 33.12 45.05
CA ALA S 102 5.44 32.78 45.50
C ALA S 102 6.34 32.46 44.32
N ALA S 103 5.80 31.80 43.30
CA ALA S 103 6.60 31.49 42.12
C ALA S 103 6.99 32.75 41.35
N LEU S 104 6.04 33.67 41.19
CA LEU S 104 6.37 34.93 40.54
C LEU S 104 7.50 35.62 41.27
N HIS S 105 7.45 35.63 42.60
CA HIS S 105 8.51 36.28 43.38
C HIS S 105 9.83 35.55 43.20
N LEU S 106 9.80 34.22 43.20
CA LEU S 106 11.01 33.42 42.98
C LEU S 106 11.62 33.75 41.62
N GLU S 107 10.80 33.74 40.58
CA GLU S 107 11.32 33.95 39.23
C GLU S 107 11.93 35.35 39.08
N LYS S 108 11.37 36.35 39.76
CA LYS S 108 11.99 37.67 39.70
C LYS S 108 13.33 37.68 40.42
N ASN S 109 13.46 36.93 41.53
CA ASN S 109 14.76 36.85 42.18
C ASN S 109 15.78 36.11 41.33
N VAL S 110 15.39 34.96 40.75
CA VAL S 110 16.29 34.27 39.82
C VAL S 110 16.68 35.20 38.69
N ASN S 111 15.73 35.97 38.15
CA ASN S 111 16.02 36.90 37.08
C ASN S 111 17.01 37.98 37.52
N GLN S 112 16.81 38.55 38.72
CA GLN S 112 17.75 39.56 39.21
C GLN S 112 19.16 39.01 39.24
N SER S 113 19.33 37.77 39.71
CA SER S 113 20.65 37.18 39.77
C SER S 113 21.21 36.92 38.37
N LEU S 114 20.36 36.64 37.38
CA LEU S 114 20.89 36.46 36.03
C LEU S 114 21.30 37.79 35.38
N LEU S 115 20.54 38.84 35.67
CA LEU S 115 20.94 40.17 35.21
C LEU S 115 22.27 40.59 35.83
N GLU S 116 22.44 40.31 37.11
CA GLU S 116 23.73 40.61 37.73
C GLU S 116 24.83 39.77 37.10
N LEU S 117 24.55 38.49 36.80
CA LEU S 117 25.54 37.65 36.13
C LEU S 117 25.90 38.22 34.75
N HIS S 118 24.90 38.71 34.01
CA HIS S 118 25.17 39.29 32.70
C HIS S 118 26.03 40.55 32.83
N LYS S 119 25.66 41.42 33.77
CA LYS S 119 26.44 42.63 34.03
C LYS S 119 27.88 42.27 34.36
N LEU S 120 28.08 41.23 35.18
CA LEU S 120 29.44 40.76 35.45
C LEU S 120 30.13 40.35 34.16
N ALA S 121 29.44 39.56 33.31
CA ALA S 121 30.09 39.10 32.08
C ALA S 121 30.52 40.28 31.21
N HIS S 122 29.62 41.25 31.01
CA HIS S 122 29.95 42.46 30.27
C HIS S 122 31.11 43.23 30.91
N ASP S 123 31.11 43.35 32.25
CA ASP S 123 32.20 44.06 32.94
C ASP S 123 33.55 43.41 32.69
N LYS S 124 33.59 42.07 32.67
CA LYS S 124 34.83 41.34 32.42
C LYS S 124 35.06 41.09 30.94
N ASN S 125 34.30 41.73 30.06
CA ASN S 125 34.52 41.66 28.62
C ASN S 125 34.55 40.20 28.14
N ASP S 126 33.56 39.44 28.61
CA ASP S 126 33.36 38.02 28.32
C ASP S 126 32.13 37.89 27.43
N PRO S 127 32.23 38.15 26.12
CA PRO S 127 31.03 38.10 25.29
C PRO S 127 30.46 36.70 25.13
N HIS S 128 31.28 35.65 25.19
CA HIS S 128 30.71 34.30 25.13
C HIS S 128 29.71 34.09 26.26
N LEU S 129 30.09 34.49 27.48
CA LEU S 129 29.22 34.25 28.64
C LEU S 129 28.01 35.16 28.59
N ALA S 130 28.21 36.43 28.25
CA ALA S 130 27.09 37.34 28.07
C ALA S 130 26.05 36.78 27.11
N ASP S 131 26.50 36.29 25.95
CA ASP S 131 25.55 35.78 24.98
C ASP S 131 24.92 34.48 25.45
N PHE S 132 25.67 33.65 26.18
CA PHE S 132 25.13 32.44 26.77
C PHE S 132 23.95 32.76 27.65
N ILE S 133 24.07 33.83 28.45
CA ILE S 133 23.03 34.23 29.39
C ILE S 133 21.82 34.75 28.63
N GLU S 134 22.07 35.62 27.63
CA GLU S 134 20.99 36.18 26.82
C GLU S 134 20.22 35.09 26.12
N THR S 135 20.95 34.18 25.47
CA THR S 135 20.34 33.16 24.62
C THR S 135 19.53 32.15 25.43
N HIS S 136 20.11 31.63 26.50
CA HIS S 136 19.53 30.50 27.22
C HIS S 136 18.73 30.89 28.47
N TYR S 137 18.79 32.15 28.95
CA TYR S 137 18.11 32.42 30.23
C TYR S 137 17.23 33.67 30.24
N LEU S 138 17.62 34.74 29.54
CA LEU S 138 16.98 36.02 29.81
C LEU S 138 15.56 36.04 29.29
N ASN S 139 15.36 35.60 28.06
CA ASN S 139 13.97 35.58 27.56
C ASN S 139 13.16 34.49 28.23
N GLU S 140 13.79 33.36 28.58
CA GLU S 140 13.09 32.34 29.36
C GLU S 140 12.55 32.92 30.65
N GLN S 141 13.37 33.70 31.38
CA GLN S 141 12.85 34.33 32.61
C GLN S 141 11.71 35.29 32.29
N VAL S 142 11.87 36.10 31.26
CA VAL S 142 10.83 37.07 30.96
C VAL S 142 9.51 36.36 30.62
N LYS S 143 9.58 35.25 29.86
CA LYS S 143 8.33 34.52 29.53
C LYS S 143 7.72 33.88 30.78
N ALA S 144 8.55 33.27 31.63
CA ALA S 144 8.01 32.67 32.85
C ALA S 144 7.36 33.73 33.74
N ILE S 145 8.01 34.88 33.88
CA ILE S 145 7.47 35.94 34.72
C ILE S 145 6.16 36.44 34.13
N LYS S 146 6.09 36.58 32.80
CA LYS S 146 4.86 37.05 32.18
C LYS S 146 3.73 36.04 32.37
N GLU S 147 4.03 34.74 32.23
CA GLU S 147 2.98 33.73 32.37
C GLU S 147 2.49 33.64 33.81
N LEU S 148 3.38 33.76 34.78
CA LEU S 148 2.93 33.69 36.15
C LEU S 148 2.10 34.92 36.51
N GLY S 149 2.46 36.09 35.97
CA GLY S 149 1.60 37.25 36.15
C GLY S 149 0.24 37.07 35.52
N ASP S 150 0.19 36.47 34.32
CA ASP S 150 -1.11 36.19 33.72
C ASP S 150 -1.91 35.27 34.63
N HIS S 151 -1.27 34.24 35.18
CA HIS S 151 -2.01 33.29 36.03
C HIS S 151 -2.50 33.97 37.31
N VAL S 152 -1.63 34.72 37.99
CA VAL S 152 -2.05 35.45 39.18
C VAL S 152 -3.23 36.36 38.85
N THR S 153 -3.13 37.12 37.76
CA THR S 153 -4.23 38.01 37.38
C THR S 153 -5.54 37.25 37.23
N ASN S 154 -5.50 36.11 36.52
CA ASN S 154 -6.74 35.38 36.28
C ASN S 154 -7.29 34.80 37.58
N LEU S 155 -6.44 34.17 38.38
CA LEU S 155 -6.90 33.64 39.66
C LEU S 155 -7.58 34.72 40.49
N ARG S 156 -6.97 35.90 40.57
CA ARG S 156 -7.54 36.96 41.41
C ARG S 156 -8.90 37.37 40.90
N LYS S 157 -9.00 37.63 39.59
CA LYS S 157 -10.28 38.10 39.05
C LYS S 157 -11.36 37.05 39.15
N MET S 158 -10.99 35.76 39.12
CA MET S 158 -11.95 34.69 39.32
C MET S 158 -12.46 34.63 40.76
N GLY S 159 -11.76 35.28 41.70
CA GLY S 159 -12.17 35.28 43.08
C GLY S 159 -11.36 34.38 44.00
N ALA S 160 -10.22 33.87 43.54
CA ALA S 160 -9.32 33.15 44.43
C ALA S 160 -8.68 34.15 45.41
N PRO S 161 -8.24 33.68 46.61
CA PRO S 161 -8.29 32.30 47.12
C PRO S 161 -9.58 31.94 47.85
N GLU S 162 -10.44 32.93 48.12
CA GLU S 162 -11.72 32.69 48.79
C GLU S 162 -12.52 31.62 48.09
N SER S 163 -12.84 31.85 46.81
CA SER S 163 -13.65 30.91 46.04
C SER S 163 -12.81 29.70 45.68
N GLY S 164 -13.12 28.56 46.31
CA GLY S 164 -12.56 27.29 45.88
C GLY S 164 -13.02 26.86 44.50
N LEU S 165 -14.22 27.31 44.08
CA LEU S 165 -14.64 27.16 42.69
C LEU S 165 -13.63 27.77 41.72
N ALA S 166 -13.15 28.97 42.02
CA ALA S 166 -12.21 29.65 41.12
C ALA S 166 -10.98 28.77 40.84
N GLU S 167 -10.33 28.25 41.89
CA GLU S 167 -9.12 27.47 41.72
C GLU S 167 -9.40 26.14 41.02
N TYR S 168 -10.58 25.57 41.28
CA TYR S 168 -10.92 24.31 40.65
C TYR S 168 -11.04 24.52 39.14
N LEU S 169 -11.78 25.54 38.73
CA LEU S 169 -11.96 25.80 37.31
C LEU S 169 -10.66 26.26 36.64
N PHE S 170 -9.84 27.05 37.35
CA PHE S 170 -8.56 27.46 36.78
C PHE S 170 -7.69 26.24 36.53
N ASP S 171 -7.56 25.38 37.55
CA ASP S 171 -6.90 24.09 37.39
C ASP S 171 -7.41 23.36 36.17
N LYS S 172 -8.73 23.30 35.98
CA LYS S 172 -9.29 22.60 34.83
CA LYS S 172 -9.29 22.60 34.83
C LYS S 172 -9.01 23.33 33.51
N HIS S 173 -9.35 24.63 33.45
CA HIS S 173 -9.46 25.29 32.15
C HIS S 173 -8.21 26.02 31.70
N THR S 174 -7.31 26.41 32.62
CA THR S 174 -6.06 27.02 32.21
C THR S 174 -4.89 26.05 32.29
N LEU S 175 -4.76 25.31 33.39
CA LEU S 175 -3.63 24.43 33.55
C LEU S 175 -3.87 23.02 33.00
N GLY S 176 -5.11 22.63 32.71
CA GLY S 176 -5.31 21.30 32.16
C GLY S 176 -5.28 21.32 30.64
N ASP S 177 -4.49 22.25 30.09
CA ASP S 177 -4.44 22.63 28.67
C ASP S 177 -4.55 21.44 27.69
N SER T 4 34.00 55.40 -3.19
CA SER T 4 32.67 55.86 -2.81
C SER T 4 32.07 54.92 -1.75
N THR T 5 31.25 55.45 -0.85
CA THR T 5 30.62 54.60 0.15
C THR T 5 29.52 53.74 -0.51
N SER T 6 29.46 52.48 -0.10
CA SER T 6 28.35 51.63 -0.48
C SER T 6 27.02 52.26 -0.10
N GLN T 7 26.06 52.19 -1.03
CA GLN T 7 24.66 52.53 -0.76
C GLN T 7 24.06 51.76 0.42
N VAL T 8 24.60 50.58 0.78
CA VAL T 8 24.06 49.84 1.92
C VAL T 8 24.76 50.14 3.24
N ARG T 9 25.94 50.75 3.20
CA ARG T 9 26.75 50.86 4.39
C ARG T 9 26.06 51.70 5.45
N GLN T 10 26.05 51.22 6.68
CA GLN T 10 25.44 51.99 7.76
C GLN T 10 26.02 51.52 9.08
N ASN T 11 26.59 52.47 9.85
CA ASN T 11 27.14 52.17 11.17
C ASN T 11 28.23 51.09 11.09
N TYR T 12 28.97 51.06 9.99
CA TYR T 12 30.02 50.06 9.77
C TYR T 12 31.37 50.78 9.73
N HIS T 13 32.12 50.67 10.81
CA HIS T 13 33.36 51.43 10.95
C HIS T 13 34.45 50.83 10.08
N GLN T 14 35.31 51.68 9.50
CA GLN T 14 36.34 51.07 8.65
C GLN T 14 37.35 50.25 9.43
N ASP T 15 37.49 50.47 10.74
CA ASP T 15 38.32 49.56 11.53
C ASP T 15 37.70 48.16 11.57
N SER T 16 36.38 48.10 11.74
CA SER T 16 35.67 46.83 11.74
C SER T 16 35.82 46.14 10.40
N GLU T 17 35.66 46.91 9.33
CA GLU T 17 35.84 46.41 7.98
C GLU T 17 37.23 45.80 7.80
N ALA T 18 38.27 46.49 8.26
CA ALA T 18 39.63 45.98 8.16
C ALA T 18 39.80 44.71 8.99
N ALA T 19 39.28 44.70 10.22
CA ALA T 19 39.41 43.52 11.06
C ALA T 19 38.69 42.32 10.44
N ILE T 20 37.57 42.55 9.74
CA ILE T 20 36.90 41.44 9.06
C ILE T 20 37.80 40.87 7.96
N ASN T 21 38.46 41.71 7.17
CA ASN T 21 39.42 41.19 6.19
C ASN T 21 40.55 40.39 6.84
N ARG T 22 41.08 40.84 7.99
CA ARG T 22 42.09 40.03 8.67
C ARG T 22 41.51 38.68 9.12
N GLN T 23 40.30 38.68 9.67
CA GLN T 23 39.72 37.43 10.15
C GLN T 23 39.43 36.47 9.01
N ILE T 24 39.04 36.99 7.84
CA ILE T 24 38.90 36.12 6.68
C ILE T 24 40.23 35.41 6.41
N ASN T 25 41.34 36.15 6.44
CA ASN T 25 42.62 35.53 6.14
C ASN T 25 42.97 34.49 7.21
N LEU T 26 42.68 34.80 8.47
CA LEU T 26 42.98 33.85 9.54
C LEU T 26 42.16 32.55 9.42
N GLU T 27 40.90 32.65 8.98
CA GLU T 27 40.11 31.42 8.85
C GLU T 27 40.59 30.56 7.70
N LEU T 28 40.96 31.17 6.58
CA LEU T 28 41.57 30.43 5.48
C LEU T 28 42.90 29.82 5.92
N TYR T 29 43.67 30.53 6.73
CA TYR T 29 44.92 29.96 7.26
C TYR T 29 44.63 28.71 8.09
N ALA T 30 43.67 28.82 9.01
CA ALA T 30 43.31 27.66 9.82
C ALA T 30 42.83 26.50 8.94
N SER T 31 42.05 26.79 7.91
CA SER T 31 41.63 25.73 6.99
C SER T 31 42.85 25.02 6.39
N TYR T 32 43.89 25.79 6.06
CA TYR T 32 45.08 25.23 5.43
C TYR T 32 45.87 24.36 6.41
N VAL T 33 45.98 24.81 7.67
CA VAL T 33 46.65 24.01 8.69
C VAL T 33 45.96 22.66 8.83
N TYR T 34 44.64 22.68 8.97
CA TYR T 34 43.91 21.43 9.12
C TYR T 34 44.03 20.56 7.87
N LEU T 35 44.13 21.17 6.69
CA LEU T 35 44.32 20.39 5.46
C LEU T 35 45.67 19.67 5.49
N SER T 36 46.72 20.39 5.90
CA SER T 36 48.04 19.79 6.10
C SER T 36 48.01 18.64 7.07
N MET T 37 47.45 18.89 8.25
CA MET T 37 47.30 17.85 9.25
C MET T 37 46.61 16.63 8.67
N SER T 38 45.51 16.84 7.95
CA SER T 38 44.73 15.71 7.50
C SER T 38 45.59 14.79 6.64
N TYR T 39 46.29 15.34 5.66
CA TYR T 39 47.01 14.45 4.76
C TYR T 39 48.31 13.94 5.36
N TYR T 40 48.77 14.50 6.48
CA TYR T 40 49.84 13.86 7.23
C TYR T 40 49.38 12.51 7.75
N PHE T 41 48.14 12.40 8.25
CA PHE T 41 47.64 11.12 8.76
C PHE T 41 47.27 10.14 7.64
N ASP T 42 47.18 10.61 6.41
CA ASP T 42 46.96 9.78 5.22
C ASP T 42 48.26 9.16 4.70
N ARG T 43 49.40 9.53 5.26
CA ARG T 43 50.68 8.98 4.82
C ARG T 43 50.77 7.49 5.12
N ASP T 44 51.41 6.73 4.22
CA ASP T 44 51.48 5.28 4.44
C ASP T 44 52.22 4.92 5.72
N ASP T 45 53.08 5.82 6.21
CA ASP T 45 53.85 5.56 7.42
C ASP T 45 53.25 6.24 8.64
N VAL T 46 52.00 6.70 8.54
CA VAL T 46 51.28 7.26 9.69
C VAL T 46 49.95 6.51 9.75
N ALA T 47 49.15 6.64 8.69
CA ALA T 47 48.07 5.69 8.39
C ALA T 47 47.03 5.61 9.50
N LEU T 48 46.54 6.77 9.93
CA LEU T 48 45.43 6.85 10.89
C LEU T 48 44.28 7.54 10.17
N LYS T 49 43.41 6.73 9.56
CA LYS T 49 42.33 7.20 8.68
C LYS T 49 41.39 8.16 9.40
N ASN T 50 41.09 7.90 10.67
CA ASN T 50 40.06 8.69 11.33
C ASN T 50 40.63 10.01 11.85
N PHE T 51 41.91 10.05 12.24
CA PHE T 51 42.56 11.34 12.42
C PHE T 51 42.51 12.15 11.12
N ALA T 52 42.83 11.51 10.00
CA ALA T 52 42.81 12.22 8.73
C ALA T 52 41.42 12.77 8.42
N LYS T 53 40.37 11.96 8.65
CA LYS T 53 39.03 12.43 8.36
C LYS T 53 38.61 13.55 9.30
N TYR T 54 39.00 13.46 10.57
CA TYR T 54 38.65 14.49 11.54
C TYR T 54 39.22 15.86 11.16
N PHE T 55 40.51 15.90 10.79
CA PHE T 55 41.09 17.19 10.42
C PHE T 55 40.58 17.69 9.06
N LEU T 56 40.28 16.78 8.12
CA LEU T 56 39.72 17.23 6.86
C LEU T 56 38.37 17.91 7.09
N HIS T 57 37.56 17.35 7.99
CA HIS T 57 36.30 17.99 8.36
C HIS T 57 36.52 19.40 8.93
N GLN T 58 37.44 19.54 9.89
CA GLN T 58 37.75 20.86 10.41
C GLN T 58 38.22 21.79 9.30
N SER T 59 39.01 21.29 8.34
CA SER T 59 39.46 22.13 7.22
C SER T 59 38.29 22.70 6.44
N HIS T 60 37.30 21.85 6.13
CA HIS T 60 36.17 22.34 5.34
C HIS T 60 35.30 23.29 6.17
N GLU T 61 35.25 23.07 7.47
CA GLU T 61 34.47 23.95 8.33
C GLU T 61 35.11 25.34 8.44
N GLU T 62 36.44 25.40 8.53
CA GLU T 62 37.13 26.71 8.53
C GLU T 62 36.88 27.47 7.24
N ARG T 63 36.94 26.79 6.10
CA ARG T 63 36.63 27.45 4.83
C ARG T 63 35.22 28.05 4.88
N GLU T 64 34.26 27.31 5.45
CA GLU T 64 32.91 27.84 5.62
C GLU T 64 32.90 29.06 6.53
N HIS T 65 33.65 29.01 7.64
CA HIS T 65 33.82 30.19 8.50
C HIS T 65 34.31 31.38 7.71
N ALA T 66 35.25 31.16 6.80
CA ALA T 66 35.79 32.27 6.03
C ALA T 66 34.74 32.84 5.07
N GLU T 67 34.04 31.96 4.36
CA GLU T 67 33.07 32.44 3.40
C GLU T 67 31.93 33.20 4.08
N LYS T 68 31.57 32.81 5.31
CA LYS T 68 30.52 33.52 6.03
C LYS T 68 30.96 34.95 6.36
N LEU T 69 32.23 35.15 6.70
CA LEU T 69 32.77 36.49 6.95
C LEU T 69 32.79 37.30 5.66
N MET T 70 33.13 36.65 4.55
CA MET T 70 33.12 37.34 3.27
C MET T 70 31.71 37.79 2.92
N LYS T 71 30.72 36.92 3.17
CA LYS T 71 29.32 37.30 2.96
C LYS T 71 28.96 38.50 3.85
N LEU T 72 29.36 38.43 5.13
CA LEU T 72 29.10 39.53 6.05
C LEU T 72 29.72 40.82 5.57
N GLN T 73 30.97 40.76 5.10
CA GLN T 73 31.62 41.97 4.61
C GLN T 73 30.76 42.66 3.55
N ASN T 74 30.23 41.89 2.59
CA ASN T 74 29.44 42.48 1.52
C ASN T 74 28.07 42.92 2.02
N GLN T 75 27.47 42.17 2.97
CA GLN T 75 26.17 42.57 3.50
C GLN T 75 26.25 43.97 4.11
N ARG T 76 27.37 44.29 4.76
CA ARG T 76 27.50 45.57 5.44
C ARG T 76 28.05 46.65 4.53
N GLY T 77 28.42 46.29 3.30
CA GLY T 77 28.97 47.26 2.39
C GLY T 77 30.47 47.47 2.52
N GLY T 78 31.17 46.62 3.28
CA GLY T 78 32.63 46.63 3.24
C GLY T 78 33.16 45.97 1.99
N ARG T 79 34.47 46.11 1.79
CA ARG T 79 35.10 45.58 0.58
C ARG T 79 36.14 44.54 0.95
N ILE T 80 35.97 43.36 0.38
CA ILE T 80 36.83 42.21 0.63
C ILE T 80 38.19 42.47 0.01
N PHE T 81 39.26 42.40 0.80
CA PHE T 81 40.61 42.37 0.24
C PHE T 81 41.29 41.11 0.77
N LEU T 82 41.57 40.17 -0.13
CA LEU T 82 42.23 38.92 0.23
C LEU T 82 43.75 39.08 0.26
N GLN T 83 44.41 38.24 1.07
CA GLN T 83 45.86 38.26 1.19
C GLN T 83 46.39 36.85 1.00
N ASP T 84 47.70 36.74 0.78
CA ASP T 84 48.34 35.43 0.73
C ASP T 84 47.89 34.59 1.92
N ILE T 85 47.66 33.31 1.67
CA ILE T 85 47.47 32.36 2.78
C ILE T 85 48.82 31.75 3.10
N GLN T 86 49.29 32.02 4.31
CA GLN T 86 50.61 31.55 4.70
C GLN T 86 50.54 30.04 4.89
N LYS T 87 51.60 29.34 4.50
CA LYS T 87 51.63 27.90 4.67
C LYS T 87 51.72 27.57 6.17
N PRO T 88 51.25 26.39 6.59
CA PRO T 88 51.30 26.06 8.02
C PRO T 88 52.74 25.98 8.53
N ASP T 89 52.87 25.99 9.86
CA ASP T 89 54.17 26.00 10.52
C ASP T 89 54.95 24.70 10.36
N GLU T 90 54.26 23.57 10.16
CA GLU T 90 54.95 22.29 10.03
C GLU T 90 54.53 21.61 8.74
N ASP T 91 55.39 20.71 8.27
CA ASP T 91 55.05 19.77 7.21
C ASP T 91 54.73 18.39 7.75
N ASP T 92 55.35 18.06 8.87
CA ASP T 92 55.24 16.78 9.53
C ASP T 92 54.68 17.06 10.91
N TRP T 93 53.51 16.51 11.24
CA TRP T 93 52.86 16.85 12.49
C TRP T 93 53.16 15.86 13.61
N GLU T 94 54.04 14.89 13.36
CA GLU T 94 54.66 14.03 14.38
C GLU T 94 53.79 12.91 14.90
N SER T 95 52.56 13.23 15.34
CA SER T 95 51.71 12.22 15.94
C SER T 95 50.29 12.77 16.10
N GLY T 96 49.36 11.86 16.38
CA GLY T 96 47.98 12.28 16.66
C GLY T 96 47.90 13.23 17.83
N LEU T 97 48.59 12.91 18.93
CA LEU T 97 48.59 13.80 20.10
C LEU T 97 49.20 15.17 19.76
N ASN T 98 50.36 15.18 19.09
CA ASN T 98 50.96 16.46 18.75
C ASN T 98 50.06 17.30 17.85
N ALA T 99 49.37 16.66 16.89
CA ALA T 99 48.47 17.42 16.03
C ALA T 99 47.30 17.99 16.83
N MET T 100 46.72 17.19 17.74
CA MET T 100 45.61 17.69 18.56
C MET T 100 46.07 18.87 19.41
N GLU T 101 47.31 18.79 19.92
CA GLU T 101 47.82 19.91 20.72
C GLU T 101 48.00 21.13 19.85
N ALA T 102 48.56 20.96 18.66
CA ALA T 102 48.68 22.10 17.75
C ALA T 102 47.31 22.66 17.36
N ALA T 103 46.33 21.79 17.11
CA ALA T 103 44.99 22.28 16.79
C ALA T 103 44.41 23.09 17.95
N LEU T 104 44.62 22.61 19.17
CA LEU T 104 44.13 23.34 20.33
C LEU T 104 44.77 24.74 20.39
N HIS T 105 46.08 24.81 20.18
CA HIS T 105 46.76 26.11 20.21
C HIS T 105 46.21 27.04 19.14
N LEU T 106 45.94 26.51 17.96
CA LEU T 106 45.39 27.29 16.86
C LEU T 106 43.99 27.80 17.21
N GLU T 107 43.11 26.91 17.71
CA GLU T 107 41.74 27.34 17.99
C GLU T 107 41.72 28.45 19.03
N LYS T 108 42.62 28.40 20.02
CA LYS T 108 42.67 29.48 21.00
C LYS T 108 43.18 30.76 20.36
N ASN T 109 44.15 30.67 19.44
CA ASN T 109 44.58 31.87 18.75
CA ASN T 109 44.59 31.86 18.72
C ASN T 109 43.45 32.47 17.91
N VAL T 110 42.73 31.62 17.19
CA VAL T 110 41.58 32.11 16.43
C VAL T 110 40.54 32.70 17.36
N ASN T 111 40.30 32.04 18.50
CA ASN T 111 39.35 32.57 19.46
C ASN T 111 39.76 33.95 19.94
N GLN T 112 41.05 34.10 20.28
CA GLN T 112 41.57 35.38 20.73
C GLN T 112 41.29 36.46 19.70
N SER T 113 41.52 36.15 18.42
CA SER T 113 41.26 37.16 17.39
C SER T 113 39.78 37.48 17.30
N LEU T 114 38.91 36.46 17.45
CA LEU T 114 37.47 36.72 17.44
C LEU T 114 37.07 37.61 18.63
N LEU T 115 37.65 37.37 19.82
CA LEU T 115 37.29 38.17 20.99
C LEU T 115 37.76 39.61 20.80
N GLU T 116 38.90 39.81 20.14
CA GLU T 116 39.31 41.16 19.85
C GLU T 116 38.41 41.78 18.80
N LEU T 117 37.87 40.96 17.88
CA LEU T 117 36.93 41.48 16.90
C LEU T 117 35.62 41.91 17.56
N HIS T 118 35.13 41.09 18.49
CA HIS T 118 33.93 41.46 19.23
C HIS T 118 34.14 42.74 20.02
N LYS T 119 35.31 42.87 20.67
CA LYS T 119 35.60 44.07 21.45
C LYS T 119 35.62 45.31 20.57
N LEU T 120 36.25 45.20 19.39
CA LEU T 120 36.19 46.26 18.41
C LEU T 120 34.76 46.64 18.08
N ALA T 121 33.90 45.63 17.83
CA ALA T 121 32.52 45.91 17.45
C ALA T 121 31.78 46.63 18.57
N HIS T 122 31.95 46.14 19.80
CA HIS T 122 31.34 46.81 20.95
C HIS T 122 31.83 48.25 21.06
N ASP T 123 33.14 48.43 20.91
CA ASP T 123 33.75 49.75 21.01
C ASP T 123 33.24 50.70 19.91
N LYS T 124 32.92 50.18 18.73
CA LYS T 124 32.39 51.03 17.67
C LYS T 124 30.89 51.13 17.72
N ASN T 125 30.25 50.58 18.75
CA ASN T 125 28.79 50.62 18.87
C ASN T 125 28.10 49.99 17.66
N ASP T 126 28.53 48.77 17.33
CA ASP T 126 28.05 48.03 16.17
C ASP T 126 27.39 46.78 16.70
N PRO T 127 26.15 46.89 17.21
CA PRO T 127 25.51 45.70 17.77
C PRO T 127 25.27 44.61 16.75
N HIS T 128 25.11 44.95 15.48
CA HIS T 128 24.88 43.89 14.52
C HIS T 128 26.12 43.03 14.34
N LEU T 129 27.28 43.66 14.22
CA LEU T 129 28.50 42.90 14.08
C LEU T 129 28.79 42.12 15.35
N ALA T 130 28.54 42.74 16.50
CA ALA T 130 28.80 42.05 17.77
C ALA T 130 27.94 40.81 17.89
N ASP T 131 26.67 40.93 17.53
CA ASP T 131 25.76 39.78 17.58
C ASP T 131 26.15 38.71 16.55
N PHE T 132 26.63 39.15 15.39
CA PHE T 132 27.09 38.21 14.36
C PHE T 132 28.24 37.37 14.88
N ILE T 133 29.19 37.99 15.58
CA ILE T 133 30.32 37.22 16.11
C ILE T 133 29.82 36.29 17.21
N GLU T 134 28.93 36.77 18.07
CA GLU T 134 28.42 35.93 19.16
C GLU T 134 27.71 34.72 18.61
N THR T 135 26.81 34.94 17.66
CA THR T 135 25.93 33.88 17.20
C THR T 135 26.68 32.84 16.39
N HIS T 136 27.54 33.28 15.48
CA HIS T 136 28.13 32.34 14.54
C HIS T 136 29.51 31.86 14.95
N TYR T 137 30.20 32.54 15.86
CA TYR T 137 31.59 32.14 16.06
C TYR T 137 31.94 31.80 17.50
N LEU T 138 31.42 32.53 18.50
CA LEU T 138 32.00 32.45 19.83
C LEU T 138 31.74 31.11 20.50
N ASN T 139 30.51 30.61 20.44
CA ASN T 139 30.26 29.32 21.07
C ASN T 139 30.86 28.19 20.23
N GLU T 140 30.96 28.35 18.91
CA GLU T 140 31.63 27.35 18.08
C GLU T 140 33.07 27.18 18.51
N GLN T 141 33.78 28.31 18.73
CA GLN T 141 35.15 28.24 19.22
C GLN T 141 35.21 27.55 20.58
N VAL T 142 34.28 27.90 21.49
CA VAL T 142 34.35 27.33 22.83
C VAL T 142 34.14 25.83 22.78
N LYS T 143 33.21 25.39 21.92
CA LYS T 143 32.98 23.95 21.72
C LYS T 143 34.19 23.26 21.11
N ALA T 144 34.81 23.86 20.09
CA ALA T 144 35.98 23.27 19.45
C ALA T 144 37.15 23.13 20.44
N ILE T 145 37.34 24.17 21.27
CA ILE T 145 38.41 24.16 22.25
C ILE T 145 38.16 23.09 23.31
N LYS T 146 36.92 22.97 23.79
CA LYS T 146 36.61 21.93 24.76
C LYS T 146 36.82 20.53 24.17
N GLU T 147 36.36 20.33 22.93
CA GLU T 147 36.56 19.06 22.25
C GLU T 147 38.03 18.71 22.11
N LEU T 148 38.85 19.64 21.62
CA LEU T 148 40.26 19.36 21.46
C LEU T 148 40.90 19.09 22.80
N GLY T 149 40.51 19.86 23.83
CA GLY T 149 40.99 19.58 25.18
C GLY T 149 40.66 18.16 25.62
N ASP T 150 39.40 17.74 25.46
CA ASP T 150 39.01 16.36 25.78
C ASP T 150 39.88 15.34 25.04
N HIS T 151 40.10 15.55 23.73
CA HIS T 151 40.87 14.58 22.96
C HIS T 151 42.30 14.48 23.46
N VAL T 152 42.93 15.63 23.70
CA VAL T 152 44.30 15.66 24.21
C VAL T 152 44.36 14.92 25.54
N THR T 153 43.40 15.19 26.44
CA THR T 153 43.36 14.52 27.72
C THR T 153 43.30 13.01 27.54
N ASN T 154 42.42 12.52 26.68
CA ASN T 154 42.31 11.08 26.53
C ASN T 154 43.57 10.47 25.91
N LEU T 155 44.14 11.14 24.91
CA LEU T 155 45.33 10.59 24.26
C LEU T 155 46.47 10.49 25.25
N ARG T 156 46.69 11.56 26.03
CA ARG T 156 47.71 11.50 27.07
C ARG T 156 47.41 10.39 28.07
N LYS T 157 46.16 10.30 28.55
CA LYS T 157 45.86 9.30 29.56
C LYS T 157 45.99 7.86 29.03
N MET T 158 45.79 7.65 27.72
CA MET T 158 45.99 6.33 27.14
C MET T 158 47.46 5.99 26.94
N GLY T 159 48.35 6.97 27.05
CA GLY T 159 49.76 6.73 26.87
C GLY T 159 50.36 7.23 25.57
N ALA T 160 49.63 8.03 24.80
CA ALA T 160 50.24 8.68 23.65
C ALA T 160 51.34 9.65 24.10
N PRO T 161 52.29 9.98 23.21
CA PRO T 161 52.35 9.49 21.82
C PRO T 161 53.29 8.29 21.67
N GLU T 162 53.91 7.87 22.77
CA GLU T 162 54.88 6.79 22.72
C GLU T 162 54.22 5.44 22.47
N SER T 163 53.07 5.19 23.10
CA SER T 163 52.31 3.96 22.83
C SER T 163 51.57 4.14 21.49
N GLY T 164 52.01 3.38 20.49
CA GLY T 164 51.32 3.41 19.20
C GLY T 164 49.96 2.74 19.25
N LEU T 165 49.80 1.75 20.15
CA LEU T 165 48.48 1.24 20.50
C LEU T 165 47.51 2.36 20.89
N ALA T 166 47.97 3.31 21.73
CA ALA T 166 47.10 4.40 22.16
C ALA T 166 46.47 5.13 20.98
N GLU T 167 47.31 5.62 20.05
CA GLU T 167 46.78 6.38 18.93
C GLU T 167 45.89 5.52 18.04
N TYR T 168 46.23 4.23 17.87
CA TYR T 168 45.42 3.36 17.02
C TYR T 168 44.01 3.18 17.60
N LEU T 169 43.91 2.88 18.89
CA LEU T 169 42.61 2.66 19.51
C LEU T 169 41.80 3.95 19.59
N PHE T 170 42.48 5.07 19.86
CA PHE T 170 41.77 6.34 19.92
C PHE T 170 41.20 6.67 18.55
N ASP T 171 41.98 6.43 17.50
CA ASP T 171 41.52 6.61 16.13
C ASP T 171 40.27 5.79 15.85
N LYS T 172 40.24 4.55 16.36
CA LYS T 172 39.09 3.67 16.15
C LYS T 172 37.90 4.07 17.02
N HIS T 173 38.12 4.24 18.32
CA HIS T 173 37.01 4.30 19.25
C HIS T 173 36.49 5.70 19.53
N THR T 174 37.32 6.73 19.42
CA THR T 174 36.80 8.08 19.56
C THR T 174 36.53 8.74 18.21
N LEU T 175 37.50 8.73 17.32
CA LEU T 175 37.40 9.45 16.06
C LEU T 175 36.69 8.64 14.97
N GLY T 176 36.51 7.35 15.16
CA GLY T 176 35.78 6.60 14.17
C GLY T 176 34.40 6.27 14.68
N ASP T 177 33.46 7.21 14.62
CA ASP T 177 32.12 6.95 15.17
C ASP T 177 31.36 5.86 14.40
N SER U 4 0.45 52.61 38.60
CA SER U 4 0.89 51.50 39.46
C SER U 4 1.74 50.51 38.67
N THR U 5 2.89 50.14 39.23
CA THR U 5 3.86 49.35 38.48
C THR U 5 3.30 47.96 38.17
N SER U 6 3.52 47.51 36.95
CA SER U 6 3.15 46.15 36.60
C SER U 6 3.81 45.14 37.52
N GLN U 7 3.06 44.10 37.89
CA GLN U 7 3.65 43.02 38.69
C GLN U 7 4.80 42.32 37.98
N VAL U 8 4.91 42.44 36.65
CA VAL U 8 5.95 41.74 35.92
C VAL U 8 7.14 42.64 35.66
N ARG U 9 6.99 43.96 35.79
CA ARG U 9 8.07 44.84 35.35
C ARG U 9 9.33 44.61 36.18
N GLN U 10 10.47 44.60 35.50
CA GLN U 10 11.76 44.36 36.15
C GLN U 10 12.87 44.82 35.21
N ASN U 11 13.67 45.79 35.64
CA ASN U 11 14.80 46.29 34.87
C ASN U 11 14.38 46.92 33.54
N TYR U 12 13.21 47.51 33.48
CA TYR U 12 12.68 48.04 32.23
C TYR U 12 12.52 49.55 32.39
N HIS U 13 13.47 50.30 31.83
CA HIS U 13 13.48 51.75 32.03
C HIS U 13 12.32 52.42 31.29
N GLN U 14 11.75 53.47 31.89
CA GLN U 14 10.66 54.18 31.24
C GLN U 14 11.07 54.77 29.88
N ASP U 15 12.36 55.05 29.67
CA ASP U 15 12.78 55.51 28.36
C ASP U 15 12.70 54.38 27.32
N SER U 16 13.08 53.17 27.72
CA SER U 16 12.98 52.02 26.83
C SER U 16 11.53 51.79 26.46
N GLU U 17 10.66 51.82 27.46
CA GLU U 17 9.23 51.67 27.22
C GLU U 17 8.74 52.70 26.22
N ALA U 18 9.22 53.95 26.34
CA ALA U 18 8.77 54.98 25.43
C ALA U 18 9.34 54.77 24.03
N ALA U 19 10.61 54.34 23.95
CA ALA U 19 11.23 54.09 22.65
C ALA U 19 10.55 52.92 21.93
N ILE U 20 10.09 51.92 22.68
CA ILE U 20 9.35 50.81 22.07
C ILE U 20 8.04 51.32 21.47
N ASN U 21 7.37 52.24 22.15
CA ASN U 21 6.13 52.77 21.55
C ASN U 21 6.43 53.55 20.26
N ARG U 22 7.52 54.31 20.23
CA ARG U 22 7.92 54.98 19.00
C ARG U 22 8.22 53.97 17.90
N GLN U 23 8.90 52.87 18.25
CA GLN U 23 9.27 51.92 17.21
C GLN U 23 8.04 51.21 16.67
N ILE U 24 7.07 50.95 17.54
CA ILE U 24 5.80 50.38 17.06
C ILE U 24 5.20 51.27 15.99
N ASN U 25 5.11 52.58 16.26
CA ASN U 25 4.51 53.48 15.28
C ASN U 25 5.31 53.48 13.99
N LEU U 26 6.64 53.46 14.12
CA LEU U 26 7.50 53.47 12.94
C LEU U 26 7.32 52.21 12.11
N GLU U 27 7.20 51.04 12.76
CA GLU U 27 7.00 49.83 11.98
C GLU U 27 5.66 49.86 11.26
N LEU U 28 4.61 50.36 11.94
CA LEU U 28 3.31 50.51 11.30
C LEU U 28 3.37 51.49 10.14
N TYR U 29 4.11 52.60 10.30
CA TYR U 29 4.32 53.52 9.18
C TYR U 29 4.99 52.81 8.01
N ALA U 30 6.04 52.03 8.29
CA ALA U 30 6.73 51.34 7.21
C ALA U 30 5.78 50.40 6.49
N SER U 31 4.95 49.69 7.27
CA SER U 31 3.97 48.82 6.65
C SER U 31 3.05 49.60 5.69
N TYR U 32 2.69 50.82 6.05
CA TYR U 32 1.77 51.63 5.25
C TYR U 32 2.44 52.13 3.98
N VAL U 33 3.70 52.56 4.09
CA VAL U 33 4.46 52.94 2.90
C VAL U 33 4.46 51.79 1.89
N TYR U 34 4.76 50.57 2.35
CA TYR U 34 4.84 49.43 1.45
C TYR U 34 3.47 49.08 0.87
N LEU U 35 2.40 49.17 1.68
CA LEU U 35 1.07 48.93 1.15
C LEU U 35 0.79 49.89 -0.01
N SER U 36 1.19 51.15 0.15
CA SER U 36 0.94 52.15 -0.89
C SER U 36 1.76 51.84 -2.14
N MET U 37 3.04 51.51 -1.97
CA MET U 37 3.86 51.12 -3.10
C MET U 37 3.25 49.95 -3.84
N SER U 38 2.79 48.95 -3.10
CA SER U 38 2.19 47.76 -3.72
C SER U 38 1.07 48.13 -4.68
N TYR U 39 0.10 48.91 -4.22
CA TYR U 39 -1.05 49.14 -5.07
C TYR U 39 -0.77 50.21 -6.12
N TYR U 40 0.33 50.94 -6.03
CA TYR U 40 0.77 51.71 -7.18
C TYR U 40 1.12 50.81 -8.35
N PHE U 41 1.82 49.70 -8.10
CA PHE U 41 2.22 48.79 -9.18
C PHE U 41 1.07 47.96 -9.72
N ASP U 42 -0.07 47.92 -9.00
CA ASP U 42 -1.33 47.30 -9.40
C ASP U 42 -2.17 48.18 -10.34
N ARG U 43 -1.85 49.46 -10.46
CA ARG U 43 -2.57 50.36 -11.36
C ARG U 43 -2.47 49.88 -12.80
N ASP U 44 -3.55 50.10 -13.55
CA ASP U 44 -3.58 49.61 -14.92
C ASP U 44 -2.54 50.29 -15.79
N ASP U 45 -2.05 51.48 -15.39
CA ASP U 45 -1.04 52.19 -16.16
C ASP U 45 0.36 52.02 -15.60
N VAL U 46 0.55 51.07 -14.70
CA VAL U 46 1.86 50.68 -14.20
C VAL U 46 2.01 49.19 -14.43
N ALA U 47 1.15 48.40 -13.78
CA ALA U 47 0.93 46.99 -14.13
C ALA U 47 2.20 46.16 -14.08
N LEU U 48 2.89 46.18 -12.95
CA LEU U 48 4.00 45.28 -12.70
C LEU U 48 3.59 44.45 -11.48
N LYS U 49 2.97 43.28 -11.75
CA LYS U 49 2.38 42.46 -10.70
C LYS U 49 3.41 41.93 -9.71
N ASN U 50 4.65 41.65 -10.14
CA ASN U 50 5.59 41.12 -9.14
C ASN U 50 6.21 42.20 -8.29
N PHE U 51 6.38 43.42 -8.82
CA PHE U 51 6.66 44.55 -7.95
C PHE U 51 5.53 44.71 -6.92
N ALA U 52 4.28 44.57 -7.36
CA ALA U 52 3.17 44.73 -6.43
C ALA U 52 3.22 43.67 -5.35
N LYS U 53 3.43 42.40 -5.76
CA LYS U 53 3.50 41.32 -4.79
C LYS U 53 4.69 41.51 -3.85
N TYR U 54 5.82 41.97 -4.36
CA TYR U 54 7.00 42.12 -3.52
C TYR U 54 6.76 43.13 -2.39
N PHE U 55 6.23 44.31 -2.74
CA PHE U 55 5.98 45.32 -1.72
C PHE U 55 4.83 44.93 -0.80
N LEU U 56 3.83 44.21 -1.32
CA LEU U 56 2.75 43.78 -0.43
C LEU U 56 3.28 42.83 0.64
N HIS U 57 4.19 41.94 0.25
CA HIS U 57 4.79 41.03 1.22
C HIS U 57 5.57 41.82 2.27
N GLN U 58 6.35 42.80 1.85
CA GLN U 58 7.04 43.64 2.85
C GLN U 58 6.03 44.33 3.75
N SER U 59 4.90 44.80 3.20
CA SER U 59 3.94 45.47 4.07
C SER U 59 3.43 44.54 5.17
N HIS U 60 3.10 43.30 4.82
CA HIS U 60 2.68 42.34 5.83
C HIS U 60 3.78 42.01 6.83
N GLU U 61 5.04 41.94 6.38
CA GLU U 61 6.12 41.69 7.33
C GLU U 61 6.31 42.86 8.30
N GLU U 62 6.24 44.10 7.82
CA GLU U 62 6.34 45.25 8.75
C GLU U 62 5.25 45.19 9.81
N ARG U 63 4.03 44.82 9.44
CA ARG U 63 2.97 44.67 10.42
CA ARG U 63 2.99 44.69 10.44
C ARG U 63 3.35 43.65 11.48
N GLU U 64 3.96 42.55 11.06
CA GLU U 64 4.42 41.56 12.03
C GLU U 64 5.52 42.12 12.94
N HIS U 65 6.46 42.90 12.40
CA HIS U 65 7.47 43.53 13.24
C HIS U 65 6.80 44.37 14.31
N ALA U 66 5.75 45.12 13.94
CA ALA U 66 5.06 45.97 14.89
C ALA U 66 4.39 45.15 15.97
N GLU U 67 3.77 44.03 15.61
CA GLU U 67 3.08 43.20 16.58
C GLU U 67 4.05 42.51 17.55
N LYS U 68 5.20 42.08 17.06
CA LYS U 68 6.19 41.50 17.95
C LYS U 68 6.65 42.52 19.01
N LEU U 69 6.77 43.80 18.60
CA LEU U 69 7.15 44.85 19.55
C LEU U 69 6.04 45.13 20.57
N MET U 70 4.77 45.05 20.13
CA MET U 70 3.65 45.18 21.07
C MET U 70 3.66 44.03 22.08
N LYS U 71 3.96 42.82 21.60
CA LYS U 71 4.07 41.67 22.49
C LYS U 71 5.18 41.91 23.52
N LEU U 72 6.36 42.30 23.03
CA LEU U 72 7.48 42.66 23.90
C LEU U 72 7.06 43.70 24.96
N GLN U 73 6.39 44.77 24.52
CA GLN U 73 5.98 45.81 25.48
C GLN U 73 5.21 45.19 26.65
N ASN U 74 4.19 44.37 26.34
CA ASN U 74 3.43 43.69 27.39
C ASN U 74 4.27 42.68 28.16
N GLN U 75 5.18 41.99 27.48
CA GLN U 75 6.01 41.02 28.18
C GLN U 75 6.80 41.69 29.30
N ARG U 76 7.36 42.87 29.04
CA ARG U 76 8.18 43.55 30.02
C ARG U 76 7.35 44.38 31.00
N GLY U 77 6.03 44.43 30.81
CA GLY U 77 5.21 45.19 31.71
C GLY U 77 5.09 46.64 31.34
N GLY U 78 5.61 47.05 30.17
CA GLY U 78 5.32 48.37 29.64
C GLY U 78 3.86 48.47 29.19
N ARG U 79 3.45 49.68 28.80
CA ARG U 79 2.08 49.95 28.40
C ARG U 79 2.07 50.53 26.99
N ILE U 80 1.33 49.89 26.09
CA ILE U 80 1.25 50.30 24.70
C ILE U 80 0.48 51.60 24.59
N PHE U 81 1.07 52.58 23.91
CA PHE U 81 0.34 53.78 23.52
C PHE U 81 0.50 53.97 22.02
N LEU U 82 -0.60 53.88 21.29
CA LEU U 82 -0.54 53.98 19.84
C LEU U 82 -0.78 55.41 19.42
N GLN U 83 -0.27 55.76 18.26
CA GLN U 83 -0.40 57.10 17.73
C GLN U 83 -0.93 56.98 16.31
N ASP U 84 -1.37 58.11 15.77
CA ASP U 84 -1.74 58.14 14.36
C ASP U 84 -0.64 57.53 13.50
N ILE U 85 -1.05 56.83 12.45
CA ILE U 85 -0.10 56.37 11.44
C ILE U 85 -0.11 57.38 10.30
N GLN U 86 0.97 58.14 10.19
CA GLN U 86 1.07 59.15 9.14
C GLN U 86 1.02 58.50 7.76
N LYS U 87 0.27 59.10 6.83
CA LYS U 87 0.25 58.59 5.47
C LYS U 87 1.64 58.71 4.83
N PRO U 88 1.94 57.90 3.81
CA PRO U 88 3.26 57.96 3.16
C PRO U 88 3.50 59.30 2.46
N ASP U 89 4.76 59.56 2.13
CA ASP U 89 5.12 60.85 1.55
C ASP U 89 4.78 61.00 0.08
N GLU U 90 4.42 59.92 -0.61
CA GLU U 90 4.01 59.96 -2.00
C GLU U 90 2.73 59.16 -2.16
N ASP U 91 1.91 59.57 -3.13
CA ASP U 91 0.82 58.74 -3.63
C ASP U 91 1.22 58.00 -4.89
N ASP U 92 2.18 58.56 -5.64
CA ASP U 92 2.65 58.06 -6.92
C ASP U 92 4.14 57.81 -6.77
N TRP U 93 4.56 56.55 -6.95
CA TRP U 93 5.93 56.18 -6.70
C TRP U 93 6.78 56.13 -7.95
N GLU U 94 6.23 56.57 -9.10
CA GLU U 94 6.95 56.90 -10.34
C GLU U 94 7.43 55.72 -11.16
N SER U 95 8.12 54.76 -10.55
CA SER U 95 8.72 53.65 -11.28
C SER U 95 9.20 52.58 -10.29
N GLY U 96 9.51 51.40 -10.83
CA GLY U 96 10.02 50.35 -9.98
C GLY U 96 11.33 50.74 -9.31
N LEU U 97 12.24 51.32 -10.10
CA LEU U 97 13.50 51.77 -9.54
C LEU U 97 13.29 52.83 -8.45
N ASN U 98 12.37 53.78 -8.66
CA ASN U 98 12.19 54.82 -7.65
C ASN U 98 11.59 54.23 -6.38
N ALA U 99 10.64 53.31 -6.53
CA ALA U 99 10.10 52.64 -5.36
C ALA U 99 11.18 51.89 -4.60
N MET U 100 12.05 51.13 -5.31
CA MET U 100 13.14 50.43 -4.62
C MET U 100 14.05 51.42 -3.88
N GLU U 101 14.37 52.55 -4.52
CA GLU U 101 15.24 53.55 -3.89
C GLU U 101 14.58 54.13 -2.64
N ALA U 102 13.28 54.45 -2.72
CA ALA U 102 12.55 54.91 -1.54
C ALA U 102 12.51 53.87 -0.44
N ALA U 103 12.31 52.60 -0.81
CA ALA U 103 12.32 51.55 0.21
C ALA U 103 13.70 51.41 0.86
N LEU U 104 14.76 51.51 0.06
CA LEU U 104 16.11 51.43 0.63
C LEU U 104 16.31 52.54 1.66
N HIS U 105 15.90 53.76 1.29
CA HIS U 105 16.01 54.89 2.20
C HIS U 105 15.16 54.68 3.46
N LEU U 106 13.97 54.14 3.29
CA LEU U 106 13.12 53.83 4.44
C LEU U 106 13.78 52.79 5.35
N GLU U 107 14.26 51.69 4.78
CA GLU U 107 14.81 50.63 5.61
C GLU U 107 16.04 51.12 6.39
N LYS U 108 16.82 52.03 5.81
CA LYS U 108 17.96 52.60 6.52
C LYS U 108 17.51 53.55 7.64
N ASN U 109 16.42 54.29 7.44
CA ASN U 109 15.87 55.07 8.54
CA ASN U 109 15.82 55.06 8.52
C ASN U 109 15.34 54.15 9.65
N VAL U 110 14.64 53.06 9.31
CA VAL U 110 14.14 52.16 10.35
C VAL U 110 15.32 51.52 11.09
N ASN U 111 16.35 51.13 10.33
CA ASN U 111 17.58 50.60 10.93
C ASN U 111 18.19 51.60 11.89
N GLN U 112 18.24 52.88 11.51
CA GLN U 112 18.83 53.87 12.41
C GLN U 112 18.06 53.93 13.72
N SER U 113 16.74 53.87 13.65
CA SER U 113 15.95 53.90 14.86
C SER U 113 16.20 52.66 15.72
N LEU U 114 16.35 51.48 15.10
CA LEU U 114 16.63 50.27 15.88
C LEU U 114 18.01 50.33 16.55
N LEU U 115 19.01 50.88 15.86
CA LEU U 115 20.34 51.00 16.46
C LEU U 115 20.32 51.96 17.64
N GLU U 116 19.54 53.03 17.53
CA GLU U 116 19.37 53.93 18.68
C GLU U 116 18.62 53.24 19.81
N LEU U 117 17.65 52.39 19.48
CA LEU U 117 16.97 51.66 20.53
C LEU U 117 17.90 50.63 21.14
N HIS U 118 18.80 50.05 20.35
CA HIS U 118 19.73 49.10 20.96
C HIS U 118 20.70 49.82 21.87
N LYS U 119 21.24 50.95 21.43
CA LYS U 119 22.09 51.79 22.29
C LYS U 119 21.40 52.15 23.61
N LEU U 120 20.13 52.57 23.54
CA LEU U 120 19.39 52.88 24.75
C LEU U 120 19.33 51.67 25.68
N ALA U 121 19.02 50.49 25.13
CA ALA U 121 18.94 49.31 25.99
C ALA U 121 20.30 49.03 26.62
N HIS U 122 21.38 49.17 25.85
CA HIS U 122 22.71 48.99 26.40
C HIS U 122 22.98 50.00 27.52
N ASP U 123 22.63 51.28 27.27
CA ASP U 123 22.89 52.35 28.24
C ASP U 123 22.12 52.14 29.54
N LYS U 124 20.92 51.59 29.46
CA LYS U 124 20.15 51.32 30.67
C LYS U 124 20.40 49.93 31.20
N ASN U 125 21.45 49.26 30.74
CA ASN U 125 21.81 47.92 31.23
C ASN U 125 20.61 46.98 31.18
N ASP U 126 19.95 46.97 30.03
CA ASP U 126 18.83 46.09 29.79
C ASP U 126 19.25 45.03 28.76
N PRO U 127 19.89 43.94 29.20
CA PRO U 127 20.39 42.98 28.21
C PRO U 127 19.28 42.17 27.55
N HIS U 128 18.15 42.00 28.20
CA HIS U 128 17.05 41.30 27.52
C HIS U 128 16.54 42.11 26.33
N LEU U 129 16.46 43.43 26.50
CA LEU U 129 15.95 44.24 25.42
C LEU U 129 16.97 44.31 24.29
N ALA U 130 18.25 44.50 24.66
CA ALA U 130 19.34 44.49 23.67
C ALA U 130 19.35 43.19 22.89
N ASP U 131 19.31 42.06 23.59
CA ASP U 131 19.28 40.80 22.86
C ASP U 131 18.04 40.67 21.98
N PHE U 132 16.88 41.11 22.48
CA PHE U 132 15.65 41.04 21.69
C PHE U 132 15.82 41.77 20.37
N ILE U 133 16.42 42.97 20.41
CA ILE U 133 16.61 43.78 19.20
C ILE U 133 17.61 43.09 18.29
N GLU U 134 18.72 42.59 18.84
CA GLU U 134 19.72 41.86 18.05
C GLU U 134 19.08 40.69 17.32
N THR U 135 18.35 39.86 18.07
CA THR U 135 17.87 38.58 17.57
C THR U 135 16.83 38.76 16.49
N HIS U 136 15.89 39.67 16.69
CA HIS U 136 14.71 39.72 15.84
C HIS U 136 14.75 40.85 14.84
N TYR U 137 15.64 41.84 15.03
CA TYR U 137 15.52 43.02 14.17
C TYR U 137 16.79 43.36 13.43
N LEU U 138 17.97 43.26 14.06
CA LEU U 138 19.16 43.88 13.47
C LEU U 138 19.59 43.15 12.20
N ASN U 139 19.68 41.81 12.22
CA ASN U 139 20.15 41.17 10.99
C ASN U 139 19.09 41.20 9.91
N GLU U 140 17.81 41.18 10.32
CA GLU U 140 16.71 41.36 9.37
C GLU U 140 16.87 42.67 8.61
N GLN U 141 17.21 43.76 9.30
CA GLN U 141 17.40 45.04 8.62
C GLN U 141 18.57 44.96 7.66
N VAL U 142 19.70 44.39 8.11
CA VAL U 142 20.86 44.30 7.24
C VAL U 142 20.53 43.51 5.97
N LYS U 143 19.79 42.38 6.09
CA LYS U 143 19.41 41.62 4.90
C LYS U 143 18.50 42.43 4.00
N ALA U 144 17.50 43.09 4.58
CA ALA U 144 16.57 43.87 3.77
C ALA U 144 17.30 44.97 3.02
N ILE U 145 18.25 45.65 3.69
CA ILE U 145 18.97 46.74 3.05
C ILE U 145 19.85 46.20 1.94
N LYS U 146 20.53 45.07 2.19
CA LYS U 146 21.36 44.47 1.16
C LYS U 146 20.53 44.03 -0.06
N GLU U 147 19.35 43.46 0.17
CA GLU U 147 18.56 43.01 -0.98
C GLU U 147 18.07 44.20 -1.79
N LEU U 148 17.64 45.27 -1.11
CA LEU U 148 17.19 46.46 -1.82
C LEU U 148 18.33 47.08 -2.62
N GLY U 149 19.53 47.09 -2.04
CA GLY U 149 20.70 47.56 -2.78
C GLY U 149 20.91 46.74 -4.05
N ASP U 150 20.92 45.40 -3.90
CA ASP U 150 21.03 44.50 -5.05
C ASP U 150 20.00 44.84 -6.12
N HIS U 151 18.74 44.99 -5.71
CA HIS U 151 17.68 45.27 -6.68
C HIS U 151 17.93 46.60 -7.39
N VAL U 152 18.29 47.63 -6.63
CA VAL U 152 18.56 48.94 -7.22
C VAL U 152 19.69 48.82 -8.24
N THR U 153 20.76 48.13 -7.84
CA THR U 153 21.92 47.99 -8.73
C THR U 153 21.52 47.34 -10.04
N ASN U 154 20.77 46.24 -9.97
CA ASN U 154 20.39 45.57 -11.21
C ASN U 154 19.48 46.45 -12.07
N LEU U 155 18.49 47.12 -11.47
CA LEU U 155 17.61 47.96 -12.28
C LEU U 155 18.37 49.09 -12.98
N ARG U 156 19.31 49.73 -12.27
CA ARG U 156 20.11 50.77 -12.92
C ARG U 156 20.94 50.17 -14.05
N LYS U 157 21.58 49.04 -13.79
CA LYS U 157 22.42 48.42 -14.81
C LYS U 157 21.61 48.01 -16.04
N MET U 158 20.37 47.53 -15.86
CA MET U 158 19.53 47.17 -17.00
C MET U 158 18.99 48.38 -17.74
N GLY U 159 19.20 49.60 -17.26
CA GLY U 159 18.67 50.77 -17.93
C GLY U 159 17.41 51.38 -17.33
N ALA U 160 16.95 50.93 -16.18
CA ALA U 160 15.86 51.63 -15.54
C ALA U 160 16.32 53.04 -15.13
N PRO U 161 15.38 54.01 -15.04
CA PRO U 161 13.95 53.80 -15.37
C PRO U 161 13.60 54.22 -16.79
N GLU U 162 14.60 54.72 -17.55
CA GLU U 162 14.48 54.98 -18.97
C GLU U 162 13.74 53.84 -19.67
N SER U 163 14.36 52.66 -19.66
CA SER U 163 13.85 51.48 -20.37
C SER U 163 12.70 50.86 -19.61
N GLY U 164 11.48 50.99 -20.15
CA GLY U 164 10.37 50.22 -19.62
C GLY U 164 10.55 48.72 -19.79
N LEU U 165 11.33 48.31 -20.81
CA LEU U 165 11.77 46.93 -20.98
C LEU U 165 12.57 46.43 -19.80
N ALA U 166 13.41 47.27 -19.21
CA ALA U 166 14.20 46.86 -18.05
C ALA U 166 13.30 46.50 -16.86
N GLU U 167 12.36 47.37 -16.50
CA GLU U 167 11.49 47.08 -15.36
C GLU U 167 10.60 45.88 -15.62
N TYR U 168 10.14 45.72 -16.86
CA TYR U 168 9.33 44.54 -17.21
C TYR U 168 10.12 43.24 -17.01
N LEU U 169 11.35 43.17 -17.54
CA LEU U 169 12.16 41.97 -17.39
C LEU U 169 12.57 41.76 -15.93
N PHE U 170 12.85 42.85 -15.19
CA PHE U 170 13.20 42.68 -13.78
C PHE U 170 12.02 42.13 -13.01
N ASP U 171 10.84 42.68 -13.26
CA ASP U 171 9.63 42.18 -12.63
C ASP U 171 9.47 40.70 -12.89
N LYS U 172 9.73 40.26 -14.13
CA LYS U 172 9.58 38.85 -14.45
C LYS U 172 10.70 37.97 -13.85
N HIS U 173 11.96 38.34 -14.06
CA HIS U 173 13.05 37.40 -13.81
C HIS U 173 13.65 37.51 -12.40
N THR U 174 13.54 38.66 -11.74
CA THR U 174 14.01 38.75 -10.36
C THR U 174 12.84 38.67 -9.38
N LEU U 175 11.84 39.54 -9.51
CA LEU U 175 10.74 39.51 -8.55
C LEU U 175 9.74 38.38 -8.81
N GLY U 176 9.72 37.79 -10.00
CA GLY U 176 8.82 36.68 -10.26
C GLY U 176 9.47 35.38 -9.82
N ASP U 177 10.80 35.46 -9.63
CA ASP U 177 11.68 34.40 -9.07
C ASP U 177 11.88 33.20 -9.98
N SER V 4 36.33 -15.14 51.85
CA SER V 4 36.17 -13.70 51.99
C SER V 4 34.73 -13.28 51.71
N THR V 5 34.44 -12.00 51.95
CA THR V 5 33.07 -11.53 51.81
C THR V 5 32.92 -10.79 50.50
N SER V 6 31.80 -11.05 49.83
CA SER V 6 31.51 -10.38 48.57
C SER V 6 31.32 -8.89 48.82
N GLN V 7 31.89 -8.07 47.92
CA GLN V 7 31.66 -6.62 47.94
C GLN V 7 30.18 -6.25 47.78
N VAL V 8 29.32 -7.14 47.29
CA VAL V 8 27.90 -6.82 47.18
C VAL V 8 27.08 -7.34 48.35
N ARG V 9 27.60 -8.31 49.11
CA ARG V 9 26.79 -8.99 50.13
C ARG V 9 26.30 -8.01 51.19
N GLN V 10 25.00 -8.07 51.46
CA GLN V 10 24.40 -7.20 52.48
C GLN V 10 23.11 -7.86 52.95
N ASN V 11 22.98 -8.07 54.27
CA ASN V 11 21.78 -8.64 54.86
C ASN V 11 21.46 -10.05 54.34
N TYR V 12 22.46 -10.81 53.93
CA TYR V 12 22.25 -12.12 53.32
C TYR V 12 22.86 -13.18 54.24
N HIS V 13 21.99 -13.89 54.96
CA HIS V 13 22.49 -14.84 55.96
C HIS V 13 23.10 -16.07 55.31
N GLN V 14 24.15 -16.60 55.94
CA GLN V 14 24.77 -17.82 55.41
C GLN V 14 23.79 -18.99 55.39
N ASP V 15 22.80 -18.99 56.28
CA ASP V 15 21.75 -20.00 56.22
C ASP V 15 20.89 -19.82 54.98
N SER V 16 20.53 -18.58 54.65
CA SER V 16 19.77 -18.35 53.43
C SER V 16 20.57 -18.81 52.22
N GLU V 17 21.84 -18.45 52.19
CA GLU V 17 22.74 -18.85 51.12
C GLU V 17 22.71 -20.35 50.92
N ALA V 18 22.79 -21.12 52.02
CA ALA V 18 22.81 -22.57 51.91
C ALA V 18 21.45 -23.12 51.50
N ALA V 19 20.38 -22.55 52.03
CA ALA V 19 19.06 -22.99 51.60
C ALA V 19 18.85 -22.73 50.11
N ILE V 20 19.43 -21.66 49.57
CA ILE V 20 19.30 -21.37 48.14
C ILE V 20 20.05 -22.43 47.33
N ASN V 21 21.26 -22.81 47.76
CA ASN V 21 21.95 -23.91 47.08
C ASN V 21 21.13 -25.19 47.11
N ARG V 22 20.44 -25.46 48.22
CA ARG V 22 19.61 -26.67 48.27
C ARG V 22 18.44 -26.55 47.29
N GLN V 23 17.80 -25.38 47.26
CA GLN V 23 16.65 -25.20 46.37
C GLN V 23 17.07 -25.35 44.91
N ILE V 24 18.27 -24.90 44.55
CA ILE V 24 18.78 -25.08 43.19
C ILE V 24 18.83 -26.57 42.83
N ASN V 25 19.42 -27.39 43.70
CA ASN V 25 19.48 -28.82 43.42
C ASN V 25 18.09 -29.43 43.32
N LEU V 26 17.17 -29.00 44.18
CA LEU V 26 15.81 -29.52 44.12
C LEU V 26 15.12 -29.14 42.82
N GLU V 27 15.31 -27.91 42.32
CA GLU V 27 14.70 -27.55 41.04
C GLU V 27 15.28 -28.40 39.90
N LEU V 28 16.60 -28.55 39.87
CA LEU V 28 17.22 -29.39 38.85
C LEU V 28 16.72 -30.83 38.93
N TYR V 29 16.49 -31.31 40.16
CA TYR V 29 15.88 -32.63 40.35
C TYR V 29 14.47 -32.71 39.76
N ALA V 30 13.61 -31.73 40.08
CA ALA V 30 12.29 -31.73 39.45
C ALA V 30 12.41 -31.73 37.93
N SER V 31 13.34 -30.96 37.40
CA SER V 31 13.53 -30.91 35.96
C SER V 31 13.80 -32.30 35.41
N TYR V 32 14.66 -33.05 36.11
CA TYR V 32 15.05 -34.40 35.69
C TYR V 32 13.87 -35.37 35.78
N VAL V 33 13.06 -35.25 36.83
CA VAL V 33 11.87 -36.08 36.95
C VAL V 33 10.95 -35.87 35.76
N TYR V 34 10.73 -34.62 35.39
CA TYR V 34 9.79 -34.33 34.30
C TYR V 34 10.35 -34.78 32.96
N LEU V 35 11.67 -34.65 32.77
CA LEU V 35 12.31 -35.19 31.58
C LEU V 35 12.09 -36.70 31.46
N SER V 36 12.32 -37.44 32.55
CA SER V 36 12.03 -38.87 32.53
C SER V 36 10.56 -39.14 32.18
N MET V 37 9.65 -38.45 32.86
CA MET V 37 8.24 -38.65 32.54
C MET V 37 7.96 -38.44 31.06
N SER V 38 8.52 -37.37 30.49
CA SER V 38 8.22 -37.02 29.11
C SER V 38 8.55 -38.18 28.16
N TYR V 39 9.77 -38.66 28.21
CA TYR V 39 10.18 -39.68 27.26
C TYR V 39 9.65 -41.07 27.60
N TYR V 40 9.06 -41.25 28.78
CA TYR V 40 8.24 -42.44 29.00
C TYR V 40 7.02 -42.43 28.09
N PHE V 41 6.36 -41.27 27.90
CA PHE V 41 5.17 -41.20 27.06
C PHE V 41 5.49 -41.19 25.58
N ASP V 42 6.77 -41.01 25.25
CA ASP V 42 7.27 -41.10 23.88
C ASP V 42 7.58 -42.53 23.46
N ARG V 43 7.50 -43.49 24.39
CA ARG V 43 7.75 -44.89 24.09
C ARG V 43 6.70 -45.43 23.13
N ASP V 44 7.13 -46.32 22.22
CA ASP V 44 6.21 -46.85 21.20
C ASP V 44 5.07 -47.64 21.82
N ASP V 45 5.24 -48.11 23.06
CA ASP V 45 4.21 -48.88 23.72
C ASP V 45 3.42 -48.04 24.71
N VAL V 46 3.57 -46.72 24.66
CA VAL V 46 2.80 -45.78 25.49
C VAL V 46 2.18 -44.76 24.55
N ALA V 47 3.03 -44.02 23.85
CA ALA V 47 2.66 -43.26 22.64
C ALA V 47 1.53 -42.26 22.89
N LEU V 48 1.72 -41.42 23.90
CA LEU V 48 0.77 -40.37 24.27
C LEU V 48 1.53 -39.06 24.10
N LYS V 49 1.47 -38.50 22.88
CA LYS V 49 2.41 -37.45 22.49
C LYS V 49 2.17 -36.16 23.24
N ASN V 50 0.93 -35.88 23.65
CA ASN V 50 0.71 -34.61 24.36
C ASN V 50 1.06 -34.71 25.84
N PHE V 51 0.85 -35.89 26.47
CA PHE V 51 1.49 -36.11 27.77
C PHE V 51 2.99 -35.89 27.67
N ALA V 52 3.61 -36.41 26.61
CA ALA V 52 5.05 -36.21 26.46
C ALA V 52 5.39 -34.73 26.34
N LYS V 53 4.63 -33.99 25.53
CA LYS V 53 4.95 -32.57 25.41
C LYS V 53 4.70 -31.84 26.71
N TYR V 54 3.62 -32.20 27.41
CA TYR V 54 3.30 -31.50 28.65
C TYR V 54 4.44 -31.64 29.66
N PHE V 55 4.97 -32.85 29.81
CA PHE V 55 6.03 -33.03 30.80
C PHE V 55 7.35 -32.43 30.33
N LEU V 56 7.62 -32.45 29.03
CA LEU V 56 8.84 -31.80 28.55
C LEU V 56 8.82 -30.32 28.87
N HIS V 57 7.68 -29.67 28.63
CA HIS V 57 7.54 -28.27 28.98
C HIS V 57 7.78 -28.01 30.47
N GLN V 58 7.25 -28.86 31.35
CA GLN V 58 7.53 -28.67 32.76
C GLN V 58 9.01 -28.85 33.04
N SER V 59 9.65 -29.78 32.34
CA SER V 59 11.06 -30.03 32.60
C SER V 59 11.89 -28.78 32.28
N HIS V 60 11.62 -28.13 31.15
CA HIS V 60 12.30 -26.87 30.83
C HIS V 60 11.95 -25.75 31.80
N GLU V 61 10.69 -25.68 32.26
CA GLU V 61 10.35 -24.66 33.26
C GLU V 61 11.17 -24.83 34.54
N GLU V 62 11.32 -26.07 35.01
CA GLU V 62 12.06 -26.30 36.25
C GLU V 62 13.51 -25.86 36.09
N ARG V 63 14.11 -26.15 34.92
CA ARG V 63 15.48 -25.71 34.67
C ARG V 63 15.57 -24.19 34.78
N GLU V 64 14.59 -23.48 34.20
CA GLU V 64 14.49 -22.04 34.35
C GLU V 64 14.39 -21.60 35.81
N HIS V 65 13.52 -22.25 36.60
CA HIS V 65 13.47 -21.96 38.04
C HIS V 65 14.83 -22.11 38.69
N ALA V 66 15.59 -23.13 38.31
CA ALA V 66 16.89 -23.34 38.92
C ALA V 66 17.85 -22.23 38.55
N GLU V 67 17.84 -21.80 37.29
CA GLU V 67 18.78 -20.76 36.87
C GLU V 67 18.45 -19.43 37.50
N LYS V 68 17.16 -19.15 37.72
CA LYS V 68 16.80 -17.92 38.40
C LYS V 68 17.32 -17.94 39.85
N LEU V 69 17.37 -19.11 40.47
CA LEU V 69 17.91 -19.15 41.82
C LEU V 69 19.42 -19.01 41.79
N MET V 70 20.06 -19.52 40.72
CA MET V 70 21.50 -19.34 40.60
C MET V 70 21.83 -17.87 40.39
N LYS V 71 20.99 -17.16 39.63
CA LYS V 71 21.18 -15.73 39.43
C LYS V 71 21.02 -14.96 40.73
N LEU V 72 19.96 -15.28 41.48
CA LEU V 72 19.73 -14.69 42.79
C LEU V 72 20.95 -14.87 43.70
N GLN V 73 21.47 -16.11 43.75
CA GLN V 73 22.65 -16.39 44.60
C GLN V 73 23.77 -15.39 44.30
N ASN V 74 24.10 -15.23 43.02
CA ASN V 74 25.16 -14.31 42.65
C ASN V 74 24.75 -12.87 42.91
N GLN V 75 23.48 -12.51 42.67
CA GLN V 75 23.08 -11.13 42.93
C GLN V 75 23.31 -10.74 44.39
N ARG V 76 23.01 -11.66 45.30
CA ARG V 76 23.20 -11.35 46.72
C ARG V 76 24.62 -11.61 47.18
N GLY V 77 25.51 -12.08 46.30
CA GLY V 77 26.87 -12.30 46.70
C GLY V 77 27.11 -13.59 47.44
N GLY V 78 26.13 -14.51 47.46
CA GLY V 78 26.42 -15.87 47.87
C GLY V 78 27.16 -16.64 46.80
N ARG V 79 27.53 -17.86 47.15
CA ARG V 79 28.37 -18.65 46.27
C ARG V 79 27.71 -19.97 45.96
N ILE V 80 27.61 -20.26 44.66
CA ILE V 80 26.93 -21.43 44.14
C ILE V 80 27.79 -22.66 44.36
N PHE V 81 27.20 -23.69 44.97
CA PHE V 81 27.77 -25.03 45.07
C PHE V 81 26.73 -26.02 44.57
N LEU V 82 27.01 -26.64 43.43
CA LEU V 82 26.15 -27.65 42.84
C LEU V 82 26.49 -29.02 43.42
N GLN V 83 25.50 -29.90 43.43
CA GLN V 83 25.64 -31.25 43.91
C GLN V 83 25.17 -32.18 42.79
N ASP V 84 25.43 -33.48 42.95
CA ASP V 84 24.88 -34.45 42.02
C ASP V 84 23.37 -34.26 41.89
N ILE V 85 22.85 -34.48 40.69
CA ILE V 85 21.41 -34.49 40.48
C ILE V 85 20.95 -35.94 40.52
N GLN V 86 20.19 -36.28 41.55
CA GLN V 86 19.76 -37.65 41.77
C GLN V 86 18.77 -38.08 40.70
N LYS V 87 18.92 -39.31 40.22
CA LYS V 87 18.01 -39.81 39.20
C LYS V 87 16.60 -39.87 39.77
N PRO V 88 15.58 -39.85 38.93
CA PRO V 88 14.21 -39.95 39.43
C PRO V 88 13.93 -41.32 40.05
N ASP V 89 12.88 -41.34 40.87
CA ASP V 89 12.46 -42.50 41.64
C ASP V 89 12.01 -43.68 40.78
N GLU V 90 11.54 -43.42 39.55
CA GLU V 90 11.05 -44.48 38.67
C GLU V 90 11.65 -44.34 37.28
N ASP V 91 11.73 -45.45 36.57
CA ASP V 91 12.05 -45.48 35.17
C ASP V 91 10.82 -45.66 34.31
N ASP V 92 9.79 -46.27 34.87
CA ASP V 92 8.55 -46.58 34.17
C ASP V 92 7.43 -45.91 34.95
N TRP V 93 6.70 -44.99 34.31
CA TRP V 93 5.74 -44.17 35.03
C TRP V 93 4.32 -44.68 34.91
N GLU V 94 4.13 -45.87 34.29
CA GLU V 94 2.91 -46.68 34.37
C GLU V 94 1.77 -46.16 33.51
N SER V 95 1.45 -44.87 33.61
CA SER V 95 0.27 -44.35 32.93
C SER V 95 0.18 -42.83 33.08
N GLY V 96 -0.66 -42.25 32.22
CA GLY V 96 -0.88 -40.82 32.29
C GLY V 96 -1.30 -40.37 33.68
N LEU V 97 -2.27 -41.08 34.27
CA LEU V 97 -2.75 -40.67 35.57
C LEU V 97 -1.67 -40.87 36.64
N ASN V 98 -0.93 -41.99 36.58
CA ASN V 98 0.13 -42.19 37.56
C ASN V 98 1.16 -41.09 37.51
N ALA V 99 1.55 -40.68 36.30
CA ALA V 99 2.55 -39.62 36.16
C ALA V 99 2.01 -38.31 36.71
N MET V 100 0.75 -38.01 36.43
CA MET V 100 0.15 -36.80 36.97
C MET V 100 0.09 -36.84 38.50
N GLU V 101 -0.27 -37.99 39.07
CA GLU V 101 -0.26 -38.11 40.53
C GLU V 101 1.16 -37.91 41.06
N ALA V 102 2.14 -38.51 40.40
CA ALA V 102 3.53 -38.33 40.85
C ALA V 102 3.96 -36.88 40.73
N ALA V 103 3.59 -36.20 39.64
CA ALA V 103 3.94 -34.78 39.48
C ALA V 103 3.31 -33.95 40.59
N LEU V 104 2.03 -34.20 40.89
CA LEU V 104 1.35 -33.50 41.97
C LEU V 104 2.10 -33.66 43.29
N HIS V 105 2.48 -34.89 43.61
CA HIS V 105 3.26 -35.13 44.83
C HIS V 105 4.57 -34.35 44.80
N LEU V 106 5.32 -34.41 43.68
CA LEU V 106 6.57 -33.66 43.59
C LEU V 106 6.36 -32.16 43.78
N GLU V 107 5.35 -31.61 43.12
CA GLU V 107 5.18 -30.16 43.19
C GLU V 107 4.84 -29.71 44.61
N LYS V 108 4.08 -30.52 45.37
CA LYS V 108 3.82 -30.16 46.77
C LYS V 108 5.08 -30.26 47.63
N ASN V 109 5.97 -31.21 47.31
CA ASN V 109 7.27 -31.25 47.98
C ASN V 109 8.11 -30.03 47.65
N VAL V 110 8.18 -29.66 46.38
CA VAL V 110 8.93 -28.46 46.02
C VAL V 110 8.34 -27.24 46.71
N ASN V 111 7.01 -27.18 46.78
CA ASN V 111 6.32 -26.09 47.45
C ASN V 111 6.69 -26.06 48.94
N GLN V 112 6.66 -27.22 49.61
CA GLN V 112 7.02 -27.23 51.02
C GLN V 112 8.41 -26.65 51.21
N SER V 113 9.34 -27.04 50.34
CA SER V 113 10.71 -26.56 50.49
C SER V 113 10.78 -25.04 50.27
N LEU V 114 9.95 -24.50 49.37
CA LEU V 114 9.91 -23.06 49.14
C LEU V 114 9.29 -22.32 50.33
N LEU V 115 8.26 -22.91 50.95
CA LEU V 115 7.66 -22.28 52.13
C LEU V 115 8.65 -22.21 53.28
N GLU V 116 9.48 -23.25 53.43
CA GLU V 116 10.50 -23.22 54.48
C GLU V 116 11.59 -22.21 54.14
N LEU V 117 11.93 -22.09 52.84
CA LEU V 117 12.84 -21.03 52.41
C LEU V 117 12.28 -19.67 52.77
N HIS V 118 11.00 -19.44 52.49
CA HIS V 118 10.41 -18.15 52.81
C HIS V 118 10.42 -17.91 54.33
N LYS V 119 10.09 -18.95 55.08
CA LYS V 119 10.09 -18.84 56.53
C LYS V 119 11.48 -18.48 57.06
N LEU V 120 12.51 -19.11 56.49
CA LEU V 120 13.88 -18.74 56.83
C LEU V 120 14.15 -17.28 56.52
N ALA V 121 13.74 -16.82 55.34
CA ALA V 121 14.01 -15.43 54.97
C ALA V 121 13.28 -14.47 55.91
N HIS V 122 12.04 -14.80 56.26
CA HIS V 122 11.37 -13.99 57.26
C HIS V 122 12.13 -14.03 58.59
N ASP V 123 12.65 -15.21 58.99
CA ASP V 123 13.34 -15.30 60.29
C ASP V 123 14.61 -14.46 60.29
N LYS V 124 15.33 -14.45 59.17
CA LYS V 124 16.58 -13.72 59.08
C LYS V 124 16.36 -12.26 58.67
N ASN V 125 15.13 -11.77 58.73
CA ASN V 125 14.78 -10.39 58.34
C ASN V 125 15.40 -10.01 57.00
N ASP V 126 15.15 -10.86 55.99
CA ASP V 126 15.65 -10.68 54.63
C ASP V 126 14.45 -10.45 53.73
N PRO V 127 13.92 -9.22 53.67
CA PRO V 127 12.69 -9.01 52.90
C PRO V 127 12.93 -9.05 51.39
N HIS V 128 14.15 -8.83 50.92
CA HIS V 128 14.40 -9.01 49.49
C HIS V 128 14.27 -10.47 49.10
N LEU V 129 14.90 -11.37 49.85
CA LEU V 129 14.74 -12.79 49.59
C LEU V 129 13.28 -13.21 49.73
N ALA V 130 12.62 -12.71 50.77
CA ALA V 130 11.22 -13.08 50.99
C ALA V 130 10.37 -12.68 49.79
N ASP V 131 10.52 -11.42 49.35
CA ASP V 131 9.74 -10.97 48.18
C ASP V 131 10.12 -11.72 46.92
N PHE V 132 11.40 -12.04 46.77
CA PHE V 132 11.83 -12.83 45.61
C PHE V 132 11.07 -14.15 45.53
N ILE V 133 10.96 -14.87 46.66
CA ILE V 133 10.27 -16.16 46.66
C ILE V 133 8.78 -15.96 46.40
N GLU V 134 8.16 -15.02 47.12
CA GLU V 134 6.76 -14.71 46.89
C GLU V 134 6.48 -14.41 45.42
N THR V 135 7.34 -13.61 44.81
CA THR V 135 7.06 -13.08 43.49
C THR V 135 7.26 -14.12 42.41
N HIS V 136 8.35 -14.88 42.49
CA HIS V 136 8.71 -15.73 41.37
C HIS V 136 8.34 -17.19 41.56
N TYR V 137 7.99 -17.62 42.79
CA TYR V 137 7.81 -19.06 43.01
C TYR V 137 6.48 -19.44 43.66
N LEU V 138 5.95 -18.65 44.61
CA LEU V 138 4.85 -19.16 45.43
C LEU V 138 3.57 -19.30 44.63
N ASN V 139 3.17 -18.27 43.88
CA ASN V 139 1.93 -18.45 43.11
C ASN V 139 2.14 -19.39 41.92
N GLU V 140 3.35 -19.48 41.39
CA GLU V 140 3.61 -20.48 40.36
C GLU V 140 3.38 -21.89 40.91
N GLN V 141 3.85 -22.18 42.13
CA GLN V 141 3.63 -23.49 42.73
C GLN V 141 2.15 -23.77 42.93
N VAL V 142 1.41 -22.78 43.45
CA VAL V 142 -0.02 -22.95 43.69
C VAL V 142 -0.75 -23.21 42.38
N LYS V 143 -0.36 -22.49 41.33
CA LYS V 143 -0.99 -22.72 40.03
C LYS V 143 -0.69 -24.12 39.49
N ALA V 144 0.55 -24.57 39.63
CA ALA V 144 0.89 -25.89 39.11
C ALA V 144 0.16 -26.97 39.89
N ILE V 145 0.08 -26.80 41.21
CA ILE V 145 -0.57 -27.81 42.03
C ILE V 145 -2.07 -27.85 41.69
N LYS V 146 -2.67 -26.68 41.47
CA LYS V 146 -4.08 -26.65 41.11
C LYS V 146 -4.32 -27.29 39.75
N GLU V 147 -3.45 -27.01 38.78
CA GLU V 147 -3.60 -27.60 37.45
C GLU V 147 -3.41 -29.11 37.50
N LEU V 148 -2.41 -29.59 38.24
CA LEU V 148 -2.23 -31.04 38.32
C LEU V 148 -3.41 -31.70 39.03
N GLY V 149 -3.94 -31.07 40.09
CA GLY V 149 -5.19 -31.55 40.68
C GLY V 149 -6.32 -31.66 39.67
N ASP V 150 -6.55 -30.58 38.89
CA ASP V 150 -7.57 -30.65 37.83
C ASP V 150 -7.34 -31.84 36.89
N HIS V 151 -6.08 -32.06 36.48
CA HIS V 151 -5.82 -33.14 35.53
C HIS V 151 -6.11 -34.50 36.17
N VAL V 152 -5.67 -34.69 37.40
CA VAL V 152 -5.92 -35.95 38.10
C VAL V 152 -7.41 -36.20 38.20
N THR V 153 -8.17 -35.18 38.61
CA THR V 153 -9.62 -35.33 38.74
C THR V 153 -10.26 -35.77 37.42
N ASN V 154 -9.96 -35.06 36.33
CA ASN V 154 -10.57 -35.43 35.06
C ASN V 154 -10.16 -36.83 34.62
N LEU V 155 -8.89 -37.20 34.78
CA LEU V 155 -8.48 -38.54 34.38
C LEU V 155 -9.21 -39.63 35.17
N ARG V 156 -9.39 -39.44 36.47
CA ARG V 156 -10.10 -40.42 37.26
C ARG V 156 -11.56 -40.50 36.82
N LYS V 157 -12.19 -39.34 36.69
CA LYS V 157 -13.60 -39.26 36.31
C LYS V 157 -13.86 -39.91 34.97
N MET V 158 -12.91 -39.83 34.04
CA MET V 158 -13.05 -40.44 32.72
C MET V 158 -12.85 -41.95 32.74
N GLY V 159 -12.29 -42.50 33.81
CA GLY V 159 -12.10 -43.92 33.92
C GLY V 159 -10.67 -44.41 33.81
N ALA V 160 -9.69 -43.50 33.84
CA ALA V 160 -8.30 -43.92 33.90
C ALA V 160 -8.00 -44.46 35.30
N PRO V 161 -6.94 -45.31 35.45
CA PRO V 161 -5.96 -45.73 34.45
C PRO V 161 -6.49 -46.91 33.64
N GLU V 162 -7.57 -47.48 34.17
CA GLU V 162 -8.13 -48.71 33.63
C GLU V 162 -8.56 -48.53 32.18
N SER V 163 -9.33 -47.46 31.89
CA SER V 163 -9.89 -47.23 30.56
C SER V 163 -8.82 -46.57 29.68
N GLY V 164 -8.39 -47.29 28.63
CA GLY V 164 -7.37 -46.76 27.72
C GLY V 164 -7.88 -45.66 26.81
N LEU V 165 -9.16 -45.75 26.41
CA LEU V 165 -9.87 -44.63 25.79
C LEU V 165 -9.67 -43.35 26.58
N ALA V 166 -9.76 -43.40 27.91
CA ALA V 166 -9.73 -42.18 28.72
C ALA V 166 -8.42 -41.41 28.51
N GLU V 167 -7.28 -42.06 28.74
CA GLU V 167 -5.99 -41.40 28.57
C GLU V 167 -5.79 -40.91 27.14
N TYR V 168 -6.21 -41.70 26.14
CA TYR V 168 -6.13 -41.26 24.75
C TYR V 168 -6.89 -39.96 24.53
N LEU V 169 -8.14 -39.89 25.00
CA LEU V 169 -8.95 -38.71 24.74
C LEU V 169 -8.52 -37.51 25.57
N PHE V 170 -8.06 -37.76 26.80
CA PHE V 170 -7.54 -36.67 27.63
C PHE V 170 -6.31 -36.09 26.96
N ASP V 171 -5.42 -36.97 26.48
CA ASP V 171 -4.25 -36.53 25.74
C ASP V 171 -4.65 -35.63 24.58
N LYS V 172 -5.74 -35.98 23.87
CA LYS V 172 -6.16 -35.19 22.72
C LYS V 172 -6.86 -33.91 23.16
N HIS V 173 -7.85 -34.02 24.04
CA HIS V 173 -8.74 -32.88 24.25
C HIS V 173 -8.24 -31.92 25.33
N THR V 174 -7.48 -32.39 26.31
CA THR V 174 -6.94 -31.47 27.32
C THR V 174 -5.49 -31.11 27.06
N LEU V 175 -4.62 -32.09 26.88
CA LEU V 175 -3.22 -31.76 26.71
C LEU V 175 -2.87 -31.35 25.29
N GLY V 176 -3.76 -31.57 24.33
CA GLY V 176 -3.49 -31.11 22.96
C GLY V 176 -4.06 -29.72 22.72
N ASP V 177 -4.47 -29.08 23.82
CA ASP V 177 -5.15 -27.76 23.89
C ASP V 177 -6.20 -27.58 22.81
N SER W 4 -4.26 17.65 62.68
CA SER W 4 -5.45 17.22 61.97
C SER W 4 -5.15 15.90 61.31
N THR W 5 -6.02 14.91 61.44
CA THR W 5 -5.80 13.64 60.76
C THR W 5 -6.42 13.69 59.37
N SER W 6 -5.63 13.32 58.37
CA SER W 6 -6.11 13.18 57.00
C SER W 6 -7.29 12.23 56.94
N GLN W 7 -8.27 12.57 56.09
CA GLN W 7 -9.43 11.70 55.83
C GLN W 7 -9.05 10.36 55.17
N VAL W 8 -7.88 10.27 54.55
CA VAL W 8 -7.45 9.01 53.93
C VAL W 8 -6.61 8.16 54.87
N ARG W 9 -6.01 8.76 55.90
CA ARG W 9 -5.02 8.04 56.70
C ARG W 9 -5.65 6.82 57.35
N GLN W 10 -4.95 5.70 57.25
CA GLN W 10 -5.42 4.47 57.86
C GLN W 10 -4.23 3.53 58.01
N ASN W 11 -3.96 3.10 59.25
CA ASN W 11 -2.90 2.13 59.54
C ASN W 11 -1.51 2.67 59.17
N TYR W 12 -1.32 3.97 59.30
CA TYR W 12 -0.10 4.62 58.86
C TYR W 12 0.54 5.28 60.06
N HIS W 13 1.62 4.68 60.56
CA HIS W 13 2.15 5.09 61.85
C HIS W 13 3.01 6.33 61.69
N GLN W 14 2.99 7.21 62.69
CA GLN W 14 3.79 8.43 62.62
C GLN W 14 5.28 8.15 62.42
N ASP W 15 5.80 7.05 62.99
CA ASP W 15 7.21 6.75 62.73
C ASP W 15 7.44 6.39 61.27
N SER W 16 6.51 5.66 60.66
CA SER W 16 6.59 5.39 59.23
C SER W 16 6.60 6.69 58.44
N GLU W 17 5.66 7.58 58.73
CA GLU W 17 5.61 8.88 58.07
C GLU W 17 6.93 9.61 58.17
N ALA W 18 7.56 9.59 59.37
CA ALA W 18 8.85 10.24 59.52
C ALA W 18 9.95 9.48 58.79
N ALA W 19 9.94 8.14 58.83
CA ALA W 19 10.95 7.42 58.09
C ALA W 19 10.85 7.72 56.59
N ILE W 20 9.62 7.87 56.09
CA ILE W 20 9.42 8.18 54.67
C ILE W 20 10.03 9.54 54.34
N ASN W 21 9.77 10.55 55.19
CA ASN W 21 10.40 11.87 55.00
C ASN W 21 11.94 11.79 54.99
N ARG W 22 12.54 10.98 55.87
CA ARG W 22 14.00 10.82 55.84
C ARG W 22 14.47 10.11 54.55
N GLN W 23 13.73 9.12 54.08
CA GLN W 23 14.13 8.44 52.86
C GLN W 23 14.09 9.39 51.65
N ILE W 24 13.08 10.27 51.62
CA ILE W 24 12.98 11.26 50.55
C ILE W 24 14.25 12.08 50.48
N ASN W 25 14.66 12.64 51.61
CA ASN W 25 15.90 13.42 51.64
C ASN W 25 17.10 12.59 51.20
N LEU W 26 17.17 11.33 51.66
CA LEU W 26 18.27 10.47 51.25
C LEU W 26 18.28 10.21 49.73
N GLU W 27 17.10 10.01 49.12
CA GLU W 27 17.11 9.80 47.66
C GLU W 27 17.56 11.05 46.92
N LEU W 28 17.08 12.22 47.35
CA LEU W 28 17.52 13.47 46.76
C LEU W 28 19.02 13.63 46.92
N TYR W 29 19.53 13.24 48.09
CA TYR W 29 20.96 13.29 48.36
C TYR W 29 21.72 12.42 47.36
N ALA W 30 21.28 11.18 47.20
CA ALA W 30 21.93 10.28 46.25
C ALA W 30 21.91 10.87 44.83
N SER W 31 20.80 11.50 44.47
CA SER W 31 20.71 12.08 43.14
C SER W 31 21.76 13.18 42.97
N TYR W 32 21.97 13.96 44.04
CA TYR W 32 22.94 15.04 44.03
C TYR W 32 24.35 14.51 43.93
N VAL W 33 24.67 13.45 44.69
CA VAL W 33 25.99 12.81 44.55
C VAL W 33 26.23 12.40 43.10
N TYR W 34 25.24 11.77 42.47
CA TYR W 34 25.41 11.28 41.10
C TYR W 34 25.54 12.42 40.11
N LEU W 35 24.76 13.49 40.31
CA LEU W 35 24.94 14.69 39.50
C LEU W 35 26.38 15.17 39.59
N SER W 36 26.90 15.22 40.81
CA SER W 36 28.28 15.68 41.00
C SER W 36 29.25 14.80 40.22
N MET W 37 29.10 13.47 40.34
CA MET W 37 30.06 12.59 39.69
C MET W 37 30.01 12.77 38.19
N SER W 38 28.78 12.88 37.66
CA SER W 38 28.58 13.00 36.21
C SER W 38 29.40 14.14 35.64
N TYR W 39 29.24 15.35 36.21
CA TYR W 39 29.94 16.51 35.66
C TYR W 39 31.42 16.54 36.02
N TYR W 40 31.86 15.70 36.96
CA TYR W 40 33.29 15.47 37.10
C TYR W 40 33.86 14.75 35.88
N PHE W 41 33.13 13.78 35.33
CA PHE W 41 33.66 13.13 34.13
C PHE W 41 33.45 13.97 32.88
N ASP W 42 32.70 15.07 32.98
CA ASP W 42 32.53 16.01 31.88
C ASP W 42 33.67 17.01 31.80
N ARG W 43 34.55 17.05 32.82
CA ARG W 43 35.64 18.03 32.83
C ARG W 43 36.59 17.75 31.68
N ASP W 44 37.17 18.83 31.13
CA ASP W 44 38.12 18.64 30.04
C ASP W 44 39.35 17.83 30.48
N ASP W 45 39.67 17.77 31.77
CA ASP W 45 40.86 17.03 32.17
C ASP W 45 40.52 15.64 32.71
N VAL W 46 39.28 15.17 32.49
CA VAL W 46 38.84 13.82 32.78
C VAL W 46 38.29 13.19 31.51
N ALA W 47 37.20 13.77 31.00
CA ALA W 47 36.73 13.55 29.63
C ALA W 47 36.44 12.09 29.33
N LEU W 48 35.61 11.48 30.18
CA LEU W 48 35.05 10.14 29.95
C LEU W 48 33.54 10.32 29.83
N LYS W 49 33.06 10.50 28.59
CA LYS W 49 31.65 10.88 28.38
C LYS W 49 30.69 9.78 28.82
N ASN W 50 31.06 8.51 28.69
CA ASN W 50 30.11 7.46 29.07
C ASN W 50 30.03 7.28 30.57
N PHE W 51 31.13 7.54 31.31
CA PHE W 51 31.01 7.64 32.76
C PHE W 51 30.10 8.81 33.11
N ALA W 52 30.27 9.95 32.43
CA ALA W 52 29.40 11.11 32.68
C ALA W 52 27.93 10.74 32.45
N LYS W 53 27.65 10.11 31.32
CA LYS W 53 26.27 9.73 30.99
C LYS W 53 25.71 8.72 31.99
N TYR W 54 26.49 7.71 32.36
CA TYR W 54 26.02 6.69 33.28
C TYR W 54 25.61 7.30 34.61
N PHE W 55 26.45 8.17 35.16
CA PHE W 55 26.13 8.78 36.44
C PHE W 55 25.00 9.81 36.32
N LEU W 56 24.89 10.52 35.18
CA LEU W 56 23.73 11.40 35.01
C LEU W 56 22.43 10.59 35.01
N HIS W 57 22.45 9.44 34.35
CA HIS W 57 21.27 8.57 34.35
C HIS W 57 20.91 8.14 35.76
N GLN W 58 21.90 7.70 36.53
CA GLN W 58 21.67 7.39 37.94
C GLN W 58 21.05 8.57 38.69
N SER W 59 21.53 9.79 38.42
CA SER W 59 21.00 10.97 39.13
C SER W 59 19.51 11.10 38.92
N HIS W 60 19.07 10.95 37.68
CA HIS W 60 17.66 11.17 37.37
C HIS W 60 16.83 10.05 37.96
N GLU W 61 17.35 8.83 37.92
CA GLU W 61 16.65 7.73 38.56
C GLU W 61 16.42 7.99 40.05
N GLU W 62 17.43 8.53 40.73
CA GLU W 62 17.28 8.79 42.16
C GLU W 62 16.23 9.86 42.43
N ARG W 63 16.19 10.88 41.58
CA ARG W 63 15.12 11.87 41.71
CA ARG W 63 15.12 11.88 41.68
C ARG W 63 13.75 11.21 41.55
N GLU W 64 13.62 10.31 40.57
CA GLU W 64 12.38 9.57 40.42
C GLU W 64 12.04 8.78 41.70
N HIS W 65 13.03 8.11 42.30
CA HIS W 65 12.83 7.40 43.56
C HIS W 65 12.25 8.32 44.62
N ALA W 66 12.82 9.53 44.74
CA ALA W 66 12.36 10.46 45.76
C ALA W 66 10.93 10.88 45.47
N GLU W 67 10.60 11.14 44.21
CA GLU W 67 9.25 11.61 43.90
C GLU W 67 8.20 10.52 44.17
N LYS W 68 8.56 9.27 43.93
CA LYS W 68 7.62 8.19 44.18
C LYS W 68 7.38 8.01 45.69
N LEU W 69 8.39 8.30 46.52
CA LEU W 69 8.17 8.31 47.96
C LEU W 69 7.28 9.47 48.37
N MET W 70 7.46 10.64 47.74
CA MET W 70 6.57 11.77 48.03
C MET W 70 5.12 11.43 47.69
N LYS W 71 4.89 10.76 46.53
CA LYS W 71 3.55 10.35 46.17
C LYS W 71 2.98 9.40 47.22
N LEU W 72 3.78 8.43 47.64
CA LEU W 72 3.38 7.49 48.67
C LEU W 72 2.97 8.23 49.93
N GLN W 73 3.77 9.21 50.36
CA GLN W 73 3.46 9.97 51.57
C GLN W 73 2.05 10.57 51.47
N ASN W 74 1.74 11.21 50.35
CA ASN W 74 0.42 11.81 50.20
C ASN W 74 -0.66 10.76 50.05
N GLN W 75 -0.36 9.65 49.36
CA GLN W 75 -1.34 8.58 49.20
C GLN W 75 -1.78 8.03 50.55
N ARG W 76 -0.84 7.87 51.48
CA ARG W 76 -1.18 7.33 52.80
C ARG W 76 -1.72 8.41 53.74
N GLY W 77 -1.68 9.67 53.33
CA GLY W 77 -2.15 10.75 54.17
C GLY W 77 -1.10 11.32 55.08
N GLY W 78 0.16 10.98 54.88
CA GLY W 78 1.23 11.63 55.60
C GLY W 78 1.51 13.00 55.00
N ARG W 79 2.49 13.68 55.60
CA ARG W 79 2.76 15.05 55.25
C ARG W 79 4.25 15.20 54.96
N ILE W 80 4.55 15.72 53.78
CA ILE W 80 5.93 15.87 53.35
C ILE W 80 6.56 17.03 54.10
N PHE W 81 7.74 16.80 54.67
CA PHE W 81 8.60 17.84 55.20
C PHE W 81 9.97 17.66 54.58
N LEU W 82 10.33 18.60 53.73
CA LEU W 82 11.61 18.55 53.04
C LEU W 82 12.69 19.18 53.90
N GLN W 83 13.91 18.72 53.73
CA GLN W 83 15.06 19.25 54.45
C GLN W 83 16.11 19.68 53.43
N ASP W 84 17.10 20.45 53.91
CA ASP W 84 18.28 20.76 53.10
C ASP W 84 18.82 19.51 52.43
N ILE W 85 19.26 19.64 51.19
CA ILE W 85 19.97 18.55 50.54
C ILE W 85 21.45 18.84 50.71
N GLN W 86 22.13 18.04 51.53
CA GLN W 86 23.53 18.28 51.80
C GLN W 86 24.35 18.05 50.51
N LYS W 87 25.41 18.84 50.35
CA LYS W 87 26.30 18.64 49.21
C LYS W 87 27.08 17.34 49.38
N PRO W 88 27.47 16.70 48.27
CA PRO W 88 28.27 15.48 48.34
C PRO W 88 29.56 15.68 49.11
N ASP W 89 30.16 14.58 49.59
CA ASP W 89 31.39 14.69 50.38
C ASP W 89 32.61 15.06 49.55
N GLU W 90 32.59 14.88 48.22
CA GLU W 90 33.70 15.28 47.38
C GLU W 90 33.22 16.23 46.30
N ASP W 91 34.13 17.10 45.85
CA ASP W 91 34.03 17.86 44.61
C ASP W 91 34.75 17.18 43.46
N ASP W 92 35.81 16.42 43.75
CA ASP W 92 36.68 15.78 42.77
C ASP W 92 36.66 14.28 43.05
N TRP W 93 36.28 13.49 42.06
CA TRP W 93 36.02 12.08 42.30
C TRP W 93 37.17 11.18 41.85
N GLU W 94 38.32 11.77 41.49
CA GLU W 94 39.60 11.09 41.25
C GLU W 94 39.68 10.25 39.97
N SER W 95 38.70 9.37 39.75
CA SER W 95 38.82 8.42 38.65
C SER W 95 37.51 7.68 38.49
N GLY W 96 37.41 6.98 37.35
CA GLY W 96 36.25 6.13 37.12
C GLY W 96 36.07 5.06 38.19
N LEU W 97 37.13 4.31 38.47
CA LEU W 97 37.08 3.30 39.52
C LEU W 97 36.66 3.92 40.87
N ASN W 98 37.28 5.04 41.24
CA ASN W 98 36.95 5.65 42.52
C ASN W 98 35.49 6.05 42.58
N ALA W 99 34.95 6.60 41.48
CA ALA W 99 33.53 6.97 41.45
C ALA W 99 32.67 5.73 41.57
N MET W 100 33.00 4.66 40.85
CA MET W 100 32.22 3.43 40.96
C MET W 100 32.28 2.88 42.38
N GLU W 101 33.43 2.98 43.05
CA GLU W 101 33.51 2.50 44.42
C GLU W 101 32.70 3.38 45.36
N ALA W 102 32.79 4.69 45.20
CA ALA W 102 31.94 5.59 46.01
C ALA W 102 30.46 5.32 45.76
N ALA W 103 30.08 5.07 44.50
CA ALA W 103 28.67 4.79 44.20
C ALA W 103 28.23 3.48 44.86
N LEU W 104 29.07 2.44 44.80
CA LEU W 104 28.73 1.18 45.48
C LEU W 104 28.49 1.41 46.96
N HIS W 105 29.42 2.08 47.64
CA HIS W 105 29.23 2.44 49.03
C HIS W 105 27.92 3.20 49.25
N LEU W 106 27.64 4.16 48.38
CA LEU W 106 26.40 4.93 48.51
C LEU W 106 25.18 4.02 48.43
N GLU W 107 25.11 3.17 47.41
CA GLU W 107 23.92 2.35 47.21
C GLU W 107 23.70 1.38 48.38
N LYS W 108 24.78 0.86 48.97
CA LYS W 108 24.63 -0.03 50.12
C LYS W 108 24.10 0.74 51.34
N ASN W 109 24.54 1.99 51.52
CA ASN W 109 23.98 2.82 52.59
C ASN W 109 22.50 3.12 52.34
N VAL W 110 22.13 3.45 51.10
CA VAL W 110 20.71 3.65 50.77
C VAL W 110 19.94 2.34 50.98
N ASN W 111 20.50 1.22 50.54
CA ASN W 111 19.88 -0.09 50.79
C ASN W 111 19.69 -0.32 52.29
N GLN W 112 20.70 0.01 53.10
CA GLN W 112 20.55 -0.18 54.54
C GLN W 112 19.38 0.63 55.07
N SER W 113 19.23 1.86 54.60
CA SER W 113 18.10 2.68 55.07
C SER W 113 16.77 2.10 54.59
N LEU W 114 16.70 1.57 53.36
CA LEU W 114 15.45 0.93 52.92
C LEU W 114 15.12 -0.31 53.75
N LEU W 115 16.13 -1.12 54.08
CA LEU W 115 15.88 -2.31 54.89
C LEU W 115 15.34 -1.94 56.28
N GLU W 116 15.88 -0.89 56.86
CA GLU W 116 15.36 -0.45 58.14
C GLU W 116 13.96 0.14 58.00
N LEU W 117 13.68 0.82 56.89
CA LEU W 117 12.31 1.26 56.64
C LEU W 117 11.37 0.06 56.52
N HIS W 118 11.81 -0.99 55.84
CA HIS W 118 10.95 -2.16 55.72
C HIS W 118 10.73 -2.85 57.08
N LYS W 119 11.78 -2.96 57.88
CA LYS W 119 11.62 -3.56 59.21
C LYS W 119 10.60 -2.76 59.99
N LEU W 120 10.69 -1.43 59.91
CA LEU W 120 9.73 -0.59 60.61
C LEU W 120 8.31 -0.86 60.12
N ALA W 121 8.13 -1.05 58.82
CA ALA W 121 6.79 -1.32 58.32
C ALA W 121 6.27 -2.67 58.84
N HIS W 122 7.13 -3.68 58.82
CA HIS W 122 6.79 -4.97 59.40
C HIS W 122 6.44 -4.83 60.87
N ASP W 123 7.27 -4.11 61.63
CA ASP W 123 7.01 -3.97 63.06
C ASP W 123 5.76 -3.17 63.33
N LYS W 124 5.33 -2.31 62.40
CA LYS W 124 4.12 -1.52 62.62
C LYS W 124 2.91 -2.15 61.95
N ASN W 125 3.06 -3.40 61.51
CA ASN W 125 1.99 -4.16 60.84
C ASN W 125 1.37 -3.33 59.71
N ASP W 126 2.25 -2.77 58.86
CA ASP W 126 1.83 -1.95 57.72
C ASP W 126 2.19 -2.70 56.45
N PRO W 127 1.39 -3.67 56.03
CA PRO W 127 1.80 -4.50 54.87
C PRO W 127 1.73 -3.73 53.56
N HIS W 128 0.90 -2.69 53.47
CA HIS W 128 0.93 -1.88 52.25
C HIS W 128 2.28 -1.21 52.10
N LEU W 129 2.80 -0.62 53.18
CA LEU W 129 4.11 0.03 53.09
C LEU W 129 5.23 -0.99 52.83
N ALA W 130 5.18 -2.15 53.49
CA ALA W 130 6.19 -3.19 53.29
C ALA W 130 6.23 -3.66 51.84
N ASP W 131 5.06 -3.96 51.27
CA ASP W 131 5.04 -4.39 49.89
C ASP W 131 5.50 -3.28 48.95
N PHE W 132 5.12 -2.02 49.23
CA PHE W 132 5.64 -0.89 48.47
C PHE W 132 7.17 -0.87 48.40
N ILE W 133 7.84 -1.04 49.56
CA ILE W 133 9.31 -1.05 49.57
C ILE W 133 9.83 -2.27 48.84
N GLU W 134 9.21 -3.44 49.08
CA GLU W 134 9.58 -4.67 48.41
C GLU W 134 9.46 -4.52 46.90
N THR W 135 8.33 -4.00 46.45
CA THR W 135 8.03 -3.98 45.04
C THR W 135 8.84 -2.93 44.29
N HIS W 136 9.02 -1.75 44.88
CA HIS W 136 9.61 -0.66 44.12
C HIS W 136 11.05 -0.37 44.47
N TYR W 137 11.57 -0.94 45.57
CA TYR W 137 12.91 -0.47 45.96
C TYR W 137 13.92 -1.58 46.19
N LEU W 138 13.53 -2.70 46.82
CA LEU W 138 14.53 -3.64 47.33
C LEU W 138 15.27 -4.34 46.20
N ASN W 139 14.54 -4.86 45.20
CA ASN W 139 15.27 -5.57 44.16
C ASN W 139 16.02 -4.59 43.27
N GLU W 140 15.47 -3.39 43.10
CA GLU W 140 16.21 -2.33 42.41
C GLU W 140 17.54 -2.03 43.10
N GLN W 141 17.55 -1.93 44.43
CA GLN W 141 18.84 -1.75 45.13
C GLN W 141 19.76 -2.93 44.88
N VAL W 142 19.23 -4.15 44.94
CA VAL W 142 20.10 -5.33 44.79
C VAL W 142 20.72 -5.36 43.39
N LYS W 143 19.93 -5.06 42.36
CA LYS W 143 20.48 -4.95 40.99
C LYS W 143 21.54 -3.86 40.90
N ALA W 144 21.26 -2.67 41.47
CA ALA W 144 22.23 -1.59 41.36
C ALA W 144 23.56 -1.97 41.99
N ILE W 145 23.51 -2.62 43.16
CA ILE W 145 24.73 -2.98 43.88
C ILE W 145 25.51 -4.06 43.12
N LYS W 146 24.80 -5.04 42.56
CA LYS W 146 25.46 -6.06 41.74
C LYS W 146 26.11 -5.44 40.50
N GLU W 147 25.39 -4.54 39.84
CA GLU W 147 25.98 -3.89 38.66
C GLU W 147 27.19 -3.07 39.05
N LEU W 148 27.11 -2.33 40.16
CA LEU W 148 28.26 -1.55 40.59
C LEU W 148 29.41 -2.46 40.97
N GLY W 149 29.11 -3.57 41.65
CA GLY W 149 30.15 -4.54 41.95
C GLY W 149 30.82 -5.07 40.70
N ASP W 150 30.02 -5.41 39.69
CA ASP W 150 30.56 -5.90 38.42
C ASP W 150 31.51 -4.88 37.80
N HIS W 151 31.10 -3.61 37.73
CA HIS W 151 31.93 -2.59 37.11
C HIS W 151 33.24 -2.43 37.86
N VAL W 152 33.16 -2.39 39.19
CA VAL W 152 34.36 -2.25 40.00
C VAL W 152 35.32 -3.39 39.70
N THR W 153 34.81 -4.63 39.68
CA THR W 153 35.63 -5.80 39.38
C THR W 153 36.31 -5.66 38.03
N ASN W 154 35.56 -5.22 37.01
CA ASN W 154 36.18 -5.15 35.69
C ASN W 154 37.25 -4.07 35.66
N LEU W 155 36.97 -2.92 36.28
CA LEU W 155 37.96 -1.85 36.23
C LEU W 155 39.25 -2.29 36.92
N ARG W 156 39.16 -2.95 38.07
CA ARG W 156 40.37 -3.43 38.74
CA ARG W 156 40.36 -3.45 38.75
C ARG W 156 41.12 -4.42 37.85
N LYS W 157 40.41 -5.40 37.28
CA LYS W 157 41.09 -6.41 36.48
C LYS W 157 41.75 -5.82 35.24
N MET W 158 41.16 -4.78 34.66
CA MET W 158 41.77 -4.11 33.51
C MET W 158 42.97 -3.24 33.90
N GLY W 159 43.19 -3.00 35.20
CA GLY W 159 44.35 -2.25 35.64
C GLY W 159 44.08 -0.84 36.11
N ALA W 160 42.82 -0.45 36.30
CA ALA W 160 42.53 0.86 36.85
C ALA W 160 42.91 0.89 38.33
N PRO W 161 43.10 2.11 38.91
CA PRO W 161 42.95 3.42 38.26
C PRO W 161 44.25 3.87 37.61
N GLU W 162 45.32 3.10 37.87
CA GLU W 162 46.63 3.42 37.35
C GLU W 162 46.60 3.56 35.84
N SER W 163 46.11 2.52 35.16
CA SER W 163 46.15 2.45 33.71
C SER W 163 45.03 3.31 33.13
N GLY W 164 45.41 4.43 32.52
CA GLY W 164 44.42 5.31 31.90
C GLY W 164 43.78 4.68 30.67
N LEU W 165 44.52 3.79 30.00
CA LEU W 165 43.94 2.91 28.97
C LEU W 165 42.77 2.10 29.49
N ALA W 166 42.86 1.56 30.71
CA ALA W 166 41.76 0.75 31.24
C ALA W 166 40.47 1.55 31.34
N GLU W 167 40.52 2.74 31.95
CA GLU W 167 39.31 3.56 32.08
C GLU W 167 38.79 4.00 30.73
N TYR W 168 39.68 4.31 29.78
CA TYR W 168 39.21 4.72 28.46
C TYR W 168 38.45 3.58 27.78
N LEU W 169 39.02 2.36 27.80
CA LEU W 169 38.41 1.23 27.12
C LEU W 169 37.12 0.81 27.83
N PHE W 170 37.09 0.86 29.15
CA PHE W 170 35.88 0.53 29.89
C PHE W 170 34.75 1.52 29.56
N ASP W 171 35.08 2.81 29.51
CA ASP W 171 34.11 3.82 29.08
C ASP W 171 33.55 3.48 27.70
N LYS W 172 34.43 3.08 26.76
CA LYS W 172 33.94 2.77 25.41
CA LYS W 172 33.94 2.77 25.41
C LYS W 172 33.14 1.47 25.39
N HIS W 173 33.69 0.40 25.96
CA HIS W 173 33.12 -0.92 25.72
C HIS W 173 32.09 -1.38 26.75
N THR W 174 32.18 -0.92 27.99
CA THR W 174 31.12 -1.33 28.91
C THR W 174 30.04 -0.27 29.04
N LEU W 175 30.41 0.99 29.25
CA LEU W 175 29.43 2.02 29.53
C LEU W 175 28.84 2.65 28.27
N GLY W 176 29.44 2.46 27.10
CA GLY W 176 28.92 3.08 25.90
C GLY W 176 28.15 2.12 25.03
N ASP W 177 27.16 1.45 25.62
CA ASP W 177 26.52 0.25 25.04
C ASP W 177 27.56 -0.90 24.96
N SER X 4 -13.34 -34.09 54.06
CA SER X 4 -12.08 -34.65 53.55
C SER X 4 -11.22 -33.54 52.93
N THR X 5 -9.90 -33.73 52.91
CA THR X 5 -8.98 -32.67 52.52
C THR X 5 -8.84 -32.62 50.99
N SER X 6 -8.79 -31.41 50.45
CA SER X 6 -8.52 -31.25 49.03
C SER X 6 -7.13 -31.77 48.68
N GLN X 7 -7.03 -32.48 47.54
CA GLN X 7 -5.71 -32.92 47.09
C GLN X 7 -4.74 -31.76 46.84
N VAL X 8 -5.23 -30.53 46.70
CA VAL X 8 -4.30 -29.43 46.46
C VAL X 8 -3.94 -28.68 47.72
N ARG X 9 -4.74 -28.84 48.78
CA ARG X 9 -4.57 -28.00 49.97
C ARG X 9 -3.19 -28.20 50.57
N GLN X 10 -2.56 -27.09 50.92
CA GLN X 10 -1.23 -27.13 51.51
C GLN X 10 -1.00 -25.80 52.22
N ASN X 11 -0.77 -25.86 53.54
CA ASN X 11 -0.42 -24.69 54.32
C ASN X 11 -1.52 -23.64 54.31
N TYR X 12 -2.76 -24.08 54.19
CA TYR X 12 -3.92 -23.20 54.12
C TYR X 12 -4.77 -23.45 55.35
N HIS X 13 -4.71 -22.52 56.31
CA HIS X 13 -5.44 -22.71 57.56
C HIS X 13 -6.96 -22.58 57.39
N GLN X 14 -7.70 -23.31 58.23
CA GLN X 14 -9.16 -23.18 58.26
C GLN X 14 -9.59 -21.74 58.51
N ASP X 15 -8.87 -21.01 59.40
CA ASP X 15 -9.24 -19.62 59.65
C ASP X 15 -9.08 -18.76 58.38
N SER X 16 -8.00 -18.97 57.63
CA SER X 16 -7.83 -18.23 56.38
C SER X 16 -8.96 -18.53 55.41
N GLU X 17 -9.27 -19.81 55.23
CA GLU X 17 -10.37 -20.21 54.37
C GLU X 17 -11.66 -19.52 54.78
N ALA X 18 -11.92 -19.45 56.08
CA ALA X 18 -13.14 -18.79 56.56
C ALA X 18 -13.09 -17.29 56.30
N ALA X 19 -11.92 -16.66 56.48
CA ALA X 19 -11.82 -15.22 56.27
C ALA X 19 -11.99 -14.85 54.79
N ILE X 20 -11.44 -15.68 53.91
CA ILE X 20 -11.64 -15.48 52.48
C ILE X 20 -13.13 -15.46 52.16
N ASN X 21 -13.87 -16.44 52.70
CA ASN X 21 -15.32 -16.45 52.46
C ASN X 21 -15.98 -15.17 52.96
N ARG X 22 -15.50 -14.62 54.08
CA ARG X 22 -16.09 -13.38 54.55
C ARG X 22 -15.71 -12.21 53.64
N GLN X 23 -14.48 -12.19 53.16
CA GLN X 23 -14.09 -11.10 52.26
C GLN X 23 -14.89 -11.18 50.95
N ILE X 24 -15.14 -12.39 50.45
CA ILE X 24 -15.98 -12.55 49.25
C ILE X 24 -17.33 -11.89 49.46
N ASN X 25 -17.95 -12.12 50.63
CA ASN X 25 -19.26 -11.51 50.86
C ASN X 25 -19.15 -9.99 50.99
N LEU X 26 -18.11 -9.51 51.65
CA LEU X 26 -17.91 -8.07 51.78
C LEU X 26 -17.74 -7.41 50.39
N GLU X 27 -16.94 -8.01 49.51
CA GLU X 27 -16.74 -7.47 48.17
C GLU X 27 -18.07 -7.41 47.40
N LEU X 28 -18.84 -8.50 47.44
CA LEU X 28 -20.15 -8.50 46.80
C LEU X 28 -21.05 -7.42 47.39
N TYR X 29 -20.97 -7.22 48.70
CA TYR X 29 -21.78 -6.18 49.32
C TYR X 29 -21.36 -4.80 48.82
N ALA X 30 -20.05 -4.58 48.69
CA ALA X 30 -19.56 -3.31 48.17
C ALA X 30 -20.05 -3.08 46.75
N SER X 31 -19.93 -4.10 45.90
CA SER X 31 -20.51 -4.02 44.56
C SER X 31 -21.95 -3.55 44.62
N TYR X 32 -22.72 -4.10 45.55
CA TYR X 32 -24.15 -3.76 45.64
C TYR X 32 -24.34 -2.31 46.06
N VAL X 33 -23.58 -1.87 47.08
CA VAL X 33 -23.65 -0.47 47.48
C VAL X 33 -23.41 0.43 46.26
N TYR X 34 -22.35 0.14 45.49
CA TYR X 34 -22.04 1.00 44.35
C TYR X 34 -23.11 0.92 43.26
N LEU X 35 -23.67 -0.27 43.04
CA LEU X 35 -24.81 -0.37 42.12
C LEU X 35 -25.96 0.53 42.56
N SER X 36 -26.27 0.52 43.86
CA SER X 36 -27.31 1.39 44.38
C SER X 36 -27.00 2.86 44.13
N MET X 37 -25.79 3.28 44.47
CA MET X 37 -25.42 4.69 44.27
C MET X 37 -25.53 5.06 42.80
N SER X 38 -25.14 4.14 41.92
CA SER X 38 -25.08 4.49 40.51
C SER X 38 -26.46 4.85 40.00
N TYR X 39 -27.46 4.01 40.30
CA TYR X 39 -28.77 4.29 39.78
C TYR X 39 -29.51 5.35 40.57
N TYR X 40 -29.02 5.74 41.74
CA TYR X 40 -29.55 6.96 42.34
C TYR X 40 -29.22 8.16 41.46
N PHE X 41 -27.98 8.24 40.95
CA PHE X 41 -27.63 9.42 40.16
C PHE X 41 -28.27 9.39 38.77
N ASP X 42 -28.85 8.26 38.37
CA ASP X 42 -29.62 8.07 37.15
C ASP X 42 -31.07 8.55 37.24
N ARG X 43 -31.58 8.79 38.45
CA ARG X 43 -32.93 9.33 38.62
C ARG X 43 -33.08 10.67 37.91
N ASP X 44 -34.30 10.92 37.39
CA ASP X 44 -34.59 12.15 36.68
C ASP X 44 -34.53 13.37 37.58
N ASP X 45 -34.63 13.19 38.90
CA ASP X 45 -34.52 14.32 39.82
C ASP X 45 -33.14 14.44 40.44
N VAL X 46 -32.17 13.67 39.95
CA VAL X 46 -30.78 13.82 40.34
C VAL X 46 -29.97 14.08 39.08
N ALA X 47 -29.96 13.10 38.16
CA ALA X 47 -29.56 13.30 36.76
C ALA X 47 -28.11 13.81 36.62
N LEU X 48 -27.19 13.12 37.28
CA LEU X 48 -25.75 13.41 37.17
C LEU X 48 -25.12 12.16 36.54
N LYS X 49 -25.04 12.14 35.22
CA LYS X 49 -24.73 10.90 34.50
C LYS X 49 -23.31 10.42 34.77
N ASN X 50 -22.35 11.32 35.03
CA ASN X 50 -20.98 10.85 35.21
C ASN X 50 -20.77 10.34 36.62
N PHE X 51 -21.45 10.93 37.61
CA PHE X 51 -21.53 10.28 38.91
C PHE X 51 -22.07 8.87 38.74
N ALA X 52 -23.15 8.73 37.95
CA ALA X 52 -23.76 7.41 37.77
C ALA X 52 -22.78 6.45 37.13
N LYS X 53 -22.04 6.89 36.10
CA LYS X 53 -21.08 5.99 35.47
C LYS X 53 -19.93 5.68 36.40
N TYR X 54 -19.48 6.66 37.18
CA TYR X 54 -18.38 6.43 38.11
C TYR X 54 -18.70 5.31 39.10
N PHE X 55 -19.88 5.36 39.74
CA PHE X 55 -20.20 4.31 40.71
C PHE X 55 -20.51 3.00 40.03
N LEU X 56 -21.11 3.03 38.84
CA LEU X 56 -21.36 1.77 38.14
C LEU X 56 -20.06 1.05 37.84
N HIS X 57 -19.05 1.79 37.40
CA HIS X 57 -17.73 1.20 37.18
C HIS X 57 -17.17 0.62 38.48
N GLN X 58 -17.22 1.39 39.58
CA GLN X 58 -16.78 0.84 40.86
C GLN X 58 -17.52 -0.45 41.18
N SER X 59 -18.80 -0.53 40.82
CA SER X 59 -19.59 -1.68 41.24
C SER X 59 -19.12 -2.93 40.51
N HIS X 60 -18.82 -2.80 39.21
CA HIS X 60 -18.32 -3.95 38.45
C HIS X 60 -16.91 -4.32 38.89
N GLU X 61 -16.12 -3.35 39.32
CA GLU X 61 -14.79 -3.68 39.83
C GLU X 61 -14.87 -4.48 41.12
N GLU X 62 -15.78 -4.11 42.02
CA GLU X 62 -15.96 -4.89 43.25
C GLU X 62 -16.35 -6.32 42.93
N ARG X 63 -17.19 -6.51 41.92
CA ARG X 63 -17.57 -7.87 41.57
C ARG X 63 -16.37 -8.67 41.08
N GLU X 64 -15.48 -8.04 40.30
CA GLU X 64 -14.23 -8.69 39.93
C GLU X 64 -13.41 -9.05 41.17
N HIS X 65 -13.37 -8.14 42.17
CA HIS X 65 -12.62 -8.44 43.40
C HIS X 65 -13.17 -9.68 44.07
N ALA X 66 -14.50 -9.78 44.14
CA ALA X 66 -15.12 -10.96 44.73
C ALA X 66 -14.72 -12.19 43.96
N GLU X 67 -14.76 -12.12 42.62
CA GLU X 67 -14.52 -13.30 41.81
C GLU X 67 -13.07 -13.75 41.90
N LYS X 68 -12.14 -12.80 42.00
CA LYS X 68 -10.74 -13.17 42.18
C LYS X 68 -10.52 -13.89 43.50
N LEU X 69 -11.25 -13.50 44.55
CA LEU X 69 -11.13 -14.21 45.83
C LEU X 69 -11.72 -15.61 45.74
N MET X 70 -12.83 -15.77 45.01
CA MET X 70 -13.42 -17.09 44.82
C MET X 70 -12.47 -18.02 44.06
N LYS X 71 -11.74 -17.48 43.09
CA LYS X 71 -10.74 -18.28 42.40
C LYS X 71 -9.60 -18.68 43.36
N LEU X 72 -9.15 -17.72 44.18
CA LEU X 72 -8.16 -18.00 45.22
C LEU X 72 -8.61 -19.15 46.11
N GLN X 73 -9.85 -19.05 46.62
CA GLN X 73 -10.40 -20.09 47.48
C GLN X 73 -10.25 -21.46 46.85
N ASN X 74 -10.61 -21.56 45.56
CA ASN X 74 -10.48 -22.83 44.85
C ASN X 74 -9.02 -23.20 44.59
N GLN X 75 -8.15 -22.23 44.30
CA GLN X 75 -6.74 -22.58 44.03
C GLN X 75 -6.08 -23.22 45.24
N ARG X 76 -6.40 -22.75 46.44
CA ARG X 76 -5.76 -23.23 47.64
C ARG X 76 -6.44 -24.47 48.21
N GLY X 77 -7.57 -24.87 47.64
CA GLY X 77 -8.27 -26.04 48.09
C GLY X 77 -9.34 -25.76 49.11
N GLY X 78 -9.63 -24.49 49.38
CA GLY X 78 -10.76 -24.12 50.21
C GLY X 78 -12.09 -24.35 49.50
N ARG X 79 -13.16 -24.10 50.26
CA ARG X 79 -14.49 -24.34 49.77
C ARG X 79 -15.29 -23.06 49.92
N ILE X 80 -15.87 -22.60 48.81
CA ILE X 80 -16.66 -21.39 48.86
C ILE X 80 -17.97 -21.68 49.56
N PHE X 81 -18.30 -20.87 50.56
CA PHE X 81 -19.67 -20.83 51.07
C PHE X 81 -20.16 -19.40 50.96
N LEU X 82 -21.16 -19.19 50.11
CA LEU X 82 -21.73 -17.87 49.89
C LEU X 82 -22.83 -17.57 50.90
N GLN X 83 -22.99 -16.28 51.20
CA GLN X 83 -24.02 -15.84 52.14
C GLN X 83 -24.91 -14.82 51.45
N ASP X 84 -26.08 -14.57 52.05
CA ASP X 84 -26.92 -13.47 51.60
C ASP X 84 -26.07 -12.22 51.41
N ILE X 85 -26.39 -11.45 50.38
CA ILE X 85 -25.81 -10.13 50.21
C ILE X 85 -26.80 -9.13 50.78
N GLN X 86 -26.39 -8.44 51.85
CA GLN X 86 -27.26 -7.48 52.51
C GLN X 86 -27.44 -6.23 51.64
N LYS X 87 -28.67 -5.70 51.63
CA LYS X 87 -28.94 -4.48 50.88
C LYS X 87 -28.17 -3.30 51.45
N PRO X 88 -27.89 -2.28 50.65
CA PRO X 88 -27.15 -1.12 51.17
C PRO X 88 -27.95 -0.41 52.26
N ASP X 89 -27.23 0.38 53.02
CA ASP X 89 -27.78 1.06 54.19
C ASP X 89 -28.68 2.23 53.82
N GLU X 90 -28.62 2.74 52.58
CA GLU X 90 -29.52 3.78 52.10
C GLU X 90 -30.15 3.36 50.78
N ASP X 91 -31.32 3.92 50.51
CA ASP X 91 -31.96 3.91 49.21
C ASP X 91 -31.74 5.21 48.43
N ASP X 92 -31.63 6.29 49.17
CA ASP X 92 -31.50 7.66 48.67
C ASP X 92 -30.15 8.17 49.15
N TRP X 93 -29.28 8.51 48.22
CA TRP X 93 -27.91 8.84 48.61
C TRP X 93 -27.67 10.34 48.70
N GLU X 94 -28.70 11.16 48.47
CA GLU X 94 -28.76 12.57 48.86
C GLU X 94 -28.04 13.52 47.92
N SER X 95 -26.78 13.25 47.60
CA SER X 95 -25.99 14.21 46.82
C SER X 95 -24.72 13.54 46.35
N GLY X 96 -24.11 14.14 45.33
CA GLY X 96 -22.81 13.68 44.86
C GLY X 96 -21.80 13.66 45.98
N LEU X 97 -21.79 14.71 46.80
CA LEU X 97 -20.83 14.75 47.91
C LEU X 97 -21.13 13.66 48.94
N ASN X 98 -22.42 13.48 49.28
CA ASN X 98 -22.74 12.51 50.31
C ASN X 98 -22.38 11.11 49.87
N ALA X 99 -22.59 10.81 48.59
CA ALA X 99 -22.26 9.48 48.10
C ALA X 99 -20.74 9.28 48.10
N MET X 100 -19.98 10.33 47.78
CA MET X 100 -18.53 10.18 47.79
C MET X 100 -18.02 9.93 49.20
N GLU X 101 -18.61 10.60 50.19
CA GLU X 101 -18.24 10.37 51.59
C GLU X 101 -18.64 8.97 52.03
N ALA X 102 -19.82 8.52 51.61
CA ALA X 102 -20.24 7.16 51.94
C ALA X 102 -19.31 6.15 51.30
N ALA X 103 -18.85 6.44 50.08
CA ALA X 103 -17.93 5.53 49.44
C ALA X 103 -16.57 5.53 50.14
N LEU X 104 -16.07 6.71 50.54
CA LEU X 104 -14.82 6.76 51.29
C LEU X 104 -14.90 5.89 52.55
N HIS X 105 -16.00 6.04 53.30
CA HIS X 105 -16.20 5.21 54.49
C HIS X 105 -16.23 3.73 54.14
N LEU X 106 -16.95 3.37 53.09
CA LEU X 106 -17.03 1.97 52.69
C LEU X 106 -15.65 1.41 52.37
N GLU X 107 -14.87 2.14 51.59
CA GLU X 107 -13.58 1.63 51.15
C GLU X 107 -12.62 1.49 52.33
N LYS X 108 -12.71 2.39 53.30
CA LYS X 108 -11.90 2.24 54.51
C LYS X 108 -12.34 1.03 55.33
N ASN X 109 -13.65 0.75 55.36
CA ASN X 109 -14.11 -0.48 56.01
C ASN X 109 -13.56 -1.72 55.31
N VAL X 110 -13.64 -1.76 53.98
CA VAL X 110 -13.10 -2.91 53.26
C VAL X 110 -11.58 -3.00 53.44
N ASN X 111 -10.88 -1.86 53.47
CA ASN X 111 -9.43 -1.89 53.68
C ASN X 111 -9.06 -2.54 55.03
N GLN X 112 -9.75 -2.14 56.11
CA GLN X 112 -9.53 -2.73 57.43
C GLN X 112 -9.70 -4.25 57.39
N SER X 113 -10.81 -4.71 56.82
CA SER X 113 -11.00 -6.15 56.64
C SER X 113 -9.83 -6.83 55.91
N LEU X 114 -9.30 -6.17 54.86
CA LEU X 114 -8.15 -6.73 54.14
C LEU X 114 -6.89 -6.72 55.01
N LEU X 115 -6.67 -5.67 55.80
CA LEU X 115 -5.51 -5.64 56.67
C LEU X 115 -5.61 -6.74 57.73
N GLU X 116 -6.82 -6.98 58.24
CA GLU X 116 -7.04 -8.08 59.17
C GLU X 116 -6.79 -9.42 58.49
N LEU X 117 -7.22 -9.55 57.23
CA LEU X 117 -6.94 -10.79 56.50
C LEU X 117 -5.45 -10.96 56.31
N HIS X 118 -4.75 -9.90 55.91
CA HIS X 118 -3.32 -10.02 55.74
C HIS X 118 -2.62 -10.40 57.05
N LYS X 119 -3.04 -9.81 58.16
CA LYS X 119 -2.48 -10.16 59.47
C LYS X 119 -2.72 -11.63 59.79
N LEU X 120 -3.94 -12.11 59.53
CA LEU X 120 -4.20 -13.54 59.68
C LEU X 120 -3.25 -14.37 58.83
N ALA X 121 -3.05 -14.00 57.58
CA ALA X 121 -2.15 -14.79 56.75
C ALA X 121 -0.74 -14.79 57.33
N HIS X 122 -0.29 -13.64 57.84
CA HIS X 122 1.04 -13.57 58.41
C HIS X 122 1.12 -14.40 59.70
N ASP X 123 0.07 -14.35 60.52
CA ASP X 123 0.05 -15.14 61.75
C ASP X 123 0.08 -16.63 61.47
N LYS X 124 -0.52 -17.08 60.37
CA LYS X 124 -0.52 -18.50 60.05
C LYS X 124 0.64 -18.90 59.14
N ASN X 125 1.64 -18.04 58.96
CA ASN X 125 2.76 -18.33 58.05
C ASN X 125 2.27 -18.83 56.69
N ASP X 126 1.39 -18.03 56.08
CA ASP X 126 0.85 -18.31 54.77
C ASP X 126 1.32 -17.17 53.86
N PRO X 127 2.57 -17.24 53.41
CA PRO X 127 3.09 -16.14 52.58
C PRO X 127 2.43 -16.08 51.21
N HIS X 128 1.92 -17.19 50.69
CA HIS X 128 1.23 -17.09 49.41
C HIS X 128 -0.03 -16.25 49.53
N LEU X 129 -0.79 -16.45 50.61
CA LEU X 129 -1.99 -15.65 50.83
C LEU X 129 -1.63 -14.21 51.18
N ALA X 130 -0.53 -14.02 51.94
CA ALA X 130 -0.13 -12.66 52.25
C ALA X 130 0.25 -11.90 51.00
N ASP X 131 0.98 -12.54 50.10
CA ASP X 131 1.39 -11.84 48.89
C ASP X 131 0.23 -11.65 47.93
N PHE X 132 -0.71 -12.60 47.88
CA PHE X 132 -1.94 -12.40 47.13
C PHE X 132 -2.65 -11.12 47.58
N ILE X 133 -2.78 -10.94 48.89
CA ILE X 133 -3.50 -9.77 49.41
C ILE X 133 -2.73 -8.49 49.06
N GLU X 134 -1.42 -8.48 49.30
CA GLU X 134 -0.59 -7.33 48.97
C GLU X 134 -0.68 -6.96 47.49
N THR X 135 -0.55 -7.95 46.61
CA THR X 135 -0.37 -7.67 45.19
C THR X 135 -1.67 -7.22 44.54
N HIS X 136 -2.79 -7.80 44.93
CA HIS X 136 -4.06 -7.55 44.23
C HIS X 136 -5.01 -6.63 44.97
N TYR X 137 -4.77 -6.34 46.23
CA TYR X 137 -5.81 -5.61 46.94
C TYR X 137 -5.30 -4.38 47.67
N LEU X 138 -4.15 -4.49 48.37
CA LEU X 138 -3.80 -3.45 49.34
C LEU X 138 -3.49 -2.12 48.64
N ASN X 139 -2.72 -2.14 47.53
CA ASN X 139 -2.47 -0.85 46.90
C ASN X 139 -3.69 -0.35 46.15
N GLU X 140 -4.50 -1.28 45.63
CA GLU X 140 -5.79 -0.91 45.06
C GLU X 140 -6.65 -0.13 46.06
N GLN X 141 -6.76 -0.61 47.31
CA GLN X 141 -7.52 0.11 48.34
C GLN X 141 -6.92 1.48 48.61
N VAL X 142 -5.60 1.55 48.75
CA VAL X 142 -4.98 2.85 49.04
C VAL X 142 -5.28 3.83 47.91
N LYS X 143 -5.17 3.36 46.65
CA LYS X 143 -5.47 4.22 45.51
C LYS X 143 -6.92 4.69 45.53
N ALA X 144 -7.85 3.77 45.81
CA ALA X 144 -9.26 4.15 45.80
C ALA X 144 -9.58 5.11 46.94
N ILE X 145 -8.98 4.89 48.11
CA ILE X 145 -9.21 5.78 49.24
C ILE X 145 -8.66 7.16 48.94
N LYS X 146 -7.48 7.23 48.32
CA LYS X 146 -6.88 8.53 47.98
C LYS X 146 -7.75 9.29 46.98
N GLU X 147 -8.26 8.60 45.96
CA GLU X 147 -9.07 9.23 44.93
C GLU X 147 -10.40 9.73 45.50
N LEU X 148 -11.05 8.92 46.34
CA LEU X 148 -12.28 9.37 46.98
C LEU X 148 -12.03 10.59 47.86
N GLY X 149 -10.92 10.58 48.61
CA GLY X 149 -10.55 11.77 49.36
C GLY X 149 -10.37 12.99 48.47
N ASP X 150 -9.62 12.84 47.37
CA ASP X 150 -9.48 13.91 46.39
C ASP X 150 -10.84 14.45 45.97
N HIS X 151 -11.76 13.54 45.60
CA HIS X 151 -13.06 13.95 45.10
C HIS X 151 -13.86 14.68 46.17
N VAL X 152 -13.88 14.15 47.40
CA VAL X 152 -14.58 14.83 48.49
C VAL X 152 -13.99 16.23 48.72
N THR X 153 -12.66 16.34 48.71
CA THR X 153 -12.04 17.64 48.92
C THR X 153 -12.48 18.65 47.86
N ASN X 154 -12.47 18.24 46.59
CA ASN X 154 -12.84 19.17 45.53
C ASN X 154 -14.30 19.56 45.63
N LEU X 155 -15.20 18.60 45.84
CA LEU X 155 -16.62 18.97 45.93
C LEU X 155 -16.89 19.92 47.09
N ARG X 156 -16.30 19.66 48.25
CA ARG X 156 -16.47 20.58 49.37
C ARG X 156 -15.94 21.97 49.03
N LYS X 157 -14.73 22.03 48.48
CA LYS X 157 -14.16 23.35 48.16
C LYS X 157 -14.98 24.06 47.10
N MET X 158 -15.63 23.33 46.18
CA MET X 158 -16.47 24.00 45.18
C MET X 158 -17.80 24.46 45.74
N GLY X 159 -18.11 24.17 46.99
CA GLY X 159 -19.37 24.59 47.57
C GLY X 159 -20.47 23.55 47.57
N ALA X 160 -20.20 22.30 47.18
CA ALA X 160 -21.16 21.24 47.39
C ALA X 160 -21.38 21.04 48.90
N PRO X 161 -22.55 20.50 49.30
CA PRO X 161 -23.69 20.09 48.47
C PRO X 161 -24.78 21.17 48.33
N GLU X 162 -24.56 22.34 48.95
CA GLU X 162 -25.48 23.46 48.82
C GLU X 162 -25.55 23.94 47.38
N SER X 163 -24.41 24.36 46.84
CA SER X 163 -24.35 24.86 45.48
C SER X 163 -24.52 23.68 44.53
N GLY X 164 -25.68 23.61 43.87
CA GLY X 164 -25.90 22.57 42.87
C GLY X 164 -25.09 22.78 41.61
N LEU X 165 -24.67 24.05 41.36
CA LEU X 165 -23.67 24.34 40.35
C LEU X 165 -22.40 23.53 40.56
N ALA X 166 -22.02 23.33 41.82
CA ALA X 166 -20.77 22.64 42.10
C ALA X 166 -20.82 21.17 41.67
N GLU X 167 -21.92 20.46 41.97
CA GLU X 167 -21.97 19.05 41.60
C GLU X 167 -22.10 18.87 40.09
N TYR X 168 -22.88 19.74 39.44
CA TYR X 168 -22.97 19.75 37.98
C TYR X 168 -21.58 19.88 37.35
N LEU X 169 -20.81 20.90 37.78
CA LEU X 169 -19.51 21.15 37.16
C LEU X 169 -18.51 20.05 37.50
N PHE X 170 -18.58 19.48 38.71
CA PHE X 170 -17.68 18.39 39.07
C PHE X 170 -18.01 17.15 38.25
N ASP X 171 -19.29 16.84 38.09
CA ASP X 171 -19.70 15.77 37.19
C ASP X 171 -19.14 15.96 35.78
N LYS X 172 -19.16 17.19 35.27
CA LYS X 172 -18.67 17.43 33.90
CA LYS X 172 -18.68 17.42 33.91
C LYS X 172 -17.16 17.39 33.84
N HIS X 173 -16.49 18.09 34.75
CA HIS X 173 -15.07 18.34 34.57
C HIS X 173 -14.15 17.36 35.26
N THR X 174 -14.57 16.71 36.35
CA THR X 174 -13.68 15.66 36.84
C THR X 174 -14.15 14.28 36.46
N LEU X 175 -15.44 13.98 36.63
CA LEU X 175 -15.92 12.61 36.41
C LEU X 175 -16.21 12.32 34.93
N GLY X 176 -16.35 13.34 34.11
CA GLY X 176 -16.65 13.15 32.70
C GLY X 176 -15.42 12.68 31.95
N ASP X 177 -14.58 13.62 31.58
CA ASP X 177 -13.25 13.31 31.02
C ASP X 177 -13.33 12.53 29.71
N SER Y 4 -62.90 -55.59 -16.97
N SER Y 4 -57.48 -50.05 -22.82
CA SER Y 4 -61.87 -56.09 -16.06
CA SER Y 4 -56.92 -51.04 -21.92
C SER Y 4 -60.83 -56.90 -16.81
C SER Y 4 -55.82 -51.85 -22.59
N THR Y 5 -59.81 -57.37 -16.08
N THR Y 5 -55.35 -52.85 -21.87
CA THR Y 5 -58.76 -58.16 -16.70
CA THR Y 5 -54.25 -53.69 -22.32
C THR Y 5 -59.31 -59.51 -17.14
C THR Y 5 -54.72 -55.13 -22.47
N SER Y 6 -58.82 -60.00 -18.28
N SER Y 6 -54.27 -55.78 -23.54
CA SER Y 6 -59.25 -61.30 -18.78
CA SER Y 6 -54.63 -57.15 -23.79
C SER Y 6 -58.51 -62.42 -18.05
C SER Y 6 -54.00 -58.07 -22.75
N GLN Y 7 -59.29 -63.44 -17.64
N GLN Y 7 -54.69 -59.18 -22.49
CA GLN Y 7 -58.79 -64.57 -16.87
CA GLN Y 7 -54.14 -60.16 -21.56
C GLN Y 7 -57.61 -65.27 -17.54
C GLN Y 7 -53.01 -60.95 -22.18
N VAL Y 8 -57.39 -65.03 -18.84
N VAL Y 8 -52.86 -60.93 -23.50
CA VAL Y 8 -56.24 -65.62 -19.52
CA VAL Y 8 -51.76 -61.64 -24.14
C VAL Y 8 -55.10 -64.63 -19.72
C VAL Y 8 -50.56 -60.74 -24.42
N ARG Y 9 -55.34 -63.32 -19.56
N ARG Y 9 -50.73 -59.42 -24.38
CA ARG Y 9 -54.34 -62.32 -19.88
CA ARG Y 9 -49.66 -58.53 -24.83
C ARG Y 9 -53.13 -62.41 -18.97
C ARG Y 9 -48.42 -58.66 -23.96
N GLN Y 10 -51.94 -62.42 -19.57
N GLN Y 10 -47.25 -58.58 -24.61
CA GLN Y 10 -50.72 -62.55 -18.79
CA GLN Y 10 -45.97 -58.86 -23.96
C GLN Y 10 -49.56 -62.10 -19.66
C GLN Y 10 -44.80 -58.52 -24.87
N ASN Y 11 -48.80 -61.11 -19.17
N ASN Y 11 -43.94 -57.60 -24.45
CA ASN Y 11 -47.70 -60.48 -19.91
CA ASN Y 11 -42.78 -57.14 -25.23
C ASN Y 11 -48.14 -59.90 -21.24
C ASN Y 11 -43.21 -56.68 -26.63
N TYR Y 12 -49.37 -59.44 -21.32
N TYR Y 12 -44.39 -56.08 -26.73
CA TYR Y 12 -49.90 -58.81 -22.53
CA TYR Y 12 -44.92 -55.58 -28.00
C TYR Y 12 -50.11 -57.34 -22.22
C TYR Y 12 -45.03 -54.06 -27.90
N HIS Y 13 -49.18 -56.52 -22.69
N HIS Y 13 -44.03 -53.38 -28.44
CA HIS Y 13 -49.25 -55.08 -22.47
CA HIS Y 13 -44.01 -51.92 -28.41
C HIS Y 13 -50.38 -54.46 -23.28
C HIS Y 13 -45.17 -51.36 -29.23
N GLN Y 14 -51.01 -53.41 -22.71
N GLN Y 14 -45.74 -50.25 -28.78
CA GLN Y 14 -52.12 -52.78 -23.42
CA GLN Y 14 -46.79 -49.61 -29.57
C GLN Y 14 -51.66 -52.05 -24.68
C GLN Y 14 -46.29 -49.15 -30.93
N ASP Y 15 -50.39 -51.65 -24.80
N ASP Y 15 -45.00 -48.81 -31.04
CA ASP Y 15 -49.93 -51.14 -26.08
CA ASP Y 15 -44.48 -48.42 -32.35
C ASP Y 15 -49.86 -52.26 -27.13
C ASP Y 15 -44.47 -49.61 -33.30
N SER Y 16 -49.53 -53.47 -26.71
N SER Y 16 -44.16 -50.78 -32.77
CA SER Y 16 -49.57 -54.57 -27.67
CA SER Y 16 -44.27 -52.00 -33.59
C SER Y 16 -51.01 -54.84 -28.10
C SER Y 16 -45.70 -52.20 -34.08
N GLU Y 17 -51.96 -54.78 -27.16
N GLU Y 17 -46.67 -51.99 -33.19
CA GLU Y 17 -53.36 -54.94 -27.49
CA GLU Y 17 -48.06 -52.25 -33.54
C GLU Y 17 -53.81 -53.94 -28.56
C GLU Y 17 -48.55 -51.32 -34.65
N ALA Y 18 -53.45 -52.68 -28.39
N ALA Y 18 -48.13 -50.04 -34.60
CA ALA Y 18 -53.88 -51.66 -29.35
CA ALA Y 18 -48.51 -49.09 -35.64
C ALA Y 18 -53.21 -51.84 -30.71
C ALA Y 18 -47.85 -49.43 -36.96
N ALA Y 19 -51.95 -52.24 -30.74
N ALA Y 19 -46.63 -49.94 -36.91
CA ALA Y 19 -51.28 -52.43 -32.02
CA ALA Y 19 -45.91 -50.28 -38.14
C ALA Y 19 -51.88 -53.58 -32.81
C ALA Y 19 -46.53 -51.49 -38.81
N ILE Y 20 -52.30 -54.67 -32.13
N ILE Y 20 -47.04 -52.44 -38.03
CA ILE Y 20 -52.88 -55.79 -32.86
CA ILE Y 20 -47.78 -53.58 -38.58
C ILE Y 20 -54.18 -55.36 -33.52
C ILE Y 20 -49.03 -53.10 -39.30
N ASN Y 21 -55.02 -54.63 -32.79
N ASN Y 21 -49.79 -52.20 -38.65
CA ASN Y 21 -56.23 -54.07 -33.40
CA ASN Y 21 -50.95 -51.59 -39.30
C ASN Y 21 -55.89 -53.16 -34.57
C ASN Y 21 -50.55 -50.92 -40.62
N ARG Y 22 -54.80 -52.39 -34.49
N ARG Y 22 -49.42 -50.22 -40.66
CA ARG Y 22 -54.39 -51.60 -35.64
CA ARG Y 22 -48.98 -49.65 -41.93
C ARG Y 22 -54.08 -52.49 -36.83
C ARG Y 22 -48.62 -50.74 -42.93
N GLN Y 23 -53.23 -53.50 -36.62
N GLN Y 23 -47.97 -51.81 -42.46
CA GLN Y 23 -52.79 -54.38 -37.69
CA GLN Y 23 -47.61 -52.91 -43.35
C GLN Y 23 -53.94 -55.20 -38.27
C GLN Y 23 -48.86 -53.61 -43.89
N ILE Y 24 -54.92 -55.57 -37.45
N ILE Y 24 -49.90 -53.73 -43.07
CA ILE Y 24 -56.12 -56.21 -37.99
CA ILE Y 24 -51.13 -54.38 -43.53
C ILE Y 24 -56.76 -55.29 -39.02
C ILE Y 24 -51.69 -53.62 -44.72
N ASN Y 25 -56.88 -54.00 -38.71
N ASN Y 25 -51.74 -52.29 -44.62
CA ASN Y 25 -57.50 -53.07 -39.64
CA ASN Y 25 -52.25 -51.48 -45.72
C ASN Y 25 -56.66 -52.94 -40.90
C ASN Y 25 -51.35 -51.56 -46.95
N LEU Y 26 -55.32 -52.93 -40.77
N LEU Y 26 -50.03 -51.60 -46.77
CA LEU Y 26 -54.49 -52.75 -41.96
CA LEU Y 26 -49.12 -51.70 -47.90
C LEU Y 26 -54.44 -54.01 -42.84
C LEU Y 26 -49.28 -53.03 -48.64
N GLU Y 27 -54.54 -55.21 -42.25
N GLU Y 27 -49.48 -54.12 -47.91
CA GLU Y 27 -54.66 -56.42 -43.08
CA GLU Y 27 -49.72 -55.39 -48.58
C GLU Y 27 -55.99 -56.41 -43.85
C GLU Y 27 -51.05 -55.39 -49.31
N LEU Y 28 -57.07 -56.07 -43.17
N LEU Y 28 -52.10 -54.87 -48.68
CA LEU Y 28 -58.37 -55.95 -43.82
CA LEU Y 28 -53.37 -54.75 -49.37
C LEU Y 28 -58.35 -54.89 -44.91
C LEU Y 28 -53.24 -53.85 -50.60
N TYR Y 29 -57.66 -53.77 -44.66
N TYR Y 29 -52.45 -52.78 -50.49
CA TYR Y 29 -57.46 -52.77 -45.70
CA TYR Y 29 -52.26 -51.89 -51.63
C TYR Y 29 -56.72 -53.36 -46.89
C TYR Y 29 -51.53 -52.61 -52.77
N ALA Y 30 -55.64 -54.12 -46.63
N ALA Y 30 -50.55 -53.46 -52.45
CA ALA Y 30 -54.90 -54.76 -47.72
CA ALA Y 30 -49.85 -54.23 -53.49
C ALA Y 30 -55.78 -55.69 -48.53
C ALA Y 30 -50.80 -55.23 -54.16
N SER Y 31 -56.62 -56.47 -47.85
N SER Y 31 -51.69 -55.86 -53.39
CA SER Y 31 -57.54 -57.38 -48.55
CA SER Y 31 -52.67 -56.76 -53.98
C SER Y 31 -58.46 -56.61 -49.49
C SER Y 31 -53.50 -56.03 -55.03
N TYR Y 32 -58.88 -55.40 -49.05
N TYR Y 32 -53.84 -54.77 -54.75
CA TYR Y 32 -59.74 -54.55 -49.86
CA TYR Y 32 -54.67 -53.97 -55.65
C TYR Y 32 -59.01 -54.04 -51.09
C TYR Y 32 -53.93 -53.65 -56.93
N VAL Y 33 -57.78 -53.56 -50.91
N VAL Y 33 -52.66 -53.23 -56.81
CA VAL Y 33 -57.03 -53.04 -52.05
CA VAL Y 33 -51.85 -52.95 -57.99
C VAL Y 33 -56.90 -54.11 -53.12
C VAL Y 33 -51.79 -54.18 -58.88
N TYR Y 34 -56.54 -55.33 -52.70
N TYR Y 34 -51.45 -55.33 -58.30
CA TYR Y 34 -56.41 -56.43 -53.64
CA TYR Y 34 -51.37 -56.56 -59.07
C TYR Y 34 -57.74 -56.78 -54.29
C TYR Y 34 -52.72 -56.92 -59.68
N LEU Y 35 -58.82 -56.73 -53.50
N LEU Y 35 -53.81 -56.68 -58.95
CA LEU Y 35 -60.15 -56.96 -54.07
CA LEU Y 35 -55.13 -56.99 -59.49
C LEU Y 35 -60.47 -55.96 -55.18
C LEU Y 35 -55.44 -56.11 -60.69
N SER Y 36 -60.17 -54.68 -54.95
N SER Y 36 -55.06 -54.83 -60.62
CA SER Y 36 -60.33 -53.66 -55.99
CA SER Y 36 -55.26 -53.94 -61.75
C SER Y 36 -59.47 -53.97 -57.20
C SER Y 36 -54.41 -54.37 -62.94
N MET Y 37 -58.22 -54.35 -56.97
N MET Y 37 -53.18 -54.78 -62.69
CA MET Y 37 -57.28 -54.63 -58.06
CA MET Y 37 -52.32 -55.22 -63.77
C MET Y 37 -57.77 -55.77 -58.94
C MET Y 37 -52.90 -56.47 -64.44
N SER Y 38 -58.19 -56.87 -58.33
N SER Y 38 -53.41 -57.41 -63.64
CA SER Y 38 -58.54 -58.07 -59.09
CA SER Y 38 -53.99 -58.62 -64.20
C SER Y 38 -59.68 -57.79 -60.07
C SER Y 38 -55.04 -58.32 -65.26
N TYR Y 39 -60.74 -57.12 -59.60
N TYR Y 39 -56.03 -57.48 -64.94
CA TYR Y 39 -61.87 -56.88 -60.46
CA TYR Y 39 -57.13 -57.32 -65.88
C TYR Y 39 -61.69 -55.71 -61.43
C TYR Y 39 -56.82 -56.34 -67.00
N TYR Y 40 -60.65 -54.89 -61.25
N TYR Y 40 -55.69 -55.63 -66.93
CA TYR Y 40 -60.23 -54.00 -62.34
CA TYR Y 40 -55.20 -54.92 -68.10
C TYR Y 40 -59.80 -54.81 -63.55
C TYR Y 40 -54.82 -55.88 -69.22
N PHE Y 41 -58.94 -55.81 -63.33
N PHE Y 41 -54.19 -57.00 -68.85
CA PHE Y 41 -58.47 -56.58 -64.48
CA PHE Y 41 -53.73 -57.96 -69.85
C PHE Y 41 -59.55 -57.50 -65.06
C PHE Y 41 -54.83 -58.88 -70.34
N ASP Y 42 -60.71 -57.55 -64.43
N ASP Y 42 -55.99 -58.89 -69.65
CA ASP Y 42 -61.86 -58.29 -64.94
CA ASP Y 42 -57.23 -59.52 -70.06
C ASP Y 42 -62.74 -57.43 -65.85
C ASP Y 42 -58.05 -58.67 -71.04
N ARG Y 43 -62.44 -56.15 -65.97
N ARG Y 43 -57.71 -57.38 -71.19
CA ARG Y 43 -63.18 -55.27 -66.87
CA ARG Y 43 -58.38 -56.53 -72.18
C ARG Y 43 -62.98 -55.69 -68.32
C ARG Y 43 -58.23 -57.11 -73.58
N ASP Y 44 -64.08 -55.63 -69.09
N ASP Y 44 -59.31 -57.02 -74.37
CA ASP Y 44 -64.02 -55.93 -70.51
CA ASP Y 44 -59.28 -57.57 -75.73
C ASP Y 44 -62.95 -55.12 -71.23
C ASP Y 44 -58.18 -56.97 -76.61
N ASP Y 45 -62.60 -53.95 -70.69
N ASP Y 45 -57.70 -55.77 -76.28
CA ASP Y 45 -61.61 -53.07 -71.31
CA ASP Y 45 -56.66 -55.13 -77.09
C ASP Y 45 -60.22 -53.20 -70.68
C ASP Y 45 -55.27 -55.30 -76.50
N VAL Y 46 -60.01 -54.16 -69.77
N VAL Y 46 -55.13 -56.09 -75.44
CA VAL Y 46 -58.68 -54.55 -69.32
CA VAL Y 46 -53.82 -56.49 -74.94
C VAL Y 46 -58.42 -56.04 -69.56
C VAL Y 46 -53.74 -58.01 -75.04
N ALA Y 47 -59.32 -56.89 -69.05
N ALA Y 47 -54.65 -58.71 -74.38
CA ALA Y 47 -59.47 -58.28 -69.54
CA ALA Y 47 -54.92 -60.13 -74.66
C ALA Y 47 -58.21 -59.13 -69.39
C ALA Y 47 -53.68 -61.01 -74.45
N LEU Y 48 -57.60 -59.07 -68.22
N LEU Y 48 -53.08 -60.85 -73.27
CA LEU Y 48 -56.43 -59.90 -67.89
CA LEU Y 48 -52.00 -61.72 -72.83
C LEU Y 48 -56.84 -60.89 -66.79
C LEU Y 48 -52.48 -62.45 -71.59
N LYS Y 49 -57.27 -62.08 -67.19
N LYS Y 49 -53.10 -63.62 -71.79
CA LYS Y 49 -57.90 -62.99 -66.26
CA LYS Y 49 -53.70 -64.38 -70.69
C LYS Y 49 -56.92 -63.51 -65.22
C LYS Y 49 -52.69 -64.78 -69.64
N ASN Y 50 -55.65 -63.59 -65.54
N ASN Y 50 -51.46 -65.13 -70.04
CA ASN Y 50 -54.72 -64.09 -64.54
CA ASN Y 50 -50.52 -65.64 -69.04
C ASN Y 50 -54.21 -63.00 -63.60
C ASN Y 50 -49.91 -64.52 -68.22
N PHE Y 51 -54.05 -61.77 -64.07
N PHE Y 51 -49.66 -63.36 -68.84
CA PHE Y 51 -53.88 -60.67 -63.11
CA PHE Y 51 -49.40 -62.15 -68.05
C PHE Y 51 -55.05 -60.63 -62.13
C PHE Y 51 -50.54 -61.90 -67.08
N ALA Y 52 -56.28 -60.80 -62.63
N ALA Y 52 -51.78 -62.03 -67.54
CA ALA Y 52 -57.47 -60.83 -61.76
CA ALA Y 52 -52.92 -61.79 -66.65
C ALA Y 52 -57.36 -61.94 -60.72
C ALA Y 52 -52.91 -62.76 -65.47
N LYS Y 53 -57.06 -63.15 -61.19
N LYS Y 53 -52.72 -64.06 -65.77
CA LYS Y 53 -56.90 -64.29 -60.29
CA LYS Y 53 -52.75 -65.06 -64.70
C LYS Y 53 -55.79 -64.04 -59.27
C LYS Y 53 -51.58 -64.88 -63.74
N TYR Y 54 -54.64 -63.54 -59.72
N TYR Y 54 -50.44 -64.40 -64.24
CA TYR Y 54 -53.51 -63.31 -58.81
CA TYR Y 54 -49.28 -64.20 -63.40
C TYR Y 54 -53.91 -62.40 -57.66
C TYR Y 54 -49.52 -63.11 -62.36
N PHE Y 55 -54.57 -61.28 -57.96
N PHE Y 55 -50.06 -61.96 -62.79
CA PHE Y 55 -54.91 -60.35 -56.89
CA PHE Y 55 -50.34 -60.87 -61.84
C PHE Y 55 -56.06 -60.87 -56.03
C PHE Y 55 -51.54 -61.18 -60.94
N LEU Y 56 -56.96 -61.68 -56.58
N LEU Y 56 -52.52 -61.94 -61.43
CA LEU Y 56 -58.05 -62.23 -55.77
CA LEU Y 56 -53.64 -62.30 -60.57
C LEU Y 56 -57.51 -63.20 -54.72
C LEU Y 56 -53.15 -63.18 -59.42
N HIS Y 57 -56.52 -64.01 -55.09
N HIS Y 57 -52.22 -64.09 -59.69
CA HIS Y 57 -55.89 -64.90 -54.13
CA HIS Y 57 -51.67 -64.91 -58.63
C HIS Y 57 -55.25 -64.12 -52.99
C HIS Y 57 -50.95 -64.05 -57.59
N GLN Y 58 -54.44 -63.10 -53.35
N GLN Y 58 -50.14 -63.10 -58.06
CA GLN Y 58 -53.84 -62.22 -52.34
CA GLN Y 58 -49.40 -62.24 -57.12
C GLN Y 58 -54.92 -61.59 -51.47
C GLN Y 58 -50.36 -61.39 -56.30
N SER Y 59 -56.05 -61.22 -52.07
N SER Y 59 -51.47 -60.94 -56.91
CA SER Y 59 -57.14 -60.66 -51.28
CA SER Y 59 -52.51 -60.23 -56.16
C SER Y 59 -57.64 -61.67 -50.26
C SER Y 59 -53.04 -61.06 -55.00
N HIS Y 60 -57.78 -62.94 -50.65
N HIS Y 60 -53.41 -62.31 -55.26
CA HIS Y 60 -58.21 -63.92 -49.67
CA HIS Y 60 -53.91 -63.18 -54.20
C HIS Y 60 -57.14 -64.18 -48.62
C HIS Y 60 -52.85 -63.45 -53.15
N GLU Y 61 -55.88 -64.25 -49.02
N GLU Y 61 -51.57 -63.50 -53.55
CA GLU Y 61 -54.80 -64.42 -48.05
CA GLU Y 61 -50.51 -63.71 -52.56
C GLU Y 61 -54.77 -63.30 -47.01
C GLU Y 61 -50.40 -62.52 -51.61
N GLU Y 62 -54.97 -62.04 -47.44
N GLU Y 62 -50.29 -61.30 -52.17
CA GLU Y 62 -54.94 -60.93 -46.48
CA GLU Y 62 -50.23 -60.11 -51.33
C GLU Y 62 -56.05 -61.08 -45.43
C GLU Y 62 -51.42 -60.04 -50.39
N ARG Y 63 -57.22 -61.55 -45.85
N ARG Y 63 -52.58 -60.53 -50.83
CA ARG Y 63 -58.32 -61.83 -44.93
CA ARG Y 63 -53.74 -60.64 -49.94
C ARG Y 63 -57.93 -62.87 -43.87
C ARG Y 63 -53.44 -61.58 -48.78
N GLU Y 64 -57.27 -63.96 -44.27
N GLU Y 64 -52.85 -62.74 -49.08
CA GLU Y 64 -56.80 -64.94 -43.29
CA GLU Y 64 -52.41 -63.63 -48.01
C GLU Y 64 -55.76 -64.32 -42.35
C GLU Y 64 -51.37 -62.96 -47.13
N HIS Y 65 -54.97 -63.38 -42.86
N HIS Y 65 -50.53 -62.10 -47.69
CA HIS Y 65 -53.99 -62.71 -41.99
CA HIS Y 65 -49.48 -61.44 -46.90
C HIS Y 65 -54.68 -61.98 -40.86
C HIS Y 65 -50.09 -60.52 -45.86
N ALA Y 66 -55.77 -61.28 -41.16
N ALA Y 66 -51.17 -59.81 -46.21
CA ALA Y 66 -56.46 -60.51 -40.13
CA ALA Y 66 -51.79 -58.87 -45.29
C ALA Y 66 -57.18 -61.42 -39.15
C ALA Y 66 -52.62 -59.57 -44.23
N GLU Y 67 -57.85 -62.48 -39.65
N GLU Y 67 -53.25 -60.69 -44.57
CA GLU Y 67 -58.54 -63.40 -38.75
CA GLU Y 67 -54.01 -61.43 -43.57
C GLU Y 67 -57.57 -64.06 -37.78
C GLU Y 67 -53.10 -62.07 -42.53
N LYS Y 68 -56.32 -64.28 -38.21
N LYS Y 68 -51.89 -62.48 -42.94
CA LYS Y 68 -55.33 -64.88 -37.32
CA LYS Y 68 -50.95 -63.05 -41.99
C LYS Y 68 -54.87 -63.90 -36.24
C LYS Y 68 -50.44 -61.99 -41.02
N LEU Y 69 -54.72 -62.63 -36.60
N LEU Y 69 -50.30 -60.73 -41.46
CA LEU Y 69 -54.48 -61.61 -35.57
CA LEU Y 69 -49.96 -59.66 -40.52
C LEU Y 69 -55.66 -61.50 -34.63
C LEU Y 69 -51.15 -59.33 -39.62
N MET Y 70 -56.88 -61.66 -35.18
N MET Y 70 -52.36 -59.37 -40.16
CA MET Y 70 -58.07 -61.65 -34.33
CA MET Y 70 -53.55 -59.22 -39.33
C MET Y 70 -58.05 -62.82 -33.36
C MET Y 70 -53.62 -60.31 -38.27
N LYS Y 71 -57.72 -64.01 -33.86
N LYS Y 71 -53.34 -61.55 -38.65
CA LYS Y 71 -57.56 -65.19 -33.01
CA LYS Y 71 -53.24 -62.60 -37.64
C LYS Y 71 -56.47 -64.97 -31.96
C LYS Y 71 -52.13 -62.27 -36.63
N LEU Y 72 -55.33 -64.40 -32.36
N LEU Y 72 -50.98 -61.81 -37.12
CA LEU Y 72 -54.28 -64.12 -31.38
CA LEU Y 72 -49.88 -61.49 -36.21
C LEU Y 72 -54.80 -63.19 -30.27
C LEU Y 72 -50.30 -60.42 -35.20
N GLN Y 73 -55.49 -62.11 -30.67
N GLN Y 73 -50.96 -59.36 -35.67
CA GLN Y 73 -56.01 -61.16 -29.69
CA GLN Y 73 -51.38 -58.27 -34.78
C GLN Y 73 -56.88 -61.86 -28.65
C GLN Y 73 -52.22 -58.80 -33.62
N ASN Y 74 -57.76 -62.75 -29.11
N ASN Y 74 -53.24 -59.62 -33.91
CA ASN Y 74 -58.59 -63.51 -28.17
CA ASN Y 74 -54.06 -60.19 -32.85
C ASN Y 74 -57.77 -64.52 -27.39
C ASN Y 74 -53.24 -61.12 -31.96
N GLN Y 75 -56.75 -65.12 -28.04
N GLN Y 75 -52.32 -61.90 -32.56
CA GLN Y 75 -55.88 -66.06 -27.33
CA GLN Y 75 -51.54 -62.83 -31.75
C GLN Y 75 -55.20 -65.41 -26.13
C GLN Y 75 -50.75 -62.12 -30.67
N ARG Y 76 -54.78 -64.15 -26.25
N ARG Y 76 -50.17 -60.98 -31.01
CA ARG Y 76 -54.05 -63.46 -25.19
CA ARG Y 76 -49.35 -60.23 -30.06
C ARG Y 76 -54.94 -62.66 -24.23
C ARG Y 76 -50.19 -59.33 -29.15
N GLY Y 77 -56.26 -62.63 -24.42
N GLY Y 77 -51.49 -59.25 -29.39
CA GLY Y 77 -57.09 -61.79 -23.58
CA GLY Y 77 -52.36 -58.43 -28.57
C GLY Y 77 -57.18 -60.33 -24.01
C GLY Y 77 -52.54 -57.03 -29.09
N GLY Y 78 -56.66 -59.99 -25.16
N GLY Y 78 -51.96 -56.71 -30.24
CA GLY Y 78 -56.97 -58.70 -25.74
CA GLY Y 78 -52.21 -55.42 -30.86
C GLY Y 78 -58.41 -58.66 -26.19
C GLY Y 78 -53.60 -55.37 -31.46
N ARG Y 79 -58.87 -57.44 -26.46
N ARG Y 79 -53.97 -54.17 -31.89
CA ARG Y 79 -60.26 -57.22 -26.86
CA ARG Y 79 -55.31 -53.90 -32.37
C ARG Y 79 -60.27 -56.62 -28.26
C ARG Y 79 -55.22 -53.46 -33.83
N ILE Y 80 -60.92 -57.32 -29.19
N ILE Y 80 -56.02 -54.08 -34.67
CA ILE Y 80 -60.95 -56.87 -30.58
CA ILE Y 80 -56.03 -53.80 -36.09
C ILE Y 80 -61.86 -55.65 -30.69
C ILE Y 80 -56.82 -52.52 -36.34
N PHE Y 81 -61.32 -54.59 -31.28
N PHE Y 81 -56.23 -51.58 -37.05
CA PHE Y 81 -62.08 -53.40 -31.64
CA PHE Y 81 -56.95 -50.46 -37.62
C PHE Y 81 -61.82 -53.15 -33.13
C PHE Y 81 -56.61 -50.42 -39.10
N LEU Y 82 -62.86 -53.35 -33.94
N LEU Y 82 -57.64 -50.56 -39.92
CA LEU Y 82 -62.83 -53.15 -35.37
CA LEU Y 82 -57.54 -50.55 -41.38
C LEU Y 82 -63.17 -51.70 -35.72
C LEU Y 82 -57.74 -49.14 -41.91
N GLN Y 83 -62.58 -51.22 -36.80
N GLN Y 83 -57.11 -48.86 -43.04
CA GLN Y 83 -62.86 -49.87 -37.27
CA GLN Y 83 -57.20 -47.57 -43.72
C GLN Y 83 -63.22 -49.93 -38.75
C GLN Y 83 -57.65 -47.82 -45.15
N ASP Y 84 -63.62 -48.77 -39.28
N ASP Y 84 -58.07 -46.74 -45.80
CA ASP Y 84 -63.94 -48.66 -40.69
CA ASP Y 84 -58.37 -46.80 -47.23
C ASP Y 84 -62.78 -49.19 -41.51
C ASP Y 84 -57.27 -47.52 -47.98
N ILE Y 85 -63.11 -49.90 -42.59
N ILE Y 85 -57.66 -48.37 -48.94
CA ILE Y 85 -62.12 -50.28 -43.58
CA ILE Y 85 -56.73 -48.97 -49.88
C ILE Y 85 -62.13 -49.21 -44.66
C ILE Y 85 -56.71 -48.08 -51.11
N GLN Y 86 -61.04 -48.47 -44.78
N GLN Y 86 -55.54 -47.52 -51.45
CA GLN Y 86 -60.98 -47.40 -45.76
CA GLN Y 86 -55.51 -46.49 -52.46
C GLN Y 86 -60.90 -47.97 -47.17
C GLN Y 86 -55.42 -47.12 -53.84
N LYS Y 87 -61.55 -47.27 -48.11
N LYS Y 87 -56.15 -46.54 -54.80
CA LYS Y 87 -61.53 -47.68 -49.50
CA LYS Y 87 -56.14 -47.03 -56.17
C LYS Y 87 -60.13 -47.49 -50.09
C LYS Y 87 -54.73 -46.94 -56.75
N PRO Y 88 -59.79 -48.26 -51.13
N PRO Y 88 -54.34 -47.87 -57.62
CA PRO Y 88 -58.44 -48.17 -51.70
CA PRO Y 88 -52.98 -47.85 -58.14
C PRO Y 88 -58.15 -46.79 -52.29
C PRO Y 88 -52.70 -46.61 -58.97
N ASP Y 89 -56.85 -46.51 -52.44
N ASP Y 89 -51.40 -46.27 -59.07
CA ASP Y 89 -56.38 -45.22 -52.97
CA ASP Y 89 -50.94 -45.10 -59.81
C ASP Y 89 -56.94 -44.90 -54.34
C ASP Y 89 -51.34 -45.08 -61.28
N GLU Y 90 -57.14 -45.92 -55.19
N GLU Y 90 -51.65 -46.23 -61.89
CA GLU Y 90 -57.61 -45.72 -56.56
CA GLU Y 90 -51.97 -46.28 -63.31
C GLU Y 90 -58.78 -46.64 -56.86
C GLU Y 90 -53.24 -47.10 -63.53
N ASP Y 91 -59.59 -46.25 -57.85
N ASP Y 91 -53.95 -46.77 -64.62
CA ASP Y 91 -60.58 -47.16 -58.44
CA ASP Y 91 -55.09 -47.53 -65.12
C ASP Y 91 -60.10 -47.77 -59.77
C ASP Y 91 -54.71 -48.39 -66.31
N ASP Y 92 -59.29 -47.03 -60.51
N ASP Y 92 -53.72 -47.93 -67.08
CA ASP Y 92 -58.75 -47.43 -61.81
CA ASP Y 92 -53.19 -48.58 -68.27
C ASP Y 92 -57.26 -47.67 -61.61
C ASP Y 92 -51.70 -48.85 -68.07
N TRP Y 93 -56.80 -48.90 -61.84
N TRP Y 93 -51.33 -50.12 -68.07
CA TRP Y 93 -55.42 -49.24 -61.51
CA TRP Y 93 -49.98 -50.55 -67.77
C TRP Y 93 -54.48 -49.14 -62.70
C TRP Y 93 -49.09 -50.70 -69.00
N GLU Y 94 -54.97 -48.68 -63.87
N GLU Y 94 -49.59 -50.34 -70.18
CA GLU Y 94 -54.15 -48.27 -65.01
CA GLU Y 94 -48.82 -50.03 -71.39
C GLU Y 94 -53.56 -49.42 -65.82
C GLU Y 94 -48.28 -51.25 -72.13
N SER Y 95 -52.89 -50.36 -65.17
N SER Y 95 -47.71 -52.20 -71.40
CA SER Y 95 -52.25 -51.44 -65.92
CA SER Y 95 -47.07 -53.34 -72.02
C SER Y 95 -51.76 -52.50 -64.96
C SER Y 95 -46.67 -54.34 -70.95
N GLY Y 96 -51.40 -53.66 -65.53
N GLY Y 96 -46.36 -55.56 -71.39
CA GLY Y 96 -50.75 -54.68 -64.75
CA GLY Y 96 -45.89 -56.55 -70.45
C GLY Y 96 -49.54 -54.17 -63.98
C GLY Y 96 -44.60 -56.16 -69.77
N LEU Y 97 -48.68 -53.41 -64.65
N LEU Y 97 -43.65 -55.62 -70.53
CA LEU Y 97 -47.44 -52.96 -64.01
CA LEU Y 97 -42.38 -55.22 -69.94
C LEU Y 97 -47.72 -52.00 -62.87
C LEU Y 97 -42.54 -54.07 -68.96
N ASN Y 98 -48.54 -50.98 -63.12
N ASN Y 98 -43.40 -53.10 -69.29
CA ASN Y 98 -48.90 -50.04 -62.07
CA ASN Y 98 -43.62 -51.99 -68.36
C ASN Y 98 -49.56 -50.73 -60.89
C ASN Y 98 -44.27 -52.48 -67.06
N ALA Y 99 -50.36 -51.76 -61.16
N ALA Y 99 -45.26 -53.37 -67.18
CA ALA Y 99 -50.93 -52.52 -60.05
CA ALA Y 99 -45.89 -53.88 -65.96
C ALA Y 99 -49.84 -53.24 -59.28
C ALA Y 99 -44.89 -54.64 -65.09
N MET Y 100 -48.90 -53.88 -59.99
N MET Y 100 -43.94 -55.35 -65.71
CA MET Y 100 -47.82 -54.58 -59.32
CA MET Y 100 -42.94 -56.04 -64.91
C MET Y 100 -46.98 -53.64 -58.48
C MET Y 100 -42.02 -55.05 -64.20
N GLU Y 101 -46.66 -52.46 -59.03
N GLU Y 101 -41.52 -54.05 -64.91
CA GLU Y 101 -45.89 -51.49 -58.24
CA GLU Y 101 -40.71 -53.00 -64.28
C GLU Y 101 -46.69 -51.08 -57.02
C GLU Y 101 -41.46 -52.36 -63.10
N ALA Y 102 -47.99 -50.83 -57.20
N ALA Y 102 -42.74 -52.03 -63.32
CA ALA Y 102 -48.84 -50.45 -56.08
CA ALA Y 102 -43.51 -51.42 -62.23
C ALA Y 102 -48.85 -51.52 -54.99
C ALA Y 102 -43.71 -52.38 -61.08
N ALA Y 103 -49.01 -52.78 -55.38
N ALA Y 103 -43.79 -53.68 -61.36
CA ALA Y 103 -49.00 -53.86 -54.37
CA ALA Y 103 -43.87 -54.66 -60.27
C ALA Y 103 -47.65 -53.96 -53.69
C ALA Y 103 -42.56 -54.73 -59.50
N LEU Y 104 -46.56 -53.77 -54.44
N LEU Y 104 -41.43 -54.73 -60.21
CA LEU Y 104 -45.24 -53.73 -53.83
CA LEU Y 104 -40.11 -54.74 -59.57
C LEU Y 104 -45.16 -52.62 -52.79
C LEU Y 104 -39.96 -53.58 -58.59
N HIS Y 105 -45.66 -51.43 -53.14
N HIS Y 105 -40.17 -52.36 -59.06
CA HIS Y 105 -45.69 -50.32 -52.18
CA HIS Y 105 -40.12 -51.17 -58.20
C HIS Y 105 -46.52 -50.69 -50.95
C HIS Y 105 -41.07 -51.32 -57.01
N LEU Y 106 -47.70 -51.29 -51.17
N LEU Y 106 -42.30 -51.80 -57.27
CA LEU Y 106 -48.55 -51.72 -50.07
CA LEU Y 106 -43.26 -51.99 -56.18
C LEU Y 106 -47.83 -52.72 -49.16
C LEU Y 106 -42.74 -52.97 -55.13
N GLU Y 107 -47.23 -53.77 -49.74
N GLU Y 107 -42.24 -54.13 -55.57
CA GLU Y 107 -46.67 -54.83 -48.92
CA GLU Y 107 -41.66 -55.07 -54.62
C GLU Y 107 -45.46 -54.35 -48.12
C GLU Y 107 -40.52 -54.44 -53.84
N LYS Y 108 -44.68 -53.42 -48.68
N LYS Y 108 -39.73 -53.57 -54.49
CA LYS Y 108 -43.66 -52.76 -47.87
CA LYS Y 108 -38.63 -52.90 -53.79
C LYS Y 108 -44.29 -51.98 -46.72
C LYS Y 108 -39.14 -51.91 -52.73
N ASN Y 109 -45.39 -51.27 -46.98
N ASN Y 109 -40.17 -51.13 -53.04
CA ASN Y 109 -46.02 -50.52 -45.90
CA ASN Y 109 -40.85 -50.34 -52.01
C ASN Y 109 -46.59 -51.44 -44.83
C ASN Y 109 -41.30 -51.22 -50.85
N VAL Y 110 -47.17 -52.58 -45.24
N VAL Y 110 -42.00 -52.31 -51.15
CA VAL Y 110 -47.64 -53.55 -44.26
CA VAL Y 110 -42.54 -53.18 -50.10
C VAL Y 110 -46.46 -54.16 -43.53
C VAL Y 110 -41.41 -53.74 -49.25
N ASN Y 111 -45.39 -54.50 -44.27
N ASN Y 111 -40.32 -54.17 -49.89
CA ASN Y 111 -44.20 -55.04 -43.62
CA ASN Y 111 -39.20 -54.72 -49.15
C ASN Y 111 -43.65 -54.08 -42.57
C ASN Y 111 -38.52 -53.68 -48.27
N GLN Y 112 -43.74 -52.78 -42.85
N GLN Y 112 -38.48 -52.41 -48.71
CA GLN Y 112 -43.24 -51.80 -41.88
CA GLN Y 112 -37.89 -51.38 -47.86
C GLN Y 112 -44.07 -51.80 -40.60
C GLN Y 112 -38.71 -51.20 -46.60
N SER Y 113 -45.40 -51.90 -40.74
N SER Y 113 -40.02 -51.09 -46.75
CA SER Y 113 -46.23 -51.95 -39.54
CA SER Y 113 -40.90 -51.05 -45.58
C SER Y 113 -45.99 -53.23 -38.76
C SER Y 113 -40.69 -52.25 -44.67
N LEU Y 114 -45.74 -54.35 -39.44
N LEU Y 114 -40.55 -53.45 -45.25
CA LEU Y 114 -45.44 -55.57 -38.71
CA LEU Y 114 -40.29 -54.64 -44.45
C LEU Y 114 -44.08 -55.47 -38.02
C LEU Y 114 -38.94 -54.57 -43.76
N LEU Y 115 -43.17 -54.68 -38.58
N LEU Y 115 -37.92 -54.06 -44.45
CA LEU Y 115 -41.87 -54.50 -37.95
CA LEU Y 115 -36.60 -53.94 -43.83
C LEU Y 115 -41.98 -53.64 -36.70
C LEU Y 115 -36.67 -52.98 -42.66
N GLU Y 116 -42.79 -52.59 -36.76
N GLU Y 116 -37.37 -51.86 -42.84
CA GLU Y 116 -43.05 -51.80 -35.56
CA GLU Y 116 -37.54 -50.85 -41.78
C GLU Y 116 -43.80 -52.62 -34.51
C GLU Y 116 -38.40 -51.40 -40.66
N LEU Y 117 -44.65 -53.57 -34.92
N LEU Y 117 -39.35 -52.28 -40.97
CA LEU Y 117 -45.33 -54.43 -33.94
CA LEU Y 117 -40.12 -52.95 -39.93
C LEU Y 117 -44.37 -55.39 -33.25
C LEU Y 117 -39.24 -53.86 -39.11
N HIS Y 118 -43.41 -55.95 -34.00
N HIS Y 118 -38.34 -54.58 -39.78
CA HIS Y 118 -42.44 -56.87 -33.41
CA HIS Y 118 -37.43 -55.49 -39.08
C HIS Y 118 -41.52 -56.14 -32.42
C HIS Y 118 -36.45 -54.71 -38.20
N LYS Y 119 -41.16 -54.90 -32.72
N LYS Y 119 -35.89 -53.62 -38.73
CA LYS Y 119 -40.31 -54.14 -31.80
CA LYS Y 119 -35.03 -52.77 -37.90
C LYS Y 119 -41.05 -53.88 -30.50
C LYS Y 119 -35.78 -52.20 -36.71
N LEU Y 120 -42.34 -53.56 -30.59
N LEU Y 120 -37.06 -51.85 -36.88
CA LEU Y 120 -43.11 -53.29 -29.39
CA LEU Y 120 -37.86 -51.45 -35.73
C LEU Y 120 -43.18 -54.52 -28.52
C LEU Y 120 -38.00 -52.57 -34.71
N ALA Y 121 -43.36 -55.70 -29.14
N ALA Y 121 -38.24 -53.80 -35.17
CA ALA Y 121 -43.38 -56.94 -28.39
CA ALA Y 121 -38.39 -54.90 -34.21
C ALA Y 121 -42.02 -57.23 -27.76
C ALA Y 121 -37.11 -55.11 -33.43
N HIS Y 122 -40.95 -56.99 -28.51
N HIS Y 122 -35.98 -55.18 -34.14
CA HIS Y 122 -39.62 -57.06 -27.92
CA HIS Y 122 -34.70 -55.33 -33.47
C HIS Y 122 -39.43 -55.99 -26.84
C HIS Y 122 -34.42 -54.16 -32.53
N ASP Y 123 -39.95 -54.78 -27.06
N ASP Y 123 -34.84 -52.94 -32.92
CA ASP Y 123 -39.73 -53.76 -26.04
CA ASP Y 123 -34.63 -51.74 -32.09
C ASP Y 123 -40.49 -54.07 -24.75
C ASP Y 123 -35.36 -51.83 -30.76
N LYS Y 124 -41.68 -54.65 -24.84
N LYS Y 124 -36.57 -52.38 -30.76
CA LYS Y 124 -42.44 -54.97 -23.64
CA LYS Y 124 -37.37 -52.47 -29.55
C LYS Y 124 -42.17 -56.39 -23.13
C LYS Y 124 -37.19 -53.77 -28.81
N ASN Y 125 -41.09 -57.01 -23.59
N ASN Y 125 -36.17 -54.56 -29.16
CA ASN Y 125 -40.69 -58.35 -23.17
CA ASN Y 125 -35.88 -55.83 -28.51
C ASN Y 125 -41.83 -59.35 -23.34
C ASN Y 125 -37.07 -56.79 -28.59
N ASP Y 126 -42.29 -59.50 -24.59
N ASP Y 126 -37.63 -56.90 -29.79
CA ASP Y 126 -43.38 -60.42 -24.92
CA ASP Y 126 -38.73 -57.82 -30.05
C ASP Y 126 -42.91 -61.39 -26.00
C ASP Y 126 -38.23 -58.93 -30.97
N PRO Y 127 -42.14 -62.41 -25.62
N PRO Y 127 -37.60 -59.97 -30.43
CA PRO Y 127 -41.58 -63.33 -26.61
CA PRO Y 127 -37.07 -61.04 -31.28
C PRO Y 127 -42.60 -64.26 -27.27
C PRO Y 127 -38.15 -61.90 -31.93
N HIS Y 128 -43.82 -64.34 -26.76
N HIS Y 128 -39.33 -62.01 -31.33
CA HIS Y 128 -44.87 -65.05 -27.49
CA HIS Y 128 -40.42 -62.71 -32.01
C HIS Y 128 -45.36 -64.23 -28.69
C HIS Y 128 -40.79 -61.99 -33.30
N LEU Y 129 -45.68 -62.96 -28.46
N LEU Y 129 -40.94 -60.67 -33.22
CA LEU Y 129 -46.09 -62.09 -29.54
CA LEU Y 129 -41.32 -59.90 -34.40
C LEU Y 129 -44.98 -61.91 -30.58
C LEU Y 129 -40.24 -59.93 -35.46
N ALA Y 130 -43.74 -61.68 -30.13
N ALA Y 130 -38.98 -59.81 -35.05
CA ALA Y 130 -42.63 -61.53 -31.08
CA ALA Y 130 -37.88 -59.84 -36.01
C ALA Y 130 -42.49 -62.74 -31.99
C ALA Y 130 -37.84 -61.18 -36.73
N ASP Y 131 -42.48 -63.93 -31.39
N ASP Y 131 -38.07 -62.28 -36.02
CA ASP Y 131 -42.32 -65.13 -32.20
CA ASP Y 131 -38.04 -63.58 -36.69
C ASP Y 131 -43.56 -65.40 -33.05
C ASP Y 131 -39.28 -63.80 -37.53
N PHE Y 132 -44.75 -65.11 -32.51
N PHE Y 132 -40.45 -63.32 -37.08
CA PHE Y 132 -45.98 -65.23 -33.30
CA PHE Y 132 -41.64 -63.38 -37.91
C PHE Y 132 -45.86 -64.42 -34.58
C PHE Y 132 -41.37 -62.78 -39.29
N ILE Y 133 -45.30 -63.21 -34.46
N ILE Y 133 -40.82 -61.56 -39.34
CA ILE Y 133 -45.11 -62.36 -35.63
CA ILE Y 133 -40.56 -60.91 -40.63
C ILE Y 133 -43.99 -62.90 -36.51
C ILE Y 133 -39.49 -61.68 -41.40
N GLU Y 134 -42.85 -63.26 -35.89
N GLU Y 134 -38.35 -61.95 -40.76
CA GLU Y 134 -41.76 -63.88 -36.63
CA GLU Y 134 -37.30 -62.80 -41.30
C GLU Y 134 -42.25 -65.08 -37.43
C GLU Y 134 -37.87 -64.06 -41.96
N THR Y 135 -43.03 -65.96 -36.80
N THR Y 135 -38.62 -64.84 -41.20
CA THR Y 135 -43.36 -67.24 -37.42
CA THR Y 135 -39.07 -66.16 -41.63
C THR Y 135 -44.40 -67.08 -38.52
C THR Y 135 -40.07 -66.09 -42.78
N HIS Y 136 -45.47 -66.32 -38.26
N HIS Y 136 -41.09 -65.22 -42.66
CA HIS Y 136 -46.57 -66.22 -39.20
CA HIS Y 136 -42.22 -65.26 -43.58
C HIS Y 136 -46.54 -64.99 -40.11
C HIS Y 136 -42.15 -64.24 -44.71
N TYR Y 137 -45.62 -64.04 -39.90
N TYR Y 137 -41.28 -63.24 -44.63
CA TYR Y 137 -45.76 -62.86 -40.75
CA TYR Y 137 -41.38 -62.16 -45.60
C TYR Y 137 -44.48 -62.38 -41.42
C TYR Y 137 -40.08 -61.85 -46.32
N LEU Y 138 -43.35 -62.33 -40.71
N LEU Y 138 -38.94 -61.87 -45.63
CA LEU Y 138 -42.17 -61.64 -41.26
CA LEU Y 138 -37.72 -61.32 -46.22
C LEU Y 138 -41.68 -62.30 -42.56
C LEU Y 138 -37.23 -62.14 -47.40
N ASN Y 139 -41.56 -63.64 -42.60
N ASN Y 139 -37.09 -63.47 -47.25
CA ASN Y 139 -41.09 -64.28 -43.83
CA ASN Y 139 -36.63 -64.24 -48.40
C ASN Y 139 -42.18 -64.29 -44.89
C ASN Y 139 -37.70 -64.30 -49.48
N GLU Y 140 -43.45 -64.33 -44.49
N GLU Y 140 -38.97 -64.24 -49.09
CA GLU Y 140 -44.52 -64.19 -45.48
CA GLU Y 140 -40.04 -64.17 -50.08
C GLU Y 140 -44.42 -62.86 -46.20
C GLU Y 140 -39.94 -62.89 -50.92
N GLN Y 141 -44.12 -61.80 -45.45
N GLN Y 141 -39.52 -61.76 -50.31
CA GLN Y 141 -43.96 -60.48 -46.06
CA GLN Y 141 -39.31 -60.54 -51.09
C GLN Y 141 -42.78 -60.48 -47.03
C GLN Y 141 -38.14 -60.69 -52.04
N VAL Y 142 -41.61 -60.93 -46.58
N VAL Y 142 -37.05 -61.28 -51.56
CA VAL Y 142 -40.41 -60.86 -47.39
CA VAL Y 142 -35.84 -61.41 -52.35
C VAL Y 142 -40.59 -61.63 -48.68
C VAL Y 142 -36.08 -62.32 -53.54
N LYS Y 143 -41.25 -62.80 -48.61
N LYS Y 143 -36.85 -63.39 -53.35
CA LYS Y 143 -41.59 -63.56 -49.81
CA LYS Y 143 -37.19 -64.24 -54.49
C LYS Y 143 -42.48 -62.74 -50.76
C LYS Y 143 -38.03 -63.48 -55.50
N ALA Y 144 -43.51 -62.08 -50.23
N ALA Y 144 -39.03 -62.72 -55.03
CA ALA Y 144 -44.42 -61.40 -51.14
CA ALA Y 144 -39.91 -62.01 -55.94
C ALA Y 144 -43.71 -60.24 -51.84
C ALA Y 144 -39.14 -60.99 -56.77
N ILE Y 145 -42.91 -59.49 -51.09
N ILE Y 145 -38.22 -60.27 -56.13
CA ILE Y 145 -42.20 -58.33 -51.64
CA ILE Y 145 -37.45 -59.26 -56.83
C ILE Y 145 -41.20 -58.76 -52.70
C ILE Y 145 -36.52 -59.91 -57.86
N LYS Y 146 -40.50 -59.88 -52.46
N LYS Y 146 -35.99 -61.09 -57.54
CA LYS Y 146 -39.59 -60.43 -53.48
CA LYS Y 146 -35.09 -61.79 -58.46
C LYS Y 146 -40.36 -60.85 -54.73
C LYS Y 146 -35.83 -62.34 -59.67
N GLU Y 147 -41.49 -61.53 -54.56
N GLU Y 147 -37.02 -62.90 -59.45
CA GLU Y 147 -42.26 -61.98 -55.72
CA GLU Y 147 -37.80 -63.40 -60.57
C GLU Y 147 -42.83 -60.80 -56.50
C GLU Y 147 -38.32 -62.24 -61.42
N LEU Y 148 -43.41 -59.81 -55.80
N LEU Y 148 -38.83 -61.18 -60.81
CA LEU Y 148 -43.89 -58.62 -56.51
CA LEU Y 148 -39.21 -60.00 -61.59
C LEU Y 148 -42.74 -57.86 -57.18
C LEU Y 148 -38.02 -59.41 -62.34
N GLY Y 149 -41.57 -57.81 -56.55
N GLY Y 149 -36.84 -59.44 -61.73
CA GLY Y 149 -40.41 -57.22 -57.19
CA GLY Y 149 -35.65 -59.00 -62.44
C GLY Y 149 -39.99 -57.98 -58.44
C GLY Y 149 -35.35 -59.89 -63.63
N ASP Y 150 -39.98 -59.31 -58.37
N ASP Y 150 -35.42 -61.21 -63.43
CA ASP Y 150 -39.69 -60.12 -59.55
CA ASP Y 150 -35.17 -62.16 -64.52
C ASP Y 150 -40.64 -59.77 -60.69
C ASP Y 150 -36.12 -61.94 -65.69
N HIS Y 151 -41.94 -59.68 -60.38
N HIS Y 151 -37.39 -61.60 -65.40
CA HIS Y 151 -42.96 -59.41 -61.40
CA HIS Y 151 -38.38 -61.42 -66.45
C HIS Y 151 -42.76 -58.05 -62.05
C HIS Y 151 -38.11 -60.13 -67.23
N VAL Y 152 -42.50 -57.03 -61.23
N VAL Y 152 -37.84 -59.04 -66.53
CA VAL Y 152 -42.26 -55.68 -61.74
CA VAL Y 152 -37.50 -57.78 -67.18
C VAL Y 152 -41.07 -55.67 -62.68
C VAL Y 152 -36.29 -57.97 -68.10
N THR Y 153 -39.97 -56.31 -62.26
N THR Y 153 -35.24 -58.59 -67.57
CA THR Y 153 -38.77 -56.38 -63.10
CA THR Y 153 -34.07 -58.92 -68.37
C THR Y 153 -39.09 -56.97 -64.46
C THR Y 153 -34.43 -59.68 -69.64
N ASN Y 154 -39.77 -58.11 -64.48
N ASN Y 154 -35.34 -60.65 -69.53
CA ASN Y 154 -40.13 -58.74 -65.74
CA ASN Y 154 -35.62 -61.46 -70.72
C ASN Y 154 -41.07 -57.85 -66.56
C ASN Y 154 -36.49 -60.71 -71.71
N LEU Y 155 -42.12 -57.32 -65.94
N LEU Y 155 -37.48 -59.97 -71.22
CA LEU Y 155 -43.04 -56.45 -66.69
CA LEU Y 155 -38.34 -59.19 -72.11
C LEU Y 155 -42.29 -55.29 -67.32
C LEU Y 155 -37.53 -58.18 -72.92
N ARG Y 156 -41.42 -54.62 -66.54
N ARG Y 156 -36.58 -57.51 -72.28
CA ARG Y 156 -40.61 -53.53 -67.10
CA ARG Y 156 -35.76 -56.53 -73.00
C ARG Y 156 -39.74 -54.00 -68.24
C ARG Y 156 -34.91 -57.21 -74.06
N LYS Y 157 -39.01 -55.10 -68.02
N LYS Y 157 -34.24 -58.31 -73.69
CA LYS Y 157 -38.08 -55.52 -69.06
CA LYS Y 157 -33.38 -59.01 -74.64
C LYS Y 157 -38.83 -55.97 -70.31
C LYS Y 157 -34.14 -59.52 -75.86
N MET Y 158 -40.06 -56.46 -70.17
N MET Y 158 -35.43 -59.85 -75.69
CA MET Y 158 -40.82 -56.88 -71.34
CA MET Y 158 -36.23 -60.36 -76.81
C MET Y 158 -41.43 -55.71 -72.10
C MET Y 158 -36.74 -59.27 -77.75
N GLY Y 159 -41.33 -54.49 -71.59
N GLY Y 159 -36.54 -58.00 -77.42
CA GLY Y 159 -41.78 -53.31 -72.32
CA GLY Y 159 -37.01 -56.90 -78.26
C GLY Y 159 -43.05 -52.68 -71.77
C GLY Y 159 -38.19 -56.12 -77.74
N ALA Y 160 -43.58 -53.18 -70.66
N ALA Y 160 -38.64 -56.36 -76.51
CA ALA Y 160 -44.79 -52.62 -70.08
CA ALA Y 160 -39.80 -55.64 -75.97
C ALA Y 160 -44.49 -51.25 -69.46
C ALA Y 160 -39.43 -54.19 -75.67
N PRO Y 161 -45.52 -50.40 -69.29
N PRO Y 161 -40.41 -53.27 -75.72
CA PRO Y 161 -46.91 -50.62 -69.67
CA PRO Y 161 -41.81 -53.54 -76.01
C PRO Y 161 -47.18 -50.11 -71.08
C PRO Y 161 -42.15 -53.37 -77.48
N GLU Y 162 -46.12 -49.61 -71.73
N GLU Y 162 -41.16 -52.93 -78.26
CA GLU Y 162 -46.23 -49.05 -73.07
CA GLU Y 162 -41.38 -52.62 -79.68
C GLU Y 162 -46.59 -50.10 -74.11
C GLU Y 162 -41.91 -53.84 -80.42
N SER Y 163 -46.20 -51.36 -73.89
N SER Y 163 -41.15 -54.94 -80.41
CA SER Y 163 -46.43 -52.43 -74.85
CA SER Y 163 -41.57 -56.17 -81.05
C SER Y 163 -47.54 -53.34 -74.32
C SER Y 163 -42.74 -56.78 -80.27
N GLY Y 164 -48.71 -53.27 -74.93
N GLY Y 164 -43.93 -56.78 -80.87
CA GLY Y 164 -49.81 -54.11 -74.49
CA GLY Y 164 -45.06 -57.45 -80.25
C GLY Y 164 -49.55 -55.59 -74.71
C GLY Y 164 -44.89 -58.94 -80.15
N LEU Y 165 -48.66 -55.93 -75.64
N LEU Y 165 -44.02 -59.52 -80.98
CA LEU Y 165 -48.27 -57.33 -75.79
CA LEU Y 165 -43.74 -60.96 -80.91
C LEU Y 165 -47.56 -57.86 -74.56
C LEU Y 165 -43.02 -61.33 -79.62
N ALA Y 166 -46.79 -57.01 -73.88
N ALA Y 166 -42.09 -60.48 -79.16
CA ALA Y 166 -46.07 -57.43 -72.69
CA ALA Y 166 -41.39 -60.73 -77.91
C ALA Y 166 -47.02 -57.97 -71.63
C ALA Y 166 -42.37 -61.00 -76.78
N GLU Y 167 -48.03 -57.17 -71.26
N GLU Y 167 -43.34 -60.09 -76.57
CA GLU Y 167 -48.92 -57.56 -70.17
CA GLU Y 167 -44.28 -60.23 -75.45
C GLU Y 167 -49.71 -58.82 -70.51
C GLU Y 167 -45.13 -61.48 -75.60
N TYR Y 168 -50.15 -58.94 -71.78
N TYR Y 168 -45.60 -61.76 -76.82
CA TYR Y 168 -50.77 -60.15 -72.29
CA TYR Y 168 -46.36 -62.97 -77.08
C TYR Y 168 -49.89 -61.39 -72.08
C TYR Y 168 -45.54 -64.21 -76.72
N LEU Y 169 -48.63 -61.34 -72.53
N LEU Y 169 -44.31 -64.29 -77.23
CA LEU Y 169 -47.74 -62.50 -72.38
CA LEU Y 169 -43.50 -65.48 -77.01
C LEU Y 169 -47.35 -62.75 -70.94
C LEU Y 169 -43.14 -65.63 -75.53
N PHE Y 170 -47.18 -61.70 -70.12
N PHE Y 170 -42.80 -64.53 -74.86
CA PHE Y 170 -46.91 -61.89 -68.71
CA PHE Y 170 -42.53 -64.60 -73.43
C PHE Y 170 -48.08 -62.58 -68.02
C PHE Y 170 -43.78 -65.03 -72.67
N ASP Y 171 -49.29 -62.05 -68.23
N ASP Y 171 -44.94 -64.54 -73.07
CA ASP Y 171 -50.53 -62.71 -67.81
CA ASP Y 171 -46.19 -64.98 -72.45
C ASP Y 171 -50.52 -64.21 -68.15
C ASP Y 171 -46.36 -66.50 -72.58
N LYS Y 172 -50.18 -64.54 -69.40
N LYS Y 172 -46.04 -67.05 -73.73
CA LYS Y 172 -50.20 -65.93 -69.85
CA LYS Y 172 -46.26 -68.47 -73.97
C LYS Y 172 -49.05 -66.76 -69.26
C LYS Y 172 -45.24 -69.34 -73.23
N HIS Y 173 -47.82 -66.27 -69.36
N HIS Y 173 -43.96 -69.00 -73.34
CA HIS Y 173 -46.67 -67.14 -69.09
CA HIS Y 173 -42.91 -69.95 -72.95
C HIS Y 173 -46.19 -67.10 -67.65
C HIS Y 173 -42.40 -69.77 -71.53
N THR Y 174 -46.40 -65.99 -66.93
N THR Y 174 -42.34 -68.54 -71.03
CA THR Y 174 -46.00 -65.95 -65.54
CA THR Y 174 -41.92 -68.31 -69.65
C THR Y 174 -47.17 -66.15 -64.58
C THR Y 174 -43.11 -68.22 -68.69
N LEU Y 175 -48.26 -65.43 -64.76
N LEU Y 175 -44.15 -67.46 -69.06
CA LEU Y 175 -49.39 -65.55 -63.85
CA LEU Y 175 -45.29 -67.28 -68.15
C LEU Y 175 -50.28 -66.74 -64.15
C LEU Y 175 -46.32 -68.40 -68.24
N GLY Y 176 -50.17 -67.33 -65.33
N GLY Y 176 -46.36 -69.16 -69.33
CA GLY Y 176 -50.97 -68.49 -65.69
CA GLY Y 176 -47.31 -70.26 -69.45
C GLY Y 176 -50.26 -69.80 -65.46
C GLY Y 176 -46.70 -71.64 -69.27
N ASP Y 177 -49.27 -69.79 -64.55
N ASP Y 177 -46.20 -71.94 -68.06
CA ASP Y 177 -48.50 -70.97 -64.09
CA ASP Y 177 -45.41 -73.16 -67.79
C ASP Y 177 -47.44 -71.44 -65.08
C ASP Y 177 -44.20 -73.25 -68.73
N SER Z 4 -14.98 -80.49 -15.27
N SER Z 4 -12.07 -78.70 -17.88
CA SER Z 4 -14.63 -80.74 -16.66
CA SER Z 4 -11.71 -79.06 -19.25
C SER Z 4 -15.75 -80.26 -17.60
C SER Z 4 -12.72 -78.52 -20.26
N THR Z 5 -15.47 -79.18 -18.34
N THR Z 5 -12.21 -77.92 -21.33
CA THR Z 5 -16.44 -78.60 -19.27
CA THR Z 5 -13.07 -77.38 -22.37
C THR Z 5 -16.81 -79.59 -20.37
C THR Z 5 -13.46 -78.48 -23.35
N SER Z 6 -18.07 -79.54 -20.80
N SER Z 6 -14.73 -78.52 -23.70
CA SER Z 6 -18.53 -80.39 -21.89
CA SER Z 6 -15.20 -79.49 -24.67
C SER Z 6 -17.80 -80.06 -23.19
C SER Z 6 -14.54 -79.27 -26.02
N GLN Z 7 -17.47 -81.09 -23.97
N GLN Z 7 -14.21 -80.38 -26.70
CA GLN Z 7 -16.87 -80.86 -25.29
CA GLN Z 7 -13.65 -80.31 -28.04
C GLN Z 7 -17.86 -80.23 -26.26
C GLN Z 7 -14.60 -79.68 -29.05
N VAL Z 8 -19.17 -80.29 -25.98
N VAL Z 8 -15.91 -79.67 -28.77
CA VAL Z 8 -20.18 -79.69 -26.85
CA VAL Z 8 -16.89 -79.07 -29.69
C VAL Z 8 -20.63 -78.31 -26.36
C VAL Z 8 -17.29 -77.66 -29.30
N ARG Z 9 -20.18 -77.88 -25.18
N ARG Z 9 -16.95 -77.22 -28.08
CA ARG Z 9 -20.70 -76.65 -24.59
CA ARG Z 9 -17.41 -75.92 -27.61
C ARG Z 9 -20.24 -75.43 -25.38
C ARG Z 9 -16.75 -74.81 -28.41
N GLN Z 10 -21.19 -74.55 -25.68
N GLN Z 10 -17.56 -73.91 -28.94
CA GLN Z 10 -20.87 -73.33 -26.41
CA GLN Z 10 -17.07 -72.78 -29.74
C GLN Z 10 -21.98 -72.33 -26.13
C GLN Z 10 -18.08 -71.65 -29.69
N ASN Z 11 -21.63 -71.19 -25.55
N ASN Z 11 -17.65 -70.46 -29.26
CA ASN Z 11 -22.58 -70.10 -25.35
CA ASN Z 11 -18.50 -69.27 -29.20
C ASN Z 11 -23.72 -70.49 -24.41
C ASN Z 11 -19.71 -69.46 -28.28
N TYR Z 12 -23.50 -71.46 -23.53
N TYR Z 12 -19.57 -70.27 -27.24
CA TYR Z 12 -24.51 -71.94 -22.56
CA TYR Z 12 -20.64 -70.59 -26.31
C TYR Z 12 -24.15 -71.46 -21.16
C TYR Z 12 -20.21 -70.09 -24.94
N HIS Z 13 -24.84 -70.43 -20.68
N HIS Z 13 -20.87 -69.04 -24.47
CA HIS Z 13 -24.57 -69.90 -19.34
CA HIS Z 13 -20.42 -68.35 -23.26
C HIS Z 13 -25.04 -70.87 -18.26
C HIS Z 13 -20.98 -69.06 -22.03
N GLN Z 14 -24.26 -70.98 -17.18
N GLN Z 14 -20.16 -69.15 -20.98
CA GLN Z 14 -24.65 -71.86 -16.08
CA GLN Z 14 -20.59 -69.80 -19.76
C GLN Z 14 -25.89 -71.36 -15.33
C GLN Z 14 -21.86 -69.20 -19.18
N ASP Z 15 -26.23 -70.07 -15.44
N ASP Z 15 -22.16 -67.93 -19.47
CA ASP Z 15 -27.53 -69.65 -14.93
CA ASP Z 15 -23.41 -67.32 -19.01
C ASP Z 15 -28.64 -70.28 -15.75
C ASP Z 15 -24.61 -67.91 -19.75
N SER Z 16 -28.52 -70.22 -17.08
N SER Z 16 -24.50 -68.07 -21.06
CA SER Z 16 -29.46 -70.90 -17.97
CA SER Z 16 -25.61 -68.68 -21.79
C SER Z 16 -29.57 -72.38 -17.62
C SER Z 16 -25.81 -70.12 -21.36
N GLU Z 17 -28.41 -73.05 -17.47
N GLU Z 17 -24.71 -70.82 -21.07
CA GLU Z 17 -28.39 -74.47 -17.17
CA GLU Z 17 -24.76 -72.21 -20.59
C GLU Z 17 -29.11 -74.78 -15.85
C GLU Z 17 -25.46 -72.33 -19.25
N ALA Z 18 -28.95 -73.94 -14.84
N ALA Z 18 -25.14 -71.44 -18.30
CA ALA Z 18 -29.70 -74.12 -13.60
CA ALA Z 18 -25.89 -71.41 -17.05
C ALA Z 18 -31.19 -73.82 -13.80
C ALA Z 18 -27.35 -71.01 -17.27
N ALA Z 19 -31.49 -72.79 -14.61
N ALA Z 19 -27.60 -70.03 -18.13
CA ALA Z 19 -32.89 -72.46 -14.92
CA ALA Z 19 -28.98 -69.66 -18.45
C ALA Z 19 -33.58 -73.62 -15.62
C ALA Z 19 -29.75 -70.86 -18.97
N ILE Z 20 -32.85 -74.33 -16.47
N ILE Z 20 -29.13 -71.66 -19.84
CA ILE Z 20 -33.42 -75.49 -17.16
CA ILE Z 20 -29.80 -72.81 -20.44
C ILE Z 20 -33.69 -76.62 -16.16
C ILE Z 20 -30.18 -73.82 -19.36
N ASN Z 21 -32.72 -76.92 -15.29
N ASN Z 21 -29.30 -74.03 -18.38
CA ASN Z 21 -32.94 -77.95 -14.27
CA ASN Z 21 -29.62 -74.93 -17.28
C ASN Z 21 -34.16 -77.65 -13.39
C ASN Z 21 -30.80 -74.41 -16.47
N ARG Z 22 -34.38 -76.36 -13.05
N ARG Z 22 -30.90 -73.08 -16.28
CA ARG Z 22 -35.61 -76.00 -12.35
CA ARG Z 22 -32.07 -72.51 -15.62
C ARG Z 22 -36.84 -76.33 -13.20
C ARG Z 22 -33.32 -72.72 -16.45
N GLN Z 23 -36.83 -75.96 -14.48
N GLN Z 23 -33.26 -72.50 -17.76
CA GLN Z 23 -38.01 -76.13 -15.33
CA GLN Z 23 -34.44 -72.70 -18.59
C GLN Z 23 -38.36 -77.60 -15.51
C GLN Z 23 -34.91 -74.14 -18.56
N ILE Z 24 -37.35 -78.46 -15.68
N ILE Z 24 -33.96 -75.08 -18.53
CA ILE Z 24 -37.58 -79.92 -15.65
CA ILE Z 24 -34.30 -76.50 -18.42
C ILE Z 24 -38.41 -80.30 -14.43
C ILE Z 24 -35.12 -76.75 -17.15
N ASN Z 25 -38.01 -79.84 -13.25
N ASN Z 25 -34.70 -76.17 -16.03
CA ASN Z 25 -38.71 -80.24 -12.03
CA ASN Z 25 -35.45 -76.35 -14.79
C ASN Z 25 -40.13 -79.69 -11.99
C ASN Z 25 -36.83 -75.71 -14.85
N LEU Z 26 -40.33 -78.46 -12.45
N LEU Z 26 -36.94 -74.57 -15.52
CA LEU Z 26 -41.66 -77.86 -12.47
CA LEU Z 26 -38.24 -73.88 -15.59
C LEU Z 26 -42.58 -78.52 -13.49
C LEU Z 26 -39.22 -74.63 -16.51
N GLU Z 27 -42.02 -79.00 -14.61
N GLU Z 27 -38.72 -75.27 -17.57
CA GLU Z 27 -42.83 -79.73 -15.57
CA GLU Z 27 -39.58 -76.08 -18.42
C GLU Z 27 -43.20 -81.12 -15.06
C GLU Z 27 -40.06 -77.34 -17.69
N LEU Z 28 -42.25 -81.82 -14.42
N LEU Z 28 -39.16 -77.98 -16.94
CA LEU Z 28 -42.60 -83.08 -13.79
CA LEU Z 28 -39.56 -79.10 -16.09
C LEU Z 28 -43.61 -82.89 -12.66
C LEU Z 28 -40.57 -78.65 -15.06
N TYR Z 29 -43.55 -81.74 -11.97
N TYR Z 29 -40.37 -77.46 -14.48
CA TYR Z 29 -44.53 -81.46 -10.93
CA TYR Z 29 -41.32 -76.94 -13.51
C TYR Z 29 -45.93 -81.26 -11.53
C TYR Z 29 -42.69 -76.71 -14.14
N ALA Z 30 -46.03 -80.48 -12.62
N ALA Z 30 -42.73 -76.16 -15.35
CA ALA Z 30 -47.34 -80.25 -13.22
CA ALA Z 30 -44.02 -75.98 -16.02
C ALA Z 30 -47.95 -81.55 -13.74
C ALA Z 30 -44.64 -77.32 -16.41
N SER Z 31 -47.10 -82.42 -14.29
N SER Z 31 -43.81 -78.29 -16.82
CA SER Z 31 -47.53 -83.77 -14.66
CA SER Z 31 -44.35 -79.63 -17.04
C SER Z 31 -48.16 -84.50 -13.48
C SER Z 31 -45.05 -80.12 -15.78
N TYR Z 32 -47.53 -84.40 -12.31
N TYR Z 32 -44.45 -79.84 -14.63
CA TYR Z 32 -48.03 -85.04 -11.09
CA TYR Z 32 -45.01 -80.24 -13.34
C TYR Z 32 -49.38 -84.47 -10.68
C TYR Z 32 -46.33 -79.52 -13.05
N VAL Z 33 -49.52 -83.14 -10.79
N VAL Z 33 -46.38 -78.21 -13.29
CA VAL Z 33 -50.79 -82.48 -10.46
CA VAL Z 33 -47.61 -77.45 -13.05
C VAL Z 33 -51.93 -83.09 -11.26
C VAL Z 33 -48.76 -78.06 -13.83
N TYR Z 34 -51.73 -83.25 -12.58
N TYR Z 34 -48.55 -78.36 -15.11
CA TYR Z 34 -52.77 -83.73 -13.48
CA TYR Z 34 -49.65 -78.86 -15.94
C TYR Z 34 -53.01 -85.22 -13.31
C TYR Z 34 -50.03 -80.30 -15.58
N LEU Z 35 -51.96 -86.00 -13.01
N LEU Z 35 -49.07 -81.11 -15.11
CA LEU Z 35 -52.19 -87.36 -12.56
CA LEU Z 35 -49.42 -82.42 -14.59
C LEU Z 35 -53.18 -87.38 -11.41
C LEU Z 35 -50.38 -82.28 -13.42
N SER Z 36 -52.96 -86.51 -10.42
N SER Z 36 -50.03 -81.43 -12.44
CA SER Z 36 -53.82 -86.46 -9.25
CA SER Z 36 -50.93 -81.21 -11.31
C SER Z 36 -55.26 -86.05 -9.61
C SER Z 36 -52.29 -80.75 -11.79
N MET Z 37 -55.40 -84.99 -10.41
N MET Z 37 -52.30 -79.78 -12.70
CA MET Z 37 -56.73 -84.60 -10.87
CA MET Z 37 -53.58 -79.28 -13.21
C MET Z 37 -57.41 -85.74 -11.61
C MET Z 37 -54.39 -80.39 -13.87
N SER Z 38 -56.70 -86.33 -12.57
N SER Z 38 -53.74 -81.24 -14.67
CA SER Z 38 -57.27 -87.40 -13.38
CA SER Z 38 -54.47 -82.29 -15.36
C SER Z 38 -57.96 -88.46 -12.52
C SER Z 38 -55.21 -83.20 -14.39
N TYR Z 39 -57.24 -89.02 -11.54
N TYR Z 39 -54.52 -83.65 -13.34
CA TYR Z 39 -57.81 -90.14 -10.80
CA TYR Z 39 -55.15 -84.62 -12.44
C TYR Z 39 -58.80 -89.72 -9.72
C TYR Z 39 -56.06 -83.97 -11.40
N TYR Z 40 -58.81 -88.44 -9.34
N TYR Z 40 -56.07 -82.64 -11.31
CA TYR Z 40 -59.95 -87.93 -8.58
CA TYR Z 40 -57.14 -82.00 -10.55
C TYR Z 40 -61.27 -88.16 -9.31
C TYR Z 40 -58.48 -82.17 -11.25
N PHE Z 41 -61.29 -87.95 -10.63
N PHE Z 41 -58.52 -81.98 -12.57
CA PHE Z 41 -62.52 -88.06 -11.41
CA PHE Z 41 -59.77 -82.13 -13.30
C PHE Z 41 -62.86 -89.49 -11.77
C PHE Z 41 -60.17 -83.60 -13.46
N ASP Z 42 -61.94 -90.43 -11.59
N ASP Z 42 -59.29 -84.51 -13.08
CA ASP Z 42 -62.19 -91.87 -11.74
CA ASP Z 42 -59.57 -85.94 -13.04
C ASP Z 42 -62.72 -92.48 -10.45
C ASP Z 42 -60.23 -86.37 -11.72
N ARG Z 43 -62.77 -91.71 -9.36
N ARG Z 43 -60.18 -85.54 -10.68
CA ARG Z 43 -63.40 -92.17 -8.13
CA ARG Z 43 -60.86 -85.86 -9.43
C ARG Z 43 -64.87 -92.51 -8.37
C ARG Z 43 -62.35 -86.09 -9.68
N ASP Z 44 -65.37 -93.49 -7.61
N ASP Z 44 -62.95 -86.97 -8.88
CA ASP Z 44 -66.75 -93.94 -7.79
CA ASP Z 44 -64.35 -87.32 -9.07
C ASP Z 44 -67.77 -92.88 -7.38
C ASP Z 44 -65.27 -86.14 -8.79
N ASP Z 45 -67.40 -91.98 -6.49
N ASP Z 45 -64.85 -85.20 -7.97
CA ASP Z 45 -68.27 -90.91 -6.03
CA ASP Z 45 -65.63 -84.01 -7.64
C ASP Z 45 -67.97 -89.61 -6.77
C ASP Z 45 -65.29 -82.83 -8.55
N VAL Z 46 -67.34 -89.68 -7.94
N VAL Z 46 -64.46 -83.04 -9.58
CA VAL Z 46 -67.11 -88.50 -8.76
CA VAL Z 46 -64.23 -82.03 -10.61
C VAL Z 46 -67.49 -88.88 -10.17
C VAL Z 46 -64.73 -82.60 -11.93
N ALA Z 47 -66.85 -89.91 -10.72
N ALA Z 47 -64.14 -83.73 -12.33
CA ALA Z 47 -67.40 -90.70 -11.81
CA ALA Z 47 -64.63 -84.59 -13.41
C ALA Z 47 -67.63 -89.88 -13.08
C ALA Z 47 -64.84 -83.85 -14.73
N LEU Z 48 -66.61 -89.10 -13.46
N LEU Z 48 -63.82 -83.10 -15.15
CA LEU Z 48 -66.64 -88.24 -14.64
CA LEU Z 48 -63.85 -82.46 -16.46
C LEU Z 48 -65.47 -88.65 -15.52
C LEU Z 48 -62.74 -83.09 -17.28
N LYS Z 49 -65.71 -89.65 -16.38
N LYS Z 49 -63.11 -84.15 -18.02
CA LYS Z 49 -64.63 -90.35 -17.04
CA LYS Z 49 -62.11 -85.02 -18.64
C LYS Z 49 -63.85 -89.47 -18.01
C LYS Z 49 -61.31 -84.32 -19.73
N ASN Z 50 -64.55 -88.55 -18.71
N ASN Z 50 -61.90 -83.32 -20.41
CA ASN Z 50 -63.87 -87.69 -19.70
CA ASN Z 50 -61.18 -82.68 -21.50
C ASN Z 50 -63.05 -86.60 -19.04
C ASN Z 50 -60.31 -81.52 -21.04
N PHE Z 51 -63.48 -86.09 -17.88
N PHE Z 51 -60.65 -80.90 -19.91
CA PHE Z 51 -62.63 -85.26 -17.02
CA PHE Z 51 -59.69 -80.06 -19.22
C PHE Z 51 -61.38 -86.03 -16.61
C PHE Z 51 -58.47 -80.89 -18.83
N ALA Z 52 -61.54 -87.28 -16.19
N ALA Z 52 -58.69 -82.06 -18.23
CA ALA Z 52 -60.40 -88.14 -15.90
CA ALA Z 52 -57.58 -82.94 -17.84
C ALA Z 52 -59.47 -88.24 -17.12
C ALA Z 52 -56.76 -83.39 -19.05
N LYS Z 53 -60.00 -88.64 -18.27
N LYS Z 53 -57.42 -83.76 -20.14
CA LYS Z 53 -59.14 -88.77 -19.45
CA LYS Z 53 -56.69 -84.11 -21.36
C LYS Z 53 -58.49 -87.44 -19.82
C LYS Z 53 -55.87 -82.91 -21.84
N TYR Z 54 -59.26 -86.34 -19.79
N TYR Z 54 -56.44 -81.71 -21.76
CA TYR Z 54 -58.68 -85.05 -20.15
CA TYR Z 54 -55.74 -80.54 -22.28
C TYR Z 54 -57.46 -84.71 -19.30
C TYR Z 54 -54.45 -80.27 -21.50
N PHE Z 55 -57.59 -84.83 -17.98
N PHE Z 55 -54.52 -80.18 -20.18
CA PHE Z 55 -56.45 -84.57 -17.10
CA PHE Z 55 -53.33 -79.89 -19.40
C PHE Z 55 -55.36 -85.64 -17.23
C PHE Z 55 -52.34 -81.03 -19.45
N LEU Z 56 -55.72 -86.89 -17.51
N LEU Z 56 -52.84 -82.28 -19.42
CA LEU Z 56 -54.67 -87.89 -17.75
CA LEU Z 56 -51.93 -83.40 -19.57
C LEU Z 56 -53.82 -87.52 -18.97
C LEU Z 56 -51.09 -83.26 -20.84
N HIS Z 57 -54.45 -86.98 -20.01
N HIS Z 57 -51.71 -82.81 -21.94
CA HIS Z 57 -53.70 -86.59 -21.20
CA HIS Z 57 -50.97 -82.56 -23.18
C HIS Z 57 -52.79 -85.40 -20.93
C HIS Z 57 -49.91 -81.48 -22.99
N GLN Z 58 -53.27 -84.40 -20.20
N GLN Z 58 -50.27 -80.37 -22.33
CA GLN Z 58 -52.37 -83.33 -19.81
CA GLN Z 58 -49.29 -79.31 -22.11
C GLN Z 58 -51.19 -83.88 -19.00
C GLN Z 58 -48.12 -79.80 -21.25
N SER Z 59 -51.43 -84.92 -18.19
N SER Z 59 -48.42 -80.68 -20.29
CA SER Z 59 -50.35 -85.45 -17.36
CA SER Z 59 -47.36 -81.22 -19.42
C SER Z 59 -49.22 -86.01 -18.22
C SER Z 59 -46.32 -81.97 -20.24
N HIS Z 60 -49.57 -86.78 -19.25
N HIS Z 60 -46.78 -82.84 -21.14
CA HIS Z 60 -48.57 -87.38 -20.13
CA HIS Z 60 -45.87 -83.64 -21.93
C HIS Z 60 -47.92 -86.34 -21.01
C HIS Z 60 -45.11 -82.78 -22.93
N GLU Z 61 -48.65 -85.29 -21.38
N GLU Z 61 -45.78 -81.78 -23.50
CA GLU Z 61 -48.08 -84.17 -22.12
CA GLU Z 61 -45.11 -80.82 -24.38
C GLU Z 61 -46.97 -83.50 -21.33
C GLU Z 61 -43.96 -80.10 -23.65
N GLU Z 62 -47.24 -83.22 -20.05
N GLU Z 62 -44.24 -79.59 -22.44
CA GLU Z 62 -46.26 -82.52 -19.23
CA GLU Z 62 -43.24 -78.90 -21.65
C GLU Z 62 -45.01 -83.36 -19.04
C GLU Z 62 -42.02 -79.78 -21.42
N ARG Z 63 -45.16 -84.68 -19.02
N ARG Z 63 -42.24 -81.05 -21.12
CA ARG Z 63 -44.02 -85.58 -18.98
CA ARG Z 63 -41.12 -81.95 -20.91
C ARG Z 63 -43.13 -85.39 -20.21
C ARG Z 63 -40.29 -82.09 -22.18
N GLU Z 64 -43.74 -85.34 -21.40
N GLU Z 64 -40.95 -82.14 -23.35
CA GLU Z 64 -42.97 -85.05 -22.60
CA GLU Z 64 -40.20 -82.11 -24.61
C GLU Z 64 -42.27 -83.70 -22.48
C GLU Z 64 -39.39 -80.83 -24.72
N HIS Z 65 -42.97 -82.66 -21.98
N HIS Z 65 -39.96 -79.70 -24.25
CA HIS Z 65 -42.33 -81.36 -21.80
CA HIS Z 65 -39.21 -78.45 -24.25
C HIS Z 65 -41.06 -81.48 -20.96
C HIS Z 65 -37.94 -78.59 -23.42
N ALA Z 66 -41.12 -82.29 -19.89
N ALA Z 66 -38.03 -79.18 -22.22
CA ALA Z 66 -39.95 -82.45 -19.04
CA ALA Z 66 -36.84 -79.36 -21.40
C ALA Z 66 -38.81 -83.14 -19.78
C ALA Z 66 -35.79 -80.17 -22.13
N GLU Z 67 -39.12 -84.20 -20.51
N GLU Z 67 -36.23 -81.28 -22.76
CA GLU Z 67 -38.08 -84.97 -21.18
CA GLU Z 67 -35.30 -82.22 -23.36
C GLU Z 67 -37.43 -84.16 -22.31
C GLU Z 67 -34.53 -81.60 -24.52
N LYS Z 68 -38.24 -83.40 -23.04
N LYS Z 68 -35.23 -80.94 -25.44
CA LYS Z 68 -37.72 -82.53 -24.08
CA LYS Z 68 -34.58 -80.26 -26.55
C LYS Z 68 -36.72 -81.54 -23.51
C LYS Z 68 -33.57 -79.25 -26.04
N LEU Z 69 -36.94 -81.09 -22.27
N LEU Z 69 -33.87 -78.58 -24.92
CA LEU Z 69 -35.99 -80.19 -21.63
CA LEU Z 69 -32.89 -77.69 -24.32
C LEU Z 69 -34.74 -80.94 -21.20
C LEU Z 69 -31.69 -78.46 -23.78
N MET Z 70 -34.91 -82.16 -20.69
N MET Z 70 -31.93 -79.69 -23.29
CA MET Z 70 -33.75 -82.98 -20.35
CA MET Z 70 -30.81 -80.52 -22.82
C MET Z 70 -32.88 -83.22 -21.57
C MET Z 70 -29.97 -81.00 -24.00
N LYS Z 71 -33.53 -83.55 -22.70
N LYS Z 71 -30.63 -81.35 -25.10
CA LYS Z 71 -32.82 -83.65 -23.97
CA LYS Z 71 -29.90 -81.71 -26.31
C LYS Z 71 -32.06 -82.36 -24.27
C LYS Z 71 -29.06 -80.53 -26.81
N LEU Z 72 -32.73 -81.22 -24.11
N LEU Z 72 -29.62 -79.32 -26.76
CA LEU Z 72 -32.11 -79.94 -24.40
CA LEU Z 72 -28.87 -78.12 -27.12
C LEU Z 72 -30.90 -79.71 -23.50
C LEU Z 72 -27.60 -77.96 -26.28
N GLN Z 73 -30.99 -80.13 -22.24
N GLN Z 73 -27.76 -78.03 -24.96
CA GLN Z 73 -29.88 -79.97 -21.31
CA GLN Z 73 -26.61 -77.94 -24.06
C GLN Z 73 -28.64 -80.71 -21.79
C GLN Z 73 -25.51 -78.91 -24.48
N ASN Z 74 -28.81 -81.95 -22.24
N ASN Z 74 -25.86 -80.17 -24.74
CA ASN Z 74 -27.69 -82.72 -22.78
CA ASN Z 74 -24.85 -81.13 -25.20
C ASN Z 74 -27.21 -82.16 -24.11
C ASN Z 74 -24.32 -80.76 -26.60
N GLN Z 75 -28.12 -81.67 -24.95
N GLN Z 75 -25.21 -80.28 -27.47
CA GLN Z 75 -27.71 -81.17 -26.25
CA GLN Z 75 -24.80 -79.87 -28.82
C GLN Z 75 -26.71 -80.03 -26.12
C GLN Z 75 -23.71 -78.82 -28.77
N ARG Z 76 -26.97 -79.10 -25.21
N ARG Z 76 -23.90 -77.79 -27.94
CA ARG Z 76 -26.16 -77.92 -24.96
CA ARG Z 76 -22.98 -76.69 -27.85
C ARG Z 76 -24.98 -78.19 -24.04
C ARG Z 76 -21.75 -76.98 -26.99
N GLY Z 77 -24.89 -79.37 -23.46
N GLY Z 77 -21.68 -78.12 -26.31
CA GLY Z 77 -23.76 -79.72 -22.62
CA GLY Z 77 -20.56 -78.40 -25.44
C GLY Z 77 -23.95 -79.42 -21.14
C GLY Z 77 -20.71 -77.94 -23.99
N GLY Z 78 -25.15 -79.01 -20.72
N GLY Z 78 -21.85 -77.36 -23.63
CA GLY Z 78 -25.45 -78.92 -19.31
CA GLY Z 78 -22.15 -77.09 -22.25
C GLY Z 78 -25.54 -80.30 -18.68
C GLY Z 78 -22.35 -78.36 -21.46
N ARG Z 79 -25.63 -80.32 -17.35
N ARG Z 79 -22.45 -78.20 -20.14
CA ARG Z 79 -25.71 -81.58 -16.61
CA ARG Z 79 -22.68 -79.32 -19.25
C ARG Z 79 -27.02 -81.61 -15.84
C ARG Z 79 -24.03 -79.14 -18.58
N ILE Z 80 -27.87 -82.59 -16.16
N ILE Z 80 -24.79 -80.23 -18.50
CA ILE Z 80 -29.16 -82.78 -15.49
CA ILE Z 80 -26.12 -80.19 -17.92
C ILE Z 80 -28.96 -83.06 -13.99
C ILE Z 80 -25.98 -80.28 -16.40
N PHE Z 81 -29.67 -82.32 -13.15
N PHE Z 81 -26.65 -79.39 -15.70
CA PHE Z 81 -29.76 -82.65 -11.72
CA PHE Z 81 -26.75 -79.48 -14.25
C PHE Z 81 -31.23 -82.74 -11.34
C PHE Z 81 -28.21 -79.35 -13.87
N LEU Z 82 -31.68 -83.94 -10.96
N LEU Z 82 -28.78 -80.45 -13.37
CA LEU Z 82 -33.08 -84.14 -10.63
CA LEU Z 82 -30.16 -80.48 -12.93
C LEU Z 82 -33.33 -83.86 -9.15
C LEU Z 82 -30.26 -80.09 -11.45
N GLN Z 83 -34.51 -83.34 -8.84
N GLN Z 83 -31.38 -79.47 -11.10
CA GLN Z 83 -34.90 -83.08 -7.46
CA GLN Z 83 -31.69 -79.03 -9.75
C GLN Z 83 -36.22 -83.81 -7.16
C GLN Z 83 -33.05 -79.59 -9.37
N ASP Z 84 -36.58 -83.83 -5.89
N ASP Z 84 -33.44 -79.44 -8.11
CA ASP Z 84 -37.84 -84.46 -5.50
CA ASP Z 84 -34.77 -79.87 -7.70
C ASP Z 84 -39.02 -83.81 -6.25
C ASP Z 84 -35.84 -79.20 -8.55
N ILE Z 85 -40.02 -84.62 -6.57
N ILE Z 85 -36.89 -79.94 -8.88
CA ILE Z 85 -41.27 -84.14 -7.15
CA ILE Z 85 -38.03 -79.36 -9.56
C ILE Z 85 -42.27 -83.97 -6.00
C ILE Z 85 -39.06 -78.95 -8.51
N GLN Z 86 -42.53 -82.74 -5.59
N GLN Z 86 -39.27 -77.64 -8.36
CA GLN Z 86 -43.48 -82.53 -4.50
CA GLN Z 86 -40.17 -77.16 -7.32
C GLN Z 86 -44.89 -82.95 -4.93
C GLN Z 86 -41.60 -77.58 -7.63
N LYS Z 87 -45.66 -83.50 -3.98
N LYS Z 87 -42.31 -78.00 -6.58
CA LYS Z 87 -47.04 -83.89 -4.25
CA LYS Z 87 -43.70 -78.37 -6.71
C LYS Z 87 -47.91 -82.66 -4.51
C LYS Z 87 -44.54 -77.14 -7.04
N PRO Z 88 -49.01 -82.80 -5.24
N PRO Z 88 -45.71 -77.35 -7.64
CA PRO Z 88 -49.90 -81.65 -5.48
CA PRO Z 88 -46.53 -76.19 -8.05
C PRO Z 88 -50.45 -81.12 -4.17
C PRO Z 88 -47.05 -75.42 -6.85
N ASP Z 89 -50.93 -79.87 -4.23
N ASP Z 89 -47.41 -74.17 -7.10
CA ASP Z 89 -51.43 -79.20 -3.03
CA ASP Z 89 -47.84 -73.31 -6.01
C ASP Z 89 -52.73 -79.80 -2.50
C ASP Z 89 -49.17 -73.72 -5.41
N GLU Z 90 -53.45 -80.60 -3.28
N GLU Z 90 -50.00 -74.46 -6.14
CA GLU Z 90 -54.74 -81.16 -2.86
CA GLU Z 90 -51.28 -74.91 -5.60
C GLU Z 90 -54.83 -82.63 -3.19
C GLU Z 90 -51.40 -76.42 -5.68
N ASP Z 91 -55.41 -83.39 -2.27
N ASP Z 91 -52.17 -76.98 -4.75
CA ASP Z 91 -55.82 -84.76 -2.55
CA ASP Z 91 -52.64 -78.35 -4.83
C ASP Z 91 -57.22 -84.84 -3.14
C ASP Z 91 -54.02 -78.43 -5.45
N ASP Z 92 -58.02 -83.81 -2.88
N ASP Z 92 -54.82 -77.39 -5.23
CA ASP Z 92 -59.45 -83.80 -3.18
CA ASP Z 92 -56.22 -77.32 -5.64
C ASP Z 92 -59.68 -82.57 -4.05
C ASP Z 92 -56.34 -76.14 -6.59
N TRP Z 93 -60.01 -82.76 -5.33
N TRP Z 93 -56.84 -76.38 -7.80
CA TRP Z 93 -60.08 -81.63 -6.24
CA TRP Z 93 -56.84 -75.35 -8.82
C TRP Z 93 -61.49 -81.06 -6.37
C TRP Z 93 -58.22 -74.72 -9.06
N GLU Z 94 -62.44 -81.55 -5.57
N GLU Z 94 -59.18 -74.97 -8.17
CA GLU Z 94 -63.75 -80.93 -5.30
CA GLU Z 94 -60.43 -74.22 -8.07
C GLU Z 94 -64.74 -81.08 -6.45
C GLU Z 94 -61.43 -74.48 -9.20
N SER Z 95 -64.36 -80.71 -7.66
N SER Z 95 -61.05 -74.18 -10.45
CA SER Z 95 -65.31 -80.70 -8.78
CA SER Z 95 -61.99 -74.36 -11.56
C SER Z 95 -64.55 -80.56 -10.10
C SER Z 95 -61.20 -74.33 -12.87
N GLY Z 96 -65.27 -80.87 -11.18
N GLY Z 96 -61.89 -74.70 -13.96
CA GLY Z 96 -64.77 -80.53 -12.50
CA GLY Z 96 -61.26 -74.59 -15.27
C GLY Z 96 -64.37 -79.07 -12.61
C GLY Z 96 -60.78 -73.18 -15.58
N LEU Z 97 -65.29 -78.16 -12.25
N LEU Z 97 -61.61 -72.19 -15.30
CA LEU Z 97 -64.97 -76.73 -12.31
CA LEU Z 97 -61.21 -70.80 -15.54
C LEU Z 97 -63.76 -76.38 -11.43
C LEU Z 97 -59.96 -70.43 -14.74
N ASN Z 98 -63.66 -76.97 -10.23
N ASN Z 98 -59.96 -70.73 -13.44
CA ASN Z 98 -62.54 -76.63 -9.37
CA ASN Z 98 -58.82 -70.41 -12.60
C ASN Z 98 -61.21 -77.07 -9.97
C ASN Z 98 -57.56 -71.08 -13.11
N ALA Z 99 -61.16 -78.29 -10.53
N ALA Z 99 -57.68 -72.34 -13.53
CA ALA Z 99 -59.94 -78.75 -11.17
CA ALA Z 99 -56.53 -73.08 -14.02
C ALA Z 99 -59.56 -77.87 -12.35
C ALA Z 99 -56.00 -72.47 -15.32
N MET Z 100 -60.55 -77.45 -13.13
N MET Z 100 -56.91 -72.08 -16.22
CA MET Z 100 -60.23 -76.65 -14.31
CA MET Z 100 -56.52 -71.45 -17.48
C MET Z 100 -59.62 -75.32 -13.91
C MET Z 100 -55.89 -70.08 -17.27
N GLU Z 101 -60.17 -74.70 -12.86
N GLU Z 101 -56.36 -69.34 -16.24
CA GLU Z 101 -59.61 -73.46 -12.32
CA GLU Z 101 -55.74 -68.07 -15.88
C GLU Z 101 -58.22 -73.68 -11.73
C GLU Z 101 -54.35 -68.29 -15.31
N ALA Z 102 -58.02 -74.79 -11.03
N ALA Z 102 -54.20 -69.30 -14.47
CA ALA Z 102 -56.70 -75.10 -10.50
CA ALA Z 102 -52.89 -69.56 -13.89
C ALA Z 102 -55.72 -75.37 -11.62
C ALA Z 102 -51.96 -70.14 -14.93
N ALA Z 103 -56.18 -75.98 -12.70
N ALA Z 103 -52.51 -70.87 -15.90
CA ALA Z 103 -55.29 -76.22 -13.84
CA ALA Z 103 -51.70 -71.35 -17.01
C ALA Z 103 -54.90 -74.91 -14.51
C ALA Z 103 -51.19 -70.18 -17.84
N LEU Z 104 -55.86 -73.98 -14.63
N LEU Z 104 -52.02 -69.16 -18.04
CA LEU Z 104 -55.56 -72.68 -15.23
CA LEU Z 104 -51.58 -68.03 -18.85
C LEU Z 104 -54.52 -71.94 -14.41
C LEU Z 104 -50.48 -67.23 -18.14
N HIS Z 105 -54.69 -71.94 -13.08
N HIS Z 105 -50.65 -66.99 -16.83
CA HIS Z 105 -53.70 -71.36 -12.19
CA HIS Z 105 -49.58 -66.36 -16.04
C HIS Z 105 -52.32 -72.00 -12.40
C HIS Z 105 -48.28 -67.14 -16.14
N LEU Z 106 -52.26 -73.33 -12.44
N LEU Z 106 -48.37 -68.47 -16.02
CA LEU Z 106 -51.00 -74.02 -12.65
CA LEU Z 106 -47.20 -69.32 -16.16
C LEU Z 106 -50.35 -73.57 -13.95
C LEU Z 106 -46.52 -69.10 -17.52
N GLU Z 107 -51.12 -73.57 -15.04
N GLU Z 107 -47.27 -69.19 -18.61
CA GLU Z 107 -50.54 -73.29 -16.35
CA GLU Z 107 -46.65 -69.11 -19.93
C GLU Z 107 -50.04 -71.86 -16.44
C GLU Z 107 -46.01 -67.74 -20.17
N LYS Z 108 -50.74 -70.91 -15.81
N LYS Z 108 -46.56 -66.67 -19.57
CA LYS Z 108 -50.23 -69.55 -15.76
CA LYS Z 108 -45.93 -65.37 -19.72
C LYS Z 108 -48.95 -69.47 -14.93
C LYS Z 108 -44.61 -65.28 -18.96
N ASN Z 109 -48.89 -70.16 -13.79
N ASN Z 109 -44.49 -65.96 -17.80
CA ASN Z 109 -47.65 -70.25 -13.04
CA ASN Z 109 -43.20 -66.01 -17.11
C ASN Z 109 -46.53 -70.84 -13.91
C ASN Z 109 -42.17 -66.84 -17.86
N VAL Z 110 -46.83 -71.94 -14.62
N VAL Z 110 -42.61 -67.97 -18.43
CA VAL Z 110 -45.79 -72.55 -15.46
CA VAL Z 110 -41.69 -68.78 -19.24
C VAL Z 110 -45.40 -71.59 -16.59
C VAL Z 110 -41.23 -67.98 -20.44
N ASN Z 111 -46.38 -70.88 -17.13
N ASN Z 111 -42.17 -67.29 -21.11
CA ASN Z 111 -46.10 -69.89 -18.15
CA ASN Z 111 -41.83 -66.42 -22.23
C ASN Z 111 -45.13 -68.84 -17.65
C ASN Z 111 -40.81 -65.36 -21.81
N GLN Z 112 -45.32 -68.41 -16.40
N GLN Z 112 -41.12 -64.62 -20.74
CA GLN Z 112 -44.48 -67.36 -15.84
CA GLN Z 112 -40.20 -63.65 -20.17
C GLN Z 112 -43.04 -67.81 -15.72
C GLN Z 112 -38.81 -64.24 -19.97
N SER Z 113 -42.81 -69.05 -15.30
N SER Z 113 -38.74 -65.46 -19.43
CA SER Z 113 -41.44 -69.54 -15.21
CA SER Z 113 -37.46 -66.15 -19.26
C SER Z 113 -40.83 -69.69 -16.61
C SER Z 113 -36.80 -66.42 -20.61
N LEU Z 114 -41.62 -70.01 -17.62
N LEU Z 114 -37.59 -66.82 -21.61
CA LEU Z 114 -41.10 -70.10 -18.97
CA LEU Z 114 -37.00 -67.05 -22.92
C LEU Z 114 -40.71 -68.72 -19.50
C LEU Z 114 -36.53 -65.75 -23.56
N LEU Z 115 -41.49 -67.69 -19.15
N LEU Z 115 -37.23 -64.64 -23.28
CA LEU Z 115 -41.14 -66.35 -19.59
CA LEU Z 115 -36.88 -63.35 -23.86
C LEU Z 115 -39.88 -65.86 -18.87
C LEU Z 115 -35.56 -62.83 -23.30
N GLU Z 116 -39.78 -66.14 -17.57
N GLU Z 116 -35.32 -63.05 -22.00
CA GLU Z 116 -38.54 -65.84 -16.87
CA GLU Z 116 -34.02 -62.71 -21.44
C GLU Z 116 -37.37 -66.55 -17.52
C GLU Z 116 -32.94 -63.68 -21.90
N LEU Z 117 -37.55 -67.83 -17.88
N LEU Z 117 -33.30 -64.92 -22.24
CA LEU Z 117 -36.47 -68.55 -18.54
CA LEU Z 117 -32.30 -65.86 -22.75
C LEU Z 117 -36.12 -67.93 -19.88
C LEU Z 117 -31.81 -65.40 -24.11
N HIS Z 118 -37.12 -67.46 -20.62
N HIS Z 118 -32.74 -65.00 -24.98
CA HIS Z 118 -36.83 -66.80 -21.89
CA HIS Z 118 -32.39 -64.51 -26.31
C HIS Z 118 -36.08 -65.49 -21.68
C HIS Z 118 -31.50 -63.28 -26.22
N LYS Z 119 -36.56 -64.65 -20.75
N LYS Z 119 -31.86 -62.34 -25.34
CA LYS Z 119 -35.86 -63.39 -20.50
CA LYS Z 119 -31.08 -61.12 -25.21
C LYS Z 119 -34.41 -63.64 -20.09
C LYS Z 119 -29.64 -61.43 -24.84
N LEU Z 120 -34.16 -64.73 -19.36
N LEU Z 120 -29.45 -62.33 -23.86
CA LEU Z 120 -32.80 -65.15 -19.06
CA LEU Z 120 -28.12 -62.82 -23.50
C LEU Z 120 -32.01 -65.48 -20.32
C LEU Z 120 -27.42 -63.46 -24.69
N ALA Z 121 -32.62 -66.20 -21.27
N ALA Z 121 -28.16 -64.19 -25.53
CA ALA Z 121 -31.91 -66.56 -22.50
CA ALA Z 121 -27.56 -64.76 -26.72
C ALA Z 121 -31.54 -65.32 -23.30
C ALA Z 121 -27.07 -63.66 -27.65
N HIS Z 122 -32.47 -64.37 -23.43
N HIS Z 122 -27.95 -62.71 -27.98
CA HIS Z 122 -32.20 -63.10 -24.09
CA HIS Z 122 -27.58 -61.62 -28.87
C HIS Z 122 -31.13 -62.31 -23.34
C HIS Z 122 -26.45 -60.78 -28.29
N ASP Z 123 -31.33 -62.13 -22.03
N ASP Z 123 -26.47 -60.56 -26.98
CA ASP Z 123 -30.36 -61.40 -21.22
CA ASP Z 123 -25.46 -59.69 -26.34
C ASP Z 123 -28.95 -61.95 -21.38
C ASP Z 123 -24.08 -60.36 -26.34
N LYS Z 124 -28.81 -63.28 -21.40
N LYS Z 124 -24.04 -61.69 -26.18
CA LYS Z 124 -27.52 -63.93 -21.57
CA LYS Z 124 -22.82 -62.49 -26.28
C LYS Z 124 -27.16 -64.18 -23.04
C LYS Z 124 -22.49 -62.88 -27.71
N ASN Z 125 -27.89 -63.57 -23.98
N ASN Z 125 -23.15 -62.28 -28.69
CA ASN Z 125 -27.53 -63.61 -25.41
CA ASN Z 125 -22.84 -62.51 -30.10
C ASN Z 125 -27.42 -65.04 -25.92
C ASN Z 125 -22.91 -64.00 -30.45
N ASP Z 126 -28.43 -65.85 -25.60
N ASP Z 126 -23.96 -64.68 -29.96
CA ASP Z 126 -28.49 -67.25 -25.99
CA ASP Z 126 -24.19 -66.10 -30.22
C ASP Z 126 -29.66 -67.43 -26.95
C ASP Z 126 -25.38 -66.25 -31.16
N PRO Z 127 -29.48 -67.20 -28.25
N PRO Z 127 -25.19 -66.20 -32.48
CA PRO Z 127 -30.62 -67.26 -29.18
CA PRO Z 127 -26.34 -66.21 -33.40
C PRO Z 127 -31.08 -68.68 -29.47
C PRO Z 127 -27.00 -67.57 -33.52
N HIS Z 128 -30.25 -69.69 -29.24
N HIS Z 128 -26.25 -68.66 -33.35
CA HIS Z 128 -30.73 -71.04 -29.41
CA HIS Z 128 -26.85 -69.98 -33.39
C HIS Z 128 -31.70 -71.42 -28.30
C HIS Z 128 -27.83 -70.14 -32.23
N LEU Z 129 -31.39 -71.00 -27.07
N LEU Z 129 -27.39 -69.76 -31.02
CA LEU Z 129 -32.27 -71.31 -25.95
CA LEU Z 129 -28.26 -69.92 -29.85
C LEU Z 129 -33.55 -70.50 -26.04
C LEU Z 129 -29.50 -69.03 -29.97
N ALA Z 130 -33.44 -69.23 -26.47
N ALA Z 130 -29.33 -67.79 -30.43
CA ALA Z 130 -34.62 -68.40 -26.61
CA ALA Z 130 -30.46 -66.86 -30.55
C ALA Z 130 -35.59 -69.00 -27.62
C ALA Z 130 -31.50 -67.37 -31.54
N ASP Z 131 -35.08 -69.41 -28.78
N ASP Z 131 -31.03 -67.90 -32.69
CA ASP Z 131 -35.99 -69.92 -29.80
CA ASP Z 131 -31.97 -68.45 -33.67
C ASP Z 131 -36.56 -71.28 -29.42
C ASP Z 131 -32.63 -69.72 -33.18
N PHE Z 132 -35.76 -72.11 -28.73
N PHE Z 132 -31.92 -70.50 -32.35
CA PHE Z 132 -36.27 -73.40 -28.28
CA PHE Z 132 -32.54 -71.68 -31.74
C PHE Z 132 -37.49 -73.21 -27.38
C PHE Z 132 -33.79 -71.30 -30.96
N ILE Z 133 -37.39 -72.30 -26.40
N ILE Z 133 -33.69 -70.23 -30.15
CA ILE Z 133 -38.52 -71.98 -25.54
CA ILE Z 133 -34.81 -69.80 -29.32
C ILE Z 133 -39.67 -71.41 -26.36
C ILE Z 133 -35.96 -69.28 -30.18
N GLU Z 134 -39.36 -70.54 -27.33
N GLU Z 134 -35.67 -68.45 -31.20
CA GLU Z 134 -40.40 -69.94 -28.16
CA GLU Z 134 -36.74 -67.91 -32.04
C GLU Z 134 -41.12 -70.98 -28.98
C GLU Z 134 -37.47 -69.01 -32.79
N THR Z 135 -40.35 -71.82 -29.70
N THR Z 135 -36.71 -69.91 -33.43
CA THR Z 135 -40.91 -72.80 -30.61
CA THR Z 135 -37.29 -70.98 -34.23
C THR Z 135 -41.67 -73.89 -29.86
C THR Z 135 -38.15 -71.91 -33.40
N HIS Z 136 -41.08 -74.39 -28.77
N HIS Z 136 -37.63 -72.32 -32.23
CA HIS Z 136 -41.59 -75.59 -28.15
CA HIS Z 136 -38.20 -73.43 -31.48
C HIS Z 136 -42.52 -75.34 -26.97
C HIS Z 136 -39.06 -73.01 -30.30
N TYR Z 137 -42.48 -74.17 -26.34
N TYR Z 137 -38.93 -71.76 -29.81
CA TYR Z 137 -43.22 -74.03 -25.10
CA TYR Z 137 -39.60 -71.40 -28.55
C TYR Z 137 -44.23 -72.87 -25.08
C TYR Z 137 -40.48 -70.16 -28.64
N LEU Z 138 -43.91 -71.75 -25.70
N LEU Z 138 -40.03 -69.09 -29.33
CA LEU Z 138 -44.66 -70.53 -25.40
CA LEU Z 138 -40.71 -67.81 -29.20
C LEU Z 138 -46.06 -70.56 -25.99
C LEU Z 138 -42.09 -67.83 -29.84
N ASN Z 139 -46.20 -70.91 -27.28
N ASN Z 139 -42.22 -68.39 -31.04
CA ASN Z 139 -47.56 -70.95 -27.83
CA ASN Z 139 -43.53 -68.41 -31.69
C ASN Z 139 -48.35 -72.15 -27.33
C ASN Z 139 -44.47 -69.35 -30.94
N GLU Z 140 -47.67 -73.21 -26.90
N GLU Z 140 -43.93 -70.46 -30.44
CA GLU Z 140 -48.35 -74.31 -26.25
CA GLU Z 140 -44.75 -71.38 -29.65
C GLU Z 140 -49.03 -73.85 -24.96
C GLU Z 140 -45.21 -70.74 -28.35
N GLN Z 141 -48.35 -73.04 -24.14
N GLN Z 141 -44.42 -69.83 -27.76
CA GLN Z 141 -48.92 -72.53 -22.90
CA GLN Z 141 -44.95 -69.13 -26.59
C GLN Z 141 -50.09 -71.59 -23.15
C GLN Z 141 -46.09 -68.21 -27.01
N VAL Z 142 -49.94 -70.67 -24.11
N VAL Z 142 -45.90 -67.48 -28.11
CA VAL Z 142 -51.04 -69.76 -24.44
CA VAL Z 142 -46.92 -66.54 -28.56
C VAL Z 142 -52.26 -70.58 -24.86
C VAL Z 142 -48.20 -67.28 -28.89
N LYS Z 143 -52.06 -71.58 -25.70
N LYS Z 143 -48.08 -68.46 -29.51
CA LYS Z 143 -53.17 -72.45 -26.09
CA LYS Z 143 -49.28 -69.22 -29.84
C LYS Z 143 -53.73 -73.19 -24.88
C LYS Z 143 -49.93 -69.82 -28.60
N ALA Z 144 -52.86 -73.69 -23.99
N ALA Z 144 -49.13 -70.25 -27.62
CA ALA Z 144 -53.37 -74.38 -22.82
CA ALA Z 144 -49.72 -70.78 -26.38
C ALA Z 144 -54.21 -73.45 -21.93
C ALA Z 144 -50.36 -69.67 -25.56
N ILE Z 145 -53.75 -72.22 -21.73
N ILE Z 145 -49.77 -68.48 -25.56
CA ILE Z 145 -54.46 -71.25 -20.88
CA ILE Z 145 -50.36 -67.37 -24.83
C ILE Z 145 -55.77 -70.80 -21.52
C ILE Z 145 -51.69 -66.97 -25.48
N LYS Z 146 -55.77 -70.60 -22.84
N LYS Z 146 -51.70 -66.84 -26.81
CA LYS Z 146 -57.00 -70.21 -23.52
CA LYS Z 146 -52.92 -66.41 -27.50
C LYS Z 146 -58.04 -71.32 -23.42
C LYS Z 146 -54.06 -67.40 -27.28
N GLU Z 147 -57.63 -72.58 -23.60
N GLU Z 147 -53.76 -68.70 -27.33
CA GLU Z 147 -58.58 -73.69 -23.55
CA GLU Z 147 -54.78 -69.72 -27.16
C GLU Z 147 -59.14 -73.88 -22.15
C GLU Z 147 -55.33 -69.73 -25.73
N LEU Z 148 -58.29 -73.79 -21.13
N LEU Z 148 -54.47 -69.59 -24.73
CA LEU Z 148 -58.77 -73.91 -19.76
CA LEU Z 148 -54.95 -69.47 -23.37
C LEU Z 148 -59.71 -72.76 -19.41
C LEU Z 148 -55.74 -68.18 -23.18
N GLY Z 149 -59.37 -71.54 -19.86
N GLY Z 149 -55.26 -67.08 -23.76
CA GLY Z 149 -60.29 -70.42 -19.66
CA GLY Z 149 -56.09 -65.89 -23.82
C GLY Z 149 -61.63 -70.65 -20.34
C GLY Z 149 -57.47 -66.18 -24.39
N ASP Z 150 -61.60 -71.20 -21.55
N ASP Z 150 -57.53 -66.95 -25.48
CA ASP Z 150 -62.84 -71.53 -22.26
CA ASP Z 150 -58.80 -67.22 -26.14
C ASP Z 150 -63.68 -72.52 -21.46
C ASP Z 150 -59.72 -68.05 -25.25
N HIS Z 151 -63.05 -73.59 -20.95
N HIS Z 151 -59.16 -69.02 -24.52
CA HIS Z 151 -63.75 -74.61 -20.19
CA HIS Z 151 -59.99 -69.89 -23.69
C HIS Z 151 -64.36 -74.04 -18.89
C HIS Z 151 -60.55 -69.12 -22.50
N VAL Z 152 -63.60 -73.18 -18.21
N VAL Z 152 -59.68 -68.36 -21.81
CA VAL Z 152 -64.09 -72.57 -16.98
CA VAL Z 152 -60.13 -67.50 -20.73
C VAL Z 152 -65.30 -71.69 -17.29
C VAL Z 152 -61.25 -66.60 -21.20
N THR Z 153 -65.26 -70.99 -18.42
N THR Z 153 -61.07 -65.98 -22.37
CA THR Z 153 -66.39 -70.15 -18.82
CA THR Z 153 -62.11 -65.09 -22.90
C THR Z 153 -67.66 -70.99 -19.01
C THR Z 153 -63.44 -65.82 -23.01
N ASN Z 154 -67.59 -72.04 -19.83
N ASN Z 154 -63.43 -67.00 -23.62
CA ASN Z 154 -68.79 -72.86 -20.09
CA ASN Z 154 -64.71 -67.70 -23.80
C ASN Z 154 -69.28 -73.52 -18.82
C ASN Z 154 -65.27 -68.16 -22.47
N LEU Z 155 -68.37 -74.07 -18.03
N LEU Z 155 -64.41 -68.63 -21.56
CA LEU Z 155 -68.78 -74.73 -16.79
CA LEU Z 155 -64.89 -69.15 -20.28
C LEU Z 155 -69.48 -73.75 -15.86
C LEU Z 155 -65.62 -68.06 -19.49
N ARG Z 156 -69.01 -72.50 -15.82
N ARG Z 156 -65.05 -66.85 -19.42
CA ARG Z 156 -69.68 -71.49 -15.00
CA ARG Z 156 -65.73 -65.77 -18.71
C ARG Z 156 -71.07 -71.13 -15.56
C ARG Z 156 -66.97 -65.33 -19.46
N LYS Z 157 -71.15 -70.85 -16.86
N LYS Z 157 -66.90 -65.25 -20.80
CA LYS Z 157 -72.44 -70.47 -17.43
CA LYS Z 157 -68.05 -64.75 -21.56
C LYS Z 157 -73.44 -71.61 -17.35
C LYS Z 157 -69.23 -65.70 -21.45
N MET Z 158 -72.97 -72.86 -17.33
N MET Z 158 -68.98 -66.99 -21.22
CA MET Z 158 -73.85 -74.02 -17.22
CA MET Z 158 -70.00 -68.01 -20.98
C MET Z 158 -74.39 -74.23 -15.81
C MET Z 158 -70.55 -67.98 -19.55
N GLY Z 159 -73.86 -73.55 -14.80
N GLY Z 159 -69.94 -67.22 -18.65
CA GLY Z 159 -74.37 -73.68 -13.45
CA GLY Z 159 -70.44 -67.10 -17.30
C GLY Z 159 -73.47 -74.43 -12.49
C GLY Z 159 -69.70 -67.88 -16.26
N ALA Z 160 -72.28 -74.83 -12.93
N ALA Z 160 -68.58 -68.51 -16.63
CA ALA Z 160 -71.35 -75.54 -12.07
CA ALA Z 160 -67.72 -69.14 -15.63
C ALA Z 160 -70.80 -74.60 -11.01
C ALA Z 160 -67.12 -68.08 -14.71
N PRO Z 161 -70.31 -75.13 -9.88
N PRO Z 161 -66.73 -68.47 -13.47
CA PRO Z 161 -70.29 -76.56 -9.53
CA PRO Z 161 -66.78 -69.80 -12.85
C PRO Z 161 -71.60 -77.01 -8.88
C PRO Z 161 -68.10 -70.10 -12.16
N GLU Z 162 -72.51 -76.07 -8.65
N GLU Z 162 -68.95 -69.07 -12.06
CA GLU Z 162 -73.76 -76.39 -7.96
CA GLU Z 162 -70.21 -69.24 -11.36
C GLU Z 162 -74.61 -77.39 -8.74
C GLU Z 162 -71.09 -70.27 -12.04
N SER Z 163 -74.76 -77.17 -10.04
N SER Z 163 -71.09 -70.28 -13.38
CA SER Z 163 -75.52 -78.08 -10.89
CA SER Z 163 -71.89 -71.25 -14.13
C SER Z 163 -74.68 -79.32 -11.18
C SER Z 163 -71.08 -72.53 -14.29
N GLY Z 164 -75.05 -80.45 -10.55
N GLY Z 164 -71.55 -73.62 -13.66
CA GLY Z 164 -74.44 -81.71 -10.95
CA GLY Z 164 -70.97 -74.92 -13.94
C GLY Z 164 -74.78 -82.10 -12.37
C GLY Z 164 -71.34 -75.45 -15.32
N LEU Z 165 -75.93 -81.62 -12.87
N LEU Z 165 -72.49 -75.01 -15.85
CA LEU Z 165 -76.31 -81.87 -14.26
CA LEU Z 165 -72.83 -75.31 -17.24
C LEU Z 165 -75.38 -81.15 -15.23
C LEU Z 165 -71.77 -74.77 -18.19
N ALA Z 166 -74.88 -79.98 -14.86
N ALA Z 166 -71.25 -73.57 -17.91
CA ALA Z 166 -73.99 -79.22 -15.74
CA ALA Z 166 -70.20 -73.00 -18.75
C ALA Z 166 -72.67 -79.96 -15.97
C ALA Z 166 -69.02 -73.97 -18.87
N GLU Z 167 -72.03 -80.42 -14.90
N GLU Z 167 -68.41 -74.33 -17.73
CA GLU Z 167 -70.74 -81.09 -15.06
CA GLU Z 167 -67.24 -75.20 -17.76
C GLU Z 167 -70.89 -82.39 -15.84
C GLU Z 167 -67.56 -76.55 -18.39
N TYR Z 168 -71.96 -83.15 -15.59
N TYR Z 168 -68.77 -77.07 -18.19
CA TYR Z 168 -72.24 -84.34 -16.39
CA TYR Z 168 -69.15 -78.35 -18.79
C TYR Z 168 -72.30 -84.00 -17.87
C TYR Z 168 -69.26 -78.25 -20.31
N LEU Z 169 -72.99 -82.91 -18.23
N LEU Z 169 -69.85 -77.17 -20.84
CA LEU Z 169 -73.17 -82.61 -19.65
CA LEU Z 169 -69.99 -77.02 -22.29
C LEU Z 169 -71.90 -82.04 -20.27
C LEU Z 169 -68.68 -76.65 -22.96
N PHE Z 170 -71.18 -81.19 -19.52
N PHE Z 170 -67.90 -75.76 -22.35
CA PHE Z 170 -69.87 -80.72 -19.99
CA PHE Z 170 -66.59 -75.45 -22.91
C PHE Z 170 -68.89 -81.87 -20.14
C PHE Z 170 -65.69 -76.67 -22.93
N ASP Z 171 -68.95 -82.84 -19.23
N ASP Z 171 -65.76 -77.49 -21.87
CA ASP Z 171 -68.18 -84.08 -19.42
CA ASP Z 171 -65.06 -78.77 -21.89
C ASP Z 171 -68.57 -84.78 -20.72
C ASP Z 171 -65.52 -79.63 -23.07
N LYS Z 172 -69.87 -84.85 -21.04
N LYS Z 172 -66.83 -79.71 -23.32
CA LYS Z 172 -70.27 -85.58 -22.24
CA LYS Z 172 -67.29 -80.54 -24.43
C LYS Z 172 -70.02 -84.77 -23.51
C LYS Z 172 -66.95 -79.91 -25.78
N HIS Z 173 -70.48 -83.53 -23.57
N HIS Z 173 -67.36 -78.66 -26.00
CA HIS Z 173 -70.51 -82.84 -24.85
CA HIS Z 173 -67.33 -78.05 -27.32
C HIS Z 173 -69.26 -82.04 -25.14
C HIS Z 173 -65.99 -77.42 -27.66
N THR Z 174 -68.52 -81.61 -24.13
N THR Z 174 -65.20 -76.98 -26.68
CA THR Z 174 -67.27 -80.90 -24.36
CA THR Z 174 -63.88 -76.42 -27.01
C THR Z 174 -66.07 -81.82 -24.31
C THR Z 174 -62.73 -77.41 -26.85
N LEU Z 175 -65.91 -82.57 -23.21
N LEU Z 175 -62.66 -78.15 -25.75
CA LEU Z 175 -64.70 -83.37 -23.05
CA LEU Z 175 -61.51 -79.00 -25.46
C LEU Z 175 -64.76 -84.73 -23.72
C LEU Z 175 -61.73 -80.47 -25.82
N GLY Z 176 -65.89 -85.12 -24.30
N GLY Z 176 -62.78 -80.81 -26.55
CA GLY Z 176 -66.02 -86.46 -24.83
CA GLY Z 176 -62.93 -82.20 -26.97
C GLY Z 176 -65.93 -86.61 -26.35
C GLY Z 176 -62.96 -82.39 -28.47
N ASP Z 177 -65.08 -85.80 -26.98
N ASP Z 177 -61.90 -81.96 -29.16
CA ASP Z 177 -65.00 -85.69 -28.46
CA ASP Z 177 -61.83 -81.87 -30.64
C ASP Z 177 -66.27 -85.05 -29.01
C ASP Z 177 -62.61 -80.67 -31.18
N SER AA 4 -27.05 -48.79 -55.95
N SER AA 4 -22.06 -51.39 -63.14
CA SER AA 4 -28.46 -48.47 -55.76
CA SER AA 4 -23.34 -50.78 -62.78
C SER AA 4 -29.13 -49.41 -54.76
C SER AA 4 -23.90 -51.44 -61.52
N THR AA 5 -30.27 -48.96 -54.24
N THR AA 5 -25.04 -50.95 -61.05
CA THR AA 5 -31.05 -49.76 -53.31
CA THR AA 5 -25.72 -51.55 -59.91
C THR AA 5 -32.08 -50.56 -54.07
C THR AA 5 -26.79 -52.50 -60.43
N SER AA 6 -32.13 -51.86 -53.82
N SER AA 6 -26.84 -53.69 -59.86
CA SER AA 6 -33.10 -52.71 -54.47
CA SER AA 6 -27.88 -54.63 -60.25
C SER AA 6 -34.51 -52.26 -54.11
C SER AA 6 -29.26 -54.05 -59.94
N GLN AA 7 -35.45 -52.49 -55.01
N GLN AA 7 -30.18 -54.20 -60.91
CA GLN AA 7 -36.84 -52.18 -54.73
CA GLN AA 7 -31.58 -53.81 -60.75
C GLN AA 7 -37.42 -53.05 -53.63
C GLN AA 7 -32.28 -54.51 -59.58
N VAL AA 8 -36.80 -54.21 -53.35
N VAL AA 8 -31.77 -55.65 -59.11
CA VAL AA 8 -37.34 -55.06 -52.30
CA VAL AA 8 -32.36 -56.31 -57.94
C VAL AA 8 -36.72 -54.78 -50.94
C VAL AA 8 -31.65 -55.92 -56.64
N ARG AA 9 -35.57 -54.11 -50.89
N ARG AA 9 -30.50 -55.25 -56.72
CA ARG AA 9 -34.83 -53.96 -49.65
CA ARG AA 9 -29.70 -54.99 -55.53
C ARG AA 9 -35.60 -53.13 -48.62
C ARG AA 9 -30.44 -54.05 -54.58
N GLN AA 10 -35.55 -53.59 -47.37
N GLN AA 10 -30.54 -54.46 -53.31
CA GLN AA 10 -36.28 -52.95 -46.27
CA GLN AA 10 -31.18 -53.67 -52.27
C GLN AA 10 -35.78 -53.47 -44.94
C GLN AA 10 -30.58 -54.10 -50.93
N ASN AA 11 -35.25 -52.57 -44.10
N ASN AA 11 -30.02 -53.14 -50.19
CA ASN AA 11 -34.79 -52.86 -42.75
CA ASN AA 11 -29.56 -53.33 -48.80
C ASN AA 11 -33.61 -53.81 -42.72
C ASN AA 11 -28.44 -54.35 -48.69
N TYR AA 12 -32.83 -53.88 -43.81
N TYR AA 12 -27.64 -54.50 -49.74
CA TYR AA 12 -31.75 -54.85 -44.01
CA TYR AA 12 -26.62 -55.52 -49.83
C TYR AA 12 -30.42 -54.10 -44.02
C TYR AA 12 -25.27 -54.81 -49.92
N HIS AA 13 -29.68 -54.18 -42.91
N HIS AA 13 -24.52 -54.84 -48.81
CA HIS AA 13 -28.50 -53.33 -42.73
CA HIS AA 13 -23.22 -54.19 -48.71
C HIS AA 13 -27.37 -53.75 -43.65
C HIS AA 13 -22.16 -54.96 -49.49
N GLN AA 14 -26.50 -52.80 -43.99
N GLN AA 14 -21.26 -54.20 -50.15
CA GLN AA 14 -25.38 -53.13 -44.85
CA GLN AA 14 -20.16 -54.82 -50.88
C GLN AA 14 -24.38 -54.05 -44.14
C GLN AA 14 -19.27 -55.66 -49.96
N ASP AA 15 -24.32 -54.03 -42.81
N ASP AA 15 -19.17 -55.29 -48.68
CA ASP AA 15 -23.46 -54.95 -42.09
CA ASP AA 15 -18.43 -56.14 -47.74
C ASP AA 15 -24.01 -56.37 -42.12
C ASP AA 15 -19.10 -57.49 -47.57
N SER AA 16 -25.34 -56.50 -42.07
N SER AA 16 -20.42 -57.54 -47.70
CA SER AA 16 -25.96 -57.82 -42.18
CA SER AA 16 -21.11 -58.82 -47.57
C SER AA 16 -25.74 -58.38 -43.58
C SER AA 16 -20.94 -59.62 -48.85
N GLU AA 17 -25.88 -57.54 -44.59
N GLU AA 17 -21.14 -58.95 -49.99
CA GLU AA 17 -25.51 -57.87 -45.96
CA GLU AA 17 -20.80 -59.50 -51.30
C GLU AA 17 -24.12 -58.51 -46.04
C GLU AA 17 -19.40 -60.08 -51.31
N ALA AA 18 -23.11 -57.81 -45.53
N ALA AA 18 -18.46 -59.41 -50.62
CA ALA AA 18 -21.75 -58.33 -45.64
CA ALA AA 18 -17.10 -59.92 -50.56
C ALA AA 18 -21.53 -59.55 -44.76
C ALA AA 18 -17.01 -61.17 -49.71
N ALA AA 19 -22.17 -59.58 -43.58
N ALA AA 19 -17.58 -61.14 -48.51
CA ALA AA 19 -22.07 -60.73 -42.71
CA ALA AA 19 -17.44 -62.27 -47.62
C ALA AA 19 -22.65 -61.99 -43.38
C ALA AA 19 -18.13 -63.53 -48.17
N ILE AA 20 -23.72 -61.83 -44.16
N ILE AA 20 -19.22 -63.35 -48.93
CA ILE AA 20 -24.31 -62.95 -44.88
CA ILE AA 20 -19.87 -64.50 -49.56
C ILE AA 20 -23.36 -63.44 -45.97
C ILE AA 20 -18.95 -65.11 -50.60
N ASN AA 21 -22.64 -62.52 -46.60
N ASN AA 21 -18.34 -64.28 -51.43
CA ASN AA 21 -21.65 -62.91 -47.60
CA ASN AA 21 -17.29 -64.76 -52.34
C ASN AA 21 -20.49 -63.66 -46.95
C ASN AA 21 -16.22 -65.55 -51.60
N ARG AA 22 -20.10 -63.29 -45.73
N ARG AA 22 -15.76 -65.05 -50.44
CA ARG AA 22 -19.02 -64.01 -45.05
CA ARG AA 22 -14.78 -65.79 -49.63
C ARG AA 22 -19.49 -65.41 -44.62
C ARG AA 22 -15.39 -67.06 -49.03
N GLN AA 23 -20.75 -65.51 -44.19
N GLN AA 23 -16.62 -66.97 -48.52
CA GLN AA 23 -21.31 -66.82 -43.86
CA GLN AA 23 -17.27 -68.18 -48.01
C GLN AA 23 -21.41 -67.71 -45.08
C GLN AA 23 -17.42 -69.23 -49.12
N ILE AA 24 -21.80 -67.15 -46.23
N ILE AA 24 -17.72 -68.82 -50.35
CA ILE AA 24 -21.86 -67.89 -47.48
CA ILE AA 24 -17.87 -69.79 -51.43
C ILE AA 24 -20.52 -68.56 -47.76
C ILE AA 24 -16.57 -70.58 -51.62
N ASN AA 25 -19.44 -67.79 -47.63
N ASN AA 25 -15.43 -69.87 -51.64
CA ASN AA 25 -18.11 -68.35 -47.85
CA ASN AA 25 -14.15 -70.56 -51.80
C ASN AA 25 -17.74 -69.38 -46.80
C ASN AA 25 -13.88 -71.49 -50.63
N LEU AA 26 -18.20 -69.21 -45.55
N LEU AA 26 -14.18 -71.04 -49.40
CA LEU AA 26 -17.82 -70.14 -44.50
CA LEU AA 26 -13.95 -71.88 -48.24
C LEU AA 26 -18.51 -71.49 -44.68
C LEU AA 26 -14.78 -73.17 -48.31
N GLU AA 27 -19.76 -71.49 -45.15
N GLU AA 27 -16.06 -73.07 -48.69
CA GLU AA 27 -20.46 -72.76 -45.40
CA GLU AA 27 -16.89 -74.27 -48.82
C GLU AA 27 -19.83 -73.50 -46.57
C GLU AA 27 -16.34 -75.21 -49.88
N LEU AA 28 -19.48 -72.78 -47.64
N LEU AA 28 -15.90 -74.66 -51.02
CA LEU AA 28 -18.76 -73.39 -48.74
CA LEU AA 28 -15.33 -75.49 -52.07
C LEU AA 28 -17.43 -73.95 -48.27
C LEU AA 28 -14.02 -76.09 -51.60
N TYR AA 29 -16.75 -73.24 -47.38
N TYR AA 29 -13.26 -75.33 -50.83
CA TYR AA 29 -15.50 -73.75 -46.83
CA TYR AA 29 -12.06 -75.85 -50.22
C TYR AA 29 -15.73 -75.02 -46.02
C TYR AA 29 -12.38 -77.03 -49.31
N ALA AA 30 -16.81 -75.04 -45.22
N ALA AA 30 -13.41 -76.87 -48.46
CA ALA AA 30 -17.12 -76.26 -44.46
CA ALA AA 30 -13.77 -77.96 -47.55
C ALA AA 30 -17.49 -77.40 -45.40
C ALA AA 30 -14.16 -79.21 -48.32
N SER AA 31 -18.17 -77.07 -46.50
N SER AA 31 -14.92 -79.04 -49.41
CA SER AA 31 -18.47 -78.07 -47.52
CA SER AA 31 -15.27 -80.17 -50.26
C SER AA 31 -17.19 -78.63 -48.13
C SER AA 31 -14.03 -80.91 -50.75
N TYR AA 32 -16.18 -77.76 -48.34
N TYR AA 32 -12.99 -80.15 -51.13
CA TYR AA 32 -14.91 -78.20 -48.91
CA TYR AA 32 -11.75 -80.74 -51.61
C TYR AA 32 -14.14 -79.10 -47.95
C TYR AA 32 -11.08 -81.57 -50.53
N VAL AA 33 -14.10 -78.74 -46.66
N VAL AA 33 -11.05 -81.07 -49.30
CA VAL AA 33 -13.42 -79.58 -45.67
CA VAL AA 33 -10.47 -81.80 -48.18
C VAL AA 33 -14.00 -80.99 -45.65
C VAL AA 33 -11.20 -83.12 -47.98
N TYR AA 34 -15.34 -81.10 -45.64
N TYR AA 34 -12.53 -83.08 -48.05
CA TYR AA 34 -15.97 -82.41 -45.51
CA TYR AA 34 -13.30 -84.29 -47.80
C TYR AA 34 -15.72 -83.26 -46.73
C TYR AA 34 -13.08 -85.31 -48.93
N LEU AA 35 -15.79 -82.64 -47.92
N LEU AA 35 -13.02 -84.84 -50.18
CA LEU AA 35 -15.42 -83.32 -49.15
CA LEU AA 35 -12.68 -85.72 -51.29
C LEU AA 35 -14.03 -83.93 -49.04
C LEU AA 35 -11.32 -86.39 -51.07
N SER AA 36 -13.05 -83.11 -48.64
N SER AA 36 -10.31 -85.61 -50.63
CA SER AA 36 -11.70 -83.62 -48.46
CA SER AA 36 -8.96 -86.14 -50.40
C SER AA 36 -11.67 -84.80 -47.50
C SER AA 36 -8.98 -87.25 -49.37
N MET AA 37 -12.30 -84.64 -46.33
N MET AA 37 -9.70 -87.02 -48.28
CA MET AA 37 -12.35 -85.72 -45.34
CA MET AA 37 -9.85 -88.01 -47.22
C MET AA 37 -12.92 -87.00 -45.94
C MET AA 37 -10.60 -89.24 -47.70
N SER AA 38 -14.05 -86.88 -46.65
N SER AA 38 -11.67 -89.04 -48.46
CA SER AA 38 -14.73 -88.07 -47.17
CA SER AA 38 -12.48 -90.16 -48.91
C SER AA 38 -13.84 -88.85 -48.11
C SER AA 38 -11.61 -91.19 -49.62
N TYR AA 39 -13.13 -88.16 -49.01
N TYR AA 39 -10.83 -90.75 -50.60
CA TYR AA 39 -12.29 -88.90 -49.94
CA TYR AA 39 -10.04 -91.69 -51.39
C TYR AA 39 -10.96 -89.34 -49.31
C TYR AA 39 -8.79 -92.17 -50.67
N TYR AA 40 -10.60 -88.80 -48.16
N TYR AA 40 -8.32 -91.43 -49.66
CA TYR AA 40 -9.51 -89.40 -47.39
CA TYR AA 40 -7.28 -92.00 -48.80
C TYR AA 40 -9.86 -90.84 -46.99
C TYR AA 40 -7.75 -93.33 -48.21
N PHE AA 41 -11.06 -91.03 -46.45
N PHE AA 41 -8.99 -93.38 -47.72
CA PHE AA 41 -11.45 -92.36 -45.99
CA PHE AA 41 -9.50 -94.58 -47.10
C PHE AA 41 -11.72 -93.33 -47.14
C PHE AA 41 -9.90 -95.65 -48.10
N ASP AA 42 -11.94 -92.80 -48.35
N ASP AA 42 -9.94 -95.30 -49.39
CA ASP AA 42 -12.09 -93.58 -49.58
CA ASP AA 42 -10.15 -96.25 -50.47
C ASP AA 42 -10.74 -94.09 -50.11
C ASP AA 42 -8.86 -96.93 -50.92
N ARG AA 43 -9.63 -93.67 -49.51
N ARG AA 43 -7.71 -96.53 -50.36
CA ARG AA 43 -8.32 -94.16 -49.91
CA ARG AA 43 -6.46 -97.17 -50.72
C ARG AA 43 -8.21 -95.67 -49.67
C ARG AA 43 -6.44 -98.62 -50.25
N ASP AA 44 -7.44 -96.34 -50.54
N ASP AA 44 -5.77 -99.48 -51.03
CA ASP AA 44 -7.23 -97.76 -50.39
CA ASP AA 44 -5.68 -100.89 -50.68
C ASP AA 44 -6.46 -98.11 -49.11
C ASP AA 44 -4.92 -101.15 -49.37
N ASP AA 45 -5.68 -97.18 -48.58
N ASP AA 45 -4.03 -100.24 -48.97
CA ASP AA 45 -4.94 -97.45 -47.36
CA ASP AA 45 -3.30 -100.38 -47.71
C ASP AA 45 -5.69 -96.96 -46.13
C ASP AA 45 -3.98 -99.64 -46.56
N VAL AA 46 -6.95 -96.60 -46.28
N VAL AA 46 -5.16 -99.06 -46.80
CA VAL AA 46 -7.80 -96.19 -45.15
CA VAL AA 46 -5.99 -98.48 -45.76
C VAL AA 46 -9.05 -97.05 -45.20
C VAL AA 46 -7.28 -99.27 -45.68
N ALA AA 47 -9.88 -96.85 -46.22
N ALA AA 47 -8.10 -99.17 -46.74
CA ALA AA 47 -10.91 -97.83 -46.61
CA ALA AA 47 -9.18 -100.10 -47.01
C ALA AA 47 -11.96 -98.02 -45.52
C ALA AA 47 -10.27 -100.07 -45.94
N LEU AA 48 -12.58 -96.91 -45.11
N LEU AA 48 -10.76 -98.87 -45.63
CA LEU AA 48 -13.73 -96.90 -44.22
CA LEU AA 48 -11.91 -98.71 -44.74
C LEU AA 48 -14.85 -96.22 -45.01
C LEU AA 48 -13.01 -98.08 -45.59
N LYS AA 49 -15.66 -97.04 -45.67
N LYS AA 49 -13.92 -98.91 -46.09
CA LYS AA 49 -16.64 -96.55 -46.62
CA LYS AA 49 -14.87 -98.44 -47.11
C LYS AA 49 -17.76 -95.77 -45.95
C LYS AA 49 -15.92 -97.49 -46.55
N ASN AA 50 -18.10 -96.13 -44.71
N ASN AA 50 -16.24 -97.56 -45.26
CA ASN AA 50 -19.18 -95.42 -44.04
CA ASN AA 50 -17.29 -96.73 -44.71
C ASN AA 50 -18.71 -94.09 -43.45
C ASN AA 50 -16.76 -95.38 -44.23
N PHE AA 51 -17.47 -94.00 -42.97
N PHE AA 51 -15.52 -95.32 -43.76
CA PHE AA 51 -16.92 -92.69 -42.65
CA PHE AA 51 -14.83 -94.03 -43.75
C PHE AA 51 -16.95 -91.79 -43.89
C PHE AA 51 -14.85 -93.41 -45.14
N ALA AA 52 -16.63 -92.34 -45.06
N ALA AA 52 -14.53 -94.22 -46.16
CA ALA AA 52 -16.61 -91.53 -46.28
CA ALA AA 52 -14.45 -93.72 -47.52
C ALA AA 52 -18.02 -91.08 -46.66
C ALA AA 52 -15.77 -93.06 -47.90
N LYS AA 53 -19.00 -92.00 -46.59
N LYS AA 53 -16.87 -93.75 -47.63
CA LYS AA 53 -20.39 -91.63 -46.82
CA LYS AA 53 -18.18 -93.23 -48.02
C LYS AA 53 -20.82 -90.52 -45.88
C LYS AA 53 -18.61 -92.05 -47.15
N TYR AA 54 -20.49 -90.69 -44.61
N TYR AA 54 -18.26 -92.07 -45.86
CA TYR AA 54 -20.92 -89.74 -43.59
CA TYR AA 54 -18.60 -90.95 -44.98
C TYR AA 54 -20.39 -88.35 -43.90
C TYR AA 54 -18.03 -89.64 -45.50
N PHE AA 55 -19.09 -88.23 -44.17
N PHE AA 55 -16.72 -89.60 -45.80
CA PHE AA 55 -18.52 -86.90 -44.42
CA PHE AA 55 -16.10 -88.35 -46.24
C PHE AA 55 -18.98 -86.33 -45.76
C PHE AA 55 -16.51 -87.98 -47.67
N LEU AA 56 -19.14 -87.17 -46.78
N LEU AA 56 -16.78 -88.97 -48.53
CA LEU AA 56 -19.63 -86.65 -48.06
CA LEU AA 56 -17.35 -88.65 -49.83
C LEU AA 56 -21.05 -86.14 -47.93
C LEU AA 56 -18.68 -87.94 -49.68
N HIS AA 57 -21.87 -86.82 -47.11
N HIS AA 57 -19.52 -88.44 -48.77
CA HIS AA 57 -23.20 -86.34 -46.81
CA HIS AA 57 -20.80 -87.79 -48.49
C HIS AA 57 -23.15 -84.94 -46.20
C HIS AA 57 -20.61 -86.35 -48.06
N GLN AA 58 -22.34 -84.75 -45.16
N GLN AA 58 -19.68 -86.09 -47.14
CA GLN AA 58 -22.23 -83.42 -44.54
CA GLN AA 58 -19.45 -84.71 -46.71
C GLN AA 58 -21.80 -82.39 -45.57
C GLN AA 58 -18.96 -83.85 -47.87
N SER AA 59 -20.83 -82.73 -46.41
N SER AA 59 -18.13 -84.42 -48.75
CA SER AA 59 -20.38 -81.81 -47.47
CA SER AA 59 -17.59 -83.66 -49.87
C SER AA 59 -21.54 -81.32 -48.32
C SER AA 59 -18.70 -83.14 -50.77
N HIS AA 60 -22.43 -82.25 -48.71
N HIS AA 60 -19.65 -84.00 -51.13
CA HIS AA 60 -23.60 -81.87 -49.49
CA HIS AA 60 -20.77 -83.56 -51.96
C HIS AA 60 -24.55 -81.00 -48.66
C HIS AA 60 -21.63 -82.52 -51.25
N GLU AA 61 -24.72 -81.33 -47.38
N GLU AA 61 -21.83 -82.67 -49.94
CA GLU AA 61 -25.61 -80.52 -46.55
CA GLU AA 61 -22.62 -81.70 -49.20
C GLU AA 61 -25.06 -79.12 -46.36
C GLU AA 61 -21.93 -80.33 -49.15
N GLU AA 62 -23.73 -78.96 -46.29
N GLU AA 62 -20.62 -80.31 -48.91
CA GLU AA 62 -23.16 -77.64 -46.12
CA GLU AA 62 -19.87 -79.06 -48.99
C GLU AA 62 -23.34 -76.78 -47.37
C GLU AA 62 -20.03 -78.40 -50.37
N ARG AA 63 -23.23 -77.39 -48.55
N ARG AA 63 -20.08 -79.21 -51.44
CA ARG AA 63 -23.52 -76.64 -49.78
CA ARG AA 63 -20.32 -78.64 -52.76
C ARG AA 63 -24.97 -76.15 -49.79
C ARG AA 63 -21.69 -77.97 -52.82
N GLU AA 64 -25.92 -77.03 -49.43
N GLU AA 64 -22.71 -78.62 -52.26
CA GLU AA 64 -27.30 -76.59 -49.21
CA GLU AA 64 -24.03 -78.00 -52.17
C GLU AA 64 -27.36 -75.43 -48.23
C GLU AA 64 -24.00 -76.74 -51.32
N HIS AA 65 -26.57 -75.49 -47.15
N HIS AA 65 -23.17 -76.72 -50.27
CA HIS AA 65 -26.55 -74.38 -46.20
CA HIS AA 65 -23.04 -75.50 -49.47
C HIS AA 65 -26.16 -73.08 -46.88
C HIS AA 65 -22.56 -74.33 -50.31
N ALA AA 66 -25.21 -73.15 -47.81
N ALA AA 66 -21.57 -74.56 -51.19
CA ALA AA 66 -24.70 -71.93 -48.44
CA ALA AA 66 -21.01 -73.47 -51.98
C ALA AA 66 -25.72 -71.32 -49.40
C ALA AA 66 -21.97 -73.02 -53.06
N GLU AA 67 -26.32 -72.16 -50.25
N GLU AA 67 -22.66 -73.97 -53.71
CA GLU AA 67 -27.28 -71.69 -51.25
CA GLU AA 67 -23.62 -73.58 -54.73
C GLU AA 67 -28.52 -71.06 -50.63
C GLU AA 67 -24.79 -72.80 -54.13
N LYS AA 68 -28.91 -71.53 -49.44
N LYS AA 68 -25.17 -73.12 -52.88
CA LYS AA 68 -30.04 -70.90 -48.75
CA LYS AA 68 -26.24 -72.36 -52.24
C LYS AA 68 -29.71 -69.49 -48.32
C LYS AA 68 -25.81 -70.93 -52.03
N LEU AA 69 -28.47 -69.24 -47.89
N LEU AA 69 -24.55 -70.71 -51.62
CA LEU AA 69 -28.05 -67.88 -47.57
CA LEU AA 69 -24.05 -69.35 -51.49
C LEU AA 69 -27.97 -67.01 -48.82
C LEU AA 69 -23.92 -68.67 -52.85
N MET AA 70 -27.51 -67.59 -49.93
N MET AA 70 -23.60 -69.42 -53.90
CA MET AA 70 -27.57 -66.89 -51.21
CA MET AA 70 -23.57 -68.83 -55.23
C MET AA 70 -29.01 -66.58 -51.58
C MET AA 70 -24.97 -68.39 -55.65
N LYS AA 71 -29.92 -67.55 -51.40
N LYS AA 71 -25.97 -69.22 -55.38
CA LYS AA 71 -31.34 -67.27 -51.54
CA LYS AA 71 -27.37 -68.84 -55.60
C LYS AA 71 -31.75 -66.12 -50.65
C LYS AA 71 -27.73 -67.57 -54.82
N LEU AA 72 -31.39 -66.19 -49.38
N LEU AA 72 -27.33 -67.51 -53.55
CA LEU AA 72 -31.74 -65.15 -48.41
CA LEU AA 72 -27.63 -66.33 -52.74
C LEU AA 72 -31.14 -63.79 -48.77
C LEU AA 72 -27.00 -65.06 -53.32
N GLN AA 73 -29.92 -63.78 -49.29
N GLN AA 73 -25.72 -65.13 -53.71
CA GLN AA 73 -29.32 -62.51 -49.68
CA GLN AA 73 -25.02 -63.98 -54.28
C GLN AA 73 -30.17 -61.83 -50.77
C GLN AA 73 -25.79 -63.38 -55.47
N ASN AA 74 -30.58 -62.59 -51.80
N ASN AA 74 -26.17 -64.22 -56.43
CA ASN AA 74 -31.41 -62.01 -52.84
CA ASN AA 74 -26.99 -63.78 -57.56
C ASN AA 74 -32.80 -61.67 -52.34
C ASN AA 74 -28.38 -63.32 -57.09
N GLN AA 75 -33.30 -62.40 -51.34
N GLN AA 75 -28.96 -64.01 -56.11
CA GLN AA 75 -34.63 -62.10 -50.83
CA GLN AA 75 -30.27 -63.59 -55.61
C GLN AA 75 -34.70 -60.70 -50.22
C GLN AA 75 -30.23 -62.14 -55.13
N ARG AA 76 -33.68 -60.30 -49.46
N ARG AA 76 -29.24 -61.80 -54.32
CA ARG AA 76 -33.71 -59.03 -48.73
CA ARG AA 76 -29.12 -60.43 -53.81
C ARG AA 76 -33.18 -57.86 -49.52
C ARG AA 76 -28.46 -59.49 -54.81
N GLY AA 77 -32.88 -58.04 -50.81
N GLY AA 77 -28.01 -59.97 -55.96
CA GLY AA 77 -32.21 -57.04 -51.59
CA GLY AA 77 -27.52 -59.08 -56.99
C GLY AA 77 -30.70 -57.19 -51.67
C GLY AA 77 -26.06 -58.70 -56.86
N GLY AA 78 -30.07 -57.76 -50.65
N GLY AA 78 -25.31 -59.39 -56.01
CA GLY AA 78 -28.61 -57.83 -50.60
CA GLY AA 78 -23.87 -59.29 -56.07
C GLY AA 78 -27.97 -58.39 -51.85
C GLY AA 78 -23.34 -60.08 -57.24
N ARG AA 79 -26.70 -58.10 -52.06
N ARG AA 79 -22.02 -60.21 -57.27
CA ARG AA 79 -25.99 -58.53 -53.27
CA ARG AA 79 -21.35 -60.87 -58.38
C ARG AA 79 -24.92 -59.54 -52.90
C ARG AA 79 -20.39 -61.93 -57.87
N ILE AA 80 -24.94 -60.70 -53.57
N ILE AA 80 -20.37 -63.06 -58.55
CA ILE AA 80 -23.97 -61.74 -53.30
CA ILE AA 80 -19.51 -64.17 -58.16
C ILE AA 80 -22.61 -61.33 -53.87
C ILE AA 80 -18.15 -63.95 -58.76
N PHE AA 81 -21.57 -61.45 -53.04
N PHE AA 81 -17.12 -64.06 -57.93
CA PHE AA 81 -20.19 -61.37 -53.53
CA PHE AA 81 -15.73 -64.03 -58.40
C PHE AA 81 -19.46 -62.60 -53.02
C PHE AA 81 -15.05 -65.24 -57.76
N LEU AA 82 -19.16 -63.51 -53.93
N LEU AA 82 -14.89 -66.30 -58.53
CA LEU AA 82 -18.43 -64.72 -53.61
CA LEU AA 82 -14.29 -67.51 -58.02
C LEU AA 82 -16.93 -64.45 -53.53
C LEU AA 82 -12.77 -67.38 -57.96
N GLN AA 83 -16.25 -65.20 -52.67
N GLN AA 83 -12.16 -68.12 -57.04
CA GLN AA 83 -14.81 -65.06 -52.50
CA GLN AA 83 -10.71 -68.15 -56.90
C GLN AA 83 -14.16 -66.41 -52.79
C GLN AA 83 -10.23 -69.59 -56.84
N ASP AA 84 -12.82 -66.44 -52.76
N ASP AA 84 -8.92 -69.77 -57.03
CA ASP AA 84 -12.12 -67.72 -52.85
CA ASP AA 84 -8.33 -71.11 -56.96
C ASP AA 84 -12.58 -68.65 -51.73
C ASP AA 84 -8.81 -71.83 -55.71
N ILE AA 85 -12.62 -69.94 -52.02
N ILE AA 85 -9.03 -73.12 -55.85
CA ILE AA 85 -12.79 -70.95 -50.96
CA ILE AA 85 -9.36 -73.95 -54.70
C ILE AA 85 -11.40 -71.50 -50.62
C ILE AA 85 -8.06 -74.61 -54.26
N GLN AA 86 -10.93 -71.21 -49.40
N GLN AA 86 -7.59 -74.19 -53.09
CA GLN AA 86 -9.64 -71.73 -48.96
CA GLN AA 86 -6.35 -74.74 -52.55
C GLN AA 86 -9.65 -73.26 -48.96
C GLN AA 86 -6.47 -76.23 -52.31
N LYS AA 87 -8.52 -73.84 -49.37
N LYS AA 87 -5.42 -76.97 -52.66
CA LYS AA 87 -8.40 -75.28 -49.22
CA LYS AA 87 -5.33 -78.37 -52.32
C LYS AA 87 -8.40 -75.66 -47.74
C LYS AA 87 -5.29 -78.53 -50.80
N PRO AA 88 -8.84 -76.89 -47.42
N PRO AA 88 -5.81 -79.65 -50.27
CA PRO AA 88 -8.87 -77.30 -46.01
CA PRO AA 88 -5.76 -79.85 -48.83
C PRO AA 88 -7.47 -77.28 -45.40
C PRO AA 88 -4.31 -79.83 -48.35
N ASP AA 89 -7.44 -77.30 -44.07
N ASP AA 89 -4.13 -79.58 -47.04
CA ASP AA 89 -6.17 -77.19 -43.36
CA ASP AA 89 -2.80 -79.50 -46.45
C ASP AA 89 -5.31 -78.43 -43.47
C ASP AA 89 -2.12 -80.86 -46.30
N GLU AA 90 -5.87 -79.58 -43.86
N GLU AA 90 -2.80 -81.97 -46.55
CA GLU AA 90 -5.09 -80.80 -43.98
CA GLU AA 90 -2.20 -83.28 -46.42
C GLU AA 90 -5.42 -81.50 -45.29
C GLU AA 90 -2.52 -84.13 -47.64
N ASP AA 91 -4.45 -82.26 -45.80
N ASP AA 91 -1.62 -85.07 -47.94
CA ASP AA 91 -4.69 -83.19 -46.90
CA ASP AA 91 -1.86 -86.11 -48.94
C ASP AA 91 -4.89 -84.61 -46.42
C ASP AA 91 -2.13 -87.46 -48.34
N ASP AA 92 -4.35 -84.91 -45.25
N ASP AA 92 -1.63 -87.68 -47.12
CA ASP AA 92 -4.45 -86.22 -44.61
CA ASP AA 92 -1.75 -88.93 -46.39
C ASP AA 92 -5.11 -85.98 -43.26
C ASP AA 92 -2.39 -88.60 -45.04
N TRP AA 93 -6.14 -86.77 -42.97
N TRP AA 93 -3.52 -89.24 -44.73
CA TRP AA 93 -6.92 -86.56 -41.76
CA TRP AA 93 -4.32 -88.85 -43.57
C TRP AA 93 -6.60 -87.58 -40.67
C TRP AA 93 -4.15 -89.78 -42.36
N GLU AA 94 -5.57 -88.39 -40.88
N GLU AA 94 -3.28 -90.80 -42.46
CA GLU AA 94 -4.96 -89.26 -39.87
CA GLU AA 94 -2.75 -91.58 -41.35
C GLU AA 94 -5.85 -90.45 -39.53
C GLU AA 94 -3.70 -92.65 -40.80
N SER AA 95 -7.09 -90.20 -39.11
N SER AA 95 -4.97 -92.30 -40.57
CA SER AA 95 -7.91 -91.28 -38.58
CA SER AA 95 -5.89 -93.20 -39.86
C SER AA 95 -9.36 -90.83 -38.50
C SER AA 95 -7.28 -92.60 -39.83
N GLY AA 96 -10.25 -91.82 -38.31
N GLY AA 96 -8.23 -93.41 -39.38
CA GLY AA 96 -11.64 -91.50 -38.08
CA GLY AA 96 -9.60 -92.93 -39.24
C GLY AA 96 -11.83 -90.64 -36.85
C GLY AA 96 -9.71 -91.82 -38.22
N LEU AA 97 -11.14 -90.97 -35.76
N LEU AA 97 -9.13 -92.03 -37.04
CA LEU AA 97 -11.26 -90.15 -34.56
CA LEU AA 97 -9.27 -91.03 -35.97
C LEU AA 97 -10.78 -88.73 -34.83
C LEU AA 97 -8.65 -89.70 -36.38
N ASN AA 98 -9.65 -88.59 -35.51
N ASN AA 98 -7.49 -89.74 -37.04
CA ASN AA 98 -9.09 -87.26 -35.77
CA ASN AA 98 -6.83 -88.50 -37.42
C ASN AA 98 -9.96 -86.48 -36.75
C ASN AA 98 -7.63 -87.73 -38.45
N ALA AA 99 -10.61 -87.14 -37.69
N ALA AA 99 -8.27 -88.44 -39.39
CA ALA AA 99 -11.55 -86.43 -38.55
CA ALA AA 99 -9.12 -87.75 -40.35
C ALA AA 99 -12.74 -85.95 -37.74
C ALA AA 99 -10.37 -87.18 -39.68
N MET AA 100 -13.30 -86.82 -36.89
N MET AA 100 -10.85 -87.84 -38.63
CA MET AA 100 -14.43 -86.41 -36.06
CA MET AA 100 -11.97 -87.27 -37.86
C MET AA 100 -14.06 -85.25 -35.16
C MET AA 100 -11.54 -86.01 -37.15
N GLU AA 101 -12.84 -85.24 -34.63
N GLU AA 101 -10.40 -86.06 -36.43
CA GLU AA 101 -12.41 -84.14 -33.77
CA GLU AA 101 -9.86 -84.88 -35.76
C GLU AA 101 -12.33 -82.84 -34.54
C GLU AA 101 -9.58 -83.76 -36.74
N ALA AA 102 -11.75 -82.87 -35.75
N ALA AA 102 -9.01 -84.10 -37.89
CA ALA AA 102 -11.64 -81.65 -36.54
CA ALA AA 102 -8.81 -83.09 -38.93
C ALA AA 102 -13.01 -81.19 -37.03
C ALA AA 102 -10.14 -82.56 -39.42
N ALA AA 103 -13.90 -82.12 -37.37
N ALA AA 103 -11.13 -83.45 -39.58
CA ALA AA 103 -15.27 -81.73 -37.68
CA ALA AA 103 -12.45 -83.01 -40.00
C ALA AA 103 -15.90 -81.02 -36.49
C ALA AA 103 -13.05 -82.07 -38.96
N LEU AA 104 -15.73 -81.58 -35.29
N LEU AA 104 -12.80 -82.35 -37.67
CA LEU AA 104 -16.27 -80.97 -34.09
CA LEU AA 104 -13.36 -81.52 -36.63
C LEU AA 104 -15.78 -79.54 -33.94
C LEU AA 104 -12.76 -80.13 -36.66
N HIS AA 105 -14.47 -79.32 -34.07
N HIS AA 105 -11.42 -80.04 -36.77
CA HIS AA 105 -13.92 -77.97 -34.00
CA HIS AA 105 -10.75 -78.75 -36.89
C HIS AA 105 -14.47 -77.08 -35.11
C HIS AA 105 -11.26 -77.98 -38.09
N LEU AA 106 -14.65 -77.63 -36.32
N LEU AA 106 -11.43 -78.65 -39.23
CA LEU AA 106 -15.21 -76.86 -37.43
CA LEU AA 106 -11.97 -77.98 -40.41
C LEU AA 106 -16.62 -76.38 -37.11
C LEU AA 106 -13.34 -77.36 -40.11
N GLU AA 107 -17.50 -77.30 -36.69
N GLU AA 107 -14.26 -78.13 -39.53
CA GLU AA 107 -18.90 -76.96 -36.47
CA GLU AA 107 -15.63 -77.62 -39.41
C GLU AA 107 -19.06 -75.99 -35.30
C GLU AA 107 -15.71 -76.44 -38.44
N LYS AA 108 -18.15 -76.03 -34.33
N LYS AA 108 -14.85 -76.38 -37.44
CA LYS AA 108 -18.20 -75.01 -33.28
CA LYS AA 108 -14.85 -75.22 -36.55
C LYS AA 108 -17.76 -73.65 -33.81
C LYS AA 108 -14.22 -74.00 -37.22
N ASN AA 109 -16.78 -73.62 -34.71
N ASN AA 109 -13.17 -74.21 -38.02
CA ASN AA 109 -16.42 -72.36 -35.34
CA ASN AA 109 -12.67 -73.12 -38.85
C ASN AA 109 -17.54 -71.82 -36.21
C ASN AA 109 -13.77 -72.60 -39.77
N VAL AA 110 -18.27 -72.72 -36.88
N VAL AA 110 -14.53 -73.51 -40.40
CA VAL AA 110 -19.41 -72.29 -37.70
CA VAL AA 110 -15.63 -73.07 -41.25
C VAL AA 110 -20.54 -71.79 -36.83
C VAL AA 110 -16.71 -72.40 -40.42
N ASN AA 111 -20.88 -72.53 -35.75
N ASN AA 111 -17.05 -72.99 -39.27
CA ASN AA 111 -21.84 -72.04 -34.76
CA ASN AA 111 -18.00 -72.36 -38.37
C ASN AA 111 -21.47 -70.66 -34.26
C ASN AA 111 -17.55 -70.98 -37.94
N GLN AA 112 -20.18 -70.43 -33.98
N GLN AA 112 -16.23 -70.75 -37.81
CA GLN AA 112 -19.75 -69.15 -33.42
CA GLN AA 112 -15.77 -69.45 -37.35
C GLN AA 112 -20.02 -68.01 -34.39
C GLN AA 112 -15.98 -68.37 -38.41
N SER AA 113 -19.71 -68.22 -35.67
N SER AA 113 -15.73 -68.70 -39.68
CA SER AA 113 -20.02 -67.21 -36.69
CA SER AA 113 -15.99 -67.73 -40.76
C SER AA 113 -21.52 -66.96 -36.80
C SER AA 113 -17.49 -67.45 -40.89
N LEU AA 114 -22.34 -67.99 -36.58
N LEU AA 114 -18.32 -68.46 -40.65
CA LEU AA 114 -23.79 -67.81 -36.70
CA LEU AA 114 -19.76 -68.27 -40.77
C LEU AA 114 -24.35 -67.03 -35.52
C LEU AA 114 -20.30 -67.35 -39.67
N LEU AA 115 -23.86 -67.32 -34.31
N LEU AA 115 -19.81 -67.50 -38.43
CA LEU AA 115 -24.31 -66.56 -33.14
CA LEU AA 115 -20.17 -66.56 -37.37
C LEU AA 115 -23.90 -65.11 -33.27
C LEU AA 115 -19.69 -65.15 -37.70
N GLU AA 116 -22.68 -64.87 -33.75
N GLU AA 116 -18.45 -65.04 -38.14
CA GLU AA 116 -22.30 -63.52 -34.13
CA GLU AA 116 -17.93 -63.76 -38.61
C GLU AA 116 -23.26 -62.96 -35.18
C GLU AA 116 -18.74 -63.22 -39.79
N LEU AA 117 -23.60 -63.76 -36.20
N LEU AA 117 -19.28 -64.10 -40.64
CA LEU AA 117 -24.57 -63.29 -37.19
CA LEU AA 117 -20.15 -63.64 -41.70
C LEU AA 117 -25.91 -62.96 -36.53
C LEU AA 117 -21.47 -63.14 -41.14
N HIS AA 118 -26.36 -63.82 -35.63
N HIS AA 118 -22.04 -63.90 -40.21
CA HIS AA 118 -27.63 -63.56 -34.94
CA HIS AA 118 -23.27 -63.48 -39.59
C HIS AA 118 -27.53 -62.31 -34.05
C HIS AA 118 -23.09 -62.10 -38.93
N LYS AA 119 -26.43 -62.17 -33.31
N LYS AA 119 -22.05 -61.96 -38.11
CA LYS AA 119 -26.27 -60.96 -32.50
CA LYS AA 119 -21.76 -60.67 -37.47
C LYS AA 119 -26.35 -59.70 -33.37
C LYS AA 119 -21.71 -59.53 -38.47
N LEU AA 120 -25.79 -59.75 -34.58
N LEU AA 120 -21.07 -59.73 -39.63
CA LEU AA 120 -25.86 -58.61 -35.49
CA LEU AA 120 -21.05 -58.67 -40.63
C LEU AA 120 -27.29 -58.33 -35.92
C LEU AA 120 -22.45 -58.35 -41.13
N ALA AA 121 -28.08 -59.37 -36.17
N ALA AA 121 -23.28 -59.37 -41.35
CA ALA AA 121 -29.47 -59.16 -36.57
CA ALA AA 121 -24.66 -59.10 -41.79
C ALA AA 121 -30.28 -58.57 -35.42
C ALA AA 121 -25.41 -58.28 -40.76
N HIS AA 122 -29.98 -58.97 -34.18
N HIS AA 122 -25.23 -58.61 -39.48
CA HIS AA 122 -30.71 -58.45 -33.03
CA HIS AA 122 -25.88 -57.83 -38.42
C HIS AA 122 -30.25 -57.03 -32.69
C HIS AA 122 -25.38 -56.39 -38.41
N ASP AA 123 -28.97 -56.72 -32.88
N ASP AA 123 -24.06 -56.19 -38.42
CA ASP AA 123 -28.48 -55.38 -32.61
CA ASP AA 123 -23.49 -54.85 -38.35
C ASP AA 123 -28.93 -54.40 -33.70
C ASP AA 123 -23.89 -54.00 -39.53
N LYS AA 124 -29.12 -54.87 -34.92
N LYS AA 124 -24.18 -54.61 -40.68
CA LYS AA 124 -29.62 -54.03 -35.99
CA LYS AA 124 -24.63 -53.93 -41.88
C LYS AA 124 -31.13 -54.05 -36.09
C LYS AA 124 -26.15 -53.89 -42.00
N ASN AA 125 -31.81 -54.63 -35.11
N ASN AA 125 -26.88 -54.26 -40.94
CA ASN AA 125 -33.27 -54.78 -35.08
CA ASN AA 125 -28.35 -54.19 -40.92
C ASN AA 125 -33.79 -55.36 -36.40
C ASN AA 125 -28.96 -55.00 -42.05
N ASP AA 126 -33.23 -56.51 -36.77
N ASP AA 126 -28.37 -56.18 -42.35
CA ASP AA 126 -33.67 -57.19 -37.98
CA ASP AA 126 -28.83 -57.05 -43.43
C ASP AA 126 -34.35 -58.49 -37.57
C ASP AA 126 -29.55 -58.24 -42.81
N PRO AA 127 -35.62 -58.45 -37.17
N PRO AA 127 -30.84 -58.12 -42.51
CA PRO AA 127 -36.27 -59.67 -36.66
CA PRO AA 127 -31.54 -59.24 -41.84
C PRO AA 127 -36.39 -60.76 -37.70
C PRO AA 127 -31.80 -60.40 -42.77
N HIS AA 128 -36.50 -60.40 -38.98
N HIS AA 128 -31.93 -60.14 -44.07
CA HIS AA 128 -36.61 -61.43 -39.99
CA HIS AA 128 -32.04 -61.26 -45.01
C HIS AA 128 -35.33 -62.23 -40.12
C HIS AA 128 -30.78 -62.12 -45.02
N LEU AA 129 -34.17 -61.56 -40.12
N LEU AA 129 -29.59 -61.48 -45.05
CA LEU AA 129 -32.88 -62.26 -40.21
CA LEU AA 129 -28.37 -62.28 -45.07
C LEU AA 129 -32.58 -63.04 -38.94
C LEU AA 129 -28.22 -63.04 -43.77
N ALA AA 130 -32.76 -62.41 -37.77
N ALA AA 130 -28.53 -62.39 -42.64
CA ALA AA 130 -32.63 -63.12 -36.50
CA ALA AA 130 -28.31 -62.99 -41.33
C ALA AA 130 -33.41 -64.43 -36.50
C ALA AA 130 -29.15 -64.25 -41.16
N ASP AA 131 -34.67 -64.37 -36.93
N ASP AA 131 -30.45 -64.15 -41.48
CA ASP AA 131 -35.52 -65.56 -36.90
CA ASP AA 131 -31.33 -65.30 -41.32
C ASP AA 131 -35.12 -66.57 -37.97
C ASP AA 131 -31.03 -66.38 -42.36
N PHE AA 132 -34.80 -66.09 -39.17
N PHE AA 132 -30.59 -66.00 -43.56
CA PHE AA 132 -34.24 -66.94 -40.21
CA PHE AA 132 -30.06 -67.00 -44.48
C PHE AA 132 -33.10 -67.78 -39.66
C PHE AA 132 -28.94 -67.82 -43.83
N ILE AA 133 -32.13 -67.12 -39.02
N ILE AA 133 -27.98 -67.13 -43.20
CA ILE AA 133 -30.96 -67.81 -38.50
CA ILE AA 133 -26.90 -67.85 -42.52
C ILE AA 133 -31.35 -68.85 -37.45
C ILE AA 133 -27.46 -68.75 -41.43
N GLU AA 134 -32.35 -68.53 -36.62
N GLU AA 134 -28.36 -68.21 -40.60
CA GLU AA 134 -32.76 -69.45 -35.56
CA GLU AA 134 -28.92 -68.98 -39.49
C GLU AA 134 -33.43 -70.67 -36.16
C GLU AA 134 -29.63 -70.23 -39.98
N THR AA 135 -34.20 -70.46 -37.22
N THR AA 135 -30.54 -70.07 -40.93
CA THR AA 135 -35.09 -71.49 -37.74
CA THR AA 135 -31.42 -71.16 -41.33
C THR AA 135 -34.32 -72.50 -38.58
C THR AA 135 -30.65 -72.28 -42.01
N HIS AA 136 -33.35 -72.05 -39.35
N HIS AA 136 -29.62 -71.93 -42.81
CA HIS AA 136 -32.67 -72.94 -40.28
CA HIS AA 136 -29.01 -72.89 -43.72
C HIS AA 136 -31.25 -73.28 -39.87
C HIS AA 136 -27.62 -73.34 -43.32
N TYR AA 137 -30.70 -72.63 -38.85
N TYR AA 137 -26.88 -72.57 -42.50
CA TYR AA 137 -29.28 -72.86 -38.59
CA TYR AA 137 -25.52 -72.97 -42.19
C TYR AA 137 -28.97 -73.16 -37.13
C TYR AA 137 -25.24 -73.17 -40.70
N LEU AA 138 -29.59 -72.46 -36.19
N LEU AA 138 -25.86 -72.41 -39.79
CA LEU AA 138 -29.15 -72.53 -34.80
CA LEU AA 138 -25.34 -72.35 -38.42
C LEU AA 138 -29.35 -73.93 -34.20
C LEU AA 138 -25.62 -73.63 -37.63
N ASN AA 139 -30.56 -74.47 -34.26
N ASN AA 139 -26.89 -74.04 -37.55
CA ASN AA 139 -30.72 -75.83 -33.73
CA ASN AA 139 -27.18 -75.28 -36.83
C ASN AA 139 -29.94 -76.85 -34.55
C ASN AA 139 -26.64 -76.49 -37.56
N GLU AA 140 -29.84 -76.65 -35.87
N GLU AA 140 -26.48 -76.40 -38.89
CA GLU AA 140 -29.10 -77.59 -36.70
CA GLU AA 140 -25.85 -77.48 -39.64
C GLU AA 140 -27.65 -77.69 -36.26
C GLU AA 140 -24.38 -77.61 -39.30
N GLN AA 141 -27.01 -76.54 -36.01
N GLN AA 141 -23.70 -76.50 -39.01
CA GLN AA 141 -25.65 -76.55 -35.48
CA GLN AA 141 -22.33 -76.56 -38.50
C GLN AA 141 -25.57 -77.26 -34.14
C GLN AA 141 -22.29 -77.18 -37.11
N VAL AA 142 -26.50 -76.97 -33.23
N VAL AA 142 -23.17 -76.74 -36.22
CA VAL AA 142 -26.47 -77.61 -31.92
CA VAL AA 142 -23.23 -77.28 -34.88
C VAL AA 142 -26.59 -79.12 -32.08
C VAL AA 142 -23.53 -78.77 -34.91
N LYS AA 143 -27.48 -79.57 -32.98
N LYS AA 143 -24.37 -79.22 -35.86
CA LYS AA 143 -27.70 -80.99 -33.16
CA LYS AA 143 -24.68 -80.64 -35.96
C LYS AA 143 -26.45 -81.70 -33.69
C LYS AA 143 -23.43 -81.42 -36.33
N ALA AA 144 -25.74 -81.05 -34.64
N ALA AA 144 -22.70 -80.95 -37.35
CA ALA AA 144 -24.55 -81.62 -35.27
CA ALA AA 144 -21.56 -81.69 -37.86
C ALA AA 144 -23.39 -81.73 -34.28
C ALA AA 144 -20.40 -81.67 -36.87
N ILE AA 145 -23.18 -80.68 -33.47
N ILE AA 145 -20.19 -80.53 -36.22
CA ILE AA 145 -22.16 -80.69 -32.44
CA ILE AA 145 -19.16 -80.44 -35.18
C ILE AA 145 -22.44 -81.80 -31.42
C ILE AA 145 -19.44 -81.45 -34.07
N LYS AA 146 -23.71 -81.94 -31.00
N LYS AA 146 -20.68 -81.50 -33.60
CA LYS AA 146 -24.10 -83.05 -30.14
CA LYS AA 146 -21.06 -82.48 -32.58
C LYS AA 146 -23.75 -84.38 -30.78
C LYS AA 146 -20.88 -83.90 -33.09
N GLU AA 147 -24.09 -84.55 -32.05
N GLU AA 147 -21.29 -84.17 -34.33
CA GLU AA 147 -23.84 -85.82 -32.75
CA GLU AA 147 -21.14 -85.50 -34.90
C GLU AA 147 -22.34 -86.10 -32.88
C GLU AA 147 -19.67 -85.94 -34.90
N LEU AA 148 -21.55 -85.10 -33.28
N LEU AA 148 -18.76 -85.06 -35.33
CA LEU AA 148 -20.11 -85.32 -33.39
CA LEU AA 148 -17.37 -85.47 -35.45
C LEU AA 148 -19.47 -85.52 -32.03
C LEU AA 148 -16.74 -85.68 -34.08
N GLY AA 149 -19.97 -84.85 -31.00
N GLY AA 149 -17.10 -84.85 -33.10
CA GLY AA 149 -19.54 -85.15 -29.65
CA GLY AA 149 -16.64 -85.07 -31.74
C GLY AA 149 -19.82 -86.60 -29.27
C GLY AA 149 -17.08 -86.40 -31.18
N ASP AA 150 -21.05 -87.07 -29.55
N ASP AA 150 -18.32 -86.82 -31.48
CA ASP AA 150 -21.39 -88.49 -29.39
CA ASP AA 150 -18.80 -88.11 -31.01
C ASP AA 150 -20.36 -89.39 -30.06
C ASP AA 150 -17.96 -89.25 -31.59
N HIS AA 151 -20.03 -89.10 -31.33
N HIS AA 151 -17.68 -89.18 -32.89
CA HIS AA 151 -19.15 -89.97 -32.09
CA HIS AA 151 -16.82 -90.18 -33.53
C HIS AA 151 -17.73 -89.99 -31.50
C HIS AA 151 -15.44 -90.19 -32.89
N VAL AA 152 -17.24 -88.83 -31.09
N VAL AA 152 -14.84 -89.00 -32.77
CA VAL AA 152 -15.90 -88.76 -30.49
CA VAL AA 152 -13.50 -88.89 -32.18
C VAL AA 152 -15.88 -89.59 -29.21
C VAL AA 152 -13.50 -89.50 -30.79
N THR AA 153 -16.88 -89.41 -28.36
N THR AA 153 -14.54 -89.22 -29.99
CA THR AA 153 -16.92 -90.16 -27.10
CA THR AA 153 -14.61 -89.78 -28.64
C THR AA 153 -16.85 -91.65 -27.38
C THR AA 153 -14.65 -91.30 -28.69
N ASN AA 154 -17.62 -92.13 -28.36
N ASN AA 154 -15.51 -91.85 -29.55
CA ASN AA 154 -17.69 -93.57 -28.59
CA ASN AA 154 -15.65 -93.29 -29.60
C ASN AA 154 -16.38 -94.10 -29.15
C ASN AA 154 -14.38 -93.95 -30.15
N LEU AA 155 -15.82 -93.44 -30.16
N LEU AA 155 -13.78 -93.36 -31.18
CA LEU AA 155 -14.55 -93.90 -30.71
CA LEU AA 155 -12.55 -93.91 -31.72
C LEU AA 155 -13.48 -93.95 -29.63
C LEU AA 155 -11.46 -93.95 -30.64
N ARG AA 156 -13.47 -92.96 -28.73
N ARG AA 156 -11.30 -92.86 -29.90
CA ARG AA 156 -12.47 -92.92 -27.67
CA ARG AA 156 -10.32 -92.82 -28.81
C ARG AA 156 -12.61 -94.13 -26.76
C ARG AA 156 -10.60 -93.92 -27.78
N LYS AA 157 -13.82 -94.34 -26.21
N LYS AA 157 -11.86 -94.01 -27.34
CA LYS AA 157 -14.05 -95.48 -25.32
CA LYS AA 157 -12.21 -94.95 -26.29
C LYS AA 157 -13.70 -96.80 -26.00
C LYS AA 157 -11.93 -96.39 -26.69
N MET AA 158 -14.01 -96.93 -27.29
N MET AA 158 -12.19 -96.71 -27.96
CA MET AA 158 -13.76 -98.17 -28.00
CA MET AA 158 -12.00 -98.07 -28.47
C MET AA 158 -12.27 -98.47 -28.15
C MET AA 158 -10.54 -98.46 -28.62
N GLY AA 159 -11.40 -97.48 -27.97
N GLY AA 159 -9.62 -97.51 -28.45
CA GLY AA 159 -9.98 -97.68 -28.12
CA GLY AA 159 -8.20 -97.78 -28.61
C GLY AA 159 -9.38 -97.00 -29.33
C GLY AA 159 -7.53 -97.25 -29.87
N ALA AA 160 -10.16 -96.27 -30.12
N ALA AA 160 -8.21 -96.42 -30.67
CA ALA AA 160 -9.57 -95.38 -31.10
CA ALA AA 160 -7.59 -95.89 -31.87
C ALA AA 160 -8.63 -94.40 -30.38
C ALA AA 160 -6.43 -94.96 -31.53
N PRO AA 161 -7.54 -93.98 -31.04
N PRO AA 161 -5.41 -94.86 -32.41
CA PRO AA 161 -7.21 -94.28 -32.44
CA PRO AA 161 -5.30 -95.69 -33.61
C PRO AA 161 -6.21 -95.43 -32.61
C PRO AA 161 -4.23 -96.78 -33.45
N GLU AA 162 -5.66 -95.92 -31.48
N GLU AA 162 -3.90 -97.12 -32.20
CA GLU AA 162 -4.71 -97.03 -31.46
CA GLU AA 162 -2.96 -98.22 -31.96
C GLU AA 162 -5.31 -98.26 -32.14
C GLU AA 162 -3.60 -99.56 -32.27
N SER AA 163 -6.35 -98.81 -31.53
N SER AA 163 -4.70 -99.88 -31.59
CA SER AA 163 -7.02 -99.99 -32.07
CA SER AA 163 -5.53 -101.02 -31.97
C SER AA 163 -7.74 -99.64 -33.37
C SER AA 163 -6.06 -100.85 -33.39
N GLY AA 164 -7.21 -100.14 -34.49
N GLY AA 164 -5.59 -101.68 -34.33
CA GLY AA 164 -7.94 -100.05 -35.75
CA GLY AA 164 -6.23 -101.68 -35.63
C GLY AA 164 -9.18 -100.93 -35.81
C GLY AA 164 -7.62 -102.29 -35.62
N LEU AA 165 -9.29 -101.88 -34.88
N LEU AA 165 -7.97 -103.02 -34.57
CA LEU AA 165 -10.54 -102.63 -34.72
CA LEU AA 165 -9.30 -103.61 -34.49
C LEU AA 165 -11.69 -101.71 -34.34
C LEU AA 165 -10.37 -102.55 -34.29
N ALA AA 166 -11.44 -100.79 -33.43
N ALA AA 166 -10.04 -101.48 -33.55
CA ALA AA 166 -12.48 -99.87 -32.97
CA ALA AA 166 -11.02 -100.45 -33.25
C ALA AA 166 -13.09 -99.10 -34.12
C ALA AA 166 -11.48 -99.74 -34.52
N GLU AA 167 -12.26 -98.55 -35.00
N GLU AA 167 -10.55 -99.38 -35.41
CA GLU AA 167 -12.80 -97.71 -36.06
CA GLU AA 167 -10.94 -98.69 -36.62
C GLU AA 167 -13.48 -98.54 -37.14
C GLU AA 167 -11.85 -99.56 -37.48
N TYR AA 168 -13.00 -99.76 -37.39
N TYR AA 168 -11.50 -100.85 -37.59
CA TYR AA 168 -13.72 -100.65 -38.29
CA TYR AA 168 -12.36 -101.78 -38.34
C TYR AA 168 -15.14 -100.89 -37.80
C TYR AA 168 -13.77 -101.84 -37.77
N LEU AA 169 -15.29 -101.25 -36.53
N LEU AA 169 -13.87 -102.01 -36.44
CA LEU AA 169 -16.60 -101.58 -35.97
CA LEU AA 169 -15.20 -102.18 -35.84
C LEU AA 169 -17.47 -100.35 -35.82
C LEU AA 169 -16.02 -100.90 -35.92
N PHE AA 170 -16.89 -99.22 -35.43
N PHE AA 170 -15.40 -99.74 -35.63
CA PHE AA 170 -17.69 -98.00 -35.38
CA PHE AA 170 -16.10 -98.47 -35.80
C PHE AA 170 -18.20 -97.65 -36.76
C PHE AA 170 -16.57 -98.30 -37.23
N ASP AA 171 -17.33 -97.78 -37.77
N ASP AA 171 -15.69 -98.55 -38.20
CA ASP AA 171 -17.77 -97.59 -39.14
CA ASP AA 171 -16.08 -98.48 -39.61
C ASP AA 171 -18.92 -98.53 -39.50
C ASP AA 171 -17.30 -99.35 -39.88
N LYS AA 172 -18.87 -99.77 -39.01
N LYS AA 172 -17.38 -100.52 -39.25
CA LYS AA 172 -19.92 -100.73 -39.33
CA LYS AA 172 -18.50 -101.44 -39.51
C LYS AA 172 -21.19 -100.46 -38.55
C LYS AA 172 -19.75 -101.01 -38.77
N HIS AA 173 -21.09 -100.33 -37.22
N HIS AA 173 -19.62 -100.63 -37.51
CA HIS AA 173 -22.27 -100.43 -36.37
CA HIS AA 173 -20.75 -100.53 -36.59
C HIS AA 173 -22.93 -99.09 -36.08
C HIS AA 173 -21.26 -99.12 -36.42
N THR AA 174 -22.17 -97.99 -36.14
N THR AA 174 -20.44 -98.11 -36.70
CA THR AA 174 -22.75 -96.66 -35.93
CA THR AA 174 -20.91 -96.73 -36.64
C THR AA 174 -22.98 -95.90 -37.23
C THR AA 174 -21.04 -96.13 -38.03
N LEU AA 175 -21.96 -95.81 -38.10
N LEU AA 175 -19.98 -96.11 -38.82
CA LEU AA 175 -22.11 -95.05 -39.33
CA LEU AA 175 -20.06 -95.52 -40.14
C LEU AA 175 -22.79 -95.84 -40.44
C LEU AA 175 -20.80 -96.38 -41.15
N GLY AA 176 -23.01 -97.14 -40.27
N GLY AA 176 -21.03 -97.66 -40.84
CA GLY AA 176 -23.64 -97.94 -41.29
CA GLY AA 176 -21.73 -98.52 -41.77
C GLY AA 176 -25.00 -98.51 -40.92
C GLY AA 176 -23.24 -98.45 -41.66
N ASP AA 177 -25.80 -97.73 -40.19
N ASP AA 177 -23.80 -97.29 -41.95
CA ASP AA 177 -27.14 -98.10 -39.69
CA ASP AA 177 -25.26 -97.02 -41.93
C ASP AA 177 -27.04 -99.04 -38.50
C ASP AA 177 -25.79 -96.92 -40.49
N SER BA 4 -22.74 -14.35 -79.10
N SER BA 4 -23.92 -6.93 -74.65
CA SER BA 4 -21.48 -14.67 -79.76
CA SER BA 4 -22.83 -7.33 -75.53
C SER BA 4 -20.68 -13.41 -80.10
C SER BA 4 -21.93 -6.14 -75.84
N THR BA 5 -19.38 -13.59 -80.30
N THR BA 5 -20.62 -6.36 -75.81
CA THR BA 5 -18.47 -12.49 -80.54
CA THR BA 5 -19.68 -5.30 -76.08
C THR BA 5 -18.20 -12.36 -82.03
C THR BA 5 -19.27 -5.32 -77.54
N SER BA 6 -18.09 -11.13 -82.51
N SER BA 6 -19.24 -4.15 -78.16
CA SER BA 6 -17.80 -10.90 -83.92
CA SER BA 6 -18.88 -4.06 -79.56
C SER BA 6 -16.36 -11.25 -84.26
C SER BA 6 -17.49 -4.63 -79.77
N GLN BA 7 -16.19 -11.93 -85.41
N GLN BA 7 -17.31 -5.30 -80.92
CA GLN BA 7 -14.88 -12.32 -85.90
CA GLN BA 7 -16.01 -5.87 -81.26
C GLN BA 7 -13.93 -11.15 -86.06
C GLN BA 7 -14.98 -4.78 -81.55
N VAL BA 8 -14.45 -9.92 -86.11
N VAL BA 8 -15.43 -3.56 -81.86
CA VAL BA 8 -13.58 -8.75 -86.27
CA VAL BA 8 -14.50 -2.46 -82.11
C VAL BA 8 -13.37 -8.01 -84.97
C VAL BA 8 -14.24 -1.62 -80.88
N ARG BA 9 -14.15 -8.28 -83.92
N ARG BA 9 -15.04 -1.74 -79.82
CA ARG BA 9 -14.11 -7.45 -82.72
CA ARG BA 9 -14.94 -0.80 -78.71
C ARG BA 9 -12.79 -7.62 -81.98
C ARG BA 9 -13.57 -0.89 -78.03
N GLN BA 10 -12.21 -6.50 -81.58
N GLN BA 10 -13.01 0.27 -77.72
CA GLN BA 10 -10.92 -6.52 -80.90
CA GLN BA 10 -11.68 0.32 -77.12
C GLN BA 10 -10.74 -5.18 -80.21
C GLN BA 10 -11.43 1.70 -76.54
N ASN BA 11 -10.56 -5.23 -78.89
N ASN BA 11 -11.14 1.74 -75.23
CA ASN BA 11 -10.36 -4.03 -78.06
CA ASN BA 11 -10.88 2.98 -74.52
C ASN BA 11 -11.55 -3.06 -78.14
C ASN BA 11 -11.99 4.01 -74.67
N TYR BA 12 -12.76 -3.61 -78.23
N TYR BA 12 -13.24 3.54 -74.75
CA TYR BA 12 -13.97 -2.80 -78.31
CA TYR BA 12 -14.41 4.39 -74.92
C TYR BA 12 -14.81 -3.10 -77.08
C TYR BA 12 -15.31 4.33 -73.68
N HIS BA 13 -14.80 -2.21 -76.10
N HIS BA 13 -15.33 5.40 -72.90
CA HIS BA 13 -15.52 -2.48 -74.88
CA HIS BA 13 -16.02 5.36 -71.62
C HIS BA 13 -17.02 -2.38 -75.10
C HIS BA 13 -17.54 5.51 -71.79
N GLN BA 14 -17.76 -3.28 -74.44
N GLN BA 14 -18.29 4.87 -70.89
CA GLN BA 14 -19.22 -3.29 -74.61
CA GLN BA 14 -19.75 4.90 -71.04
C GLN BA 14 -19.85 -1.98 -74.19
C GLN BA 14 -20.29 6.33 -70.87
N ASP BA 15 -19.25 -1.28 -73.21
N ASP BA 15 -19.64 7.15 -70.04
CA ASP BA 15 -19.72 0.06 -72.86
CA ASP BA 15 -20.04 8.56 -69.93
C ASP BA 15 -19.63 0.99 -74.05
C ASP BA 15 -19.75 9.31 -71.21
N SER BA 16 -18.49 0.96 -74.76
N SER BA 16 -18.68 8.93 -71.92
CA SER BA 16 -18.33 1.81 -75.94
CA SER BA 16 -18.41 9.53 -73.23
C SER BA 16 -19.34 1.44 -77.00
C SER BA 16 -19.50 9.14 -74.22
N GLU BA 17 -19.57 0.14 -77.22
N GLU BA 17 -19.78 7.84 -74.34
CA GLU BA 17 -20.64 -0.32 -78.12
CA GLU BA 17 -20.88 7.38 -75.18
C GLU BA 17 -21.97 0.31 -77.74
C GLU BA 17 -22.17 8.16 -74.88
N ALA BA 18 -22.30 0.31 -76.44
N ALA BA 18 -22.47 8.38 -73.60
CA ALA BA 18 -23.51 0.95 -75.97
CA ALA BA 18 -23.72 9.04 -73.22
C ALA BA 18 -23.53 2.44 -76.29
C ALA BA 18 -23.67 10.53 -73.57
N ALA BA 19 -22.43 3.13 -76.01
N ALA BA 19 -22.52 11.17 -73.33
CA ALA BA 19 -22.39 4.59 -76.14
CA ALA BA 19 -22.39 12.58 -73.69
C ALA BA 19 -22.51 5.03 -77.60
C ALA BA 19 -22.37 12.80 -75.21
N ILE BA 20 -21.90 4.27 -78.52
N ILE BA 20 -21.93 11.81 -75.99
CA ILE BA 20 -22.03 4.57 -79.95
CA ILE BA 20 -22.03 11.96 -77.43
C ILE BA 20 -23.49 4.45 -80.39
C ILE BA 20 -23.49 11.99 -77.87
N ASN BA 21 -24.22 3.48 -79.84
N ASN BA 21 -24.32 11.13 -77.27
CA ASN BA 21 -25.64 3.34 -80.17
CA ASN BA 21 -25.75 11.15 -77.56
C ASN BA 21 -26.42 4.54 -79.68
C ASN BA 21 -26.38 12.50 -77.18
N ARG BA 22 -26.10 5.02 -78.48
N ARG BA 22 -25.97 13.07 -76.03
CA ARG BA 22 -26.68 6.26 -77.97
CA ARG BA 22 -26.53 14.36 -75.63
C ARG BA 22 -26.37 7.44 -78.89
C ARG BA 22 -26.14 15.44 -76.62
N GLN BA 23 -25.10 7.58 -79.29
N GLN BA 23 -24.89 15.41 -77.09
CA GLN BA 23 -24.69 8.68 -80.15
CA GLN BA 23 -24.42 16.37 -78.08
C GLN BA 23 -25.46 8.65 -81.48
C GLN BA 23 -25.11 16.18 -79.43
N ILE BA 24 -25.63 7.45 -82.05
N ILE BA 24 -25.32 14.92 -79.85
CA ILE BA 24 -26.39 7.31 -83.29
CA ILE BA 24 -26.09 14.70 -81.07
C ILE BA 24 -27.76 7.93 -83.14
C ILE BA 24 -27.46 15.37 -81.00
N ASN BA 25 -28.44 7.58 -82.05
N ASN BA 25 -28.18 15.18 -79.89
CA ASN BA 25 -29.80 8.05 -81.83
CA ASN BA 25 -29.46 15.87 -79.68
C ASN BA 25 -29.85 9.57 -81.66
C ASN BA 25 -29.29 17.40 -79.71
N LEU BA 26 -28.92 10.14 -80.90
N LEU BA 26 -28.20 17.91 -79.15
CA LEU BA 26 -28.95 11.57 -80.68
CA LEU BA 26 -28.04 19.35 -79.05
C LEU BA 26 -28.54 12.36 -81.94
C LEU BA 26 -27.73 19.96 -80.40
N GLU BA 27 -27.71 11.80 -82.81
N GLU BA 27 -26.96 19.26 -81.23
CA GLU BA 27 -27.48 12.49 -84.09
CA GLU BA 27 -26.68 19.76 -82.57
C GLU BA 27 -28.73 12.45 -84.96
C GLU BA 27 -27.94 19.73 -83.43
N LEU BA 28 -29.44 11.32 -84.97
N LEU BA 28 -28.76 18.68 -83.29
CA LEU BA 28 -30.71 11.23 -85.68
CA LEU BA 28 -30.04 18.64 -84.00
C LEU BA 28 -31.72 12.22 -85.11
C LEU BA 28 -30.98 19.73 -83.52
N TYR BA 29 -31.79 12.34 -83.79
N TYR BA 29 -30.89 20.09 -82.25
CA TYR BA 29 -32.58 13.39 -83.14
CA TYR BA 29 -31.71 21.18 -81.73
C TYR BA 29 -32.21 14.78 -83.66
C TYR BA 29 -31.27 22.51 -82.35
N ALA BA 30 -30.91 15.06 -83.80
N ALA BA 30 -29.95 22.75 -82.39
CA ALA BA 30 -30.48 16.38 -84.23
CA ALA BA 30 -29.40 23.92 -83.08
C ALA BA 30 -30.87 16.65 -85.67
C ALA BA 30 -29.89 23.97 -84.51
N SER BA 31 -30.79 15.65 -86.54
N SER BA 31 -29.82 22.85 -85.23
CA SER BA 31 -31.30 15.83 -87.91
CA SER BA 31 -30.36 22.81 -86.57
C SER BA 31 -32.80 16.12 -87.91
C SER BA 31 -31.79 23.34 -86.60
N TYR BA 32 -33.55 15.46 -87.03
N TYR BA 32 -32.58 22.97 -85.58
CA TYR BA 32 -34.98 15.71 -86.91
CA TYR BA 32 -34.01 23.27 -85.59
C TYR BA 32 -35.25 17.15 -86.46
C TYR BA 32 -34.27 24.75 -85.29
N VAL BA 33 -34.58 17.60 -85.39
N VAL BA 33 -33.46 25.34 -84.43
CA VAL BA 33 -34.77 18.97 -84.94
CA VAL BA 33 -33.56 26.77 -84.13
C VAL BA 33 -34.49 19.94 -86.08
C VAL BA 33 -33.25 27.59 -85.38
N TYR BA 34 -33.37 19.73 -86.77
N TYR BA 34 -32.18 27.23 -86.09
CA TYR BA 34 -33.01 20.66 -87.85
CA TYR BA 34 -31.78 27.98 -87.28
C TYR BA 34 -34.01 20.57 -88.99
C TYR BA 34 -32.83 27.88 -88.40
N LEU BA 35 -34.54 19.38 -89.26
N LEU BA 35 -33.37 26.67 -88.62
CA LEU BA 35 -35.62 19.26 -90.24
CA LEU BA 35 -34.46 26.49 -89.57
C LEU BA 35 -36.85 20.07 -89.80
C LEU BA 35 -35.64 27.39 -89.21
N SER BA 36 -37.17 20.04 -88.51
N SER BA 36 -35.99 27.46 -87.93
CA SER BA 36 -38.32 20.79 -88.00
CA SER BA 36 -37.05 28.36 -87.51
C SER BA 36 -38.11 22.31 -88.14
C SER BA 36 -36.68 29.81 -87.83
N MET BA 37 -36.93 22.80 -87.78
N MET BA 37 -35.48 30.22 -87.44
CA MET BA 37 -36.63 24.23 -87.92
CA MET BA 37 -35.01 31.57 -87.73
C MET BA 37 -36.75 24.69 -89.37
C MET BA 37 -35.08 31.88 -89.23
N SER BA 38 -36.29 23.86 -90.31
N SER BA 38 -34.71 30.91 -90.08
CA SER BA 38 -36.23 24.26 -91.71
CA SER BA 38 -34.63 31.18 -91.52
C SER BA 38 -37.62 24.56 -92.26
C SER BA 38 -36.00 31.53 -92.09
N TYR BA 39 -38.58 23.68 -92.01
N TYR BA 39 -37.01 30.72 -91.80
CA TYR BA 39 -39.88 23.89 -92.60
CA TYR BA 39 -38.31 30.96 -92.39
C TYR BA 39 -40.75 24.87 -91.82
C TYR BA 39 -39.06 32.09 -91.71
N TYR BA 40 -40.38 25.20 -90.59
N TYR BA 40 -38.54 32.61 -90.60
CA TYR BA 40 -40.93 26.39 -89.95
CA TYR BA 40 -39.08 33.85 -90.05
C TYR BA 40 -40.65 27.63 -90.78
C TYR BA 40 -38.77 35.02 -90.99
N PHE BA 41 -39.41 27.77 -91.26
N PHE BA 41 -37.54 35.10 -91.47
CA PHE BA 41 -39.06 28.96 -92.02
CA PHE BA 41 -37.16 36.17 -92.39
C PHE BA 41 -39.58 28.93 -93.44
C PHE BA 41 -37.66 35.94 -93.81
N ASP BA 42 -40.11 27.79 -93.88
N ASP BA 42 -38.20 34.75 -94.09
CA ASP BA 42 -40.79 27.65 -95.16
CA ASP BA 42 -38.85 34.48 -95.37
C ASP BA 42 -42.27 28.07 -95.08
C ASP BA 42 -40.29 35.00 -95.39
N ARG BA 43 -42.79 28.31 -93.88
N ARG BA 43 -40.86 35.31 -94.22
CA ARG BA 43 -44.18 28.69 -93.72
CA ARG BA 43 -42.22 35.83 -94.12
C ARG BA 43 -44.44 30.03 -94.40
C ARG BA 43 -42.39 37.14 -94.88
N ASP BA 44 -45.65 30.21 -94.94
N ASP BA 44 -43.57 37.32 -95.46
CA ASP BA 44 -45.99 31.45 -95.62
CA ASP BA 44 -43.85 38.50 -96.27
C ASP BA 44 -46.00 32.65 -94.66
C ASP BA 44 -43.77 39.78 -95.46
N ASP BA 45 -46.16 32.38 -93.37
N ASP BA 45 -43.95 39.70 -94.15
CA ASP BA 45 -46.16 33.43 -92.36
CA ASP BA 45 -43.87 40.87 -93.28
C ASP BA 45 -44.82 33.57 -91.64
C ASP BA 45 -42.51 41.01 -92.62
N VAL BA 46 -43.75 32.94 -92.15
N VAL BA 46 -41.50 40.28 -93.10
CA VAL BA 46 -42.38 33.20 -91.70
CA VAL BA 46 -40.13 40.45 -92.64
C VAL BA 46 -41.53 33.54 -92.94
C VAL BA 46 -39.22 40.61 -93.86
N ALA BA 47 -41.44 32.61 -93.89
N ALA BA 47 -39.19 39.59 -94.73
CA ALA BA 47 -40.93 32.87 -95.24
CA ALA BA 47 -38.71 39.73 -96.11
C ALA BA 47 -39.50 33.42 -95.24
C ALA BA 47 -37.25 40.16 -96.20
N LEU BA 48 -38.60 32.66 -94.62
N LEU BA 48 -36.40 39.48 -95.42
CA LEU BA 48 -37.17 32.98 -94.67
CA LEU BA 48 -34.95 39.63 -95.52
C LEU BA 48 -36.46 31.80 -95.34
C LEU BA 48 -34.37 38.28 -95.99
N LYS BA 49 -36.33 31.90 -96.67
N LYS BA 49 -34.32 38.11 -97.29
CA LYS BA 49 -35.83 30.79 -97.47
CA LYS BA 49 -33.97 36.83 -97.89
C LYS BA 49 -34.43 30.37 -97.05
C LYS BA 49 -32.54 36.41 -97.58
N ASN BA 50 -33.58 31.34 -96.74
N ASN BA 50 -31.63 37.35 -97.39
CA ASN BA 50 -32.19 31.04 -96.41
CA ASN BA 50 -30.27 36.96 -97.08
C ASN BA 50 -32.02 30.48 -94.99
C ASN BA 50 -30.09 36.61 -95.61
N PHE BA 51 -32.85 30.91 -94.04
N PHE BA 51 -30.79 37.29 -94.70
CA PHE BA 51 -32.95 30.16 -92.78
CA PHE BA 51 -30.92 36.74 -93.35
C PHE BA 51 -33.44 28.75 -93.06
C PHE BA 51 -31.47 35.33 -93.42
N ALA BA 52 -34.44 28.59 -93.92
N ALA BA 52 -32.52 35.14 -94.23
CA ALA BA 52 -34.93 27.26 -94.23
CA ALA BA 52 -33.13 33.82 -94.37
C ALA BA 52 -33.86 26.44 -94.93
C ALA BA 52 -32.13 32.79 -94.84
N LYS BA 53 -33.13 27.05 -95.87
N LYS BA 53 -31.33 33.12 -95.86
CA LYS BA 53 -32.04 26.33 -96.55
CA LYS BA 53 -30.36 32.18 -96.38
C LYS BA 53 -30.95 25.94 -95.56
C LYS BA 53 -29.20 31.96 -95.41
N TYR BA 54 -30.63 26.81 -94.61
N TYR BA 54 -28.79 33.01 -94.71
CA TYR BA 54 -29.51 26.54 -93.71
CA TYR BA 54 -27.70 32.86 -93.74
C TYR BA 54 -29.80 25.38 -92.79
C TYR BA 54 -28.04 31.82 -92.68
N PHE BA 55 -30.98 25.37 -92.16
N PHE BA 55 -29.27 31.86 -92.16
CA PHE BA 55 -31.29 24.28 -91.26
CA PHE BA 55 -29.66 30.91 -91.11
C PHE BA 55 -31.48 22.95 -92.01
C PHE BA 55 -29.98 29.54 -91.67
N LEU BA 56 -31.88 22.99 -93.28
N LEU BA 56 -30.58 29.46 -92.87
CA LEU BA 56 -32.01 21.75 -94.06
CA LEU BA 56 -30.78 28.14 -93.46
C LEU BA 56 -30.65 21.14 -94.35
C LEU BA 56 -29.46 27.41 -93.67
N HIS BA 57 -29.65 21.99 -94.64
N HIS BA 57 -28.43 28.14 -94.11
CA HIS BA 57 -28.27 21.54 -94.73
CA HIS BA 57 -27.10 27.53 -94.26
C HIS BA 57 -27.83 20.86 -93.44
C HIS BA 57 -26.59 27.01 -92.93
N GLN BA 58 -28.06 21.54 -92.30
N GLN BA 58 -26.73 27.83 -91.88
CA GLN BA 58 -27.70 20.94 -91.02
CA GLN BA 58 -26.34 27.37 -90.54
C GLN BA 58 -28.40 19.60 -90.82
C GLN BA 58 -27.15 26.15 -90.13
N SER BA 59 -29.68 19.53 -91.21
N SER BA 59 -28.44 26.13 -90.46
CA SER BA 59 -30.39 18.26 -91.09
CA SER BA 59 -29.27 24.97 -90.13
C SER BA 59 -29.68 17.17 -91.87
C SER BA 59 -28.69 23.67 -90.72
N HIS BA 60 -29.40 17.41 -93.15
N HIS BA 60 -28.27 23.72 -91.99
CA HIS BA 60 -28.73 16.39 -93.95
CA HIS BA 60 -27.77 22.50 -92.61
C HIS BA 60 -27.35 16.05 -93.39
C HIS BA 60 -26.42 22.09 -92.07
N GLU BA 61 -26.62 17.06 -92.88
N GLU BA 61 -25.55 23.05 -91.74
CA GLU BA 61 -25.33 16.81 -92.24
CA GLU BA 61 -24.24 22.74 -91.18
C GLU BA 61 -25.46 15.90 -91.03
C GLU BA 61 -24.37 22.05 -89.82
N GLU BA 62 -26.41 16.20 -90.14
N GLU BA 62 -25.26 22.55 -88.96
CA GLU BA 62 -26.58 15.39 -88.94
CA GLU BA 62 -25.54 21.87 -87.70
C GLU BA 62 -26.85 13.93 -89.31
C GLU BA 62 -26.01 20.44 -87.93
N ARG BA 63 -27.64 13.71 -90.37
N ARG BA 63 -26.81 20.21 -88.98
CA ARG BA 63 -27.88 12.34 -90.82
CA ARG BA 63 -27.23 18.86 -89.28
C ARG BA 63 -26.59 11.67 -91.29
C ARG BA 63 -26.04 17.97 -89.60
N GLU BA 64 -25.70 12.41 -91.96
N GLU BA 64 -25.08 18.49 -90.37
CA GLU BA 64 -24.39 11.86 -92.32
CA GLU BA 64 -23.85 17.76 -90.59
C GLU BA 64 -23.59 11.50 -91.06
C GLU BA 64 -23.07 17.56 -89.30
N HIS BA 65 -23.70 12.32 -90.02
N HIS BA 65 -23.00 18.60 -88.45
CA HIS BA 65 -23.05 12.00 -88.75
CA HIS BA 65 -22.38 18.46 -87.13
C HIS BA 65 -23.48 10.63 -88.25
C HIS BA 65 -22.94 17.29 -86.36
N ALA BA 66 -24.79 10.38 -88.22
N ALA BA 66 -24.26 17.09 -86.47
CA ALA BA 66 -25.31 9.14 -87.64
CA ALA BA 66 -24.92 16.01 -85.75
C ALA BA 66 -24.92 7.91 -88.46
C ALA BA 66 -24.64 14.66 -86.40
N GLU BA 67 -24.88 8.04 -89.79
N GLU BA 67 -24.52 14.62 -87.73
CA GLU BA 67 -24.52 6.88 -90.61
CA GLU BA 67 -24.26 13.35 -88.39
C GLU BA 67 -23.05 6.49 -90.46
C GLU BA 67 -22.83 12.90 -88.17
N LYS BA 68 -22.16 7.46 -90.21
N LYS BA 68 -21.88 13.85 -88.20
CA LYS BA 68 -20.75 7.13 -90.01
CA LYS BA 68 -20.49 13.53 -87.89
C LYS BA 68 -20.52 6.41 -88.68
C LYS BA 68 -20.33 12.91 -86.50
N LEU BA 69 -21.30 6.77 -87.66
N LEU BA 69 -21.15 13.33 -85.53
CA LEU BA 69 -21.30 6.03 -86.41
CA LEU BA 69 -21.07 12.73 -84.20
C LEU BA 69 -21.86 4.63 -86.60
C LEU BA 69 -21.68 11.33 -84.21
N MET BA 70 -22.92 4.50 -87.41
N MET BA 70 -22.78 11.14 -84.93
CA MET BA 70 -23.41 3.18 -87.77
CA MET BA 70 -23.38 9.81 -85.01
C MET BA 70 -22.33 2.36 -88.50
C MET BA 70 -22.43 8.82 -85.67
N LYS BA 71 -21.57 3.01 -89.38
N LYS BA 71 -21.69 9.27 -86.69
CA LYS BA 71 -20.50 2.32 -90.07
CA LYS BA 71 -20.65 8.47 -87.31
C LYS BA 71 -19.39 1.92 -89.11
C LYS BA 71 -19.54 8.14 -86.31
N LEU BA 72 -19.01 2.85 -88.22
N LEU BA 72 -19.11 9.14 -85.55
CA LEU BA 72 -18.01 2.55 -87.21
CA LEU BA 72 -18.12 8.92 -84.49
C LEU BA 72 -18.42 1.33 -86.39
C LEU BA 72 -18.62 7.86 -83.51
N GLN BA 73 -19.67 1.31 -85.92
N GLN BA 73 -19.86 8.01 -83.03
CA GLN BA 73 -20.15 0.23 -85.06
CA GLN BA 73 -20.41 7.04 -82.09
C GLN BA 73 -19.98 -1.13 -85.74
C GLN BA 73 -20.23 5.62 -82.63
N ASN BA 74 -20.37 -1.22 -87.02
N ASN BA 74 -20.61 5.39 -83.88
CA ASN BA 74 -20.17 -2.47 -87.76
CA ASN BA 74 -20.47 4.05 -84.43
C ASN BA 74 -18.69 -2.75 -87.98
C ASN BA 74 -19.01 3.68 -84.60
N GLN BA 75 -17.90 -1.70 -88.25
N GLN BA 75 -18.16 4.66 -84.91
CA GLN BA 75 -16.46 -1.87 -88.47
CA GLN BA 75 -16.76 4.36 -85.15
C GLN BA 75 -15.79 -2.52 -87.27
C GLN BA 75 -16.11 3.76 -83.91
N ARG BA 76 -16.20 -2.14 -86.06
N ARG BA 76 -16.52 4.21 -82.73
CA ARG BA 76 -15.57 -2.69 -84.88
CA ARG BA 76 -15.95 3.78 -81.47
C ARG BA 76 -16.23 -4.00 -84.41
C ARG BA 76 -16.69 2.61 -80.85
N GLY BA 77 -17.35 -4.39 -85.02
N GLY BA 77 -17.83 2.23 -81.42
CA GLY BA 77 -18.06 -5.55 -84.55
CA GLY BA 77 -18.61 1.15 -80.84
C GLY BA 77 -19.03 -5.28 -83.41
C GLY BA 77 -19.68 1.58 -79.88
N GLY BA 78 -19.34 -4.03 -83.12
N GLY BA 78 -19.87 2.89 -79.66
CA GLY BA 78 -20.53 -3.75 -82.36
CA GLY BA 78 -21.01 3.36 -78.92
C GLY BA 78 -21.77 -4.03 -83.18
C GLY BA 78 -22.31 3.11 -79.65
N ARG BA 79 -22.90 -4.12 -82.50
N ARG BA 79 -23.42 3.19 -78.91
CA ARG BA 79 -24.15 -4.41 -83.18
CA ARG BA 79 -24.73 2.95 -79.50
C ARG BA 79 -25.06 -3.19 -83.03
C ARG BA 79 -25.52 4.26 -79.51
N ILE BA 80 -25.66 -2.79 -84.15
N ILE BA 80 -26.10 4.57 -80.66
CA ILE BA 80 -26.47 -1.57 -84.19
CA ILE BA 80 -26.86 5.81 -80.82
C ILE BA 80 -27.84 -1.84 -83.56
C ILE BA 80 -28.21 5.64 -80.15
N PHE BA 81 -28.21 -1.02 -82.60
N PHE BA 81 -28.56 6.58 -79.27
CA PHE BA 81 -29.55 -1.08 -82.00
CA PHE BA 81 -29.93 6.70 -78.79
C PHE BA 81 -30.15 0.32 -82.03
C PHE BA 81 -30.37 8.14 -78.98
N LEU BA 82 -31.18 0.47 -82.87
N LEU BA 82 -31.35 8.34 -79.88
CA LEU BA 82 -31.84 1.76 -83.08
CA LEU BA 82 -31.85 9.66 -80.25
C LEU BA 82 -33.06 1.88 -82.17
C LEU BA 82 -33.06 10.05 -79.39
N GLN BA 83 -33.28 3.08 -81.65
N GLN BA 83 -33.12 11.30 -78.99
CA GLN BA 83 -34.41 3.41 -80.79
CA GLN BA 83 -34.22 11.78 -78.16
C GLN BA 83 -35.28 4.49 -81.45
C GLN BA 83 -35.07 12.75 -78.97
N ASP BA 84 -36.40 4.80 -80.80
N ASP BA 84 -36.21 13.13 -78.38
CA ASP BA 84 -37.29 5.85 -81.30
CA ASP BA 84 -37.04 14.17 -78.96
C ASP BA 84 -36.53 7.16 -81.49
C ASP BA 84 -36.18 15.39 -79.26
N ILE BA 85 -36.92 7.93 -82.49
N ILE BA 85 -36.49 16.06 -80.38
CA ILE BA 85 -36.42 9.27 -82.66
CA ILE BA 85 -35.86 17.32 -80.72
C ILE BA 85 -37.50 10.18 -82.09
C ILE BA 85 -36.82 18.43 -80.34
N GLN BA 86 -37.23 10.79 -80.94
N GLN BA 86 -36.40 19.29 -79.40
CA GLN BA 86 -38.21 11.68 -80.32
CA GLN BA 86 -37.33 20.22 -78.82
C GLN BA 86 -38.43 12.91 -81.20
C GLN BA 86 -37.47 21.41 -79.75
N LYS BA 87 -39.66 13.41 -81.19
N LYS BA 87 -38.69 21.93 -79.85
CA LYS BA 87 -39.95 14.63 -81.93
CA LYS BA 87 -38.93 23.10 -80.65
C LYS BA 87 -39.28 15.80 -81.24
C LYS BA 87 -38.22 24.30 -80.01
N PRO BA 88 -39.04 16.90 -81.96
N PRO BA 88 -37.80 25.28 -80.81
CA PRO BA 88 -38.37 18.06 -81.36
CA PRO BA 88 -37.04 26.41 -80.27
C PRO BA 88 -39.19 18.68 -80.23
C PRO BA 88 -37.87 27.27 -79.33
N ASP BA 89 -38.51 19.47 -79.41
N ASP BA 89 -37.18 28.06 -78.51
CA ASP BA 89 -39.12 20.09 -78.24
CA ASP BA 89 -37.82 28.85 -77.47
C ASP BA 89 -40.20 21.09 -78.61
C ASP BA 89 -38.64 30.02 -78.00
N GLU BA 90 -40.14 21.64 -79.82
N GLU BA 90 -38.49 30.38 -79.28
CA GLU BA 90 -41.11 22.62 -80.28
CA GLU BA 90 -39.25 31.46 -79.90
C GLU BA 90 -41.66 22.20 -81.63
C GLU BA 90 -39.90 30.94 -81.18
N ASP BA 91 -42.85 22.73 -81.96
N ASP BA 91 -41.09 31.48 -81.48
CA ASP BA 91 -43.32 22.76 -83.36
CA ASP BA 91 -41.72 31.34 -82.78
C ASP BA 91 -43.21 24.14 -83.99
C ASP BA 91 -41.49 32.55 -83.67
N ASP BA 92 -43.14 25.18 -83.18
N ASP BA 92 -41.40 33.72 -83.05
CA ASP BA 92 -43.05 26.59 -83.59
CA ASP BA 92 -41.22 35.01 -83.72
C ASP BA 92 -41.76 27.12 -83.04
C ASP BA 92 -39.90 35.59 -83.26
N TRP BA 93 -40.87 27.59 -83.93
N TRP BA 93 -38.97 35.78 -84.18
CA TRP BA 93 -39.55 28.00 -83.50
CA TRP BA 93 -37.60 36.13 -83.85
C TRP BA 93 -39.43 29.50 -83.33
C TRP BA 93 -37.34 37.63 -83.89
N GLU BA 94 -40.54 30.23 -83.43
N GLU BA 94 -38.39 38.43 -84.04
CA GLU BA 94 -40.70 31.62 -82.99
CA GLU BA 94 -38.42 39.87 -83.77
C GLU BA 94 -40.02 32.64 -83.90
C GLU BA 94 -37.72 40.73 -84.81
N SER BA 95 -38.73 32.47 -84.19
N SER BA 95 -36.48 40.40 -85.15
CA SER BA 95 -38.01 33.43 -85.02
CA SER BA 95 -35.67 41.24 -86.03
C SER BA 95 -36.66 32.86 -85.46
C SER BA 95 -34.38 40.51 -86.37
N GLY BA 96 -35.99 33.62 -86.32
N GLY BA 96 -33.67 41.04 -87.35
CA GLY BA 96 -34.65 33.24 -86.75
CA GLY BA 96 -32.36 40.49 -87.67
C GLY BA 96 -33.66 33.18 -85.60
C GLY BA 96 -31.38 40.59 -86.51
N LEU BA 97 -33.63 34.23 -84.77
N LEU BA 97 -31.37 41.73 -85.82
CA LEU BA 97 -32.72 34.25 -83.63
CA LEU BA 97 -30.41 41.91 -84.73
C LEU BA 97 -33.01 33.12 -82.66
C LEU BA 97 -30.73 40.97 -83.57
N ASN BA 98 -34.29 32.91 -82.31
N ASN BA 98 -32.01 40.76 -83.27
CA ASN BA 98 -34.64 31.87 -81.36
CA ASN BA 98 -32.36 39.89 -82.16
C ASN BA 98 -34.25 30.50 -81.89
C ASN BA 98 -32.08 38.44 -82.49
N ALA BA 99 -34.43 30.27 -83.19
N ALA BA 99 -32.37 38.03 -83.74
CA ALA BA 99 -34.00 29.00 -83.77
CA ALA BA 99 -32.01 36.68 -84.17
C ALA BA 99 -32.49 28.82 -83.64
C ALA BA 99 -30.50 36.45 -84.10
N MET BA 100 -31.73 29.88 -83.91
N MET BA 100 -29.71 37.46 -84.52
CA MET BA 100 -30.28 29.79 -83.81
CA MET BA 100 -28.27 37.31 -84.41
C MET BA 100 -29.84 29.53 -82.37
C MET BA 100 -27.84 37.18 -82.95
N GLU BA 101 -30.46 30.23 -81.40
N GLU BA 101 -28.45 37.99 -82.07
CA GLU BA 101 -30.16 29.97 -79.99
CA GLU BA 101 -28.21 37.85 -80.64
C GLU BA 101 -30.46 28.51 -79.63
C GLU BA 101 -28.58 36.47 -80.15
N ALA BA 102 -31.60 28.00 -80.08
N ALA BA 102 -29.76 35.99 -80.55
CA ALA BA 102 -31.94 26.59 -79.87
CA ALA BA 102 -30.21 34.65 -80.19
C ALA BA 102 -30.93 25.67 -80.57
C ALA BA 102 -29.21 33.60 -80.67
N ALA BA 103 -30.53 26.03 -81.80
N ALA BA 103 -28.74 33.72 -81.91
CA ALA BA 103 -29.50 25.27 -82.50
CA ALA BA 103 -27.78 32.77 -82.44
C ALA BA 103 -28.18 25.28 -81.72
C ALA BA 103 -26.48 32.79 -81.66
N LEU BA 104 -27.81 26.44 -81.17
N LEU BA 104 -26.01 33.98 -81.29
CA LEU BA 104 -26.60 26.51 -80.37
CA LEU BA 104 -24.77 34.09 -80.53
C LEU BA 104 -26.70 25.61 -79.15
C LEU BA 104 -24.86 33.33 -79.20
N HIS BA 105 -27.85 25.68 -78.43
N HIS BA 105 -25.91 33.59 -78.43
CA HIS BA 105 -28.04 24.82 -77.27
CA HIS BA 105 -26.14 32.87 -77.17
C HIS BA 105 -27.86 23.35 -77.65
C HIS BA 105 -26.24 31.36 -77.40
N LEU BA 106 -28.47 22.94 -78.77
N LEU BA 106 -26.89 30.94 -78.49
CA LEU BA 106 -28.44 21.54 -79.17
CA LEU BA 106 -27.00 29.52 -78.78
C LEU BA 106 -27.01 21.06 -79.46
C LEU BA 106 -25.63 28.91 -79.05
N GLU BA 107 -26.26 21.83 -80.24
N GLU BA 107 -24.80 29.58 -79.85
CA GLU BA 107 -24.90 21.44 -80.59
CA GLU BA 107 -23.48 29.06 -80.19
C GLU BA 107 -24.00 21.29 -79.37
C GLU BA 107 -22.56 29.01 -78.97
N LYS BA 108 -24.17 22.17 -78.38
N LYS BA 108 -22.67 29.96 -78.04
CA LYS BA 108 -23.40 22.04 -77.16
CA LYS BA 108 -21.88 29.87 -76.81
C LYS BA 108 -23.76 20.77 -76.41
C LYS BA 108 -22.41 28.76 -75.90
N ASN BA 109 -25.06 20.48 -76.27
N ASN BA 109 -23.73 28.64 -75.77
CA ASN BA 109 -25.45 19.19 -75.72
CA ASN BA 109 -24.28 27.49 -75.08
C ASN BA 109 -24.85 18.04 -76.52
C ASN BA 109 -23.77 26.18 -75.69
N VAL BA 110 -24.90 18.12 -77.85
N VAL BA 110 -23.73 26.09 -77.01
CA VAL BA 110 -24.32 17.05 -78.68
CA VAL BA 110 -23.27 24.85 -77.62
C VAL BA 110 -22.81 16.98 -78.46
C VAL BA 110 -21.76 24.67 -77.44
N ASN BA 111 -22.14 18.14 -78.41
N ASN BA 111 -20.99 25.76 -77.42
CA ASN BA 111 -20.71 18.15 -78.14
CA ASN BA 111 -19.56 25.62 -77.17
C ASN BA 111 -20.40 17.47 -76.81
C ASN BA 111 -19.29 25.07 -75.78
N GLN BA 112 -21.23 17.74 -75.79
N GLN BA 112 -20.03 25.55 -74.77
CA GLN BA 112 -21.00 17.15 -74.48
CA GLN BA 112 -19.81 25.08 -73.40
C GLN BA 112 -21.16 15.64 -74.52
C GLN BA 112 -20.01 23.57 -73.32
N SER BA 113 -22.18 15.16 -75.22
N SER BA 113 -21.08 23.07 -73.93
CA SER BA 113 -22.29 13.73 -75.44
CA SER BA 113 -21.32 21.64 -73.94
C SER BA 113 -21.03 13.16 -76.07
C SER BA 113 -20.16 20.90 -74.62
N LEU BA 114 -20.46 13.86 -77.06
N LEU BA 114 -19.57 21.51 -75.64
CA LEU BA 114 -19.30 13.32 -77.77
CA LEU BA 114 -18.44 20.89 -76.32
C LEU BA 114 -18.02 13.41 -76.95
C LEU BA 114 -17.17 20.94 -75.47
N LEU BA 115 -17.89 14.45 -76.12
N LEU BA 115 -16.94 22.07 -74.80
CA LEU BA 115 -16.78 14.47 -75.18
CA LEU BA 115 -15.83 22.17 -73.88
C LEU BA 115 -16.92 13.33 -74.17
C LEU BA 115 -15.95 21.15 -72.76
N GLU BA 116 -18.16 13.02 -73.75
N GLU BA 116 -17.17 20.94 -72.26
CA GLU BA 116 -18.35 11.86 -72.88
CA GLU BA 116 -17.41 19.93 -71.23
C GLU BA 116 -17.96 10.56 -73.59
C GLU BA 116 -17.22 18.52 -71.78
N LEU BA 117 -18.39 10.39 -74.84
N LEU BA 117 -17.56 18.29 -73.06
CA LEU BA 117 -17.93 9.26 -75.64
CA LEU BA 117 -17.29 17.00 -73.69
C LEU BA 117 -16.41 9.18 -75.71
C LEU BA 117 -15.79 16.77 -73.81
N HIS BA 118 -15.74 10.32 -75.87
N HIS BA 118 -15.05 17.81 -74.20
CA HIS BA 118 -14.29 10.28 -76.02
CA HIS BA 118 -13.60 17.68 -74.33
C HIS BA 118 -13.60 9.96 -74.70
C HIS BA 118 -12.94 17.44 -72.97
N LYS BA 119 -14.10 10.52 -73.60
N LYS BA 119 -13.40 18.13 -71.92
CA LYS BA 119 -13.57 10.16 -72.29
CA LYS BA 119 -12.90 17.84 -70.58
C LYS BA 119 -13.66 8.65 -72.10
C LYS BA 119 -13.20 16.40 -70.19
N LEU BA 120 -14.73 8.05 -72.59
N LEU BA 120 -14.42 15.94 -70.47
CA LEU BA 120 -14.92 6.62 -72.39
CA LEU BA 120 -14.78 14.56 -70.16
C LEU BA 120 -13.94 5.83 -73.25
C LEU BA 120 -13.86 13.60 -70.90
N ALA BA 121 -13.75 6.27 -74.49
N ALA BA 121 -13.60 13.85 -72.19
CA ALA BA 121 -12.78 5.60 -75.38
CA ALA BA 121 -12.68 13.02 -72.96
C ALA BA 121 -11.39 5.58 -74.77
C ALA BA 121 -11.29 13.01 -72.34
N HIS BA 122 -10.92 6.74 -74.30
N HIS BA 122 -10.79 14.18 -71.94
CA HIS BA 122 -9.65 6.82 -73.62
CA HIS BA 122 -9.45 14.24 -71.39
C HIS BA 122 -9.68 6.01 -72.33
C HIS BA 122 -9.36 13.50 -70.06
N ASP BA 123 -10.81 5.99 -71.62
N ASP BA 123 -10.42 13.59 -69.24
CA ASP BA 123 -10.88 5.22 -70.38
CA ASP BA 123 -10.44 12.99 -67.90
C ASP BA 123 -10.66 3.72 -70.61
C ASP BA 123 -10.50 11.47 -67.95
N LYS BA 124 -11.28 3.17 -71.65
N LYS BA 124 -11.20 10.93 -68.93
CA LYS BA 124 -11.16 1.75 -71.93
CA LYS BA 124 -11.24 9.48 -69.12
C LYS BA 124 -10.00 1.45 -72.88
C LYS BA 124 -10.10 8.99 -69.98
N ASN BA 125 -9.06 2.39 -73.03
N ASN BA 125 -9.08 9.83 -70.19
CA ASN BA 125 -7.83 2.18 -73.80
CA ASN BA 125 -7.87 9.46 -70.93
C ASN BA 125 -8.13 1.80 -75.25
C ASN BA 125 -8.21 8.92 -72.32
N ASP BA 126 -8.93 2.64 -75.91
N ASP BA 126 -9.01 9.70 -73.06
CA ASP BA 126 -9.37 2.42 -77.29
CA ASP BA 126 -9.51 9.33 -74.37
C ASP BA 126 -8.93 3.62 -78.14
C ASP BA 126 -8.93 10.34 -75.36
N PRO BA 127 -7.65 3.65 -78.51
N PRO BA 127 -7.66 10.16 -75.76
CA PRO BA 127 -7.15 4.79 -79.30
CA PRO BA 127 -7.03 11.16 -76.64
C PRO BA 127 -7.72 4.85 -80.70
C PRO BA 127 -7.61 11.18 -78.04
N HIS BA 128 -8.35 3.78 -81.19
N HIS BA 128 -8.24 10.11 -78.51
CA HIS BA 128 -8.98 3.88 -82.50
CA HIS BA 128 -8.91 10.16 -79.81
C HIS BA 128 -10.28 4.65 -82.39
C HIS BA 128 -10.13 11.07 -79.76
N LEU BA 129 -11.11 4.29 -81.40
N LEU BA 129 -11.02 10.85 -78.80
CA LEU BA 129 -12.35 5.02 -81.16
CA LEU BA 129 -12.21 11.68 -78.69
C LEU BA 129 -12.06 6.47 -80.80
C LEU BA 129 -11.86 13.15 -78.49
N ALA BA 130 -11.09 6.70 -79.91
N ALA BA 130 -10.86 13.41 -77.62
CA ALA BA 130 -10.76 8.07 -79.53
CA ALA BA 130 -10.46 14.79 -77.36
C ALA BA 130 -10.35 8.91 -80.73
C ALA BA 130 -10.01 15.49 -78.64
N ASP BA 131 -9.51 8.36 -81.61
N ASP BA 131 -9.16 14.83 -79.44
CA ASP BA 131 -9.12 9.14 -82.78
CA ASP BA 131 -8.64 15.46 -80.65
C ASP BA 131 -10.29 9.31 -83.75
C ASP BA 131 -9.70 15.53 -81.73
N PHE BA 132 -11.13 8.29 -83.87
N PHE BA 132 -10.63 14.57 -81.77
CA PHE BA 132 -12.29 8.36 -84.74
CA PHE BA 132 -11.82 14.65 -82.60
C PHE BA 132 -13.14 9.58 -84.40
C PHE BA 132 -12.60 15.94 -82.34
N ILE BA 133 -13.38 9.79 -83.10
N ILE BA 133 -12.87 16.27 -81.07
CA ILE BA 133 -14.16 10.91 -82.58
CA ILE BA 133 -13.56 17.51 -80.75
C ILE BA 133 -13.40 12.22 -82.79
C ILE BA 133 -12.70 18.70 -81.13
N GLU BA 134 -12.12 12.24 -82.39
N GLU BA 134 -11.41 18.64 -80.78
CA GLU BA 134 -11.28 13.41 -82.61
CA GLU BA 134 -10.47 19.71 -81.11
C GLU BA 134 -11.34 13.88 -84.06
C GLU BA 134 -10.46 20.00 -82.61
N THR BA 135 -11.13 12.96 -85.00
N THR BA 135 -10.53 18.95 -83.43
CA THR BA 135 -10.95 13.36 -86.39
CA THR BA 135 -10.33 19.14 -84.86
C THR BA 135 -12.28 13.81 -87.00
C THR BA 135 -11.60 19.62 -85.56
N HIS BA 136 -13.34 13.01 -86.84
N HIS BA 136 -12.76 19.09 -85.21
CA HIS BA 136 -14.58 13.21 -87.60
CA HIS BA 136 -13.97 19.35 -85.97
C HIS BA 136 -15.66 13.97 -86.84
C HIS BA 136 -14.91 20.36 -85.34
N TYR BA 137 -15.46 14.34 -85.57
N TYR BA 137 -14.72 20.72 -84.07
CA TYR BA 137 -16.56 14.99 -84.85
CA TYR BA 137 -15.77 21.49 -83.44
C TYR BA 137 -16.14 16.18 -84.01
C TYR BA 137 -15.24 22.75 -82.77
N LEU BA 138 -15.01 16.10 -83.30
N LEU BA 138 -14.15 22.64 -82.02
CA LEU BA 138 -14.75 17.05 -82.24
CA LEU BA 138 -13.72 23.75 -81.16
C LEU BA 138 -14.55 18.46 -82.78
C LEU BA 138 -13.44 25.00 -81.98
N ASN BA 139 -13.73 18.64 -83.82
N ASN BA 139 -12.58 24.89 -83.00
CA ASN BA 139 -13.56 19.99 -84.38
CA ASN BA 139 -12.26 26.08 -83.77
C ASN BA 139 -14.73 20.40 -85.23
C ASN BA 139 -13.47 26.59 -84.54
N GLU BA 140 -15.48 19.45 -85.81
N GLU BA 140 -14.27 25.68 -85.10
CA GLU BA 140 -16.70 19.82 -86.50
CA GLU BA 140 -15.49 26.08 -85.80
C GLU BA 140 -17.72 20.41 -85.55
C GLU BA 140 -16.49 26.76 -84.86
N GLN BA 141 -17.80 19.88 -84.32
N GLN BA 141 -16.51 26.38 -83.56
CA GLN BA 141 -18.66 20.46 -83.30
CA GLN BA 141 -17.28 27.15 -82.59
C GLN BA 141 -18.23 21.89 -82.96
C GLN BA 141 -16.73 28.56 -82.40
N VAL BA 142 -16.93 22.09 -82.70
N VAL BA 142 -15.40 28.69 -82.25
CA VAL BA 142 -16.44 23.41 -82.28
CA VAL BA 142 -14.81 30.01 -82.01
C VAL BA 142 -16.74 24.45 -83.35
C VAL BA 142 -15.03 30.92 -83.21
N LYS BA 143 -16.53 24.08 -84.61
N LYS BA 143 -14.93 30.36 -84.43
CA LYS BA 143 -16.88 24.98 -85.72
CA LYS BA 143 -15.10 31.19 -85.61
C LYS BA 143 -18.38 25.28 -85.75
C LYS BA 143 -16.55 31.64 -85.75
N ALA BA 144 -19.22 24.27 -85.61
N ALA BA 144 -17.49 30.73 -85.48
CA ALA BA 144 -20.66 24.53 -85.68
CA ALA BA 144 -18.90 31.09 -85.54
C ALA BA 144 -21.08 25.47 -84.55
C ALA BA 144 -19.25 32.13 -84.49
N ILE BA 145 -20.59 25.21 -83.34
N ILE BA 145 -18.67 31.99 -83.29
CA ILE BA 145 -20.90 26.06 -82.19
CA ILE BA 145 -18.96 32.96 -82.24
C ILE BA 145 -20.33 27.45 -82.38
C ILE BA 145 -18.38 34.32 -82.59
N LYS BA 146 -19.14 27.56 -82.97
N LYS BA 146 -17.22 34.34 -83.21
CA LYS BA 146 -18.60 28.89 -83.21
CA LYS BA 146 -16.62 35.62 -83.60
C LYS BA 146 -19.43 29.66 -84.23
C LYS BA 146 -17.41 36.27 -84.73
N GLU BA 147 -19.88 28.98 -85.29
N GLU BA 147 -17.85 35.47 -85.71
CA GLU BA 147 -20.65 29.65 -86.33
CA GLU BA 147 -18.57 36.08 -86.83
C GLU BA 147 -22.06 30.00 -85.86
C GLU BA 147 -19.93 36.60 -86.38
N LEU BA 148 -22.67 29.21 -84.96
N LEU BA 148 -20.57 35.92 -85.41
CA LEU BA 148 -23.97 29.61 -84.43
CA LEU BA 148 -21.87 36.36 -84.94
C LEU BA 148 -23.84 30.80 -83.47
C LEU BA 148 -21.75 37.63 -84.12
N GLY BA 149 -22.81 30.79 -82.62
N GLY BA 149 -20.67 37.75 -83.35
CA GLY BA 149 -22.55 31.97 -81.79
CA GLY BA 149 -20.40 39.00 -82.65
C GLY BA 149 -22.40 33.24 -82.60
C GLY BA 149 -20.15 40.16 -83.61
N ASP BA 150 -21.57 33.20 -83.65
N ASP BA 150 -19.34 39.92 -84.65
CA ASP BA 150 -21.42 34.33 -84.57
CA ASP BA 150 -19.14 40.95 -85.66
C ASP BA 150 -22.78 34.79 -85.10
C ASP BA 150 -20.47 41.43 -86.24
N HIS BA 151 -23.61 33.82 -85.54
N HIS BA 151 -21.33 40.49 -86.62
CA HIS BA 151 -24.94 34.13 -86.07
CA HIS BA 151 -22.63 40.85 -87.16
C HIS BA 151 -25.80 34.80 -85.00
C HIS BA 151 -23.41 41.68 -86.16
N VAL BA 152 -25.83 34.22 -83.80
N VAL BA 152 -23.49 41.20 -84.91
CA VAL BA 152 -26.63 34.77 -82.71
CA VAL BA 152 -24.19 41.94 -83.87
C VAL BA 152 -26.19 36.20 -82.40
C VAL BA 152 -23.62 43.36 -83.77
N THR BA 153 -24.87 36.42 -82.32
N THR BA 153 -22.28 43.46 -83.77
CA THR BA 153 -24.35 37.75 -82.01
CA THR BA 153 -21.66 44.77 -83.58
C THR BA 153 -24.80 38.77 -83.06
C THR BA 153 -22.05 45.70 -84.72
N ASN BA 154 -24.67 38.43 -84.34
N ASN BA 154 -22.10 45.17 -85.93
CA ASN BA 154 -25.07 39.35 -85.40
CA ASN BA 154 -22.36 46.03 -87.09
C ASN BA 154 -26.58 39.60 -85.40
C ASN BA 154 -23.82 46.43 -87.14
N LEU BA 155 -27.38 38.54 -85.25
N LEU BA 155 -24.73 45.49 -86.87
CA LEU BA 155 -28.83 38.75 -85.21
CA LEU BA 155 -26.16 45.80 -86.84
C LEU BA 155 -29.21 39.68 -84.06
C LEU BA 155 -26.46 46.88 -85.81
N ARG BA 156 -28.52 39.55 -82.93
N ARG BA 156 -25.83 46.80 -84.64
CA ARG BA 156 -28.80 40.42 -81.79
CA ARG BA 156 -26.07 47.79 -83.59
C ARG BA 156 -28.38 41.86 -82.09
C ARG BA 156 -25.55 49.17 -84.00
N LYS BA 157 -27.17 42.04 -82.62
N LYS BA 157 -24.31 49.22 -84.51
CA LYS BA 157 -26.68 43.39 -82.88
CA LYS BA 157 -23.74 50.52 -84.88
C LYS BA 157 -27.54 44.10 -83.90
C LYS BA 157 -24.51 51.18 -86.04
N MET BA 158 -28.08 43.37 -84.87
N MET BA 158 -25.14 50.38 -86.90
CA MET BA 158 -28.95 44.00 -85.85
CA MET BA 158 -25.95 50.94 -87.99
C MET BA 158 -30.33 44.30 -85.28
C MET BA 158 -27.29 51.50 -87.51
N GLY BA 159 -30.67 43.80 -84.10
N GLY BA 159 -27.74 51.14 -86.31
CA GLY BA 159 -31.93 44.09 -83.46
CA GLY BA 159 -28.98 51.65 -85.78
C GLY BA 159 -33.00 43.02 -83.54
C GLY BA 159 -30.11 50.66 -85.60
N ALA BA 160 -32.64 41.79 -83.89
N ALA BA 160 -29.87 49.37 -85.78
CA ALA BA 160 -33.60 40.70 -83.83
CA ALA BA 160 -30.89 48.36 -85.55
C ALA BA 160 -33.96 40.38 -82.38
C ALA BA 160 -31.25 48.32 -84.06
N PRO BA 161 -35.15 39.81 -82.12
N PRO BA 161 -32.46 47.83 -83.72
CA PRO BA 161 -36.16 39.54 -83.15
CA PRO BA 161 -33.48 47.30 -84.63
C PRO BA 161 -37.28 40.57 -83.10
C PRO BA 161 -34.48 48.34 -85.11
N GLU BA 162 -37.00 41.71 -82.44
N GLU BA 162 -34.39 49.55 -84.56
CA GLU BA 162 -37.88 42.89 -82.44
CA GLU BA 162 -35.44 50.54 -84.80
C GLU BA 162 -38.01 43.49 -83.83
C GLU BA 162 -35.33 51.13 -86.20
N SER BA 163 -36.90 44.01 -84.36
N SER BA 163 -34.11 51.43 -86.66
CA SER BA 163 -36.86 44.53 -85.71
CA SER BA 163 -33.89 51.86 -88.04
C SER BA 163 -36.98 43.37 -86.70
C SER BA 163 -34.00 50.65 -88.95
N GLY BA 164 -38.09 43.35 -87.46
N GLY BA 164 -35.13 50.52 -89.65
CA GLY BA 164 -38.21 42.33 -88.48
CA GLY BA 164 -35.30 49.41 -90.56
C GLY BA 164 -37.33 42.56 -89.69
C GLY BA 164 -34.39 49.47 -91.78
N LEU BA 165 -36.80 43.78 -89.81
N LEU BA 165 -33.92 50.67 -92.12
CA LEU BA 165 -35.82 44.07 -90.85
CA LEU BA 165 -32.90 50.81 -93.15
C LEU BA 165 -34.53 43.27 -90.63
C LEU BA 165 -31.62 50.05 -92.76
N ALA BA 166 -34.16 43.07 -89.36
N ALA BA 166 -31.31 49.98 -91.46
CA ALA BA 166 -32.89 42.42 -89.04
CA ALA BA 166 -30.12 49.27 -91.03
C ALA BA 166 -32.85 40.98 -89.53
C ALA BA 166 -30.17 47.80 -91.45
N GLU BA 167 -33.93 40.24 -89.32
N GLU BA 167 -31.27 47.12 -91.12
CA GLU BA 167 -33.96 38.85 -89.74
CA GLU BA 167 -31.39 45.70 -91.43
C GLU BA 167 -34.01 38.74 -91.26
C GLU BA 167 -31.39 45.45 -92.93
N TYR BA 168 -34.77 39.64 -91.90
N TYR BA 168 -32.18 46.23 -93.69
CA TYR BA 168 -34.79 39.71 -93.36
CA TYR BA 168 -32.15 46.10 -95.15
C TYR BA 168 -33.39 39.89 -93.93
C TYR BA 168 -30.73 46.24 -95.70
N LEU BA 169 -32.67 40.93 -93.45
N LEU BA 169 -29.98 47.24 -95.24
CA LEU BA 169 -31.39 41.25 -94.04
CA LEU BA 169 -28.64 47.46 -95.79
C LEU BA 169 -30.34 40.20 -93.72
C LEU BA 169 -27.66 46.39 -95.33
N PHE BA 170 -30.41 39.61 -92.52
N PHE BA 170 -27.84 45.83 -94.14
CA PHE BA 170 -29.47 38.55 -92.17
CA PHE BA 170 -26.95 44.77 -93.67
C PHE BA 170 -29.70 37.34 -93.05
C PHE BA 170 -27.23 43.46 -94.39
N ASP BA 171 -30.96 36.92 -93.21
N ASP BA 171 -28.52 43.16 -94.61
CA ASP BA 171 -31.28 35.85 -94.14
CA ASP BA 171 -28.90 42.01 -95.42
C ASP BA 171 -30.70 36.13 -95.52
C ASP BA 171 -28.24 42.06 -96.80
N LYS BA 172 -30.75 37.38 -95.96
N LYS BA 172 -28.28 43.22 -97.45
CA LYS BA 172 -30.29 37.73 -97.29
CA LYS BA 172 -27.80 43.34 -98.83
C LYS BA 172 -28.75 37.86 -97.36
C LYS BA 172 -26.28 43.39 -98.92
N HIS BA 173 -28.14 38.56 -96.40
N HIS BA 173 -25.62 44.07 -97.98
CA HIS BA 173 -26.74 38.94 -96.50
CA HIS BA 173 -24.18 44.31 -98.08
C HIS BA 173 -25.78 37.97 -95.83
C HIS BA 173 -23.33 43.35 -97.28
N THR BA 174 -26.24 37.23 -94.82
N THR BA 174 -23.81 42.85 -96.14
CA THR BA 174 -25.39 36.23 -94.21
CA THR BA 174 -23.03 41.89 -95.38
C THR BA 174 -25.68 34.82 -94.71
C THR BA 174 -23.48 40.46 -95.69
N LEU BA 175 -26.95 34.37 -94.63
N LEU BA 175 -24.77 40.15 -95.56
CA LEU BA 175 -27.31 32.99 -94.99
CA LEU BA 175 -25.20 38.79 -95.81
C LEU BA 175 -27.52 32.80 -96.48
C LEU BA 175 -25.42 38.49 -97.30
N GLY BA 176 -27.69 33.87 -97.25
N GLY BA 176 -25.45 39.49 -98.17
CA GLY BA 176 -27.89 33.73 -98.67
CA GLY BA 176 -25.77 39.26 -99.57
C GLY BA 176 -26.62 34.06 -99.43
C GLY BA 176 -24.58 39.10 -100.50
N ASP BA 177 -25.55 33.33 -99.13
N ASP BA 177 -23.77 38.08 -100.27
CA ASP BA 177 -24.22 33.50 -99.73
CA ASP BA 177 -22.49 37.86 -100.96
C ASP BA 177 -23.62 34.89 -99.47
C ASP BA 177 -21.55 39.06 -100.82
N SER CA 4 26.37 8.52 -77.99
N SER CA 4 26.55 12.11 -75.89
CA SER CA 4 26.02 9.87 -78.42
CA SER CA 4 26.33 13.50 -76.25
C SER CA 4 24.53 10.01 -78.73
C SER CA 4 24.84 13.76 -76.45
N THR CA 5 23.86 10.91 -78.01
N THR CA 5 24.43 15.02 -76.32
CA THR CA 5 22.47 11.21 -78.31
CA THR CA 5 23.05 15.40 -76.59
C THR CA 5 22.36 11.94 -79.64
C THR CA 5 22.98 16.07 -77.97
N SER CA 6 21.31 11.63 -80.39
N SER CA 6 21.91 15.78 -78.70
CA SER CA 6 21.05 12.35 -81.63
CA SER CA 6 21.69 16.42 -79.98
C SER CA 6 20.71 13.80 -81.35
C SER CA 6 21.45 17.91 -79.79
N GLN CA 7 21.18 14.69 -82.23
N GLN CA 7 21.97 18.70 -80.74
CA GLN CA 7 20.88 16.11 -82.10
CA GLN CA 7 21.73 20.13 -80.75
C GLN CA 7 19.38 16.40 -82.27
C GLN CA 7 20.25 20.49 -80.88
N VAL CA 8 18.64 15.49 -82.89
N VAL CA 8 19.44 19.60 -81.49
CA VAL CA 8 17.22 15.72 -83.12
CA VAL CA 8 18.03 19.90 -81.71
C VAL CA 8 16.35 15.07 -82.02
C VAL CA 8 17.14 19.39 -80.59
N ARG CA 9 16.92 14.21 -81.17
N ARG CA 9 17.66 18.56 -79.69
CA ARG CA 9 16.09 13.44 -80.26
CA ARG CA 9 16.83 17.96 -78.65
C ARG CA 9 15.40 14.34 -79.24
C ARG CA 9 16.29 19.04 -77.71
N GLN CA 10 14.08 14.17 -79.09
N GLN CA 10 14.98 19.04 -77.49
CA GLN CA 10 13.30 14.97 -78.15
CA GLN CA 10 14.31 19.99 -76.60
C GLN CA 10 12.07 14.17 -77.74
C GLN CA 10 13.01 19.37 -76.09
N ASN CA 11 11.99 13.83 -76.43
N ASN CA 11 12.87 19.26 -74.78
CA ASN CA 11 10.83 13.17 -75.84
CA ASN CA 11 11.66 18.72 -74.14
C ASN CA 11 10.61 11.74 -76.38
C ASN CA 11 11.36 17.29 -74.58
N TYR CA 12 11.68 11.06 -76.74
N TYR CA 12 12.38 16.50 -74.92
CA TYR CA 12 11.64 9.73 -77.35
CA TYR CA 12 12.16 15.16 -75.47
C TYR CA 12 12.27 8.73 -76.39
C TYR CA 12 12.73 14.16 -74.48
N HIS CA 13 11.46 7.87 -75.80
N HIS CA 13 11.84 13.45 -73.78
CA HIS CA 13 11.94 6.90 -74.82
CA HIS CA 13 12.22 12.55 -72.70
C HIS CA 13 12.55 5.69 -75.52
C HIS CA 13 12.70 11.20 -73.22
N GLN CA 14 13.64 5.15 -74.95
N GLN CA 14 13.76 10.68 -72.60
CA GLN CA 14 14.27 3.97 -75.55
CA GLN CA 14 14.30 9.39 -73.02
C GLN CA 14 13.33 2.76 -75.59
C GLN CA 14 13.28 8.25 -72.88
N ASP CA 15 12.31 2.71 -74.74
N ASP CA 15 12.29 8.36 -71.98
CA ASP CA 15 11.34 1.64 -74.89
CA ASP CA 15 11.24 7.34 -71.93
C ASP CA 15 10.49 1.85 -76.16
C ASP CA 15 10.37 7.39 -73.18
N SER CA 16 10.10 3.10 -76.43
N SER CA 16 10.10 8.60 -73.68
CA SER CA 16 9.41 3.40 -77.68
CA SER CA 16 9.28 8.74 -74.87
C SER CA 16 10.31 3.12 -78.88
C SER CA 16 10.05 8.25 -76.10
N GLU CA 17 11.56 3.59 -78.83
N GLU CA 17 11.33 8.62 -76.17
CA GLU CA 17 12.54 3.27 -79.87
CA GLU CA 17 12.29 8.09 -77.13
C GLU CA 17 12.60 1.77 -80.12
C GLU CA 17 12.28 6.57 -77.16
N ALA CA 18 12.80 0.98 -79.06
N ALA CA 18 12.40 5.94 -75.99
CA ALA CA 18 12.87 -0.47 -79.19
CA ALA CA 18 12.39 4.47 -75.94
C ALA CA 18 11.59 -1.05 -79.75
C ALA CA 18 11.07 3.91 -76.45
N ALA CA 19 10.44 -0.53 -79.32
N ALA CA 19 9.95 4.53 -76.06
CA ALA CA 19 9.16 -1.06 -79.81
CA ALA CA 19 8.67 4.06 -76.58
C ALA CA 19 8.94 -0.73 -81.29
C ALA CA 19 8.58 4.23 -78.09
N ILE CA 20 9.56 0.34 -81.78
N ILE CA 20 9.16 5.30 -78.63
CA ILE CA 20 9.46 0.64 -83.21
CA ILE CA 20 9.17 5.46 -80.08
C ILE CA 20 10.30 -0.34 -84.03
C ILE CA 20 9.87 4.29 -80.75
N ASN CA 21 11.53 -0.64 -83.59
N ASN CA 21 11.08 3.95 -80.29
CA ASN CA 21 12.31 -1.64 -84.30
CA ASN CA 21 11.80 2.79 -80.83
C ASN CA 21 11.62 -3.01 -84.28
C ASN CA 21 10.97 1.51 -80.70
N ARG CA 22 10.92 -3.35 -83.19
N ARG CA 22 10.21 1.37 -79.60
CA ARG CA 22 10.14 -4.58 -83.22
CA ARG CA 22 9.38 0.18 -79.46
C ARG CA 22 8.97 -4.49 -84.21
C ARG CA 22 8.22 0.22 -80.46
N GLN CA 23 8.33 -3.32 -84.30
N GLN CA 23 7.63 1.39 -80.69
CA GLN CA 23 7.20 -3.17 -85.22
CA GLN CA 23 6.54 1.46 -81.64
C GLN CA 23 7.64 -3.20 -86.68
C GLN CA 23 7.03 1.15 -83.05
N ILE CA 24 8.76 -2.57 -87.00
N ILE CA 24 8.23 1.61 -83.41
CA ILE CA 24 9.32 -2.68 -88.36
CA ILE CA 24 8.78 1.34 -84.73
C ILE CA 24 9.42 -4.15 -88.76
C ILE CA 24 8.83 -0.17 -84.98
N ASN CA 25 10.01 -4.97 -87.88
N ASN CA 25 9.34 -0.93 -84.02
CA ASN CA 25 10.23 -6.38 -88.21
CA ASN CA 25 9.37 -2.38 -84.15
C ASN CA 25 8.91 -7.14 -88.34
C ASN CA 25 7.97 -2.97 -84.30
N LEU CA 26 7.90 -6.76 -87.56
N LEU CA 26 6.96 -2.38 -83.64
CA LEU CA 26 6.60 -7.38 -87.69
CA LEU CA 26 5.63 -2.96 -83.71
C LEU CA 26 5.87 -6.98 -88.98
C LEU CA 26 4.97 -2.67 -85.05
N GLU CA 27 6.08 -5.75 -89.47
N GLU CA 27 5.24 -1.50 -85.64
CA GLU CA 27 5.48 -5.34 -90.74
CA GLU CA 27 4.69 -1.22 -86.96
C GLU CA 27 6.20 -5.98 -91.93
C GLU CA 27 5.29 -2.14 -88.01
N LEU CA 28 7.53 -6.02 -91.91
N LEU CA 28 6.60 -2.40 -87.89
CA LEU CA 28 8.24 -6.79 -92.93
CA LEU CA 28 7.25 -3.33 -88.79
C LEU CA 28 7.82 -8.25 -92.89
C LEU CA 28 6.77 -4.75 -88.55
N TYR CA 29 7.60 -8.79 -91.68
N TYR CA 29 6.43 -5.09 -87.30
CA TYR CA 29 7.13 -10.17 -91.57
CA TYR CA 29 5.86 -6.40 -87.02
C TYR CA 29 5.80 -10.38 -92.26
C TYR CA 29 4.46 -6.52 -87.63
N ALA CA 30 4.84 -9.48 -92.01
N ALA CA 30 3.63 -5.48 -87.53
CA ALA CA 30 3.51 -9.64 -92.60
CA ALA CA 30 2.32 -5.54 -88.18
C ALA CA 30 3.59 -9.53 -94.11
C ALA CA 30 2.45 -5.61 -89.70
N SER CA 31 4.42 -8.62 -94.62
N SER CA 31 3.48 -4.92 -90.24
CA SER CA 31 4.66 -8.54 -96.05
CA SER CA 31 3.77 -4.99 -91.66
C SER CA 31 5.06 -9.90 -96.62
C SER CA 31 4.08 -6.42 -92.10
N TYR CA 32 5.96 -10.60 -95.92
N TYR CA 32 4.82 -7.14 -91.26
CA TYR CA 32 6.43 -11.92 -96.35
CA TYR CA 32 5.15 -8.54 -91.55
C TYR CA 32 5.29 -12.93 -96.40
C TYR CA 32 3.91 -9.42 -91.46
N VAL CA 33 4.44 -12.93 -95.36
N VAL CA 33 3.02 -9.17 -90.51
CA VAL CA 33 3.30 -13.83 -95.33
CA VAL CA 33 1.83 -10.02 -90.37
C VAL CA 33 2.42 -13.63 -96.55
C VAL CA 33 0.98 -9.96 -91.64
N TYR CA 34 2.04 -12.37 -96.83
N TYR CA 34 0.73 -8.75 -92.12
CA TYR CA 34 1.21 -12.10 -97.99
CA TYR CA 34 -0.12 -8.57 -93.30
C TYR CA 34 1.93 -12.45 -99.29
C TYR CA 34 0.56 -9.08 -94.56
N LEU CA 35 3.23 -12.14 -99.39
N LEU CA 35 1.88 -8.92 -94.64
CA LEU CA 35 3.97 -12.54 -100.59
CA LEU CA 35 2.62 -9.53 -95.74
C LEU CA 35 3.83 -14.04 -100.80
C LEU CA 35 2.39 -11.04 -95.75
N SER CA 36 4.05 -14.83 -99.74
N SER CA 36 2.50 -11.69 -94.59
CA SER CA 36 3.90 -16.28 -99.87
CA SER CA 36 2.25 -13.12 -94.54
C SER CA 36 2.49 -16.66 -100.26
C SER CA 36 0.82 -13.43 -94.90
N MET CA 37 1.47 -15.99 -99.68
N MET CA 37 -0.13 -12.63 -94.41
CA MET CA 37 0.10 -16.32 -100.04
CA MET CA 37 -1.52 -12.87 -94.72
C MET CA 37 -0.16 -16.08 -101.52
C MET CA 37 -1.78 -12.70 -96.21
N SER CA 38 0.34 -14.96 -102.05
N SER CA 38 -1.10 -11.74 -96.84
CA SER CA 38 0.07 -14.59 -103.43
CA SER CA 38 -1.28 -11.52 -98.27
C SER CA 38 0.59 -15.65 -104.39
C SER CA 38 -0.96 -12.76 -99.08
N TYR CA 39 1.83 -16.10 -104.21
N TYR CA 39 0.23 -13.34 -98.88
CA TYR CA 39 2.38 -17.04 -105.17
CA TYR CA 39 0.63 -14.45 -99.73
C TYR CA 39 1.90 -18.47 -104.95
C TYR CA 39 0.07 -15.78 -99.28
N TYR CA 40 1.27 -18.75 -103.82
N TYR CA 40 -0.57 -15.85 -98.11
CA TYR CA 40 0.51 -19.97 -103.71
CA TYR CA 40 -1.46 -16.97 -97.85
C TYR CA 40 -0.62 -20.01 -104.73
C TYR CA 40 -2.62 -17.00 -98.84
N PHE CA 41 -1.35 -18.89 -104.87
N PHE CA 41 -3.28 -15.85 -99.05
CA PHE CA 41 -2.51 -18.87 -105.76
CA PHE CA 41 -4.43 -15.83 -99.95
C PHE CA 41 -2.13 -18.77 -107.24
C PHE CA 41 -4.05 -15.91 -101.43
N ASP CA 42 -0.87 -18.45 -107.54
N ASP CA 42 -2.77 -15.77 -101.74
CA ASP CA 42 -0.35 -18.45 -108.90
CA ASP CA 42 -2.25 -15.97 -103.09
C ASP CA 42 0.09 -19.85 -109.36
C ASP CA 42 -1.96 -17.43 -103.41
N ARG CA 43 0.10 -20.84 -108.45
N ARG CA 43 -2.02 -18.32 -102.41
CA ARG CA 43 0.41 -22.23 -108.81
CA ARG CA 43 -1.82 -19.75 -102.65
C ARG CA 43 -0.54 -22.75 -109.89
C ARG CA 43 -2.86 -20.30 -103.61
N ASP CA 44 -0.02 -23.60 -110.79
N ASP CA 44 -2.44 -21.26 -104.44
CA ASP CA 44 -0.87 -24.14 -111.84
CA ASP CA 44 -3.31 -21.89 -105.42
C ASP CA 44 -2.02 -24.99 -111.28
C ASP CA 44 -4.48 -22.64 -104.80
N ASP CA 45 -1.85 -25.55 -110.08
N ASP CA 45 -4.34 -23.08 -103.55
CA ASP CA 45 -2.89 -26.40 -109.51
CA ASP CA 45 -5.40 -23.75 -102.81
C ASP CA 45 -3.76 -25.66 -108.51
C ASP CA 45 -6.15 -22.78 -101.90
N VAL CA 46 -3.66 -24.34 -108.46
N VAL CA 46 -5.86 -21.49 -102.00
CA VAL CA 46 -4.55 -23.50 -107.66
CA VAL CA 46 -6.63 -20.46 -101.30
C VAL CA 46 -5.22 -22.52 -108.62
C VAL CA 46 -7.27 -19.55 -102.34
N ALA CA 47 -4.41 -21.69 -109.28
N ALA CA 47 -6.42 -18.87 -103.13
CA ALA CA 47 -4.83 -20.89 -110.43
CA ALA CA 47 -6.83 -18.26 -104.41
C ALA CA 47 -6.03 -19.98 -110.11
C ALA CA 47 -7.89 -17.16 -104.26
N LEU CA 48 -5.87 -19.16 -109.08
N LEU CA 48 -7.74 -16.29 -103.26
CA LEU CA 48 -6.83 -18.10 -108.75
CA LEU CA 48 -8.65 -15.17 -103.06
C LEU CA 48 -6.07 -16.77 -108.82
C LEU CA 48 -7.86 -13.87 -103.30
N LYS CA 49 -6.11 -16.16 -110.01
N LYS CA 49 -7.83 -13.45 -104.58
CA LYS CA 49 -5.27 -15.01 -110.30
CA LYS CA 49 -6.93 -12.37 -105.01
C LYS CA 49 -5.60 -13.80 -109.44
C LYS CA 49 -7.19 -11.04 -104.29
N ASN CA 50 -6.88 -13.58 -109.13
N ASN CA 50 -8.45 -10.75 -103.96
CA ASN CA 50 -7.24 -12.36 -108.39
CA ASN CA 50 -8.71 -9.44 -103.37
C ASN CA 50 -6.94 -12.49 -106.90
C ASN CA 50 -8.43 -9.43 -101.88
N PHE CA 51 -7.12 -13.70 -106.34
N PHE CA 51 -8.61 -10.56 -101.20
CA PHE CA 51 -6.57 -14.03 -105.03
CA PHE CA 51 -8.03 -10.72 -99.87
C PHE CA 51 -5.08 -13.71 -104.98
C PHE CA 51 -6.51 -10.49 -99.94
N ALA CA 52 -4.34 -14.17 -105.97
N ALA CA 52 -5.85 -11.09 -100.93
CA ALA CA 52 -2.91 -13.87 -106.08
CA ALA CA 52 -4.41 -10.88 -101.10
C ALA CA 52 -2.67 -12.37 -106.12
C ALA CA 52 -4.10 -9.40 -101.31
N LYS CA 53 -3.41 -11.65 -106.96
N LYS CA 53 -4.76 -8.77 -102.29
CA LYS CA 53 -3.18 -10.21 -107.04
CA LYS CA 53 -4.55 -7.35 -102.52
C LYS CA 53 -3.52 -9.56 -105.70
C LYS CA 53 -4.81 -6.55 -101.25
N TYR CA 54 -4.60 -10.01 -105.08
N TYR CA 54 -5.88 -6.88 -100.53
CA TYR CA 54 -5.07 -9.39 -103.85
CA TYR CA 54 -6.25 -6.10 -99.35
C TYR CA 54 -3.98 -9.43 -102.78
C TYR CA 54 -5.11 -6.08 -98.32
N PHE CA 55 -3.40 -10.62 -102.55
N PHE CA 55 -4.59 -7.25 -97.96
CA PHE CA 55 -2.34 -10.77 -101.55
CA PHE CA 55 -3.60 -7.30 -96.88
C PHE CA 55 -1.02 -10.17 -102.01
C PHE CA 55 -2.23 -6.79 -97.32
N LEU CA 56 -0.76 -10.12 -103.32
N LEU CA 56 -1.89 -6.95 -98.60
CA LEU CA 56 0.42 -9.36 -103.77
CA LEU CA 56 -0.68 -6.33 -99.12
C LEU CA 56 0.31 -7.90 -103.37
C LEU CA 56 -0.75 -4.81 -98.97
N HIS CA 57 -0.87 -7.29 -103.56
N HIS CA 57 -1.93 -4.24 -99.18
CA HIS CA 57 -1.06 -5.90 -103.16
CA HIS CA 57 -2.09 -2.81 -98.94
C HIS CA 57 -0.84 -5.73 -101.66
C HIS CA 57 -1.83 -2.45 -97.47
N GLN CA 58 -1.39 -6.65 -100.85
N GLN CA 58 -2.47 -3.18 -96.55
CA GLN CA 58 -1.21 -6.54 -99.40
CA GLN CA 58 -2.19 -2.96 -95.12
C GLN CA 58 0.26 -6.63 -99.03
C GLN CA 58 -0.70 -3.11 -94.81
N SER CA 59 1.01 -7.48 -99.74
N SER CA 59 -0.06 -4.14 -95.37
CA SER CA 59 2.43 -7.62 -99.43
CA SER CA 59 1.36 -4.35 -95.10
C SER CA 59 3.15 -6.30 -99.60
C SER CA 59 2.19 -3.14 -95.53
N HIS CA 60 2.93 -5.63 -100.73
N HIS CA 60 1.91 -2.59 -96.71
CA HIS CA 60 3.57 -4.34 -100.97
CA HIS CA 60 2.66 -1.43 -97.19
C HIS CA 60 3.09 -3.29 -99.97
C HIS CA 60 2.38 -0.19 -96.34
N GLU CA 61 1.80 -3.31 -99.60
N GLU CA 61 1.12 0.01 -95.96
CA GLU CA 61 1.30 -2.34 -98.62
CA GLU CA 61 0.78 1.14 -95.10
C GLU CA 61 2.01 -2.51 -97.28
C GLU CA 61 1.42 1.00 -93.71
N GLU CA 62 2.23 -3.76 -96.84
N GLU CA 62 1.51 -0.23 -93.18
CA GLU CA 62 2.94 -3.95 -95.59
CA GLU CA 62 2.21 -0.44 -91.92
C GLU CA 62 4.39 -3.47 -95.66
C GLU CA 62 3.67 -0.04 -92.03
N ARG CA 63 5.01 -3.57 -96.85
N ARG CA 63 4.30 -0.37 -93.15
CA ARG CA 63 6.37 -3.04 -97.04
CA ARG CA 63 5.70 0.01 -93.35
C ARG CA 63 6.41 -1.52 -96.82
C ARG CA 63 5.85 1.54 -93.36
N GLU CA 64 5.45 -0.81 -97.39
N GLU CA 64 4.90 2.26 -93.99
CA GLU CA 64 5.35 0.63 -97.14
CA GLU CA 64 4.91 3.71 -93.96
C GLU CA 64 5.13 0.92 -95.66
C GLU CA 64 4.76 4.24 -92.53
N HIS CA 65 4.26 0.16 -94.99
N HIS CA 65 3.96 3.56 -91.71
CA HIS CA 65 4.11 0.30 -93.54
CA HIS CA 65 3.78 3.98 -90.32
C HIS CA 65 5.46 0.23 -92.87
C HIS CA 65 5.09 3.94 -89.56
N ALA CA 66 6.26 -0.77 -93.21
N ALA CA 66 5.87 2.86 -89.73
CA ALA CA 66 7.57 -0.94 -92.59
CA ALA CA 66 7.17 2.77 -89.05
C ALA CA 66 8.47 0.26 -92.85
C ALA CA 66 8.09 3.89 -89.50
N GLU CA 67 8.46 0.78 -94.08
N GLU CA 67 8.05 4.25 -90.78
CA GLU CA 67 9.37 1.87 -94.40
CA GLU CA 67 9.01 5.20 -91.32
C GLU CA 67 8.97 3.15 -93.70
C GLU CA 67 8.78 6.60 -90.76
N LYS CA 68 7.66 3.36 -93.55
N LYS CA 68 7.52 7.03 -90.72
CA LYS CA 68 7.15 4.52 -92.83
CA LYS CA 68 7.19 8.31 -90.10
C LYS CA 68 7.64 4.51 -91.39
C LYS CA 68 7.57 8.31 -88.62
N LEU CA 69 7.70 3.32 -90.78
N LEU CA 69 7.49 7.16 -87.97
CA LEU CA 69 8.21 3.21 -89.42
CA LEU CA 69 7.94 7.09 -86.58
C LEU CA 69 9.71 3.49 -89.36
C LEU CA 69 9.45 7.23 -86.49
N MET CA 70 10.48 2.97 -90.32
N MET CA 70 10.16 6.68 -87.48
CA MET CA 70 11.91 3.29 -90.36
CA MET CA 70 11.61 6.86 -87.52
C MET CA 70 12.13 4.79 -90.48
C MET CA 70 11.97 8.29 -87.92
N LYS CA 71 11.36 5.44 -91.35
N LYS CA 71 11.18 8.87 -88.83
CA LYS CA 71 11.39 6.89 -91.47
CA LYS CA 71 11.36 10.27 -89.17
C LYS CA 71 11.15 7.56 -90.14
C LYS CA 71 11.16 11.16 -87.94
N LEU CA 72 10.06 7.19 -89.45
N LEU CA 72 10.12 10.89 -87.16
CA LEU CA 72 9.72 7.77 -88.15
CA LEU CA 72 9.88 11.63 -85.92
C LEU CA 72 10.86 7.59 -87.16
C LEU CA 72 11.04 11.49 -84.96
N GLN CA 73 11.52 6.44 -87.19
N GLN CA 73 11.50 10.25 -84.75
CA GLN CA 73 12.62 6.17 -86.28
CA GLN CA 73 12.64 10.02 -83.86
C GLN CA 73 13.75 7.17 -86.51
C GLN CA 73 13.82 10.95 -84.19
N ASN CA 74 14.08 7.41 -87.78
N ASN CA 74 14.20 11.02 -85.47
CA ASN CA 74 15.10 8.39 -88.11
CA ASN CA 74 15.30 11.90 -85.87
C ASN CA 74 14.61 9.81 -87.84
C ASN CA 74 14.93 13.38 -85.66
N GLN CA 75 13.32 10.07 -88.06
N GLN CA 75 13.70 13.76 -86.04
CA GLN CA 75 12.77 11.38 -87.74
CA GLN CA 75 13.23 15.14 -85.88
C GLN CA 75 12.98 11.72 -86.28
C GLN CA 75 13.41 15.65 -84.46
N ARG CA 76 12.70 10.77 -85.40
N ARG CA 76 12.92 14.88 -83.49
CA ARG CA 76 12.73 11.02 -83.97
CA ARG CA 76 13.03 15.21 -82.08
C ARG CA 76 14.11 10.84 -83.38
C ARG CA 76 14.47 15.20 -81.57
N GLY CA 77 15.11 10.53 -84.20
N GLY CA 77 15.39 14.61 -82.32
CA GLY CA 77 16.45 10.34 -83.70
CA GLY CA 77 16.74 14.42 -81.82
C GLY CA 77 16.71 8.99 -83.10
C GLY CA 77 16.97 13.10 -81.12
N GLY CA 78 15.76 8.07 -83.23
N GLY CA 78 15.98 12.19 -81.12
CA GLY CA 78 16.04 6.68 -82.92
CA GLY CA 78 16.18 10.86 -80.58
C GLY CA 78 17.00 6.10 -83.92
C GLY CA 78 17.01 10.00 -81.51
N ARG CA 79 17.47 4.90 -83.61
N ARG CA 79 17.41 8.82 -81.03
CA ARG CA 79 18.45 4.20 -84.42
CA ARG CA 79 18.27 7.94 -81.80
C ARG CA 79 17.85 2.87 -84.83
C ARG CA 79 17.53 6.63 -82.08
N ILE CA 80 17.85 2.61 -86.14
N ILE CA 80 17.54 6.23 -83.35
CA ILE CA 80 17.27 1.39 -86.69
CA ILE CA 80 16.85 5.03 -83.80
C ILE CA 80 18.16 0.19 -86.39
C ILE CA 80 17.68 3.81 -83.44
N PHE CA 81 17.54 -0.92 -86.03
N PHE CA 81 17.07 2.87 -82.71
CA PHE CA 81 18.25 -2.20 -85.95
CA PHE CA 81 17.66 1.55 -82.47
C PHE CA 81 17.32 -3.25 -86.53
C PHE CA 81 16.61 0.53 -82.93
N LEU CA 82 17.73 -3.86 -87.63
N LEU CA 82 16.95 -0.20 -83.99
CA LEU CA 82 16.89 -4.83 -88.30
CA LEU CA 82 16.08 -1.22 -84.55
C LEU CA 82 17.24 -6.23 -87.81
C LEU CA 82 16.40 -2.59 -83.96
N GLN CA 83 16.26 -7.12 -87.88
N GLN CA 83 15.37 -3.44 -83.88
CA GLN CA 83 16.41 -8.49 -87.45
CA GLN CA 83 15.47 -4.78 -83.32
C GLN CA 83 15.99 -9.40 -88.58
C GLN CA 83 15.03 -5.82 -84.34
N ASP CA 84 16.29 -10.70 -88.42
N ASP CA 84 15.25 -7.08 -83.99
CA ASP CA 84 15.89 -11.69 -89.42
CA ASP CA 84 14.66 -8.20 -84.71
C ASP CA 84 14.39 -11.56 -89.68
C ASP CA 84 13.18 -7.96 -84.95
N ILE CA 85 14.00 -11.79 -90.92
N ILE CA 85 12.74 -8.16 -86.19
CA ILE CA 85 12.60 -11.88 -91.29
CA ILE CA 85 11.31 -8.24 -86.49
C ILE CA 85 12.26 -13.37 -91.36
C ILE CA 85 10.86 -9.68 -86.30
N GLN CA 86 11.51 -13.86 -90.39
N GLN CA 86 9.97 -9.91 -85.34
CA GLN CA 86 11.21 -15.29 -90.35
CA GLN CA 86 9.56 -11.27 -85.04
C GLN CA 86 10.19 -15.64 -91.43
C GLN CA 86 8.62 -11.79 -86.13
N LYS CA 87 10.38 -16.80 -92.05
N LYS CA 87 8.80 -13.06 -86.49
CA LYS CA 87 9.49 -17.28 -93.09
CA LYS CA 87 7.94 -13.68 -87.48
C LYS CA 87 8.12 -17.56 -92.50
C LYS CA 87 6.51 -13.74 -86.95
N PRO CA 88 7.06 -17.49 -93.31
N PRO CA 88 5.52 -13.78 -87.84
CA PRO CA 88 5.70 -17.73 -92.79
CA PRO CA 88 4.12 -13.80 -87.37
C PRO CA 88 5.55 -19.15 -92.30
C PRO CA 88 3.80 -15.09 -86.64
N ASP CA 89 4.52 -19.37 -91.49
N ASP CA 89 2.67 -15.08 -85.94
CA ASP CA 89 4.34 -20.68 -90.87
CA ASP CA 89 2.36 -16.20 -85.07
C ASP CA 89 3.79 -21.74 -91.80
C ASP CA 89 1.75 -17.39 -85.81
N GLU CA 90 3.44 -21.39 -93.05
N GLU CA 90 1.35 -17.23 -87.07
CA GLU CA 90 2.89 -22.35 -94.01
CA GLU CA 90 0.87 -18.34 -87.87
C GLU CA 90 3.51 -22.11 -95.37
C GLU CA 90 1.55 -18.33 -89.23
N ASP CA 91 3.80 -23.20 -96.09
N ASP CA 91 1.69 -19.52 -89.82
CA ASP CA 91 4.21 -23.11 -97.50
CA ASP CA 91 2.04 -19.63 -91.22
C ASP CA 91 3.02 -23.29 -98.42
C ASP CA 91 0.81 -19.81 -92.10
N ASP CA 92 1.99 -23.98 -97.94
N ASP CA 92 -0.22 -20.42 -91.54
CA ASP CA 92 0.81 -24.35 -98.70
CA ASP CA 92 -1.47 -20.71 -92.20
C ASP CA 92 -0.37 -23.76 -97.95
C ASP CA 92 -2.56 -19.91 -91.50
N TRP CA 93 -1.10 -22.85 -98.58
N TRP CA 93 -3.42 -19.24 -92.28
CA TRP CA 93 -2.12 -22.09 -97.89
CA TRP CA 93 -4.42 -18.34 -91.73
C TRP CA 93 -3.52 -22.68 -98.06
C TRP CA 93 -5.85 -18.85 -91.92
N GLU CA 94 -3.62 -23.90 -98.63
N GLU CA 94 -6.03 -20.16 -92.16
CA GLU CA 94 -4.81 -24.76 -98.62
CA GLU CA 94 -7.33 -20.80 -92.26
C GLU CA 94 -5.92 -24.35 -99.58
C GLU CA 94 -8.23 -20.22 -93.35
N SER CA 95 -6.30 -23.08 -99.54
N SER CA 95 -8.65 -18.97 -93.21
CA SER CA 95 -7.46 -22.61 -100.28
CA SER CA 95 -9.71 -18.46 -94.07
C SER CA 95 -7.52 -21.11 -100.10
C SER CA 95 -9.67 -16.94 -94.12
N GLY CA 96 -8.41 -20.49 -100.88
N GLY CA 96 -10.50 -16.38 -95.00
CA GLY CA 96 -8.67 -19.08 -100.69
CA GLY CA 96 -10.66 -14.93 -95.02
C GLY CA 96 -9.29 -18.80 -99.33
C GLY CA 96 -11.25 -14.40 -93.73
N LEU CA 97 -10.30 -19.58 -98.95
N LEU CA 97 -12.22 -15.11 -93.17
CA LEU CA 97 -10.92 -19.36 -97.66
CA LEU CA 97 -12.77 -14.69 -91.89
C LEU CA 97 -9.90 -19.47 -96.54
C LEU CA 97 -11.71 -14.72 -90.79
N ASN CA 98 -8.96 -20.44 -96.66
N ASN CA 98 -11.02 -15.85 -90.63
CA ASN CA 98 -7.98 -20.63 -95.59
CA ASN CA 98 -10.02 -15.95 -89.57
C ASN CA 98 -7.00 -19.46 -95.53
C ASN CA 98 -8.89 -14.93 -89.76
N ALA CA 99 -6.53 -18.99 -96.68
N ALA CA 99 -8.54 -14.62 -91.02
CA ALA CA 99 -5.64 -17.83 -96.69
CA ALA CA 99 -7.49 -13.62 -91.26
C ALA CA 99 -6.32 -16.61 -96.09
C ALA CA 99 -7.95 -12.24 -90.84
N MET CA 100 -7.63 -16.46 -96.35
N MET CA 100 -9.19 -11.89 -91.15
CA MET CA 100 -8.35 -15.30 -95.87
CA MET CA 100 -9.72 -10.61 -90.71
C MET CA 100 -8.44 -15.31 -94.35
C MET CA 100 -9.83 -10.53 -89.19
N GLU CA 101 -8.68 -16.48 -93.76
N GLU CA 101 -10.15 -11.65 -88.52
CA GLU CA 101 -8.75 -16.58 -92.30
CA GLU CA 101 -10.29 -11.61 -87.07
C GLU CA 101 -7.36 -16.38 -91.68
C GLU CA 101 -8.93 -11.48 -86.41
N ALA CA 102 -6.32 -16.97 -92.28
N ALA CA 102 -7.92 -12.15 -86.95
CA ALA CA 102 -4.96 -16.73 -91.82
CA ALA CA 102 -6.56 -11.95 -86.48
C ALA CA 102 -4.60 -15.26 -91.89
C ALA CA 102 -6.06 -10.54 -86.78
N ALA CA 103 -5.04 -14.58 -92.96
N ALA CA 103 -6.52 -9.94 -87.88
CA ALA CA 103 -4.81 -13.15 -93.06
CA ALA CA 103 -6.10 -8.57 -88.17
C ALA CA 103 -5.59 -12.39 -92.00
C ALA CA 103 -6.75 -7.59 -87.20
N LEU CA 104 -6.84 -12.76 -91.76
N LEU CA 104 -8.04 -7.76 -86.90
CA LEU CA 104 -7.60 -12.13 -90.68
CA LEU CA 104 -8.70 -6.86 -85.97
C LEU CA 104 -6.90 -12.34 -89.36
C LEU CA 104 -8.02 -6.93 -84.60
N HIS CA 105 -6.41 -13.55 -89.12
N HIS CA 105 -7.82 -8.14 -84.09
CA HIS CA 105 -5.60 -13.84 -87.93
CA HIS CA 105 -7.05 -8.32 -82.85
C HIS CA 105 -4.37 -12.93 -87.89
C HIS CA 105 -5.72 -7.58 -82.92
N LEU CA 106 -3.67 -12.79 -89.02
N LEU CA 106 -4.97 -7.77 -84.02
CA LEU CA 106 -2.44 -12.00 -89.05
CA LEU CA 106 -3.67 -7.11 -84.13
C LEU CA 106 -2.72 -10.53 -88.75
C LEU CA 106 -3.79 -5.60 -84.10
N GLU CA 107 -3.74 -9.95 -89.39
N GLU CA 107 -4.81 -5.04 -84.77
CA GLU CA 107 -4.01 -8.53 -89.18
CA GLU CA 107 -4.92 -3.59 -84.85
C GLU CA 107 -4.40 -8.23 -87.74
C GLU CA 107 -5.25 -2.97 -83.49
N LYS CA 108 -5.12 -9.14 -87.09
N LYS CA 108 -6.01 -3.68 -82.65
CA LYS CA 108 -5.50 -8.91 -85.70
CA LYS CA 108 -6.30 -3.15 -81.31
C LYS CA 108 -4.28 -8.97 -84.78
C LYS CA 108 -5.11 -3.26 -80.39
N ASN CA 109 -3.44 -10.01 -84.94
N ASN CA 109 -4.28 -4.30 -80.54
CA ASN CA 109 -2.16 -10.03 -84.25
CA ASN CA 109 -2.99 -4.34 -79.84
C ASN CA 109 -1.38 -8.74 -84.46
C ASN CA 109 -2.12 -3.17 -80.25
N VAL CA 110 -1.26 -8.30 -85.71
N VAL CA 110 -2.08 -2.85 -81.55
CA VAL CA 110 -0.54 -7.05 -86.00
CA VAL CA 110 -1.32 -1.69 -82.00
C VAL CA 110 -1.26 -5.88 -85.36
C VAL CA 110 -1.92 -0.41 -81.44
N ASN CA 111 -2.59 -5.93 -85.30
N ASN CA 111 -3.25 -0.34 -81.38
CA ASN CA 111 -3.34 -4.88 -84.64
CA ASN CA 111 -3.94 0.82 -80.82
C ASN CA 111 -2.98 -4.82 -83.16
C ASN CA 111 -3.59 1.02 -79.34
N GLN CA 112 -2.92 -5.97 -82.50
N GLN CA 112 -3.76 -0.03 -78.54
CA GLN CA 112 -2.62 -5.97 -81.07
CA GLN CA 112 -3.38 0.01 -77.13
C GLN CA 112 -1.23 -5.42 -80.77
C GLN CA 112 -1.95 0.53 -76.95
N SER CA 113 -0.26 -5.59 -81.67
N SER CA 113 -1.02 0.03 -77.76
CA SER CA 113 1.05 -5.00 -81.44
CA SER CA 113 0.36 0.51 -77.66
C SER CA 113 1.02 -3.48 -81.61
C SER CA 113 0.45 2.01 -77.96
N LEU CA 114 0.24 -2.98 -82.58
N LEU CA 114 -0.18 2.46 -79.05
CA LEU CA 114 0.06 -1.54 -82.70
CA LEU CA 114 -0.22 3.89 -79.34
C LEU CA 114 -0.68 -0.97 -81.50
C LEU CA 114 -0.89 4.66 -78.21
N LEU CA 115 -1.62 -1.72 -80.95
N LEU CA 115 -1.97 4.10 -77.65
CA LEU CA 115 -2.29 -1.26 -79.74
CA LEU CA 115 -2.64 4.73 -76.51
C LEU CA 115 -1.32 -1.15 -78.57
C LEU CA 115 -1.70 4.89 -75.33
N GLU CA 116 -0.47 -2.17 -78.37
N GLU CA 116 -0.81 3.91 -75.12
CA GLU CA 116 0.52 -2.10 -77.32
CA GLU CA 116 0.18 4.00 -74.05
C GLU CA 116 1.47 -0.93 -77.55
C GLU CA 116 1.28 5.01 -74.38
N LEU CA 117 1.80 -0.63 -78.81
N LEU CA 117 1.61 5.15 -75.66
CA LEU CA 117 2.70 0.48 -79.11
CA LEU CA 117 2.58 6.17 -76.08
C LEU CA 117 2.06 1.82 -78.71
C LEU CA 117 2.07 7.58 -75.78
N HIS CA 118 0.77 1.98 -79.00
N HIS CA 118 0.83 7.88 -76.19
CA HIS CA 118 0.09 3.22 -78.61
CA HIS CA 118 0.29 9.23 -76.01
C HIS CA 118 0.05 3.37 -77.10
C HIS CA 118 0.28 9.63 -74.54
N LYS CA 119 -0.38 2.32 -76.38
N LYS CA 119 -0.09 8.69 -73.66
CA LYS CA 119 -0.38 2.42 -74.92
CA LYS CA 119 -0.10 8.94 -72.22
C LYS CA 119 1.00 2.73 -74.41
C LYS CA 119 1.29 9.25 -71.71
N LEU CA 120 2.03 2.16 -75.04
N LEU CA 120 2.31 8.54 -72.23
CA LEU CA 120 3.39 2.56 -74.73
CA LEU CA 120 3.68 8.83 -71.86
C LEU CA 120 3.61 4.05 -74.95
C LEU CA 120 4.08 10.23 -72.30
N ALA CA 121 3.22 4.54 -76.13
N ALA CA 121 3.65 10.64 -73.50
CA ALA CA 121 3.35 5.96 -76.43
CA ALA CA 121 3.93 11.99 -73.99
C ALA CA 121 2.65 6.82 -75.38
C ALA CA 121 3.20 13.04 -73.16
N HIS CA 122 1.39 6.50 -75.06
N HIS CA 122 1.94 12.76 -72.80
CA HIS CA 122 0.67 7.25 -74.04
CA HIS CA 122 1.17 13.72 -72.01
C HIS CA 122 1.37 7.16 -72.68
C HIS CA 122 1.72 13.85 -70.60
N ASP CA 123 1.79 5.96 -72.30
N ASP CA 123 2.03 12.71 -69.96
CA ASP CA 123 2.41 5.77 -70.99
CA ASP CA 123 2.52 12.74 -68.58
C ASP CA 123 3.75 6.48 -70.89
C ASP CA 123 3.86 13.47 -68.48
N LYS CA 124 4.43 6.71 -72.02
N LYS CA 124 4.73 13.33 -69.48
CA LYS CA 124 5.63 7.52 -72.00
CA LYS CA 124 5.98 14.07 -69.55
C LYS CA 124 5.35 9.01 -72.28
C LYS CA 124 5.82 15.43 -70.24
N ASN CA 125 4.09 9.40 -72.41
N ASN CA 125 4.59 15.92 -70.34
CA ASN CA 125 3.69 10.79 -72.64
CA ASN CA 125 4.35 17.27 -70.85
C ASN CA 125 4.31 11.35 -73.92
C ASN CA 125 5.00 17.49 -72.22
N ASP CA 126 4.16 10.60 -75.02
N ASP CA 126 4.77 16.56 -73.15
CA ASP CA 126 4.76 10.91 -76.31
CA ASP CA 126 5.32 16.69 -74.49
C ASP CA 126 3.64 11.09 -77.31
C ASP CA 126 4.14 16.88 -75.44
N PRO CA 127 3.00 12.26 -77.34
N PRO CA 127 3.66 18.12 -75.61
CA PRO CA 127 1.80 12.42 -78.18
CA PRO CA 127 2.47 18.32 -76.45
C PRO CA 127 2.11 12.44 -79.66
C PRO CA 127 2.73 18.02 -77.91
N HIS CA 128 3.31 12.85 -80.06
N HIS CA 128 3.94 18.26 -78.40
CA HIS CA 128 3.66 12.71 -81.47
CA HIS CA 128 4.22 18.00 -79.80
C HIS CA 128 3.61 11.25 -81.91
C HIS CA 128 4.10 16.51 -80.10
N LEU CA 129 4.14 10.34 -81.08
N LEU CA 129 4.63 15.68 -79.22
CA LEU CA 129 4.11 8.92 -81.43
CA LEU CA 129 4.61 14.24 -79.46
C LEU CA 129 2.70 8.36 -81.37
C LEU CA 129 3.19 13.69 -79.32
N ALA CA 130 1.93 8.78 -80.35
N ALA CA 130 2.41 14.21 -78.37
CA ALA CA 130 0.55 8.32 -80.25
CA ALA CA 130 1.04 13.74 -78.20
C ALA CA 130 -0.25 8.71 -81.48
C ALA CA 130 0.16 14.12 -79.39
N ASP CA 131 -0.10 9.96 -81.96
N ASP CA 131 0.32 15.36 -79.87
CA ASP CA 131 -0.88 10.39 -83.11
CA ASP CA 131 -0.42 15.78 -81.06
C ASP CA 131 -0.39 9.76 -84.41
C ASP CA 131 0.03 14.99 -82.28
N PHE CA 132 0.92 9.53 -84.53
N PHE CA 132 1.33 14.72 -82.40
CA PHE CA 132 1.46 8.79 -85.66
CA PHE CA 132 1.81 13.88 -83.50
C PHE CA 132 0.79 7.43 -85.79
C PHE CA 132 1.10 12.54 -83.50
N ILE CA 133 0.67 6.70 -84.69
N ILE CA 133 0.87 11.97 -82.32
CA ILE CA 133 0.03 5.38 -84.74
CA ILE CA 133 0.21 10.68 -82.24
C ILE CA 133 -1.43 5.53 -85.12
C ILE CA 133 -1.28 10.81 -82.56
N GLU CA 134 -2.14 6.45 -84.46
N GLU CA 134 -1.91 11.90 -82.11
CA GLU CA 134 -3.55 6.69 -84.74
CA GLU CA 134 -3.34 12.12 -82.40
C GLU CA 134 -3.77 7.07 -86.20
C GLU CA 134 -3.56 12.33 -83.89
N THR CA 135 -2.97 8.01 -86.69
N THR CA 135 -2.76 13.21 -84.50
CA THR CA 135 -3.17 8.54 -88.05
CA THR CA 135 -2.98 13.62 -85.89
C THR CA 135 -2.90 7.48 -89.11
C THR CA 135 -2.75 12.46 -86.85
N HIS CA 136 -1.74 6.84 -89.04
N HIS CA 136 -1.73 11.64 -86.61
CA HIS CA 136 -1.26 6.03 -90.14
CA HIS CA 136 -1.25 10.69 -87.60
C HIS CA 136 -1.54 4.53 -89.99
C HIS CA 136 -1.55 9.24 -87.26
N TYR CA 137 -1.92 4.05 -88.81
N TYR CA 137 -1.99 8.91 -86.03
CA TYR CA 137 -2.01 2.60 -88.67
CA TYR CA 137 -2.12 7.50 -85.69
C TYR CA 137 -3.37 2.12 -88.19
C TYR CA 137 -3.46 7.14 -85.05
N LEU CA 138 -3.99 2.82 -87.23
N LEU CA 138 -4.02 8.01 -84.23
CA LEU CA 138 -5.06 2.23 -86.43
CA LEU CA 138 -5.16 7.63 -83.41
C LEU CA 138 -6.32 1.99 -87.25
C LEU CA 138 -6.39 7.34 -84.26
N ASN CA 139 -6.77 3.00 -87.99
N ASN CA 139 -6.80 8.31 -85.09
CA ASN CA 139 -7.98 2.80 -88.77
CA ASN CA 139 -8.03 8.10 -85.85
C ASN CA 139 -7.73 1.87 -89.94
C ASN CA 139 -7.85 7.05 -86.92
N GLU CA 140 -6.51 1.89 -90.50
N GLU CA 140 -6.68 7.02 -87.57
CA GLU CA 140 -6.18 1.01 -91.62
CA GLU CA 140 -6.42 5.95 -88.52
C GLU CA 140 -6.16 -0.45 -91.19
C GLU CA 140 -6.59 4.59 -87.87
N GLN CA 141 -5.73 -0.73 -89.96
N GLN CA 141 -6.13 4.45 -86.63
CA GLN CA 141 -5.89 -2.09 -89.41
CA GLN CA 141 -6.36 3.20 -85.91
C GLN CA 141 -7.36 -2.44 -89.23
C GLN CA 141 -7.85 2.94 -85.73
N VAL CA 142 -8.14 -1.52 -88.66
N VAL CA 142 -8.61 3.97 -85.39
CA VAL CA 142 -9.57 -1.77 -88.47
CA VAL CA 142 -10.03 3.80 -85.18
C VAL CA 142 -10.23 -2.00 -89.83
C VAL CA 142 -10.71 3.41 -86.48
N LYS CA 143 -9.88 -1.19 -90.82
N LYS CA 143 -10.34 4.06 -87.57
CA LYS CA 143 -10.44 -1.37 -92.15
CA LYS CA 143 -10.90 3.71 -88.88
C LYS CA 143 -9.98 -2.71 -92.75
C LYS CA 143 -10.54 2.29 -89.27
N ALA CA 144 -8.71 -3.08 -92.53
N ALA CA 144 -9.28 1.88 -89.03
CA ALA CA 144 -8.24 -4.33 -93.11
CA ALA CA 144 -8.88 0.53 -89.40
C ALA CA 144 -8.94 -5.54 -92.50
C ALA CA 144 -9.66 -0.50 -88.60
N ILE CA 145 -9.14 -5.52 -91.18
N ILE CA 145 -9.80 -0.27 -87.30
CA ILE CA 145 -9.78 -6.63 -90.48
CA ILE CA 145 -10.54 -1.19 -86.43
C ILE CA 145 -11.24 -6.77 -90.91
C ILE CA 145 -11.98 -1.31 -86.90
N LYS CA 146 -11.95 -5.65 -91.02
N LYS CA 146 -12.62 -0.18 -87.24
CA LYS CA 146 -13.34 -5.71 -91.47
CA LYS CA 146 -14.02 -0.19 -87.64
C LYS CA 146 -13.46 -6.37 -92.84
C LYS CA 146 -14.21 -0.92 -88.96
N GLU CA 147 -12.59 -5.98 -93.79
N GLU CA 147 -13.30 -0.70 -89.92
CA GLU CA 147 -12.68 -6.51 -95.16
CA GLU CA 147 -13.41 -1.38 -91.20
C GLU CA 147 -12.38 -8.00 -95.21
C GLU CA 147 -13.21 -2.89 -91.06
N LEU CA 148 -11.35 -8.43 -94.48
N LEU CA 148 -12.17 -3.29 -90.34
CA LEU CA 148 -11.01 -9.85 -94.41
CA LEU CA 148 -11.99 -4.72 -90.06
C LEU CA 148 -12.12 -10.65 -93.78
C LEU CA 148 -13.21 -5.28 -89.34
N GLY CA 149 -12.79 -10.08 -92.78
N GLY CA 149 -13.74 -4.54 -88.36
CA GLY CA 149 -13.98 -10.72 -92.25
CA GLY CA 149 -14.99 -4.94 -87.74
C GLY CA 149 -15.10 -10.78 -93.28
C GLY CA 149 -16.13 -5.08 -88.72
N ASP CA 150 -15.37 -9.63 -93.93
N ASP CA 150 -16.26 -4.11 -89.65
CA ASP CA 150 -16.33 -9.58 -95.02
CA ASP CA 150 -17.32 -4.18 -90.66
C ASP CA 150 -16.05 -10.69 -96.06
C ASP CA 150 -17.17 -5.40 -91.55
N HIS CA 151 -14.80 -10.82 -96.48
N HIS CA 151 -15.94 -5.75 -91.88
CA HIS CA 151 -14.45 -11.86 -97.45
CA HIS CA 151 -15.71 -6.90 -92.76
C HIS CA 151 -14.74 -13.25 -96.89
C HIS CA 151 -16.05 -8.21 -92.05
N VAL CA 152 -14.30 -13.49 -95.65
N VAL CA 152 -15.60 -8.35 -90.79
CA VAL CA 152 -14.48 -14.81 -95.02
CA VAL CA 152 -15.92 -9.54 -89.98
C VAL CA 152 -15.95 -15.17 -94.99
C VAL CA 152 -17.42 -9.73 -89.87
N THR CA 153 -16.80 -14.22 -94.63
N THR CA 153 -18.15 -8.64 -89.59
CA THR CA 153 -18.23 -14.47 -94.57
CA THR CA 153 -19.60 -8.73 -89.46
C THR CA 153 -18.76 -14.91 -95.93
C THR CA 153 -20.24 -9.29 -90.72
N ASN CA 154 -18.43 -14.17 -96.99
N ASN CA 154 -19.84 -8.76 -91.88
CA ASN CA 154 -18.98 -14.49 -98.30
CA ASN CA 154 -20.43 -9.23 -93.13
C ASN CA 154 -18.48 -15.84 -98.79
C ASN CA 154 -20.04 -10.67 -93.42
N LEU CA 155 -17.17 -16.08 -98.66
N LEU CA 155 -18.75 -11.01 -93.24
CA LEU CA 155 -16.61 -17.37 -99.05
CA LEU CA 155 -18.28 -12.36 -93.55
C LEU CA 155 -17.28 -18.52 -98.30
C LEU CA 155 -19.03 -13.43 -92.74
N ARG CA 156 -17.60 -18.32 -97.01
N ARG CA 156 -19.33 -13.15 -91.47
CA ARG CA 156 -18.33 -19.34 -96.26
CA ARG CA 156 -20.10 -14.10 -90.68
C ARG CA 156 -19.74 -19.54 -96.83
C ARG CA 156 -21.57 -14.12 -91.13
N LYS CA 157 -20.52 -18.46 -96.93
N LYS CA 157 -22.17 -12.95 -91.31
CA LYS CA 157 -21.92 -18.59 -97.33
CA LYS CA 157 -23.58 -12.91 -91.68
C LYS CA 157 -22.03 -19.19 -98.72
C LYS CA 157 -23.83 -13.65 -92.97
N MET CA 158 -21.07 -18.89 -99.60
N MET CA 158 -22.84 -13.69 -93.88
CA MET CA 158 -21.03 -19.51 -100.92
CA MET CA 158 -22.88 -14.43 -95.13
C MET CA 158 -20.70 -20.99 -100.88
C MET CA 158 -22.64 -15.92 -94.97
N GLY CA 159 -20.09 -21.49 -99.81
N GLY CA 159 -22.16 -16.37 -93.81
CA GLY CA 159 -19.83 -22.91 -99.68
CA GLY CA 159 -22.02 -17.78 -93.57
C GLY CA 159 -18.38 -23.34 -99.72
C GLY CA 159 -20.62 -18.33 -93.64
N ALA CA 160 -17.43 -22.41 -99.73
N ALA CA 160 -19.61 -17.48 -93.77
CA ALA CA 160 -16.01 -22.77 -99.69
CA ALA CA 160 -18.24 -17.93 -93.60
C ALA CA 160 -15.66 -23.47 -98.38
C ALA CA 160 -18.02 -18.36 -92.14
N PRO CA 161 -14.52 -24.19 -98.33
N PRO CA 161 -17.10 -19.32 -91.90
CA PRO CA 161 -13.56 -24.52 -99.38
CA PRO CA 161 -16.16 -19.98 -92.82
C PRO CA 161 -13.94 -25.78 -100.17
C PRO CA 161 -16.68 -21.21 -93.54
N GLU CA 162 -14.97 -26.48 -99.69
N GLU CA 162 -17.88 -21.67 -93.20
CA GLU CA 162 -15.44 -27.69 -100.36
CA GLU CA 162 -18.39 -22.89 -93.82
C GLU CA 162 -15.78 -27.38 -101.82
C GLU CA 162 -18.65 -22.67 -95.30
N SER CA 163 -16.72 -26.46 -102.04
N SER CA 163 -19.39 -21.60 -95.61
CA SER CA 163 -17.14 -26.07 -103.39
CA SER CA 163 -19.69 -21.25 -97.00
C SER CA 163 -16.05 -25.21 -104.04
C SER CA 163 -18.43 -20.74 -97.69
N GLY CA 164 -15.36 -25.79 -105.04
N GLY CA 164 -17.85 -21.57 -98.56
CA GLY CA 164 -14.41 -25.00 -105.81
CA GLY CA 164 -16.83 -21.07 -99.47
C GLY CA 164 -15.06 -23.99 -106.71
C GLY CA 164 -17.39 -20.04 -100.44
N LEU CA 165 -16.33 -24.21 -107.05
N LEU CA 165 -18.68 -20.17 -100.78
CA LEU CA 165 -17.10 -23.17 -107.77
CA LEU CA 165 -19.37 -19.15 -101.54
C LEU CA 165 -17.20 -21.91 -106.93
C LEU CA 165 -19.35 -17.80 -100.83
N ALA CA 166 -17.32 -22.06 -105.61
N ALA CA 166 -19.41 -17.82 -99.50
CA ALA CA 166 -17.41 -20.91 -104.73
CA ALA CA 166 -19.37 -16.56 -98.74
C ALA CA 166 -16.18 -20.02 -104.86
C ALA CA 166 -18.06 -15.81 -98.98
N GLU CA 167 -15.00 -20.59 -104.68
N GLU CA 167 -16.92 -16.49 -98.86
CA GLU CA 167 -13.79 -19.77 -104.67
CA GLU CA 167 -15.66 -15.79 -98.97
C GLU CA 167 -13.53 -19.18 -106.05
C GLU CA 167 -15.38 -15.36 -100.41
N TYR CA 168 -13.77 -19.97 -107.12
N TYR CA 168 -15.69 -16.20 -101.38
CA TYR CA 168 -13.67 -19.42 -108.47
CA TYR CA 168 -15.54 -15.84 -102.79
C TYR CA 168 -14.57 -18.20 -108.64
C TYR CA 168 -16.33 -14.57 -103.13
N LEU CA 169 -15.85 -18.34 -108.24
N LEU CA 169 -17.63 -14.54 -102.81
CA LEU CA 169 -16.80 -17.25 -108.42
CA LEU CA 169 -18.45 -13.37 -103.14
C LEU CA 169 -16.44 -16.04 -107.57
C LEU CA 169 -18.03 -12.14 -102.33
N PHE CA 170 -16.01 -16.27 -106.32
N PHE CA 170 -17.57 -12.32 -101.09
CA PHE CA 170 -15.55 -15.18 -105.46
CA PHE CA 170 -17.08 -11.17 -100.35
C PHE CA 170 -14.28 -14.54 -106.00
C PHE CA 170 -15.80 -10.64 -100.98
N ASP CA 171 -13.40 -15.33 -106.60
N ASP CA 171 -14.88 -11.54 -101.32
CA ASP CA 171 -12.25 -14.77 -107.30
CA ASP CA 171 -13.69 -11.17 -102.09
C ASP CA 171 -12.69 -13.79 -108.39
C ASP CA 171 -14.05 -10.41 -103.36
N LYS CA 172 -13.70 -14.20 -109.18
N LYS CA 172 -15.12 -10.82 -104.04
CA LYS CA 172 -14.08 -13.41 -110.36
CA LYS CA 172 -15.48 -10.10 -105.26
C LYS CA 172 -14.85 -12.16 -109.97
C LYS CA 172 -16.17 -8.78 -104.95
N HIS CA 173 -15.86 -12.30 -109.12
N HIS CA 173 -17.20 -8.82 -104.11
CA HIS CA 173 -16.81 -11.22 -108.90
CA HIS CA 173 -18.08 -7.66 -103.98
C HIS CA 173 -16.49 -10.33 -107.71
C HIS CA 173 -17.58 -6.63 -102.99
N THR CA 174 -15.72 -10.81 -106.73
N THR CA 174 -16.88 -7.04 -101.92
CA THR CA 174 -15.38 -9.92 -105.62
CA THR CA 174 -16.40 -6.04 -100.96
C THR CA 174 -13.96 -9.37 -105.74
C THR CA 174 -14.94 -5.64 -101.19
N LEU CA 175 -12.98 -10.23 -106.01
N LEU CA 175 -14.01 -6.59 -101.30
CA LEU CA 175 -11.59 -9.76 -106.06
CA LEU CA 175 -12.59 -6.25 -101.46
C LEU CA 175 -11.16 -9.27 -107.44
C LEU CA 175 -12.17 -5.97 -102.90
N GLY CA 176 -11.99 -9.41 -108.47
N GLY CA 176 -13.05 -6.16 -103.88
CA GLY CA 176 -11.57 -9.04 -109.81
CA GLY CA 176 -12.69 -5.83 -105.25
C GLY CA 176 -12.15 -7.74 -110.31
C GLY CA 176 -13.37 -4.58 -105.79
N ASP CA 177 -11.99 -6.67 -109.53
N ASP CA 177 -13.56 -3.58 -104.93
CA ASP CA 177 -12.48 -5.32 -109.88
CA ASP CA 177 -14.30 -2.34 -105.25
C ASP CA 177 -14.00 -5.27 -110.03
C ASP CA 177 -15.70 -2.65 -105.77
N SER DA 4 -17.95 37.88 -68.26
N SER DA 4 -14.79 45.98 -69.80
CA SER DA 4 -18.86 36.76 -68.50
CA SER DA 4 -15.97 45.25 -70.29
C SER DA 4 -18.17 35.63 -69.27
C SER DA 4 -15.57 43.90 -70.87
N THR DA 5 -18.80 34.46 -69.27
N THR DA 5 -16.24 42.84 -70.40
CA THR DA 5 -18.35 33.34 -70.09
CA THR DA 5 -15.99 41.53 -70.98
C THR DA 5 -18.86 33.51 -71.52
C THR DA 5 -16.59 41.48 -72.37
N SER DA 6 -18.05 33.07 -72.47
N SER DA 6 -15.86 40.86 -73.29
CA SER DA 6 -18.43 33.12 -73.87
CA SER DA 6 -16.27 40.84 -74.69
C SER DA 6 -19.53 32.11 -74.14
C SER DA 6 -17.44 39.88 -74.88
N GLN DA 7 -20.51 32.50 -74.96
N GLN DA 7 -18.38 40.26 -75.75
CA GLN DA 7 -21.61 31.61 -75.27
CA GLN DA 7 -19.52 39.39 -76.06
C GLN DA 7 -21.13 30.33 -75.96
C GLN DA 7 -19.09 38.02 -76.60
N VAL DA 8 -19.96 30.36 -76.61
N VAL DA 8 -17.91 37.90 -77.21
CA VAL DA 8 -19.44 29.16 -77.27
CA VAL DA 8 -17.45 36.60 -77.70
C VAL DA 8 -18.52 28.35 -76.38
C VAL DA 8 -16.65 35.83 -76.65
N ARG DA 9 -18.11 28.87 -75.23
N ARG DA 9 -16.29 36.45 -75.53
CA ARG DA 9 -17.12 28.19 -74.42
CA ARG DA 9 -15.35 35.82 -74.59
C ARG DA 9 -17.68 26.91 -73.80
C ARG DA 9 -15.97 34.58 -73.95
N GLN DA 10 -16.87 25.85 -73.82
N GLN DA 10 -15.25 33.46 -74.02
CA GLN DA 10 -17.28 24.52 -73.38
CA GLN DA 10 -15.71 32.22 -73.38
C GLN DA 10 -16.04 23.66 -73.22
C GLN DA 10 -14.52 31.33 -73.09
N ASN DA 11 -15.81 23.18 -71.99
N ASN DA 11 -14.34 30.97 -71.82
CA ASN DA 11 -14.74 22.24 -71.65
CA ASN DA 11 -13.29 30.04 -71.40
C ASN DA 11 -13.36 22.81 -71.97
C ASN DA 11 -11.90 30.53 -71.81
N TYR DA 12 -13.22 24.14 -71.87
N TYR DA 12 -11.70 31.84 -71.80
CA TYR DA 12 -12.00 24.87 -72.22
CA TYR DA 12 -10.42 32.46 -72.16
C TYR DA 12 -11.47 25.51 -70.93
C TYR DA 12 -9.85 33.15 -70.92
N HIS DA 13 -10.42 24.93 -70.36
N HIS DA 13 -8.81 32.56 -70.32
CA HIS DA 13 -9.97 25.33 -69.04
CA HIS DA 13 -8.22 33.09 -69.10
C HIS DA 13 -9.21 26.64 -69.10
C HIS DA 13 -7.35 34.30 -69.38
N GLN DA 14 -9.32 27.43 -68.03
N GLN DA 14 -7.47 35.31 -68.51
CA GLN DA 14 -8.64 28.72 -67.97
CA GLN DA 14 -6.71 36.54 -68.69
C GLN DA 14 -7.12 28.58 -68.12
C GLN DA 14 -5.21 36.27 -68.69
N ASP DA 15 -6.54 27.42 -67.77
N ASP DA 15 -4.75 35.23 -68.03
CA ASP DA 15 -5.10 27.25 -67.95
CA ASP DA 15 -3.33 34.89 -68.16
C ASP DA 15 -4.73 27.02 -69.42
C ASP DA 15 -3.03 34.40 -69.56
N SER DA 16 -5.54 26.24 -70.13
N SER DA 16 -3.93 33.60 -70.14
CA SER DA 16 -5.33 26.04 -71.57
CA SER DA 16 -3.70 33.15 -71.50
C SER DA 16 -5.39 27.38 -72.31
C SER DA 16 -3.65 34.33 -72.45
N GLU DA 17 -6.46 28.13 -72.06
N GLU DA 17 -4.61 35.23 -72.32
CA GLU DA 17 -6.59 29.50 -72.55
CA GLU DA 17 -4.63 36.48 -73.09
C GLU DA 17 -5.30 30.29 -72.37
C GLU DA 17 -3.33 37.25 -72.91
N ALA DA 18 -4.76 30.32 -71.14
N ALA DA 18 -2.86 37.35 -71.66
CA ALA DA 18 -3.53 31.06 -70.87
CA ALA DA 18 -1.58 38.01 -71.40
C ALA DA 18 -2.33 30.45 -71.61
C ALA DA 18 -0.45 37.36 -72.19
N ALA DA 19 -2.24 29.12 -71.64
N ALA DA 19 -0.44 36.04 -72.27
CA ALA DA 19 -1.14 28.50 -72.37
CA ALA DA 19 0.73 35.34 -72.79
C ALA DA 19 -1.19 28.83 -73.85
C ALA DA 19 0.77 35.36 -74.32
N ILE DA 20 -2.39 28.90 -74.42
N ILE DA 20 -0.40 35.38 -74.98
CA ILE DA 20 -2.52 29.26 -75.83
CA ILE DA 20 -0.46 35.63 -76.41
C ILE DA 20 -2.02 30.68 -76.06
C ILE DA 20 0.16 36.97 -76.75
N ASN DA 21 -2.31 31.60 -75.14
N ASN DA 21 -0.16 38.00 -75.96
CA ASN DA 21 -1.78 32.95 -75.26
CA ASN DA 21 0.49 39.29 -76.18
C ASN DA 21 -0.26 32.97 -75.20
C ASN DA 21 2.02 39.16 -76.07
N ARG DA 22 0.32 32.15 -74.32
N ARG DA 22 2.51 38.36 -75.11
CA ARG DA 22 1.78 32.06 -74.27
CA ARG DA 22 3.95 38.14 -75.05
C ARG DA 22 2.33 31.48 -75.56
C ARG DA 22 4.44 37.36 -76.28
N GLN DA 23 1.62 30.50 -76.15
N GLN DA 23 3.72 36.33 -76.68
CA GLN DA 23 2.11 29.91 -77.39
CA GLN DA 23 4.10 35.56 -77.88
C GLN DA 23 2.06 30.92 -78.53
C GLN DA 23 4.10 36.43 -79.13
N ILE DA 24 0.98 31.71 -78.59
N ILE DA 24 3.09 37.28 -79.29
CA ILE DA 24 0.87 32.75 -79.60
CA ILE DA 24 3.05 38.21 -80.43
C ILE DA 24 2.10 33.66 -79.58
C ILE DA 24 4.36 38.98 -80.52
N ASN DA 25 2.46 34.14 -78.38
N ASN DA 25 4.72 39.67 -79.44
CA ASN DA 25 3.64 35.01 -78.26
CA ASN DA 25 5.94 40.47 -79.45
C ASN DA 25 4.91 34.28 -78.65
C ASN DA 25 7.17 39.63 -79.71
N LEU DA 26 5.01 32.99 -78.33
N LEU DA 26 7.15 38.35 -79.32
CA LEU DA 26 6.24 32.25 -78.68
CA LEU DA 26 8.31 37.49 -79.51
C LEU DA 26 6.34 32.05 -80.19
C LEU DA 26 8.45 37.04 -80.97
N GLU DA 27 5.22 31.77 -80.85
N GLU DA 27 7.33 36.76 -81.65
CA GLU DA 27 5.22 31.65 -82.32
CA GLU DA 27 7.41 36.41 -83.06
C GLU DA 27 5.65 32.96 -82.97
C GLU DA 27 7.93 37.58 -83.89
N LEU DA 28 5.19 34.10 -82.46
N LEU DA 28 7.42 38.79 -83.61
CA LEU DA 28 5.63 35.37 -83.02
CA LEU DA 28 7.91 39.99 -84.28
C LEU DA 28 7.10 35.66 -82.70
C LEU DA 28 9.39 40.22 -84.02
N TYR DA 29 7.62 35.14 -81.58
N TYR DA 29 9.85 39.94 -82.80
CA TYR DA 29 9.04 35.30 -81.29
CA TYR DA 29 11.27 40.07 -82.49
C TYR DA 29 9.89 34.52 -82.30
C TYR DA 29 12.09 39.11 -83.34
N ALA DA 30 9.54 33.26 -82.53
N ALA DA 30 11.67 37.83 -83.36
CA ALA DA 30 10.18 32.45 -83.57
CA ALA DA 30 12.29 36.84 -84.24
C ALA DA 30 10.20 33.18 -84.91
C ALA DA 30 12.32 37.35 -85.68
N SER DA 31 9.02 33.69 -85.33
N SER DA 31 11.19 37.89 -86.14
CA SER DA 31 8.93 34.42 -86.59
CA SER DA 31 11.12 38.47 -87.48
C SER DA 31 9.90 35.59 -86.62
C SER DA 31 12.23 39.49 -87.68
N TYR DA 32 10.04 36.28 -85.49
N TYR DA 32 12.40 40.37 -86.69
CA TYR DA 32 10.93 37.44 -85.42
CA TYR DA 32 13.44 41.41 -86.77
C TYR DA 32 12.39 37.01 -85.51
C TYR DA 32 14.83 40.81 -86.82
N VAL DA 33 12.76 35.94 -84.80
N VAL DA 33 15.09 39.80 -85.98
CA VAL DA 33 14.13 35.41 -84.88
CA VAL DA 33 16.36 39.08 -86.02
C VAL DA 33 14.47 35.03 -86.32
C VAL DA 33 16.63 38.55 -87.42
N TYR DA 34 13.55 34.38 -87.01
N TYR DA 34 15.63 37.88 -88.00
CA TYR DA 34 13.82 33.97 -88.38
CA TYR DA 34 15.83 37.28 -89.32
C TYR DA 34 13.93 35.17 -89.31
C TYR DA 34 16.05 38.34 -90.40
N LEU DA 35 13.09 36.18 -89.10
N LEU DA 35 15.39 39.49 -90.28
CA LEU DA 35 13.20 37.42 -89.84
CA LEU DA 35 15.65 40.59 -91.19
C LEU DA 35 14.59 38.03 -89.68
C LEU DA 35 17.08 41.12 -91.03
N SER DA 36 15.13 38.01 -88.44
N SER DA 36 17.55 41.22 -89.78
CA SER DA 36 16.45 38.56 -88.21
CA SER DA 36 18.92 41.62 -89.49
C SER DA 36 17.53 37.74 -88.93
C SER DA 36 19.90 40.76 -90.23
N MET DA 37 17.40 36.41 -88.91
N MET DA 37 19.68 39.44 -90.17
CA MET DA 37 18.41 35.57 -89.56
CA MET DA 37 20.60 38.48 -90.78
C MET DA 37 18.42 35.82 -91.05
C MET DA 37 20.57 38.56 -92.30
N SER DA 38 17.23 35.96 -91.64
N SER DA 38 19.36 38.56 -92.88
CA SER DA 38 17.11 36.14 -93.08
CA SER DA 38 19.24 38.59 -94.34
C SER DA 38 17.88 37.36 -93.54
C SER DA 38 20.15 39.66 -94.93
N TYR DA 39 17.64 38.51 -92.90
N TYR DA 39 20.02 40.90 -94.44
CA TYR DA 39 18.25 39.74 -93.39
CA TYR DA 39 20.75 42.00 -95.05
C TYR DA 39 19.70 39.88 -92.95
C TYR DA 39 22.22 42.03 -94.66
N TYR DA 40 20.15 39.06 -92.01
N TYR DA 40 22.61 41.32 -93.59
CA TYR DA 40 21.59 38.93 -91.79
CA TYR DA 40 24.05 41.13 -93.36
C TYR DA 40 22.27 38.36 -93.03
C TYR DA 40 24.69 40.36 -94.52
N PHE DA 41 21.70 37.29 -93.60
N PHE DA 41 24.00 39.35 -95.05
CA PHE DA 41 22.29 36.70 -94.79
CA PHE DA 41 24.53 38.55 -96.15
C PHE DA 41 22.07 37.57 -96.03
C PHE DA 41 24.32 39.22 -97.50
N ASP DA 42 21.16 38.53 -95.95
N ASP DA 42 23.57 40.31 -97.53
CA ASP DA 42 20.98 39.53 -96.99
CA ASP DA 42 23.47 41.19 -98.69
C ASP DA 42 22.09 40.59 -96.96
C ASP DA 42 24.63 42.18 -98.78
N ARG DA 43 22.96 40.56 -95.94
N ARG DA 43 25.48 42.25 -97.76
CA ARG DA 43 24.01 41.56 -95.79
CA ARG DA 43 26.60 43.17 -97.75
C ARG DA 43 25.03 41.46 -96.91
C ARG DA 43 27.63 42.80 -98.81
N ASP DA 44 25.52 42.61 -97.37
N ASP DA 44 28.22 43.84 -99.43
CA ASP DA 44 26.49 42.63 -98.45
CA ASP DA 44 29.21 43.62 -100.47
C ASP DA 44 27.80 41.94 -98.08
C ASP DA 44 30.44 42.87 -99.96
N ASP DA 45 28.14 41.86 -96.80
N ASP DA 45 30.78 42.99 -98.67
CA ASP DA 45 29.31 41.12 -96.35
CA ASP DA 45 31.91 42.24 -98.12
C ASP DA 45 28.99 39.70 -95.93
C ASP DA 45 31.50 40.91 -97.51
N VAL DA 46 27.81 39.19 -96.29
N VAL DA 46 30.23 40.51 -97.72
CA VAL DA 46 27.44 37.81 -96.02
CA VAL DA 46 29.74 39.21 -97.30
C VAL DA 46 26.96 37.19 -97.32
C VAL DA 46 29.26 38.47 -98.54
N ALA DA 47 25.86 37.70 -97.85
N ALA DA 47 28.16 38.97 -99.12
CA ALA DA 47 25.49 37.54 -99.25
CA ALA DA 47 27.77 38.68 -100.51
C ALA DA 47 25.23 36.07 -99.62
C ALA DA 47 27.40 37.20 -100.70
N LEU DA 48 24.40 35.42 -98.82
N LEU DA 48 26.71 36.63 -99.72
CA LEU DA 48 23.99 34.03 -99.07
CA LEU DA 48 26.14 35.29 -99.84
C LEU DA 48 22.48 34.08 -99.26
C LEU DA 48 24.63 35.46 -100.05
N LYS DA 49 22.05 34.25 -100.52
N LYS DA 49 24.21 35.51 -101.32
CA LYS DA 49 20.66 34.56 -100.80
CA LYS DA 49 22.85 35.93 -101.66
C LYS DA 49 19.73 33.37 -100.57
C LYS DA 49 21.79 34.89 -101.28
N ASN DA 50 20.25 32.15 -100.64
N ASN DA 50 22.15 33.62 -101.18
CA ASN DA 50 19.35 31.03 -100.42
CA ASN DA 50 21.14 32.64 -100.80
C ASN DA 50 19.15 30.76 -98.94
C ASN DA 50 20.98 32.53 -99.30
N PHE DA 51 20.18 31.03 -98.12
N PHE DA 51 22.02 32.83 -98.51
CA PHE DA 51 19.97 31.07 -96.66
CA PHE DA 51 21.78 33.07 -97.10
C PHE DA 51 18.93 32.09 -96.28
C PHE DA 51 20.85 34.26 -96.91
N ALA DA 52 18.98 33.28 -96.88
N ALA DA 52 21.09 35.32 -97.68
CA ALA DA 52 18.04 34.35 -96.52
CA ALA DA 52 20.23 36.51 -97.65
C ALA DA 52 16.61 33.99 -96.90
C ALA DA 52 18.77 36.13 -97.84
N LYS DA 53 16.41 33.41 -98.08
N LYS DA 53 18.49 35.28 -98.83
CA LYS DA 53 15.07 33.00 -98.50
CA LYS DA 53 17.11 34.99 -99.17
C LYS DA 53 14.54 31.90 -97.59
C LYS DA 53 16.49 33.95 -98.24
N TYR DA 54 15.43 31.01 -97.15
N TYR DA 54 17.31 33.05 -97.68
CA TYR DA 54 15.02 29.90 -96.30
CA TYR DA 54 16.80 32.12 -96.67
C TYR DA 54 14.53 30.40 -94.95
C TYR DA 54 16.29 32.86 -95.45
N PHE DA 55 15.26 31.34 -94.34
N PHE DA 55 17.07 33.81 -94.93
CA PHE DA 55 14.84 31.86 -93.04
CA PHE DA 55 16.69 34.52 -93.71
C PHE DA 55 13.64 32.81 -93.18
C PHE DA 55 15.59 35.54 -93.95
N LEU DA 56 13.54 33.52 -94.30
N LEU DA 56 15.57 36.19 -95.12
CA LEU DA 56 12.32 34.28 -94.55
CA LEU DA 56 14.46 37.09 -95.43
C LEU DA 56 11.11 33.36 -94.67
C LEU DA 56 13.15 36.32 -95.45
N HIS DA 57 11.25 32.23 -95.38
N HIS DA 57 13.16 35.10 -95.98
CA HIS DA 57 10.15 31.27 -95.46
CA HIS DA 57 11.95 34.28 -96.02
C HIS DA 57 9.72 30.83 -94.08
C HIS DA 57 11.49 33.88 -94.63
N GLN DA 58 10.69 30.48 -93.22
N GLN DA 58 12.42 33.48 -93.74
CA GLN DA 58 10.36 30.00 -91.88
CA GLN DA 58 12.01 33.20 -92.37
C GLN DA 58 9.71 31.11 -91.06
C GLN DA 58 11.52 34.48 -91.68
N SER DA 59 10.16 32.35 -91.22
N SER DA 59 12.13 35.62 -92.00
CA SER DA 59 9.58 33.47 -90.48
CA SER DA 59 11.66 36.89 -91.45
C SER DA 59 8.12 33.67 -90.83
C SER DA 59 10.17 37.11 -91.77
N HIS DA 60 7.77 33.51 -92.11
N HIS DA 60 9.78 36.94 -93.04
CA HIS DA 60 6.38 33.64 -92.50
CA HIS DA 60 8.37 37.11 -93.41
C HIS DA 60 5.53 32.49 -91.98
C HIS DA 60 7.51 36.07 -92.71
N GLU DA 61 6.04 31.26 -92.05
N GLU DA 61 8.02 34.85 -92.57
CA GLU DA 61 5.25 30.13 -91.59
CA GLU DA 61 7.23 33.79 -91.95
C GLU DA 61 5.07 30.16 -90.08
C GLU DA 61 6.96 34.09 -90.47
N GLU DA 62 6.05 30.70 -89.36
N GLU DA 62 7.94 34.70 -89.78
CA GLU DA 62 5.88 30.90 -87.91
CA GLU DA 62 7.68 35.07 -88.39
C GLU DA 62 4.75 31.89 -87.63
C GLU DA 62 6.64 36.17 -88.30
N ARG DA 63 4.68 32.96 -88.41
N ARG DA 63 6.58 37.07 -89.29
CA ARG DA 63 3.56 33.89 -88.31
CA ARG DA 63 5.52 38.07 -89.33
C ARG DA 63 2.25 33.17 -88.58
C ARG DA 63 4.15 37.41 -89.44
N GLU DA 64 2.25 32.21 -89.52
N GLU DA 64 4.02 36.43 -90.34
CA GLU DA 64 1.05 31.40 -89.75
CA GLU DA 64 2.76 35.69 -90.43
C GLU DA 64 0.72 30.56 -88.53
C GLU DA 64 2.42 35.01 -89.11
N HIS DA 65 1.75 30.01 -87.87
N HIS DA 65 3.43 34.49 -88.40
CA HIS DA 65 1.52 29.19 -86.68
CA HIS DA 65 3.17 33.84 -87.12
C HIS DA 65 0.78 29.99 -85.61
C HIS DA 65 2.54 34.79 -86.11
N ALA DA 66 1.21 31.24 -85.37
N ALA DA 66 3.07 36.03 -86.02
CA ALA DA 66 0.60 32.05 -84.32
CA ALA DA 66 2.55 36.97 -85.05
C ALA DA 66 -0.84 32.43 -84.66
C ALA DA 66 1.15 37.43 -85.43
N GLU DA 67 -1.09 32.69 -85.95
N GLU DA 67 0.90 37.63 -86.72
CA GLU DA 67 -2.42 33.13 -86.35
CA GLU DA 67 -0.41 38.07 -87.16
C GLU DA 67 -3.46 32.03 -86.17
C GLU DA 67 -1.48 37.02 -86.84
N LYS DA 68 -3.11 30.80 -86.53
N LYS DA 68 -1.19 35.74 -87.06
CA LYS DA 68 -4.00 29.67 -86.28
CA LYS DA 68 -2.14 34.70 -86.67
C LYS DA 68 -4.27 29.50 -84.78
C LYS DA 68 -2.44 34.76 -85.18
N LEU DA 69 -3.28 29.81 -83.95
N LEU DA 69 -1.44 35.06 -84.36
CA LEU DA 69 -3.49 29.78 -82.50
CA LEU DA 69 -1.68 35.21 -82.92
C LEU DA 69 -4.44 30.88 -82.07
C LEU DA 69 -2.57 36.42 -82.63
N MET DA 70 -4.30 32.08 -82.62
N MET DA 70 -2.35 37.51 -83.37
CA MET DA 70 -5.29 33.12 -82.37
CA MET DA 70 -3.20 38.68 -83.27
C MET DA 70 -6.67 32.67 -82.87
C MET DA 70 -4.63 38.34 -83.66
N LYS DA 71 -6.70 31.94 -84.00
N LYS DA 71 -4.79 37.63 -84.79
CA LYS DA 71 -7.98 31.43 -84.50
CA LYS DA 71 -6.11 37.12 -85.18
C LYS DA 71 -8.56 30.39 -83.55
C LYS DA 71 -6.70 36.26 -84.07
N LEU DA 72 -7.72 29.49 -83.04
N LEU DA 72 -5.93 35.27 -83.57
CA LEU DA 72 -8.14 28.53 -82.02
CA LEU DA 72 -6.41 34.43 -82.48
C LEU DA 72 -8.74 29.21 -80.79
C LEU DA 72 -6.90 35.25 -81.28
N GLN DA 73 -8.09 30.24 -80.27
N GLN DA 73 -6.17 36.30 -80.91
CA GLN DA 73 -8.54 30.86 -79.03
CA GLN DA 73 -6.52 37.08 -79.72
C GLN DA 73 -9.99 31.34 -79.14
C GLN DA 73 -7.90 37.74 -79.87
N ASN DA 74 -10.32 32.01 -80.25
N ASN DA 74 -8.11 38.46 -80.98
CA ASN DA 74 -11.67 32.52 -80.46
CA ASN DA 74 -9.43 38.98 -81.28
C ASN DA 74 -12.65 31.37 -80.68
C ASN DA 74 -10.46 37.88 -81.42
N GLN DA 75 -12.24 30.32 -81.38
N GLN DA 75 -10.07 36.73 -81.99
CA GLN DA 75 -13.12 29.19 -81.61
CA GLN DA 75 -10.99 35.61 -82.08
C GLN DA 75 -13.61 28.59 -80.29
C GLN DA 75 -11.53 35.23 -80.71
N ARG DA 76 -12.73 28.42 -79.33
N ARG DA 76 -10.65 35.10 -79.71
CA ARG DA 76 -13.07 27.80 -78.05
CA ARG DA 76 -11.10 34.68 -78.39
C ARG DA 76 -13.67 28.77 -77.05
C ARG DA 76 -11.58 35.84 -77.53
N GLY DA 77 -13.79 30.05 -77.40
N GLY DA 77 -11.52 37.06 -78.03
CA GLY DA 77 -14.33 31.05 -76.51
CA GLY DA 77 -12.09 38.17 -77.28
C GLY DA 77 -13.30 31.78 -75.67
C GLY DA 77 -11.17 38.83 -76.29
N GLY DA 78 -12.02 31.41 -75.76
N GLY DA 78 -9.87 38.58 -76.37
CA GLY DA 78 -10.98 32.12 -75.04
CA GLY DA 78 -8.92 39.35 -75.62
C GLY DA 78 -10.77 33.52 -75.59
C GLY DA 78 -8.59 40.61 -76.38
N ARG DA 79 -9.96 34.30 -74.88
N ARG DA 79 -7.51 41.25 -75.95
CA ARG DA 79 -9.72 35.69 -75.21
CA ARG DA 79 -7.09 42.53 -76.50
C ARG DA 79 -8.23 35.93 -75.44
C ARG DA 79 -5.61 42.53 -76.84
N ILE DA 80 -7.91 36.53 -76.59
N ILE DA 80 -5.30 43.10 -77.98
CA ILE DA 80 -6.51 36.77 -76.97
CA ILE DA 80 -3.92 43.19 -78.44
C ILE DA 80 -5.96 37.94 -76.17
C ILE DA 80 -3.32 44.44 -77.81
N PHE DA 81 -4.83 37.71 -75.50
N PHE DA 81 -2.20 44.25 -77.12
CA PHE DA 81 -4.08 38.80 -74.88
CA PHE DA 81 -1.39 45.35 -76.61
C PHE DA 81 -2.65 38.71 -75.42
C PHE DA 81 0.01 45.10 -77.13
N LEU DA 82 -2.29 39.69 -76.25
N LEU DA 82 0.48 45.99 -78.00
CA LEU DA 82 -0.95 39.76 -76.83
CA LEU DA 82 1.81 45.85 -78.58
C LEU DA 82 0.00 40.49 -75.91
C LEU DA 82 2.84 46.54 -77.70
N GLN DA 83 1.26 40.09 -75.97
N GLN DA 83 4.07 46.03 -77.74
CA GLN DA 83 2.33 40.67 -75.17
CA GLN DA 83 5.20 46.62 -77.04
C GLN DA 83 3.44 41.15 -76.10
C GLN DA 83 6.32 46.85 -78.05
N ASP DA 84 4.40 41.84 -75.48
N ASP DA 84 7.37 47.55 -77.61
CA ASP DA 84 5.62 42.22 -76.19
CA ASP DA 84 8.51 47.77 -78.48
C ASP DA 84 6.24 41.03 -76.90
C ASP DA 84 9.07 46.43 -78.95
N ILE DA 85 6.81 41.27 -78.06
N ILE DA 85 9.59 46.43 -80.17
CA ILE DA 85 7.62 40.30 -78.77
CA ILE DA 85 10.30 45.29 -80.72
C ILE DA 85 9.08 40.67 -78.50
C ILE DA 85 11.78 45.59 -80.53
N GLN DA 86 9.76 39.89 -77.67
N GLN DA 86 12.40 44.93 -79.55
CA GLN DA 86 11.17 40.19 -77.40
CA GLN DA 86 13.82 45.09 -79.30
C GLN DA 86 11.99 40.11 -78.68
C GLN DA 86 14.61 44.81 -80.57
N LYS DA 87 12.92 41.05 -78.83
N LYS DA 87 15.63 45.63 -80.79
CA LYS DA 87 13.86 41.01 -79.94
CA LYS DA 87 16.60 45.31 -81.82
C LYS DA 87 14.73 39.76 -79.84
C LYS DA 87 17.26 43.97 -81.46
N PRO DA 88 15.21 39.23 -80.97
N PRO DA 88 17.72 43.21 -82.47
CA PRO DA 88 16.10 38.05 -80.93
CA PRO DA 88 18.45 41.97 -82.17
C PRO DA 88 17.30 38.25 -80.03
C PRO DA 88 19.73 42.28 -81.40
N ASP DA 89 17.89 37.15 -79.55
N ASP DA 89 20.30 41.25 -80.77
CA ASP DA 89 19.02 37.24 -78.64
CA ASP DA 89 21.53 41.35 -80.00
C ASP DA 89 20.33 37.58 -79.34
C ASP DA 89 22.77 41.64 -80.83
N GLU DA 90 20.36 37.60 -80.66
N GLU DA 90 22.72 41.50 -82.16
CA GLU DA 90 21.52 38.08 -81.39
CA GLU DA 90 23.93 41.67 -82.96
C GLU DA 90 21.03 39.01 -82.50
C GLU DA 90 23.62 42.48 -84.21
N ASP DA 91 21.92 39.90 -82.95
N ASP DA 91 24.63 43.22 -84.66
CA ASP DA 91 21.77 40.69 -84.18
CA ASP DA 91 24.64 43.92 -85.94
C ASP DA 91 22.60 40.12 -85.33
C ASP DA 91 25.40 43.14 -87.00
N ASP DA 92 23.82 39.66 -85.01
N ASP DA 92 26.56 42.62 -86.63
CA ASP DA 92 24.73 39.06 -85.97
CA ASP DA 92 27.40 41.83 -87.50
C ASP DA 92 24.76 37.56 -85.69
C ASP DA 92 27.21 40.36 -87.14
N TRP DA 93 24.51 36.77 -86.74
N TRP DA 93 26.77 39.55 -88.10
CA TRP DA 93 24.31 35.33 -86.60
CA TRP DA 93 26.51 38.15 -87.78
C TRP DA 93 25.55 34.51 -87.01
C TRP DA 93 27.69 37.23 -88.13
N GLU DA 94 26.68 35.17 -87.29
N GLU DA 94 28.82 37.79 -88.60
CA GLU DA 94 28.01 34.56 -87.45
CA GLU DA 94 30.14 37.13 -88.64
C GLU DA 94 28.18 33.85 -88.78
C GLU DA 94 30.34 36.14 -89.77
N SER DA 95 27.32 32.88 -89.07
N SER DA 95 29.41 35.19 -89.94
CA SER DA 95 27.46 32.08 -90.27
CA SER DA 95 29.51 34.23 -91.03
C SER DA 95 26.19 31.27 -90.48
C SER DA 95 28.17 33.50 -91.19
N GLY DA 96 26.15 30.59 -91.62
N GLY DA 96 28.07 32.74 -92.28
CA GLY DA 96 25.00 29.76 -91.94
CA GLY DA 96 26.87 31.92 -92.52
C GLY DA 96 24.91 28.56 -91.02
C GLY DA 96 26.66 30.85 -91.46
N LEU DA 97 26.05 27.92 -90.75
N LEU DA 97 27.73 30.25 -90.95
CA LEU DA 97 26.08 26.85 -89.77
CA LEU DA 97 27.58 29.25 -89.91
C LEU DA 97 25.54 27.30 -88.42
C LEU DA 97 27.10 29.87 -88.61
N ASN DA 98 26.04 28.44 -87.91
N ASN DA 98 27.67 31.00 -88.23
CA ASN DA 98 25.60 28.88 -86.60
CA ASN DA 98 27.26 31.64 -86.98
C ASN DA 98 24.14 29.29 -86.60
C ASN DA 98 25.80 32.10 -87.05
N ALA DA 99 23.66 29.89 -87.69
N ALA DA 99 25.37 32.58 -88.22
CA ALA DA 99 22.25 30.19 -87.80
CA ALA DA 99 23.98 33.00 -88.34
C ALA DA 99 21.42 28.92 -87.77
C ALA DA 99 23.04 31.81 -88.16
N MET DA 100 21.87 27.89 -88.48
N MET DA 100 23.39 30.66 -88.74
CA MET DA 100 21.14 26.63 -88.50
CA MET DA 100 22.58 29.45 -88.54
C MET DA 100 21.12 25.98 -87.12
C MET DA 100 22.56 29.04 -87.07
N GLU DA 101 22.22 26.09 -86.37
N GLU DA 101 23.71 29.08 -86.40
CA GLU DA 101 22.25 25.51 -85.02
CA GLU DA 101 23.76 28.69 -85.00
C GLU DA 101 21.31 26.25 -84.10
C GLU DA 101 22.94 29.64 -84.15
N ALA DA 102 21.32 27.59 -84.15
N ALA DA 102 23.05 30.95 -84.40
CA ALA DA 102 20.38 28.36 -83.32
CA ALA DA 102 22.18 31.91 -83.73
C ALA DA 102 18.94 28.03 -83.68
C ALA DA 102 20.72 31.60 -84.01
N ALA DA 103 18.63 27.92 -84.98
N ALA DA 103 20.37 31.41 -85.29
CA ALA DA 103 17.29 27.54 -85.40
CA ALA DA 103 18.98 31.11 -85.64
C ALA DA 103 16.89 26.19 -84.81
C ALA DA 103 18.48 29.86 -84.93
N LEU DA 104 17.83 25.24 -84.78
N LEU DA 104 19.36 28.87 -84.76
CA LEU DA 104 17.54 23.92 -84.25
CA LEU DA 104 18.97 27.65 -84.06
C LEU DA 104 17.21 23.99 -82.77
C LEU DA 104 18.67 27.93 -82.59
N HIS DA 105 18.04 24.72 -82.02
N HIS DA 105 19.54 28.71 -81.94
CA HIS DA 105 17.78 25.00 -80.60
CA HIS DA 105 19.31 29.10 -80.55
C HIS DA 105 16.42 25.68 -80.43
C HIS DA 105 18.05 29.93 -80.40
N LEU DA 106 16.12 26.67 -81.27
N LEU DA 106 17.79 30.82 -81.36
CA LEU DA 106 14.84 27.37 -81.13
CA LEU DA 106 16.55 31.60 -81.35
C LEU DA 106 13.68 26.41 -81.36
C LEU DA 106 15.31 30.71 -81.45
N GLU DA 107 13.72 25.65 -82.46
N GLU DA 107 15.31 29.76 -82.39
CA GLU DA 107 12.61 24.77 -82.77
CA GLU DA 107 14.11 28.97 -82.62
C GLU DA 107 12.47 23.65 -81.74
C GLU DA 107 13.79 28.07 -81.43
N LYS DA 108 13.59 23.22 -81.13
N LYS DA 108 14.81 27.58 -80.73
CA LYS DA 108 13.47 22.27 -80.04
CA LYS DA 108 14.55 26.81 -79.52
C LYS DA 108 12.83 22.91 -78.83
C LYS DA 108 14.01 27.71 -78.42
N ASN DA 109 13.06 24.20 -78.62
N ASN DA 109 14.52 28.94 -78.32
CA ASN DA 109 12.42 24.88 -77.50
CA ASN DA 109 13.99 29.89 -77.35
C ASN DA 109 10.93 25.11 -77.76
C ASN DA 109 12.53 30.21 -77.63
N VAL DA 110 10.56 25.45 -79.01
N VAL DA 110 12.16 30.36 -78.91
CA VAL DA 110 9.15 25.61 -79.35
CA VAL DA 110 10.76 30.58 -79.27
C VAL DA 110 8.43 24.28 -79.23
C VAL DA 110 9.95 29.31 -79.05
N ASN DA 111 9.10 23.19 -79.65
N ASN DA 111 10.50 28.16 -79.40
CA ASN DA 111 8.53 21.84 -79.54
CA ASN DA 111 9.85 26.90 -79.11
C ASN DA 111 8.25 21.47 -78.09
C ASN DA 111 9.60 26.75 -77.61
N GLN DA 112 9.08 21.92 -77.16
N GLN DA 112 10.50 27.26 -76.77
CA GLN DA 112 8.87 21.59 -75.75
CA GLN DA 112 10.34 27.13 -75.33
C GLN DA 112 7.66 22.32 -75.19
C GLN DA 112 9.20 28.01 -74.82
N SER DA 113 7.49 23.59 -75.57
N SER DA 113 9.02 29.20 -75.40
CA SER DA 113 6.30 24.32 -75.16
CA SER DA 113 7.87 30.04 -75.04
C SER DA 113 5.04 23.65 -75.67
C SER DA 113 6.55 29.39 -75.45
N LEU DA 114 5.05 23.15 -76.92
N LEU DA 114 6.54 28.71 -76.61
CA LEU DA 114 3.87 22.51 -77.48
CA LEU DA 114 5.33 28.07 -77.09
C LEU DA 114 3.59 21.18 -76.81
C LEU DA 114 4.93 26.87 -76.25
N LEU DA 115 4.64 20.44 -76.46
N LEU DA 115 5.89 26.18 -75.64
CA LEU DA 115 4.46 19.19 -75.73
CA LEU DA 115 5.53 25.07 -74.77
C LEU DA 115 3.94 19.45 -74.34
C LEU DA 115 4.95 25.58 -73.45
N GLU DA 116 4.48 20.49 -73.69
N GLU DA 116 5.60 26.59 -72.86
CA GLU DA 116 3.90 20.98 -72.45
CA GLU DA 116 4.99 27.30 -71.74
C GLU DA 116 2.46 21.43 -72.69
C GLU DA 116 3.59 27.79 -72.10
N LEU DA 117 2.21 22.19 -73.75
N LEU DA 117 3.40 28.23 -73.34
CA LEU DA 117 0.84 22.58 -74.07
CA LEU DA 117 2.08 28.68 -73.75
C LEU DA 117 -0.04 21.36 -74.24
C LEU DA 117 1.11 27.52 -73.74
N HIS DA 118 0.46 20.33 -74.92
N HIS DA 118 1.48 26.43 -74.41
CA HIS DA 118 -0.37 19.16 -75.19
CA HIS DA 118 0.60 25.27 -74.42
C HIS DA 118 -0.59 18.34 -73.93
C HIS DA 118 0.34 24.74 -73.01
N LYS DA 119 0.43 18.18 -73.08
N LYS DA 119 1.38 24.70 -72.17
CA LYS DA 119 0.20 17.51 -71.80
CA LYS DA 119 1.21 24.21 -70.80
C LYS DA 119 -0.88 18.21 -71.00
C LYS DA 119 0.11 24.97 -70.08
N LEU DA 120 -0.91 19.55 -71.05
N LEU DA 120 0.16 26.30 -70.18
CA LEU DA 120 -1.95 20.30 -70.37
CA LEU DA 120 -0.84 27.13 -69.51
C LEU DA 120 -3.34 19.95 -70.90
C LEU DA 120 -2.22 26.90 -70.10
N ALA DA 121 -3.50 19.93 -72.23
N ALA DA 121 -2.32 26.78 -71.43
CA ALA DA 121 -4.80 19.61 -72.81
CA ALA DA 121 -3.61 26.46 -72.02
C ALA DA 121 -5.30 18.23 -72.38
C ALA DA 121 -4.15 25.14 -71.47
N HIS DA 122 -4.41 17.23 -72.33
N HIS DA 122 -3.26 24.16 -71.28
CA HIS DA 122 -4.80 15.89 -71.91
CA HIS DA 122 -3.69 22.92 -70.62
C HIS DA 122 -5.04 15.80 -70.41
C HIS DA 122 -4.09 23.17 -69.17
N ASP DA 123 -4.26 16.53 -69.62
N ASP DA 123 -3.31 23.95 -68.42
CA ASP DA 123 -4.48 16.52 -68.17
CA ASP DA 123 -3.63 24.20 -67.01
C ASP DA 123 -5.78 17.23 -67.81
C ASP DA 123 -4.91 25.00 -66.84
N LYS DA 124 -6.14 18.29 -68.54
N LYS DA 124 -5.24 25.87 -67.77
CA LYS DA 124 -7.44 18.93 -68.38
CA LYS DA 124 -6.47 26.63 -67.71
C LYS DA 124 -8.56 18.25 -69.15
C LYS DA 124 -7.63 25.93 -68.38
N ASN DA 125 -8.32 17.06 -69.71
N ASN DA 125 -7.46 24.66 -68.76
CA ASN DA 125 -9.35 16.30 -70.42
CA ASN DA 125 -8.51 23.89 -69.42
C ASN DA 125 -9.99 17.11 -71.55
C ASN DA 125 -9.05 24.63 -70.64
N ASP DA 126 -9.13 17.71 -72.38
N ASP DA 126 -8.13 25.07 -71.51
CA ASP DA 126 -9.54 18.52 -73.54
CA ASP DA 126 -8.46 25.81 -72.72
C ASP DA 126 -9.09 17.80 -74.80
C ASP DA 126 -8.00 24.97 -73.89
N PRO DA 127 -9.86 16.83 -75.30
N PRO DA 127 -8.80 23.98 -74.32
CA PRO DA 127 -9.40 16.09 -76.49
CA PRO DA 127 -8.34 23.04 -75.36
C PRO DA 127 -9.37 16.93 -77.75
C PRO DA 127 -8.33 23.65 -76.76
N HIS DA 128 -10.24 17.94 -77.85
N HIS DA 128 -9.16 24.67 -77.02
CA HIS DA 128 -10.17 18.80 -79.04
CA HIS DA 128 -9.06 25.40 -78.28
C HIS DA 128 -8.83 19.53 -79.10
C HIS DA 128 -7.71 26.09 -78.40
N LEU DA 129 -8.38 20.09 -77.97
N LEU DA 129 -7.28 26.78 -77.34
CA LEU DA 129 -7.12 20.83 -77.94
CA LEU DA 129 -5.97 27.42 -77.38
C LEU DA 129 -5.93 19.89 -78.20
C LEU DA 129 -4.86 26.38 -77.44
N ALA DA 130 -5.88 18.76 -77.49
N ALA DA 130 -5.03 25.28 -76.70
CA ALA DA 130 -4.91 17.71 -77.76
CA ALA DA 130 -4.06 24.19 -76.78
C ALA DA 130 -4.82 17.40 -79.25
C ALA DA 130 -3.98 23.63 -78.19
N ASP DA 131 -5.95 17.07 -79.87
N ASP DA 131 -5.14 23.35 -78.80
CA ASP DA 131 -5.94 16.71 -81.29
CA ASP DA 131 -5.13 22.81 -80.16
C ASP DA 131 -5.46 17.87 -82.16
C ASP DA 131 -4.54 23.80 -81.15
N PHE DA 132 -5.93 19.08 -81.87
N PHE DA 132 -4.91 25.08 -81.03
CA PHE DA 132 -5.51 20.26 -82.61
CA PHE DA 132 -4.33 26.13 -81.86
C PHE DA 132 -3.99 20.38 -82.59
C PHE DA 132 -2.81 26.05 -81.86
N ILE DA 133 -3.39 20.31 -81.40
N ILE DA 133 -2.20 25.97 -80.68
CA ILE DA 133 -1.94 20.40 -81.30
CA ILE DA 133 -0.74 25.96 -80.58
C ILE DA 133 -1.29 19.20 -81.99
C ILE DA 133 -0.16 24.69 -81.20
N GLU DA 134 -1.87 18.00 -81.80
N GLU DA 134 -0.77 23.54 -80.91
CA GLU DA 134 -1.42 16.82 -82.52
CA GLU DA 134 -0.34 22.28 -81.53
C GLU DA 134 -1.41 17.05 -84.02
C GLU DA 134 -0.38 22.38 -83.05
N THR DA 135 -2.56 17.50 -84.55
N THR DA 135 -1.57 22.65 -83.59
CA THR DA 135 -2.79 17.51 -85.99
CA THR DA 135 -1.79 22.60 -85.02
C THR DA 135 -1.95 18.57 -86.68
C THR DA 135 -0.85 23.54 -85.78
N HIS DA 136 -1.92 19.78 -86.12
N HIS DA 136 -0.62 24.75 -85.24
CA HIS DA 136 -1.33 20.88 -86.86
CA HIS DA 136 -0.05 25.83 -86.01
C HIS DA 136 0.12 21.19 -86.47
C HIS DA 136 1.40 26.14 -85.70
N TYR DA 137 0.58 20.75 -85.30
N TYR DA 137 1.88 25.84 -84.50
CA TYR DA 137 1.88 21.23 -84.78
CA TYR DA 137 3.20 26.34 -84.09
C TYR DA 137 2.89 20.15 -84.50
C TYR DA 137 4.19 25.26 -83.71
N LEU DA 138 2.49 19.03 -83.87
N LEU DA 138 3.74 24.15 -83.11
CA LEU DA 138 3.45 18.08 -83.33
CA LEU DA 138 4.65 23.21 -82.47
C LEU DA 138 4.35 17.50 -84.41
C LEU DA 138 5.41 22.36 -83.47
N ASN DA 139 3.76 16.99 -85.50
N ASN DA 139 4.71 21.73 -84.43
CA ASN DA 139 4.59 16.40 -86.53
CA ASN DA 139 5.44 20.95 -85.42
C ASN DA 139 5.33 17.46 -87.33
C ASN DA 139 6.28 21.84 -86.33
N GLU DA 140 4.72 18.63 -87.53
N GLU DA 140 5.82 23.08 -86.57
CA GLU DA 140 5.43 19.72 -88.20
CA GLU DA 140 6.62 23.99 -87.37
C GLU DA 140 6.70 20.10 -87.45
C GLU DA 140 7.89 24.43 -86.63
N GLN DA 141 6.63 20.12 -86.12
N GLN DA 141 7.83 24.53 -85.30
CA GLN DA 141 7.82 20.43 -85.30
CA GLN DA 141 9.04 24.73 -84.51
C GLN DA 141 8.89 19.36 -85.46
C GLN DA 141 9.99 23.55 -84.68
N VAL DA 142 8.49 18.09 -85.46
N VAL DA 142 9.49 22.34 -84.52
CA VAL DA 142 9.43 16.99 -85.67
CA VAL DA 142 10.34 21.15 -84.60
C VAL DA 142 10.05 17.07 -87.06
C VAL DA 142 11.02 21.09 -85.96
N LYS DA 143 9.24 17.39 -88.07
N LYS DA 143 10.25 21.30 -87.03
CA LYS DA 143 9.75 17.50 -89.44
CA LYS DA 143 10.81 21.23 -88.38
C LYS DA 143 10.81 18.58 -89.57
C LYS DA 143 11.89 22.28 -88.57
N ALA DA 144 10.60 19.70 -88.88
N ALA DA 144 11.59 23.53 -88.23
CA ALA DA 144 11.52 20.84 -88.94
CA ALA DA 144 12.58 24.59 -88.34
C ALA DA 144 12.81 20.55 -88.18
C ALA DA 144 13.84 24.26 -87.56
N ILE DA 145 12.70 19.96 -86.99
N ILE DA 145 13.66 23.77 -86.33
CA ILE DA 145 13.89 19.59 -86.23
CA ILE DA 145 14.81 23.41 -85.49
C ILE DA 145 14.77 18.66 -87.05
C ILE DA 145 15.63 22.30 -86.13
N LYS DA 146 14.16 17.68 -87.71
N LYS DA 146 14.96 21.26 -86.63
CA LYS DA 146 14.91 16.71 -88.51
CA LYS DA 146 15.66 20.16 -87.29
C LYS DA 146 15.59 17.36 -89.71
C LYS DA 146 16.39 20.64 -88.53
N GLU DA 147 14.92 18.31 -90.36
N GLU DA 147 15.81 21.58 -89.26
CA GLU DA 147 15.50 18.99 -91.50
CA GLU DA 147 16.44 22.03 -90.49
C GLU DA 147 16.65 19.92 -91.09
C GLU DA 147 17.67 22.87 -90.20
N LEU DA 148 16.51 20.57 -89.94
N LEU DA 148 17.54 23.83 -89.27
CA LEU DA 148 17.61 21.42 -89.46
CA LEU DA 148 18.70 24.58 -88.82
C LEU DA 148 18.77 20.55 -89.00
C LEU DA 148 19.80 23.65 -88.34
N GLY DA 149 18.48 19.42 -88.36
N GLY DA 149 19.44 22.59 -87.61
CA GLY DA 149 19.52 18.45 -88.08
CA GLY DA 149 20.43 21.63 -87.17
C GLY DA 149 20.25 18.01 -89.32
C GLY DA 149 21.16 20.97 -88.33
N ASP DA 150 19.49 17.60 -90.36
N ASP DA 150 20.40 20.49 -89.32
CA ASP DA 150 20.06 17.28 -91.68
CA ASP DA 150 21.01 19.93 -90.53
C ASP DA 150 20.95 18.40 -92.20
C ASP DA 150 22.00 20.91 -91.14
N HIS DA 151 20.47 19.65 -92.17
N HIS DA 151 21.56 22.16 -91.36
CA HIS DA 151 21.26 20.76 -92.68
CA HIS DA 151 22.42 23.15 -92.00
C HIS DA 151 22.51 21.00 -91.85
C HIS DA 151 23.70 23.37 -91.23
N VAL DA 152 22.41 20.82 -90.53
N VAL DA 152 23.60 23.51 -89.90
CA VAL DA 152 23.58 21.05 -89.68
CA VAL DA 152 24.78 23.73 -89.07
C VAL DA 152 24.63 19.97 -89.91
C VAL DA 152 25.74 22.56 -89.19
N THR DA 153 24.20 18.73 -90.08
N THR DA 153 25.18 21.34 -89.17
CA THR DA 153 25.13 17.64 -90.37
CA THR DA 153 26.01 20.14 -89.34
C THR DA 153 25.85 17.88 -91.68
C THR DA 153 26.75 20.18 -90.66
N ASN DA 154 25.11 18.24 -92.73
N ASN DA 154 26.02 20.42 -91.76
CA ASN DA 154 25.75 18.48 -94.02
CA ASN DA 154 26.63 20.37 -93.06
C ASN DA 154 26.75 19.61 -93.95
C ASN DA 154 27.70 21.46 -93.21
N LEU DA 155 26.36 20.74 -93.36
N LEU DA 155 27.40 22.67 -92.75
CA LEU DA 155 27.28 21.87 -93.26
CA LEU DA 155 28.41 23.73 -92.79
C LEU DA 155 28.56 21.48 -92.56
C LEU DA 155 29.67 23.34 -92.01
N ARG DA 156 28.46 20.72 -91.47
N ARG DA 156 29.48 22.71 -90.85
CA ARG DA 156 29.65 20.28 -90.74
CA ARG DA 156 30.61 22.35 -90.01
C ARG DA 156 30.53 19.39 -91.61
C ARG DA 156 31.48 21.28 -90.67
N LYS DA 157 29.93 18.38 -92.27
N LYS DA 157 30.84 20.24 -91.21
CA LYS DA 157 30.74 17.45 -93.06
CA LYS DA 157 31.56 19.18 -91.92
C LYS DA 157 31.50 18.22 -94.13
C LYS DA 157 32.34 19.73 -93.11
N MET DA 158 30.87 19.22 -94.73
N MET DA 158 31.75 20.68 -93.83
CA MET DA 158 31.48 19.94 -95.84
CA MET DA 158 32.42 21.28 -94.98
C MET DA 158 32.62 20.82 -95.39
C MET DA 158 33.60 22.16 -94.60
N GLY DA 159 32.75 21.09 -94.10
N GLY DA 159 33.82 22.40 -93.32
CA GLY DA 159 33.85 21.90 -93.60
CA GLY DA 159 34.95 23.19 -92.87
C GLY DA 159 33.46 23.25 -93.05
C GLY DA 159 34.66 24.65 -92.53
N ALA DA 160 32.18 23.55 -92.90
N ALA DA 160 33.39 25.04 -92.44
CA ALA DA 160 31.77 24.77 -92.24
CA ALA DA 160 33.03 26.40 -92.08
C ALA DA 160 32.12 24.69 -90.75
C ALA DA 160 33.51 26.73 -90.67
N PRO DA 161 32.34 25.84 -90.08
N PRO DA 161 33.66 28.04 -90.34
CA PRO DA 161 32.23 27.19 -90.64
CA PRO DA 161 33.47 29.18 -91.25
C PRO DA 161 33.55 27.71 -91.19
C PRO DA 161 34.79 29.72 -91.82
N GLU DA 162 34.63 26.97 -90.93
N GLU DA 162 35.90 29.07 -91.50
CA GLU DA 162 35.97 27.39 -91.36
CA GLU DA 162 37.22 29.52 -91.98
C GLU DA 162 35.96 27.85 -92.81
C GLU DA 162 37.37 29.25 -93.47
N SER DA 163 35.36 27.05 -93.69
N SER DA 163 37.28 27.98 -93.88
CA SER DA 163 35.46 27.26 -95.13
CA SER DA 163 37.26 27.59 -95.28
C SER DA 163 34.17 27.89 -95.65
C SER DA 163 36.16 28.34 -96.04
N GLY DA 164 34.28 29.14 -96.11
N GLY DA 164 36.51 29.47 -96.66
CA GLY DA 164 33.17 29.76 -96.82
CA GLY DA 164 35.50 30.29 -97.32
C GLY DA 164 32.80 29.06 -98.11
C GLY DA 164 34.79 29.57 -98.46
N LEU DA 165 33.69 28.22 -98.65
N LEU DA 165 35.45 28.58 -99.06
CA LEU DA 165 33.34 27.42 -99.82
CA LEU DA 165 34.79 27.80 -100.10
C LEU DA 165 32.15 26.51 -99.53
C LEU DA 165 33.59 27.02 -99.56
N ALA DA 166 32.17 25.83 -98.39
N ALA DA 166 33.62 26.62 -98.28
CA ALA DA 166 31.07 24.93 -98.03
CA ALA DA 166 32.50 25.88 -97.71
C ALA DA 166 29.74 25.69 -97.97
C ALA DA 166 31.21 26.70 -97.73
N GLU DA 167 29.70 26.83 -97.26
N GLU DA 167 31.28 27.98 -97.32
CA GLU DA 167 28.43 27.52 -97.12
CA GLU DA 167 30.06 28.77 -97.27
C GLU DA 167 27.91 28.00 -98.48
C GLU DA 167 29.54 29.08 -98.66
N TYR DA 168 28.82 28.44 -99.36
N TYR DA 168 30.44 29.35 -99.61
CA TYR DA 168 28.41 28.81 -100.71
CA TYR DA 168 30.02 29.61 -100.99
C TYR DA 168 27.74 27.66 -101.44
C TYR DA 168 29.21 28.45 -101.53
N LEU DA 169 28.44 26.51 -101.50
N LEU DA 169 29.72 27.21 -101.37
CA LEU DA 169 27.90 25.38 -102.25
CA LEU DA 169 29.08 26.05 -101.97
C LEU DA 169 26.62 24.86 -101.60
C LEU DA 169 27.79 25.69 -101.24
N PHE DA 170 26.57 24.87 -100.27
N PHE DA 170 27.75 25.84 -99.92
CA PHE DA 170 25.36 24.44 -99.59
CA PHE DA 170 26.50 25.59 -99.22
C PHE DA 170 24.20 25.38 -99.93
C PHE DA 170 25.42 26.55 -99.69
N ASP DA 171 24.48 26.68 -99.97
N ASP DA 171 25.78 27.82 -99.80
CA ASP DA 171 23.49 27.66 -100.36
CA ASP DA 171 24.88 28.81 -100.36
C ASP DA 171 22.96 27.37 -101.77
C ASP DA 171 24.32 28.38 -101.72
N LYS DA 172 23.85 26.98 -102.69
N LYS DA 172 25.17 27.83 -102.59
CA LYS DA 172 23.45 26.70 -104.06
CA LYS DA 172 24.72 27.47 -103.93
C LYS DA 172 22.78 25.33 -104.20
C LYS DA 172 23.91 26.18 -103.94
N HIS DA 173 23.39 24.28 -103.65
N HIS DA 173 24.45 25.12 -103.34
CA HIS DA 173 22.98 22.92 -103.99
CA HIS DA 173 23.90 23.79 -103.54
C HIS DA 173 21.88 22.35 -103.08
C HIS DA 173 22.84 23.42 -102.53
N THR DA 174 21.80 22.80 -101.82
N THR DA 174 22.87 24.02 -101.33
CA THR DA 174 20.78 22.30 -100.91
CA THR DA 174 21.81 23.77 -100.36
C THR DA 174 19.62 23.29 -100.77
C THR DA 174 20.79 24.90 -100.31
N LEU DA 175 19.92 24.51 -100.34
N LEU DA 175 21.26 26.13 -100.11
CA LEU DA 175 18.93 25.57 -100.19
CA LEU DA 175 20.35 27.25 -99.91
C LEU DA 175 18.56 26.20 -101.54
C LEU DA 175 19.77 27.79 -101.21
N GLY DA 176 19.30 25.89 -102.60
N GLY DA 176 20.28 27.41 -102.37
CA GLY DA 176 18.93 26.32 -103.93
CA GLY DA 176 19.84 28.03 -103.60
C GLY DA 176 18.24 25.22 -104.73
C GLY DA 176 19.08 27.13 -104.54
N ASP DA 177 16.97 24.95 -104.42
N ASP DA 177 17.91 26.63 -104.10
CA ASP DA 177 16.16 23.98 -105.17
CA ASP DA 177 17.20 25.53 -104.77
C ASP DA 177 16.80 22.60 -105.25
C ASP DA 177 18.08 24.27 -104.72
N SER EA 4 -66.27 50.64 5.47
N SER EA 4 -58.18 53.78 7.60
CA SER EA 4 -66.69 50.43 4.09
CA SER EA 4 -58.70 53.42 6.29
C SER EA 4 -66.00 51.41 3.14
C SER EA 4 -57.85 54.05 5.20
N THR EA 5 -65.94 51.04 1.87
N THR EA 5 -58.02 53.57 3.96
CA THR EA 5 -65.28 51.86 0.87
CA THR EA 5 -57.28 54.10 2.82
C THR EA 5 -66.21 52.99 0.43
C THR EA 5 -58.22 54.95 1.98
N SER EA 6 -65.63 54.13 0.11
N SER EA 6 -57.81 56.19 1.70
CA SER EA 6 -66.40 55.23 -0.48
CA SER EA 6 -58.67 57.10 0.97
C SER EA 6 -66.76 54.93 -1.93
C SER EA 6 -59.12 56.47 -0.34
N GLN EA 7 -68.01 55.24 -2.29
N GLN EA 7 -60.36 56.76 -0.73
CA GLN EA 7 -68.49 55.02 -3.66
CA GLN EA 7 -60.85 56.36 -2.03
C GLN EA 7 -67.62 55.71 -4.68
C GLN EA 7 -60.11 57.05 -3.17
N VAL EA 8 -66.90 56.77 -4.30
N VAL EA 8 -59.52 58.24 -2.92
CA VAL EA 8 -66.08 57.50 -5.24
CA VAL EA 8 -58.80 58.97 -3.95
C VAL EA 8 -64.62 57.04 -5.24
C VAL EA 8 -57.31 58.68 -3.98
N ARG EA 9 -64.20 56.26 -4.24
N ARG EA 9 -56.75 57.96 -3.00
CA ARG EA 9 -62.78 55.96 -4.11
CA ARG EA 9 -55.29 57.84 -2.93
C ARG EA 9 -62.28 55.07 -5.24
C ARG EA 9 -54.76 56.98 -4.06
N GLN EA 10 -61.23 55.52 -5.89
N GLN EA 10 -53.64 57.41 -4.64
CA GLN EA 10 -60.62 54.76 -6.96
CA GLN EA 10 -53.07 56.70 -5.77
C GLN EA 10 -59.14 55.06 -6.94
C GLN EA 10 -51.65 57.20 -6.04
N ASN EA 11 -58.33 54.00 -6.86
N ASN EA 11 -50.69 56.29 -5.94
CA ASN EA 11 -56.87 54.12 -6.91
CA ASN EA 11 -49.28 56.60 -6.13
C ASN EA 11 -56.31 55.05 -5.84
C ASN EA 11 -48.78 57.68 -5.16
N TYR EA 12 -56.94 55.10 -4.66
N TYR EA 12 -49.26 57.64 -3.91
CA TYR EA 12 -56.49 55.99 -3.59
CA TYR EA 12 -48.89 58.62 -2.88
C TYR EA 12 -55.98 55.13 -2.45
C TYR EA 12 -48.15 57.92 -1.74
N HIS EA 13 -54.67 55.08 -2.31
N HIS EA 13 -46.83 58.02 -1.71
CA HIS EA 13 -54.08 54.16 -1.36
CA HIS EA 13 -46.06 57.27 -0.74
C HIS EA 13 -54.22 54.69 0.07
C HIS EA 13 -46.26 57.84 0.68
N GLN EA 14 -54.52 53.79 1.00
N GLN EA 14 -46.23 56.95 1.68
CA GLN EA 14 -54.77 54.21 2.38
CA GLN EA 14 -46.43 57.43 3.05
C GLN EA 14 -53.56 54.90 2.98
C GLN EA 14 -45.30 58.34 3.51
N ASP EA 15 -52.35 54.53 2.54
N ASP EA 15 -44.09 58.18 2.95
CA ASP EA 15 -51.15 55.27 2.93
CA ASP EA 15 -43.01 59.11 3.25
C ASP EA 15 -51.25 56.74 2.52
C ASP EA 15 -43.30 60.49 2.66
N SER EA 16 -51.70 56.97 1.28
N SER EA 16 -43.93 60.52 1.47
CA SER EA 16 -51.87 58.34 0.80
CA SER EA 16 -44.35 61.79 0.89
C SER EA 16 -52.97 59.06 1.56
C SER EA 16 -45.38 62.48 1.79
N GLU EA 17 -54.06 58.35 1.87
N GLU EA 17 -46.44 61.75 2.15
CA GLU EA 17 -55.09 58.90 2.76
CA GLU EA 17 -47.47 62.29 3.03
C GLU EA 17 -54.47 59.39 4.06
C GLU EA 17 -46.88 62.86 4.33
N ALA EA 18 -53.57 58.59 4.65
N ALA EA 18 -45.84 62.19 4.86
CA ALA EA 18 -52.96 58.94 5.91
CA ALA EA 18 -45.24 62.65 6.10
C ALA EA 18 -52.06 60.18 5.78
C ALA EA 18 -44.36 63.87 5.87
N ALA EA 19 -51.27 60.26 4.71
N ALA EA 19 -43.63 63.89 4.76
CA ALA EA 19 -50.30 61.35 4.57
CA ALA EA 19 -42.79 65.05 4.44
C ALA EA 19 -51.01 62.69 4.34
C ALA EA 19 -43.63 66.27 4.05
N ILE EA 20 -52.11 62.68 3.58
N ILE EA 20 -44.84 66.06 3.56
CA ILE EA 20 -52.91 63.89 3.37
CA ILE EA 20 -45.74 67.20 3.34
C ILE EA 20 -53.41 64.44 4.70
C ILE EA 20 -46.16 67.81 4.67
N ASN EA 21 -53.93 63.55 5.57
N ASN EA 21 -46.45 66.95 5.66
CA ASN EA 21 -54.34 63.99 6.89
CA ASN EA 21 -46.80 67.44 6.99
C ASN EA 21 -53.17 64.61 7.64
C ASN EA 21 -45.65 68.21 7.63
N ARG EA 22 -51.98 63.98 7.54
N ARG EA 22 -44.41 67.70 7.50
CA ARG EA 22 -50.78 64.55 8.14
CA ARG EA 22 -43.26 68.44 8.01
C ARG EA 22 -50.49 65.94 7.58
C ARG EA 22 -43.13 69.80 7.33
N GLN EA 23 -50.55 66.09 6.25
N GLN EA 23 -43.28 69.82 5.99
CA GLN EA 23 -50.24 67.39 5.65
CA GLN EA 23 -43.23 71.06 5.22
C GLN EA 23 -51.24 68.45 6.08
C GLN EA 23 -44.38 72.00 5.56
N ILE EA 24 -52.52 68.07 6.21
N ILE EA 24 -45.57 71.48 5.87
CA ILE EA 24 -53.54 68.99 6.69
CA ILE EA 24 -46.65 72.37 6.31
C ILE EA 24 -53.13 69.60 8.01
C ILE EA 24 -46.26 73.08 7.60
N ASN EA 25 -52.79 68.75 8.99
N ASN EA 25 -45.66 72.35 8.56
CA ASN EA 25 -52.38 69.22 10.30
CA ASN EA 25 -45.15 72.98 9.78
C ASN EA 25 -51.15 70.12 10.23
C ASN EA 25 -44.09 74.02 9.47
N LEU EA 26 -50.18 69.77 9.39
N LEU EA 26 -43.20 73.72 8.51
CA LEU EA 26 -48.96 70.57 9.34
CA LEU EA 26 -42.09 74.62 8.21
C LEU EA 26 -49.20 71.93 8.64
C LEU EA 26 -42.59 75.92 7.61
N GLU EA 27 -50.10 72.00 7.67
N GLU EA 27 -43.60 75.85 6.74
CA GLU EA 27 -50.45 73.31 7.13
CA GLU EA 27 -44.14 77.06 6.15
C GLU EA 27 -51.19 74.16 8.17
C GLU EA 27 -44.84 77.91 7.20
N LEU EA 28 -52.13 73.56 8.90
N LEU EA 28 -45.55 77.28 8.14
CA LEU EA 28 -52.81 74.26 9.99
CA LEU EA 28 -46.16 78.00 9.24
C LEU EA 28 -51.82 74.71 11.06
C LEU EA 28 -45.11 78.61 10.15
N TYR EA 29 -50.82 73.87 11.35
N TYR EA 29 -44.01 77.90 10.37
CA TYR EA 29 -49.72 74.27 12.21
CA TYR EA 29 -42.93 78.43 11.19
C TYR EA 29 -49.01 75.53 11.67
C TYR EA 29 -42.29 79.64 10.50
N ALA EA 30 -48.74 75.55 10.37
N ALA EA 30 -42.03 79.55 9.19
CA ALA EA 30 -47.99 76.67 9.79
CA ALA EA 30 -41.58 80.71 8.43
C ALA EA 30 -48.80 77.96 9.81
C ALA EA 30 -42.55 81.87 8.55
N SER EA 31 -50.12 77.88 9.62
N SER EA 31 -43.86 81.58 8.44
CA SER EA 31 -50.97 79.06 9.79
CA SER EA 31 -44.86 82.62 8.61
C SER EA 31 -50.90 79.59 11.23
C SER EA 31 -44.65 83.35 9.92
N TYR EA 32 -50.81 78.69 12.21
N TYR EA 32 -44.33 82.59 10.98
CA TYR EA 32 -50.74 79.10 13.61
CA TYR EA 32 -44.25 83.13 12.33
C TYR EA 32 -49.43 79.81 13.91
C TYR EA 32 -43.00 84.00 12.51
N VAL EA 33 -48.31 79.24 13.45
N VAL EA 33 -41.90 83.59 11.88
CA VAL EA 33 -47.01 79.89 13.62
CA VAL EA 33 -40.68 84.39 11.92
C VAL EA 33 -47.04 81.29 13.02
C VAL EA 33 -40.91 85.76 11.31
N TYR EA 34 -47.60 81.41 11.81
N TYR EA 34 -41.49 85.80 10.09
CA TYR EA 34 -47.62 82.70 11.15
CA TYR EA 34 -41.71 87.08 9.41
C TYR EA 34 -48.53 83.67 11.89
C TYR EA 34 -42.65 87.98 10.21
N LEU EA 35 -49.63 83.16 12.43
N LEU EA 35 -43.68 87.39 10.82
CA LEU EA 35 -50.48 83.99 13.28
CA LEU EA 35 -44.58 88.16 11.68
C LEU EA 35 -49.69 84.52 14.48
C LEU EA 35 -43.80 88.81 12.82
N SER EA 36 -48.92 83.65 15.13
N SER EA 36 -42.95 88.03 13.49
CA SER EA 36 -48.12 84.07 16.28
CA SER EA 36 -42.10 88.59 14.54
C SER EA 36 -47.09 85.12 15.91
C SER EA 36 -41.22 89.71 13.98
N MET EA 37 -46.41 84.94 14.77
N MET EA 37 -40.52 89.43 12.89
CA MET EA 37 -45.43 85.94 14.33
CA MET EA 37 -39.70 90.46 12.25
C MET EA 37 -46.08 87.30 14.13
C MET EA 37 -40.50 91.72 11.97
N SER EA 38 -47.25 87.32 13.48
N SER EA 38 -41.72 91.58 11.45
CA SER EA 38 -47.87 88.57 13.07
CA SER EA 38 -42.50 92.75 11.04
C SER EA 38 -48.16 89.47 14.25
C SER EA 38 -42.80 93.67 12.22
N TYR EA 39 -48.76 88.91 15.30
N TYR EA 39 -43.26 93.11 13.34
CA TYR EA 39 -49.15 89.71 16.46
CA TYR EA 39 -43.64 93.98 14.44
C TYR EA 39 -47.99 89.96 17.42
C TYR EA 39 -42.44 94.44 15.25
N TYR EA 40 -46.89 89.23 17.31
N TYR EA 40 -41.25 93.86 15.03
CA TYR EA 40 -45.64 89.70 17.89
CA TYR EA 40 -40.04 94.46 15.57
C TYR EA 40 -45.28 91.07 17.32
C TYR EA 40 -39.82 95.85 14.97
N PHE EA 41 -45.27 91.20 15.99
N PHE EA 41 -39.97 95.95 13.66
CA PHE EA 41 -44.89 92.47 15.40
CA PHE EA 41 -39.77 97.21 12.96
C PHE EA 41 -45.95 93.55 15.60
C PHE EA 41 -40.91 98.18 13.16
N ASP EA 42 -47.13 93.20 16.10
N ASP EA 42 -42.05 97.73 13.69
CA ASP EA 42 -48.16 94.17 16.47
CA ASP EA 42 -43.16 98.58 14.09
C ASP EA 42 -47.95 94.71 17.89
C ASP EA 42 -42.92 99.27 15.43
N ARG EA 43 -46.99 94.18 18.64
N ARG EA 43 -41.93 98.80 16.20
CA ARG EA 43 -46.78 94.62 20.02
CA ARG EA 43 -41.65 99.36 17.52
C ARG EA 43 -46.28 96.07 20.03
C ARG EA 43 -41.22 100.83 17.44
N ASP EA 44 -46.63 96.79 21.09
N ASP EA 44 -41.66 101.61 18.42
CA ASP EA 44 -46.25 98.20 21.17
CA ASP EA 44 -41.38 103.04 18.43
C ASP EA 44 -44.75 98.39 21.32
C ASP EA 44 -39.89 103.34 18.44
N ASP EA 45 -44.05 97.36 21.78
N ASP EA 45 -39.06 102.42 18.92
CA ASP EA 45 -42.61 97.40 21.95
CA ASP EA 45 -37.62 102.62 19.00
C ASP EA 45 -41.86 96.75 20.78
C ASP EA 45 -36.88 102.00 17.81
N VAL EA 46 -42.56 96.40 19.69
N VAL EA 46 -37.60 101.60 16.76
CA VAL EA 46 -41.94 95.96 18.44
CA VAL EA 46 -36.99 101.09 15.53
C VAL EA 46 -42.46 96.84 17.30
C VAL EA 46 -37.61 101.86 14.36
N ALA EA 47 -43.77 96.86 17.09
N ALA EA 47 -38.93 101.75 14.21
CA ALA EA 47 -44.45 97.88 16.30
CA ALA EA 47 -39.74 102.71 13.46
C ALA EA 47 -43.92 97.97 14.86
C ALA EA 47 -39.40 102.71 11.96
N LEU EA 48 -43.93 96.82 14.17
N LEU EA 48 -39.30 101.51 11.38
CA LEU EA 48 -43.59 96.77 12.75
CA LEU EA 48 -39.11 101.37 9.93
C LEU EA 48 -44.83 96.29 11.98
C LEU EA 48 -40.35 100.67 9.34
N LYS EA 49 -45.63 97.25 11.53
N LYS EA 49 -41.34 101.48 8.97
CA LYS EA 49 -46.96 96.93 11.00
CA LYS EA 49 -42.64 100.99 8.56
C LYS EA 49 -46.87 96.11 9.73
C LYS EA 49 -42.56 100.13 7.30
N ASN EA 50 -45.86 96.35 8.89
N ASN EA 50 -41.69 100.47 6.36
CA ASN EA 50 -45.74 95.62 7.63
CA ASN EA 50 -41.63 99.67 5.14
C ASN EA 50 -45.17 94.23 7.82
C ASN EA 50 -40.88 98.36 5.36
N PHE EA 51 -44.29 94.04 8.81
N PHE EA 51 -39.92 98.32 6.29
CA PHE EA 51 -43.96 92.69 9.25
CA PHE EA 51 -39.40 97.01 6.70
C PHE EA 51 -45.22 91.99 9.76
C PHE EA 51 -40.51 96.17 7.32
N ALA EA 52 -46.03 92.69 10.55
N ALA EA 52 -41.37 96.81 8.12
CA ALA EA 52 -47.27 92.08 11.04
CA ALA EA 52 -42.46 96.09 8.78
C ALA EA 52 -48.20 91.73 9.89
C ALA EA 52 -43.49 95.59 7.77
N LYS EA 53 -48.39 92.68 8.96
N LYS EA 53 -43.86 96.42 6.79
CA LYS EA 53 -49.21 92.43 7.79
CA LYS EA 53 -44.78 95.97 5.75
C LYS EA 53 -48.72 91.22 7.00
C LYS EA 53 -44.14 94.88 4.89
N TYR EA 54 -47.40 91.09 6.84
N TYR EA 54 -42.85 95.03 4.56
CA TYR EA 54 -46.85 90.06 5.96
CA TYR EA 54 -42.19 94.01 3.74
C TYR EA 54 -47.11 88.67 6.50
C TYR EA 54 -42.24 92.65 4.39
N PHE EA 55 -46.87 88.46 7.80
N PHE EA 55 -41.95 92.58 5.69
CA PHE EA 55 -47.07 87.12 8.34
CA PHE EA 55 -41.94 91.28 6.36
C PHE EA 55 -48.56 86.78 8.46
C PHE EA 55 -43.36 90.78 6.64
N LEU EA 56 -49.44 87.78 8.66
N LEU EA 56 -44.31 91.69 6.90
CA LEU EA 56 -50.87 87.51 8.71
CA LEU EA 56 -45.68 91.25 7.11
C LEU EA 56 -51.37 87.02 7.35
C LEU EA 56 -46.26 90.62 5.85
N HIS EA 57 -50.82 87.59 6.26
N HIS EA 57 -45.91 91.18 4.69
CA HIS EA 57 -51.11 87.08 4.92
CA HIS EA 57 -46.34 90.58 3.43
C HIS EA 57 -50.70 85.61 4.79
C HIS EA 57 -45.74 89.20 3.26
N GLN EA 58 -49.45 85.30 5.14
N GLN EA 58 -44.44 89.04 3.57
CA GLN EA 58 -48.98 83.92 5.09
CA GLN EA 58 -43.83 87.71 3.52
C GLN EA 58 -49.89 83.01 5.91
C GLN EA 58 -44.55 86.74 4.45
N SER EA 59 -50.30 83.47 7.10
N SER EA 59 -44.88 87.19 5.66
CA SER EA 59 -51.23 82.72 7.93
CA SER EA 59 -45.61 86.36 6.62
C SER EA 59 -52.50 82.39 7.16
C SER EA 59 -46.89 85.79 6.02
N HIS EA 60 -53.17 83.41 6.64
N HIS EA 60 -47.73 86.64 5.45
CA HIS EA 60 -54.39 83.15 5.88
CA HIS EA 60 -48.99 86.15 4.88
C HIS EA 60 -54.13 82.23 4.69
C HIS EA 60 -48.77 85.26 3.67
N GLU EA 61 -53.02 82.40 4.00
N GLU EA 61 -47.71 85.51 2.90
CA GLU EA 61 -52.66 81.50 2.89
CA GLU EA 61 -47.42 84.66 1.73
C GLU EA 61 -52.50 80.06 3.36
C GLU EA 61 -47.01 83.26 2.18
N GLU EA 62 -51.74 79.86 4.44
N GLU EA 62 -46.18 83.15 3.22
CA GLU EA 62 -51.54 78.51 4.96
CA GLU EA 62 -45.82 81.86 3.77
C GLU EA 62 -52.87 77.84 5.31
C GLU EA 62 -47.05 81.12 4.29
N ARG EA 63 -53.86 78.62 5.73
N ARG EA 63 -48.01 81.84 4.90
CA ARG EA 63 -55.17 78.04 6.02
CA ARG EA 63 -49.23 81.18 5.35
C ARG EA 63 -55.88 77.62 4.73
C ARG EA 63 -50.01 80.61 4.17
N GLU EA 64 -55.76 78.42 3.66
N GLU EA 64 -50.06 81.34 3.06
CA GLU EA 64 -56.22 78.00 2.33
CA GLU EA 64 -50.65 80.78 1.85
C GLU EA 64 -55.56 76.70 1.89
C GLU EA 64 -49.87 79.56 1.36
N HIS EA 65 -54.28 76.52 2.22
N HIS EA 65 -48.54 79.59 1.47
CA HIS EA 65 -53.59 75.28 1.87
CA HIS EA 65 -47.72 78.44 1.09
C HIS EA 65 -54.27 74.09 2.52
C HIS EA 65 -48.11 77.18 1.86
N ALA EA 66 -54.61 74.21 3.80
N ALA EA 66 -48.39 77.34 3.15
CA ALA EA 66 -55.20 73.09 4.52
CA ALA EA 66 -48.79 76.22 3.99
C ALA EA 66 -56.58 72.74 3.96
C ALA EA 66 -50.19 75.73 3.66
N GLU EA 67 -57.39 73.75 3.65
N GLU EA 67 -51.10 76.66 3.39
CA GLU EA 67 -58.75 73.46 3.20
CA GLU EA 67 -52.45 76.25 3.03
C GLU EA 67 -58.76 72.78 1.83
C GLU EA 67 -52.47 75.51 1.70
N LYS EA 68 -57.77 73.04 0.97
N LYS EA 68 -51.62 75.92 0.76
CA LYS EA 68 -57.71 72.39 -0.33
CA LYS EA 68 -51.54 75.23 -0.51
C LYS EA 68 -57.34 70.90 -0.19
C LYS EA 68 -51.09 73.78 -0.33
N LEU EA 69 -56.47 70.59 0.77
N LEU EA 69 -50.17 73.54 0.62
CA LEU EA 69 -56.14 69.20 1.08
CA LEU EA 69 -49.72 72.17 0.89
C LEU EA 69 -57.33 68.50 1.73
C LEU EA 69 -50.80 71.36 1.60
N MET EA 70 -58.07 69.22 2.57
N MET EA 70 -51.54 72.00 2.52
CA MET EA 70 -59.32 68.66 3.10
CA MET EA 70 -52.65 71.32 3.18
C MET EA 70 -60.33 68.40 1.99
C MET EA 70 -53.71 70.88 2.19
N LYS EA 71 -60.39 69.28 0.99
N LYS EA 71 -53.97 71.72 1.19
CA LYS EA 71 -61.27 69.06 -0.16
CA LYS EA 71 -54.90 71.39 0.12
C LYS EA 71 -60.77 67.90 -0.99
C LYS EA 71 -54.37 70.24 -0.73
N LEU EA 72 -59.48 67.91 -1.32
N LEU EA 72 -53.08 70.29 -1.07
CA LEU EA 72 -58.87 66.78 -2.00
CA LEU EA 72 -52.43 69.20 -1.78
C LEU EA 72 -59.27 65.47 -1.34
C LEU EA 72 -52.58 67.89 -1.02
N GLN EA 73 -59.12 65.40 -0.01
N GLN EA 73 -52.28 67.92 0.29
CA GLN EA 73 -59.34 64.14 0.71
CA GLN EA 73 -52.36 66.72 1.11
C GLN EA 73 -60.77 63.65 0.49
C GLN EA 73 -53.75 66.08 0.98
N ASN EA 74 -61.76 64.54 0.63
N ASN EA 74 -54.80 66.88 1.11
CA ASN EA 74 -63.13 64.16 0.36
CA ASN EA 74 -56.15 66.33 0.95
C ASN EA 74 -63.33 63.80 -1.10
C ASN EA 74 -56.37 65.85 -0.48
N GLN EA 75 -62.70 64.57 -2.01
N GLN EA 75 -55.76 66.52 -1.46
CA GLN EA 75 -62.83 64.31 -3.44
CA GLN EA 75 -56.03 66.18 -2.86
C GLN EA 75 -62.43 62.88 -3.79
C GLN EA 75 -55.59 64.77 -3.18
N ARG EA 76 -61.37 62.38 -3.16
N ARG EA 76 -54.46 64.35 -2.60
CA ARG EA 76 -60.93 61.02 -3.46
CA ARG EA 76 -53.89 63.03 -2.82
C ARG EA 76 -61.64 59.96 -2.61
C ARG EA 76 -54.41 61.99 -1.84
N GLY EA 77 -62.39 60.36 -1.60
N GLY EA 77 -55.17 62.40 -0.82
CA GLY EA 77 -63.06 59.38 -0.77
CA GLY EA 77 -55.69 61.47 0.15
C GLY EA 77 -62.27 58.88 0.43
C GLY EA 77 -54.83 61.27 1.38
N GLY EA 78 -61.17 59.52 0.75
N GLY EA 78 -53.75 62.02 1.52
CA GLY EA 78 -60.58 59.34 2.06
CA GLY EA 78 -53.01 62.05 2.76
C GLY EA 78 -61.36 60.10 3.10
C GLY EA 78 -53.86 62.64 3.86
N ARG EA 79 -61.06 59.83 4.35
N ARG EA 79 -53.40 62.47 5.09
CA ARG EA 79 -61.83 60.39 5.46
CA ARG EA 79 -54.09 63.05 6.23
C ARG EA 79 -60.94 61.34 6.26
C ARG EA 79 -53.18 64.07 6.89
N ILE EA 80 -61.43 62.55 6.47
N ILE EA 80 -53.71 65.29 7.06
CA ILE EA 80 -60.65 63.58 7.15
CA ILE EA 80 -52.98 66.37 7.71
C ILE EA 80 -60.55 63.24 8.64
C ILE EA 80 -52.82 66.03 9.18
N PHE EA 81 -59.33 63.20 9.17
N PHE EA 81 -51.60 66.17 9.70
CA PHE EA 81 -59.11 63.03 10.60
CA PHE EA 81 -51.35 66.17 11.14
C PHE EA 81 -58.19 64.13 11.08
C PHE EA 81 -50.47 67.37 11.45
N LEU EA 82 -58.72 65.00 11.94
N LEU EA 82 -51.03 68.34 12.16
CA LEU EA 82 -58.00 66.16 12.44
CA LEU EA 82 -50.37 69.60 12.47
C LEU EA 82 -57.44 65.88 13.82
C LEU EA 82 -49.59 69.50 13.78
N GLN EA 83 -56.27 66.43 14.10
N GLN EA 83 -48.43 70.14 13.82
CA GLN EA 83 -55.57 66.27 15.37
CA GLN EA 83 -47.58 70.14 15.01
C GLN EA 83 -55.31 67.64 15.99
C GLN EA 83 -47.52 71.52 15.63
N ASP EA 84 -54.73 67.64 17.18
N ASP EA 84 -46.91 71.58 16.82
CA ASP EA 84 -54.38 68.89 17.86
CA ASP EA 84 -46.62 72.86 17.43
C ASP EA 84 -53.47 69.73 16.97
C ASP EA 84 -45.86 73.74 16.45
N ILE EA 85 -53.66 71.05 17.02
N ILE EA 85 -46.17 75.03 16.44
CA ILE EA 85 -52.72 71.99 16.42
CA ILE EA 85 -45.45 76.01 15.63
C ILE EA 85 -51.78 72.41 17.54
C ILE EA 85 -44.46 76.69 16.56
N GLN EA 86 -50.52 72.02 17.45
N GLN EA 86 -43.17 76.49 16.32
CA GLN EA 86 -49.59 72.34 18.51
CA GLN EA 86 -42.19 76.92 17.30
C GLN EA 86 -49.24 73.82 18.47
C GLN EA 86 -41.97 78.41 17.17
N LYS EA 87 -49.06 74.42 19.64
N LYS EA 87 -41.75 79.06 18.30
CA LYS EA 87 -48.68 75.83 19.67
CA LYS EA 87 -41.50 80.49 18.28
C LYS EA 87 -47.31 76.00 19.03
C LYS EA 87 -40.12 80.76 17.70
N PRO EA 88 -47.00 77.21 18.55
N PRO EA 88 -39.93 81.92 17.07
CA PRO EA 88 -45.68 77.43 17.92
CA PRO EA 88 -38.66 82.16 16.36
C PRO EA 88 -44.55 77.27 18.93
C PRO EA 88 -37.48 82.26 17.31
N ASP EA 89 -43.33 77.15 18.38
N ASP EA 89 -36.30 82.04 16.75
CA ASP EA 89 -42.17 76.85 19.21
CA ASP EA 89 -35.04 82.00 17.50
C ASP EA 89 -41.74 78.04 20.06
C ASP EA 89 -34.64 83.35 18.10
N GLU EA 90 -42.18 79.25 19.72
N GLU EA 90 -35.26 84.46 17.69
CA GLU EA 90 -41.88 80.44 20.49
CA GLU EA 90 -34.98 85.78 18.23
C GLU EA 90 -43.15 81.26 20.74
C GLU EA 90 -36.27 86.50 18.57
N ASP EA 91 -43.09 82.14 21.75
N ASP EA 91 -36.20 87.36 19.61
CA ASP EA 91 -44.07 83.22 21.89
CA ASP EA 91 -37.25 88.30 19.94
C ASP EA 91 -43.49 84.58 21.59
C ASP EA 91 -36.94 89.69 19.45
N ASP EA 92 -42.17 84.73 21.69
N ASP EA 92 -35.66 90.04 19.42
CA ASP EA 92 -41.45 85.97 21.40
CA ASP EA 92 -35.13 91.32 18.96
C ASP EA 92 -40.54 85.67 20.23
C ASP EA 92 -34.29 91.04 17.72
N TRP EA 93 -40.68 86.42 19.14
N TRP EA 93 -34.67 91.65 16.60
CA TRP EA 93 -40.00 86.10 17.89
CA TRP EA 93 -34.05 91.38 15.31
C TRP EA 93 -38.75 86.93 17.68
C TRP EA 93 -32.94 92.36 14.95
N GLU EA 94 -38.35 87.72 18.69
N GLU EA 94 -32.55 93.21 15.91
CA GLU EA 94 -37.03 88.36 18.81
CA GLU EA 94 -31.36 94.05 15.86
C GLU EA 94 -36.85 89.55 17.88
C GLU EA 94 -31.46 95.19 14.86
N SER EA 95 -37.02 89.34 16.57
N SER EA 95 -31.74 94.88 13.59
CA SER EA 95 -36.86 90.43 15.62
CA SER EA 95 -31.62 95.88 12.54
C SER EA 95 -37.43 90.01 14.27
C SER EA 95 -32.24 95.33 11.26
N GLY EA 96 -37.46 90.97 13.34
N GLY EA 96 -32.50 96.25 10.34
CA GLY EA 96 -37.91 90.67 11.99
CA GLY EA 96 -32.99 95.84 9.02
C GLY EA 96 -37.03 89.66 11.30
C GLY EA 96 -32.03 94.92 8.30
N LEU EA 97 -35.71 89.86 11.36
N LEU EA 97 -30.73 95.23 8.36
CA LEU EA 97 -34.77 88.89 10.79
CA LEU EA 97 -29.75 94.41 7.66
C LEU EA 97 -34.98 87.49 11.36
C LEU EA 97 -29.63 93.02 8.29
N ASN EA 98 -35.02 87.37 12.70
N ASN EA 98 -29.70 92.95 9.62
CA ASN EA 98 -35.22 86.06 13.31
CA ASN EA 98 -29.61 91.66 10.29
C ASN EA 98 -36.55 85.44 12.85
C ASN EA 98 -30.88 90.83 10.06
N ALA EA 99 -37.62 86.24 12.80
N ALA EA 99 -32.04 91.49 10.06
CA ALA EA 99 -38.90 85.70 12.32
CA ALA EA 99 -33.29 90.81 9.74
C ALA EA 99 -38.74 85.16 10.91
C ALA EA 99 -33.26 90.28 8.31
N MET EA 100 -38.14 85.95 10.04
N MET EA 100 -32.81 91.09 7.35
CA MET EA 100 -37.94 85.51 8.66
CA MET EA 100 -32.67 90.59 5.98
C MET EA 100 -37.11 84.24 8.60
C MET EA 100 -31.76 89.36 5.96
N GLU EA 101 -36.04 84.18 9.39
N GLU EA 101 -30.63 89.44 6.66
CA GLU EA 101 -35.24 82.96 9.47
CA GLU EA 101 -29.72 88.29 6.75
C GLU EA 101 -36.09 81.78 9.92
C GLU EA 101 -30.45 87.09 7.33
N ALA EA 102 -36.87 81.97 10.98
N ALA EA 102 -31.15 87.30 8.45
CA ALA EA 102 -37.76 80.90 11.44
CA ALA EA 102 -31.93 86.23 9.08
C ALA EA 102 -38.77 80.54 10.36
C ALA EA 102 -32.92 85.63 8.10
N ALA EA 103 -39.29 81.53 9.63
N ALA EA 103 -33.61 86.47 7.31
CA ALA EA 103 -40.27 81.28 8.58
CA ALA EA 103 -34.57 85.97 6.33
C ALA EA 103 -39.65 80.50 7.44
C ALA EA 103 -33.90 85.18 5.23
N LEU EA 104 -38.41 80.82 7.08
N LEU EA 104 -32.74 85.65 4.74
CA LEU EA 104 -37.72 80.06 6.06
CA LEU EA 104 -32.00 84.92 3.71
C LEU EA 104 -37.49 78.62 6.51
C LEU EA 104 -31.69 83.50 4.17
N HIS EA 105 -37.06 78.42 7.76
N HIS EA 105 -31.03 83.36 5.32
CA HIS EA 105 -36.88 77.06 8.27
CA HIS EA 105 -30.75 82.05 5.90
C HIS EA 105 -38.19 76.26 8.13
C HIS EA 105 -32.02 81.21 6.04
N LEU EA 106 -39.32 76.87 8.51
N LEU EA 106 -33.11 81.81 6.50
CA LEU EA 106 -40.59 76.17 8.48
CA LEU EA 106 -34.35 81.06 6.65
C LEU EA 106 -40.99 75.78 7.05
C LEU EA 106 -34.86 80.54 5.31
N GLU EA 107 -40.87 76.72 6.11
N GLU EA 107 -34.78 81.38 4.26
CA GLU EA 107 -41.27 76.42 4.73
CA GLU EA 107 -35.31 80.98 2.96
C GLU EA 107 -40.44 75.28 4.15
C GLU EA 107 -34.45 79.90 2.30
N LYS EA 108 -39.16 75.20 4.50
N LYS EA 108 -33.13 79.96 2.49
CA LYS EA 108 -38.36 74.08 4.03
CA LYS EA 108 -32.28 78.86 2.03
C LYS EA 108 -38.82 72.78 4.65
C LYS EA 108 -32.56 77.59 2.81
N ASN EA 109 -39.13 72.78 5.95
N ASN EA 109 -32.75 77.69 4.13
CA ASN EA 109 -39.76 71.62 6.56
CA ASN EA 109 -33.16 76.54 4.91
C ASN EA 109 -41.08 71.27 5.88
C ASN EA 109 -34.47 75.95 4.39
N VAL EA 110 -41.94 72.28 5.61
N VAL EA 110 -35.46 76.81 4.13
CA VAL EA 110 -43.21 72.01 4.95
CA VAL EA 110 -36.74 76.31 3.62
C VAL EA 110 -42.98 71.47 3.55
C VAL EA 110 -36.55 75.73 2.23
N ASN EA 111 -41.98 72.01 2.84
N ASN EA 111 -35.71 76.33 1.41
CA ASN EA 111 -41.66 71.54 1.51
CA ASN EA 111 -35.48 75.78 0.07
C ASN EA 111 -41.19 70.09 1.53
C ASN EA 111 -34.83 74.40 0.12
N GLN EA 112 -40.36 69.73 2.51
N GLN EA 112 -33.92 74.17 1.07
CA GLN EA 112 -39.89 68.36 2.59
CA GLN EA 112 -33.31 72.84 1.19
C GLN EA 112 -41.04 67.40 2.85
C GLN EA 112 -34.37 71.78 1.47
N SER EA 113 -41.96 67.79 3.73
N SER EA 113 -35.29 72.09 2.38
CA SER EA 113 -43.14 66.98 3.93
CA SER EA 113 -36.34 71.15 2.72
C SER EA 113 -43.91 66.77 2.64
C SER EA 113 -37.24 70.86 1.53
N LEU EA 114 -44.06 67.84 1.84
N LEU EA 114 -37.45 71.86 0.67
CA LEU EA 114 -44.83 67.71 0.59
CA LEU EA 114 -38.24 71.64 -0.54
C LEU EA 114 -44.07 66.89 -0.45
C LEU EA 114 -37.49 70.81 -1.57
N LEU EA 115 -42.74 66.96 -0.44
N LEU EA 115 -36.21 71.12 -1.77
CA LEU EA 115 -41.97 66.12 -1.36
CA LEU EA 115 -35.36 70.29 -2.62
C LEU EA 115 -42.07 64.65 -0.96
C LEU EA 115 -35.39 68.84 -2.15
N GLU EA 116 -42.13 64.37 0.35
N GLU EA 116 -35.29 68.62 -0.83
CA GLU EA 116 -42.38 63.00 0.79
CA GLU EA 116 -35.38 67.26 -0.31
C GLU EA 116 -43.77 62.53 0.36
C GLU EA 116 -36.77 66.67 -0.54
N LEU EA 117 -44.76 63.42 0.41
N LEU EA 117 -37.81 67.51 -0.53
CA LEU EA 117 -46.10 63.09 -0.07
CA LEU EA 117 -39.16 67.01 -0.80
C LEU EA 117 -46.12 62.79 -1.57
C LEU EA 117 -39.28 66.57 -2.26
N HIS EA 118 -45.33 63.53 -2.37
N HIS EA 118 -38.69 67.34 -3.17
CA HIS EA 118 -45.32 63.31 -3.81
CA HIS EA 118 -38.75 67.04 -4.59
C HIS EA 118 -44.60 62.02 -4.17
C HIS EA 118 -37.96 65.76 -4.92
N LYS EA 119 -43.48 61.73 -3.51
N LYS EA 119 -36.76 65.63 -4.37
CA LYS EA 119 -42.84 60.43 -3.72
CA LYS EA 119 -36.00 64.39 -4.50
C LYS EA 119 -43.83 59.31 -3.44
C LYS EA 119 -36.81 63.19 -4.00
N LEU EA 120 -44.64 59.45 -2.38
N LEU EA 120 -37.42 63.34 -2.83
CA LEU EA 120 -45.59 58.41 -2.04
CA LEU EA 120 -38.25 62.27 -2.29
C LEU EA 120 -46.64 58.27 -3.13
C LEU EA 120 -39.36 61.91 -3.28
N ALA EA 121 -47.22 59.40 -3.55
N ALA EA 121 -40.07 62.92 -3.81
CA ALA EA 121 -48.17 59.40 -4.68
CA ALA EA 121 -41.15 62.66 -4.76
C ALA EA 121 -47.59 58.68 -5.89
C ALA EA 121 -40.63 61.97 -6.01
N HIS EA 122 -46.40 59.10 -6.34
N HIS EA 122 -39.51 62.43 -6.55
CA HIS EA 122 -45.76 58.44 -7.45
CA HIS EA 122 -38.93 61.77 -7.72
C HIS EA 122 -45.54 56.97 -7.15
C HIS EA 122 -38.51 60.34 -7.40
N ASP EA 123 -45.19 56.64 -5.90
N ASP EA 123 -38.10 60.07 -6.15
CA ASP EA 123 -44.90 55.24 -5.56
CA ASP EA 123 -37.59 58.76 -5.75
C ASP EA 123 -46.15 54.35 -5.66
C ASP EA 123 -38.71 57.73 -5.66
N LYS EA 124 -47.26 54.76 -5.05
N LYS EA 124 -39.88 58.16 -5.18
CA LYS EA 124 -48.49 54.00 -5.19
CA LYS EA 124 -41.05 57.29 -5.10
C LYS EA 124 -49.19 54.20 -6.56
C LYS EA 124 -41.87 57.33 -6.36
N ASN EA 125 -48.47 54.74 -7.55
N ASN EA 125 -41.28 57.78 -7.47
CA ASN EA 125 -48.99 54.93 -8.91
CA ASN EA 125 -41.93 57.78 -8.78
C ASN EA 125 -50.31 55.71 -8.88
C ASN EA 125 -43.27 58.50 -8.73
N ASP EA 126 -50.23 56.94 -8.34
N ASP EA 126 -43.24 59.71 -8.14
CA ASP EA 126 -51.37 57.83 -8.21
CA ASP EA 126 -44.44 60.50 -7.88
C ASP EA 126 -51.05 59.12 -8.95
C ASP EA 126 -44.31 61.78 -8.69
N PRO EA 127 -51.19 59.14 -10.27
N PRO EA 127 -44.57 61.71 -10.00
CA PRO EA 127 -50.85 60.34 -11.03
CA PRO EA 127 -44.32 62.89 -10.85
C PRO EA 127 -51.81 61.49 -10.80
C PRO EA 127 -45.31 64.02 -10.59
N HIS EA 128 -53.00 61.25 -10.23
N HIS EA 128 -46.52 63.72 -10.11
CA HIS EA 128 -53.86 62.36 -9.85
CA HIS EA 128 -47.45 64.79 -9.75
C HIS EA 128 -53.29 63.11 -8.66
C HIS EA 128 -46.90 65.62 -8.60
N LEU EA 129 -53.03 62.37 -7.57
N LEU EA 129 -46.46 64.97 -7.54
CA LEU EA 129 -52.45 62.96 -6.38
CA LEU EA 129 -45.89 65.71 -6.42
C LEU EA 129 -51.15 63.66 -6.71
C LEU EA 129 -44.65 66.48 -6.85
N ALA EA 130 -50.28 63.00 -7.47
N ALA EA 130 -43.75 65.83 -7.60
CA ALA EA 130 -48.97 63.59 -7.77
CA ALA EA 130 -42.54 66.48 -8.07
C ALA EA 130 -49.12 64.91 -8.49
C ALA EA 130 -42.85 67.77 -8.82
N ASP EA 131 -50.01 64.98 -9.48
N ASP EA 131 -43.80 67.70 -9.76
CA ASP EA 131 -50.20 66.24 -10.18
CA ASP EA 131 -44.11 68.88 -10.57
C ASP EA 131 -50.85 67.29 -9.28
C ASP EA 131 -44.90 69.91 -9.81
N PHE EA 132 -51.75 66.87 -8.39
N PHE EA 132 -45.74 69.46 -8.86
CA PHE EA 132 -52.38 67.80 -7.47
CA PHE EA 132 -46.37 70.39 -7.92
C PHE EA 132 -51.34 68.54 -6.65
C PHE EA 132 -45.35 71.26 -7.20
N ILE EA 133 -50.32 67.81 -6.17
N ILE EA 133 -44.21 70.67 -6.79
CA ILE EA 133 -49.23 68.37 -5.38
CA ILE EA 133 -43.18 71.43 -6.10
C ILE EA 133 -48.32 69.23 -6.26
C ILE EA 133 -42.41 72.32 -7.07
N GLU EA 134 -48.00 68.72 -7.45
N GLU EA 134 -42.08 71.79 -8.25
CA GLU EA 134 -47.21 69.50 -8.42
CA GLU EA 134 -41.40 72.60 -9.26
C GLU EA 134 -47.86 70.86 -8.67
C GLU EA 134 -42.20 73.86 -9.57
N THR EA 135 -49.14 70.86 -9.03
N THR EA 135 -43.49 73.67 -9.84
CA THR EA 135 -49.77 72.07 -9.53
CA THR EA 135 -44.33 74.75 -10.34
C THR EA 135 -50.06 73.07 -8.41
C THR EA 135 -44.63 75.80 -9.26
N HIS EA 136 -50.53 72.57 -7.26
N HIS EA 136 -44.85 75.38 -8.02
CA HIS EA 136 -51.04 73.45 -6.21
CA HIS EA 136 -45.36 76.30 -7.00
C HIS EA 136 -50.05 73.73 -5.08
C HIS EA 136 -44.30 76.77 -6.03
N TYR EA 137 -48.97 72.95 -4.93
N TYR EA 137 -43.20 76.08 -5.92
CA TYR EA 137 -48.10 73.17 -3.78
CA TYR EA 137 -42.33 76.48 -4.81
C TYR EA 137 -46.62 73.31 -4.11
C TYR EA 137 -40.90 76.75 -5.25
N LEU EA 138 -46.09 72.51 -5.05
N LEU EA 138 -40.35 75.94 -6.16
CA LEU EA 138 -44.64 72.38 -5.16
CA LEU EA 138 -38.91 75.97 -6.40
C LEU EA 138 -43.98 73.70 -5.60
C LEU EA 138 -38.48 77.32 -6.96
N ASN EA 139 -44.56 74.41 -6.57
N ASN EA 139 -39.11 77.78 -8.04
CA ASN EA 139 -43.92 75.67 -6.97
CA ASN EA 139 -38.71 79.07 -8.59
C ASN EA 139 -44.31 76.81 -6.05
C ASN EA 139 -39.04 80.21 -7.62
N GLU EA 140 -45.47 76.74 -5.41
N GLU EA 140 -40.16 80.11 -6.90
CA GLU EA 140 -45.78 77.72 -4.37
CA GLU EA 140 -40.49 81.17 -5.93
C GLU EA 140 -44.74 77.67 -3.27
C GLU EA 140 -39.48 81.23 -4.80
N GLN EA 141 -44.31 76.45 -2.88
N GLN EA 141 -38.87 80.08 -4.43
CA GLN EA 141 -43.26 76.30 -1.88
CA GLN EA 141 -37.73 80.08 -3.51
C GLN EA 141 -41.95 76.94 -2.33
C GLN EA 141 -36.53 80.79 -4.14
N VAL EA 142 -41.51 76.62 -3.55
N VAL EA 142 -36.25 80.52 -5.41
CA VAL EA 142 -40.23 77.14 -4.03
CA VAL EA 142 -35.07 81.14 -6.04
C VAL EA 142 -40.23 78.66 -4.04
C VAL EA 142 -35.27 82.64 -6.15
N LYS EA 143 -41.38 79.25 -4.40
N LYS EA 143 -36.50 83.07 -6.42
CA LYS EA 143 -41.50 80.71 -4.40
CA LYS EA 143 -36.74 84.50 -6.57
C LYS EA 143 -41.50 81.29 -2.98
C LYS EA 143 -36.62 85.20 -5.23
N ALA EA 144 -42.16 80.63 -2.02
N ALA EA 144 -37.10 84.58 -4.15
CA ALA EA 144 -42.12 81.16 -0.66
CA ALA EA 144 -37.00 85.20 -2.83
C ALA EA 144 -40.69 81.13 -0.14
C ALA EA 144 -35.56 85.28 -2.36
N ILE EA 145 -40.02 79.99 -0.30
N ILE EA 145 -34.76 84.25 -2.66
CA ILE EA 145 -38.65 79.81 0.18
CA ILE EA 145 -33.37 84.24 -2.21
C ILE EA 145 -37.71 80.79 -0.50
C ILE EA 145 -32.55 85.26 -3.00
N LYS EA 146 -37.82 80.95 -1.83
N LYS EA 146 -32.88 85.46 -4.27
CA LYS EA 146 -36.99 81.94 -2.51
CA LYS EA 146 -32.18 86.47 -5.07
C LYS EA 146 -37.23 83.34 -1.96
C LYS EA 146 -32.52 87.87 -4.57
N GLU EA 147 -38.50 83.72 -1.78
N GLU EA 147 -33.81 88.16 -4.35
CA GLU EA 147 -38.81 85.06 -1.29
CA GLU EA 147 -34.19 89.48 -3.89
C GLU EA 147 -38.35 85.25 0.16
C GLU EA 147 -33.64 89.77 -2.50
N LEU EA 148 -38.38 84.21 0.99
N LEU EA 148 -33.57 88.76 -1.63
CA LEU EA 148 -37.87 84.38 2.35
CA LEU EA 148 -33.03 88.98 -0.30
C LEU EA 148 -36.34 84.50 2.36
C LEU EA 148 -31.53 89.28 -0.38
N GLY EA 149 -35.65 83.71 1.55
N GLY EA 149 -30.81 88.53 -1.22
CA GLY EA 149 -34.20 83.89 1.41
CA GLY EA 149 -29.41 88.85 -1.42
C GLY EA 149 -33.83 85.30 1.00
C GLY EA 149 -29.21 90.24 -1.98
N ASP EA 150 -34.53 85.86 0.00
N ASP EA 150 -30.08 90.66 -2.90
CA ASP EA 150 -34.31 87.24 -0.42
CA ASP EA 150 -30.01 92.03 -3.42
C ASP EA 150 -34.47 88.21 0.74
C ASP EA 150 -30.15 93.04 -2.30
N HIS EA 151 -35.51 88.01 1.55
N HIS EA 151 -31.17 92.87 -1.46
CA HIS EA 151 -35.78 88.87 2.69
CA HIS EA 151 -31.39 93.78 -0.34
C HIS EA 151 -34.70 88.77 3.74
C HIS EA 151 -30.16 93.80 0.57
N VAL EA 152 -34.27 87.54 4.04
N VAL EA 152 -29.62 92.62 0.88
CA VAL EA 152 -33.18 87.32 4.98
CA VAL EA 152 -28.47 92.52 1.76
C VAL EA 152 -31.89 87.96 4.49
C VAL EA 152 -27.29 93.27 1.16
N THR EA 153 -31.57 87.79 3.20
N THR EA 153 -27.06 93.05 -0.13
CA THR EA 153 -30.36 88.37 2.65
CA THR EA 153 -25.99 93.74 -0.81
C THR EA 153 -30.37 89.89 2.80
C THR EA 153 -26.16 95.25 -0.70
N ASN EA 154 -31.50 90.53 2.48
N ASN EA 154 -27.36 95.74 -1.01
CA ASN EA 154 -31.55 91.99 2.56
CA ASN EA 154 -27.57 97.19 -1.01
C ASN EA 154 -31.48 92.48 3.99
C ASN EA 154 -27.44 97.77 0.39
N LEU EA 155 -32.23 91.86 4.91
N LEU EA 155 -27.99 97.08 1.40
CA LEU EA 155 -32.19 92.31 6.30
CA LEU EA 155 -27.89 97.61 2.76
C LEU EA 155 -30.78 92.18 6.87
C LEU EA 155 -26.44 97.69 3.21
N ARG EA 156 -30.08 91.09 6.54
N ARG EA 156 -25.65 96.67 2.89
CA ARG EA 156 -28.68 90.96 6.91
CA ARG EA 156 -24.23 96.68 3.26
C ARG EA 156 -27.85 92.07 6.32
C ARG EA 156 -23.49 97.80 2.53
N LYS EA 157 -27.96 92.29 5.01
N LYS EA 157 -23.77 97.99 1.24
CA LYS EA 157 -27.09 93.24 4.35
CA LYS EA 157 -23.01 98.99 0.50
C LYS EA 157 -27.34 94.65 4.86
C LYS EA 157 -23.34 100.41 0.95
N MET EA 158 -28.58 94.95 5.24
N MET EA 158 -24.53 100.63 1.53
CA MET EA 158 -28.84 96.25 5.85
CA MET EA 158 -24.95 101.94 2.03
C MET EA 158 -28.35 96.34 7.28
C MET EA 158 -24.37 102.29 3.41
N GLY EA 159 -27.96 95.23 7.90
N GLY EA 159 -23.74 101.36 4.10
CA GLY EA 159 -27.42 95.24 9.24
CA GLY EA 159 -23.15 101.63 5.40
C GLY EA 159 -28.36 94.81 10.35
C GLY EA 159 -23.88 101.02 6.58
N ALA EA 160 -29.44 94.10 10.03
N ALA EA 160 -24.92 100.22 6.34
CA ALA EA 160 -30.29 93.52 11.06
CA ALA EA 160 -25.61 99.54 7.43
C ALA EA 160 -29.56 92.36 11.74
C ALA EA 160 -24.69 98.51 8.08
N PRO EA 161 -29.89 92.08 13.01
N PRO EA 161 -24.91 98.17 9.36
CA PRO EA 161 -30.90 92.79 13.79
CA PRO EA 161 -25.98 98.67 10.23
C PRO EA 161 -30.27 93.75 14.81
C PRO EA 161 -25.59 99.89 11.05
N GLU EA 162 -28.95 93.93 14.71
N GLU EA 162 -24.32 100.30 10.98
CA GLU EA 162 -28.25 94.93 15.50
CA GLU EA 162 -23.84 101.36 11.86
C GLU EA 162 -28.79 96.33 15.23
C GLU EA 162 -24.42 102.71 11.45
N SER EA 163 -28.66 96.79 13.98
N SER EA 163 -24.42 103.00 10.15
CA SER EA 163 -29.16 98.09 13.57
CA SER EA 163 -25.08 104.21 9.64
C SER EA 163 -30.69 98.07 13.58
C SER EA 163 -26.59 104.01 9.70
N GLY EA 164 -31.30 98.83 14.51
N GLY EA 164 -27.26 104.66 10.64
CA GLY EA 164 -32.75 98.93 14.51
CA GLY EA 164 -28.71 104.56 10.70
C GLY EA 164 -33.28 99.74 13.34
C GLY EA 164 -29.41 105.29 9.58
N LEU EA 165 -32.40 100.49 12.66
N LEU EA 165 -28.69 106.21 8.91
CA LEU EA 165 -32.79 101.23 11.47
CA LEU EA 165 -29.22 106.85 7.71
C LEU EA 165 -33.09 100.28 10.31
C LEU EA 165 -29.35 105.85 6.57
N ALA EA 166 -32.33 99.19 10.21
N ALA EA 166 -28.50 104.82 6.56
CA ALA EA 166 -32.51 98.24 9.11
CA ALA EA 166 -28.58 103.78 5.54
C ALA EA 166 -33.93 97.69 9.08
C ALA EA 166 -29.93 103.09 5.56
N GLU EA 167 -34.42 97.19 10.22
N GLU EA 167 -30.35 102.60 6.72
CA GLU EA 167 -35.75 96.59 10.24
CA GLU EA 167 -31.63 101.87 6.81
C GLU EA 167 -36.83 97.63 9.94
C GLU EA 167 -32.82 102.78 6.48
N TYR EA 168 -36.67 98.85 10.46
N TYR EA 168 -32.82 104.02 6.99
CA TYR EA 168 -37.61 99.92 10.18
CA TYR EA 168 -33.90 104.95 6.70
C TYR EA 168 -37.72 100.19 8.69
C TYR EA 168 -34.10 105.15 5.20
N LEU EA 169 -36.58 100.41 8.03
N LEU EA 169 -33.01 105.37 4.47
CA LEU EA 169 -36.59 100.70 6.60
CA LEU EA 169 -33.12 105.61 3.03
C LEU EA 169 -37.08 99.51 5.79
C LEU EA 169 -33.49 104.34 2.29
N PHE EA 170 -36.70 98.30 6.16
N PHE EA 170 -32.96 103.19 2.72
CA PHE EA 170 -37.13 97.13 5.39
CA PHE EA 170 -33.32 101.94 2.08
C PHE EA 170 -38.63 96.96 5.50
C PHE EA 170 -34.79 101.63 2.31
N ASP EA 171 -39.15 97.07 6.73
N ASP EA 171 -35.27 101.87 3.53
CA ASP EA 171 -40.59 97.11 6.95
CA ASP EA 171 -36.70 101.74 3.83
C ASP EA 171 -41.26 98.14 6.05
C ASP EA 171 -37.56 102.57 2.88
N LYS EA 172 -40.63 99.32 5.90
N LYS EA 172 -37.20 103.84 2.69
CA LYS EA 172 -41.24 100.38 5.10
CA LYS EA 172 -38.01 104.74 1.88
C LYS EA 172 -41.04 100.17 3.60
C LYS EA 172 -37.87 104.46 0.38
N HIS EA 173 -39.82 99.89 3.16
N HIS EA 173 -36.66 104.16 -0.10
CA HIS EA 173 -39.51 99.91 1.73
CA HIS EA 173 -36.40 104.14 -1.53
C HIS EA 173 -39.71 98.59 1.02
C HIS EA 173 -36.46 102.74 -2.14
N THR EA 174 -39.66 97.47 1.74
N THR EA 174 -36.15 101.69 -1.39
CA THR EA 174 -39.86 96.16 1.12
CA THR EA 174 -36.27 100.35 -1.91
C THR EA 174 -41.25 95.58 1.40
C THR EA 174 -37.55 99.67 -1.45
N LEU EA 175 -41.65 95.50 2.68
N LEU EA 175 -37.87 99.70 -0.15
CA LEU EA 175 -42.89 94.83 3.04
CA LEU EA 175 -39.05 99.00 0.33
C LEU EA 175 -44.12 95.73 2.93
C LEU EA 175 -40.33 99.86 0.29
N GLY EA 176 -43.94 97.05 2.96
N GLY EA 176 -40.22 101.17 0.08
CA GLY EA 176 -45.07 97.95 2.83
CA GLY EA 176 -41.41 102.01 0.18
C GLY EA 176 -45.21 98.43 1.41
C GLY EA 176 -41.89 102.68 -1.10
N ASP EA 177 -45.44 97.49 0.49
N ASP EA 177 -42.41 101.88 -2.04
CA ASP EA 177 -45.51 97.74 -0.96
CA ASP EA 177 -42.83 102.37 -3.37
C ASP EA 177 -44.23 98.34 -1.53
C ASP EA 177 -41.68 103.03 -4.13
N SER FA 4 -44.27 54.89 -43.97
N SER FA 4 -39.92 55.81 -43.27
CA SER FA 4 -43.56 56.16 -43.79
CA SER FA 4 -39.17 57.07 -43.40
C SER FA 4 -43.79 56.73 -42.37
C SER FA 4 -39.32 57.89 -42.12
N THR FA 5 -42.70 57.05 -41.68
N THR FA 5 -38.22 58.44 -41.61
CA THR FA 5 -42.78 57.66 -40.36
CA THR FA 5 -38.31 59.24 -40.40
C THR FA 5 -43.06 59.17 -40.48
C THR FA 5 -38.76 60.66 -40.72
N SER FA 6 -43.71 59.70 -39.46
N SER FA 6 -39.65 61.18 -39.88
CA SER FA 6 -44.08 61.11 -39.46
CA SER FA 6 -40.06 62.58 -39.98
C SER FA 6 -42.86 62.00 -39.21
C SER FA 6 -38.84 63.51 -39.86
N GLN FA 7 -42.81 63.12 -39.93
N GLN FA 7 -38.89 64.61 -40.63
CA GLN FA 7 -41.74 64.10 -39.74
CA GLN FA 7 -37.88 65.64 -40.52
C GLN FA 7 -41.78 64.72 -38.34
C GLN FA 7 -37.88 66.32 -39.16
N VAL FA 8 -42.94 64.72 -37.69
N VAL FA 8 -39.00 66.27 -38.43
CA VAL FA 8 -43.04 65.34 -36.37
CA VAL FA 8 -39.08 66.97 -37.15
C VAL FA 8 -42.86 64.34 -35.23
C VAL FA 8 -38.73 66.06 -35.98
N ARG FA 9 -42.80 63.04 -35.52
N ARG FA 9 -38.70 64.74 -36.18
CA ARG FA 9 -42.85 62.05 -34.45
CA ARG FA 9 -38.49 63.80 -35.08
C ARG FA 9 -41.57 62.09 -33.61
C ARG FA 9 -37.11 63.98 -34.45
N GLN FA 10 -41.75 62.09 -32.29
N GLN FA 10 -37.09 64.08 -33.12
CA GLN FA 10 -40.60 62.11 -31.38
CA GLN FA 10 -35.85 64.24 -32.35
C GLN FA 10 -41.04 61.55 -30.03
C GLN FA 10 -36.10 63.78 -30.91
N ASN FA 11 -40.38 60.47 -29.58
N ASN FA 11 -35.36 62.76 -30.46
CA ASN FA 11 -40.61 59.88 -28.26
CA ASN FA 11 -35.42 62.27 -29.08
C ASN FA 11 -42.03 59.33 -28.10
C ASN FA 11 -36.78 61.67 -28.74
N TYR FA 12 -42.64 58.94 -29.21
N TYR FA 12 -37.50 61.19 -29.75
CA TYR FA 12 -44.04 58.50 -29.22
CA TYR FA 12 -38.86 60.68 -29.58
C TYR FA 12 -44.08 57.01 -29.57
C TYR FA 12 -38.83 59.20 -29.86
N HIS FA 13 -44.31 56.18 -28.55
N HIS FA 13 -38.95 58.39 -28.80
CA HIS FA 13 -44.30 54.73 -28.73
CA HIS FA 13 -38.80 56.95 -28.89
C HIS FA 13 -45.63 54.26 -29.33
C HIS FA 13 -40.09 56.27 -29.37
N GLN FA 14 -45.55 53.27 -30.23
N GLN FA 14 -39.93 55.29 -30.26
CA GLN FA 14 -46.77 52.82 -30.90
CA GLN FA 14 -41.08 54.55 -30.77
C GLN FA 14 -47.77 52.17 -29.94
C GLN FA 14 -41.90 53.89 -29.66
N ASP FA 15 -47.34 51.75 -28.74
N ASP FA 15 -41.30 53.60 -28.51
CA ASP FA 15 -48.33 51.28 -27.77
CA ASP FA 15 -42.10 53.08 -27.41
C ASP FA 15 -49.14 52.46 -27.22
C ASP FA 15 -43.00 54.16 -26.83
N SER FA 16 -48.50 53.62 -27.02
N SER FA 16 -42.49 55.38 -26.71
CA SER FA 16 -49.22 54.83 -26.66
CA SER FA 16 -43.32 56.48 -26.23
C SER FA 16 -50.19 55.25 -27.77
C SER FA 16 -44.41 56.82 -27.23
N GLU FA 17 -49.69 55.30 -29.01
N GLU FA 17 -44.06 56.84 -28.53
CA GLU FA 17 -50.52 55.62 -30.16
CA GLU FA 17 -45.01 57.00 -29.61
C GLU FA 17 -51.76 54.74 -30.21
C GLU FA 17 -46.16 56.01 -29.52
N ALA FA 18 -51.56 53.42 -30.13
N ALA FA 18 -45.83 54.71 -29.40
CA ALA FA 18 -52.66 52.46 -30.09
CA ALA FA 18 -46.87 53.69 -29.30
C ALA FA 18 -53.60 52.75 -28.94
C ALA FA 18 -47.75 53.90 -28.08
N ALA FA 19 -53.05 53.05 -27.76
N ALA FA 19 -47.14 54.29 -26.94
CA ALA FA 19 -53.89 53.30 -26.59
CA ALA FA 19 -47.96 54.58 -25.77
C ALA FA 19 -54.63 54.63 -26.69
C ALA FA 19 -48.87 55.78 -26.00
N ILE FA 20 -54.12 55.58 -27.46
N ILE FA 20 -48.42 56.78 -26.76
CA ILE FA 20 -54.86 56.82 -27.68
CA ILE FA 20 -49.28 57.91 -27.05
C ILE FA 20 -56.04 56.57 -28.61
C ILE FA 20 -50.51 57.46 -27.84
N ASN FA 21 -55.84 55.74 -29.66
N ASN FA 21 -50.32 56.60 -28.85
CA ASN FA 21 -56.98 55.38 -30.51
CA ASN FA 21 -51.44 56.04 -29.59
C ASN FA 21 -58.03 54.60 -29.73
C ASN FA 21 -52.40 55.28 -28.67
N ARG FA 22 -57.62 53.76 -28.77
N ARG FA 22 -51.85 54.49 -27.74
CA ARG FA 22 -58.62 53.11 -27.93
CA ARG FA 22 -52.69 53.78 -26.78
C ARG FA 22 -59.35 54.11 -27.03
C ARG FA 22 -53.44 54.77 -25.87
N GLN FA 23 -58.62 55.10 -26.48
N GLN FA 23 -52.81 55.87 -25.49
CA GLN FA 23 -59.29 56.07 -25.62
CA GLN FA 23 -53.51 56.81 -24.61
C GLN FA 23 -60.25 56.95 -26.40
C GLN FA 23 -54.62 57.53 -25.37
N ILE FA 24 -59.87 57.36 -27.62
N ILE FA 24 -54.39 57.86 -26.65
CA ILE FA 24 -60.80 58.13 -28.45
CA ILE FA 24 -55.41 58.50 -27.46
C ILE FA 24 -62.13 57.40 -28.55
C ILE FA 24 -56.69 57.66 -27.45
N ASN FA 25 -62.07 56.09 -28.87
N ASN FA 25 -56.55 56.35 -27.65
CA ASN FA 25 -63.31 55.32 -29.02
CA ASN FA 25 -57.71 55.47 -27.62
C ASN FA 25 -64.06 55.23 -27.70
C ASN FA 25 -58.37 55.42 -26.25
N LEU FA 26 -63.35 55.15 -26.58
N LEU FA 26 -57.61 55.57 -25.17
CA LEU FA 26 -64.02 55.10 -25.29
CA LEU FA 26 -58.23 55.47 -23.84
C LEU FA 26 -64.67 56.43 -24.92
C LEU FA 26 -59.05 56.70 -23.51
N GLU FA 27 -64.08 57.56 -25.33
N GLU FA 27 -58.62 57.89 -23.97
CA GLU FA 27 -64.72 58.86 -25.07
CA GLU FA 27 -59.38 59.09 -23.72
C GLU FA 27 -65.95 59.06 -25.96
C GLU FA 27 -60.66 59.11 -24.54
N LEU FA 28 -65.83 58.74 -27.24
N LEU FA 28 -60.58 58.61 -25.78
CA LEU FA 28 -67.02 58.77 -28.09
CA LEU FA 28 -61.79 58.43 -26.57
C LEU FA 28 -68.10 57.83 -27.57
C LEU FA 28 -62.73 57.44 -25.90
N TYR FA 29 -67.70 56.65 -27.06
N TYR FA 29 -62.18 56.37 -25.33
CA TYR FA 29 -68.69 55.72 -26.49
CA TYR FA 29 -62.97 55.41 -24.57
C TYR FA 29 -69.42 56.36 -25.32
C TYR FA 29 -63.65 56.10 -23.39
N ALA FA 30 -68.67 56.97 -24.40
N ALA FA 30 -62.89 56.84 -22.58
CA ALA FA 30 -69.29 57.62 -23.25
CA ALA FA 30 -63.49 57.55 -21.45
C ALA FA 30 -70.20 58.76 -23.69
C ALA FA 30 -64.52 58.58 -21.91
N SER FA 31 -69.81 59.48 -24.75
N SER FA 31 -64.28 59.22 -23.07
CA SER FA 31 -70.70 60.51 -25.28
CA SER FA 31 -65.27 60.15 -23.59
C SER FA 31 -72.05 59.91 -25.67
C SER FA 31 -66.58 59.43 -23.89
N TYR FA 32 -72.03 58.71 -26.28
N TYR FA 32 -66.48 58.20 -24.41
CA TYR FA 32 -73.25 58.05 -26.69
CA TYR FA 32 -67.65 57.37 -24.70
C TYR FA 32 -74.13 57.68 -25.50
C TYR FA 32 -68.36 56.92 -23.43
N VAL FA 33 -73.53 57.05 -24.48
N VAL FA 33 -67.61 56.66 -22.36
CA VAL FA 33 -74.26 56.69 -23.26
CA VAL FA 33 -68.25 56.20 -21.12
C VAL FA 33 -75.02 57.89 -22.73
C VAL FA 33 -69.13 57.30 -20.54
N TYR FA 34 -74.32 59.00 -22.49
N TYR FA 34 -68.57 58.51 -20.43
CA TYR FA 34 -74.98 60.20 -21.97
CA TYR FA 34 -69.32 59.64 -19.90
C TYR FA 34 -76.04 60.71 -22.92
C TYR FA 34 -70.51 59.99 -20.81
N LEU FA 35 -75.79 60.68 -24.24
N LEU FA 35 -70.32 59.85 -22.12
CA LEU FA 35 -76.81 61.09 -25.19
CA LEU FA 35 -71.43 60.05 -23.05
C LEU FA 35 -78.08 60.26 -25.00
C LEU FA 35 -72.58 59.10 -22.74
N SER FA 36 -77.94 58.93 -24.95
N SER FA 36 -72.29 57.81 -22.56
CA SER FA 36 -79.10 58.06 -24.74
CA SER FA 36 -73.36 56.88 -22.20
C SER FA 36 -79.76 58.36 -23.40
C SER FA 36 -73.96 57.23 -20.84
N MET FA 37 -78.97 58.66 -22.36
N MET FA 37 -73.13 57.65 -19.90
CA MET FA 37 -79.56 59.00 -21.08
CA MET FA 37 -73.63 57.97 -18.58
C MET FA 37 -80.39 60.27 -21.20
C MET FA 37 -74.56 59.17 -18.64
N SER FA 38 -79.87 61.27 -21.90
N SER FA 38 -74.21 60.16 -19.46
CA SER FA 38 -80.53 62.57 -21.97
CA SER FA 38 -75.03 61.36 -19.57
C SER FA 38 -81.93 62.45 -22.55
C SER FA 38 -76.45 61.03 -20.02
N TYR FA 39 -82.08 61.71 -23.64
N TYR FA 39 -76.59 60.28 -21.12
CA TYR FA 39 -83.38 61.65 -24.31
CA TYR FA 39 -77.93 60.03 -21.64
C TYR FA 39 -84.32 60.64 -23.66
C TYR FA 39 -78.64 58.91 -20.90
N TYR FA 40 -83.80 59.73 -22.86
N TYR FA 40 -77.95 58.17 -20.03
CA TYR FA 40 -84.68 58.98 -21.96
CA TYR FA 40 -78.67 57.38 -19.04
C TYR FA 40 -85.48 59.92 -21.08
C TYR FA 40 -79.46 58.28 -18.09
N PHE FA 41 -84.83 60.96 -20.55
N PHE FA 41 -78.85 59.37 -17.63
CA PHE FA 41 -85.50 61.85 -19.62
CA PHE FA 41 -79.54 60.28 -16.72
C PHE FA 41 -86.40 62.87 -20.31
C PHE FA 41 -80.55 61.18 -17.43
N ASP FA 42 -86.25 63.04 -21.63
N ASP FA 42 -80.54 61.20 -18.77
CA ASP FA 42 -87.12 63.88 -22.44
CA ASP FA 42 -81.54 61.91 -19.56
C ASP FA 42 -88.40 63.16 -22.88
C ASP FA 42 -82.82 61.09 -19.76
N ARG FA 43 -88.55 61.88 -22.55
N ARG FA 43 -82.84 59.82 -19.34
CA ARG FA 43 -89.77 61.14 -22.87
CA ARG FA 43 -84.00 58.95 -19.50
C ARG FA 43 -90.97 61.72 -22.14
C ARG FA 43 -85.19 59.44 -18.68
N ASP FA 44 -92.15 61.57 -22.74
N ASP FA 44 -86.40 59.28 -19.24
CA ASP FA 44 -93.36 62.12 -22.09
CA ASP FA 44 -87.63 59.70 -18.58
C ASP FA 44 -93.70 61.38 -20.81
C ASP FA 44 -87.84 59.01 -17.23
N ASP FA 45 -93.30 60.11 -20.69
N ASP FA 45 -87.30 57.80 -17.07
CA ASP FA 45 -93.57 59.35 -19.49
CA ASP FA 45 -87.37 57.07 -15.81
C ASP FA 45 -92.43 59.38 -18.50
C ASP FA 45 -86.11 57.22 -14.97
N VAL FA 46 -91.47 60.28 -18.70
N VAL FA 46 -85.20 58.12 -15.35
CA VAL FA 46 -90.38 60.51 -17.75
CA VAL FA 46 -84.09 58.47 -14.48
C VAL FA 46 -90.35 62.00 -17.41
C VAL FA 46 -84.19 59.94 -14.12
N ALA FA 47 -90.17 62.85 -18.43
N ALA FA 47 -84.10 60.80 -15.15
CA ALA FA 47 -90.33 64.31 -18.35
CA ALA FA 47 -84.57 62.19 -15.11
C ALA FA 47 -89.60 64.93 -17.16
C ALA FA 47 -83.79 63.08 -14.14
N LEU FA 48 -88.30 64.69 -17.08
N LEU FA 48 -82.46 62.96 -14.15
CA LEU FA 48 -87.42 65.36 -16.12
CA LEU FA 48 -81.61 63.83 -13.34
C LEU FA 48 -86.43 66.16 -16.96
C LEU FA 48 -80.78 64.70 -14.29
N LYS FA 49 -86.79 67.42 -17.24
N LYS FA 49 -81.33 65.88 -14.62
CA LYS FA 49 -86.08 68.22 -18.22
CA LYS FA 49 -80.78 66.71 -15.68
C LYS FA 49 -84.65 68.58 -17.80
C LYS FA 49 -79.35 67.17 -15.40
N ASN FA 50 -84.41 68.77 -16.51
N ASN FA 50 -79.00 67.38 -14.14
CA ASN FA 50 -83.06 69.14 -16.09
CA ASN FA 50 -77.67 67.90 -13.84
C ASN FA 50 -82.14 67.92 -16.00
C ASN FA 50 -76.63 66.79 -13.74
N PHE FA 51 -82.68 66.75 -15.64
N PHE FA 51 -77.04 65.58 -13.39
CA PHE FA 51 -81.98 65.49 -15.84
CA PHE FA 51 -76.19 64.42 -13.64
C PHE FA 51 -81.56 65.33 -17.30
C PHE FA 51 -75.91 64.30 -15.13
N ALA FA 52 -82.50 65.59 -18.22
N ALA FA 52 -76.96 64.42 -15.96
CA ALA FA 52 -82.19 65.59 -19.65
CA ALA FA 52 -76.76 64.44 -17.40
C ALA FA 52 -81.05 66.54 -19.97
C ALA FA 52 -75.78 65.53 -17.81
N LYS FA 53 -81.14 67.79 -19.53
N LYS FA 53 -76.03 66.76 -17.37
CA LYS FA 53 -80.10 68.77 -19.88
CA LYS FA 53 -75.11 67.85 -17.72
C LYS FA 53 -78.75 68.35 -19.31
C LYS FA 53 -73.70 67.56 -17.24
N TYR FA 54 -78.76 67.89 -18.06
N TYR FA 54 -73.56 67.10 -15.99
CA TYR FA 54 -77.52 67.51 -17.39
CA TYR FA 54 -72.22 66.89 -15.43
C TYR FA 54 -76.73 66.49 -18.23
C TYR FA 54 -71.41 65.92 -16.29
N PHE FA 55 -77.39 65.39 -18.62
N PHE FA 55 -71.99 64.78 -16.67
CA PHE FA 55 -76.74 64.37 -19.43
CA PHE FA 55 -71.24 63.79 -17.42
C PHE FA 55 -76.46 64.87 -20.85
C PHE FA 55 -71.05 64.18 -18.88
N LEU FA 56 -77.32 65.74 -21.40
N LEU FA 56 -72.01 64.91 -19.46
CA LEU FA 56 -76.98 66.31 -22.70
CA LEU FA 56 -71.82 65.40 -20.82
C LEU FA 56 -75.63 67.03 -22.63
C LEU FA 56 -70.60 66.30 -20.90
N HIS FA 57 -75.40 67.82 -21.58
N HIS FA 57 -70.43 67.18 -19.92
CA HIS FA 57 -74.13 68.52 -21.46
CA HIS FA 57 -69.22 67.98 -19.83
C HIS FA 57 -72.98 67.54 -21.28
C HIS FA 57 -67.97 67.08 -19.80
N GLN FA 58 -73.16 66.52 -20.45
N GLN FA 58 -67.96 66.08 -18.90
CA GLN FA 58 -72.11 65.53 -20.27
CA GLN FA 58 -66.80 65.19 -18.79
C GLN FA 58 -71.80 64.82 -21.58
C GLN FA 58 -66.50 64.50 -20.12
N SER FA 59 -72.78 64.69 -22.46
N SER FA 59 -67.54 64.05 -20.82
CA SER FA 59 -72.53 64.05 -23.75
CA SER FA 59 -67.34 63.40 -22.11
C SER FA 59 -71.67 64.93 -24.65
C SER FA 59 -66.67 64.34 -23.11
N HIS FA 60 -71.99 66.22 -24.72
N HIS FA 60 -67.04 65.62 -23.09
CA HIS FA 60 -71.17 67.12 -25.53
CA HIS FA 60 -66.47 66.58 -24.01
C HIS FA 60 -69.77 67.28 -24.93
C HIS FA 60 -65.02 66.91 -23.64
N GLU FA 61 -69.65 67.25 -23.59
N GLU FA 61 -64.75 67.12 -22.36
CA GLU FA 61 -68.34 67.26 -22.95
CA GLU FA 61 -63.38 67.31 -21.92
C GLU FA 61 -67.50 66.06 -23.41
C GLU FA 61 -62.51 66.09 -22.25
N GLU FA 62 -68.07 64.86 -23.36
N GLU FA 62 -63.04 64.88 -22.10
CA GLU FA 62 -67.31 63.68 -23.76
CA GLU FA 62 -62.27 63.70 -22.47
C GLU FA 62 -66.83 63.80 -25.22
C GLU FA 62 -61.91 63.72 -23.94
N ARG FA 63 -67.68 64.36 -26.09
N ARG FA 63 -62.84 64.16 -24.79
CA ARG FA 63 -67.28 64.60 -27.48
CA ARG FA 63 -62.55 64.27 -26.22
C ARG FA 63 -66.02 65.46 -27.56
C ARG FA 63 -61.46 65.33 -26.49
N GLU FA 64 -65.98 66.56 -26.81
N GLU FA 64 -61.50 66.46 -25.78
CA GLU FA 64 -64.76 67.37 -26.78
CA GLU FA 64 -60.38 67.41 -25.82
C GLU FA 64 -63.57 66.58 -26.24
C GLU FA 64 -59.07 66.72 -25.43
N HIS FA 65 -63.77 65.80 -25.18
N HIS FA 65 -59.11 65.87 -24.40
CA HIS FA 65 -62.69 64.91 -24.72
CA HIS FA 65 -57.90 65.19 -23.94
C HIS FA 65 -62.11 64.11 -25.87
C HIS FA 65 -57.28 64.35 -25.05
N ALA FA 66 -62.99 63.54 -26.70
N ALA FA 66 -58.11 63.61 -25.80
CA ALA FA 66 -62.52 62.70 -27.79
CA ALA FA 66 -57.59 62.79 -26.88
C ALA FA 66 -61.75 63.51 -28.82
C ALA FA 66 -56.99 63.64 -27.99
N GLU FA 67 -62.23 64.70 -29.15
N GLU FA 67 -57.63 64.77 -28.31
CA GLU FA 67 -61.57 65.48 -30.20
CA GLU FA 67 -57.16 65.59 -29.42
C GLU FA 67 -60.20 65.94 -29.74
C GLU FA 67 -55.81 66.23 -29.11
N LYS FA 68 -60.06 66.29 -28.46
N LYS FA 68 -55.64 66.73 -27.88
CA LYS FA 68 -58.77 66.70 -27.94
CA LYS FA 68 -54.33 67.26 -27.49
C LYS FA 68 -57.76 65.57 -28.02
C LYS FA 68 -53.25 66.19 -27.58
N LEU FA 69 -58.22 64.33 -27.86
N LEU FA 69 -53.59 64.94 -27.30
CA LEU FA 69 -57.35 63.18 -28.04
CA LEU FA 69 -52.64 63.86 -27.47
C LEU FA 69 -56.97 62.98 -29.50
C LEU FA 69 -52.33 63.62 -28.94
N MET FA 70 -57.92 63.16 -30.42
N MET FA 70 -53.34 63.74 -29.80
CA MET FA 70 -57.58 63.08 -31.83
CA MET FA 70 -53.09 63.61 -31.23
C MET FA 70 -56.55 64.15 -32.18
C MET FA 70 -52.26 64.78 -31.75
N LYS FA 71 -56.79 65.38 -31.69
N LYS FA 71 -52.52 65.99 -31.25
CA LYS FA 71 -55.81 66.46 -31.82
CA LYS FA 71 -51.70 67.13 -31.62
C LYS FA 71 -54.43 66.03 -31.31
C LYS FA 71 -50.25 66.93 -31.19
N LEU FA 72 -54.37 65.46 -30.11
N LEU FA 72 -50.04 66.38 -29.99
CA LEU FA 72 -53.10 65.03 -29.53
CA LEU FA 72 -48.69 66.05 -29.51
C LEU FA 72 -52.41 63.99 -30.41
C LEU FA 72 -48.03 65.04 -30.44
N GLN FA 73 -53.18 63.04 -30.93
N GLN FA 73 -48.76 64.00 -30.82
CA GLN FA 73 -52.65 62.01 -31.80
CA GLN FA 73 -48.18 62.96 -31.68
C GLN FA 73 -51.96 62.64 -33.02
C GLN FA 73 -47.63 63.56 -32.98
N ASN FA 74 -52.63 63.60 -33.66
N ASN FA 74 -48.39 64.44 -33.63
CA ASN FA 74 -52.02 64.27 -34.80
CA ASN FA 74 -47.92 65.09 -34.85
C ASN FA 74 -50.84 65.15 -34.37
C ASN FA 74 -46.74 66.01 -34.56
N GLN FA 75 -50.92 65.75 -33.18
N GLN FA 75 -46.84 66.80 -33.47
CA GLN FA 75 -49.82 66.58 -32.71
CA GLN FA 75 -45.76 67.72 -33.06
C GLN FA 75 -48.54 65.78 -32.60
C GLN FA 75 -44.43 67.04 -32.94
N ARG FA 76 -48.63 64.56 -32.09
N ARG FA 76 -44.38 65.95 -32.16
CA ARG FA 76 -47.47 63.74 -31.83
CA ARG FA 76 -43.17 65.17 -31.98
C ARG FA 76 -47.09 62.89 -33.03
C ARG FA 76 -42.71 64.52 -33.28
N GLY FA 77 -47.83 62.98 -34.12
N GLY FA 77 -43.59 64.38 -34.26
CA GLY FA 77 -47.50 62.24 -35.31
CA GLY FA 77 -43.26 63.65 -35.47
C GLY FA 77 -48.08 60.85 -35.35
C GLY FA 77 -43.69 62.20 -35.45
N GLY FA 78 -48.89 60.49 -34.36
N GLY FA 78 -44.47 61.78 -34.43
CA GLY FA 78 -49.64 59.27 -34.45
CA GLY FA 78 -45.05 60.45 -34.42
C GLY FA 78 -50.67 59.32 -35.56
C GLY FA 78 -46.21 60.36 -35.40
N ARG FA 79 -51.20 58.16 -35.90
N ARG FA 79 -46.67 59.14 -35.65
CA ARG FA 79 -52.19 58.05 -36.96
CA ARG FA 79 -47.78 58.90 -36.56
C ARG FA 79 -53.51 57.60 -36.36
C ARG FA 79 -48.96 58.38 -35.77
N ILE FA 80 -54.58 58.33 -36.66
N ILE FA 80 -50.11 59.00 -35.97
CA ILE FA 80 -55.91 58.04 -36.11
CA ILE FA 80 -51.34 58.59 -35.30
C ILE FA 80 -56.51 56.84 -36.83
C ILE FA 80 -51.84 57.31 -35.94
N PHE FA 81 -57.18 55.98 -36.07
N PHE FA 81 -52.16 56.32 -35.11
CA PHE FA 81 -57.97 54.90 -36.65
CA PHE FA 81 -52.89 55.13 -35.55
C PHE FA 81 -59.20 54.79 -35.78
C PHE FA 81 -54.07 54.95 -34.61
N LEU FA 82 -60.36 55.06 -36.37
N LEU FA 82 -55.28 55.11 -35.15
CA LEU FA 82 -61.62 55.07 -35.64
CA LEU FA 82 -56.52 55.02 -34.41
C LEU FA 82 -62.28 53.71 -35.73
C LEU FA 82 -57.07 53.60 -34.45
N GLN FA 83 -63.13 53.42 -34.73
N GLN FA 83 -57.70 53.19 -33.35
CA GLN FA 83 -63.82 52.14 -34.67
CA GLN FA 83 -58.33 51.89 -33.19
C GLN FA 83 -65.30 52.41 -34.47
C GLN FA 83 -59.83 52.04 -32.91
N ASP FA 84 -66.10 51.36 -34.66
N ASP FA 84 -60.53 50.90 -32.96
CA ASP FA 84 -67.53 51.45 -34.42
CA ASP FA 84 -61.90 50.83 -32.47
C ASP FA 84 -67.77 51.99 -33.02
C ASP FA 84 -62.01 51.45 -31.07
N ILE FA 85 -68.79 52.81 -32.89
N ILE FA 85 -63.07 52.22 -30.86
CA ILE FA 85 -69.24 53.26 -31.58
CA ILE FA 85 -63.41 52.69 -29.52
C ILE FA 85 -70.40 52.35 -31.19
C ILE FA 85 -64.39 51.69 -28.92
N GLN FA 86 -70.15 51.45 -30.24
N GLN FA 86 -63.93 50.92 -27.92
CA GLN FA 86 -71.20 50.54 -29.80
CA GLN FA 86 -64.76 49.90 -27.31
C GLN FA 86 -72.28 51.30 -29.03
C GLN FA 86 -65.95 50.52 -26.59
N LYS FA 87 -73.53 50.92 -29.26
N LYS FA 87 -67.10 49.86 -26.70
CA LYS FA 87 -74.66 51.53 -28.57
CA LYS FA 87 -68.30 50.34 -26.06
C LYS FA 87 -74.57 51.21 -27.08
C LYS FA 87 -68.15 50.23 -24.54
N PRO FA 88 -75.18 52.02 -26.22
N PRO FA 88 -68.85 51.09 -23.79
CA PRO FA 88 -75.11 51.76 -24.77
CA PRO FA 88 -68.75 51.04 -22.32
C PRO FA 88 -75.84 50.48 -24.43
C PRO FA 88 -69.22 49.70 -21.77
N ASP FA 89 -75.57 49.97 -23.25
N ASP FA 89 -68.89 49.44 -20.50
CA ASP FA 89 -76.14 48.67 -22.88
CA ASP FA 89 -69.18 48.14 -19.90
C ASP FA 89 -77.58 48.74 -22.40
C ASP FA 89 -70.62 47.96 -19.46
N GLU FA 90 -78.16 49.94 -22.24
N GLU FA 90 -71.37 49.05 -19.25
CA GLU FA 90 -79.58 50.07 -21.95
CA GLU FA 90 -72.77 48.95 -18.87
C GLU FA 90 -80.20 51.09 -22.90
C GLU FA 90 -73.62 49.77 -19.84
N ASP FA 91 -81.46 50.85 -23.26
N ASP FA 91 -74.83 49.27 -20.13
CA ASP FA 91 -82.29 51.83 -23.95
CA ASP FA 91 -75.83 50.14 -20.73
C ASP FA 91 -83.21 52.57 -22.99
C ASP FA 91 -76.65 50.88 -19.68
N ASP FA 92 -83.65 51.89 -21.92
N ASP FA 92 -76.82 50.26 -18.52
CA ASP FA 92 -84.45 52.46 -20.85
CA ASP FA 92 -77.59 50.79 -17.42
C ASP FA 92 -83.52 52.62 -19.65
C ASP FA 92 -76.62 51.14 -16.31
N TRP FA 93 -83.44 53.82 -19.12
N TRP FA 93 -76.71 52.36 -15.79
CA TRP FA 93 -82.50 54.07 -18.03
CA TRP FA 93 -75.78 52.84 -14.77
C TRP FA 93 -83.17 54.09 -16.65
C TRP FA 93 -76.42 52.92 -13.38
N GLU FA 94 -84.45 53.68 -16.59
N GLU FA 94 -77.57 52.26 -13.19
CA GLU FA 94 -85.18 53.33 -15.36
CA GLU FA 94 -78.15 52.06 -11.87
C GLU FA 94 -85.62 54.51 -14.51
C GLU FA 94 -78.58 53.35 -11.17
N SER FA 95 -84.69 55.37 -14.12
N SER FA 95 -77.65 54.27 -10.90
CA SER FA 95 -85.02 56.47 -13.22
CA SER FA 95 -77.98 55.42 -10.08
C SER FA 95 -83.86 57.45 -13.19
C SER FA 95 -76.91 56.48 -10.20
N GLY FA 96 -84.12 58.60 -12.56
N GLY FA 96 -77.19 57.63 -9.58
CA GLY FA 96 -83.03 59.54 -12.36
CA GLY FA 96 -76.19 58.68 -9.52
C GLY FA 96 -81.91 58.93 -11.54
C GLY FA 96 -74.99 58.28 -8.70
N LEU FA 97 -82.26 58.24 -10.47
N LEU FA 97 -75.21 57.62 -7.57
CA LEU FA 97 -81.23 57.67 -9.61
CA LEU FA 97 -74.08 57.11 -6.79
C LEU FA 97 -80.47 56.58 -10.34
C LEU FA 97 -73.29 56.07 -7.57
N ASN FA 98 -81.16 55.73 -11.11
N ASN FA 98 -73.97 55.11 -8.19
CA ASN FA 98 -80.48 54.64 -11.80
CA ASN FA 98 -73.26 54.08 -8.96
C ASN FA 98 -79.51 55.17 -12.86
C ASN FA 98 -72.48 54.70 -10.12
N ALA FA 99 -79.90 56.23 -13.56
N ALA FA 99 -73.07 55.70 -10.78
CA ALA FA 99 -79.00 56.82 -14.54
CA ALA FA 99 -72.39 56.33 -11.91
C ALA FA 99 -77.78 57.44 -13.86
C ALA FA 99 -71.13 57.05 -11.45
N MET FA 100 -77.97 58.03 -12.68
N MET FA 100 -71.20 57.78 -10.33
CA MET FA 100 -76.85 58.61 -11.95
CA MET FA 100 -70.03 58.48 -9.84
C MET FA 100 -75.86 57.53 -11.55
C MET FA 100 -68.94 57.51 -9.38
N GLU FA 101 -76.36 56.37 -11.11
N GLU FA 101 -69.33 56.36 -8.82
CA GLU FA 101 -75.47 55.29 -10.73
CA GLU FA 101 -68.36 55.34 -8.42
C GLU FA 101 -74.74 54.71 -11.95
C GLU FA 101 -67.68 54.75 -9.63
N ALA FA 102 -75.47 54.46 -13.04
N ALA FA 102 -68.44 54.54 -10.72
CA ALA FA 102 -74.82 54.00 -14.27
CA ALA FA 102 -67.83 54.02 -11.94
C ALA FA 102 -73.76 54.98 -14.73
C ALA FA 102 -66.93 55.05 -12.59
N ALA FA 103 -74.04 56.28 -14.59
N ALA FA 103 -67.27 56.34 -12.49
CA ALA FA 103 -73.06 57.29 -14.98
CA ALA FA 103 -66.41 57.37 -13.05
C ALA FA 103 -71.82 57.25 -14.09
C ALA FA 103 -65.12 57.50 -12.24
N LEU FA 104 -72.02 57.08 -12.78
N LEU FA 104 -65.22 57.47 -10.91
CA LEU FA 104 -70.87 56.96 -11.91
CA LEU FA 104 -64.01 57.51 -10.09
C LEU FA 104 -70.05 55.74 -12.26
C LEU FA 104 -63.10 56.34 -10.43
N HIS FA 105 -70.74 54.63 -12.58
N HIS FA 105 -63.67 55.12 -10.51
CA HIS FA 105 -70.06 53.43 -13.07
CA HIS FA 105 -62.92 53.94 -10.96
C HIS FA 105 -69.25 53.75 -14.32
C HIS FA 105 -62.22 54.21 -12.28
N LEU FA 106 -69.86 54.46 -15.28
N LEU FA 106 -62.99 54.69 -13.27
CA LEU FA 106 -69.17 54.76 -16.54
CA LEU FA 106 -62.46 54.97 -14.60
C LEU FA 106 -67.91 55.59 -16.29
C LEU FA 106 -61.30 55.96 -14.54
N GLU FA 107 -68.03 56.64 -15.45
N GLU FA 107 -61.47 57.05 -13.80
CA GLU FA 107 -66.89 57.53 -15.25
CA GLU FA 107 -60.48 58.12 -13.80
C GLU FA 107 -65.74 56.83 -14.53
C GLU FA 107 -59.15 57.65 -13.20
N LYS FA 108 -66.05 55.89 -13.63
N LYS FA 108 -59.20 56.75 -12.21
CA LYS FA 108 -64.99 55.16 -12.97
CA LYS FA 108 -57.96 56.22 -11.65
C LYS FA 108 -64.28 54.20 -13.93
C LYS FA 108 -57.27 55.26 -12.62
N ASN FA 109 -65.04 53.50 -14.78
N ASN FA 109 -58.04 54.50 -13.42
CA ASN FA 109 -64.42 52.71 -15.84
CA ASN FA 109 -57.41 53.71 -14.47
C ASN FA 109 -63.56 53.58 -16.75
C ASN FA 109 -56.76 54.60 -15.52
N VAL FA 110 -64.08 54.74 -17.17
N VAL FA 110 -57.41 55.71 -15.89
CA VAL FA 110 -63.32 55.63 -18.04
CA VAL FA 110 -56.78 56.64 -16.82
C VAL FA 110 -62.08 56.13 -17.31
C VAL FA 110 -55.52 57.23 -16.22
N ASN FA 111 -62.22 56.43 -16.02
N ASN FA 111 -55.57 57.53 -14.91
CA ASN FA 111 -61.07 56.80 -15.19
CA ASN FA 111 -54.41 58.07 -14.20
C ASN FA 111 -60.01 55.71 -15.19
C ASN FA 111 -53.23 57.10 -14.26
N GLN FA 112 -60.42 54.45 -15.00
N GLN FA 112 -53.47 55.83 -13.87
CA GLN FA 112 -59.45 53.36 -14.95
CA GLN FA 112 -52.42 54.82 -13.93
C GLN FA 112 -58.68 53.24 -16.27
C GLN FA 112 -51.77 54.76 -15.32
N SER FA 113 -59.33 53.52 -17.39
N SER FA 113 -52.59 54.80 -16.37
CA SER FA 113 -58.61 53.45 -18.65
CA SER FA 113 -52.04 54.78 -17.72
C SER FA 113 -57.64 54.62 -18.80
C SER FA 113 -51.15 56.00 -17.97
N LEU FA 114 -58.01 55.81 -18.31
N LEU FA 114 -51.63 57.19 -17.57
CA LEU FA 114 -57.06 56.92 -18.30
CA LEU FA 114 -50.82 58.39 -17.70
C LEU FA 114 -55.91 56.66 -17.31
C LEU FA 114 -49.58 58.30 -16.83
N LEU FA 115 -56.19 56.00 -16.19
N LEU FA 115 -49.71 57.74 -15.62
CA LEU FA 115 -55.10 55.62 -15.31
CA LEU FA 115 -48.55 57.47 -14.76
C LEU FA 115 -54.14 54.65 -15.99
C LEU FA 115 -47.56 56.53 -15.45
N GLU FA 116 -54.67 53.60 -16.63
N GLU FA 116 -48.07 55.50 -16.12
CA GLU FA 116 -53.82 52.68 -17.38
CA GLU FA 116 -47.17 54.62 -16.85
C GLU FA 116 -53.01 53.41 -18.44
C GLU FA 116 -46.57 55.30 -18.07
N LEU FA 117 -53.61 54.45 -19.05
N LEU FA 117 -47.32 56.19 -18.73
CA LEU FA 117 -52.93 55.18 -20.14
CA LEU FA 117 -46.78 56.97 -19.83
C LEU FA 117 -51.77 56.01 -19.59
C LEU FA 117 -45.60 57.84 -19.38
N HIS FA 118 -51.97 56.65 -18.43
N HIS FA 118 -45.77 58.56 -18.27
CA HIS FA 118 -50.87 57.36 -17.78
CA HIS FA 118 -44.72 59.46 -17.79
C HIS FA 118 -49.74 56.41 -17.41
C HIS FA 118 -43.41 58.72 -17.53
N LYS FA 119 -50.06 55.29 -16.74
N LYS FA 119 -43.52 57.55 -16.88
CA LYS FA 119 -49.00 54.33 -16.42
CA LYS FA 119 -42.34 56.72 -16.60
C LYS FA 119 -48.27 53.90 -17.69
C LYS FA 119 -41.63 56.32 -17.87
N LEU FA 120 -49.01 53.68 -18.78
N LEU FA 120 -42.40 55.90 -18.88
CA LEU FA 120 -48.39 53.47 -20.07
CA LEU FA 120 -41.80 55.58 -20.17
C LEU FA 120 -47.39 54.57 -20.40
C LEU FA 120 -41.07 56.79 -20.75
N ALA FA 121 -47.85 55.83 -20.36
N ALA FA 121 -41.65 57.98 -20.59
CA ALA FA 121 -46.99 56.95 -20.71
CA ALA FA 121 -40.98 59.20 -21.03
C ALA FA 121 -45.72 56.95 -19.88
C ALA FA 121 -39.73 59.46 -20.21
N HIS FA 122 -45.85 56.68 -18.58
N HIS FA 122 -39.81 59.26 -18.90
CA HIS FA 122 -44.69 56.67 -17.70
CA HIS FA 122 -38.67 59.55 -18.04
C HIS FA 122 -43.81 55.46 -17.98
C HIS FA 122 -37.53 58.56 -18.29
N ASP FA 123 -44.43 54.30 -18.20
N ASP FA 123 -37.83 57.25 -18.38
CA ASP FA 123 -43.67 53.10 -18.55
CA ASP FA 123 -36.77 56.27 -18.54
C ASP FA 123 -42.88 53.29 -19.85
C ASP FA 123 -36.07 56.41 -19.88
N LYS FA 124 -43.36 54.14 -20.75
N LYS FA 124 -36.77 56.87 -20.91
CA LYS FA 124 -42.65 54.45 -21.97
CA LYS FA 124 -36.19 57.13 -22.21
C LYS FA 124 -41.80 55.72 -21.90
C LYS FA 124 -35.65 58.55 -22.35
N ASN FA 125 -41.65 56.33 -20.72
N ASN FA 125 -35.43 59.24 -21.23
CA ASN FA 125 -40.85 57.53 -20.54
CA ASN FA 125 -34.82 60.56 -21.25
C ASN FA 125 -41.29 58.64 -21.50
C ASN FA 125 -35.54 61.49 -22.23
N ASP FA 126 -42.60 58.90 -21.51
N ASP FA 126 -36.86 61.55 -22.15
CA ASP FA 126 -43.26 59.90 -22.37
CA ASP FA 126 -37.67 62.47 -22.97
C ASP FA 126 -43.90 60.95 -21.48
C ASP FA 126 -38.30 63.46 -22.00
N PRO FA 127 -43.10 61.91 -20.99
N PRO FA 127 -37.62 64.57 -21.69
CA PRO FA 127 -43.66 62.88 -20.03
CA PRO FA 127 -38.18 65.50 -20.71
C PRO FA 127 -44.62 63.86 -20.65
C PRO FA 127 -39.35 66.29 -21.25
N HIS FA 128 -44.49 64.19 -21.94
N HIS FA 128 -39.36 66.58 -22.56
CA HIS FA 128 -45.50 65.03 -22.56
CA HIS FA 128 -40.48 67.33 -23.11
C HIS FA 128 -46.87 64.37 -22.50
C HIS FA 128 -41.78 66.55 -22.98
N LEU FA 129 -46.92 63.04 -22.71
N LEU FA 129 -41.75 65.25 -23.32
CA LEU FA 129 -48.21 62.37 -22.71
CA LEU FA 129 -42.94 64.43 -23.18
C LEU FA 129 -48.74 62.22 -21.28
C LEU FA 129 -43.32 64.25 -21.72
N ALA FA 130 -47.85 61.91 -20.33
N ALA FA 130 -42.32 64.10 -20.85
CA ALA FA 130 -48.28 61.81 -18.95
CA ALA FA 130 -42.58 64.01 -19.41
C ALA FA 130 -48.88 63.13 -18.46
C ALA FA 130 -43.25 65.28 -18.90
N ASP FA 131 -48.20 64.24 -18.75
N ASP FA 131 -42.70 66.43 -19.26
CA ASP FA 131 -48.73 65.54 -18.29
CA ASP FA 131 -43.30 67.69 -18.80
C ASP FA 131 -50.00 65.92 -19.02
C ASP FA 131 -44.67 67.92 -19.41
N PHE FA 132 -50.10 65.60 -20.32
N PHE FA 132 -44.86 67.50 -20.67
CA PHE FA 132 -51.33 65.78 -21.06
CA PHE FA 132 -46.19 67.65 -21.28
C PHE FA 132 -52.50 65.10 -20.36
C PHE FA 132 -47.24 66.90 -20.46
N ILE FA 133 -52.32 63.84 -19.96
N ILE FA 133 -46.90 65.70 -19.97
CA ILE FA 133 -53.38 63.10 -19.28
CA ILE FA 133 -47.85 64.93 -19.18
C ILE FA 133 -53.69 63.74 -17.94
C ILE FA 133 -48.12 65.58 -17.84
N GLU FA 134 -52.63 64.07 -17.17
N GLU FA 134 -47.07 66.12 -17.18
CA GLU FA 134 -52.81 64.69 -15.86
CA GLU FA 134 -47.26 66.73 -15.87
C GLU FA 134 -53.50 66.03 -15.97
C GLU FA 134 -48.12 67.99 -15.97
N THR FA 135 -53.12 66.82 -16.96
N THR FA 135 -47.81 68.84 -16.96
CA THR FA 135 -53.63 68.18 -17.08
CA THR FA 135 -48.48 70.12 -17.11
C THR FA 135 -55.08 68.17 -17.53
C THR FA 135 -49.95 69.95 -17.46
N HIS FA 136 -55.37 67.44 -18.60
N HIS FA 136 -50.25 69.01 -18.36
CA HIS FA 136 -56.64 67.57 -19.27
CA HIS FA 136 -51.56 68.96 -18.98
C HIS FA 136 -57.69 66.55 -18.84
C HIS FA 136 -52.44 67.82 -18.48
N TYR FA 137 -57.30 65.47 -18.17
N TYR FA 137 -51.90 66.79 -17.84
CA TYR FA 137 -58.26 64.40 -17.94
CA TYR FA 137 -52.70 65.62 -17.51
C TYR FA 137 -58.45 64.03 -16.47
C TYR FA 137 -52.65 65.22 -16.03
N LEU FA 138 -57.37 63.92 -15.70
N LEU FA 138 -51.50 65.37 -15.38
CA LEU FA 138 -57.44 63.18 -14.44
CA LEU FA 138 -51.36 64.77 -14.05
C LEU FA 138 -58.27 63.92 -13.39
C LEU FA 138 -52.25 65.44 -13.03
N ASN FA 139 -58.05 65.21 -13.20
N ASN FA 139 -52.14 66.77 -12.89
CA ASN FA 139 -58.85 65.93 -12.21
CA ASN FA 139 -52.93 67.43 -11.85
C ASN FA 139 -60.28 66.09 -12.70
C ASN FA 139 -54.41 67.41 -12.17
N GLU FA 140 -60.47 66.17 -14.02
N GLU FA 140 -54.77 67.52 -13.46
CA GLU FA 140 -61.82 66.22 -14.58
CA GLU FA 140 -56.19 67.42 -13.81
C GLU FA 140 -62.58 64.93 -14.27
C GLU FA 140 -56.74 66.05 -13.42
N GLN FA 141 -61.91 63.78 -14.35
N GLN FA 141 -55.96 64.99 -13.59
CA GLN FA 141 -62.53 62.52 -13.96
CA GLN FA 141 -56.40 63.70 -13.09
C GLN FA 141 -62.86 62.51 -12.47
C GLN FA 141 -56.60 63.74 -11.58
N VAL FA 142 -61.90 62.91 -11.64
N VAL FA 142 -55.72 64.42 -10.86
CA VAL FA 142 -62.11 62.88 -10.19
CA VAL FA 142 -55.85 64.43 -9.41
C VAL FA 142 -63.26 63.81 -9.82
C VAL FA 142 -57.07 65.23 -8.98
N LYS FA 143 -63.31 64.99 -10.44
N LYS FA 143 -57.28 66.41 -9.57
CA LYS FA 143 -64.41 65.92 -10.17
CA LYS FA 143 -58.48 67.17 -9.27
C LYS FA 143 -65.74 65.34 -10.63
C LYS FA 143 -59.74 66.40 -9.65
N ALA FA 144 -65.74 64.65 -11.77
N ALA FA 144 -59.74 65.75 -10.81
CA ALA FA 144 -66.98 64.06 -12.26
CA ALA FA 144 -60.91 64.98 -11.21
C ALA FA 144 -67.49 62.96 -11.32
C ALA FA 144 -61.19 63.85 -10.22
N ILE FA 145 -66.58 62.10 -10.85
N ILE FA 145 -60.14 63.18 -9.74
CA ILE FA 145 -66.95 60.98 -9.99
CA ILE FA 145 -60.30 62.11 -8.78
C ILE FA 145 -67.49 61.48 -8.65
C ILE FA 145 -60.84 62.67 -7.46
N LYS FA 146 -66.85 62.51 -8.08
N LYS FA 146 -60.31 63.80 -7.01
CA LYS FA 146 -67.37 63.11 -6.86
CA LYS FA 146 -60.75 64.41 -5.75
C LYS FA 146 -68.78 63.65 -7.05
C LYS FA 146 -62.22 64.81 -5.79
N GLU FA 147 -69.01 64.40 -8.13
N GLU FA 147 -62.64 65.42 -6.90
CA GLU FA 147 -70.31 65.01 -8.39
CA GLU FA 147 -64.02 65.88 -7.00
C GLU FA 147 -71.41 63.97 -8.53
C GLU FA 147 -65.00 64.71 -7.07
N LEU FA 148 -71.14 62.92 -9.33
N LEU FA 148 -64.69 63.69 -7.87
CA LEU FA 148 -72.12 61.86 -9.52
CA LEU FA 148 -65.51 62.49 -7.89
C LEU FA 148 -72.34 61.11 -8.22
C LEU FA 148 -65.55 61.86 -6.50
N GLY FA 149 -71.29 60.96 -7.41
N GLY FA 149 -64.39 61.76 -5.84
CA GLY FA 149 -71.47 60.42 -6.08
CA GLY FA 149 -64.35 61.33 -4.45
C GLY FA 149 -72.36 61.32 -5.23
C GLY FA 149 -65.25 62.15 -3.54
N ASP FA 150 -72.07 62.62 -5.25
N ASP FA 150 -65.21 63.49 -3.68
CA ASP FA 150 -72.86 63.60 -4.49
CA ASP FA 150 -66.08 64.35 -2.87
C ASP FA 150 -74.33 63.53 -4.90
C ASP FA 150 -67.55 64.07 -3.14
N HIS FA 151 -74.60 63.45 -6.20
N HIS FA 151 -67.93 63.90 -4.41
CA HIS FA 151 -75.97 63.34 -6.68
CA HIS FA 151 -69.33 63.70 -4.72
C HIS FA 151 -76.61 62.04 -6.20
C HIS FA 151 -69.83 62.36 -4.16
N VAL FA 152 -75.89 60.92 -6.32
N VAL FA 152 -69.01 61.32 -4.29
CA VAL FA 152 -76.45 59.62 -5.93
CA VAL FA 152 -69.34 60.01 -3.75
C VAL FA 152 -76.84 59.62 -4.46
C VAL FA 152 -69.55 60.10 -2.24
N THR FA 153 -76.00 60.22 -3.62
N THR FA 153 -68.62 60.78 -1.56
CA THR FA 153 -76.29 60.32 -2.19
CA THR FA 153 -68.75 60.98 -0.12
C THR FA 153 -77.57 61.12 -1.93
C THR FA 153 -70.11 61.58 0.23
N ASN FA 154 -77.69 62.29 -2.56
N ASN FA 154 -70.48 62.66 -0.43
CA ASN FA 154 -78.86 63.12 -2.29
CA ASN FA 154 -71.73 63.32 -0.09
C ASN FA 154 -80.13 62.48 -2.80
C ASN FA 154 -72.94 62.45 -0.42
N LEU FA 155 -80.08 61.87 -3.98
N LEU FA 155 -72.90 61.78 -1.57
CA LEU FA 155 -81.25 61.18 -4.50
CA LEU FA 155 -74.06 61.01 -2.00
C LEU FA 155 -81.67 60.02 -3.59
C LEU FA 155 -74.36 59.86 -1.02
N ARG FA 156 -80.69 59.27 -3.08
N ARG FA 156 -73.32 59.21 -0.48
CA ARG FA 156 -81.02 58.19 -2.15
CA ARG FA 156 -73.56 58.19 0.55
C ARG FA 156 -81.64 58.71 -0.87
C ARG FA 156 -74.00 58.82 1.86
N LYS FA 157 -81.01 59.71 -0.25
N LYS FA 157 -73.32 59.89 2.29
CA LYS FA 157 -81.50 60.20 1.03
CA LYS FA 157 -73.66 60.53 3.55
C LYS FA 157 -82.88 60.83 0.89
C LYS FA 157 -75.12 60.99 3.56
N MET FA 158 -83.20 61.38 -0.28
N MET FA 158 -75.68 61.30 2.39
CA MET FA 158 -84.53 61.91 -0.51
CA MET FA 158 -77.08 61.69 2.22
C MET FA 158 -85.59 60.83 -0.73
C MET FA 158 -78.05 60.51 2.17
N GLY FA 159 -85.20 59.60 -1.04
N GLY FA 159 -77.56 59.28 1.98
CA GLY FA 159 -86.18 58.53 -1.18
CA GLY FA 159 -78.44 58.14 1.99
C GLY FA 159 -86.28 57.90 -2.56
C GLY FA 159 -78.76 57.53 0.64
N ALA FA 160 -85.54 58.37 -3.56
N ALA FA 160 -78.11 57.96 -0.43
CA ALA FA 160 -85.57 57.77 -4.88
CA ALA FA 160 -78.25 57.26 -1.70
C ALA FA 160 -85.14 56.30 -4.82
C ALA FA 160 -77.59 55.88 -1.62
N PRO FA 161 -85.52 55.49 -5.84
N PRO FA 161 -78.06 54.90 -2.44
CA PRO FA 161 -86.37 55.85 -6.98
CA PRO FA 161 -79.13 54.98 -3.44
C PRO FA 161 -87.87 55.64 -6.71
C PRO FA 161 -80.53 54.71 -2.93
N GLU FA 162 -88.17 55.06 -5.56
N GLU FA 162 -80.67 54.39 -1.65
CA GLU FA 162 -89.57 54.79 -5.21
CA GLU FA 162 -82.00 54.15 -1.11
C GLU FA 162 -90.38 56.08 -5.20
C GLU FA 162 -82.85 55.40 -1.22
N SER FA 163 -89.87 57.11 -4.51
N SER FA 163 -82.37 56.51 -0.66
CA SER FA 163 -90.52 58.41 -4.43
CA SER FA 163 -83.07 57.79 -0.71
C SER FA 163 -90.21 59.22 -5.68
C SER FA 163 -83.06 58.34 -2.14
N GLY FA 164 -91.18 59.34 -6.60
N GLY FA 164 -84.24 58.38 -2.76
CA GLY FA 164 -91.05 60.25 -7.72
CA GLY FA 164 -84.40 59.13 -4.00
C GLY FA 164 -91.05 61.71 -7.32
C GLY FA 164 -84.35 60.62 -3.76
N LEU FA 165 -91.62 62.03 -6.14
N LEU FA 165 -84.79 61.05 -2.57
CA LEU FA 165 -91.49 63.39 -5.63
CA LEU FA 165 -84.55 62.42 -2.12
C LEU FA 165 -90.03 63.73 -5.39
C LEU FA 165 -83.08 62.79 -2.22
N ALA FA 166 -89.25 62.76 -4.94
N ALA FA 166 -82.18 61.86 -1.83
CA ALA FA 166 -87.81 62.97 -4.76
CA ALA FA 166 -80.76 62.17 -1.80
C ALA FA 166 -87.15 63.38 -6.07
C ALA FA 166 -80.24 62.50 -3.19
N GLU FA 167 -87.19 62.51 -7.08
N GLU FA 167 -80.56 61.67 -4.18
CA GLU FA 167 -86.51 62.81 -8.32
CA GLU FA 167 -80.07 61.92 -5.53
C GLU FA 167 -87.00 64.12 -8.92
C GLU FA 167 -80.70 63.18 -6.13
N TYR FA 168 -88.29 64.44 -8.76
N TYR FA 168 -81.99 63.40 -5.90
CA TYR FA 168 -88.81 65.71 -9.23
CA TYR FA 168 -82.65 64.61 -6.41
C TYR FA 168 -88.14 66.87 -8.50
C TYR FA 168 -82.00 65.87 -5.86
N LEU FA 169 -88.05 66.79 -7.16
N LEU FA 169 -81.81 65.94 -4.54
CA LEU FA 169 -87.46 67.88 -6.40
CA LEU FA 169 -81.26 67.16 -3.93
C LEU FA 169 -85.96 68.02 -6.67
C LEU FA 169 -79.78 67.35 -4.29
N PHE FA 170 -85.23 66.89 -6.74
N PHE FA 170 -79.01 66.27 -4.38
CA PHE FA 170 -83.82 66.92 -7.14
CA PHE FA 170 -77.62 66.42 -4.82
C PHE FA 170 -83.64 67.47 -8.56
C PHE FA 170 -77.57 66.93 -6.25
N ASP FA 171 -84.59 67.21 -9.45
N ASP FA 171 -78.41 66.36 -7.13
CA ASP FA 171 -84.55 67.84 -10.77
CA ASP FA 171 -78.54 66.88 -8.48
C ASP FA 171 -84.61 69.35 -10.66
C ASP FA 171 -78.86 68.38 -8.48
N LYS FA 172 -85.48 69.88 -9.78
N LYS FA 172 -79.73 68.83 -7.57
CA LYS FA 172 -85.72 71.32 -9.73
CA LYS FA 172 -80.07 70.25 -7.54
C LYS FA 172 -84.62 72.06 -8.99
C LYS FA 172 -78.97 71.09 -6.90
N HIS FA 173 -84.25 71.56 -7.81
N HIS FA 173 -78.51 70.70 -5.71
CA HIS FA 173 -83.43 72.34 -6.90
CA HIS FA 173 -77.68 71.60 -4.91
C HIS FA 173 -81.93 72.06 -7.04
C HIS FA 173 -76.19 71.47 -5.18
N THR FA 174 -81.54 70.90 -7.54
N THR FA 174 -75.73 70.34 -5.68
CA THR FA 174 -80.13 70.61 -7.75
CA THR FA 174 -74.30 70.24 -5.98
C THR FA 174 -79.72 70.75 -9.20
C THR FA 174 -73.99 70.35 -7.47
N LEU FA 175 -80.39 70.07 -10.12
N LEU FA 175 -74.72 69.65 -8.34
CA LEU FA 175 -79.97 70.12 -11.51
CA LEU FA 175 -74.44 69.72 -9.77
C LEU FA 175 -80.48 71.36 -12.24
C LEU FA 175 -75.17 70.84 -10.48
N GLY FA 176 -81.44 72.08 -11.68
N GLY FA 176 -75.89 71.70 -9.75
CA GLY FA 176 -81.93 73.29 -12.28
CA GLY FA 176 -76.53 72.87 -10.36
C GLY FA 176 -81.26 74.52 -11.71
C GLY FA 176 -75.98 74.19 -9.85
N ASP FA 177 -79.95 74.43 -11.46
N ASP FA 177 -74.67 74.40 -10.01
CA ASP FA 177 -79.13 75.51 -10.92
CA ASP FA 177 -73.93 75.53 -9.43
C ASP FA 177 -79.57 75.86 -9.50
C ASP FA 177 -73.97 75.48 -7.90
N SER GA 4 -20.37 76.85 -1.27
N SER GA 4 -14.96 84.00 -4.50
CA SER GA 4 -21.26 76.54 -0.15
CA SER GA 4 -15.89 83.94 -3.38
C SER GA 4 -22.71 76.51 -0.62
C SER GA 4 -17.20 83.22 -3.78
N THR GA 5 -23.57 75.88 0.18
N THR GA 5 -17.81 82.55 -2.82
CA THR GA 5 -24.95 75.66 -0.23
CA THR GA 5 -19.07 81.90 -3.09
C THR GA 5 -25.77 76.95 -0.10
C THR GA 5 -20.22 82.90 -2.98
N SER GA 6 -26.77 77.06 -0.95
N SER GA 6 -21.24 82.71 -3.80
CA SER GA 6 -27.70 78.18 -0.90
CA SER GA 6 -22.36 83.62 -3.83
C SER GA 6 -28.72 77.97 0.22
C SER GA 6 -23.27 83.35 -2.64
N GLN GA 7 -29.00 79.04 0.97
N GLN GA 7 -23.67 84.43 -1.96
CA GLN GA 7 -29.99 78.92 2.02
CA GLN GA 7 -24.61 84.30 -0.85
C GLN GA 7 -31.33 78.44 1.50
C GLN GA 7 -25.93 83.66 -1.25
N VAL GA 8 -31.63 78.64 0.21
N VAL GA 8 -26.32 83.74 -2.54
CA VAL GA 8 -32.90 78.18 -0.34
CA VAL GA 8 -27.58 83.13 -2.98
C VAL GA 8 -32.81 76.79 -0.96
C VAL GA 8 -27.40 81.71 -3.48
N ARG GA 9 -31.60 76.26 -1.16
N ARG GA 9 -26.15 81.27 -3.73
CA ARG GA 9 -31.47 75.02 -1.91
CA ARG GA 9 -25.91 79.98 -4.36
C ARG GA 9 -32.09 73.83 -1.18
C ARG GA 9 -26.44 78.83 -3.50
N GLN GA 10 -32.80 73.00 -1.94
N GLN GA 10 -27.25 77.97 -4.11
CA GLN GA 10 -33.51 71.84 -1.38
CA GLN GA 10 -27.74 76.78 -3.42
C GLN GA 10 -33.86 70.89 -2.50
C GLN GA 10 -28.05 75.71 -4.45
N ASN GA 11 -33.41 69.63 -2.37
N ASN GA 11 -27.41 74.54 -4.30
CA ASN GA 11 -33.73 68.51 -3.27
CA ASN GA 11 -27.68 73.38 -5.14
C ASN GA 11 -33.34 68.82 -4.71
C ASN GA 11 -27.46 73.70 -6.62
N TYR GA 12 -32.30 69.64 -4.90
N TYR GA 12 -26.46 74.53 -6.89
CA TYR GA 12 -31.83 70.14 -6.20
CA TYR GA 12 -26.14 74.94 -8.26
C TYR GA 12 -30.44 69.55 -6.44
C TYR GA 12 -24.72 74.46 -8.58
N HIS GA 13 -30.38 68.49 -7.25
N HIS GA 13 -24.63 73.39 -9.37
CA HIS GA 13 -29.15 67.75 -7.45
CA HIS GA 13 -23.36 72.77 -9.72
C HIS GA 13 -28.17 68.54 -8.31
C HIS GA 13 -22.59 73.60 -10.74
N GLN GA 14 -26.88 68.30 -8.06
N GLN GA 14 -21.27 73.68 -10.55
CA GLN GA 14 -25.84 69.00 -8.82
CA GLN GA 14 -20.46 74.49 -11.45
C GLN GA 14 -25.90 68.68 -10.31
C GLN GA 14 -20.53 73.99 -12.89
N ASP GA 15 -26.45 67.52 -10.71
N ASP GA 15 -20.78 72.70 -13.10
CA ASP GA 15 -26.60 67.21 -12.14
CA ASP GA 15 -20.97 72.26 -14.48
C ASP GA 15 -27.73 68.03 -12.77
C ASP GA 15 -22.24 72.88 -15.06
N SER GA 16 -28.79 68.28 -12.02
N SER GA 16 -23.27 73.00 -14.23
CA SER GA 16 -29.91 69.08 -12.51
CA SER GA 16 -24.51 73.58 -14.73
C SER GA 16 -29.47 70.53 -12.70
C SER GA 16 -24.30 75.05 -15.08
N GLU GA 17 -28.84 71.10 -11.68
N GLU GA 17 -23.61 75.78 -14.21
CA GLU GA 17 -28.11 72.35 -11.78
CA GLU GA 17 -23.23 77.16 -14.48
C GLU GA 17 -27.35 72.46 -13.11
C GLU GA 17 -22.48 77.26 -15.80
N ALA GA 18 -26.46 71.49 -13.36
N ALA GA 18 -21.55 76.33 -16.03
CA ALA GA 18 -25.63 71.52 -14.56
CA ALA GA 18 -20.77 76.31 -17.27
C ALA GA 18 -26.46 71.38 -15.82
C ALA GA 18 -21.68 76.13 -18.48
N ALA GA 19 -27.49 70.53 -15.80
N ALA GA 19 -22.63 75.22 -18.39
CA ALA GA 19 -28.33 70.37 -16.97
CA ALA GA 19 -23.47 74.89 -19.53
C ALA GA 19 -29.10 71.65 -17.28
C ALA GA 19 -24.42 76.03 -19.88
N ILE GA 20 -29.53 72.38 -16.24
N ILE GA 20 -24.90 76.78 -18.88
CA ILE GA 20 -30.22 73.65 -16.47
CA ILE GA 20 -25.70 77.97 -19.13
C ILE GA 20 -29.28 74.66 -17.15
C ILE GA 20 -24.92 79.00 -19.94
N ASN GA 21 -28.01 74.69 -16.75
N ASN GA 21 -23.66 79.22 -19.57
CA ASN GA 21 -27.09 75.61 -17.41
CA ASN GA 21 -22.83 80.13 -20.37
C ASN GA 21 -26.82 75.23 -18.86
C ASN GA 21 -22.66 79.60 -21.79
N ARG GA 22 -26.79 73.94 -19.18
N ARG GA 22 -22.60 78.28 -21.96
CA ARG GA 22 -26.68 73.56 -20.59
CA ARG GA 22 -22.57 77.74 -23.33
C ARG GA 22 -27.93 73.98 -21.36
C ARG GA 22 -23.90 77.99 -24.04
N GLN GA 23 -29.11 73.72 -20.82
N GLN GA 23 -25.01 77.79 -23.35
CA GLN GA 23 -30.34 74.09 -21.53
CA GLN GA 23 -26.32 77.98 -23.97
C GLN GA 23 -30.41 75.59 -21.75
C GLN GA 23 -26.56 79.44 -24.31
N ILE GA 24 -29.96 76.38 -20.78
N ILE GA 24 -26.12 80.36 -23.44
CA ILE GA 24 -29.93 77.84 -20.94
CA ILE GA 24 -26.25 81.79 -23.70
C ILE GA 24 -29.13 78.20 -22.18
C ILE GA 24 -25.62 82.14 -25.05
N ASN GA 25 -27.91 77.65 -22.29
N ASN GA 25 -24.34 81.79 -25.20
CA ASN GA 25 -27.08 77.91 -23.46
CA ASN GA 25 -23.66 82.03 -26.47
C ASN GA 25 -27.76 77.43 -24.74
C ASN GA 25 -24.39 81.37 -27.63
N LEU GA 26 -28.43 76.28 -24.71
N LEU GA 26 -24.97 80.19 -27.39
CA LEU GA 26 -29.09 75.78 -25.91
CA LEU GA 26 -25.64 79.49 -28.49
C LEU GA 26 -30.23 76.69 -26.34
C LEU GA 26 -26.92 80.22 -28.92
N GLU GA 27 -31.00 77.19 -25.38
N GLU GA 27 -27.70 80.72 -27.96
CA GLU GA 27 -32.09 78.13 -25.68
CA GLU GA 27 -28.89 81.50 -28.32
C GLU GA 27 -31.57 79.41 -26.32
C GLU GA 27 -28.50 82.75 -29.10
N LEU GA 28 -30.43 79.92 -25.84
N LEU GA 28 -27.57 83.55 -28.55
CA LEU GA 28 -29.88 81.12 -26.48
CA LEU GA 28 -27.04 84.71 -29.26
C LEU GA 28 -29.31 80.80 -27.86
C LEU GA 28 -26.59 84.36 -30.67
N TYR GA 29 -28.83 79.57 -28.08
N TYR GA 29 -25.98 83.18 -30.84
CA TYR GA 29 -28.37 79.18 -29.41
CA TYR GA 29 -25.56 82.77 -32.18
C TYR GA 29 -29.52 79.17 -30.42
C TYR GA 29 -26.76 82.48 -33.08
N ALA GA 30 -30.65 78.55 -30.06
N ALA GA 30 -27.75 81.76 -32.57
CA ALA GA 30 -31.84 78.56 -30.92
CA ALA GA 30 -28.99 81.59 -33.31
C ALA GA 30 -32.27 79.99 -31.25
C ALA GA 30 -29.54 82.94 -33.73
N SER GA 31 -32.28 80.86 -30.24
N SER GA 31 -29.60 83.88 -32.79
CA SER GA 31 -32.61 82.27 -30.47
CA SER GA 31 -30.06 85.23 -33.08
C SER GA 31 -31.67 82.88 -31.50
C SER GA 31 -29.32 85.82 -34.26
N TYR GA 32 -30.38 82.53 -31.43
N TYR GA 32 -27.99 85.67 -34.28
CA TYR GA 32 -29.41 83.06 -32.38
CA TYR GA 32 -27.18 86.21 -35.37
C TYR GA 32 -29.66 82.52 -33.78
C TYR GA 32 -27.50 85.55 -36.71
N VAL GA 33 -29.93 81.21 -33.88
N VAL GA 33 -27.71 84.23 -36.69
CA VAL GA 33 -30.25 80.62 -35.19
CA VAL GA 33 -28.15 83.52 -37.89
C VAL GA 33 -31.46 81.29 -35.82
C VAL GA 33 -29.46 84.08 -38.41
N TYR GA 34 -32.51 81.51 -35.02
N TYR GA 34 -30.44 84.22 -37.52
CA TYR GA 34 -33.71 82.15 -35.54
CA TYR GA 34 -31.75 84.69 -37.95
C TYR GA 34 -33.43 83.60 -35.92
C TYR GA 34 -31.67 86.12 -38.49
N LEU GA 35 -32.61 84.30 -35.13
N LEU GA 35 -30.84 86.97 -37.86
CA LEU GA 35 -32.21 85.65 -35.50
CA LEU GA 35 -30.62 88.30 -38.42
C LEU GA 35 -31.51 85.66 -36.86
C LEU GA 35 -29.97 88.21 -39.80
N SER GA 36 -30.60 84.70 -37.09
N SER GA 36 -29.02 87.27 -39.97
CA SER GA 36 -29.95 84.58 -38.39
CA SER GA 36 -28.35 87.10 -41.26
C SER GA 36 -30.96 84.33 -39.52
C SER GA 36 -29.35 86.80 -42.36
N MET GA 37 -31.92 83.44 -39.29
N MET GA 37 -30.32 85.94 -42.05
CA MET GA 37 -32.90 83.10 -40.33
CA MET GA 37 -31.34 85.55 -43.03
C MET GA 37 -33.74 84.32 -40.68
C MET GA 37 -32.30 86.68 -43.33
N SER GA 38 -34.13 85.11 -39.67
N SER GA 38 -32.78 87.36 -42.29
CA SER GA 38 -34.94 86.30 -39.90
CA SER GA 38 -33.78 88.41 -42.48
C SER GA 38 -34.27 87.25 -40.88
C SER GA 38 -33.35 89.36 -43.57
N TYR GA 39 -33.03 87.64 -40.60
N TYR GA 39 -32.13 89.88 -43.46
CA TYR GA 39 -32.38 88.66 -41.42
CA TYR GA 39 -31.67 90.90 -44.39
C TYR GA 39 -31.83 88.11 -42.72
C TYR GA 39 -31.20 90.33 -45.71
N TYR GA 40 -31.81 86.79 -42.90
N TYR GA 40 -31.00 89.01 -45.83
CA TYR GA 40 -31.60 86.25 -44.23
CA TYR GA 40 -30.85 88.44 -47.16
C TYR GA 40 -32.77 86.62 -45.14
C TYR GA 40 -32.14 88.57 -47.96
N PHE GA 41 -34.00 86.42 -44.68
N PHE GA 41 -33.29 88.34 -47.31
CA PHE GA 41 -35.15 86.72 -45.51
CA PHE GA 41 -34.57 88.46 -48.01
C PHE GA 41 -35.41 88.21 -45.64
C PHE GA 41 -35.02 89.90 -48.19
N ASP GA 42 -34.71 89.04 -44.86
N ASP GA 42 -34.32 90.83 -47.55
CA ASP GA 42 -34.72 90.49 -44.95
CA ASP GA 42 -34.47 92.26 -47.78
C ASP GA 42 -33.81 90.99 -46.05
C ASP GA 42 -33.67 92.75 -48.98
N ARG GA 43 -33.00 90.10 -46.65
N ARG GA 43 -32.87 91.89 -49.60
CA ARG GA 43 -32.09 90.50 -47.71
CA ARG GA 43 -32.07 92.29 -50.75
C ARG GA 43 -32.88 90.97 -48.92
C ARG GA 43 -32.96 92.60 -51.95
N ASP GA 44 -32.35 91.98 -49.60
N ASP GA 44 -32.56 93.58 -52.75
CA ASP GA 44 -33.03 92.51 -50.78
CA ASP GA 44 -33.35 93.95 -53.92
C ASP GA 44 -33.18 91.47 -51.87
C ASP GA 44 -33.45 92.81 -54.93
N ASP GA 45 -32.28 90.47 -51.92
N ASP GA 45 -32.51 91.87 -54.94
CA ASP GA 45 -32.38 89.39 -52.90
CA ASP GA 45 -32.54 90.76 -55.89
C ASP GA 45 -33.13 88.17 -52.37
C ASP GA 45 -33.16 89.50 -55.27
N VAL GA 46 -33.82 88.30 -51.23
N VAL GA 46 -33.67 89.61 -54.04
CA VAL GA 46 -34.71 87.25 -50.74
CA VAL GA 46 -34.42 88.56 -53.37
C VAL GA 46 -36.09 87.85 -50.55
C VAL GA 46 -35.84 89.07 -53.13
N ALA GA 47 -36.20 88.85 -49.68
N ALA GA 47 -35.96 90.08 -52.27
CA ALA GA 47 -37.34 89.77 -49.65
CA ALA GA 47 -37.15 90.93 -52.19
C ALA GA 47 -38.67 89.06 -49.33
C ALA GA 47 -38.39 90.15 -51.75
N LEU GA 48 -38.66 88.26 -48.28
N LEU GA 48 -38.22 89.28 -50.76
CA LEU GA 48 -39.86 87.56 -47.82
CA LEU GA 48 -39.32 88.54 -50.16
C LEU GA 48 -40.14 88.04 -46.39
C LEU GA 48 -39.47 89.10 -48.74
N LYS GA 49 -40.90 89.13 -46.30
N LYS GA 49 -40.31 90.13 -48.60
CA LYS GA 49 -41.03 89.85 -45.04
CA LYS GA 49 -40.34 90.92 -47.38
C LYS GA 49 -41.75 89.03 -43.98
C LYS GA 49 -40.97 90.17 -46.20
N ASN GA 50 -42.68 88.18 -44.39
N ASN GA 50 -41.80 89.16 -46.44
CA ASN GA 50 -43.42 87.44 -43.38
CA ASN GA 50 -42.38 88.44 -45.31
C ASN GA 50 -42.63 86.26 -42.86
C ASN GA 50 -41.45 87.35 -44.80
N PHE GA 51 -41.83 85.62 -43.72
N PHE GA 51 -40.59 86.79 -45.66
CA PHE GA 51 -40.82 84.67 -43.25
CA PHE GA 51 -39.48 85.99 -45.15
C PHE GA 51 -39.89 85.32 -42.23
C PHE GA 51 -38.57 86.86 -44.29
N ALA GA 52 -39.45 86.55 -42.50
N ALA GA 52 -38.24 88.05 -44.79
CA ALA GA 52 -38.55 87.24 -41.57
CA ALA GA 52 -37.47 89.01 -44.02
C ALA GA 52 -39.24 87.56 -40.25
C ALA GA 52 -38.06 89.18 -42.62
N LYS GA 53 -40.48 88.04 -40.30
N LYS GA 53 -39.35 89.46 -42.55
CA LYS GA 53 -41.23 88.30 -39.08
CA LYS GA 53 -39.90 89.79 -41.24
C LYS GA 53 -41.44 87.03 -38.27
C LYS GA 53 -40.10 88.54 -40.37
N TYR GA 54 -41.63 85.90 -38.97
N TYR GA 54 -40.28 87.37 -40.99
CA TYR GA 54 -41.91 84.64 -38.31
CA TYR GA 54 -40.35 86.14 -40.20
C TYR GA 54 -40.70 84.17 -37.51
C TYR GA 54 -39.04 85.85 -39.48
N PHE GA 55 -39.53 84.13 -38.13
N PHE GA 55 -37.91 85.97 -40.19
CA PHE GA 55 -38.33 83.71 -37.40
CA PHE GA 55 -36.61 85.69 -39.58
C PHE GA 55 -37.90 84.75 -36.38
C PHE GA 55 -36.16 86.79 -38.62
N LEU GA 56 -38.14 86.02 -36.64
N LEU GA 56 -36.50 88.05 -38.92
CA LEU GA 56 -37.87 87.02 -35.61
CA LEU GA 56 -36.12 89.12 -37.99
C LEU GA 56 -38.71 86.72 -34.37
C LEU GA 56 -36.84 88.96 -36.66
N HIS GA 57 -40.02 86.49 -34.56
N HIS GA 57 -38.08 88.47 -36.69
CA HIS GA 57 -40.87 86.09 -33.44
CA HIS GA 57 -38.81 88.19 -35.45
C HIS GA 57 -40.24 84.94 -32.69
C HIS GA 57 -38.15 87.05 -34.68
N GLN GA 58 -39.86 83.88 -33.40
N GLN GA 58 -37.80 85.96 -35.36
CA GLN GA 58 -39.31 82.69 -32.74
CA GLN GA 58 -37.12 84.88 -34.66
C GLN GA 58 -38.02 83.02 -31.98
C GLN GA 58 -35.78 85.35 -34.10
N SER GA 59 -37.18 83.89 -32.55
N SER GA 59 -35.10 86.24 -34.83
CA SER GA 59 -35.92 84.26 -31.90
CA SER GA 59 -33.85 86.80 -34.33
C SER GA 59 -36.18 84.91 -30.54
C SER GA 59 -34.05 87.49 -32.99
N HIS GA 60 -37.19 85.77 -30.45
N HIS GA 60 -35.11 88.31 -32.87
CA HIS GA 60 -37.49 86.41 -29.18
CA HIS GA 60 -35.36 88.98 -31.59
C HIS GA 60 -38.06 85.42 -28.17
C HIS GA 60 -35.74 87.97 -30.51
N GLU GA 61 -38.97 84.54 -28.59
N GLU GA 61 -36.46 86.92 -30.89
CA GLU GA 61 -39.56 83.60 -27.64
CA GLU GA 61 -36.87 85.92 -29.92
C GLU GA 61 -38.50 82.64 -27.11
C GLU GA 61 -35.67 85.18 -29.34
N GLU GA 62 -37.57 82.22 -27.96
N GLU GA 62 -34.67 84.88 -30.16
CA GLU GA 62 -36.45 81.40 -27.49
CA GLU GA 62 -33.46 84.25 -29.64
C GLU GA 62 -35.65 82.13 -26.41
C GLU GA 62 -32.71 85.19 -28.71
N ARG GA 63 -35.37 83.41 -26.63
N ARG GA 63 -32.75 86.50 -28.97
CA ARG GA 63 -34.74 84.23 -25.60
CA ARG GA 63 -32.16 87.44 -28.01
C ARG GA 63 -35.55 84.20 -24.31
C ARG GA 63 -32.83 87.32 -26.65
N GLU GA 64 -36.89 84.25 -24.40
N GLU GA 64 -34.17 87.24 -26.63
CA GLU GA 64 -37.72 84.11 -23.21
CA GLU GA 64 -34.88 87.10 -25.36
C GLU GA 64 -37.55 82.72 -22.58
C GLU GA 64 -34.52 85.78 -24.67
N HIS GA 65 -37.40 81.67 -23.40
N HIS GA 65 -34.37 84.70 -25.44
CA HIS GA 65 -37.22 80.34 -22.86
CA HIS GA 65 -33.94 83.42 -24.88
C HIS GA 65 -35.98 80.28 -21.95
C HIS GA 65 -32.62 83.57 -24.15
N ALA GA 66 -34.87 80.87 -22.40
N ALA GA 66 -31.64 84.21 -24.80
CA ALA GA 66 -33.64 80.81 -21.62
CA ALA GA 66 -30.33 84.36 -24.19
C ALA GA 66 -33.75 81.61 -20.33
C ALA GA 66 -30.40 85.21 -22.93
N GLU GA 67 -34.39 82.79 -20.38
N GLU GA 67 -31.20 86.29 -22.96
CA GLU GA 67 -34.50 83.63 -19.19
CA GLU GA 67 -31.30 87.16 -21.79
C GLU GA 67 -35.31 82.97 -18.09
C GLU GA 67 -31.95 86.46 -20.61
N LYS GA 68 -36.35 82.20 -18.48
N LYS GA 68 -32.95 85.61 -20.87
CA LYS GA 68 -37.12 81.45 -17.50
CA LYS GA 68 -33.56 84.84 -19.79
C LYS GA 68 -36.29 80.34 -16.89
C LYS GA 68 -32.55 83.90 -19.16
N LEU GA 69 -35.39 79.74 -17.67
N LEU GA 69 -31.69 83.30 -19.99
CA LEU GA 69 -34.44 78.78 -17.12
CA LEU GA 69 -30.62 82.44 -19.47
C LEU GA 69 -33.44 79.46 -16.18
C LEU GA 69 -29.62 83.23 -18.64
N MET GA 70 -32.96 80.66 -16.55
N MET GA 70 -29.30 84.45 -19.08
CA MET GA 70 -32.14 81.42 -15.63
CA MET GA 70 -28.43 85.33 -18.30
C MET GA 70 -32.91 81.80 -14.38
C MET GA 70 -29.07 85.70 -16.99
N LYS GA 71 -34.22 82.06 -14.49
N LYS GA 71 -30.38 85.99 -16.99
CA LYS GA 71 -35.04 82.34 -13.32
CA LYS GA 71 -31.10 86.25 -15.74
C LYS GA 71 -35.17 81.11 -12.43
C LYS GA 71 -31.11 85.01 -14.86
N LEU GA 72 -35.44 79.96 -13.04
N LEU GA 72 -31.31 83.82 -15.43
CA LEU GA 72 -35.55 78.71 -12.29
CA LEU GA 72 -31.26 82.59 -14.64
C LEU GA 72 -34.27 78.38 -11.51
C LEU GA 72 -29.92 82.44 -13.93
N GLN GA 73 -33.11 78.51 -12.16
N GLN GA 73 -28.81 82.66 -14.65
CA GLN GA 73 -31.85 78.18 -11.51
CA GLN GA 73 -27.48 82.48 -14.06
C GLN GA 73 -31.69 78.91 -10.18
C GLN GA 73 -27.30 83.31 -12.78
N ASN GA 74 -31.96 80.22 -10.16
N ASN GA 74 -27.66 84.60 -12.84
CA ASN GA 74 -31.83 81.01 -8.94
CA ASN GA 74 -27.56 85.47 -11.69
C ASN GA 74 -32.90 80.63 -7.93
C ASN GA 74 -28.59 85.10 -10.63
N GLN GA 75 -34.10 80.29 -8.39
N GLN GA 75 -29.78 84.65 -11.04
CA GLN GA 75 -35.16 79.89 -7.49
CA GLN GA 75 -30.73 84.14 -10.06
C GLN GA 75 -34.73 78.69 -6.64
C GLN GA 75 -30.09 83.02 -9.23
N ARG GA 76 -34.12 77.68 -7.28
N ARG GA 76 -29.39 82.10 -9.88
CA ARG GA 76 -33.79 76.44 -6.60
CA ARG GA 76 -28.83 80.97 -9.15
C ARG GA 76 -32.45 76.48 -5.88
C ARG GA 76 -27.47 81.28 -8.54
N GLY GA 77 -31.75 77.61 -5.89
N GLY GA 77 -26.88 82.44 -8.82
CA GLY GA 77 -30.46 77.72 -5.31
CA GLY GA 77 -25.64 82.80 -8.19
C GLY GA 77 -29.30 77.56 -6.27
C GLY GA 77 -24.40 82.30 -8.90
N GLY GA 78 -29.53 77.02 -7.47
N GLY GA 78 -24.51 81.92 -10.16
CA GLY GA 78 -28.44 76.79 -8.42
CA GLY GA 78 -23.34 81.72 -10.98
C GLY GA 78 -27.74 78.08 -8.84
C GLY GA 78 -22.91 83.04 -11.57
N ARG GA 79 -26.60 77.91 -9.50
N ARG GA 79 -22.05 82.94 -12.58
CA ARG GA 79 -25.79 79.04 -9.92
CA ARG GA 79 -21.42 84.11 -13.18
C ARG GA 79 -25.62 79.04 -11.43
C ARG GA 79 -21.46 84.04 -14.70
N ILE GA 80 -25.97 80.17 -12.06
N ILE GA 80 -21.80 85.18 -15.30
CA ILE GA 80 -25.94 80.31 -13.52
CA ILE GA 80 -21.94 85.27 -16.74
C ILE GA 80 -24.49 80.41 -13.99
C ILE GA 80 -20.59 85.56 -17.33
N PHE GA 81 -24.12 79.58 -14.96
N PHE GA 81 -20.16 84.70 -18.25
CA PHE GA 81 -22.84 79.72 -15.63
CA PHE GA 81 -18.92 84.88 -18.98
C PHE GA 81 -23.11 79.79 -17.12
C PHE GA 81 -19.27 84.76 -20.45
N LEU GA 82 -22.91 80.96 -17.71
N LEU GA 82 -19.17 85.87 -21.18
CA LEU GA 82 -23.08 81.15 -19.14
CA LEU GA 82 -19.57 85.91 -22.57
C LEU GA 82 -21.79 80.81 -19.89
C LEU GA 82 -18.38 85.59 -23.47
N GLN GA 83 -21.95 80.19 -21.05
N GLN GA 83 -18.68 84.95 -24.60
CA GLN GA 83 -20.85 79.88 -21.96
CA GLN GA 83 -17.69 84.61 -25.61
C GLN GA 83 -21.03 80.68 -23.24
C GLN GA 83 -18.08 85.24 -26.94
N ASP GA 84 -20.10 80.47 -24.18
N ASP GA 84 -17.18 85.17 -27.92
CA ASP GA 84 -20.24 81.01 -25.52
CA ASP GA 84 -17.48 85.71 -29.25
C ASP GA 84 -21.53 80.54 -26.17
C ASP GA 84 -18.75 85.06 -29.78
N ILE GA 85 -22.12 81.41 -26.98
N ILE GA 85 -19.54 85.83 -30.51
CA ILE GA 85 -23.23 81.05 -27.85
CA ILE GA 85 -20.64 85.29 -31.32
C ILE GA 85 -22.62 80.82 -29.24
C ILE GA 85 -20.09 85.02 -32.71
N GLN GA 86 -22.54 79.56 -29.68
N GLN GA 86 -19.89 83.74 -33.03
CA GLN GA 86 -21.98 79.27 -31.01
CA GLN GA 86 -19.43 83.37 -34.35
C GLN GA 86 -22.81 79.95 -32.09
C GLN GA 86 -20.40 83.86 -35.41
N LYS GA 87 -22.14 80.44 -33.14
N LYS GA 87 -19.86 84.33 -36.52
CA LYS GA 87 -22.85 80.98 -34.28
CA LYS GA 87 -20.71 84.68 -37.64
C LYS GA 87 -23.61 79.88 -35.00
C LYS GA 87 -21.39 83.42 -38.18
N PRO GA 88 -24.68 80.22 -35.71
N PRO GA 88 -22.59 83.55 -38.74
CA PRO GA 88 -25.42 79.19 -36.47
CA PRO GA 88 -23.25 82.40 -39.36
C PRO GA 88 -24.53 78.46 -37.47
C PRO GA 88 -22.37 81.77 -40.43
N ASP GA 89 -25.02 77.29 -37.92
N ASP GA 89 -22.69 80.51 -40.77
CA ASP GA 89 -24.24 76.48 -38.83
CA ASP GA 89 -21.95 79.76 -41.78
C ASP GA 89 -24.25 77.00 -40.26
C ASP GA 89 -22.18 80.23 -43.21
N GLU GA 90 -25.25 77.77 -40.64
N GLU GA 90 -23.16 81.10 -43.48
CA GLU GA 90 -25.22 78.41 -41.93
CA GLU GA 90 -23.44 81.52 -44.85
C GLU GA 90 -25.27 79.92 -41.72
C GLU GA 90 -23.68 83.02 -44.90
N ASP GA 91 -24.81 80.66 -42.73
N ASP GA 91 -23.44 83.60 -46.09
CA ASP GA 91 -25.07 82.08 -42.92
CA ASP GA 91 -23.77 84.98 -46.40
C ASP GA 91 -26.20 82.32 -43.91
C ASP GA 91 -24.90 85.11 -47.39
N ASP GA 92 -26.26 81.50 -44.95
N ASP GA 92 -24.94 84.21 -48.37
CA ASP GA 92 -27.24 81.56 -46.02
CA ASP GA 92 -26.05 84.07 -49.29
C ASP GA 92 -28.16 80.36 -45.86
C ASP GA 92 -26.85 82.84 -48.87
N TRP GA 93 -29.46 80.63 -45.80
N TRP GA 93 -28.14 83.03 -48.57
CA TRP GA 93 -30.44 79.60 -45.47
CA TRP GA 93 -28.97 81.91 -48.13
C TRP GA 93 -31.21 79.07 -46.67
C TRP GA 93 -29.79 81.29 -49.25
N GLU GA 94 -30.85 79.51 -47.90
N GLU GA 94 -29.59 81.74 -50.50
CA GLU GA 94 -31.30 78.92 -49.16
CA GLU GA 94 -29.96 81.02 -51.73
C GLU GA 94 -32.71 79.34 -49.55
C GLU GA 94 -31.44 81.05 -52.13
N SER GA 95 -33.68 79.15 -48.66
N SER GA 95 -32.34 80.78 -51.18
CA SER GA 95 -35.07 79.39 -49.02
CA SER GA 95 -33.77 80.86 -51.43
C SER GA 95 -35.93 79.22 -47.78
C SER GA 95 -34.51 80.78 -50.10
N GLY GA 96 -37.21 79.56 -47.95
N GLY GA 96 -35.82 81.06 -50.16
CA GLY GA 96 -38.14 79.41 -46.86
CA GLY GA 96 -36.66 80.89 -48.98
C GLY GA 96 -38.34 77.95 -46.48
C GLY GA 96 -36.68 79.46 -48.46
N LEU GA 97 -38.45 77.10 -47.49
N LEU GA 97 -36.71 78.48 -49.36
CA LEU GA 97 -38.60 75.66 -47.21
CA LEU GA 97 -36.77 77.10 -48.91
C LEU GA 97 -37.40 75.15 -46.42
C LEU GA 97 -35.46 76.68 -48.24
N ASN GA 98 -36.19 75.44 -46.89
N ASN GA 98 -34.32 77.07 -48.81
CA ASN GA 98 -35.03 74.93 -46.19
CA ASN GA 98 -33.03 76.74 -48.18
C ASN GA 98 -34.89 75.54 -44.81
C ASN GA 98 -32.91 77.41 -46.82
N ALA GA 99 -35.27 76.80 -44.64
N ALA GA 99 -33.42 78.63 -46.69
CA ALA GA 99 -35.25 77.39 -43.32
CA ALA GA 99 -33.35 79.33 -45.42
C ALA GA 99 -36.26 76.70 -42.42
C ALA GA 99 -34.16 78.58 -44.35
N MET GA 100 -37.46 76.41 -42.95
N MET GA 100 -35.36 78.13 -44.71
CA MET GA 100 -38.47 75.70 -42.17
CA MET GA 100 -36.18 77.38 -43.76
C MET GA 100 -37.97 74.31 -41.77
C MET GA 100 -35.52 76.06 -43.38
N GLU GA 101 -37.32 73.60 -42.70
N GLU GA 101 -34.89 75.40 -44.34
CA GLU GA 101 -36.79 72.28 -42.38
CA GLU GA 101 -34.21 74.13 -44.06
C GLU GA 101 -35.69 72.35 -41.33
C GLU GA 101 -33.05 74.35 -43.11
N ALA GA 102 -34.74 73.28 -41.49
N ALA GA 102 -32.24 75.37 -43.37
CA ALA GA 102 -33.69 73.39 -40.49
CA ALA GA 102 -31.19 75.71 -42.42
C ALA GA 102 -34.26 73.77 -39.12
C ALA GA 102 -31.78 76.01 -41.05
N ALA GA 103 -35.31 74.62 -39.12
N ALA GA 103 -32.82 76.87 -41.00
CA ALA GA 103 -35.98 74.93 -37.86
CA ALA GA 103 -33.45 77.19 -39.72
C ALA GA 103 -36.61 73.68 -37.26
C ALA GA 103 -33.90 75.94 -39.00
N LEU GA 104 -37.22 72.85 -38.10
N LEU GA 104 -34.54 75.01 -39.73
CA LEU GA 104 -37.85 71.61 -37.62
CA LEU GA 104 -34.95 73.75 -39.13
C LEU GA 104 -36.82 70.71 -36.97
C LEU GA 104 -33.76 73.01 -38.54
N HIS GA 105 -35.65 70.57 -37.62
N HIS GA 105 -32.66 72.92 -39.29
CA HIS GA 105 -34.53 69.84 -37.04
CA HIS GA 105 -31.45 72.25 -38.81
C HIS GA 105 -34.12 70.44 -35.69
C HIS GA 105 -30.86 72.99 -37.61
N LEU GA 106 -33.94 71.76 -35.64
N LEU GA 106 -30.84 74.32 -37.65
CA LEU GA 106 -33.46 72.40 -34.42
CA LEU GA 106 -30.41 75.12 -36.50
C LEU GA 106 -34.43 72.16 -33.27
C LEU GA 106 -31.22 74.81 -35.24
N GLU GA 107 -35.72 72.40 -33.50
N GLU GA 107 -32.56 74.80 -35.36
CA GLU GA 107 -36.71 72.22 -32.45
CA GLU GA 107 -33.39 74.66 -34.17
C GLU GA 107 -36.81 70.77 -32.00
C GLU GA 107 -33.27 73.27 -33.55
N LYS GA 108 -36.66 69.82 -32.92
N LYS GA 108 -33.07 72.23 -34.37
CA LYS GA 108 -36.61 68.43 -32.50
CA LYS GA 108 -32.83 70.90 -33.81
C LYS GA 108 -35.37 68.15 -31.67
C LYS GA 108 -31.51 70.84 -33.08
N ASN GA 109 -34.26 68.85 -31.97
N ASN GA 109 -30.45 71.42 -33.68
CA ASN GA 109 -33.06 68.66 -31.17
CA ASN GA 109 -29.16 71.54 -33.00
C ASN GA 109 -33.19 69.32 -29.81
C ASN GA 109 -29.28 72.23 -31.65
N VAL GA 110 -33.82 70.51 -29.74
N VAL GA 110 -30.11 73.29 -31.57
CA VAL GA 110 -34.09 71.12 -28.43
CA VAL GA 110 -30.31 74.01 -30.32
C VAL GA 110 -35.05 70.25 -27.64
C VAL GA 110 -31.17 73.20 -29.36
N ASN GA 111 -36.05 69.66 -28.31
N ASN GA 111 -32.21 72.56 -29.88
CA ASN GA 111 -37.03 68.82 -27.62
CA ASN GA 111 -32.97 71.59 -29.10
C ASN GA 111 -36.35 67.60 -27.01
C ASN GA 111 -32.06 70.52 -28.52
N GLN GA 112 -35.34 67.05 -27.67
N GLN GA 112 -31.04 70.09 -29.28
CA GLN GA 112 -34.63 65.90 -27.12
CA GLN GA 112 -30.12 69.07 -28.78
C GLN GA 112 -33.88 66.30 -25.86
C GLN GA 112 -29.31 69.61 -27.60
N SER GA 113 -33.23 67.46 -25.87
N SER GA 113 -28.78 70.83 -27.72
CA SER GA 113 -32.51 67.92 -24.70
CA SER GA 113 -28.11 71.46 -26.59
C SER GA 113 -33.44 68.12 -23.50
C SER GA 113 -29.01 71.54 -25.35
N LEU GA 114 -34.66 68.64 -23.74
N LEU GA 114 -30.30 71.84 -25.56
CA LEU GA 114 -35.61 68.84 -22.65
CA LEU GA 114 -31.20 72.08 -24.42
C LEU GA 114 -36.18 67.52 -22.16
C LEU GA 114 -31.51 70.79 -23.68
N LEU GA 115 -36.33 66.54 -23.06
N LEU GA 115 -31.63 69.67 -24.38
CA LEU GA 115 -36.76 65.21 -22.64
CA LEU GA 115 -31.87 68.41 -23.70
C LEU GA 115 -35.69 64.54 -21.80
C LEU GA 115 -30.62 67.97 -22.93
N GLU GA 116 -34.43 64.67 -22.21
N GLU GA 116 -29.45 68.09 -23.55
CA GLU GA 116 -33.33 64.21 -21.38
CA GLU GA 116 -28.19 67.90 -22.86
C GLU GA 116 -33.32 64.97 -20.06
C GLU GA 116 -28.13 68.75 -21.59
N LEU GA 117 -33.50 66.29 -20.12
N LEU GA 117 -28.67 69.97 -21.65
CA LEU GA 117 -33.59 67.07 -18.89
CA LEU GA 117 -28.76 70.80 -20.45
C LEU GA 117 -34.74 66.57 -18.02
C LEU GA 117 -29.73 70.19 -19.47
N HIS GA 118 -35.89 66.28 -18.62
N HIS GA 118 -30.88 69.75 -19.94
CA HIS GA 118 -36.99 65.80 -17.81
CA HIS GA 118 -31.85 69.18 -19.01
C HIS GA 118 -36.73 64.40 -17.26
C HIS GA 118 -31.33 67.89 -18.40
N LYS GA 119 -36.04 63.53 -18.02
N LYS GA 119 -30.65 67.06 -19.20
CA LYS GA 119 -35.72 62.21 -17.46
CA LYS GA 119 -30.10 65.82 -18.66
C LYS GA 119 -34.82 62.35 -16.23
C LYS GA 119 -29.10 66.12 -17.56
N LEU GA 120 -33.84 63.24 -16.30
N LEU GA 120 -28.26 67.13 -17.76
CA LEU GA 120 -32.94 63.49 -15.18
CA LEU GA 120 -27.29 67.50 -16.74
C LEU GA 120 -33.69 63.91 -13.91
C LEU GA 120 -27.99 68.03 -15.49
N ALA GA 121 -34.64 64.84 -14.05
N ALA GA 121 -29.00 68.87 -15.67
CA ALA GA 121 -35.34 65.36 -12.87
CA ALA GA 121 -29.76 69.33 -14.50
C ALA GA 121 -36.12 64.26 -12.15
C ALA GA 121 -30.36 68.15 -13.74
N HIS GA 122 -36.74 63.35 -12.91
N HIS GA 122 -30.95 67.18 -14.46
CA HIS GA 122 -37.52 62.26 -12.33
CA HIS GA 122 -31.47 65.98 -13.82
C HIS GA 122 -36.61 61.20 -11.74
C HIS GA 122 -30.36 65.20 -13.11
N ASP GA 123 -35.46 60.95 -12.38
N ASP GA 123 -29.21 65.02 -13.77
CA ASP GA 123 -34.52 59.97 -11.83
CA ASP GA 123 -28.13 64.23 -13.17
C ASP GA 123 -33.86 60.50 -10.56
C ASP GA 123 -27.51 64.91 -11.97
N LYS GA 124 -33.62 61.81 -10.49
N LYS GA 124 -27.58 66.23 -11.88
CA LYS GA 124 -33.18 62.45 -9.26
CA LYS GA 124 -27.07 66.93 -10.71
C LYS GA 124 -34.33 62.79 -8.31
C LYS GA 124 -28.16 67.21 -9.69
N ASN GA 125 -35.53 62.26 -8.55
N ASN GA 125 -29.30 66.54 -9.81
CA ASN GA 125 -36.72 62.48 -7.71
CA ASN GA 125 -30.41 66.69 -8.88
C ASN GA 125 -36.95 63.97 -7.42
C ASN GA 125 -30.73 68.16 -8.65
N ASP GA 126 -36.96 64.79 -8.49
N ASP GA 126 -30.95 68.88 -9.75
CA ASP GA 126 -37.21 66.22 -8.42
CA ASP GA 126 -31.22 70.31 -9.74
C ASP GA 126 -38.54 66.53 -9.10
C ASP GA 126 -32.59 70.51 -10.38
N PRO GA 127 -39.67 66.42 -8.39
N PRO GA 127 -33.65 70.39 -9.60
CA PRO GA 127 -40.96 66.64 -9.06
CA PRO GA 127 -35.01 70.37 -10.20
C PRO GA 127 -41.21 68.09 -9.41
C PRO GA 127 -35.49 71.76 -10.62
N HIS GA 128 -40.67 69.03 -8.63
N HIS GA 128 -34.99 72.82 -9.99
CA HIS GA 128 -40.77 70.44 -9.01
CA HIS GA 128 -35.30 74.18 -10.45
C HIS GA 128 -40.16 70.66 -10.39
C HIS GA 128 -34.74 74.42 -11.85
N LEU GA 129 -38.96 70.11 -10.62
N LEU GA 129 -33.48 74.08 -12.07
CA LEU GA 129 -38.26 70.34 -11.89
CA LEU GA 129 -32.92 74.21 -13.40
C LEU GA 129 -38.96 69.63 -13.03
C LEU GA 129 -33.66 73.32 -14.39
N ALA GA 130 -39.21 68.33 -12.87
N ALA GA 130 -34.02 72.11 -13.95
CA ALA GA 130 -40.11 67.58 -13.73
CA ALA GA 130 -34.76 71.21 -14.83
C ALA GA 130 -41.32 68.41 -14.17
C ALA GA 130 -36.12 71.79 -15.19
N ASP GA 131 -42.10 68.89 -13.20
N ASP GA 131 -36.87 72.22 -14.18
CA ASP GA 131 -43.35 69.56 -13.53
CA ASP GA 131 -38.16 72.84 -14.47
C ASP GA 131 -43.10 70.88 -14.24
C ASP GA 131 -37.99 74.09 -15.33
N PHE GA 132 -42.08 71.62 -13.79
N PHE GA 132 -36.99 74.92 -15.02
CA PHE GA 132 -41.70 72.87 -14.44
CA PHE GA 132 -36.72 76.12 -15.82
C PHE GA 132 -41.46 72.66 -15.93
C PHE GA 132 -36.63 75.79 -17.30
N ILE GA 133 -40.66 71.65 -16.28
N ILE GA 133 -35.85 74.75 -17.63
CA ILE GA 133 -40.35 71.39 -17.68
CA ILE GA 133 -35.62 74.38 -19.02
C ILE GA 133 -41.61 70.94 -18.43
C ILE GA 133 -36.90 73.87 -19.66
N GLU GA 134 -42.43 70.10 -17.79
N GLU GA 134 -37.65 73.00 -18.96
CA GLU GA 134 -43.70 69.68 -18.37
CA GLU GA 134 -38.92 72.49 -19.47
C GLU GA 134 -44.57 70.89 -18.70
C GLU GA 134 -39.89 73.63 -19.75
N THR GA 135 -44.72 71.79 -17.72
N THR GA 135 -40.16 74.44 -18.72
CA THR GA 135 -45.71 72.85 -17.79
CA THR GA 135 -41.18 75.48 -18.80
C THR GA 135 -45.30 73.94 -18.78
C THR GA 135 -40.91 76.43 -19.96
N HIS GA 136 -44.03 74.29 -18.82
N HIS GA 136 -39.66 76.87 -20.10
CA HIS GA 136 -43.61 75.44 -19.62
CA HIS GA 136 -39.35 78.02 -20.94
C HIS GA 136 -42.88 75.05 -20.91
C HIS GA 136 -38.78 77.66 -22.30
N TYR GA 137 -42.45 73.80 -21.06
N TYR GA 137 -38.21 76.48 -22.46
CA TYR GA 137 -41.62 73.49 -22.23
CA TYR GA 137 -37.42 76.26 -23.67
C TYR GA 137 -42.10 72.32 -23.07
C TYR GA 137 -37.84 75.03 -24.47
N LEU GA 138 -42.64 71.26 -22.45
N LEU GA 138 -38.22 73.93 -23.80
CA LEU GA 138 -42.89 70.02 -23.20
CA LEU GA 138 -38.35 72.65 -24.48
C LEU GA 138 -43.96 70.21 -24.26
C LEU GA 138 -39.58 72.59 -25.38
N ASN GA 139 -45.10 70.79 -23.89
N ASN GA 139 -40.72 73.07 -24.88
CA ASN GA 139 -46.14 70.98 -24.90
CA ASN GA 139 -41.90 73.10 -25.74
C ASN GA 139 -45.79 72.10 -25.87
C ASN GA 139 -41.77 74.15 -26.83
N GLU GA 140 -45.06 73.12 -25.41
N GLU GA 140 -41.11 75.27 -26.53
CA GLU GA 140 -44.65 74.18 -26.31
CA GLU GA 140 -40.88 76.29 -27.54
C GLU GA 140 -43.78 73.62 -27.44
C GLU GA 140 -40.02 75.75 -28.67
N GLN GA 141 -42.88 72.68 -27.10
N GLN GA 141 -39.03 74.92 -28.35
CA GLN GA 141 -42.04 72.05 -28.12
CA GLN GA 141 -38.25 74.26 -29.39
C GLN GA 141 -42.87 71.20 -29.09
C GLN GA 141 -39.12 73.32 -30.23
N VAL GA 142 -43.85 70.45 -28.56
N VAL GA 142 -39.96 72.53 -29.57
CA VAL GA 142 -44.71 69.64 -29.42
CA VAL GA 142 -40.79 71.58 -30.33
C VAL GA 142 -45.52 70.52 -30.35
C VAL GA 142 -41.76 72.33 -31.23
N LYS GA 143 -46.08 71.61 -29.82
N LYS GA 143 -42.37 73.41 -30.73
CA LYS GA 143 -46.87 72.54 -30.66
CA LYS GA 143 -43.26 74.21 -31.57
C LYS GA 143 -46.02 73.12 -31.78
C LYS GA 143 -42.51 74.77 -32.77
N ALA GA 144 -44.78 73.50 -31.46
N ALA GA 144 -41.31 75.32 -32.55
CA ALA GA 144 -43.89 74.11 -32.44
CA ALA GA 144 -40.57 75.93 -33.65
C ALA GA 144 -43.45 73.11 -33.50
C ALA GA 144 -40.15 74.89 -34.68
N ILE GA 145 -43.07 71.91 -33.08
N ILE GA 145 -39.68 73.74 -34.23
CA ILE GA 145 -42.70 70.87 -34.06
CA ILE GA 145 -39.31 72.67 -35.16
C ILE GA 145 -43.86 70.61 -35.00
C ILE GA 145 -40.51 72.21 -35.98
N LYS GA 146 -45.09 70.57 -34.47
N LYS GA 146 -41.67 72.03 -35.34
CA LYS GA 146 -46.26 70.30 -35.30
CA LYS GA 146 -42.86 71.59 -36.07
C LYS GA 146 -46.52 71.44 -36.30
C LYS GA 146 -43.32 72.64 -37.07
N GLU GA 147 -46.40 72.69 -35.86
N GLU GA 147 -43.14 73.92 -36.73
CA GLU GA 147 -46.59 73.82 -36.77
CA GLU GA 147 -43.57 74.97 -37.65
C GLU GA 147 -45.52 73.84 -37.87
C GLU GA 147 -42.61 75.10 -38.83
N LEU GA 148 -44.26 73.57 -37.51
N LEU GA 148 -41.30 74.95 -38.58
CA LEU GA 148 -43.21 73.59 -38.53
CA LEU GA 148 -40.36 74.98 -39.69
C LEU GA 148 -43.40 72.45 -39.51
C LEU GA 148 -40.56 73.77 -40.61
N GLY GA 149 -43.79 71.28 -39.02
N GLY GA 149 -40.82 72.61 -40.02
CA GLY GA 149 -44.17 70.19 -39.92
CA GLY GA 149 -41.15 71.44 -40.84
C GLY GA 149 -45.29 70.60 -40.86
C GLY GA 149 -42.35 71.69 -41.74
N ASP GA 150 -46.41 71.11 -40.31
N ASP GA 150 -43.44 72.19 -41.16
CA ASP GA 150 -47.48 71.69 -41.12
CA ASP GA 150 -44.61 72.55 -41.95
C ASP GA 150 -46.91 72.63 -42.20
C ASP GA 150 -44.23 73.44 -43.13
N HIS GA 151 -46.04 73.55 -41.80
N HIS GA 151 -43.58 74.57 -42.84
CA HIS GA 151 -45.50 74.53 -42.75
CA HIS GA 151 -43.24 75.53 -43.89
C HIS GA 151 -44.65 73.86 -43.81
C HIS GA 151 -42.45 74.87 -45.01
N VAL GA 152 -43.85 72.87 -43.43
N VAL GA 152 -41.45 74.07 -44.63
CA VAL GA 152 -43.01 72.17 -44.40
CA VAL GA 152 -40.61 73.41 -45.63
C VAL GA 152 -43.87 71.37 -45.37
C VAL GA 152 -41.45 72.50 -46.50
N THR GA 153 -44.95 70.74 -44.87
N THR GA 153 -42.31 71.69 -45.88
CA THR GA 153 -45.86 70.03 -45.75
CA THR GA 153 -43.19 70.83 -46.65
C THR GA 153 -46.46 70.96 -46.80
C THR GA 153 -44.01 71.63 -47.63
N ASN GA 154 -46.94 72.14 -46.37
N ASN GA 154 -44.61 72.73 -47.17
CA ASN GA 154 -47.60 73.04 -47.30
CA ASN GA 154 -45.45 73.53 -48.04
C ASN GA 154 -46.61 73.57 -48.34
C ASN GA 154 -44.64 74.14 -49.18
N LEU GA 155 -45.44 74.02 -47.90
N LEU GA 155 -43.48 74.71 -48.88
CA LEU GA 155 -44.46 74.53 -48.86
CA LEU GA 155 -42.65 75.26 -49.94
C LEU GA 155 -44.10 73.47 -49.90
C LEU GA 155 -42.29 74.18 -50.97
N ARG GA 156 -43.97 72.22 -49.47
N ARG GA 156 -41.97 72.98 -50.51
CA ARG GA 156 -43.70 71.15 -50.43
CA ARG GA 156 -41.58 71.91 -51.43
C ARG GA 156 -44.83 71.00 -51.43
C ARG GA 156 -42.76 71.43 -52.26
N LYS GA 157 -46.07 70.88 -50.94
N LYS GA 157 -43.92 71.28 -51.63
CA LYS GA 157 -47.19 70.64 -51.85
CA LYS GA 157 -45.13 70.85 -52.33
C LYS GA 157 -47.31 71.76 -52.86
C LYS GA 157 -45.52 71.86 -53.40
N MET GA 158 -47.01 72.99 -52.44
N MET GA 158 -45.37 73.15 -53.12
CA MET GA 158 -47.18 74.14 -53.31
CA MET GA 158 -45.63 74.19 -54.09
C MET GA 158 -46.16 74.18 -54.43
C MET GA 158 -44.61 74.23 -55.22
N GLY GA 159 -45.10 73.37 -54.35
N GLY GA 159 -43.48 73.52 -55.10
CA GLY GA 159 -44.08 73.36 -55.37
CA GLY GA 159 -42.49 73.51 -56.14
C GLY GA 159 -42.74 73.95 -54.97
C GLY GA 159 -41.27 74.38 -55.93
N ALA GA 160 -42.54 74.29 -53.70
N ALA GA 160 -41.07 74.91 -54.72
CA ALA GA 160 -41.23 74.71 -53.24
CA ALA GA 160 -39.87 75.65 -54.42
C ALA GA 160 -40.28 73.50 -53.21
C ALA GA 160 -38.64 74.76 -54.57
N PRO GA 161 -38.97 73.72 -53.38
N PRO GA 161 -37.44 75.35 -54.74
CA PRO GA 161 -38.33 75.04 -53.51
CA PRO GA 161 -37.23 76.79 -54.95
C PRO GA 161 -38.20 75.50 -54.95
C PRO GA 161 -37.09 77.13 -56.42
N GLU GA 162 -38.57 74.63 -55.90
N GLU GA 162 -37.33 76.14 -57.28
CA GLU GA 162 -38.48 74.98 -57.32
CA GLU GA 162 -37.21 76.35 -58.72
C GLU GA 162 -39.12 76.33 -57.60
C GLU GA 162 -38.33 77.25 -59.24
N SER GA 163 -40.39 76.48 -57.23
N SER GA 163 -39.59 76.91 -58.93
CA SER GA 163 -41.18 77.64 -57.63
CA SER GA 163 -40.73 77.77 -59.22
C SER GA 163 -41.10 78.74 -56.58
C SER GA 163 -40.66 79.04 -58.37
N GLY GA 164 -40.54 79.89 -56.96
N GLY GA 164 -40.35 80.18 -58.99
CA GLY GA 164 -40.62 81.05 -56.10
CA GLY GA 164 -40.32 81.42 -58.25
C GLY GA 164 -42.03 81.56 -55.90
C GLY GA 164 -41.69 81.90 -57.80
N LEU GA 165 -42.96 81.19 -56.81
N LEU GA 165 -42.75 81.45 -58.48
CA LEU GA 165 -44.37 81.53 -56.61
CA LEU GA 165 -44.09 81.77 -58.03
C LEU GA 165 -44.90 80.92 -55.32
C LEU GA 165 -44.40 81.12 -56.69
N ALA GA 166 -44.54 79.67 -55.04
N ALA GA 166 -43.87 79.92 -56.42
CA ALA GA 166 -45.00 79.01 -53.83
CA ALA GA 166 -44.11 79.25 -55.14
C ALA GA 166 -44.60 79.77 -52.57
C ALA GA 166 -43.65 80.11 -53.96
N GLU GA 167 -43.32 80.15 -52.47
N GLU GA 167 -42.39 80.57 -53.99
CA GLU GA 167 -42.86 80.81 -51.24
CA GLU GA 167 -41.88 81.39 -52.90
C GLU GA 167 -43.52 82.18 -51.07
C GLU GA 167 -42.68 82.67 -52.76
N TYR GA 168 -43.64 82.93 -52.16
N TYR GA 168 -42.99 83.33 -53.88
CA TYR GA 168 -44.32 84.22 -52.10
CA TYR GA 168 -43.77 84.56 -53.82
C TYR GA 168 -45.72 84.08 -51.53
C TYR GA 168 -45.09 84.31 -53.09
N LEU GA 169 -46.54 83.21 -52.14
N LEU GA 169 -45.81 83.26 -53.48
CA LEU GA 169 -47.92 83.05 -51.68
CA LEU GA 169 -47.14 83.03 -52.94
C LEU GA 169 -47.96 82.50 -50.26
C LEU GA 169 -47.09 82.56 -51.49
N PHE GA 170 -47.09 81.54 -49.93
N PHE GA 170 -46.10 81.74 -51.13
CA PHE GA 170 -47.05 81.03 -48.56
CA PHE GA 170 -45.95 81.35 -49.73
C PHE GA 170 -46.70 82.14 -47.59
C PHE GA 170 -45.66 82.57 -48.88
N ASP GA 171 -45.75 83.00 -47.97
N ASP GA 171 -44.81 83.46 -49.38
CA ASP GA 171 -45.39 84.14 -47.13
CA ASP GA 171 -44.51 84.70 -48.69
C ASP GA 171 -46.60 85.07 -46.95
C ASP GA 171 -45.77 85.51 -48.39
N LYS GA 172 -47.46 85.20 -47.96
N LYS GA 172 -46.72 85.52 -49.34
CA LYS GA 172 -48.63 86.07 -47.83
CA LYS GA 172 -47.93 86.31 -49.16
C LYS GA 172 -49.77 85.40 -47.09
C LYS GA 172 -48.96 85.60 -48.29
N HIS GA 173 -50.19 84.21 -47.52
N HIS GA 173 -49.17 84.30 -48.54
CA HIS GA 173 -51.47 83.65 -47.08
CA HIS GA 173 -50.32 83.62 -47.95
C HIS GA 173 -51.38 82.84 -45.79
C HIS GA 173 -50.01 82.91 -46.65
N THR GA 174 -50.22 82.28 -45.47
N THR GA 174 -48.78 82.43 -46.46
CA THR GA 174 -50.07 81.53 -44.22
CA THR GA 174 -48.39 81.83 -45.20
C THR GA 174 -49.35 82.34 -43.16
C THR GA 174 -47.66 82.83 -44.30
N LEU GA 175 -48.15 82.83 -43.46
N LEU GA 175 -46.56 83.38 -44.78
CA LEU GA 175 -47.37 83.59 -42.50
CA LEU GA 175 -45.73 84.24 -43.94
C LEU GA 175 -47.83 85.04 -42.39
C LEU GA 175 -46.34 85.62 -43.73
N GLY GA 176 -48.72 85.49 -43.27
N GLY GA 176 -47.21 86.07 -44.65
CA GLY GA 176 -49.24 86.84 -43.18
CA GLY GA 176 -47.69 87.44 -44.61
C GLY GA 176 -50.69 86.87 -42.77
C GLY GA 176 -49.04 87.57 -43.93
N ASP GA 177 -50.95 86.70 -41.47
N ASP GA 177 -49.14 87.10 -42.70
CA ASP GA 177 -52.30 86.85 -40.90
CA ASP GA 177 -50.43 87.00 -42.01
C ASP GA 177 -53.32 85.95 -41.57
C ASP GA 177 -51.37 86.12 -42.83
N SER HA 4 -58.18 -12.69 61.69
N SER HA 4 -57.41 -5.89 54.58
CA SER HA 4 -57.85 -13.90 60.97
CA SER HA 4 -57.51 -7.32 54.34
C SER HA 4 -58.86 -14.17 59.86
C SER HA 4 -58.49 -7.61 53.21
N THR HA 5 -58.51 -15.07 58.94
N THR HA 5 -58.59 -8.89 52.87
CA THR HA 5 -59.40 -15.37 57.82
CA THR HA 5 -59.41 -9.32 51.75
C THR HA 5 -60.73 -15.89 58.33
C THR HA 5 -60.62 -10.10 52.25
N SER HA 6 -61.80 -15.54 57.63
N SER HA 6 -61.77 -9.82 51.67
CA SER HA 6 -63.13 -16.00 58.03
CA SER HA 6 -63.00 -10.49 52.05
C SER HA 6 -63.36 -17.44 57.57
C SER HA 6 -62.91 -11.99 51.77
N GLN HA 7 -63.92 -18.25 58.48
N GLN HA 7 -63.51 -12.79 52.64
CA GLN HA 7 -64.19 -19.67 58.25
CA GLN HA 7 -63.54 -14.22 52.40
C GLN HA 7 -65.02 -19.92 57.01
C GLN HA 7 -64.39 -14.59 51.19
N VAL HA 8 -65.74 -18.91 56.51
N VAL HA 8 -65.35 -13.73 50.79
CA VAL HA 8 -66.52 -19.08 55.27
CA VAL HA 8 -66.20 -14.05 49.65
C VAL HA 8 -65.81 -18.54 54.04
C VAL HA 8 -65.66 -13.50 48.34
N ARG HA 9 -64.70 -17.81 54.20
N ARG HA 9 -64.65 -12.64 48.36
CA ARG HA 9 -64.11 -17.11 53.07
CA ARG HA 9 -64.25 -11.92 47.17
C ARG HA 9 -63.45 -18.08 52.09
C ARG HA 9 -63.65 -12.88 46.13
N GLN HA 10 -63.62 -17.79 50.81
N GLN HA 10 -63.98 -12.61 44.86
CA GLN HA 10 -63.17 -18.68 49.76
CA GLN HA 10 -63.63 -13.52 43.78
C GLN HA 10 -63.29 -17.96 48.43
C GLN HA 10 -63.84 -12.88 42.42
N ASN HA 11 -62.16 -17.86 47.72
N ASN HA 11 -62.76 -12.73 41.65
CA ASN HA 11 -62.07 -17.15 46.42
CA ASN HA 11 -62.83 -12.14 40.30
C ASN HA 11 -62.63 -15.73 46.51
C ASN HA 11 -63.49 -10.76 40.34
N TYR HA 12 -62.46 -15.08 47.65
N TYR HA 12 -63.23 -10.03 41.42
CA TYR HA 12 -62.96 -13.71 47.82
CA TYR HA 12 -63.84 -8.70 41.62
C TYR HA 12 -61.73 -12.85 48.07
C TYR HA 12 -62.70 -7.67 41.64
N HIS HA 13 -61.38 -12.04 47.08
N HIS HA 13 -62.44 -7.08 40.49
CA HIS HA 13 -60.16 -11.24 47.09
CA HIS HA 13 -61.36 -6.11 40.37
C HIS HA 13 -60.34 -9.98 47.94
C HIS HA 13 -61.63 -4.90 41.27
N GLN HA 14 -59.25 -9.54 48.57
N GLN HA 14 -60.55 -4.29 41.77
CA GLN HA 14 -59.35 -8.35 49.42
CA GLN HA 14 -60.71 -3.11 42.62
C GLN HA 14 -59.68 -7.08 48.63
C GLN HA 14 -61.25 -1.93 41.82
N ASP HA 15 -59.30 -7.00 47.36
N ASP HA 15 -60.92 -1.85 40.54
CA ASP HA 15 -59.76 -5.87 46.55
CA ASP HA 15 -61.48 -0.79 39.71
C ASP HA 15 -61.28 -5.91 46.34
C ASP HA 15 -62.99 -0.94 39.59
N SER HA 16 -61.85 -7.10 46.23
N SER HA 16 -63.47 -2.18 39.51
CA SER HA 16 -63.30 -7.20 46.14
CA SER HA 16 -64.91 -2.41 39.53
C SER HA 16 -63.94 -6.76 47.45
C SER HA 16 -65.51 -1.92 40.83
N GLU HA 17 -63.41 -7.25 48.58
N GLU HA 17 -64.91 -2.31 41.95
CA GLU HA 17 -63.86 -6.83 49.90
CA GLU HA 17 -65.42 -1.94 43.26
C GLU HA 17 -63.91 -5.31 50.02
C GLU HA 17 -65.52 -0.42 43.40
N ALA HA 18 -62.79 -4.64 49.72
N ALA HA 18 -64.50 0.30 42.92
CA ALA HA 18 -62.73 -3.19 49.82
CA ALA HA 18 -64.50 1.76 42.97
C ALA HA 18 -63.68 -2.53 48.82
C ALA HA 18 -65.57 2.34 42.07
N ALA HA 19 -63.83 -3.11 47.62
N ALA HA 19 -65.81 1.71 40.92
CA ALA HA 19 -64.74 -2.51 46.65
CA ALA HA 19 -66.82 2.22 40.01
C ALA HA 19 -66.19 -2.57 47.13
C ALA HA 19 -68.22 1.97 40.55
N ILE HA 20 -66.57 -3.67 47.81
N ILE HA 20 -68.42 0.87 41.29
CA ILE HA 20 -67.95 -3.76 48.28
CA ILE HA 20 -69.70 0.63 41.95
C ILE HA 20 -68.20 -2.71 49.37
C ILE HA 20 -69.97 1.71 42.99
N ASN HA 21 -67.25 -2.53 50.28
N ASN HA 21 -68.95 2.06 43.78
CA ASN HA 21 -67.39 -1.48 51.28
CA ASN HA 21 -69.10 3.17 44.71
C ASN HA 21 -67.53 -0.10 50.63
C ASN HA 21 -69.41 4.49 43.98
N ARG HA 22 -66.72 0.18 49.60
N ARG HA 22 -68.83 4.69 42.79
CA ARG HA 22 -66.91 1.42 48.84
CA ARG HA 22 -69.20 5.88 42.04
C ARG HA 22 -68.36 1.54 48.34
C ARG HA 22 -70.64 5.82 41.57
N GLN HA 23 -68.86 0.49 47.67
N GLN HA 23 -71.10 4.63 41.14
CA GLN HA 23 -70.19 0.55 47.08
CA GLN HA 23 -72.48 4.48 40.67
C GLN HA 23 -71.27 0.70 48.14
C GLN HA 23 -73.49 4.66 41.80
N ILE HA 24 -71.09 0.07 49.30
N ILE HA 24 -73.14 4.18 43.00
CA ILE HA 24 -72.04 0.26 50.40
CA ILE HA 24 -74.04 4.35 44.15
C ILE HA 24 -72.17 1.75 50.71
C ILE HA 24 -74.33 5.83 44.36
N ASN HA 25 -71.05 2.45 50.77
N ASN HA 25 -73.30 6.67 44.27
CA ASN HA 25 -71.09 3.87 51.11
CA ASN HA 25 -73.50 8.10 44.48
C ASN HA 25 -71.73 4.67 49.98
C ASN HA 25 -74.31 8.74 43.36
N LEU HA 26 -71.45 4.31 48.73
N LEU HA 26 -74.07 8.33 42.11
CA LEU HA 26 -72.02 5.04 47.59
CA LEU HA 26 -74.85 8.90 41.00
C LEU HA 26 -73.53 4.83 47.49
C LEU HA 26 -76.33 8.54 41.12
N GLU HA 27 -74.02 3.64 47.79
N GLU HA 27 -76.65 7.30 41.51
CA GLU HA 27 -75.47 3.41 47.80
CA GLU HA 27 -78.05 6.93 41.68
C GLU HA 27 -76.14 4.26 48.87
C GLU HA 27 -78.70 7.76 42.78
N LEU HA 28 -75.58 4.28 50.08
N LEU HA 28 -78.02 7.89 43.93
CA LEU HA 28 -76.15 5.07 51.16
CA LEU HA 28 -78.56 8.71 45.00
C LEU HA 28 -76.07 6.56 50.85
C LEU HA 28 -78.70 10.16 44.57
N TYR HA 29 -74.99 7.00 50.21
N TYR HA 29 -77.75 10.65 43.77
CA TYR HA 29 -74.93 8.36 49.73
CA TYR HA 29 -77.85 12.00 43.25
C TYR HA 29 -76.09 8.65 48.78
C TYR HA 29 -79.07 12.15 42.35
N ALA HA 30 -76.35 7.74 47.84
N ALA HA 30 -79.34 11.14 41.51
CA ALA HA 30 -77.47 7.94 46.91
CA ALA HA 30 -80.54 11.20 40.66
C ALA HA 30 -78.81 8.02 47.65
C ALA HA 30 -81.81 11.16 41.50
N SER HA 31 -79.01 7.14 48.63
N SER HA 31 -81.80 10.38 42.58
CA SER HA 31 -80.22 7.19 49.45
CA SER HA 31 -82.94 10.37 43.51
C SER HA 31 -80.38 8.55 50.11
C SER HA 31 -83.20 11.77 44.04
N TYR HA 32 -79.28 9.14 50.56
N TYR HA 32 -82.13 12.52 44.33
CA TYR HA 32 -79.27 10.48 51.14
CA TYR HA 32 -82.23 13.86 44.87
C TYR HA 32 -79.65 11.53 50.11
C TYR HA 32 -82.84 14.82 43.85
N VAL HA 33 -79.01 11.50 48.94
N VAL HA 33 -82.38 14.74 42.60
CA VAL HA 33 -79.35 12.49 47.91
CA VAL HA 33 -82.90 15.60 41.54
C VAL HA 33 -80.84 12.44 47.62
C VAL HA 33 -84.41 15.39 41.38
N TYR HA 34 -81.39 11.24 47.48
N TYR HA 34 -84.84 14.13 41.31
CA TYR HA 34 -82.81 11.11 47.18
CA TYR HA 34 -86.24 13.83 41.13
C TYR HA 34 -83.66 11.63 48.33
C TYR HA 34 -87.07 14.29 42.32
N LEU HA 35 -83.28 11.30 49.57
N LEU HA 35 -86.53 14.14 43.53
CA LEU HA 35 -83.98 11.84 50.72
CA LEU HA 35 -87.21 14.66 44.71
C LEU HA 35 -84.00 13.37 50.69
C LEU HA 35 -87.37 16.17 44.62
N SER HA 36 -82.88 13.99 50.29
N SER HA 36 -86.32 16.86 44.17
CA SER HA 36 -82.82 15.45 50.18
CA SER HA 36 -86.40 18.31 44.02
C SER HA 36 -83.77 15.96 49.12
C SER HA 36 -87.44 18.68 42.97
N MET HA 37 -83.78 15.32 47.95
N MET HA 37 -87.41 18.00 41.82
CA MET HA 37 -84.69 15.73 46.87
CA MET HA 37 -88.43 18.25 40.79
C MET HA 37 -86.14 15.64 47.29
C MET HA 37 -89.83 18.03 41.34
N SER HA 38 -86.53 14.53 47.92
N SER HA 38 -90.02 16.93 42.09
CA SER HA 38 -87.94 14.31 48.23
CA SER HA 38 -91.34 16.62 42.62
C SER HA 38 -88.49 15.45 49.11
C SER HA 38 -91.94 17.79 43.38
N TYR HA 39 -87.77 15.80 50.17
N TYR HA 39 -91.22 18.32 44.38
CA TYR HA 39 -88.30 16.82 51.07
CA TYR HA 39 -91.83 19.33 45.23
C TYR HA 39 -88.08 18.25 50.57
C TYR HA 39 -91.86 20.72 44.61
N TYR HA 40 -87.30 18.45 49.51
N TYR HA 40 -91.20 20.91 43.47
CA TYR HA 40 -87.33 19.73 48.83
CA TYR HA 40 -91.43 22.11 42.70
C TYR HA 40 -88.70 19.95 48.17
C TYR HA 40 -92.84 22.16 42.14
N PHE HA 41 -89.21 18.93 47.48
N PHE HA 41 -93.35 21.02 41.69
CA PHE HA 41 -90.50 19.12 46.81
CA PHE HA 41 -94.69 20.94 41.10
C PHE HA 41 -91.65 19.16 47.80
C PHE HA 41 -95.78 20.84 42.16
N ASP HA 42 -91.39 18.87 49.07
N ASP HA 42 -95.39 20.68 43.43
CA ASP HA 42 -92.38 19.00 50.14
CA ASP HA 42 -96.25 20.77 44.60
C ASP HA 42 -92.42 20.41 50.73
C ASP HA 42 -96.42 22.20 45.10
N ARG HA 43 -91.52 21.28 50.31
N ARG HA 43 -95.58 23.13 44.62
CA ARG HA 43 -91.56 22.67 50.75
CA ARG HA 43 -95.67 24.54 44.98
C ARG HA 43 -92.87 23.31 50.31
C ARG HA 43 -97.03 25.11 44.55
N ASP HA 44 -93.43 24.17 51.18
N ASP HA 44 -97.62 25.93 45.43
CA ASP HA 44 -94.64 24.91 50.83
CA ASP HA 44 -98.93 26.50 45.16
C ASP HA 44 -94.46 25.75 49.58
C ASP HA 44 -98.98 27.30 43.85
N ASP HA 45 -93.23 26.08 49.21
N ASP HA 45 -97.86 27.78 43.34
CA ASP HA 45 -92.97 26.94 48.05
CA ASP HA 45 -97.83 28.55 42.10
C ASP HA 45 -92.50 26.15 46.84
C ASP HA 45 -97.39 27.74 40.89
N VAL HA 46 -92.59 24.82 46.89
N VAL HA 46 -97.14 26.44 41.08
CA VAL HA 46 -92.38 23.95 45.72
CA VAL HA 46 -96.99 25.49 39.97
C VAL HA 46 -93.62 23.07 45.57
C VAL HA 46 -98.14 24.50 39.94
N ALA HA 47 -93.93 22.30 46.62
N ALA HA 47 -98.33 23.75 41.03
CA ALA HA 47 -95.24 21.64 46.79
CA ALA HA 47 -99.61 23.08 41.33
C ALA HA 47 -95.62 20.76 45.60
C ALA HA 47 -100.02 22.09 40.24
N LEU HA 48 -94.78 19.75 45.33
N LEU HA 48 -99.07 21.26 39.83
CA LEU HA 48 -95.06 18.72 44.31
CA LEU HA 48 -99.33 20.13 38.95
C LEU HA 48 -95.04 17.35 45.01
C LEU HA 48 -99.04 18.85 39.76
N LYS HA 49 -96.21 16.92 45.48
N LYS HA 49 -100.08 18.34 40.42
CA LYS HA 49 -96.25 15.78 46.36
CA LYS HA 49 -99.89 17.23 41.34
C LYS HA 49 -95.79 14.51 45.65
C LYS HA 49 -99.44 15.95 40.64
N ASN HA 50 -96.04 14.39 44.36
N ASN HA 50 -99.84 15.74 39.39
CA ASN HA 50 -95.63 13.15 43.69
CA ASN HA 50 -99.45 14.48 38.76
C ASN HA 50 -94.15 13.16 43.33
C ASN HA 50 -98.03 14.55 38.21
N PHE HA 51 -93.59 14.32 42.95
N PHE HA 51 -97.53 15.75 37.86
CA PHE HA 51 -92.13 14.40 42.91
CA PHE HA 51 -96.10 15.91 37.65
C PHE HA 51 -91.54 14.00 44.25
C PHE HA 51 -95.35 15.64 38.95
N ALA HA 52 -92.10 14.55 45.34
N ALA HA 52 -95.88 16.13 40.08
CA ALA HA 52 -91.66 14.19 46.69
CA ALA HA 52 -95.23 15.87 41.36
C ALA HA 52 -91.78 12.68 46.92
C ALA HA 52 -95.17 14.38 41.68
N LYS HA 53 -92.93 12.11 46.57
N LYS HA 53 -96.28 13.66 41.46
CA LYS HA 53 -93.10 10.67 46.77
CA LYS HA 53 -96.30 12.23 41.76
C LYS HA 53 -92.15 9.86 45.90
C LYS HA 53 -95.36 11.45 40.84
N TYR HA 54 -91.98 10.26 44.63
N TYR HA 54 -95.27 11.86 39.57
CA TYR HA 54 -91.10 9.53 43.72
CA TYR HA 54 -94.42 11.18 38.61
C TYR HA 54 -89.69 9.39 44.29
C TYR HA 54 -92.95 11.21 39.04
N PHE HA 55 -89.14 10.48 44.82
N PHE HA 55 -92.41 12.41 39.30
CA PHE HA 55 -87.77 10.41 45.32
CA PHE HA 55 -91.01 12.50 39.71
C PHE HA 55 -87.65 9.71 46.66
C PHE HA 55 -90.77 11.93 41.10
N LEU HA 56 -88.67 9.78 47.52
N LEU HA 56 -91.77 11.96 41.99
CA LEU HA 56 -88.60 9.05 48.78
CA LEU HA 56 -91.56 11.37 43.31
C LEU HA 56 -88.52 7.54 48.52
C LEU HA 56 -91.43 9.87 43.22
N HIS HA 57 -89.30 7.05 47.55
N HIS HA 57 -92.21 9.24 42.33
CA HIS HA 57 -89.24 5.64 47.17
CA HIS HA 57 -92.04 7.82 42.10
C HIS HA 57 -87.83 5.24 46.74
C HIS HA 57 -90.65 7.52 41.52
N GLN HA 58 -87.23 6.02 45.84
N GLN HA 58 -90.21 8.33 40.56
CA GLN HA 58 -85.85 5.79 45.43
CA GLN HA 58 -88.87 8.17 40.01
C GLN HA 58 -84.91 5.81 46.63
C GLN HA 58 -87.78 8.40 41.06
N SER HA 59 -85.13 6.75 47.56
N SER HA 59 -88.02 9.32 42.01
CA SER HA 59 -84.34 6.79 48.77
CA SER HA 59 -87.06 9.55 43.08
C SER HA 59 -84.46 5.49 49.55
C SER HA 59 -86.85 8.29 43.91
N HIS HA 60 -85.68 4.97 49.71
N HIS HA 60 -87.94 7.60 44.25
CA HIS HA 60 -85.81 3.70 50.41
CA HIS HA 60 -87.84 6.42 45.08
C HIS HA 60 -85.17 2.56 49.63
C HIS HA 60 -87.25 5.22 44.34
N GLU HA 61 -85.35 2.51 48.32
N GLU HA 61 -87.51 5.10 43.03
CA GLU HA 61 -84.75 1.45 47.52
CA GLU HA 61 -86.88 4.04 42.26
C GLU HA 61 -83.22 1.47 47.60
C GLU HA 61 -85.37 4.23 42.20
N GLU HA 62 -82.61 2.65 47.56
N GLU HA 62 -84.91 5.44 41.85
CA GLU HA 62 -81.15 2.73 47.64
CA GLU HA 62 -83.49 5.73 41.87
C GLU HA 62 -80.64 2.18 48.97
C GLU HA 62 -82.89 5.37 43.22
N ARG HA 63 -81.42 2.34 50.04
N ARG HA 63 -83.59 5.69 44.31
CA ARG HA 63 -81.08 1.74 51.32
CA ARG HA 63 -83.17 5.25 45.64
C ARG HA 63 -81.11 0.21 51.24
C ARG HA 63 -83.03 3.74 45.70
N GLU HA 64 -82.10 -0.35 50.55
N GLU HA 64 -84.01 3.02 45.15
CA GLU HA 64 -82.14 -1.80 50.34
CA GLU HA 64 -83.91 1.58 45.10
C GLU HA 64 -80.90 -2.28 49.57
C GLU HA 64 -82.75 1.13 44.22
N HIS HA 65 -80.51 -1.53 48.52
N HIS HA 65 -82.42 1.90 43.17
CA HIS HA 65 -79.32 -1.91 47.75
CA HIS HA 65 -81.30 1.55 42.30
C HIS HA 65 -78.11 -2.00 48.66
C HIS HA 65 -79.97 1.59 43.04
N ALA HA 66 -77.97 -1.04 49.57
N ALA HA 66 -79.81 2.56 43.95
CA ALA HA 66 -76.82 -1.03 50.46
CA ALA HA 66 -78.56 2.69 44.68
C ALA HA 66 -76.86 -2.17 51.47
C ALA HA 66 -78.41 1.59 45.73
N GLU HA 67 -78.04 -2.45 52.04
N GLU HA 67 -79.49 1.28 46.46
CA GLU HA 67 -78.15 -3.56 53.00
CA GLU HA 67 -79.41 0.24 47.48
C GLU HA 67 -77.82 -4.90 52.35
C GLU HA 67 -79.17 -1.14 46.88
N LYS HA 68 -78.08 -5.04 51.05
N LYS HA 68 -79.62 -1.36 45.64
CA LYS HA 68 -77.81 -6.33 50.40
CA LYS HA 68 -79.35 -2.62 44.99
C LYS HA 68 -76.32 -6.52 50.09
C LYS HA 68 -77.86 -2.74 44.67
N LEU HA 69 -75.63 -5.42 49.77
N LEU HA 69 -77.22 -1.63 44.28
CA LEU HA 69 -74.16 -5.49 49.72
CA LEU HA 69 -75.78 -1.62 44.06
C LEU HA 69 -73.60 -5.83 51.10
C LEU HA 69 -75.00 -1.82 45.35
N MET HA 70 -74.17 -5.24 52.14
N MET HA 70 -75.43 -1.16 46.43
CA MET HA 70 -73.76 -5.57 53.50
CA MET HA 70 -74.87 -1.40 47.76
C MET HA 70 -73.97 -7.06 53.76
C MET HA 70 -74.95 -2.88 48.12
N LYS HA 71 -75.14 -7.58 53.36
N LYS HA 71 -76.14 -3.46 47.97
CA LYS HA 71 -75.40 -9.01 53.48
CA LYS HA 71 -76.29 -4.90 48.11
C LYS HA 71 -74.38 -9.83 52.69
C LYS HA 71 -75.24 -5.64 47.28
N LEU HA 72 -74.14 -9.46 51.43
N LEU HA 72 -75.10 -5.25 46.01
CA LEU HA 72 -73.17 -10.18 50.61
CA LEU HA 72 -74.16 -5.92 45.11
C LEU HA 72 -71.81 -10.22 51.28
C LEU HA 72 -72.74 -5.81 45.63
N GLN HA 73 -71.37 -9.07 51.82
N GLN HA 73 -72.36 -4.63 46.12
CA GLN HA 73 -70.05 -9.00 52.42
CA GLN HA 73 -71.00 -4.41 46.58
C GLN HA 73 -69.92 -10.00 53.58
C GLN HA 73 -70.63 -5.39 47.70
N ASN HA 74 -70.97 -10.13 54.38
N ASN HA 74 -71.52 -5.53 48.69
CA ASN HA 74 -70.98 -11.11 55.46
CA ASN HA 74 -71.31 -6.51 49.76
C ASN HA 74 -71.13 -12.52 54.92
C ASN HA 74 -71.32 -7.93 49.22
N GLN HA 75 -71.85 -12.70 53.82
N GLN HA 75 -72.18 -8.21 48.22
CA GLN HA 75 -71.98 -14.03 53.23
CA GLN HA 75 -72.23 -9.57 47.68
C GLN HA 75 -70.62 -14.56 52.79
C GLN HA 75 -70.88 -10.01 47.14
N ARG HA 76 -69.78 -13.71 52.21
N ARG HA 76 -70.16 -9.12 46.47
CA ARG HA 76 -68.49 -14.14 51.68
CA ARG HA 76 -68.88 -9.46 45.89
C ARG HA 76 -67.35 -14.10 52.69
C ARG HA 76 -67.73 -9.29 46.87
N GLY HA 77 -67.56 -13.53 53.88
N GLY HA 77 -68.00 -8.83 48.08
CA GLY HA 77 -66.48 -13.41 54.84
CA GLY HA 77 -66.95 -8.57 49.04
C GLY HA 77 -65.67 -12.13 54.74
C GLY HA 77 -66.31 -7.22 48.89
N GLY HA 78 -66.14 -11.17 53.95
N GLY HA 78 -66.91 -6.35 48.10
CA GLY HA 78 -65.59 -9.84 54.05
CA GLY HA 78 -66.45 -4.97 48.06
C GLY HA 78 -66.02 -9.18 55.34
C GLY HA 78 -66.87 -4.21 49.29
N ARG HA 79 -65.40 -8.04 55.63
N ARG HA 79 -66.29 -3.02 49.44
CA ARG HA 79 -65.65 -7.31 56.88
CA ARG HA 79 -66.50 -2.20 50.62
C ARG HA 79 -66.18 -5.93 56.52
C ARG HA 79 -67.17 -0.91 50.18
N ILE HA 80 -67.40 -5.65 56.99
N ILE HA 80 -68.32 -0.62 50.76
CA ILE HA 80 -68.04 -4.37 56.69
CA ILE HA 80 -69.06 0.59 50.43
C ILE HA 80 -67.29 -3.26 57.44
C ILE HA 80 -68.38 1.78 51.10
N PHE HA 81 -66.83 -2.26 56.70
N PHE HA 81 -68.11 2.80 50.29
CA PHE HA 81 -66.31 -1.02 57.27
CA PHE HA 81 -67.66 4.09 50.80
C PHE HA 81 -67.11 0.12 56.64
C PHE HA 81 -68.58 5.12 50.17
N LEU HA 82 -67.86 0.81 57.50
N LEU HA 82 -69.35 5.80 51.02
CA LEU HA 82 -68.70 1.95 57.13
CA LEU HA 82 -70.34 6.77 50.59
C LEU HA 82 -67.95 3.27 57.34
C LEU HA 82 -69.73 8.17 50.57
N GLN HA 83 -68.27 4.23 56.49
N GLN HA 83 -70.28 9.02 49.70
CA GLN HA 83 -67.66 5.54 56.52
CA GLN HA 83 -69.80 10.38 49.51
C GLN HA 83 -68.74 6.61 56.56
C GLN HA 83 -70.98 11.32 49.64
N ASP HA 84 -68.30 7.86 56.76
N ASP HA 84 -70.67 12.61 49.86
CA ASP HA 84 -69.21 8.99 56.71
CA ASP HA 84 -71.67 13.66 49.79
C ASP HA 84 -70.03 8.91 55.42
C ASP HA 84 -72.57 13.44 48.59
N ILE HA 85 -71.31 9.25 55.52
N ILE HA 85 -73.88 13.64 48.78
CA ILE HA 85 -72.15 9.50 54.36
CA ILE HA 85 -74.85 13.70 47.68
C ILE HA 85 -72.12 11.00 54.12
C ILE HA 85 -75.04 15.16 47.32
N GLN HA 86 -71.50 11.43 53.03
N GLN HA 86 -74.68 15.55 46.09
CA GLN HA 86 -71.40 12.86 52.78
CA GLN HA 86 -74.64 16.97 45.77
C GLN HA 86 -72.77 13.43 52.43
C GLN HA 86 -76.05 17.45 45.45
N LYS HA 87 -72.95 14.72 52.71
N LYS HA 87 -76.38 18.66 45.93
CA LYS HA 87 -74.21 15.36 52.41
CA LYS HA 87 -77.68 19.25 45.67
C LYS HA 87 -74.34 15.56 50.90
C LYS HA 87 -77.89 19.39 44.16
N PRO HA 88 -75.57 15.72 50.40
N PRO HA 88 -79.15 19.33 43.70
CA PRO HA 88 -75.75 15.86 48.94
CA PRO HA 88 -79.37 19.43 42.24
C PRO HA 88 -75.16 17.17 48.44
C PRO HA 88 -78.96 20.79 41.70
N ASP HA 89 -74.94 17.21 47.12
N ASP HA 89 -78.72 20.81 40.39
CA ASP HA 89 -74.28 18.34 46.46
CA ASP HA 89 -78.29 22.04 39.70
C ASP HA 89 -75.03 19.66 46.68
C ASP HA 89 -79.32 23.15 39.71
N GLU HA 90 -76.36 19.62 46.75
N GLU HA 90 -80.57 22.89 40.09
CA GLU HA 90 -77.19 20.81 46.87
CA GLU HA 90 -81.60 23.93 40.09
C GLU HA 90 -78.19 20.63 48.01
C GLU HA 90 -82.48 23.80 41.32
N ASP HA 91 -78.65 21.77 48.57
N ASP HA 91 -83.07 24.93 41.72
CA ASP HA 91 -79.79 21.80 49.48
CA ASP HA 91 -84.08 25.03 42.76
C ASP HA 91 -81.08 22.18 48.77
C ASP HA 91 -85.48 25.19 42.16
N ASP HA 92 -80.99 23.06 47.79
N ASP HA 92 -85.57 25.92 41.05
CA ASP HA 92 -82.09 23.50 46.96
CA ASP HA 92 -86.80 26.17 40.30
C ASP HA 92 -81.92 22.85 45.60
C ASP HA 92 -86.68 25.49 38.94
N TRP HA 93 -82.93 22.12 45.14
N TRP HA 93 -87.61 24.59 38.65
CA TRP HA 93 -82.81 21.34 43.93
CA TRP HA 93 -87.55 23.77 37.44
C TRP HA 93 -83.45 22.04 42.73
C TRP HA 93 -88.38 24.34 36.28
N GLU HA 94 -83.95 23.27 42.92
N GLU HA 94 -89.03 25.49 36.47
CA GLU HA 94 -84.34 24.20 41.87
CA GLU HA 94 -89.55 26.34 35.39
C GLU HA 94 -85.68 23.87 41.21
C GLU HA 94 -90.87 25.85 34.79
N SER HA 95 -85.86 22.64 40.72
N SER HA 95 -90.98 24.57 34.46
CA SER HA 95 -87.07 22.31 40.00
CA SER HA 95 -92.16 24.06 33.78
C SER HA 95 -87.15 20.80 39.83
C SER HA 95 -92.11 22.54 33.71
N GLY HA 96 -88.33 20.33 39.42
N GLY HA 96 -93.26 21.94 33.42
CA GLY HA 96 -88.49 18.92 39.14
CA GLY HA 96 -93.29 20.50 33.20
C GLY HA 96 -87.52 18.42 38.08
C GLY HA 96 -92.40 20.06 32.07
N LEU HA 97 -87.40 19.16 36.97
N LEU HA 97 -92.46 20.76 30.94
CA LEU HA 97 -86.52 18.74 35.90
CA LEU HA 97 -91.63 20.41 29.79
C LEU HA 97 -85.07 18.69 36.36
C LEU HA 97 -90.14 20.52 30.14
N ASN HA 98 -84.62 19.75 37.06
N ASN HA 98 -89.74 21.61 30.79
CA ASN HA 98 -83.25 19.79 37.54
CA ASN HA 98 -88.32 21.76 31.12
C ASN HA 98 -82.96 18.63 38.48
C ASN HA 98 -87.86 20.68 32.09
N ALA HA 99 -83.92 18.30 39.35
N ALA HA 99 -88.67 20.39 33.12
CA ALA HA 99 -83.81 17.11 40.19
CA ALA HA 99 -88.29 19.33 34.05
C ALA HA 99 -83.70 15.85 39.33
C ALA HA 99 -88.17 17.98 33.33
N MET HA 100 -84.56 15.74 38.32
N MET HA 100 -89.06 17.71 32.38
CA MET HA 100 -84.52 14.55 37.46
CA MET HA 100 -88.95 16.47 31.61
C MET HA 100 -83.18 14.46 36.74
C MET HA 100 -87.67 16.45 30.78
N GLU HA 101 -82.68 15.57 36.20
N GLU HA 101 -87.35 17.57 30.12
CA GLU HA 101 -81.34 15.59 35.61
CA GLU HA 101 -86.07 17.66 29.41
C GLU HA 101 -80.32 15.10 36.63
C GLU HA 101 -84.91 17.43 30.36
N ALA HA 102 -80.36 15.65 37.84
N ALA HA 102 -84.91 18.12 31.50
CA ALA HA 102 -79.36 15.31 38.84
CA ALA HA 102 -83.84 17.94 32.47
C ALA HA 102 -79.44 13.82 39.20
C ALA HA 102 -83.74 16.50 32.92
N ALA HA 103 -80.65 13.29 39.35
N ALA HA 103 -84.88 15.80 33.03
CA ALA HA 103 -80.79 11.86 39.62
CA ALA HA 103 -84.84 14.40 33.43
C ALA HA 103 -80.24 11.03 38.47
C ALA HA 103 -84.28 13.51 32.32
N LEU HA 104 -80.48 11.46 37.24
N LEU HA 104 -84.68 13.76 31.07
CA LEU HA 104 -79.89 10.77 36.08
CA LEU HA 104 -84.14 13.04 29.93
C LEU HA 104 -78.37 10.75 36.19
C LEU HA 104 -82.61 13.10 29.90
N HIS HA 105 -77.77 11.92 36.45
N HIS HA 105 -82.05 14.31 29.99
CA HIS HA 105 -76.31 12.01 36.61
CA HIS HA 105 -80.60 14.50 29.97
C HIS HA 105 -75.85 11.08 37.74
C HIS HA 105 -79.96 13.78 31.16
N LEU HA 106 -76.53 11.15 38.89
N LEU HA 106 -80.57 13.90 32.34
CA LEU HA 106 -76.29 10.23 40.00
CA LEU HA 106 -80.05 13.21 33.52
C LEU HA 106 -76.30 8.77 39.54
C LEU HA 106 -80.01 11.70 33.31
N GLU HA 107 -77.42 8.31 38.96
N GLU HA 107 -81.11 11.12 32.81
CA GLU HA 107 -77.56 6.89 38.66
CA GLU HA 107 -81.13 9.70 32.55
C GLU HA 107 -76.53 6.42 37.64
C GLU HA 107 -80.06 9.30 31.52
N LYS HA 108 -76.16 7.27 36.68
N LYS HA 108 -79.83 10.14 30.51
CA LYS HA 108 -75.05 6.93 35.80
CA LYS HA 108 -78.80 9.85 29.52
C LYS HA 108 -73.76 6.78 36.59
C LYS HA 108 -77.40 9.86 30.15
N ASN HA 109 -73.52 7.64 37.59
N ASN HA 109 -77.12 10.88 30.97
CA ASN HA 109 -72.30 7.50 38.37
CA ASN HA 109 -75.91 10.87 31.76
C ASN HA 109 -72.32 6.23 39.21
C ASN HA 109 -75.79 9.60 32.60
N VAL HA 110 -73.48 5.88 39.79
N VAL HA 110 -76.89 9.19 33.24
CA VAL HA 110 -73.59 4.63 40.52
CA VAL HA 110 -76.84 8.00 34.08
C VAL HA 110 -73.42 3.45 39.58
C VAL HA 110 -76.55 6.76 33.25
N ASN HA 111 -73.95 3.57 38.36
N ASN HA 111 -77.20 6.64 32.08
CA ASN HA 111 -73.84 2.48 37.40
CA ASN HA 111 -76.96 5.50 31.22
C ASN HA 111 -72.40 2.28 36.96
C ASN HA 111 -75.51 5.47 30.72
N GLN HA 112 -71.61 3.35 36.88
N GLN HA 112 -74.91 6.65 30.47
CA GLN HA 112 -70.21 3.21 36.52
CA GLN HA 112 -73.52 6.66 30.02
C GLN HA 112 -69.44 2.47 37.60
C GLN HA 112 -72.61 6.11 31.10
N SER HA 113 -69.68 2.84 38.86
N SER HA 113 -72.82 6.52 32.35
CA SER HA 113 -68.99 2.15 39.96
CA SER HA 113 -72.07 5.94 33.46
C SER HA 113 -69.40 0.68 40.06
C SER HA 113 -72.25 4.44 33.53
N LEU HA 114 -70.65 0.36 39.74
N LEU HA 114 -73.48 3.95 33.32
CA LEU HA 114 -71.03 -1.04 39.73
CA LEU HA 114 -73.72 2.51 33.36
C LEU HA 114 -70.40 -1.77 38.56
C LEU HA 114 -73.10 1.79 32.19
N LEU HA 115 -70.17 -1.06 37.45
N LEU HA 115 -73.07 2.41 31.01
CA LEU HA 115 -69.49 -1.70 36.34
CA LEU HA 115 -72.43 1.77 29.88
C LEU HA 115 -68.02 -1.93 36.68
C LEU HA 115 -70.93 1.65 30.12
N GLU HA 116 -67.41 -0.98 37.41
N GLU HA 116 -70.32 2.70 30.67
CA GLU HA 116 -66.03 -1.19 37.87
CA GLU HA 116 -68.89 2.68 31.00
C GLU HA 116 -65.96 -2.32 38.90
C GLU HA 116 -68.59 1.70 32.14
N LEU HA 117 -66.97 -2.45 39.75
N LEU HA 117 -69.55 1.50 33.05
CA LEU HA 117 -67.01 -3.58 40.67
CA LEU HA 117 -69.43 0.48 34.09
C LEU HA 117 -67.10 -4.92 39.92
C LEU HA 117 -69.49 -0.91 33.49
N HIS HA 118 -67.91 -4.96 38.86
N HIS HA 118 -70.39 -1.12 32.53
CA HIS HA 118 -68.09 -6.20 38.12
CA HIS HA 118 -70.48 -2.41 31.86
C HIS HA 118 -66.80 -6.60 37.40
C HIS HA 118 -69.20 -2.73 31.07
N LYS HA 119 -66.12 -5.63 36.79
N LYS HA 119 -68.69 -1.76 30.32
CA LYS HA 119 -64.84 -5.96 36.13
CA LYS HA 119 -67.44 -2.00 29.59
C LYS HA 119 -63.86 -6.53 37.14
C LYS HA 119 -66.29 -2.32 30.55
N LEU HA 120 -63.88 -6.02 38.36
N LEU HA 120 -66.26 -1.67 31.71
CA LEU HA 120 -62.93 -6.51 39.35
CA LEU HA 120 -65.26 -2.01 32.71
C LEU HA 120 -63.23 -7.95 39.70
C LEU HA 120 -65.42 -3.45 33.20
N ALA HA 121 -64.51 -8.31 39.83
N ALA HA 121 -66.67 -3.90 33.42
CA ALA HA 121 -64.88 -9.68 40.11
CA ALA HA 121 -66.86 -5.28 33.86
C ALA HA 121 -64.48 -10.61 38.98
C ALA HA 121 -66.36 -6.26 32.81
N HIS HA 122 -64.72 -10.18 37.73
N HIS HA 122 -66.74 -6.03 31.56
CA HIS HA 122 -64.24 -10.95 36.57
CA HIS HA 122 -66.29 -6.89 30.46
C HIS HA 122 -62.72 -11.08 36.57
C HIS HA 122 -64.78 -6.80 30.27
N ASP HA 123 -62.01 -9.97 36.80
N ASP HA 123 -64.20 -5.60 30.45
CA ASP HA 123 -60.55 -10.06 36.74
CA ASP HA 123 -62.76 -5.43 30.32
C ASP HA 123 -59.96 -10.92 37.84
C ASP HA 123 -61.99 -6.20 31.38
N LYS HA 124 -60.60 -10.93 39.01
N LYS HA 124 -62.55 -6.32 32.59
CA LYS HA 124 -60.15 -11.80 40.10
CA LYS HA 124 -61.86 -7.03 33.65
C LYS HA 124 -60.82 -13.17 40.04
C LYS HA 124 -62.26 -8.49 33.73
N ASN HA 125 -61.50 -13.47 38.94
N ASN HA 125 -63.00 -8.98 32.73
CA ASN HA 125 -62.12 -14.78 38.72
CA ASN HA 125 -63.45 -10.37 32.68
C ASN HA 125 -63.08 -15.13 39.86
C ASN HA 125 -64.33 -10.71 33.88
N ASP HA 126 -64.02 -14.22 40.13
N ASP HA 126 -65.27 -9.81 34.17
CA ASP HA 126 -65.04 -14.39 41.17
CA ASP HA 126 -66.19 -10.02 35.29
C ASP HA 126 -66.42 -14.41 40.52
C ASP HA 126 -67.58 -10.28 34.73
N PRO HA 127 -66.81 -15.56 39.97
N PRO HA 127 -67.87 -11.50 34.27
CA PRO HA 127 -68.11 -15.63 39.26
CA PRO HA 127 -69.17 -11.74 33.63
C PRO HA 127 -69.32 -15.58 40.17
C PRO HA 127 -70.34 -11.66 34.60
N HIS HA 128 -69.17 -15.72 41.48
N HIS HA 128 -70.15 -11.96 35.88
CA HIS HA 128 -70.30 -15.47 42.37
CA HIS HA 128 -71.24 -11.75 36.84
C HIS HA 128 -70.58 -13.98 42.48
C HIS HA 128 -71.61 -10.28 36.91
N LEU HA 129 -69.56 -13.19 42.83
N LEU HA 129 -70.62 -9.41 37.06
CA LEU HA 129 -69.74 -11.75 42.91
CA LEU HA 129 -70.88 -7.98 37.13
C LEU HA 129 -70.20 -11.17 41.58
C LEU HA 129 -71.54 -7.48 35.85
N ALA HA 130 -69.59 -11.61 40.46
N ALA HA 130 -71.05 -7.94 34.70
CA ALA HA 130 -69.99 -11.07 39.16
CA ALA HA 130 -71.58 -7.46 33.44
C ALA HA 130 -71.46 -11.32 38.88
C ALA HA 130 -73.03 -7.90 33.24
N ASP HA 131 -71.91 -12.56 39.07
N ASP HA 131 -73.37 -9.12 33.66
CA ASP HA 131 -73.32 -12.83 38.84
CA ASP HA 131 -74.78 -9.51 33.53
C ASP HA 131 -74.18 -12.12 39.88
C ASP HA 131 -75.65 -8.79 34.55
N PHE HA 132 -73.72 -12.04 41.13
N PHE HA 132 -75.11 -8.51 35.74
CA PHE HA 132 -74.45 -11.30 42.16
CA PHE HA 132 -75.83 -7.71 36.73
C PHE HA 132 -74.71 -9.87 41.70
C PHE HA 132 -76.30 -6.38 36.13
N ILE HA 133 -73.68 -9.25 41.12
N ILE HA 133 -75.42 -5.67 35.44
CA ILE HA 133 -73.83 -7.89 40.60
CA ILE HA 133 -75.82 -4.39 34.87
C ILE HA 133 -74.72 -7.89 39.37
C ILE HA 133 -76.79 -4.59 33.72
N GLU HA 134 -74.44 -8.77 38.42
N GLU HA 134 -76.51 -5.58 32.86
CA GLU HA 134 -75.30 -8.94 37.25
CA GLU HA 134 -77.43 -5.93 31.77
C GLU HA 134 -76.77 -9.05 37.65
C GLU HA 134 -78.82 -6.27 32.29
N THR HA 135 -77.08 -9.97 38.58
N THR HA 135 -78.90 -7.06 33.35
CA THR HA 135 -78.47 -10.31 38.85
CA THR HA 135 -80.20 -7.55 33.82
C THR HA 135 -79.21 -9.21 39.58
C THR HA 135 -80.99 -6.47 34.58
N HIS HA 136 -78.61 -8.67 40.65
N HIS HA 136 -80.34 -5.72 35.46
CA HIS HA 136 -79.33 -7.73 41.51
CA HIS HA 136 -81.08 -4.83 36.36
C HIS HA 136 -79.07 -6.26 41.19
C HIS HA 136 -81.05 -3.36 35.97
N TYR HA 137 -78.12 -5.94 40.29
N TYR HA 137 -80.24 -2.96 34.99
CA TYR HA 137 -77.83 -4.51 40.16
CA TYR HA 137 -80.17 -1.51 34.76
C TYR HA 137 -77.82 -3.97 38.74
C TYR HA 137 -80.30 -1.14 33.30
N LEU HA 138 -77.20 -4.67 37.78
N LEU HA 138 -79.70 -1.89 32.38
CA LEU HA 138 -76.91 -4.02 36.50
CA LEU HA 138 -79.54 -1.39 31.01
C LEU HA 138 -78.17 -3.65 35.73
C LEU HA 138 -80.88 -1.20 30.32
N ASN HA 139 -79.19 -4.53 35.72
N ASN HA 139 -81.75 -2.21 30.33
CA ASN HA 139 -80.43 -4.20 35.01
CA ASN HA 139 -83.05 -1.99 29.68
C ASN HA 139 -81.33 -3.30 35.83
C ASN HA 139 -83.91 -1.01 30.45
N GLU HA 140 -81.25 -3.36 37.16
N GLU HA 140 -83.81 -0.99 31.77
CA GLU HA 140 -81.89 -2.35 37.98
CA GLU HA 140 -84.53 0.00 32.55
C GLU HA 140 -81.35 -0.97 37.63
C GLU HA 140 -84.09 1.41 32.17
N GLN HA 141 -80.03 -0.86 37.45
N GLN HA 141 -82.79 1.62 31.90
CA GLN HA 141 -79.43 0.41 37.06
CA GLN HA 141 -82.35 2.91 31.37
C GLN HA 141 -79.95 0.88 35.71
C GLN HA 141 -83.02 3.21 30.04
N VAL HA 142 -79.85 0.01 34.70
N VAL HA 142 -83.11 2.21 29.17
CA VAL HA 142 -80.24 0.39 33.34
CA VAL HA 142 -83.63 2.45 27.84
C VAL HA 142 -81.70 0.81 33.30
C VAL HA 142 -85.11 2.77 27.88
N LYS HA 143 -82.57 0.08 34.02
N LYS HA 143 -85.85 2.13 28.78
CA LYS HA 143 -83.96 0.50 34.13
CA LYS HA 143 -87.28 2.42 28.84
C LYS HA 143 -84.06 1.92 34.70
C LYS HA 143 -87.52 3.82 29.41
N ALA HA 144 -83.39 2.17 35.83
N ALA HA 144 -86.75 4.23 30.40
CA ALA HA 144 -83.55 3.46 36.47
CA ALA HA 144 -86.99 5.53 31.00
C ALA HA 144 -83.16 4.59 35.53
C ALA HA 144 -86.69 6.64 29.99
N ILE HA 145 -82.02 4.44 34.85
N ILE HA 145 -85.60 6.50 29.23
CA ILE HA 145 -81.48 5.47 33.97
CA ILE HA 145 -85.27 7.49 28.22
C ILE HA 145 -82.42 5.71 32.81
C ILE HA 145 -86.34 7.53 27.15
N LYS HA 146 -82.97 4.64 32.22
N LYS HA 146 -86.92 6.38 26.80
CA LYS HA 146 -83.92 4.79 31.13
CA LYS HA 146 -87.97 6.33 25.79
C LYS HA 146 -85.18 5.54 31.60
C LYS HA 146 -89.25 6.97 26.29
N GLU HA 147 -85.67 5.21 32.80
N GLU HA 147 -89.64 6.68 27.53
CA GLU HA 147 -86.89 5.87 33.29
CA GLU HA 147 -90.86 7.29 28.04
C GLU HA 147 -86.63 7.34 33.63
C GLU HA 147 -90.68 8.78 28.28
N LEU HA 148 -85.50 7.68 34.24
N LEU HA 148 -89.49 9.20 28.74
CA LEU HA 148 -85.19 9.08 34.45
CA LEU HA 148 -89.24 10.64 28.89
C LEU HA 148 -84.96 9.81 33.12
C LEU HA 148 -89.21 11.34 27.54
N GLY HA 149 -84.44 9.11 32.11
N GLY HA 149 -88.64 10.69 26.52
CA GLY HA 149 -84.29 9.72 30.79
CA GLY HA 149 -88.71 11.25 25.18
C GLY HA 149 -85.63 9.96 30.12
C GLY HA 149 -90.13 11.34 24.67
N ASP HA 150 -86.56 9.02 30.28
N ASP HA 150 -90.94 10.30 24.92
CA ASP HA 150 -87.93 9.23 29.82
CA ASP HA 150 -92.35 10.34 24.54
C ASP HA 150 -88.53 10.48 30.46
C ASP HA 150 -93.06 11.53 25.19
N HIS HA 151 -88.38 10.61 31.79
N HIS HA 151 -92.78 11.79 26.48
CA HIS HA 151 -88.97 11.72 32.53
CA HIS HA 151 -93.45 12.90 27.17
C HIS HA 151 -88.38 13.06 32.06
C HIS HA 151 -93.01 14.26 26.61
N VAL HA 152 -87.06 13.15 32.01
N VAL HA 152 -91.71 14.44 26.39
CA VAL HA 152 -86.38 14.36 31.54
CA VAL HA 152 -91.24 15.70 25.84
C VAL HA 152 -86.89 14.75 30.15
C VAL HA 152 -91.88 15.96 24.47
N THR HA 153 -86.98 13.77 29.25
N THR HA 153 -91.85 14.92 23.62
CA THR HA 153 -87.49 14.05 27.90
CA THR HA 153 -92.50 15.02 22.32
C THR HA 153 -88.87 14.68 27.98
C THR HA 153 -93.93 15.51 22.44
N ASN HA 154 -89.76 14.11 28.78
N ASN HA 154 -94.68 14.96 23.39
CA ASN HA 154 -91.12 14.62 28.85
CA ASN HA 154 -96.11 15.31 23.49
C ASN HA 154 -91.17 15.98 29.52
C ASN HA 154 -96.28 16.71 24.08
N LEU HA 155 -90.46 16.17 30.63
N LEU HA 155 -95.48 17.06 25.07
CA LEU HA 155 -90.44 17.49 31.25
CA LEU HA 155 -95.57 18.40 25.66
C LEU HA 155 -89.95 18.55 30.28
C LEU HA 155 -95.24 19.48 24.63
N ARG HA 156 -88.87 18.25 29.54
N ARG HA 156 -94.28 19.20 23.75
CA ARG HA 156 -88.38 19.19 28.53
CA ARG HA 156 -93.95 20.19 22.72
C ARG HA 156 -89.46 19.51 27.51
C ARG HA 156 -95.09 20.34 21.73
N LYS HA 157 -90.02 18.49 26.87
N LYS HA 157 -95.59 19.21 21.20
CA LYS HA 157 -90.98 18.73 25.79
CA LYS HA 157 -96.65 19.27 20.19
C LYS HA 157 -92.19 19.51 26.29
C LYS HA 157 -97.91 19.94 20.73
N MET HA 158 -92.60 19.29 27.54
N MET HA 158 -98.16 19.89 22.05
CA MET HA 158 -93.74 20.00 28.10
CA MET HA 158 -99.36 20.46 22.65
C MET HA 158 -93.43 21.46 28.44
C MET HA 158 -99.27 21.97 22.87
N GLY HA 159 -92.17 21.87 28.41
N GLY HA 159 -98.10 22.58 22.73
CA GLY HA 159 -91.80 23.24 28.67
CA GLY HA 159 -97.94 24.00 22.94
C GLY HA 159 -91.18 23.52 30.03
C GLY HA 159 -97.15 24.41 24.17
N ALA HA 160 -90.78 22.49 30.76
N ALA HA 160 -96.58 23.46 24.92
CA ALA HA 160 -90.11 22.69 32.02
CA ALA HA 160 -95.77 23.81 26.07
C ALA HA 160 -88.70 23.22 31.74
C ALA HA 160 -94.45 24.47 25.62
N PRO HA 161 -88.09 23.92 32.71
N PRO HA 161 -93.88 25.36 26.45
CA PRO HA 161 -88.64 24.21 34.04
CA PRO HA 161 -94.40 25.74 27.76
C PRO HA 161 -89.25 25.61 34.15
C PRO HA 161 -95.34 26.95 27.70
N GLU HA 162 -89.22 26.38 33.07
N GLU HA 162 -95.43 27.57 26.53
CA GLU HA 162 -89.82 27.70 33.08
CA GLU HA 162 -96.18 28.81 26.40
C GLU HA 162 -91.34 27.63 33.16
C GLU HA 162 -97.63 28.62 26.83
N SER HA 163 -91.94 26.61 32.56
N SER HA 163 -98.32 27.66 26.22
CA SER HA 163 -93.39 26.46 32.59
CA SER HA 163 -99.70 27.34 26.57
C SER HA 163 -93.77 25.75 33.88
C SER HA 163 -99.74 26.66 27.92
N GLY HA 164 -94.32 26.51 34.84
N GLY HA 164 -100.26 27.33 28.93
CA GLY HA 164 -94.75 25.87 36.07
CA GLY HA 164 -100.43 26.68 30.22
C GLY HA 164 -95.96 24.99 35.86
C GLY HA 164 -101.50 25.59 30.21
N LEU HA 165 -96.72 25.21 34.78
N LEU HA 165 -102.42 25.64 29.25
CA LEU HA 165 -97.76 24.27 34.41
CA LEU HA 165 -103.41 24.58 29.11
C LEU HA 165 -97.18 22.92 34.00
C LEU HA 165 -102.76 23.27 28.68
N ALA HA 166 -96.00 22.91 33.39
N ALA HA 166 -101.66 23.32 27.94
CA ALA HA 166 -95.37 21.66 32.97
CA ALA HA 166 -101.00 22.09 27.50
C ALA HA 166 -95.14 20.72 34.15
C ALA HA 166 -100.53 21.26 28.70
N GLU HA 167 -94.48 21.22 35.20
N GLU HA 167 -99.79 21.88 29.62
CA GLU HA 167 -94.13 20.38 36.33
CA GLU HA 167 -99.23 21.15 30.77
C GLU HA 167 -95.37 19.94 37.10
C GLU HA 167 -100.34 20.64 31.69
N TYR HA 168 -96.35 20.84 37.26
N TYR HA 168 -101.38 21.44 31.88
CA TYR HA 168 -97.66 20.51 37.83
CA TYR HA 168 -102.52 21.00 32.67
C TYR HA 168 -98.31 19.32 37.13
C TYR HA 168 -103.14 19.75 32.06
N LEU HA 169 -98.52 19.43 35.81
N LEU HA 169 -103.38 19.77 30.74
CA LEU HA 169 -99.18 18.34 35.08
CA LEU HA 169 -104.00 18.63 30.08
C LEU HA 169 -98.32 17.08 35.04
C LEU HA 169 -103.08 17.41 30.11
N PHE HA 170 -97.01 17.22 34.94
N PHE HA 170 -101.78 17.62 29.87
CA PHE HA 170 -96.15 16.03 34.99
CA PHE HA 170 -100.84 16.51 29.96
C PHE HA 170 -96.31 15.30 36.32
C PHE HA 170 -100.80 15.93 31.36
N ASP HA 171 -96.10 16.03 37.43
N ASP HA 171 -100.83 16.80 32.36
CA ASP HA 171 -96.40 15.55 38.78
CA ASP HA 171 -100.86 16.34 33.74
C ASP HA 171 -97.72 14.76 38.84
C ASP HA 171 -102.07 15.45 33.99
N LYS HA 172 -98.79 15.31 38.25
N LYS HA 172 -103.24 15.83 33.47
CA LYS HA 172 -100.10 14.67 38.31
CA LYS HA 172 -104.45 15.05 33.71
C LYS HA 172 -100.26 13.50 37.34
C LYS HA 172 -104.44 13.74 32.94
N HIS HA 173 -99.82 13.65 36.09
N HIS HA 173 -104.12 13.78 31.65
CA HIS HA 173 -100.16 12.64 35.08
CA HIS HA 173 -104.46 12.67 30.75
C HIS HA 173 -99.11 11.56 34.91
C HIS HA 173 -103.32 11.67 30.56
N THR HA 174 -97.85 11.86 35.18
N THR HA 174 -102.08 12.13 30.55
CA THR HA 174 -96.82 10.82 35.12
CA THR HA 174 -100.96 11.22 30.40
C THR HA 174 -96.50 10.27 36.50
C THR HA 174 -100.40 10.82 31.78
N LEU HA 175 -96.19 11.13 37.46
N LEU HA 175 -100.09 11.81 32.62
CA LEU HA 175 -95.77 10.66 38.77
CA LEU HA 175 -99.48 11.54 33.92
C LEU HA 175 -96.93 10.22 39.65
C LEU HA 175 -100.48 11.12 35.01
N GLY HA 176 -98.15 10.64 39.34
N GLY HA 176 -101.76 11.46 34.88
CA GLY HA 176 -99.30 10.26 40.15
CA GLY HA 176 -102.73 11.04 35.87
C GLY HA 176 -99.93 8.96 39.73
C GLY HA 176 -103.57 9.84 35.46
N ASP HA 177 -99.11 7.96 39.42
N ASP HA 177 -102.91 8.71 35.12
CA ASP HA 177 -99.52 6.61 39.00
CA ASP HA 177 -103.57 7.52 34.53
C ASP HA 177 -100.23 6.62 37.64
C ASP HA 177 -104.14 7.80 33.14
N SER IA 4 -70.49 -41.03 16.99
N SER IA 4 -70.67 -38.56 13.40
CA SER IA 4 -71.55 -40.23 16.43
CA SER IA 4 -71.95 -38.01 12.95
C SER IA 4 -71.89 -39.03 17.33
C SER IA 4 -72.28 -36.71 13.69
N THR IA 5 -71.64 -37.82 16.81
N THR IA 5 -72.27 -35.59 12.97
CA THR IA 5 -71.92 -36.59 17.53
CA THR IA 5 -72.63 -34.32 13.57
C THR IA 5 -73.43 -36.37 17.68
C THR IA 5 -74.14 -34.25 13.74
N SER IA 6 -73.83 -35.89 18.85
N SER IA 6 -74.58 -33.83 14.92
CA SER IA 6 -75.24 -35.62 19.10
CA SER IA 6 -76.00 -33.74 15.20
C SER IA 6 -75.79 -34.57 18.13
C SER IA 6 -76.67 -32.75 14.25
N GLN IA 7 -77.03 -34.77 17.70
N GLN IA 7 -77.95 -33.01 13.97
CA GLN IA 7 -77.67 -33.79 16.82
CA GLN IA 7 -78.73 -32.16 13.10
C GLN IA 7 -77.88 -32.45 17.53
C GLN IA 7 -79.10 -30.82 13.74
N VAL IA 8 -77.90 -32.41 18.86
N VAL IA 8 -79.03 -30.71 15.08
CA VAL IA 8 -78.14 -31.17 19.59
CA VAL IA 8 -79.26 -29.44 15.76
C VAL IA 8 -76.86 -30.48 20.03
C VAL IA 8 -77.98 -28.68 16.09
N ARG IA 9 -75.70 -31.12 19.86
N ARG IA 9 -76.83 -29.35 16.09
CA ARG IA 9 -74.47 -30.58 20.44
CA ARG IA 9 -75.60 -28.70 16.49
C ARG IA 9 -74.07 -29.29 19.73
C ARG IA 9 -75.31 -27.52 15.56
N GLN IA 10 -73.72 -28.28 20.51
N GLN IA 10 -75.11 -26.34 16.16
CA GLN IA 10 -73.27 -27.02 19.95
CA GLN IA 10 -74.78 -25.12 15.44
C GLN IA 10 -72.44 -26.31 21.00
C GLN IA 10 -74.00 -24.19 16.37
N ASN IA 11 -71.19 -26.01 20.67
N ASN IA 11 -72.82 -23.73 15.91
CA ASN IA 11 -70.34 -25.20 21.53
CA ASN IA 11 -71.99 -22.78 16.65
C ASN IA 11 -70.10 -25.86 22.90
C ASN IA 11 -71.61 -23.30 18.04
N TYR IA 12 -70.12 -27.19 22.94
N TYR IA 12 -71.45 -24.61 18.19
CA TYR IA 12 -69.95 -27.96 24.19
CA TYR IA 12 -71.18 -25.24 19.47
C TYR IA 12 -68.64 -28.73 24.11
C TYR IA 12 -69.85 -25.96 19.31
N HIS IA 13 -67.62 -28.29 24.86
N HIS IA 13 -68.81 -25.43 19.94
CA HIS IA 13 -66.31 -28.94 24.84
CA HIS IA 13 -67.46 -25.93 19.74
C HIS IA 13 -66.34 -30.23 25.67
C HIS IA 13 -67.18 -27.12 20.65
N GLN IA 14 -65.69 -31.27 25.17
N GLN IA 14 -66.46 -28.10 20.10
CA GLN IA 14 -65.62 -32.52 25.94
CA GLN IA 14 -66.10 -29.29 20.87
C GLN IA 14 -64.79 -32.38 27.22
C GLN IA 14 -65.46 -28.95 22.21
N ASP IA 15 -63.97 -31.33 27.35
N ASP IA 15 -64.69 -27.86 22.29
CA ASP IA 15 -63.47 -30.99 28.68
CA ASP IA 15 -64.09 -27.50 23.57
C ASP IA 15 -64.63 -30.63 29.61
C ASP IA 15 -65.17 -27.17 24.60
N SER IA 16 -65.54 -29.77 29.12
N SER IA 16 -66.21 -26.47 24.16
CA SER IA 16 -66.73 -29.46 29.91
CA SER IA 16 -67.27 -26.14 25.10
C SER IA 16 -67.59 -30.70 30.15
C SER IA 16 -68.04 -27.38 25.51
N GLU IA 17 -67.80 -31.52 29.11
N GLU IA 17 -68.22 -28.31 24.59
CA GLU IA 17 -68.59 -32.73 29.26
CA GLU IA 17 -68.90 -29.57 24.86
C GLU IA 17 -67.98 -33.68 30.30
C GLU IA 17 -68.10 -30.45 25.83
N ALA IA 18 -66.65 -33.84 30.28
N ALA IA 18 -66.79 -30.53 25.66
CA ALA IA 18 -65.98 -34.68 31.28
CA ALA IA 18 -65.95 -31.19 26.67
C ALA IA 18 -66.11 -34.07 32.66
C ALA IA 18 -66.03 -30.47 28.02
N ALA IA 19 -65.96 -32.74 32.77
N ALA IA 19 -65.93 -29.14 28.00
CA ALA IA 19 -66.04 -32.08 34.06
CA ALA IA 19 -66.02 -28.36 29.24
C ALA IA 19 -67.43 -32.21 34.66
C ALA IA 19 -67.33 -28.62 29.97
N ILE IA 20 -68.47 -32.14 33.82
N ILE IA 20 -68.44 -28.68 29.22
CA ILE IA 20 -69.82 -32.30 34.32
CA ILE IA 20 -69.75 -28.91 29.84
C ILE IA 20 -70.03 -33.70 34.86
C ILE IA 20 -69.78 -30.27 30.53
N ASN IA 21 -69.52 -34.73 34.15
N ASN IA 21 -69.18 -31.28 29.91
CA ASN IA 21 -69.61 -36.09 34.67
CA ASN IA 21 -69.11 -32.59 30.54
C ASN IA 21 -68.89 -36.22 36.01
C ASN IA 21 -68.29 -32.56 31.82
N ARG IA 22 -67.77 -35.50 36.19
N ARG IA 22 -67.18 -31.80 31.83
CA ARG IA 22 -67.15 -35.47 37.50
CA ARG IA 22 -66.42 -31.64 33.07
C ARG IA 22 -68.07 -34.81 38.53
C ARG IA 22 -67.26 -30.92 34.14
N GLN IA 23 -68.69 -33.68 38.17
N GLN IA 23 -67.98 -29.88 33.75
CA GLN IA 23 -69.51 -32.96 39.15
CA GLN IA 23 -68.82 -29.18 34.73
C GLN IA 23 -70.73 -33.77 39.57
C GLN IA 23 -69.93 -30.09 35.26
N ILE IA 24 -71.34 -34.49 38.64
N ILE IA 24 -70.44 -31.00 34.44
CA ILE IA 24 -72.40 -35.45 38.98
CA ILE IA 24 -71.45 -31.93 34.95
C ILE IA 24 -71.95 -36.35 40.11
C ILE IA 24 -70.86 -32.79 36.06
N ASN IA 25 -70.79 -36.99 39.95
N ASN IA 25 -69.64 -33.29 35.87
CA ASN IA 25 -70.33 -37.96 40.92
CA ASN IA 25 -69.01 -34.13 36.88
C ASN IA 25 -70.03 -37.32 42.27
C ASN IA 25 -68.76 -33.37 38.18
N LEU IA 26 -69.42 -36.13 42.25
N LEU IA 26 -68.38 -32.10 38.07
CA LEU IA 26 -69.17 -35.41 43.49
CA LEU IA 26 -68.07 -31.33 39.28
C LEU IA 26 -70.46 -35.00 44.21
C LEU IA 26 -69.33 -30.98 40.06
N GLU IA 27 -71.52 -34.70 43.47
N GLU IA 27 -70.44 -30.71 39.37
CA GLU IA 27 -72.78 -34.31 44.12
CA GLU IA 27 -71.70 -30.47 40.07
C GLU IA 27 -73.48 -35.52 44.73
C GLU IA 27 -72.17 -31.72 40.81
N LEU IA 28 -73.54 -36.63 44.00
N LEU IA 28 -72.05 -32.88 40.16
CA LEU IA 28 -74.06 -37.86 44.58
CA LEU IA 28 -72.37 -34.14 40.82
C LEU IA 28 -73.21 -38.30 45.78
C LEU IA 28 -71.42 -34.38 41.99
N TYR IA 29 -71.92 -37.95 45.79
N TYR IA 29 -70.14 -34.06 41.82
CA TYR IA 29 -71.07 -38.29 46.92
CA TYR IA 29 -69.18 -34.15 42.92
C TYR IA 29 -71.45 -37.47 48.15
C TYR IA 29 -69.60 -33.27 44.08
N ALA IA 30 -71.64 -36.16 47.98
N ALA IA 30 -69.98 -32.02 43.81
CA ALA IA 30 -72.07 -35.31 49.09
CA ALA IA 30 -70.42 -31.13 44.87
C ALA IA 30 -73.42 -35.73 49.63
C ALA IA 30 -71.70 -31.64 45.53
N SER IA 31 -74.34 -36.15 48.73
N SER IA 31 -72.61 -32.20 44.74
CA SER IA 31 -75.61 -36.71 49.18
CA SER IA 31 -73.77 -32.87 45.33
C SER IA 31 -75.40 -37.91 50.11
C SER IA 31 -73.34 -33.92 46.32
N TYR IA 32 -74.41 -38.75 49.81
N TYR IA 32 -72.31 -34.69 45.94
CA TYR IA 32 -74.11 -39.94 50.60
CA TYR IA 32 -71.79 -35.75 46.80
C TYR IA 32 -73.50 -39.56 51.95
C TYR IA 32 -71.22 -35.19 48.09
N VAL IA 33 -72.60 -38.57 51.96
N VAL IA 33 -70.47 -34.09 47.99
CA VAL IA 33 -72.04 -38.07 53.22
CA VAL IA 33 -69.87 -33.49 49.18
C VAL IA 33 -73.16 -37.63 54.16
C VAL IA 33 -70.94 -33.11 50.18
N TYR IA 34 -74.13 -36.88 53.63
N TYR IA 34 -71.95 -32.36 49.74
CA TYR IA 34 -75.19 -36.31 54.47
CA TYR IA 34 -73.00 -31.91 50.65
C TYR IA 34 -76.17 -37.39 54.91
C TYR IA 34 -73.80 -33.09 51.22
N LEU IA 35 -76.49 -38.34 54.01
N LEU IA 35 -74.00 -34.12 50.40
CA LEU IA 35 -77.21 -39.53 54.42
CA LEU IA 35 -74.64 -35.32 50.90
C LEU IA 35 -76.57 -40.18 55.64
C LEU IA 35 -73.85 -35.90 52.06
N SER IA 36 -75.25 -40.40 55.57
N SER IA 36 -72.54 -36.08 51.89
CA SER IA 36 -74.51 -41.02 56.67
CA SER IA 36 -71.70 -36.52 53.00
C SER IA 36 -74.58 -40.17 57.93
C SER IA 36 -71.83 -35.59 54.18
N MET IA 37 -74.38 -38.87 57.79
N MET IA 37 -71.72 -34.29 53.94
CA MET IA 37 -74.49 -37.97 58.95
CA MET IA 37 -71.81 -33.33 55.03
C MET IA 37 -75.86 -38.07 59.57
C MET IA 37 -73.13 -33.49 55.78
N SER IA 38 -76.91 -37.99 58.74
N SER IA 38 -74.23 -33.66 55.05
CA SER IA 38 -78.27 -38.00 59.25
CA SER IA 38 -75.54 -33.74 55.69
C SER IA 38 -78.52 -39.20 60.16
C SER IA 38 -75.62 -34.91 56.66
N TYR IA 39 -78.20 -40.40 59.69
N TYR IA 39 -75.07 -36.07 56.29
CA TYR IA 39 -78.56 -41.56 60.47
CA TYR IA 39 -75.24 -37.22 57.16
C TYR IA 39 -77.61 -41.81 61.65
C TYR IA 39 -74.18 -37.33 58.24
N TYR IA 40 -76.44 -41.17 61.67
N TYR IA 40 -73.14 -36.50 58.19
CA TYR IA 40 -75.65 -41.13 62.91
CA TYR IA 40 -72.29 -36.31 59.36
C TYR IA 40 -76.45 -40.52 64.05
C TYR IA 40 -73.08 -35.67 60.49
N PHE IA 41 -77.16 -39.41 63.79
N PHE IA 41 -73.83 -34.61 60.18
CA PHE IA 41 -77.90 -38.70 64.81
CA PHE IA 41 -74.62 -33.94 61.22
C PHE IA 41 -79.21 -39.39 65.15
C PHE IA 41 -75.82 -34.76 61.66
N ASP IA 42 -79.68 -40.31 64.32
N ASP IA 42 -76.12 -35.85 60.96
CA ASP IA 42 -80.83 -41.13 64.64
CA ASP IA 42 -77.15 -36.79 61.39
C ASP IA 42 -80.45 -42.30 65.55
C ASP IA 42 -76.65 -37.80 62.40
N ARG IA 43 -79.16 -42.50 65.82
N ARG IA 43 -75.33 -37.93 62.56
CA ARG IA 43 -78.72 -43.56 66.72
CA ARG IA 43 -74.78 -38.91 63.51
C ARG IA 43 -79.31 -43.35 68.12
C ARG IA 43 -75.26 -38.58 64.92
N ASP IA 44 -79.66 -44.45 68.77
N ASP IA 44 -75.49 -39.63 65.71
CA ASP IA 44 -80.23 -44.38 70.12
CA ASP IA 44 -76.00 -39.46 67.06
C ASP IA 44 -79.27 -43.75 71.11
C ASP IA 44 -75.04 -38.65 67.93
N ASP IA 45 -77.96 -43.82 70.87
N ASP IA 45 -73.75 -38.65 67.60
CA ASP IA 45 -76.98 -43.22 71.76
CA ASP IA 45 -72.72 -37.94 68.35
C ASP IA 45 -76.52 -41.86 71.27
C ASP IA 45 -72.42 -36.57 67.76
N VAL IA 46 -77.26 -41.25 70.35
N VAL IA 46 -73.15 -36.15 66.73
CA VAL IA 46 -76.93 -39.92 69.86
CA VAL IA 46 -73.14 -34.76 66.26
C VAL IA 46 -78.20 -39.10 69.98
C VAL IA 46 -74.51 -34.12 66.47
N ALA IA 47 -79.25 -39.53 69.26
N ALA IA 47 -75.57 -34.72 65.95
CA ALA IA 47 -80.64 -39.17 69.58
CA ALA IA 47 -76.96 -34.42 66.30
C ALA IA 47 -80.87 -37.66 69.48
C ALA IA 47 -77.34 -32.95 66.09
N LEU IA 48 -80.37 -37.08 68.39
N LEU IA 48 -77.00 -32.41 64.91
CA LEU IA 48 -80.57 -35.66 68.09
CA LEU IA 48 -77.41 -31.05 64.57
C LEU IA 48 -81.39 -35.63 66.80
C LEU IA 48 -78.33 -31.16 63.34
N LYS IA 49 -82.71 -35.60 66.96
N LYS IA 49 -79.64 -31.24 63.62
CA LYS IA 49 -83.60 -35.86 65.83
CA LYS IA 49 -80.61 -31.60 62.58
C LYS IA 49 -83.56 -34.75 64.79
C LYS IA 49 -80.72 -30.54 61.49
N ASN IA 50 -83.39 -33.48 65.21
N ASN IA 50 -80.54 -29.27 61.83
CA ASN IA 50 -83.41 -32.37 64.25
CA ASN IA 50 -80.71 -28.22 60.84
C ASN IA 50 -82.09 -32.24 63.51
C ASN IA 50 -79.45 -27.98 60.02
N PHE IA 51 -80.96 -32.52 64.19
N PHE IA 51 -78.28 -28.32 60.56
CA PHE IA 51 -79.70 -32.78 63.49
CA PHE IA 51 -77.09 -28.42 59.73
C PHE IA 51 -79.88 -33.87 62.45
C PHE IA 51 -77.29 -29.52 58.70
N ALA IA 52 -80.57 -34.95 62.80
N ALA IA 52 -77.78 -30.69 59.14
CA ALA IA 52 -80.88 -35.99 61.83
CA ALA IA 52 -78.10 -31.79 58.23
C ALA IA 52 -81.64 -35.42 60.63
C ALA IA 52 -79.13 -31.38 57.18
N LYS IA 53 -82.78 -34.79 60.90
N LYS IA 53 -80.20 -30.69 57.61
CA LYS IA 53 -83.59 -34.25 59.81
CA LYS IA 53 -81.20 -30.21 56.66
C LYS IA 53 -82.80 -33.22 59.00
C LYS IA 53 -80.56 -29.26 55.66
N TYR IA 54 -82.04 -32.36 59.68
N TYR IA 54 -79.71 -28.36 56.14
CA TYR IA 54 -81.28 -31.34 58.97
CA TYR IA 54 -79.12 -27.35 55.26
C TYR IA 54 -80.36 -31.95 57.93
C TYR IA 54 -78.30 -27.99 54.15
N PHE IA 55 -79.59 -32.97 58.32
N PHE IA 55 -77.37 -28.86 54.52
CA PHE IA 55 -78.66 -33.59 57.37
CA PHE IA 55 -76.49 -29.46 53.52
C PHE IA 55 -79.39 -34.44 56.32
C PHE IA 55 -77.24 -30.43 52.64
N LEU IA 56 -80.47 -35.12 56.69
N LEU IA 56 -78.23 -31.14 53.18
CA LEU IA 56 -81.25 -35.85 55.68
CA LEU IA 56 -79.06 -31.97 52.33
C LEU IA 56 -81.74 -34.90 54.59
C LEU IA 56 -79.72 -31.14 51.24
N HIS IA 57 -82.16 -33.68 54.96
N HIS IA 57 -80.26 -29.98 51.60
CA HIS IA 57 -82.62 -32.74 53.95
CA HIS IA 57 -80.81 -29.07 50.59
C HIS IA 57 -81.48 -32.32 53.02
C HIS IA 57 -79.78 -28.76 49.51
N GLN IA 58 -80.30 -32.04 53.57
N GLN IA 58 -78.56 -28.37 49.91
CA GLN IA 58 -79.15 -31.75 52.70
CA GLN IA 58 -77.54 -28.01 48.93
C GLN IA 58 -78.89 -32.93 51.77
C GLN IA 58 -77.22 -29.19 48.01
N SER IA 59 -79.05 -34.16 52.27
N SER IA 59 -77.13 -30.40 48.57
CA SER IA 59 -78.81 -35.34 51.44
CA SER IA 59 -76.82 -31.59 47.78
C SER IA 59 -79.74 -35.37 50.22
C SER IA 59 -77.83 -31.77 46.65
N HIS IA 60 -81.03 -35.15 50.43
N HIS IA 60 -79.12 -31.62 46.97
CA HIS IA 60 -81.96 -35.14 49.31
CA HIS IA 60 -80.16 -31.78 45.97
C HIS IA 60 -81.72 -33.94 48.40
C HIS IA 60 -80.11 -30.68 44.93
N GLU IA 61 -81.23 -32.82 48.96
N GLU IA 61 -79.82 -29.45 45.36
CA GLU IA 61 -80.92 -31.66 48.15
CA GLU IA 61 -79.69 -28.35 44.42
C GLU IA 61 -79.76 -31.94 47.21
C GLU IA 61 -78.56 -28.59 43.42
N GLU IA 62 -78.73 -32.62 47.71
N GLU IA 62 -77.40 -29.05 43.91
CA GLU IA 62 -77.59 -32.93 46.86
CA GLU IA 62 -76.28 -29.38 43.05
C GLU IA 62 -77.97 -33.91 45.76
C GLU IA 62 -76.67 -30.41 42.01
N ARG IA 63 -78.99 -34.75 46.00
N ARG IA 63 -77.44 -31.42 42.41
CA ARG IA 63 -79.52 -35.62 44.96
CA ARG IA 63 -77.86 -32.44 41.45
C ARG IA 63 -80.11 -34.83 43.79
C ARG IA 63 -78.74 -31.82 40.38
N GLU IA 64 -80.96 -33.84 44.09
N GLU IA 64 -79.63 -30.89 40.76
CA GLU IA 64 -81.47 -32.96 43.04
CA GLU IA 64 -80.37 -30.12 39.76
C GLU IA 64 -80.31 -32.29 42.28
C GLU IA 64 -79.42 -29.37 38.85
N HIS IA 65 -79.30 -31.78 43.01
N HIS IA 65 -78.31 -28.86 39.40
CA HIS IA 65 -78.14 -31.16 42.36
CA HIS IA 65 -77.36 -28.13 38.58
C HIS IA 65 -77.52 -32.09 41.33
C HIS IA 65 -76.77 -29.04 37.52
N ALA IA 66 -77.32 -33.35 41.72
N ALA IA 66 -76.35 -30.25 37.91
CA ALA IA 66 -76.77 -34.31 40.78
CA ALA IA 66 -75.81 -31.19 36.94
C ALA IA 66 -77.68 -34.50 39.57
C ALA IA 66 -76.82 -31.46 35.83
N GLU IA 67 -78.99 -34.61 39.81
N GLU IA 67 -78.08 -31.64 36.22
CA GLU IA 67 -79.91 -34.89 38.69
CA GLU IA 67 -79.11 -32.06 35.28
C GLU IA 67 -80.02 -33.70 37.75
C GLU IA 67 -79.39 -30.99 34.24
N LYS IA 68 -79.95 -32.48 38.28
N LYS IA 68 -79.58 -29.74 34.69
CA LYS IA 68 -79.96 -31.30 37.42
CA LYS IA 68 -79.77 -28.64 33.75
C LYS IA 68 -78.72 -31.24 36.54
C LYS IA 68 -78.60 -28.55 32.77
N LEU IA 69 -77.58 -31.78 37.02
N LEU IA 69 -77.38 -28.86 33.22
CA LEU IA 69 -76.41 -31.84 36.15
CA LEU IA 69 -76.23 -28.88 32.31
C LEU IA 69 -76.59 -32.90 35.09
C LEU IA 69 -76.32 -30.06 31.35
N MET IA 70 -77.16 -34.05 35.46
N MET IA 70 -76.80 -31.20 31.84
CA MET IA 70 -77.41 -35.10 34.47
CA MET IA 70 -77.02 -32.33 30.95
C MET IA 70 -78.32 -34.61 33.37
C MET IA 70 -78.09 -32.00 29.91
N LYS IA 71 -79.37 -33.88 33.75
N LYS IA 71 -79.15 -31.31 30.33
CA LYS IA 71 -80.27 -33.27 32.77
CA LYS IA 71 -80.17 -30.89 29.38
C LYS IA 71 -79.51 -32.30 31.88
C LYS IA 71 -79.60 -29.91 28.35
N LEU IA 72 -78.69 -31.45 32.49
N LEU IA 72 -78.68 -29.05 28.79
CA LEU IA 72 -77.87 -30.51 31.74
CA LEU IA 72 -78.03 -28.08 27.90
C LEU IA 72 -77.00 -31.26 30.74
C LEU IA 72 -77.21 -28.79 26.83
N GLN IA 73 -76.36 -32.35 31.18
N GLN IA 73 -76.39 -29.76 27.26
CA GLN IA 73 -75.51 -33.14 30.30
CA GLN IA 73 -75.59 -30.53 26.32
C GLN IA 73 -76.26 -33.56 29.04
C GLN IA 73 -76.45 -31.16 25.23
N ASN IA 74 -77.47 -34.11 29.22
N ASN IA 74 -77.62 -31.71 25.60
CA ASN IA 74 -78.30 -34.50 28.08
CA ASN IA 74 -78.54 -32.29 24.61
C ASN IA 74 -78.76 -33.28 27.30
C ASN IA 74 -79.16 -31.21 23.74
N GLN IA 75 -79.04 -32.17 27.98
N GLN IA 75 -79.51 -30.06 24.33
CA GLN IA 75 -79.52 -30.98 27.27
CA GLN IA 75 -80.08 -28.95 23.56
C GLN IA 75 -78.52 -30.54 26.21
C GLN IA 75 -79.14 -28.50 22.46
N ARG IA 76 -77.24 -30.51 26.55
N ARG IA 76 -77.87 -28.29 22.81
CA ARG IA 76 -76.19 -30.02 25.66
CA ARG IA 76 -76.89 -27.83 21.83
C ARG IA 76 -75.67 -31.08 24.71
C ARG IA 76 -76.50 -28.91 20.82
N GLY IA 77 -76.11 -32.33 24.84
N GLY IA 77 -76.79 -30.19 21.09
CA GLY IA 77 -75.65 -33.38 23.96
CA GLY IA 77 -76.36 -31.26 20.22
C GLY IA 77 -74.46 -34.16 24.45
C GLY IA 77 -75.07 -31.95 20.63
N GLY IA 78 -74.06 -34.00 25.72
N GLY IA 78 -74.47 -31.52 21.74
CA GLY IA 78 -73.03 -34.85 26.29
CA GLY IA 78 -73.34 -32.24 22.28
C GLY IA 78 -73.58 -36.22 26.67
C GLY IA 78 -73.76 -33.59 22.78
N ARG IA 79 -72.67 -37.14 26.98
N ARG IA 79 -72.77 -34.39 23.17
CA ARG IA 79 -73.08 -38.50 27.34
CA ARG IA 79 -73.01 -35.74 23.65
C ARG IA 79 -72.69 -38.76 28.80
C ARG IA 79 -72.55 -35.81 25.09
N ILE IA 80 -73.69 -39.08 29.62
N ILE IA 80 -73.38 -36.38 25.95
CA ILE IA 80 -73.50 -39.34 31.03
CA ILE IA 80 -73.07 -36.48 27.36
C ILE IA 80 -72.69 -40.62 31.24
C ILE IA 80 -72.08 -37.63 27.56
N PHE IA 81 -71.65 -40.54 32.07
N PHE IA 81 -71.01 -37.37 28.30
CA PHE IA 81 -70.95 -41.74 32.53
CA PHE IA 81 -70.09 -38.41 28.72
C PHE IA 81 -70.92 -41.75 34.05
C PHE IA 81 -69.88 -38.30 30.23
N LEU IA 82 -71.61 -42.72 34.65
N LEU IA 82 -70.33 -39.31 30.96
CA LEU IA 82 -71.66 -42.82 36.10
CA LEU IA 82 -70.20 -39.31 32.40
C LEU IA 82 -70.47 -43.61 36.63
C LEU IA 82 -68.94 -40.06 32.82
N GLN IA 83 -69.96 -43.19 37.77
N GLN IA 83 -68.43 -39.70 33.98
CA GLN IA 83 -68.88 -43.90 38.44
CA GLN IA 83 -67.24 -40.30 34.57
C GLN IA 83 -69.35 -44.32 39.83
C GLN IA 83 -67.56 -40.62 36.03
N ASP IA 84 -68.51 -45.13 40.48
N ASP IA 84 -66.66 -41.38 36.67
CA ASP IA 84 -68.78 -45.57 41.84
CA ASP IA 84 -66.79 -41.65 38.10
C ASP IA 84 -68.94 -44.36 42.77
C ASP IA 84 -66.97 -40.36 38.89
N ILE IA 85 -69.91 -44.44 43.67
N ILE IA 85 -67.87 -40.39 39.88
CA ILE IA 85 -70.04 -43.46 44.74
CA ILE IA 85 -68.01 -39.29 40.80
C ILE IA 85 -69.26 -43.98 45.95
C ILE IA 85 -67.09 -39.57 41.98
N GLN IA 86 -68.12 -43.36 46.25
N GLN IA 86 -66.07 -38.74 42.16
CA GLN IA 86 -67.36 -43.79 47.40
CA GLN IA 86 -65.08 -38.98 43.19
C GLN IA 86 -68.11 -43.48 48.70
C GLN IA 86 -65.68 -38.70 44.55
N LYS IA 87 -67.93 -44.35 49.69
N LYS IA 87 -65.37 -39.58 45.50
CA LYS IA 87 -68.56 -44.13 51.00
CA LYS IA 87 -65.85 -39.44 46.86
C LYS IA 87 -67.91 -42.92 51.68
C LYS IA 87 -65.23 -38.19 47.49
N PRO IA 88 -68.62 -42.27 52.61
N PRO IA 88 -65.91 -37.62 48.49
CA PRO IA 88 -68.02 -41.13 53.32
CA PRO IA 88 -65.44 -36.38 49.11
C PRO IA 88 -66.81 -41.58 54.11
C PRO IA 88 -64.11 -36.56 49.83
N ASP IA 89 -66.02 -40.60 54.55
N ASP IA 89 -63.42 -35.43 50.02
CA ASP IA 89 -64.78 -40.88 55.26
CA ASP IA 89 -62.10 -35.48 50.65
C ASP IA 89 -64.99 -41.36 56.70
C ASP IA 89 -62.16 -35.99 52.08
N GLU IA 90 -66.16 -41.14 57.28
N GLU IA 90 -63.30 -35.88 52.77
CA GLU IA 90 -66.42 -41.59 58.65
CA GLU IA 90 -63.35 -36.33 54.16
C GLU IA 90 -67.68 -42.43 58.70
C GLU IA 90 -64.56 -37.21 54.42
N ASP IA 91 -67.69 -43.41 59.60
N ASP IA 91 -64.41 -38.06 55.43
CA ASP IA 91 -68.93 -44.06 60.01
CA ASP IA 91 -65.49 -38.85 55.98
C ASP IA 91 -69.51 -43.45 61.26
C ASP IA 91 -66.11 -38.15 57.18
N ASP IA 92 -68.68 -42.73 62.02
N ASP IA 92 -65.28 -37.45 57.93
CA ASP IA 92 -68.99 -42.24 63.35
CA ASP IA 92 -65.64 -36.78 59.16
C ASP IA 92 -68.68 -40.75 63.30
C ASP IA 92 -65.40 -35.31 58.94
N TRP IA 93 -69.71 -39.90 63.43
N TRP IA 93 -66.41 -34.47 59.20
CA TRP IA 93 -69.51 -38.48 63.18
CA TRP IA 93 -66.34 -33.05 58.91
C TRP IA 93 -69.26 -37.68 64.47
C TRP IA 93 -66.21 -32.18 60.16
N GLU IA 94 -69.17 -38.36 65.62
N GLU IA 94 -65.90 -32.78 61.32
CA GLU IA 94 -68.67 -37.83 66.89
CA GLU IA 94 -65.39 -32.08 62.51
C GLU IA 94 -69.66 -36.93 67.63
C GLU IA 94 -66.45 -31.29 63.26
N SER IA 95 -70.20 -35.92 66.94
N SER IA 95 -67.06 -30.31 62.60
CA SER IA 95 -71.02 -34.93 67.61
CA SER IA 95 -67.91 -29.34 63.29
C SER IA 95 -71.72 -34.06 66.56
C SER IA 95 -68.73 -28.60 62.25
N GLY IA 96 -72.77 -33.36 67.02
N GLY IA 96 -69.80 -27.95 62.72
CA GLY IA 96 -73.37 -32.33 66.19
CA GLY IA 96 -70.59 -27.12 61.84
C GLY IA 96 -72.35 -31.35 65.67
C GLY IA 96 -69.76 -26.05 61.17
N LEU IA 97 -71.53 -30.79 66.57
N LEU IA 97 -68.89 -25.40 61.93
CA LEU IA 97 -70.49 -29.84 66.14
CA LEU IA 97 -68.02 -24.36 61.37
C LEU IA 97 -69.52 -30.47 65.15
C LEU IA 97 -67.15 -24.92 60.25
N ASN IA 98 -69.09 -31.71 65.39
N ASN IA 98 -66.45 -26.03 60.53
CA ASN IA 98 -68.16 -32.34 64.46
CA ASN IA 98 -65.53 -26.58 59.54
C ASN IA 98 -68.78 -32.51 63.08
C ASN IA 98 -66.26 -26.95 58.27
N ALA IA 99 -70.03 -32.94 63.02
N ALA IA 99 -67.44 -27.56 58.39
CA ALA IA 99 -70.70 -33.10 61.73
CA ALA IA 99 -68.20 -27.93 57.20
C ALA IA 99 -70.85 -31.75 61.01
C ALA IA 99 -68.61 -26.71 56.41
N MET IA 100 -71.16 -30.70 61.74
N MET IA 100 -69.02 -25.63 57.10
CA MET IA 100 -71.31 -29.40 61.10
CA MET IA 100 -69.35 -24.39 56.42
C MET IA 100 -70.00 -28.93 60.51
C MET IA 100 -68.13 -23.78 55.74
N GLU IA 101 -68.90 -29.10 61.26
N GLU IA 101 -66.96 -23.87 56.39
CA GLU IA 101 -67.57 -28.78 60.75
CA GLU IA 101 -65.71 -23.41 55.77
C GLU IA 101 -67.22 -29.65 59.54
C GLU IA 101 -65.33 -24.27 54.58
N ALA IA 102 -67.62 -30.92 59.56
N ALA IA 102 -65.49 -25.59 54.71
CA ALA IA 102 -67.36 -31.78 58.40
CA ALA IA 102 -65.19 -26.45 53.58
C ALA IA 102 -68.21 -31.36 57.21
C ALA IA 102 -66.19 -26.23 52.46
N ALA IA 103 -69.44 -30.93 57.46
N ALA IA 103 -67.44 -25.96 52.82
CA ALA IA 103 -70.30 -30.46 56.37
CA ALA IA 103 -68.44 -25.68 51.80
C ALA IA 103 -69.75 -29.18 55.76
C ALA IA 103 -68.13 -24.40 51.04
N LEU IA 104 -69.22 -28.29 56.59
N LEU IA 104 -67.62 -23.37 51.75
CA LEU IA 104 -68.64 -27.06 56.07
CA LEU IA 104 -67.31 -22.13 51.06
C LEU IA 104 -67.43 -27.36 55.20
C LEU IA 104 -66.12 -22.32 50.10
N HIS IA 105 -66.55 -28.26 55.67
N HIS IA 105 -65.11 -23.07 50.53
CA HIS IA 105 -65.40 -28.67 54.88
CA HIS IA 105 -64.00 -23.42 49.63
C HIS IA 105 -65.83 -29.25 53.54
C HIS IA 105 -64.51 -24.13 48.39
N LEU IA 106 -66.89 -30.08 53.56
N LEU IA 106 -65.47 -25.05 48.59
CA LEU IA 106 -67.37 -30.70 52.32
CA LEU IA 106 -66.06 -25.79 47.46
C LEU IA 106 -67.91 -29.65 51.36
C LEU IA 106 -66.69 -24.84 46.45
N GLU IA 107 -68.73 -28.72 51.87
N GLU IA 107 -67.53 -23.91 46.93
CA GLU IA 107 -69.35 -27.73 51.00
CA GLU IA 107 -68.32 -23.08 46.01
C GLU IA 107 -68.31 -26.78 50.40
C GLU IA 107 -67.43 -22.10 45.25
N LYS IA 108 -67.26 -26.45 51.13
N LYS IA 108 -66.38 -21.57 45.88
CA LYS IA 108 -66.19 -25.65 50.54
CA LYS IA 108 -65.42 -20.75 45.15
C LYS IA 108 -65.41 -26.45 49.50
C LYS IA 108 -64.75 -21.55 44.03
N ASN IA 109 -65.19 -27.75 49.73
N ASN IA 109 -64.41 -22.82 44.29
CA ASN IA 109 -64.62 -28.59 48.67
CA ASN IA 109 -63.82 -23.66 43.24
C ASN IA 109 -65.51 -28.61 47.43
C ASN IA 109 -64.82 -23.95 42.13
N VAL IA 110 -66.82 -28.84 47.60
N VAL IA 110 -66.07 -24.22 42.49
CA VAL IA 110 -67.72 -28.89 46.44
CA VAL IA 110 -67.10 -24.44 41.47
C VAL IA 110 -67.76 -27.53 45.74
C VAL IA 110 -67.30 -23.16 40.67
N ASN IA 111 -67.70 -26.46 46.52
N ASN IA 111 -67.37 -22.02 41.36
CA ASN IA 111 -67.67 -25.12 45.97
CA ASN IA 111 -67.48 -20.71 40.71
C ASN IA 111 -66.45 -24.91 45.08
C ASN IA 111 -66.34 -20.50 39.72
N GLN IA 112 -65.31 -25.45 45.48
N GLN IA 112 -65.10 -20.72 40.17
CA GLN IA 112 -64.09 -25.27 44.70
CA GLN IA 112 -63.92 -20.65 39.30
C GLN IA 112 -64.19 -25.99 43.37
C GLN IA 112 -64.09 -21.47 38.04
N SER IA 113 -64.71 -27.22 43.37
N SER IA 113 -64.53 -22.73 38.20
CA SER IA 113 -64.96 -27.90 42.10
CA SER IA 113 -64.81 -23.59 37.05
C SER IA 113 -65.95 -27.14 41.22
C SER IA 113 -65.89 -22.99 36.16
N LEU IA 114 -66.91 -26.43 41.83
N LEU IA 114 -66.91 -22.37 36.76
CA LEU IA 114 -67.86 -25.65 41.03
CA LEU IA 114 -67.92 -21.71 35.94
C LEU IA 114 -67.20 -24.42 40.42
C LEU IA 114 -67.35 -20.49 35.23
N LEU IA 115 -66.30 -23.77 41.16
N LEU IA 115 -66.45 -19.75 35.88
CA LEU IA 115 -65.57 -22.63 40.59
CA LEU IA 115 -65.86 -18.57 35.26
C LEU IA 115 -64.62 -23.10 39.50
C LEU IA 115 -64.99 -18.93 34.06
N GLU IA 116 -63.99 -24.25 39.67
N GLU IA 116 -64.26 -20.05 34.13
CA GLU IA 116 -63.14 -24.79 38.61
CA GLU IA 116 -63.49 -20.49 32.98
C GLU IA 116 -63.97 -25.09 37.37
C GLU IA 116 -64.38 -21.03 31.87
N LEU IA 117 -65.15 -25.69 37.57
N LEU IA 117 -65.55 -21.58 32.23
CA LEU IA 117 -66.07 -25.93 36.45
CA LEU IA 117 -66.49 -22.01 31.19
C LEU IA 117 -66.43 -24.62 35.77
C LEU IA 117 -66.99 -20.82 30.40
N HIS IA 118 -66.71 -23.57 36.54
N HIS IA 118 -67.39 -19.75 31.11
CA HIS IA 118 -67.05 -22.29 35.92
CA HIS IA 118 -67.90 -18.55 30.45
C HIS IA 118 -65.86 -21.73 35.13
C HIS IA 118 -66.85 -17.95 29.53
N LYS IA 119 -64.67 -21.73 35.73
N LYS IA 119 -65.61 -17.83 30.03
CA LYS IA 119 -63.50 -21.23 35.01
CA LYS IA 119 -64.51 -17.32 29.23
C LYS IA 119 -63.28 -22.01 33.71
C LYS IA 119 -64.37 -18.11 27.94
N LEU IA 120 -63.50 -23.33 33.74
N LEU IA 120 -64.31 -19.45 28.06
CA LEU IA 120 -63.48 -24.12 32.52
CA LEU IA 120 -64.30 -20.33 26.89
C LEU IA 120 -64.46 -23.59 31.47
C LEU IA 120 -65.52 -20.09 26.00
N ALA IA 121 -65.68 -23.25 31.90
N ALA IA 121 -66.68 -19.82 26.61
CA ALA IA 121 -66.71 -22.79 30.97
CA ALA IA 121 -67.86 -19.54 25.81
C ALA IA 121 -66.34 -21.45 30.34
C ALA IA 121 -67.70 -18.24 25.04
N HIS IA 122 -65.89 -20.50 31.16
N HIS IA 122 -67.25 -17.17 25.72
CA HIS IA 122 -65.38 -19.23 30.64
CA HIS IA 122 -67.04 -15.89 25.06
C HIS IA 122 -64.21 -19.46 29.69
C HIS IA 122 -65.94 -16.00 24.00
N ASP IA 123 -63.24 -20.27 30.12
N ASP IA 123 -64.87 -16.74 24.28
CA ASP IA 123 -62.06 -20.52 29.31
CA ASP IA 123 -63.74 -16.84 23.37
C ASP IA 123 -62.41 -21.18 27.97
C ASP IA 123 -64.10 -17.62 22.10
N LYS IA 124 -63.44 -22.02 27.94
N LYS IA 124 -65.03 -18.58 22.21
CA LYS IA 124 -63.91 -22.62 26.70
CA LYS IA 124 -65.54 -19.31 21.06
C LYS IA 124 -64.99 -21.79 26.00
C LYS IA 124 -66.75 -18.63 20.42
N ASN IA 125 -65.23 -20.56 26.47
N ASN IA 125 -67.06 -17.39 20.82
CA ASN IA 125 -66.22 -19.66 25.87
CA ASN IA 125 -68.11 -16.62 20.16
C ASN IA 125 -67.59 -20.32 25.76
C ASN IA 125 -69.45 -17.36 20.26
N ASP IA 126 -68.05 -20.89 26.88
N ASP IA 126 -69.72 -17.91 21.44
CA ASP IA 126 -69.33 -21.59 26.94
CA ASP IA 126 -70.96 -18.66 21.68
C ASP IA 126 -70.27 -20.82 27.87
C ASP IA 126 -71.77 -17.87 22.70
N PRO IA 127 -70.89 -19.75 27.37
N PRO IA 127 -72.61 -16.94 22.25
CA PRO IA 127 -71.66 -18.88 28.27
CA PRO IA 127 -73.33 -16.09 23.21
C PRO IA 127 -72.95 -19.51 28.79
C PRO IA 127 -74.47 -16.80 23.92
N HIS IA 128 -73.50 -20.49 28.07
N HIS IA 128 -75.05 -17.82 23.29
CA HIS IA 128 -74.65 -21.19 28.61
CA HIS IA 128 -76.12 -18.53 23.96
C HIS IA 128 -74.26 -22.02 29.81
C HIS IA 128 -75.58 -19.30 25.16
N LEU IA 129 -73.11 -22.69 29.73
N LEU IA 129 -74.45 -19.97 24.97
CA LEU IA 129 -72.65 -23.51 30.84
CA LEU IA 129 -73.84 -20.73 26.06
C LEU IA 129 -72.24 -22.65 32.02
C LEU IA 129 -73.35 -19.80 27.17
N ALA IA 130 -71.57 -21.52 31.76
N ALA IA 130 -72.76 -18.64 26.80
CA ALA IA 130 -71.15 -20.65 32.85
CA ALA IA 130 -72.29 -17.71 27.82
C ALA IA 130 -72.34 -20.09 33.61
C ALA IA 130 -73.44 -17.12 28.62
N ASP IA 131 -73.36 -19.61 32.89
N ASP IA 131 -74.54 -16.77 27.93
CA ASP IA 131 -74.50 -19.03 33.59
CA ASP IA 131 -75.69 -16.23 28.64
C ASP IA 131 -75.33 -20.10 34.28
C ASP IA 131 -76.35 -17.28 29.53
N PHE IA 132 -75.28 -21.34 33.78
N PHE IA 132 -76.32 -18.55 29.09
CA PHE IA 132 -76.00 -22.42 34.44
CA PHE IA 132 -76.81 -19.65 29.92
C PHE IA 132 -75.40 -22.72 35.83
C PHE IA 132 -76.10 -19.68 31.26
N ILE IA 133 -74.08 -22.82 35.90
N ILE IA 133 -74.77 -19.56 31.25
CA ILE IA 133 -73.39 -22.95 37.19
CA ILE IA 133 -73.99 -19.56 32.49
C ILE IA 133 -73.66 -21.74 38.07
C ILE IA 133 -74.30 -18.33 33.35
N GLU IA 134 -73.56 -20.54 37.50
N GLU IA 134 -74.39 -17.14 32.75
CA GLU IA 134 -73.84 -19.30 38.22
CA GLU IA 134 -74.69 -15.94 33.54
C GLU IA 134 -75.23 -19.32 38.84
C GLU IA 134 -76.07 -15.99 34.17
N THR IA 135 -76.26 -19.53 37.99
N THR IA 135 -77.07 -16.45 33.41
CA THR IA 135 -77.65 -19.40 38.40
CA THR IA 135 -78.45 -16.44 33.87
C THR IA 135 -78.05 -20.48 39.40
C THR IA 135 -78.69 -17.47 34.96
N HIS IA 136 -77.66 -21.72 39.14
N HIS IA 136 -78.13 -18.68 34.80
CA HIS IA 136 -78.18 -22.87 39.87
CA HIS IA 136 -78.46 -19.81 35.64
C HIS IA 136 -77.32 -23.31 41.05
C HIS IA 136 -77.41 -20.17 36.68
N TYR IA 137 -76.02 -23.02 41.06
N TYR IA 137 -76.18 -19.68 36.54
CA TYR IA 137 -75.15 -23.63 42.07
CA TYR IA 137 -75.13 -20.16 37.44
C TYR IA 137 -74.39 -22.64 42.94
C TYR IA 137 -74.39 -19.05 38.19
N LEU IA 138 -73.97 -21.49 42.39
N LEU IA 138 -73.96 -17.98 37.50
CA LEU IA 138 -72.92 -20.70 43.04
CA LEU IA 138 -73.02 -17.06 38.12
C LEU IA 138 -73.43 -19.96 44.27
C LEU IA 138 -73.61 -16.37 39.35
N ASN IA 139 -74.58 -19.30 44.17
N ASN IA 139 -74.83 -15.83 39.23
CA ASN IA 139 -75.10 -18.67 45.39
CA ASN IA 139 -75.43 -15.13 40.37
C ASN IA 139 -75.67 -19.71 46.35
C ASN IA 139 -75.74 -16.09 41.49
N GLU IA 140 -76.19 -20.82 45.82
N GLU IA 140 -76.24 -17.28 41.15
CA GLU IA 140 -76.60 -21.92 46.68
CA GLU IA 140 -76.42 -18.31 42.16
C GLU IA 140 -75.45 -22.38 47.58
C GLU IA 140 -75.10 -18.69 42.82
N GLN IA 141 -74.25 -22.56 47.01
N GLN IA 141 -73.99 -18.62 42.10
CA GLN IA 141 -73.09 -22.96 47.80
CA GLN IA 141 -72.73 -18.87 42.78
C GLN IA 141 -72.70 -21.92 48.84
C GLN IA 141 -72.42 -17.75 43.75
N VAL IA 142 -72.64 -20.65 48.44
N VAL IA 142 -72.57 -16.50 43.32
CA VAL IA 142 -72.27 -19.59 49.38
CA VAL IA 142 -72.24 -15.36 44.17
C VAL IA 142 -73.29 -19.51 50.51
C VAL IA 142 -73.16 -15.36 45.40
N LYS IA 143 -74.58 -19.67 50.19
N LYS IA 143 -74.42 -15.74 45.23
CA LYS IA 143 -75.59 -19.76 51.24
CA LYS IA 143 -75.33 -15.77 46.36
C LYS IA 143 -75.38 -20.99 52.12
C LYS IA 143 -74.97 -16.89 47.33
N ALA IA 144 -75.03 -22.14 51.52
N ALA IA 144 -74.56 -18.06 46.81
CA ALA IA 144 -74.81 -23.32 52.33
CA ALA IA 144 -74.16 -19.15 47.69
C ALA IA 144 -73.64 -23.13 53.29
C ALA IA 144 -72.87 -18.84 48.43
N ILE IA 145 -72.57 -22.48 52.83
N ILE IA 145 -71.97 -18.07 47.82
CA ILE IA 145 -71.37 -22.30 53.63
CA ILE IA 145 -70.72 -17.74 48.49
C ILE IA 145 -71.60 -21.26 54.72
C ILE IA 145 -70.97 -16.72 49.60
N LYS IA 146 -72.30 -20.17 54.40
N LYS IA 146 -71.80 -15.71 49.32
CA LYS IA 146 -72.62 -19.20 55.44
CA LYS IA 146 -72.08 -14.68 50.32
C LYS IA 146 -73.44 -19.85 56.54
C LYS IA 146 -72.77 -15.27 51.54
N GLU IA 147 -74.43 -20.67 56.16
N GLU IA 147 -73.74 -16.18 51.31
CA GLU IA 147 -75.30 -21.29 57.15
CA GLU IA 147 -74.48 -16.79 52.41
C GLU IA 147 -74.54 -22.27 58.03
C GLU IA 147 -73.59 -17.67 53.27
N LEU IA 148 -73.67 -23.08 57.44
N LEU IA 148 -72.77 -18.52 52.63
CA LEU IA 148 -72.92 -24.02 58.27
CA LEU IA 148 -71.81 -19.30 53.40
C LEU IA 148 -71.92 -23.27 59.16
C LEU IA 148 -70.82 -18.38 54.11
N GLY IA 149 -71.32 -22.19 58.65
N GLY IA 149 -70.40 -17.31 53.44
CA GLY IA 149 -70.47 -21.38 59.48
CA GLY IA 149 -69.62 -16.29 54.12
C GLY IA 149 -71.20 -20.78 60.66
C GLY IA 149 -70.28 -15.78 55.38
N ASP IA 150 -72.42 -20.29 60.42
N ASP IA 150 -71.59 -15.47 55.29
CA ASP IA 150 -73.26 -19.75 61.49
CA ASP IA 150 -72.33 -14.96 56.45
C ASP IA 150 -73.50 -20.80 62.57
C ASP IA 150 -72.40 -16.01 57.57
N HIS IA 151 -73.92 -22.01 62.16
N HIS IA 151 -72.61 -17.27 57.21
CA HIS IA 151 -74.17 -23.10 63.11
CA HIS IA 151 -72.74 -18.30 58.23
C HIS IA 151 -72.92 -23.47 63.89
C HIS IA 151 -71.43 -18.50 58.97
N VAL IA 152 -71.78 -23.57 63.21
N VAL IA 152 -70.33 -18.58 58.23
CA VAL IA 152 -70.52 -23.88 63.89
CA VAL IA 152 -69.01 -18.68 58.86
C VAL IA 152 -70.23 -22.84 64.95
C VAL IA 152 -68.78 -17.50 59.78
N THR IA 153 -70.51 -21.58 64.64
N THR IA 153 -69.12 -16.29 59.34
CA THR IA 153 -70.26 -20.51 65.60
CA THR IA 153 -68.94 -15.12 60.18
C THR IA 153 -71.13 -20.66 66.84
C THR IA 153 -69.68 -15.28 61.50
N ASN IA 154 -72.45 -20.79 66.66
N ASN IA 154 -70.95 -15.67 61.44
CA ASN IA 154 -73.34 -20.89 67.82
CA ASN IA 154 -71.72 -15.73 62.68
C ASN IA 154 -73.01 -22.14 68.65
C ASN IA 154 -71.25 -16.87 63.57
N LEU IA 155 -72.75 -23.27 67.99
N LEU IA 155 -70.85 -18.00 62.97
CA LEU IA 155 -72.46 -24.49 68.72
CA LEU IA 155 -70.38 -19.13 63.77
C LEU IA 155 -71.17 -24.33 69.54
C LEU IA 155 -69.12 -18.75 64.56
N ARG IA 156 -70.14 -23.75 68.96
N ARG IA 156 -68.16 -18.08 63.92
CA ARG IA 156 -68.93 -23.46 69.73
CA ARG IA 156 -66.96 -17.69 64.65
C ARG IA 156 -69.23 -22.51 70.90
C ARG IA 156 -67.28 -16.62 65.70
N LYS IA 157 -69.89 -21.38 70.62
N LYS IA 157 -68.05 -15.61 65.32
CA LYS IA 157 -70.18 -20.41 71.67
CA LYS IA 157 -68.32 -14.52 66.25
C LYS IA 157 -71.06 -21.00 72.78
C LYS IA 157 -69.02 -15.03 67.50
N MET IA 158 -71.82 -22.05 72.49
N MET IA 158 -69.84 -16.09 67.37
CA MET IA 158 -72.67 -22.69 73.49
CA MET IA 158 -70.53 -16.75 68.48
C MET IA 158 -71.94 -23.71 74.35
C MET IA 158 -69.61 -17.59 69.36
N GLY IA 159 -70.70 -24.06 74.02
N GLY IA 159 -68.39 -17.89 68.90
CA GLY IA 159 -69.95 -25.01 74.80
CA GLY IA 159 -67.45 -18.67 69.66
C GLY IA 159 -69.79 -26.39 74.19
C GLY IA 159 -67.27 -20.09 69.19
N ALA IA 160 -70.25 -26.59 72.96
N ALA IA 160 -67.77 -20.43 68.00
CA ALA IA 160 -70.15 -27.88 72.32
CA ALA IA 160 -67.46 -21.72 67.42
C ALA IA 160 -68.70 -28.17 71.93
C ALA IA 160 -65.99 -21.78 67.01
N PRO IA 161 -68.31 -29.45 71.80
N PRO IA 161 -65.35 -22.98 67.04
CA PRO IA 161 -69.12 -30.65 72.03
CA PRO IA 161 -65.86 -24.28 67.49
C PRO IA 161 -69.12 -31.11 73.49
C PRO IA 161 -65.61 -24.54 68.97
N GLU IA 162 -68.31 -30.47 74.33
N GLU IA 162 -65.08 -23.53 69.67
CA GLU IA 162 -68.21 -30.83 75.74
CA GLU IA 162 -64.82 -23.67 71.10
C GLU IA 162 -69.59 -30.86 76.41
C GLU IA 162 -66.11 -23.78 71.91
N SER IA 163 -70.16 -29.68 76.62
N SER IA 163 -67.22 -23.24 71.38
CA SER IA 163 -71.52 -29.56 77.16
CA SER IA 163 -68.50 -23.23 72.07
C SER IA 163 -72.55 -30.26 76.28
C SER IA 163 -69.44 -24.21 71.37
N GLY IA 164 -72.94 -31.49 76.63
N GLY IA 164 -69.70 -25.34 72.03
CA GLY IA 164 -74.05 -32.12 75.96
CA GLY IA 164 -70.77 -26.20 71.57
C GLY IA 164 -75.36 -31.36 76.08
C GLY IA 164 -72.12 -25.53 71.65
N LEU IA 165 -75.43 -30.42 77.03
N LEU IA 165 -72.26 -24.53 72.53
CA LEU IA 165 -76.58 -29.53 77.12
CA LEU IA 165 -73.48 -23.72 72.58
C LEU IA 165 -76.65 -28.56 75.94
C LEU IA 165 -73.65 -22.92 71.30
N ALA IA 166 -75.50 -28.15 75.41
N ALA IA 166 -72.56 -22.38 70.76
CA ALA IA 166 -75.49 -27.20 74.31
CA ALA IA 166 -72.62 -21.64 69.50
C ALA IA 166 -76.03 -27.83 73.03
C ALA IA 166 -73.31 -22.47 68.42
N GLU IA 167 -75.56 -29.03 72.68
N GLU IA 167 -72.73 -23.64 68.09
CA GLU IA 167 -76.04 -29.67 71.46
CA GLU IA 167 -73.30 -24.45 67.01
C GLU IA 167 -77.54 -29.96 71.55
C GLU IA 167 -74.74 -24.84 67.31
N TYR IA 168 -78.02 -30.44 72.70
N TYR IA 168 -75.09 -25.08 68.58
CA TYR IA 168 -79.46 -30.65 72.89
CA TYR IA 168 -76.45 -25.46 68.92
C TYR IA 168 -80.25 -29.39 72.58
C TYR IA 168 -77.44 -24.33 68.65
N LEU IA 169 -79.79 -28.24 73.09
N LEU IA 169 -77.11 -23.11 69.10
CA LEU IA 169 -80.53 -26.99 72.91
CA LEU IA 169 -78.00 -21.95 68.88
C LEU IA 169 -80.44 -26.48 71.48
C LEU IA 169 -78.04 -21.53 67.42
N PHE IA 170 -79.26 -26.62 70.85
N PHE IA 170 -76.88 -21.54 66.75
CA PHE IA 170 -79.11 -26.23 69.46
CA PHE IA 170 -76.88 -21.21 65.34
C PHE IA 170 -79.98 -27.09 68.56
C PHE IA 170 -77.73 -22.19 64.54
N ASP IA 171 -80.10 -28.38 68.88
N ASP IA 171 -77.60 -23.48 64.84
CA ASP IA 171 -81.08 -29.24 68.24
CA ASP IA 171 -78.49 -24.48 64.26
C ASP IA 171 -82.49 -28.68 68.38
C ASP IA 171 -79.96 -24.13 64.51
N LYS IA 172 -82.84 -28.17 69.57
N LYS IA 172 -80.30 -23.69 65.73
CA LYS IA 172 -84.22 -27.74 69.78
CA LYS IA 172 -81.69 -23.35 66.06
C LYS IA 172 -84.48 -26.34 69.21
C LYS IA 172 -82.13 -22.05 65.39
N HIS IA 173 -83.65 -25.37 69.56
N HIS IA 173 -81.41 -20.96 65.63
CA HIS IA 173 -84.02 -23.99 69.26
CA HIS IA 173 -81.88 -19.63 65.25
C HIS IA 173 -83.53 -23.51 67.91
C HIS IA 173 -81.55 -19.26 63.82
N THR IA 174 -82.44 -24.06 67.40
N THR IA 174 -80.49 -19.79 63.23
CA THR IA 174 -81.95 -23.66 66.09
CA THR IA 174 -80.14 -19.44 61.85
C THR IA 174 -82.45 -24.59 65.00
C THR IA 174 -80.65 -20.46 60.83
N LEU IA 175 -82.22 -25.89 65.13
N LEU IA 175 -80.32 -21.75 61.00
CA LEU IA 175 -82.53 -26.82 64.05
CA LEU IA 175 -80.67 -22.77 60.01
C LEU IA 175 -83.97 -27.28 64.03
C LEU IA 175 -82.03 -23.43 60.26
N GLY IA 176 -84.80 -26.95 65.02
N GLY IA 176 -82.86 -22.88 61.13
CA GLY IA 176 -86.16 -27.48 65.05
CA GLY IA 176 -84.21 -23.38 61.28
C GLY IA 176 -87.28 -26.53 64.66
C GLY IA 176 -85.28 -22.30 61.14
N ASP IA 177 -87.15 -25.86 63.51
N ASP IA 177 -85.09 -21.40 60.17
CA ASP IA 177 -88.06 -24.77 63.10
CA ASP IA 177 -85.92 -20.18 59.96
C ASP IA 177 -88.01 -23.61 64.07
C ASP IA 177 -85.77 -19.18 61.11
N SER JA 4 -75.90 12.10 17.58
N SER JA 4 -82.12 13.73 11.12
CA SER JA 4 -75.77 12.42 18.99
CA SER JA 4 -81.74 14.19 12.45
C SER JA 4 -75.90 11.18 19.89
C SER JA 4 -81.39 13.03 13.36
N THR JA 5 -75.36 11.26 21.09
N THR JA 5 -80.85 13.34 14.54
CA THR JA 5 -75.40 10.16 22.04
CA THR JA 5 -80.55 12.34 15.54
C THR JA 5 -76.61 10.32 22.95
C THR JA 5 -81.66 12.37 16.59
N SER JA 6 -77.41 9.27 23.04
N SER JA 6 -82.21 11.20 16.87
CA SER JA 6 -78.56 9.29 23.92
CA SER JA 6 -83.26 11.10 17.87
C SER JA 6 -78.13 9.58 25.35
C SER JA 6 -82.76 11.53 19.24
N GLN JA 7 -78.95 10.34 26.06
N GLN JA 7 -83.58 12.33 19.94
CA GLN JA 7 -78.65 10.67 27.45
CA GLN JA 7 -83.33 12.73 21.32
C GLN JA 7 -78.55 9.42 28.33
C GLN JA 7 -83.10 11.55 22.28
N VAL JA 8 -79.16 8.31 27.93
N VAL JA 8 -83.59 10.34 21.96
CA VAL JA 8 -79.11 7.12 28.76
CA VAL JA 8 -83.34 9.19 22.82
C VAL JA 8 -77.95 6.19 28.42
C VAL JA 8 -82.12 8.39 22.38
N ARG JA 9 -77.32 6.36 27.25
N ARG JA 9 -81.60 8.65 21.19
CA ARG JA 9 -76.26 5.45 26.81
CA ARG JA 9 -80.53 7.81 20.64
C ARG JA 9 -75.06 5.47 27.77
C ARG JA 9 -79.27 7.96 21.48
N GLN JA 10 -74.56 4.28 28.08
N GLN JA 10 -78.76 6.84 21.99
CA GLN JA 10 -73.42 4.12 28.97
CA GLN JA 10 -77.50 6.78 22.72
C GLN JA 10 -72.86 2.73 28.79
C GLN JA 10 -76.87 5.42 22.46
N ASN JA 11 -71.58 2.63 28.39
N ASN JA 11 -75.59 5.43 22.04
CA ASN JA 11 -70.84 1.39 28.27
CA ASN JA 11 -74.75 4.23 21.92
C ASN JA 11 -71.40 0.46 27.20
C ASN JA 11 -75.37 3.19 20.97
N TYR JA 12 -72.11 1.02 26.21
N TYR JA 12 -76.12 3.65 19.97
CA TYR JA 12 -72.81 0.25 25.17
CA TYR JA 12 -76.78 2.79 18.99
C TYR JA 12 -72.09 0.48 23.83
C TYR JA 12 -76.15 3.02 17.63
N HIS JA 13 -71.28 -0.50 23.42
N HIS JA 13 -75.41 2.02 17.13
CA HIS JA 13 -70.44 -0.35 22.23
CA HIS JA 13 -74.70 2.13 15.86
C HIS JA 13 -71.29 -0.27 20.96
C HIS JA 13 -75.64 1.92 14.68
N GLN JA 14 -70.76 0.44 19.96
N GLN JA 14 -75.46 2.78 13.65
CA GLN JA 14 -71.52 0.58 18.72
CA GLN JA 14 -76.25 2.69 12.43
C GLN JA 14 -71.57 -0.73 17.92
C GLN JA 14 -76.12 1.32 11.77
N ASP JA 15 -70.66 -1.67 18.16
N ASP JA 15 -75.00 0.63 11.96
CA ASP JA 15 -70.81 -2.96 17.52
CA ASP JA 15 -74.92 -0.77 11.55
C ASP JA 15 -71.89 -3.78 18.18
C ASP JA 15 -75.90 -1.63 12.34
N SER JA 16 -72.10 -3.57 19.48
N SER JA 16 -76.02 -1.39 13.64
CA SER JA 16 -73.16 -4.28 20.18
CA SER JA 16 -76.94 -2.21 14.42
C SER JA 16 -74.53 -3.79 19.70
C SER JA 16 -78.38 -1.89 14.02
N GLU JA 17 -74.69 -2.47 19.65
N GLU JA 17 -78.67 -0.59 13.87
CA GLU JA 17 -75.77 -1.82 18.91
CA GLU JA 17 -79.94 -0.13 13.32
C GLU JA 17 -76.09 -2.49 17.57
C GLU JA 17 -80.23 -0.79 11.98
N ALA JA 18 -75.09 -2.55 16.68
N ALA JA 18 -79.22 -0.94 11.14
CA ALA JA 18 -75.31 -3.16 15.37
CA ALA JA 18 -79.45 -1.58 9.85
C ALA JA 18 -75.65 -4.63 15.51
C ALA JA 18 -79.80 -3.04 10.03
N ALA JA 19 -74.98 -5.33 16.43
N ALA JA 19 -79.04 -3.74 10.86
CA ALA JA 19 -75.23 -6.75 16.60
CA ALA JA 19 -79.22 -5.19 10.98
C ALA JA 19 -76.67 -7.01 17.07
C ALA JA 19 -80.54 -5.54 11.67
N ILE JA 20 -77.22 -6.11 17.87
N ILE JA 20 -81.03 -4.68 12.57
CA ILE JA 20 -78.59 -6.27 18.36
CA ILE JA 20 -82.36 -4.90 13.16
C ILE JA 20 -79.57 -5.99 17.23
C ILE JA 20 -83.42 -4.82 12.08
N ASN JA 21 -79.28 -5.02 16.38
N ASN JA 21 -83.35 -3.79 11.23
CA ASN JA 21 -80.12 -4.80 15.21
CA ASN JA 21 -84.22 -3.72 10.06
C ASN JA 21 -80.13 -6.01 14.29
C ASN JA 21 -84.20 -5.02 9.26
N ARG JA 22 -78.97 -6.67 14.10
N ARG JA 22 -83.00 -5.58 9.01
CA ARG JA 22 -78.96 -7.86 13.24
CA ARG JA 22 -82.88 -6.85 8.29
C ARG JA 22 -79.72 -9.02 13.89
C ARG JA 22 -83.45 -8.01 9.10
N GLN JA 23 -79.62 -9.14 15.22
N GLN JA 23 -83.16 -8.08 10.39
CA GLN JA 23 -80.38 -10.16 15.93
CA GLN JA 23 -83.74 -9.12 11.23
C GLN JA 23 -81.89 -9.93 15.82
C GLN JA 23 -85.27 -9.06 11.22
N ILE JA 24 -82.32 -8.66 15.89
N ILE JA 24 -85.84 -7.85 11.21
CA ILE JA 24 -83.73 -8.33 15.73
CA ILE JA 24 -87.31 -7.73 11.21
C ILE JA 24 -84.26 -8.89 14.42
C ILE JA 24 -87.89 -8.40 9.95
N ASN JA 25 -83.52 -8.66 13.33
N ASN JA 25 -87.28 -8.15 8.78
CA ASN JA 25 -83.90 -9.17 12.03
CA ASN JA 25 -87.79 -8.73 7.56
C ASN JA 25 -83.91 -10.70 12.01
C ASN JA 25 -87.63 -10.24 7.54
N LEU JA 26 -82.93 -11.34 12.66
N LEU JA 26 -86.52 -10.73 8.09
CA LEU JA 26 -82.87 -12.80 12.63
CA LEU JA 26 -86.32 -12.17 8.16
C LEU JA 26 -84.03 -13.43 13.40
C LEU JA 26 -87.37 -12.83 9.05
N GLU JA 27 -84.49 -12.79 14.49
N GLU JA 27 -87.74 -12.18 10.16
CA GLU JA 27 -85.64 -13.29 15.22
CA GLU JA 27 -88.77 -12.73 11.05
C GLU JA 27 -86.92 -13.13 14.41
C GLU JA 27 -90.12 -12.78 10.35
N LEU JA 28 -87.10 -11.96 13.77
N LEU JA 28 -90.48 -11.71 9.63
CA LEU JA 28 -88.24 -11.81 12.86
CA LEU JA 28 -91.74 -11.71 8.90
C LEU JA 28 -88.19 -12.82 11.72
C LEU JA 28 -91.70 -12.73 7.79
N TYR JA 29 -87.00 -13.15 11.23
N TYR JA 29 -90.54 -12.91 7.19
CA TYR JA 29 -86.90 -14.15 10.18
CA TYR JA 29 -90.39 -13.95 6.18
C TYR JA 29 -87.29 -15.53 10.68
C TYR JA 29 -90.69 -15.32 6.80
N ALA JA 30 -86.86 -15.90 11.90
N ALA JA 30 -90.11 -15.60 7.96
CA ALA JA 30 -87.28 -17.19 12.47
CA ALA JA 30 -90.33 -16.91 8.59
C ALA JA 30 -88.78 -17.24 12.67
C ALA JA 30 -91.80 -17.09 8.93
N SER JA 31 -89.38 -16.11 13.06
N SER JA 31 -92.44 -16.04 9.43
CA SER JA 31 -90.82 -16.03 13.20
CA SER JA 31 -93.88 -16.10 9.67
C SER JA 31 -91.53 -16.20 11.85
C SER JA 31 -94.64 -16.49 8.40
N TYR JA 32 -90.94 -15.67 10.78
N TYR JA 32 -94.25 -15.93 7.25
CA TYR JA 32 -91.51 -15.83 9.45
CA TYR JA 32 -94.89 -16.28 5.98
C TYR JA 32 -91.43 -17.27 8.98
C TYR JA 32 -94.69 -17.76 5.68
N VAL JA 33 -90.27 -17.93 9.14
N VAL JA 33 -93.46 -18.27 5.87
CA VAL JA 33 -90.14 -19.34 8.78
CA VAL JA 33 -93.17 -19.67 5.60
C VAL JA 33 -91.23 -20.17 9.47
C VAL JA 33 -94.04 -20.57 6.46
N TYR JA 34 -91.42 -19.93 10.78
N TYR JA 34 -94.22 -20.22 7.74
CA TYR JA 34 -92.38 -20.74 11.54
CA TYR JA 34 -95.03 -21.06 8.60
C TYR JA 34 -93.80 -20.48 11.07
C TYR JA 34 -96.51 -20.98 8.23
N LEU JA 35 -94.11 -19.22 10.75
N LEU JA 35 -96.97 -19.79 7.79
CA LEU JA 35 -95.40 -18.89 10.16
CA LEU JA 35 -98.35 -19.68 7.29
C LEU JA 35 -95.66 -19.75 8.94
C LEU JA 35 -98.55 -20.59 6.09
N SER JA 36 -94.67 -19.83 8.04
N SER JA 36 -97.61 -20.57 5.13
CA SER JA 36 -94.85 -20.59 6.81
CA SER JA 36 -97.70 -21.39 3.92
C SER JA 36 -95.04 -22.07 7.09
C SER JA 36 -97.83 -22.85 4.26
N MET JA 37 -94.17 -22.65 7.93
N MET JA 37 -97.04 -23.29 5.24
CA MET JA 37 -94.28 -24.05 8.32
CA MET JA 37 -97.03 -24.69 5.65
C MET JA 37 -95.67 -24.36 8.87
C MET JA 37 -98.29 -25.06 6.40
N SER JA 38 -96.13 -23.54 9.82
N SER JA 38 -98.77 -24.21 7.29
CA SER JA 38 -97.42 -23.79 10.45
CA SER JA 38 -99.99 -24.51 8.05
C SER JA 38 -98.53 -23.84 9.42
C SER JA 38 -101.09 -24.91 7.10
N TYR JA 39 -98.54 -22.93 8.45
N TYR JA 39 -101.35 -24.09 6.09
CA TYR JA 39 -99.63 -22.93 7.51
CA TYR JA 39 -102.49 -24.31 5.23
C TYR JA 39 -99.45 -23.96 6.40
C TYR JA 39 -102.25 -25.41 4.21
N TYR JA 40 -98.23 -24.46 6.20
N TYR JA 40 -100.99 -25.70 3.87
CA TYR JA 40 -98.08 -25.66 5.39
CA TYR JA 40 -100.74 -26.92 3.09
C TYR JA 40 -98.91 -26.81 5.97
C TYR JA 40 -101.34 -28.13 3.79
N PHE JA 41 -98.80 -27.04 7.27
N PHE JA 41 -101.22 -28.20 5.12
CA PHE JA 41 -99.51 -28.18 7.87
CA PHE JA 41 -101.67 -29.37 5.85
C PHE JA 41 -101.01 -27.97 7.94
C PHE JA 41 -103.17 -29.37 6.08
N ASP JA 42 -101.46 -26.72 7.80
N ASP JA 42 -103.82 -28.24 5.84
CA ASP JA 42 -102.87 -26.35 7.69
CA ASP JA 42 -105.27 -28.06 5.82
C ASP JA 42 -103.46 -26.66 6.32
C ASP JA 42 -105.88 -28.44 4.47
N ARG JA 43 -102.63 -27.05 5.34
N ARG JA 43 -105.09 -28.87 3.50
CA ARG JA 43 -103.13 -27.39 4.01
CA ARG JA 43 -105.65 -29.30 2.23
C ARG JA 43 -104.01 -28.63 4.04
C ARG JA 43 -106.42 -30.61 2.40
N ASP JA 44 -105.04 -28.63 3.19
N ASP JA 44 -107.54 -30.74 1.68
CA ASP JA 44 -105.96 -29.75 3.12
CA ASP JA 44 -108.35 -31.96 1.75
C ASP JA 44 -105.28 -31.05 2.68
C ASP JA 44 -107.58 -33.22 1.32
N ASP JA 45 -104.11 -30.97 2.04
N ASP JA 45 -106.51 -33.08 0.55
CA ASP JA 45 -103.41 -32.17 1.62
CA ASP JA 45 -105.70 -34.21 0.09
C ASP JA 45 -102.28 -32.54 2.56
C ASP JA 45 -104.47 -34.42 0.95
N VAL JA 46 -102.16 -31.85 3.70
N VAL JA 46 -104.31 -33.62 2.00
CA VAL JA 46 -101.23 -32.20 4.75
CA VAL JA 46 -103.24 -33.77 2.99
C VAL JA 46 -102.06 -32.51 6.00
C VAL JA 46 -103.88 -34.02 4.35
N ALA JA 47 -102.75 -31.48 6.53
N ALA JA 47 -104.61 -33.02 4.85
CA ALA JA 47 -103.83 -31.66 7.49
CA ALA JA 47 -105.57 -33.19 5.95
C ALA JA 47 -103.34 -32.30 8.80
C ALA JA 47 -104.91 -33.75 7.21
N LEU JA 48 -102.30 -31.70 9.37
N LEU JA 48 -103.88 -33.07 7.66
CA LEU JA 48 -101.77 -32.08 10.68
CA LEU JA 48 -103.24 -33.38 8.94
C LEU JA 48 -101.94 -30.85 11.57
C LEU JA 48 -103.42 -32.13 9.80
N LYS JA 49 -103.06 -30.80 12.28
N LYS JA 49 -104.45 -32.12 10.64
CA LYS JA 49 -103.45 -29.59 12.99
CA LYS JA 49 -104.90 -30.88 11.29
C LYS JA 49 -102.53 -29.28 14.16
C LYS JA 49 -103.93 -30.41 12.39
N ASN JA 50 -101.97 -30.30 14.79
N ASN JA 50 -103.24 -31.33 13.06
CA ASN JA 50 -101.12 -30.04 15.94
CA ASN JA 50 -102.36 -30.88 14.15
C ASN JA 50 -99.72 -29.60 15.54
C ASN JA 50 -101.03 -30.39 13.60
N PHE JA 51 -99.20 -30.12 14.41
N PHE JA 51 -100.56 -30.95 12.47
CA PHE JA 51 -97.98 -29.56 13.84
CA PHE JA 51 -99.53 -30.24 11.71
C PHE JA 51 -98.18 -28.07 13.52
C PHE JA 51 -100.00 -28.84 11.37
N ALA JA 52 -99.31 -27.74 12.89
N ALA JA 52 -101.26 -28.71 10.96
CA ALA JA 52 -99.61 -26.33 12.59
CA ALA JA 52 -101.74 -27.40 10.53
C ALA JA 52 -99.67 -25.49 13.85
C ALA JA 52 -101.71 -26.42 11.69
N LYS JA 53 -100.35 -26.00 14.89
N LYS JA 53 -102.17 -26.85 12.86
CA LYS JA 53 -100.38 -25.32 16.18
CA LYS JA 53 -102.16 -25.94 14.01
C LYS JA 53 -98.97 -25.11 16.74
C LYS JA 53 -100.75 -25.71 14.54
N TYR JA 54 -98.18 -26.18 16.74
N TYR JA 54 -99.87 -26.69 14.44
CA TYR JA 54 -96.85 -26.15 17.33
CA TYR JA 54 -98.50 -26.48 14.90
C TYR JA 54 -95.98 -25.08 16.65
C TYR JA 54 -97.82 -25.36 14.11
N PHE JA 55 -95.97 -25.07 15.32
N PHE JA 55 -97.94 -25.38 12.78
CA PHE JA 55 -95.14 -24.09 14.64
CA PHE JA 55 -97.24 -24.40 11.96
C PHE JA 55 -95.70 -22.69 14.77
C PHE JA 55 -97.90 -23.02 12.00
N LEU JA 56 -97.03 -22.53 14.80
N LEU JA 56 -99.22 -22.98 12.17
CA LEU JA 56 -97.57 -21.18 14.92
CA LEU JA 56 -99.90 -21.70 12.39
C LEU JA 56 -97.23 -20.59 16.28
C LEU JA 56 -99.44 -21.06 13.69
N HIS JA 57 -97.28 -21.43 17.32
N HIS JA 57 -99.34 -21.85 14.75
CA HIS JA 57 -96.85 -21.03 18.65
CA HIS JA 57 -98.82 -21.33 16.01
C HIS JA 57 -95.40 -20.56 18.64
C HIS JA 57 -97.44 -20.70 15.84
N GLN JA 58 -94.49 -21.36 18.06
N GLN JA 58 -96.54 -21.39 15.12
CA GLN JA 58 -93.08 -20.96 17.99
CA GLN JA 58 -95.21 -20.82 14.88
C GLN JA 58 -92.93 -19.64 17.26
C GLN JA 58 -95.31 -19.53 14.08
N SER JA 59 -93.73 -19.44 16.19
N SER JA 59 -96.22 -19.49 13.12
CA SER JA 59 -93.67 -18.20 15.42
CA SER JA 59 -96.35 -18.31 12.26
C SER JA 59 -93.98 -16.99 16.29
C SER JA 59 -96.69 -17.09 13.10
N HIS JA 60 -95.01 -17.11 17.14
N HIS JA 60 -97.67 -17.21 13.99
CA HIS JA 60 -95.34 -16.03 18.07
CA HIS JA 60 -98.01 -16.11 14.89
C HIS JA 60 -94.23 -15.83 19.09
C HIS JA 60 -96.82 -15.73 15.76
N GLU JA 61 -93.62 -16.92 19.55
N GLU JA 61 -96.08 -16.73 16.26
CA GLU JA 61 -92.54 -16.77 20.53
CA GLU JA 61 -94.92 -16.45 17.11
C GLU JA 61 -91.34 -16.05 19.94
C GLU JA 61 -93.87 -15.64 16.35
N GLU JA 62 -91.09 -16.22 18.63
N GLU JA 62 -93.60 -16.00 15.09
CA GLU JA 62 -89.94 -15.56 18.01
CA GLU JA 62 -92.67 -15.21 14.30
C GLU JA 62 -90.19 -14.07 17.83
C GLU JA 62 -93.19 -13.79 14.11
N ARG JA 63 -91.42 -13.68 17.46
N ARG JA 63 -94.50 -13.60 14.03
CA ARG JA 63 -91.75 -12.26 17.44
CA ARG JA 63 -95.05 -12.25 13.98
C ARG JA 63 -91.56 -11.64 18.82
C ARG JA 63 -94.68 -11.49 15.25
N GLU JA 64 -92.01 -12.34 19.88
N GLU JA 64 -94.79 -12.14 16.42
CA GLU JA 64 -91.69 -11.93 21.24
CA GLU JA 64 -94.39 -11.49 17.66
C GLU JA 64 -90.18 -11.77 21.44
C GLU JA 64 -92.89 -11.20 17.70
N HIS JA 65 -89.38 -12.70 20.91
N HIS JA 65 -92.07 -12.10 17.15
CA HIS JA 65 -87.92 -12.57 21.04
CA HIS JA 65 -90.63 -11.84 17.12
C HIS JA 65 -87.42 -11.28 20.40
C HIS JA 65 -90.32 -10.56 16.36
N ALA JA 66 -87.98 -10.92 19.24
N ALA JA 66 -91.02 -10.32 15.25
CA ALA JA 66 -87.54 -9.72 18.53
CA ALA JA 66 -90.74 -9.16 14.42
C ALA JA 66 -87.90 -8.46 19.31
C ALA JA 66 -91.19 -7.87 15.10
N GLU JA 67 -89.13 -8.38 19.82
N GLU JA 67 -92.40 -7.86 15.68
CA GLU JA 67 -89.58 -7.18 20.53
CA GLU JA 67 -92.88 -6.66 16.33
C GLU JA 67 -88.81 -6.93 21.81
C GLU JA 67 -92.03 -6.32 17.54
N LYS JA 68 -88.34 -7.99 22.48
N LYS JA 68 -91.48 -7.33 18.21
CA LYS JA 68 -87.55 -7.79 23.69
CA LYS JA 68 -90.57 -7.07 19.33
C LYS JA 68 -86.17 -7.22 23.35
C LYS JA 68 -89.32 -6.35 18.85
N LEU JA 69 -85.60 -7.64 22.21
N LEU JA 69 -88.81 -6.72 17.67
CA LEU JA 69 -84.35 -7.05 21.72
CA LEU JA 69 -87.66 -6.01 17.11
C LEU JA 69 -84.55 -5.58 21.34
C LEU JA 69 -88.06 -4.62 16.62
N MET JA 70 -85.70 -5.27 20.73
N MET JA 70 -89.28 -4.47 16.12
CA MET JA 70 -86.03 -3.88 20.44
CA MET JA 70 -89.76 -3.13 15.76
C MET JA 70 -86.16 -3.07 21.72
C MET JA 70 -89.87 -2.25 17.00
N LYS JA 71 -86.83 -3.63 22.74
N LYS JA 71 -90.42 -2.82 18.08
CA LYS JA 71 -86.90 -3.01 24.05
CA LYS JA 71 -90.43 -2.12 19.37
C LYS JA 71 -85.51 -2.76 24.60
C LYS JA 71 -89.01 -1.72 19.77
N LEU JA 72 -84.67 -3.79 24.56
N LEU JA 72 -88.05 -2.64 19.63
CA LEU JA 72 -83.30 -3.71 25.06
CA LEU JA 72 -86.67 -2.34 19.99
C LEU JA 72 -82.49 -2.67 24.30
C LEU JA 72 -86.11 -1.18 19.17
N GLN JA 73 -82.70 -2.55 22.99
N GLN JA 73 -86.31 -1.22 17.84
CA GLN JA 73 -81.98 -1.53 22.23
CA GLN JA 73 -85.79 -0.17 16.97
C GLN JA 73 -82.31 -0.14 22.74
C GLN JA 73 -86.22 1.22 17.42
N ASN JA 74 -83.60 0.16 22.94
N ASN JA 74 -87.51 1.36 17.75
CA ASN JA 74 -83.98 1.47 23.48
CA ASN JA 74 -88.01 2.65 18.24
C ASN JA 74 -83.52 1.64 24.92
C ASN JA 74 -87.50 2.94 19.65
N GLN JA 75 -83.43 0.56 25.70
N GLN JA 75 -87.40 1.92 20.51
CA GLN JA 75 -82.99 0.72 27.09
CA GLN JA 75 -86.88 2.13 21.86
C GLN JA 75 -81.57 1.27 27.18
C GLN JA 75 -85.51 2.78 21.83
N ARG JA 76 -80.69 0.87 26.26
N ARG JA 76 -84.60 2.22 21.02
CA ARG JA 76 -79.27 1.16 26.38
CA ARG JA 76 -83.26 2.74 20.84
C ARG JA 76 -78.82 2.39 25.60
C ARG JA 76 -83.19 3.95 19.93
N GLY JA 77 -79.75 3.15 25.02
N GLY JA 77 -84.27 4.27 19.22
CA GLY JA 77 -79.43 4.24 24.16
CA GLY JA 77 -84.30 5.52 18.50
C GLY JA 77 -79.47 3.90 22.67
C GLY JA 77 -83.81 5.46 17.08
N GLY JA 78 -79.22 2.65 22.30
N GLY JA 78 -83.61 4.26 16.54
CA GLY JA 78 -79.10 2.31 20.89
CA GLY JA 78 -83.45 4.09 15.11
C GLY JA 78 -80.38 2.57 20.11
C GLY JA 78 -84.80 4.19 14.43
N ARG JA 79 -80.24 2.63 18.80
N ARG JA 79 -84.80 3.85 13.14
CA ARG JA 79 -81.33 2.99 17.89
CA ARG JA 79 -85.96 4.06 12.30
C ARG JA 79 -81.66 1.82 16.98
C ARG JA 79 -86.29 2.76 11.56
N ILE JA 80 -82.94 1.45 16.93
N ILE JA 80 -87.56 2.47 11.47
CA ILE JA 80 -83.39 0.35 16.08
CA ILE JA 80 -87.99 1.24 10.83
C ILE JA 80 -83.32 0.76 14.62
C ILE JA 80 -88.08 1.50 9.35
N PHE JA 81 -82.77 -0.12 13.79
N PHE JA 81 -87.51 0.58 8.56
CA PHE JA 81 -82.88 -0.01 12.33
CA PHE JA 81 -87.64 0.61 7.11
C PHE JA 81 -83.39 -1.33 11.81
C PHE JA 81 -87.98 -0.80 6.66
N LEU JA 82 -84.64 -1.35 11.38
N LEU JA 82 -89.26 -1.04 6.43
CA LEU JA 82 -85.22 -2.55 10.83
CA LEU JA 82 -89.73 -2.36 6.03
C LEU JA 82 -84.78 -2.73 9.39
C LEU JA 82 -89.51 -2.60 4.56
N GLN JA 83 -84.63 -4.00 9.00
N GLN JA 83 -89.23 -3.85 4.20
CA GLN JA 83 -84.25 -4.35 7.64
CA GLN JA 83 -89.05 -4.27 2.82
C GLN JA 83 -85.34 -5.22 7.06
C GLN JA 83 -90.08 -5.34 2.49
N ASP JA 84 -85.21 -5.52 5.77
N ASP JA 84 -90.22 -5.65 1.19
CA ASP JA 84 -86.15 -6.45 5.14
CA ASP JA 84 -91.11 -6.73 0.77
C ASP JA 84 -86.11 -7.79 5.88
C ASP JA 84 -90.82 -7.98 1.58
N ILE JA 85 -87.24 -8.46 5.91
N ILE JA 85 -91.85 -8.78 1.79
CA ILE JA 85 -87.30 -9.82 6.41
CA ILE JA 85 -91.70 -10.08 2.41
C ILE JA 85 -87.31 -10.74 5.20
C ILE JA 85 -91.74 -11.10 1.30
N GLN JA 86 -86.23 -11.53 5.03
N GLN JA 86 -90.62 -11.79 1.10
CA GLN JA 86 -86.18 -12.46 3.91
CA GLN JA 86 -90.54 -12.78 0.03
C GLN JA 86 -87.29 -13.49 4.04
C GLN JA 86 -91.48 -13.95 0.31
N LYS JA 87 -87.89 -13.85 2.91
N LYS JA 87 -92.20 -14.37 -0.73
CA LYS JA 87 -88.83 -14.94 2.92
CA LYS JA 87 -92.96 -15.61 -0.65
C LYS JA 87 -88.13 -16.28 3.22
C LYS JA 87 -92.02 -16.78 -0.39
N PRO JA 88 -88.84 -17.24 3.80
N PRO JA 88 -92.46 -17.80 0.35
CA PRO JA 88 -88.25 -18.54 4.09
CA PRO JA 88 -91.59 -18.95 0.61
C PRO JA 88 -87.69 -19.22 2.85
C PRO JA 88 -91.21 -19.64 -0.69
N ASP JA 89 -86.76 -20.17 3.08
N ASP JA 89 -90.11 -20.42 -0.65
CA ASP JA 89 -86.12 -20.86 1.97
CA ASP JA 89 -89.59 -21.09 -1.83
C ASP JA 89 -87.05 -21.83 1.26
C ASP JA 89 -90.49 -22.19 -2.36
N GLU JA 90 -88.15 -22.25 1.89
N GLU JA 90 -91.45 -22.68 -1.58
CA GLU JA 90 -89.08 -23.18 1.27
CA GLU JA 90 -92.27 -23.76 -2.04
C GLU JA 90 -90.50 -22.63 1.30
C GLU JA 90 -93.74 -23.37 -1.92
N ASP JA 91 -91.29 -23.00 0.30
N ASP JA 91 -94.57 -23.98 -2.77
CA ASP JA 91 -92.74 -22.81 0.34
CA ASP JA 91 -96.03 -23.93 -2.65
C ASP JA 91 -93.46 -24.07 0.80
C ASP JA 91 -96.60 -25.22 -2.12
N ASP JA 92 -92.91 -25.22 0.43
N ASP JA 92 -95.91 -26.32 -2.37
CA ASP JA 92 -93.40 -26.53 0.81
CA ASP JA 92 -96.29 -27.67 -1.97
C ASP JA 92 -92.39 -27.13 1.78
C ASP JA 92 -95.19 -28.19 -1.06
N TRP JA 93 -92.87 -27.64 2.90
N TRP JA 93 -95.55 -28.58 0.17
CA TRP JA 93 -91.98 -28.17 3.92
CA TRP JA 93 -94.55 -28.99 1.16
C TRP JA 93 -91.97 -29.70 3.95
C TRP JA 93 -94.41 -30.51 1.31
N GLU JA 94 -92.50 -30.34 2.92
N GLU JA 94 -95.12 -31.29 0.49
CA GLU JA 94 -92.35 -31.76 2.64
CA GLU JA 94 -94.86 -32.73 0.27
C GLU JA 94 -93.13 -32.63 3.61
C GLU JA 94 -95.34 -33.64 1.39
N SER JA 95 -92.90 -32.46 4.92
N SER JA 95 -94.94 -33.37 2.64
CA SER JA 95 -93.43 -33.38 5.90
CA SER JA 95 -95.28 -34.26 3.74
C SER JA 95 -93.13 -32.82 7.29
C SER JA 95 -94.95 -33.59 5.06
N GLY JA 96 -93.78 -33.41 8.28
N GLY JA 96 -95.40 -34.22 6.15
CA GLY JA 96 -93.52 -33.03 9.66
CA GLY JA 96 -95.11 -33.69 7.47
C GLY JA 96 -92.09 -33.32 10.09
C GLY JA 96 -93.63 -33.63 7.75
N LEU JA 97 -91.53 -34.43 9.62
N LEU JA 97 -92.92 -34.72 7.43
CA LEU JA 97 -90.14 -34.72 9.96
CA LEU JA 97 -91.47 -34.78 7.64
C LEU JA 97 -89.21 -33.71 9.32
C LEU JA 97 -90.75 -33.70 6.84
N ASN JA 98 -89.47 -33.34 8.07
N ASN JA 98 -91.13 -33.50 5.58
CA ASN JA 98 -88.58 -32.38 7.41
CA ASN JA 98 -90.41 -32.54 4.75
C ASN JA 98 -88.72 -31.00 8.03
C ASN JA 98 -90.59 -31.13 5.30
N ALA JA 99 -89.92 -30.61 8.44
N ALA JA 99 -91.81 -30.80 5.74
CA ALA JA 99 -90.07 -29.31 9.10
CA ALA JA 99 -92.05 -29.47 6.31
C ALA JA 99 -89.32 -29.31 10.43
C ALA JA 99 -91.31 -29.31 7.63
N MET JA 100 -89.41 -30.40 11.18
N MET JA 100 -91.21 -30.38 8.43
CA MET JA 100 -88.70 -30.46 12.45
CA MET JA 100 -90.41 -30.30 9.66
C MET JA 100 -87.19 -30.38 12.25
C MET JA 100 -88.94 -30.08 9.33
N GLU JA 101 -86.67 -31.03 11.20
N GLU JA 101 -88.43 -30.83 8.36
CA GLU JA 101 -85.24 -30.95 10.90
CA GLU JA 101 -87.04 -30.64 7.91
C GLU JA 101 -84.83 -29.53 10.52
C GLU JA 101 -86.84 -29.25 7.34
N ALA JA 102 -85.66 -28.85 9.73
N ALA JA 102 -87.79 -28.77 6.55
CA ALA JA 102 -85.32 -27.49 9.34
CA ALA JA 102 -87.73 -27.39 6.06
C ALA JA 102 -85.46 -26.54 10.52
C ALA JA 102 -87.77 -26.41 7.21
N ALA JA 103 -86.47 -26.75 11.36
N ALA JA 103 -88.65 -26.66 8.19
CA ALA JA 103 -86.54 -25.98 12.61
CA ALA JA 103 -88.73 -25.80 9.37
C ALA JA 103 -85.26 -26.17 13.42
C ALA JA 103 -87.39 -25.79 10.09
N LEU JA 104 -84.80 -27.42 13.53
N LEU JA 104 -86.76 -26.95 10.23
CA LEU JA 104 -83.61 -27.71 14.30
CA LEU JA 104 -85.48 -27.05 10.92
C LEU JA 104 -82.40 -26.98 13.73
C LEU JA 104 -84.42 -26.20 10.23
N HIS JA 105 -82.22 -27.07 12.41
N HIS JA 105 -84.33 -26.30 8.91
CA HIS JA 105 -81.15 -26.34 11.75
CA HIS JA 105 -83.35 -25.51 8.16
C HIS JA 105 -81.30 -24.82 11.94
C HIS JA 105 -83.62 -24.03 8.31
N LEU JA 106 -82.54 -24.32 11.90
N LEU JA 106 -84.89 -23.61 8.21
CA LEU JA 106 -82.75 -22.89 12.14
CA LEU JA 106 -85.26 -22.22 8.43
C LEU JA 106 -82.35 -22.49 13.56
C LEU JA 106 -84.75 -21.70 9.78
N GLU JA 107 -82.81 -23.26 14.56
N GLU JA 107 -85.03 -22.43 10.86
CA GLU JA 107 -82.57 -22.88 15.95
CA GLU JA 107 -84.72 -21.90 12.19
C GLU JA 107 -81.10 -22.99 16.32
C GLU JA 107 -83.21 -21.76 12.41
N LYS JA 108 -80.36 -23.90 15.68
N LYS JA 108 -82.40 -22.58 11.77
CA LYS JA 108 -78.93 -23.91 15.92
CA LYS JA 108 -80.94 -22.42 11.91
C LYS JA 108 -78.26 -22.71 15.27
C LYS JA 108 -80.41 -21.27 11.05
N ASN JA 109 -78.75 -22.26 14.11
N ASN JA 109 -81.00 -21.04 9.87
CA ASN JA 109 -78.20 -21.05 13.52
CA ASN JA 109 -80.68 -19.82 9.13
C ASN JA 109 -78.50 -19.83 14.38
C ASN JA 109 -81.10 -18.58 9.92
N VAL JA 110 -79.68 -19.81 15.01
N VAL JA 110 -82.26 -18.63 10.59
CA VAL JA 110 -80.03 -18.70 15.90
CA VAL JA 110 -82.67 -17.52 11.45
C VAL JA 110 -79.17 -18.73 17.16
C VAL JA 110 -81.74 -17.41 12.66
N ASN JA 111 -79.02 -19.92 17.77
N ASN JA 111 -81.38 -18.56 13.26
CA ASN JA 111 -78.10 -20.09 18.90
CA ASN JA 111 -80.44 -18.52 14.37
C ASN JA 111 -76.70 -19.58 18.55
C ASN JA 111 -79.10 -17.92 13.96
N GLN JA 112 -76.24 -19.83 17.32
N GLN JA 112 -78.65 -18.23 12.74
CA GLN JA 112 -74.88 -19.44 16.97
CA GLN JA 112 -77.33 -17.76 12.30
C GLN JA 112 -74.73 -17.92 16.93
C GLN JA 112 -77.30 -16.25 12.14
N SER JA 113 -75.70 -17.25 16.29
N SER JA 113 -78.38 -15.66 11.59
CA SER JA 113 -75.70 -15.80 16.31
CA SER JA 113 -78.45 -14.19 11.53
C SER JA 113 -75.74 -15.26 17.74
C SER JA 113 -78.50 -13.58 12.93
N LEU JA 114 -76.47 -15.92 18.64
N LEU JA 114 -79.22 -14.22 13.86
CA LEU JA 114 -76.55 -15.44 20.02
CA LEU JA 114 -79.28 -13.70 15.23
C LEU JA 114 -75.23 -15.63 20.76
C LEU JA 114 -77.90 -13.71 15.89
N LEU JA 115 -74.58 -16.77 20.58
N LEU JA 115 -77.09 -14.74 15.64
CA LEU JA 115 -73.28 -16.98 21.21
CA LEU JA 115 -75.74 -14.77 16.19
C LEU JA 115 -72.25 -16.00 20.69
C LEU JA 115 -74.88 -13.66 15.58
N GLU JA 116 -72.27 -15.72 19.39
N GLU JA 116 -74.96 -13.50 14.27
CA GLU JA 116 -71.47 -14.61 18.88
CA GLU JA 116 -74.30 -12.37 13.61
C GLU JA 116 -71.89 -13.29 19.53
C GLU JA 116 -74.83 -11.03 14.09
N LEU JA 117 -73.20 -13.04 19.68
N LEU JA 117 -76.10 -10.97 14.52
CA LEU JA 117 -73.62 -11.81 20.34
CA LEU JA 117 -76.57 -9.73 15.14
C LEU JA 117 -73.08 -11.76 21.77
C LEU JA 117 -75.95 -9.57 16.52
N HIS JA 118 -73.18 -12.86 22.50
N HIS JA 118 -75.90 -10.66 17.28
CA HIS JA 118 -72.66 -12.88 23.87
CA HIS JA 118 -75.31 -10.53 18.61
C HIS JA 118 -71.14 -12.72 23.90
C HIS JA 118 -73.84 -10.16 18.52
N LYS JA 119 -70.43 -13.41 23.00
N LYS JA 119 -73.11 -10.78 17.59
CA LYS JA 119 -68.98 -13.21 22.90
CA LYS JA 119 -71.71 -10.45 17.40
C LYS JA 119 -68.62 -11.75 22.71
C LYS JA 119 -71.51 -8.98 17.04
N LEU JA 120 -69.40 -11.04 21.88
N LEU JA 120 -72.38 -8.44 16.18
CA LEU JA 120 -69.15 -9.62 21.67
CA LEU JA 120 -72.23 -7.03 15.84
C LEU JA 120 -69.37 -8.82 22.94
C LEU JA 120 -72.51 -6.14 17.05
N ALA JA 121 -70.42 -9.13 23.70
N ALA JA 121 -73.48 -6.53 17.90
CA ALA JA 121 -70.66 -8.41 24.94
CA ALA JA 121 -73.73 -5.76 19.11
C ALA JA 121 -69.52 -8.65 25.93
C ALA JA 121 -72.50 -5.74 20.02
N HIS JA 122 -69.00 -9.88 25.98
N HIS JA 122 -71.84 -6.89 20.14
CA HIS JA 122 -67.90 -10.17 26.89
CA HIS JA 122 -70.62 -6.97 20.93
C HIS JA 122 -66.60 -9.52 26.45
C HIS JA 122 -69.51 -6.11 20.31
N ASP JA 123 -66.43 -9.29 25.14
N ASP JA 123 -69.28 -6.27 19.02
CA ASP JA 123 -65.21 -8.69 24.63
CA ASP JA 123 -68.22 -5.51 18.34
C ASP JA 123 -65.22 -7.17 24.80
C ASP JA 123 -68.43 -4.01 18.44
N LYS JA 124 -66.39 -6.54 24.61
N LYS JA 124 -69.68 -3.56 18.51
CA LYS JA 124 -66.56 -5.12 24.85
CA LYS JA 124 -69.99 -2.15 18.65
C LYS JA 124 -66.79 -4.80 26.32
C LYS JA 124 -70.16 -1.72 20.11
N ASN JA 125 -66.58 -5.76 27.20
N ASN JA 125 -69.82 -2.59 21.08
CA ASN JA 125 -66.78 -5.63 28.65
CA ASN JA 125 -69.91 -2.28 22.50
C ASN JA 125 -68.13 -4.97 28.97
C ASN JA 125 -71.32 -1.85 22.90
N ASP JA 126 -69.19 -5.62 28.48
N ASP JA 126 -72.33 -2.59 22.40
CA ASP JA 126 -70.56 -5.15 28.65
CA ASP JA 126 -73.73 -2.29 22.64
C ASP JA 126 -71.30 -6.23 29.44
C ASP JA 126 -74.28 -3.39 23.53
N PRO JA 127 -71.17 -6.20 30.77
N PRO JA 127 -74.16 -3.25 24.87
CA PRO JA 127 -71.77 -7.28 31.57
CA PRO JA 127 -74.56 -4.32 25.79
C PRO JA 127 -73.28 -7.24 31.55
C PRO JA 127 -76.05 -4.44 25.97
N HIS JA 128 -73.89 -6.07 31.39
N HIS JA 128 -76.79 -3.33 25.81
CA HIS JA 128 -75.34 -6.02 31.35
CA HIS JA 128 -78.24 -3.41 25.78
C HIS JA 128 -75.88 -6.77 30.14
C HIS JA 128 -78.74 -4.26 24.62
N LEU JA 129 -75.27 -6.56 28.96
N LEU JA 129 -78.19 -4.06 23.43
CA LEU JA 129 -75.73 -7.25 27.74
CA LEU JA 129 -78.64 -4.87 22.29
C LEU JA 129 -75.43 -8.73 27.80
C LEU JA 129 -78.23 -6.32 22.45
N ALA JA 130 -74.20 -9.10 28.19
N ALA JA 130 -77.01 -6.58 22.94
CA ALA JA 130 -73.85 -10.50 28.41
CA ALA JA 130 -76.55 -7.95 23.07
C ALA JA 130 -74.91 -11.22 29.25
C ALA JA 130 -77.42 -8.72 24.05
N ASP JA 131 -75.26 -10.64 30.39
N ASP JA 131 -77.73 -8.09 25.19
CA ASP JA 131 -76.20 -11.29 31.30
CA ASP JA 131 -78.55 -8.76 26.19
C ASP JA 131 -77.62 -11.28 30.74
C ASP JA 131 -80.01 -8.86 25.72
N PHE JA 132 -78.00 -10.20 30.07
N PHE JA 132 -80.49 -7.90 24.93
CA PHE JA 132 -79.28 -10.17 29.36
CA PHE JA 132 -81.80 -8.05 24.32
C PHE JA 132 -79.39 -11.36 28.41
C PHE JA 132 -81.88 -9.31 23.46
N ILE JA 133 -78.36 -11.57 27.58
N ILE JA 133 -80.85 -9.58 22.66
CA ILE JA 133 -78.39 -12.65 26.61
CA ILE JA 133 -80.85 -10.78 21.81
C ILE JA 133 -78.46 -14.00 27.30
C ILE JA 133 -80.74 -12.04 22.65
N GLU JA 134 -77.70 -14.16 28.40
N GLU JA 134 -79.83 -12.04 23.62
CA GLU JA 134 -77.75 -15.40 29.16
CA GLU JA 134 -79.68 -13.17 24.53
C GLU JA 134 -79.14 -15.63 29.73
C GLU JA 134 -80.99 -13.53 25.20
N THR JA 135 -79.75 -14.58 30.26
N THR JA 135 -81.63 -12.54 25.83
CA THR JA 135 -80.95 -14.72 31.05
CA THR JA 135 -82.77 -12.80 26.69
C THR JA 135 -82.16 -14.98 30.16
C THR JA 135 -84.00 -13.22 25.90
N HIS JA 136 -82.27 -14.28 29.05
N HIS JA 136 -84.19 -12.68 24.69
CA HIS JA 136 -83.50 -14.34 28.27
CA HIS JA 136 -85.45 -12.80 23.98
C HIS JA 136 -83.37 -15.18 26.99
C HIS JA 136 -85.38 -13.68 22.74
N TYR JA 137 -82.18 -15.66 26.63
N TYR JA 137 -84.20 -13.94 22.18
CA TYR JA 137 -82.04 -16.31 25.33
CA TYR JA 137 -84.14 -14.67 20.92
C TYR JA 137 -81.26 -17.63 25.38
C TYR JA 137 -83.28 -15.92 20.96
N LEU JA 138 -80.15 -17.67 26.13
N LEU JA 138 -82.13 -15.90 21.65
CA LEU JA 138 -79.22 -18.79 26.00
CA LEU JA 138 -81.13 -16.95 21.46
C LEU JA 138 -79.84 -20.11 26.45
C LEU JA 138 -81.60 -18.29 22.01
N ASN JA 139 -80.40 -20.17 27.66
N ASN JA 139 -81.97 -18.34 23.30
CA ASN JA 139 -81.04 -21.42 28.05
CA ASN JA 139 -82.41 -19.61 23.85
C ASN JA 139 -82.25 -21.72 27.17
C ASN JA 139 -83.72 -20.07 23.24
N GLU JA 140 -83.00 -20.68 26.80
N GLU JA 140 -84.53 -19.12 22.77
CA GLU JA 140 -84.17 -20.88 25.94
CA GLU JA 140 -85.76 -19.49 22.06
C GLU JA 140 -83.77 -21.57 24.64
C GLU JA 140 -85.47 -20.17 20.73
N GLN JA 141 -82.69 -21.10 24.02
N GLN JA 141 -84.42 -19.72 20.02
CA GLN JA 141 -82.18 -21.74 22.80
CA GLN JA 141 -83.98 -20.41 18.82
C GLN JA 141 -81.81 -23.20 23.04
C GLN JA 141 -83.46 -21.81 19.14
N VAL JA 142 -81.11 -23.49 24.13
N VAL JA 142 -82.61 -21.90 20.16
CA VAL JA 142 -80.69 -24.86 24.40
CA VAL JA 142 -82.08 -23.19 20.58
C VAL JA 142 -81.91 -25.76 24.58
C VAL JA 142 -83.23 -24.14 20.94
N LYS JA 143 -82.92 -25.27 25.29
N LYS JA 143 -84.28 -23.63 21.57
CA LYS JA 143 -84.11 -26.06 25.58
CA LYS JA 143 -85.40 -24.48 21.94
C LYS JA 143 -84.86 -26.41 24.30
C LYS JA 143 -86.14 -25.00 20.72
N ALA JA 144 -84.86 -25.48 23.31
N ALA JA 144 -86.42 -24.11 19.75
CA ALA JA 144 -85.59 -25.65 22.06
CA ALA JA 144 -87.17 -24.52 18.58
C ALA JA 144 -84.89 -26.60 21.11
C ALA JA 144 -86.36 -25.43 17.68
N ILE JA 145 -83.56 -26.49 21.02
N ILE JA 145 -85.06 -25.20 17.59
CA ILE JA 145 -82.77 -27.45 20.26
CA ILE JA 145 -84.18 -26.07 16.81
C ILE JA 145 -82.97 -28.86 20.82
C ILE JA 145 -84.17 -27.49 17.41
N LYS JA 146 -82.99 -28.98 22.15
N LYS JA 146 -84.01 -27.59 18.74
CA LYS JA 146 -83.22 -30.28 22.80
CA LYS JA 146 -84.09 -28.89 19.39
C LYS JA 146 -84.61 -30.81 22.48
C LYS JA 146 -85.46 -29.54 19.19
N GLU JA 147 -85.64 -29.97 22.61
N GLU JA 147 -86.54 -28.76 19.36
CA GLU JA 147 -87.00 -30.41 22.29
CA GLU JA 147 -87.88 -29.33 19.20
C GLU JA 147 -87.15 -30.84 20.83
C GLU JA 147 -88.08 -29.91 17.81
N LEU JA 148 -86.56 -30.07 19.91
N LEU JA 148 -87.64 -29.18 16.79
CA LEU JA 148 -86.67 -30.40 18.50
CA LEU JA 148 -87.84 -29.62 15.42
C LEU JA 148 -85.84 -31.64 18.18
C LEU JA 148 -87.06 -30.90 15.14
N GLY JA 149 -84.68 -31.80 18.82
N GLY JA 149 -85.80 -30.96 15.63
CA GLY JA 149 -83.94 -33.04 18.70
CA GLY JA 149 -85.01 -32.17 15.43
C GLY JA 149 -84.77 -34.24 19.15
C GLY JA 149 -85.62 -33.38 16.09
N ASP JA 150 -85.40 -34.12 20.34
N ASP JA 150 -86.18 -33.21 17.30
CA ASP JA 150 -86.33 -35.15 20.82
CA ASP JA 150 -86.89 -34.29 17.97
C ASP JA 150 -87.36 -35.50 19.75
C ASP JA 150 -88.01 -34.84 17.08
N HIS JA 151 -88.02 -34.49 19.17
N HIS JA 151 -88.84 -33.94 16.55
CA HIS JA 151 -89.10 -34.75 18.22
CA HIS JA 151 -89.91 -34.35 15.66
C HIS JA 151 -88.58 -35.47 16.98
C HIS JA 151 -89.38 -35.08 14.44
N VAL JA 152 -87.45 -35.01 16.44
N VAL JA 152 -88.40 -34.46 13.76
CA VAL JA 152 -86.86 -35.66 15.28
CA VAL JA 152 -87.80 -35.07 12.56
C VAL JA 152 -86.58 -37.13 15.58
C VAL JA 152 -87.34 -36.47 12.90
N THR JA 153 -86.01 -37.39 16.76
N THR JA 153 -86.66 -36.63 14.04
CA THR JA 153 -85.71 -38.78 17.14
CA THR JA 153 -86.18 -37.95 14.46
C THR JA 153 -86.98 -39.62 17.08
C THR JA 153 -87.32 -38.94 14.60
N ASN JA 154 -88.06 -39.14 17.70
N ASN JA 154 -88.38 -38.53 15.31
CA ASN JA 154 -89.25 -39.98 17.81
CA ASN JA 154 -89.47 -39.46 15.57
C ASN JA 154 -89.86 -40.22 16.42
C ASN JA 154 -90.18 -39.86 14.27
N LEU JA 155 -90.00 -39.17 15.62
N LEU JA 155 -90.48 -38.89 13.42
CA LEU JA 155 -90.53 -39.34 14.27
CA LEU JA 155 -91.14 -39.17 12.16
C LEU JA 155 -89.73 -40.37 13.48
C LEU JA 155 -90.33 -40.15 11.32
N ARG JA 156 -88.40 -40.33 13.59
N ARG JA 156 -89.03 -39.91 11.19
CA ARG JA 156 -87.57 -41.29 12.87
CA ARG JA 156 -88.15 -40.84 10.49
C ARG JA 156 -87.84 -42.71 13.33
C ARG JA 156 -88.25 -42.24 11.07
N LYS JA 157 -87.84 -42.94 14.65
N LYS JA 157 -88.06 -42.35 12.39
CA LYS JA 157 -88.05 -44.29 15.16
CA LYS JA 157 -88.05 -43.65 13.05
C LYS JA 157 -89.42 -44.82 14.76
C LYS JA 157 -89.36 -44.39 12.85
N MET JA 158 -90.45 -43.95 14.79
N MET JA 158 -90.48 -43.66 12.83
CA MET JA 158 -91.79 -44.37 14.43
CA MET JA 158 -91.79 -44.28 12.64
C MET JA 158 -91.92 -44.75 12.97
C MET JA 158 -92.04 -44.72 11.21
N GLY JA 159 -91.00 -44.31 12.11
N GLY JA 159 -91.14 -44.43 10.28
CA GLY JA 159 -91.05 -44.62 10.71
CA GLY JA 159 -91.32 -44.82 8.90
C GLY JA 159 -91.32 -43.45 9.80
C GLY JA 159 -91.80 -43.74 7.96
N ALA JA 160 -91.33 -42.23 10.32
N ALA JA 160 -91.85 -42.48 8.39
CA ALA JA 160 -91.40 -41.06 9.45
CA ALA JA 160 -92.19 -41.40 7.47
C ALA JA 160 -90.19 -41.03 8.52
C ALA JA 160 -91.06 -41.22 6.45
N PRO JA 161 -90.32 -40.37 7.35
N PRO JA 161 -91.40 -40.77 5.22
CA PRO JA 161 -91.51 -39.67 6.87
CA PRO JA 161 -92.77 -40.49 4.76
C PRO JA 161 -92.32 -40.49 5.89
C PRO JA 161 -93.35 -41.62 3.92
N GLU JA 162 -91.86 -41.72 5.64
N GLU JA 162 -92.83 -42.84 4.10
CA GLU JA 162 -92.53 -42.59 4.68
CA GLU JA 162 -93.31 -43.99 3.34
C GLU JA 162 -93.88 -43.05 5.20
C GLU JA 162 -94.56 -44.59 3.97
N SER JA 163 -93.90 -43.65 6.40
N SER JA 163 -94.52 -44.87 5.28
CA SER JA 163 -95.15 -44.03 7.04
CA SER JA 163 -95.71 -45.29 6.00
C SER JA 163 -95.91 -42.77 7.44
C SER JA 163 -96.64 -44.09 6.15
N GLY JA 164 -96.94 -42.42 6.66
N GLY JA 164 -97.81 -44.14 5.51
CA GLY JA 164 -97.85 -41.37 7.07
CA GLY JA 164 -98.80 -43.12 5.77
C GLY JA 164 -98.59 -41.67 8.36
C GLY JA 164 -99.34 -43.16 7.19
N LEU JA 165 -98.65 -42.94 8.75
N LEU JA 165 -99.21 -44.31 7.87
CA LEU JA 165 -99.23 -43.33 10.04
CA LEU JA 165 -99.69 -44.41 9.24
C LEU JA 165 -98.43 -42.76 11.20
C LEU JA 165 -98.82 -43.61 10.20
N ALA JA 166 -97.11 -42.74 11.08
N ALA JA 166 -97.52 -43.50 9.89
CA ALA JA 166 -96.27 -42.25 12.17
CA ALA JA 166 -96.61 -42.76 10.76
C ALA JA 166 -96.54 -40.78 12.46
C ALA JA 166 -97.02 -41.31 10.91
N GLU JA 167 -96.58 -39.96 11.40
N GLU JA 167 -97.29 -40.63 9.79
CA GLU JA 167 -96.75 -38.53 11.63
CA GLU JA 167 -97.66 -39.22 9.88
C GLU JA 167 -98.13 -38.21 12.19
C GLU JA 167 -98.97 -39.04 10.63
N TYR JA 168 -99.15 -38.96 11.78
N TYR JA 168 -99.97 -39.85 10.32
CA TYR JA 168 -100.49 -38.76 12.33
CA TYR JA 168 -101.25 -39.76 11.04
C TYR JA 168 -100.50 -38.99 13.83
C TYR JA 168 -101.06 -39.96 12.54
N LEU JA 169 -99.89 -40.11 14.28
N LEU JA 169 -100.28 -40.97 12.94
CA LEU JA 169 -99.92 -40.44 15.70
CA LEU JA 169 -100.14 -41.27 14.36
C LEU JA 169 -99.01 -39.52 16.50
C LEU JA 169 -99.33 -40.20 15.08
N PHE JA 170 -97.87 -39.12 15.93
N PHE JA 170 -98.28 -39.69 14.44
CA PHE JA 170 -97.00 -38.16 16.61
CA PHE JA 170 -97.50 -38.61 15.02
C PHE JA 170 -97.75 -36.86 16.82
C PHE JA 170 -98.34 -37.35 15.18
N ASP JA 171 -98.46 -36.42 15.78
N ASP JA 171 -99.14 -37.03 14.17
CA ASP JA 171 -99.30 -35.23 15.87
CA ASP JA 171 -100.06 -35.91 14.27
C ASP JA 171 -100.33 -35.35 16.99
C ASP JA 171 -100.96 -36.04 15.50
N LYS JA 172 -100.94 -36.54 17.14
N LYS JA 172 -101.52 -37.24 15.70
CA LYS JA 172 -101.92 -36.73 18.21
CA LYS JA 172 -102.46 -37.44 16.81
C LYS JA 172 -101.23 -36.81 19.58
C LYS JA 172 -101.77 -37.35 18.16
N HIS JA 173 -100.32 -37.77 19.75
N HIS JA 173 -100.65 -38.05 18.30
CA HIS JA 173 -99.86 -38.16 21.08
CA HIS JA 173 -100.06 -38.33 19.60
C HIS JA 173 -98.75 -37.28 21.63
C HIS JA 173 -98.98 -37.35 20.00
N THR JA 174 -97.91 -36.67 20.79
N THR JA 174 -98.28 -36.74 19.04
CA THR JA 174 -96.86 -35.78 21.26
CA THR JA 174 -97.26 -35.77 19.38
C THR JA 174 -97.25 -34.31 21.17
C THR JA 174 -97.75 -34.34 19.18
N LEU JA 175 -97.68 -33.84 19.99
N LEU JA 175 -98.19 -34.00 17.97
CA LEU JA 175 -97.97 -32.41 19.82
CA LEU JA 175 -98.61 -32.63 17.70
C LEU JA 175 -99.36 -32.02 20.30
C LEU JA 175 -99.99 -32.32 18.29
N GLY JA 176 -100.24 -32.98 20.58
N GLY JA 176 -100.81 -33.34 18.53
CA GLY JA 176 -101.60 -32.63 20.96
CA GLY JA 176 -102.08 -33.12 19.20
C GLY JA 176 -102.04 -33.03 22.36
C GLY JA 176 -101.89 -33.02 20.70
N ASP JA 177 -101.12 -32.93 23.32
N ASP JA 177 -101.44 -31.87 21.18
CA ASP JA 177 -101.28 -33.36 24.73
CA ASP JA 177 -101.25 -31.62 22.61
C ASP JA 177 -101.07 -34.87 24.84
C ASP JA 177 -100.24 -32.59 23.24
N SER KA 4 69.97 -46.24 7.47
N SER KA 4 62.22 -48.53 3.37
CA SER KA 4 69.39 -46.75 6.22
CA SER KA 4 61.93 -49.37 2.21
C SER KA 4 68.26 -47.75 6.49
C SER KA 4 61.14 -50.62 2.60
N THR KA 5 67.65 -48.24 5.43
N THR KA 5 60.33 -51.12 1.68
CA THR KA 5 66.58 -49.23 5.54
CA THR KA 5 59.48 -52.26 1.96
C THR KA 5 67.15 -50.60 5.25
C THR KA 5 60.22 -53.56 1.65
N SER KA 6 66.90 -51.54 6.16
N SER KA 6 60.09 -54.51 2.57
CA SER KA 6 67.44 -52.88 5.98
CA SER KA 6 60.81 -55.77 2.45
C SER KA 6 66.87 -53.53 4.72
C SER KA 6 60.22 -56.59 1.31
N GLN KA 7 67.73 -54.25 4.00
N GLN KA 7 61.09 -57.32 0.61
CA GLN KA 7 67.33 -55.02 2.82
CA GLN KA 7 60.64 -58.14 -0.52
C GLN KA 7 66.26 -56.07 3.10
C GLN KA 7 59.64 -59.20 -0.08
N VAL KA 8 66.09 -56.51 4.35
N VAL KA 8 59.67 -59.61 1.19
CA VAL KA 8 65.04 -57.48 4.67
CA VAL KA 8 58.77 -60.68 1.63
C VAL KA 8 63.76 -56.82 5.17
C VAL KA 8 57.46 -60.15 2.20
N ARG KA 9 63.82 -55.54 5.55
N ARG KA 9 57.38 -58.86 2.53
CA ARG KA 9 62.67 -54.89 6.16
CA ARG KA 9 56.21 -58.33 3.22
C ARG KA 9 61.48 -54.85 5.21
C ARG KA 9 54.96 -58.39 2.36
N GLN KA 10 60.32 -55.34 5.69
N GLN KA 10 53.86 -58.79 2.99
CA GLN KA 10 59.08 -55.30 4.93
CA GLN KA 10 52.58 -58.96 2.30
C GLN KA 10 57.93 -55.23 5.92
C GLN KA 10 51.45 -59.05 3.31
N ASN KA 11 57.07 -54.21 5.75
N ASN KA 11 50.51 -58.11 3.24
CA ASN KA 11 55.79 -54.10 6.46
CA ASN KA 11 49.31 -58.06 4.06
C ASN KA 11 56.00 -54.04 7.97
C ASN KA 11 49.62 -57.87 5.54
N TYR KA 12 57.12 -53.46 8.40
N TYR KA 12 50.76 -57.25 5.86
CA TYR KA 12 57.53 -53.42 9.80
CA TYR KA 12 51.25 -57.11 7.23
C TYR KA 12 57.60 -51.96 10.23
C TYR KA 12 51.20 -55.62 7.58
N HIS KA 13 56.61 -51.53 11.03
N HIS KA 13 50.15 -55.22 8.31
CA HIS KA 13 56.49 -50.15 11.50
CA HIS KA 13 49.90 -53.80 8.54
C HIS KA 13 57.51 -49.81 12.57
C HIS KA 13 50.95 -53.20 9.47
N GLN KA 14 58.07 -48.59 12.46
N GLN KA 14 51.20 -51.91 9.30
CA GLN KA 14 59.05 -48.11 13.43
CA GLN KA 14 52.23 -51.30 10.12
C GLN KA 14 58.47 -48.03 14.84
C GLN KA 14 51.80 -51.18 11.57
N ASP KA 15 57.15 -47.83 14.97
N ASP KA 15 50.49 -51.23 11.87
CA ASP KA 15 56.52 -47.96 16.29
CA ASP KA 15 50.08 -51.28 13.27
C ASP KA 15 56.55 -49.41 16.77
C ASP KA 15 50.34 -52.64 13.89
N SER KA 16 56.39 -50.37 15.86
N SER KA 16 50.21 -53.72 13.12
CA SER KA 16 56.48 -51.76 16.28
CA SER KA 16 50.55 -55.04 13.62
C SER KA 16 57.91 -52.08 16.68
C SER KA 16 52.04 -55.15 13.91
N GLU KA 17 58.86 -51.66 15.84
N GLU KA 17 52.87 -54.68 12.97
CA GLU KA 17 60.28 -51.72 16.16
CA GLU KA 17 54.30 -54.45 13.19
C GLU KA 17 60.59 -51.12 17.53
C GLU KA 17 54.62 -53.83 14.54
N ALA KA 18 59.86 -50.06 17.90
N ALA KA 18 54.03 -52.67 14.80
CA ALA KA 18 60.14 -49.43 19.17
CA ALA KA 18 54.29 -51.97 16.06
C ALA KA 18 59.58 -50.24 20.33
C ALA KA 18 53.79 -52.78 17.24
N ALA KA 19 58.34 -50.70 20.20
N ALA KA 19 52.64 -53.45 17.08
CA ALA KA 19 57.72 -51.42 21.31
CA ALA KA 19 52.09 -54.25 18.15
C ALA KA 19 58.41 -52.76 21.57
C ALA KA 19 53.01 -55.42 18.48
N ILE KA 20 59.03 -53.36 20.54
N ILE KA 20 53.63 -56.01 17.45
CA ILE KA 20 59.85 -54.56 20.77
CA ILE KA 20 54.55 -57.13 17.68
C ILE KA 20 61.06 -54.23 21.61
C ILE KA 20 55.79 -56.65 18.42
N ASN KA 21 61.72 -53.10 21.30
N ASN KA 21 56.29 -55.46 18.06
CA ASN KA 21 62.82 -52.64 22.14
CA ASN KA 21 57.41 -54.90 18.83
C ASN KA 21 62.38 -52.45 23.59
C ASN KA 21 57.00 -54.65 20.27
N ARG KA 22 61.18 -51.89 23.80
N ARG KA 22 55.78 -54.13 20.52
CA ARG KA 22 60.65 -51.75 25.16
CA ARG KA 22 55.36 -53.91 21.90
C ARG KA 22 60.30 -53.10 25.77
C ARG KA 22 55.22 -55.24 22.67
N GLN KA 23 59.65 -53.99 25.02
N GLN KA 23 54.68 -56.27 22.01
CA GLN KA 23 59.33 -55.31 25.55
CA GLN KA 23 54.60 -57.58 22.65
C GLN KA 23 60.60 -56.11 25.87
C GLN KA 23 55.99 -58.14 22.99
N ILE KA 24 61.69 -55.90 25.14
N ILE KA 24 56.95 -57.99 22.07
CA ILE KA 24 62.94 -56.60 25.47
CA ILE KA 24 58.31 -58.47 22.32
C ILE KA 24 63.44 -56.16 26.84
C ILE KA 24 58.83 -57.92 23.64
N ASN KA 25 63.49 -54.84 27.07
N ASN KA 25 58.66 -56.61 23.85
CA ASN KA 25 63.92 -54.35 28.38
CA ASN KA 25 59.12 -56.00 25.09
C ASN KA 25 62.98 -54.81 29.49
C ASN KA 25 58.34 -56.51 26.28
N LEU KA 26 61.69 -54.91 29.21
N LEU KA 26 57.05 -56.82 26.11
CA LEU KA 26 60.77 -55.34 30.25
CA LEU KA 26 56.26 -57.29 27.26
C LEU KA 26 60.94 -56.83 30.59
C LEU KA 26 56.66 -58.70 27.67
N GLU KA 27 61.21 -57.67 29.58
N GLU KA 27 57.00 -59.55 26.70
CA GLU KA 27 61.46 -59.09 29.85
CA GLU KA 27 57.46 -60.90 27.03
C GLU KA 27 62.72 -59.26 30.69
C GLU KA 27 58.81 -60.84 27.73
N LEU KA 28 63.77 -58.50 30.39
N LEU KA 28 59.74 -60.02 27.23
CA LEU KA 28 65.00 -58.59 31.15
CA LEU KA 28 61.01 -59.84 27.93
C LEU KA 28 64.79 -58.05 32.56
C LEU KA 28 60.80 -59.26 29.32
N TYR KA 29 63.94 -57.04 32.69
N TYR KA 29 59.78 -58.41 29.49
CA TYR KA 29 63.59 -56.57 34.02
CA TYR KA 29 59.49 -57.89 30.83
C TYR KA 29 62.92 -57.68 34.81
C TYR KA 29 58.97 -58.99 31.74
N ALA KA 30 61.95 -58.38 34.20
N ALA KA 30 58.06 -59.84 31.25
CA ALA KA 30 61.27 -59.47 34.91
CA ALA KA 30 57.60 -60.95 32.07
C ALA KA 30 62.25 -60.56 35.31
C ALA KA 30 58.75 -61.89 32.41
N SER KA 31 63.18 -60.90 34.41
N SER KA 31 59.66 -62.10 31.46
CA SER KA 31 64.26 -61.83 34.74
CA SER KA 31 60.83 -62.91 31.72
C SER KA 31 65.00 -61.39 36.00
C SER KA 31 61.67 -62.32 32.85
N TYR KA 32 65.33 -60.09 36.09
N TYR KA 32 61.84 -60.99 32.87
CA TYR KA 32 66.05 -59.56 37.24
CA TYR KA 32 62.59 -60.34 33.94
C TYR KA 32 65.24 -59.76 38.52
C TYR KA 32 61.88 -60.49 35.30
N VAL KA 33 63.94 -59.44 38.45
N VAL KA 33 60.56 -60.26 35.33
CA VAL KA 33 63.05 -59.63 39.59
CA VAL KA 33 59.83 -60.42 36.60
C VAL KA 33 63.05 -61.08 40.05
C VAL KA 33 60.05 -61.81 37.20
N TYR KA 34 63.02 -62.01 39.10
N TYR KA 34 59.97 -62.86 36.37
CA TYR KA 34 62.97 -63.41 39.49
CA TYR KA 34 60.10 -64.21 36.89
C TYR KA 34 64.29 -63.84 40.11
C TYR KA 34 61.52 -64.48 37.37
N LEU KA 35 65.42 -63.38 39.55
N LEU KA 35 62.51 -63.92 36.69
CA LEU KA 35 66.72 -63.63 40.14
CA LEU KA 35 63.89 -64.03 37.15
C LEU KA 35 66.76 -63.14 41.58
C LEU KA 35 64.03 -63.49 38.57
N SER KA 36 66.23 -61.92 41.83
N SER KA 36 63.57 -62.26 38.80
CA SER KA 36 66.24 -61.31 43.17
CA SER KA 36 63.63 -61.69 40.15
C SER KA 36 65.49 -62.16 44.17
C SER KA 36 62.91 -62.58 41.17
N MET KA 37 64.30 -62.63 43.77
N MET KA 37 61.69 -63.02 40.82
CA MET KA 37 63.49 -63.47 44.63
CA MET KA 37 60.93 -63.87 41.73
C MET KA 37 64.17 -64.80 44.88
C MET KA 37 61.73 -65.12 42.09
N SER KA 38 64.71 -65.42 43.83
N SER KA 38 62.26 -65.81 41.09
CA SER KA 38 65.35 -66.72 43.97
CA SER KA 38 62.98 -67.05 41.32
C SER KA 38 66.36 -66.71 45.11
C SER KA 38 64.15 -66.85 42.29
N TYR KA 39 67.28 -65.74 45.10
N TYR KA 39 64.92 -65.78 42.10
CA TYR KA 39 68.35 -65.77 46.09
CA TYR KA 39 66.07 -65.60 42.97
C TYR KA 39 67.89 -65.25 47.45
C TYR KA 39 65.69 -65.01 44.32
N TYR KA 40 66.82 -64.46 47.51
N TYR KA 40 64.50 -64.44 44.46
CA TYR KA 40 66.20 -64.20 48.80
CA TYR KA 40 64.00 -64.13 45.80
C TYR KA 40 65.83 -65.50 49.50
C TYR KA 40 63.87 -65.41 46.63
N PHE KA 41 65.30 -66.48 48.76
N PHE KA 41 63.23 -66.43 46.08
CA PHE KA 41 64.85 -67.69 49.41
CA PHE KA 41 63.06 -67.67 46.84
C PHE KA 41 65.99 -68.64 49.73
C PHE KA 41 64.36 -68.40 47.07
N ASP KA 42 67.16 -68.42 49.16
N ASP KA 42 65.41 -68.09 46.30
CA ASP KA 42 68.39 -69.14 49.49
CA ASP KA 42 66.75 -68.63 46.47
C ASP KA 42 69.09 -68.56 50.72
C ASP KA 42 67.51 -67.97 47.62
N ARG KA 43 68.54 -67.52 51.34
N ARG KA 43 66.94 -66.93 48.24
CA ARG KA 43 69.15 -66.96 52.53
CA ARG KA 43 67.60 -66.28 49.37
C ARG KA 43 69.05 -67.94 53.70
C ARG KA 43 67.66 -67.22 50.58
N ASP KA 44 70.13 -68.04 54.48
N ASP KA 44 68.75 -67.10 51.32
CA ASP KA 44 70.15 -68.91 55.65
CA ASP KA 44 68.94 -67.92 52.51
C ASP KA 44 69.00 -68.65 56.62
C ASP KA 44 67.86 -67.71 53.55
N ASP KA 45 68.42 -67.45 56.64
N ASP KA 45 67.19 -66.56 53.55
CA ASP KA 45 67.32 -67.14 57.54
CA ASP KA 45 66.13 -66.30 54.50
C ASP KA 45 65.97 -67.21 56.87
C ASP KA 45 64.76 -66.63 53.92
N VAL KA 46 65.91 -67.65 55.61
N VAL KA 46 64.71 -67.20 52.72
CA VAL KA 46 64.65 -67.90 54.91
CA VAL KA 46 63.42 -67.62 52.15
C VAL KA 46 64.62 -69.38 54.55
C VAL KA 46 63.50 -69.13 51.91
N ALA KA 47 65.59 -69.82 53.74
N ALA KA 47 64.39 -69.54 51.00
CA ALA KA 47 65.94 -71.23 53.57
CA ALA KA 47 64.88 -70.92 50.93
C ALA KA 47 64.78 -72.08 53.08
C ALA KA 47 63.78 -71.92 50.59
N LEU KA 48 64.11 -71.62 52.02
N LEU KA 48 63.07 -71.64 49.50
CA LEU KA 48 63.09 -72.41 51.32
CA LEU KA 48 62.10 -72.55 48.91
C LEU KA 48 63.66 -72.70 49.94
C LEU KA 48 62.59 -72.81 47.49
N LYS KA 49 64.24 -73.89 49.79
N LYS KA 49 63.35 -73.90 47.32
CA LYS KA 49 65.03 -74.22 48.61
CA LYS KA 49 64.06 -74.15 46.08
C LYS KA 49 64.18 -74.38 47.34
C LYS KA 49 63.13 -74.49 44.93
N ASN KA 50 62.91 -74.75 47.48
N ASN KA 50 61.97 -75.08 45.23
CA ASN KA 50 62.12 -75.00 46.29
CA ASN KA 50 61.07 -75.46 44.15
C ASN KA 50 61.44 -73.73 45.80
C ASN KA 50 60.22 -74.29 43.68
N PHE KA 51 61.14 -72.80 46.71
N PHE KA 51 59.90 -73.36 44.58
CA PHE KA 51 60.87 -71.43 46.26
CA PHE KA 51 59.36 -72.08 44.13
C PHE KA 51 62.06 -70.88 45.48
C PHE KA 51 60.36 -71.40 43.19
N ALA KA 52 63.27 -71.14 45.95
N ALA KA 52 61.65 -71.44 43.55
CA ALA KA 52 64.43 -70.55 45.29
CA ALA KA 52 62.65 -70.79 42.72
C ALA KA 52 64.58 -71.09 43.89
C ALA KA 52 62.76 -71.47 41.36
N LYS KA 53 64.43 -72.40 43.72
N LYS KA 53 62.81 -72.80 41.36
CA LYS KA 53 64.54 -72.99 42.39
CA LYS KA 53 62.89 -73.54 40.10
C LYS KA 53 63.37 -72.58 41.48
C LYS KA 53 61.68 -73.26 39.24
N TYR KA 54 62.19 -72.39 42.05
N TYR KA 54 60.50 -73.22 39.86
CA TYR KA 54 61.05 -71.98 41.22
CA TYR KA 54 59.27 -72.96 39.14
C TYR KA 54 61.29 -70.62 40.59
C TYR KA 54 59.34 -71.63 38.42
N PHE KA 55 61.76 -69.64 41.37
N PHE KA 55 59.64 -70.56 39.16
CA PHE KA 55 61.98 -68.30 40.83
CA PHE KA 55 59.67 -69.25 38.52
C PHE KA 55 63.22 -68.22 39.97
C PHE KA 55 60.83 -69.13 37.53
N LEU KA 56 64.25 -69.03 40.28
N LEU KA 56 61.97 -69.80 37.78
CA LEU KA 56 65.43 -69.07 39.41
CA LEU KA 56 63.07 -69.72 36.82
C LEU KA 56 65.07 -69.59 38.03
C LEU KA 56 62.68 -70.40 35.51
N HIS KA 57 64.22 -70.62 37.98
N HIS KA 57 61.96 -71.52 35.62
CA HIS KA 57 63.75 -71.13 36.71
CA HIS KA 57 61.41 -72.17 34.44
C HIS KA 57 62.97 -70.07 35.92
C HIS KA 57 60.55 -71.21 33.64
N GLN KA 58 62.09 -69.32 36.59
N GLN KA 58 59.64 -70.49 34.32
CA GLN KA 58 61.38 -68.25 35.92
CA GLN KA 58 58.75 -69.55 33.64
C GLN KA 58 62.34 -67.18 35.40
C GLN KA 58 59.54 -68.45 32.96
N SER KA 59 63.42 -66.93 36.14
N SER KA 59 60.57 -67.92 33.64
CA SER KA 59 64.40 -65.92 35.72
CA SER KA 59 61.42 -66.89 33.04
C SER KA 59 65.06 -66.31 34.40
C SER KA 59 61.96 -67.36 31.70
N HIS KA 60 65.50 -67.56 34.29
N HIS KA 60 62.44 -68.60 31.64
CA HIS KA 60 66.08 -68.01 33.01
CA HIS KA 60 62.98 -69.13 30.39
C HIS KA 60 65.02 -67.98 31.91
C HIS KA 60 61.89 -69.28 29.33
N GLU KA 61 63.78 -68.35 32.23
N GLU KA 61 60.70 -69.72 29.74
CA GLU KA 61 62.70 -68.29 31.26
CA GLU KA 61 59.65 -69.87 28.75
C GLU KA 61 62.53 -66.88 30.69
C GLU KA 61 59.22 -68.53 28.19
N GLU KA 62 62.53 -65.87 31.56
N GLU KA 62 59.31 -67.47 29.00
CA GLU KA 62 62.42 -64.49 31.11
CA GLU KA 62 58.92 -66.15 28.53
C GLU KA 62 63.60 -64.07 30.23
C GLU KA 62 59.95 -65.57 27.56
N ARG KA 63 64.80 -64.61 30.50
N ARG KA 63 61.24 -65.81 27.82
CA ARG KA 63 65.94 -64.30 29.63
CA ARG KA 63 62.26 -65.44 26.85
C ARG KA 63 65.70 -64.85 28.24
C ARG KA 63 62.05 -66.20 25.53
N GLU KA 64 65.22 -66.10 28.14
N GLU KA 64 61.69 -67.48 25.61
CA GLU KA 64 64.81 -66.65 26.85
CA GLU KA 64 61.30 -68.21 24.40
C GLU KA 64 63.75 -65.79 26.18
C GLU KA 64 60.09 -67.56 23.73
N HIS KA 65 62.79 -65.29 26.95
N HIS KA 65 59.16 -67.02 24.52
CA HIS KA 65 61.75 -64.44 26.36
CA HIS KA 65 57.99 -66.35 23.95
C HIS KA 65 62.36 -63.24 25.65
C HIS KA 65 58.42 -65.12 23.16
N ALA KA 66 63.31 -62.56 26.32
N ALA KA 66 59.41 -64.39 23.65
CA ALA KA 66 63.90 -61.36 25.76
CA ALA KA 66 59.86 -63.18 22.99
C ALA KA 66 64.70 -61.65 24.51
C ALA KA 66 60.56 -63.49 21.68
N GLU KA 67 65.50 -62.74 24.53
N GLU KA 67 61.49 -64.45 21.70
CA GLU KA 67 66.33 -63.05 23.38
CA GLU KA 67 62.26 -64.79 20.50
C GLU KA 67 65.50 -63.41 22.16
C GLU KA 67 61.38 -65.30 19.37
N LYS KA 68 64.35 -64.07 22.39
N LYS KA 68 60.28 -65.99 19.69
CA LYS KA 68 63.46 -64.39 21.28
CA LYS KA 68 59.39 -66.45 18.63
C LYS KA 68 62.98 -63.11 20.60
C LYS KA 68 58.68 -65.27 17.96
N LEU KA 69 62.60 -62.11 21.39
N LEU KA 69 58.34 -64.22 18.73
CA LEU KA 69 62.25 -60.80 20.85
CA LEU KA 69 57.79 -63.01 18.13
C LEU KA 69 63.44 -60.11 20.20
C LEU KA 69 58.84 -62.29 17.28
N MET KA 70 64.63 -60.32 20.75
N MET KA 70 60.08 -62.28 17.75
CA MET KA 70 65.83 -59.80 20.08
CA MET KA 70 61.17 -61.74 16.94
C MET KA 70 66.04 -60.48 18.74
C MET KA 70 61.33 -62.56 15.67
N LYS KA 71 65.87 -61.80 18.69
N LYS KA 71 61.23 -63.89 15.76
CA LYS KA 71 65.91 -62.52 17.42
CA LYS KA 71 61.23 -64.72 14.56
C LYS KA 71 64.84 -62.01 16.46
C LYS KA 71 60.09 -64.32 13.63
N LEU KA 72 63.62 -61.78 16.97
N LEU KA 72 58.88 -64.14 14.19
CA LEU KA 72 62.56 -61.22 16.13
CA LEU KA 72 57.70 -63.82 13.40
C LEU KA 72 62.97 -59.87 15.55
C LEU KA 72 57.78 -62.42 12.78
N GLN KA 73 63.47 -58.96 16.38
N GLN KA 73 58.34 -61.46 13.51
CA GLN KA 73 63.84 -57.62 15.94
CA GLN KA 73 58.51 -60.12 12.93
C GLN KA 73 64.80 -57.67 14.76
C GLN KA 73 59.33 -60.19 11.64
N ASN KA 74 65.74 -58.62 14.77
N ASN KA 74 60.47 -60.91 11.68
CA ASN KA 74 66.67 -58.78 13.66
CA ASN KA 74 61.29 -61.03 10.48
C ASN KA 74 66.00 -59.48 12.48
C ASN KA 74 60.60 -61.86 9.40
N GLN KA 75 65.16 -60.48 12.75
N GLN KA 75 59.81 -62.85 9.80
CA GLN KA 75 64.43 -61.13 11.67
CA GLN KA 75 59.12 -63.65 8.78
C GLN KA 75 63.65 -60.13 10.83
C GLN KA 75 58.21 -62.80 7.91
N ARG KA 76 62.92 -59.23 11.48
N ARG KA 76 57.50 -61.84 8.51
CA ARG KA 76 62.13 -58.23 10.76
CA ARG KA 76 56.48 -61.09 7.78
C ARG KA 76 62.95 -57.04 10.29
C ARG KA 76 57.03 -59.82 7.16
N GLY KA 77 64.18 -56.88 10.76
N GLY KA 77 58.34 -59.62 7.15
CA GLY KA 77 65.02 -55.87 10.18
CA GLY KA 77 58.93 -58.40 6.69
C GLY KA 77 65.03 -54.54 10.90
C GLY KA 77 59.16 -57.34 7.76
N GLY KA 78 64.47 -54.47 12.11
N GLY KA 78 58.42 -57.38 8.87
CA GLY KA 78 64.72 -53.35 12.97
CA GLY KA 78 58.53 -56.36 9.90
C GLY KA 78 66.09 -53.46 13.62
C GLY KA 78 59.96 -56.19 10.40
N ARG KA 79 66.31 -52.59 14.59
N ARG KA 79 60.17 -55.13 11.16
CA ARG KA 79 67.59 -52.53 15.27
CA ARG KA 79 61.49 -54.78 11.66
C ARG KA 79 67.39 -52.59 16.79
C ARG KA 79 61.47 -54.66 13.17
N ILE KA 80 68.28 -53.28 17.46
N ILE KA 80 62.36 -55.40 13.84
CA ILE KA 80 68.19 -53.42 18.89
CA ILE KA 80 62.44 -55.37 15.28
C ILE KA 80 68.84 -52.21 19.54
C ILE KA 80 63.07 -54.05 15.75
N PHE KA 81 68.17 -51.65 20.53
N PHE KA 81 62.46 -53.44 16.76
CA PHE KA 81 68.72 -50.59 21.37
CA PHE KA 81 63.07 -52.34 17.49
C PHE KA 81 68.38 -50.97 22.80
C PHE KA 81 62.90 -52.63 18.97
N LEU KA 82 69.36 -51.46 23.54
N LEU KA 82 64.00 -52.96 19.64
CA LEU KA 82 69.11 -51.87 24.91
CA LEU KA 82 63.94 -53.27 21.05
C LEU KA 82 69.28 -50.69 25.86
C LEU KA 82 63.93 -52.01 21.90
N GLN KA 83 68.59 -50.76 26.98
N GLN KA 83 63.26 -52.09 23.03
CA GLN KA 83 68.67 -49.74 28.02
CA GLN KA 83 63.22 -50.98 23.97
C GLN KA 83 69.07 -50.41 29.33
C GLN KA 83 63.82 -51.45 25.30
N ASP KA 84 69.37 -49.57 30.34
N ASP KA 84 64.07 -50.50 26.20
CA ASP KA 84 69.63 -50.10 31.67
CA ASP KA 84 64.52 -50.87 27.55
C ASP KA 84 68.48 -51.00 32.10
C ASP KA 84 63.56 -51.89 28.14
N ILE KA 85 68.81 -52.02 32.88
N ILE KA 85 64.10 -52.82 28.92
CA ILE KA 85 67.82 -52.87 33.51
CA ILE KA 85 63.27 -53.73 29.69
C ILE KA 85 67.68 -52.41 34.95
C ILE KA 85 63.14 -53.14 31.09
N GLN KA 86 66.48 -51.93 35.29
N GLN KA 86 61.94 -52.70 31.47
CA GLN KA 86 66.24 -51.42 36.62
CA GLN KA 86 61.74 -52.16 32.80
C GLN KA 86 66.29 -52.52 37.66
C GLN KA 86 62.05 -53.20 33.87
N LYS KA 87 66.93 -52.23 38.79
N LYS KA 87 62.64 -52.74 34.97
CA LYS KA 87 66.89 -53.16 39.90
CA LYS KA 87 62.84 -53.62 36.10
C LYS KA 87 65.46 -53.32 40.39
C LYS KA 87 61.49 -53.98 36.73
N PRO KA 88 65.08 -54.48 40.91
N PRO KA 88 61.39 -55.14 37.39
CA PRO KA 88 63.71 -54.67 41.37
CA PRO KA 88 60.11 -55.52 38.01
C PRO KA 88 63.39 -53.66 42.48
C PRO KA 88 59.66 -54.52 39.05
N ASP KA 89 62.08 -53.41 42.69
N ASP KA 89 58.38 -54.63 39.42
CA ASP KA 89 61.67 -52.44 43.71
CA ASP KA 89 57.83 -53.66 40.36
C ASP KA 89 61.94 -52.91 45.14
C ASP KA 89 58.29 -53.88 41.80
N GLU KA 90 62.24 -54.18 45.35
N GLU KA 90 58.75 -55.09 42.15
CA GLU KA 90 62.47 -54.67 46.70
CA GLU KA 90 59.21 -55.35 43.50
C GLU KA 90 63.81 -55.39 46.77
C GLU KA 90 60.60 -55.97 43.48
N ASP KA 91 64.39 -55.40 47.98
N ASP KA 91 61.35 -55.73 44.57
CA ASP KA 91 65.54 -56.22 48.30
CA ASP KA 91 62.61 -56.42 44.85
C ASP KA 91 65.21 -57.39 49.19
C ASP KA 91 62.39 -57.62 45.76
N ASP KA 92 64.10 -57.30 49.92
N ASP KA 92 61.49 -57.45 46.71
CA ASP KA 92 63.63 -58.28 50.88
CA ASP KA 92 61.12 -58.46 47.69
C ASP KA 92 62.20 -58.63 50.50
C ASP KA 92 59.70 -58.91 47.35
N TRP KA 93 61.95 -59.90 50.19
N TRP KA 93 59.50 -60.21 47.19
CA TRP KA 93 60.65 -60.30 49.67
CA TRP KA 93 58.20 -60.73 46.78
C TRP KA 93 59.71 -60.88 50.72
C TRP KA 93 57.41 -61.29 47.95
N GLU KA 94 60.13 -60.91 51.99
N GLU KA 94 57.88 -61.07 49.18
CA GLU KA 94 59.26 -61.11 53.16
CA GLU KA 94 57.09 -61.27 50.40
C GLU KA 94 58.90 -62.57 53.41
C GLU KA 94 56.93 -62.74 50.76
N SER KA 95 58.42 -63.28 52.38
N SER KA 95 56.44 -63.55 49.83
CA SER KA 95 57.88 -64.62 52.55
CA SER KA 95 56.01 -64.90 50.16
C SER KA 95 57.55 -65.20 51.17
C SER KA 95 55.72 -65.65 48.87
N GLY KA 96 57.15 -66.47 51.18
N GLY KA 96 55.70 -66.97 48.98
CA GLY KA 96 56.75 -67.12 49.94
CA GLY KA 96 55.27 -67.77 47.85
C GLY KA 96 55.51 -66.50 49.35
C GLY KA 96 53.86 -67.43 47.39
N LEU KA 97 54.45 -66.34 50.17
N LEU KA 97 52.94 -67.22 48.34
CA LEU KA 97 53.20 -65.80 49.67
CA LEU KA 97 51.58 -66.83 47.97
C LEU KA 97 53.39 -64.43 49.03
C LEU KA 97 51.56 -65.50 47.23
N ASN KA 98 54.17 -63.57 49.68
N ASN KA 98 52.28 -64.51 47.75
CA ASN KA 98 54.35 -62.21 49.16
CA ASN KA 98 52.26 -63.19 47.12
C ASN KA 98 55.10 -62.21 47.84
C ASN KA 98 52.91 -63.23 45.73
N ALA KA 99 56.15 -63.03 47.73
N ALA KA 99 53.95 -64.05 45.57
CA ALA KA 99 56.88 -63.12 46.47
CA ALA KA 99 54.55 -64.19 44.24
C ALA KA 99 55.97 -63.67 45.37
C ALA KA 99 53.58 -64.81 43.26
N MET KA 100 55.10 -64.61 45.71
N MET KA 100 52.93 -65.91 43.67
CA MET KA 100 54.16 -65.12 44.72
CA MET KA 100 51.93 -66.53 42.81
C MET KA 100 53.16 -64.05 44.31
C MET KA 100 50.84 -65.55 42.43
N GLU KA 101 52.62 -63.30 45.28
N GLU KA 101 50.44 -64.69 43.37
CA GLU KA 101 51.77 -62.15 44.96
CA GLU KA 101 49.41 -63.68 43.09
C GLU KA 101 52.51 -61.13 44.12
C GLU KA 101 49.89 -62.64 42.08
N ALA KA 102 53.78 -60.86 44.46
N ALA KA 102 51.15 -62.21 42.22
CA ALA KA 102 54.57 -59.94 43.63
CA ALA KA 102 51.69 -61.25 41.27
C ALA KA 102 54.80 -60.53 42.26
C ALA KA 102 51.88 -61.88 39.90
N ALA KA 103 55.10 -61.84 42.20
N ALA KA 103 52.31 -63.15 39.87
CA ALA KA 103 55.27 -62.49 40.91
CA ALA KA 103 52.42 -63.84 38.58
C ALA KA 103 53.98 -62.37 40.10
C ALA KA 103 51.06 -63.94 37.91
N LEU KA 104 52.84 -62.59 40.74
N LEU KA 104 50.01 -64.21 38.70
CA LEU KA 104 51.57 -62.51 40.04
CA LEU KA 104 48.66 -64.31 38.17
C LEU KA 104 51.34 -61.11 39.47
C LEU KA 104 48.22 -63.01 37.52
N HIS KA 105 51.62 -60.08 40.28
N HIS KA 105 48.39 -61.90 38.25
CA HIS KA 105 51.45 -58.69 39.82
CA HIS KA 105 48.11 -60.58 37.70
C HIS KA 105 52.34 -58.40 38.62
C HIS KA 105 48.96 -60.32 36.45
N LEU KA 106 53.63 -58.75 38.73
N LEU KA 106 50.24 -60.68 36.47
CA LEU KA 106 54.54 -58.61 37.60
CA LEU KA 106 51.09 -60.47 35.30
C LEU KA 106 53.99 -59.23 36.31
C LEU KA 106 50.55 -61.21 34.09
N GLU KA 107 53.48 -60.47 36.39
N GLU KA 107 50.25 -62.51 34.24
CA GLU KA 107 53.12 -61.17 35.16
CA GLU KA 107 49.83 -63.34 33.12
C GLU KA 107 51.91 -60.52 34.46
C GLU KA 107 48.47 -62.90 32.57
N LYS KA 108 50.96 -60.01 35.24
N LYS KA 108 47.61 -62.35 33.42
CA LYS KA 108 49.85 -59.26 34.62
CA LYS KA 108 46.39 -61.76 32.89
C LYS KA 108 50.33 -57.93 34.04
C LYS KA 108 46.68 -60.48 32.13
N ASN KA 109 51.28 -57.27 34.72
N ASN KA 109 47.72 -59.72 32.51
CA ASN KA 109 51.90 -56.09 34.13
CA ASN KA 109 48.07 -58.53 31.73
C ASN KA 109 52.60 -56.44 32.82
C ASN KA 109 48.71 -58.92 30.40
N VAL KA 110 53.40 -57.51 32.82
N VAL KA 110 49.51 -60.00 30.40
CA VAL KA 110 54.05 -57.94 31.57
CA VAL KA 110 50.06 -60.48 29.13
C VAL KA 110 53.01 -58.33 30.54
C VAL KA 110 48.95 -61.00 28.22
N ASN KA 111 51.99 -59.08 30.95
N ASN KA 111 47.99 -61.75 28.80
CA ASN KA 111 50.92 -59.43 30.02
CA ASN KA 111 46.84 -62.21 28.01
C ASN KA 111 50.21 -58.20 29.48
C ASN KA 111 46.06 -61.03 27.42
N GLN KA 112 50.11 -57.12 30.27
N GLN KA 112 45.82 -59.98 28.22
CA GLN KA 112 49.42 -55.92 29.78
CA GLN KA 112 45.08 -58.83 27.73
C GLN KA 112 50.19 -55.25 28.64
C GLN KA 112 45.76 -58.22 26.52
N SER KA 113 51.52 -55.23 28.73
N SER KA 113 47.08 -58.03 26.59
CA SER KA 113 52.31 -54.67 27.63
CA SER KA 113 47.83 -57.51 25.46
C SER KA 113 52.27 -55.56 26.39
C SER KA 113 47.75 -58.43 24.25
N LEU KA 114 52.17 -56.88 26.57
N LEU KA 114 47.76 -59.75 24.48
CA LEU KA 114 52.09 -57.78 25.43
CA LEU KA 114 47.69 -60.69 23.37
C LEU KA 114 50.78 -57.59 24.66
C LEU KA 114 46.30 -60.68 22.74
N LEU KA 115 49.66 -57.40 25.38
N LEU KA 115 45.25 -60.63 23.57
CA LEU KA 115 48.40 -57.11 24.69
CA LEU KA 115 43.91 -60.51 23.02
C LEU KA 115 48.49 -55.78 23.94
C LEU KA 115 43.74 -59.22 22.24
N GLU KA 116 49.04 -54.74 24.60
N GLU KA 116 44.30 -58.13 22.77
CA GLU KA 116 49.25 -53.48 23.93
CA GLU KA 116 44.36 -56.91 21.97
C GLU KA 116 50.21 -53.60 22.76
C GLU KA 116 45.15 -57.15 20.69
N LEU KA 117 51.18 -54.52 22.84
N LEU KA 117 46.29 -57.86 20.78
CA LEU KA 117 52.01 -54.79 21.66
CA LEU KA 117 47.06 -58.12 19.56
C LEU KA 117 51.20 -55.50 20.60
C LEU KA 117 46.25 -58.90 18.54
N HIS KA 118 50.36 -56.45 21.00
N HIS KA 118 45.53 -59.93 19.00
CA HIS KA 118 49.55 -57.13 20.00
CA HIS KA 118 44.71 -60.72 18.08
C HIS KA 118 48.63 -56.15 19.30
C HIS KA 118 43.60 -59.87 17.45
N LYS KA 119 47.97 -55.28 20.07
N LYS KA 119 42.92 -59.05 18.24
CA LYS KA 119 47.07 -54.28 19.51
CA LYS KA 119 41.88 -58.18 17.70
C LYS KA 119 47.77 -53.42 18.45
C LYS KA 119 42.42 -57.30 16.58
N LEU KA 120 48.98 -52.95 18.75
N LEU KA 120 43.63 -56.76 16.75
CA LEU KA 120 49.68 -52.12 17.77
CA LEU KA 120 44.28 -56.00 15.70
C LEU KA 120 50.03 -52.90 16.51
C LEU KA 120 44.48 -56.83 14.43
N ALA KA 121 50.34 -54.19 16.65
N ALA KA 121 44.88 -58.09 14.59
CA ALA KA 121 50.63 -54.98 15.45
CA ALA KA 121 45.07 -58.94 13.42
C ALA KA 121 49.38 -55.10 14.57
C ALA KA 121 43.75 -59.19 12.71
N HIS KA 122 48.21 -55.22 15.19
N HIS KA 122 42.65 -59.39 13.45
CA HIS KA 122 46.96 -55.21 14.44
CA HIS KA 122 41.36 -59.60 12.82
C HIS KA 122 46.75 -53.86 13.76
C HIS KA 122 40.83 -58.33 12.17
N ASP KA 123 46.80 -52.77 14.54
N ASP KA 123 41.09 -57.17 12.79
CA ASP KA 123 46.56 -51.44 13.99
CA ASP KA 123 40.59 -55.92 12.22
C ASP KA 123 47.53 -51.08 12.86
C ASP KA 123 41.38 -55.49 11.00
N LYS KA 124 48.78 -51.55 12.94
N LYS KA 124 42.66 -55.85 10.93
CA LYS KA 124 49.72 -51.39 11.84
CA LYS KA 124 43.47 -55.58 9.75
C LYS KA 124 49.62 -52.51 10.80
C LYS KA 124 43.39 -56.71 8.72
N ASN KA 125 48.58 -53.35 10.88
N ASN KA 125 42.48 -57.66 8.92
CA ASN KA 125 48.35 -54.40 9.87
CA ASN KA 125 42.32 -58.85 8.06
C ASN KA 125 49.56 -55.32 9.73
C ASN KA 125 43.66 -59.52 7.78
N ASP KA 126 50.16 -55.70 10.85
N ASP KA 126 44.35 -59.87 8.86
CA ASP KA 126 51.37 -56.52 10.86
CA ASP KA 126 45.62 -60.58 8.76
C ASP KA 126 50.98 -57.90 11.34
C ASP KA 126 45.42 -61.97 9.33
N PRO KA 127 50.51 -58.78 10.46
N PRO KA 127 44.95 -62.92 8.53
CA PRO KA 127 50.05 -60.10 10.92
CA PRO KA 127 44.61 -64.23 9.11
C PRO KA 127 51.19 -61.00 11.36
C PRO KA 127 45.84 -65.02 9.52
N HIS KA 128 52.39 -60.83 10.79
N HIS KA 128 46.99 -64.75 8.90
CA HIS KA 128 53.54 -61.60 11.28
CA HIS KA 128 48.19 -65.44 9.35
C HIS KA 128 53.87 -61.25 12.72
C HIS KA 128 48.59 -65.01 10.75
N LEU KA 129 53.85 -59.97 13.09
N LEU KA 129 48.56 -63.69 11.03
CA LEU KA 129 54.13 -59.63 14.48
CA LEU KA 129 48.93 -63.22 12.37
C LEU KA 129 53.03 -60.14 15.40
C LEU KA 129 47.92 -63.65 13.42
N ALA KA 130 51.77 -59.98 14.98
N ALA KA 130 46.62 -63.55 13.11
CA ALA KA 130 50.65 -60.35 15.84
CA ALA KA 130 45.58 -64.04 14.00
C ALA KA 130 50.69 -61.84 16.16
C ALA KA 130 45.82 -65.48 14.42
N ASP KA 131 50.96 -62.66 15.14
N ASP KA 131 46.09 -66.35 13.44
CA ASP KA 131 50.97 -64.11 15.36
CA ASP KA 131 46.24 -67.78 13.72
C ASP KA 131 52.18 -64.54 16.18
C ASP KA 131 47.53 -68.08 14.46
N PHE KA 132 53.34 -63.90 15.96
N PHE KA 132 48.63 -67.44 14.06
CA PHE KA 132 54.48 -64.13 16.83
CA PHE KA 132 49.87 -67.52 14.83
C PHE KA 132 54.12 -63.92 18.30
C PHE KA 132 49.61 -67.28 16.31
N ILE KA 133 53.43 -62.82 18.59
N ILE KA 133 48.91 -66.17 16.63
CA ILE KA 133 52.99 -62.53 19.96
CA ILE KA 133 48.68 -65.79 18.02
C ILE KA 133 52.05 -63.63 20.46
C ILE KA 133 47.81 -66.82 18.72
N GLU KA 134 51.00 -63.93 19.66
N GLU KA 134 46.75 -67.29 18.06
CA GLU KA 134 50.02 -64.94 20.03
CA GLU KA 134 45.91 -68.35 18.62
C GLU KA 134 50.69 -66.27 20.36
C GLU KA 134 46.73 -69.59 18.88
N THR KA 135 51.49 -66.78 19.43
N THR KA 135 47.58 -69.94 17.92
CA THR KA 135 52.02 -68.14 19.52
CA THR KA 135 48.24 -71.24 17.94
C THR KA 135 53.02 -68.27 20.65
C THR KA 135 49.33 -71.29 18.99
N HIS KA 136 53.85 -67.24 20.87
N HIS KA 136 50.10 -70.21 19.13
CA HIS KA 136 55.02 -67.38 21.72
CA HIS KA 136 51.29 -70.29 19.97
C HIS KA 136 54.90 -66.71 23.08
C HIS KA 136 51.14 -69.59 21.32
N TYR KA 137 53.96 -65.76 23.26
N TYR KA 137 50.15 -68.72 21.49
CA TYR KA 137 53.88 -65.05 24.53
CA TYR KA 137 50.09 -67.94 22.73
C TYR KA 137 52.50 -65.09 25.18
C TYR KA 137 48.76 -68.05 23.45
N LEU KA 138 51.41 -65.08 24.40
N LEU KA 138 47.64 -68.09 22.73
CA LEU KA 138 50.10 -64.78 24.98
CA LEU KA 138 46.34 -67.91 23.36
C LEU KA 138 49.59 -65.92 25.86
C LEU KA 138 46.02 -69.04 24.34
N ASN KA 139 49.51 -67.14 25.32
N ASN KA 139 46.08 -70.30 23.90
CA ASN KA 139 49.06 -68.25 26.15
CA ASN KA 139 45.81 -71.37 24.84
C ASN KA 139 50.07 -68.59 27.25
C ASN KA 139 46.88 -71.44 25.93
N GLU KA 140 51.35 -68.26 27.03
N GLU KA 140 48.13 -71.15 25.58
CA GLU KA 140 52.34 -68.49 28.07
CA GLU KA 140 49.21 -71.16 26.56
C GLU KA 140 52.17 -67.53 29.24
C GLU KA 140 48.91 -70.22 27.72
N GLN KA 141 51.72 -66.29 28.97
N GLN KA 141 48.48 -68.99 27.42
CA GLN KA 141 51.38 -65.36 30.05
CA GLN KA 141 48.13 -68.04 28.46
C GLN KA 141 50.14 -65.82 30.80
C GLN KA 141 46.97 -68.54 29.31
N VAL KA 142 49.13 -66.28 30.06
N VAL KA 142 45.96 -69.14 28.67
CA VAL KA 142 47.92 -66.81 30.69
CA VAL KA 142 44.83 -69.67 29.42
C VAL KA 142 48.25 -68.02 31.55
C VAL KA 142 45.29 -70.75 30.39
N LYS KA 143 49.18 -68.87 31.09
N LYS KA 143 46.17 -71.65 29.93
CA LYS KA 143 49.56 -70.04 31.88
CA LYS KA 143 46.60 -72.76 30.78
C LYS KA 143 50.22 -69.63 33.19
C LYS KA 143 47.42 -72.26 31.97
N ALA KA 144 51.20 -68.72 33.12
N ALA KA 144 48.22 -71.21 31.77
CA ALA KA 144 51.93 -68.34 34.33
CA ALA KA 144 49.06 -70.64 32.83
C ALA KA 144 51.06 -67.55 35.29
C ALA KA 144 48.22 -69.96 33.90
N ILE KA 145 50.15 -66.71 34.75
N ILE KA 145 47.26 -69.13 33.49
CA ILE KA 145 49.23 -65.97 35.60
CA ILE KA 145 46.35 -68.49 34.43
C ILE KA 145 48.35 -66.93 36.39
C ILE KA 145 45.63 -69.55 35.27
N LYS KA 146 47.76 -67.92 35.69
N LYS KA 146 45.09 -70.58 34.61
CA LYS KA 146 46.94 -68.91 36.38
CA LYS KA 146 44.45 -71.69 35.31
C LYS KA 146 47.75 -69.71 37.39
C LYS KA 146 45.41 -72.35 36.29
N GLU KA 147 48.96 -70.12 37.01
N GLU KA 147 46.64 -72.60 35.87
CA GLU KA 147 49.80 -70.91 37.92
CA GLU KA 147 47.61 -73.23 36.77
C GLU KA 147 50.12 -70.13 39.19
C GLU KA 147 47.97 -72.32 37.94
N LEU KA 148 50.46 -68.86 39.06
N LEU KA 148 48.15 -71.02 37.67
CA LEU KA 148 50.78 -68.06 40.24
CA LEU KA 148 48.50 -70.11 38.76
C LEU KA 148 49.55 -67.90 41.12
C LEU KA 148 47.31 -69.88 39.68
N GLY KA 149 48.39 -67.67 40.51
N GLY KA 149 46.10 -69.84 39.12
CA GLY KA 149 47.16 -67.58 41.28
CA GLY KA 149 44.92 -69.81 39.97
C GLY KA 149 46.87 -68.85 42.06
C GLY KA 149 44.85 -71.02 40.88
N ASP KA 150 47.09 -70.01 41.42
N ASP KA 150 44.99 -72.22 40.29
CA ASP KA 150 46.89 -71.28 42.13
CA ASP KA 150 45.08 -73.46 41.07
C ASP KA 150 47.78 -71.37 43.37
C ASP KA 150 46.05 -73.34 42.25
N HIS KA 151 49.06 -71.02 43.21
N HIS KA 151 47.25 -72.83 41.99
CA HIS KA 151 49.95 -71.02 44.37
CA HIS KA 151 48.26 -72.74 43.06
C HIS KA 151 49.46 -70.06 45.45
C HIS KA 151 47.84 -71.77 44.16
N VAL KA 152 49.20 -68.81 45.07
N VAL KA 152 47.29 -70.63 43.76
CA VAL KA 152 48.74 -67.81 46.03
CA VAL KA 152 46.83 -69.65 44.75
C VAL KA 152 47.53 -68.33 46.79
C VAL KA 152 45.75 -70.25 45.63
N THR KA 153 46.57 -68.92 46.07
N THR KA 153 44.80 -70.97 45.02
CA THR KA 153 45.40 -69.51 46.69
CA THR KA 153 43.75 -71.62 45.79
C THR KA 153 45.79 -70.57 47.71
C THR KA 153 44.34 -72.55 46.83
N ASN KA 154 46.65 -71.52 47.32
N ASN KA 154 45.26 -73.42 46.40
CA ASN KA 154 46.98 -72.59 48.24
CA ASN KA 154 45.80 -74.41 47.32
C ASN KA 154 47.74 -72.07 49.46
C ASN KA 154 46.58 -73.74 48.45
N LEU KA 155 48.65 -71.12 49.24
N LEU KA 155 47.48 -72.82 48.11
CA LEU KA 155 49.41 -70.57 50.36
CA LEU KA 155 48.21 -72.09 49.15
C LEU KA 155 48.49 -69.93 51.39
C LEU KA 155 47.25 -71.43 50.13
N ARG KA 156 47.56 -69.07 50.93
N ARG KA 156 46.14 -70.89 49.66
CA ARG KA 156 46.59 -68.45 51.84
CA ARG KA 156 45.21 -70.21 50.56
C ARG KA 156 45.81 -69.50 52.61
C ARG KA 156 44.56 -71.20 51.52
N LYS KA 157 45.27 -70.50 51.89
N LYS KA 157 43.99 -72.30 50.98
CA LYS KA 157 44.39 -71.48 52.51
CA LYS KA 157 43.35 -73.28 51.85
C LYS KA 157 45.10 -72.27 53.59
C LYS KA 157 44.34 -73.85 52.86
N MET KA 158 46.39 -72.54 53.40
N MET KA 158 45.59 -74.04 52.44
CA MET KA 158 47.20 -73.29 54.36
CA MET KA 158 46.57 -74.64 53.35
C MET KA 158 47.62 -72.47 55.58
C MET KA 158 46.90 -73.73 54.53
N GLY KA 159 47.27 -71.18 55.63
N GLY KA 159 46.73 -72.42 54.37
CA GLY KA 159 47.63 -70.35 56.75
CA GLY KA 159 47.04 -71.47 55.41
C GLY KA 159 48.83 -69.44 56.58
C GLY KA 159 48.16 -70.51 55.10
N ALA KA 160 49.36 -69.30 55.37
N ALA KA 160 48.66 -70.49 53.86
CA ALA KA 160 50.45 -68.35 55.16
CA ALA KA 160 49.57 -69.43 53.45
C ALA KA 160 49.93 -66.92 55.27
C ALA KA 160 48.88 -68.08 53.61
N PRO KA 161 50.74 -65.99 55.81
N PRO KA 161 49.65 -66.99 53.80
CA PRO KA 161 52.08 -66.27 56.33
CA PRO KA 161 51.11 -66.97 53.87
C PRO KA 161 52.18 -66.31 57.86
C PRO KA 161 51.62 -66.98 55.31
N GLU KA 162 51.11 -66.75 58.53
N GLU KA 162 50.70 -66.88 56.26
CA GLU KA 162 51.14 -66.93 59.98
CA GLU KA 162 51.05 -66.74 57.67
C GLU KA 162 51.66 -68.32 60.35
C GLU KA 162 51.70 -68.00 58.21
N SER KA 163 51.08 -69.36 59.74
N SER KA 163 51.06 -69.15 57.97
CA SER KA 163 51.63 -70.70 59.89
CA SER KA 163 51.71 -70.43 58.24
C SER KA 163 52.92 -70.81 59.10
C SER KA 163 52.86 -70.63 57.26
N GLY KA 164 54.06 -70.73 59.79
N GLY KA 164 54.10 -70.53 57.74
CA GLY KA 164 55.31 -71.06 59.13
CA GLY KA 164 55.24 -70.93 56.93
C GLY KA 164 55.36 -72.49 58.65
C GLY KA 164 55.30 -72.41 56.65
N LEU KA 165 54.49 -73.35 59.18
N LEU KA 165 54.57 -73.21 57.43
CA LEU KA 165 54.42 -74.72 58.69
CA LEU KA 165 54.51 -74.66 57.23
C LEU KA 165 53.81 -74.78 57.29
C LEU KA 165 53.81 -75.00 55.92
N ALA KA 166 52.96 -73.82 56.93
N ALA KA 166 52.76 -74.26 55.58
CA ALA KA 166 52.37 -73.82 55.61
CA ALA KA 166 52.03 -74.51 54.34
C ALA KA 166 53.43 -73.61 54.52
C ALA KA 166 52.93 -74.35 53.13
N GLU KA 167 54.27 -72.58 54.68
N GLU KA 167 53.60 -73.19 53.02
CA GLU KA 167 55.25 -72.30 53.64
CA GLU KA 167 54.42 -72.94 51.83
C GLU KA 167 56.21 -73.48 53.47
C GLU KA 167 55.54 -73.97 51.72
N TYR KA 168 56.60 -74.12 54.58
N TYR KA 168 56.08 -74.43 52.84
CA TYR KA 168 57.48 -75.28 54.48
CA TYR KA 168 57.07 -75.50 52.81
C TYR KA 168 56.80 -76.41 53.72
C TYR KA 168 56.50 -76.75 52.14
N LEU KA 169 55.57 -76.74 54.10
N LEU KA 169 55.34 -77.21 52.60
CA LEU KA 169 54.89 -77.87 53.47
CA LEU KA 169 54.76 -78.44 52.07
C LEU KA 169 54.60 -77.60 52.00
C LEU KA 169 54.29 -78.26 50.64
N PHE KA 170 54.21 -76.37 51.66
N PHE KA 170 53.74 -77.09 50.31
CA PHE KA 170 53.98 -76.03 50.25
CA PHE KA 170 53.36 -76.82 48.93
C PHE KA 170 55.28 -76.12 49.46
C PHE KA 170 54.58 -76.88 48.03
N ASP KA 171 56.37 -75.64 50.05
N ASP KA 171 55.68 -76.26 48.48
CA ASP KA 171 57.68 -75.77 49.42
CA ASP KA 171 56.92 -76.34 47.73
C ASP KA 171 58.02 -77.22 49.10
C ASP KA 171 57.35 -77.79 47.50
N LYS KA 172 57.71 -78.12 50.02
N LYS KA 172 57.16 -78.65 48.51
CA LYS KA 172 58.03 -79.54 49.82
CA LYS KA 172 57.58 -80.05 48.38
C LYS KA 172 57.07 -80.20 48.84
C LYS KA 172 56.62 -80.84 47.50
N HIS KA 173 55.77 -79.90 48.96
N HIS KA 173 55.32 -80.79 47.78
CA HIS KA 173 54.77 -80.71 48.31
CA HIS KA 173 54.39 -81.77 47.22
C HIS KA 173 54.26 -80.14 47.00
C HIS KA 173 53.73 -81.33 45.93
N THR KA 174 54.34 -78.84 46.82
N THR KA 174 53.59 -80.02 45.71
CA THR KA 174 53.97 -78.24 45.53
CA THR KA 174 53.06 -79.51 44.44
C THR KA 174 55.20 -77.84 44.74
C THR KA 174 54.16 -79.09 43.48
N LEU KA 175 56.06 -77.01 45.32
N LEU KA 175 55.08 -78.23 43.92
CA LEU KA 175 57.22 -76.50 44.58
CA LEU KA 175 56.07 -77.68 42.99
C LEU KA 175 58.28 -77.57 44.35
C LEU KA 175 57.25 -78.61 42.75
N GLY KA 176 58.38 -78.57 45.23
N GLY KA 176 57.48 -79.58 43.62
CA GLY KA 176 59.45 -79.54 45.09
CA GLY KA 176 58.53 -80.55 43.36
C GLY KA 176 59.05 -80.88 44.50
C GLY KA 176 58.03 -81.76 42.58
N ASP KA 177 58.47 -80.85 43.31
N ASP KA 177 57.49 -81.53 41.37
CA ASP KA 177 57.87 -82.04 42.66
CA ASP KA 177 56.91 -82.56 40.51
C ASP KA 177 56.60 -82.46 43.41
C ASP KA 177 55.59 -83.07 41.06
N SER LA 4 26.67 -74.27 -8.56
N SER LA 4 21.98 -82.35 -7.48
CA SER LA 4 26.34 -75.02 -7.35
CA SER LA 4 21.31 -82.11 -6.21
C SER LA 4 27.32 -74.69 -6.24
C SER LA 4 22.33 -81.83 -5.09
N THR LA 5 26.79 -74.32 -5.08
N THR LA 5 21.83 -81.50 -3.90
CA THR LA 5 27.65 -74.14 -3.93
CA THR LA 5 22.70 -81.19 -2.79
C THR LA 5 28.05 -75.50 -3.37
C THR LA 5 23.39 -82.45 -2.29
N SER LA 6 29.29 -75.59 -2.91
N SER LA 6 24.65 -82.31 -1.87
CA SER LA 6 29.80 -76.82 -2.30
CA SER LA 6 25.39 -83.44 -1.32
C SER LA 6 29.09 -77.11 -0.99
C SER LA 6 24.94 -83.73 0.11
N GLN LA 7 28.96 -78.40 -0.66
N GLN LA 7 24.71 -85.01 0.40
CA GLN LA 7 28.33 -78.76 0.60
CA GLN LA 7 24.25 -85.46 1.71
C GLN LA 7 29.17 -78.38 1.80
C GLN LA 7 25.18 -85.02 2.85
N VAL LA 8 30.49 -78.19 1.63
N VAL LA 8 26.41 -84.64 2.55
CA VAL LA 8 31.33 -77.84 2.78
CA VAL LA 8 27.34 -84.16 3.56
C VAL LA 8 31.55 -76.33 2.90
C VAL LA 8 27.46 -82.65 3.62
N ARG LA 9 31.15 -75.54 1.90
N ARG LA 9 26.94 -81.93 2.62
CA ARG LA 9 31.53 -74.13 1.88
CA ARG LA 9 27.17 -80.50 2.53
C ARG LA 9 30.90 -73.37 3.04
C ARG LA 9 26.37 -79.73 3.59
N GLN LA 10 31.69 -72.51 3.67
N GLN LA 10 27.04 -78.79 4.25
CA GLN LA 10 31.24 -71.79 4.85
CA GLN LA 10 26.45 -78.06 5.36
C GLN LA 10 32.15 -70.62 5.16
C GLN LA 10 27.31 -76.84 5.59
N ASN LA 11 31.60 -69.41 5.15
N ASN LA 11 26.69 -75.65 5.53
CA ASN LA 11 32.36 -68.18 5.46
CA ASN LA 11 27.39 -74.36 5.66
C ASN LA 11 33.59 -68.05 4.58
C ASN LA 11 28.53 -74.22 4.66
N TYR LA 12 33.50 -68.51 3.33
N TYR LA 12 28.46 -74.91 3.53
CA TYR LA 12 34.60 -68.46 2.37
CA TYR LA 12 29.45 -74.76 2.48
C TYR LA 12 34.16 -67.51 1.24
C TYR LA 12 28.78 -73.97 1.36
N HIS LA 13 34.63 -66.28 1.30
N HIS LA 13 29.18 -72.71 1.22
CA HIS LA 13 34.27 -65.27 0.31
CA HIS LA 13 28.60 -71.80 0.24
C HIS LA 13 34.81 -65.68 -1.05
C HIS LA 13 29.17 -72.06 -1.15
N GLN LA 14 34.06 -65.32 -2.10
N GLN LA 14 28.34 -71.83 -2.19
CA GLN LA 14 34.52 -65.63 -3.45
CA GLN LA 14 28.78 -72.14 -3.54
C GLN LA 14 35.80 -64.86 -3.79
C GLN LA 14 29.91 -71.22 -4.02
N ASP LA 15 36.01 -63.70 -3.18
N ASP LA 15 30.05 -70.01 -3.48
CA ASP LA 15 37.24 -62.96 -3.44
CA ASP LA 15 31.22 -69.22 -3.85
C ASP LA 15 38.44 -63.66 -2.82
C ASP LA 15 32.49 -69.79 -3.22
N SER LA 16 38.27 -64.24 -1.64
N SER LA 16 32.38 -70.36 -2.02
CA SER LA 16 39.34 -65.07 -1.07
CA SER LA 16 33.51 -71.11 -1.47
C SER LA 16 39.69 -66.22 -2.01
C SER LA 16 33.84 -72.31 -2.36
N GLU LA 17 38.67 -66.96 -2.45
N GLU LA 17 32.81 -73.04 -2.81
CA GLU LA 17 38.88 -68.09 -3.34
CA GLU LA 17 33.04 -74.18 -3.70
C GLU LA 17 39.67 -67.70 -4.60
C GLU LA 17 33.82 -73.77 -4.95
N ALA LA 18 39.36 -66.52 -5.15
N ALA LA 18 33.41 -72.68 -5.58
CA ALA LA 18 40.09 -66.04 -6.32
CA ALA LA 18 34.07 -72.25 -6.81
C ALA LA 18 41.53 -65.72 -5.98
C ALA LA 18 35.48 -71.72 -6.55
N ALA LA 19 41.75 -65.09 -4.82
N ALA LA 19 35.71 -71.08 -5.41
CA ALA LA 19 43.11 -64.74 -4.41
CA ALA LA 19 37.05 -70.58 -5.11
C ALA LA 19 43.92 -65.98 -4.06
C ALA LA 19 38.04 -71.73 -4.88
N ILE LA 20 43.27 -67.04 -3.57
N ILE LA 20 37.59 -72.81 -4.25
CA ILE LA 20 43.97 -68.30 -3.33
CA ILE LA 20 38.46 -73.98 -4.06
C ILE LA 20 44.42 -68.92 -4.65
C ILE LA 20 38.83 -74.59 -5.40
N ASN LA 21 43.57 -68.83 -5.69
N ASN LA 21 37.88 -74.69 -6.32
CA ASN LA 21 43.98 -69.28 -7.01
CA ASN LA 21 38.22 -75.19 -7.65
C ASN LA 21 45.16 -68.44 -7.55
C ASN LA 21 39.23 -74.27 -8.34
N ARG LA 22 45.21 -67.14 -7.23
N ARG LA 22 39.11 -72.95 -8.12
CA ARG LA 22 46.34 -66.32 -7.66
CA ARG LA 22 40.12 -72.04 -8.64
C ARG LA 22 47.60 -66.69 -6.89
C ARG LA 22 41.49 -72.33 -8.03
N GLN LA 23 47.47 -67.00 -5.59
N GLN LA 23 41.54 -72.48 -6.70
CA GLN LA 23 48.64 -67.40 -4.81
CA GLN LA 23 42.81 -72.68 -6.02
C GLN LA 23 49.21 -68.73 -5.26
C GLN LA 23 43.43 -74.01 -6.36
N ILE LA 24 48.34 -69.67 -5.65
N ILE LA 24 42.61 -75.05 -6.61
CA ILE LA 24 48.81 -70.96 -6.14
CA ILE LA 24 43.16 -76.30 -7.11
C ILE LA 24 49.73 -70.76 -7.34
C ILE LA 24 43.92 -76.06 -8.40
N ASN LA 25 49.30 -69.95 -8.30
N ASN LA 25 43.33 -75.29 -9.32
CA ASN LA 25 50.13 -69.67 -9.48
CA ASN LA 25 44.02 -75.01 -10.58
C ASN LA 25 51.42 -68.95 -9.10
C ASN LA 25 45.29 -74.20 -10.35
N LEU LA 26 51.37 -68.05 -8.12
N LEU LA 26 45.24 -73.20 -9.45
CA LEU LA 26 52.59 -67.35 -7.71
CA LEU LA 26 46.44 -72.39 -9.24
C LEU LA 26 53.58 -68.30 -7.03
C LEU LA 26 47.56 -73.18 -8.55
N GLU LA 27 53.09 -69.25 -6.24
N GLU LA 27 47.22 -74.12 -7.67
CA GLU LA 27 54.00 -70.22 -5.64
CA GLU LA 27 48.29 -74.93 -7.07
C GLU LA 27 54.61 -71.12 -6.70
C GLU LA 27 48.91 -75.86 -8.10
N LEU LA 28 53.77 -71.63 -7.61
N LEU LA 28 48.09 -76.44 -8.99
CA LEU LA 28 54.27 -72.43 -8.71
CA LEU LA 28 48.64 -77.28 -10.04
C LEU LA 28 55.27 -71.63 -9.54
C LEU LA 28 49.48 -76.47 -11.01
N TYR LA 29 55.03 -70.34 -9.72
N TYR LA 29 49.02 -75.25 -11.35
CA TYR LA 29 55.96 -69.53 -10.50
CA TYR LA 29 49.85 -74.35 -12.15
C TYR LA 29 57.30 -69.41 -9.77
C TYR LA 29 51.18 -74.08 -11.47
N ALA LA 30 57.25 -69.29 -8.45
N ALA LA 30 51.17 -73.83 -10.16
CA ALA LA 30 58.48 -69.24 -7.65
CA ALA LA 30 52.42 -73.59 -9.43
C ALA LA 30 59.25 -70.56 -7.74
C ALA LA 30 53.37 -74.78 -9.54
N SER LA 31 58.53 -71.69 -7.77
N SER LA 31 52.83 -76.00 -9.42
CA SER LA 31 59.19 -72.98 -7.94
CA SER LA 31 53.64 -77.21 -9.54
C SER LA 31 59.98 -73.01 -9.24
C SER LA 31 54.26 -77.34 -10.92
N TYR LA 32 59.43 -72.39 -10.28
N TYR LA 32 53.53 -76.90 -11.94
CA TYR LA 32 60.06 -72.36 -11.60
CA TYR LA 32 54.05 -76.91 -13.30
C TYR LA 32 61.32 -71.52 -11.58
C TYR LA 32 55.21 -75.93 -13.45
N VAL LA 33 61.25 -70.33 -10.96
N VAL LA 33 55.02 -74.69 -12.96
CA VAL LA 33 62.41 -69.46 -10.86
CA VAL LA 33 56.09 -73.71 -13.01
C VAL LA 33 63.56 -70.17 -10.15
C VAL LA 33 57.36 -74.27 -12.39
N TYR LA 34 63.27 -70.81 -9.03
N TYR LA 34 57.22 -74.87 -11.20
CA TYR LA 34 64.31 -71.51 -8.29
CA TYR LA 34 58.39 -75.42 -10.53
C TYR LA 34 64.83 -72.73 -9.06
C TYR LA 34 59.00 -76.56 -11.31
N LEU LA 35 63.96 -73.41 -9.83
N LEU LA 35 58.15 -77.40 -11.93
CA LEU LA 35 64.41 -74.52 -10.67
CA LEU LA 35 58.68 -78.48 -12.75
C LEU LA 35 65.39 -74.03 -11.71
C LEU LA 35 59.48 -77.95 -13.94
N SER LA 36 65.06 -72.91 -12.37
N SER LA 36 59.07 -76.81 -14.50
CA SER LA 36 65.97 -72.34 -13.36
CA SER LA 36 59.82 -76.21 -15.60
C SER LA 36 67.27 -71.89 -12.72
C SER LA 36 61.16 -75.67 -15.12
N MET LA 37 67.19 -71.25 -11.55
N MET LA 37 61.15 -75.00 -13.97
CA MET LA 37 68.41 -70.84 -10.86
CA MET LA 37 62.39 -74.48 -13.38
C MET LA 37 69.29 -72.04 -10.55
C MET LA 37 63.40 -75.60 -13.13
N SER LA 38 68.68 -73.12 -10.07
N SER LA 38 62.97 -76.66 -12.47
CA SER LA 38 69.42 -74.34 -9.75
CA SER LA 38 63.90 -77.71 -12.06
C SER LA 38 70.33 -74.77 -10.90
C SER LA 38 64.65 -78.28 -13.27
N TYR LA 39 69.75 -75.06 -12.06
N TYR LA 39 63.93 -78.64 -14.32
CA TYR LA 39 70.51 -75.66 -13.14
CA TYR LA 39 64.60 -79.25 -15.46
C TYR LA 39 71.42 -74.67 -13.86
C TYR LA 39 65.29 -78.23 -16.37
N TYR LA 40 71.29 -73.36 -13.62
N TYR LA 40 65.05 -76.93 -16.20
CA TYR LA 40 72.33 -72.44 -14.03
CA TYR LA 40 65.95 -75.94 -16.79
C TYR LA 40 73.65 -72.75 -13.31
C TYR LA 40 67.35 -76.08 -16.20
N PHE LA 41 73.58 -72.99 -12.02
N PHE LA 41 67.44 -76.20 -14.87
CA PHE LA 41 74.77 -73.29 -11.24
CA PHE LA 41 68.77 -76.25 -14.28
C PHE LA 41 75.30 -74.70 -11.47
C PHE LA 41 69.47 -77.57 -14.52
N ASP LA 42 74.50 -75.56 -12.11
N ASP LA 42 68.76 -78.57 -15.05
CA ASP LA 42 74.93 -76.87 -12.61
CA ASP LA 42 69.33 -79.85 -15.45
C ASP LA 42 75.71 -76.78 -13.93
C ASP LA 42 69.89 -79.82 -16.87
N ARG LA 43 75.59 -75.68 -14.67
N ARG LA 43 69.77 -78.69 -17.56
CA ARG LA 43 76.32 -75.54 -15.94
CA ARG LA 43 70.36 -78.55 -18.90
C ARG LA 43 77.81 -75.73 -15.74
C ARG LA 43 71.88 -78.62 -18.80
N ASP LA 44 78.47 -76.36 -16.72
N ASP LA 44 72.49 -79.31 -19.77
CA ASP LA 44 79.90 -76.62 -16.62
CA ASP LA 44 73.95 -79.42 -19.81
C ASP LA 44 80.74 -75.35 -16.49
C ASP LA 44 74.63 -78.06 -19.80
N ASP LA 45 80.19 -74.19 -16.89
N ASP LA 45 73.95 -77.01 -20.24
CA ASP LA 45 80.95 -72.93 -16.83
CA ASP LA 45 74.52 -75.68 -20.33
C ASP LA 45 80.52 -72.05 -15.68
C ASP LA 45 74.07 -74.77 -19.18
N VAL LA 46 79.64 -72.53 -14.80
N VAL LA 46 73.41 -75.31 -18.15
CA VAL LA 46 79.37 -71.95 -13.52
CA VAL LA 46 73.17 -74.64 -16.90
C VAL LA 46 79.80 -72.87 -12.37
C VAL LA 46 73.75 -75.43 -15.72
N ALA LA 47 79.35 -74.13 -12.43
N ALA LA 47 73.36 -76.71 -15.62
CA ALA LA 47 79.90 -75.23 -11.62
CA ALA LA 47 74.08 -77.72 -14.83
C ALA LA 47 79.98 -74.89 -10.14
C ALA LA 47 74.21 -77.35 -13.35
N LEU LA 48 78.82 -74.57 -9.56
N LEU LA 48 73.09 -76.98 -12.72
CA LEU LA 48 78.69 -74.37 -8.12
CA LEU LA 48 73.04 -76.69 -11.28
C LEU LA 48 77.57 -75.29 -7.65
C LEU LA 48 72.10 -77.72 -10.64
N LYS LA 49 77.94 -76.52 -7.25
N LYS LA 49 72.69 -78.83 -10.18
CA LYS LA 49 76.95 -77.52 -6.88
CA LYS LA 49 71.89 -79.97 -9.78
C LYS LA 49 76.10 -77.10 -5.69
C LYS LA 49 71.12 -79.70 -8.50
N ASN LA 50 76.72 -76.45 -4.70
N ASN LA 50 71.62 -78.85 -7.63
CA ASN LA 50 75.95 -76.16 -3.49
CA ASN LA 50 70.87 -78.56 -6.41
C ASN LA 50 74.99 -74.99 -3.70
C ASN LA 50 69.76 -77.53 -6.67
N PHE LA 51 75.34 -74.03 -4.55
N PHE LA 51 70.00 -76.55 -7.54
CA PHE LA 51 74.33 -73.09 -5.05
CA PHE LA 51 68.88 -75.71 -7.97
C PHE LA 51 73.23 -73.83 -5.79
C PHE LA 51 67.77 -76.57 -8.56
N ALA LA 52 73.60 -74.81 -6.62
N ALA LA 52 68.15 -77.52 -9.42
CA ALA LA 52 72.59 -75.58 -7.35
CA ALA LA 52 67.19 -78.47 -10.00
C ALA LA 52 71.66 -76.31 -6.39
C ALA LA 52 66.47 -79.26 -8.93
N LYS LA 53 72.23 -76.96 -5.37
N LYS LA 53 67.22 -79.80 -7.96
CA LYS LA 53 71.40 -77.74 -4.46
CA LYS LA 53 66.59 -80.58 -6.91
C LYS LA 53 70.56 -76.84 -3.56
C LYS LA 53 65.66 -79.72 -6.06
N TYR LA 54 71.11 -75.69 -3.16
N TYR LA 54 66.10 -78.51 -5.70
CA TYR LA 54 70.34 -74.76 -2.33
CA TYR LA 54 65.27 -77.61 -4.91
C TYR LA 54 69.07 -74.30 -3.05
C TYR LA 54 63.92 -77.37 -5.56
N PHE LA 55 69.19 -73.92 -4.33
N PHE LA 55 63.91 -77.07 -6.86
CA PHE LA 55 68.02 -73.43 -5.07
CA PHE LA 55 62.64 -76.77 -7.52
C PHE LA 55 67.07 -74.58 -5.47
C PHE LA 55 61.79 -78.02 -7.72
N LEU LA 56 67.59 -75.77 -5.77
N LEU LA 56 62.41 -79.19 -7.90
CA LEU LA 56 66.69 -76.88 -6.06
CA LEU LA 56 61.62 -80.41 -8.06
C LEU LA 56 65.81 -77.20 -4.86
C LEU LA 56 60.82 -80.71 -6.80
N HIS LA 57 66.38 -77.14 -3.65
N HIS LA 57 61.44 -80.52 -5.63
CA HIS LA 57 65.58 -77.38 -2.46
CA HIS LA 57 60.72 -80.75 -4.37
C HIS LA 57 64.48 -76.34 -2.33
C HIS LA 57 59.55 -79.79 -4.23
N GLN LA 58 64.80 -75.07 -2.60
N GLN LA 58 59.80 -78.49 -4.47
CA GLN LA 58 63.78 -74.02 -2.52
CA GLN LA 58 58.72 -77.52 -4.58
C GLN LA 58 62.70 -74.23 -3.58
C GLN LA 58 57.61 -78.01 -5.48
N SER LA 59 63.08 -74.70 -4.78
N SER LA 59 57.99 -78.57 -6.65
CA SER LA 59 62.10 -75.03 -5.81
CA SER LA 59 56.98 -79.08 -7.58
C SER LA 59 61.09 -76.07 -5.31
C SER LA 59 56.15 -80.19 -6.95
N HIS LA 60 61.57 -77.16 -4.72
N HIS LA 60 56.78 -81.12 -6.26
CA HIS LA 60 60.67 -78.20 -4.22
CA HIS LA 60 55.99 -82.20 -5.67
C HIS LA 60 59.77 -77.67 -3.11
C HIS LA 60 55.13 -81.69 -4.52
N GLU LA 61 60.31 -76.83 -2.22
N GLU LA 61 55.60 -80.72 -3.76
CA GLU LA 61 59.51 -76.29 -1.14
CA GLU LA 61 54.79 -80.20 -2.67
C GLU LA 61 58.38 -75.41 -1.68
C GLU LA 61 53.57 -79.43 -3.18
N GLU LA 62 58.73 -74.46 -2.56
N GLU LA 62 53.72 -78.67 -4.25
CA GLU LA 62 57.70 -73.63 -3.18
CA GLU LA 62 52.57 -77.95 -4.80
C GLU LA 62 56.62 -74.49 -3.82
C GLU LA 62 51.49 -78.94 -5.23
N ARG LA 63 57.03 -75.57 -4.50
N ARG LA 63 51.88 -80.07 -5.80
CA ARG LA 63 56.07 -76.54 -5.03
CA ARG LA 63 50.94 -81.14 -6.11
C ARG LA 63 55.19 -77.10 -3.92
C ARG LA 63 50.17 -81.60 -4.86
N GLU LA 64 55.77 -77.41 -2.77
N GLU LA 64 50.89 -81.85 -3.75
CA GLU LA 64 54.99 -77.81 -1.60
CA GLU LA 64 50.19 -82.23 -2.51
C GLU LA 64 54.06 -76.69 -1.14
C GLU LA 64 49.21 -81.15 -2.10
N HIS LA 65 54.49 -75.42 -1.25
N HIS LA 65 49.60 -79.87 -2.22
CA HIS LA 65 53.64 -74.30 -0.82
CA HIS LA 65 48.68 -78.78 -1.87
C HIS LA 65 52.37 -74.22 -1.66
C HIS LA 65 47.39 -78.90 -2.66
N ALA LA 66 52.49 -74.43 -2.98
N ALA LA 66 47.48 -79.17 -3.95
CA ALA LA 66 51.35 -74.31 -3.87
CA ALA LA 66 46.28 -79.30 -4.77
C ALA LA 66 50.37 -75.46 -3.65
C ALA LA 66 45.45 -80.51 -4.36
N GLU LA 67 50.88 -76.67 -3.40
N GLU LA 67 46.08 -81.66 -4.07
CA GLU LA 67 50.02 -77.81 -3.14
CA GLU LA 67 45.29 -82.84 -3.73
C GLU LA 67 49.22 -77.62 -1.86
C GLU LA 67 44.59 -82.69 -2.39
N LYS LA 68 49.82 -76.99 -0.85
N LYS LA 68 45.15 -81.89 -1.47
CA LYS LA 68 49.11 -76.79 0.40
CA LYS LA 68 44.46 -81.66 -0.21
C LYS LA 68 47.93 -75.83 0.20
C LYS LA 68 43.27 -80.71 -0.39
N LEU LA 69 48.12 -74.77 -0.62
N LEU LA 69 43.40 -79.73 -1.29
CA LEU LA 69 47.01 -73.89 -0.94
CA LEU LA 69 42.23 -78.93 -1.63
C LEU LA 69 45.96 -74.58 -1.80
C LEU LA 69 41.17 -79.79 -2.29
N MET LA 70 46.40 -75.43 -2.74
N MET LA 70 41.59 -80.73 -3.14
CA MET LA 70 45.44 -76.24 -3.50
CA MET LA 70 40.66 -81.67 -3.75
C MET LA 70 44.64 -77.13 -2.58
C MET LA 70 39.97 -82.52 -2.69
N LYS LA 71 45.30 -77.71 -1.58
N LYS LA 71 40.73 -83.07 -1.75
CA LYS LA 71 44.57 -78.46 -0.56
CA LYS LA 71 40.15 -83.80 -0.64
C LYS LA 71 43.60 -77.55 0.19
C LYS LA 71 39.17 -82.93 0.14
N LEU LA 72 44.08 -76.38 0.62
N LEU LA 72 39.55 -81.69 0.45
CA LEU LA 72 43.24 -75.43 1.35
CA LEU LA 72 38.64 -80.81 1.19
C LEU LA 72 41.99 -75.08 0.55
C LEU LA 72 37.31 -80.66 0.45
N GLN LA 73 42.16 -74.86 -0.75
N GLN LA 73 37.38 -80.40 -0.86
CA GLN LA 73 41.04 -74.46 -1.60
CA GLN LA 73 36.18 -80.16 -1.64
C GLN LA 73 39.93 -75.50 -1.57
C GLN LA 73 35.22 -81.36 -1.53
N ASN LA 74 40.27 -76.78 -1.81
N ASN LA 74 35.77 -82.57 -1.61
CA ASN LA 74 39.28 -77.86 -1.70
CA ASN LA 74 34.96 -83.77 -1.42
C ASN LA 74 38.71 -77.95 -0.29
C ASN LA 74 34.52 -83.91 0.03
N GLN LA 75 39.54 -77.74 0.73
N GLN LA 75 35.39 -83.55 0.98
CA GLN LA 75 39.05 -77.87 2.11
CA GLN LA 75 35.01 -83.60 2.39
C GLN LA 75 37.92 -76.90 2.38
C GLN LA 75 33.75 -82.77 2.64
N ARG LA 76 37.99 -75.70 1.83
N ARG LA 76 33.65 -81.58 2.05
CA ARG LA 76 36.99 -74.69 2.09
CA ARG LA 76 32.55 -80.65 2.28
C ARG LA 76 35.86 -74.71 1.06
C ARG LA 76 31.34 -80.86 1.36
N GLY LA 77 35.94 -75.58 0.06
N GLY LA 77 31.40 -81.75 0.37
CA GLY LA 77 34.91 -75.70 -0.94
CA GLY LA 77 30.33 -81.85 -0.59
C GLY LA 77 35.11 -74.80 -2.12
C GLY LA 77 30.45 -80.87 -1.75
N GLY LA 78 36.25 -74.13 -2.22
N GLY LA 78 31.60 -80.24 -1.92
CA GLY LA 78 36.59 -73.39 -3.41
CA GLY LA 78 31.86 -79.53 -3.14
C GLY LA 78 37.03 -74.31 -4.53
C GLY LA 78 32.07 -80.51 -4.29
N ARG LA 79 37.11 -73.75 -5.72
N ARG LA 79 32.00 -79.99 -5.49
CA ARG LA 79 37.39 -74.50 -6.92
CA ARG LA 79 32.17 -80.79 -6.70
C ARG LA 79 38.73 -74.03 -7.49
C ARG LA 79 33.42 -80.29 -7.41
N ILE LA 80 39.61 -74.99 -7.75
N ILE LA 80 34.42 -81.17 -7.55
CA ILE LA 80 40.93 -74.68 -8.28
CA ILE LA 80 35.67 -80.83 -8.22
C ILE LA 80 40.83 -74.44 -9.77
C ILE LA 80 35.42 -80.66 -9.71
N PHE LA 81 41.32 -73.30 -10.21
N PHE LA 81 35.80 -79.50 -10.23
CA PHE LA 81 41.52 -73.02 -11.63
CA PHE LA 81 35.84 -79.26 -11.67
C PHE LA 81 42.98 -72.63 -11.81
C PHE LA 81 37.25 -78.78 -11.99
N LEU LA 82 43.70 -73.41 -12.60
N LEU LA 82 37.96 -79.56 -12.83
CA LEU LA 82 45.12 -73.25 -12.80
CA LEU LA 82 39.34 -79.29 -13.18
C LEU LA 82 45.38 -72.42 -14.07
C LEU LA 82 39.41 -78.51 -14.49
N GLN LA 83 46.45 -71.65 -14.04
N GLN LA 83 40.47 -77.74 -14.65
CA GLN LA 83 46.84 -70.77 -15.12
CA GLN LA 83 40.62 -76.91 -15.82
C GLN LA 83 48.25 -71.14 -15.58
C GLN LA 83 42.01 -77.11 -16.40
N ASP LA 84 48.61 -70.66 -16.77
N ASP LA 84 42.20 -76.54 -17.59
CA ASP LA 84 49.97 -70.76 -17.25
CA ASP LA 84 43.52 -76.55 -18.21
C ASP LA 84 50.95 -70.38 -16.15
C ASP LA 84 44.55 -76.03 -17.23
N ILE LA 85 52.06 -71.11 -16.07
N ILE LA 85 45.70 -76.69 -17.17
CA ILE LA 85 53.18 -70.76 -15.19
CA ILE LA 85 46.85 -76.14 -16.47
C ILE LA 85 54.21 -70.06 -16.05
C ILE LA 85 47.68 -75.39 -17.51
N GLN LA 86 54.55 -68.81 -15.72
N GLN LA 86 47.71 -74.07 -17.39
CA GLN LA 86 55.35 -68.01 -16.64
CA GLN LA 86 48.44 -73.27 -18.37
C GLN LA 86 56.82 -68.34 -16.46
C GLN LA 86 49.94 -73.47 -18.20
N LYS LA 87 57.54 -68.44 -17.60
N LYS LA 87 50.66 -73.36 -19.32
CA LYS LA 87 58.97 -68.68 -17.59
CA LYS LA 87 52.11 -73.54 -19.29
C LYS LA 87 59.68 -67.57 -16.82
C LYS LA 87 52.78 -72.35 -18.59
N PRO LA 88 60.73 -67.87 -16.07
N PRO LA 88 53.97 -72.55 -18.04
CA PRO LA 88 61.39 -66.82 -15.29
CA PRO LA 88 54.64 -71.47 -17.30
C PRO LA 88 61.91 -65.69 -16.17
C PRO LA 88 54.95 -70.27 -18.20
N ASP LA 89 62.05 -64.51 -15.55
N ASP LA 89 55.19 -69.14 -17.54
CA ASP LA 89 62.54 -63.31 -16.22
CA ASP LA 89 55.45 -67.87 -18.23
C ASP LA 89 63.99 -63.41 -16.72
C ASP LA 89 56.65 -67.95 -19.17
N GLU LA 90 64.73 -64.46 -16.36
N GLU LA 90 57.65 -68.78 -18.83
CA GLU LA 90 66.11 -64.61 -16.84
CA GLU LA 90 58.89 -68.86 -19.57
C GLU LA 90 66.39 -66.07 -17.17
C GLU LA 90 59.29 -70.32 -19.78
N ASP LA 91 67.23 -66.27 -18.18
N ASP LA 91 60.12 -70.57 -20.80
CA ASP LA 91 67.78 -67.60 -18.49
CA ASP LA 91 60.80 -71.85 -20.98
C ASP LA 91 69.15 -67.79 -17.87
C ASP LA 91 62.25 -71.82 -20.53
N ASP LA 92 69.92 -66.70 -17.74
N ASP LA 92 62.86 -70.64 -20.56
CA ASP LA 92 71.25 -66.67 -17.17
CA ASP LA 92 64.25 -70.42 -20.18
C ASP LA 92 71.23 -65.81 -15.91
C ASP LA 92 64.22 -69.50 -18.97
N TRP LA 93 71.68 -66.38 -14.78
N TRP LA 93 64.74 -69.99 -17.85
CA TRP LA 93 71.60 -65.75 -13.47
CA TRP LA 93 64.63 -69.25 -16.60
C TRP LA 93 72.90 -65.08 -13.04
C TRP LA 93 65.86 -68.40 -16.32
N GLU LA 94 73.94 -65.13 -13.87
N GLU LA 94 66.82 -68.38 -17.24
CA GLU LA 94 75.10 -64.25 -13.81
CA GLU LA 94 67.95 -67.43 -17.27
C GLU LA 94 76.13 -64.62 -12.73
C GLU LA 94 69.07 -67.76 -16.28
N SER LA 95 75.67 -64.84 -11.50
N SER LA 95 68.75 -67.94 -15.00
CA SER LA 95 76.61 -65.10 -10.42
CA SER LA 95 69.78 -68.11 -13.99
C SER LA 95 75.83 -65.64 -9.22
C SER LA 95 69.12 -68.48 -12.67
N GLY LA 96 76.58 -66.22 -8.28
N GLY LA 96 69.94 -68.93 -11.73
CA GLY LA 96 75.97 -66.59 -7.02
CA GLY LA 96 69.41 -69.26 -10.41
C GLY LA 96 75.29 -65.42 -6.36
C GLY LA 96 68.67 -68.11 -9.75
N LEU LA 97 76.02 -64.31 -6.22
N LEU LA 97 69.26 -66.92 -9.78
CA LEU LA 97 75.47 -63.15 -5.52
CA LEU LA 97 68.64 -65.77 -9.11
C LEU LA 97 74.21 -62.61 -6.22
C LEU LA 97 67.30 -65.43 -9.76
N ASN LA 98 74.25 -62.49 -7.55
N ASN LA 98 67.29 -65.31 -11.09
CA ASN LA 98 73.09 -61.96 -8.26
CA ASN LA 98 66.05 -64.98 -11.81
C ASN LA 98 71.87 -62.87 -8.13
C ASN LA 98 64.97 -66.00 -11.50
N ALA LA 99 72.08 -64.19 -8.13
N ALA LA 99 65.31 -67.28 -11.47
CA ALA LA 99 70.93 -65.08 -7.97
CA ALA LA 99 64.34 -68.29 -11.08
C ALA LA 99 70.34 -64.96 -6.57
C ALA LA 99 63.88 -68.07 -9.64
N MET LA 100 71.18 -64.77 -5.55
N MET LA 100 64.80 -67.73 -8.75
CA MET LA 100 70.67 -64.53 -4.20
CA MET LA 100 64.44 -67.49 -7.35
C MET LA 100 69.87 -63.23 -4.14
C MET LA 100 63.52 -66.29 -7.23
N GLU LA 101 70.38 -62.16 -4.76
N GLU LA 101 63.86 -65.17 -7.89
CA GLU LA 101 69.64 -60.89 -4.77
CA GLU LA 101 62.95 -64.03 -7.93
C GLU LA 101 68.30 -61.05 -5.47
C GLU LA 101 61.59 -64.44 -8.45
N ALA LA 102 68.28 -61.72 -6.63
N ALA LA 102 61.58 -65.25 -9.52
CA ALA LA 102 67.04 -61.98 -7.31
CA ALA LA 102 60.32 -65.64 -10.14
C ALA LA 102 66.11 -62.84 -6.47
C ALA LA 102 59.47 -66.48 -9.18
N ALA LA 103 66.64 -63.75 -5.65
N ALA LA 103 60.09 -67.46 -8.53
CA ALA LA 103 65.75 -64.54 -4.81
CA ALA LA 103 59.37 -68.24 -7.52
C ALA LA 103 65.16 -63.70 -3.68
C ALA LA 103 58.85 -67.34 -6.40
N LEU LA 104 65.98 -62.84 -3.07
N LEU LA 104 59.68 -66.39 -5.95
CA LEU LA 104 65.52 -61.96 -2.01
CA LEU LA 104 59.23 -65.43 -4.95
C LEU LA 104 64.34 -61.11 -2.48
C LEU LA 104 57.97 -64.71 -5.40
N HIS LA 105 64.49 -60.42 -3.61
N HIS LA 105 57.97 -64.21 -6.65
CA HIS LA 105 63.40 -59.65 -4.21
CA HIS LA 105 56.79 -63.53 -7.19
C HIS LA 105 62.20 -60.54 -4.47
C HIS LA 105 55.60 -64.48 -7.25
N LEU LA 106 62.42 -61.73 -5.03
N LEU LA 106 55.84 -65.72 -7.69
CA LEU LA 106 61.31 -62.64 -5.30
CA LEU LA 106 54.78 -66.74 -7.74
C LEU LA 106 60.54 -62.98 -4.03
C LEU LA 106 54.16 -66.96 -6.36
N GLU LA 107 61.25 -63.39 -2.98
N GLU LA 107 55.00 -67.19 -5.34
CA GLU LA 107 60.59 -63.70 -1.72
CA GLU LA 107 54.48 -67.55 -4.03
C GLU LA 107 59.81 -62.50 -1.18
C GLU LA 107 53.70 -66.40 -3.40
N LYS LA 108 60.33 -61.28 -1.37
N LYS LA 108 54.12 -65.16 -3.64
CA LYS LA 108 59.63 -60.08 -0.89
CA LYS LA 108 53.28 -64.03 -3.26
C LYS LA 108 58.36 -59.81 -1.69
C LYS LA 108 51.94 -64.07 -3.99
N ASN LA 109 58.43 -59.96 -3.01
N ASN LA 109 51.95 -64.38 -5.29
CA ASN LA 109 57.20 -59.92 -3.79
CA ASN LA 109 50.70 -64.45 -6.02
C ASN LA 109 56.22 -61.00 -3.34
C ASN LA 109 49.79 -65.54 -5.47
N VAL LA 110 56.71 -62.21 -3.09
N VAL LA 110 50.36 -66.72 -5.18
CA VAL LA 110 55.80 -63.27 -2.64
CA VAL LA 110 49.58 -67.81 -4.59
C VAL LA 110 55.23 -62.93 -1.27
C VAL LA 110 49.07 -67.41 -3.21
N ASN LA 111 56.06 -62.37 -0.38
N ASN LA 111 49.94 -66.82 -2.40
CA ASN LA 111 55.56 -62.00 0.94
CA ASN LA 111 49.56 -66.42 -1.04
C ASN LA 111 54.53 -60.88 0.87
C ASN LA 111 48.43 -65.41 -1.08
N GLN LA 112 54.67 -59.94 -0.07
N GLN LA 112 48.46 -64.49 -2.04
CA GLN LA 112 53.67 -58.88 -0.17
CA GLN LA 112 47.39 -63.51 -2.17
C GLN LA 112 52.32 -59.45 -0.58
C GLN LA 112 46.06 -64.18 -2.47
N SER LA 113 52.32 -60.36 -1.57
N SER LA 113 46.06 -65.17 -3.37
CA SER LA 113 51.10 -61.04 -1.96
CA SER LA 113 44.86 -65.97 -3.63
C SER LA 113 50.45 -61.76 -0.79
C SER LA 113 44.38 -66.70 -2.38
N LEU LA 114 51.26 -62.47 0.02
N LEU LA 114 45.30 -67.32 -1.63
CA LEU LA 114 50.69 -63.16 1.17
CA LEU LA 114 44.86 -68.00 -0.41
C LEU LA 114 50.13 -62.19 2.20
C LEU LA 114 44.31 -67.00 0.59
N LEU LA 115 50.80 -61.05 2.39
N LEU LA 115 44.78 -65.76 0.55
CA LEU LA 115 50.28 -60.05 3.31
CA LEU LA 115 44.25 -64.74 1.45
C LEU LA 115 48.95 -59.52 2.81
C LEU LA 115 42.87 -64.28 0.99
N GLU LA 116 48.87 -59.23 1.50
N GLU LA 116 42.62 -64.23 -0.32
CA GLU LA 116 47.63 -58.77 0.90
CA GLU LA 116 41.27 -63.97 -0.79
C GLU LA 116 46.56 -59.86 0.96
C GLU LA 116 40.34 -65.16 -0.54
N LEU LA 117 46.98 -61.12 0.92
N LEU LA 117 40.87 -66.38 -0.53
CA LEU LA 117 46.04 -62.22 1.09
CA LEU LA 117 40.05 -67.52 -0.14
C LEU LA 117 45.55 -62.28 2.52
C LEU LA 117 39.66 -67.44 1.34
N HIS LA 118 46.44 -62.04 3.49
N HIS LA 118 40.57 -66.99 2.20
CA HIS LA 118 46.02 -62.04 4.88
CA HIS LA 118 40.27 -66.98 3.63
C HIS LA 118 45.07 -60.87 5.19
C HIS LA 118 39.26 -65.90 3.99
N LYS LA 119 45.41 -59.66 4.73
N LYS LA 119 39.33 -64.75 3.33
CA LYS LA 119 44.50 -58.52 4.93
CA LYS LA 119 38.31 -63.72 3.52
C LYS LA 119 43.14 -58.78 4.29
C LYS LA 119 36.93 -64.25 3.14
N LEU LA 120 43.11 -59.44 3.13
N LEU LA 120 36.88 -65.06 2.09
CA LEU LA 120 41.82 -59.82 2.55
CA LEU LA 120 35.58 -65.53 1.64
C LEU LA 120 41.07 -60.80 3.44
C LEU LA 120 35.00 -66.51 2.64
N ALA LA 121 41.76 -61.80 4.01
N ALA LA 121 35.85 -67.34 3.24
CA ALA LA 121 41.08 -62.73 4.90
CA ALA LA 121 35.39 -68.24 4.29
C ALA LA 121 40.46 -62.01 6.09
C ALA LA 121 34.90 -67.45 5.50
N HIS LA 122 41.25 -61.12 6.71
N HIS LA 122 35.67 -66.43 5.90
CA HIS LA 122 40.75 -60.34 7.85
CA HIS LA 122 35.22 -65.56 6.99
C HIS LA 122 39.59 -59.43 7.45
C HIS LA 122 33.95 -64.82 6.61
N ASP LA 123 39.65 -58.83 6.25
N ASP LA 123 33.86 -64.29 5.38
CA ASP LA 123 38.60 -57.92 5.79
CA ASP LA 123 32.66 -63.53 5.02
C ASP LA 123 37.27 -58.64 5.60
C ASP LA 123 31.43 -64.41 4.97
N LYS LA 124 37.30 -59.88 5.12
N LYS LA 124 31.57 -65.65 4.52
CA LYS LA 124 36.09 -60.64 4.92
CA LYS LA 124 30.44 -66.56 4.48
C LYS LA 124 35.69 -61.45 6.13
C LYS LA 124 30.30 -67.35 5.78
N ASN LA 125 36.35 -61.22 7.27
N ASN LA 125 30.99 -66.93 6.83
CA ASN LA 125 36.03 -61.90 8.52
CA ASN LA 125 30.89 -67.53 8.16
C ASN LA 125 36.17 -63.42 8.36
C ASN LA 125 31.09 -69.05 8.08
N ASP LA 126 37.33 -63.84 7.83
N ASP LA 126 32.24 -69.45 7.54
CA ASP LA 126 37.63 -65.26 7.68
CA ASP LA 126 32.63 -70.85 7.40
C ASP LA 126 38.79 -65.62 8.60
C ASP LA 126 33.94 -71.06 8.16
N PRO LA 127 38.54 -65.90 9.88
N PRO LA 127 33.87 -71.24 9.49
CA PRO LA 127 39.65 -66.19 10.79
CA PRO LA 127 35.10 -71.37 10.28
C PRO LA 127 40.35 -67.52 10.51
C PRO LA 127 35.84 -72.68 10.08
N HIS LA 128 39.67 -68.51 9.93
N HIS LA 128 35.23 -73.68 9.44
CA HIS LA 128 40.38 -69.72 9.51
CA HIS LA 128 35.99 -74.87 9.07
C HIS LA 128 41.43 -69.41 8.46
C HIS LA 128 36.95 -74.58 7.93
N LEU LA 129 41.02 -68.65 7.42
N LEU LA 129 36.45 -74.00 6.85
CA LEU LA 129 41.96 -68.33 6.35
CA LEU LA 129 37.31 -73.65 5.72
C LEU LA 129 43.11 -67.47 6.88
C LEU LA 129 38.37 -72.64 6.13
N ALA LA 130 42.79 -66.51 7.74
N ALA LA 130 37.99 -71.62 6.92
CA ALA LA 130 43.82 -65.66 8.30
CA ALA LA 130 38.96 -70.61 7.34
C ALA LA 130 44.82 -66.47 9.12
C ALA LA 130 40.12 -71.23 8.10
N ASP LA 131 44.34 -67.43 9.92
N ASP LA 131 39.81 -72.06 9.11
CA ASP LA 131 45.30 -68.20 10.71
CA ASP LA 131 40.88 -72.70 9.84
C ASP LA 131 46.07 -69.19 9.83
C ASP LA 131 41.64 -73.70 8.97
N PHE LA 132 45.45 -69.70 8.77
N PHE LA 132 40.94 -74.37 8.04
CA PHE LA 132 46.16 -70.56 7.83
CA PHE LA 132 41.61 -75.28 7.11
C PHE LA 132 47.40 -69.87 7.27
C PHE LA 132 42.73 -74.58 6.37
N ILE LA 133 47.25 -68.62 6.82
N ILE LA 133 42.45 -73.36 5.90
CA ILE LA 133 48.40 -67.91 6.29
CA ILE LA 133 43.44 -72.59 5.15
C ILE LA 133 49.39 -67.58 7.39
C ILE LA 133 44.51 -72.04 6.10
N GLU LA 134 48.88 -67.15 8.56
N GLU LA 134 44.07 -71.47 7.23
CA GLU LA 134 49.75 -66.88 9.71
CA GLU LA 134 45.00 -71.09 8.28
C GLU LA 134 50.57 -68.11 10.10
C GLU LA 134 45.97 -72.22 8.62
N THR LA 135 49.92 -69.26 10.17
N THR LA 135 45.43 -73.43 8.89
CA THR LA 135 50.61 -70.45 10.66
CA THR LA 135 46.27 -74.50 9.42
C THR LA 135 51.55 -71.05 9.63
C THR LA 135 47.21 -75.03 8.35
N HIS LA 136 51.17 -71.08 8.36
N HIS LA 136 46.70 -75.29 7.15
CA HIS LA 136 51.91 -71.86 7.38
CA HIS LA 136 47.48 -75.98 6.12
C HIS LA 136 52.78 -71.05 6.44
C HIS LA 136 48.13 -75.06 5.10
N TYR LA 137 52.65 -69.73 6.41
N TYR LA 137 47.84 -73.75 5.11
CA TYR LA 137 53.41 -69.01 5.39
CA TYR LA 137 48.41 -72.99 3.99
C TYR LA 137 54.14 -67.78 5.92
C TYR LA 137 49.10 -71.68 4.37
N LEU LA 138 53.58 -67.08 6.91
N LEU LA 138 48.50 -70.86 5.24
CA LEU LA 138 54.09 -65.74 7.22
CA LEU LA 138 48.99 -69.49 5.42
C LEU LA 138 55.48 -65.79 7.84
C LEU LA 138 50.44 -69.46 5.91
N ASN LA 139 55.68 -66.61 8.88
N ASN LA 139 50.78 -70.25 6.94
CA ASN LA 139 57.03 -66.71 9.45
CA ASN LA 139 52.16 -70.24 7.44
C ASN LA 139 57.98 -67.43 8.50
C ASN LA 139 53.12 -70.99 6.53
N GLU LA 140 57.48 -68.40 7.72
N GLU LA 140 52.66 -72.02 5.84
CA GLU LA 140 58.31 -68.98 6.69
CA GLU LA 140 53.55 -72.62 4.85
C GLU LA 140 58.85 -67.92 5.74
C GLU LA 140 53.88 -71.61 3.76
N GLN LA 141 58.02 -66.94 5.36
N GLN LA 141 52.89 -70.82 3.36
CA GLN LA 141 58.49 -65.85 4.51
CA GLN LA 141 53.16 -69.71 2.44
C GLN LA 141 59.59 -65.07 5.21
C GLN LA 141 54.20 -68.76 3.00
N VAL LA 142 59.36 -64.73 6.48
N VAL LA 142 53.99 -68.29 4.23
CA VAL LA 142 60.30 -63.90 7.22
CA VAL LA 142 54.88 -67.28 4.79
C VAL LA 142 61.63 -64.64 7.41
C VAL LA 142 56.30 -67.81 4.91
N LYS LA 143 61.58 -65.94 7.66
N LYS LA 143 56.44 -69.09 5.26
CA LYS LA 143 62.84 -66.67 7.79
CA LYS LA 143 57.76 -69.72 5.32
C LYS LA 143 63.59 -66.66 6.46
C LYS LA 143 58.39 -69.80 3.94
N ALA LA 144 62.90 -66.90 5.35
N ALA LA 144 57.62 -70.14 2.91
CA ALA LA 144 63.56 -67.00 4.06
CA ALA LA 144 58.21 -70.25 1.58
C ALA LA 144 64.19 -65.68 3.66
C ALA LA 144 58.75 -68.90 1.12
N ILE LA 145 63.48 -64.57 3.91
N ILE LA 145 57.95 -67.84 1.26
CA ILE LA 145 64.04 -63.26 3.63
CA ILE LA 145 58.34 -66.52 0.80
C ILE LA 145 65.26 -63.00 4.51
C ILE LA 145 59.57 -66.02 1.56
N LYS LA 146 65.21 -63.46 5.76
N LYS LA 146 59.59 -66.23 2.88
CA LYS LA 146 66.33 -63.22 6.67
CA LYS LA 146 60.76 -65.83 3.66
C LYS LA 146 67.57 -63.98 6.24
C LYS LA 146 62.02 -66.56 3.19
N GLU LA 147 67.40 -65.23 5.82
N GLU LA 147 61.92 -67.86 2.93
CA GLU LA 147 68.55 -66.03 5.41
CA GLU LA 147 63.08 -68.62 2.48
C GLU LA 147 69.06 -65.63 4.03
C GLU LA 147 63.52 -68.19 1.08
N LEU LA 148 68.18 -65.23 3.12
N LEU LA 148 62.58 -68.01 0.15
CA LEU LA 148 68.66 -64.70 1.84
CA LEU LA 148 62.95 -67.52 -1.17
C LEU LA 148 69.42 -63.39 2.06
C LEU LA 148 63.58 -66.13 -1.08
N GLY LA 149 68.98 -62.56 3.00
N GLY LA 149 63.08 -65.28 -0.19
CA GLY LA 149 69.70 -61.34 3.28
CA GLY LA 149 63.71 -63.99 0.03
C GLY LA 149 71.06 -61.60 3.91
C GLY LA 149 65.12 -64.11 0.58
N ASP LA 150 71.13 -62.56 4.85
N ASP LA 150 65.30 -64.98 1.57
CA ASP LA 150 72.40 -62.95 5.45
CA ASP LA 150 66.64 -65.27 2.08
C ASP LA 150 73.39 -63.44 4.39
C ASP LA 150 67.57 -65.69 0.96
N HIS LA 151 72.91 -64.25 3.45
N HIS LA 151 67.08 -66.53 0.05
CA HIS LA 151 73.75 -64.74 2.37
CA HIS LA 151 67.90 -67.02 -1.06
C HIS LA 151 74.26 -63.60 1.50
C HIS LA 151 68.26 -65.89 -2.02
N VAL LA 152 73.36 -62.70 1.11
N VAL LA 152 67.28 -65.06 -2.38
CA VAL LA 152 73.77 -61.56 0.28
CA VAL LA 152 67.51 -63.94 -3.28
C VAL LA 152 74.81 -60.74 1.02
C VAL LA 152 68.55 -62.99 -2.69
N THR LA 153 74.54 -60.44 2.30
N THR LA 153 68.40 -62.69 -1.39
CA THR LA 153 75.50 -59.73 3.12
CA THR LA 153 69.35 -61.80 -0.71
C THR LA 153 76.87 -60.40 3.10
C THR LA 153 70.77 -62.35 -0.81
N ASN LA 154 76.88 -61.73 3.17
N ASN LA 154 70.94 -63.63 -0.50
CA ASN LA 154 78.17 -62.42 3.29
CA ASN LA 154 72.28 -64.22 -0.55
C ASN LA 154 78.90 -62.46 1.95
C ASN LA 154 72.82 -64.30 -1.98
N LEU LA 155 78.16 -62.70 0.86
N LEU LA 155 71.98 -64.68 -2.95
CA LEU LA 155 78.77 -62.73 -0.47
CA LEU LA 155 72.45 -64.70 -4.32
C LEU LA 155 79.42 -61.40 -0.83
C LEU LA 155 72.93 -63.32 -4.76
N ARG LA 156 78.73 -60.29 -0.51
N ARG LA 156 72.15 -62.28 -4.45
CA ARG LA 156 79.31 -58.98 -0.78
CA ARG LA 156 72.55 -60.92 -4.81
C ARG LA 156 80.58 -58.77 0.03
C ARG LA 156 73.85 -60.52 -4.14
N LYS LA 157 80.52 -59.05 1.34
N LYS LA 157 73.97 -60.74 -2.84
CA LYS LA 157 81.65 -58.79 2.22
CA LYS LA 157 75.18 -60.31 -2.15
C LYS LA 157 82.87 -59.65 1.87
C LYS LA 157 76.41 -61.06 -2.65
N MET LA 158 82.69 -60.73 1.13
N MET LA 158 76.22 -62.29 -3.15
CA MET LA 158 83.79 -61.57 0.69
CA MET LA 158 77.36 -63.07 -3.65
C MET LA 158 84.43 -61.11 -0.63
C MET LA 158 77.79 -62.68 -5.06
N GLY LA 159 83.85 -60.10 -1.28
N GLY LA 159 77.03 -61.83 -5.76
CA GLY LA 159 84.36 -59.64 -2.55
CA GLY LA 159 77.43 -61.34 -7.06
C GLY LA 159 83.57 -60.06 -3.78
C GLY LA 159 76.64 -61.88 -8.23
N ALA LA 160 82.43 -60.71 -3.60
N ALA LA 160 75.62 -62.70 -7.97
CA ALA LA 160 81.62 -61.08 -4.75
CA ALA LA 160 74.80 -63.23 -9.04
C ALA LA 160 81.05 -59.82 -5.42
C ALA LA 160 73.97 -62.10 -9.65
N PRO LA 161 80.76 -59.87 -6.74
N PRO LA 161 73.58 -62.21 -10.94
CA PRO LA 161 80.98 -61.04 -7.60
CA PRO LA 161 73.80 -63.39 -11.76
C PRO LA 161 82.35 -61.06 -8.26
C PRO LA 161 74.98 -63.26 -12.71
N GLU LA 162 83.08 -59.96 -8.12
N GLU LA 162 75.68 -62.13 -12.67
CA GLU LA 162 84.37 -59.82 -8.79
CA GLU LA 162 76.87 -61.97 -13.51
C GLU LA 162 85.30 -60.98 -8.47
C GLU LA 162 78.00 -62.89 -13.08
N SER LA 163 85.59 -61.17 -7.18
N SER LA 163 78.18 -63.09 -11.77
CA SER LA 163 86.43 -62.28 -6.75
CA SER LA 163 79.25 -63.93 -11.25
C SER LA 163 85.70 -63.60 -6.95
C SER LA 163 78.77 -65.38 -11.27
N GLY LA 164 86.26 -64.48 -7.78
N GLY LA 164 79.19 -66.14 -12.28
CA GLY LA 164 85.69 -65.80 -7.94
CA GLY LA 164 78.82 -67.54 -12.32
C GLY LA 164 85.98 -66.74 -6.79
C GLY LA 164 79.40 -68.32 -11.16
N LEU LA 165 87.01 -66.44 -5.99
N LEU LA 165 80.48 -67.81 -10.56
CA LEU LA 165 87.25 -67.20 -4.77
CA LEU LA 165 80.99 -68.43 -9.34
C LEU LA 165 86.08 -67.06 -3.79
C LEU LA 165 79.97 -68.36 -8.21
N ALA LA 166 85.51 -65.85 -3.69
N ALA LA 166 79.23 -67.25 -8.13
CA ALA LA 166 84.43 -65.62 -2.75
CA ALA LA 166 78.23 -67.08 -7.08
C ALA LA 166 83.27 -66.59 -2.97
C ALA LA 166 77.20 -68.21 -7.09
N GLU LA 167 82.76 -66.68 -4.20
N GLU LA 167 76.61 -68.47 -8.26
CA GLU LA 167 81.63 -67.56 -4.48
CA GLU LA 167 75.54 -69.45 -8.35
C GLU LA 167 81.96 -69.02 -4.21
C GLU LA 167 76.06 -70.86 -8.08
N TYR LA 168 83.15 -69.46 -4.63
N TYR LA 168 77.26 -71.17 -8.60
CA TYR LA 168 83.60 -70.82 -4.35
CA TYR LA 168 77.95 -72.41 -8.25
C TYR LA 168 83.59 -71.07 -2.86
C TYR LA 168 78.07 -72.60 -6.73
N LEU LA 169 84.17 -70.17 -2.07
N LEU LA 169 78.61 -71.60 -6.04
CA LEU LA 169 84.29 -70.41 -0.64
CA LEU LA 169 78.81 -71.75 -4.59
C LEU LA 169 82.94 -70.38 0.05
C LEU LA 169 77.48 -71.77 -3.84
N PHE LA 170 82.09 -69.41 -0.31
N PHE LA 170 76.50 -70.99 -4.28
CA PHE LA 170 80.74 -69.40 0.23
CA PHE LA 170 75.19 -71.03 -3.63
C PHE LA 170 80.01 -70.68 -0.13
C PHE LA 170 74.57 -72.41 -3.76
N ASP LA 171 80.17 -71.14 -1.36
N ASP LA 171 74.52 -72.92 -5.00
CA ASP LA 171 79.56 -72.40 -1.78
CA ASP LA 171 74.09 -74.29 -5.29
C ASP LA 171 79.98 -73.55 -0.87
C ASP LA 171 74.78 -75.29 -4.35
N LYS LA 172 81.27 -73.61 -0.53
N LYS LA 172 76.09 -75.13 -4.16
CA LYS LA 172 81.76 -74.73 0.27
CA LYS LA 172 76.87 -76.09 -3.36
C LYS LA 172 81.36 -74.61 1.74
C LYS LA 172 76.62 -75.93 -1.85
N HIS LA 173 81.55 -73.43 2.34
N HIS LA 173 76.75 -74.71 -1.32
CA HIS LA 173 81.50 -73.31 3.80
CA HIS LA 173 76.73 -74.53 0.14
C HIS LA 173 80.14 -72.88 4.34
C HIS LA 173 75.35 -74.29 0.73
N THR LA 174 79.35 -72.14 3.58
N THR LA 174 74.42 -73.71 -0.02
CA THR LA 174 78.02 -71.78 4.03
CA THR LA 174 73.09 -73.47 0.55
C THR LA 174 76.94 -72.68 3.40
C THR LA 174 72.11 -74.57 0.15
N LEU LA 175 76.96 -72.84 2.06
N LEU LA 175 71.93 -74.80 -1.14
CA LEU LA 175 75.91 -73.61 1.39
CA LEU LA 175 70.96 -75.78 -1.61
C LEU LA 175 76.14 -75.12 1.42
C LEU LA 175 71.46 -77.20 -1.41
N GLY LA 176 77.35 -75.59 1.72
N GLY LA 176 72.76 -77.40 -1.29
CA GLY LA 176 77.58 -77.04 1.82
CA GLY LA 176 73.31 -78.75 -1.13
C GLY LA 176 77.66 -77.58 3.23
C GLY LA 176 73.45 -79.14 0.32
N ASP LA 177 76.75 -77.13 4.12
N ASP LA 177 72.58 -78.60 1.18
CA ASP LA 177 76.85 -77.31 5.58
CA ASP LA 177 72.51 -78.90 2.62
C ASP LA 177 78.04 -76.49 6.13
C ASP LA 177 73.77 -78.46 3.36
N SER MA 4 32.99 -61.47 43.39
N SER MA 4 30.31 -64.84 42.81
CA SER MA 4 34.41 -61.12 43.40
CA SER MA 4 31.44 -63.94 42.58
C SER MA 4 35.08 -61.32 42.04
C SER MA 4 32.36 -64.46 41.47
N THR MA 5 35.90 -60.35 41.65
N THR MA 5 32.94 -63.51 40.72
CA THR MA 5 36.72 -60.49 40.45
CA THR MA 5 33.74 -63.82 39.54
C THR MA 5 37.92 -61.40 40.72
C THR MA 5 34.90 -64.77 39.85
N SER MA 6 38.11 -62.39 39.88
N SER MA 6 35.22 -65.62 38.89
CA SER MA 6 39.23 -63.31 40.05
CA SER MA 6 36.37 -66.50 39.00
C SER MA 6 40.56 -62.57 40.00
C SER MA 6 37.67 -65.70 38.95
N GLN MA 7 41.50 -63.01 40.85
N GLN MA 7 38.66 -66.12 39.75
CA GLN MA 7 42.84 -62.44 40.88
CA GLN MA 7 39.95 -65.43 39.70
C GLN MA 7 43.60 -62.62 39.56
C GLN MA 7 40.66 -65.64 38.36
N VAL MA 8 43.19 -63.56 38.71
N VAL MA 8 40.27 -66.65 37.58
CA VAL MA 8 43.86 -63.80 37.43
CA VAL MA 8 40.90 -66.91 36.29
C VAL MA 8 43.13 -63.20 36.25
C VAL MA 8 40.12 -66.33 35.12
N ARG MA 9 41.89 -62.73 36.42
N ARG MA 9 38.92 -65.81 35.34
CA ARG MA 9 41.13 -62.22 35.29
CA ARG MA 9 38.06 -65.39 34.24
C ARG MA 9 41.77 -60.94 34.77
C ARG MA 9 38.60 -64.16 33.55
N GLN MA 10 42.00 -60.89 33.45
N GLN MA 10 38.58 -64.19 32.22
CA GLN MA 10 42.60 -59.72 32.82
CA GLN MA 10 39.05 -63.06 31.41
C GLN MA 10 42.21 -59.69 31.35
C GLN MA 10 38.46 -63.21 30.02
N ASN MA 11 41.58 -58.60 30.91
N ASN MA 11 37.62 -62.26 29.60
CA ASN MA 11 41.16 -58.40 29.53
CA ASN MA 11 37.10 -62.21 28.25
C ASN MA 11 40.17 -59.46 29.07
C ASN MA 11 36.18 -63.39 27.92
N TYR MA 12 39.34 -59.96 29.96
N TYR MA 12 35.58 -64.00 28.95
CA TYR MA 12 38.40 -61.04 29.68
CA TYR MA 12 34.64 -65.13 28.81
C TYR MA 12 37.02 -60.48 29.94
C TYR MA 12 33.23 -64.61 29.06
N HIS MA 13 36.30 -60.19 28.86
N HIS MA 13 32.47 -64.39 27.98
CA HIS MA 13 35.01 -59.51 28.96
CA HIS MA 13 31.08 -63.95 28.12
C HIS MA 13 33.93 -60.53 29.25
C HIS MA 13 30.23 -65.04 28.75
N GLN MA 14 33.03 -60.18 30.18
N GLN MA 14 29.25 -64.63 29.56
CA GLN MA 14 31.97 -61.11 30.56
CA GLN MA 14 28.30 -65.59 30.13
C GLN MA 14 31.11 -61.56 29.39
C GLN MA 14 27.44 -66.24 29.05
N ASP MA 15 31.07 -60.82 28.29
N ASP MA 15 27.25 -65.57 27.91
CA ASP MA 15 30.42 -61.34 27.08
CA ASP MA 15 26.56 -66.22 26.79
C ASP MA 15 31.16 -62.57 26.56
C ASP MA 15 27.36 -67.41 26.29
N SER MA 16 32.49 -62.52 26.55
N SER MA 16 28.67 -67.22 26.09
CA SER MA 16 33.21 -63.68 26.06
CA SER MA 16 29.52 -68.34 25.72
C SER MA 16 33.08 -64.85 27.02
C SER MA 16 29.49 -69.44 26.78
N GLU MA 17 33.00 -64.55 28.33
N GLU MA 17 29.57 -69.04 28.05
CA GLU MA 17 32.79 -65.57 29.35
CA GLU MA 17 29.58 -70.00 29.15
C GLU MA 17 31.44 -66.28 29.21
C GLU MA 17 28.29 -70.83 29.19
N ALA MA 18 30.36 -65.51 29.03
N ALA MA 18 27.13 -70.19 28.94
CA ALA MA 18 29.06 -66.12 28.75
CA ALA MA 18 25.89 -70.95 28.84
C ALA MA 18 29.08 -66.89 27.44
C ALA MA 18 25.90 -71.84 27.62
N ALA MA 19 29.70 -66.32 26.41
N ALA MA 19 26.43 -71.35 26.51
CA ALA MA 19 29.82 -67.04 25.14
CA ALA MA 19 26.50 -72.14 25.28
C ALA MA 19 30.51 -68.39 25.32
C ALA MA 19 27.40 -73.37 25.46
N ILE MA 20 31.54 -68.45 26.17
N ILE MA 20 28.44 -73.26 26.28
CA ILE MA 20 32.27 -69.69 26.36
CA ILE MA 20 29.30 -74.41 26.53
C ILE MA 20 31.38 -70.74 27.05
C ILE MA 20 28.58 -75.45 27.38
N ASN MA 21 30.59 -70.32 28.03
N ASN MA 21 27.90 -75.01 28.46
CA ASN MA 21 29.64 -71.24 28.65
CA ASN MA 21 27.09 -75.94 29.25
C ASN MA 21 28.66 -71.79 27.63
C ASN MA 21 26.05 -76.65 28.40
N ARG MA 22 28.16 -70.96 26.72
N ARG MA 22 25.48 -75.96 27.40
CA ARG MA 22 27.27 -71.44 25.66
CA ARG MA 22 24.58 -76.64 26.47
C ARG MA 22 28.00 -72.45 24.77
C ARG MA 22 25.32 -77.68 25.62
N GLN MA 23 29.24 -72.17 24.39
N GLN MA 23 26.50 -77.32 25.08
CA GLN MA 23 29.98 -73.11 23.56
CA GLN MA 23 27.19 -78.25 24.20
C GLN MA 23 30.22 -74.41 24.30
C GLN MA 23 27.66 -79.49 24.96
N ILE MA 24 30.45 -74.36 25.61
N ILE MA 24 28.06 -79.33 26.22
CA ILE MA 24 30.63 -75.58 26.39
CA ILE MA 24 28.36 -80.48 27.06
C ILE MA 24 29.38 -76.46 26.27
C ILE MA 24 27.20 -81.48 27.04
N ASN MA 25 28.21 -75.86 26.42
N ASN MA 25 26.00 -80.98 27.30
CA ASN MA 25 26.97 -76.62 26.30
CA ASN MA 25 24.84 -81.87 27.37
C ASN MA 25 26.81 -77.23 24.91
C ASN MA 25 24.51 -82.49 26.02
N LEU MA 26 27.15 -76.47 23.88
N LEU MA 26 24.69 -81.73 24.94
CA LEU MA 26 26.91 -76.96 22.53
CA LEU MA 26 24.48 -82.28 23.60
C LEU MA 26 27.86 -78.10 22.15
C LEU MA 26 25.47 -83.40 23.28
N GLU MA 27 29.09 -78.10 22.70
N GLU MA 27 26.72 -83.24 23.71
CA GLU MA 27 30.00 -79.22 22.45
CA GLU MA 27 27.74 -84.25 23.45
C GLU MA 27 29.53 -80.48 23.14
C GLU MA 27 27.48 -85.51 24.25
N LEU MA 28 29.06 -80.35 24.38
N LEU MA 28 27.09 -85.37 25.53
CA LEU MA 28 28.43 -81.47 25.08
CA LEU MA 28 26.73 -86.53 26.31
C LEU MA 28 27.22 -81.98 24.32
C LEU MA 28 25.50 -87.20 25.74
N TYR MA 29 26.41 -81.06 23.80
N TYR MA 29 24.58 -86.41 25.14
CA TYR MA 29 25.26 -81.46 22.98
CA TYR MA 29 23.41 -86.98 24.50
C TYR MA 29 25.71 -82.25 21.76
C TYR MA 29 23.80 -87.84 23.29
N ALA MA 30 26.76 -81.77 21.06
N ALA MA 30 24.66 -87.31 22.41
CA ALA MA 30 27.25 -82.49 19.90
CA ALA MA 30 25.10 -88.09 21.25
C ALA MA 30 27.77 -83.87 20.30
C ALA MA 30 25.83 -89.36 21.68
N SER MA 31 28.56 -83.93 21.37
N SER MA 31 26.61 -89.29 22.76
CA SER MA 31 28.95 -85.22 21.91
CA SER MA 31 27.23 -90.48 23.33
C SER MA 31 27.74 -86.14 22.08
C SER MA 31 26.20 -91.55 23.67
N TYR MA 32 26.64 -85.57 22.57
N TYR MA 32 25.07 -91.11 24.24
CA TYR MA 32 25.40 -86.33 22.79
CA TYR MA 32 23.96 -92.00 24.59
C TYR MA 32 24.82 -86.86 21.48
C TYR MA 32 23.32 -92.60 23.34
N VAL MA 33 24.76 -86.02 20.45
N VAL MA 33 23.11 -91.78 22.31
CA VAL MA 33 24.26 -86.45 19.15
CA VAL MA 33 22.57 -92.26 21.05
C VAL MA 33 25.09 -87.62 18.61
C VAL MA 33 23.38 -93.45 20.55
N TYR MA 34 26.43 -87.49 18.64
N TYR MA 34 24.70 -93.30 20.53
CA TYR MA 34 27.26 -88.55 18.07
CA TYR MA 34 25.60 -94.31 19.96
C TYR MA 34 27.16 -89.84 18.88
C TYR MA 34 25.71 -95.53 20.84
N LEU MA 35 27.05 -89.72 20.21
N LEU MA 35 25.67 -95.35 22.17
CA LEU MA 35 26.75 -90.87 21.04
CA LEU MA 35 25.54 -96.51 23.05
C LEU MA 35 25.50 -91.59 20.55
C LEU MA 35 24.33 -97.34 22.67
N SER MA 36 24.40 -90.85 20.39
N SER MA 36 23.19 -96.70 22.45
CA SER MA 36 23.17 -91.47 19.91
CA SER MA 36 21.97 -97.40 22.09
C SER MA 36 23.36 -92.09 18.54
C SER MA 36 22.10 -98.09 20.73
N MET MA 37 24.03 -91.38 17.64
N MET MA 37 22.65 -97.40 19.74
CA MET MA 37 24.28 -91.92 16.31
CA MET MA 37 22.87 -98.03 18.45
C MET MA 37 25.06 -93.24 16.40
C MET MA 37 23.74 -99.27 18.61
N SER MA 38 26.04 -93.30 17.30
N SER MA 38 24.86 -99.12 19.32
CA SER MA 38 26.87 -94.50 17.43
CA SER MA 38 25.81 -100.23 19.49
C SER MA 38 26.02 -95.73 17.72
C SER MA 38 25.10 -101.49 19.98
N TYR MA 39 25.12 -95.64 18.70
N TYR MA 39 24.41 -101.41 21.11
CA TYR MA 39 24.40 -96.83 19.14
CA TYR MA 39 23.84 -102.62 21.68
C TYR MA 39 23.16 -97.12 18.32
C TYR MA 39 22.57 -103.09 20.97
N TYR MA 40 22.75 -96.22 17.43
N TYR MA 40 22.01 -102.29 20.07
CA TYR MA 40 21.83 -96.61 16.37
CA TYR MA 40 21.00 -102.84 19.16
C TYR MA 40 22.48 -97.66 15.49
C TYR MA 40 21.60 -103.88 18.24
N PHE MA 41 23.73 -97.43 15.07
N PHE MA 41 22.82 -103.64 17.73
CA PHE MA 41 24.40 -98.37 14.17
CA PHE MA 41 23.46 -104.59 16.82
C PHE MA 41 24.82 -99.65 14.88
C PHE MA 41 24.04 -105.80 17.52
N ASP MA 42 24.73 -99.68 16.21
N ASP MA 42 24.20 -105.76 18.83
CA ASP MA 42 24.90 -100.89 17.02
CA ASP MA 42 24.64 -106.89 19.64
C ASP MA 42 23.64 -101.73 17.12
C ASP MA 42 23.47 -107.81 19.99
N ARG MA 43 22.48 -101.21 16.73
N ARG MA 43 22.24 -107.43 19.63
CA ARG MA 43 21.25 -102.00 16.75
CA ARG MA 43 21.09 -108.31 19.81
C ARG MA 43 21.40 -103.22 15.86
C ARG MA 43 21.28 -109.60 19.02
N ASP MA 44 20.76 -104.33 16.27
N ASP MA 44 20.67 -110.68 19.52
CA ASP MA 44 20.89 -105.57 15.53
CA ASP MA 44 20.80 -111.98 18.88
C ASP MA 44 20.30 -105.48 14.13
C ASP MA 44 20.10 -112.02 17.54
N ASP MA 45 19.30 -104.63 13.93
N ASP MA 45 19.05 -111.21 17.36
CA ASP MA 45 18.72 -104.45 12.60
CA ASP MA 45 18.32 -111.14 16.11
C ASP MA 45 19.37 -103.29 11.84
C ASP MA 45 18.82 -110.02 15.21
N VAL MA 46 20.52 -102.80 12.30
N VAL MA 46 20.03 -109.53 15.44
CA VAL MA 46 21.32 -101.86 11.54
CA VAL MA 46 20.60 -108.46 14.64
C VAL MA 46 22.69 -102.50 11.31
C VAL MA 46 22.03 -108.87 14.32
N ALA MA 47 23.37 -102.84 12.40
N ALA MA 47 22.85 -109.04 15.36
CA ALA MA 47 24.58 -103.68 12.42
CA ALA MA 47 24.04 -109.88 15.31
C ALA MA 47 25.69 -103.17 11.49
C ALA MA 47 25.08 -109.34 14.32
N LEU MA 48 26.04 -101.89 11.64
N LEU MA 48 25.31 -108.02 14.36
CA LEU MA 48 27.14 -101.31 10.88
CA LEU MA 48 26.27 -107.37 13.48
C LEU MA 48 28.19 -100.88 11.89
C LEU MA 48 27.37 -106.79 14.38
N LYS MA 49 29.08 -101.82 12.23
N LYS MA 49 28.40 -107.59 14.65
CA LYS MA 49 29.97 -101.62 13.36
CA LYS MA 49 29.33 -107.28 15.72
C LYS MA 49 30.94 -100.46 13.15
C LYS MA 49 30.18 -106.03 15.42
N ASN MA 50 31.32 -100.18 11.91
N ASN MA 50 30.52 -105.79 14.13
CA ASN MA 50 32.32 -99.13 11.70
CA ASN MA 50 31.38 -104.65 13.77
C ASN MA 50 31.71 -97.75 11.58
C ASN MA 50 30.58 -103.34 13.75
N PHE MA 51 30.44 -97.66 11.14
N PHE MA 51 29.33 -103.39 13.27
CA PHE MA 51 29.67 -96.45 11.39
CA PHE MA 51 28.39 -102.30 13.49
C PHE MA 51 29.55 -96.19 12.88
C PHE MA 51 28.26 -101.96 14.95
N ALA MA 52 29.26 -97.23 13.67
N ALA MA 52 28.18 -102.97 15.82
CA ALA MA 52 29.20 -97.10 15.12
CA ALA MA 52 28.14 -102.74 17.26
C ALA MA 52 30.54 -96.67 15.72
C ALA MA 52 29.40 -102.04 17.73
N LYS MA 53 31.64 -97.29 15.27
N LYS MA 53 30.56 -102.64 17.47
CA LYS MA 53 32.96 -96.88 15.75
CA LYS MA 53 31.82 -102.01 17.90
C LYS MA 53 33.24 -95.43 15.40
C LYS MA 53 31.97 -100.61 17.32
N TYR MA 54 32.88 -95.02 14.18
N TYR MA 54 31.60 -100.43 16.05
CA TYR MA 54 33.18 -93.67 13.74
CA TYR MA 54 31.75 -99.11 15.43
C TYR MA 54 32.50 -92.63 14.63
C TYR MA 54 30.98 -98.04 16.21
N PHE MA 55 31.20 -92.78 14.85
N PHE MA 55 29.71 -98.30 16.50
CA PHE MA 55 30.47 -91.75 15.59
CA PHE MA 55 28.94 -97.32 17.26
C PHE MA 55 30.86 -91.77 17.06
C PHE MA 55 29.41 -97.21 18.71
N LEU MA 56 31.00 -92.96 17.64
N LEU MA 56 29.86 -98.30 19.33
CA LEU MA 56 31.49 -93.05 19.02
CA LEU MA 56 30.42 -98.18 20.67
C LEU MA 56 32.77 -92.26 19.20
C LEU MA 56 31.64 -97.24 20.68
N HIS MA 57 33.70 -92.34 18.24
N HIS MA 57 32.45 -97.28 19.62
CA HIS MA 57 34.94 -91.56 18.34
CA HIS MA 57 33.61 -96.38 19.57
C HIS MA 57 34.66 -90.06 18.30
C HIS MA 57 33.17 -94.93 19.49
N GLN MA 58 33.81 -89.61 17.36
N GLN MA 58 32.21 -94.61 18.61
CA GLN MA 58 33.45 -88.20 17.30
CA GLN MA 58 31.68 -93.26 18.58
C GLN MA 58 32.82 -87.73 18.60
C GLN MA 58 31.14 -92.85 19.95
N SER MA 59 32.02 -88.61 19.24
N SER MA 59 30.50 -93.78 20.66
CA SER MA 59 31.39 -88.27 20.51
CA SER MA 59 29.92 -93.43 21.96
C SER MA 59 32.42 -88.01 21.61
C SER MA 59 30.99 -92.95 22.93
N HIS MA 60 33.44 -88.87 21.68
N HIS MA 60 32.11 -93.68 23.01
CA HIS MA 60 34.47 -88.68 22.69
CA HIS MA 60 33.18 -93.30 23.91
C HIS MA 60 35.32 -87.45 22.40
C HIS MA 60 33.90 -92.04 23.43
N GLU MA 61 35.55 -87.17 21.11
N GLU MA 61 34.00 -91.87 22.11
CA GLU MA 61 36.28 -85.96 20.73
CA GLU MA 61 34.52 -90.63 21.54
C GLU MA 61 35.55 -84.68 21.15
C GLU MA 61 33.68 -89.45 21.99
N GLU MA 62 34.24 -84.60 20.84
N GLU MA 62 32.35 -89.58 21.89
CA GLU MA 62 33.42 -83.47 21.26
CA GLU MA 62 31.50 -88.45 22.25
C GLU MA 62 33.52 -83.25 22.77
C GLU MA 62 31.61 -88.13 23.73
N ARG MA 63 33.51 -84.33 23.55
N ARG MA 63 31.92 -89.14 24.55
CA ARG MA 63 33.67 -84.21 24.98
CA ARG MA 63 32.17 -88.89 25.96
C ARG MA 63 35.02 -83.59 25.33
C ARG MA 63 33.39 -87.98 26.15
N GLU MA 64 36.09 -83.97 24.61
N GLU MA 64 34.49 -88.27 25.44
CA GLU MA 64 37.37 -83.29 24.81
CA GLU MA 64 35.67 -87.42 25.55
C GLU MA 64 37.23 -81.81 24.52
C GLU MA 64 35.39 -86.00 25.07
N HIS MA 65 36.50 -81.47 23.46
N HIS MA 65 34.62 -85.84 23.99
CA HIS MA 65 36.32 -80.07 23.09
CA HIS MA 65 34.24 -84.50 23.54
C HIS MA 65 35.66 -79.30 24.24
C HIS MA 65 33.57 -83.73 24.66
N ALA MA 66 34.57 -79.86 24.79
N ALA MA 66 32.65 -84.39 25.37
CA ALA MA 66 33.91 -79.19 25.91
CA ALA MA 66 31.96 -83.73 26.48
C ALA MA 66 34.89 -78.96 27.05
C ALA MA 66 32.94 -83.35 27.59
N GLU MA 67 35.66 -80.00 27.39
N GLU MA 67 33.90 -84.23 27.90
CA GLU MA 67 36.55 -79.92 28.54
CA GLU MA 67 34.83 -83.94 29.00
C GLU MA 67 37.65 -78.89 28.34
C GLU MA 67 35.79 -82.82 28.63
N LYS MA 68 38.25 -78.84 27.16
N LYS MA 68 36.27 -82.80 27.39
CA LYS MA 68 39.29 -77.83 26.92
CA LYS MA 68 37.12 -81.70 26.94
C LYS MA 68 38.71 -76.42 27.03
C LYS MA 68 36.41 -80.35 27.09
N LEU MA 69 37.45 -76.24 26.63
N LEU MA 69 35.09 -80.32 26.90
CA LEU MA 69 36.79 -74.95 26.84
CA LEU MA 69 34.33 -79.08 27.04
C LEU MA 69 36.55 -74.68 28.32
C LEU MA 69 34.14 -78.71 28.51
N MET MA 70 36.28 -75.72 29.11
N MET MA 70 33.90 -79.70 29.37
CA MET MA 70 36.13 -75.53 30.55
CA MET MA 70 33.83 -79.43 30.80
C MET MA 70 37.46 -75.18 31.19
C MET MA 70 35.16 -78.89 31.30
N LYS MA 71 38.55 -75.77 30.70
N LYS MA 71 36.27 -79.46 30.82
CA LYS MA 71 39.86 -75.39 31.20
CA LYS MA 71 37.60 -78.95 31.14
C LYS MA 71 40.20 -73.96 30.81
C LYS MA 71 37.77 -77.53 30.65
N LEU MA 72 39.77 -73.54 29.61
N LEU MA 72 37.39 -77.29 29.40
CA LEU MA 72 40.00 -72.17 29.17
CA LEU MA 72 37.44 -75.95 28.83
C LEU MA 72 39.28 -71.16 30.07
C LEU MA 72 36.67 -74.96 29.70
N GLN MA 73 38.00 -71.40 30.33
N GLN MA 73 35.51 -75.39 30.21
CA GLN MA 73 37.24 -70.52 31.20
CA GLN MA 73 34.66 -74.52 31.03
C GLN MA 73 37.93 -70.31 32.55
C GLN MA 73 35.38 -74.10 32.31
N ASN MA 74 38.37 -71.40 33.18
N ASN MA 74 36.00 -75.06 32.99
CA ASN MA 74 39.10 -71.30 34.46
CA ASN MA 74 36.82 -74.75 34.16
C ASN MA 74 40.42 -70.55 34.28
C ASN MA 74 38.03 -73.89 33.80
N GLN MA 75 41.14 -70.80 33.17
N GLN MA 75 38.64 -74.17 32.64
CA GLN MA 75 42.40 -70.11 32.88
CA GLN MA 75 39.86 -73.45 32.29
C GLN MA 75 42.22 -68.60 32.83
C GLN MA 75 39.62 -71.95 32.21
N ARG MA 76 41.17 -68.13 32.16
N ARG MA 76 38.51 -71.55 31.62
CA ARG MA 76 40.96 -66.71 32.00
CA ARG MA 76 38.15 -70.15 31.43
C ARG MA 76 40.36 -66.05 33.24
C ARG MA 76 37.43 -69.54 32.63
N GLY MA 77 39.90 -66.82 34.22
N GLY MA 77 37.17 -70.32 33.66
CA GLY MA 77 39.24 -66.27 35.39
CA GLY MA 77 36.52 -69.79 34.84
C GLY MA 77 37.72 -66.24 35.31
C GLY MA 77 35.01 -69.85 34.82
N GLY MA 78 37.14 -66.64 34.18
N GLY MA 78 34.40 -70.55 33.85
CA GLY MA 78 35.70 -66.82 34.08
CA GLY MA 78 32.97 -70.80 33.87
C GLY MA 78 35.22 -67.95 34.98
C GLY MA 78 32.58 -71.87 34.86
N ARG MA 79 33.91 -68.01 35.14
N ARG MA 79 31.28 -71.99 35.12
CA ARG MA 79 33.27 -68.99 36.00
CA ARG MA 79 30.77 -72.95 36.08
C ARG MA 79 32.42 -69.90 35.14
C ARG MA 79 29.93 -73.99 35.35
N ILE MA 80 32.51 -71.20 35.38
N ILE MA 80 30.29 -75.27 35.52
CA ILE MA 80 31.78 -72.17 34.58
CA ILE MA 80 29.58 -76.38 34.88
C ILE MA 80 30.36 -72.26 35.08
C ILE MA 80 28.21 -76.58 35.52
N PHE MA 81 29.40 -72.19 34.16
N PHE MA 81 27.16 -76.61 34.70
CA PHE MA 81 27.99 -72.42 34.48
CA PHE MA 81 25.84 -77.01 35.19
C PHE MA 81 27.45 -73.45 33.49
C PHE MA 81 25.32 -78.14 34.32
N LEU MA 82 27.09 -74.62 33.99
N LEU MA 82 25.20 -79.33 34.91
CA LEU MA 82 26.58 -75.70 33.17
CA LEU MA 82 24.80 -80.50 34.15
C LEU MA 82 25.05 -75.64 33.08
C LEU MA 82 23.28 -80.63 34.11
N GLN MA 83 24.51 -76.06 31.94
N GLN MA 83 22.77 -81.18 33.01
CA GLN MA 83 23.07 -76.11 31.70
CA GLN MA 83 21.35 -81.40 32.88
C GLN MA 83 22.70 -77.51 31.26
C GLN MA 83 21.08 -82.87 32.58
N ASP MA 84 21.39 -77.78 31.16
N ASP MA 84 19.81 -83.24 32.71
CA ASP MA 84 20.91 -79.07 30.66
CA ASP MA 84 19.38 -84.59 32.36
C ASP MA 84 21.45 -79.33 29.26
C ASP MA 84 19.88 -84.96 30.96
N ILE MA 85 21.81 -80.59 29.01
N ILE MA 85 20.29 -86.22 30.78
CA ILE MA 85 22.26 -81.02 27.68
CA ILE MA 85 20.61 -86.73 29.46
C ILE MA 85 21.05 -81.56 26.95
C ILE MA 85 19.37 -87.45 28.91
N GLN MA 86 20.58 -80.85 25.93
N GLN MA 86 18.69 -86.83 27.97
CA GLN MA 86 19.38 -81.24 25.22
CA GLN MA 86 17.50 -87.47 27.40
C GLN MA 86 19.62 -82.54 24.46
C GLN MA 86 17.88 -88.74 26.65
N LYS MA 87 18.63 -83.43 24.51
N LYS MA 87 16.97 -89.72 26.65
CA LYS MA 87 18.71 -84.69 23.80
CA LYS MA 87 17.23 -90.97 25.93
C LYS MA 87 18.74 -84.42 22.29
C LYS MA 87 17.11 -90.76 24.41
N PRO MA 88 19.35 -85.32 21.51
N PRO MA 88 17.73 -91.61 23.61
CA PRO MA 88 19.41 -85.14 20.06
CA PRO MA 88 17.61 -91.48 22.14
C PRO MA 88 18.01 -85.06 19.46
C PRO MA 88 16.17 -91.63 21.69
N ASP MA 89 17.93 -84.52 18.24
N ASP MA 89 15.89 -91.12 20.49
CA ASP MA 89 16.61 -84.30 17.66
CA ASP MA 89 14.52 -91.15 19.98
C ASP MA 89 15.98 -85.57 17.10
C ASP MA 89 14.02 -92.56 19.66
N GLU MA 90 16.74 -86.63 16.86
N GLU MA 90 14.90 -93.51 19.40
CA GLU MA 90 16.18 -87.91 16.46
CA GLU MA 90 14.50 -94.87 19.03
C GLU MA 90 16.58 -89.02 17.44
C GLU MA 90 15.10 -95.88 20.00
N ASP MA 91 15.71 -90.03 17.53
N ASP MA 91 14.31 -96.90 20.34
CA ASP MA 91 16.03 -91.30 18.16
CA ASP MA 91 14.84 -98.08 21.00
C ASP MA 91 16.48 -92.32 17.14
C ASP MA 91 15.30 -99.11 20.00
N ASP MA 92 15.90 -92.27 15.95
N ASP MA 92 14.76 -99.08 18.79
CA ASP MA 92 16.19 -93.14 14.83
CA ASP MA 92 14.92 -100.10 17.76
C ASP MA 92 16.90 -92.30 13.79
C ASP MA 92 15.48 -99.39 16.55
N TRP MA 93 18.04 -92.77 13.29
N TRP MA 93 16.72 -99.73 16.15
CA TRP MA 93 18.87 -92.00 12.37
CA TRP MA 93 17.37 -98.95 15.11
C TRP MA 93 18.87 -92.54 10.95
C TRP MA 93 17.21 -99.54 13.72
N GLU MA 94 17.99 -93.49 10.64
N GLU MA 94 16.48 -100.66 13.58
CA GLU MA 94 17.59 -93.84 9.28
CA GLU MA 94 15.95 -101.16 12.30
C GLU MA 94 18.61 -94.68 8.53
C GLU MA 94 16.98 -101.89 11.45
N SER MA 95 19.82 -94.14 8.31
N SER MA 95 18.06 -101.20 11.10
CA SER MA 95 20.81 -94.84 7.52
CA SER MA 95 19.05 -101.76 10.20
C SER MA 95 22.18 -94.22 7.76
C SER MA 95 20.37 -101.03 10.39
N GLY MA 96 23.21 -94.89 7.26
N GLY MA 96 21.44 -101.68 9.92
CA GLY MA 96 24.55 -94.31 7.32
CA GLY MA 96 22.71 -100.97 9.76
C GLY MA 96 24.61 -92.96 6.63
C GLY MA 96 22.55 -99.68 8.97
N LEU MA 97 23.95 -92.84 5.48
N LEU MA 97 21.92 -99.76 7.80
CA LEU MA 97 23.98 -91.59 4.73
CA LEU MA 97 21.70 -98.55 7.00
C LEU MA 97 23.25 -90.47 5.47
C LEU MA 97 20.91 -97.51 7.79
N ASN MA 98 22.02 -90.75 5.94
N ASN MA 98 19.86 -97.93 8.50
CA ASN MA 98 21.30 -89.72 6.68
CA ASN MA 98 19.06 -96.96 9.26
C ASN MA 98 22.10 -89.26 7.88
C ASN MA 98 19.90 -96.29 10.34
N ALA MA 99 22.70 -90.20 8.61
N ALA MA 99 20.74 -97.06 11.03
CA ALA MA 99 23.48 -89.83 9.78
CA ALA MA 99 21.60 -96.46 12.05
C ALA MA 99 24.64 -88.93 9.40
C ALA MA 99 22.59 -95.48 11.44
N MET MA 100 25.33 -89.23 8.30
N MET MA 100 23.16 -95.81 10.29
CA MET MA 100 26.45 -88.40 7.86
CA MET MA 100 24.13 -94.90 9.68
C MET MA 100 26.00 -87.03 7.41
C MET MA 100 23.45 -93.58 9.31
N GLU MA 101 24.81 -86.93 6.79
N GLU MA 101 22.28 -93.66 8.69
CA GLU MA 101 24.23 -85.63 6.44
CA GLU MA 101 21.52 -92.46 8.36
C GLU MA 101 23.80 -84.87 7.68
C GLU MA 101 21.13 -91.67 9.62
N ALA MA 102 23.19 -85.56 8.64
N ALA MA 102 20.68 -92.37 10.66
CA ALA MA 102 22.86 -84.89 9.89
CA ALA MA 102 20.40 -91.69 11.93
C ALA MA 102 24.13 -84.44 10.59
C ALA MA 102 21.67 -91.05 12.49
N ALA MA 103 25.17 -85.28 10.53
N ALA MA 103 22.81 -91.73 12.34
CA ALA MA 103 26.43 -84.91 11.15
CA ALA MA 103 24.06 -91.18 12.86
C ALA MA 103 27.02 -83.67 10.49
C ALA MA 103 24.50 -89.95 12.06
N LEU MA 104 26.93 -83.58 9.16
N LEU MA 104 24.32 -89.98 10.74
CA LEU MA 104 27.48 -82.41 8.47
CA LEU MA 104 24.64 -88.81 9.92
C LEU MA 104 26.73 -81.14 8.86
C LEU MA 104 23.77 -87.61 10.31
N HIS MA 105 25.40 -81.21 8.93
N HIS MA 105 22.47 -87.85 10.48
CA HIS MA 105 24.60 -80.06 9.38
CA HIS MA 105 21.57 -86.78 10.93
C HIS MA 105 25.01 -79.63 10.79
C HIS MA 105 22.04 -86.18 12.24
N LEU MA 106 25.26 -80.60 11.67
N LEU MA 106 22.40 -87.04 13.20
CA LEU MA 106 25.67 -80.30 13.03
CA LEU MA 106 22.89 -86.58 14.49
C LEU MA 106 27.00 -79.54 13.04
C LEU MA 106 24.12 -85.70 14.32
N GLU MA 107 28.00 -80.01 12.30
N GLU MA 107 25.11 -86.19 13.57
CA GLU MA 107 29.33 -79.42 12.43
CA GLU MA 107 26.38 -85.48 13.48
C GLU MA 107 29.37 -78.00 11.86
C GLU MA 107 26.23 -84.14 12.75
N LYS MA 108 28.62 -77.73 10.80
N LYS MA 108 25.25 -84.03 11.85
CA LYS MA 108 28.53 -76.36 10.30
CA LYS MA 108 25.01 -82.74 11.22
C LYS MA 108 27.89 -75.43 11.33
C LYS MA 108 24.34 -81.79 12.22
N ASN MA 109 26.90 -75.93 12.09
N ASN MA 109 23.39 -82.29 13.00
CA ASN MA 109 26.31 -75.14 13.18
CA ASN MA 109 22.85 -81.52 14.11
C ASN MA 109 27.32 -74.87 14.28
C ASN MA 109 23.92 -81.04 15.08
N VAL MA 110 28.05 -75.91 14.69
N VAL MA 110 24.84 -81.94 15.48
CA VAL MA 110 29.12 -75.73 15.66
CA VAL MA 110 25.87 -81.51 16.42
C VAL MA 110 30.15 -74.75 15.13
C VAL MA 110 26.78 -80.48 15.76
N ASN MA 111 30.52 -74.90 13.85
N ASN MA 111 27.11 -80.69 14.49
CA ASN MA 111 31.47 -73.98 13.21
CA ASN MA 111 27.91 -79.72 13.75
C ASN MA 111 30.96 -72.55 13.26
C ASN MA 111 27.26 -78.34 13.80
N GLN MA 112 29.70 -72.32 12.86
N GLN MA 112 25.95 -78.28 13.59
CA GLN MA 112 29.09 -70.99 12.91
CA GLN MA 112 25.27 -76.99 13.53
C GLN MA 112 29.19 -70.40 14.31
C GLN MA 112 25.34 -76.28 14.86
N SER MA 113 28.93 -71.22 15.34
N SER MA 113 25.23 -77.01 15.96
CA SER MA 113 29.05 -70.77 16.73
CA SER MA 113 25.37 -76.38 17.27
C SER MA 113 30.48 -70.40 17.08
C SER MA 113 26.80 -75.91 17.50
N LEU MA 114 31.45 -71.17 16.59
N LEU MA 114 27.77 -76.55 16.84
CA LEU MA 114 32.85 -70.81 16.81
CA LEU MA 114 29.16 -76.14 16.99
C LEU MA 114 33.22 -69.54 16.05
C LEU MA 114 29.44 -74.87 16.20
N LEU MA 115 32.64 -69.35 14.86
N LEU MA 115 28.86 -74.75 15.01
CA LEU MA 115 32.91 -68.14 14.10
CA LEU MA 115 29.06 -73.54 14.22
C LEU MA 115 32.38 -66.90 14.82
C LEU MA 115 28.37 -72.37 14.89
N GLU MA 116 31.21 -67.02 15.45
N GLU MA 116 27.21 -72.60 15.49
CA GLU MA 116 30.69 -65.89 16.23
CA GLU MA 116 26.56 -71.56 16.27
C GLU MA 116 31.54 -65.66 17.48
C GLU MA 116 27.42 -71.15 17.45
N LEU MA 117 32.04 -66.73 18.11
N LEU MA 117 28.04 -72.13 18.12
CA LEU MA 117 32.88 -66.57 19.29
CA LEU MA 117 28.96 -71.80 19.20
C LEU MA 117 34.13 -65.77 18.95
C LEU MA 117 30.16 -71.03 18.68
N HIS MA 118 34.82 -66.15 17.87
N HIS MA 118 30.65 -71.35 17.49
CA HIS MA 118 36.04 -65.48 17.46
CA HIS MA 118 31.78 -70.59 16.95
C HIS MA 118 35.78 -64.01 17.16
C HIS MA 118 31.37 -69.16 16.63
N LYS MA 119 34.67 -63.73 16.47
N LYS MA 119 30.24 -68.98 15.93
CA LYS MA 119 34.32 -62.35 16.16
CA LYS MA 119 29.80 -67.63 15.59
C LYS MA 119 34.17 -61.54 17.44
C LYS MA 119 29.59 -66.78 16.84
N LEU MA 120 33.44 -62.11 18.41
N LEU MA 120 29.04 -67.37 17.90
CA LEU MA 120 33.33 -61.48 19.73
CA LEU MA 120 28.97 -66.68 19.19
C LEU MA 120 34.68 -61.29 20.39
C LEU MA 120 30.35 -66.25 19.69
N ALA MA 121 35.56 -62.29 20.29
N ALA MA 121 31.35 -67.13 19.56
CA ALA MA 121 36.90 -62.15 20.85
CA ALA MA 121 32.71 -66.81 20.02
C ALA MA 121 37.62 -60.97 20.22
C ALA MA 121 33.29 -65.65 19.23
N HIS MA 122 37.66 -60.96 18.88
N HIS MA 122 33.14 -65.67 17.90
CA HIS MA 122 38.32 -59.88 18.15
CA HIS MA 122 33.58 -64.56 17.05
C HIS MA 122 37.72 -58.52 18.46
C HIS MA 122 32.79 -63.30 17.36
N ASP MA 123 36.39 -58.46 18.59
N ASP MA 123 31.47 -63.42 17.52
CA ASP MA 123 35.71 -57.18 18.80
CA ASP MA 123 30.63 -62.25 17.80
C ASP MA 123 35.92 -56.66 20.21
C ASP MA 123 31.02 -61.59 19.12
N LYS MA 124 36.12 -57.55 21.19
N LYS MA 124 31.38 -62.38 20.12
CA LYS MA 124 36.50 -57.19 22.54
CA LYS MA 124 31.80 -61.90 21.43
C LYS MA 124 38.01 -57.07 22.71
C LYS MA 124 33.31 -61.65 21.54
N ASN MA 125 38.77 -57.10 21.62
N ASN MA 125 34.04 -61.69 20.41
CA ASN MA 125 40.21 -56.91 21.69
CA ASN MA 125 35.47 -61.38 20.37
C ASN MA 125 40.85 -57.93 22.62
C ASN MA 125 36.28 -62.25 21.33
N ASP MA 126 40.41 -59.19 22.51
N ASP MA 126 36.01 -63.57 21.29
CA ASP MA 126 40.94 -60.30 23.30
CA ASP MA 126 36.67 -64.56 22.13
C ASP MA 126 41.75 -61.19 22.38
C ASP MA 126 37.54 -65.46 21.27
N PRO MA 127 43.05 -60.92 22.19
N PRO MA 127 38.76 -65.06 20.92
CA PRO MA 127 43.83 -61.69 21.21
CA PRO MA 127 39.54 -65.85 19.97
C PRO MA 127 44.15 -63.09 21.66
C PRO MA 127 40.08 -67.15 20.55
N HIS MA 128 44.36 -63.31 22.95
N HIS MA 128 40.21 -67.24 21.86
CA HIS MA 128 44.62 -64.65 23.44
CA HIS MA 128 40.59 -68.51 22.46
C HIS MA 128 43.42 -65.55 23.18
C HIS MA 128 39.48 -69.55 22.31
N LEU MA 129 42.21 -65.05 23.45
N LEU MA 129 38.23 -69.13 22.58
CA LEU MA 129 41.01 -65.84 23.23
CA LEU MA 129 37.11 -70.06 22.43
C LEU MA 129 40.77 -66.10 21.74
C LEU MA 129 36.90 -70.43 20.97
N ALA MA 130 40.99 -65.09 20.90
N ALA MA 130 37.03 -69.46 20.06
CA ALA MA 130 40.86 -65.30 19.46
CA ALA MA 130 36.87 -69.73 18.64
C ALA MA 130 41.81 -66.37 18.95
C ALA MA 130 37.90 -70.74 18.17
N ASP MA 131 43.09 -66.29 19.35
N ASP MA 131 39.16 -70.54 18.53
CA ASP MA 131 44.07 -67.28 18.90
CA ASP MA 131 40.19 -71.46 18.05
C ASP MA 131 43.74 -68.66 19.45
C ASP MA 131 40.08 -72.82 18.72
N PHE MA 132 43.16 -68.72 20.65
N PHE MA 132 39.59 -72.86 19.96
CA PHE MA 132 42.74 -70.02 21.19
CA PHE MA 132 39.40 -74.14 20.62
C PHE MA 132 41.75 -70.70 20.25
C PHE MA 132 38.36 -74.98 19.87
N ILE MA 133 40.76 -69.94 19.77
N ILE MA 133 37.24 -74.36 19.50
CA ILE MA 133 39.75 -70.49 18.88
CA ILE MA 133 36.22 -75.02 18.68
C ILE MA 133 40.36 -70.90 17.53
C ILE MA 133 36.79 -75.42 17.33
N GLU MA 134 41.21 -70.05 16.94
N GLU MA 134 37.56 -74.50 16.71
CA GLU MA 134 41.86 -70.39 15.67
CA GLU MA 134 38.14 -74.77 15.40
C GLU MA 134 42.70 -71.66 15.78
C GLU MA 134 39.06 -75.98 15.42
N THR MA 135 43.47 -71.78 16.86
N THR MA 135 39.95 -76.03 16.41
CA THR MA 135 44.47 -72.83 17.00
CA THR MA 135 41.04 -77.00 16.42
C THR MA 135 43.84 -74.19 17.29
C THR MA 135 40.56 -78.36 16.91
N HIS MA 136 42.81 -74.22 18.14
N HIS MA 136 39.69 -78.37 17.92
CA HIS MA 136 42.25 -75.47 18.64
CA HIS MA 136 39.30 -79.63 18.55
C HIS MA 136 40.92 -75.86 18.03
C HIS MA 136 38.03 -80.24 17.98
N TYR MA 137 40.20 -74.94 17.38
N TYR MA 137 37.14 -79.46 17.33
CA TYR MA 137 38.86 -75.26 16.92
CA TYR MA 137 35.84 -80.00 16.98
C TYR MA 137 38.63 -75.03 15.43
C TYR MA 137 35.48 -79.93 15.49
N LEU MA 138 39.13 -73.93 14.87
N LEU MA 138 35.89 -78.88 14.78
CA LEU MA 138 38.71 -73.53 13.52
CA LEU MA 138 35.22 -78.59 13.51
C LEU MA 138 39.15 -74.53 12.46
C LEU MA 138 35.63 -79.57 12.40
N ASN MA 139 40.42 -74.95 12.50
N ASN MA 139 36.92 -79.89 12.28
CA ASN MA 139 40.91 -75.88 11.49
CA ASN MA 139 37.32 -80.89 11.29
C ASN MA 139 40.32 -77.27 11.68
C ASN MA 139 37.01 -82.30 11.75
N GLU MA 140 40.14 -77.68 12.94
N GLU MA 140 36.90 -82.50 13.06
CA GLU MA 140 39.46 -78.95 13.20
CA GLU MA 140 36.40 -83.79 13.56
C GLU MA 140 38.04 -78.92 12.66
C GLU MA 140 34.98 -84.06 13.05
N GLN MA 141 37.35 -77.78 12.77
N GLN MA 141 34.09 -83.06 13.15
CA GLN MA 141 36.02 -77.69 12.18
CA GLN MA 141 32.73 -83.24 12.63
C GLN MA 141 36.11 -77.86 10.66
C GLN MA 141 32.71 -83.40 11.11
N VAL MA 142 37.03 -77.12 10.03
N VAL MA 142 33.48 -82.57 10.39
CA VAL MA 142 37.16 -77.20 8.57
CA VAL MA 142 33.50 -82.72 8.94
C VAL MA 142 37.50 -78.62 8.14
C VAL MA 142 33.97 -84.13 8.55
N LYS MA 143 38.34 -79.30 8.93
N LYS MA 143 35.03 -84.62 9.21
CA LYS MA 143 38.73 -80.65 8.56
CA LYS MA 143 35.47 -86.00 8.97
C LYS MA 143 37.58 -81.64 8.75
C LYS MA 143 34.36 -86.99 9.34
N ALA MA 144 36.81 -81.49 9.83
N ALA MA 144 33.73 -86.80 10.50
CA ALA MA 144 35.68 -82.39 10.05
CA ALA MA 144 32.70 -87.76 10.92
C ALA MA 144 34.56 -82.15 9.05
C ALA MA 144 31.54 -87.80 9.92
N ILE MA 145 34.39 -80.92 8.60
N ILE MA 145 31.12 -86.63 9.42
CA ILE MA 145 33.40 -80.63 7.59
CA ILE MA 145 30.01 -86.54 8.48
C ILE MA 145 33.81 -81.26 6.25
C ILE MA 145 30.38 -87.12 7.12
N LYS MA 146 35.09 -81.13 5.89
N LYS MA 146 31.61 -86.85 6.66
CA LYS MA 146 35.54 -81.65 4.60
CA LYS MA 146 32.06 -87.45 5.40
C LYS MA 146 35.41 -83.18 4.54
C LYS MA 146 32.09 -88.96 5.50
N GLU MA 147 35.73 -83.85 5.66
N GLU MA 147 32.60 -89.50 6.62
CA GLU MA 147 35.66 -85.31 5.70
CA GLU MA 147 32.72 -90.94 6.78
C GLU MA 147 34.22 -85.82 5.68
C GLU MA 147 31.35 -91.61 6.83
N LEU MA 148 33.33 -85.20 6.45
N LEU MA 148 30.41 -91.01 7.56
CA LEU MA 148 31.92 -85.56 6.35
CA LEU MA 148 29.08 -91.60 7.63
C LEU MA 148 31.39 -85.30 4.95
C LEU MA 148 28.39 -91.53 6.26
N GLY MA 149 31.76 -84.17 4.35
N GLY MA 149 28.62 -90.47 5.50
CA GLY MA 149 31.41 -83.94 2.95
CA GLY MA 149 28.05 -90.39 4.16
C GLY MA 149 31.91 -85.05 2.04
C GLY MA 149 28.60 -91.47 3.24
N ASP MA 150 33.16 -85.47 2.23
N ASP MA 150 29.92 -91.71 3.31
CA ASP MA 150 33.73 -86.56 1.45
CA ASP MA 150 30.51 -92.81 2.53
C ASP MA 150 32.93 -87.86 1.60
C ASP MA 150 29.85 -94.14 2.88
N HIS MA 151 32.57 -88.20 2.84
N HIS MA 151 29.68 -94.41 4.18
CA HIS MA 151 31.84 -89.45 3.07
CA HIS MA 151 29.05 -95.67 4.61
C HIS MA 151 30.45 -89.42 2.45
C HIS MA 151 27.62 -95.78 4.07
N VAL MA 152 29.75 -88.29 2.59
N VAL MA 152 26.85 -94.69 4.17
CA VAL MA 152 28.45 -88.15 1.95
CA VAL MA 152 25.49 -94.71 3.64
C VAL MA 152 28.58 -88.32 0.44
C VAL MA 152 25.52 -94.98 2.14
N THR MA 153 29.60 -87.70 -0.14
N THR MA 153 26.52 -94.44 1.45
CA THR MA 153 29.83 -87.82 -1.58
CA THR MA 153 26.60 -94.66 0.02
C THR MA 153 29.95 -89.28 -1.99
C THR MA 153 26.86 -96.14 -0.31
N ASN MA 154 30.82 -90.02 -1.30
N ASN MA 154 27.81 -96.77 0.39
CA ASN MA 154 31.04 -91.41 -1.68
CA ASN MA 154 28.12 -98.16 0.06
C ASN MA 154 29.79 -92.25 -1.41
C ASN MA 154 26.98 -99.09 0.48
N LEU MA 155 29.08 -91.98 -0.32
N LEU MA 155 26.36 -98.84 1.63
CA LEU MA 155 27.89 -92.77 -0.01
CA LEU MA 155 25.24 -99.66 2.06
C LEU MA 155 26.83 -92.61 -1.09
C LEU MA 155 24.08 -99.54 1.09
N ARG MA 156 26.49 -91.39 -1.46
N ARG MA 156 23.78 -98.33 0.62
CA ARG MA 156 25.51 -91.19 -2.53
CA ARG MA 156 22.72 -98.16 -0.37
C ARG MA 156 26.04 -91.77 -3.84
C ARG MA 156 23.04 -98.89 -1.68
N LYS MA 157 27.32 -91.53 -4.14
N LYS MA 157 24.27 -98.72 -2.19
CA LYS MA 157 27.86 -91.99 -5.42
CA LYS MA 157 24.61 -99.34 -3.47
C LYS MA 157 27.86 -93.50 -5.52
C LYS MA 157 24.69 -100.86 -3.39
N MET MA 158 27.97 -94.20 -4.38
N MET MA 158 24.89 -101.42 -2.19
CA MET MA 158 27.89 -95.66 -4.33
CA MET MA 158 25.01 -102.86 -2.03
C MET MA 158 26.47 -96.19 -4.49
C MET MA 158 23.66 -103.57 -1.91
N GLY MA 159 25.46 -95.34 -4.29
N GLY MA 159 22.55 -102.84 -1.77
CA GLY MA 159 24.08 -95.75 -4.43
CA GLY MA 159 21.24 -103.44 -1.68
C GLY MA 159 23.28 -95.73 -3.15
C GLY MA 159 20.57 -103.29 -0.33
N ALA MA 160 23.85 -95.24 -2.06
N ALA MA 160 21.21 -102.63 0.62
CA ALA MA 160 23.14 -95.13 -0.80
CA ALA MA 160 20.63 -102.45 1.94
C ALA MA 160 22.06 -94.04 -0.91
C ALA MA 160 19.41 -101.53 1.87
N PRO MA 161 20.95 -94.15 -0.13
N PRO MA 161 18.50 -101.64 2.85
CA PRO MA 161 20.64 -95.22 0.83
CA PRO MA 161 18.52 -102.63 3.92
C PRO MA 161 19.89 -96.39 0.21
C PRO MA 161 17.74 -103.90 3.54
N GLU MA 162 19.58 -96.31 -1.08
N GLU MA 162 17.28 -103.98 2.28
CA GLU MA 162 18.79 -97.36 -1.72
CA GLU MA 162 16.52 -105.13 1.84
C GLU MA 162 19.55 -98.67 -1.77
C GLU MA 162 17.38 -106.38 1.79
N SER MA 163 20.86 -98.61 -1.96
N SER MA 163 18.51 -106.32 1.10
CA SER MA 163 21.70 -99.79 -1.95
CA SER MA 163 19.43 -107.46 1.00
C SER MA 163 22.17 -100.05 -0.52
C SER MA 163 20.16 -107.62 2.33
N GLY MA 164 21.66 -101.13 0.10
N GLY MA 164 19.75 -108.61 3.12
CA GLY MA 164 22.25 -101.61 1.34
CA GLY MA 164 20.50 -108.94 4.32
C GLY MA 164 23.66 -102.13 1.13
C GLY MA 164 21.93 -109.37 4.03
N LEU MA 165 23.97 -102.60 -0.08
N LEU MA 165 22.20 -109.83 2.81
CA LEU MA 165 25.34 -102.99 -0.40
CA LEU MA 165 23.57 -110.16 2.42
C LEU MA 165 26.29 -101.80 -0.29
C LEU MA 165 24.45 -108.91 2.37
N ALA MA 166 25.84 -100.63 -0.74
N ALA MA 166 23.88 -107.76 2.03
CA ALA MA 166 26.69 -99.43 -0.63
CA ALA MA 166 24.66 -106.53 1.91
C ALA MA 166 27.11 -99.18 0.81
C ALA MA 166 25.18 -106.08 3.28
N GLU MA 167 26.13 -99.16 1.73
N GLU MA 167 24.30 -106.03 4.28
CA GLU MA 167 26.45 -98.82 3.13
CA GLU MA 167 24.73 -105.58 5.60
C GLU MA 167 27.29 -99.91 3.78
C GLU MA 167 25.72 -106.56 6.24
N TYR MA 168 27.14 -101.17 3.33
N TYR MA 168 25.54 -107.87 6.01
CA TYR MA 168 27.97 -102.25 3.86
CA TYR MA 168 26.53 -108.82 6.49
C TYR MA 168 29.42 -102.13 3.40
C TYR MA 168 27.91 -108.54 5.90
N LEU MA 169 29.66 -101.80 2.13
N LEU MA 169 27.96 -108.19 4.60
CA LEU MA 169 31.03 -101.73 1.61
CA LEU MA 169 29.25 -108.01 3.95
C LEU MA 169 31.75 -100.46 2.07
C LEU MA 169 29.88 -106.68 4.30
N PHE MA 170 31.03 -99.35 2.18
N PHE MA 170 29.06 -105.60 4.36
CA PHE MA 170 31.63 -98.13 2.70
CA PHE MA 170 29.54 -104.29 4.81
C PHE MA 170 32.03 -98.29 4.15
C PHE MA 170 30.03 -104.34 6.24
N ASP MA 171 31.16 -98.92 4.95
N ASP MA 171 29.40 -105.16 7.09
CA ASP MA 171 31.53 -99.29 6.32
CA ASP MA 171 29.93 -105.41 8.43
C ASP MA 171 32.80 -100.13 6.35
C ASP MA 171 31.30 -106.08 8.38
N LYS MA 172 32.94 -101.10 5.43
N LYS MA 172 31.47 -107.04 7.47
CA LYS MA 172 34.14 -101.95 5.44
CA LYS MA 172 32.75 -107.75 7.42
C LYS MA 172 35.36 -101.19 4.93
C LYS MA 172 33.85 -106.93 6.77
N HIS MA 173 35.25 -100.59 3.74
N HIS MA 173 33.58 -106.34 5.61
CA HIS MA 173 36.42 -100.07 3.02
CA HIS MA 173 34.67 -105.83 4.79
C HIS MA 173 36.81 -98.67 3.42
C HIS MA 173 34.93 -104.35 4.99
N THR MA 174 35.84 -97.82 3.81
N THR MA 174 33.93 -103.57 5.39
CA THR MA 174 36.15 -96.46 4.24
CA THR MA 174 34.17 -102.16 5.65
C THR MA 174 36.32 -96.32 5.76
C THR MA 174 34.43 -101.90 7.13
N LEU MA 175 35.37 -96.81 6.57
N LEU MA 175 33.54 -102.39 8.01
CA LEU MA 175 35.38 -96.58 8.02
CA LEU MA 175 33.64 -102.07 9.42
C LEU MA 175 36.05 -97.70 8.83
C LEU MA 175 34.56 -103.01 10.20
N GLY MA 176 36.57 -98.75 8.20
N GLY MA 176 35.09 -104.07 9.58
CA GLY MA 176 37.21 -99.79 8.99
CA GLY MA 176 35.85 -105.06 10.33
C GLY MA 176 38.71 -99.88 8.85
C GLY MA 176 37.35 -105.03 10.14
N ASP MA 177 39.43 -98.80 9.18
N ASP MA 177 37.89 -103.84 9.88
CA ASP MA 177 40.87 -98.59 8.89
CA ASP MA 177 39.33 -103.58 9.59
C ASP MA 177 41.10 -98.24 7.42
C ASP MA 177 39.68 -103.96 8.15
N SER NA 4 56.88 25.89 -57.67
N SER NA 4 56.33 17.79 -53.99
CA SER NA 4 57.19 24.49 -57.96
CA SER NA 4 56.89 16.44 -54.03
C SER NA 4 58.05 23.90 -56.85
C SER NA 4 57.97 16.25 -52.96
N THR NA 5 57.77 22.64 -56.49
N THR NA 5 58.20 15.00 -52.57
CA THR NA 5 58.62 21.94 -55.54
CA THR NA 5 59.22 14.66 -51.59
C THR NA 5 59.92 21.57 -56.22
C THR NA 5 60.56 14.48 -52.29
N SER NA 6 61.04 21.90 -55.58
N SER NA 6 61.63 14.79 -51.56
CA SER NA 6 62.34 21.64 -56.17
CA SER NA 6 62.98 14.63 -52.09
C SER NA 6 62.56 20.13 -56.35
C SER NA 6 63.32 13.15 -52.20
N GLN NA 7 63.28 19.78 -57.41
N GLN NA 7 63.89 12.76 -53.34
CA GLN NA 7 63.63 18.37 -57.66
CA GLN NA 7 64.30 11.38 -53.54
C GLN NA 7 64.48 17.77 -56.54
C GLN NA 7 65.28 10.93 -52.46
N VAL NA 8 65.22 18.59 -55.79
N VAL NA 8 66.01 11.88 -51.84
CA VAL NA 8 66.01 18.07 -54.68
CA VAL NA 8 66.98 11.52 -50.81
C VAL NA 8 65.24 18.05 -53.37
C VAL NA 8 66.41 11.57 -49.39
N ARG NA 9 64.10 18.76 -53.29
N ARG NA 9 65.21 12.13 -49.21
CA ARG NA 9 63.38 18.89 -52.03
CA ARG NA 9 64.72 12.36 -47.85
C ARG NA 9 62.93 17.54 -51.49
C ARG NA 9 64.30 11.05 -47.17
N GLN NA 10 63.30 17.27 -50.23
N GLN NA 10 64.66 10.91 -45.90
CA GLN NA 10 62.87 16.06 -49.56
CA GLN NA 10 64.44 9.68 -45.15
C GLN NA 10 62.93 16.29 -48.05
C GLN NA 10 64.60 9.97 -43.66
N ASN NA 11 61.80 16.05 -47.38
N ASN NA 11 63.53 9.73 -42.89
CA ASN NA 11 61.71 16.16 -45.93
CA ASN NA 11 63.50 9.84 -41.43
C ASN NA 11 62.10 17.56 -45.43
C ASN NA 11 63.76 11.27 -40.95
N TYR NA 12 61.81 18.59 -46.20
N TYR NA 12 63.38 12.24 -41.76
CA TYR NA 12 62.18 19.96 -45.83
CA TYR NA 12 63.68 13.65 -41.53
C TYR NA 12 60.90 20.78 -45.70
C TYR NA 12 62.34 14.36 -41.35
N HIS NA 13 60.53 21.09 -44.44
N HIS NA 13 61.99 14.67 -40.10
CA HIS NA 13 59.30 21.82 -44.13
CA HIS NA 13 60.69 15.24 -39.79
C HIS NA 13 59.42 23.31 -44.43
C HIS NA 13 60.59 16.67 -40.29
N GLN NA 14 58.33 23.87 -44.98
N GLN NA 14 59.37 17.06 -40.68
CA GLN NA 14 58.33 25.28 -45.36
CA GLN NA 14 59.17 18.44 -41.12
C GLN NA 14 58.55 26.20 -44.16
C GLN NA 14 59.48 19.45 -40.02
N ASP NA 15 58.15 25.78 -42.96
N ASP NA 15 59.40 19.04 -38.74
CA ASP NA 15 58.49 26.55 -41.78
CA ASP NA 15 59.72 19.94 -37.63
C ASP NA 15 59.99 26.52 -41.53
C ASP NA 15 61.22 20.16 -37.49
N SER NA 16 60.62 25.37 -41.73
N SER NA 16 62.02 19.12 -37.70
CA SER NA 16 62.07 25.30 -41.59
CA SER NA 16 63.47 19.26 -37.74
C SER NA 16 62.74 26.26 -42.56
C SER NA 16 63.89 20.15 -38.89
N GLU NA 17 62.40 26.13 -43.84
N GLU NA 17 63.32 19.91 -40.07
CA GLU NA 17 62.83 27.04 -44.90
CA GLU NA 17 63.51 20.78 -41.22
C GLU NA 17 62.67 28.50 -44.50
C GLU NA 17 63.34 22.25 -40.85
N ALA NA 18 61.48 28.85 -43.97
N ALA NA 18 62.24 22.56 -40.15
CA ALA NA 18 61.22 30.22 -43.54
CA ALA NA 18 61.94 23.95 -39.80
C ALA NA 18 62.18 30.63 -42.43
C ALA NA 18 62.90 24.47 -38.74
N ALA NA 19 62.49 29.71 -41.53
N ALA NA 19 63.22 23.66 -37.74
CA ALA NA 19 63.28 30.08 -40.36
CA ALA NA 19 64.21 24.05 -36.74
C ALA NA 19 64.76 30.27 -40.71
C ALA NA 19 65.57 24.35 -37.39
N ILE NA 20 65.26 29.53 -41.71
N ILE NA 20 65.94 23.55 -38.40
CA ILE NA 20 66.62 29.75 -42.23
CA ILE NA 20 67.21 23.80 -39.07
C ILE NA 20 66.75 31.13 -42.83
C ILE NA 20 67.19 25.15 -39.77
N ASN NA 21 65.75 31.55 -43.62
N ASN NA 21 66.06 25.50 -40.39
CA ASN NA 21 65.74 32.92 -44.11
CA ASN NA 21 65.96 26.82 -41.01
C ASN NA 21 65.78 33.93 -42.96
C ASN NA 21 66.02 27.93 -39.97
N ARG NA 22 65.10 33.62 -41.84
N ARG NA 22 65.45 27.70 -38.79
CA ARG NA 22 65.18 34.52 -40.69
CA ARG NA 22 65.52 28.73 -37.75
C ARG NA 22 66.57 34.49 -40.07
C ARG NA 22 66.95 28.88 -37.22
N GLN NA 23 67.15 33.29 -39.92
N GLN NA 23 67.67 27.76 -37.09
CA GLN NA 23 68.49 33.16 -39.34
CA GLN NA 23 69.03 27.82 -36.58
C GLN NA 23 69.55 33.80 -40.23
C GLN NA 23 69.96 28.52 -37.56
N ILE NA 24 69.43 33.64 -41.55
N ILE NA 24 69.75 28.28 -38.86
CA ILE NA 24 70.32 34.31 -42.49
CA ILE NA 24 70.53 28.97 -39.90
C ILE NA 24 70.40 35.80 -42.17
C ILE NA 24 70.43 30.48 -39.72
N ASN NA 25 69.25 36.48 -42.21
N ASN NA 25 69.20 30.97 -39.55
CA ASN NA 25 69.23 37.91 -41.92
CA ASN NA 25 69.00 32.40 -39.36
C ASN NA 25 69.85 38.20 -40.56
C ASN NA 25 69.68 32.88 -38.08
N LEU NA 26 69.64 37.30 -39.60
N LEU NA 26 69.58 32.10 -37.00
CA LEU NA 26 70.11 37.57 -38.25
CA LEU NA 26 70.20 32.50 -35.74
C LEU NA 26 71.63 37.51 -38.17
C LEU NA 26 71.72 32.57 -35.87
N GLU NA 27 72.26 36.53 -38.83
N GLU NA 27 72.31 31.62 -36.59
CA GLU NA 27 73.71 36.47 -38.88
CA GLU NA 27 73.76 31.65 -36.82
C GLU NA 27 74.28 37.71 -39.55
C GLU NA 27 74.16 32.88 -37.63
N LEU NA 28 73.75 38.07 -40.72
N LEU NA 28 73.40 33.21 -38.68
CA LEU NA 28 74.17 39.30 -41.39
CA LEU NA 28 73.70 34.43 -39.42
C LEU NA 28 74.02 40.50 -40.48
C LEU NA 28 73.51 35.68 -38.56
N TYR NA 29 72.99 40.52 -39.64
N TYR NA 29 72.53 35.66 -37.64
CA TYR NA 29 72.80 41.63 -38.71
CA TYR NA 29 72.36 36.80 -36.73
C TYR NA 29 73.89 41.62 -37.64
C TYR NA 29 73.57 36.97 -35.83
N ALA NA 30 74.15 40.46 -37.04
N ALA NA 30 74.06 35.86 -35.25
CA ALA NA 30 75.28 40.37 -36.12
CA ALA NA 30 75.24 35.92 -34.40
C ALA NA 30 76.55 40.85 -36.80
C ALA NA 30 76.44 36.46 -35.17
N SER NA 31 76.77 40.44 -38.05
N SER NA 31 76.64 35.97 -36.40
CA SER NA 31 77.95 40.87 -38.79
CA SER NA 31 77.70 36.52 -37.25
C SER NA 31 78.05 42.39 -38.80
C SER NA 31 77.56 38.02 -37.40
N TYR NA 32 76.93 43.06 -39.08
N TYR NA 32 76.32 38.51 -37.53
CA TYR NA 32 76.89 44.52 -39.12
CA TYR NA 32 76.08 39.94 -37.69
C TYR NA 32 77.19 45.13 -37.75
C TYR NA 32 76.41 40.71 -36.41
N VAL NA 33 76.60 44.57 -36.69
N VAL NA 33 75.98 40.20 -35.25
CA VAL NA 33 76.89 45.01 -35.33
CA VAL NA 33 76.36 40.84 -33.98
C VAL NA 33 78.38 44.98 -35.06
C VAL NA 33 77.88 40.93 -33.85
N TYR NA 34 79.02 43.86 -35.40
N TYR NA 34 78.58 39.82 -34.15
CA TYR NA 34 80.44 43.70 -35.12
CA TYR NA 34 80.04 39.80 -34.00
C TYR NA 34 81.27 44.69 -35.95
C TYR NA 34 80.70 40.77 -34.98
N LEU NA 35 80.87 44.94 -37.19
N LEU NA 35 80.17 40.85 -36.20
CA LEU NA 35 81.55 45.95 -38.00
CA LEU NA 35 80.64 41.83 -37.16
C LEU NA 35 81.39 47.34 -37.39
C LEU NA 35 80.50 43.25 -36.61
N SER NA 36 80.18 47.65 -36.89
N SER NA 36 79.36 43.55 -35.98
CA SER NA 36 79.93 48.93 -36.20
CA SER NA 36 79.14 44.87 -35.38
C SER NA 36 80.92 49.11 -35.08
C SER NA 36 80.15 45.18 -34.28
N MET NA 37 81.09 48.05 -34.27
N MET NA 37 80.36 44.21 -33.38
CA MET NA 37 81.99 48.11 -33.12
CA MET NA 37 81.29 44.42 -32.27
C MET NA 37 83.45 48.24 -33.56
C MET NA 37 82.68 44.70 -32.80
N SER NA 38 83.86 47.46 -34.56
N SER NA 38 83.11 43.94 -33.82
CA SER NA 38 85.27 47.45 -34.94
CA SER NA 38 84.45 44.08 -34.38
C SER NA 38 85.77 48.87 -35.20
C SER NA 38 84.72 45.49 -34.87
N TYR NA 39 85.02 49.61 -36.02
N TYR NA 39 83.80 46.05 -35.67
CA TYR NA 39 85.46 50.93 -36.43
CA TYR NA 39 84.08 47.37 -36.21
C TYR NA 39 85.16 52.02 -35.41
C TYR NA 39 83.78 48.51 -35.25
N TYR NA 40 84.38 51.73 -34.36
N TYR NA 40 83.13 48.21 -34.12
CA TYR NA 40 84.39 52.66 -33.23
CA TYR NA 40 83.09 49.21 -33.06
C TYR NA 40 85.73 52.63 -32.51
C TYR NA 40 84.47 49.37 -32.43
N PHE NA 41 86.33 51.45 -32.38
N PHE NA 41 85.18 48.27 -32.21
CA PHE NA 41 87.63 51.35 -31.71
CA PHE NA 41 86.52 48.39 -31.64
C PHE NA 41 88.79 51.75 -32.61
C PHE NA 41 87.52 48.93 -32.63
N ASP NA 42 88.52 51.96 -33.89
N ASP NA 42 87.17 48.93 -33.92
CA ASP NA 42 89.45 52.57 -34.83
CA ASP NA 42 87.95 49.57 -34.98
C ASP NA 42 89.45 54.10 -34.74
C ASP NA 42 87.80 51.09 -34.97
N ARG NA 43 88.56 54.70 -33.95
N ARG NA 43 86.83 51.62 -34.22
CA ARG NA 43 88.49 56.15 -33.85
CA ARG NA 43 86.61 53.08 -34.18
C ARG NA 43 89.72 56.74 -33.18
C ARG NA 43 87.83 53.78 -33.60
N ASP NA 44 90.12 57.93 -33.64
N ASP NA 44 88.10 54.98 -34.13
CA ASP NA 44 91.28 58.60 -33.08
CA ASP NA 44 89.27 55.73 -33.70
C ASP NA 44 91.10 58.91 -31.60
C ASP NA 44 89.16 56.18 -32.25
N ASP NA 45 89.86 59.09 -31.13
N ASP NA 45 87.96 56.30 -31.70
CA ASP NA 45 89.60 59.39 -29.71
CA ASP NA 45 87.79 56.65 -30.30
C ASP NA 45 89.23 58.14 -28.91
C ASP NA 45 87.66 55.42 -29.40
N VAL NA 46 89.40 56.96 -29.50
N VAL NA 46 87.90 54.22 -29.94
CA VAL NA 46 89.26 55.67 -28.82
CA VAL NA 46 87.94 53.00 -29.15
C VAL NA 46 90.58 54.92 -28.96
C VAL NA 46 89.31 52.36 -29.31
N ALA NA 47 90.89 54.53 -30.19
N ALA NA 47 89.64 51.97 -30.53
CA ALA NA 47 92.25 54.13 -30.58
CA ALA NA 47 91.02 51.68 -30.94
C ALA NA 47 92.73 52.90 -29.80
C ALA NA 47 91.63 50.51 -30.16
N LEU NA 48 91.85 51.91 -29.70
N LEU NA 48 90.94 49.38 -30.18
CA LEU NA 48 92.18 50.60 -29.15
CA LEU NA 48 91.42 48.14 -29.54
C LEU NA 48 92.23 49.64 -30.34
C LEU NA 48 91.47 47.09 -30.63
N LYS NA 49 93.43 49.45 -30.90
N LYS NA 49 92.61 47.00 -31.30
CA LYS NA 49 93.55 48.80 -32.20
CA LYS NA 49 92.72 46.23 -32.53
C LYS NA 49 93.23 47.29 -32.14
C LYS NA 49 92.59 44.74 -32.28
N ASN NA 50 93.38 46.65 -30.99
N ASN NA 50 92.99 44.26 -31.12
CA ASN NA 50 93.12 45.22 -30.92
CA ASN NA 50 92.89 42.82 -30.90
C ASN NA 50 91.67 44.89 -30.62
C ASN NA 50 91.47 42.41 -30.54
N PHE NA 51 90.97 45.76 -29.89
N PHE NA 51 90.75 43.28 -29.82
CA PHE NA 51 89.51 45.68 -29.88
CA PHE NA 51 89.32 43.06 -29.63
C PHE NA 51 88.96 45.81 -31.29
C PHE NA 51 88.59 42.96 -30.96
N ALA NA 52 89.52 46.75 -32.07
N ALA NA 52 88.90 43.88 -31.89
CA ALA NA 52 89.11 46.94 -33.45
CA ALA NA 52 88.26 43.85 -33.20
C ALA NA 52 89.29 45.66 -34.26
C ALA NA 52 88.61 42.58 -33.97
N LYS NA 53 90.43 45.01 -34.10
N LYS NA 53 89.90 42.21 -33.99
CA LYS NA 53 90.69 43.80 -34.88
CA LYS NA 53 90.30 40.97 -34.64
C LYS NA 53 89.88 42.63 -34.36
C LYS NA 53 89.57 39.79 -34.03
N TYR NA 54 89.64 42.55 -33.04
N TYR NA 54 89.33 39.85 -32.71
CA TYR NA 54 88.82 41.46 -32.50
CA TYR NA 54 88.73 38.72 -32.00
C TYR NA 54 87.40 41.48 -33.05
C TYR NA 54 87.27 38.55 -32.39
N PHE NA 55 86.81 42.66 -33.19
N PHE NA 55 86.49 39.63 -32.39
CA PHE NA 55 85.42 42.74 -33.65
CA PHE NA 55 85.09 39.49 -32.77
C PHE NA 55 85.30 42.68 -35.17
C PHE NA 55 84.92 39.29 -34.28
N LEU NA 56 86.29 43.18 -35.90
N LEU NA 56 85.88 39.75 -35.07
CA LEU NA 56 86.28 43.00 -37.35
CA LEU NA 56 85.81 39.47 -36.50
C LEU NA 56 86.33 41.51 -37.70
C LEU NA 56 86.02 37.98 -36.76
N HIS NA 57 87.10 40.73 -36.93
N HIS NA 57 87.00 37.38 -36.06
CA HIS NA 57 87.22 39.29 -37.19
CA HIS NA 57 87.17 35.93 -36.14
C HIS NA 57 85.90 38.56 -36.93
C HIS NA 57 85.84 35.23 -35.85
N GLN NA 58 85.25 38.85 -35.81
N GLN NA 58 85.16 35.63 -34.75
CA GLN NA 58 83.92 38.27 -35.60
CA GLN NA 58 83.93 34.96 -34.38
C GLN NA 58 82.95 38.71 -36.69
C GLN NA 58 82.85 35.16 -35.45
N SER NA 59 83.09 39.95 -37.17
N SER NA 59 82.80 36.34 -36.06
CA SER NA 59 82.22 40.43 -38.24
CA SER NA 59 81.81 36.61 -37.10
C SER NA 59 82.39 39.61 -39.52
C SER NA 59 81.97 35.64 -38.27
N HIS NA 60 83.64 39.22 -39.84
N HIS NA 60 83.21 35.39 -38.70
CA HIS NA 60 83.81 38.35 -41.00
CA HIS NA 60 83.40 34.49 -39.83
C HIS NA 60 83.26 36.96 -40.71
C HIS NA 60 83.08 33.04 -39.42
N GLU NA 61 83.46 36.48 -39.48
N GLU NA 61 83.45 32.65 -38.21
CA GLU NA 61 82.94 35.16 -39.12
CA GLU NA 61 83.15 31.27 -37.80
C GLU NA 61 81.42 35.11 -39.22
C GLU NA 61 81.65 31.06 -37.69
N GLU NA 62 80.72 36.15 -38.76
N GLU NA 62 80.93 32.06 -37.20
CA GLU NA 62 79.26 36.17 -38.91
CA GLU NA 62 79.47 31.95 -37.15
C GLU NA 62 78.86 36.14 -40.38
C GLU NA 62 78.88 31.81 -38.54
N ARG NA 63 79.67 36.74 -41.26
N ARG NA 63 79.40 32.56 -39.51
CA ARG NA 63 79.39 36.66 -42.69
CA ARG NA 63 79.00 32.37 -40.89
C ARG NA 63 79.50 35.23 -43.20
C ARG NA 63 79.25 30.93 -41.34
N GLU NA 64 80.56 34.51 -42.79
N GLU NA 64 80.38 30.33 -40.91
CA GLU NA 64 80.66 33.10 -43.10
CA GLU NA 64 80.61 28.92 -41.23
C GLU NA 64 79.44 32.33 -42.60
C GLU NA 64 79.59 28.03 -40.54
N HIS NA 65 78.93 32.67 -41.40
N HIS NA 65 79.19 28.39 -39.31
CA HIS NA 65 77.78 31.97 -40.85
CA HIS NA 65 78.19 27.59 -38.61
C HIS NA 65 76.57 32.10 -41.77
C HIS NA 65 76.89 27.50 -39.39
N ALA NA 66 76.30 33.33 -42.24
N ALA NA 66 76.47 28.61 -40.03
CA ALA NA 66 75.14 33.54 -43.10
CA ALA NA 66 75.21 28.61 -40.77
C ALA NA 66 75.28 32.84 -44.43
C ALA NA 66 75.32 27.83 -42.06
N GLU NA 67 76.49 32.85 -45.01
N GLU NA 67 76.46 27.97 -42.77
CA GLU NA 67 76.66 32.20 -46.31
CA GLU NA 67 76.62 27.30 -44.06
C GLU NA 67 76.47 30.69 -46.22
C GLU NA 67 76.63 25.78 -43.92
N LYS NA 68 76.88 30.07 -45.10
N LYS NA 68 77.16 25.28 -42.81
CA LYS NA 68 76.65 28.64 -44.93
CA LYS NA 68 77.12 23.83 -42.55
C LYS NA 68 75.17 28.31 -44.88
C LYS NA 68 75.68 23.37 -42.34
N LEU NA 69 74.38 29.16 -44.19
N LEU NA 69 74.86 24.20 -41.70
CA LEU NA 69 72.93 28.98 -44.17
CA LEU NA 69 73.46 23.87 -41.53
C LEU NA 69 72.33 29.14 -45.57
C LEU NA 69 72.72 23.95 -42.85
N MET NA 70 72.88 30.05 -46.36
N MET NA 70 73.07 24.91 -43.72
CA MET NA 70 72.42 30.23 -47.73
CA MET NA 70 72.49 24.91 -45.05
C MET NA 70 72.74 29.01 -48.58
C MET NA 70 72.93 23.67 -45.83
N LYS NA 71 73.95 28.46 -48.40
N LYS NA 71 74.16 23.22 -45.61
CA LYS NA 71 74.29 27.18 -49.03
CA LYS NA 71 74.63 21.97 -46.21
C LYS NA 71 73.31 26.09 -48.58
C LYS NA 71 73.81 20.79 -45.70
N LEU NA 72 73.09 25.97 -47.26
N LEU NA 72 73.66 20.70 -44.37
CA LEU NA 72 72.13 25.00 -46.73
CA LEU NA 72 72.86 19.64 -43.76
C LEU NA 72 70.76 25.11 -47.42
C LEU NA 72 71.43 19.61 -44.30
N GLN NA 73 70.24 26.33 -47.55
N GLN NA 73 70.78 20.77 -44.43
CA GLN NA 73 68.89 26.54 -48.09
CA GLN NA 73 69.39 20.78 -44.89
C GLN NA 73 68.77 26.02 -49.52
C GLN NA 73 69.26 20.08 -46.24
N ASN NA 74 69.74 26.35 -50.37
N ASN NA 74 70.18 20.38 -47.17
CA ASN NA 74 69.79 25.79 -51.72
CA ASN NA 74 70.15 19.76 -48.49
C ASN NA 74 70.04 24.29 -51.67
C ASN NA 74 70.51 18.29 -48.42
N GLN NA 75 70.93 23.83 -50.79
N GLN NA 75 71.45 17.93 -47.55
CA GLN NA 75 71.14 22.40 -50.64
CA GLN NA 75 71.80 16.51 -47.42
C GLN NA 75 69.83 21.67 -50.39
C GLN NA 75 70.56 15.68 -47.08
N ARG NA 76 69.00 22.19 -49.51
N ARG NA 76 69.77 16.13 -46.11
CA ARG NA 76 67.76 21.48 -49.21
CA ARG NA 76 68.65 15.33 -45.60
C ARG NA 76 66.63 21.81 -50.19
C ARG NA 76 67.41 15.42 -46.47
N GLY NA 77 66.88 22.70 -51.15
N GLY NA 77 67.42 16.22 -47.52
CA GLY NA 77 65.85 22.97 -52.14
CA GLY NA 77 66.29 16.46 -48.34
C GLY NA 77 64.79 23.96 -51.70
C GLY NA 77 65.57 17.77 -48.04
N GLY NA 78 65.10 24.81 -50.73
N GLY NA 78 65.83 18.36 -46.88
CA GLY NA 78 64.29 25.98 -50.47
CA GLY NA 78 65.13 19.58 -46.48
C GLY NA 78 64.81 27.15 -51.26
C GLY NA 78 65.32 20.72 -47.48
N ARG NA 79 64.32 28.34 -50.88
N ARG NA 79 64.52 21.76 -47.30
CA ARG NA 79 64.58 29.56 -51.62
CA ARG NA 79 64.51 22.91 -48.19
C ARG NA 79 65.07 30.67 -50.69
C ARG NA 79 64.84 24.17 -47.42
N ILE NA 80 66.08 31.38 -51.17
N ILE NA 80 65.84 24.91 -47.90
CA ILE NA 80 66.64 32.48 -50.40
CA ILE NA 80 66.33 26.10 -47.22
C ILE NA 80 65.82 33.72 -50.68
C ILE NA 80 65.37 27.25 -47.47
N PHE NA 81 65.30 34.33 -49.62
N PHE NA 81 64.90 27.86 -46.40
CA PHE NA 81 64.66 35.64 -49.69
CA PHE NA 81 64.15 29.10 -46.48
C PHE NA 81 65.37 36.54 -48.68
C PHE NA 81 64.86 30.10 -45.57
N LEU NA 82 66.15 37.48 -49.19
N LEU NA 82 65.55 31.06 -46.18
CA LEU NA 82 66.87 38.38 -48.31
CA LEU NA 82 66.18 32.13 -45.43
C LEU NA 82 65.97 39.52 -47.85
C LEU NA 82 65.18 33.23 -45.13
N GLN NA 83 66.24 40.04 -46.66
N GLN NA 83 65.42 33.94 -44.03
CA GLN NA 83 65.55 41.23 -46.18
CA GLN NA 83 64.61 35.09 -43.64
C GLN NA 83 66.58 42.31 -45.83
C GLN NA 83 65.53 36.28 -43.43
N ASP NA 84 66.08 43.50 -45.51
N ASP NA 84 64.92 37.41 -43.08
CA ASP NA 84 66.96 44.59 -45.10
CA ASP NA 84 65.69 38.58 -42.72
C ASP NA 84 67.76 44.15 -43.89
C ASP NA 84 66.67 38.28 -41.59
N ILE NA 85 69.02 44.57 -43.84
N ILE NA 85 67.78 38.99 -41.57
CA ILE NA 85 69.85 44.42 -42.65
CA ILE NA 85 68.75 38.93 -40.48
C ILE NA 85 69.70 45.70 -41.83
C ILE NA 85 68.59 40.23 -39.70
N GLN NA 86 69.01 45.60 -40.69
N GLN NA 86 68.04 40.16 -38.49
CA GLN NA 86 68.85 46.74 -39.81
CA GLN NA 86 67.82 41.38 -37.73
C GLN NA 86 70.21 47.26 -39.39
C GLN NA 86 69.15 42.05 -37.39
N LYS NA 87 70.33 48.57 -39.28
N LYS NA 87 69.19 43.38 -37.46
CA LYS NA 87 71.50 49.14 -38.65
CA LYS NA 87 70.38 44.10 -37.06
C LYS NA 87 71.54 48.70 -37.19
C LYS NA 87 70.63 43.87 -35.57
N PRO NA 88 72.73 48.62 -36.58
N PRO NA 88 71.89 43.95 -35.12
CA PRO NA 88 72.81 48.28 -35.15
CA PRO NA 88 72.17 43.78 -33.69
C PRO NA 88 72.13 49.36 -34.31
C PRO NA 88 71.38 44.72 -32.80
N ASP NA 89 71.83 48.98 -33.06
N ASP NA 89 71.22 44.35 -31.52
CA ASP NA 89 71.15 49.84 -32.09
CA ASP NA 89 70.48 45.17 -30.57
C ASP NA 89 71.96 51.05 -31.62
C ASP NA 89 71.19 46.46 -30.21
N GLU NA 90 73.27 51.08 -31.84
N GLU NA 90 72.51 46.51 -30.33
CA GLU NA 90 74.11 52.14 -31.29
CA GLU NA 90 73.24 47.74 -30.06
C GLU NA 90 75.13 52.59 -32.34
C GLU NA 90 74.04 48.13 -31.29
N ASP NA 91 75.55 53.85 -32.23
N ASP NA 91 74.27 49.43 -31.44
CA ASP NA 91 76.64 54.42 -33.02
CA ASP NA 91 75.28 49.99 -32.33
C ASP NA 91 77.90 54.59 -32.21
C ASP NA 91 76.58 50.29 -31.60
N ASP NA 92 77.78 55.05 -30.97
N ASP NA 92 76.48 50.83 -30.39
CA ASP NA 92 78.87 55.12 -30.02
CA ASP NA 92 77.64 51.14 -29.54
C ASP NA 92 78.77 53.92 -29.09
C ASP NA 92 77.73 50.07 -28.46
N TRP NA 93 79.83 53.13 -29.02
N TRP NA 93 78.84 49.36 -28.42
CA TRP NA 93 79.82 51.95 -28.15
CA TRP NA 93 78.99 48.24 -27.49
C TRP NA 93 80.48 52.20 -26.80
C TRP NA 93 79.71 48.63 -26.20
N GLU NA 94 80.93 53.44 -26.51
N GLU NA 94 80.04 49.92 -26.02
CA GLU NA 94 81.20 53.96 -25.17
CA GLU NA 94 80.43 50.52 -24.75
C GLU NA 94 82.51 53.50 -24.54
C GLU NA 94 81.86 50.22 -24.31
N SER NA 95 82.81 52.20 -24.56
N SER NA 95 82.27 48.96 -24.32
CA SER NA 95 84.11 51.72 -24.12
CA SER NA 95 83.61 48.62 -23.88
C SER NA 95 84.27 50.25 -24.50
C SER NA 95 83.89 47.16 -24.21
N GLY NA 96 85.51 49.75 -24.33
N GLY NA 96 85.15 46.77 -24.05
CA GLY NA 96 85.78 48.34 -24.60
CA GLY NA 96 85.52 45.38 -24.26
C GLY NA 96 84.98 47.36 -23.76
C GLY NA 96 84.83 44.46 -23.27
N LEU NA 97 84.63 47.75 -22.53
N LEU NA 97 84.76 44.89 -22.01
CA LEU NA 97 83.84 46.83 -21.71
CA LEU NA 97 84.02 44.11 -21.02
C LEU NA 97 82.39 46.80 -22.17
C LEU NA 97 82.57 43.95 -21.42
N ASN NA 98 81.83 47.96 -22.50
N ASN NA 98 81.89 45.05 -21.75
CA ASN NA 98 80.44 47.99 -22.96
CA ASN NA 98 80.48 44.92 -22.10
C ASN NA 98 80.28 47.22 -24.27
C ASN NA 98 80.30 44.14 -23.40
N ALA NA 99 81.26 47.34 -25.18
N ALA NA 99 81.24 44.24 -24.33
CA ALA NA 99 81.18 46.59 -26.43
CA ALA NA 99 81.15 43.42 -25.53
C ALA NA 99 81.15 45.09 -26.16
C ALA NA 99 81.29 41.95 -25.18
N MET NA 100 81.96 44.62 -25.21
N MET NA 100 82.26 41.62 -24.33
CA MET NA 100 81.98 43.20 -24.88
CA MET NA 100 82.43 40.23 -23.92
C MET NA 100 80.65 42.76 -24.31
C MET NA 100 81.19 39.70 -23.21
N GLU NA 101 80.08 43.56 -23.40
N GLU NA 101 80.57 40.52 -22.34
CA GLU NA 101 78.78 43.25 -22.82
CA GLU NA 101 79.37 40.07 -21.66
C GLU NA 101 77.70 43.24 -23.90
C GLU NA 101 78.23 39.81 -22.63
N ALA NA 102 77.71 44.25 -24.78
N ALA NA 102 78.06 40.70 -23.61
CA ALA NA 102 76.78 44.25 -25.91
CA ALA NA 102 76.98 40.50 -24.57
C ALA NA 102 77.00 43.01 -26.77
C ALA NA 102 77.22 39.24 -25.40
N ALA NA 103 78.26 42.73 -27.13
N ALA NA 103 78.49 38.97 -25.75
CA ALA NA 103 78.56 41.53 -27.92
CA ALA NA 103 78.81 37.74 -26.48
C ALA NA 103 78.07 40.28 -27.20
C ALA NA 103 78.55 36.50 -25.62
N LEU NA 104 78.22 40.25 -25.87
N LEU NA 104 78.84 36.59 -24.33
CA LEU NA 104 77.75 39.09 -25.11
CA LEU NA 104 78.53 35.48 -23.43
C LEU NA 104 76.23 38.96 -25.18
C LEU NA 104 77.05 35.20 -23.45
N HIS NA 105 75.51 40.07 -25.01
N HIS NA 105 76.25 36.26 -23.29
CA HIS NA 105 74.06 40.06 -25.12
CA HIS NA 105 74.79 36.15 -23.38
C HIS NA 105 73.64 39.65 -26.53
C HIS NA 105 74.35 35.59 -24.73
N LEU NA 106 74.33 40.16 -27.55
N LEU NA 106 74.90 36.13 -25.83
CA LEU NA 106 74.04 39.77 -28.93
CA LEU NA 106 74.50 35.62 -27.15
C LEU NA 106 74.19 38.27 -29.15
C LEU NA 106 74.84 34.13 -27.28
N GLU NA 107 75.31 37.67 -28.69
N GLU NA 107 76.05 33.72 -26.90
CA GLU NA 107 75.55 36.27 -29.01
CA GLU NA 107 76.43 32.32 -27.09
C GLU NA 107 74.55 35.35 -28.33
C GLU NA 107 75.65 31.40 -26.16
N LYS NA 108 73.99 35.76 -27.19
N LYS NA 108 75.31 31.86 -24.96
CA LYS NA 108 72.96 34.96 -26.54
CA LYS NA 108 74.40 31.06 -24.14
C LYS NA 108 71.64 35.05 -27.29
C LYS NA 108 73.02 30.95 -24.79
N ASN NA 109 71.30 36.25 -27.79
N ASN NA 109 72.59 32.01 -25.48
CA ASN NA 109 70.10 36.38 -28.62
CA ASN NA 109 71.30 31.96 -26.15
C ASN NA 109 70.19 35.51 -29.88
C ASN NA 109 71.35 31.05 -27.37
N VAL NA 110 71.38 35.45 -30.51
N VAL NA 110 72.43 31.12 -28.16
CA VAL NA 110 71.59 34.59 -31.67
CA VAL NA 110 72.58 30.23 -29.31
C VAL NA 110 71.55 33.11 -31.29
C VAL NA 110 72.60 28.77 -28.85
N ASN NA 111 72.16 32.77 -30.16
N ASN NA 111 73.36 28.49 -27.78
CA ASN NA 111 72.07 31.41 -29.66
CA ASN NA 111 73.47 27.12 -27.28
C ASN NA 111 70.62 31.01 -29.41
C ASN NA 111 72.12 26.58 -26.81
N GLN NA 112 69.78 31.96 -28.98
N GLN NA 112 71.28 27.44 -26.23
CA GLN NA 112 68.38 31.64 -28.70
CA GLN NA 112 69.95 27.01 -25.80
C GLN NA 112 67.61 31.34 -29.98
C GLN NA 112 69.12 26.56 -26.98
N SER NA 113 67.79 32.15 -31.03
N SER NA 113 69.14 27.35 -28.07
CA SER NA 113 67.22 31.84 -32.34
CA SER NA 113 68.43 26.95 -29.27
C SER NA 113 67.68 30.48 -32.85
C SER NA 113 68.97 25.65 -29.85
N LEU NA 114 68.96 30.16 -32.63
N LEU NA 114 70.28 25.38 -29.69
CA LEU NA 114 69.51 28.91 -33.13
CA LEU NA 114 70.83 24.13 -30.22
C LEU NA 114 68.87 27.71 -32.42
C LEU NA 114 70.48 22.95 -29.32
N LEU NA 115 68.59 27.84 -31.13
N LEU NA 115 70.43 23.18 -28.00
CA LEU NA 115 67.93 26.75 -30.43
CA LEU NA 115 69.94 22.15 -27.09
C LEU NA 115 66.50 26.58 -30.91
C LEU NA 115 68.48 21.84 -27.39
N GLU NA 116 65.77 27.69 -31.05
N GLU NA 116 67.67 22.87 -27.60
CA GLU NA 116 64.45 27.66 -31.67
CA GLU NA 116 66.30 22.63 -28.05
C GLU NA 116 64.51 26.99 -33.03
C GLU NA 116 66.32 21.88 -29.38
N LEU NA 117 65.60 27.22 -33.78
N LEU NA 117 67.18 22.29 -30.30
CA LEU NA 117 65.73 26.58 -35.08
CA LEU NA 117 67.23 21.58 -31.57
C LEU NA 117 65.87 25.08 -34.90
C LEU NA 117 67.63 20.11 -31.38
N HIS NA 118 66.72 24.68 -33.96
N HIS NA 118 68.57 19.85 -30.47
CA HIS NA 118 66.93 23.26 -33.74
CA HIS NA 118 69.00 18.47 -30.28
C HIS NA 118 65.65 22.59 -33.25
C HIS NA 118 67.94 17.65 -29.54
N LYS NA 119 64.93 23.24 -32.32
N LYS NA 119 67.16 18.26 -28.64
CA LYS NA 119 63.70 22.65 -31.81
CA LYS NA 119 66.04 17.53 -28.05
C LYS NA 119 62.70 22.43 -32.92
C LYS NA 119 65.04 17.12 -29.12
N LEU NA 120 62.62 23.37 -33.86
N LEU NA 120 64.78 18.01 -30.09
CA LEU NA 120 61.73 23.20 -34.99
CA LEU NA 120 63.84 17.69 -31.16
C LEU NA 120 62.21 22.09 -35.91
C LEU NA 120 64.29 16.47 -31.96
N ALA NA 121 63.53 22.01 -36.13
N ALA NA 121 65.57 16.42 -32.35
CA ALA NA 121 64.04 20.89 -36.90
CA ALA NA 121 66.05 15.31 -33.17
C ALA NA 121 63.73 19.57 -36.21
C ALA NA 121 65.85 13.97 -32.48
N HIS NA 122 63.89 19.51 -34.89
N HIS NA 122 66.13 13.92 -31.16
CA HIS NA 122 63.47 18.34 -34.13
CA HIS NA 122 65.95 12.70 -30.38
C HIS NA 122 61.97 18.08 -34.30
C HIS NA 122 64.48 12.39 -30.16
N ASP NA 123 61.15 19.14 -34.18
N ASP NA 123 63.63 13.41 -30.08
CA ASP NA 123 59.70 18.98 -34.25
CA ASP NA 123 62.20 13.18 -29.90
C ASP NA 123 59.22 18.54 -35.63
C ASP NA 123 61.58 12.61 -31.17
N LYS NA 124 59.90 18.95 -36.69
N LYS NA 124 62.02 13.07 -32.34
CA LYS NA 124 59.48 18.55 -38.03
CA LYS NA 124 61.61 12.53 -33.62
C LYS NA 124 60.16 17.28 -38.50
C LYS NA 124 62.43 11.32 -34.04
N ASN NA 125 60.80 16.55 -37.59
N ASN NA 125 63.24 10.76 -33.15
CA ASN NA 125 61.48 15.29 -37.89
CA ASN NA 125 64.03 9.55 -33.43
C ASN NA 125 62.45 15.47 -39.06
C ASN NA 125 64.91 9.74 -34.65
N ASP NA 126 63.35 16.45 -38.90
N ASP NA 126 65.68 10.84 -34.67
CA ASP NA 126 64.34 16.81 -39.93
CA ASP NA 126 66.58 11.22 -35.76
C ASP NA 126 65.70 16.64 -39.31
C ASP NA 126 68.00 11.20 -35.21
N PRO NA 127 66.25 15.43 -39.31
N PRO NA 127 68.66 10.03 -35.19
CA PRO NA 127 67.52 15.19 -38.58
CA PRO NA 127 69.99 9.97 -34.59
C PRO NA 127 68.73 15.78 -39.28
C PRO NA 127 71.06 10.63 -35.45
N HIS NA 128 68.69 15.94 -40.61
N HIS NA 128 70.87 10.68 -36.77
CA HIS NA 128 69.79 16.63 -41.30
CA HIS NA 128 71.83 11.41 -37.60
C HIS NA 128 69.86 18.10 -40.89
C HIS NA 128 71.85 12.89 -37.23
N LEU NA 129 68.72 18.78 -40.80
N LEU NA 129 70.67 13.51 -37.11
CA LEU NA 129 68.76 20.18 -40.38
CA LEU NA 129 70.60 14.92 -36.71
C LEU NA 129 69.16 20.31 -38.91
C LEU NA 129 71.18 15.14 -35.31
N ALA NA 130 68.62 19.44 -38.06
N ALA NA 130 70.75 14.31 -34.37
CA ALA NA 130 69.01 19.45 -36.65
CA ALA NA 130 71.32 14.30 -33.03
C ALA NA 130 70.50 19.15 -36.49
C ALA NA 130 72.83 14.28 -33.06
N ASP NA 131 71.01 18.21 -37.26
N ASP NA 131 73.39 13.27 -33.73
CA ASP NA 131 72.44 17.91 -37.18
CA ASP NA 131 74.85 13.13 -33.75
C ASP NA 131 73.28 19.06 -37.72
C ASP NA 131 75.49 14.33 -34.42
N PHE NA 132 72.86 19.65 -38.84
N PHE NA 132 74.87 14.84 -35.48
CA PHE NA 132 73.54 20.82 -39.40
CA PHE NA 132 75.40 15.99 -36.21
C PHE NA 132 73.73 21.89 -38.34
C PHE NA 132 75.58 17.18 -35.26
N ILE NA 133 72.65 22.19 -37.60
N ILE NA 133 74.51 17.55 -34.54
CA ILE NA 133 72.69 23.24 -36.59
CA ILE NA 133 74.57 18.70 -33.64
C ILE NA 133 73.65 22.87 -35.47
C ILE NA 133 75.55 18.44 -32.50
N GLU NA 134 73.57 21.63 -34.98
N GLU NA 134 75.58 17.20 -31.99
CA GLU NA 134 74.47 21.15 -33.93
CA GLU NA 134 76.55 16.81 -30.97
C GLU NA 134 75.93 21.26 -34.36
C GLU NA 134 77.98 17.02 -31.47
N THR NA 135 76.27 20.63 -35.48
N THR NA 135 78.23 16.59 -32.70
CA THR NA 135 77.66 20.55 -35.91
CA THR NA 135 79.59 16.53 -33.22
C THR NA 135 78.26 21.94 -36.13
C THR NA 135 80.14 17.91 -33.54
N HIS NA 136 77.53 22.81 -36.82
N HIS NA 136 79.35 18.74 -34.20
CA HIS NA 136 78.10 24.06 -37.31
CA HIS NA 136 79.88 19.98 -34.74
C HIS NA 136 77.86 25.27 -36.42
C HIS NA 136 79.53 21.21 -33.92
N TYR NA 137 76.81 25.29 -35.60
N TYR NA 137 78.59 21.12 -32.96
CA TYR NA 137 76.47 26.54 -34.94
CA TYR NA 137 78.07 22.35 -32.37
C TYR NA 137 76.40 26.48 -33.42
C TYR NA 137 78.04 22.35 -30.84
N LEU NA 138 75.99 25.33 -32.86
N LEU NA 138 77.73 21.21 -30.21
CA LEU NA 138 75.62 25.29 -31.45
CA LEU NA 138 77.51 21.20 -28.77
C LEU NA 138 76.86 25.39 -30.55
C LEU NA 138 78.77 21.55 -28.00
N ASN NA 139 77.89 24.59 -30.82
N ASN NA 139 79.88 20.86 -28.28
CA ASN NA 139 79.08 24.67 -30.00
CA ASN NA 139 81.12 21.13 -27.57
C ASN NA 139 79.83 25.98 -30.24
C ASN NA 139 81.72 22.48 -27.97
N GLU NA 140 79.81 26.48 -31.49
N GLU NA 140 81.54 22.89 -29.22
CA GLU NA 140 80.46 27.75 -31.78
CA GLU NA 140 82.05 24.19 -29.65
C GLU NA 140 79.81 28.89 -30.99
C GLU NA 140 81.35 25.32 -28.90
N GLN NA 141 78.48 28.85 -30.86
N GLN NA 141 80.05 25.12 -28.61
CA GLN NA 141 77.76 29.74 -29.96
CA GLN NA 141 79.31 26.10 -27.84
C GLN NA 141 78.31 29.65 -28.54
C GLN NA 141 79.79 26.17 -26.40
N VAL NA 142 78.30 28.44 -27.98
N VAL NA 142 80.09 25.01 -25.80
CA VAL NA 142 78.75 28.26 -26.60
CA VAL NA 142 80.61 24.96 -24.44
C VAL NA 142 80.15 28.83 -26.41
C VAL NA 142 81.99 25.59 -24.37
N LYS NA 143 81.06 28.52 -27.32
N LYS NA 143 82.85 25.29 -25.37
CA LYS NA 143 82.44 28.98 -27.17
CA LYS NA 143 84.21 25.85 -25.38
C LYS NA 143 82.50 30.51 -27.20
C LYS NA 143 84.18 27.36 -25.47
N ALA NA 144 81.81 31.13 -28.13
N ALA NA 144 83.27 27.90 -26.29
CA ALA NA 144 81.86 32.59 -28.24
CA ALA NA 144 83.17 29.35 -26.49
C ALA NA 144 81.30 33.24 -26.99
C ALA NA 144 82.59 30.03 -25.27
N ILE NA 145 80.19 32.71 -26.47
N ILE NA 145 81.53 29.46 -24.69
CA ILE NA 145 79.57 33.24 -25.27
CA ILE NA 145 80.98 29.99 -23.46
C ILE NA 145 80.51 33.15 -24.08
C ILE NA 145 82.05 30.04 -22.37
N LYS NA 146 81.14 31.97 -23.89
N LYS NA 146 82.87 28.97 -22.29
CA LYS NA 146 82.06 31.79 -22.77
CA LYS NA 146 83.91 28.91 -21.27
C LYS NA 146 83.28 32.70 -22.89
C LYS NA 146 84.99 29.98 -21.49
N GLU NA 147 83.79 32.88 -24.11
N GLU NA 147 85.42 30.18 -22.74
CA GLU NA 147 84.93 33.76 -24.30
CA GLU NA 147 86.47 31.16 -23.00
C GLU NA 147 84.58 35.22 -24.00
C GLU NA 147 85.98 32.59 -22.76
N LEU NA 148 83.48 35.70 -24.59
N LEU NA 148 84.71 32.87 -23.08
CA LEU NA 148 82.96 37.02 -24.24
CA LEU NA 148 84.17 34.20 -22.84
C LEU NA 148 82.77 37.15 -22.73
C LEU NA 148 84.02 34.48 -21.35
N GLY NA 149 82.24 36.11 -22.08
N GLY NA 149 83.53 33.50 -20.60
CA GLY NA 149 82.11 36.16 -20.64
CA GLY NA 149 83.54 33.62 -19.16
C GLY NA 149 83.44 36.37 -19.95
C GLY NA 149 84.93 33.91 -18.62
N ASP NA 150 84.45 35.60 -20.35
N ASP NA 150 85.92 33.09 -19.04
CA ASP NA 150 85.78 35.74 -19.79
CA ASP NA 150 87.34 33.36 -18.73
C ASP NA 150 86.30 37.17 -19.92
C ASP NA 150 87.71 34.81 -18.99
N HIS NA 151 86.19 37.74 -21.13
N HIS NA 151 87.35 35.33 -20.17
CA HIS NA 151 86.71 39.08 -21.38
CA HIS NA 151 87.72 36.70 -20.53
C HIS NA 151 86.04 40.11 -20.48
C HIS NA 151 86.99 37.70 -19.65
N VAL NA 152 84.71 40.05 -20.38
N VAL NA 152 85.71 37.48 -19.44
CA VAL NA 152 83.97 40.98 -19.53
CA VAL NA 152 84.94 38.38 -18.59
C VAL NA 152 84.43 40.86 -18.08
C VAL NA 152 85.51 38.39 -17.17
N THR NA 153 84.59 39.63 -17.60
N THR NA 153 85.93 37.22 -16.68
CA THR NA 153 85.08 39.41 -16.25
CA THR NA 153 86.54 37.16 -15.35
C THR NA 153 86.45 40.06 -16.05
C THR NA 153 87.84 37.97 -15.32
N ASN NA 154 87.37 39.82 -16.99
N ASN NA 154 88.69 37.79 -16.32
CA ASN NA 154 88.72 40.34 -16.83
CA ASN NA 154 89.98 38.49 -16.31
C ASN NA 154 88.74 41.86 -16.90
C ASN NA 154 89.78 40.00 -16.42
N LEU NA 155 87.99 42.46 -17.84
N LEU NA 155 88.91 40.44 -17.33
CA LEU NA 155 87.90 43.91 -17.90
CA LEU NA 155 88.66 41.87 -17.49
C LEU NA 155 87.34 44.50 -16.61
C LEU NA 155 88.16 42.48 -16.18
N ARG NA 156 86.33 43.85 -16.04
N ARG NA 156 87.23 41.80 -15.51
CA ARG NA 156 85.72 44.37 -14.81
CA ARG NA 156 86.72 42.30 -14.24
C ARG NA 156 86.69 44.25 -13.64
C ARG NA 156 87.83 42.46 -13.22
N LYS NA 157 87.35 43.10 -13.51
N LYS NA 157 88.64 41.40 -13.02
CA LYS NA 157 88.33 42.88 -12.45
CA LYS NA 157 89.68 41.47 -11.99
C LYS NA 157 89.49 43.86 -12.58
C LYS NA 157 90.65 42.59 -12.28
N MET NA 158 89.96 44.10 -13.80
N MET NA 158 91.00 42.78 -13.55
CA MET NA 158 91.05 45.04 -14.00
CA MET NA 158 91.94 43.83 -13.91
C MET NA 158 90.67 46.46 -13.60
C MET NA 158 91.38 45.23 -13.67
N GLY NA 159 89.38 46.79 -13.60
N GLY NA 159 90.08 45.37 -13.48
CA GLY NA 159 88.96 48.10 -13.15
CA GLY NA 159 89.47 46.65 -13.15
C GLY NA 159 88.23 48.94 -14.17
C GLY NA 159 88.64 47.28 -14.25
N ALA NA 160 87.92 48.34 -15.32
N ALA NA 160 88.30 46.54 -15.30
CA ALA NA 160 87.16 49.04 -16.33
CA ALA NA 160 87.49 47.08 -16.38
C ALA NA 160 85.73 49.32 -15.85
C ALA NA 160 86.04 47.30 -15.92
N PRO NA 161 85.07 50.34 -16.41
N PRO NA 161 85.27 48.16 -16.63
CA PRO NA 161 85.58 51.26 -17.43
CA PRO NA 161 85.66 48.94 -17.81
C PRO NA 161 86.21 52.53 -16.84
C PRO NA 161 86.15 50.34 -17.52
N GLU NA 162 86.18 52.66 -15.50
N GLU NA 162 86.09 50.77 -16.25
CA GLU NA 162 86.76 53.83 -14.85
CA GLU NA 162 86.35 52.16 -15.91
C GLU NA 162 88.28 53.90 -15.07
C GLU NA 162 87.80 52.54 -16.21
N SER NA 163 88.99 52.80 -14.76
N SER NA 163 88.73 51.59 -16.12
CA SER NA 163 90.43 52.70 -15.01
CA SER NA 163 90.14 51.84 -16.39
C SER NA 163 90.69 52.62 -16.51
C SER NA 163 90.45 51.36 -17.80
N GLY NA 164 91.28 53.68 -17.08
N GLY NA 164 90.75 52.32 -18.69
CA GLY NA 164 91.61 53.68 -18.50
CA GLY NA 164 91.27 51.96 -19.99
C GLY NA 164 92.86 52.87 -18.84
C GLY NA 164 92.55 51.15 -19.93
N LEU NA 165 93.71 52.63 -17.84
N LEU NA 165 93.33 51.28 -18.84
CA LEU NA 165 94.83 51.72 -18.04
CA LEU NA 165 94.57 50.53 -18.71
C LEU NA 165 94.36 50.28 -18.25
C LEU NA 165 94.33 49.04 -18.80
N ALA NA 166 93.25 49.89 -17.61
N ALA NA 166 93.29 48.54 -18.12
CA ALA NA 166 92.73 48.54 -17.76
CA ALA NA 166 93.00 47.11 -18.13
C ALA NA 166 92.44 48.20 -19.21
C ALA NA 166 92.60 46.62 -19.52
N GLU NA 167 91.73 49.10 -19.91
N GLU NA 167 91.73 47.37 -20.22
CA GLU NA 167 91.37 48.82 -21.30
CA GLU NA 167 91.32 46.93 -21.56
C GLU NA 167 92.60 48.74 -22.18
C GLU NA 167 92.51 46.89 -22.49
N TYR NA 168 93.56 49.66 -21.98
N TYR NA 168 93.35 47.93 -22.46
CA TYR NA 168 94.77 49.62 -22.76
CA TYR NA 168 94.53 47.98 -23.31
C TYR NA 168 95.52 48.31 -22.56
C TYR NA 168 95.43 46.78 -23.08
N LEU NA 169 95.63 47.85 -21.32
N LEU NA 169 95.79 46.53 -21.81
CA LEU NA 169 96.38 46.63 -21.05
CA LEU NA 169 96.71 45.44 -21.51
C LEU NA 169 95.65 45.40 -21.55
C LEU NA 169 96.07 44.08 -21.81
N PHE NA 170 94.33 45.38 -21.46
N PHE NA 170 94.76 43.96 -21.60
CA PHE NA 170 93.58 44.24 -22.00
CA PHE NA 170 94.08 42.73 -21.96
C PHE NA 170 93.75 44.15 -23.51
C PHE NA 170 94.10 42.53 -23.47
N ASP NA 171 93.63 45.29 -24.18
N ASP NA 171 93.84 43.61 -24.21
CA ASP NA 171 93.92 45.37 -25.60
CA ASP NA 171 93.92 43.56 -25.67
C ASP NA 171 95.25 44.71 -25.94
C ASP NA 171 95.30 43.12 -26.12
N LYS NA 172 96.31 44.99 -25.15
N LYS NA 172 96.36 43.60 -25.45
CA LYS NA 172 97.64 44.49 -25.52
CA LYS NA 172 97.71 43.21 -25.81
C LYS NA 172 97.81 43.02 -25.15
C LYS NA 172 98.03 41.79 -25.37
N HIS NA 173 97.48 42.64 -23.91
N HIS NA 173 97.82 41.48 -24.08
CA HIS NA 173 97.87 41.35 -23.38
CA HIS NA 173 98.44 40.29 -23.49
C HIS NA 173 96.84 40.25 -23.61
C HIS NA 173 97.58 39.02 -23.62
N THR NA 174 95.56 40.59 -23.70
N THR NA 174 96.26 39.13 -23.74
CA THR NA 174 94.56 39.60 -24.06
CA THR NA 174 95.43 37.95 -23.93
C THR NA 174 94.18 39.69 -25.53
C THR NA 174 94.94 37.80 -25.36
N LEU NA 175 93.65 40.82 -25.97
N LEU NA 175 94.33 38.84 -25.92
CA LEU NA 175 93.19 40.91 -27.35
CA LEU NA 175 93.80 38.78 -27.28
C LEU NA 175 94.34 40.94 -28.34
C LEU NA 175 94.88 39.03 -28.34
N GLY NA 176 95.53 41.32 -27.90
N GLY NA 176 96.02 39.60 -27.95
CA GLY NA 176 96.71 41.19 -28.73
CA GLY NA 176 97.12 39.78 -28.88
C GLY NA 176 97.43 39.89 -28.44
C GLY NA 176 98.15 38.68 -28.82
N ASP NA 177 97.30 38.93 -29.35
N ASP NA 177 97.81 37.51 -29.38
CA ASP NA 177 97.96 37.62 -29.24
CA ASP NA 177 98.73 36.36 -29.47
C ASP NA 177 97.88 37.03 -27.83
C ASP NA 177 99.24 35.90 -28.11
N SER OA 4 71.59 -16.61 -27.95
N SER OA 4 77.65 -20.05 -22.88
CA SER OA 4 72.84 -16.11 -27.39
CA SER OA 4 78.52 -19.43 -21.90
C SER OA 4 72.97 -14.61 -27.65
C SER OA 4 78.78 -17.96 -22.24
N THR OA 5 73.20 -13.85 -26.59
N THR OA 5 78.79 -17.11 -21.23
CA THR OA 5 73.22 -12.39 -26.68
CA THR OA 5 79.00 -15.69 -21.48
C THR OA 5 74.65 -11.88 -26.62
C THR OA 5 80.45 -15.45 -21.87
N SER OA 6 74.97 -10.92 -27.49
N SER OA 6 80.66 -14.41 -22.70
CA SER OA 6 76.33 -10.43 -27.55
CA SER OA 6 82.01 -13.95 -23.02
C SER OA 6 76.76 -9.92 -26.19
C SER OA 6 82.58 -13.11 -21.88
N GLN OA 7 78.04 -10.15 -25.86
N GLN OA 7 83.86 -13.37 -21.56
CA GLN OA 7 78.63 -9.55 -24.67
CA GLN OA 7 84.54 -12.66 -20.48
C GLN OA 7 78.75 -8.04 -24.80
C GLN OA 7 84.55 -11.15 -20.69
N VAL OA 8 78.73 -7.51 -26.02
N VAL OA 8 84.35 -10.69 -21.92
CA VAL OA 8 78.85 -6.07 -26.25
CA VAL OA 8 84.34 -9.26 -22.20
C VAL OA 8 77.51 -5.36 -26.41
C VAL OA 8 82.92 -8.70 -22.32
N ARG OA 9 76.40 -6.10 -26.57
N ARG OA 9 81.91 -9.55 -22.46
CA ARG OA 9 75.14 -5.47 -26.95
CA ARG OA 9 80.55 -9.05 -22.69
C ARG OA 9 74.60 -4.63 -25.82
C ARG OA 9 80.05 -8.25 -21.51
N GLN OA 10 74.11 -3.43 -26.17
N GLN OA 10 79.48 -7.08 -21.80
CA GLN OA 10 73.64 -2.49 -25.16
CA GLN OA 10 78.96 -6.22 -20.74
C GLN OA 10 72.82 -1.39 -25.82
C GLN OA 10 77.96 -5.26 -21.36
N ASN OA 11 71.55 -1.30 -25.44
N ASN OA 11 76.72 -5.31 -20.89
CA ASN OA 11 70.64 -0.27 -25.98
CA ASN OA 11 75.65 -4.44 -21.39
C ASN OA 11 70.48 -0.38 -27.50
C ASN OA 11 75.43 -4.62 -22.90
N TYR OA 12 70.46 -1.60 -28.02
N TYR OA 12 75.56 -5.85 -23.37
CA TYR OA 12 70.38 -1.85 -29.46
CA TYR OA 12 75.34 -6.17 -24.78
C TYR OA 12 69.10 -2.60 -29.77
C TYR OA 12 74.15 -7.10 -24.87
N HIS OA 13 68.08 -1.91 -30.27
N HIS OA 13 73.03 -6.60 -25.37
CA HIS OA 13 66.80 -2.56 -30.48
CA HIS OA 13 71.81 -7.39 -25.37
C HIS OA 13 66.86 -3.54 -31.65
C HIS OA 13 71.82 -8.40 -26.50
N GLN OA 14 66.09 -4.62 -31.55
N GLN OA 14 71.29 -9.59 -26.22
CA GLN OA 14 66.14 -5.62 -32.61
CA GLN OA 14 71.24 -10.62 -27.25
C GLN OA 14 65.54 -5.09 -33.90
C GLN OA 14 70.50 -10.15 -28.49
N ASP OA 15 64.62 -4.13 -33.82
N ASP OA 15 69.53 -9.24 -28.34
CA ASP OA 15 64.16 -3.45 -35.01
CA ASP OA 15 68.81 -8.73 -29.50
C ASP OA 15 65.28 -2.63 -35.63
C ASP OA 15 69.75 -7.94 -30.40
N SER OA 16 66.10 -2.00 -34.78
N SER OA 16 70.57 -7.06 -29.80
CA SER OA 16 67.27 -1.28 -35.27
CA SER OA 16 71.55 -6.29 -30.56
C SER OA 16 68.23 -2.24 -35.99
C SER OA 16 72.58 -7.20 -31.23
N GLU OA 17 68.53 -3.37 -35.35
N GLU OA 17 73.09 -8.20 -30.48
CA GLU OA 17 69.37 -4.38 -35.98
CA GLU OA 17 73.93 -9.23 -31.07
C GLU OA 17 68.83 -4.83 -37.33
C GLU OA 17 73.29 -9.79 -32.34
N ALA OA 18 67.50 -4.95 -37.45
N ALA OA 18 72.02 -10.20 -32.23
CA ALA OA 18 66.91 -5.44 -38.69
CA ALA OA 18 71.30 -10.69 -33.39
C ALA OA 18 66.91 -4.34 -39.75
C ALA OA 18 71.27 -9.65 -34.51
N ALA OA 19 66.64 -3.10 -39.33
N ALA OA 19 70.94 -8.40 -34.18
CA ALA OA 19 66.75 -1.96 -40.24
CA ALA OA 19 70.78 -7.37 -35.19
C ALA OA 19 68.15 -1.81 -40.81
C ALA OA 19 72.09 -7.05 -35.90
N ILE OA 20 69.18 -2.14 -40.03
N ILE OA 20 73.23 -7.22 -35.22
CA ILE OA 20 70.54 -2.01 -40.52
CA ILE OA 20 74.54 -6.98 -35.84
C ILE OA 20 70.80 -3.03 -41.64
C ILE OA 20 74.85 -8.09 -36.85
N ASN OA 21 70.40 -4.29 -41.42
N ASN OA 21 74.50 -9.34 -36.53
CA ASN OA 21 70.49 -5.30 -42.46
CA ASN OA 21 74.68 -10.40 -37.51
C ASN OA 21 69.77 -4.87 -43.74
C ASN OA 21 73.85 -10.14 -38.75
N ARG OA 22 68.56 -4.30 -43.61
N ARG OA 22 72.65 -9.59 -38.59
CA ARG OA 22 67.85 -3.82 -44.80
CA ARG OA 22 71.82 -9.24 -39.74
C ARG OA 22 68.64 -2.74 -45.51
C ARG OA 22 72.47 -8.16 -40.59
N GLN OA 23 69.24 -1.81 -44.74
N GLN OA 23 72.97 -7.11 -39.95
CA GLN OA 23 70.02 -0.73 -45.34
CA GLN OA 23 73.57 -6.00 -40.69
C GLN OA 23 71.29 -1.25 -45.97
C GLN OA 23 74.80 -6.46 -41.47
N ILE OA 24 71.91 -2.26 -45.38
N ILE OA 24 75.61 -7.35 -40.87
CA ILE OA 24 73.06 -2.89 -46.01
CA ILE OA 24 76.75 -7.93 -41.58
C ILE OA 24 72.70 -3.39 -47.41
C ILE OA 24 76.31 -8.53 -42.90
N ASN OA 25 71.58 -4.13 -47.53
N ASN OA 25 75.29 -9.39 -42.85
CA ASN OA 25 71.09 -4.56 -48.84
CA ASN OA 25 74.81 -10.06 -44.06
C ASN OA 25 70.83 -3.38 -49.77
C ASN OA 25 74.30 -9.05 -45.09
N LEU OA 26 70.29 -2.29 -49.24
N LEU OA 26 73.62 -8.02 -44.64
CA LEU OA 26 69.93 -1.15 -50.08
CA LEU OA 26 73.10 -7.04 -45.58
C LEU OA 26 71.17 -0.45 -50.60
C LEU OA 26 74.22 -6.13 -46.13
N GLU OA 27 72.18 -0.27 -49.74
N GLU OA 27 75.29 -5.92 -45.36
CA GLU OA 27 73.45 0.29 -50.19
CA GLU OA 27 76.44 -5.20 -45.94
C GLU OA 27 74.09 -0.60 -51.25
C GLU OA 27 77.13 -6.05 -47.01
N LEU OA 28 74.09 -1.92 -51.04
N LEU OA 28 77.38 -7.33 -46.71
CA LEU OA 28 74.69 -2.82 -52.01
CA LEU OA 28 77.95 -8.25 -47.70
C LEU OA 28 73.91 -2.82 -53.32
C LEU OA 28 77.07 -8.34 -48.95
N TYR OA 29 72.61 -2.61 -53.25
N TYR OA 29 75.75 -8.36 -48.77
CA TYR OA 29 71.81 -2.54 -54.46
CA TYR OA 29 74.81 -8.33 -49.88
C TYR OA 29 72.12 -1.26 -55.22
C TYR OA 29 74.99 -7.07 -50.73
N ALA OA 30 72.24 -0.14 -54.50
N ALA OA 30 75.07 -5.90 -50.07
CA ALA OA 30 72.65 1.12 -55.11
CA ALA OA 30 75.23 -4.66 -50.81
C ALA OA 30 74.02 0.98 -55.77
C ALA OA 30 76.51 -4.65 -51.64
N SER OA 31 74.96 0.29 -55.11
N SER OA 31 77.61 -5.12 -51.05
CA SER OA 31 76.25 0.04 -55.73
CA SER OA 31 78.85 -5.28 -51.82
C SER OA 31 76.07 -0.65 -57.07
C SER OA 31 78.69 -6.21 -53.02
N TYR OA 32 75.11 -1.57 -57.15
N TYR OA 32 77.85 -7.23 -52.89
CA TYR OA 32 74.94 -2.43 -58.32
CA TYR OA 32 77.61 -8.15 -54.00
C TYR OA 32 74.32 -1.65 -59.48
C TYR OA 32 76.83 -7.46 -55.12
N VAL OA 33 73.40 -0.75 -59.16
N VAL OA 33 75.77 -6.72 -54.76
CA VAL OA 33 72.80 0.13 -60.17
CA VAL OA 33 75.01 -5.96 -55.75
C VAL OA 33 73.87 1.01 -60.81
C VAL OA 33 75.94 -5.02 -56.51
N TYR OA 34 74.73 1.62 -59.98
N TYR OA 34 76.78 -4.28 -55.79
CA TYR OA 34 75.78 2.50 -60.50
CA TYR OA 34 77.70 -3.37 -56.45
C TYR OA 34 76.77 1.75 -61.38
C TYR OA 34 78.73 -4.12 -57.28
N LEU OA 35 77.19 0.56 -60.94
N LEU OA 35 79.15 -5.29 -56.83
CA LEU OA 35 78.01 -0.30 -61.78
CA LEU OA 35 80.04 -6.09 -57.67
C LEU OA 35 77.34 -0.50 -63.13
C LEU OA 35 79.36 -6.45 -58.98
N SER OA 36 76.06 -0.87 -63.11
N SER OA 36 78.07 -6.82 -58.91
CA SER OA 36 75.31 -1.04 -64.35
CA SER OA 36 77.31 -7.15 -60.11
C SER OA 36 75.36 0.24 -65.19
C SER OA 36 77.16 -5.95 -61.04
N MET OA 37 75.05 1.37 -64.57
N MET OA 37 76.91 -4.76 -60.47
CA MET OA 37 75.08 2.63 -65.32
CA MET OA 37 76.74 -3.57 -61.30
C MET OA 37 76.47 2.91 -65.89
C MET OA 37 78.03 -3.19 -62.01
N SER OA 38 77.53 2.58 -65.14
N SER OA 38 79.16 -3.31 -61.31
CA SER OA 38 78.89 2.92 -65.60
CA SER OA 38 80.44 -2.91 -61.89
C SER OA 38 79.22 2.21 -66.91
C SER OA 38 80.73 -3.67 -63.18
N TYR OA 39 78.99 0.90 -66.98
N TYR OA 39 80.61 -4.99 -63.14
CA TYR OA 39 79.40 0.17 -68.17
CA TYR OA 39 80.99 -5.80 -64.29
C TYR OA 39 78.42 0.30 -69.33
C TYR OA 39 79.91 -5.84 -65.36
N TYR OA 40 77.22 0.86 -69.07
N TYR OA 40 78.68 -5.42 -65.05
CA TYR OA 40 76.38 1.30 -70.19
CA TYR OA 40 77.75 -5.06 -66.12
C TYR OA 40 77.08 2.39 -70.99
C TYR OA 40 78.33 -3.96 -66.99
N PHE OA 41 77.64 3.39 -70.29
N PHE OA 41 78.83 -2.89 -66.38
CA PHE OA 41 78.36 4.46 -70.96
CA PHE OA 41 79.36 -1.78 -67.17
C PHE OA 41 79.73 4.03 -71.46
C PHE OA 41 80.71 -2.12 -67.79
N ASP OA 42 80.22 2.86 -71.03
N ASP OA 42 81.29 -3.26 -67.43
CA ASP OA 42 81.45 2.30 -71.58
CA ASP OA 42 82.51 -3.75 -68.07
C ASP OA 42 81.23 1.64 -72.93
C ASP OA 42 82.21 -4.53 -69.35
N ARG OA 43 79.98 1.29 -73.27
N ARG OA 43 80.94 -4.87 -69.61
CA ARG OA 43 79.67 0.66 -74.55
CA ARG OA 43 80.60 -5.63 -70.81
C ARG OA 43 80.12 1.51 -75.74
C ARG OA 43 80.99 -4.82 -72.05
N ASP OA 44 80.51 0.83 -76.82
N ASP OA 44 81.31 -5.54 -73.14
CA ASP OA 44 81.04 1.50 -77.99
CA ASP OA 44 81.71 -4.88 -74.37
C ASP OA 44 80.01 2.38 -78.68
C ASP OA 44 80.54 -4.16 -75.03
N ASP OA 45 78.73 2.13 -78.48
N ASP OA 45 79.32 -4.55 -74.70
CA ASP OA 45 77.67 2.93 -79.09
CA ASP OA 45 78.12 -3.93 -75.23
C ASP OA 45 77.10 3.95 -78.12
C ASP OA 45 77.54 -2.87 -74.29
N VAL OA 46 77.77 4.20 -77.00
N VAL OA 46 78.23 -2.50 -73.22
CA VAL OA 46 77.43 5.31 -76.12
CA VAL OA 46 77.86 -1.36 -72.36
C VAL OA 46 78.69 6.15 -75.92
C VAL OA 46 79.06 -0.41 -72.27
N ALA OA 47 79.73 5.54 -75.35
N ALA OA 47 80.21 -0.92 -71.83
CA ALA OA 47 81.10 6.05 -75.40
CA ALA OA 47 81.51 -0.26 -72.01
C ALA OA 47 81.25 7.42 -74.73
C ALA OA 47 81.56 1.15 -71.41
N LEU OA 48 80.66 7.56 -73.53
N LEU OA 48 81.22 1.25 -70.12
CA LEU OA 48 80.91 8.72 -72.69
CA LEU OA 48 81.32 2.51 -69.37
C LEU OA 48 81.74 8.25 -71.48
C LEU OA 48 82.32 2.29 -68.22
N LYS OA 49 83.05 8.33 -71.64
N LYS OA 49 83.59 2.54 -68.50
CA LYS OA 49 83.98 7.83 -70.64
CA LYS OA 49 84.65 2.20 -67.56
C LYS OA 49 83.82 8.50 -69.28
C LYS OA 49 84.49 2.91 -66.22
N ASN OA 50 83.54 9.80 -69.25
N ASN OA 50 84.02 4.16 -66.22
CA ASN OA 50 83.49 10.45 -67.96
CA ASN OA 50 83.93 4.92 -64.98
C ASN OA 50 82.16 10.19 -67.23
C ASN OA 50 82.69 4.59 -64.15
N PHE OA 51 81.07 10.03 -67.97
N PHE OA 51 81.58 4.19 -64.79
CA PHE OA 51 79.87 9.49 -67.33
CA PHE OA 51 80.51 3.53 -64.04
C PHE OA 51 80.15 8.13 -66.71
C PHE OA 51 81.02 2.22 -63.43
N ALA OA 52 80.90 7.30 -67.44
N ALA OA 52 81.78 1.45 -64.20
CA ALA OA 52 81.24 5.97 -66.94
CA ALA OA 52 82.38 0.23 -63.65
C ALA OA 52 82.09 6.05 -65.68
C ALA OA 52 83.26 0.56 -62.46
N LYS OA 53 83.09 6.94 -65.66
N LYS OA 53 84.19 1.50 -62.62
CA LYS OA 53 83.91 7.10 -64.47
CA LYS OA 53 85.07 1.91 -61.52
C LYS OA 53 83.08 7.66 -63.32
C LYS OA 53 84.29 2.35 -60.30
N TYR OA 54 82.21 8.62 -63.60
N TYR OA 54 83.20 3.09 -60.50
CA TYR OA 54 81.38 9.22 -62.55
CA TYR OA 54 82.48 3.69 -59.38
C TYR OA 54 80.54 8.16 -61.83
C TYR OA 54 81.79 2.63 -58.55
N PHE OA 55 79.88 7.28 -62.59
N PHE OA 55 81.17 1.65 -59.20
CA PHE OA 55 79.03 6.28 -61.95
CA PHE OA 55 80.46 0.63 -58.44
C PHE OA 55 79.84 5.15 -61.32
C PHE OA 55 81.43 -0.37 -57.78
N LEU OA 56 80.99 4.77 -61.89
N LEU OA 56 82.62 -0.57 -58.36
CA LEU OA 56 81.81 3.76 -61.25
CA LEU OA 56 83.59 -1.48 -57.73
C LEU OA 56 82.33 4.24 -59.90
C LEU OA 56 84.14 -0.88 -56.44
N HIS OA 57 82.65 5.54 -59.81
N HIS OA 57 84.40 0.43 -56.44
CA HIS OA 57 83.05 6.12 -58.53
CA HIS OA 57 84.72 1.16 -55.22
C HIS OA 57 81.89 6.07 -57.53
C HIS OA 57 83.65 0.95 -54.14
N GLN OA 58 80.70 6.46 -57.98
N GLN OA 58 82.38 1.21 -54.49
CA GLN OA 58 79.52 6.32 -57.12
CA GLN OA 58 81.30 1.01 -53.52
C GLN OA 58 79.33 4.86 -56.69
C GLN OA 58 81.32 -0.42 -52.98
N SER OA 59 79.51 3.92 -57.61
N SER OA 59 81.46 -1.39 -53.89
CA SER OA 59 79.38 2.50 -57.27
CA SER OA 59 81.55 -2.79 -53.48
C SER OA 59 80.27 2.14 -56.08
C SER OA 59 82.63 -2.98 -52.43
N HIS OA 60 81.56 2.49 -56.17
N HIS OA 60 83.85 -2.54 -52.72
CA HIS OA 60 82.48 2.04 -55.13
CA HIS OA 60 84.92 -2.69 -51.74
C HIS OA 60 82.22 2.73 -53.79
C HIS OA 60 84.59 -1.97 -50.43
N GLU OA 61 81.76 3.98 -53.82
N GLU OA 61 83.96 -0.80 -50.52
CA GLU OA 61 81.41 4.66 -52.59
CA GLU OA 61 83.54 -0.07 -49.32
C GLU OA 61 80.22 4.00 -51.90
C GLU OA 61 82.54 -0.88 -48.49
N GLU OA 62 79.17 3.68 -52.68
N GLU OA 62 81.51 -1.42 -49.16
CA GLU OA 62 78.05 2.94 -52.12
CA GLU OA 62 80.51 -2.22 -48.46
C GLU OA 62 78.52 1.64 -51.49
C GLU OA 62 81.16 -3.37 -47.71
N ARG OA 63 79.51 0.97 -52.09
N ARG OA 63 82.18 -3.99 -48.31
CA ARG OA 63 80.03 -0.25 -51.50
CA ARG OA 63 82.90 -5.07 -47.63
C ARG OA 63 80.66 0.03 -50.15
C ARG OA 63 83.64 -4.55 -46.40
N GLU OA 64 81.34 1.17 -50.02
N GLU OA 64 84.24 -3.35 -46.49
CA GLU OA 64 81.86 1.56 -48.71
CA GLU OA 64 84.80 -2.69 -45.31
C GLU OA 64 80.75 1.90 -47.74
C GLU OA 64 83.74 -2.50 -44.24
N HIS OA 65 79.63 2.46 -48.21
N HIS OA 65 82.54 -2.07 -44.64
CA HIS OA 65 78.49 2.75 -47.34
CA HIS OA 65 81.46 -1.88 -43.67
C HIS OA 65 77.94 1.49 -46.71
C HIS OA 65 81.18 -3.18 -42.92
N ALA OA 66 77.79 0.44 -47.52
N ALA OA 66 81.05 -4.28 -43.65
CA ALA OA 66 77.33 -0.84 -47.02
CA ALA OA 66 80.77 -5.58 -43.03
C ALA OA 66 78.33 -1.45 -46.06
C ALA OA 66 81.87 -6.01 -42.07
N GLU OA 67 79.63 -1.27 -46.32
N GLU OA 67 83.14 -5.82 -42.45
CA GLU OA 67 80.63 -1.87 -45.45
CA GLU OA 67 84.20 -6.32 -41.58
C GLU OA 67 80.68 -1.17 -44.10
C GLU OA 67 84.27 -5.54 -40.26
N LYS OA 68 80.51 0.16 -44.11
N LYS OA 68 83.88 -4.26 -40.27
CA LYS OA 68 80.46 0.90 -42.86
CA LYS OA 68 83.88 -3.45 -39.05
C LYS OA 68 79.28 0.48 -41.99
C LYS OA 68 82.78 -3.88 -38.08
N LEU OA 69 78.17 0.08 -42.62
N LEU OA 69 81.64 -4.32 -38.61
CA LEU OA 69 77.01 -0.40 -41.86
CA LEU OA 69 80.59 -4.87 -37.76
C LEU OA 69 77.26 -1.79 -41.30
C LEU OA 69 80.99 -6.24 -37.21
N MET OA 70 77.92 -2.66 -42.07
N MET OA 70 81.69 -7.03 -38.01
CA MET OA 70 78.26 -3.99 -41.56
CA MET OA 70 82.24 -8.28 -37.51
C MET OA 70 79.20 -3.91 -40.36
C MET OA 70 83.25 -8.04 -36.40
N LYS OA 71 80.11 -2.94 -40.37
N LYS OA 71 84.05 -6.96 -36.52
CA LYS OA 71 80.99 -2.71 -39.23
CA LYS OA 71 84.98 -6.60 -35.44
C LYS OA 71 80.20 -2.18 -38.04
C LYS OA 71 84.22 -6.13 -34.20
N LEU OA 72 79.26 -1.25 -38.30
N LEU OA 72 83.23 -5.27 -34.41
CA LEU OA 72 78.36 -0.79 -37.25
CA LEU OA 72 82.38 -4.83 -33.31
C LEU OA 72 77.59 -1.95 -36.64
C LEU OA 72 81.80 -6.02 -32.56
N GLN OA 73 76.97 -2.77 -37.49
N GLN OA 73 81.17 -6.95 -33.29
CA GLN OA 73 76.20 -3.92 -37.02
CA GLN OA 73 80.55 -8.11 -32.66
C GLN OA 73 76.99 -4.70 -35.98
C GLN OA 73 81.54 -8.81 -31.74
N ASN OA 74 78.24 -5.04 -36.31
N ASN OA 74 82.76 -9.05 -32.23
CA ASN OA 74 79.07 -5.80 -35.40
CA ASN OA 74 83.77 -9.72 -31.40
C ASN OA 74 79.44 -4.95 -34.19
C ASN OA 74 84.22 -8.82 -30.25
N GLN OA 75 79.66 -3.66 -34.41
N GLN OA 75 84.34 -7.51 -30.51
CA GLN OA 75 80.12 -2.81 -33.32
CA GLN OA 75 84.74 -6.57 -29.47
C GLN OA 75 79.13 -2.82 -32.17
C GLN OA 75 83.79 -6.64 -28.28
N ARG OA 76 77.84 -2.88 -32.49
N ARG OA 76 82.49 -6.65 -28.54
CA ARG OA 76 76.80 -2.86 -31.48
CA ARG OA 76 81.50 -6.67 -27.46
C ARG OA 76 76.37 -4.26 -31.05
C ARG OA 76 81.25 -8.07 -26.92
N GLY OA 77 76.88 -5.31 -31.69
N GLY OA 77 81.79 -9.12 -27.55
CA GLY OA 77 76.48 -6.65 -31.34
CA GLY OA 77 81.54 -10.47 -27.09
C GLY OA 77 75.35 -7.21 -32.18
C GLY OA 77 80.32 -11.16 -27.65
N GLY OA 78 74.88 -6.47 -33.19
N GLY OA 78 79.67 -10.58 -28.65
CA GLY OA 78 73.94 -7.04 -34.13
CA GLY OA 78 78.72 -11.34 -29.43
C GLY OA 78 74.58 -8.12 -34.99
C GLY OA 78 79.42 -12.32 -30.35
N ARG OA 79 73.74 -8.95 -35.57
N ARG OA 79 78.64 -13.25 -30.88
CA ARG OA 79 74.21 -10.04 -36.40
CA ARG OA 79 79.20 -14.33 -31.68
C ARG OA 79 73.85 -9.74 -37.85
C ARG OA 79 78.76 -14.18 -33.13
N ILE OA 80 74.84 -9.79 -38.74
N ILE OA 80 79.73 -14.18 -34.05
CA ILE OA 80 74.63 -9.46 -40.14
CA ILE OA 80 79.44 -13.95 -35.44
C ILE OA 80 73.90 -10.60 -40.82
C ILE OA 80 78.80 -15.20 -36.04
N PHE OA 81 72.84 -10.28 -41.55
N PHE OA 81 77.64 -15.04 -36.65
CA PHE OA 81 72.20 -11.24 -42.44
CA PHE OA 81 77.02 -16.12 -37.41
C PHE OA 81 72.01 -10.61 -43.81
C PHE OA 81 76.72 -15.59 -38.81
N LEU OA 82 72.74 -11.14 -44.78
N LEU OA 82 77.38 -16.19 -39.81
CA LEU OA 82 72.75 -10.60 -46.13
CA LEU OA 82 77.24 -15.78 -41.19
C LEU OA 82 71.70 -11.29 -47.00
C LEU OA 82 76.20 -16.63 -41.92
N GLN OA 83 71.13 -10.54 -47.93
N GLN OA 83 75.45 -15.99 -42.80
CA GLN OA 83 70.11 -11.05 -48.83
CA GLN OA 83 74.42 -16.66 -43.60
C GLN OA 83 70.60 -10.96 -50.27
C GLN OA 83 74.76 -16.51 -45.09
N ASP OA 84 69.84 -11.57 -51.18
N ASP OA 84 73.95 -17.19 -45.92
CA ASP OA 84 70.08 -11.39 -52.60
CA ASP OA 84 74.10 -17.10 -47.38
C ASP OA 84 70.21 -9.91 -52.91
C ASP OA 84 74.09 -15.65 -47.83
N ILE OA 85 71.11 -9.57 -53.82
N ILE OA 85 74.88 -15.34 -48.84
CA ILE OA 85 71.20 -8.22 -54.34
CA ILE OA 85 74.82 -14.04 -49.51
C ILE OA 85 70.47 -8.21 -55.67
C ILE OA 85 73.97 -14.25 -50.76
N GLN OA 86 69.43 -7.39 -55.78
N GLN OA 86 72.75 -13.72 -50.73
CA GLN OA 86 68.55 -7.47 -56.93
CA GLN OA 86 71.85 -13.92 -51.84
C GLN OA 86 69.17 -6.68 -58.06
C GLN OA 86 72.35 -13.14 -53.06
N LYS OA 87 69.03 -7.21 -59.27
N LYS OA 87 72.11 -13.70 -54.25
CA LYS OA 87 69.56 -6.53 -60.45
CA LYS OA 87 72.56 -13.02 -55.45
C LYS OA 87 68.75 -5.26 -60.72
C LYS OA 87 71.72 -11.77 -55.67
N PRO OA 88 69.37 -4.24 -61.29
N PRO OA 88 72.25 -10.78 -56.38
CA PRO OA 88 68.67 -2.95 -61.45
CA PRO OA 88 71.50 -9.55 -56.63
C PRO OA 88 67.47 -3.06 -62.39
C PRO OA 88 70.21 -9.81 -57.40
N ASP OA 89 66.59 -2.07 -62.29
N ASP OA 89 69.35 -8.80 -57.40
CA ASP OA 89 65.36 -2.06 -63.08
CA ASP OA 89 68.00 -8.96 -57.96
C ASP OA 89 65.57 -1.83 -64.58
C ASP OA 89 68.01 -8.98 -59.48
N GLU OA 90 66.76 -1.37 -65.00
N GLU OA 90 69.09 -8.53 -60.12
CA GLU OA 90 67.06 -1.22 -66.42
CA GLU OA 90 69.22 -8.52 -61.56
C GLU OA 90 68.35 -1.94 -66.76
C GLU OA 90 70.60 -9.05 -61.95
N ASP OA 91 68.44 -2.38 -68.03
N ASP OA 91 70.71 -9.51 -63.21
CA ASP OA 91 69.71 -2.79 -68.62
CA ASP OA 91 72.00 -9.76 -63.85
C ASP OA 91 70.31 -1.71 -69.48
C ASP OA 91 72.36 -8.72 -64.90
N ASP OA 92 69.45 -0.88 -70.07
N ASP OA 92 71.36 -8.06 -65.46
CA ASP OA 92 69.80 0.17 -71.01
CA ASP OA 92 71.51 -6.99 -66.46
C ASP OA 92 69.35 1.50 -70.40
C ASP OA 92 70.93 -5.76 -65.80
N TRP OA 93 70.31 2.35 -70.10
N TRP OA 93 71.74 -4.71 -65.65
CA TRP OA 93 70.08 3.60 -69.39
CA TRP OA 93 71.32 -3.53 -64.92
C TRP OA 93 69.83 4.79 -70.30
C TRP OA 93 70.81 -2.41 -65.82
N GLU OA 94 69.66 4.53 -71.61
N GLU OA 94 70.68 -2.69 -67.13
CA GLU OA 94 69.17 5.48 -72.60
CA GLU OA 94 69.92 -1.89 -68.09
C GLU OA 94 70.15 6.59 -72.91
C GLU OA 94 70.62 -0.62 -68.56
N SER OA 95 70.60 7.35 -71.91
N SER OA 95 71.10 0.22 -67.63
CA SER OA 95 71.37 8.56 -72.17
CA SER OA 95 71.69 1.49 -68.02
C SER OA 95 71.97 9.05 -70.86
C SER OA 95 72.40 2.11 -66.83
N GLY OA 96 72.84 10.06 -70.98
N GLY OA 96 73.10 3.22 -67.10
CA GLY OA 96 73.40 10.68 -69.80
CA GLY OA 96 73.74 3.96 -66.02
C GLY OA 96 72.34 11.36 -68.95
C GLY OA 96 72.74 4.52 -65.03
N LEU OA 97 71.42 12.09 -69.58
N LEU OA 97 71.69 5.17 -65.55
CA LEU OA 97 70.41 12.80 -68.81
CA LEU OA 97 70.66 5.76 -64.69
C LEU OA 97 69.47 11.83 -68.10
C LEU OA 97 69.95 4.69 -63.85
N ASN OA 98 69.12 10.73 -68.76
N ASN OA 98 69.48 3.62 -64.48
CA ASN OA 98 68.20 9.78 -68.14
CA ASN OA 98 68.78 2.57 -63.73
C ASN OA 98 68.85 8.96 -67.04
C ASN OA 98 69.67 2.00 -62.64
N ALA OA 99 70.13 8.64 -67.18
N ALA OA 99 70.95 1.76 -62.93
CA ALA OA 99 70.86 7.97 -66.10
CA ALA OA 99 71.86 1.27 -61.90
C ALA OA 99 71.00 8.89 -64.89
C ALA OA 99 71.93 2.25 -60.74
N MET OA 100 71.24 10.19 -65.11
N MET OA 100 72.04 3.54 -61.05
CA MET OA 100 71.29 11.13 -64.00
CA MET OA 100 72.08 4.55 -60.00
C MET OA 100 69.94 11.23 -63.31
C MET OA 100 70.76 4.59 -59.22
N GLU OA 101 68.85 11.28 -64.10
N GLU OA 101 69.62 4.42 -59.92
CA GLU OA 101 67.50 11.29 -63.55
CA GLU OA 101 68.33 4.38 -59.23
C GLU OA 101 67.28 10.06 -62.67
C GLU OA 101 68.27 3.18 -58.29
N ALA OA 102 67.61 8.87 -63.20
N ALA OA 102 68.67 2.00 -58.79
CA ALA OA 102 67.46 7.63 -62.46
CA ALA OA 102 68.74 0.82 -57.95
C ALA OA 102 68.28 7.64 -61.18
C ALA OA 102 69.72 1.00 -56.79
N ALA OA 103 69.52 8.12 -61.25
N ALA OA 103 70.86 1.64 -57.05
CA ALA OA 103 70.36 8.20 -60.06
CA ALA OA 103 71.83 1.89 -55.99
C ALA OA 103 69.74 9.13 -59.01
C ALA OA 103 71.26 2.83 -54.92
N LEU OA 104 69.24 10.29 -59.43
N LEU OA 104 70.54 3.86 -55.35
CA LEU OA 104 68.58 11.22 -58.52
CA LEU OA 104 69.85 4.73 -54.40
C LEU OA 104 67.47 10.52 -57.74
C LEU OA 104 68.83 3.94 -53.57
N HIS OA 105 66.49 9.94 -58.46
N HIS OA 105 68.01 3.10 -54.23
CA HIS OA 105 65.41 9.19 -57.83
CA HIS OA 105 67.04 2.31 -53.49
C HIS OA 105 65.96 8.11 -56.88
C HIS OA 105 67.71 1.43 -52.45
N LEU OA 106 67.04 7.43 -57.27
N LEU OA 106 68.85 0.82 -52.81
CA LEU OA 106 67.63 6.41 -56.41
CA LEU OA 106 69.55 -0.09 -51.90
C LEU OA 106 68.15 7.01 -55.12
C LEU OA 106 70.04 0.65 -50.65
N GLU OA 107 68.88 8.13 -55.23
N GLU OA 107 70.69 1.80 -50.84
CA GLU OA 107 69.44 8.77 -54.05
CA GLU OA 107 71.26 2.54 -49.72
C GLU OA 107 68.36 9.27 -53.10
C GLU OA 107 70.20 3.04 -48.75
N LYS OA 108 67.22 9.74 -53.63
N LYS OA 108 69.06 3.50 -49.28
CA LYS OA 108 66.14 10.17 -52.76
CA LYS OA 108 67.96 3.87 -48.40
C LYS OA 108 65.43 8.97 -52.11
C LYS OA 108 67.47 2.66 -47.61
N ASN OA 109 65.21 7.91 -52.89
N ASN OA 109 67.35 1.50 -48.27
CA ASN OA 109 64.74 6.66 -52.31
CA ASN OA 109 67.05 0.28 -47.53
C ASN OA 109 65.68 6.17 -51.21
C ASN OA 109 68.16 -0.05 -46.52
N VAL OA 110 66.99 6.21 -51.46
N VAL OA 110 69.43 0.13 -46.90
CA VAL OA 110 67.93 5.76 -50.43
CA VAL OA 110 70.51 -0.10 -45.93
C VAL OA 110 67.88 6.68 -49.21
C VAL OA 110 70.41 0.90 -44.79
N ASN OA 111 67.70 7.98 -49.43
N ASN OA 111 70.13 2.17 -45.11
CA ASN OA 111 67.64 8.92 -48.32
CA ASN OA 111 69.98 3.20 -44.09
C ASN OA 111 66.37 8.73 -47.47
C ASN OA 111 68.88 2.84 -43.10
N GLN OA 112 65.25 8.36 -48.10
N GLN OA 112 67.72 2.39 -43.61
CA GLN OA 112 64.04 8.13 -47.31
CA GLN OA 112 66.61 2.08 -42.73
C GLN OA 112 64.23 6.95 -46.36
C GLN OA 112 66.98 0.95 -41.78
N SER OA 113 64.87 5.88 -46.83
N SER OA 113 67.61 -0.11 -42.32
CA SER OA 113 65.14 4.75 -45.97
CA SER OA 113 68.13 -1.16 -41.46
C SER OA 113 66.06 5.13 -44.82
C SER OA 113 69.00 -0.60 -40.34
N LEU OA 114 66.97 6.08 -45.04
N LEU OA 114 69.90 0.33 -40.68
CA LEU OA 114 67.89 6.53 -44.00
CA LEU OA 114 70.83 0.88 -39.69
C LEU OA 114 67.19 7.45 -43.00
C LEU OA 114 70.12 1.79 -38.69
N LEU OA 115 66.36 8.36 -43.50
N LEU OA 115 69.06 2.47 -39.13
CA LEU OA 115 65.48 9.14 -42.64
CA LEU OA 115 68.29 3.28 -38.19
C LEU OA 115 64.64 8.24 -41.76
C LEU OA 115 67.56 2.41 -37.18
N GLU OA 116 63.98 7.23 -42.37
N GLU OA 116 67.12 1.21 -37.61
CA GLU OA 116 63.19 6.29 -41.57
CA GLU OA 116 66.49 0.29 -36.67
C GLU OA 116 64.07 5.51 -40.61
C GLU OA 116 67.50 -0.35 -35.74
N LEU OA 117 65.34 5.29 -40.97
N LEU OA 117 68.74 -0.56 -36.21
CA LEU OA 117 66.28 4.65 -40.05
CA LEU OA 117 69.81 -0.95 -35.29
C LEU OA 117 66.61 5.58 -38.89
C LEU OA 117 70.05 0.13 -34.24
N HIS OA 118 66.88 6.86 -39.18
N HIS OA 118 70.03 1.40 -34.63
CA HIS OA 118 67.14 7.82 -38.12
CA HIS OA 118 70.28 2.46 -33.66
C HIS OA 118 65.92 7.98 -37.20
C HIS OA 118 69.13 2.61 -32.66
N LYS OA 119 64.71 7.99 -37.78
N LYS OA 119 67.90 2.60 -33.16
CA LYS OA 119 63.50 8.05 -36.96
CA LYS OA 119 66.75 2.58 -32.25
C LYS OA 119 63.41 6.84 -36.04
C LYS OA 119 66.90 1.44 -31.24
N LEU OA 120 63.66 5.65 -36.60
N LEU OA 120 67.29 0.27 -31.72
CA LEU OA 120 63.63 4.44 -35.78
CA LEU OA 120 67.40 -0.86 -30.80
C LEU OA 120 64.58 4.57 -34.60
C LEU OA 120 68.51 -0.63 -29.79
N ALA OA 121 65.83 5.02 -34.84
N ALA OA 121 69.66 -0.14 -30.24
CA ALA OA 121 66.82 5.11 -33.78
CA ALA OA 121 70.75 0.17 -29.32
C ALA OA 121 66.38 6.09 -32.70
C ALA OA 121 70.31 1.15 -28.23
N HIS OA 122 65.89 7.26 -33.11
N HIS OA 122 69.68 2.25 -28.64
CA HIS OA 122 65.40 8.23 -32.13
CA HIS OA 122 69.19 3.23 -27.67
C HIS OA 122 64.23 7.66 -31.34
C HIS OA 122 68.13 2.61 -26.77
N ASP OA 123 63.35 6.89 -32.00
N ASP OA 123 67.26 1.75 -27.32
CA ASP OA 123 62.18 6.31 -31.33
CA ASP OA 123 66.19 1.19 -26.47
C ASP OA 123 62.58 5.31 -30.28
C ASP OA 123 66.74 0.24 -25.40
N LYS OA 124 63.62 4.53 -30.54
N LYS OA 124 67.76 -0.56 -25.74
CA LYS OA 124 64.10 3.53 -29.61
CA LYS OA 124 68.39 -1.42 -24.72
C LYS OA 124 65.15 4.09 -28.68
C LYS OA 124 69.45 -0.68 -23.90
N ASN OA 125 65.23 5.41 -28.56
N ASN OA 125 69.48 0.65 -23.96
CA ASN OA 125 66.14 6.08 -27.63
CA ASN OA 125 70.43 1.48 -23.21
C ASN OA 125 67.58 5.58 -27.80
C ASN OA 125 71.86 0.99 -23.42
N ASP OA 126 67.99 5.49 -29.08
N ASP OA 126 72.29 1.02 -24.68
CA ASP OA 126 69.29 4.96 -29.47
CA ASP OA 126 73.65 0.64 -25.10
C ASP OA 126 70.10 6.12 -30.03
C ASP OA 126 74.25 1.84 -25.84
N PRO OA 127 70.67 6.97 -29.15
N PRO OA 127 74.75 2.83 -25.11
CA PRO OA 127 71.33 8.18 -29.64
CA PRO OA 127 75.31 4.01 -25.76
C PRO OA 127 72.64 7.91 -30.37
C PRO OA 127 76.62 3.76 -26.48
N HIS OA 128 73.32 6.79 -30.07
N HIS OA 128 77.28 2.62 -26.28
CA HIS OA 128 74.49 6.42 -30.85
CA HIS OA 128 78.47 2.33 -27.07
C HIS OA 128 74.12 6.18 -32.31
C HIS OA 128 78.09 1.91 -28.48
N LEU OA 129 73.17 5.27 -32.55
N LEU OA 129 77.14 0.98 -28.59
CA LEU OA 129 72.76 4.98 -33.93
CA LEU OA 129 76.62 0.59 -29.89
C LEU OA 129 72.32 6.25 -34.64
C LEU OA 129 75.99 1.77 -30.61
N ALA OA 130 71.50 7.06 -33.98
N ALA OA 130 75.19 2.57 -29.90
CA ALA OA 130 70.99 8.29 -34.59
CA ALA OA 130 74.50 3.68 -30.55
C ALA OA 130 72.12 9.19 -35.03
C ALA OA 130 75.48 4.68 -31.14
N ASP OA 131 73.12 9.42 -34.16
N ASP OA 131 76.56 4.99 -30.42
CA ASP OA 131 74.21 10.29 -34.54
CA ASP OA 131 77.56 5.89 -30.99
C ASP OA 131 75.11 9.63 -35.59
C ASP OA 131 78.37 5.21 -32.08
N PHE OA 132 75.24 8.30 -35.53
N PHE OA 132 78.63 3.91 -31.95
CA PHE OA 132 75.97 7.57 -36.57
CA PHE OA 132 79.36 3.19 -33.00
C PHE OA 132 75.42 7.86 -37.96
C PHE OA 132 78.64 3.35 -34.34
N ILE OA 133 74.08 7.85 -38.12
N ILE OA 133 77.32 3.18 -34.34
CA ILE OA 133 73.48 8.18 -39.40
CA ILE OA 133 76.50 3.34 -35.52
C ILE OA 133 73.67 9.65 -39.71
C ILE OA 133 76.50 4.79 -35.97
N GLU OA 134 73.45 10.52 -38.72
N GLU OA 134 76.23 5.71 -35.04
CA GLU OA 134 73.66 11.96 -38.89
CA GLU OA 134 76.29 7.14 -35.34
C GLU OA 134 75.04 12.26 -39.45
C GLU OA 134 77.60 7.50 -36.03
N THR OA 135 76.07 11.71 -38.82
N THR OA 135 78.73 7.12 -35.43
CA THR OA 135 77.45 12.04 -39.17
CA THR OA 135 80.01 7.66 -35.87
C THR OA 135 77.86 11.47 -40.52
C THR OA 135 80.45 7.04 -37.19
N HIS OA 136 77.48 10.23 -40.80
N HIS OA 136 80.25 5.73 -37.35
CA HIS OA 136 78.04 9.55 -41.96
CA HIS OA 136 80.82 4.99 -38.47
C HIS OA 136 77.13 9.54 -43.17
C HIS OA 136 79.85 4.69 -39.60
N TYR OA 137 75.84 9.71 -42.99
N TYR OA 137 78.54 4.88 -39.42
CA TYR OA 137 74.95 9.45 -44.10
CA TYR OA 137 77.62 4.50 -40.50
C TYR OA 137 74.09 10.63 -44.48
C TYR OA 137 76.58 5.57 -40.86
N LEU OA 138 73.53 11.36 -43.51
N LEU OA 138 76.09 6.35 -39.88
CA LEU OA 138 72.47 12.31 -43.83
CA LEU OA 138 74.88 7.12 -40.13
C LEU OA 138 73.00 13.42 -44.72
C LEU OA 138 75.13 8.26 -41.12
N ASN OA 139 74.07 14.10 -44.29
N ASN OA 139 76.20 9.03 -40.94
CA ASN OA 139 74.57 15.21 -45.09
CA ASN OA 139 76.45 10.12 -41.89
C ASN OA 139 75.12 14.75 -46.43
C ASN OA 139 77.09 9.61 -43.18
N GLU OA 140 75.72 13.55 -46.47
N GLU OA 140 77.75 8.45 -43.14
CA GLU OA 140 76.24 13.02 -47.74
CA GLU OA 140 78.22 7.84 -44.37
C GLU OA 140 75.12 12.66 -48.70
C GLU OA 140 77.06 7.45 -45.27
N GLN OA 141 73.94 12.26 -48.19
N GLN OA 141 75.97 6.95 -44.66
CA GLN OA 141 72.76 12.14 -49.05
CA GLN OA 141 74.77 6.63 -45.42
C GLN OA 141 72.36 13.48 -49.64
C GLN OA 141 74.13 7.88 -46.02
N VAL OA 142 72.31 14.53 -48.81
N VAL OA 142 74.03 8.95 -45.24
CA VAL OA 142 71.86 15.83 -49.31
CA VAL OA 142 73.38 10.16 -45.74
C VAL OA 142 72.84 16.37 -50.35
C VAL OA 142 74.19 10.74 -46.91
N LYS OA 143 74.14 16.16 -50.13
N LYS OA 143 75.52 10.72 -46.80
CA LYS OA 143 75.11 16.67 -51.08
CA LYS OA 143 76.37 11.13 -47.92
C LYS OA 143 75.00 15.94 -52.42
C LYS OA 143 76.20 10.22 -49.14
N ALA OA 144 74.81 14.62 -52.38
N ALA OA 144 76.15 8.91 -48.95
CA ALA OA 144 74.68 13.87 -53.62
CA ALA OA 144 76.01 8.04 -50.11
C ALA OA 144 73.39 14.23 -54.36
C ALA OA 144 74.69 8.34 -50.82
N ILE OA 145 72.30 14.46 -53.63
N ILE OA 145 73.60 8.44 -50.05
CA ILE OA 145 71.04 14.81 -54.28
CA ILE OA 145 72.28 8.72 -50.60
C ILE OA 145 71.11 16.22 -54.87
C ILE OA 145 72.24 10.08 -51.28
N LYS OA 146 71.83 17.13 -54.22
N LYS OA 146 72.92 11.08 -50.69
CA LYS OA 146 71.97 18.48 -54.78
CA LYS OA 146 72.94 12.39 -51.32
C LYS OA 146 72.83 18.45 -56.03
C LYS OA 146 73.64 12.35 -52.67
N GLU OA 147 73.94 17.72 -56.00
N GLU OA 147 74.83 11.73 -52.71
CA GLU OA 147 74.81 17.69 -57.17
CA GLU OA 147 75.60 11.65 -53.95
C GLU OA 147 74.16 16.93 -58.32
C GLU OA 147 74.88 10.84 -55.02
N LEU OA 148 73.36 15.89 -58.03
N LEU OA 148 74.15 9.79 -54.64
CA LEU OA 148 72.64 15.23 -59.11
CA LEU OA 148 73.38 9.06 -55.65
C LEU OA 148 71.61 16.16 -59.73
C LEU OA 148 72.21 9.89 -56.17
N GLY OA 149 70.91 16.92 -58.89
N GLY OA 149 71.52 10.61 -55.29
CA GLY OA 149 70.01 17.92 -59.42
CA GLY OA 149 70.46 11.50 -55.76
C GLY OA 149 70.73 18.95 -60.26
C GLY OA 149 70.98 12.53 -56.75
N ASP OA 150 71.93 19.35 -59.84
N ASP OA 150 72.11 13.16 -56.42
CA ASP OA 150 72.71 20.30 -60.63
CA ASP OA 150 72.75 14.10 -57.33
C ASP OA 150 73.02 19.73 -62.01
C ASP OA 150 73.07 13.46 -58.68
N HIS OA 151 73.49 18.48 -62.06
N HIS OA 151 73.58 12.22 -58.65
CA HIS OA 151 73.80 17.87 -63.34
CA HIS OA 151 73.92 11.52 -59.89
C HIS OA 151 72.55 17.77 -64.20
C HIS OA 151 72.67 11.22 -60.71
N VAL OA 152 71.43 17.36 -63.61
N VAL OA 152 71.61 10.77 -60.05
CA VAL OA 152 70.18 17.28 -64.35
CA VAL OA 152 70.34 10.51 -60.72
C VAL OA 152 69.82 18.64 -64.92
C VAL OA 152 69.79 11.80 -61.34
N THR OA 153 69.91 19.68 -64.09
N THR OA 153 69.80 12.89 -60.56
CA THR OA 153 69.58 21.03 -64.55
CA THR OA 153 69.29 14.16 -61.09
C THR OA 153 70.44 21.42 -65.75
C THR OA 153 70.04 14.57 -62.36
N ASN OA 154 71.74 21.16 -65.65
N ASN OA 154 71.38 14.53 -62.32
CA ASN OA 154 72.65 21.61 -66.70
CA ASN OA 154 72.16 14.95 -63.48
C ASN OA 154 72.47 20.81 -67.98
C ASN OA 154 71.92 14.05 -64.68
N LEU OA 155 72.29 19.50 -67.86
N LEU OA 155 71.96 12.72 -64.46
CA LEU OA 155 72.08 18.67 -69.05
CA LEU OA 155 71.73 11.81 -65.59
C LEU OA 155 70.81 19.08 -69.78
C LEU OA 155 70.37 12.06 -66.22
N ARG OA 156 69.75 19.39 -69.04
N ARG OA 156 69.38 12.39 -65.41
CA ARG OA 156 68.51 19.85 -69.67
CA ARG OA 156 68.06 12.74 -65.93
C ARG OA 156 68.72 21.18 -70.38
C ARG OA 156 68.12 14.02 -66.75
N LYS OA 157 69.31 22.16 -69.68
N LYS OA 157 68.66 15.09 -66.17
CA LYS OA 157 69.44 23.49 -70.27
CA LYS OA 157 68.65 16.37 -66.84
C LYS OA 157 70.34 23.48 -71.50
C LYS OA 157 69.42 16.30 -68.16
N MET OA 158 71.27 22.52 -71.58
N MET OA 158 70.48 15.49 -68.21
CA MET OA 158 72.15 22.38 -72.74
CA MET OA 158 71.19 15.29 -69.46
C MET OA 158 71.44 21.77 -73.95
C MET OA 158 70.39 14.44 -70.44
N GLY OA 159 70.29 21.16 -73.75
N GLY OA 159 69.31 13.80 -70.01
CA GLY OA 159 69.54 20.57 -74.85
CA GLY OA 159 68.48 13.01 -70.89
C GLY OA 159 69.46 19.06 -74.87
C GLY OA 159 68.74 11.52 -70.94
N ALA OA 160 69.96 18.39 -73.84
N ALA OA 160 69.38 10.95 -69.92
CA ALA OA 160 69.83 16.94 -73.78
CA ALA OA 160 69.46 9.51 -69.80
C ALA OA 160 68.35 16.55 -73.66
C ALA OA 160 68.07 8.93 -69.50
N PRO OA 161 67.99 15.32 -74.08
N PRO OA 161 67.80 7.67 -69.89
CA PRO OA 161 68.86 14.30 -74.65
CA PRO OA 161 68.76 6.76 -70.55
C PRO OA 161 68.96 14.31 -76.18
C PRO OA 161 68.49 6.64 -72.05
N GLU OA 162 68.07 15.07 -76.85
N GLU OA 162 67.59 7.47 -72.57
CA GLU OA 162 68.03 15.05 -78.30
CA GLU OA 162 67.36 7.61 -74.01
C GLU OA 162 69.32 15.57 -78.91
C GLU OA 162 68.66 7.99 -74.71
N SER OA 163 69.98 16.53 -78.25
N SER OA 163 69.08 9.25 -74.54
CA SER OA 163 71.25 17.07 -78.72
CA SER OA 163 70.30 9.78 -75.12
C SER OA 163 72.37 16.20 -78.19
C SER OA 163 71.50 8.97 -74.62
N GLY OA 164 72.96 15.38 -79.06
N GLY OA 164 72.08 8.14 -75.50
CA GLY OA 164 74.12 14.59 -78.65
CA GLY OA 164 73.31 7.46 -75.13
C GLY OA 164 75.34 15.42 -78.36
C GLY OA 164 74.50 8.39 -75.03
N LEU OA 165 75.43 16.63 -78.93
N LEU OA 165 74.34 9.63 -75.50
CA LEU OA 165 76.49 17.55 -78.55
CA LEU OA 165 75.34 10.65 -75.28
C LEU OA 165 76.37 17.99 -77.09
C LEU OA 165 75.43 11.03 -73.82
N ALA OA 166 75.14 18.05 -76.56
N ALA OA 166 74.27 11.15 -73.15
CA ALA OA 166 74.93 18.39 -75.16
CA ALA OA 166 74.23 11.62 -71.77
C ALA OA 166 75.69 17.43 -74.25
C ALA OA 166 75.03 10.72 -70.85
N GLU OA 167 75.43 16.12 -74.40
N GLU OA 167 74.86 9.40 -70.98
CA GLU OA 167 76.06 15.12 -73.55
CA GLU OA 167 75.59 8.49 -70.12
C GLU OA 167 77.58 15.12 -73.71
C GLU OA 167 77.08 8.46 -70.45
N TYR OA 168 78.06 15.19 -74.94
N TYR OA 168 77.43 8.60 -71.73
CA TYR OA 168 79.51 15.19 -75.18
CA TYR OA 168 78.82 8.71 -72.12
C TYR OA 168 80.19 16.32 -74.41
C TYR OA 168 79.48 9.90 -71.45
N LEU OA 169 79.70 17.55 -74.54
N LEU OA 169 78.88 11.09 -71.60
CA LEU OA 169 80.33 18.68 -73.87
CA LEU OA 169 79.46 12.31 -71.05
C LEU OA 169 80.19 18.58 -72.36
C LEU OA 169 79.52 12.28 -69.53
N PHE OA 170 79.05 18.09 -71.88
N PHE OA 170 78.48 11.77 -68.89
CA PHE OA 170 78.87 17.91 -70.44
CA PHE OA 170 78.46 11.72 -67.43
C PHE OA 170 79.85 16.89 -69.90
C PHE OA 170 79.55 10.79 -66.92
N ASP OA 171 80.00 15.76 -70.60
N ASP OA 171 79.68 9.61 -67.54
CA ASP OA 171 80.98 14.75 -70.23
CA ASP OA 171 80.80 8.71 -67.26
C ASP OA 171 82.39 15.32 -70.12
C ASP OA 171 82.13 9.44 -67.37
N LYS OA 172 82.79 16.16 -71.06
N LYS OA 172 82.25 10.35 -68.35
CA LYS OA 172 84.15 16.71 -71.07
CA LYS OA 172 83.51 11.06 -68.54
C LYS OA 172 84.32 17.90 -70.13
C LYS OA 172 83.67 12.24 -67.57
N HIS OA 173 83.29 18.73 -69.95
N HIS OA 173 82.67 13.12 -67.49
CA HIS OA 173 83.48 19.97 -69.21
CA HIS OA 173 82.86 14.40 -66.81
C HIS OA 173 82.99 19.88 -67.77
C HIS OA 173 82.54 14.35 -65.31
N THR OA 174 81.99 19.07 -67.48
N THR OA 174 81.72 13.40 -64.87
CA THR OA 174 81.54 18.92 -66.10
CA THR OA 174 81.42 13.27 -63.46
C THR OA 174 82.07 17.64 -65.48
C THR OA 174 82.15 12.10 -62.81
N LEU OA 175 81.89 16.48 -66.14
N LEU OA 175 81.97 10.88 -63.33
CA LEU OA 175 82.38 15.25 -65.53
CA LEU OA 175 82.57 9.71 -62.69
C LEU OA 175 83.88 15.00 -65.78
C LEU OA 175 84.06 9.57 -62.97
N GLY OA 176 84.50 15.67 -66.74
N GLY OA 176 84.55 10.13 -64.07
CA GLY OA 176 85.86 15.32 -67.11
CA GLY OA 176 85.96 10.07 -64.39
C GLY OA 176 86.95 16.19 -66.54
C GLY OA 176 86.67 11.31 -63.91
N ASP OA 177 87.12 16.16 -65.22
N ASP OA 177 86.65 11.55 -62.60
CA ASP OA 177 88.07 17.04 -64.52
CA ASP OA 177 87.25 12.74 -61.96
C ASP OA 177 87.89 18.51 -64.90
C ASP OA 177 86.71 14.06 -62.53
N SER PA 4 74.02 33.05 -7.25
N SER PA 4 77.47 31.43 -5.10
CA SER PA 4 73.81 33.90 -8.41
CA SER PA 4 76.88 31.89 -6.36
C SER PA 4 73.80 33.04 -9.68
C SER PA 4 77.05 30.86 -7.46
N THR PA 5 73.48 33.66 -10.81
N THR PA 5 76.23 30.98 -8.51
CA THR PA 5 73.52 32.97 -12.09
CA THR PA 5 76.25 30.10 -9.66
C THR PA 5 74.73 33.45 -12.90
C THR PA 5 77.27 30.57 -10.70
N SER PA 6 75.33 32.52 -13.63
N SER PA 6 77.83 29.61 -11.42
CA SER PA 6 76.39 32.87 -14.57
CA SER PA 6 78.80 29.92 -12.47
C SER PA 6 75.85 33.79 -15.65
C SER PA 6 78.15 30.69 -13.61
N GLN PA 7 76.68 34.73 -16.08
N GLN PA 7 78.90 31.65 -14.15
CA GLN PA 7 76.37 35.58 -17.23
CA GLN PA 7 78.42 32.44 -15.29
C GLN PA 7 76.30 34.79 -18.52
C GLN PA 7 78.34 31.60 -16.55
N VAL PA 8 76.97 33.63 -18.59
N VAL PA 8 79.03 30.46 -16.61
CA VAL PA 8 76.99 32.84 -19.82
CA VAL PA 8 79.01 29.62 -17.80
C VAL PA 8 75.89 31.79 -19.86
C VAL PA 8 78.04 28.45 -17.67
N ARG PA 9 75.26 31.48 -18.73
N ARG PA 9 77.45 28.22 -16.50
CA ARG PA 9 74.32 30.37 -18.64
CA ARG PA 9 76.64 27.02 -16.30
C ARG PA 9 73.09 30.64 -19.50
C ARG PA 9 75.39 27.05 -17.18
N GLN PA 10 72.77 29.69 -20.38
N GLN PA 10 75.13 25.94 -17.85
CA GLN PA 10 71.63 29.80 -21.29
CA GLN PA 10 73.98 25.83 -18.73
C GLN PA 10 71.16 28.41 -21.66
C GLN PA 10 73.63 24.37 -18.91
N ASN PA 11 69.89 28.10 -21.34
N ASN PA 11 72.41 23.99 -18.50
CA ASN PA 11 69.23 26.82 -21.64
CA ASN PA 11 71.88 22.63 -18.70
C ASN PA 11 69.89 25.63 -20.93
C ASN PA 11 72.72 21.56 -17.97
N TYR PA 12 70.55 25.87 -19.80
N TYR PA 12 73.32 21.93 -16.84
CA TYR PA 12 71.34 24.84 -19.12
CA TYR PA 12 74.22 21.05 -16.10
C TYR PA 12 70.61 24.53 -17.83
C TYR PA 12 73.59 20.72 -14.75
N HIS PA 13 70.05 23.34 -17.75
N HIS PA 13 73.12 19.50 -14.59
CA HIS PA 13 69.18 22.94 -16.65
CA HIS PA 13 72.40 19.11 -13.38
C HIS PA 13 69.98 22.39 -15.47
C HIS PA 13 73.37 18.74 -12.27
N GLN PA 14 69.63 22.84 -14.26
N GLN PA 14 73.05 19.14 -11.03
CA GLN PA 14 70.31 22.38 -13.06
CA GLN PA 14 73.98 18.88 -9.94
C GLN PA 14 70.30 20.85 -12.94
C GLN PA 14 74.16 17.38 -9.66
N ASP PA 15 69.33 20.14 -13.54
N ASP PA 15 73.23 16.54 -10.14
CA ASP PA 15 69.38 18.68 -13.53
CA ASP PA 15 73.51 15.10 -10.10
C ASP PA 15 70.50 18.17 -14.45
C ASP PA 15 74.61 14.73 -11.09
N SER PA 16 70.66 18.77 -15.61
N SER PA 16 74.57 15.30 -12.30
CA SER PA 16 71.75 18.36 -16.48
CA SER PA 16 75.67 15.11 -13.26
C SER PA 16 73.10 18.69 -15.86
C SER PA 16 76.99 15.61 -12.69
N GLU PA 17 73.19 19.86 -15.23
N GLU PA 17 76.99 16.82 -12.12
CA GLU PA 17 74.37 20.31 -14.50
CA GLU PA 17 78.16 17.37 -11.46
C GLU PA 17 74.82 19.32 -13.44
C GLU PA 17 78.69 16.44 -10.38
N ALA PA 18 73.86 18.87 -12.59
N ALA PA 18 77.82 16.05 -9.44
CA ALA PA 18 74.21 17.90 -11.56
CA ALA PA 18 78.19 15.10 -8.39
C ALA PA 18 74.59 16.55 -12.14
C ALA PA 18 78.80 13.84 -8.97
N ALA PA 19 73.98 16.15 -13.27
N ALA PA 19 78.25 13.34 -10.07
CA ALA PA 19 74.42 14.93 -13.93
CA ALA PA 19 78.74 12.09 -10.65
C ALA PA 19 75.85 15.06 -14.46
C ALA PA 19 80.06 12.26 -11.39
N ILE PA 20 76.23 16.25 -14.95
N ILE PA 20 80.37 13.47 -11.86
CA ILE PA 20 77.61 16.46 -15.38
CA ILE PA 20 81.67 13.69 -12.48
C ILE PA 20 78.57 16.24 -14.20
C ILE PA 20 82.76 13.73 -11.42
N ASN PA 21 78.24 16.79 -13.04
N ASN PA 21 82.50 14.36 -10.27
CA ASN PA 21 79.09 16.62 -11.86
CA ASN PA 21 83.46 14.28 -9.16
C ASN PA 21 79.19 15.14 -11.48
C ASN PA 21 83.65 12.83 -8.69
N ARG PA 22 78.10 14.38 -11.62
N ARG PA 22 82.59 12.02 -8.66
CA ARG PA 22 78.14 12.94 -11.36
CA ARG PA 22 82.79 10.60 -8.34
C ARG PA 22 78.97 12.21 -12.41
C ARG PA 22 83.64 9.91 -9.40
N GLN PA 23 78.85 12.60 -13.68
N GLN PA 23 83.40 10.22 -10.69
CA GLN PA 23 79.65 11.92 -14.68
CA GLN PA 23 84.14 9.54 -11.75
C GLN PA 23 81.15 12.21 -14.46
C GLN PA 23 85.62 9.94 -11.75
N ILE PA 24 81.48 13.43 -14.04
N ILE PA 24 85.92 11.22 -11.51
CA ILE PA 24 82.87 13.77 -13.75
CA ILE PA 24 87.32 11.66 -11.35
C ILE PA 24 83.46 12.81 -12.72
C ILE PA 24 88.04 10.79 -10.33
N ASN PA 25 82.72 12.58 -11.62
N ASN PA 25 87.42 10.59 -9.16
CA ASN PA 25 83.19 11.63 -10.61
CA ASN PA 25 88.07 9.80 -8.11
C ASN PA 25 83.30 10.22 -11.16
C ASN PA 25 88.24 8.36 -8.53
N LEU PA 26 82.43 9.85 -12.10
N LEU PA 26 87.29 7.83 -9.31
CA LEU PA 26 82.46 8.49 -12.60
CA LEU PA 26 87.38 6.46 -9.80
C LEU PA 26 83.68 8.25 -13.49
C LEU PA 26 88.48 6.28 -10.86
N GLU PA 27 84.08 9.27 -14.26
N GLU PA 27 88.80 7.33 -11.62
CA GLU PA 27 85.25 9.13 -15.12
CA GLU PA 27 89.89 7.24 -12.59
C GLU PA 27 86.52 9.06 -14.28
C GLU PA 27 91.25 7.39 -11.92
N LEU PA 28 86.59 9.85 -13.21
N LEU PA 28 91.38 8.32 -10.97
CA LEU PA 28 87.72 9.76 -12.29
CA LEU PA 28 92.60 8.37 -10.19
C LEU PA 28 87.73 8.40 -11.60
C LEU PA 28 92.83 7.06 -9.43
N TYR PA 29 86.56 7.83 -11.36
N TYR PA 29 91.75 6.47 -8.89
CA TYR PA 29 86.51 6.50 -10.77
CA TYR PA 29 91.87 5.18 -8.20
C TYR PA 29 87.00 5.44 -11.75
C TYR PA 29 92.43 4.13 -9.12
N ALA PA 30 86.68 5.57 -13.05
N ALA PA 30 91.85 4.00 -10.32
CA ALA PA 30 87.20 4.60 -14.01
CA ALA PA 30 92.32 3.04 -11.31
C ALA PA 30 88.70 4.79 -14.25
C ALA PA 30 93.78 3.30 -11.66
N SER PA 31 89.17 6.03 -14.22
N SER PA 31 94.17 4.58 -11.78
CA SER PA 31 90.60 6.28 -14.27
CA SER PA 31 95.57 4.89 -12.02
C SER PA 31 91.32 5.55 -13.14
C SER PA 31 96.45 4.32 -10.93
N TYR PA 32 90.74 5.60 -11.93
N TYR PA 32 96.01 4.41 -9.67
CA TYR PA 32 91.31 4.92 -10.78
CA TYR PA 32 96.78 3.88 -8.55
C TYR PA 32 91.26 3.41 -10.92
C TYR PA 32 96.93 2.38 -8.65
N VAL PA 33 90.15 2.86 -11.45
N VAL PA 33 95.85 1.67 -8.96
CA VAL PA 33 90.08 1.40 -11.64
CA VAL PA 33 95.90 0.22 -9.10
C VAL PA 33 91.21 0.93 -12.56
C VAL PA 33 96.94 -0.17 -10.13
N TYR PA 34 91.37 1.60 -13.69
N TYR PA 34 96.91 0.45 -11.31
CA TYR PA 34 92.38 1.20 -14.67
CA TYR PA 34 97.87 0.13 -12.35
C TYR PA 34 93.78 1.43 -14.14
C TYR PA 34 99.30 0.51 -11.94
N LEU PA 35 93.98 2.50 -13.38
N LEU PA 35 99.47 1.64 -11.25
CA LEU PA 35 95.26 2.69 -12.70
CA LEU PA 35 100.78 1.99 -10.70
C LEU PA 35 95.58 1.51 -11.80
C LEU PA 35 101.30 0.85 -9.83
N SER PA 36 94.59 1.06 -11.02
N SER PA 36 100.47 0.35 -8.91
CA SER PA 36 94.80 -0.12 -10.19
CA SER PA 36 100.89 -0.73 -8.01
C SER PA 36 95.09 -1.34 -11.03
C SER PA 36 101.19 -2.01 -8.77
N MET PA 37 94.37 -1.50 -12.14
N MET PA 37 100.39 -2.32 -9.80
CA MET PA 37 94.58 -2.65 -13.00
CA MET PA 37 100.68 -3.49 -10.63
C MET PA 37 95.99 -2.63 -13.58
C MET PA 37 102.03 -3.34 -11.32
N SER PA 38 96.46 -1.44 -13.96
N SER PA 38 102.31 -2.14 -11.86
CA SER PA 38 97.77 -1.32 -14.57
CA SER PA 38 103.54 -1.93 -12.61
C SER PA 38 98.88 -1.88 -13.68
C SER PA 38 104.76 -2.26 -11.77
N TYR PA 39 98.90 -1.46 -12.42
N TYR PA 39 104.81 -1.73 -10.54
CA TYR PA 39 100.02 -1.83 -11.55
CA TYR PA 39 106.02 -1.91 -9.74
C TYR PA 39 99.85 -3.19 -10.89
C TYR PA 39 106.05 -3.25 -9.01
N TYR PA 40 98.65 -3.78 -10.91
N TYR PA 40 104.94 -3.96 -8.97
CA TYR PA 40 98.54 -5.21 -10.71
CA TYR PA 40 105.01 -5.38 -8.63
C TYR PA 40 99.40 -5.97 -11.72
C TYR PA 40 105.90 -6.11 -9.62
N PHE PA 41 99.27 -5.61 -13.00
N PHE PA 41 105.75 -5.82 -10.91
CA PHE PA 41 100.05 -6.33 -14.01
CA PHE PA 41 106.50 -6.59 -11.91
C PHE PA 41 101.53 -5.99 -13.98
C PHE PA 41 107.94 -6.13 -12.06
N ASP PA 42 101.92 -4.91 -13.29
N ASP PA 42 108.33 -5.03 -11.41
CA ASP PA 42 103.33 -4.58 -13.10
CA ASP PA 42 109.70 -4.55 -11.39
C ASP PA 42 104.00 -5.47 -12.04
C ASP PA 42 110.51 -5.13 -10.22
N ARG PA 43 103.21 -6.14 -11.19
N ARG PA 43 109.87 -5.88 -9.32
CA ARG PA 43 103.75 -6.96 -10.12
CA ARG PA 43 110.57 -6.52 -8.21
C ARG PA 43 104.71 -8.03 -10.65
C ARG PA 43 111.59 -7.52 -8.73
N ASP PA 44 105.75 -8.32 -9.85
N ASP PA 44 112.72 -7.63 -8.02
CA ASP PA 44 106.74 -9.32 -10.23
CA ASP PA 44 113.77 -8.55 -8.46
C ASP PA 44 106.14 -10.71 -10.37
C ASP PA 44 113.25 -9.98 -8.53
N ASP PA 45 105.04 -10.99 -9.66
N ASP PA 45 112.27 -10.35 -7.69
CA ASP PA 45 104.35 -12.27 -9.76
CA ASP PA 45 111.78 -11.72 -7.66
C ASP PA 45 103.19 -12.22 -10.75
C ASP PA 45 110.57 -11.93 -8.54
N VAL PA 46 103.09 -11.15 -11.53
N VAL PA 46 110.22 -10.94 -9.34
CA VAL PA 46 102.12 -11.08 -12.61
CA VAL PA 46 109.22 -11.08 -10.40
C VAL PA 46 102.88 -10.83 -13.91
C VAL PA 46 109.89 -10.76 -11.74
N ALA PA 47 103.63 -9.72 -13.95
N ALA PA 47 110.39 -9.53 -11.90
CA ALA PA 47 104.67 -9.49 -14.95
CA ALA PA 47 111.26 -9.14 -13.03
C ALA PA 47 104.14 -9.52 -16.39
C ALA PA 47 110.65 -9.49 -14.39
N LEU PA 48 103.00 -8.89 -16.63
N LEU PA 48 109.44 -9.00 -14.64
CA LEU PA 48 102.46 -8.79 -17.99
CA LEU PA 48 108.83 -9.05 -15.97
C LEU PA 48 102.52 -7.31 -18.39
C LEU PA 48 108.69 -7.62 -16.46
N LYS PA 49 103.67 -6.90 -18.92
N LYS PA 49 109.67 -7.17 -17.25
CA LYS PA 49 103.96 -5.48 -19.16
CA LYS PA 49 109.85 -5.74 -17.50
C LYS PA 49 102.98 -4.85 -20.14
C LYS PA 49 108.74 -5.16 -18.37
N ASN PA 50 102.47 -5.59 -21.10
N ASN PA 50 108.22 -5.94 -19.32
CA ASN PA 50 101.61 -4.96 -22.08
CA ASN PA 50 107.20 -5.40 -20.22
C ASN PA 50 100.17 -4.88 -21.60
C ASN PA 50 105.80 -5.48 -19.60
N PHE PA 51 99.74 -5.80 -20.74
N PHE PA 51 105.55 -6.44 -18.70
CA PHE PA 51 98.53 -5.57 -19.96
CA PHE PA 51 104.40 -6.37 -17.80
C PHE PA 51 98.68 -4.30 -19.13
C PHE PA 51 104.41 -5.08 -16.99
N ALA PA 52 99.83 -4.14 -18.46
N ALA PA 52 105.57 -4.77 -16.41
CA ALA PA 52 100.09 -2.91 -17.70
CA ALA PA 52 105.75 -3.49 -15.73
C ALA PA 52 100.00 -1.68 -18.60
C ALA PA 52 105.44 -2.31 -16.64
N LYS PA 53 100.76 -1.67 -19.70
N LYS PA 53 106.10 -2.25 -17.81
CA LYS PA 53 100.70 -0.53 -20.61
CA LYS PA 53 105.86 -1.12 -18.71
C LYS PA 53 99.27 -0.26 -21.07
C LYS PA 53 104.39 -1.03 -19.10
N TYR PA 54 98.52 -1.31 -21.37
N TYR PA 54 103.77 -2.17 -19.37
CA TYR PA 54 97.19 -1.14 -21.94
CA TYR PA 54 102.38 -2.18 -19.84
C TYR PA 54 96.28 -0.39 -20.97
C TYR PA 54 101.46 -1.51 -18.82
N PHE PA 55 96.20 -0.85 -19.72
N PHE PA 55 101.50 -1.98 -17.56
CA PHE PA 55 95.27 -0.24 -18.77
CA PHE PA 55 100.66 -1.38 -16.53
C PHE PA 55 95.74 1.14 -18.30
C PHE PA 55 101.10 0.03 -16.18
N LEU PA 56 97.05 1.35 -18.18
N LEU PA 56 102.38 0.35 -16.34
CA LEU PA 56 97.56 2.69 -17.91
CA LEU PA 56 102.79 1.74 -16.16
C LEU PA 56 97.09 3.68 -18.98
C LEU PA 56 102.09 2.65 -17.17
N HIS PA 57 97.05 3.23 -20.23
N HIS PA 57 102.05 2.25 -18.45
CA HIS PA 57 96.51 4.08 -21.30
CA HIS PA 57 101.33 3.04 -19.45
C HIS PA 57 95.04 4.39 -21.06
C HIS PA 57 99.86 3.22 -19.08
N GLN PA 58 94.22 3.35 -20.78
N GLN PA 58 99.21 2.15 -18.64
CA GLN PA 58 92.82 3.58 -20.44
CA GLN PA 58 97.80 2.26 -18.29
C GLN PA 58 92.66 4.53 -19.27
C GLN PA 58 97.60 3.19 -17.11
N SER PA 59 93.47 4.36 -18.21
N SER PA 59 98.57 3.26 -16.20
CA SER PA 59 93.39 5.23 -17.06
CA SER PA 59 98.47 4.15 -15.06
C SER PA 59 93.63 6.69 -17.43
C SER PA 59 98.45 5.61 -15.50
N HIS PA 60 94.59 6.95 -18.31
N HIS PA 60 99.35 5.98 -16.41
CA HIS PA 60 94.89 8.31 -18.71
CA HIS PA 60 99.36 7.35 -16.94
C HIS PA 60 93.80 8.89 -19.59
C HIS PA 60 98.11 7.65 -17.77
N GLU PA 61 93.28 8.10 -20.53
N GLU PA 61 97.60 6.67 -18.52
CA GLU PA 61 92.17 8.55 -21.34
CA GLU PA 61 96.37 6.90 -19.26
C GLU PA 61 90.92 8.83 -20.51
C GLU PA 61 95.21 7.22 -18.33
N GLU PA 62 90.71 8.06 -19.44
N GLU PA 62 95.08 6.48 -17.22
CA GLU PA 62 89.58 8.34 -18.55
CA GLU PA 62 93.99 6.75 -16.29
C GLU PA 62 89.76 9.69 -17.87
C GLU PA 62 94.10 8.16 -15.71
N ARG PA 63 90.96 9.99 -17.43
N ARG PA 63 95.31 8.63 -15.40
CA ARG PA 63 91.22 11.29 -16.81
CA ARG PA 63 95.51 9.99 -14.92
C ARG PA 63 90.94 12.43 -17.79
C ARG PA 63 94.96 11.03 -15.90
N GLU PA 64 91.35 12.28 -19.07
N GLU PA 64 95.25 10.85 -17.20
CA GLU PA 64 90.97 13.26 -20.07
CA GLU PA 64 94.70 11.73 -18.22
C GLU PA 64 89.45 13.38 -20.21
C GLU PA 64 93.18 11.62 -18.32
N HIS PA 65 88.73 12.25 -20.14
N HIS PA 65 92.65 10.40 -18.30
CA HIS PA 65 87.27 12.29 -20.23
CA HIS PA 65 91.20 10.24 -18.15
C HIS PA 65 86.68 13.18 -19.14
C HIS PA 65 90.70 11.13 -17.02
N ALA PA 66 87.16 13.00 -17.90
N ALA PA 66 91.35 11.05 -15.86
CA ALA PA 66 86.67 13.81 -16.78
CA ALA PA 66 90.93 11.83 -14.71
C ALA PA 66 87.00 15.28 -16.98
C ALA PA 66 91.00 13.33 -15.00
N GLU PA 67 88.20 15.59 -17.47
N GLU PA 67 92.09 13.79 -15.62
CA GLU PA 67 88.58 16.99 -17.61
CA GLU PA 67 92.25 15.23 -15.84
C GLU PA 67 87.74 17.67 -18.67
C GLU PA 67 91.25 15.75 -16.85
N LYS PA 68 87.44 16.98 -19.76
N LYS PA 68 90.92 14.94 -17.86
CA LYS PA 68 86.60 17.56 -20.80
CA LYS PA 68 89.94 15.32 -18.86
C LYS PA 68 85.19 17.82 -20.29
C LYS PA 68 88.57 15.53 -18.24
N LEU PA 69 84.70 16.97 -19.37
N LEU PA 69 88.22 14.72 -17.23
CA LEU PA 69 83.39 17.22 -18.78
CA LEU PA 69 86.98 14.93 -16.50
C LEU PA 69 83.43 18.43 -17.87
C LEU PA 69 87.03 16.22 -15.66
N MET PA 70 84.54 18.62 -17.16
N MET PA 70 88.16 16.48 -15.00
CA MET PA 70 84.70 19.81 -16.33
CA MET PA 70 88.28 17.72 -14.23
C MET PA 70 84.84 21.05 -17.20
C MET PA 70 88.11 18.94 -15.15
N LYS PA 71 85.55 20.95 -18.33
N LYS PA 71 88.77 18.92 -16.32
CA LYS PA 71 85.58 22.06 -19.27
CA LYS PA 71 88.58 19.98 -17.29
C LYS PA 71 84.16 22.39 -19.74
C LYS PA 71 87.10 20.14 -17.66
N LEU PA 72 83.37 21.37 -20.05
N LEU PA 72 86.43 19.02 -17.91
CA LEU PA 72 81.98 21.59 -20.47
CA LEU PA 72 85.01 19.03 -18.28
C LEU PA 72 81.17 22.28 -19.39
C LEU PA 72 84.16 19.66 -17.19
N GLN PA 73 81.31 21.82 -18.14
N GLN PA 73 84.40 19.30 -15.94
CA GLN PA 73 80.60 22.43 -17.02
CA GLN PA 73 83.69 19.91 -14.82
C GLN PA 73 80.84 23.93 -16.94
C GLN PA 73 83.81 21.43 -14.87
N ASN PA 74 82.10 24.36 -16.98
N ASN PA 74 85.02 21.93 -15.08
CA ASN PA 74 82.41 25.79 -16.96
CA ASN PA 74 85.23 23.36 -15.14
C ASN PA 74 81.89 26.48 -18.22
C ASN PA 74 84.66 23.98 -16.43
N GLN PA 75 81.98 25.81 -19.37
N GLN PA 75 84.68 23.23 -17.53
CA GLN PA 75 81.55 26.40 -20.65
CA GLN PA 75 84.08 23.75 -18.76
C GLN PA 75 80.11 26.86 -20.61
C GLN PA 75 82.60 24.03 -18.57
N ARG PA 76 79.22 25.96 -20.14
N ARG PA 76 81.91 23.12 -17.89
CA ARG PA 76 77.80 26.16 -20.00
CA ARG PA 76 80.47 23.20 -17.73
C ARG PA 76 77.43 27.08 -18.84
C ARG PA 76 80.07 24.00 -16.49
N GLY PA 77 78.38 27.43 -17.99
N GLY PA 77 81.03 24.58 -15.79
CA GLY PA 77 78.10 28.24 -16.82
CA GLY PA 77 80.72 25.39 -14.63
C GLY PA 77 77.71 27.46 -15.58
C GLY PA 77 80.51 24.61 -13.36
N GLY PA 78 77.84 26.12 -15.60
N GLY PA 78 80.73 23.30 -13.38
CA GLY PA 78 77.57 25.31 -14.42
CA GLY PA 78 80.75 22.55 -12.16
C GLY PA 78 78.73 25.39 -13.43
C GLY PA 78 81.93 22.91 -11.29
N ARG PA 79 78.49 24.89 -12.23
N ARG PA 79 81.87 22.47 -10.04
CA ARG PA 79 79.51 24.94 -11.19
CA ARG PA 79 82.93 22.73 -9.08
C ARG PA 79 80.01 23.54 -10.90
C ARG PA 79 83.56 21.41 -8.67
N ILE PA 80 81.33 23.37 -10.98
N ILE PA 80 84.88 21.31 -8.82
CA ILE PA 80 81.96 22.09 -10.70
CA ILE PA 80 85.61 20.08 -8.49
C ILE PA 80 81.93 21.83 -9.20
C ILE PA 80 85.68 19.91 -6.98
N PHE PA 81 81.41 20.67 -8.82
N PHE PA 81 85.48 18.68 -6.52
CA PHE PA 81 81.50 20.19 -7.43
CA PHE PA 81 85.71 18.33 -5.13
C PHE PA 81 82.07 18.78 -7.49
C PHE PA 81 86.40 16.99 -5.11
N LEU PA 82 83.29 18.61 -6.98
N LEU PA 82 87.62 16.95 -4.62
CA LEU PA 82 83.97 17.32 -6.94
CA LEU PA 82 88.47 15.76 -4.67
C LEU PA 82 83.70 16.61 -5.62
C LEU PA 82 88.37 15.00 -3.35
N GLN PA 83 83.69 15.28 -5.67
N GLN PA 83 88.52 13.68 -3.43
CA GLN PA 83 83.47 14.40 -4.54
CA GLN PA 83 88.40 12.83 -2.27
C GLN PA 83 84.67 13.47 -4.37
C GLN PA 83 89.68 12.00 -2.15
N ASP PA 84 84.61 12.64 -3.32
N ASP PA 84 89.86 11.36 -0.99
CA ASP PA 84 85.57 11.56 -3.14
CA ASP PA 84 91.01 10.48 -0.82
C ASP PA 84 85.54 10.62 -4.35
C ASP PA 84 91.06 9.48 -1.95
N ILE PA 85 86.74 10.22 -4.80
N ILE PA 85 92.26 9.06 -2.31
CA ILE PA 85 86.86 9.18 -5.81
CA ILE PA 85 92.44 7.99 -3.26
C ILE PA 85 86.94 7.84 -5.08
C ILE PA 85 92.77 6.73 -2.47
N GLN PA 86 85.89 7.03 -5.20
N GLN PA 86 91.84 5.78 -2.44
CA GLN PA 86 85.84 5.73 -4.54
CA GLN PA 86 92.09 4.57 -1.67
C GLN PA 86 86.98 4.83 -5.01
C GLN PA 86 93.14 3.72 -2.37
N LYS PA 87 87.57 4.11 -4.06
N LYS PA 87 94.02 3.12 -1.57
CA LYS PA 87 88.61 3.17 -4.38
CA LYS PA 87 95.07 2.24 -2.06
C LYS PA 87 88.01 2.01 -5.18
C LYS PA 87 94.44 1.00 -2.68
N PRO PA 88 88.81 1.35 -6.02
N PRO PA 88 95.14 0.33 -3.59
CA PRO PA 88 88.27 0.27 -6.86
CA PRO PA 88 94.55 -0.83 -4.27
C PRO PA 88 87.77 -0.90 -6.01
C PRO PA 88 94.28 -1.95 -3.29
N ASP PA 89 87.00 -1.78 -6.66
N ASP PA 89 93.44 -2.87 -3.72
CA ASP PA 89 86.35 -2.89 -6.01
CA ASP PA 89 93.01 -3.93 -2.82
C ASP PA 89 87.28 -4.06 -5.69
C ASP PA 89 94.09 -5.00 -2.62
N GLU PA 90 88.42 -4.17 -6.36
N GLU PA 90 95.19 -4.97 -3.38
CA GLU PA 90 89.36 -5.25 -6.10
CA GLU PA 90 96.30 -5.90 -3.17
C GLU PA 90 90.76 -4.68 -5.91
C GLU PA 90 97.63 -5.16 -3.21
N ASP PA 91 91.50 -5.25 -4.97
N ASP PA 91 98.61 -5.68 -2.48
CA ASP PA 91 92.93 -5.00 -4.90
CA ASP PA 91 100.00 -5.24 -2.61
C ASP PA 91 93.68 -5.93 -5.86
C ASP PA 91 100.82 -6.20 -3.45
N ASP PA 92 93.17 -7.14 -6.04
N ASP PA 92 100.41 -7.46 -3.49
CA ASP PA 92 93.78 -8.20 -6.84
CA ASP PA 92 101.07 -8.53 -4.21
C ASP PA 92 92.85 -8.48 -8.01
C ASP PA 92 100.09 -9.01 -5.27
N TRP PA 93 93.40 -8.53 -9.22
N TRP PA 93 100.49 -8.92 -6.54
CA TRP PA 93 92.60 -8.69 -10.44
CA TRP PA 93 99.58 -9.19 -7.64
C TRP PA 93 92.74 -10.06 -11.09
C TRP PA 93 99.77 -10.59 -8.22
N GLU PA 94 93.30 -11.05 -10.38
N GLU PA 94 100.47 -11.48 -7.50
CA GLU PA 94 93.29 -12.46 -10.80
CA GLU PA 94 100.54 -12.93 -7.74
C GLU PA 94 94.08 -12.74 -12.06
C GLU PA 94 101.31 -13.34 -8.99
N SER PA 95 93.72 -12.11 -13.18
N SER PA 95 100.91 -12.83 -10.14
CA SER PA 95 94.31 -12.50 -14.46
CA SER PA 95 101.43 -13.32 -11.40
C SER PA 95 94.10 -11.38 -15.47
C SER PA 95 101.02 -12.34 -12.49
N GLY PA 96 94.74 -11.55 -16.62
N GLY PA 96 101.61 -12.53 -13.67
CA GLY PA 96 94.43 -10.69 -17.75
CA GLY PA 96 101.14 -11.76 -14.81
C GLY PA 96 93.00 -10.90 -18.24
C GLY PA 96 99.67 -12.03 -15.09
N LEU PA 97 92.53 -12.12 -18.22
N LEU PA 97 99.31 -13.31 -15.18
CA LEU PA 97 91.15 -12.37 -18.64
CA LEU PA 97 97.93 -13.65 -15.50
C LEU PA 97 90.17 -11.72 -17.67
C LEU PA 97 96.98 -13.10 -14.44
N ASN PA 98 90.34 -11.96 -16.37
N ASN PA 98 97.37 -13.12 -13.16
CA ASN PA 98 89.45 -11.33 -15.39
CA ASN PA 98 96.46 -12.63 -12.12
C ASN PA 98 89.51 -9.81 -15.46
C ASN PA 98 96.21 -11.13 -12.25
N ALA PA 99 90.71 -9.25 -15.66
N ALA PA 99 97.26 -10.36 -12.55
CA ALA PA 99 90.84 -7.80 -15.72
CA ALA PA 99 97.09 -8.92 -12.71
C ALA PA 99 90.06 -7.23 -16.89
C ALA PA 99 96.27 -8.60 -13.95
N MET PA 100 90.15 -7.89 -18.05
N MET PA 100 96.33 -9.45 -14.98
CA MET PA 100 89.43 -7.44 -19.23
CA MET PA 100 95.54 -9.24 -16.18
C MET PA 100 87.92 -7.57 -19.05
C MET PA 100 94.07 -9.42 -15.90
N GLU PA 101 87.47 -8.61 -18.33
N GLU PA 101 93.74 -10.44 -15.09
CA GLU PA 101 86.03 -8.76 -18.09
CA GLU PA 101 92.35 -10.64 -14.68
C GLU PA 101 85.53 -7.69 -17.15
C GLU PA 101 91.85 -9.52 -13.78
N ALA PA 102 86.31 -7.38 -16.11
N ALA PA 102 92.67 -9.11 -12.79
CA ALA PA 102 85.95 -6.28 -15.22
CA ALA PA 102 92.28 -7.98 -11.95
C ALA PA 102 85.95 -4.94 -15.94
C ALA PA 102 92.04 -6.74 -12.78
N ALA PA 103 86.82 -4.78 -16.94
N ALA PA 103 92.92 -6.49 -13.76
CA ALA PA 103 86.84 -3.53 -17.69
CA ALA PA 103 92.75 -5.37 -14.66
C ALA PA 103 85.63 -3.43 -18.61
C ALA PA 103 91.47 -5.50 -15.47
N LEU PA 104 85.32 -4.51 -19.34
N LEU PA 104 91.17 -6.70 -15.98
CA LEU PA 104 84.11 -4.51 -20.18
CA LEU PA 104 89.92 -6.87 -16.72
C LEU PA 104 82.87 -4.23 -19.33
C LEU PA 104 88.72 -6.60 -15.81
N HIS PA 105 82.77 -4.85 -18.16
N HIS PA 105 88.78 -7.11 -14.58
CA HIS PA 105 81.70 -4.53 -17.23
CA HIS PA 105 87.77 -6.81 -13.57
C HIS PA 105 81.67 -3.03 -16.94
C HIS PA 105 87.63 -5.31 -13.34
N LEU PA 106 82.83 -2.49 -16.52
N LEU PA 106 88.77 -4.63 -13.13
CA LEU PA 106 82.93 -1.08 -16.15
CA LEU PA 106 88.72 -3.20 -12.86
C LEU PA 106 82.53 -0.18 -17.31
C LEU PA 106 88.10 -2.42 -14.03
N GLU PA 107 82.99 -0.49 -18.53
N GLU PA 107 88.50 -2.75 -15.26
CA GLU PA 107 82.69 0.38 -19.67
CA GLU PA 107 88.02 -1.98 -16.40
C GLU PA 107 81.20 0.42 -20.00
C GLU PA 107 86.53 -2.20 -16.65
N LYS PA 108 80.48 -0.69 -19.80
N LYS PA 108 86.00 -3.38 -16.35
CA LYS PA 108 79.05 -0.66 -20.07
CA LYS PA 108 84.56 -3.59 -16.43
C LYS PA 108 78.30 0.12 -18.99
C LYS PA 108 83.81 -2.80 -15.36
N ASN PA 109 78.74 0.04 -17.73
N ASN PA 109 84.27 -2.86 -14.10
CA ASN PA 109 78.17 0.90 -16.70
CA ASN PA 109 83.75 -1.96 -13.07
C ASN PA 109 78.37 2.37 -17.04
C ASN PA 109 83.76 -0.50 -13.52
N VAL PA 110 79.59 2.75 -17.43
N VAL PA 110 84.90 -0.03 -14.04
CA VAL PA 110 79.84 4.14 -17.81
CA VAL PA 110 84.99 1.36 -14.50
C VAL PA 110 78.97 4.51 -19.00
C VAL PA 110 84.04 1.58 -15.67
N ASN PA 111 78.77 3.58 -19.93
N ASN PA 111 83.88 0.57 -16.52
CA ASN PA 111 77.94 3.83 -21.10
CA ASN PA 111 82.93 0.68 -17.61
C ASN PA 111 76.49 4.08 -20.69
C ASN PA 111 81.50 0.87 -17.08
N GLN PA 112 75.94 3.23 -19.83
N GLN PA 112 81.11 0.10 -16.05
CA GLN PA 112 74.61 3.44 -19.26
CA GLN PA 112 79.75 0.20 -15.55
C GLN PA 112 74.49 4.85 -18.68
C GLN PA 112 79.46 1.57 -14.98
N SER PA 113 75.47 5.26 -17.88
N SER PA 113 80.45 2.21 -14.36
CA SER PA 113 75.44 6.60 -17.30
CA SER PA 113 80.23 3.54 -13.82
C SER PA 113 75.43 7.66 -18.39
C SER PA 113 80.12 4.58 -14.94
N LEU PA 114 76.29 7.52 -19.40
N LEU PA 114 80.88 4.42 -16.02
CA LEU PA 114 76.27 8.49 -20.50
CA LEU PA 114 80.68 5.29 -17.18
C LEU PA 114 74.95 8.43 -21.25
C LEU PA 114 79.33 5.03 -17.84
N LEU PA 115 74.40 7.24 -21.44
N LEU PA 115 78.84 3.79 -17.80
CA LEU PA 115 73.07 7.08 -22.05
CA LEU PA 115 77.50 3.54 -18.33
C LEU PA 115 71.99 7.80 -21.26
C LEU PA 115 76.43 4.23 -17.47
N GLU PA 116 72.09 7.78 -19.92
N GLU PA 116 76.51 4.06 -16.14
CA GLU PA 116 71.10 8.48 -19.09
CA GLU PA 116 75.58 4.78 -15.27
C GLU PA 116 71.29 9.99 -19.16
C GLU PA 116 75.64 6.28 -15.51
N LEU PA 117 72.54 10.46 -19.18
N LEU PA 117 76.84 6.82 -15.72
CA LEU PA 117 72.82 11.89 -19.35
CA LEU PA 117 77.02 8.26 -15.96
C LEU PA 117 72.18 12.43 -20.63
C LEU PA 117 76.33 8.68 -17.24
N HIS PA 118 72.44 11.79 -21.77
N HIS PA 118 76.45 7.88 -18.30
CA HIS PA 118 71.93 12.27 -23.05
CA HIS PA 118 75.81 8.23 -19.56
C HIS PA 118 70.40 12.40 -23.02
C HIS PA 118 74.28 8.20 -19.42
N LYS PA 119 69.73 11.40 -22.43
N LYS PA 119 73.74 7.16 -18.78
CA LYS PA 119 68.27 11.44 -22.27
CA LYS PA 119 72.30 7.15 -18.55
C LYS PA 119 67.84 12.66 -21.48
C LYS PA 119 71.88 8.32 -17.70
N LEU PA 120 68.54 12.93 -20.37
N LEU PA 120 72.71 8.69 -16.72
CA LEU PA 120 68.24 14.12 -19.55
CA LEU PA 120 72.47 9.93 -15.99
C LEU PA 120 68.45 15.39 -20.34
C LEU PA 120 72.34 11.11 -16.94
N ALA PA 121 69.45 15.41 -21.22
N ALA PA 121 73.30 11.26 -17.85
CA ALA PA 121 69.68 16.58 -22.06
CA ALA PA 121 73.28 12.38 -18.78
C ALA PA 121 68.60 16.70 -23.13
C ALA PA 121 72.02 12.36 -19.63
N HIS PA 122 68.21 15.58 -23.71
N HIS PA 122 71.67 11.20 -20.18
CA HIS PA 122 67.18 15.63 -24.75
CA HIS PA 122 70.47 11.11 -21.02
C HIS PA 122 65.82 16.01 -24.18
C HIS PA 122 69.22 11.38 -20.20
N ASP PA 123 65.44 15.44 -23.04
N ASP PA 123 69.17 10.82 -18.98
CA ASP PA 123 64.16 15.78 -22.43
CA ASP PA 123 68.02 11.04 -18.12
C ASP PA 123 64.12 17.24 -21.96
C ASP PA 123 67.93 12.51 -17.69
N LYS PA 124 65.26 17.79 -21.53
N LYS PA 124 69.05 13.22 -17.69
CA LYS PA 124 65.35 19.22 -21.21
CA LYS PA 124 68.99 14.66 -17.43
C LYS PA 124 65.68 20.07 -22.43
C LYS PA 124 68.90 15.50 -18.70
N ASN PA 125 65.45 19.55 -23.64
N ASN PA 125 68.70 14.88 -19.86
CA ASN PA 125 65.62 20.33 -24.86
CA ASN PA 125 68.64 15.59 -21.15
C ASN PA 125 66.97 21.02 -24.92
C ASN PA 125 69.84 16.52 -21.35
N ASP PA 126 68.04 20.26 -24.59
N ASP PA 126 71.03 15.96 -21.15
CA ASP PA 126 69.38 20.82 -24.61
CA ASP PA 126 72.31 16.69 -21.27
C ASP PA 126 70.15 20.15 -25.73
C ASP PA 126 73.13 16.03 -22.37
N PRO PA 127 70.03 20.64 -26.97
N PRO PA 127 72.87 16.37 -23.63
CA PRO PA 127 70.70 19.96 -28.08
CA PRO PA 127 73.53 15.65 -24.74
C PRO PA 127 72.20 20.10 -28.01
C PRO PA 127 75.00 15.95 -24.87
N HIS PA 128 72.69 21.23 -27.52
N HIS PA 128 75.45 17.15 -24.49
CA HIS PA 128 74.14 21.38 -27.44
CA HIS PA 128 76.88 17.42 -24.48
C HIS PA 128 74.74 20.30 -26.55
C HIS PA 128 77.61 16.44 -23.59
N LEU PA 129 74.12 20.07 -25.39
N LEU PA 129 77.08 16.18 -22.38
CA LEU PA 129 74.66 19.05 -24.48
CA LEU PA 129 77.70 15.22 -21.49
C LEU PA 129 74.44 17.65 -25.04
C LEU PA 129 77.59 13.80 -22.06
N ALA PA 130 73.32 17.43 -25.73
N ALA PA 130 76.43 13.47 -22.63
CA ALA PA 130 73.09 16.13 -26.36
CA ALA PA 130 76.26 12.19 -23.29
C ALA PA 130 74.12 15.85 -27.44
C ALA PA 130 77.32 11.98 -24.36
N ASP PA 131 74.40 16.83 -28.29
N ASP PA 131 77.47 12.95 -25.27
CA ASP PA 131 75.40 16.62 -29.33
CA ASP PA 131 78.45 12.79 -26.34
C ASP PA 131 76.79 16.49 -28.72
C ASP PA 131 79.89 12.82 -25.81
N PHE PA 132 77.07 17.22 -27.64
N PHE PA 132 80.15 13.62 -24.79
CA PHE PA 132 78.36 17.08 -27.00
CA PHE PA 132 81.47 13.63 -24.17
C PHE PA 132 78.60 15.64 -26.54
C PHE PA 132 81.84 12.23 -23.69
N ILE PA 133 77.55 15.00 -26.01
N ILE PA 133 80.92 11.56 -23.00
CA ILE PA 133 77.71 13.61 -25.56
CA ILE PA 133 81.20 10.21 -22.50
C ILE PA 133 77.88 12.67 -26.74
C ILE PA 133 81.42 9.25 -23.67
N GLU PA 134 77.08 12.84 -27.81
N GLU PA 134 80.55 9.34 -24.69
CA GLU PA 134 77.17 11.95 -28.97
CA GLU PA 134 80.63 8.45 -25.83
C GLU PA 134 78.54 12.04 -29.61
C GLU PA 134 81.91 8.66 -26.63
N THR PA 135 78.99 13.27 -29.88
N THR PA 135 82.28 9.92 -26.83
CA THR PA 135 80.23 13.52 -30.61
CA THR PA 135 83.44 10.25 -27.63
C THR PA 135 81.43 12.97 -29.86
C THR PA 135 84.72 9.78 -26.94
N HIS PA 136 81.49 13.23 -28.55
N HIS PA 136 84.88 10.16 -25.68
CA HIS PA 136 82.71 13.03 -27.78
CA HIS PA 136 86.16 10.08 -25.03
C HIS PA 136 82.68 11.79 -26.88
C HIS PA 136 86.36 8.84 -24.16
N TYR PA 137 81.49 11.21 -26.62
N TYR PA 137 85.30 8.12 -23.79
CA TYR PA 137 81.47 10.11 -25.66
CA TYR PA 137 85.49 7.05 -22.83
C TYR PA 137 80.82 8.84 -26.20
C TYR PA 137 85.00 5.69 -23.30
N LEU PA 138 79.76 8.96 -27.00
N LEU PA 138 83.88 5.64 -24.04
CA LEU PA 138 78.93 7.79 -27.27
CA LEU PA 138 83.09 4.41 -24.14
C LEU PA 138 79.66 6.76 -28.13
C LEU PA 138 83.77 3.39 -25.05
N ASN PA 139 80.28 7.19 -29.22
N ASN PA 139 84.23 3.81 -26.23
CA ASN PA 139 80.90 6.20 -30.10
CA ASN PA 139 84.93 2.86 -27.07
C ASN PA 139 82.18 5.64 -29.48
C ASN PA 139 86.29 2.50 -26.48
N GLU PA 140 82.99 6.51 -28.87
N GLU PA 140 86.90 3.42 -25.75
CA GLU PA 140 84.15 6.02 -28.14
CA GLU PA 140 88.20 3.16 -25.14
C GLU PA 140 83.75 4.97 -27.13
C GLU PA 140 88.09 2.08 -24.07
N GLN PA 141 82.59 5.14 -26.49
N GLN PA 141 86.99 2.08 -23.31
CA GLN PA 141 82.11 4.07 -25.61
CA GLN PA 141 86.76 1.01 -22.34
C GLN PA 141 81.85 2.79 -26.39
C GLN PA 141 86.52 -0.33 -23.04
N VAL PA 142 81.26 2.91 -27.58
N VAL PA 142 85.65 -0.33 -24.05
CA VAL PA 142 80.95 1.71 -28.35
CA VAL PA 142 85.41 -1.55 -24.83
C VAL PA 142 82.23 1.08 -28.87
C VAL PA 142 86.73 -2.05 -25.41
N LYS PA 143 83.20 1.88 -29.30
N LYS PA 143 87.53 -1.14 -25.98
CA LYS PA 143 84.49 1.33 -29.70
CA LYS PA 143 88.83 -1.52 -26.50
C LYS PA 143 85.18 0.65 -28.53
C LYS PA 143 89.69 -2.10 -25.39
N ALA PA 144 85.17 1.29 -27.35
N ALA PA 144 89.71 -1.43 -24.23
CA ALA PA 144 85.83 0.69 -26.20
CA ALA PA 144 90.55 -1.90 -23.13
C ALA PA 144 85.18 -0.63 -25.83
C ALA PA 144 90.13 -3.28 -22.65
N ILE PA 145 83.85 -0.70 -25.86
N ILE PA 145 88.82 -3.50 -22.48
CA ILE PA 145 83.16 -1.94 -25.54
CA ILE PA 145 88.31 -4.79 -22.02
C ILE PA 145 83.49 -3.01 -26.57
C ILE PA 145 88.62 -5.89 -23.02
N LYS PA 146 83.59 -2.62 -27.85
N LYS PA 146 88.47 -5.60 -24.31
CA LYS PA 146 83.87 -3.59 -28.91
CA LYS PA 146 88.79 -6.60 -25.32
C LYS PA 146 85.25 -4.20 -28.75
C LYS PA 146 90.26 -7.02 -25.24
N GLU PA 147 86.24 -3.36 -28.45
N GLU PA 147 91.17 -6.03 -25.11
CA GLU PA 147 87.61 -3.84 -28.31
CA GLU PA 147 92.59 -6.33 -25.09
C GLU PA 147 87.76 -4.72 -27.07
C GLU PA 147 92.99 -7.15 -23.87
N LEU PA 148 87.21 -4.29 -25.93
N LEU PA 148 92.50 -6.76 -22.69
CA LEU PA 148 87.25 -5.14 -24.75
CA LEU PA 148 92.79 -7.52 -21.48
C LEU PA 148 86.57 -6.47 -25.03
C LEU PA 148 92.24 -8.92 -21.57
N GLY PA 149 85.38 -6.42 -25.65
N GLY PA 149 91.06 -9.06 -22.18
CA GLY PA 149 84.74 -7.65 -26.11
CA GLY PA 149 90.52 -10.39 -22.42
C GLY PA 149 85.64 -8.51 -26.97
C GLY PA 149 91.41 -11.20 -23.36
N ASP PA 150 86.30 -7.90 -27.97
N ASP PA 150 91.85 -10.58 -24.45
CA ASP PA 150 87.21 -8.63 -28.85
CA ASP PA 150 92.76 -11.25 -25.38
C ASP PA 150 88.35 -9.28 -28.07
C ASP PA 150 94.03 -11.71 -24.67
N HIS PA 151 88.89 -8.56 -27.09
N HIS PA 151 94.60 -10.87 -23.82
CA HIS PA 151 90.02 -9.09 -26.34
CA HIS PA 151 95.77 -11.26 -23.05
C HIS PA 151 89.58 -10.25 -25.46
C HIS PA 151 95.45 -12.43 -22.12
N VAL PA 152 88.42 -10.13 -24.83
N VAL PA 152 94.35 -12.34 -21.37
CA VAL PA 152 87.87 -11.21 -24.03
CA VAL PA 152 93.97 -13.41 -20.43
C VAL PA 152 87.66 -12.45 -24.88
C VAL PA 152 93.89 -14.74 -21.17
N THR PA 153 87.08 -12.28 -26.07
N THR PA 153 93.25 -14.72 -22.33
CA THR PA 153 86.84 -13.40 -26.97
CA THR PA 153 93.10 -15.92 -23.15
C THR PA 153 88.14 -14.17 -27.24
C THR PA 153 94.45 -16.51 -23.55
N ASN PA 154 89.17 -13.45 -27.68
N ASN PA 154 95.36 -15.66 -24.01
CA ASN PA 154 90.44 -14.12 -28.01
CA ASN PA 154 96.65 -16.17 -24.47
C ASN PA 154 91.04 -14.80 -26.79
C ASN PA 154 97.47 -16.70 -23.30
N LEU PA 155 91.03 -14.11 -25.63
N LEU PA 155 97.53 -15.94 -22.20
CA LEU PA 155 91.68 -14.64 -24.43
CA LEU PA 155 98.25 -16.40 -21.02
C LEU PA 155 91.10 -15.99 -24.03
C LEU PA 155 97.69 -17.72 -20.51
N ARG PA 156 89.78 -16.11 -23.98
N ARG PA 156 96.36 -17.90 -20.53
CA ARG PA 156 89.14 -17.40 -23.70
CA ARG PA 156 95.79 -19.17 -20.11
C ARG PA 156 89.44 -18.40 -24.81
C ARG PA 156 96.19 -20.30 -21.05
N LYS PA 157 89.29 -17.96 -26.06
N LYS PA 157 96.03 -20.10 -22.36
CA LYS PA 157 89.49 -18.86 -27.19
CA LYS PA 157 96.30 -21.17 -23.31
C LYS PA 157 90.88 -19.47 -27.18
C LYS PA 157 97.77 -21.56 -23.30
N MET PA 158 91.85 -18.77 -26.58
N MET PA 158 98.66 -20.60 -23.00
CA MET PA 158 93.23 -19.23 -26.43
CA MET PA 158 100.08 -20.90 -22.88
C MET PA 158 93.42 -20.13 -25.22
C MET PA 158 100.43 -21.66 -21.60
N GLY PA 159 92.46 -20.17 -24.30
N GLY PA 159 99.59 -21.59 -20.56
CA GLY PA 159 92.54 -21.08 -23.19
CA GLY PA 159 99.82 -22.37 -19.36
C GLY PA 159 92.79 -20.45 -21.83
C GLY PA 159 100.01 -21.58 -18.08
N ALA PA 160 92.83 -19.12 -21.75
N ALA PA 160 99.99 -20.24 -18.09
CA ALA PA 160 92.88 -18.48 -20.44
CA ALA PA 160 100.07 -19.47 -16.87
C ALA PA 160 91.62 -18.80 -19.66
C ALA PA 160 98.96 -19.86 -15.90
N PRO PA 161 91.70 -18.96 -18.31
N PRO PA 161 99.14 -19.63 -14.59
CA PRO PA 161 92.87 -18.80 -17.41
CA PRO PA 161 100.34 -19.08 -13.93
C PRO PA 161 93.62 -20.08 -17.04
C PRO PA 161 101.35 -20.17 -13.53
N GLU PA 162 93.30 -21.19 -17.70
N GLU PA 162 100.96 -21.43 -13.69
CA GLU PA 162 94.09 -22.39 -17.48
CA GLU PA 162 101.84 -22.53 -13.34
C GLU PA 162 95.47 -22.23 -18.10
C GLU PA 162 103.16 -22.45 -14.12
N SER PA 163 95.54 -21.82 -19.36
N SER PA 163 103.09 -22.07 -15.39
CA SER PA 163 96.80 -21.63 -20.07
CA SER PA 163 104.27 -21.99 -16.25
C SER PA 163 97.41 -20.29 -19.68
C SER PA 163 104.84 -20.58 -16.17
N GLY PA 164 98.52 -20.35 -18.94
N GLY PA 164 105.99 -20.44 -15.49
CA GLY PA 164 99.34 -19.16 -18.75
CA GLY PA 164 106.73 -19.20 -15.56
C GLY PA 164 100.05 -18.76 -20.04
C GLY PA 164 107.33 -18.97 -16.93
N LEU PA 165 100.35 -19.74 -20.89
N LEU PA 165 107.56 -20.06 -17.68
CA LEU PA 165 100.80 -19.45 -22.25
CA LEU PA 165 107.99 -19.93 -19.08
C LEU PA 165 99.86 -18.52 -22.98
C LEU PA 165 106.89 -19.31 -19.93
N ALA PA 166 98.54 -18.70 -22.79
N ALA PA 166 105.63 -19.61 -19.61
CA ALA PA 166 97.57 -17.84 -23.45
CA ALA PA 166 104.52 -18.97 -20.32
C ALA PA 166 97.81 -16.37 -23.14
C ALA PA 166 104.57 -17.45 -20.14
N GLU PA 167 97.91 -16.02 -21.85
N GLU PA 167 104.57 -17.00 -18.89
CA GLU PA 167 98.03 -14.62 -21.47
CA GLU PA 167 104.52 -15.56 -18.65
C GLU PA 167 99.37 -14.04 -21.90
C GLU PA 167 105.76 -14.87 -19.20
N TYR PA 168 100.45 -14.79 -21.72
N TYR PA 168 106.93 -15.51 -19.08
CA TYR PA 168 101.76 -14.35 -22.20
CA TYR PA 168 108.15 -14.97 -19.70
C TYR PA 168 101.72 -13.98 -23.69
C TYR PA 168 107.94 -14.75 -21.20
N LEU PA 169 101.23 -14.90 -24.53
N LEU PA 169 107.50 -15.79 -21.92
CA LEU PA 169 101.21 -14.67 -25.98
CA LEU PA 169 107.35 -15.68 -23.37
C LEU PA 169 100.20 -13.58 -26.37
C LEU PA 169 106.30 -14.63 -23.73
N PHE PA 170 99.08 -13.48 -25.67
N PHE PA 170 105.13 -14.65 -23.07
CA PHE PA 170 98.18 -12.38 -25.95
CA PHE PA 170 104.13 -13.60 -23.29
C PHE PA 170 98.79 -11.06 -25.54
C PHE PA 170 104.66 -12.21 -22.96
N ASP PA 171 99.46 -11.02 -24.38
N ASP PA 171 105.55 -12.09 -21.97
CA ASP PA 171 100.23 -9.84 -24.01
CA ASP PA 171 106.20 -10.82 -21.72
C ASP PA 171 101.24 -9.49 -25.10
C ASP PA 171 107.05 -10.39 -22.92
N LYS PA 172 101.89 -10.49 -25.70
N LYS PA 172 107.81 -11.32 -23.51
CA LYS PA 172 102.90 -10.15 -26.70
CA LYS PA 172 108.70 -10.95 -24.61
C LYS PA 172 102.28 -9.77 -28.03
C LYS PA 172 107.94 -10.70 -25.90
N HIS PA 173 101.32 -10.56 -28.52
N HIS PA 173 107.01 -11.58 -26.25
CA HIS PA 173 100.87 -10.44 -29.91
CA HIS PA 173 106.48 -11.57 -27.60
C HIS PA 173 99.73 -9.46 -30.08
C HIS PA 173 105.16 -10.82 -27.76
N THR PA 174 98.87 -9.28 -29.09
N THR PA 174 104.39 -10.63 -26.69
CA THR PA 174 97.78 -8.33 -29.24
CA THR PA 174 103.17 -9.86 -26.79
C THR PA 174 98.08 -6.98 -28.60
C THR PA 174 103.29 -8.46 -26.22
N LEU PA 175 98.52 -6.93 -27.34
N LEU PA 175 103.80 -8.32 -25.00
CA LEU PA 175 98.73 -5.66 -26.65
CA LEU PA 175 103.91 -7.00 -24.41
C LEU PA 175 100.14 -5.09 -26.82
C LEU PA 175 105.21 -6.27 -24.77
N GLY PA 176 101.01 -5.74 -27.59
N GLY PA 176 106.14 -6.92 -25.47
CA GLY PA 176 102.30 -5.14 -27.89
CA GLY PA 176 107.36 -6.27 -25.88
C GLY PA 176 102.49 -4.82 -29.36
C GLY PA 176 107.34 -5.81 -27.32
N ASP PA 177 101.46 -4.25 -29.98
N ASP PA 177 106.25 -5.15 -27.72
CA ASP PA 177 101.37 -4.07 -31.45
CA ASP PA 177 106.07 -4.65 -29.09
C ASP PA 177 101.55 -5.41 -32.17
C ASP PA 177 106.12 -5.80 -30.12
N SER QA 4 56.62 63.55 7.45
N SER QA 4 53.56 57.54 13.92
CA SER QA 4 57.17 62.96 8.67
CA SER QA 4 53.91 56.70 15.08
C SER QA 4 56.16 63.01 9.81
C SER QA 4 53.34 57.30 16.36
N THR QA 5 56.28 62.07 10.75
N THR QA 5 53.29 56.49 17.42
CA THR QA 5 55.45 62.08 11.94
CA THR QA 5 52.70 56.94 18.67
C THR QA 5 56.22 62.78 13.05
C THR QA 5 53.66 57.87 19.41
N SER QA 6 55.56 63.71 13.72
N SER QA 6 53.08 58.91 19.99
CA SER QA 6 56.23 64.52 14.73
CA SER QA 6 53.83 59.83 20.83
C SER QA 6 56.69 63.66 15.89
C SER QA 6 54.24 59.16 22.13
N GLN QA 7 57.94 63.86 16.32
N GLN QA 7 55.48 59.41 22.55
CA GLN QA 7 58.47 63.18 17.51
CA GLN QA 7 55.99 58.77 23.75
C GLN QA 7 57.60 63.35 18.75
C GLN QA 7 55.12 59.05 24.98
N VAL QA 8 56.76 64.39 18.84
N VAL QA 8 54.38 60.16 24.97
CA VAL QA 8 55.87 64.53 20.00
CA VAL QA 8 53.55 60.51 26.13
C VAL QA 8 54.50 63.88 19.76
C VAL QA 8 52.13 59.95 26.04
N ARG QA 9 54.18 63.50 18.53
N ARG QA 9 51.67 59.54 24.85
CA ARG QA 9 52.84 62.99 18.23
CA ARG QA 9 50.28 59.21 24.66
C ARG QA 9 52.55 61.74 19.04
C ARG QA 9 49.85 57.98 25.47
N GLN QA 10 51.47 61.79 19.81
N GLN QA 10 48.67 58.07 26.07
CA GLN QA 10 51.02 60.61 20.56
CA GLN QA 10 48.15 57.02 26.95
C GLN QA 10 49.50 60.66 20.68
C GLN QA 10 46.65 57.22 27.13
N ASN QA 11 48.83 59.63 20.17
N ASN QA 11 45.87 56.19 26.80
CA ASN QA 11 47.39 59.48 20.33
CA ASN QA 11 44.42 56.13 27.01
C ASN QA 11 46.62 60.67 19.75
C ASN QA 11 43.69 57.28 26.32
N TYR QA 12 47.10 61.22 18.65
N TYR QA 12 44.24 57.73 25.19
CA TYR QA 12 46.48 62.39 18.00
CA TYR QA 12 43.75 58.90 24.44
C TYR QA 12 46.04 61.98 16.60
C TYR QA 12 43.30 58.37 23.07
N HIS QA 13 44.72 61.80 16.44
N HIS QA 13 41.98 58.26 22.88
CA HIS QA 13 44.16 61.37 15.16
CA HIS QA 13 41.43 57.66 21.68
C HIS QA 13 44.19 62.49 14.13
C HIS QA 13 41.58 58.57 20.48
N GLN QA 14 44.49 62.12 12.88
N GLN QA 14 41.78 57.95 19.31
CA GLN QA 14 44.58 63.09 11.81
CA GLN QA 14 41.91 58.72 18.06
C GLN QA 14 43.25 63.79 11.57
C GLN QA 14 40.67 59.59 17.81
N ASP QA 15 42.13 63.15 11.91
N ASP QA 15 39.51 59.19 18.33
CA ASP QA 15 40.87 63.87 11.85
CA ASP QA 15 38.30 60.00 18.17
C ASP QA 15 40.81 64.94 12.93
C ASP QA 15 38.32 61.24 19.07
N SER QA 16 41.26 64.61 14.14
N SER QA 16 38.76 61.08 20.31
CA SER QA 16 41.23 65.59 15.21
CA SER QA 16 38.91 62.22 21.22
C SER QA 16 42.05 66.81 14.81
C SER QA 16 39.83 63.27 20.62
N GLU QA 17 43.25 66.57 14.29
N GLU QA 17 41.02 62.83 20.19
CA GLU QA 17 44.10 67.61 13.72
CA GLU QA 17 41.94 63.62 19.38
C GLU QA 17 43.35 68.42 12.68
C GLU QA 17 41.21 64.45 18.34
N ALA QA 18 42.69 67.73 11.75
N ALA QA 18 40.43 63.78 17.48
CA ALA QA 18 41.93 68.42 10.71
CA ALA QA 18 39.72 64.46 16.40
C ALA QA 18 40.87 69.33 11.33
C ALA QA 18 38.68 65.44 16.94
N ALA QA 19 40.22 68.88 12.37
N ALA QA 19 37.95 65.04 17.99
CA ALA QA 19 39.08 69.61 12.91
CA ALA QA 19 36.98 65.96 18.57
C ALA QA 19 39.52 70.84 13.69
C ALA QA 19 37.66 67.19 19.14
N ILE QA 20 40.74 70.82 14.26
N ILE QA 20 38.85 67.02 19.74
CA ILE QA 20 41.29 72.00 14.95
CA ILE QA 20 39.57 68.17 20.27
C ILE QA 20 41.59 73.12 13.97
C ILE QA 20 39.94 69.13 19.15
N ASN QA 21 42.16 72.79 12.80
N ASN QA 21 40.48 68.59 18.04
CA ASN QA 21 42.36 73.81 11.79
CA ASN QA 21 40.79 69.46 16.89
C ASN QA 21 41.03 74.41 11.35
C ASN QA 21 39.54 70.18 16.39
N ARG QA 22 39.98 73.59 11.31
N ARG QA 22 38.39 69.51 16.40
CA ARG QA 22 38.65 74.12 11.03
CA ARG QA 22 37.17 70.17 15.97
C ARG QA 22 38.21 75.08 12.14
C ARG QA 22 36.79 71.29 16.93
N GLN QA 23 38.43 74.70 13.40
N GLN QA 23 36.91 71.06 18.24
CA GLN QA 23 38.03 75.55 14.51
CA GLN QA 23 36.54 72.07 19.21
C GLN QA 23 38.86 76.84 14.56
C GLN QA 23 37.45 73.29 19.13
N ILE QA 24 40.16 76.74 14.29
N ILE QA 24 38.74 73.07 18.85
CA ILE QA 24 41.02 77.92 14.26
CA ILE QA 24 39.66 74.17 18.64
C ILE QA 24 40.42 78.96 13.33
C ILE QA 24 39.13 75.12 17.57
N ASN QA 25 40.18 78.58 12.07
N ASN QA 25 38.74 74.55 16.42
CA ASN QA 25 39.60 79.50 11.11
CA ASN QA 25 38.21 75.38 15.34
C ASN QA 25 38.25 80.01 11.59
C ASN QA 25 36.92 76.06 15.76
N LEU QA 26 37.49 79.16 12.29
N LEU QA 26 36.07 75.38 16.53
CA LEU QA 26 36.15 79.57 12.72
CA LEU QA 26 34.81 76.00 16.95
C LEU QA 26 36.23 80.61 13.84
C LEU QA 26 35.06 77.16 17.90
N GLU QA 27 37.15 80.44 14.78
N GLU QA 27 36.06 77.01 18.79
CA GLU QA 27 37.35 81.45 15.82
CA GLU QA 27 36.41 78.08 19.71
C GLU QA 27 37.78 82.79 15.19
C GLU QA 27 36.97 79.29 18.97
N LEU QA 28 38.77 82.74 14.30
N LEU QA 28 37.83 79.07 17.97
CA LEU QA 28 39.20 83.94 13.60
CA LEU QA 28 38.33 80.19 17.19
C LEU QA 28 38.08 84.57 12.78
C LEU QA 28 37.22 80.83 16.35
N TYR QA 29 37.15 83.76 12.27
N TYR QA 29 36.22 80.04 15.93
CA TYR QA 29 35.99 84.31 11.59
CA TYR QA 29 35.07 80.61 15.23
C TYR QA 29 35.09 85.06 12.56
C TYR QA 29 34.27 81.55 16.13
N ALA QA 30 34.81 84.44 13.72
N ALA QA 30 33.99 81.11 17.36
CA ALA QA 30 34.03 85.11 14.76
CA ALA QA 30 33.29 81.96 18.33
C ALA QA 30 34.68 86.44 15.15
C ALA QA 30 34.04 83.26 18.55
N SER QA 31 36.00 86.42 15.35
N SER QA 31 35.36 83.18 18.76
CA SER QA 31 36.73 87.65 15.66
CA SER QA 31 36.17 84.37 18.92
C SER QA 31 36.42 88.73 14.63
C SER QA 31 36.00 85.31 17.73
N TYR QA 32 36.50 88.38 13.34
N TYR QA 32 35.88 84.73 16.52
CA TYR QA 32 36.23 89.33 12.26
CA TYR QA 32 35.73 85.53 15.31
C TYR QA 32 34.80 89.85 12.34
C TYR QA 32 34.37 86.20 15.27
N VAL QA 33 33.85 88.97 12.62
N VAL QA 33 33.30 85.45 15.55
CA VAL QA 33 32.46 89.39 12.84
CA VAL QA 33 31.95 86.02 15.62
C VAL QA 33 32.40 90.44 13.93
C VAL QA 33 31.90 87.16 16.63
N TYR QA 34 33.03 90.17 15.07
N TYR QA 34 32.50 86.97 17.82
CA TYR QA 34 32.91 91.10 16.19
CA TYR QA 34 32.50 88.02 18.83
C TYR QA 34 33.58 92.43 15.88
C TYR QA 34 33.32 89.22 18.39
N LEU QA 35 34.73 92.41 15.17
N LEU QA 35 34.44 88.97 17.70
CA LEU QA 35 35.31 93.66 14.71
CA LEU QA 35 35.23 90.06 17.12
C LEU QA 35 34.37 94.40 13.77
C LEU QA 35 34.37 90.90 16.17
N SER QA 36 33.66 93.67 12.89
N SER QA 36 33.55 90.23 15.34
CA SER QA 36 32.73 94.29 11.96
CA SER QA 36 32.69 90.93 14.39
C SER QA 36 31.69 95.11 12.71
C SER QA 36 31.63 91.77 15.09
N MET QA 37 31.12 94.51 13.76
N MET QA 37 30.99 91.21 16.12
CA MET QA 37 30.05 95.15 14.53
CA MET QA 37 29.98 91.94 16.87
C MET QA 37 30.59 96.31 15.35
C MET QA 37 30.57 93.18 17.50
N SER QA 38 31.72 96.11 16.04
N SER QA 38 31.77 93.05 18.08
CA SER QA 38 32.26 97.14 16.90
CA SER QA 38 32.42 94.17 18.76
C SER QA 38 32.33 98.49 16.18
C SER QA 38 32.55 95.36 17.84
N TYR QA 39 32.85 98.49 14.95
N TYR QA 39 33.21 95.19 16.70
CA TYR QA 39 33.05 99.74 14.24
CA TYR QA 39 33.45 96.31 15.81
C TYR QA 39 31.81 100.23 13.50
C TYR QA 39 32.20 96.75 15.04
N TYR QA 40 30.78 99.40 13.34
N TYR QA 40 31.13 95.95 15.06
CA TYR QA 40 29.47 99.93 12.98
CA TYR QA 40 29.85 96.49 14.60
C TYR QA 40 28.96 100.87 14.07
C TYR QA 40 29.42 97.64 15.50
N PHE QA 41 29.07 100.46 15.33
N PHE QA 41 29.48 97.44 16.82
CA PHE QA 41 28.59 101.28 16.44
CA PHE QA 41 29.03 98.47 17.75
C PHE QA 41 29.49 102.47 16.71
C PHE QA 41 30.00 99.63 17.82
N ASP QA 42 30.67 102.53 16.10
N ASP QA 42 31.19 99.48 17.24
CA ASP QA 42 31.54 103.69 16.10
CA ASP QA 42 32.18 100.53 17.11
C ASP QA 42 31.17 104.71 15.02
C ASP QA 42 31.87 101.46 15.94
N ARG QA 43 30.17 104.41 14.19
N ARG QA 43 30.92 101.10 15.08
CA ARG QA 43 29.77 105.33 13.15
CA ARG QA 43 30.56 101.93 13.93
C ARG QA 43 29.11 106.58 13.73
C ARG QA 43 29.98 103.26 14.39
N ASP QA 44 29.35 107.71 13.07
N ASP QA 44 30.31 104.32 13.66
CA ASP QA 44 28.76 108.96 13.53
CA ASP QA 44 29.80 105.65 13.98
C ASP QA 44 27.24 108.92 13.51
C ASP QA 44 28.28 105.74 13.95
N ASP QA 45 26.62 108.12 12.63
N ASP QA 45 27.61 104.85 13.21
CA ASP QA 45 25.17 108.02 12.56
CA ASP QA 45 26.15 104.87 13.18
C ASP QA 45 24.63 106.83 13.34
C ASP QA 45 25.55 103.84 14.12
N VAL QA 46 25.47 106.19 14.18
N VAL QA 46 26.35 103.24 15.00
CA VAL QA 46 25.04 105.14 15.10
CA VAL QA 46 25.82 102.36 16.04
C VAL QA 46 25.44 105.57 16.51
C VAL QA 46 26.27 102.90 17.39
N ALA QA 47 26.75 105.69 16.73
N ALA QA 47 27.59 102.95 17.58
CA ALA QA 47 27.31 106.41 17.88
CA ALA QA 47 28.22 103.81 18.59
C ALA QA 47 26.84 105.84 19.23
C ALA QA 47 27.75 103.46 20.01
N LEU QA 48 26.91 104.51 19.35
N LEU QA 48 27.78 102.18 20.34
CA LEU QA 48 26.71 103.83 20.62
CA LEU QA 48 27.48 101.70 21.70
C LEU QA 48 28.09 103.28 21.00
C LEU QA 48 28.76 101.11 22.26
N LYS QA 49 28.86 104.08 21.74
N LYS QA 49 29.55 101.94 22.94
CA LYS QA 49 30.26 103.77 22.02
CA LYS QA 49 30.92 101.58 23.27
C LYS QA 49 30.43 102.57 22.96
C LYS QA 49 31.00 100.43 24.26
N ASN QA 50 29.45 102.23 23.78
N ASN QA 50 30.04 100.33 25.16
CA ASN QA 50 29.63 101.07 24.64
CA ASN QA 50 30.15 99.28 26.16
C ASN QA 50 29.25 99.77 23.94
C ASN QA 50 29.74 97.93 25.61
N PHE QA 51 28.32 99.81 22.99
N PHE QA 51 28.76 97.92 24.68
CA PHE QA 51 28.21 98.70 22.05
CA PHE QA 51 28.50 96.74 23.88
C PHE QA 51 29.52 98.52 21.29
C PHE QA 51 29.75 96.27 23.17
N ALA QA 52 30.15 99.62 20.90
N ALA QA 52 30.49 97.19 22.54
CA ALA QA 52 31.41 99.57 20.16
CA ALA QA 52 31.70 96.81 21.80
C ALA QA 52 32.48 98.86 20.98
C ALA QA 52 32.75 96.22 22.74
N LYS QA 53 32.64 99.24 22.23
N LYS QA 53 32.92 96.81 23.92
CA LYS QA 53 33.68 98.62 23.03
CA LYS QA 53 33.88 96.30 24.88
C LYS QA 53 33.31 97.22 23.50
C LYS QA 53 33.48 94.90 25.36
N TYR QA 54 32.02 96.91 23.62
N TYR QA 54 32.17 94.68 25.49
CA TYR QA 54 31.62 95.55 23.98
CA TYR QA 54 31.70 93.39 26.00
C TYR QA 54 32.02 94.54 22.91
C TYR QA 54 31.99 92.28 25.01
N PHE QA 55 31.76 94.87 21.64
N PHE QA 55 31.69 92.49 23.73
CA PHE QA 55 32.10 93.95 20.55
CA PHE QA 55 31.98 91.44 22.76
C PHE QA 55 33.59 93.94 20.24
C PHE QA 55 33.48 91.31 22.51
N LEU QA 56 34.26 95.08 20.37
N LEU QA 56 34.21 92.43 22.57
CA LEU QA 56 35.70 95.10 20.13
CA LEU QA 56 35.66 92.31 22.45
C LEU QA 56 36.42 94.16 21.09
C LEU QA 56 36.23 91.46 23.59
N HIS QA 57 35.94 94.09 22.33
N HIS QA 57 35.73 91.68 24.81
CA HIS QA 57 36.54 93.19 23.33
CA HIS QA 57 36.10 90.80 25.93
C HIS QA 57 36.26 91.73 23.00
C HIS QA 57 35.86 89.34 25.56
N GLN QA 58 35.02 91.40 22.60
N GLN QA 58 34.62 89.01 25.18
CA GLN QA 58 34.77 90.03 22.16
CA GLN QA 58 34.26 87.63 24.86
C GLN QA 58 35.64 89.69 20.95
C GLN QA 58 35.16 87.06 23.77
N SER QA 59 35.87 90.66 20.07
N SER QA 59 35.44 87.87 22.72
CA SER QA 59 36.73 90.42 18.90
CA SER QA 59 36.31 87.42 21.64
C SER QA 59 38.13 90.01 19.34
C SER QA 59 37.66 86.96 22.15
N HIS QA 60 38.73 90.72 20.31
N HIS QA 60 38.27 87.72 23.08
CA HIS QA 60 40.06 90.33 20.78
CA HIS QA 60 39.56 87.33 23.61
C HIS QA 60 40.02 88.95 21.45
C HIS QA 60 39.45 86.08 24.49
N GLU QA 61 38.93 88.64 22.16
N GLU QA 61 38.42 85.99 25.32
CA GLU QA 61 38.85 87.37 22.88
CA GLU QA 61 38.29 84.81 26.17
C GLU QA 61 38.81 86.20 21.92
C GLU QA 61 38.08 83.55 25.33
N GLU QA 62 38.11 86.34 20.78
N GLU QA 62 37.34 83.67 24.23
CA GLU QA 62 38.13 85.28 19.77
CA GLU QA 62 37.14 82.53 23.34
C GLU QA 62 39.50 85.11 19.13
C GLU QA 62 38.46 82.06 22.74
N ARG QA 63 40.28 86.19 19.01
N ARG QA 63 39.34 83.01 22.37
CA ARG QA 63 41.67 86.03 18.58
CA ARG QA 63 40.67 82.64 21.92
C ARG QA 63 42.43 85.14 19.55
C ARG QA 63 41.44 81.92 23.01
N GLU QA 64 42.32 85.42 20.85
N GLU QA 64 41.34 82.38 24.26
CA GLU QA 64 42.96 84.58 21.85
CA GLU QA 64 41.93 81.62 25.36
C GLU QA 64 42.45 83.14 21.76
C GLU QA 64 41.40 80.20 25.41
N HIS QA 65 41.17 82.92 21.42
N HIS QA 65 40.09 80.03 25.21
CA HIS QA 65 40.65 81.56 21.30
CA HIS QA 65 39.50 78.69 25.22
C HIS QA 65 41.37 80.80 20.18
C HIS QA 65 40.18 77.77 24.21
N ALA QA 66 41.59 81.46 19.04
N ALA QA 66 40.46 78.28 23.01
CA ALA QA 66 42.22 80.81 17.90
CA ALA QA 66 41.00 77.43 21.94
C ALA QA 66 43.70 80.54 18.15
C ALA QA 66 42.45 77.06 22.21
N GLU QA 67 44.40 81.52 18.73
N GLU QA 67 43.24 78.00 22.74
CA GLU QA 67 45.82 81.31 19.04
CA GLU QA 67 44.65 77.76 23.03
C GLU QA 67 46.02 80.14 20.01
C GLU QA 67 44.82 76.72 24.13
N LYS QA 68 45.13 80.01 21.00
N LYS QA 68 43.91 76.69 25.11
CA LYS QA 68 45.23 78.88 21.92
CA LYS QA 68 43.96 75.66 26.15
C LYS QA 68 45.05 77.55 21.19
C LYS QA 68 43.68 74.29 25.55
N LEU QA 69 44.12 77.51 20.23
N LEU QA 69 42.76 74.23 24.58
CA LEU QA 69 43.98 76.31 19.39
CA LEU QA 69 42.55 72.98 23.86
C LEU QA 69 45.23 76.08 18.56
C LEU QA 69 43.79 72.58 23.08
N MET QA 70 45.81 77.15 18.04
N MET QA 70 44.43 73.54 22.41
CA MET QA 70 47.08 77.03 17.32
CA MET QA 70 45.71 73.24 21.77
C MET QA 70 48.17 76.49 18.23
C MET QA 70 46.74 72.78 22.80
N LYS QA 71 48.22 76.98 19.48
N LYS QA 71 46.69 73.34 24.02
CA LYS QA 71 49.17 76.40 20.43
CA LYS QA 71 47.61 72.88 25.08
C LYS QA 71 48.87 74.92 20.67
C LYS QA 71 47.27 71.45 25.50
N LEU QA 72 47.59 74.57 20.87
N LEU QA 72 45.99 71.16 25.68
CA LEU QA 72 47.21 73.17 21.06
CA LEU QA 72 45.57 69.80 26.03
C LEU QA 72 47.73 72.29 19.91
C LEU QA 72 45.97 68.78 24.96
N GLN QA 73 47.55 72.74 18.66
N GLN QA 73 45.81 69.12 23.69
CA GLN QA 73 47.95 71.93 17.50
CA GLN QA 73 46.09 68.16 22.62
C GLN QA 73 49.44 71.58 17.54
C GLN QA 73 47.54 67.68 22.68
N ASN QA 74 50.29 72.58 17.78
N ASN QA 74 48.47 68.64 22.82
CA ASN QA 74 51.71 72.34 17.90
CA ASN QA 74 49.90 68.32 22.97
C ASN QA 74 52.03 71.49 19.13
C ASN QA 74 50.16 67.58 24.27
N GLN QA 75 51.36 71.74 20.26
N GLN QA 75 49.46 67.94 25.35
CA GLN QA 75 51.56 70.91 21.44
CA GLN QA 75 49.68 67.26 26.61
C GLN QA 75 51.34 69.43 21.13
C GLN QA 75 49.39 65.76 26.48
N ARG QA 76 50.30 69.10 20.38
N ARG QA 76 48.28 65.41 25.84
CA ARG QA 76 50.03 67.71 20.02
CA ARG QA 76 47.83 64.02 25.79
C ARG QA 76 50.78 67.29 18.76
C ARG QA 76 48.49 63.23 24.69
N GLY QA 77 51.43 68.21 18.06
N GLY QA 77 49.37 63.83 23.91
CA GLY QA 77 52.29 67.80 16.98
CA GLY QA 77 50.00 63.20 22.79
C GLY QA 77 51.58 67.61 15.65
C GLY QA 77 49.38 63.54 21.44
N GLY QA 78 50.39 68.17 15.49
N GLY QA 78 48.13 64.03 21.42
CA GLY QA 78 49.84 68.37 14.18
CA GLY QA 78 47.46 64.30 20.15
C GLY QA 78 50.45 69.59 13.56
C GLY QA 78 48.22 65.31 19.30
N ARG QA 79 49.85 69.99 12.43
N ARG QA 79 47.71 65.50 18.08
CA ARG QA 79 50.34 71.11 11.64
CA ARG QA 79 48.36 66.33 17.08
C ARG QA 79 49.23 72.12 11.41
C ARG QA 79 47.38 67.35 16.54
N ILE QA 80 49.58 73.38 11.51
N ILE QA 80 47.77 68.63 16.59
CA ILE QA 80 48.63 74.45 11.32
CA ILE QA 80 46.91 69.74 16.22
C ILE QA 80 48.60 74.78 9.83
C ILE QA 80 46.83 69.82 14.70
N PHE QA 81 47.40 74.76 9.26
N PHE QA 81 45.61 69.80 14.17
CA PHE QA 81 47.16 75.15 7.89
CA PHE QA 81 45.37 70.12 12.77
C PHE QA 81 46.08 76.22 7.95
C PHE QA 81 44.36 71.27 12.75
N LEU QA 82 46.45 77.47 7.74
N LEU QA 82 44.85 72.45 12.38
CA LEU QA 82 45.48 78.55 7.76
CA LEU QA 82 43.98 73.60 12.22
C LEU QA 82 44.73 78.63 6.44
C LEU QA 82 43.29 73.56 10.86
N GLN QA 83 43.50 79.12 6.50
N GLN QA 83 42.06 74.06 10.82
CA GLN QA 83 42.70 79.39 5.32
CA GLN QA 83 41.31 74.22 9.59
C GLN QA 83 42.22 80.85 5.36
C GLN QA 83 41.03 75.70 9.38
N ASP QA 84 41.67 81.32 4.25
N ASP QA 84 40.38 76.01 8.25
CA ASP QA 84 41.09 82.66 4.20
CA ASP QA 84 39.88 77.34 8.01
C ASP QA 84 40.14 82.85 5.36
C ASP QA 84 38.93 77.78 9.12
N ILE QA 85 40.05 84.09 5.85
N ILE QA 85 38.90 79.09 9.37
CA ILE QA 85 39.00 84.48 6.79
CA ILE QA 85 37.95 79.69 10.30
C ILE QA 85 37.93 85.18 5.97
C ILE QA 85 36.90 80.40 9.46
N GLN QA 86 36.78 84.53 5.85
N GLN QA 86 35.68 79.86 9.43
CA GLN QA 86 35.68 85.09 5.09
CA GLN QA 86 34.65 80.47 8.59
C GLN QA 86 35.19 86.36 5.76
C GLN QA 86 34.30 81.86 9.13
N LYS QA 87 34.84 87.34 4.93
N LYS QA 87 34.06 82.80 8.20
CA LYS QA 87 34.23 88.55 5.47
CA LYS QA 87 33.58 84.12 8.57
C LYS QA 87 32.92 88.18 6.16
C LYS QA 87 32.21 84.00 9.24
N PRO QA 88 32.49 88.97 7.15
N PRO QA 88 31.84 84.98 10.08
CA PRO QA 88 31.18 88.74 7.77
CA PRO QA 88 30.52 84.94 10.73
C PRO QA 88 30.08 88.81 6.72
C PRO QA 88 29.37 85.01 9.73
N ASP QA 89 28.92 88.20 7.05
N ASP QA 89 28.21 84.53 10.17
CA ASP QA 89 27.78 88.20 6.16
CA ASP QA 89 27.04 84.45 9.29
C ASP QA 89 27.07 89.56 6.04
C ASP QA 89 26.50 85.82 8.92
N GLU QA 90 27.45 90.56 6.84
N GLU QA 90 26.68 86.81 9.78
CA GLU QA 90 26.79 91.85 6.80
CA GLU QA 90 26.28 88.16 9.45
C GLU QA 90 27.83 92.96 6.91
C GLU QA 90 27.52 89.03 9.37
N ASP QA 91 27.49 94.14 6.40
N ASP QA 91 27.38 90.17 8.70
CA ASP QA 91 28.24 95.37 6.58
CA ASP QA 91 28.29 91.31 8.78
C ASP QA 91 27.55 96.34 7.51
C ASP QA 91 27.74 92.43 9.64
N ASP QA 92 26.25 96.51 7.32
N ASP QA 92 26.43 92.64 9.59
CA ASP QA 92 25.40 97.29 8.18
CA ASP QA 92 25.73 93.69 10.33
C ASP QA 92 24.74 96.34 9.17
C ASP QA 92 24.83 93.01 11.34
N TRP QA 93 24.95 96.57 10.46
N TRP QA 93 24.96 93.41 12.62
CA TRP QA 93 24.35 95.72 11.47
CA TRP QA 93 24.33 92.68 13.71
C TRP QA 93 23.04 96.26 12.03
C TRP QA 93 23.03 93.33 14.21
N GLU QA 94 22.56 97.41 11.51
N GLU QA 94 22.52 94.34 13.49
CA GLU QA 94 21.17 97.88 11.64
CA GLU QA 94 21.17 94.87 13.67
C GLU QA 94 20.83 98.47 13.00
C GLU QA 94 21.05 95.73 14.91
N SER QA 95 21.15 97.79 14.11
N SER QA 95 21.40 95.18 16.07
CA SER QA 95 20.89 98.34 15.43
CA SER QA 95 21.15 95.85 17.33
C SER QA 95 21.59 97.50 16.50
C SER QA 95 21.86 95.10 18.44
N GLY QA 96 21.59 98.03 17.72
N GLY QA 96 21.87 95.72 19.61
CA GLY QA 96 22.15 97.31 18.86
CA GLY QA 96 22.41 95.05 20.79
C GLY QA 96 21.49 95.98 19.15
C GLY QA 96 21.56 93.87 21.21
N LEU QA 97 20.17 95.89 18.95
N LEU QA 97 20.24 94.03 21.16
CA LEU QA 97 19.48 94.64 19.21
CA LEU QA 97 19.37 92.89 21.45
C LEU QA 97 19.76 93.59 18.14
C LEU QA 97 19.69 91.73 20.52
N ASN QA 98 19.72 93.99 16.87
N ASN QA 98 19.74 92.01 19.21
CA ASN QA 98 20.06 93.07 15.79
CA ASN QA 98 19.95 90.92 18.26
C ASN QA 98 21.48 92.54 15.94
C ASN QA 98 21.36 90.38 18.33
N ALA QA 99 22.42 93.41 16.30
N ALA QA 99 22.35 91.21 18.69
CA ALA QA 99 23.79 92.98 16.54
CA ALA QA 99 23.67 90.68 18.95
C ALA QA 99 23.85 91.90 17.62
C ALA QA 99 23.66 89.76 20.15
N MET QA 100 23.15 92.12 18.74
N MET QA 100 22.99 90.19 21.23
CA MET QA 100 23.21 91.15 19.83
CA MET QA 100 22.89 89.35 22.41
C MET QA 100 22.58 89.83 19.40
C MET QA 100 22.19 88.03 22.10
N GLU QA 101 21.47 89.89 18.66
N GLU QA 101 21.12 88.05 21.30
CA GLU QA 101 20.84 88.67 18.18
CA GLU QA 101 20.41 86.83 20.98
C GLU QA 101 21.73 87.92 17.21
C GLU QA 101 21.27 85.89 20.15
N ALA QA 102 22.41 88.64 16.31
N ALA QA 102 21.96 86.43 19.13
CA ALA QA 102 23.36 87.99 15.41
CA ALA QA 102 22.86 85.59 18.35
C ALA QA 102 24.52 87.38 16.21
C ALA QA 102 23.98 85.03 19.22
N ALA QA 103 25.06 88.14 17.17
N ALA QA 103 24.44 85.79 20.21
CA ALA QA 103 26.09 87.60 18.04
CA ALA QA 103 25.49 85.29 21.10
C ALA QA 103 25.61 86.32 18.71
C ALA QA 103 24.98 84.13 21.93
N LEU QA 104 24.37 86.34 19.22
N LEU QA 104 23.72 84.22 22.38
CA LEU QA 104 23.81 85.16 19.85
CA LEU QA 104 23.12 83.15 23.19
C LEU QA 104 23.79 83.97 18.89
C LEU QA 104 22.99 81.88 22.37
N HIS QA 105 23.28 84.19 17.67
N HIS QA 105 22.53 82.01 21.12
CA HIS QA 105 23.25 83.13 16.66
CA HIS QA 105 22.46 80.87 20.22
C HIS QA 105 24.66 82.66 16.33
C HIS QA 105 23.84 80.25 20.00
N LEU QA 106 25.59 83.59 16.17
N LEU QA 106 24.86 81.10 19.78
CA LEU QA 106 26.99 83.25 15.93
CA LEU QA 106 26.20 80.59 19.55
C LEU QA 106 27.56 82.36 17.04
C LEU QA 106 26.72 79.84 20.77
N GLU QA 107 27.37 82.75 18.31
N GLU QA 107 26.53 80.41 21.97
CA GLU QA 107 28.01 82.00 19.39
CA GLU QA 107 27.04 79.77 23.17
C GLU QA 107 27.48 80.57 19.48
C GLU QA 107 26.30 78.47 23.47
N LYS QA 108 26.20 80.37 19.20
N LYS QA 108 25.00 78.40 23.16
CA LYS QA 108 25.66 79.01 19.20
CA LYS QA 108 24.30 77.13 23.34
C LYS QA 108 26.25 78.19 18.05
C LYS QA 108 24.81 76.10 22.35
N ASN QA 109 26.37 78.79 16.86
N ASN QA 109 25.17 76.53 21.15
CA ASN QA 109 27.03 78.12 15.74
CA ASN QA 109 25.74 75.61 20.18
C ASN QA 109 28.44 77.69 16.10
C ASN QA 109 27.12 75.15 20.61
N VAL QA 110 29.20 78.57 16.77
N VAL QA 110 27.97 76.07 21.11
CA VAL QA 110 30.55 78.23 17.24
CA VAL QA 110 29.28 75.68 21.63
C VAL QA 110 30.47 77.15 18.31
C VAL QA 110 29.12 74.70 22.80
N ASN QA 111 29.50 77.29 19.22
N ASN QA 111 28.14 74.97 23.68
CA ASN QA 111 29.28 76.27 20.24
CA ASN QA 111 27.90 74.10 24.82
C ASN QA 111 28.98 74.92 19.60
C ASN QA 111 27.50 72.70 24.39
N GLN QA 112 28.26 74.90 18.47
N GLN QA 112 26.67 72.60 23.34
CA GLN QA 112 27.94 73.62 17.83
CA GLN QA 112 26.27 71.29 22.83
C GLN QA 112 29.20 72.96 17.25
C GLN QA 112 27.49 70.52 22.34
N SER QA 113 30.04 73.73 16.57
N SER QA 113 28.41 71.21 21.64
CA SER QA 113 31.34 73.22 16.12
CA SER QA 113 29.58 70.52 21.13
C SER QA 113 32.15 72.63 17.27
C SER QA 113 30.47 70.01 22.26
N LEU QA 114 32.08 73.24 18.45
N LEU QA 114 30.54 70.75 23.38
CA LEU QA 114 32.91 72.83 19.57
CA LEU QA 114 31.36 70.31 24.51
C LEU QA 114 32.42 71.51 20.17
C LEU QA 114 30.72 69.18 25.28
N LEU QA 115 31.11 71.30 20.20
N LEU QA 115 29.38 69.16 25.37
CA LEU QA 115 30.58 70.02 20.67
CA LEU QA 115 28.69 68.05 26.00
C LEU QA 115 30.94 68.91 19.69
C LEU QA 115 28.88 66.78 25.19
N GLU QA 116 30.79 69.18 18.39
N GLU QA 116 28.76 66.89 23.87
CA GLU QA 116 31.26 68.24 17.37
CA GLU QA 116 29.11 65.79 23.00
C GLU QA 116 32.74 67.91 17.57
C GLU QA 116 30.57 65.39 23.22
N LEU QA 117 33.54 68.90 17.98
N LEU QA 117 31.46 66.38 23.29
CA LEU QA 117 34.96 68.67 18.22
CA LEU QA 117 32.86 66.09 23.57
C LEU QA 117 35.13 67.78 19.43
C LEU QA 117 32.99 65.36 24.89
N HIS QA 118 34.41 68.07 20.49
N HIS QA 118 32.27 65.81 25.93
CA HIS QA 118 34.52 67.22 21.68
CA HIS QA 118 32.35 65.14 27.21
C HIS QA 118 34.02 65.80 21.38
C HIS QA 118 31.78 63.73 27.14
N LYS QA 119 32.94 65.66 20.61
N LYS QA 119 30.65 63.55 26.46
CA LYS QA 119 32.42 64.33 20.32
CA LYS QA 119 30.10 62.19 26.34
C LYS QA 119 33.42 63.53 19.50
C LYS QA 119 31.10 61.25 25.68
N LEU QA 120 34.06 64.18 18.52
N LEU QA 120 31.81 61.75 24.66
CA LEU QA 120 35.12 63.49 17.79
CA LEU QA 120 32.84 60.94 24.00
C LEU QA 120 36.27 63.13 18.70
C LEU QA 120 33.90 60.48 24.98
N ALA QA 121 36.66 64.05 19.58
N ALA QA 121 34.43 61.41 25.79
CA ALA QA 121 37.73 63.74 20.53
CA ALA QA 121 35.52 61.07 26.69
C ALA QA 121 37.34 62.57 21.43
C ALA QA 121 35.09 60.01 27.71
N HIS QA 122 36.10 62.55 21.91
N HIS QA 122 33.84 60.07 28.17
CA HIS QA 122 35.59 61.38 22.62
CA HIS QA 122 33.35 59.09 29.13
C HIS QA 122 35.63 60.13 21.73
C HIS QA 122 33.06 57.74 28.47
N ASP QA 123 35.22 60.28 20.47
N ASP QA 123 32.66 57.75 27.19
CA ASP QA 123 35.18 59.14 19.55
CA ASP QA 123 32.42 56.51 26.47
C ASP QA 123 36.55 58.55 19.30
C ASP QA 123 33.73 55.83 26.09
N LYS QA 124 37.58 59.38 19.27
N LYS QA 124 34.77 56.61 25.76
CA LYS QA 124 38.92 58.89 18.97
CA LYS QA 124 36.10 56.06 25.56
C LYS QA 124 39.71 58.58 20.23
C LYS QA 124 36.88 55.87 26.86
N ASN QA 125 39.04 58.50 21.38
N ASN QA 125 36.20 55.93 28.01
CA ASN QA 125 39.65 58.16 22.65
CA ASN QA 125 36.81 55.76 29.33
C ASN QA 125 40.85 59.07 22.95
C ASN QA 125 38.08 56.61 29.47
N ASP QA 126 40.60 60.38 22.84
N ASP QA 126 37.88 57.92 29.41
CA ASP QA 126 41.64 61.39 23.02
CA ASP QA 126 38.97 58.91 29.48
C ASP QA 126 41.21 62.26 24.20
C ASP QA 126 38.62 59.88 30.59
N PRO QA 127 41.48 61.80 25.42
N PRO QA 127 38.84 59.51 31.85
CA PRO QA 127 40.95 62.50 26.60
CA PRO QA 127 38.44 60.40 32.95
C PRO QA 127 41.61 63.85 26.87
C PRO QA 127 39.21 61.71 32.96
N HIS QA 128 42.85 64.06 26.39
N HIS QA 128 40.47 61.71 32.52
CA HIS QA 128 43.51 65.36 26.51
CA HIS QA 128 41.21 62.97 32.47
C HIS QA 128 42.82 66.40 25.63
C HIS QA 128 40.53 63.96 31.53
N LEU QA 129 42.51 66.05 24.38
N LEU QA 129 40.13 63.51 30.33
CA LEU QA 129 41.79 66.98 23.52
CA LEU QA 129 39.51 64.40 29.36
C LEU QA 129 40.40 67.25 24.06
C LEU QA 129 38.15 64.89 29.85
N ALA QA 130 39.74 66.22 24.60
N ALA QA 130 37.31 63.96 30.31
CA ALA QA 130 38.40 66.39 25.15
CA ALA QA 130 36.04 64.30 30.93
C ALA QA 130 38.44 67.26 26.40
C ALA QA 130 36.23 65.38 31.98
N ASP QA 131 39.37 66.98 27.29
N ASP QA 131 37.12 65.15 32.94
CA ASP QA 131 39.52 67.84 28.47
CA ASP QA 131 37.25 66.09 34.04
C ASP QA 131 39.90 69.26 28.07
C ASP QA 131 37.83 67.42 33.56
N PHE QA 132 40.80 69.42 27.10
N PHE QA 132 38.73 67.38 32.59
CA PHE QA 132 41.15 70.75 26.62
CA PHE QA 132 39.25 68.60 31.99
C PHE QA 132 39.92 71.53 26.22
C PHE QA 132 38.12 69.44 31.44
N ILE QA 133 39.02 70.89 25.45
N ILE QA 133 37.23 68.83 30.64
CA ILE QA 133 37.84 71.57 24.94
CA ILE QA 133 36.12 69.57 30.06
C ILE QA 133 36.90 71.95 26.08
C ILE QA 133 35.17 70.06 31.16
N GLU QA 134 36.65 71.02 27.00
N GLU QA 134 34.97 69.22 32.19
CA GLU QA 134 35.83 71.28 28.18
CA GLU QA 134 34.15 69.63 33.34
C GLU QA 134 36.38 72.44 28.99
C GLU QA 134 34.77 70.81 34.06
N THR QA 135 37.66 72.37 29.33
N THR QA 135 36.07 70.73 34.31
CA THR QA 135 38.24 73.31 30.27
CA THR QA 135 36.76 71.72 35.14
C THR QA 135 38.26 74.72 29.72
C THR QA 135 36.84 73.07 34.45
N HIS QA 136 38.50 74.88 28.41
N HIS QA 136 37.14 73.06 33.15
CA HIS QA 136 38.80 76.19 27.87
CA HIS QA 136 37.46 74.32 32.50
C HIS QA 136 37.67 76.81 27.07
C HIS QA 136 36.36 74.86 31.59
N TYR QA 137 36.78 76.00 26.50
N TYR QA 137 35.43 74.04 31.11
CA TYR QA 137 35.88 76.51 25.48
CA TYR QA 137 34.50 74.52 30.08
C TYR QA 137 34.42 76.28 25.77
C TYR QA 137 33.03 74.43 30.46
N LEU QA 138 34.04 75.13 26.35
N LEU QA 138 32.62 73.39 31.19
CA LEU QA 138 32.62 74.79 26.47
CA LEU QA 138 31.19 73.12 31.38
C LEU QA 138 31.91 75.72 27.45
C LEU QA 138 30.48 74.23 32.14
N ASN QA 139 32.46 75.90 28.64
N ASN QA 139 30.98 74.60 33.32
CA ASN QA 139 31.78 76.76 29.60
CA ASN QA 139 30.30 75.62 34.11
C ASN QA 139 31.84 78.22 29.19
C ASN QA 139 30.52 77.01 33.55
N GLU QA 140 32.92 78.66 28.54
N GLU QA 140 31.61 77.23 32.81
CA GLU QA 140 32.96 80.04 28.07
CA GLU QA 140 31.79 78.52 32.16
C GLU QA 140 31.92 80.29 27.00
C GLU QA 140 30.75 78.74 31.08
N GLN QA 141 31.63 79.27 26.18
N GLN QA 141 30.45 77.68 30.31
CA GLN QA 141 30.55 79.40 25.20
CA GLN QA 141 29.39 77.75 29.31
C GLN QA 141 29.21 79.54 25.89
C GLN QA 141 28.05 78.04 29.96
N VAL QA 142 28.93 78.67 26.86
N VAL QA 142 27.75 77.34 31.05
CA VAL QA 142 27.66 78.72 27.59
CA VAL QA 142 26.51 77.57 31.78
C VAL QA 142 27.49 80.07 28.28
C VAL QA 142 26.48 79.01 32.30
N LYS QA 143 28.57 80.61 28.87
N LYS QA 143 27.59 79.48 32.87
CA LYS QA 143 28.47 81.92 29.50
CA LYS QA 143 27.67 80.86 33.36
C LYS QA 143 28.16 83.00 28.48
C LYS QA 143 27.37 81.87 32.27
N ALA QA 144 28.90 83.01 27.37
N ALA QA 144 27.93 81.66 31.07
CA ALA QA 144 28.66 84.03 26.34
CA ALA QA 144 27.79 82.60 29.96
C ALA QA 144 27.23 83.96 25.83
C ALA QA 144 26.38 82.56 29.37
N ILE QA 145 26.74 82.75 25.54
N ILE QA 145 25.81 81.37 29.22
CA ILE QA 145 25.38 82.59 25.05
CA ILE QA 145 24.44 81.27 28.72
C ILE QA 145 24.36 83.10 26.08
C ILE QA 145 23.48 81.99 29.67
N LYS QA 146 24.50 82.68 27.33
N LYS QA 146 23.68 81.83 30.98
CA LYS QA 146 23.60 83.17 28.39
CA LYS QA 146 22.82 82.50 31.96
C LYS QA 146 23.63 84.68 28.49
C LYS QA 146 22.93 84.01 31.87
N GLU QA 147 24.81 85.28 28.31
N GLU QA 147 24.15 84.53 31.75
CA GLU QA 147 24.92 86.74 28.45
CA GLU QA 147 24.37 85.97 31.69
C GLU QA 147 24.27 87.46 27.28
C GLU QA 147 23.79 86.57 30.41
N LEU QA 148 24.56 87.01 26.06
N LEU QA 148 23.91 85.87 29.27
CA LEU QA 148 23.89 87.57 24.89
CA LEU QA 148 23.29 86.38 28.05
C LEU QA 148 22.38 87.45 25.01
C LEU QA 148 21.78 86.30 28.14
N GLY QA 149 21.89 86.30 25.47
N GLY QA 149 21.26 85.25 28.78
CA GLY QA 149 20.46 86.15 25.71
CA GLY QA 149 19.82 85.22 29.04
C GLY QA 149 19.91 87.19 26.66
C GLY QA 149 19.37 86.41 29.86
N ASP QA 150 20.57 87.37 27.81
N ASP QA 150 20.05 86.67 30.99
CA ASP QA 150 20.16 88.40 28.76
CA ASP QA 150 19.81 87.87 31.78
C ASP QA 150 20.02 89.74 28.08
C ASP QA 150 19.84 89.15 30.93
N HIS QA 151 21.09 90.17 27.38
N HIS QA 151 20.84 89.27 30.05
CA HIS QA 151 21.09 91.48 26.74
CA HIS QA 151 20.96 90.50 29.26
C HIS QA 151 19.90 91.62 25.79
C HIS QA 151 19.83 90.62 28.25
N VAL QA 152 19.68 90.60 24.96
N VAL QA 152 19.48 89.51 27.60
CA VAL QA 152 18.61 90.67 23.97
CA VAL QA 152 18.38 89.52 26.63
C VAL QA 152 17.27 90.84 24.67
C VAL QA 152 17.04 89.82 27.30
N THR QA 153 17.03 90.02 25.70
N THR QA 153 16.81 89.24 28.48
CA THR QA 153 15.82 90.15 26.51
CA THR QA 153 15.58 89.54 29.21
C THR QA 153 15.66 91.57 27.02
C THR QA 153 15.50 91.04 29.55
N ASN QA 154 16.72 92.13 27.62
N ASN QA 154 16.60 91.60 30.07
CA ASN QA 154 16.59 93.48 28.18
CA ASN QA 154 16.59 93.01 30.43
C ASN QA 154 16.37 94.51 27.09
C ASN QA 154 16.36 93.90 29.22
N LEU QA 155 17.11 94.39 25.97
N LEU QA 155 17.08 93.64 28.12
CA LEU QA 155 16.90 95.31 24.86
CA LEU QA 155 16.89 94.46 26.93
C LEU QA 155 15.46 95.26 24.34
C LEU QA 155 15.45 94.45 26.45
N ARG QA 156 14.93 94.04 24.15
N ARG QA 156 14.80 93.28 26.45
CA ARG QA 156 13.56 93.88 23.71
CA ARG QA 156 13.40 93.18 26.02
C ARG QA 156 12.57 94.40 24.73
C ARG QA 156 12.50 94.00 26.92
N LYS QA 157 12.79 94.08 26.01
N LYS QA 157 12.61 93.81 28.24
CA LYS QA 157 11.91 94.56 27.08
CA LYS QA 157 11.70 94.50 29.14
C LYS QA 157 11.86 96.08 27.14
C LYS QA 157 11.87 96.01 29.03
N MET QA 158 13.00 96.74 27.01
N MET QA 158 13.08 96.47 28.72
CA MET QA 158 13.04 98.20 26.96
CA MET QA 158 13.35 97.89 28.62
C MET QA 158 12.37 98.79 25.72
C MET QA 158 12.76 98.50 27.35
N GLY QA 159 12.07 97.98 24.71
N GLY QA 159 12.28 97.68 26.41
CA GLY QA 159 11.45 98.47 23.51
CA GLY QA 159 11.70 98.17 25.18
C GLY QA 159 12.35 98.65 22.32
C GLY QA 159 12.54 97.99 23.95
N ALA QA 160 13.56 98.07 22.32
N ALA QA 160 13.69 97.32 24.04
CA ALA QA 160 14.42 98.11 21.14
CA ALA QA 160 14.41 96.96 22.85
C ALA QA 160 13.73 97.43 19.96
C ALA QA 160 13.60 95.95 22.04
N PRO QA 161 14.17 97.71 18.72
N PRO QA 161 13.76 95.92 20.71
CA PRO QA 161 15.21 98.69 18.37
CA PRO QA 161 14.69 96.76 19.94
C PRO QA 161 14.66 100.03 17.88
C PRO QA 161 14.07 98.09 19.55
N GLU QA 162 13.32 100.17 17.86
N GLU QA 162 12.75 98.21 19.71
CA GLU QA 162 12.71 101.38 17.31
CA GLU QA 162 12.00 99.43 19.38
C GLU QA 162 12.93 102.58 18.22
C GLU QA 162 12.72 100.67 19.89
N SER QA 163 12.59 102.43 19.51
N SER QA 163 12.56 100.96 21.19
CA SER QA 163 12.91 103.46 20.49
CA SER QA 163 13.10 102.17 21.80
C SER QA 163 14.41 103.64 20.60
C SER QA 163 14.61 102.02 22.00
N GLY QA 164 14.94 104.72 20.01
N GLY QA 164 15.40 102.65 21.13
CA GLY QA 164 16.34 105.04 20.22
CA GLY QA 164 16.85 102.67 21.27
C GLY QA 164 16.69 105.21 21.69
C GLY QA 164 17.37 103.42 22.48
N LEU QA 165 15.72 105.62 22.51
N LEU QA 165 16.50 104.18 23.18
CA LEU QA 165 15.99 105.79 23.93
CA LEU QA 165 16.84 104.65 24.51
C LEU QA 165 16.35 104.49 24.62
C LEU QA 165 17.19 103.48 25.42
N ALA QA 166 15.77 103.36 24.19
N ALA QA 166 16.47 102.37 25.28
CA ALA QA 166 16.10 102.08 24.82
CA ALA QA 166 16.77 101.18 26.08
C ALA QA 166 17.55 101.67 24.55
C ALA QA 166 18.20 100.69 25.85
N GLU QA 167 17.99 101.78 23.29
N GLU QA 167 18.66 100.64 24.59
CA GLU QA 167 19.36 101.43 22.96
CA GLU QA 167 20.00 100.10 24.37
C GLU QA 167 20.35 102.38 23.62
C GLU QA 167 21.06 101.04 24.90
N TYR QA 168 20.04 103.67 23.69
N TYR QA 168 20.84 102.36 24.78
CA TYR QA 168 20.93 104.61 24.37
CA TYR QA 168 21.77 103.34 25.36
C TYR QA 168 21.11 104.21 25.84
C TYR QA 168 21.89 103.15 26.86
N LEU QA 169 20.00 104.03 26.56
N LEU QA 169 20.76 103.17 27.57
CA LEU QA 169 20.08 103.76 27.99
CA LEU QA 169 20.80 103.04 29.03
C LEU QA 169 20.74 102.43 28.28
C LEU QA 169 21.38 101.68 29.44
N PHE QA 170 20.56 101.43 27.40
N PHE QA 170 21.06 100.63 28.70
CA PHE QA 170 21.20 100.14 27.63
CA PHE QA 170 21.61 99.31 29.02
C PHE QA 170 22.71 100.24 27.44
C PHE QA 170 23.12 99.30 28.85
N ASP QA 171 23.12 100.98 26.41
N ASP QA 171 23.59 99.96 27.79
CA ASP QA 171 24.52 101.30 26.23
CA ASP QA 171 25.02 100.07 27.54
C ASP QA 171 25.14 101.89 27.49
C ASP QA 171 25.72 100.81 28.68
N LYS QA 172 24.44 102.83 28.13
N LYS QA 172 25.09 101.87 29.20
CA LYS QA 172 25.01 103.50 29.30
CA LYS QA 172 25.66 102.60 30.33
C LYS QA 172 24.94 102.62 30.54
C LYS QA 172 25.57 101.82 31.63
N HIS QA 173 23.80 101.99 30.79
N HIS QA 173 24.36 101.34 31.98
CA HIS QA 173 23.60 101.36 32.08
CA HIS QA 173 24.10 100.95 33.36
C HIS QA 173 24.02 99.90 32.13
C HIS QA 173 24.38 99.48 33.65
N THR QA 174 23.94 99.19 31.00
N THR QA 174 24.29 98.61 32.66
CA THR QA 174 24.38 97.80 31.01
CA THR QA 174 24.61 97.20 32.83
C THR QA 174 25.78 97.62 30.42
C THR QA 174 26.00 96.87 32.30
N LEU QA 175 26.03 98.15 29.22
N LEU QA 175 26.24 97.11 31.00
CA LEU QA 175 27.31 97.95 28.57
CA LEU QA 175 27.54 96.81 30.40
C LEU QA 175 28.41 98.85 29.12
C LEU QA 175 28.59 97.82 30.83
N GLY QA 176 28.07 99.98 29.73
N GLY QA 176 28.18 98.99 31.32
CA GLY QA 176 29.10 100.92 30.16
CA GLY QA 176 29.08 99.85 32.04
C GLY QA 176 29.44 100.89 31.64
C GLY QA 176 29.05 99.55 33.52
N ASP QA 177 30.05 99.79 32.10
N ASP QA 177 29.55 98.37 33.91
CA ASP QA 177 30.32 99.61 33.53
CA ASP QA 177 29.70 97.97 35.32
C ASP QA 177 29.03 99.74 34.35
C ASP QA 177 28.38 98.04 36.11
N SER RA 4 38.50 43.78 53.98
N SER RA 4 34.54 44.82 62.16
CA SER RA 4 37.23 44.47 54.17
CA SER RA 4 33.37 45.68 62.26
C SER RA 4 37.08 45.59 53.16
C SER RA 4 33.45 46.85 61.28
N THR RA 5 35.84 46.01 52.91
N THR RA 5 32.31 47.48 61.05
CA THR RA 5 35.61 47.13 51.99
CA THR RA 5 32.19 48.54 60.05
C THR RA 5 35.68 48.43 52.79
C THR RA 5 32.56 49.88 60.69
N SER RA 6 36.42 49.39 52.27
N SER RA 6 33.22 50.73 59.91
CA SER RA 6 36.54 50.66 52.96
CA SER RA 6 33.52 52.08 60.36
C SER RA 6 35.15 51.25 53.19
C SER RA 6 32.26 52.94 60.41
N GLN RA 7 35.02 52.01 54.28
N GLN RA 7 32.12 53.70 61.52
CA GLN RA 7 33.80 52.76 54.52
CA GLN RA 7 30.98 54.58 61.71
C GLN RA 7 33.62 53.89 53.50
C GLN RA 7 30.86 55.63 60.63
N VAL RA 8 34.71 54.37 52.89
N VAL RA 8 31.92 55.87 59.87
CA VAL RA 8 34.61 55.43 51.89
CA VAL RA 8 31.87 56.87 58.80
C VAL RA 8 34.49 54.92 50.47
C VAL RA 8 31.70 56.24 57.42
N ARG RA 9 34.72 53.62 50.22
N ARG RA 9 31.87 54.93 57.29
CA ARG RA 9 34.82 53.15 48.84
CA ARG RA 9 31.90 54.31 55.97
C ARG RA 9 33.48 53.27 48.13
C ARG RA 9 30.53 54.38 55.29
N GLN RA 10 33.52 53.75 46.89
N GLN RA 10 30.53 54.80 54.03
CA GLN RA 10 32.27 53.96 46.16
CA GLN RA 10 29.29 54.98 53.29
C GLN RA 10 32.58 54.15 44.69
C GLN RA 10 29.64 54.93 51.81
N ASN RA 11 32.09 53.23 43.86
N ASN RA 11 29.02 53.99 51.10
CA ASN RA 11 32.32 53.27 42.41
CA ASN RA 11 29.23 53.83 49.65
C ASN RA 11 33.80 53.21 42.04
C ASN RA 11 30.71 53.61 49.30
N TYR RA 12 34.59 52.47 42.81
N TYR RA 12 31.44 52.91 50.17
CA TYR RA 12 36.04 52.32 42.60
CA TYR RA 12 32.86 52.65 49.94
C TYR RA 12 36.34 50.87 42.21
C TYR RA 12 33.04 51.15 49.75
N HIS RA 13 36.61 50.65 40.93
N HIS RA 13 33.22 50.73 48.51
CA HIS RA 13 36.83 49.29 40.45
CA HIS RA 13 33.29 49.30 48.25
C HIS RA 13 38.19 48.75 40.90
C HIS RA 13 34.63 48.74 48.71
N GLN RA 14 38.25 47.45 41.21
N GLN RA 14 34.59 47.55 49.30
CA GLN RA 14 39.53 46.90 41.67
CA GLN RA 14 35.83 46.95 49.82
C GLN RA 14 40.58 46.92 40.56
C GLN RA 14 36.85 46.75 48.70
N ASP RA 15 40.16 46.84 39.30
N ASP RA 15 36.38 46.57 47.46
CA ASP RA 15 41.12 47.05 38.22
CA ASP RA 15 37.30 46.53 46.33
C ASP RA 15 41.65 48.48 38.22
C ASP RA 15 38.10 47.83 46.24
N SER RA 16 40.77 49.44 38.52
N SER RA 16 37.38 48.96 46.27
CA SER RA 16 41.24 50.82 38.69
CA SER RA 16 38.04 50.26 46.25
C SER RA 16 42.24 50.90 39.84
C SER RA 16 38.96 50.43 47.45
N GLU RA 17 41.86 50.39 41.00
N GLU RA 17 38.54 49.93 48.62
CA GLU RA 17 42.76 50.34 42.15
CA GLU RA 17 39.41 49.90 49.78
C GLU RA 17 44.11 49.71 41.78
C GLU RA 17 40.73 49.19 49.46
N ALA RA 18 44.07 48.66 40.95
N ALA RA 18 40.63 48.03 48.82
CA ALA RA 18 45.31 47.96 40.61
CA ALA RA 18 41.81 47.26 48.48
C ALA RA 18 46.13 48.78 39.63
C ALA RA 18 42.72 48.01 47.52
N ALA RA 19 45.48 49.43 38.68
N ALA RA 19 42.13 48.61 46.48
CA ALA RA 19 46.18 50.32 37.75
CA ALA RA 19 42.95 49.24 45.43
C ALA RA 19 46.76 51.57 38.45
C ALA RA 19 43.67 50.48 45.96
N ILE RA 20 46.14 52.01 39.55
N ILE RA 20 43.03 51.24 46.85
CA ILE RA 20 46.71 53.14 40.29
CA ILE RA 20 43.67 52.40 47.47
C ILE RA 20 48.02 52.73 40.95
C ILE RA 20 44.93 51.94 48.21
N ASN RA 21 48.05 51.54 41.55
N ASN RA 21 44.82 50.86 48.99
CA ASN RA 21 49.29 51.05 42.13
CA ASN RA 21 45.99 50.32 49.68
C ASN RA 21 50.39 50.90 41.08
C ASN RA 21 47.10 49.96 48.69
N ARG RA 22 50.03 50.42 39.88
N ARG RA 22 46.73 49.35 47.55
CA ARG RA 22 51.03 50.30 38.81
CA ARG RA 22 47.71 49.06 46.50
C ARG RA 22 51.58 51.67 38.44
C ARG RA 22 48.34 50.33 45.96
N GLN RA 23 50.69 52.66 38.30
N GLN RA 23 47.52 51.34 45.68
CA GLN RA 23 51.12 54.02 37.97
CA GLN RA 23 48.05 52.58 45.12
C GLN RA 23 52.01 54.60 39.06
C GLN RA 23 49.00 53.24 46.10
N ILE RA 24 51.70 54.34 40.33
N ILE RA 24 48.68 53.19 47.39
CA ILE RA 24 52.57 54.79 41.42
CA ILE RA 24 49.57 53.73 48.43
C ILE RA 24 53.98 54.25 41.24
C ILE RA 24 50.94 53.11 48.29
N ASN RA 25 54.12 52.96 40.94
N ASN RA 25 50.98 51.78 48.21
CA ASN RA 25 55.44 52.40 40.64
CA ASN RA 25 52.25 51.07 48.10
C ASN RA 25 56.08 53.07 39.43
C ASN RA 25 53.02 51.47 46.84
N LEU RA 26 55.29 53.48 38.44
N LEU RA 26 52.31 51.62 45.71
CA LEU RA 26 55.87 54.03 37.23
CA LEU RA 26 52.99 51.98 44.48
C LEU RA 26 56.37 55.45 37.45
C LEU RA 26 53.47 53.44 44.49
N GLU RA 27 55.63 56.24 38.24
N GLU RA 27 52.76 54.33 45.18
CA GLU RA 27 56.06 57.60 38.52
CA GLU RA 27 53.30 55.69 45.32
C GLU RA 27 57.32 57.61 39.38
C GLU RA 27 54.58 55.67 46.16
N LEU RA 28 57.39 56.71 40.37
N LEU RA 28 54.57 54.93 47.28
CA LEU RA 28 58.62 56.56 41.15
CA LEU RA 28 55.78 54.77 48.08
C LEU RA 28 59.79 56.12 40.27
C LEU RA 28 56.92 54.16 47.27
N TYR RA 29 59.53 55.30 39.25
N TYR RA 29 56.60 53.16 46.46
CA TYR RA 29 60.58 54.84 38.35
CA TYR RA 29 57.58 52.60 45.53
C TYR RA 29 61.08 56.01 37.51
C TYR RA 29 58.18 53.69 44.64
N ALA RA 30 60.16 56.79 36.95
N ALA RA 30 57.31 54.56 44.09
CA ALA RA 30 60.54 58.03 36.27
CA ALA RA 30 57.78 55.59 43.17
C ALA RA 30 61.37 58.93 37.18
C ALA RA 30 58.71 56.59 43.86
N SER RA 31 60.93 59.08 38.45
N SER RA 31 58.36 57.01 45.08
CA SER RA 31 61.73 59.84 39.40
CA SER RA 31 59.28 57.89 45.82
C SER RA 31 63.15 59.31 39.48
C SER RA 31 60.63 57.21 46.07
N TYR RA 32 63.30 57.99 39.45
N TYR RA 32 60.62 55.88 46.22
CA TYR RA 32 64.61 57.36 39.65
CA TYR RA 32 61.87 55.15 46.44
C TYR RA 32 65.48 57.53 38.40
C TYR RA 32 62.71 55.09 45.17
N VAL RA 33 64.86 57.45 37.23
N VAL RA 33 62.09 54.83 44.01
CA VAL RA 33 65.56 57.69 35.97
CA VAL RA 33 62.82 54.89 42.75
C VAL RA 33 66.11 59.11 35.93
C VAL RA 33 63.47 56.25 42.58
N TYR RA 34 65.29 60.09 36.31
N TYR RA 34 62.69 57.31 42.81
CA TYR RA 34 65.72 61.49 36.24
CA TYR RA 34 63.21 58.66 42.61
C TYR RA 34 66.83 61.79 37.26
C TYR RA 34 64.29 59.00 43.61
N LEU RA 35 66.71 61.25 38.48
N LEU RA 35 64.17 58.50 44.84
CA LEU RA 35 67.79 61.36 39.44
CA LEU RA 35 65.26 58.68 45.80
C LEU RA 35 69.10 60.85 38.84
C LEU RA 35 66.53 58.01 45.31
N SER RA 36 69.07 59.65 38.26
N SER RA 36 66.41 56.77 44.81
CA SER RA 36 70.26 59.11 37.62
CA SER RA 36 67.55 56.06 44.24
C SER RA 36 70.78 60.07 36.56
C SER RA 36 68.18 56.85 43.08
N MET RA 37 69.90 60.55 35.70
N MET RA 37 67.35 57.37 42.18
CA MET RA 37 70.34 61.51 34.69
CA MET RA 37 67.87 58.14 41.04
C MET RA 37 70.97 62.74 35.33
C MET RA 37 68.62 59.38 41.50
N SER RA 38 70.37 63.26 36.40
N SER RA 38 68.11 60.06 42.52
CA SER RA 38 70.89 64.49 36.99
CA SER RA 38 68.69 61.34 42.92
C SER RA 38 72.33 64.34 37.45
C SER RA 38 70.13 61.17 43.39
N TYR RA 39 72.65 63.26 38.14
N TYR RA 39 70.38 60.17 44.22
CA TYR RA 39 74.00 63.15 38.67
CA TYR RA 39 71.70 60.01 44.80
C TYR RA 39 75.00 62.64 37.63
C TYR RA 39 72.68 59.31 43.86
N TYR RA 40 74.53 62.24 36.45
N TYR RA 40 72.20 58.64 42.81
CA TYR RA 40 75.46 62.00 35.35
CA TYR RA 40 73.09 58.28 41.69
C TYR RA 40 76.11 63.31 34.90
C TYR RA 40 73.75 59.52 41.12
N PHE RA 41 75.31 64.37 34.77
N PHE RA 41 72.97 60.57 40.88
CA PHE RA 41 75.82 65.68 34.37
CA PHE RA 41 73.56 61.76 40.27
C PHE RA 41 76.52 66.42 35.48
C PHE RA 41 74.35 62.59 41.25
N ASP RA 42 76.44 65.92 36.71
N ASP RA 42 74.27 62.27 42.55
CA ASP RA 42 77.20 66.46 37.84
CA ASP RA 42 75.15 62.83 43.56
C ASP RA 42 78.62 65.91 37.88
C ASP RA 42 76.52 62.16 43.62
N ARG RA 43 78.90 64.81 37.17
N ARG RA 43 76.72 61.03 42.93
CA ARG RA 43 80.23 64.23 37.09
CA ARG RA 43 78.01 60.34 42.98
C ARG RA 43 81.25 65.22 36.55
C ARG RA 43 79.09 61.23 42.38
N ASP RA 44 82.48 65.13 37.07
N ASP RA 44 80.33 61.09 42.88
CA ASP RA 44 83.53 66.08 36.70
CA ASP RA 44 81.44 61.92 42.40
C ASP RA 44 83.87 65.97 35.22
C ASP RA 44 81.79 61.64 40.94
N ASP RA 45 83.64 64.83 34.60
N ASP RA 45 81.42 60.47 40.45
CA ASP RA 45 83.96 64.62 33.20
CA ASP RA 45 81.69 60.06 39.08
C ASP RA 45 82.75 64.83 32.30
C ASP RA 45 80.49 60.25 38.16
N VAL RA 46 81.70 65.47 32.81
N VAL RA 46 79.43 60.96 38.61
CA VAL RA 46 80.54 65.88 32.01
CA VAL RA 46 78.32 61.40 37.76
C VAL RA 46 80.26 67.35 32.28
C VAL RA 46 78.12 62.90 37.97
N ALA RA 47 80.01 67.70 33.55
N ALA RA 47 77.87 63.32 39.21
CA ALA RA 47 80.09 69.08 34.04
CA ALA RA 47 78.02 64.70 39.63
C ALA RA 47 79.10 70.01 33.35
C ALA RA 47 77.17 65.67 38.78
N LEU RA 48 77.87 69.53 33.15
N LEU RA 48 75.87 65.43 38.77
CA LEU RA 48 76.78 70.39 32.68
CA LEU RA 48 74.91 66.32 38.12
C LEU RA 48 75.80 70.58 33.84
C LEU RA 48 73.90 66.79 39.18
N LYS RA 49 76.06 71.60 34.64
N LYS RA 49 74.20 67.95 39.78
CA LYS RA 49 75.33 71.86 35.86
CA LYS RA 49 73.44 68.43 40.94
C LYS RA 49 73.85 72.13 35.61
C LYS RA 49 71.98 68.60 40.62
N ASN RA 50 73.51 72.85 34.53
N ASN RA 50 71.68 69.19 39.46
CA ASN RA 50 72.10 73.16 34.32
CA ASN RA 50 70.30 69.52 39.12
C ASN RA 50 71.34 71.98 33.73
C ASN RA 50 69.50 68.30 38.70
N PHE RA 51 71.98 71.14 32.92
N PHE RA 51 70.12 67.30 38.06
CA PHE RA 51 71.38 69.84 32.61
CA PHE RA 51 69.45 66.00 37.95
C PHE RA 51 71.09 69.08 33.90
C PHE RA 51 69.16 65.43 39.34
N ALA RA 52 72.06 69.05 34.82
N ALA RA 52 70.12 65.57 40.26
CA ALA RA 52 71.88 68.35 36.08
CA ALA RA 52 69.89 65.04 41.61
C ALA RA 52 70.69 68.93 36.85
C ALA RA 52 68.82 65.84 42.33
N LYS RA 53 70.61 70.25 36.95
N LYS RA 53 68.89 67.18 42.25
CA LYS RA 53 69.50 70.87 37.66
CA LYS RA 53 67.81 68.00 42.78
C LYS RA 53 68.17 70.60 36.94
C LYS RA 53 66.47 67.60 42.19
N TYR RA 54 68.17 70.60 35.62
N TYR RA 54 66.42 67.38 40.88
CA TYR RA 54 66.93 70.36 34.88
CA TYR RA 54 65.14 67.15 40.22
C TYR RA 54 66.36 68.98 35.21
C TYR RA 54 64.48 65.87 40.71
N PHE RA 55 67.21 67.95 35.21
N PHE RA 55 65.25 64.79 40.81
CA PHE RA 55 66.74 66.60 35.48
CA PHE RA 55 64.65 63.54 41.24
C PHE RA 55 66.47 66.36 36.97
C PHE RA 55 64.33 63.52 42.73
N LEU RA 56 67.22 67.00 37.87
N LEU RA 56 65.04 64.30 43.56
CA LEU RA 56 66.89 66.86 39.28
CA LEU RA 56 64.71 64.36 44.98
C LEU RA 56 65.52 67.44 39.59
C LEU RA 56 63.36 65.05 45.20
N HIS RA 57 65.16 68.54 38.92
N HIS RA 57 63.12 66.14 44.46
CA HIS RA 57 63.84 69.14 39.11
CA HIS RA 57 61.80 66.76 44.44
C HIS RA 57 62.75 68.21 38.61
C HIS RA 57 60.72 65.75 44.07
N GLN RA 58 62.89 67.69 37.38
N GLN RA 58 60.94 64.99 43.00
CA GLN RA 58 61.96 66.68 36.90
CA GLN RA 58 59.98 63.97 42.60
C GLN RA 58 61.90 65.49 37.87
C GLN RA 58 59.75 62.97 43.73
N SER RA 59 63.04 65.12 38.46
N SER RA 59 60.82 62.54 44.39
CA SER RA 59 63.05 64.02 39.42
CA SER RA 59 60.69 61.65 45.53
C SER RA 59 62.07 64.28 40.57
C SER RA 59 59.78 62.25 46.59
N HIS RA 60 62.18 65.45 41.21
N HIS RA 60 60.08 63.46 47.03
CA HIS RA 60 61.33 65.74 42.35
CA HIS RA 60 59.26 64.09 48.07
C HIS RA 60 59.86 65.88 41.94
C HIS RA 60 57.80 64.23 47.61
N GLU RA 61 59.59 66.37 40.73
N GLU RA 61 57.58 64.56 46.34
CA GLU RA 61 58.20 66.52 40.29
CA GLU RA 61 56.21 64.68 45.84
C GLU RA 61 57.54 65.16 40.09
C GLU RA 61 55.47 63.34 45.87
N GLU RA 62 58.25 64.22 39.44
N GLU RA 62 56.15 62.27 45.41
CA GLU RA 62 57.76 62.85 39.34
CA GLU RA 62 55.53 60.95 45.43
C GLU RA 62 57.45 62.27 40.71
C GLU RA 62 55.15 60.55 46.85
N ARG RA 63 58.29 62.56 41.71
N ARG RA 63 55.94 60.98 47.84
CA ARG RA 63 58.01 62.09 43.06
CA ARG RA 63 55.58 60.68 49.22
C ARG RA 63 56.70 62.68 43.58
C ARG RA 63 54.34 61.47 49.64
N GLU RA 64 56.43 63.93 43.24
N GLU RA 64 54.20 62.71 49.16
CA GLU RA 64 55.16 64.53 43.63
CA GLU RA 64 52.96 63.47 49.38
C GLU RA 64 54.00 63.88 42.89
C GLU RA 64 51.75 62.74 48.79
N HIS RA 65 54.20 63.50 41.62
N HIS RA 65 51.94 62.14 47.60
CA HIS RA 65 53.19 62.78 40.86
CA HIS RA 65 50.86 61.41 46.96
C HIS RA 65 52.81 61.47 41.55
C HIS RA 65 50.35 60.29 47.84
N ALA RA 66 53.81 60.76 42.05
N ALA RA 66 51.27 59.48 48.39
CA ALA RA 66 53.57 59.49 42.74
CA ALA RA 66 50.88 58.35 49.20
C ALA RA 66 52.82 59.71 44.05
C ALA RA 66 50.17 58.78 50.48
N GLU RA 67 53.18 60.76 44.78
N GLU RA 67 50.69 59.81 51.16
CA GLU RA 67 52.51 61.01 46.05
CA GLU RA 67 50.06 60.24 52.41
C GLU RA 67 51.05 61.40 45.82
C GLU RA 67 48.64 60.74 52.18
N LYS RA 68 50.78 62.18 44.79
N LYS RA 68 48.36 61.35 51.03
CA LYS RA 68 49.41 62.56 44.49
CA LYS RA 68 47.01 61.82 50.73
C LYS RA 68 48.55 61.35 44.14
C LYS RA 68 46.06 60.65 50.51
N LEU RA 69 49.15 60.34 43.53
N LEU RA 69 46.56 59.55 49.93
CA LEU RA 69 48.43 59.10 43.24
CA LEU RA 69 45.74 58.36 49.76
C LEU RA 69 48.20 58.29 44.52
C LEU RA 69 45.51 57.69 51.10
N MET RA 70 49.17 58.30 45.43
N MET RA 70 46.49 57.73 52.00
CA MET RA 70 48.99 57.55 46.66
CA MET RA 70 46.30 57.25 53.36
C MET RA 70 47.90 58.16 47.53
C MET RA 70 45.27 58.09 54.10
N LYS RA 71 47.82 59.50 47.52
N LYS RA 71 45.25 59.41 53.85
CA LYS RA 71 46.74 60.22 48.20
CA LYS RA 71 44.22 60.26 54.45
C LYS RA 71 45.39 59.86 47.59
C LYS RA 71 42.86 59.92 53.87
N LEU RA 72 45.29 59.93 46.26
N LEU RA 72 42.78 59.79 52.55
CA LEU RA 72 44.07 59.57 45.55
CA LEU RA 72 41.54 59.42 51.90
C LEU RA 72 43.62 58.15 45.92
C LEU RA 72 40.99 58.13 52.49
N GLN RA 73 44.57 57.20 45.91
N GLN RA 73 41.84 57.11 52.59
CA GLN RA 73 44.27 55.83 46.26
CA GLN RA 73 41.39 55.80 53.08
C GLN RA 73 43.56 55.77 47.60
C GLN RA 73 40.77 55.95 54.48
N ASN RA 74 44.10 56.48 48.59
N ASN RA 74 41.45 56.67 55.37
CA ASN RA 74 43.46 56.51 49.90
CA ASN RA 74 40.88 56.93 56.69
C ASN RA 74 42.14 57.25 49.85
C ASN RA 74 39.62 57.77 56.61
N GLN RA 75 42.04 58.27 49.01
N GLN RA 75 39.59 58.77 55.71
CA GLN RA 75 40.83 59.07 48.96
CA GLN RA 75 38.39 59.59 55.54
C GLN RA 75 39.62 58.20 48.58
C GLN RA 75 37.17 58.74 55.23
N ARG RA 76 39.82 57.28 47.64
N ARG RA 76 37.32 57.74 54.37
CA ARG RA 76 38.76 56.43 47.11
CA ARG RA 76 36.18 56.96 53.93
C ARG RA 76 38.61 55.13 47.90
C ARG RA 76 35.89 55.77 54.85
N GLY RA 77 39.46 54.89 48.89
N GLY RA 77 36.75 55.49 55.82
CA GLY RA 77 39.41 53.66 49.65
CA GLY RA 77 36.53 54.34 56.69
C GLY RA 77 40.24 52.52 49.08
C GLY RA 77 37.17 53.07 56.23
N GLY RA 78 41.04 52.77 48.05
N GLY RA 78 37.98 53.10 55.20
CA GLY RA 78 41.97 51.76 47.58
CA GLY RA 78 38.85 51.98 54.90
C GLY RA 78 43.09 51.53 48.58
C GLY RA 78 39.96 51.89 55.92
N ARG RA 79 43.81 50.43 48.39
N ARG RA 79 40.64 50.75 55.91
CA ARG RA 79 44.89 50.09 49.31
CA ARG RA 79 41.71 50.51 56.88
C ARG RA 79 46.20 50.14 48.56
C ARG RA 79 43.02 50.35 56.14
N ILE RA 80 47.12 50.98 49.02
N ILE RA 80 44.03 51.12 56.57
CA ILE RA 80 48.43 51.10 48.39
CA ILE RA 80 45.31 51.15 55.88
C ILE RA 80 49.21 49.81 48.57
C ILE RA 80 46.08 49.85 56.14
N PHE RA 81 49.73 49.27 47.47
N PHE RA 81 46.54 49.20 55.08
CA PHE RA 81 50.75 48.23 47.54
CA PHE RA 81 47.40 48.04 55.21
C PHE RA 81 51.93 48.64 46.66
C PHE RA 81 48.63 48.26 54.33
N LEU RA 82 53.07 48.90 47.29
N LEU RA 82 49.77 48.45 54.99
CA LEU RA 82 54.27 49.39 46.62
CA LEU RA 82 51.04 48.72 54.33
C LEU RA 82 55.17 48.25 46.16
C LEU RA 82 51.80 47.42 54.07
N GLN RA 83 55.79 48.42 45.00
N GLN RA 83 52.51 47.38 52.94
CA GLN RA 83 56.68 47.41 44.47
CA GLN RA 83 53.33 46.25 52.55
C GLN RA 83 58.11 47.93 44.40
C GLN RA 83 54.77 46.71 52.36
N ASP RA 84 59.03 47.02 44.09
N ASP RA 84 55.65 45.72 52.11
CA ASP RA 84 60.41 47.40 43.83
CA ASP RA 84 57.05 46.03 51.81
C ASP RA 84 60.47 48.49 42.78
C ASP RA 84 57.13 47.00 50.64
N ILE RA 85 61.34 49.47 42.98
N ILE RA 85 58.08 47.92 50.71
CA ILE RA 85 61.57 50.52 42.01
CA ILE RA 85 58.41 48.75 49.57
C ILE RA 85 62.80 50.12 41.21
C ILE RA 85 59.58 48.06 48.88
N GLN RA 86 62.62 49.81 39.93
N GLN RA 86 59.34 47.58 47.67
CA GLN RA 86 63.70 49.22 39.18
CA GLN RA 86 60.39 46.88 46.95
C GLN RA 86 64.72 50.28 38.83
C GLN RA 86 61.45 47.87 46.48
N LYS RA 87 65.98 49.89 38.84
N LYS RA 87 62.70 47.44 46.47
CA LYS RA 87 67.04 50.81 38.51
CA LYS RA 87 63.78 48.33 46.05
C LYS RA 87 66.96 51.18 37.03
C LYS RA 87 63.65 48.60 44.55
N PRO RA 88 67.37 52.38 36.64
N PRO RA 88 64.24 49.69 44.07
CA PRO RA 88 67.18 52.83 35.26
CA PRO RA 88 64.18 50.00 42.64
C PRO RA 88 67.98 52.00 34.26
C PRO RA 88 64.87 48.93 41.80
N ASP RA 89 67.48 52.00 33.02
N ASP RA 89 64.52 48.90 40.51
CA ASP RA 89 68.09 51.18 31.97
CA ASP RA 89 64.98 47.86 39.61
C ASP RA 89 69.56 51.52 31.67
C ASP RA 89 66.47 47.99 39.27
N GLU RA 90 70.01 52.73 32.04
N GLU RA 90 67.05 49.16 39.49
CA GLU RA 90 71.39 53.16 31.78
CA GLU RA 90 68.47 49.39 39.27
C GLU RA 90 72.04 53.68 33.06
C GLU RA 90 69.10 50.01 40.51
N ASP RA 91 73.37 53.55 33.12
N ASP RA 91 70.42 49.88 40.62
CA ASP RA 91 74.21 54.18 34.13
CA ASP RA 91 71.22 50.73 41.52
C ASP RA 91 74.90 55.42 33.60
C ASP RA 91 72.06 51.75 40.79
N ASP RA 92 75.34 55.35 32.34
N ASP RA 92 72.41 51.47 39.53
CA ASP RA 92 75.98 56.41 31.59
CA ASP RA 92 73.16 52.37 38.66
C ASP RA 92 74.98 56.92 30.55
C ASP RA 92 72.19 52.78 37.56
N TRP RA 93 74.69 58.23 30.58
N TRP RA 93 71.97 54.10 37.41
CA TRP RA 93 73.69 58.82 29.73
CA TRP RA 93 70.99 54.58 36.46
C TRP RA 93 74.28 59.49 28.48
C TRP RA 93 71.61 55.07 35.16
N GLU RA 94 75.58 59.31 28.25
N GLU RA 94 72.90 54.77 34.94
CA GLU RA 94 76.26 59.65 27.00
CA GLU RA 94 73.56 54.82 33.63
C GLU RA 94 76.42 61.15 26.76
C GLU RA 94 73.84 56.23 33.12
N SER RA 95 75.34 61.92 26.82
N SER RA 95 72.81 57.06 33.05
CA SER RA 95 75.39 63.31 26.41
CA SER RA 95 72.97 58.44 32.56
C SER RA 95 74.09 63.99 26.82
C SER RA 95 71.73 59.24 32.91
N GLY RA 96 74.11 65.32 26.79
N GLY RA 96 71.81 60.54 32.64
CA GLY RA 96 72.89 66.07 26.99
CA GLY RA 96 70.65 61.40 32.82
C GLY RA 96 71.80 65.68 25.99
C GLY RA 96 69.50 61.01 31.92
N LEU RA 97 72.17 65.55 24.72
N LEU RA 97 69.79 60.82 30.63
CA LEU RA 97 71.17 65.27 23.69
CA LEU RA 97 68.75 60.43 29.67
C LEU RA 97 70.59 63.88 23.85
C LEU RA 97 68.10 59.11 30.06
N ASN RA 98 71.43 62.90 24.19
N ASN RA 98 68.89 58.10 30.41
CA ASN RA 98 70.91 61.54 24.34
CA ASN RA 98 68.32 56.81 30.80
C ASN RA 98 70.05 61.41 25.59
C ASN RA 98 67.44 56.96 32.04
N ALA RA 99 70.41 62.12 26.67
N ALA RA 99 67.86 57.79 33.01
CA ALA RA 99 69.55 62.11 27.85
CA ALA RA 99 67.03 58.01 34.19
C ALA RA 99 68.21 62.76 27.56
C ALA RA 99 65.69 58.60 33.79
N MET RA 100 68.20 63.86 26.81
N MET RA 100 65.70 59.60 32.91
CA MET RA 100 66.93 64.47 26.42
CA MET RA 100 64.45 60.21 32.48
C MET RA 100 66.09 63.50 25.60
C MET RA 100 63.55 59.22 31.76
N GLU RA 101 66.73 62.82 24.65
N GLU RA 101 64.13 58.37 30.89
CA GLU RA 101 66.04 61.79 23.87
CA GLU RA 101 63.34 57.33 30.24
C GLU RA 101 65.47 60.71 24.78
C GLU RA 101 62.71 56.41 31.28
N ALA RA 102 66.28 60.25 25.75
N ALA RA 102 63.51 55.95 32.24
CA ALA RA 102 65.83 59.25 26.70
CA ALA RA 102 62.96 55.12 33.32
C ALA RA 102 64.63 59.75 27.50
C ALA RA 102 61.85 55.85 34.07
N ALA RA 103 64.69 61.01 27.94
N ALA RA 103 62.04 57.15 34.34
CA ALA RA 103 63.58 61.60 28.67
CA ALA RA 103 61.03 57.92 35.07
C ALA RA 103 62.31 61.66 27.82
C ALA RA 103 59.73 58.03 34.27
N LEU RA 104 62.45 62.01 26.53
N LEU RA 104 59.86 58.21 32.96
CA LEU RA 104 61.30 62.09 25.64
CA LEU RA 104 58.68 58.24 32.09
C LEU RA 104 60.58 60.74 25.57
C LEU RA 104 57.96 56.90 32.13
N HIS RA 105 61.31 59.69 25.18
N HIS RA 105 58.71 55.80 32.03
CA HIS RA 105 60.76 58.34 25.13
CA HIS RA 105 58.10 54.48 32.10
C HIS RA 105 60.16 57.93 26.47
C HIS RA 105 57.33 54.32 33.41
N LEU RA 106 60.76 58.34 27.58
N LEU RA 106 57.96 54.68 34.54
CA LEU RA 106 60.19 57.98 28.88
CA LEU RA 106 57.31 54.61 35.84
C LEU RA 106 58.85 58.65 29.09
C LEU RA 106 56.01 55.40 35.85
N GLU RA 107 58.73 59.93 28.70
N GLU RA 107 56.07 56.68 35.48
CA GLU RA 107 57.50 60.67 28.96
CA GLU RA 107 54.90 57.55 35.55
C GLU RA 107 56.35 60.19 28.08
C GLU RA 107 53.75 57.03 34.68
N LYS RA 108 56.63 59.77 26.85
N LYS RA 108 54.07 56.46 33.51
CA LYS RA 108 55.57 59.16 26.03
CA LYS RA 108 53.02 55.85 32.70
C LYS RA 108 55.18 57.80 26.57
C LYS RA 108 52.43 54.65 33.43
N ASN RA 109 56.14 57.03 27.07
N ASN RA 109 53.27 53.78 33.97
CA ASN RA 109 55.82 55.77 27.73
CA ASN RA 109 52.76 52.68 34.79
C ASN RA 109 54.93 56.01 28.95
C ASN RA 109 51.93 53.20 35.96
N VAL RA 110 55.27 56.99 29.78
N VAL RA 110 52.43 54.21 36.69
CA VAL RA 110 54.44 57.30 30.93
CA VAL RA 110 51.61 54.78 37.77
C VAL RA 110 53.08 57.82 30.47
C VAL RA 110 50.30 55.32 37.23
N ASN RA 111 53.07 58.61 29.39
N ASN RA 111 50.37 56.01 36.09
CA ASN RA 111 51.79 59.10 28.89
CA ASN RA 111 49.15 56.54 35.49
C ASN RA 111 50.90 57.97 28.40
C ASN RA 111 48.17 55.41 35.15
N GLN RA 112 51.48 56.97 27.73
N GLN RA 112 48.69 54.27 34.68
CA GLN RA 112 50.66 55.85 27.26
CA GLN RA 112 47.79 53.18 34.33
C GLN RA 112 49.98 55.17 28.44
C GLN RA 112 47.13 52.63 35.59
N SER RA 113 50.74 54.96 29.52
N SER RA 113 47.89 52.48 36.66
CA SER RA 113 50.20 54.35 30.72
CA SER RA 113 47.30 52.06 37.93
C SER RA 113 49.05 55.18 31.28
C SER RA 113 46.17 53.01 38.36
N LEU RA 114 49.15 56.50 31.20
N LEU RA 114 46.34 54.31 38.13
CA LEU RA 114 48.12 57.38 31.74
CA LEU RA 114 45.33 55.26 38.59
C LEU RA 114 46.87 57.40 30.87
C LEU RA 114 44.11 55.28 37.68
N LEU RA 115 47.07 57.45 29.54
N LEU RA 115 44.29 55.00 36.39
CA LEU RA 115 45.94 57.33 28.63
CA LEU RA 115 43.14 54.85 35.52
C LEU RA 115 45.23 55.99 28.82
C LEU RA 115 42.36 53.59 35.90
N GLU RA 116 45.99 54.89 28.97
N GLU RA 116 43.06 52.53 36.31
CA GLU RA 116 45.36 53.60 29.28
CA GLU RA 116 42.34 51.35 36.81
C GLU RA 116 44.64 53.64 30.63
C GLU RA 116 41.56 51.68 38.09
N LEU RA 117 45.20 54.38 31.61
N LEU RA 117 42.17 52.44 39.01
CA LEU RA 117 44.51 54.56 32.88
CA LEU RA 117 41.44 52.84 40.21
C LEU RA 117 43.20 55.33 32.68
C LEU RA 117 40.20 53.67 39.87
N HIS RA 118 43.24 56.40 31.88
N HIS RA 118 40.31 54.60 38.91
CA HIS RA 118 42.03 57.17 31.62
CA HIS RA 118 39.17 55.44 38.57
C HIS RA 118 40.99 56.33 30.89
C HIS RA 118 38.06 54.63 37.90
N LYS RA 119 41.41 55.50 29.93
N LYS RA 119 38.42 53.76 36.95
CA LYS RA 119 40.48 54.59 29.27
CA LYS RA 119 37.42 52.86 36.37
C LYS RA 119 39.82 53.67 30.27
C LYS RA 119 36.71 52.10 37.48
N LEU RA 120 40.62 53.06 31.14
N LEU RA 120 37.45 51.72 38.51
CA LEU RA 120 40.08 52.17 32.15
CA LEU RA 120 36.84 50.99 39.61
C LEU RA 120 39.01 52.87 32.99
C LEU RA 120 35.90 51.88 40.40
N ALA RA 121 39.31 54.12 33.42
N ALA RA 121 36.33 53.12 40.67
CA ALA RA 121 38.37 54.84 34.28
CA ALA RA 121 35.48 54.08 41.36
C ALA RA 121 37.06 55.10 33.56
C ALA RA 121 34.15 54.28 40.62
N HIS RA 122 37.14 55.60 32.33
N HIS RA 122 34.24 54.52 39.31
CA HIS RA 122 35.93 55.86 31.55
CA HIS RA 122 33.04 54.71 38.50
C HIS RA 122 35.13 54.57 31.33
C HIS RA 122 32.20 53.44 38.48
N ASP RA 123 35.84 53.45 31.12
N ASP RA 123 32.84 52.25 38.40
CA ASP RA 123 35.18 52.18 30.80
CA ASP RA 123 32.06 51.02 38.29
C ASP RA 123 34.45 51.60 32.00
C ASP RA 123 31.22 50.78 39.55
N LYS RA 124 35.01 51.77 33.19
N LYS RA 124 31.83 50.91 40.73
CA LYS RA 124 34.36 51.34 34.42
CA LYS RA 124 31.10 50.72 41.99
C LYS RA 124 33.42 52.41 34.96
C LYS RA 124 30.27 51.95 42.41
N ASN RA 125 33.06 53.39 34.15
N ASN RA 125 30.05 52.89 41.47
CA ASN RA 125 32.09 54.42 34.52
CA ASN RA 125 29.18 54.05 41.69
C ASN RA 125 32.50 55.13 35.81
C ASN RA 125 29.65 54.92 42.86
N ASP RA 126 33.76 55.58 35.82
N ASP RA 126 30.94 55.26 42.86
CA ASP RA 126 34.38 56.21 36.98
CA ASP RA 126 31.57 56.03 43.94
C ASP RA 126 34.76 57.64 36.56
C ASP RA 126 32.07 57.35 43.39
N PRO RA 127 33.79 58.56 36.55
N PRO RA 127 31.17 58.32 43.21
CA PRO RA 127 34.08 59.91 36.05
CA PRO RA 127 31.58 59.61 42.61
C PRO RA 127 35.00 60.72 36.97
C PRO RA 127 32.46 60.45 43.51
N HIS RA 128 35.03 60.40 38.26
N HIS RA 128 32.59 60.14 44.81
CA HIS RA 128 35.98 61.05 39.16
CA HIS RA 128 33.56 60.86 45.62
C HIS RA 128 37.42 60.70 38.81
C HIS RA 128 34.97 60.40 45.31
N LEU RA 129 37.70 59.41 38.61
N LEU RA 129 35.17 59.07 45.27
CA LEU RA 129 39.06 59.02 38.26
CA LEU RA 129 36.47 58.53 44.92
C LEU RA 129 39.46 59.62 36.92
C LEU RA 129 36.87 58.96 43.53
N ALA RA 130 38.57 59.53 35.93
N ALA RA 130 35.96 58.87 42.57
CA ALA RA 130 38.85 60.09 34.61
CA ALA RA 130 36.30 59.19 41.19
C ALA RA 130 39.27 61.55 34.69
C ALA RA 130 36.77 60.63 41.05
N ASP RA 131 38.48 62.36 35.42
N ASP RA 131 36.06 61.56 41.68
CA ASP RA 131 38.77 63.79 35.45
CA ASP RA 131 36.52 62.94 41.63
C ASP RA 131 40.00 64.09 36.30
C ASP RA 131 37.81 63.13 42.40
N PHE RA 132 40.22 63.28 37.34
N PHE RA 132 37.97 62.42 43.52
CA PHE RA 132 41.48 63.35 38.09
CA PHE RA 132 39.21 62.54 44.29
C PHE RA 132 42.69 63.23 37.17
C PHE RA 132 40.43 62.22 43.41
N ILE RA 133 42.69 62.25 36.26
N ILE RA 133 40.30 61.18 42.58
CA ILE RA 133 43.83 62.09 35.36
CA ILE RA 133 41.35 60.79 41.64
C ILE RA 133 43.88 63.26 34.37
C ILE RA 133 41.49 61.84 40.54
N GLU RA 134 42.74 63.56 33.74
N GLU RA 134 40.38 62.25 39.95
CA GLU RA 134 42.62 64.73 32.86
CA GLU RA 134 40.40 63.30 38.92
C GLU RA 134 43.20 65.98 33.50
C GLU RA 134 41.12 64.55 39.42
N THR RA 135 42.85 66.22 34.75
N THR RA 135 40.68 65.09 40.56
CA THR RA 135 43.19 67.48 35.41
CA THR RA 135 41.15 66.40 40.98
C THR RA 135 44.65 67.54 35.81
C THR RA 135 42.60 66.35 41.41
N HIS RA 136 45.18 66.50 36.43
N HIS RA 136 43.01 65.30 42.12
CA HIS RA 136 46.52 66.54 36.99
CA HIS RA 136 44.31 65.26 42.77
C HIS RA 136 47.58 65.92 36.10
C HIS RA 136 45.37 64.45 42.03
N TYR RA 137 47.19 65.19 35.08
N TYR RA 137 44.99 63.61 41.05
CA TYR RA 137 48.26 64.44 34.44
CA TYR RA 137 46.03 62.75 40.49
C TYR RA 137 48.30 64.63 32.93
C TYR RA 137 46.09 62.76 38.96
N LEU RA 138 47.16 64.71 32.26
N LEU RA 138 44.94 62.80 38.28
CA LEU RA 138 47.18 64.58 30.80
CA LEU RA 138 44.94 62.49 36.86
C LEU RA 138 47.88 65.77 30.17
C LEU RA 138 45.70 63.53 36.04
N ASN RA 139 47.47 66.98 30.52
N ASN RA 139 45.41 64.83 36.23
CA ASN RA 139 48.10 68.14 29.88
CA ASN RA 139 46.13 65.84 35.44
C ASN RA 139 49.55 68.31 30.34
C ASN RA 139 47.53 66.05 35.96
N GLU RA 140 49.85 67.97 31.60
N GLU RA 140 47.79 65.66 37.21
CA GLU RA 140 51.23 67.99 32.07
CA GLU RA 140 49.17 65.66 37.72
C GLU RA 140 52.11 67.03 31.28
C GLU RA 140 50.01 64.63 36.99
N GLN RA 141 51.57 65.87 30.89
N GLN RA 141 49.44 63.45 36.74
CA GLN RA 141 52.28 64.99 29.96
CA GLN RA 141 50.13 62.43 35.95
C GLN RA 141 52.54 65.68 28.62
C GLN RA 141 50.41 62.93 34.54
N VAL RA 142 51.51 66.34 28.08
N VAL RA 142 49.40 63.47 33.87
CA VAL RA 142 51.67 66.96 26.75
CA VAL RA 142 49.57 63.90 32.48
C VAL RA 142 52.66 68.11 26.81
C VAL RA 142 50.68 64.93 32.38
N LYS RA 143 52.63 68.89 27.89
N LYS RA 143 50.70 65.89 33.32
CA LYS RA 143 53.53 70.03 27.96
CA LYS RA 143 51.76 66.89 33.36
C LYS RA 143 54.96 69.59 28.11
C LYS RA 143 53.13 66.26 33.62
N ALA RA 144 55.20 68.52 28.88
N ALA RA 144 53.21 65.30 34.53
CA ALA RA 144 56.56 68.01 29.06
CA ALA RA 144 54.51 64.68 34.78
C ALA RA 144 57.07 67.37 27.79
C ALA RA 144 55.01 63.97 33.53
N ILE RA 145 56.21 66.68 27.05
N ILE RA 145 54.14 63.14 32.93
CA ILE RA 145 56.63 66.04 25.81
CA ILE RA 145 54.48 62.43 31.70
C ILE RA 145 56.92 67.10 24.75
C ILE RA 145 54.80 63.39 30.58
N LYS RA 146 56.16 68.18 24.76
N LYS RA 146 54.08 64.50 30.48
CA LYS RA 146 56.45 69.27 23.83
CA LYS RA 146 54.37 65.47 29.42
C LYS RA 146 57.76 69.95 24.18
C LYS RA 146 55.74 66.11 29.63
N GLU RA 147 57.99 70.22 25.47
N GLU RA 147 56.10 66.40 30.88
CA GLU RA 147 59.22 70.91 25.84
CA GLU RA 147 57.36 67.07 31.16
C GLU RA 147 60.44 70.05 25.56
C GLU RA 147 58.55 66.13 31.04
N LEU RA 148 60.34 68.73 25.74
N LEU RA 148 58.39 64.85 31.40
CA LEU RA 148 61.49 67.87 25.51
CA LEU RA 148 59.50 63.92 31.19
C LEU RA 148 61.80 67.78 24.02
C LEU RA 148 59.71 63.66 29.69
N GLY RA 149 60.76 67.74 23.18
N GLY RA 149 58.65 63.61 28.91
CA GLY RA 149 60.98 67.78 21.75
CA GLY RA 149 58.81 63.49 27.46
C GLY RA 149 61.64 69.08 21.31
C GLY RA 149 59.58 64.66 26.86
N ASP RA 150 61.22 70.21 21.91
N ASP RA 150 59.24 65.88 27.27
CA ASP RA 150 61.86 71.49 21.60
CA ASP RA 150 59.99 67.06 26.83
C ASP RA 150 63.34 71.44 21.93
C ASP RA 150 61.47 66.92 27.15
N HIS RA 151 63.68 70.98 23.13
N HIS RA 151 61.79 66.45 28.36
CA HIS RA 151 65.09 70.84 23.51
CA HIS RA 151 63.18 66.28 28.78
C HIS RA 151 65.82 69.92 22.53
C HIS RA 151 63.88 65.22 27.94
N VAL RA 152 65.20 68.79 22.19
N VAL RA 152 63.22 64.08 27.73
CA VAL RA 152 65.82 67.83 21.29
CA VAL RA 152 63.81 63.03 26.89
C VAL RA 152 66.10 68.49 19.93
C VAL RA 152 64.09 63.55 25.49
N THR RA 153 65.10 69.21 19.42
N THR RA 153 63.13 64.27 24.90
CA THR RA 153 65.26 69.93 18.17
CA THR RA 153 63.31 64.81 23.56
C THR RA 153 66.40 70.91 18.24
C THR RA 153 64.50 65.76 23.51
N ASN RA 154 66.48 71.67 19.34
N ASN RA 154 64.57 66.70 24.45
CA ASN RA 154 67.48 72.73 19.39
CA ASN RA 154 65.68 67.65 24.45
C ASN RA 154 68.88 72.17 19.54
C ASN RA 154 67.01 66.95 24.68
N LEU RA 155 69.03 71.13 20.36
N LEU RA 155 67.06 66.03 25.65
CA LEU RA 155 70.35 70.51 20.55
CA LEU RA 155 68.32 65.32 25.90
C LEU RA 155 70.85 69.93 19.24
C LEU RA 155 68.75 64.53 24.68
N ARG RA 156 69.96 69.30 18.47
N ARG RA 156 67.80 63.90 23.99
CA ARG RA 156 70.34 68.77 17.16
CA ARG RA 156 68.14 63.17 22.77
C ARG RA 156 70.75 69.87 16.21
C ARG RA 156 68.69 64.11 21.71
N LYS RA 157 69.93 70.93 16.10
N LYS RA 157 67.97 65.20 21.45
CA LYS RA 157 70.23 71.98 15.14
CA LYS RA 157 68.34 66.08 20.35
C LYS RA 157 71.54 72.71 15.45
C LYS RA 157 69.66 66.78 20.61
N MET RA 158 71.98 72.68 16.72
N MET RA 158 69.96 67.11 21.88
CA MET RA 158 73.22 73.31 17.17
CA MET RA 158 71.26 67.65 22.19
C MET RA 158 74.47 72.48 16.88
C MET RA 158 72.36 66.60 22.05
N GLY RA 159 74.32 71.21 16.55
N GLY RA 159 72.02 65.32 21.96
CA GLY RA 159 75.47 70.37 16.26
CA GLY RA 159 73.00 64.26 21.75
C GLY RA 159 75.72 69.25 17.23
C GLY RA 159 73.32 63.36 22.93
N ALA RA 160 74.91 69.11 18.28
N ALA RA 160 72.52 63.36 23.99
CA ALA RA 160 75.10 68.01 19.21
CA ALA RA 160 72.71 62.44 25.10
C ALA RA 160 74.91 66.66 18.50
C ALA RA 160 72.42 61.01 24.65
N PRO RA 161 75.55 65.59 19.00
N PRO RA 161 72.97 60.00 25.34
CA PRO RA 161 76.41 65.61 20.18
CA PRO RA 161 73.83 60.11 26.53
C PRO RA 161 77.87 65.86 19.87
C PRO RA 161 75.31 59.92 26.17
N GLU RA 162 78.22 65.85 18.58
N GLU RA 162 75.57 59.75 24.86
CA GLU RA 162 79.62 65.92 18.18
CA GLU RA 162 76.94 59.63 24.38
C GLU RA 162 80.24 67.24 18.64
C GLU RA 162 77.72 60.92 24.59
N SER RA 163 79.59 68.36 18.31
N SER RA 163 77.09 62.06 24.30
CA SER RA 163 80.03 69.67 18.78
CA SER RA 163 77.72 63.37 24.47
C SER RA 163 79.78 69.78 20.28
C SER RA 163 77.61 63.77 25.94
N GLY RA 164 80.85 69.74 21.08
N GLY RA 164 78.73 63.73 26.66
CA GLY RA 164 80.69 69.95 22.51
CA GLY RA 164 78.73 64.18 28.03
C GLY RA 164 80.35 71.39 22.87
C GLY RA 164 78.48 65.68 28.13
N LEU RA 165 80.64 72.34 21.96
N LEU RA 165 78.71 66.41 27.04
CA LEU RA 165 80.20 73.71 22.15
CA LEU RA 165 78.41 67.83 26.99
C LEU RA 165 78.68 73.81 22.17
C LEU RA 165 76.92 68.09 27.09
N ALA RA 166 77.99 72.93 21.42
N ALA RA 166 76.11 67.29 26.40
CA ALA RA 166 76.54 72.93 21.36
CA ALA RA 166 74.66 67.50 26.38
C ALA RA 166 75.92 72.71 22.73
C ALA RA 166 74.07 67.41 27.78
N GLU RA 167 76.31 71.63 23.41
N GLU RA 167 74.40 66.33 28.50
CA GLU RA 167 75.77 71.33 24.73
CA GLU RA 167 73.83 66.17 29.84
C GLU RA 167 76.08 72.44 25.73
C GLU RA 167 74.29 67.29 30.77
N TYR RA 168 77.34 72.89 25.78
N TYR RA 168 75.53 67.76 30.60
CA TYR RA 168 77.71 73.96 26.71
CA TYR RA 168 76.02 68.90 31.37
C TYR RA 168 76.81 75.19 26.54
C TYR RA 168 75.19 70.15 31.13
N LEU RA 169 76.61 75.64 25.30
N LEU RA 169 74.99 70.51 29.86
CA LEU RA 169 75.82 76.84 25.07
CA LEU RA 169 74.27 71.73 29.55
C LEU RA 169 74.32 76.59 25.28
C LEU RA 169 72.79 71.61 29.92
N PHE RA 170 73.84 75.39 24.99
N PHE RA 170 72.19 70.43 29.74
CA PHE RA 170 72.45 75.07 25.29
CA PHE RA 170 70.79 70.27 30.10
C PHE RA 170 72.23 74.99 26.80
C PHE RA 170 70.60 70.45 31.61
N ASP RA 171 73.19 74.42 27.53
N ASP RA 171 71.43 69.74 32.40
CA ASP RA 171 73.15 74.42 28.99
CA ASP RA 171 71.45 69.94 33.84
C ASP RA 171 73.03 75.82 29.55
C ASP RA 171 71.58 71.40 34.20
N LYS RA 172 73.89 76.74 29.10
N LYS RA 172 72.38 72.16 33.44
CA LYS RA 172 73.89 78.09 29.65
CA LYS RA 172 72.56 73.57 33.74
C LYS RA 172 72.68 78.90 29.21
C LYS RA 172 71.41 74.43 33.24
N HIS RA 173 72.29 78.78 27.94
N HIS RA 173 71.02 74.27 31.97
CA HIS RA 173 71.29 79.69 27.37
CA HIS RA 173 70.12 75.24 31.34
C HIS RA 173 69.88 79.15 27.40
C HIS RA 173 68.64 74.86 31.45
N THR RA 174 69.68 77.84 27.33
N THR RA 174 68.31 73.59 31.66
CA THR RA 174 68.32 77.32 27.42
CA THR RA 174 66.93 73.21 31.87
C THR RA 174 68.04 76.85 28.85
C THR RA 174 66.61 72.92 33.33
N LEU RA 175 68.84 75.92 29.37
N LEU RA 175 67.33 71.98 33.95
CA LEU RA 175 68.58 75.40 30.72
CA LEU RA 175 67.03 71.56 35.31
C LEU RA 175 69.05 76.34 31.83
C LEU RA 175 67.52 72.55 36.35
N GLY RA 176 69.94 77.31 31.54
N GLY RA 176 68.50 73.37 36.03
CA GLY RA 176 70.50 78.12 32.62
CA GLY RA 176 69.00 74.34 36.99
C GLY RA 176 70.07 79.58 32.68
C GLY RA 176 68.35 75.70 36.87
N ASP RA 177 68.80 79.84 32.98
N ASP RA 177 67.02 75.73 36.83
CA ASP RA 177 68.20 81.17 32.89
CA ASP RA 177 66.21 76.96 36.71
C ASP RA 177 68.30 81.72 31.45
C ASP RA 177 66.41 77.67 35.37
N SER SA 4 7.53 77.41 24.76
N SER SA 4 6.11 77.08 30.31
CA SER SA 4 8.61 77.95 23.93
CA SER SA 4 7.03 77.55 29.27
C SER SA 4 9.96 77.51 24.47
C SER SA 4 8.46 77.10 29.55
N THR SA 5 10.87 77.17 23.57
N THR SA 5 9.27 76.99 28.49
CA THR SA 5 12.22 76.88 24.00
CA THR SA 5 10.66 76.58 28.60
C THR SA 5 12.98 78.17 24.28
C THR SA 5 11.57 77.80 28.68
N SER SA 6 13.88 78.11 25.25
N SER SA 6 12.65 77.64 29.43
CA SER SA 6 14.76 79.23 25.53
CA SER SA 6 13.59 78.72 29.64
C SER SA 6 15.60 79.54 24.30
C SER SA 6 14.52 78.88 28.43
N GLN SA 7 15.83 80.83 24.06
N GLN SA 7 14.82 80.13 28.11
CA GLN SA 7 16.76 81.26 23.02
CA GLN SA 7 15.78 80.41 27.04
C GLN SA 7 18.17 80.73 23.24
C GLN SA 7 17.16 79.84 27.35
N VAL SA 8 18.54 80.43 24.50
N VAL SA 8 17.50 79.65 28.62
CA VAL SA 8 19.90 79.98 24.80
CA VAL SA 8 18.83 79.16 28.97
C VAL SA 8 20.02 78.46 24.84
C VAL SA 8 18.88 77.64 29.16
N ARG SA 9 18.90 77.73 24.83
N ARG SA 9 17.73 76.96 29.18
CA ARG SA 9 18.96 76.28 24.98
CA ARG SA 9 17.74 75.55 29.55
C ARG SA 9 19.65 75.63 23.78
C ARG SA 9 18.46 74.73 28.48
N GLN SA 10 20.71 74.87 24.05
N GLN SA 10 19.33 73.83 28.93
CA GLN SA 10 21.44 74.15 23.01
CA GLN SA 10 20.08 72.97 28.01
C GLN SA 10 22.05 72.88 23.61
C GLN SA 10 20.52 71.72 28.75
N ASN SA 11 21.77 71.74 23.00
N ASN SA 11 20.02 70.56 28.32
CA ASN SA 11 22.25 70.42 23.43
CA ASN SA 11 20.46 69.26 28.83
C ASN SA 11 21.84 70.09 24.86
C ASN SA 11 20.09 69.05 30.30
N TYR SA 12 20.78 70.70 25.39
N TYR SA 12 18.96 69.63 30.71
CA TYR SA 12 20.37 70.49 26.77
CA TYR SA 12 18.52 69.66 32.11
C TYR SA 12 19.12 69.63 26.74
C TYR SA 12 17.22 68.88 32.21
N HIS SA 13 19.25 68.38 27.19
N HIS SA 13 17.30 67.68 32.77
CA HIS SA 13 18.18 67.41 27.13
CA HIS SA 13 16.13 66.81 32.82
C HIS SA 13 17.23 67.55 28.31
C HIS SA 13 15.20 67.22 33.96
N GLN SA 14 15.93 67.40 28.05
N GLN SA 14 13.89 67.22 33.69
CA GLN SA 14 14.95 67.50 29.13
CA GLN SA 14 12.92 67.58 34.73
C GLN SA 14 15.13 66.41 30.20
C GLN SA 14 13.05 66.70 35.97
N ASP SA 15 15.76 65.27 29.87
N ASP SA 15 13.55 65.47 35.83
CA ASP SA 15 16.05 64.32 30.94
CA ASP SA 15 13.82 64.69 37.03
C ASP SA 15 17.17 64.82 31.84
C ASP SA 15 14.99 65.29 37.81
N SER SA 16 18.14 65.55 31.28
N SER SA 16 16.00 65.81 37.11
CA SER SA 16 19.20 66.08 32.11
CA SER SA 16 17.08 66.53 37.77
C SER SA 16 18.69 67.25 32.94
C SER SA 16 16.57 67.82 38.40
N GLU SA 17 17.79 68.05 32.34
N GLU SA 17 15.73 68.56 37.68
CA GLU SA 17 17.11 69.14 33.02
CA GLU SA 17 15.13 69.77 38.24
C GLU SA 17 16.34 68.67 34.25
C GLU SA 17 14.38 69.47 39.54
N ALA SA 18 15.52 67.61 34.09
N ALA SA 18 13.56 68.42 39.52
CA ALA SA 18 14.75 67.10 35.22
CA ALA SA 18 12.77 68.05 40.70
C ALA SA 18 15.65 66.52 36.30
C ALA SA 18 13.66 67.61 41.85
N ALA SA 19 16.76 65.89 35.92
N ALA SA 19 14.74 66.90 41.55
CA ALA SA 19 17.72 65.45 36.94
CA ALA SA 19 15.61 66.43 42.62
C ALA SA 19 18.34 66.64 37.67
C ALA SA 19 16.38 67.59 43.26
N ILE SA 20 18.58 67.74 36.96
N ILE SA 20 16.62 68.66 42.51
CA ILE SA 20 19.12 68.92 37.63
CA ILE SA 20 17.27 69.83 43.09
C ILE SA 20 18.13 69.41 38.71
C ILE SA 20 16.32 70.52 44.07
N ASN SA 21 16.84 69.50 38.35
N ASN SA 21 15.05 70.69 43.69
CA ASN SA 21 15.83 69.90 39.32
CA ASN SA 21 14.08 71.26 44.64
C ASN SA 21 15.77 68.94 40.50
C ASN SA 21 13.98 70.40 45.89
N ARG SA 22 15.95 67.63 40.27
N ARG SA 22 13.97 69.08 45.74
CA ARG SA 22 15.97 66.68 41.38
CA ARG SA 22 13.99 68.22 46.94
C ARG SA 22 17.21 66.89 42.25
C ARG SA 22 15.26 68.46 47.75
N GLN SA 23 18.36 67.19 41.64
N GLN SA 23 16.42 68.57 47.08
CA GLN SA 23 19.56 67.36 42.45
CA GLN SA 23 17.67 68.72 47.81
C GLN SA 23 19.45 68.61 43.33
C GLN SA 23 17.78 70.07 48.50
N ILE SA 24 18.89 69.70 42.77
N ILE SA 24 17.26 71.12 47.87
CA ILE SA 24 18.67 70.92 43.54
CA ILE SA 24 17.16 72.43 48.53
C ILE SA 24 17.93 70.60 44.85
C ILE SA 24 16.45 72.27 49.87
N ASN SA 25 16.85 69.82 44.74
N ASN SA 25 15.29 71.60 49.85
CA ASN SA 25 16.11 69.43 45.94
CA ASN SA 25 14.51 71.43 51.06
C ASN SA 25 16.95 68.59 46.88
C ASN SA 25 15.27 70.64 52.10
N LEU SA 26 17.81 67.73 46.34
N LEU SA 26 16.07 69.66 51.67
CA LEU SA 26 18.60 66.87 47.22
CA LEU SA 26 16.83 68.86 52.62
C LEU SA 26 19.64 67.69 47.99
C LEU SA 26 17.98 69.64 53.25
N GLU SA 27 20.20 68.71 47.36
N GLU SA 27 18.57 70.60 52.51
CA GLU SA 27 21.19 69.53 48.04
CA GLU SA 27 19.61 71.45 53.08
C GLU SA 27 20.54 70.36 49.13
C GLU SA 27 19.03 72.49 54.02
N LEU SA 28 19.35 70.89 48.87
N LEU SA 28 17.89 73.11 53.65
CA LEU SA 28 18.61 71.57 49.91
CA LEU SA 28 17.22 73.98 54.61
C LEU SA 28 18.21 70.61 51.02
C LEU SA 28 16.79 73.20 55.85
N TYR SA 29 17.94 69.35 50.67
N TYR SA 29 16.42 71.93 55.69
CA TYR SA 29 17.65 68.36 51.69
CA TYR SA 29 16.05 71.11 56.84
C TYR SA 29 18.87 68.10 52.57
C TYR SA 29 17.24 70.89 57.77
N ALA SA 30 20.07 68.00 51.99
N ALA SA 30 18.40 70.55 57.20
CA ALA SA 30 21.26 67.78 52.83
CA ALA SA 30 19.57 70.34 58.03
C ALA SA 30 21.58 69.02 53.66
C ALA SA 30 19.97 71.61 58.76
N SER SA 31 21.38 70.21 53.09
N SER SA 31 19.90 72.77 58.08
CA SER SA 31 21.53 71.43 53.86
CA SER SA 31 20.14 74.04 58.74
C SER SA 31 20.66 71.40 55.11
C SER SA 31 19.29 74.16 60.00
N TYR SA 32 19.44 70.87 54.97
N TYR SA 32 18.00 73.83 59.87
CA TYR SA 32 18.51 70.77 56.09
CA TYR SA 32 17.07 73.90 60.99
C TYR SA 32 18.96 69.74 57.11
C TYR SA 32 17.50 72.98 62.13
N VAL SA 33 19.51 68.60 56.64
N VAL SA 33 17.81 71.72 61.81
CA VAL SA 33 19.97 67.59 57.59
CA VAL SA 33 18.27 70.77 62.83
C VAL SA 33 21.07 68.15 58.47
C VAL SA 33 19.45 71.35 63.60
N TYR SA 34 22.05 68.83 57.86
N TYR SA 34 20.47 71.82 62.88
CA TYR SA 34 23.18 69.36 58.61
CA TYR SA 34 21.64 72.39 63.55
C TYR SA 34 22.76 70.52 59.51
C TYR SA 34 21.28 73.62 64.36
N LEU SA 35 21.79 71.32 59.06
N LEU SA 35 20.39 74.46 63.85
CA LEU SA 35 21.23 72.33 59.95
CA LEU SA 35 19.97 75.64 64.62
C LEU SA 35 20.63 71.68 61.19
C LEU SA 35 19.34 75.21 65.94
N SER SA 36 19.87 70.59 60.99
N SER SA 36 18.47 74.18 65.90
CA SER SA 36 19.32 69.86 62.13
CA SER SA 36 17.88 73.65 67.12
C SER SA 36 20.43 69.28 62.98
C SER SA 36 18.94 73.12 68.06
N MET SA 37 21.44 68.70 62.35
N MET SA 37 19.95 72.43 67.53
CA MET SA 37 22.54 68.12 63.11
CA MET SA 37 21.01 71.91 68.40
C MET SA 37 23.23 69.19 63.92
C MET SA 37 21.76 73.04 69.08
N SER SA 38 23.38 70.38 63.35
N SER SA 38 22.09 74.09 68.31
CA SER SA 38 24.09 71.46 64.02
CA SER SA 38 22.90 75.18 68.85
C SER SA 38 23.44 71.83 65.36
C SER SA 38 22.27 75.80 70.08
N TYR SA 39 22.13 72.12 65.33
N TYR SA 39 20.96 76.08 70.04
CA TYR SA 39 21.49 72.61 66.55
CA TYR SA 39 20.36 76.77 71.17
C TYR SA 39 21.13 71.50 67.53
C TYR SA 39 19.96 75.84 72.30
N TYR SA 40 21.21 70.22 67.11
N TYR SA 40 19.92 74.54 72.05
CA TYR SA 40 21.24 69.16 68.10
CA TYR SA 40 19.89 73.59 73.15
C TYR SA 40 22.48 69.29 69.00
C TYR SA 40 21.10 73.78 74.06
N PHE SA 41 23.64 69.60 68.43
N PHE SA 41 22.29 73.93 73.47
CA PHE SA 41 24.84 69.73 69.26
CA PHE SA 41 23.48 74.06 74.29
C PHE SA 41 24.90 71.05 70.02
C PHE SA 41 23.65 75.45 74.88
N ASP SA 42 24.02 72.01 69.69
N ASP SA 42 22.85 76.43 74.44
CA ASP SA 42 23.90 73.25 70.44
CA ASP SA 42 22.85 77.76 75.02
C ASP SA 42 23.01 73.11 71.69
C ASP SA 42 21.94 77.86 76.26
N ARG SA 43 22.30 71.99 71.83
N ARG SA 43 21.19 76.81 76.57
CA ARG SA 43 21.48 71.74 73.01
CA ARG SA 43 20.32 76.79 77.76
C ARG SA 43 22.32 71.76 74.28
C ARG SA 43 21.14 76.91 79.03
N ASP SA 44 21.74 72.30 75.37
N ASP SA 44 20.58 77.59 80.03
CA ASP SA 44 22.40 72.36 76.66
CA ASP SA 44 21.32 77.76 81.30
C ASP SA 44 22.78 70.99 77.22
C ASP SA 44 21.60 76.43 81.97
N ASP SA 45 22.08 69.93 76.82
N ASP SA 45 20.80 75.39 81.71
CA ASP SA 45 22.36 68.58 77.28
CA ASP SA 45 21.04 74.08 82.32
C ASP SA 45 23.20 67.82 76.26
C ASP SA 45 21.80 73.13 81.41
N VAL SA 46 23.68 68.48 75.22
N VAL SA 46 22.35 73.64 80.31
CA VAL SA 46 24.62 67.90 74.27
CA VAL SA 46 23.30 72.90 79.50
C VAL SA 46 25.89 68.72 74.32
C VAL SA 46 24.59 73.71 79.44
N ALA SA 47 25.79 69.99 73.98
N ALA SA 47 24.52 74.94 78.94
CA ALA SA 47 26.80 71.01 74.31
CA ALA SA 47 25.63 75.91 79.03
C ALA SA 47 28.18 70.67 73.73
C ALA SA 47 26.96 75.32 78.55
N LEU SA 48 28.24 70.42 72.42
N LEU SA 48 26.98 74.84 77.31
CA LEU SA 48 29.52 70.24 71.73
CA LEU SA 48 28.22 74.44 76.65
C LEU SA 48 29.61 71.30 70.64
C LEU SA 48 28.38 75.36 75.44
N LYS SA 49 30.17 72.46 71.00
N LYS SA 49 29.08 76.48 75.65
CA LYS SA 49 30.13 73.64 70.14
CA LYS SA 49 29.09 77.57 74.69
C LYS SA 49 30.80 73.42 68.79
C LYS SA 49 29.68 77.16 73.34
N ASN SA 50 31.89 72.64 68.75
N ASN SA 50 30.81 76.44 73.36
CA ASN SA 50 32.58 72.48 67.48
CA ASN SA 50 31.45 76.10 72.07
C ASN SA 50 31.91 71.45 66.59
C ASN SA 50 30.69 75.00 71.32
N PHE SA 51 31.31 70.42 67.17
N PHE SA 51 30.00 74.10 72.03
CA PHE SA 51 30.38 69.60 66.41
CA PHE SA 51 29.00 73.22 71.38
C PHE SA 51 29.30 70.48 65.79
C PHE SA 51 27.95 74.06 70.66
N ALA SA 52 28.71 71.37 66.60
N ALA SA 52 27.42 75.06 71.35
CA ALA SA 52 27.71 72.31 66.07
CA ALA SA 52 26.46 75.98 70.72
C ALA SA 52 28.30 73.18 64.96
C ALA SA 52 27.05 76.62 69.48
N LYS SA 53 29.46 73.79 65.22
N LYS SA 53 28.27 77.17 69.60
CA LYS SA 53 30.09 74.61 64.19
CA LYS SA 53 28.88 77.82 68.46
C LYS SA 53 30.39 73.80 62.93
C LYS SA 53 29.10 76.84 67.32
N TYR SA 54 30.85 72.56 63.10
N TYR SA 54 29.55 75.63 67.65
CA TYR SA 54 31.23 71.76 61.93
CA TYR SA 54 29.86 74.64 66.62
C TYR SA 54 30.03 71.51 61.01
C TYR SA 54 28.66 74.36 65.74
N PHE SA 55 28.88 71.15 61.57
N PHE SA 55 27.51 74.04 66.35
CA PHE SA 55 27.74 70.82 60.71
CA PHE SA 55 26.30 73.74 65.58
C PHE SA 55 27.08 72.05 60.13
C PHE SA 55 25.71 74.99 64.95
N LEU SA 56 27.03 73.15 60.89
N LEU SA 56 25.88 76.16 65.57
CA LEU SA 56 26.48 74.39 60.35
CA LEU SA 56 25.42 77.38 64.91
C LEU SA 56 27.20 74.82 59.09
C LEU SA 56 26.15 77.60 63.59
N HIS SA 57 28.53 74.64 59.06
N HIS SA 57 27.48 77.40 63.57
CA HIS SA 57 29.27 74.95 57.85
CA HIS SA 57 28.22 77.50 62.32
C HIS SA 57 28.93 73.98 56.72
C HIS SA 57 27.73 76.48 61.30
N GLN SA 58 28.68 72.70 57.04
N GLN SA 58 27.50 75.23 61.73
CA GLN SA 58 28.26 71.77 56.00
CA GLN SA 58 27.00 74.23 60.80
C GLN SA 58 26.89 72.15 55.45
C GLN SA 58 25.63 74.62 60.24
N SER SA 59 25.97 72.57 56.34
N SER SA 59 24.84 75.34 61.02
CA SER SA 59 24.66 73.02 55.90
CA SER SA 59 23.52 75.75 60.54
C SER SA 59 24.76 74.23 54.98
C SER SA 59 23.66 76.77 59.41
N HIS SA 60 25.64 75.17 55.31
N HIS SA 60 24.58 77.72 59.55
CA HIS SA 60 25.83 76.35 54.48
CA HIS SA 60 24.77 78.71 58.50
C HIS SA 60 26.45 75.99 53.13
C HIS SA 60 25.40 78.09 57.26
N GLU SA 61 27.47 75.12 53.15
N GLU SA 61 26.34 77.14 57.44
CA GLU SA 61 28.07 74.66 51.90
CA GLU SA 61 26.87 76.37 56.31
C GLU SA 61 27.05 73.91 51.04
C GLU SA 61 25.74 75.74 55.48
N GLU SA 62 26.19 73.12 51.66
N GLU SA 62 24.85 75.00 56.13
CA GLU SA 62 25.14 72.43 50.90
CA GLU SA 62 23.75 74.36 55.40
C GLU SA 62 24.23 73.44 50.22
C GLU SA 62 22.92 75.37 54.64
N ARG SA 63 23.88 74.51 50.92
N ARG SA 63 22.74 76.57 55.20
CA ARG SA 63 23.04 75.54 50.31
CA ARG SA 63 21.98 77.63 54.54
C ARG SA 63 23.71 76.16 49.09
C ARG SA 63 22.60 78.01 53.22
N GLU SA 64 25.04 76.36 49.16
N GLU SA 64 23.92 78.20 53.21
CA GLU SA 64 25.78 76.84 48.00
CA GLU SA 64 24.64 78.46 51.97
C GLU SA 64 25.66 75.85 46.84
C GLU SA 64 24.56 77.28 51.01
N HIS SA 65 25.74 74.55 47.14
N HIS SA 65 24.70 76.05 51.52
CA HIS SA 65 25.67 73.53 46.09
CA HIS SA 65 24.44 74.87 50.69
C HIS SA 65 24.35 73.60 45.33
C HIS SA 65 23.13 75.03 49.97
N ALA SA 66 23.23 73.76 46.05
N ALA SA 66 22.07 75.36 50.71
CA ALA SA 66 21.94 73.89 45.38
CA ALA SA 66 20.76 75.50 50.11
C ALA SA 66 21.88 75.14 44.52
C ALA SA 66 20.75 76.57 49.03
N GLU SA 67 22.42 76.26 45.02
N GLU SA 67 21.35 77.73 49.32
CA GLU SA 67 22.36 77.50 44.26
CA GLU SA 67 21.28 78.83 48.37
C GLU SA 67 23.14 77.40 42.96
C GLU SA 67 22.10 78.55 47.12
N LYS SA 68 24.35 76.81 43.03
N LYS SA 68 23.20 77.81 47.27
CA LYS SA 68 25.12 76.60 41.81
CA LYS SA 68 23.99 77.45 46.11
C LYS SA 68 24.33 75.76 40.81
C LYS SA 68 23.19 76.57 45.16
N LEU SA 69 23.58 74.78 41.30
N LEU SA 69 22.37 75.67 45.70
CA LEU SA 69 22.79 73.95 40.40
CA LEU SA 69 21.48 74.85 44.88
C LEU SA 69 21.64 74.75 39.78
C LEU SA 69 20.41 75.70 44.19
N MET SA 70 21.03 75.63 40.54
N MET SA 70 19.82 76.67 44.90
CA MET SA 70 20.02 76.52 39.99
CA MET SA 70 18.85 77.54 44.26
C MET SA 70 20.63 77.52 39.01
C MET SA 70 19.49 78.30 43.10
N LYS SA 71 21.84 77.98 39.29
N LYS SA 71 20.71 78.81 43.32
CA LYS SA 71 22.51 78.85 38.33
CA LYS SA 71 21.45 79.45 42.24
C LYS SA 71 22.82 78.11 37.04
C LYS SA 71 21.64 78.50 41.05
N LEU SA 72 23.27 76.86 37.14
N LEU SA 72 22.01 77.26 41.32
CA LEU SA 72 23.49 76.04 35.94
CA LEU SA 72 22.19 76.27 40.25
C LEU SA 72 22.20 75.85 35.17
C LEU SA 72 20.88 76.06 39.48
N GLN SA 73 21.10 75.52 35.87
N GLN SA 73 19.78 75.92 40.21
CA GLN SA 73 19.83 75.30 35.22
CA GLN SA 73 18.47 75.74 39.60
C GLN SA 73 19.44 76.49 34.33
C GLN SA 73 18.18 76.84 38.60
N ASN SA 74 19.55 77.71 34.86
N ASN SA 74 18.36 78.10 39.03
CA ASN SA 74 19.22 78.89 34.06
CA ASN SA 74 18.19 79.24 38.13
C ASN SA 74 20.24 79.08 32.93
C ASN SA 74 19.26 79.28 37.04
N GLN SA 75 21.53 78.89 33.24
N GLN SA 75 20.50 78.88 37.35
CA GLN SA 75 22.59 79.07 32.24
CA GLN SA 75 21.54 78.89 36.33
C GLN SA 75 22.32 78.24 30.99
C GLN SA 75 21.17 78.00 35.15
N ARG SA 76 21.98 76.96 31.17
N ARG SA 76 20.62 76.84 35.43
CA ARG SA 76 21.65 76.04 30.09
CA ARG SA 76 20.27 75.86 34.42
C ARG SA 76 20.33 76.36 29.40
C ARG SA 76 18.86 76.06 33.87
N GLY SA 77 19.48 77.17 30.00
N GLY SA 77 18.19 77.13 34.27
CA GLY SA 77 18.17 77.43 29.44
CA GLY SA 77 16.86 77.38 33.78
C GLY SA 77 17.08 76.53 29.96
C GLY SA 77 15.79 76.51 34.39
N GLY SA 78 17.34 75.75 31.05
N GLY SA 78 16.09 75.78 35.45
CA GLY SA 78 16.31 74.97 31.68
CA GLY SA 78 15.06 75.15 36.23
C GLY SA 78 15.51 75.81 32.67
C GLY SA 78 14.26 76.18 37.00
N ARG SA 79 14.42 75.23 33.17
N ARG SA 79 13.18 75.72 37.60
CA ARG SA 79 13.53 75.94 34.06
CA ARG SA 79 12.24 76.59 38.31
C ARG SA 79 13.56 75.30 35.43
C ARG SA 79 12.16 76.14 39.76
N ILE SA 80 13.69 76.11 36.46
N ILE SA 80 12.42 77.06 40.69
CA ILE SA 80 13.77 75.64 37.82
CA ILE SA 80 12.44 76.74 42.12
C ILE SA 80 12.37 75.32 38.32
C ILE SA 80 11.01 76.55 42.63
N PHE SA 81 12.17 74.12 38.83
N PHE SA 81 10.83 75.55 43.48
CA PHE SA 81 10.95 73.75 39.55
CA PHE SA 81 9.58 75.39 44.20
C PHE SA 81 11.37 73.26 40.94
C PHE SA 81 9.96 75.00 45.62
N LEU SA 82 11.01 74.02 41.96
N LEU SA 82 9.60 75.87 46.57
CA LEU SA 82 11.32 73.65 43.34
CA LEU SA 82 9.96 75.68 47.96
C LEU SA 82 10.20 72.80 43.93
C LEU SA 82 8.83 74.96 48.69
N GLN SA 83 10.59 71.87 44.79
N GLN SA 83 9.20 74.26 49.76
CA GLN SA 83 9.66 70.99 45.49
CA GLN SA 83 8.24 73.48 50.53
C GLN SA 83 9.76 71.24 46.98
C GLN SA 83 8.44 73.82 52.00
N ASP SA 84 8.89 70.55 47.74
N ASP SA 84 7.47 73.40 52.82
CA ASP SA 84 9.05 70.45 49.18
CA ASP SA 84 7.60 73.57 54.26
C ASP SA 84 10.45 69.94 49.53
C ASP SA 84 8.94 73.02 54.71
N ILE SA 85 11.06 70.58 50.54
N ILE SA 85 9.55 73.68 55.67
CA ILE SA 85 12.26 70.03 51.18
CA ILE SA 85 10.70 73.15 56.37
C ILE SA 85 11.82 69.14 52.34
C ILE SA 85 10.16 72.49 57.64
N GLN SA 86 12.08 67.84 52.23
N GLN SA 86 10.17 71.16 57.71
CA GLN SA 86 11.61 66.91 53.27
CA GLN SA 86 9.65 70.51 58.90
C GLN SA 86 12.43 67.07 54.54
C GLN SA 86 10.65 70.68 60.05
N LYS SA 87 11.73 67.05 55.68
N LYS SA 87 10.10 70.80 61.26
CA LYS SA 87 12.40 67.16 56.96
CA LYS SA 87 10.89 71.00 62.46
C LYS SA 87 13.35 65.99 57.15
C LYS SA 87 11.71 69.73 62.74
N PRO SA 88 14.40 66.17 57.95
N PRO SA 88 12.80 69.84 63.50
CA PRO SA 88 15.36 65.07 58.18
CA PRO SA 88 13.64 68.67 63.77
C PRO SA 88 14.70 63.89 58.87
C PRO SA 88 12.90 67.67 64.63
N ASP SA 89 15.40 62.75 58.86
N ASP SA 89 13.40 66.43 64.63
CA ASP SA 89 14.83 61.52 59.40
CA ASP SA 89 12.71 65.38 65.36
C ASP SA 89 14.97 61.40 60.91
C ASP SA 89 12.83 65.49 66.87
N GLU SA 90 15.80 62.21 61.57
N GLU SA 90 13.71 66.35 67.40
CA GLU SA 90 15.97 62.10 63.02
CA GLU SA 90 13.83 66.51 68.85
C GLU SA 90 15.97 63.49 63.67
C GLU SA 90 13.95 67.98 69.19
N ASP SA 91 15.06 63.71 64.61
N ASP SA 91 13.37 68.35 70.33
CA ASP SA 91 15.14 64.92 65.42
CA ASP SA 91 13.58 69.68 70.94
C ASP SA 91 16.31 64.86 66.39
C ASP SA 91 14.68 69.66 71.99
N ASP SA 92 16.58 63.67 66.92
N ASP SA 92 14.88 68.50 72.61
CA ASP SA 92 17.62 63.44 67.91
CA ASP SA 92 15.88 68.27 73.65
C ASP SA 92 18.71 62.63 67.25
C ASP SA 92 16.89 67.31 73.07
N TRP SA 93 19.96 63.11 67.29
N TRP SA 93 18.14 67.76 72.94
CA TRP SA 93 21.08 62.52 66.55
CA TRP SA 93 19.15 66.97 72.26
C TRP SA 93 22.01 61.70 67.44
C TRP SA 93 20.05 66.19 73.23
N GLU SA 94 21.61 61.37 68.66
N GLU SA 94 19.66 66.11 74.51
CA GLU SA 94 22.29 60.43 69.53
CA GLU SA 94 20.16 65.15 75.52
C GLU SA 94 23.67 60.88 70.01
C GLU SA 94 21.54 65.48 76.06
N SER SA 95 24.59 61.19 69.08
N SER SA 95 22.51 65.65 75.17
CA SER SA 95 25.97 61.38 69.50
CA SER SA 95 23.88 65.87 75.58
C SER SA 95 26.78 61.97 68.37
C SER SA 95 24.69 66.23 74.36
N GLY SA 96 27.95 62.50 68.73
N GLY SA 96 25.95 66.61 74.60
CA GLY SA 96 28.91 62.92 67.72
CA GLY SA 96 26.85 66.86 73.49
C GLY SA 96 29.29 61.79 66.78
C GLY SA 96 27.08 65.61 72.66
N LEU SA 97 29.49 60.59 67.32
N LEU SA 97 27.37 64.50 73.33
CA LEU SA 97 29.81 59.47 66.46
CA LEU SA 97 27.59 63.26 72.60
C LEU SA 97 28.63 59.13 65.54
C LEU SA 97 26.35 62.88 71.80
N ASN SA 98 27.43 58.98 66.12
N ASN SA 98 25.14 63.10 72.34
CA ASN SA 98 26.27 58.66 65.29
CA ASN SA 98 23.95 62.70 71.60
C ASN SA 98 25.99 59.76 64.27
C ASN SA 98 23.73 63.59 70.37
N ALA SA 99 26.17 61.04 64.64
N ALA SA 99 23.99 64.89 70.51
CA ALA SA 99 25.89 62.12 63.70
CA ALA SA 99 23.85 65.78 69.36
C ALA SA 99 26.82 62.07 62.51
C ALA SA 99 24.86 65.44 68.27
N MET SA 100 28.10 61.75 62.74
N MET SA 100 26.07 65.02 68.68
CA MET SA 100 29.05 61.67 61.63
CA MET SA 100 27.10 64.66 67.72
C MET SA 100 28.79 60.45 60.75
C MET SA 100 26.70 63.42 66.93
N GLU SA 101 28.30 59.34 61.33
N GLU SA 101 26.02 62.47 67.59
CA GLU SA 101 27.94 58.18 60.52
CA GLU SA 101 25.61 61.25 66.91
C GLU SA 101 26.71 58.46 59.68
C GLU SA 101 24.43 61.51 65.97
N ALA SA 102 25.73 59.18 60.23
N ALA SA 102 23.43 62.28 66.42
CA ALA SA 102 24.57 59.58 59.43
CA ALA SA 102 22.33 62.67 65.54
C ALA SA 102 24.97 60.55 58.33
C ALA SA 102 22.84 63.41 64.32
N ALA SA 103 26.00 61.36 58.56
N ALA SA 103 23.85 64.27 64.52
CA ALA SA 103 26.47 62.27 57.52
CA ALA SA 103 24.44 65.02 63.42
C ALA SA 103 27.24 61.53 56.43
C ALA SA 103 25.21 64.10 62.49
N LEU SA 104 28.11 60.60 56.82
N LEU SA 104 25.97 63.14 63.03
CA LEU SA 104 28.84 59.82 55.81
CA LEU SA 104 26.59 62.17 62.16
C LEU SA 104 27.87 59.06 54.92
C LEU SA 104 25.53 61.40 61.38
N HIS SA 105 26.86 58.40 55.52
N HIS SA 105 24.41 61.10 62.03
CA HIS SA 105 25.77 57.81 54.75
CA HIS SA 105 23.28 60.48 61.36
C HIS SA 105 25.15 58.82 53.79
C HIS SA 105 22.75 61.37 60.25
N LEU SA 106 24.84 60.02 54.31
N LEU SA 106 22.49 62.64 60.57
CA LEU SA 106 24.18 61.04 53.49
CA LEU SA 106 21.94 63.58 59.59
C LEU SA 106 25.04 61.44 52.30
C LEU SA 106 22.85 63.70 58.35
N GLU SA 107 26.33 61.64 52.52
N GLU SA 107 24.16 63.87 58.57
CA GLU SA 107 27.18 62.12 51.43
CA GLU SA 107 25.06 64.12 57.45
C GLU SA 107 27.32 61.07 50.33
C GLU SA 107 25.19 62.90 56.55
N LYS SA 108 27.34 59.78 50.68
N LYS SA 108 25.10 61.69 57.11
CA LYS SA 108 27.44 58.76 49.63
CA LYS SA 108 25.11 60.49 56.27
C LYS SA 108 26.14 58.64 48.83
C LYS SA 108 23.84 60.40 55.44
N ASN SA 109 24.97 58.87 49.46
N ASN SA 109 22.67 60.66 56.05
CA ASN SA 109 23.74 58.95 48.68
CA ASN SA 109 21.43 60.75 55.28
C ASN SA 109 23.76 60.15 47.76
C ASN SA 109 21.52 61.82 54.19
N VAL SA 110 24.26 61.30 48.24
N VAL SA 110 22.06 63.00 54.51
CA VAL SA 110 24.41 62.45 47.37
CA VAL SA 110 22.19 64.03 53.49
C VAL SA 110 25.40 62.14 46.25
C VAL SA 110 23.16 63.58 52.40
N ASN SA 111 26.49 61.45 46.58
N ASN SA 111 24.22 62.87 52.80
CA ASN SA 111 27.46 61.04 45.55
CA ASN SA 111 25.17 62.34 51.84
C ASN SA 111 26.82 60.16 44.48
C ASN SA 111 24.51 61.37 50.89
N GLN SA 112 26.11 59.11 44.91
N GLN SA 112 23.71 60.43 51.41
CA GLN SA 112 25.42 58.22 43.99
CA GLN SA 112 23.04 59.46 50.56
C GLN SA 112 24.53 59.01 43.04
C GLN SA 112 22.10 60.14 49.57
N SER SA 113 23.77 59.97 43.58
N SER SA 113 21.54 61.29 49.93
CA SER SA 113 22.88 60.77 42.75
CA SER SA 113 20.67 62.01 48.99
C SER SA 113 23.67 61.58 41.72
C SER SA 113 21.50 62.66 47.89
N LEU SA 114 24.81 62.14 42.12
N LEU SA 114 22.67 63.21 48.22
CA LEU SA 114 25.63 62.90 41.17
CA LEU SA 114 23.55 63.74 47.18
C LEU SA 114 26.28 61.96 40.15
C LEU SA 114 24.13 62.63 46.33
N LEU SA 115 26.72 60.77 40.59
N LEU SA 115 24.24 61.42 46.86
CA LEU SA 115 27.23 59.77 39.67
CA LEU SA 115 24.70 60.31 46.04
C LEU SA 115 26.19 59.43 38.60
C LEU SA 115 23.64 59.90 45.02
N GLU SA 116 24.93 59.29 39.00
N GLU SA 116 22.37 59.81 45.45
CA GLU SA 116 23.87 59.01 38.04
CA GLU SA 116 21.30 59.54 44.49
C GLU SA 116 23.58 60.23 37.16
C GLU SA 116 21.21 60.65 43.45
N LEU SA 117 23.76 61.44 37.68
N LEU SA 117 21.48 61.91 43.87
CA LEU SA 117 23.58 62.64 36.85
CA LEU SA 117 21.39 63.03 42.94
C LEU SA 117 24.61 62.67 35.72
C LEU SA 117 22.47 62.92 41.86
N HIS SA 118 25.89 62.52 36.05
N HIS SA 118 23.69 62.53 42.27
CA HIS SA 118 26.96 62.55 35.06
CA HIS SA 118 24.76 62.34 41.31
C HIS SA 118 26.73 61.54 33.93
C HIS SA 118 24.46 61.18 40.37
N LYS SA 119 26.34 60.31 34.31
N LYS SA 119 24.02 60.04 40.91
CA LYS SA 119 26.03 59.28 33.32
CA LYS SA 119 23.61 58.93 40.06
C LYS SA 119 24.93 59.75 32.38
C LYS SA 119 22.51 59.38 39.11
N LEU SA 120 23.91 60.38 32.94
N LEU SA 120 21.60 60.22 39.59
CA LEU SA 120 22.83 60.92 32.12
CA LEU SA 120 20.64 60.85 38.70
C LEU SA 120 23.35 61.98 31.17
C LEU SA 120 21.31 61.57 37.55
N ALA SA 121 24.30 62.80 31.63
N ALA SA 121 22.23 62.49 37.88
CA ALA SA 121 24.90 63.81 30.75
CA ALA SA 121 22.88 63.30 36.85
C ALA SA 121 25.80 63.16 29.71
C ALA SA 121 23.62 62.43 35.85
N HIS SA 122 26.52 62.12 30.10
N HIS SA 122 24.30 61.39 36.33
CA HIS SA 122 27.42 61.46 29.16
CA HIS SA 122 24.99 60.48 35.41
C HIS SA 122 26.65 60.74 28.06
C HIS SA 122 23.99 59.75 34.52
N ASP SA 123 25.59 60.00 28.42
N ASP SA 123 22.92 59.20 35.12
CA ASP SA 123 24.88 59.22 27.40
CA ASP SA 123 21.91 58.48 34.36
C ASP SA 123 24.12 60.13 26.43
C ASP SA 123 21.19 59.39 33.37
N LYS SA 124 23.63 61.28 26.89
N LYS SA 124 21.22 60.70 33.55
CA LYS SA 124 22.99 62.24 26.01
CA LYS SA 124 20.65 61.61 32.57
C LYS SA 124 24.00 63.20 25.36
C LYS SA 124 21.71 62.21 31.63
N ASN SA 125 25.27 62.82 25.32
N ASN SA 125 22.96 61.78 31.72
CA ASN SA 125 26.29 63.61 24.64
CA ASN SA 125 24.05 62.28 30.88
C ASN SA 125 26.27 65.07 25.08
C ASN SA 125 24.17 63.80 30.99
N ASP SA 126 26.21 65.31 26.40
N ASP SA 126 24.13 64.28 32.23
CA ASP SA 126 26.30 66.66 26.95
CA ASP SA 126 24.27 65.70 32.57
C ASP SA 126 27.63 66.78 27.68
C ASP SA 126 25.57 65.88 33.33
N PRO SA 127 28.71 67.18 26.99
N PRO SA 127 26.70 66.07 32.65
CA PRO SA 127 30.00 67.26 27.68
CA PRO SA 127 27.99 66.17 33.36
C PRO SA 127 30.06 68.41 28.66
C PRO SA 127 28.18 67.47 34.10
N HIS SA 128 29.40 69.52 28.35
N HIS SA 128 27.55 68.56 33.65
CA HIS SA 128 29.49 70.67 29.24
CA HIS SA 128 27.64 69.79 34.43
C HIS SA 128 28.92 70.33 30.61
C HIS SA 128 27.07 69.60 35.82
N LEU SA 129 27.75 69.68 30.63
N LEU SA 129 25.97 68.86 35.93
CA LEU SA 129 27.12 69.30 31.90
CA LEU SA 129 25.36 68.67 37.25
C LEU SA 129 27.93 68.22 32.61
C LEU SA 129 26.19 67.70 38.08
N ALA SA 130 28.52 67.28 31.87
N ALA SA 130 26.65 66.62 37.46
CA ALA SA 130 29.36 66.26 32.50
CA ALA SA 130 27.50 65.66 38.16
C ALA SA 130 30.58 66.90 33.16
C ALA SA 130 28.74 66.33 38.72
N ASP SA 131 31.24 67.81 32.45
N ASP SA 131 29.38 67.21 37.94
CA ASP SA 131 32.43 68.44 33.02
CA ASP SA 131 30.58 67.88 38.42
C ASP SA 131 32.07 69.37 34.16
C ASP SA 131 30.25 68.91 39.49
N PHE SA 132 30.92 70.06 34.08
N PHE SA 132 29.11 69.59 39.36
CA PHE SA 132 30.45 70.84 35.22
CA PHE SA 132 28.66 70.51 40.39
C PHE SA 132 30.31 69.97 36.45
C PHE SA 132 28.50 69.81 41.74
N ILE SA 133 29.77 68.77 36.30
N ILE SA 133 27.89 68.61 41.75
CA ILE SA 133 29.62 67.88 37.45
CA ILE SA 133 27.72 67.87 42.99
C ILE SA 133 30.98 67.44 37.96
C ILE SA 133 29.07 67.43 43.53
N GLU SA 134 31.90 67.08 37.06
N GLU SA 134 29.94 66.96 42.62
CA GLU SA 134 33.22 66.63 37.49
CA GLU SA 134 31.27 66.50 43.00
C GLU SA 134 33.95 67.73 38.24
C GLU SA 134 32.10 67.63 43.58
N THR SA 135 33.98 68.94 37.63
N THR SA 135 32.13 68.75 42.88
CA THR SA 135 34.76 70.05 38.17
CA THR SA 135 33.02 69.84 43.27
C THR SA 135 34.26 70.49 39.54
C THR SA 135 32.59 70.45 44.59
N HIS SA 136 32.94 70.63 39.69
N HIS SA 136 31.29 70.74 44.73
CA HIS SA 136 32.37 71.31 40.84
CA HIS SA 136 30.80 71.56 45.81
C HIS SA 136 31.79 70.36 41.90
C HIS SA 136 30.22 70.78 46.98
N TYR SA 137 31.59 69.08 41.57
N TYR SA 137 29.90 69.51 46.83
CA TYR SA 137 30.91 68.21 42.52
CA TYR SA 137 29.17 68.84 47.90
C TYR SA 137 31.64 66.92 42.81
C TYR SA 137 29.83 67.59 48.44
N LEU SA 138 32.19 66.26 41.80
N LEU SA 138 30.43 66.77 47.57
CA LEU SA 138 32.68 64.89 41.99
CA LEU SA 138 30.75 65.40 47.95
C LEU SA 138 33.80 64.82 43.02
C LEU SA 138 31.89 65.34 48.95
N ASN SA 139 34.84 65.63 42.86
N ASN SA 139 32.99 66.04 48.67
CA ASN SA 139 35.94 65.50 43.81
CA ASN SA 139 34.09 65.97 49.63
C ASN SA 139 35.56 66.00 45.18
C ASN SA 139 33.75 66.72 50.91
N GLU SA 140 34.76 67.07 45.25
N GLU SA 140 32.90 67.75 50.81
CA GLU SA 140 34.33 67.57 46.55
CA GLU SA 140 32.46 68.44 52.02
C GLU SA 140 33.56 66.49 47.29
C GLU SA 140 31.63 67.52 52.92
N GLN SA 141 32.76 65.69 46.58
N GLN SA 141 30.77 66.68 52.32
CA GLN SA 141 32.12 64.56 47.22
CA GLN SA 141 30.04 65.67 53.10
C GLN SA 141 33.17 63.59 47.78
C GLN SA 141 31.01 64.68 53.74
N VAL SA 142 34.21 63.31 47.00
N VAL SA 142 31.98 64.18 52.96
CA VAL SA 142 35.20 62.34 47.45
CA VAL SA 142 32.92 63.19 53.48
C VAL SA 142 35.97 62.87 48.65
C VAL SA 142 33.77 63.81 54.59
N LYS SA 143 36.33 64.15 48.63
N LYS SA 143 34.21 65.06 54.39
CA LYS SA 143 36.98 64.74 49.80
CA LYS SA 143 34.95 65.74 55.44
C LYS SA 143 36.07 64.69 51.02
C LYS SA 143 34.10 65.93 56.69
N ALA SA 144 34.79 65.04 50.84
N ALA SA 144 32.82 66.26 56.51
CA ALA SA 144 33.87 65.05 51.98
CA ALA SA 144 31.97 66.51 57.68
C ALA SA 144 33.68 63.65 52.54
C ALA SA 144 31.71 65.22 58.46
N ILE SA 145 33.62 62.65 51.67
N ILE SA 145 31.48 64.13 57.75
CA ILE SA 145 33.43 61.27 52.13
CA ILE SA 145 31.21 62.84 58.38
C ILE SA 145 34.65 60.81 52.92
C ILE SA 145 32.42 62.36 59.19
N LYS SA 146 35.85 61.17 52.45
N LYS SA 146 33.61 62.51 58.62
CA LYS SA 146 37.09 60.77 53.15
CA LYS SA 146 34.83 62.12 59.34
C LYS SA 146 37.23 61.47 54.49
C LYS SA 146 35.02 62.95 60.61
N GLU SA 147 36.89 62.76 54.55
N GLU SA 147 34.79 64.28 60.53
CA GLU SA 147 36.97 63.49 55.81
CA GLU SA 147 34.99 65.11 61.72
C GLU SA 147 35.99 62.92 56.84
C GLU SA 147 33.98 64.78 62.81
N LEU SA 148 34.74 62.72 56.44
N LEU SA 148 32.72 64.54 62.43
CA LEU SA 148 33.77 62.10 57.34
CA LEU SA 148 31.70 64.18 63.40
C LEU SA 148 34.26 60.71 57.77
C LEU SA 148 31.99 62.81 64.00
N GLY SA 149 34.74 59.92 56.81
N GLY SA 149 32.51 61.90 63.19
CA GLY SA 149 35.33 58.63 57.15
CA GLY SA 149 32.97 60.62 63.72
C GLY SA 149 36.49 58.76 58.12
C GLY SA 149 34.10 60.80 64.70
N ASP SA 150 37.38 59.73 57.89
N ASP SA 150 35.09 61.62 64.32
CA ASP SA 150 38.48 59.97 58.82
CA ASP SA 150 36.20 61.92 65.22
C ASP SA 150 37.97 60.32 60.21
C ASP SA 150 35.71 62.49 66.56
N HIS SA 151 36.91 61.12 60.30
N HIS SA 151 34.78 63.45 66.50
CA HIS SA 151 36.43 61.51 61.62
CA HIS SA 151 34.21 64.01 67.72
C HIS SA 151 35.78 60.34 62.33
C HIS SA 151 33.52 62.93 68.55
N VAL SA 152 35.05 59.51 61.58
N VAL SA 152 32.69 62.10 67.90
CA VAL SA 152 34.41 58.32 62.16
CA VAL SA 152 31.98 61.03 68.58
C VAL SA 152 35.46 57.37 62.71
C VAL SA 152 32.96 60.13 69.32
N THR SA 153 36.50 57.12 61.90
N THR SA 153 34.06 59.77 68.65
CA THR SA 153 37.61 56.27 62.34
CA THR SA 153 35.06 58.89 69.23
C THR SA 153 38.14 56.72 63.70
C THR SA 153 35.67 59.50 70.49
N ASN SA 154 38.51 58.00 63.80
N ASN SA 154 36.09 60.75 70.42
CA ASN SA 154 39.14 58.47 65.03
CA ASN SA 154 36.76 61.37 71.55
C ASN SA 154 38.19 58.35 66.21
C ASN SA 154 35.82 61.53 72.74
N LEU SA 155 36.91 58.72 66.00
N LEU SA 155 34.60 62.01 72.49
CA LEU SA 155 35.95 58.71 67.09
CA LEU SA 155 33.62 62.12 73.55
C LEU SA 155 35.78 57.31 67.69
C LEU SA 155 33.34 60.77 74.20
N ARG SA 156 35.68 56.28 66.84
N ARG SA 156 33.26 59.70 73.41
CA ARG SA 156 35.61 54.92 67.39
CA ARG SA 156 33.07 58.37 74.00
C ARG SA 156 36.94 54.55 68.06
C ARG SA 156 34.25 58.01 74.90
N LYS SA 157 38.06 54.87 67.41
N LYS SA 157 35.48 58.08 74.37
CA LYS SA 157 39.35 54.49 67.98
CA LYS SA 157 36.64 57.61 75.12
C LYS SA 157 39.54 55.13 69.34
C LYS SA 157 36.86 58.41 76.39
N MET SA 158 38.87 56.24 69.62
N MET SA 158 36.44 59.68 76.39
CA MET SA 158 38.92 56.91 70.92
CA MET SA 158 36.50 60.53 77.57
C MET SA 158 37.92 56.35 71.93
C MET SA 158 35.43 60.19 78.60
N GLY SA 159 36.98 55.52 71.49
N GLY SA 159 34.41 59.42 78.24
CA GLY SA 159 36.04 54.92 72.41
CA GLY SA 159 33.43 58.98 79.19
C GLY SA 159 34.68 55.57 72.47
C GLY SA 159 32.07 59.64 79.12
N ALA SA 160 34.37 56.47 71.54
N ALA SA 160 31.79 60.42 78.09
CA ALA SA 160 33.00 56.92 71.36
CA ALA SA 160 30.46 60.99 77.93
C ALA SA 160 32.12 55.75 70.89
C ALA SA 160 29.47 59.89 77.59
N PRO SA 161 30.81 55.74 71.26
N PRO SA 161 28.17 60.07 77.88
CA PRO SA 161 30.10 56.80 71.99
CA PRO SA 161 27.54 61.26 78.48
C PRO SA 161 30.07 56.67 73.50
C PRO SA 161 27.53 61.26 80.02
N GLU SA 162 30.42 55.50 74.04
N GLU SA 162 27.78 60.09 80.62
CA GLU SA 162 30.35 55.30 75.48
CA GLU SA 162 27.74 59.99 82.08
C GLU SA 162 31.23 56.31 76.21
C GLU SA 162 28.64 61.03 82.74
N SER SA 163 32.48 56.44 75.77
N SER SA 163 29.81 61.27 82.17
CA SER SA 163 33.38 57.46 76.28
CA SER SA 163 30.77 62.24 82.70
C SER SA 163 32.86 58.85 75.91
C SER SA 163 30.42 63.63 82.16
N GLY SA 164 32.30 59.56 76.90
N GLY SA 164 29.90 64.49 83.04
CA GLY SA 164 32.00 60.97 76.70
CA GLY SA 164 29.75 65.89 82.67
C GLY SA 164 33.26 61.80 76.62
C GLY SA 164 31.08 66.58 82.51
N LEU SA 165 34.33 61.36 77.29
N LEU SA 165 32.11 66.13 83.24
CA LEU SA 165 35.63 61.97 77.13
CA LEU SA 165 33.45 66.66 83.06
C LEU SA 165 36.07 61.97 75.68
C LEU SA 165 34.00 66.38 81.66
N ALA SA 166 35.85 60.85 74.96
N ALA SA 166 33.64 65.23 81.08
CA ALA SA 166 36.28 60.76 73.57
CA ALA SA 166 34.07 64.93 79.73
C ALA SA 166 35.63 61.86 72.72
C ALA SA 166 33.57 65.96 78.73
N GLU SA 167 34.32 62.04 72.84
N GLU SA 167 32.26 66.19 78.72
CA GLU SA 167 33.66 63.05 72.03
CA GLU SA 167 31.72 67.13 77.74
C GLU SA 167 34.09 64.45 72.43
C GLU SA 167 32.22 68.55 77.99
N TYR SA 168 34.27 64.70 73.73
N TYR SA 168 32.44 68.94 79.25
CA TYR SA 168 34.71 66.02 74.19
CA TYR SA 168 33.02 70.25 79.54
C TYR SA 168 36.08 66.38 73.60
C TYR SA 168 34.42 70.37 78.95
N LEU SA 169 37.06 65.48 73.73
N LEU SA 169 35.29 69.38 79.23
CA LEU SA 169 38.42 65.76 73.24
CA LEU SA 169 36.65 69.42 78.71
C LEU SA 169 38.47 65.85 71.71
C LEU SA 169 36.68 69.40 77.19
N PHE SA 170 37.69 65.02 71.01
N PHE SA 170 35.88 68.51 76.57
CA PHE SA 170 37.62 65.14 69.56
CA PHE SA 170 35.80 68.45 75.10
C PHE SA 170 37.01 66.47 69.15
C PHE SA 170 35.21 69.73 74.53
N ASP SA 171 35.97 66.89 69.86
N ASP SA 171 34.34 70.39 75.27
CA ASP SA 171 35.40 68.22 69.62
CA ASP SA 171 33.88 71.71 74.85
C ASP SA 171 36.45 69.30 69.79
C ASP SA 171 35.03 72.71 74.81
N LYS SA 172 37.33 69.16 70.78
N LYS SA 172 35.92 72.66 75.81
CA LYS SA 172 38.33 70.21 70.99
CA LYS SA 172 37.00 73.65 75.91
C LYS SA 172 39.49 70.09 70.01
C LYS SA 172 38.15 73.36 74.96
N HIS SA 173 40.02 68.89 69.82
N HIS SA 173 38.60 72.11 74.92
CA HIS SA 173 41.32 68.75 69.15
CA HIS SA 173 39.87 71.84 74.26
C HIS SA 173 41.20 68.55 67.65
C HIS SA 173 39.73 71.44 72.79
N THR SA 174 40.07 68.05 67.16
N THR SA 174 38.59 70.90 72.38
CA THR SA 174 39.89 67.90 65.71
CA THR SA 174 38.37 70.57 70.97
C THR SA 174 38.97 68.95 65.12
C THR SA 174 37.54 71.64 70.26
N LEU SA 175 37.77 69.15 65.65
N LEU SA 175 36.33 71.91 70.75
CA LEU SA 175 36.83 70.12 65.08
CA LEU SA 175 35.46 72.84 70.07
C LEU SA 175 37.04 71.53 65.58
C LEU SA 175 35.83 74.30 70.30
N GLY SA 176 38.04 71.80 66.41
N GLY SA 176 36.59 74.60 71.35
CA GLY SA 176 38.30 73.16 66.86
CA GLY SA 176 37.05 75.95 71.60
C GLY SA 176 39.55 73.77 66.26
C GLY SA 176 38.44 76.19 71.04
N ASP SA 177 39.82 73.46 64.99
N ASP SA 177 38.75 75.54 69.92
CA ASP SA 177 41.05 73.79 64.26
CA ASP SA 177 40.03 75.70 69.20
C ASP SA 177 42.25 73.04 64.84
C ASP SA 177 41.22 75.26 70.05
N SER TA 4 10.77 19.51 81.31
N SER TA 4 13.07 11.90 76.68
CA SER TA 4 11.85 18.53 81.39
CA SER TA 4 14.32 11.25 77.06
C SER TA 4 11.30 17.10 81.38
C SER TA 4 14.09 9.78 77.43
N THR TA 5 12.08 16.18 80.82
N THR TA 5 15.09 8.94 77.17
CA THR TA 5 11.73 14.77 80.93
CA THR TA 5 15.01 7.52 77.46
C THR TA 5 12.25 14.22 82.25
C THR TA 5 15.64 7.26 78.83
N SER TA 6 11.51 13.28 82.83
N SER TA 6 14.85 6.68 79.73
CA SER TA 6 11.94 12.71 84.09
CA SER TA 6 15.34 6.34 81.05
C SER TA 6 13.27 11.98 83.94
C SER TA 6 16.57 5.44 80.93
N GLN TA 7 14.18 12.20 84.90
N GLN TA 7 17.50 5.59 81.87
CA GLN TA 7 15.48 11.53 84.94
CA GLN TA 7 18.72 4.79 81.86
C GLN TA 7 15.37 10.00 85.02
C GLN TA 7 18.45 3.31 82.03
N VAL TA 8 14.22 9.45 85.44
N VAL TA 8 17.30 2.92 82.56
CA VAL TA 8 14.04 7.99 85.44
CA VAL TA 8 17.01 1.50 82.80
C VAL TA 8 13.32 7.50 84.19
C VAL TA 8 16.22 0.87 81.66
N ARG TA 9 12.70 8.40 83.42
N ARG TA 9 15.64 1.67 80.77
CA ARG TA 9 11.87 8.00 82.30
CA ARG TA 9 14.76 1.16 79.73
C ARG TA 9 12.67 7.23 81.25
C ARG TA 9 15.49 0.24 78.76
N GLN TA 10 12.28 5.98 81.01
N GLN TA 10 14.85 -0.89 78.45
CA GLN TA 10 12.84 5.15 79.96
CA GLN TA 10 15.44 -1.88 77.55
C GLN TA 10 11.72 4.31 79.36
C GLN TA 10 14.34 -2.81 77.06
N ASN TA 11 11.60 4.35 78.03
N ASN TA 11 14.15 -2.85 75.75
CA ASN TA 11 10.72 3.45 77.26
CA ASN TA 11 13.25 -3.78 75.07
C ASN TA 11 9.26 3.59 77.68
C ASN TA 11 11.80 -3.53 75.44
N TYR TA 12 8.86 4.78 78.12
N TYR TA 12 11.46 -2.30 75.83
CA TYR TA 12 7.53 5.01 78.66
CA TYR TA 12 10.15 -1.94 76.38
C TYR TA 12 6.81 5.98 77.72
C TYR TA 12 9.46 -0.99 75.38
N HIS TA 13 5.86 5.45 76.94
N HIS TA 13 8.53 -1.54 74.60
CA HIS TA 13 5.08 6.24 75.99
CA HIS TA 13 7.95 -0.80 73.48
C HIS TA 13 4.03 7.11 76.68
C HIS TA 13 7.08 0.36 73.96
N GLN TA 14 3.93 8.37 76.21
N GLN TA 14 6.99 1.41 73.15
CA GLN TA 14 2.97 9.31 76.76
CA GLN TA 14 6.14 2.54 73.49
C GLN TA 14 1.52 8.85 76.61
C GLN TA 14 4.66 2.14 73.53
N ASP TA 15 1.22 8.00 75.62
N ASP TA 15 4.26 1.09 72.81
CA ASP TA 15 -0.07 7.33 75.57
CA ASP TA 15 2.87 0.66 72.89
C ASP TA 15 -0.23 6.35 76.72
C ASP TA 15 2.61 -0.13 74.17
N SER TA 16 0.85 5.73 77.17
N SER TA 16 3.61 -0.84 74.67
CA SER TA 16 0.72 4.84 78.31
CA SER TA 16 3.46 -1.55 75.94
C SER TA 16 0.56 5.66 79.58
C SER TA 16 3.32 -0.57 77.09
N GLU TA 17 1.37 6.71 79.72
N GLU TA 17 4.22 0.42 77.13
CA GLU TA 17 1.22 7.72 80.76
CA GLU TA 17 4.10 1.60 77.97
C GLU TA 17 -0.22 8.19 80.88
C GLU TA 17 2.68 2.17 78.04
N ALA TA 18 -0.89 8.42 79.74
N ALA TA 18 2.12 2.54 76.88
CA ALA TA 18 -2.26 8.91 79.76
CA ALA TA 18 0.77 3.10 76.87
C ALA TA 18 -3.22 7.82 80.18
C ALA TA 18 -0.24 2.08 77.35
N ALA TA 19 -3.07 6.63 79.61
N ALA TA 19 -0.10 0.82 76.93
CA ALA TA 19 -4.03 5.57 79.92
CA ALA TA 19 -1.02 -0.21 77.36
C ALA TA 19 -3.98 5.18 81.39
C ALA TA 19 -1.00 -0.36 78.89
N ILE TA 20 -2.81 5.27 82.03
N ILE TA 20 0.19 -0.25 79.49
CA ILE TA 20 -2.71 5.02 83.47
CA ILE TA 20 0.29 -0.38 80.94
C ILE TA 20 -3.52 6.05 84.23
C ILE TA 20 -0.39 0.80 81.64
N ASN TA 21 -3.34 7.32 83.88
N ASN TA 21 -0.26 2.00 81.07
CA ASN TA 21 -4.17 8.38 84.47
CA ASN TA 21 -0.99 3.13 81.64
C ASN TA 21 -5.66 8.10 84.35
C ASN TA 21 -2.50 2.94 81.52
N ARG TA 22 -6.12 7.65 83.17
N ARG TA 22 -2.98 2.30 80.45
CA ARG TA 22 -7.52 7.25 83.02
CA ARG TA 22 -4.43 2.09 80.32
C ARG TA 22 -7.85 6.01 83.86
C ARG TA 22 -4.91 1.01 81.30
N GLN TA 23 -6.94 5.04 83.90
N GLN TA 23 -4.12 -0.06 81.48
CA GLN TA 23 -7.16 3.86 84.73
CA GLN TA 23 -4.46 -1.05 82.49
C GLN TA 23 -7.25 4.23 86.22
C GLN TA 23 -4.51 -0.44 83.88
N ILE TA 24 -6.42 5.16 86.69
N ILE TA 24 -3.60 0.49 84.17
CA ILE TA 24 -6.51 5.57 88.09
CA ILE TA 24 -3.56 1.14 85.48
C ILE TA 24 -7.89 6.11 88.42
C ILE TA 24 -4.89 1.82 85.78
N ASN TA 25 -8.45 6.95 87.54
N ASN TA 25 -5.37 2.63 84.83
CA ASN TA 25 -9.79 7.48 87.75
CA ASN TA 25 -6.67 3.25 84.97
C ASN TA 25 -10.84 6.38 87.72
C ASN TA 25 -7.78 2.21 85.12
N LEU TA 26 -10.72 5.44 86.79
N LEU TA 26 -7.68 1.11 84.38
CA LEU TA 26 -11.70 4.37 86.72
CA LEU TA 26 -8.78 0.13 84.41
C LEU TA 26 -11.65 3.49 87.97
C LEU TA 26 -8.84 -0.60 85.75
N GLU TA 27 -10.44 3.19 88.47
N GLU TA 27 -7.68 -0.88 86.38
CA GLU TA 27 -10.32 2.44 89.72
CA GLU TA 27 -7.69 -1.52 87.69
C GLU TA 27 -10.95 3.20 90.88
C GLU TA 27 -8.23 -0.55 88.75
N LEU TA 28 -10.74 4.51 90.94
N LEU TA 28 -7.88 0.73 88.66
CA LEU TA 28 -11.36 5.30 92.01
CA LEU TA 28 -8.45 1.72 89.57
C LEU TA 28 -12.87 5.39 91.82
C LEU TA 28 -9.95 1.86 89.37
N TYR TA 29 -13.33 5.42 90.57
N TYR TA 29 -10.41 1.78 88.12
CA TYR TA 29 -14.76 5.40 90.33
CA TYR TA 29 -11.83 1.81 87.83
C TYR TA 29 -15.38 4.10 90.86
C TYR TA 29 -12.52 0.59 88.46
N ALA TA 30 -14.78 2.95 90.52
N ALA TA 30 -11.91 -0.60 88.34
CA ALA TA 30 -15.32 1.67 90.99
CA ALA TA 30 -12.51 -1.79 88.91
C ALA TA 30 -15.35 1.61 92.51
C ALA TA 30 -12.58 -1.69 90.43
N SER TA 31 -14.30 2.13 93.17
N SER TA 31 -11.54 -1.14 91.06
CA SER TA 31 -14.30 2.20 94.63
CA SER TA 31 -11.56 -0.91 92.50
C SER TA 31 -15.51 2.97 95.15
C SER TA 31 -12.68 0.05 92.88
N TYR TA 32 -15.83 4.09 94.49
N TYR TA 32 -12.94 1.04 92.03
CA TYR TA 32 -17.01 4.90 94.85
CA TYR TA 32 -13.99 2.01 92.32
C TYR TA 32 -18.29 4.10 94.69
C TYR TA 32 -15.37 1.35 92.27
N VAL TA 33 -18.42 3.36 93.58
N VAL TA 33 -15.64 0.56 91.21
CA VAL TA 33 -19.59 2.51 93.38
CA VAL TA 33 -16.90 -0.18 91.11
C VAL TA 33 -19.75 1.53 94.53
C VAL TA 33 -17.14 -1.02 92.36
N TYR TA 34 -18.67 0.82 94.87
N TYR TA 34 -16.12 -1.76 92.80
CA TYR TA 34 -18.77 -0.18 95.93
CA TYR TA 34 -16.28 -2.63 93.96
C TYR TA 34 -19.13 0.46 97.27
C TYR TA 34 -16.53 -1.81 95.22
N LEU TA 35 -18.59 1.65 97.54
N LEU TA 35 -15.84 -0.67 95.34
CA LEU TA 35 -18.98 2.37 98.75
CA LEU TA 35 -16.14 0.25 96.42
C LEU TA 35 -20.48 2.66 98.75
C LEU TA 35 -17.62 0.57 96.45
N SER TA 36 -21.03 3.11 97.59
N SER TA 36 -18.16 0.99 95.30
CA SER TA 36 -22.45 3.41 97.45
CA SER TA 36 -19.58 1.35 95.25
C SER TA 36 -23.31 2.21 97.77
C SER TA 36 -20.48 0.18 95.64
N MET TA 37 -22.88 1.03 97.27
N MET TA 37 -20.21 -1.00 95.08
CA MET TA 37 -23.63 -0.19 97.47
CA MET TA 37 -21.01 -2.18 95.40
C MET TA 37 -23.54 -0.67 98.91
C MET TA 37 -21.03 -2.46 96.89
N SER TA 38 -22.34 -0.64 99.49
N SER TA 38 -19.86 -2.44 97.53
CA SER TA 38 -22.14 -1.09 100.87
CA SER TA 38 -19.76 -2.79 98.94
C SER TA 38 -23.16 -0.44 101.80
C SER TA 38 -20.64 -1.90 99.79
N TYR TA 39 -23.24 0.89 101.76
N TYR TA 39 -20.60 -0.58 99.54
CA TYR TA 39 -24.10 1.58 102.71
CA TYR TA 39 -21.38 0.31 100.40
C TYR TA 39 -25.57 1.51 102.34
C TYR TA 39 -22.84 0.37 99.99
N TYR TA 40 -25.89 1.27 101.06
N TYR TA 40 -23.21 -0.06 98.78
CA TYR TA 40 -27.28 0.95 100.73
CA TYR TA 40 -24.60 -0.37 98.52
C TYR TA 40 -27.75 -0.24 101.53
C TYR TA 40 -25.13 -1.37 99.55
N PHE TA 41 -26.91 -1.27 101.66
N PHE TA 41 -24.42 -2.49 99.72
CA PHE TA 41 -27.32 -2.45 102.40
CA PHE TA 41 -24.90 -3.52 100.64
C PHE TA 41 -27.27 -2.24 103.90
C PHE TA 41 -24.81 -3.11 102.10
N ASP TA 42 -26.66 -1.15 104.37
N ASP TA 42 -24.03 -2.07 102.41
CA ASP TA 42 -26.67 -0.75 105.77
CA ASP TA 42 -23.97 -1.47 103.74
C ASP TA 42 -27.95 0.00 106.15
C ASP TA 42 -25.17 -0.56 104.02
N ARG TA 43 -28.85 0.27 105.21
N ARG TA 43 -26.02 -0.31 103.03
CA ARG TA 43 -30.09 0.97 105.53
CA ARG TA 43 -27.24 0.48 103.24
C ARG TA 43 -30.98 0.11 106.42
C ARG TA 43 -28.19 -0.22 104.22
N ASP TA 44 -31.71 0.77 107.34
N ASP TA 44 -28.87 0.59 105.02
CA ASP TA 44 -32.63 0.05 108.22
CA ASP TA 44 -29.83 0.07 106.00
C ASP TA 44 -33.76 -0.66 107.46
C ASP TA 44 -31.00 -0.66 105.35
N ASP TA 45 -34.08 -0.23 106.23
N ASP TA 45 -31.30 -0.37 104.09
CA ASP TA 45 -35.13 -0.88 105.45
CA ASP TA 45 -32.38 -1.04 103.40
C ASP TA 45 -34.56 -1.84 104.42
C ASP TA 45 -31.88 -2.19 102.53
N VAL TA 46 -33.23 -2.05 104.42
N VAL TA 46 -30.60 -2.52 102.63
CA VAL TA 46 -32.58 -3.07 103.61
CA VAL TA 46 -30.08 -3.71 101.97
C VAL TA 46 -31.94 -4.09 104.56
C VAL TA 46 -29.52 -4.64 103.03
N ALA TA 47 -30.95 -3.63 105.33
N ALA TA 47 -28.48 -4.19 103.74
CA ALA TA 47 -30.45 -4.33 106.50
CA ALA TA 47 -28.08 -4.77 105.04
C ALA TA 47 -29.87 -5.72 106.16
C ALA TA 47 -27.64 -6.23 104.92
N LEU TA 48 -29.02 -5.77 105.15
N LEU TA 48 -26.81 -6.50 103.92
CA LEU TA 48 -28.26 -6.99 104.85
CA LEU TA 48 -26.10 -7.77 103.74
C LEU TA 48 -26.79 -6.67 105.11
C LEU TA 48 -24.62 -7.47 104.03
N LYS TA 49 -26.33 -7.00 106.32
N LYS TA 49 -24.22 -7.67 105.29
CA LYS TA 49 -25.02 -6.53 106.78
CA LYS TA 49 -22.91 -7.23 105.74
C LYS TA 49 -23.85 -7.25 106.10
C LYS TA 49 -21.77 -8.05 105.13
N ASN TA 50 -24.02 -8.50 105.67
N ASN TA 50 -22.02 -9.32 104.83
CA ASN TA 50 -22.90 -9.18 105.03
CA ASN TA 50 -20.96 -10.12 104.22
C ASN TA 50 -22.76 -8.74 103.56
C ASN TA 50 -20.81 -9.86 102.74
N PHE TA 51 -23.88 -8.44 102.89
N PHE TA 51 -21.90 -9.53 102.04
CA PHE TA 51 -23.77 -7.62 101.70
CA PHE TA 51 -21.75 -9.04 100.67
C PHE TA 51 -23.03 -6.33 101.99
C PHE TA 51 -20.92 -7.76 100.66
N ALA TA 52 -23.37 -5.67 103.10
N ALA TA 52 -21.11 -6.90 101.66
CA ALA TA 52 -22.75 -4.39 103.41
CA ALA TA 52 -20.32 -5.66 101.71
C ALA TA 52 -21.24 -4.55 103.50
C ALA TA 52 -18.86 -5.95 101.96
N LYS TA 53 -20.78 -5.56 104.24
N LYS TA 53 -18.56 -6.84 102.91
CA LYS TA 53 -19.33 -5.72 104.40
CA LYS TA 53 -17.19 -7.27 103.17
C LYS TA 53 -18.66 -6.24 103.13
C LYS TA 53 -16.53 -7.80 101.90
N TYR TA 54 -19.38 -7.02 102.32
N TYR TA 54 -17.25 -8.70 101.21
CA TYR TA 54 -18.77 -7.51 101.09
CA TYR TA 54 -16.73 -9.33 100.01
C TYR TA 54 -18.42 -6.37 100.14
C TYR TA 54 -16.30 -8.30 98.97
N PHE TA 55 -19.31 -5.39 100.00
N PHE TA 55 -17.22 -7.40 98.60
CA PHE TA 55 -19.06 -4.30 99.05
CA PHE TA 55 -16.88 -6.43 97.56
C PHE TA 55 -18.13 -3.24 99.61
C PHE TA 55 -15.84 -5.41 98.04
N LEU TA 56 -18.09 -3.09 100.95
N LEU TA 56 -15.85 -5.03 99.32
CA LEU TA 56 -17.11 -2.19 101.54
CA LEU TA 56 -14.80 -4.13 99.79
C LEU TA 56 -15.70 -2.74 101.38
C LEU TA 56 -13.44 -4.80 99.70
N HIS TA 57 -15.56 -4.06 101.50
N HIS TA 57 -13.39 -6.11 99.94
CA HIS TA 57 -14.26 -4.69 101.25
CA HIS TA 57 -12.15 -6.86 99.75
C HIS TA 57 -13.81 -4.47 99.81
C HIS TA 57 -11.67 -6.75 98.32
N GLN TA 58 -14.76 -4.54 98.85
N GLN TA 58 -12.54 -7.07 97.35
CA GLN TA 58 -14.40 -4.28 97.46
CA GLN TA 58 -12.11 -7.03 95.95
C GLN TA 58 -14.00 -2.82 97.27
C GLN TA 58 -11.63 -5.64 95.59
N SER TA 59 -14.69 -1.92 97.97
N SER TA 59 -12.33 -4.61 96.07
CA SER TA 59 -14.40 -0.49 97.84
CA SER TA 59 -11.91 -3.23 95.84
C SER TA 59 -12.97 -0.21 98.27
C SER TA 59 -10.47 -3.01 96.28
N HIS TA 60 -12.54 -0.76 99.41
N HIS TA 60 -10.11 -3.50 97.46
CA HIS TA 60 -11.19 -0.51 99.89
CA HIS TA 60 -8.73 -3.35 97.94
C HIS TA 60 -10.15 -1.11 98.94
C HIS TA 60 -7.75 -4.13 97.08
N GLU TA 61 -10.44 -2.28 98.38
N GLU TA 61 -8.12 -5.35 96.69
CA GLU TA 61 -9.50 -2.91 97.46
CA GLU TA 61 -7.22 -6.13 95.85
C GLU TA 61 -9.36 -2.13 96.17
C GLU TA 61 -7.02 -5.47 94.49
N GLU TA 62 -10.48 -1.61 95.63
N GLU TA 62 -8.04 -4.77 93.99
CA GLU TA 62 -10.39 -0.73 94.48
CA GLU TA 62 -7.90 -4.11 92.70
C GLU TA 62 -9.54 0.50 94.79
C GLU TA 62 -6.97 -2.91 92.78
N ARG TA 63 -9.58 1.00 96.03
N ARG TA 63 -7.07 -2.12 93.85
CA ARG TA 63 -8.68 2.08 96.41
CA ARG TA 63 -6.06 -1.09 94.07
C ARG TA 63 -7.22 1.65 96.27
C ARG TA 63 -4.66 -1.69 94.17
N GLU TA 64 -6.90 0.44 96.75
N GLU TA 64 -4.50 -2.79 94.91
CA GLU TA 64 -5.55 -0.08 96.59
CA GLU TA 64 -3.25 -3.54 94.88
C GLU TA 64 -5.16 -0.18 95.11
C GLU TA 64 -2.84 -3.87 93.45
N HIS TA 65 -6.10 -0.61 94.26
N HIS TA 65 -3.81 -4.32 92.64
CA HIS TA 65 -5.79 -0.72 92.84
CA HIS TA 65 -3.51 -4.64 91.25
C HIS TA 65 -5.31 0.61 92.27
C HIS TA 65 -2.96 -3.43 90.51
N ALA TA 66 -5.93 1.71 92.70
N ALA TA 66 -3.52 -2.25 90.76
CA ALA TA 66 -5.59 3.01 92.12
CA ALA TA 66 -3.08 -1.05 90.05
C ALA TA 66 -4.28 3.55 92.67
C ALA TA 66 -1.68 -0.62 90.46
N GLU TA 67 -4.06 3.44 93.98
N GLU TA 67 -1.39 -0.64 91.77
CA GLU TA 67 -2.78 3.86 94.53
CA GLU TA 67 -0.07 -0.21 92.23
C GLU TA 67 -1.63 3.07 93.92
C GLU TA 67 1.05 -1.12 91.74
N LYS TA 68 -1.87 1.80 93.61
N LYS TA 68 0.76 -2.39 91.51
CA LYS TA 68 -0.83 0.98 92.98
CA LYS TA 68 1.80 -3.28 91.00
C LYS TA 68 -0.53 1.50 91.58
C LYS TA 68 2.15 -2.94 89.56
N LEU TA 69 -1.57 1.87 90.82
N LEU TA 69 1.18 -2.45 88.77
CA LEU TA 69 -1.33 2.51 89.52
CA LEU TA 69 1.46 -2.00 87.41
C LEU TA 69 -0.69 3.88 89.70
C LEU TA 69 2.21 -0.67 87.42
N MET TA 70 -0.98 4.57 90.80
N MET TA 70 1.90 0.20 88.38
CA MET TA 70 -0.33 5.86 91.05
CA MET TA 70 2.68 1.42 88.53
C MET TA 70 1.15 5.66 91.37
C MET TA 70 4.12 1.11 88.90
N LYS TA 71 1.47 4.62 92.14
N LYS TA 71 4.30 0.13 89.79
CA LYS TA 71 2.87 4.27 92.39
CA LYS TA 71 5.64 -0.38 90.12
C LYS TA 71 3.60 3.93 91.09
C LYS TA 71 6.33 -0.91 88.89
N LEU TA 72 2.94 3.16 90.22
N LEU TA 72 5.63 -1.74 88.11
CA LEU TA 72 3.55 2.79 88.94
CA LEU TA 72 6.19 -2.32 86.89
C LEU TA 72 3.89 4.05 88.11
C LEU TA 72 6.48 -1.26 85.83
N GLN TA 73 2.94 4.98 88.02
N GLN TA 73 5.65 -0.21 85.76
CA GLN TA 73 3.13 6.18 87.19
CA GLN TA 73 5.96 0.88 84.83
C GLN TA 73 4.38 6.95 87.59
C GLN TA 73 7.30 1.52 85.14
N ASN TA 74 4.54 7.19 88.90
N ASN TA 74 7.54 1.88 86.42
CA ASN TA 74 5.76 7.79 89.44
CA ASN TA 74 8.84 2.46 86.75
C ASN TA 74 6.96 6.89 89.21
C ASN TA 74 9.97 1.45 86.61
N GLN TA 75 6.79 5.58 89.39
N GLN TA 75 9.71 0.17 86.89
CA GLN TA 75 7.91 4.66 89.17
CA GLN TA 75 10.75 -0.83 86.72
C GLN TA 75 8.49 4.81 87.77
C GLN TA 75 11.32 -0.83 85.30
N ARG TA 76 7.62 4.78 86.76
N ARG TA 76 10.46 -0.73 84.28
CA ARG TA 76 8.04 4.93 85.37
CA ARG TA 76 10.91 -0.92 82.89
C ARG TA 76 8.36 6.37 85.00
C ARG TA 76 11.33 0.37 82.22
N GLY TA 77 7.96 7.35 85.82
N GLY TA 77 11.41 1.47 82.95
CA GLY TA 77 8.37 8.72 85.57
CA GLY TA 77 11.67 2.76 82.39
C GLY TA 77 7.34 9.57 84.89
C GLY TA 77 10.43 3.59 82.08
N GLY TA 78 6.12 9.07 84.72
N GLY TA 78 9.27 2.97 81.92
CA GLY TA 78 5.05 9.95 84.30
CA GLY TA 78 8.09 3.69 81.49
C GLY TA 78 4.63 10.87 85.43
C GLY TA 78 7.64 4.74 82.49
N ARG TA 79 3.49 11.49 85.22
N ARG TA 79 6.81 5.65 82.01
CA ARG TA 79 2.95 12.47 86.14
CA ARG TA 79 6.36 6.80 82.81
C ARG TA 79 1.47 12.19 86.39
C ARG TA 79 4.86 6.72 83.04
N ILE TA 80 1.09 12.30 87.63
N ILE TA 80 4.46 6.84 84.30
CA ILE TA 80 -0.29 12.00 88.01
CA ILE TA 80 3.03 6.76 84.64
C ILE TA 80 -1.12 13.23 87.76
C ILE TA 80 2.34 8.05 84.23
N PHE TA 81 -2.23 13.05 87.04
N PHE TA 81 1.19 7.92 83.56
CA PHE TA 81 -3.19 14.11 86.78
CA PHE TA 81 0.28 9.04 83.36
C PHE TA 81 -4.55 13.51 87.13
C PHE TA 81 -1.10 8.62 83.82
N LEU TA 82 -5.04 13.81 88.32
N LEU TA 82 -1.53 9.17 84.94
CA LEU TA 82 -6.30 13.27 88.79
CA LEU TA 82 -2.84 8.86 85.49
C LEU TA 82 -7.48 14.08 88.23
C LEU TA 82 -3.93 9.65 84.76
N GLN TA 83 -8.61 13.42 88.10
N GLN TA 83 -5.07 9.02 84.61
CA GLN TA 83 -9.84 14.05 87.63
CA GLN TA 83 -6.22 9.67 84.00
C GLN TA 83 -10.96 13.78 88.64
C GLN TA 83 -7.34 9.73 85.04
N ASP TA 84 -12.06 14.51 88.46
N ASP TA 84 -8.44 10.39 84.68
CA ASP TA 84 -13.24 14.30 89.29
CA ASP TA 84 -9.60 10.37 85.58
C ASP TA 84 -13.62 12.82 89.28
C ASP TA 84 -10.04 8.94 85.81
N ILE TA 85 -14.08 12.34 90.42
N ILE TA 85 -10.67 8.70 86.95
CA ILE TA 85 -14.59 11.00 90.54
CA ILE TA 85 -11.32 7.42 87.19
C ILE TA 85 -16.10 11.10 90.40
C ILE TA 85 -12.82 7.64 86.99
N GLN TA 86 -16.62 10.55 89.30
N GLN TA 86 -13.39 7.00 85.97
CA GLN TA 86 -18.05 10.56 89.04
CA GLN TA 86 -14.82 7.17 85.73
C GLN TA 86 -18.80 9.79 90.10
C GLN TA 86 -15.62 6.54 86.86
N LYS TA 87 -19.88 10.39 90.58
N LYS TA 87 -16.71 7.22 87.25
CA LYS TA 87 -20.78 9.68 91.48
CA LYS TA 87 -17.60 6.65 88.24
C LYS TA 87 -21.40 8.49 90.74
C LYS TA 87 -18.26 5.37 87.70
N PRO TA 88 -21.70 7.40 91.45
N PRO TA 88 -18.66 4.45 88.59
CA PRO TA 88 -22.27 6.23 90.78
CA PRO TA 88 -19.33 3.23 88.15
C PRO TA 88 -23.57 6.62 90.08
C PRO TA 88 -20.59 3.52 87.34
N ASP TA 89 -23.96 5.83 89.07
N ASP TA 89 -21.05 2.48 86.63
CA ASP TA 89 -25.17 6.11 88.31
CA ASP TA 89 -22.23 2.64 85.78
C ASP TA 89 -26.45 5.71 89.02
C ASP TA 89 -23.53 2.75 86.58
N GLU TA 90 -26.38 5.22 90.25
N GLU TA 90 -23.60 2.21 87.80
CA GLU TA 90 -27.57 4.89 91.02
CA GLU TA 90 -24.78 2.35 88.63
C GLU TA 90 -27.41 5.39 92.45
C GLU TA 90 -24.42 2.92 90.00
N ASP TA 91 -28.54 5.69 93.10
N ASP TA 91 -25.42 3.54 90.64
CA ASP TA 91 -28.58 5.96 94.54
CA ASP TA 91 -25.39 3.93 92.05
C ASP TA 91 -29.18 4.83 95.34
C ASP TA 91 -26.08 2.92 92.95
N ASP TA 92 -30.14 4.13 94.75
N ASP TA 92 -27.18 2.36 92.45
CA ASP TA 92 -30.85 3.01 95.33
CA ASP TA 92 -27.93 1.31 93.11
C ASP TA 92 -30.47 1.78 94.51
C ASP TA 92 -27.62 0.01 92.39
N TRP TA 93 -29.95 0.75 95.17
N TRP TA 93 -27.25 -1.02 93.14
CA TRP TA 93 -29.48 -0.43 94.44
CA TRP TA 93 -26.86 -2.28 92.52
C TRP TA 93 -30.47 -1.58 94.44
C TRP TA 93 -27.94 -3.35 92.62
N GLU TA 94 -31.65 -1.40 95.04
N GLU TA 94 -29.16 -2.96 93.02
CA GLU TA 94 -32.83 -2.24 94.82
CA GLU TA 94 -30.37 -3.77 92.91
C GLU TA 94 -32.81 -3.58 95.55
C GLU TA 94 -30.38 -4.92 93.91
N SER TA 95 -31.69 -4.29 95.52
N SER TA 95 -29.38 -5.79 93.88
CA SER TA 95 -31.63 -5.64 96.07
CA SER TA 95 -29.44 -7.01 94.66
C SER TA 95 -30.20 -6.17 96.01
C SER TA 95 -28.06 -7.67 94.67
N GLY TA 96 -30.00 -7.29 96.69
N GLY TA 96 -27.90 -8.62 95.59
CA GLY TA 96 -28.70 -7.96 96.62
CA GLY TA 96 -26.67 -9.37 95.63
C GLY TA 96 -28.37 -8.43 95.22
C GLY TA 96 -26.42 -10.13 94.34
N LEU TA 97 -29.31 -9.13 94.59
N LEU TA 97 -27.47 -10.76 93.79
CA LEU TA 97 -29.09 -9.64 93.24
CA LEU TA 97 -27.33 -11.46 92.53
C LEU TA 97 -28.77 -8.51 92.27
C LEU TA 97 -26.94 -10.49 91.40
N ASN TA 98 -29.51 -7.41 92.35
N ASN TA 98 -27.58 -9.32 91.34
CA ASN TA 98 -29.24 -6.31 91.44
CA ASN TA 98 -27.24 -8.38 90.29
C ASN TA 98 -27.86 -5.71 91.69
C ASN TA 98 -25.84 -7.83 90.45
N ALA TA 99 -27.48 -5.57 92.96
N ALA TA 99 -25.41 -7.56 91.68
CA ALA TA 99 -26.16 -5.03 93.27
CA ALA TA 99 -24.03 -7.13 91.89
C ALA TA 99 -25.06 -5.98 92.80
C ALA TA 99 -23.06 -8.20 91.43
N MET TA 100 -25.31 -7.29 92.82
N MET TA 100 -23.32 -9.45 91.82
CA MET TA 100 -24.34 -8.23 92.30
CA MET TA 100 -22.46 -10.55 91.42
C MET TA 100 -24.25 -8.14 90.79
C MET TA 100 -22.40 -10.69 89.90
N GLU TA 101 -25.39 -7.99 90.11
N GLU TA 101 -23.51 -10.43 89.20
CA GLU TA 101 -25.37 -7.83 88.65
CA GLU TA 101 -23.50 -10.54 87.74
C GLU TA 101 -24.75 -6.51 88.24
C GLU TA 101 -22.70 -9.41 87.12
N ALA TA 102 -25.05 -5.43 88.97
N ALA TA 102 -22.82 -8.20 87.66
CA ALA TA 102 -24.34 -4.18 88.70
CA ALA TA 102 -22.06 -7.07 87.15
C ALA TA 102 -22.85 -4.35 88.92
C ALA TA 102 -20.56 -7.25 87.43
N ALA TA 103 -22.46 -5.04 90.01
N ALA TA 103 -20.22 -7.81 88.59
CA ALA TA 103 -21.06 -5.28 90.27
CA ALA TA 103 -18.82 -8.11 88.85
C ALA TA 103 -20.43 -6.09 89.14
C ALA TA 103 -18.28 -9.10 87.83
N LEU TA 104 -21.14 -7.11 88.66
N LEU TA 104 -19.06 -10.14 87.53
CA LEU TA 104 -20.61 -7.91 87.57
CA LEU TA 104 -18.66 -11.13 86.55
C LEU TA 104 -20.38 -7.06 86.33
C LEU TA 104 -18.37 -10.47 85.20
N HIS TA 105 -21.37 -6.23 85.99
N HIS TA 105 -19.28 -9.60 84.75
CA HIS TA 105 -21.23 -5.34 84.84
CA HIS TA 105 -19.07 -8.86 83.52
C HIS TA 105 -20.03 -4.41 85.02
C HIS TA 105 -17.82 -7.99 83.58
N LEU TA 106 -19.91 -3.80 86.21
N LEU TA 106 -17.60 -7.29 84.70
CA LEU TA 106 -18.78 -2.93 86.49
CA LEU TA 106 -16.42 -6.44 84.84
C LEU TA 106 -17.44 -3.65 86.28
C LEU TA 106 -15.14 -7.26 84.75
N GLU TA 107 -17.28 -4.87 86.81
N GLU TA 107 -15.08 -8.39 85.47
CA GLU TA 107 -15.97 -5.51 86.76
CA GLU TA 107 -13.86 -9.18 85.50
C GLU TA 107 -15.55 -5.83 85.33
C GLU TA 107 -13.60 -9.85 84.15
N LYS TA 108 -16.48 -6.17 84.43
N LYS TA 108 -14.64 -10.15 83.39
CA LYS TA 108 -16.11 -6.40 83.04
CA LYS TA 108 -14.38 -10.59 82.04
C LYS TA 108 -15.81 -5.10 82.30
C LYS TA 108 -13.88 -9.45 81.16
N ASN TA 109 -16.46 -3.99 82.66
N ASN TA 109 -14.34 -8.22 81.40
CA ASN TA 109 -16.07 -2.70 82.10
CA ASN TA 109 -13.79 -7.10 80.64
C ASN TA 109 -14.66 -2.33 82.54
C ASN TA 109 -12.32 -6.88 81.00
N VAL TA 110 -14.35 -2.49 83.83
N VAL TA 110 -11.99 -6.99 82.29
CA VAL TA 110 -12.98 -2.27 84.29
CA VAL TA 110 -10.61 -6.79 82.71
C VAL TA 110 -12.03 -3.25 83.61
C VAL TA 110 -9.71 -7.90 82.17
N ASN TA 111 -12.48 -4.50 83.42
N ASN TA 111 -10.18 -9.15 82.21
CA ASN TA 111 -11.63 -5.49 82.77
CA ASN TA 111 -9.45 -10.26 81.56
C ASN TA 111 -11.33 -5.12 81.32
C ASN TA 111 -9.17 -9.96 80.11
N GLN TA 112 -12.30 -4.55 80.60
N GLN TA 112 -10.15 -9.40 79.39
CA GLN TA 112 -12.08 -4.20 79.20
CA GLN TA 112 -9.96 -9.15 77.96
C GLN TA 112 -11.06 -3.07 79.06
C GLN TA 112 -8.86 -8.12 77.73
N SER TA 113 -11.14 -2.06 79.93
N SER TA 113 -8.87 -7.04 78.51
CA SER TA 113 -10.12 -1.01 79.93
CA SER TA 113 -7.80 -6.07 78.42
C SER TA 113 -8.73 -1.58 80.21
C SER TA 113 -6.44 -6.71 78.70
N LEU TA 114 -8.65 -2.57 81.12
N LEU TA 114 -6.40 -7.64 79.67
CA LEU TA 114 -7.34 -3.14 81.43
CA LEU TA 114 -5.12 -8.27 80.02
C LEU TA 114 -6.78 -3.95 80.26
C LEU TA 114 -4.64 -9.21 78.93
N LEU TA 115 -7.64 -4.66 79.53
N LEU TA 115 -5.55 -10.02 78.37
CA LEU TA 115 -7.18 -5.34 78.31
CA LEU TA 115 -5.17 -10.87 77.25
C LEU TA 115 -6.73 -4.30 77.28
C LEU TA 115 -4.71 -10.01 76.07
N GLU TA 116 -7.53 -3.25 77.09
N GLU TA 116 -5.38 -8.89 75.83
CA GLU TA 116 -7.13 -2.13 76.24
CA GLU TA 116 -4.86 -7.94 74.87
C GLU TA 116 -5.84 -1.46 76.73
C GLU TA 116 -3.50 -7.41 75.30
N LEU TA 117 -5.59 -1.47 78.03
N LEU TA 117 -3.31 -7.13 76.59
CA LEU TA 117 -4.32 -0.93 78.51
CA LEU TA 117 -2.02 -6.67 77.05
C LEU TA 117 -3.20 -1.90 78.25
C LEU TA 117 -0.94 -7.72 76.83
N HIS TA 118 -3.43 -3.18 78.49
N HIS TA 118 -1.22 -8.98 77.17
CA HIS TA 118 -2.41 -4.16 78.18
CA HIS TA 118 -0.27 -10.05 76.94
C HIS TA 118 -2.05 -4.10 76.69
C HIS TA 118 0.03 -10.22 75.44
N LYS TA 119 -3.07 -4.13 75.83
N LYS TA 119 -1.01 -10.24 74.61
CA LYS TA 119 -2.82 -4.08 74.38
CA LYS TA 119 -0.80 -10.33 73.16
C LYS TA 119 -1.98 -2.89 73.98
C LYS TA 119 0.16 -9.26 72.65
N LEU TA 120 -2.29 -1.70 74.52
N LEU TA 120 0.01 -8.02 73.14
CA LEU TA 120 -1.46 -0.53 74.20
CA LEU TA 120 0.93 -6.95 72.76
C LEU TA 120 -0.02 -0.72 74.67
C LEU TA 120 2.36 -7.26 73.19
N ALA TA 121 0.19 -1.39 75.80
N ALA TA 121 2.53 -7.84 74.38
CA ALA TA 121 1.56 -1.63 76.26
CA ALA TA 121 3.88 -8.14 74.84
C ALA TA 121 2.31 -2.56 75.31
C ALA TA 121 4.50 -9.26 74.03
N HIS TA 122 1.62 -3.60 74.81
N HIS TA 122 3.71 -10.28 73.66
CA HIS TA 122 2.22 -4.45 73.78
CA HIS TA 122 4.23 -11.33 72.79
C HIS TA 122 2.61 -3.63 72.54
C HIS TA 122 4.55 -10.79 71.40
N ASP TA 123 1.66 -2.84 72.01
N ASP TA 123 3.73 -9.84 70.90
CA ASP TA 123 1.90 -2.10 70.78
CA ASP TA 123 3.95 -9.31 69.56
C ASP TA 123 3.02 -1.08 70.91
C ASP TA 123 5.17 -8.39 69.52
N LYS TA 124 3.26 -0.58 72.12
N LYS TA 124 5.39 -7.60 70.58
CA LYS TA 124 4.36 0.36 72.36
CA LYS TA 124 6.57 -6.76 70.64
C LYS TA 124 5.64 -0.34 72.81
C LYS TA 124 7.79 -7.51 71.17
N ASN TA 125 5.70 -1.68 72.74
N ASN TA 125 7.71 -8.83 71.23
CA ASN TA 125 6.90 -2.43 73.12
CA ASN TA 125 8.78 -9.69 71.74
C ASN TA 125 7.31 -2.10 74.55
C ASN TA 125 9.31 -9.18 73.09
N ASP TA 126 6.33 -2.05 75.46
N ASP TA 126 8.39 -9.02 74.05
CA ASP TA 126 6.54 -1.75 76.86
CA ASP TA 126 8.75 -8.57 75.39
C ASP TA 126 6.27 -3.02 77.64
C ASP TA 126 8.47 -9.71 76.36
N PRO TA 127 7.29 -3.88 77.84
N PRO TA 127 9.42 -10.64 76.53
CA PRO TA 127 7.05 -5.16 78.53
CA PRO TA 127 9.13 -11.82 77.36
C PRO TA 127 6.95 -5.01 80.04
C PRO TA 127 9.00 -11.47 78.84
N HIS TA 128 7.61 -4.00 80.61
N HIS TA 128 9.68 -10.43 79.30
CA HIS TA 128 7.41 -3.72 82.03
CA HIS TA 128 9.54 -10.06 80.71
C HIS TA 128 5.96 -3.36 82.34
C HIS TA 128 8.13 -9.55 81.00
N LEU TA 129 5.34 -2.53 81.50
N LEU TA 129 7.56 -8.73 80.10
CA LEU TA 129 3.95 -2.16 81.77
CA LEU TA 129 6.20 -8.23 80.31
C LEU TA 129 3.01 -3.35 81.56
C LEU TA 129 5.17 -9.35 80.18
N ALA TA 130 3.22 -4.12 80.48
N ALA TA 130 5.27 -10.15 79.12
CA ALA TA 130 2.31 -5.23 80.20
CA ALA TA 130 4.41 -11.32 78.94
C ALA TA 130 2.35 -6.26 81.32
C ALA TA 130 4.37 -12.17 80.20
N ASP TA 131 3.55 -6.56 81.81
N ASP TA 131 5.52 -12.49 80.75
CA ASP TA 131 3.67 -7.57 82.87
CA ASP TA 131 5.60 -13.38 81.89
C ASP TA 131 3.16 -7.04 84.21
C ASP TA 131 5.10 -12.71 83.16
N PHE TA 132 3.37 -5.76 84.51
N PHE TA 132 5.35 -11.41 83.30
CA PHE TA 132 2.69 -5.13 85.64
CA PHE TA 132 4.75 -10.64 84.38
C PHE TA 132 1.18 -5.36 85.57
C PHE TA 132 3.23 -10.78 84.37
N ILE TA 133 0.58 -5.09 84.41
N ILE TA 133 2.59 -10.47 83.23
CA ILE TA 133 -0.87 -5.27 84.27
CA ILE TA 133 1.14 -10.55 83.13
C ILE TA 133 -1.25 -6.73 84.46
C ILE TA 133 0.66 -11.97 83.44
N GLU TA 134 -0.52 -7.64 83.81
N GLU TA 134 1.38 -12.97 82.94
CA GLU TA 134 -0.75 -9.08 83.94
CA GLU TA 134 1.03 -14.37 83.19
C GLU TA 134 -0.74 -9.52 85.39
C GLU TA 134 1.09 -14.68 84.67
N THR TA 135 0.34 -9.17 86.09
N THR TA 135 2.13 -14.21 85.32
CA THR TA 135 0.63 -9.73 87.41
CA THR TA 135 2.40 -14.59 86.69
C THR TA 135 -0.32 -9.19 88.48
C THR TA 135 1.45 -13.90 87.65
N HIS TA 136 -0.72 -7.93 88.37
N HIS TA 136 1.21 -12.62 87.46
CA HIS TA 136 -1.46 -7.27 89.44
CA HIS TA 136 0.54 -11.85 88.49
C HIS TA 136 -2.93 -7.04 89.13
C HIS TA 136 -0.91 -11.51 88.15
N TYR TA 137 -3.36 -7.09 87.85
N TYR TA 137 -1.41 -11.88 86.98
CA TYR TA 137 -4.76 -6.76 87.63
CA TYR TA 137 -2.75 -11.41 86.61
C TYR TA 137 -5.53 -7.82 86.85
C TYR TA 137 -3.60 -12.48 85.95
N LEU TA 138 -4.91 -8.52 85.90
N LEU TA 138 -3.01 -13.31 85.07
CA LEU TA 138 -5.70 -9.34 84.95
CA LEU TA 138 -3.84 -14.17 84.22
C LEU TA 138 -6.31 -10.56 85.62
C LEU TA 138 -4.55 -15.25 85.04
N ASN TA 139 -5.49 -11.40 86.26
N ASN TA 139 -3.80 -16.06 85.79
CA ASN TA 139 -6.09 -12.57 86.92
CA ASN TA 139 -4.50 -17.03 86.65
C ASN TA 139 -6.96 -12.18 88.09
C ASN TA 139 -5.41 -16.34 87.67
N GLU TA 140 -6.72 -11.01 88.69
N GLU TA 140 -5.01 -15.17 88.17
CA GLU TA 140 -7.61 -10.52 89.73
CA GLU TA 140 -5.87 -14.43 89.10
C GLU TA 140 -8.96 -10.11 89.16
C GLU TA 140 -7.23 -14.12 88.46
N GLN TA 141 -8.96 -9.48 87.98
N GLN TA 141 -7.22 -13.62 87.23
CA GLN TA 141 -10.20 -9.24 87.25
CA GLN TA 141 -8.47 -13.33 86.53
C GLN TA 141 -10.95 -10.54 86.99
C GLN TA 141 -9.32 -14.58 86.38
N VAL TA 142 -10.26 -11.54 86.44
N VAL TA 142 -8.71 -15.69 86.00
CA VAL TA 142 -10.89 -12.82 86.15
CA VAL TA 142 -9.47 -16.93 85.80
C VAL TA 142 -11.47 -13.43 87.41
C VAL TA 142 -10.09 -17.37 87.11
N LYS TA 143 -10.75 -13.31 88.52
N LYS TA 143 -9.30 -17.33 88.20
CA LYS TA 143 -11.25 -13.85 89.79
CA LYS TA 143 -9.80 -17.79 89.50
C LYS TA 143 -12.53 -13.16 90.21
C LYS TA 143 -11.00 -16.98 89.96
N ALA TA 144 -12.52 -11.83 90.23
N ALA TA 144 -11.00 -15.67 89.68
CA ALA TA 144 -13.69 -11.11 90.74
CA ALA TA 144 -12.05 -14.75 90.11
C ALA TA 144 -14.91 -11.31 89.84
C ALA TA 144 -13.32 -14.87 89.27
N ILE TA 145 -14.71 -11.33 88.53
N ILE TA 145 -13.16 -15.03 87.96
CA ILE TA 145 -15.82 -11.58 87.61
CA ILE TA 145 -14.30 -15.30 87.09
C ILE TA 145 -16.42 -12.96 87.86
C ILE TA 145 -14.97 -16.62 87.48
N LYS TA 146 -15.56 -13.98 87.97
N LYS TA 146 -14.16 -17.63 87.82
CA LYS TA 146 -16.05 -15.33 88.25
CA LYS TA 146 -14.70 -18.92 88.27
C LYS TA 146 -16.79 -15.38 89.59
C LYS TA 146 -15.45 -18.78 89.58
N GLU TA 147 -16.25 -14.72 90.62
N GLU TA 147 -14.87 -18.05 90.54
CA GLU TA 147 -16.92 -14.69 91.92
CA GLU TA 147 -15.53 -17.85 91.83
C GLU TA 147 -18.31 -14.05 91.82
C GLU TA 147 -16.83 -17.04 91.68
N LEU TA 148 -18.40 -12.89 91.17
N LEU TA 148 -16.80 -15.96 90.89
CA LEU TA 148 -19.71 -12.24 91.06
CA LEU TA 148 -18.02 -15.19 90.69
C LEU TA 148 -20.68 -13.12 90.29
C LEU TA 148 -19.04 -16.01 89.92
N GLY TA 149 -20.20 -13.80 89.25
N GLY TA 149 -18.58 -16.81 88.96
CA GLY TA 149 -21.06 -14.73 88.53
CA GLY TA 149 -19.46 -17.78 88.32
C GLY TA 149 -21.61 -15.83 89.41
C GLY TA 149 -20.12 -18.70 89.32
N ASP TA 150 -20.77 -16.43 90.25
N ASP TA 150 -19.33 -19.35 90.19
CA ASP TA 150 -21.23 -17.48 91.15
CA ASP TA 150 -19.85 -20.19 91.27
C ASP TA 150 -22.31 -16.94 92.09
C ASP TA 150 -20.96 -19.48 92.04
N HIS TA 151 -22.05 -15.77 92.68
N HIS TA 151 -20.73 -18.21 92.41
CA HIS TA 151 -23.04 -15.13 93.54
CA HIS TA 151 -21.67 -17.49 93.26
C HIS TA 151 -24.35 -14.89 92.80
C HIS TA 151 -22.99 -17.19 92.55
N VAL TA 152 -24.28 -14.25 91.63
N VAL TA 152 -22.93 -16.72 91.31
CA VAL TA 152 -25.49 -13.98 90.86
CA VAL TA 152 -24.13 -16.50 90.53
C VAL TA 152 -26.25 -15.28 90.59
C VAL TA 152 -24.93 -17.80 90.43
N THR TA 153 -25.52 -16.34 90.21
N THR TA 153 -24.25 -18.90 90.12
CA THR TA 153 -26.18 -17.61 89.92
CA THR TA 153 -24.94 -20.18 90.01
C THR TA 153 -26.90 -18.16 91.15
C THR TA 153 -25.69 -20.50 91.29
N ASN TA 154 -26.23 -18.18 92.30
N ASN TA 154 -25.04 -20.31 92.43
CA ASN TA 154 -26.86 -18.74 93.49
CA ASN TA 154 -25.66 -20.70 93.70
C ASN TA 154 -28.07 -17.93 93.91
C ASN TA 154 -26.83 -19.78 94.02
N LEU TA 155 -27.95 -16.60 93.86
N LEU TA 155 -26.63 -18.46 93.89
CA LEU TA 155 -29.08 -15.75 94.23
CA LEU TA 155 -27.73 -17.53 94.15
C LEU TA 155 -30.29 -16.04 93.33
C LEU TA 155 -28.95 -17.86 93.28
N ARG TA 156 -30.05 -16.10 92.02
N ARG TA 156 -28.72 -18.19 92.02
CA ARG TA 156 -31.11 -16.45 91.07
CA ARG TA 156 -29.84 -18.47 91.12
C ARG TA 156 -31.74 -17.80 91.42
C ARG TA 156 -30.60 -19.72 91.58
N LYS TA 157 -30.91 -18.81 91.65
N LYS TA 157 -29.89 -20.82 91.81
CA LYS TA 157 -31.43 -20.16 91.82
CA LYS TA 157 -30.57 -22.04 92.27
C LYS TA 157 -32.25 -20.27 93.11
C LYS TA 157 -31.28 -21.80 93.59
N MET TA 158 -31.79 -19.61 94.18
N MET TA 158 -30.70 -20.99 94.47
CA MET TA 158 -32.53 -19.54 95.45
CA MET TA 158 -31.31 -20.77 95.77
C MET TA 158 -33.83 -18.76 95.33
C MET TA 158 -32.62 -19.99 95.68
N GLY TA 159 -34.06 -18.05 94.24
N GLY TA 159 -32.86 -19.30 94.57
CA GLY TA 159 -35.31 -17.33 94.04
CA GLY TA 159 -34.09 -18.54 94.41
C GLY TA 159 -35.27 -15.81 94.23
C GLY TA 159 -33.88 -17.05 94.37
N ALA TA 160 -34.09 -15.19 94.29
N ALA TA 160 -32.65 -16.56 94.42
CA ALA TA 160 -33.99 -13.74 94.39
CA ALA TA 160 -32.41 -15.17 94.08
C ALA TA 160 -34.50 -13.07 93.12
C ALA TA 160 -32.86 -14.93 92.65
N PRO TA 161 -34.89 -11.78 93.20
N PRO TA 161 -33.47 -13.77 92.35
CA PRO TA 161 -34.96 -10.95 94.40
CA PRO TA 161 -33.63 -12.67 93.30
C PRO TA 161 -36.35 -10.98 95.03
C PRO TA 161 -35.03 -12.58 93.95
N GLU TA 162 -37.25 -11.73 94.40
N GLU TA 162 -35.99 -13.38 93.49
CA GLU TA 162 -38.63 -11.83 94.87
CA GLU TA 162 -37.35 -13.31 94.01
C GLU TA 162 -38.68 -12.37 96.29
C GLU TA 162 -37.41 -13.73 95.47
N SER TA 163 -38.09 -13.54 96.51
N SER TA 163 -36.62 -14.74 95.86
CA SER TA 163 -37.98 -14.11 97.84
CA SER TA 163 -36.57 -15.18 97.25
C SER TA 163 -37.07 -13.24 98.70
C SER TA 163 -35.56 -14.33 98.01
N GLY TA 164 -37.64 -12.66 99.77
N GLY TA 164 -36.04 -13.44 98.87
CA GLY TA 164 -36.79 -12.08 100.79
CA GLY TA 164 -35.14 -12.69 99.74
C GLY TA 164 -36.02 -13.11 101.59
C GLY TA 164 -34.51 -13.55 100.83
N LEU TA 165 -36.48 -14.37 101.59
N LEU TA 165 -35.08 -14.72 101.09
CA LEU TA 165 -35.75 -15.41 102.31
CA LEU TA 165 -34.46 -15.69 101.99
C LEU TA 165 -34.42 -15.72 101.62
C LEU TA 165 -33.12 -16.17 101.42
N ALA TA 166 -34.40 -15.74 100.29
N ALA TA 166 -33.04 -16.35 100.11
CA ALA TA 166 -33.20 -16.07 99.56
CA ALA TA 166 -31.85 -16.91 99.49
C ALA TA 166 -32.08 -15.07 99.84
C ALA TA 166 -30.62 -16.03 99.74
N GLU TA 167 -32.39 -13.78 99.82
N GLU TA 167 -30.75 -14.72 99.53
CA GLU TA 167 -31.34 -12.81 100.11
CA GLU TA 167 -29.56 -13.87 99.62
C GLU TA 167 -30.84 -12.96 101.54
C GLU TA 167 -29.11 -13.69 101.06
N TYR TA 168 -31.76 -13.13 102.50
N TYR TA 168 -30.05 -13.65 102.00
CA TYR TA 168 -31.34 -13.32 103.89
CA TYR TA 168 -29.68 -13.66 103.42
C TYR TA 168 -30.39 -14.51 104.03
C TYR TA 168 -28.83 -14.89 103.75
N LEU TA 169 -30.81 -15.68 103.53
N LEU TA 169 -29.32 -16.07 103.40
CA LEU TA 169 -30.02 -16.89 103.72
CA LEU TA 169 -28.60 -17.31 103.72
C LEU TA 169 -28.68 -16.80 102.99
C LEU TA 169 -27.29 -17.40 102.96
N PHE TA 170 -28.68 -16.23 101.78
N PHE TA 170 -27.26 -16.94 101.70
CA PHE TA 170 -27.43 -16.02 101.07
CA PHE TA 170 -26.01 -16.95 100.96
C PHE TA 170 -26.51 -15.07 101.82
C PHE TA 170 -24.98 -16.04 101.61
N ASP TA 171 -27.07 -13.97 102.33
N ASP TA 171 -25.44 -14.85 102.02
CA ASP TA 171 -26.27 -13.08 103.17
CA ASP TA 171 -24.59 -13.95 102.76
C ASP TA 171 -25.63 -13.86 104.31
C ASP TA 171 -24.02 -14.62 104.01
N LYS TA 172 -26.40 -14.76 104.94
N LYS TA 172 -24.82 -15.44 104.70
CA LYS TA 172 -25.91 -15.45 106.12
CA LYS TA 172 -24.33 -16.08 105.93
C LYS TA 172 -24.89 -16.53 105.77
C LYS TA 172 -23.44 -17.28 105.62
N HIS TA 173 -25.17 -17.30 104.71
N HIS TA 173 -23.90 -18.19 104.76
CA HIS TA 173 -24.44 -18.53 104.49
CA HIS TA 173 -23.25 -19.50 104.66
C HIS TA 173 -23.31 -18.40 103.49
C HIS TA 173 -22.11 -19.55 103.66
N THR TA 174 -23.43 -17.51 102.52
N THR TA 174 -22.14 -18.71 102.61
CA THR TA 174 -22.38 -17.28 101.55
CA THR TA 174 -21.06 -18.66 101.65
C THR TA 174 -21.55 -16.06 101.92
C THR TA 174 -20.09 -17.51 101.90
N LEU TA 175 -22.18 -14.89 102.02
N LEU TA 175 -20.59 -16.28 101.96
CA LEU TA 175 -21.43 -13.67 102.28
CA LEU TA 175 -19.70 -15.12 102.10
C LEU TA 175 -20.91 -13.60 103.71
C LEU TA 175 -19.20 -14.91 103.52
N GLY TA 176 -21.48 -14.36 104.64
N GLY TA 176 -19.83 -15.54 104.50
CA GLY TA 176 -20.94 -14.42 105.99
CA GLY TA 176 -19.39 -15.42 105.89
C GLY TA 176 -19.76 -15.36 106.08
C GLY TA 176 -18.86 -16.71 106.49
N ASP TA 177 -18.55 -14.85 105.82
N ASP TA 177 -18.02 -17.42 105.74
CA ASP TA 177 -17.31 -15.63 105.92
CA ASP TA 177 -17.41 -18.72 106.11
C ASP TA 177 -17.27 -16.86 105.00
C ASP TA 177 -18.42 -19.86 105.98
N SER UA 4 27.27 -29.56 68.11
N SER UA 4 26.80 -39.71 70.98
CA SER UA 4 26.40 -30.45 68.89
CA SER UA 4 25.42 -40.04 70.67
C SER UA 4 25.18 -29.70 69.43
C SER UA 4 24.43 -39.15 71.44
N THR UA 5 24.09 -30.44 69.62
N THR UA 5 23.16 -39.21 71.07
CA THR UA 5 22.84 -29.85 70.06
CA THR UA 5 22.15 -38.38 71.72
C THR UA 5 22.34 -30.56 71.31
C THR UA 5 22.02 -38.78 73.19
N SER UA 6 21.92 -29.77 72.30
N SER UA 6 21.74 -37.79 74.04
CA SER UA 6 21.55 -30.29 73.60
CA SER UA 6 21.53 -38.07 75.45
C SER UA 6 20.24 -31.06 73.52
C SER UA 6 20.17 -38.73 75.68
N GLN UA 7 20.13 -32.08 74.38
N GLN UA 7 20.18 -39.79 76.50
CA GLN UA 7 18.91 -32.88 74.47
CA GLN UA 7 18.97 -40.55 76.83
C GLN UA 7 17.75 -32.10 75.08
C GLN UA 7 17.85 -39.68 77.35
N VAL UA 8 18.02 -31.04 75.83
N VAL UA 8 18.15 -38.51 77.89
CA VAL UA 8 16.94 -30.29 76.45
CA VAL UA 8 17.10 -37.61 78.38
C VAL UA 8 16.47 -29.12 75.57
C VAL UA 8 16.72 -36.54 77.37
N ARG UA 9 17.25 -28.74 74.56
N ARG UA 9 17.49 -36.37 76.29
CA ARG UA 9 16.99 -27.49 73.85
CA ARG UA 9 17.28 -35.21 75.41
C ARG UA 9 15.66 -27.52 73.11
C ARG UA 9 15.96 -35.32 74.64
N GLN UA 10 14.96 -26.39 73.15
N GLN UA 10 15.26 -34.21 74.54
CA GLN UA 10 13.60 -26.32 72.63
CA GLN UA 10 13.94 -34.16 73.95
C GLN UA 10 13.14 -24.89 72.48
C GLN UA 10 13.54 -32.72 73.69
N ASN UA 11 12.84 -24.47 71.24
N ASN UA 11 13.27 -32.39 72.43
CA ASN UA 11 12.35 -23.11 70.97
CA ASN UA 11 12.94 -31.02 72.01
C ASN UA 11 13.31 -22.07 71.51
C ASN UA 11 14.00 -30.00 72.44
N TYR UA 12 14.61 -22.37 71.48
N TYR UA 12 15.25 -30.42 72.52
CA TYR UA 12 15.65 -21.49 71.98
CA TYR UA 12 16.34 -29.51 72.89
C TYR UA 12 16.51 -21.08 70.78
C TYR UA 12 17.19 -29.33 71.64
N HIS UA 13 16.19 -19.91 70.21
N HIS UA 13 17.09 -28.16 71.04
CA HIS UA 13 16.91 -19.40 69.05
CA HIS UA 13 17.79 -27.86 69.79
C HIS UA 13 18.37 -19.11 69.42
C HIS UA 13 19.27 -27.55 70.06
N GLN UA 14 19.27 -19.36 68.47
N GLN UA 14 20.13 -27.93 69.13
CA GLN UA 14 20.69 -19.12 68.74
CA GLN UA 14 21.56 -27.70 69.31
C GLN UA 14 20.98 -17.65 68.98
C GLN UA 14 21.95 -26.23 69.32
N ASP UA 15 20.16 -16.76 68.43
N ASP UA 15 21.16 -25.34 68.72
CA ASP UA 15 20.38 -15.34 68.71
CA ASP UA 15 21.46 -23.92 68.89
C ASP UA 15 20.01 -15.00 70.14
C ASP UA 15 21.11 -23.44 70.29
N SER UA 16 19.00 -15.67 70.69
N SER UA 16 20.07 -24.01 70.89
CA SER UA 16 18.70 -15.53 72.10
CA SER UA 16 19.81 -23.71 72.30
C SER UA 16 19.89 -15.96 72.94
C SER UA 16 20.94 -24.21 73.18
N GLU UA 17 20.45 -17.14 72.63
N GLU UA 17 21.42 -25.43 72.90
CA GLU UA 17 21.58 -17.65 73.38
CA GLU UA 17 22.54 -25.99 73.66
C GLU UA 17 22.76 -16.68 73.38
C GLU UA 17 23.76 -25.09 73.60
N ALA UA 18 23.02 -16.05 72.22
N ALA UA 18 24.15 -24.64 72.40
CA ALA UA 18 24.11 -15.09 72.14
CA ALA UA 18 25.30 -23.76 72.26
C ALA UA 18 23.82 -13.86 72.97
C ALA UA 18 25.07 -22.41 72.96
N ALA UA 19 22.57 -13.37 72.90
N ALA UA 19 23.85 -21.88 72.88
CA ALA UA 19 22.19 -12.21 73.69
CA ALA UA 19 23.54 -20.59 73.50
C ALA UA 19 22.30 -12.51 75.18
C ALA UA 19 23.66 -20.65 75.02
N ILE UA 20 21.93 -13.72 75.61
N ILE UA 20 23.26 -21.78 75.63
CA ILE UA 20 22.07 -14.10 77.02
CA ILE UA 20 23.39 -21.90 77.08
C ILE UA 20 23.53 -14.06 77.44
C ILE UA 20 24.86 -21.93 77.47
N ASN UA 21 24.42 -14.58 76.59
N ASN UA 21 25.70 -22.62 76.69
CA ASN UA 21 25.84 -14.47 76.87
CA ASN UA 21 27.13 -22.62 76.98
C ASN UA 21 26.29 -13.01 76.99
C ASN UA 21 27.72 -21.22 76.88
N ARG UA 22 25.73 -12.12 76.19
N ARG UA 22 27.27 -20.43 75.90
CA ARG UA 22 26.11 -10.71 76.31
CA ARG UA 22 27.68 -19.02 75.84
C ARG UA 22 25.52 -10.08 77.57
C ARG UA 22 27.27 -18.28 77.11
N GLN UA 23 24.35 -10.53 77.99
N GLN UA 23 26.01 -18.44 77.51
CA GLN UA 23 23.75 -10.03 79.22
CA GLN UA 23 25.49 -17.71 78.66
C GLN UA 23 24.55 -10.49 80.45
C GLN UA 23 26.19 -18.13 79.94
N ILE UA 24 25.00 -11.74 80.45
N ILE UA 24 26.53 -19.41 80.08
CA ILE UA 24 25.82 -12.23 81.55
CA ILE UA 24 27.30 -19.84 81.23
C ILE UA 24 27.02 -11.31 81.75
C ILE UA 24 28.60 -19.03 81.32
N ASN UA 25 27.70 -10.95 80.66
N ASN UA 25 29.27 -18.84 80.18
CA ASN UA 25 28.89 -10.11 80.78
CA ASN UA 25 30.51 -18.09 80.18
C ASN UA 25 28.53 -8.69 81.23
C ASN UA 25 30.27 -16.62 80.51
N LEU UA 26 27.37 -8.17 80.79
N LEU UA 26 29.19 -16.03 80.00
CA LEU UA 26 26.97 -6.83 81.22
CA LEU UA 26 28.94 -14.61 80.26
C LEU UA 26 26.59 -6.80 82.69
C LEU UA 26 28.53 -14.36 81.71
N GLU UA 27 25.99 -7.88 83.22
N GLU UA 27 27.81 -15.29 82.35
CA GLU UA 27 25.70 -7.93 84.65
CA GLU UA 27 27.52 -15.13 83.78
C GLU UA 27 26.99 -8.06 85.45
C GLU UA 27 28.79 -15.22 84.61
N LEU UA 28 27.93 -8.89 85.01
N LEU UA 28 29.68 -16.17 84.29
CA LEU UA 28 29.22 -8.97 85.68
CA LEU UA 28 30.94 -16.28 85.02
C LEU UA 28 29.94 -7.64 85.62
C LEU UA 28 31.82 -15.04 84.79
N TYR UA 29 29.81 -6.92 84.51
N TYR UA 29 31.82 -14.51 83.56
CA TYR UA 29 30.44 -5.60 84.40
CA TYR UA 29 32.47 -13.22 83.32
C TYR UA 29 29.84 -4.64 85.41
C TYR UA 29 31.86 -12.12 84.20
N ALA UA 30 28.51 -4.65 85.56
N ALA UA 30 30.53 -12.08 84.31
CA ALA UA 30 27.84 -3.79 86.54
CA ALA UA 30 29.90 -11.07 85.16
C ALA UA 30 28.29 -4.10 87.98
C ALA UA 30 30.36 -11.21 86.61
N SER UA 31 28.51 -5.38 88.29
N SER UA 31 30.42 -12.45 87.12
CA SER UA 31 28.97 -5.76 89.62
CA SER UA 31 30.87 -12.68 88.48
C SER UA 31 30.32 -5.13 89.91
C SER UA 31 32.29 -12.17 88.65
N TYR UA 32 31.15 -5.02 88.88
N TYR UA 32 33.12 -12.36 87.63
CA TYR UA 32 32.50 -4.49 88.99
CA TYR UA 32 34.50 -11.89 87.66
C TYR UA 32 32.47 -2.99 89.22
C TYR UA 32 34.56 -10.38 87.72
N VAL UA 33 31.62 -2.27 88.49
N VAL UA 33 33.78 -9.71 86.87
CA VAL UA 33 31.46 -0.84 88.68
CA VAL UA 33 33.80 -8.26 86.87
C VAL UA 33 31.03 -0.53 90.11
C VAL UA 33 33.42 -7.73 88.24
N TYR UA 34 30.00 -1.24 90.58
N TYR UA 34 32.36 -8.29 88.82
CA TYR UA 34 29.51 -1.03 91.94
CA TYR UA 34 31.94 -7.88 90.16
C TYR UA 34 30.58 -1.39 92.97
C TYR UA 34 33.02 -8.15 91.19
N LEU UA 35 31.36 -2.44 92.71
N LEU UA 35 33.73 -9.28 91.05
CA LEU UA 35 32.44 -2.80 93.63
CA LEU UA 35 34.83 -9.58 91.96
C LEU UA 35 33.48 -1.69 93.70
C LEU UA 35 35.93 -8.52 91.89
N SER UA 36 33.83 -1.12 92.54
N SER UA 36 36.28 -8.07 90.69
CA SER UA 36 34.78 -0.01 92.51
CA SER UA 36 37.26 -6.99 90.54
C SER UA 36 34.22 1.20 93.24
C SER UA 36 36.79 -5.70 91.21
N MET UA 37 32.95 1.52 93.00
N MET UA 37 35.52 -5.33 91.01
CA MET UA 37 32.31 2.62 93.69
CA MET UA 37 34.99 -4.10 91.58
C MET UA 37 32.35 2.40 95.20
C MET UA 37 35.05 -4.10 93.11
N SER UA 38 32.02 1.18 95.64
N SER UA 38 34.63 -5.20 93.73
CA SER UA 38 32.03 0.88 97.06
CA SER UA 38 34.55 -5.26 95.19
C SER UA 38 33.34 1.28 97.74
C SER UA 38 35.92 -4.99 95.82
N TYR UA 39 34.47 0.78 97.23
N TYR UA 39 36.95 -5.70 95.37
CA TYR UA 39 35.72 0.99 97.95
CA TYR UA 39 38.25 -5.51 95.99
C TYR UA 39 36.29 2.38 97.72
C TYR UA 39 38.96 -4.25 95.54
N TYR UA 40 35.73 3.16 96.80
N TYR UA 40 38.45 -3.55 94.52
CA TYR UA 40 36.04 4.59 96.79
CA TYR UA 40 38.88 -2.16 94.31
C TYR UA 40 35.55 5.27 98.06
C TYR UA 40 38.48 -1.32 95.51
N PHE UA 41 34.34 4.93 98.50
N PHE UA 41 37.23 -1.44 95.96
CA PHE UA 41 33.79 5.59 99.68
CA PHE UA 41 36.79 -0.57 97.04
C PHE UA 41 34.38 5.05 100.98
C PHE UA 41 37.40 -0.97 98.38
N ASP UA 42 35.13 3.94 100.92
N ASP UA 42 38.07 -2.10 98.45
CA ASP UA 42 35.91 3.40 102.04
CA ASP UA 42 38.81 -2.54 99.63
C ASP UA 42 37.27 4.09 102.20
C ASP UA 42 40.22 -1.98 99.68
N ARG UA 43 37.73 4.81 101.19
N ARG UA 43 40.67 -1.31 98.63
CA ARG UA 43 38.99 5.54 101.28
CA ARG UA 43 42.00 -0.70 98.65
C ARG UA 43 38.98 6.51 102.46
C ARG UA 43 42.04 0.37 99.73
N ASP UA 44 40.13 6.64 103.13
N ASP UA 44 43.19 0.44 100.43
CA ASP UA 44 40.21 7.51 104.30
CA ASP UA 44 43.38 1.44 101.48
C ASP UA 44 39.93 8.97 103.98
C ASP UA 44 43.15 2.86 100.98
N ASP UA 45 40.04 9.39 102.73
N ASP UA 45 43.24 3.08 99.67
CA ASP UA 45 39.80 10.78 102.38
CA ASP UA 45 43.09 4.41 99.07
C ASP UA 45 38.43 11.00 101.74
C ASP UA 45 41.75 4.60 98.40
N VAL UA 46 37.60 9.96 101.70
N VAL UA 46 40.81 3.67 98.59
CA VAL UA 46 36.18 10.06 101.34
CA VAL UA 46 39.41 3.87 98.21
C VAL UA 46 35.37 9.62 102.55
C VAL UA 46 38.56 3.66 99.46
N ALA UA 47 35.63 8.40 103.03
N ALA UA 47 38.67 2.49 100.09
CA ALA UA 47 35.17 7.90 104.33
CA ALA UA 47 38.21 2.26 101.46
C ALA UA 47 33.66 8.14 104.55
C ALA UA 47 36.70 2.50 101.64
N LEU UA 48 32.88 7.60 103.63
N LEU UA 48 35.89 1.88 100.79
CA LEU UA 48 31.43 7.51 103.80
CA LEU UA 48 34.43 1.91 100.90
C LEU UA 48 31.09 6.01 103.73
C LEU UA 48 33.93 0.48 101.15
N LYS UA 49 30.94 5.38 104.89
N LYS UA 49 33.80 0.13 102.44
CA LYS UA 49 30.79 3.93 104.92
CA LYS UA 49 33.54 -1.26 102.80
C LYS UA 49 29.40 3.48 104.47
C LYS UA 49 32.19 -1.74 102.31
N ASN UA 50 28.38 4.32 104.66
N ASN UA 50 31.21 -0.86 102.21
CA ASN UA 50 27.06 3.91 104.22
CA ASN UA 50 29.89 -1.28 101.73
C ASN UA 50 26.90 4.04 102.70
C ASN UA 50 29.80 -1.31 100.22
N PHE UA 51 27.62 4.98 102.06
N PHE UA 51 30.50 -0.42 99.51
CA PHE UA 51 27.76 4.89 100.61
CA PHE UA 51 30.61 -0.61 98.06
C PHE UA 51 28.56 3.64 100.23
C PHE UA 51 31.23 -1.97 97.77
N ALA UA 52 29.59 3.31 101.02
N ALA UA 52 32.35 -2.29 98.44
CA ALA UA 52 30.34 2.10 100.73
CA ALA UA 52 32.97 -3.60 98.30
C ALA UA 52 29.45 0.85 100.79
C ALA UA 52 32.01 -4.73 98.62
N LYS UA 53 28.65 0.72 101.85
N LYS UA 53 31.30 -4.62 99.76
CA LYS UA 53 27.85 -0.49 102.00
CA LYS UA 53 30.35 -5.65 100.14
C LYS UA 53 26.72 -0.54 100.97
C LYS UA 53 29.27 -5.83 99.08
N TYR UA 54 26.14 0.62 100.64
N TYR UA 54 28.66 -4.72 98.65
CA TYR UA 54 25.08 0.66 99.63
CA TYR UA 54 27.63 -4.78 97.60
C TYR UA 54 25.54 0.07 98.30
C TYR UA 54 28.11 -5.57 96.39
N PHE UA 55 26.71 0.52 97.80
N PHE UA 55 29.31 -5.27 95.91
CA PHE UA 55 27.21 0.03 96.51
CA PHE UA 55 29.76 -5.92 94.68
C PHE UA 55 27.80 -1.38 96.61
C PHE UA 55 30.16 -7.38 94.89
N LEU UA 56 28.36 -1.77 97.77
N LEU UA 56 30.68 -7.74 96.07
CA LEU UA 56 28.81 -3.14 97.90
CA LEU UA 56 31.00 -9.14 96.33
C LEU UA 56 27.61 -4.09 97.81
C LEU UA 56 29.75 -10.01 96.30
N HIS UA 57 26.46 -3.68 98.34
N HIS UA 57 28.65 -9.51 96.88
CA HIS UA 57 25.27 -4.50 98.25
CA HIS UA 57 27.39 -10.26 96.86
C HIS UA 57 24.83 -4.67 96.79
C HIS UA 57 26.94 -10.54 95.42
N GLN UA 58 24.81 -3.57 96.03
N GLN UA 58 26.93 -9.49 94.58
CA GLN UA 58 24.42 -3.64 94.62
CA GLN UA 58 26.63 -9.65 93.16
C GLN UA 58 25.38 -4.49 93.82
C GLN UA 58 27.57 -10.65 92.50
N SER UA 59 26.68 -4.39 94.10
N SER UA 59 28.85 -10.61 92.84
CA SER UA 59 27.67 -5.24 93.46
CA SER UA 59 29.78 -11.62 92.37
C SER UA 59 27.31 -6.72 93.57
C SER UA 59 29.30 -13.01 92.78
N HIS UA 60 27.01 -7.19 94.79
N HIS UA 60 28.87 -13.17 94.02
CA HIS UA 60 26.66 -8.59 94.99
CA HIS UA 60 28.41 -14.49 94.43
C HIS UA 60 25.34 -8.95 94.32
C HIS UA 60 27.13 -14.89 93.68
N GLU UA 61 24.36 -8.03 94.31
N GLU UA 61 26.17 -13.98 93.55
CA GLU UA 61 23.10 -8.30 93.62
CA GLU UA 61 24.96 -14.27 92.80
C GLU UA 61 23.34 -8.52 92.12
C GLU UA 61 25.23 -14.67 91.34
N GLU UA 62 24.08 -7.60 91.48
N GLU UA 62 26.15 -13.97 90.66
CA GLU UA 62 24.40 -7.76 90.06
CA GLU UA 62 26.41 -14.28 89.25
C GLU UA 62 25.13 -9.07 89.81
C GLU UA 62 26.93 -15.70 89.09
N ARG UA 63 26.03 -9.47 90.71
N ARG UA 63 27.75 -16.17 90.05
CA ARG UA 63 26.66 -10.78 90.61
CA ARG UA 63 28.16 -17.57 90.08
C ARG UA 63 25.61 -11.88 90.62
C ARG UA 63 26.97 -18.52 90.20
N GLU UA 64 24.61 -11.75 91.48
N GLU UA 64 26.05 -18.22 91.12
CA GLU UA 64 23.50 -12.69 91.50
CA GLU UA 64 24.84 -19.04 91.22
C GLU UA 64 22.70 -12.61 90.20
C GLU UA 64 24.07 -19.07 89.90
N HIS UA 65 22.52 -11.41 89.65
N HIS UA 65 24.02 -17.93 89.20
CA HIS UA 65 21.83 -11.28 88.36
CA HIS UA 65 23.33 -17.89 87.92
C HIS UA 65 22.53 -12.07 87.26
C HIS UA 65 23.93 -18.87 86.93
N ALA UA 66 23.87 -12.05 87.25
N ALA UA 66 25.26 -18.92 86.86
CA ALA UA 66 24.61 -12.71 86.19
CA ALA UA 66 25.93 -19.82 85.93
C ALA UA 66 24.60 -14.22 86.36
C ALA UA 66 25.76 -21.29 86.35
N GLU UA 67 24.57 -14.72 87.59
N GLU UA 67 25.85 -21.58 87.65
CA GLU UA 67 24.53 -16.16 87.79
CA GLU UA 67 25.66 -22.97 88.07
C GLU UA 67 23.16 -16.73 87.45
C GLU UA 67 24.26 -23.48 87.73
N LYS UA 68 22.11 -15.95 87.63
N LYS UA 68 23.27 -22.60 87.67
CA LYS UA 68 20.78 -16.43 87.27
CA LYS UA 68 21.91 -23.00 87.31
C LYS UA 68 20.63 -16.57 85.76
C LYS UA 68 21.78 -23.28 85.80
N LEU UA 69 21.26 -15.68 84.99
N LEU UA 69 22.46 -22.48 84.98
CA LEU UA 69 21.26 -15.83 83.53
CA LEU UA 69 22.53 -22.79 83.55
C LEU UA 69 22.11 -17.02 83.10
C LEU UA 69 23.25 -24.10 83.32
N MET UA 70 23.22 -17.24 83.79
N MET UA 70 24.31 -24.36 84.09
CA MET UA 70 24.04 -18.42 83.55
CA MET UA 70 25.00 -25.64 83.98
C MET UA 70 23.24 -19.70 83.78
C MET UA 70 24.06 -26.79 84.35
N LYS UA 71 22.52 -19.75 84.91
N LYS UA 71 23.34 -26.63 85.48
CA LYS UA 71 21.62 -20.88 85.15
CA LYS UA 71 22.36 -27.63 85.88
C LYS UA 71 20.60 -21.00 84.03
C LYS UA 71 21.29 -27.81 84.81
N LEU UA 72 20.01 -19.86 83.62
N LEU UA 72 20.73 -26.70 84.30
CA LEU UA 72 19.01 -19.90 82.55
CA LEU UA 72 19.75 -26.81 83.21
C LEU UA 72 19.61 -20.47 81.27
C LEU UA 72 20.34 -27.58 82.04
N GLN UA 73 20.85 -20.09 80.94
N GLN UA 73 21.57 -27.26 81.64
CA GLN UA 73 21.48 -20.58 79.72
CA GLN UA 73 22.16 -27.91 80.47
C GLN UA 73 21.52 -22.11 79.70
C GLN UA 73 22.23 -29.43 80.66
N ASN UA 74 22.07 -22.72 80.76
N ASN UA 74 22.56 -29.87 81.87
CA ASN UA 74 22.08 -24.19 80.87
CA ASN UA 74 22.55 -31.28 82.17
C ASN UA 74 20.67 -24.75 80.85
C ASN UA 74 21.14 -31.84 82.26
N GLN UA 75 19.73 -24.11 81.54
N GLN UA 75 20.19 -31.04 82.75
CA GLN UA 75 18.38 -24.65 81.63
CA GLN UA 75 18.81 -31.50 82.86
C GLN UA 75 17.76 -24.83 80.25
C GLN UA 75 18.24 -31.85 81.49
N ARG UA 76 18.00 -23.89 79.35
N ARG UA 76 18.59 -31.08 80.46
CA ARG UA 76 17.46 -23.99 78.00
CA ARG UA 76 18.05 -31.30 79.12
C ARG UA 76 18.37 -24.77 77.07
C ARG UA 76 18.91 -32.24 78.26
N GLY UA 77 19.56 -25.13 77.51
N GLY UA 77 20.05 -32.71 78.77
CA GLY UA 77 20.47 -25.92 76.72
CA GLY UA 77 20.94 -33.49 77.93
C GLY UA 77 21.39 -25.09 75.88
C GLY UA 77 21.84 -32.66 77.03
N GLY UA 78 21.44 -23.78 76.12
N GLY UA 78 22.00 -31.39 77.33
CA GLY UA 78 22.47 -22.96 75.53
CA GLY UA 78 23.05 -30.63 76.70
C GLY UA 78 23.79 -23.19 76.21
C GLY UA 78 24.39 -31.02 77.30
N ARG UA 79 24.83 -22.59 75.65
N ARG UA 79 25.46 -30.58 76.64
CA ARG UA 79 26.19 -22.82 76.12
CA ARG UA 79 26.81 -30.91 77.07
C ARG UA 79 26.77 -21.49 76.58
C ARG UA 79 27.53 -29.62 77.40
N ILE UA 80 27.38 -21.51 77.75
N ILE UA 80 27.94 -29.48 78.66
CA ILE UA 80 27.94 -20.30 78.35
CA ILE UA 80 28.63 -28.28 79.10
C ILE UA 80 29.32 -20.06 77.79
C ILE UA 80 30.00 -28.19 78.43
N PHE UA 81 29.52 -18.88 77.22
N PHE UA 81 30.25 -27.07 77.77
CA PHE UA 81 30.83 -18.40 76.84
CA PHE UA 81 31.58 -26.74 77.28
C PHE UA 81 31.03 -17.06 77.53
C PHE UA 81 31.90 -25.34 77.81
N LEU UA 82 32.04 -17.01 78.41
N LEU UA 82 32.86 -25.27 78.72
CA LEU UA 82 32.36 -15.84 79.22
CA LEU UA 82 33.32 -24.04 79.33
C LEU UA 82 33.43 -15.00 78.53
C LEU UA 82 34.50 -23.47 78.57
N GLN UA 83 33.38 -13.70 78.76
N GLN UA 83 34.66 -22.16 78.66
CA GLN UA 83 34.28 -12.75 78.13
CA GLN UA 83 35.71 -21.45 77.97
C GLN UA 83 34.97 -11.94 79.22
C GLN UA 83 36.43 -20.53 78.95
N ASP UA 84 36.06 -11.27 78.85
N ASP UA 84 37.52 -19.93 78.46
CA ASP UA 84 36.70 -10.29 79.73
CA ASP UA 84 38.23 -18.92 79.23
C ASP UA 84 35.65 -9.39 80.37
C ASP UA 84 37.24 -17.89 79.75
N ILE UA 85 35.82 -9.09 81.65
N ILE UA 85 37.43 -17.47 81.00
CA ILE UA 85 35.02 -8.10 82.36
CA ILE UA 85 36.75 -16.28 81.53
C ILE UA 85 35.83 -6.81 82.36
C ILE UA 85 37.70 -15.11 81.30
N GLN UA 86 35.32 -5.76 81.71
N GLN UA 86 37.30 -14.18 80.43
CA GLN UA 86 36.14 -4.58 81.51
CA GLN UA 86 38.15 -13.04 80.18
C GLN UA 86 36.16 -3.75 82.79
C GLN UA 86 38.19 -12.13 81.40
N LYS UA 87 37.32 -3.17 83.10
N LYS UA 87 39.33 -11.44 81.56
CA LYS UA 87 37.46 -2.33 84.28
CA LYS UA 87 39.49 -10.51 82.67
C LYS UA 87 36.53 -1.12 84.13
C LYS UA 87 38.61 -9.28 82.45
N PRO UA 88 36.01 -0.58 85.24
N PRO UA 88 38.24 -8.59 83.52
CA PRO UA 88 35.08 0.55 85.13
CA PRO UA 88 37.36 -7.42 83.38
C PRO UA 88 35.75 1.77 84.51
C PRO UA 88 38.01 -6.31 82.57
N ASP UA 89 34.90 2.63 83.92
N ASP UA 89 37.15 -5.41 82.07
CA ASP UA 89 35.34 3.86 83.27
CA ASP UA 89 37.60 -4.31 81.20
C ASP UA 89 36.11 4.81 84.18
C ASP UA 89 38.63 -3.43 81.90
N GLU UA 90 35.98 4.68 85.51
N GLU UA 90 38.47 -3.22 83.21
CA GLU UA 90 36.63 5.60 86.44
CA GLU UA 90 39.31 -2.30 83.96
C GLU UA 90 37.26 4.83 87.59
C GLU UA 90 39.88 -2.98 85.20
N ASP UA 91 38.31 5.41 88.16
N ASP UA 91 41.04 -2.51 85.66
CA ASP UA 91 38.94 4.96 89.39
CA ASP UA 91 41.58 -2.87 86.97
C ASP UA 91 38.52 5.80 90.59
C ASP UA 91 41.28 -1.83 88.03
N ASP UA 92 38.26 7.09 90.35
N ASP UA 92 41.27 -0.56 87.63
CA ASP UA 92 37.83 8.06 91.35
CA ASP UA 92 40.92 0.57 88.49
C ASP UA 92 36.43 8.52 91.01
C ASP UA 92 39.53 1.04 88.08
N TRP UA 93 35.49 8.30 91.93
N TRP UA 93 38.59 1.04 89.03
CA TRP UA 93 34.08 8.61 91.72
CA TRP UA 93 37.22 1.36 88.72
C TRP UA 93 33.67 9.97 92.27
C TRP UA 93 36.88 2.82 89.03
N GLU UA 94 34.62 10.77 92.75
N GLU UA 94 37.88 3.61 89.47
CA GLU UA 94 34.44 12.20 92.98
CA GLU UA 94 37.82 5.06 89.62
C GLU UA 94 33.57 12.56 94.18
C GLU UA 94 36.99 5.55 90.81
N SER UA 95 32.40 11.93 94.32
N SER UA 95 35.75 5.06 90.96
CA SER UA 95 31.47 12.32 95.37
CA SER UA 95 34.89 5.59 92.01
C SER UA 95 30.32 11.33 95.40
C SER UA 95 33.63 4.74 92.11
N GLY UA 96 29.57 11.38 96.51
N GLY UA 96 32.89 4.96 93.19
CA GLY UA 96 28.37 10.56 96.60
CA GLY UA 96 31.62 4.28 93.35
C GLY UA 96 27.36 10.88 95.51
C GLY UA 96 30.67 4.52 92.17
N LEU UA 97 27.13 12.18 95.27
N LEU UA 97 30.46 5.78 91.81
CA LEU UA 97 26.17 12.56 94.24
CA LEU UA 97 29.55 6.09 90.71
C LEU UA 97 26.61 12.11 92.85
C LEU UA 97 29.99 5.39 89.43
N ASN UA 98 27.88 12.33 92.52
N ASN UA 98 31.26 5.53 89.06
CA ASN UA 98 28.34 11.88 91.21
CA ASN UA 98 31.75 4.91 87.83
C ASN UA 98 28.31 10.37 91.10
C ASN UA 98 31.61 3.40 87.89
N ALA UA 99 28.56 9.65 92.20
N ALA UA 99 31.81 2.81 89.06
CA ALA UA 99 28.49 8.20 92.14
CA ALA UA 99 31.54 1.38 89.21
C ALA UA 99 27.05 7.73 91.92
C ALA UA 99 30.06 1.09 88.99
N MET UA 100 26.08 8.37 92.56
N MET UA 100 29.18 1.96 89.52
CA MET UA 100 24.68 8.03 92.32
CA MET UA 100 27.75 1.71 89.39
C MET UA 100 24.25 8.34 90.89
C MET UA 100 27.28 1.83 87.95
N GLU UA 101 24.68 9.48 90.35
N GLU UA 101 27.74 2.84 87.20
CA GLU UA 101 24.36 9.80 88.94
CA GLU UA 101 27.37 2.94 85.79
C GLU UA 101 24.93 8.73 88.01
C GLU UA 101 27.90 1.74 85.03
N ALA UA 102 26.17 8.29 88.27
N ALA UA 102 29.12 1.31 85.33
CA ALA UA 102 26.79 7.29 87.42
CA ALA UA 102 29.71 0.17 84.65
C ALA UA 102 26.08 5.96 87.52
C ALA UA 102 28.92 -1.11 84.93
N ALA UA 103 25.57 5.60 88.70
N ALA UA 103 28.50 -1.32 86.19
CA ALA UA 103 24.84 4.34 88.82
CA ALA UA 103 27.65 -2.47 86.48
C ALA UA 103 23.49 4.43 88.09
C ALA UA 103 26.33 -2.38 85.74
N LEU UA 104 22.83 5.59 88.13
N LEU UA 104 25.72 -1.19 85.72
CA LEU UA 104 21.59 5.81 87.40
CA LEU UA 104 24.49 -0.96 84.96
C LEU UA 104 21.78 5.54 85.90
C LEU UA 104 24.69 -1.34 83.50
N HIS UA 105 22.76 6.22 85.29
N HIS UA 105 25.78 -0.84 82.89
CA HIS UA 105 23.15 5.97 83.90
CA HIS UA 105 26.10 -1.23 81.53
C HIS UA 105 23.36 4.48 83.64
C HIS UA 105 26.20 -2.75 81.39
N LEU UA 106 24.19 3.85 84.48
N LEU UA 106 26.95 -3.39 82.30
CA LEU UA 106 24.50 2.42 84.32
CA LEU UA 106 27.06 -4.85 82.32
C LEU UA 106 23.23 1.57 84.33
C LEU UA 106 25.69 -5.53 82.34
N GLU UA 107 22.39 1.76 85.35
N GLU UA 107 24.83 -5.17 83.30
CA GLU UA 107 21.15 1.01 85.41
CA GLU UA 107 23.58 -5.91 83.49
C GLU UA 107 20.29 1.25 84.17
C GLU UA 107 22.64 -5.71 82.32
N LYS UA 108 20.27 2.47 83.65
N LYS UA 108 22.70 -4.55 81.66
CA LYS UA 108 19.54 2.75 82.41
CA LYS UA 108 21.98 -4.39 80.40
C LYS UA 108 20.16 2.05 81.22
C LYS UA 108 22.54 -5.33 79.33
N ASN UA 109 21.50 2.08 81.10
N ASN UA 109 23.87 -5.45 79.23
CA ASN UA 109 22.17 1.28 80.08
CA ASN UA 109 24.42 -6.35 78.21
C ASN UA 109 21.77 -0.19 80.22
C ASN UA 109 24.07 -7.81 78.51
N VAL UA 110 21.79 -0.71 81.47
N VAL UA 110 24.06 -8.19 79.80
CA VAL UA 110 21.48 -2.12 81.69
CA VAL UA 110 23.68 -9.55 80.15
C VAL UA 110 20.04 -2.42 81.32
C VAL UA 110 22.19 -9.77 79.87
N ASN UA 111 19.12 -1.52 81.68
N ASN UA 111 21.37 -8.77 80.24
CA ASN UA 111 17.72 -1.73 81.35
CA ASN UA 111 19.95 -8.84 79.95
C ASN UA 111 17.49 -1.73 79.84
C ASN UA 111 19.67 -9.03 78.47
N GLN UA 112 18.21 -0.89 79.09
N GLN UA 112 20.44 -8.35 77.62
CA GLN UA 112 18.08 -0.92 77.64
CA GLN UA 112 20.20 -8.50 76.18
C GLN UA 112 18.41 -2.30 77.10
C GLN UA 112 20.55 -9.90 75.71
N SER UA 113 19.54 -2.86 77.52
N SER UA 113 21.62 -10.49 76.26
CA SER UA 113 19.94 -4.20 77.07
CA SER UA 113 21.93 -11.88 75.92
C SER UA 113 18.86 -5.23 77.39
C SER UA 113 20.81 -12.81 76.37
N LEU UA 114 18.25 -5.14 78.57
N LEU UA 114 20.26 -12.58 77.56
CA LEU UA 114 17.22 -6.11 78.92
CA LEU UA 114 19.15 -13.41 78.00
C LEU UA 114 15.96 -5.90 78.10
C LEU UA 114 17.91 -13.20 77.13
N LEU UA 115 15.63 -4.64 77.79
N LEU UA 115 17.71 -11.99 76.60
CA LEU UA 115 14.47 -4.37 76.96
CA LEU UA 115 16.59 -11.78 75.70
C LEU UA 115 14.68 -4.93 75.57
C LEU UA 115 16.82 -12.50 74.37
N GLU UA 116 15.88 -4.71 75.01
N GLU UA 116 18.05 -12.49 73.87
CA GLU UA 116 16.22 -5.26 73.70
CA GLU UA 116 18.34 -13.27 72.66
C GLU UA 116 16.32 -6.78 73.74
C GLU UA 116 18.20 -14.77 72.92
N LEU UA 117 16.73 -7.33 74.89
N LEU UA 117 18.60 -15.23 74.11
CA LEU UA 117 16.69 -8.79 75.07
CA LEU UA 117 18.41 -16.64 74.47
C LEU UA 117 15.26 -9.29 75.07
C LEU UA 117 16.93 -17.02 74.52
N HIS UA 118 14.36 -8.56 75.75
N HIS UA 118 16.11 -16.16 75.13
CA HIS UA 118 12.96 -8.97 75.80
CA HIS UA 118 14.68 -16.48 75.21
C HIS UA 118 12.31 -8.91 74.41
C HIS UA 118 14.04 -16.52 73.84
N LYS UA 119 12.50 -7.78 73.71
N LYS UA 119 14.46 -15.64 72.93
CA LYS UA 119 12.01 -7.68 72.33
CA LYS UA 119 13.88 -15.64 71.59
C LYS UA 119 12.56 -8.82 71.47
C LYS UA 119 14.22 -16.95 70.88
N LEU UA 120 13.84 -9.18 71.64
N LEU UA 120 15.41 -17.46 71.11
CA LEU UA 120 14.37 -10.34 70.92
CA LEU UA 120 15.80 -18.71 70.48
C LEU UA 120 13.64 -11.63 71.31
C LEU UA 120 14.92 -19.85 70.95
N ALA UA 121 13.33 -11.81 72.60
N ALA UA 121 14.64 -19.91 72.26
CA ALA UA 121 12.61 -13.02 73.00
CA ALA UA 121 13.76 -20.94 72.78
C ALA UA 121 11.23 -13.07 72.35
C ALA UA 121 12.36 -20.82 72.19
N HIS UA 122 10.53 -11.94 72.38
N HIS UA 122 11.86 -19.58 72.02
CA HIS UA 122 9.21 -11.88 71.76
CA HIS UA 122 10.60 -19.37 71.33
C HIS UA 122 9.30 -12.05 70.24
C HIS UA 122 10.68 -19.78 69.86
N ASP UA 123 10.36 -11.51 69.61
N ASP UA 123 11.77 -19.41 69.18
CA ASP UA 123 10.53 -11.60 68.16
CA ASP UA 123 11.84 -19.74 67.75
C ASP UA 123 10.75 -13.03 67.70
C ASP UA 123 11.89 -21.25 67.54
N LYS UA 124 11.42 -13.84 68.49
N LYS UA 124 12.64 -21.96 68.35
CA LYS UA 124 11.64 -15.23 68.13
CA LYS UA 124 12.76 -23.39 68.23
C LYS UA 124 10.57 -16.15 68.73
C LYS UA 124 11.69 -24.14 69.01
N ASN UA 125 9.48 -15.60 69.24
N ASN UA 125 10.64 -23.44 69.44
CA ASN UA 125 8.37 -16.40 69.78
CA ASN UA 125 9.47 -24.01 70.10
C ASN UA 125 8.84 -17.30 70.91
C ASN UA 125 9.88 -24.84 71.32
N ASP UA 126 9.63 -16.73 71.83
N ASP UA 126 10.59 -24.18 72.24
CA ASP UA 126 10.12 -17.47 72.98
CA ASP UA 126 11.07 -24.78 73.48
C ASP UA 126 9.44 -16.92 74.22
C ASP UA 126 10.45 -24.05 74.67
N PRO UA 127 8.23 -17.38 74.55
N PRO UA 127 9.21 -24.39 75.04
CA PRO UA 127 7.51 -16.82 75.70
CA PRO UA 127 8.54 -23.67 76.14
C PRO UA 127 8.13 -17.18 77.03
C PRO UA 127 9.06 -24.00 77.53
N HIS UA 128 8.76 -18.36 77.16
N HIS UA 128 9.85 -25.06 77.70
CA HIS UA 128 9.48 -18.65 78.39
CA HIS UA 128 10.57 -25.28 78.95
C HIS UA 128 10.54 -17.58 78.64
C HIS UA 128 11.72 -24.29 79.10
N LEU UA 129 11.40 -17.34 77.65
N LEU UA 129 12.60 -24.22 78.10
CA LEU UA 129 12.46 -16.35 77.79
CA LEU UA 129 13.70 -23.25 78.16
C LEU UA 129 11.89 -14.97 78.10
C LEU UA 129 13.17 -21.83 78.31
N ALA UA 130 10.80 -14.61 77.45
N ALA UA 130 12.15 -21.47 77.53
CA ALA UA 130 10.23 -13.28 77.67
CA ALA UA 130 11.64 -20.10 77.58
C ALA UA 130 9.65 -13.16 79.07
C ALA UA 130 11.14 -19.75 78.97
N ASP UA 131 9.00 -14.21 79.57
N ASP UA 131 10.30 -20.60 79.55
CA ASP UA 131 8.50 -14.12 80.95
CA ASP UA 131 9.82 -20.31 80.90
C ASP UA 131 9.65 -14.16 81.95
C ASP UA 131 10.93 -20.41 81.93
N PHE UA 132 10.72 -14.91 81.65
N PHE UA 132 11.93 -21.28 81.68
CA PHE UA 132 11.89 -14.91 82.51
CA PHE UA 132 13.08 -21.35 82.57
C PHE UA 132 12.42 -13.50 82.74
C PHE UA 132 13.79 -20.01 82.63
N ILE UA 133 12.53 -12.69 81.68
N ILE UA 133 13.98 -19.38 81.46
CA ILE UA 133 13.06 -11.34 81.85
CA ILE UA 133 14.61 -18.07 81.41
C ILE UA 133 12.03 -10.46 82.56
C ILE UA 133 13.69 -17.01 82.00
N GLU UA 134 10.76 -10.53 82.13
N GLU UA 134 12.42 -17.03 81.58
CA GLU UA 134 9.69 -9.81 82.82
CA GLU UA 134 11.42 -16.17 82.19
C GLU UA 134 9.69 -10.10 84.33
C GLU UA 134 11.45 -16.26 83.71
N THR UA 135 9.75 -11.37 84.69
N THR UA 135 11.42 -17.49 84.25
CA THR UA 135 9.60 -11.76 86.09
CA THR UA 135 11.17 -17.64 85.68
C THR UA 135 10.80 -11.38 86.95
C THR UA 135 12.38 -17.24 86.51
N HIS UA 136 12.02 -11.64 86.47
N HIS UA 136 13.59 -17.65 86.10
CA HIS UA 136 13.20 -11.53 87.32
CA HIS UA 136 14.79 -17.46 86.90
C HIS UA 136 14.02 -10.26 87.11
C HIS UA 136 15.65 -16.26 86.47
N TYR UA 137 13.71 -9.43 86.12
N TYR UA 137 15.43 -15.67 85.29
CA TYR UA 137 14.65 -8.37 85.79
CA TYR UA 137 16.41 -14.65 84.90
C TYR UA 137 13.99 -7.03 85.54
C TYR UA 137 15.82 -13.28 84.52
N LEU UA 138 12.84 -7.02 84.87
N LEU UA 138 14.70 -13.23 83.79
CA LEU UA 138 12.31 -5.75 84.37
CA LEU UA 138 14.29 -11.96 83.21
C LEU UA 138 11.81 -4.85 85.50
C LEU UA 138 13.95 -10.92 84.28
N ASN UA 139 11.05 -5.39 86.44
N ASN UA 139 13.13 -11.27 85.28
CA ASN UA 139 10.60 -4.54 87.56
CA ASN UA 139 12.79 -10.30 86.31
C ASN UA 139 11.76 -4.20 88.48
C ASN UA 139 13.94 -10.05 87.26
N GLU UA 140 12.68 -5.12 88.70
N GLU UA 140 14.79 -11.06 87.48
CA GLU UA 140 13.86 -4.79 89.49
CA GLU UA 140 16.02 -10.82 88.22
C GLU UA 140 14.65 -3.64 88.87
C GLU UA 140 16.84 -9.74 87.55
N GLN UA 141 14.74 -3.60 87.53
N GLN UA 141 16.93 -9.80 86.22
CA GLN UA 141 15.38 -2.46 86.89
CA GLN UA 141 17.66 -8.78 85.48
C GLN UA 141 14.64 -1.17 87.21
C GLN UA 141 17.03 -7.42 85.65
N VAL UA 142 13.31 -1.22 87.19
N VAL UA 142 15.72 -7.33 85.41
CA VAL UA 142 12.52 -0.01 87.38
CA VAL UA 142 15.04 -6.04 85.47
C VAL UA 142 12.62 0.49 88.82
C VAL UA 142 15.17 -5.42 86.85
N LYS UA 143 12.66 -0.42 89.79
N LYS UA 143 15.11 -6.24 87.89
CA LYS UA 143 12.80 0.03 91.17
CA LYS UA 143 15.33 -5.72 89.24
C LYS UA 143 14.17 0.64 91.41
C LYS UA 143 16.73 -5.14 89.37
N ALA UA 144 15.23 0.02 90.87
N ALA UA 144 17.75 -5.89 88.95
CA ALA UA 144 16.57 0.56 91.11
CA ALA UA 144 19.11 -5.42 89.12
C ALA UA 144 16.73 1.94 90.49
C ALA UA 144 19.33 -4.09 88.42
N ILE UA 145 16.19 2.12 89.28
N ILE UA 145 18.85 -3.98 87.19
CA ILE UA 145 16.24 3.42 88.63
CA ILE UA 145 19.04 -2.75 86.40
C ILE UA 145 15.46 4.44 89.44
C ILE UA 145 18.33 -1.58 87.06
N LYS UA 146 14.32 4.02 90.01
N LYS UA 146 17.09 -1.78 87.48
CA LYS UA 146 13.50 4.92 90.83
CA LYS UA 146 16.35 -0.72 88.17
C LYS UA 146 14.18 5.28 92.14
C LYS UA 146 17.06 -0.28 89.45
N GLU UA 147 14.78 4.29 92.81
N GLU UA 147 17.64 -1.23 90.19
CA GLU UA 147 15.50 4.61 94.04
CA GLU UA 147 18.34 -0.87 91.42
C GLU UA 147 16.73 5.48 93.76
C GLU UA 147 19.66 -0.15 91.16
N LEU UA 148 17.50 5.14 92.72
N LEU UA 148 20.44 -0.60 90.17
CA LEU UA 148 18.67 5.97 92.38
CA LEU UA 148 21.66 0.14 89.82
C LEU UA 148 18.25 7.39 92.00
C LEU UA 148 21.33 1.54 89.30
N GLY UA 149 17.13 7.53 91.28
N GLY UA 149 20.26 1.67 88.51
CA GLY UA 149 16.61 8.87 91.00
CA GLY UA 149 19.84 3.00 88.09
C GLY UA 149 16.23 9.61 92.26
C GLY UA 149 19.43 3.90 89.25
N ASP UA 150 15.55 8.93 93.20
N ASP UA 150 18.69 3.35 90.22
CA ASP UA 150 15.17 9.54 94.47
CA ASP UA 150 18.39 4.10 91.43
C ASP UA 150 16.39 10.04 95.24
C ASP UA 150 19.67 4.60 92.11
N HIS UA 151 17.48 9.27 95.23
N HIS UA 151 20.69 3.74 92.17
CA HIS UA 151 18.69 9.64 95.95
CA HIS UA 151 21.94 4.07 92.86
C HIS UA 151 19.39 10.84 95.30
C HIS UA 151 22.69 5.17 92.13
N VAL UA 152 19.50 10.81 93.96
N VAL UA 152 22.83 5.03 90.81
CA VAL UA 152 20.08 11.94 93.25
CA VAL UA 152 23.48 6.05 90.00
C VAL UA 152 19.27 13.20 93.52
C VAL UA 152 22.76 7.38 90.15
N THR UA 153 17.95 13.08 93.53
N THR UA 153 21.43 7.37 90.11
CA THR UA 153 17.09 14.20 93.84
CA THR UA 153 20.66 8.60 90.26
C THR UA 153 17.38 14.75 95.23
C THR UA 153 21.00 9.28 91.58
N ASN UA 154 17.54 13.87 96.21
N ASN UA 154 21.01 8.51 92.66
CA ASN UA 154 17.70 14.36 97.58
CA ASN UA 154 21.33 9.10 93.96
C ASN UA 154 19.10 14.93 97.79
C ASN UA 154 22.79 9.57 94.02
N LEU UA 155 20.11 14.34 97.16
N LEU UA 155 23.72 8.78 93.49
CA LEU UA 155 21.48 14.85 97.32
CA LEU UA 155 25.13 9.20 93.55
C LEU UA 155 21.61 16.25 96.74
C LEU UA 155 25.35 10.52 92.80
N ARG UA 156 20.99 16.51 95.59
N ARG UA 156 24.78 10.63 91.60
CA ARG UA 156 21.06 17.85 95.00
CA ARG UA 156 24.84 11.90 90.85
C ARG UA 156 20.37 18.87 95.89
C ARG UA 156 24.23 13.03 91.64
N LYS UA 157 19.13 18.57 96.31
N LYS UA 157 22.99 12.87 92.09
CA LYS UA 157 18.36 19.54 97.10
CA LYS UA 157 22.30 13.98 92.73
C LYS UA 157 18.99 19.83 98.46
C LYS UA 157 23.01 14.42 94.00
N MET UA 158 19.86 18.95 98.96
N MET UA 158 23.63 13.49 94.72
CA MET UA 158 20.56 19.18 100.22
CA MET UA 158 24.42 13.86 95.90
C MET UA 158 21.80 20.05 100.07
C MET UA 158 25.73 14.60 95.56
N GLY UA 159 22.24 20.33 98.83
N GLY UA 159 26.15 14.59 94.29
CA GLY UA 159 23.40 21.15 98.59
CA GLY UA 159 27.32 15.33 93.90
C GLY UA 159 24.61 20.44 98.02
C GLY UA 159 28.52 14.49 93.51
N ALA UA 160 24.50 19.16 97.66
N ALA UA 160 28.38 13.16 93.49
CA ALA UA 160 25.64 18.42 97.12
CA ALA UA 160 29.47 12.30 93.11
C ALA UA 160 25.98 18.92 95.72
C ALA UA 160 29.75 12.44 91.62
N PRO UA 161 27.26 18.82 95.31
N PRO UA 161 30.95 12.04 91.16
CA PRO UA 161 28.37 18.26 96.08
CA PRO UA 161 32.05 11.45 91.91
C PRO UA 161 29.14 19.30 96.85
C PRO UA 161 33.00 12.52 92.44
N GLU UA 162 28.76 20.57 96.72
N GLU UA 162 32.75 13.75 92.02
CA GLU UA 162 29.49 21.66 97.36
CA GLU UA 162 33.59 14.87 92.43
C GLU UA 162 29.54 21.47 98.87
C GLU UA 162 33.58 15.04 93.95
N SER UA 163 28.37 21.49 99.51
N SER UA 163 32.39 14.97 94.56
CA SER UA 163 28.29 21.24 100.95
CA SER UA 163 32.28 15.16 96.00
C SER UA 163 28.71 19.82 101.27
C SER UA 163 32.57 13.84 96.71
N GLY UA 164 29.79 19.67 102.03
N GLY UA 164 33.70 13.79 97.43
CA GLY UA 164 30.15 18.36 102.54
CA GLY UA 164 34.02 12.58 98.16
C GLY UA 164 29.19 17.84 103.59
C GLY UA 164 33.11 12.34 99.34
N LEU UA 165 28.53 18.75 104.31
N LEU UA 165 32.50 13.41 99.87
CA LEU UA 165 27.51 18.33 105.29
CA LEU UA 165 31.51 13.24 100.94
C LEU UA 165 26.37 17.57 104.62
C LEU UA 165 30.34 12.41 100.46
N ALA UA 166 26.01 17.97 103.40
N ALA UA 166 29.90 12.62 99.22
CA ALA UA 166 24.94 17.27 102.69
CA ALA UA 166 28.73 11.92 98.68
C ALA UA 166 25.24 15.78 102.57
C ALA UA 166 28.91 10.41 98.72
N GLU UA 167 26.40 15.43 102.01
N GLU UA 167 30.05 9.93 98.21
CA GLU UA 167 26.72 14.01 101.76
CA GLU UA 167 30.27 8.50 98.14
C GLU UA 167 26.79 13.21 103.06
C GLU UA 167 30.39 7.88 99.53
N TYR UA 168 27.38 13.81 104.09
N TYR UA 168 31.00 8.61 100.47
CA TYR UA 168 27.46 13.17 105.40
CA TYR UA 168 31.02 8.19 101.88
C TYR UA 168 26.07 12.88 105.95
C TYR UA 168 29.60 8.04 102.44
N LEU UA 169 25.16 13.86 105.87
N LEU UA 169 28.77 9.08 102.30
CA LEU UA 169 23.84 13.68 106.46
CA LEU UA 169 27.41 9.01 102.83
C LEU UA 169 23.00 12.69 105.66
C LEU UA 169 26.56 7.99 102.09
N PHE UA 170 23.11 12.73 104.33
N PHE UA 170 26.70 7.87 100.76
CA PHE UA 170 22.44 11.72 103.52
CA PHE UA 170 25.96 6.85 100.04
C PHE UA 170 22.98 10.33 103.82
C PHE UA 170 26.34 5.46 100.55
N ASP UA 171 24.30 10.22 103.97
N ASP UA 171 27.65 5.18 100.61
CA ASP UA 171 24.91 8.94 104.35
CA ASP UA 171 28.17 3.95 101.19
C ASP UA 171 24.33 8.42 105.66
C ASP UA 171 27.50 3.65 102.54
N LYS UA 172 24.11 9.30 106.64
N LYS UA 172 27.42 4.66 103.41
CA LYS UA 172 23.63 8.86 107.94
CA LYS UA 172 26.89 4.49 104.76
C LYS UA 172 22.16 8.50 107.90
C LYS UA 172 25.36 4.34 104.77
N HIS UA 173 21.32 9.37 107.35
N HIS UA 173 24.65 5.24 104.11
CA HIS UA 173 19.88 9.28 107.55
CA HIS UA 173 23.20 5.34 104.30
C HIS UA 173 19.13 8.56 106.44
C HIS UA 173 22.39 4.49 103.33
N THR UA 174 19.62 8.59 105.21
N THR UA 174 22.93 4.18 102.15
CA THR UA 174 19.00 7.79 104.16
CA THR UA 174 22.22 3.30 101.24
C THR UA 174 19.71 6.44 104.03
C THR UA 174 22.75 1.89 101.27
N LEU UA 175 21.02 6.45 103.77
N LEU UA 175 24.06 1.73 101.11
CA LEU UA 175 21.74 5.20 103.50
CA LEU UA 175 24.63 0.39 101.00
C LEU UA 175 22.11 4.40 104.75
C LEU UA 175 24.85 -0.27 102.34
N GLY UA 176 22.17 5.02 105.92
N GLY UA 176 24.75 0.47 103.45
CA GLY UA 176 22.50 4.28 107.13
CA GLY UA 176 24.89 -0.14 104.76
C GLY UA 176 21.30 3.85 107.95
C GLY UA 176 23.54 -0.51 105.35
N ASP UA 177 20.58 2.82 107.51
N ASP UA 177 22.74 -1.24 104.57
CA ASP UA 177 19.30 2.40 108.10
CA ASP UA 177 21.39 -1.71 104.94
C ASP UA 177 18.25 3.50 108.04
C ASP UA 177 20.37 -0.59 105.12
N SER VA 4 -25.71 -20.57 74.59
N SER VA 4 -25.39 -25.37 75.99
CA SER VA 4 -25.77 -19.55 75.63
CA SER VA 4 -25.27 -24.04 76.60
C SER VA 4 -24.37 -19.09 76.04
C SER VA 4 -23.81 -23.68 76.92
N THR VA 5 -24.09 -17.81 75.84
N THR VA 5 -23.38 -22.53 76.41
CA THR VA 5 -22.82 -17.25 76.31
CA THR VA 5 -22.01 -22.05 76.62
C THR VA 5 -22.85 -17.11 77.83
C THR VA 5 -21.79 -21.63 78.07
N SER VA 6 -21.71 -17.38 78.45
N SER VA 6 -20.59 -21.89 78.59
CA SER VA 6 -21.62 -17.27 79.90
CA SER VA 6 -20.30 -21.60 79.99
C SER VA 6 -21.60 -15.81 80.32
C SER VA 6 -20.34 -20.10 80.26
N GLN VA 7 -22.27 -15.53 81.44
N GLN VA 7 -20.85 -19.71 81.43
CA GLN VA 7 -22.25 -14.19 81.99
CA GLN VA 7 -20.80 -18.29 81.80
C GLN VA 7 -20.83 -13.71 82.31
C GLN VA 7 -19.37 -17.82 82.10
N VAL VA 8 -19.85 -14.61 82.46
N VAL VA 8 -18.44 -18.74 82.36
CA VAL VA 8 -18.49 -14.20 82.77
CA VAL VA 8 -17.05 -18.38 82.67
C VAL VA 8 -17.55 -14.21 81.58
C VAL VA 8 -16.13 -18.48 81.45
N ARG VA 9 -17.91 -14.88 80.48
N ARG VA 9 -16.61 -19.02 80.34
CA ARG VA 9 -17.00 -14.95 79.35
CA ARG VA 9 -15.73 -19.31 79.21
C ARG VA 9 -16.71 -13.56 78.80
C ARG VA 9 -15.23 -18.02 78.56
N GLN VA 10 -15.42 -13.24 78.68
N GLN VA 10 -13.93 -17.99 78.27
CA GLN VA 10 -14.97 -11.97 78.13
CA GLN VA 10 -13.32 -16.80 77.68
C GLN VA 10 -13.61 -12.19 77.46
C GLN VA 10 -11.98 -17.21 77.08
N ASN VA 11 -13.50 -11.78 76.18
N ASN VA 11 -11.84 -17.03 75.77
CA ASN VA 11 -12.25 -11.85 75.42
CA ASN VA 11 -10.57 -17.28 75.08
C ASN VA 11 -11.69 -13.27 75.37
C ASN VA 11 -10.12 -18.74 75.20
N TYR VA 12 -12.55 -14.28 75.42
N TYR VA 12 -11.08 -19.67 75.34
CA TYR VA 12 -12.12 -15.67 75.44
CA TYR VA 12 -10.80 -21.10 75.47
C TYR VA 12 -12.60 -16.31 74.16
C TYR VA 12 -11.29 -21.83 74.22
N HIS VA 13 -11.68 -16.66 73.28
N HIS VA 13 -10.36 -22.19 73.33
CA HIS VA 13 -12.02 -17.12 71.94
CA HIS VA 13 -10.72 -22.91 72.11
C HIS VA 13 -12.26 -18.62 71.95
C HIS VA 13 -11.10 -24.36 72.42
N GLN VA 14 -13.24 -19.05 71.16
N GLN VA 14 -12.15 -24.86 71.75
CA GLN VA 14 -13.60 -20.46 71.10
CA GLN VA 14 -12.54 -26.25 71.98
C GLN VA 14 -12.42 -21.35 70.72
C GLN VA 14 -11.48 -27.25 71.53
N ASP VA 15 -11.52 -20.85 69.88
N ASP VA 15 -10.56 -26.85 70.66
CA ASP VA 15 -10.30 -21.61 69.57
CA ASP VA 15 -9.40 -27.71 70.42
C ASP VA 15 -9.48 -21.86 70.83
C ASP VA 15 -8.58 -27.86 71.69
N SER VA 16 -9.39 -20.86 71.72
N SER VA 16 -8.38 -26.76 72.43
CA SER VA 16 -8.60 -21.08 72.92
CA SER VA 16 -7.69 -26.86 73.71
C SER VA 16 -9.31 -22.02 73.89
C SER VA 16 -8.45 -27.72 74.70
N GLU VA 17 -10.64 -22.02 73.87
N GLU VA 17 -9.76 -27.46 74.84
CA GLU VA 17 -11.43 -22.91 74.71
CA GLU VA 17 -10.61 -28.22 75.74
C GLU VA 17 -11.27 -24.36 74.29
C GLU VA 17 -10.57 -29.73 75.43
N ALA VA 18 -11.40 -24.65 72.99
N ALA VA 18 -10.60 -30.10 74.14
CA ALA VA 18 -11.09 -25.98 72.47
CA ALA VA 18 -10.46 -31.52 73.78
C ALA VA 18 -9.64 -26.36 72.73
C ALA VA 18 -9.06 -32.03 74.06
N ALA VA 19 -8.71 -25.42 72.56
N ALA VA 19 -8.03 -31.19 73.90
CA ALA VA 19 -7.31 -25.69 72.85
CA ALA VA 19 -6.68 -31.60 74.22
C ALA VA 19 -7.13 -26.14 74.29
C ALA VA 19 -6.51 -31.86 75.72
N ILE VA 20 -7.82 -25.48 75.22
N ILE VA 20 -7.14 -31.03 76.55
CA ILE VA 20 -7.70 -25.82 76.64
CA ILE VA 20 -7.08 -31.24 77.99
C ILE VA 20 -8.22 -27.22 76.90
C ILE VA 20 -7.76 -32.55 78.38
N ASN VA 21 -9.32 -27.61 76.24
N ASN VA 21 -8.96 -32.80 77.83
CA ASN VA 21 -9.82 -28.97 76.40
CA ASN VA 21 -9.64 -34.07 78.11
C ASN VA 21 -8.80 -30.01 75.93
C ASN VA 21 -8.77 -35.26 77.75
N ARG VA 22 -8.12 -29.74 74.80
N ARG VA 22 -8.02 -35.16 76.64
CA ARG VA 22 -7.09 -30.66 74.33
CA ARG VA 22 -7.05 -36.20 76.31
C ARG VA 22 -5.94 -30.74 75.33
C ARG VA 22 -5.93 -36.29 77.34
N GLN VA 23 -5.43 -29.59 75.79
N GLN VA 23 -5.40 -35.14 77.78
CA GLN VA 23 -4.39 -29.62 76.80
CA GLN VA 23 -4.28 -35.16 78.72
C GLN VA 23 -4.80 -30.37 78.05
C GLN VA 23 -4.71 -35.74 80.07
N ILE VA 24 -6.08 -30.31 78.43
N ILE VA 24 -5.92 -35.40 80.54
CA ILE VA 24 -6.54 -31.07 79.59
CA ILE VA 24 -6.49 -36.05 81.71
C ILE VA 24 -6.37 -32.57 79.35
C ILE VA 24 -6.35 -37.56 81.60
N ASN VA 25 -6.74 -33.04 78.16
N ASN VA 25 -6.80 -38.13 80.47
CA ASN VA 25 -6.59 -34.46 77.85
CA ASN VA 25 -6.80 -39.59 80.35
C ASN VA 25 -5.13 -34.89 77.84
C ASN VA 25 -5.38 -40.15 80.32
N LEU VA 26 -4.25 -34.01 77.38
N LEU VA 26 -4.46 -39.45 79.64
CA LEU VA 26 -2.83 -34.38 77.28
CA LEU VA 26 -3.07 -39.88 79.58
C LEU VA 26 -2.15 -34.42 78.64
C LEU VA 26 -2.39 -39.81 80.94
N GLU VA 27 -2.58 -33.58 79.58
N GLU VA 27 -2.75 -38.83 81.79
CA GLU VA 27 -2.05 -33.67 80.94
CA GLU VA 27 -2.19 -38.76 83.13
C GLU VA 27 -2.54 -34.93 81.63
C GLU VA 27 -2.75 -39.88 84.00
N LEU VA 28 -3.82 -35.27 81.47
N LEU VA 28 -4.06 -40.09 83.97
CA LEU VA 28 -4.32 -36.54 81.97
CA LEU VA 28 -4.63 -41.22 84.69
C LEU VA 28 -3.58 -37.70 81.33
C LEU VA 28 -4.05 -42.54 84.18
N TYR VA 29 -3.42 -37.67 80.01
N TYR VA 29 -3.66 -42.60 82.91
CA TYR VA 29 -2.61 -38.67 79.33
CA TYR VA 29 -3.06 -43.82 82.39
C TYR VA 29 -1.20 -38.76 79.93
C TYR VA 29 -1.66 -44.04 82.95
N ALA VA 30 -0.58 -37.61 80.23
N ALA VA 30 -0.84 -42.99 83.03
CA ALA VA 30 0.76 -37.65 80.80
CA ALA VA 30 0.49 -43.10 83.63
C ALA VA 30 0.74 -38.16 82.24
C ALA VA 30 0.42 -43.48 85.10
N SER VA 31 -0.27 -37.79 83.02
N SER VA 31 -0.59 -42.96 85.82
CA SER VA 31 -0.43 -38.42 84.33
CA SER VA 31 -0.86 -43.40 87.19
C SER VA 31 -0.49 -39.93 84.18
C SER VA 31 -1.06 -44.91 87.26
N TYR VA 32 -1.20 -40.39 83.15
N TYR VA 32 -1.80 -45.46 86.27
CA TYR VA 32 -1.37 -41.81 82.90
CA TYR VA 32 -2.09 -46.89 86.21
C TYR VA 32 -0.06 -42.49 82.53
C TYR VA 32 -0.84 -47.71 85.91
N VAL VA 33 0.78 -41.81 81.73
N VAL VA 33 0.04 -47.21 85.03
CA VAL VA 33 2.07 -42.38 81.36
CA VAL VA 33 1.27 -47.91 84.71
C VAL VA 33 2.93 -42.59 82.60
C VAL VA 33 2.14 -48.06 85.96
N TYR VA 34 3.05 -41.57 83.45
N TYR VA 34 2.29 -46.96 86.71
CA TYR VA 34 3.90 -41.69 84.62
CA TYR VA 34 3.15 -46.94 87.89
C TYR VA 34 3.36 -42.70 85.63
C TYR VA 34 2.54 -47.75 89.04
N LEU VA 35 2.04 -42.86 85.69
N LEU VA 35 1.21 -47.73 89.17
CA LEU VA 35 1.46 -43.90 86.53
CA LEU VA 35 0.54 -48.65 90.08
C LEU VA 35 1.93 -45.27 86.08
C LEU VA 35 0.93 -50.09 89.78
N SER VA 36 1.80 -45.55 84.78
N SER VA 36 0.87 -50.47 88.50
CA SER VA 36 2.33 -46.78 84.21
CA SER VA 36 1.26 -51.81 88.06
C SER VA 36 3.80 -46.94 84.56
C SER VA 36 2.73 -52.11 88.40
N MET VA 37 4.60 -45.89 84.37
N MET VA 37 3.62 -51.18 88.11
CA MET VA 37 6.02 -45.99 84.64
CA MET VA 37 5.04 -51.36 88.43
C MET VA 37 6.28 -46.30 86.10
C MET VA 37 5.23 -51.59 89.91
N SER VA 38 5.54 -45.64 87.00
N SER VA 38 4.70 -50.67 90.73
CA SER VA 38 5.75 -45.86 88.43
CA SER VA 38 4.80 -50.76 92.19
C SER VA 38 5.60 -47.34 88.78
C SER VA 38 4.57 -52.18 92.69
N TYR VA 39 4.57 -48.00 88.25
N TYR VA 39 3.39 -52.74 92.40
CA TYR VA 39 4.28 -49.36 88.67
CA TYR VA 39 3.03 -54.01 92.98
C TYR VA 39 5.03 -50.42 87.89
C TYR VA 39 3.70 -55.20 92.30
N TYR VA 40 5.67 -50.04 86.79
N TYR VA 40 4.35 -55.00 91.15
CA TYR VA 40 6.68 -50.93 86.19
CA TYR VA 40 5.29 -56.01 90.65
C TYR VA 40 7.84 -51.14 87.16
C TYR VA 40 6.44 -56.22 91.62
N PHE VA 41 8.33 -50.04 87.76
N PHE VA 41 6.98 -55.14 92.19
CA PHE VA 41 9.48 -50.15 88.65
CA PHE VA 41 8.14 -55.26 93.06
C PHE VA 41 9.12 -50.78 89.98
C PHE VA 41 7.77 -55.68 94.47
N ASP VA 42 7.83 -51.01 90.23
N ASP VA 42 6.50 -55.59 94.84
CA ASP VA 42 7.34 -51.72 91.40
CA ASP VA 42 5.99 -56.13 96.10
C ASP VA 42 7.27 -53.23 91.19
C ASP VA 42 5.72 -57.64 95.99
N ARG VA 43 7.33 -53.71 89.94
N ARG VA 43 5.86 -58.23 94.79
CA ARG VA 43 7.37 -55.14 89.71
CA ARG VA 43 5.80 -59.67 94.62
C ARG VA 43 8.52 -55.77 90.47
C ARG VA 43 6.86 -60.37 95.47
N ASP VA 44 8.30 -57.02 90.90
N ASP VA 44 6.50 -61.55 96.01
CA ASP VA 44 9.32 -57.70 91.70
CA ASP VA 44 7.43 -62.29 96.85
C ASP VA 44 10.58 -57.96 90.91
C ASP VA 44 8.65 -62.79 96.11
N ASP VA 45 10.48 -58.07 89.58
N ASP VA 45 8.57 -62.96 94.79
CA ASP VA 45 11.61 -58.30 88.70
CA ASP VA 45 9.70 -63.39 93.99
C ASP VA 45 12.21 -56.99 88.19
C ASP VA 45 10.40 -62.23 93.31
N VAL VA 46 11.71 -55.84 88.63
N VAL VA 46 10.18 -61.01 93.81
CA VAL VA 46 12.35 -54.54 88.42
CA VAL VA 46 10.82 -59.82 93.26
C VAL VA 46 12.85 -53.96 89.73
C VAL VA 46 11.36 -59.06 94.45
N ALA VA 47 11.94 -53.71 90.68
N ALA VA 47 10.46 -58.67 95.35
CA ALA VA 47 12.26 -53.45 92.10
CA ALA VA 47 10.80 -58.33 96.75
C ALA VA 47 13.21 -52.26 92.28
C ALA VA 47 11.78 -57.17 96.84
N LEU VA 48 12.86 -51.13 91.68
N LEU VA 48 11.48 -56.10 96.11
CA LEU VA 48 13.59 -49.89 91.90
CA LEU VA 48 12.29 -54.89 96.12
C LEU VA 48 12.60 -48.91 92.53
C LEU VA 48 11.38 -53.77 96.63
N LYS VA 49 12.57 -48.91 93.87
N LYS VA 49 11.36 -53.62 97.95
CA LYS VA 49 11.50 -48.22 94.60
CA LYS VA 49 10.35 -52.80 98.61
C LYS VA 49 11.54 -46.71 94.40
C LYS VA 49 10.46 -51.33 98.23
N ASN VA 50 12.73 -46.12 94.20
N ASN VA 50 11.69 -50.80 98.13
CA ASN VA 50 12.80 -44.68 94.08
CA ASN VA 50 11.87 -49.37 97.81
C ASN VA 50 12.56 -44.20 92.67
C ASN VA 50 11.58 -49.08 96.33
N PHE VA 51 12.80 -45.04 91.66
N PHE VA 51 11.91 -50.02 95.43
CA PHE VA 51 12.27 -44.76 90.33
CA PHE VA 51 11.40 -49.93 94.06
C PHE VA 51 10.75 -44.75 90.38
C PHE VA 51 9.88 -49.89 94.06
N ALA VA 52 10.16 -45.75 91.05
N ALA VA 52 9.25 -50.68 94.93
CA ALA VA 52 8.71 -45.82 91.24
CA ALA VA 52 7.80 -50.65 95.04
C ALA VA 52 8.19 -44.59 91.98
C ALA VA 52 7.31 -49.29 95.53
N LYS VA 53 8.83 -44.23 93.10
N LYS VA 53 7.85 -48.79 96.64
CA LYS VA 53 8.41 -43.04 93.82
CA LYS VA 53 7.43 -47.49 97.14
C LYS VA 53 8.49 -41.80 92.94
C LYS VA 53 7.70 -46.38 96.11
N TYR VA 54 9.55 -41.70 92.14
N TYR VA 54 8.84 -46.43 95.42
CA TYR VA 54 9.74 -40.52 91.30
CA TYR VA 54 9.16 -45.38 94.47
C TYR VA 54 8.60 -40.37 90.31
C TYR VA 54 8.10 -45.27 93.38
N PHE VA 55 8.36 -41.41 89.51
N PHE VA 55 7.73 -46.40 92.77
CA PHE VA 55 7.35 -41.33 88.46
CA PHE VA 55 6.71 -46.39 91.75
C PHE VA 55 5.96 -41.22 89.05
C PHE VA 55 5.31 -46.10 92.32
N LEU VA 56 5.71 -41.88 90.18
N LEU VA 56 5.00 -46.56 93.54
CA LEU VA 56 4.45 -41.68 90.88
CA LEU VA 56 3.71 -46.19 94.11
C LEU VA 56 4.24 -40.20 91.21
C LEU VA 56 3.59 -44.67 94.26
N HIS VA 57 5.30 -39.51 91.64
N HIS VA 57 4.69 -44.00 94.66
CA HIS VA 57 5.19 -38.08 91.93
CA HIS VA 57 4.65 -42.54 94.80
C HIS VA 57 4.82 -37.27 90.69
C HIS VA 57 4.41 -41.87 93.45
N GLN VA 58 5.50 -37.53 89.56
N GLN VA 58 5.14 -42.26 92.42
CA GLN VA 58 5.17 -36.84 88.32
CA GLN VA 58 4.87 -41.72 91.08
C GLN VA 58 3.72 -37.08 87.92
C GLN VA 58 3.40 -41.91 90.71
N SER VA 59 3.22 -38.29 88.12
N SER VA 59 2.82 -43.06 91.07
CA SER VA 59 1.84 -38.61 87.74
CA SER VA 59 1.43 -43.32 90.72
C SER VA 59 0.85 -37.75 88.52
C SER VA 59 0.50 -42.27 91.31
N HIS VA 60 1.07 -37.58 89.82
N HIS VA 60 0.67 -41.96 92.60
CA HIS VA 60 0.18 -36.75 90.61
CA HIS VA 60 -0.19 -40.97 93.25
C HIS VA 60 0.37 -35.28 90.30
C HIS VA 60 0.10 -39.57 92.74
N GLU VA 61 1.58 -34.88 89.90
N GLU VA 61 1.35 -39.29 92.34
CA GLU VA 61 1.77 -33.50 89.47
CA GLU VA 61 1.66 -38.01 91.73
C GLU VA 61 1.01 -33.21 88.18
C GLU VA 61 0.88 -37.82 90.44
N GLU VA 62 1.04 -34.12 87.21
N GLU VA 62 0.78 -38.88 89.62
CA GLU VA 62 0.30 -33.95 85.96
CA GLU VA 62 0.11 -38.75 88.34
C GLU VA 62 -1.19 -33.84 86.21
C GLU VA 62 -1.39 -38.53 88.53
N ARG VA 63 -1.74 -34.66 87.10
N ARG VA 63 -1.95 -39.05 89.62
CA ARG VA 63 -3.17 -34.55 87.42
CA ARG VA 63 -3.34 -38.79 89.95
C ARG VA 63 -3.48 -33.15 87.95
C ARG VA 63 -3.56 -37.31 90.21
N GLU VA 64 -2.63 -32.61 88.82
N GLU VA 64 -2.68 -36.69 90.99
CA GLU VA 64 -2.78 -31.23 89.26
CA GLU VA 64 -2.79 -35.25 91.21
C GLU VA 64 -2.80 -30.30 88.06
C GLU VA 64 -2.65 -34.51 89.90
N HIS VA 65 -1.87 -30.50 87.12
N HIS VA 65 -1.65 -34.87 89.08
CA HIS VA 65 -1.84 -29.69 85.92
CA HIS VA 65 -1.52 -34.30 87.74
C HIS VA 65 -3.19 -29.73 85.21
C HIS VA 65 -2.86 -34.33 87.01
N ALA VA 66 -3.71 -30.93 84.95
N ALA VA 66 -3.51 -35.50 87.02
CA ALA VA 66 -5.02 -31.06 84.30
CA ALA VA 66 -4.78 -35.63 86.30
C ALA VA 66 -6.07 -30.27 85.07
C ALA VA 66 -5.84 -34.71 86.89
N GLU VA 67 -6.06 -30.39 86.39
N GLU VA 67 -5.94 -34.65 88.22
CA GLU VA 67 -7.11 -29.79 87.21
CA GLU VA 67 -6.99 -33.85 88.84
C GLU VA 67 -7.08 -28.27 87.14
C GLU VA 67 -6.74 -32.36 88.65
N LYS VA 68 -5.90 -27.67 87.35
N LYS VA 68 -5.46 -31.95 88.70
CA LYS VA 68 -5.79 -26.21 87.22
CA LYS VA 68 -5.14 -30.56 88.43
C LYS VA 68 -6.22 -25.74 85.84
C LYS VA 68 -5.66 -30.14 87.06
N LEU VA 69 -6.10 -26.59 84.80
N LEU VA 69 -5.63 -31.05 86.08
CA LEU VA 69 -6.60 -26.21 83.49
CA LEU VA 69 -6.12 -30.73 84.76
C LEU VA 69 -8.13 -26.26 83.44
C LEU VA 69 -7.65 -30.72 84.72
N MET VA 70 -8.73 -27.18 84.18
N MET VA 70 -8.27 -31.65 85.44
CA MET VA 70 -10.19 -27.24 84.24
CA MET VA 70 -9.73 -31.61 85.55
C MET VA 70 -10.75 -26.08 85.05
C MET VA 70 -10.18 -30.32 86.19
N LYS VA 71 -10.06 -25.72 86.13
N LYS VA 71 -9.47 -29.86 87.23
CA LYS VA 71 -10.43 -24.53 86.88
CA LYS VA 71 -9.76 -28.56 87.84
C LYS VA 71 -10.36 -23.29 86.00
C LYS VA 71 -9.63 -27.44 86.83
N LEU VA 72 -9.34 -23.20 85.15
N LEU VA 72 -8.58 -27.50 86.01
CA LEU VA 72 -9.19 -22.06 84.23
CA LEU VA 72 -8.35 -26.47 85.01
C LEU VA 72 -10.33 -22.01 83.22
C LEU VA 72 -9.46 -26.47 83.98
N GLN VA 73 -10.65 -23.15 82.61
N GLN VA 73 -9.90 -27.65 83.56
CA GLN VA 73 -11.77 -23.21 81.67
CA GLN VA 73 -11.00 -27.75 82.60
C GLN VA 73 -13.05 -22.65 82.31
C GLN VA 73 -12.23 -27.02 83.11
N ASN VA 74 -13.34 -23.06 83.56
N ASN VA 74 -12.56 -27.22 84.38
CA ASN VA 74 -14.52 -22.55 84.26
CA ASN VA 74 -13.69 -26.52 84.99
C ASN VA 74 -14.37 -21.07 84.59
C ASN VA 74 -13.42 -25.03 85.12
N GLN VA 75 -13.13 -20.61 84.89
N GLN VA 75 -12.20 -24.65 85.51
CA GLN VA 75 -12.89 -19.20 85.24
CA GLN VA 75 -11.88 -23.24 85.70
C GLN VA 75 -13.20 -18.27 84.08
C GLN VA 75 -12.17 -22.44 84.43
N ARG VA 76 -12.80 -18.65 82.87
N ARG VA 76 -11.78 -22.98 83.28
CA ARG VA 76 -12.97 -17.84 81.68
CA ARG VA 76 -11.89 -22.29 82.01
C ARG VA 76 -14.39 -17.91 81.10
C ARG VA 76 -13.26 -22.44 81.35
N GLY VA 77 -15.21 -18.88 81.51
N GLY VA 77 -14.15 -23.24 81.93
CA GLY VA 77 -16.52 -19.07 80.93
CA GLY VA 77 -15.46 -23.45 81.35
C GLY VA 77 -16.61 -20.15 79.86
C GLY VA 77 -15.55 -24.57 80.36
N GLY VA 78 -15.48 -20.77 79.49
N GLY VA 78 -14.50 -25.39 80.22
CA GLY VA 78 -15.51 -21.92 78.62
CA GLY VA 78 -14.61 -26.61 79.46
C GLY VA 78 -16.17 -23.11 79.28
C GLY VA 78 -15.45 -27.65 80.17
N ARG VA 79 -16.47 -24.10 78.45
N ARG VA 79 -15.75 -28.73 79.47
CA ARG VA 79 -17.10 -25.31 78.92
CA ARG VA 79 -16.53 -29.81 80.04
C ARG VA 79 -16.13 -26.47 78.78
C ARG VA 79 -15.72 -31.11 80.05
N ILE VA 80 -16.08 -27.31 79.80
N ILE VA 80 -15.65 -31.75 81.21
CA ILE VA 80 -15.18 -28.46 79.80
CA ILE VA 80 -14.87 -32.97 81.37
C ILE VA 80 -15.81 -29.60 78.99
C ILE VA 80 -15.61 -34.15 80.72
N PHE VA 81 -15.05 -30.17 78.07
N PHE VA 81 -14.93 -34.84 79.81
CA PHE VA 81 -15.44 -31.40 77.41
CA PHE VA 81 -15.40 -36.13 79.33
C PHE VA 81 -14.30 -32.40 77.54
C PHE VA 81 -14.33 -37.17 79.63
N LEU VA 82 -14.56 -33.50 78.20
N LEU VA 82 -14.69 -38.19 80.40
CA LEU VA 82 -13.55 -34.54 78.41
CA LEU VA 82 -13.73 -39.20 80.81
C LEU VA 82 -13.68 -35.61 77.34
C LEU VA 82 -13.80 -40.42 79.89
N GLN VA 83 -12.55 -36.25 77.03
N GLN VA 83 -12.66 -41.06 79.71
CA GLN VA 83 -12.45 -37.30 76.05
CA GLN VA 83 -12.59 -42.23 78.85
C GLN VA 83 -11.76 -38.49 76.69
C GLN VA 83 -12.01 -43.41 79.62
N ASP VA 84 -11.82 -39.64 76.01
N ASP VA 84 -12.19 -44.61 79.06
CA ASP VA 84 -11.03 -40.79 76.43
CA ASP VA 84 -11.62 -45.81 79.64
C ASP VA 84 -9.58 -40.40 76.66
C ASP VA 84 -10.13 -45.63 79.92
N ILE VA 85 -8.99 -40.94 77.72
N ILE VA 85 -9.67 -46.14 81.06
CA ILE VA 85 -7.56 -40.82 77.97
CA ILE VA 85 -8.24 -46.19 81.36
C ILE VA 85 -6.88 -42.03 77.37
C ILE VA 85 -7.71 -47.54 80.91
N GLN VA 86 -6.09 -41.83 76.33
N GLN VA 86 -7.04 -47.58 79.77
CA GLN VA 86 -5.43 -42.94 75.66
CA GLN VA 86 -6.47 -48.83 79.29
C GLN VA 86 -4.41 -43.56 76.60
C GLN VA 86 -5.42 -49.37 80.28
N LYS VA 87 -4.32 -44.88 76.55
N LYS VA 87 -5.37 -50.69 80.42
CA LYS VA 87 -3.36 -45.61 77.34
CA LYS VA 87 -4.37 -51.28 81.31
C LYS VA 87 -1.95 -45.33 76.82
C LYS VA 87 -2.97 -51.03 80.74
N PRO VA 88 -0.93 -45.53 77.66
N PRO VA 88 -1.93 -51.13 81.57
CA PRO VA 88 0.44 -45.22 77.25
CA PRO VA 88 -0.56 -50.97 81.06
C PRO VA 88 0.90 -46.12 76.11
C PRO VA 88 -0.22 -52.06 80.08
N ASP VA 89 1.96 -45.67 75.43
N ASP VA 89 0.91 -51.89 79.39
CA ASP VA 89 2.42 -46.41 74.26
CA ASP VA 89 1.28 -52.83 78.35
C ASP VA 89 3.04 -47.76 74.62
C ASP VA 89 1.91 -54.12 78.87
N GLU VA 90 3.51 -47.95 75.85
N GLU VA 90 2.38 -54.14 80.12
CA GLU VA 90 4.10 -49.23 76.23
CA GLU VA 90 2.98 -55.33 80.69
C GLU VA 90 3.49 -49.75 77.53
C GLU VA 90 2.33 -55.67 82.01
N ASP VA 91 3.48 -51.07 77.65
N ASP VA 91 2.09 -56.96 82.23
CA ASP VA 91 3.20 -51.73 78.92
CA ASP VA 91 1.79 -57.44 83.56
C ASP VA 91 4.46 -51.95 79.73
C ASP VA 91 3.06 -57.74 84.35
N ASP VA 92 5.58 -52.18 79.04
N ASP VA 92 4.15 -58.01 83.64
CA ASP VA 92 6.85 -52.55 79.64
CA ASP VA 92 5.42 -58.45 84.21
C ASP VA 92 7.83 -51.45 79.26
C ASP VA 92 6.48 -57.45 83.78
N TRP VA 93 8.46 -50.83 80.27
N TRP VA 93 7.13 -56.79 84.74
CA TRP VA 93 9.31 -49.67 80.03
CA TRP VA 93 8.04 -55.69 84.44
C TRP VA 93 10.81 -49.99 80.07
C TRP VA 93 9.50 -56.09 84.49
N GLU VA 94 11.18 -51.27 80.04
N GLU VA 94 9.78 -57.40 84.66
CA GLU VA 94 12.56 -51.75 79.84
CA GLU VA 94 11.09 -58.00 84.43
C GLU VA 94 13.53 -51.48 80.99
C GLU VA 94 12.10 -57.67 85.52
N SER VA 95 13.71 -50.22 81.37
N SER VA 95 12.35 -56.37 85.76
CA SER VA 95 14.76 -49.90 82.33
CA SER VA 95 13.39 -56.00 86.71
C SER VA 95 14.59 -48.46 82.79
C SER VA 95 13.23 -54.55 87.11
N GLY VA 96 15.30 -48.12 83.86
N GLY VA 96 13.91 -54.19 88.20
CA GLY VA 96 15.25 -46.75 84.35
CA GLY VA 96 14.14 -52.80 88.49
C GLY VA 96 15.68 -45.74 83.31
C GLY VA 96 14.58 -52.01 87.27
N LEU VA 97 16.77 -46.04 82.60
N LEU VA 97 15.64 -52.47 86.60
CA LEU VA 97 17.25 -45.12 81.56
CA LEU VA 97 16.17 -51.72 85.45
C LEU VA 97 16.18 -44.91 80.49
C LEU VA 97 15.15 -51.63 84.32
N ASN VA 98 15.64 -46.00 79.95
N ASN VA 98 14.43 -52.72 84.05
CA ASN VA 98 14.62 -45.87 78.91
CA ASN VA 98 13.44 -52.68 82.98
C ASN VA 98 13.41 -45.09 79.42
C ASN VA 98 12.31 -51.70 83.29
N ALA VA 99 13.00 -45.34 80.66
N ALA VA 99 11.83 -51.69 84.54
CA ALA VA 99 11.86 -44.61 81.19
CA ALA VA 99 10.79 -50.74 84.91
C ALA VA 99 12.15 -43.12 81.28
C ALA VA 99 11.27 -49.30 84.79
N MET VA 100 13.35 -42.77 81.75
N MET VA 100 12.51 -49.03 85.17
CA MET VA 100 13.75 -41.37 81.81
CA MET VA 100 13.02 -47.67 85.08
C MET VA 100 13.89 -40.74 80.42
C MET VA 100 13.07 -47.21 83.63
N GLU VA 101 14.22 -41.55 79.40
N GLU VA 101 13.61 -48.05 82.74
CA GLU VA 101 14.29 -41.04 78.04
CA GLU VA 101 13.63 -47.75 81.32
C GLU VA 101 12.90 -40.88 77.44
C GLU VA 101 12.21 -47.54 80.78
N ALA VA 102 12.00 -41.81 77.76
N ALA VA 102 11.28 -48.43 81.15
CA ALA VA 102 10.63 -41.68 77.28
CA ALA VA 102 9.90 -48.29 80.72
C ALA VA 102 9.94 -40.54 77.99
C ALA VA 102 9.29 -47.00 81.25
N ALA VA 103 10.26 -40.32 79.26
N ALA VA 103 9.67 -46.60 82.47
CA ALA VA 103 9.65 -39.22 79.98
CA ALA VA 103 9.17 -45.37 83.05
C ALA VA 103 10.13 -37.87 79.43
C ALA VA 103 9.75 -44.15 82.33
N LEU VA 104 11.38 -37.78 78.99
N LEU VA 104 11.04 -44.19 82.01
CA LEU VA 104 11.86 -36.52 78.44
CA LEU VA 104 11.64 -43.10 81.25
C LEU VA 104 11.22 -36.23 77.08
C LEU VA 104 10.95 -42.94 79.91
N HIS VA 105 11.05 -37.26 76.24
N HIS VA 105 10.63 -44.05 79.25
CA HIS VA 105 10.32 -37.08 74.99
CA HIS VA 105 9.92 -44.03 77.97
C HIS VA 105 8.90 -36.62 75.24
C HIS VA 105 8.55 -43.39 78.11
N LEU VA 106 8.23 -37.20 76.24
N LEU VA 106 7.82 -43.75 79.17
CA LEU VA 106 6.90 -36.76 76.62
CA LEU VA 106 6.49 -43.18 79.43
C LEU VA 106 6.89 -35.27 76.99
C LEU VA 106 6.58 -41.67 79.64
N GLU VA 107 7.79 -34.85 77.88
N GLU VA 107 7.46 -41.24 80.54
CA GLU VA 107 7.70 -33.49 78.41
CA GLU VA 107 7.54 -39.82 80.87
C GLU VA 107 7.95 -32.44 77.33
C GLU VA 107 7.94 -38.98 79.67
N LYS VA 108 8.86 -32.72 76.39
N LYS VA 108 8.76 -39.51 78.76
CA LYS VA 108 9.03 -31.81 75.25
CA LYS VA 108 9.05 -38.78 77.54
C LYS VA 108 7.78 -31.74 74.37
C LYS VA 108 7.85 -38.74 76.62
N ASN VA 109 7.08 -32.86 74.22
N ASN VA 109 7.09 -39.85 76.54
CA ASN VA 109 5.81 -32.86 73.48
CA ASN VA 109 5.82 -39.83 75.82
C ASN VA 109 4.76 -32.02 74.21
C ASN VA 109 4.87 -38.80 76.41
N VAL VA 110 4.61 -32.25 75.51
N VAL VA 110 4.74 -38.75 77.73
CA VAL VA 110 3.72 -31.43 76.32
CA VAL VA 110 3.83 -37.79 78.34
C VAL VA 110 4.12 -29.97 76.21
C VAL VA 110 4.35 -36.38 78.11
N ASN VA 111 5.42 -29.70 76.36
N ASN VA 111 5.67 -36.21 78.14
CA ASN VA 111 5.95 -28.35 76.19
CA ASN VA 111 6.27 -34.91 77.85
C ASN VA 111 5.56 -27.75 74.85
C ASN VA 111 5.88 -34.42 76.47
N GLN VA 112 5.78 -28.50 73.76
N GLN VA 112 5.92 -35.32 75.48
CA GLN VA 112 5.43 -28.02 72.42
CA GLN VA 112 5.65 -34.90 74.11
C GLN VA 112 3.94 -27.69 72.33
C GLN VA 112 4.22 -34.43 73.96
N SER VA 113 3.11 -28.50 72.98
N SER VA 113 3.27 -35.10 74.63
CA SER VA 113 1.67 -28.23 73.02
CA SER VA 113 1.90 -34.65 74.60
C SER VA 113 1.35 -27.00 73.85
C SER VA 113 1.72 -33.32 75.33
N LEU VA 114 2.13 -26.74 74.90
N LEU VA 114 2.55 -33.05 76.34
CA LEU VA 114 1.96 -25.49 75.63
CA LEU VA 114 2.49 -31.75 77.00
C LEU VA 114 2.43 -24.31 74.80
C LEU VA 114 3.05 -30.65 76.11
N LEU VA 115 3.54 -24.49 74.07
N LEU VA 115 4.14 -30.93 75.39
CA LEU VA 115 4.09 -23.41 73.26
CA LEU VA 115 4.65 -29.95 74.43
C LEU VA 115 3.07 -22.92 72.21
C LEU VA 115 3.63 -29.72 73.31
N GLU VA 116 2.28 -23.83 71.66
N GLU VA 116 3.03 -30.79 72.80
CA GLU VA 116 1.28 -23.40 70.68
CA GLU VA 116 1.96 -30.62 71.83
C GLU VA 116 0.02 -22.87 71.34
C GLU VA 116 0.84 -29.76 72.41
N LEU VA 117 -0.30 -23.32 72.57
N LEU VA 117 0.46 -30.03 73.66
CA LEU VA 117 -1.42 -22.70 73.27
CA LEU VA 117 -0.55 -29.22 74.31
C LEU VA 117 -1.15 -21.21 73.49
C LEU VA 117 -0.09 -27.77 74.44
N HIS VA 118 0.06 -20.88 73.95
N HIS VA 118 1.19 -27.55 74.75
CA HIS VA 118 0.44 -19.48 74.18
CA HIS VA 118 1.66 -26.17 74.81
C HIS VA 118 0.38 -18.67 72.90
C HIS VA 118 1.62 -25.51 73.44
N LYS VA 119 0.93 -19.22 71.81
N LYS VA 119 2.13 -26.21 72.42
CA LYS VA 119 0.87 -18.56 70.52
CA LYS VA 119 2.04 -25.70 71.06
C LYS VA 119 -0.56 -18.23 70.13
C LYS VA 119 0.61 -25.30 70.71
N LEU VA 120 -1.45 -19.22 70.30
N LEU VA 120 -0.37 -26.11 71.12
CA LEU VA 120 -2.87 -19.00 70.08
CA LEU VA 120 -1.78 -25.78 70.90
C LEU VA 120 -3.42 -17.93 71.02
C LEU VA 120 -2.15 -24.44 71.54
N ALA VA 121 -2.99 -17.95 72.28
N ALA VA 121 -1.76 -24.24 72.81
CA ALA VA 121 -3.42 -16.91 73.21
CA ALA VA 121 -2.16 -23.03 73.53
C ALA VA 121 -2.97 -15.54 72.73
C ALA VA 121 -1.56 -21.78 72.89
N HIS VA 122 -1.69 -15.42 72.38
N HIS VA 122 -0.26 -21.82 72.58
CA HIS VA 122 -1.14 -14.13 71.96
CA HIS VA 122 0.40 -20.73 71.87
C HIS VA 122 -1.76 -13.64 70.66
C HIS VA 122 -0.30 -20.45 70.54
N ASP VA 123 -2.08 -14.58 69.75
N ASP VA 123 -0.51 -21.49 69.74
CA ASP VA 123 -2.64 -14.18 68.45
CA ASP VA 123 -1.10 -21.33 68.42
C ASP VA 123 -4.08 -13.73 68.58
C ASP VA 123 -2.49 -20.70 68.49
N LYS VA 124 -4.83 -14.32 69.52
N LYS VA 124 -3.28 -21.08 69.50
CA LYS VA 124 -6.19 -13.92 69.84
CA LYS VA 124 -4.61 -20.53 69.72
C LYS VA 124 -6.26 -12.82 70.89
C LYS VA 124 -4.60 -19.26 70.59
N ASN VA 125 -5.15 -12.12 71.14
N ASN VA 125 -3.43 -18.68 70.85
CA ASN VA 125 -5.13 -10.95 71.99
CA ASN VA 125 -3.28 -17.43 71.62
C ASN VA 125 -5.69 -11.25 73.39
C ASN VA 125 -3.97 -17.52 72.98
N ASP VA 126 -5.27 -12.39 73.96
N ASP VA 126 -3.61 -18.55 73.74
CA ASP VA 126 -5.73 -12.82 75.27
CA ASP VA 126 -4.17 -18.82 75.07
C ASP VA 126 -4.58 -12.78 76.26
C ASP VA 126 -3.04 -18.75 76.09
N PRO VA 127 -4.28 -11.61 76.85
N PRO VA 127 -2.64 -17.53 76.49
CA PRO VA 127 -3.10 -11.51 77.73
CA PRO VA 127 -1.50 -17.41 77.43
C PRO VA 127 -3.27 -12.27 79.03
C PRO VA 127 -1.79 -17.93 78.82
N HIS VA 128 -4.48 -12.43 79.50
N HIS VA 128 -3.05 -18.01 79.24
CA HIS VA 128 -4.68 -13.19 80.72
CA HIS VA 128 -3.33 -18.63 80.53
C HIS VA 128 -4.34 -14.67 80.49
C HIS VA 128 -3.06 -20.13 80.48
N LEU VA 129 -4.86 -15.25 79.40
N LEU VA 129 -3.52 -20.78 79.41
CA LEU VA 129 -4.60 -16.65 79.15
CA LEU VA 129 -3.31 -22.22 79.28
C LEU VA 129 -3.12 -16.89 78.89
C LEU VA 129 -1.82 -22.53 79.12
N ALA VA 130 -2.46 -15.97 78.17
N ALA VA 130 -1.13 -21.76 78.27
CA ALA VA 130 -1.04 -16.12 77.88
CA ALA VA 130 0.30 -21.98 78.06
C ALA VA 130 -0.21 -16.06 79.16
C ALA VA 130 1.08 -21.85 79.36
N ASP VA 131 -0.49 -15.08 80.02
N ASP VA 131 0.78 -20.84 80.17
CA ASP VA 131 0.24 -14.99 81.28
CA ASP VA 131 1.57 -20.69 81.39
C ASP VA 131 -0.05 -16.19 82.18
C ASP VA 131 1.18 -21.72 82.45
N PHE VA 132 -1.23 -16.79 82.05
N PHE VA 132 -0.07 -22.18 82.42
CA PHE VA 132 -1.52 -18.02 82.77
CA PHE VA 132 -0.46 -23.29 83.30
C PHE VA 132 -0.55 -19.13 82.36
C PHE VA 132 0.37 -24.53 83.00
N ILE VA 133 -0.38 -19.35 81.06
N ILE VA 133 0.43 -24.91 81.72
CA ILE VA 133 0.57 -20.34 80.57
CA ILE VA 133 1.29 -26.02 81.29
C ILE VA 133 2.00 -20.00 81.00
C ILE VA 133 2.74 -25.76 81.67
N GLU VA 134 2.41 -18.73 80.88
N GLU VA 134 3.21 -24.52 81.45
CA GLU VA 134 3.75 -18.30 81.28
CA GLU VA 134 4.60 -24.19 81.75
C GLU VA 134 4.01 -18.57 82.77
C GLU VA 134 4.89 -24.32 83.25
N THR VA 135 3.04 -18.18 83.61
N THR VA 135 4.01 -23.74 84.08
CA THR VA 135 3.27 -18.20 85.06
CA THR VA 135 4.29 -23.65 85.51
C THR VA 135 3.23 -19.62 85.60
C THR VA 135 4.15 -25.00 86.19
N HIS VA 136 2.36 -20.48 85.06
N HIS VA 136 3.11 -25.75 85.84
CA HIS VA 136 2.04 -21.76 85.67
CA HIS VA 136 2.72 -26.94 86.59
C HIS VA 136 2.52 -22.97 84.88
C HIS VA 136 3.26 -28.23 86.00
N TYR VA 137 2.93 -22.80 83.62
N TYR VA 137 3.68 -28.25 84.74
CA TYR VA 137 3.29 -23.97 82.85
CA TYR VA 137 3.99 -29.57 84.18
C TYR VA 137 4.66 -23.90 82.21
C TYR VA 137 5.37 -29.67 83.54
N LEU VA 138 5.06 -22.75 81.67
N LEU VA 138 5.85 -28.61 82.90
CA LEU VA 138 6.22 -22.72 80.79
CA LEU VA 138 6.98 -28.76 81.98
C LEU VA 138 7.51 -23.02 81.54
C LEU VA 138 8.28 -29.05 82.72
N ASN VA 139 7.73 -22.36 82.68
N ASN VA 139 8.58 -28.28 83.77
CA ASN VA 139 8.97 -22.60 83.42
CA ASN VA 139 9.81 -28.57 84.50
C ASN VA 139 8.97 -23.98 84.06
C ASN VA 139 9.66 -29.83 85.34
N GLU VA 140 7.81 -24.44 84.52
N GLU VA 140 8.45 -30.14 85.78
CA GLU VA 140 7.74 -25.81 85.03
CA GLU VA 140 8.23 -31.39 86.48
C GLU VA 140 8.12 -26.81 83.94
C GLU VA 140 8.56 -32.59 85.59
N GLN VA 141 7.77 -26.53 82.68
N GLN VA 141 8.23 -32.54 84.30
CA GLN VA 141 8.19 -27.46 81.63
CA GLN VA 141 8.58 -33.62 83.39
C GLN VA 141 9.70 -27.41 81.47
C GLN VA 141 10.09 -33.70 83.17
N VAL VA 142 10.27 -26.20 81.35
N VAL VA 142 10.76 -32.56 82.98
CA VAL VA 142 11.71 -26.04 81.20
CA VAL VA 142 12.21 -32.56 82.77
C VAL VA 142 12.44 -26.67 82.38
C VAL VA 142 12.91 -33.15 83.98
N LYS VA 143 11.89 -26.55 83.59
N LYS VA 143 12.51 -32.72 85.19
CA LYS VA 143 12.56 -27.16 84.74
CA LYS VA 143 13.07 -33.32 86.39
C LYS VA 143 12.47 -28.68 84.70
C LYS VA 143 12.80 -34.83 86.44
N ALA VA 144 11.31 -29.23 84.31
N ALA VA 144 11.57 -35.25 86.10
CA ALA VA 144 11.18 -30.69 84.23
CA ALA VA 144 11.25 -36.67 86.12
C ALA VA 144 12.03 -31.28 83.12
C ALA VA 144 12.13 -37.47 85.14
N ILE VA 145 12.21 -30.54 82.03
N ILE VA 145 12.39 -36.92 83.95
CA ILE VA 145 13.02 -31.04 80.93
CA ILE VA 145 13.17 -37.62 82.94
C ILE VA 145 14.49 -31.11 81.34
C ILE VA 145 14.64 -37.64 83.33
N LYS VA 146 14.98 -30.03 81.98
N LYS VA 146 15.14 -36.53 83.84
CA LYS VA 146 16.38 -29.97 82.40
CA LYS VA 146 16.52 -36.47 84.31
C LYS VA 146 16.71 -31.10 83.38
C LYS VA 146 16.78 -37.51 85.40
N GLU VA 147 15.81 -31.36 84.34
N GLU VA 147 15.86 -37.62 86.37
CA GLU VA 147 16.03 -32.42 85.32
CA GLU VA 147 16.05 -38.56 87.47
C GLU VA 147 16.02 -33.80 84.68
C GLU VA 147 15.94 -40.00 87.00
N LEU VA 148 15.10 -34.05 83.75
N LEU VA 148 14.99 -40.30 86.13
CA LEU VA 148 15.13 -35.30 83.00
CA LEU VA 148 14.90 -41.66 85.60
C LEU VA 148 16.41 -35.40 82.16
C LEU VA 148 16.13 -42.00 84.77
N GLY VA 149 16.80 -34.30 81.51
N GLY VA 149 16.66 -41.01 84.05
CA GLY VA 149 18.11 -34.27 80.89
CA GLY VA 149 17.92 -41.22 83.35
C GLY VA 149 19.23 -34.69 81.84
C GLY VA 149 19.06 -41.50 84.29
N ASP VA 150 19.28 -34.07 83.01
N ASP VA 150 19.16 -40.73 85.38
CA ASP VA 150 20.36 -34.36 83.97
CA ASP VA 150 20.18 -40.96 86.39
C ASP VA 150 20.37 -35.82 84.37
C ASP VA 150 20.07 -42.38 86.96
N HIS VA 151 19.20 -36.41 84.61
N HIS VA 151 18.85 -42.80 87.32
CA HIS VA 151 19.17 -37.80 85.05
CA HIS VA 151 18.66 -44.14 87.87
C HIS VA 151 19.65 -38.74 83.95
C HIS VA 151 19.09 -45.21 86.88
N VAL VA 152 19.15 -38.57 82.73
N VAL VA 152 18.65 -45.10 85.62
CA VAL VA 152 19.62 -39.34 81.59
CA VAL VA 152 19.01 -46.08 84.61
C VAL VA 152 21.14 -39.22 81.47
C VAL VA 152 20.53 -46.17 84.47
N THR VA 153 21.66 -38.00 81.59
N THR VA 153 21.21 -45.03 84.49
CA THR VA 153 23.10 -37.80 81.53
CA THR VA 153 22.66 -45.00 84.42
C THR VA 153 23.80 -38.67 82.55
C THR VA 153 23.29 -45.79 85.58
N ASN VA 154 23.34 -38.61 83.81
N ASN VA 154 22.86 -45.53 86.81
CA ASN VA 154 24.04 -39.37 84.84
CA ASN VA 154 23.49 -46.20 87.94
C ASN VA 154 23.88 -40.87 84.61
C ASN VA 154 23.20 -47.70 87.92
N LEU VA 155 22.70 -41.31 84.19
N LEU VA 155 21.96 -48.09 87.59
CA LEU VA 155 22.45 -42.73 84.01
CA LEU VA 155 21.63 -49.51 87.53
C LEU VA 155 23.35 -43.32 82.92
C LEU VA 155 22.47 -50.23 86.48
N ARG VA 156 23.49 -42.63 81.78
N ARG VA 156 22.65 -49.60 85.31
CA ARG VA 156 24.38 -43.12 80.74
CA ARG VA 156 23.47 -50.22 84.27
C ARG VA 156 25.83 -43.04 81.21
C ARG VA 156 24.93 -50.33 84.72
N LYS VA 157 26.20 -41.93 81.84
N LYS VA 157 25.52 -49.25 85.24
CA LYS VA 157 27.60 -41.76 82.25
CA LYS VA 157 26.93 -49.29 85.63
C LYS VA 157 27.98 -42.76 83.33
C LYS VA 157 27.18 -50.29 86.75
N MET VA 158 27.00 -43.26 84.12
N MET VA 158 26.16 -50.64 87.53
CA MET VA 158 27.24 -44.32 85.09
CA MET VA 158 26.31 -51.58 88.64
C MET VA 158 27.36 -45.69 84.45
C MET VA 158 26.21 -53.05 88.21
N GLY VA 159 26.87 -45.85 83.22
N GLY VA 159 25.74 -53.35 87.01
CA GLY VA 159 27.02 -47.07 82.48
CA GLY VA 159 25.65 -54.73 86.55
C GLY VA 159 25.76 -47.83 82.27
C GLY VA 159 24.25 -55.26 86.35
N ALA VA 160 24.60 -47.21 82.47
N ALA VA 160 23.22 -54.43 86.48
CA ALA VA 160 23.30 -47.81 82.18
CA ALA VA 160 21.85 -54.85 86.32
C ALA VA 160 23.04 -47.80 80.67
C ALA VA 160 21.49 -55.02 84.85
N PRO VA 161 22.23 -48.76 80.16
N PRO VA 161 20.48 -55.85 84.52
CA PRO VA 161 21.58 -49.89 80.83
CA PRO VA 161 19.67 -56.66 85.44
C PRO VA 161 22.44 -51.15 80.81
C PRO VA 161 20.33 -57.98 85.84
N GLU VA 162 23.69 -51.02 80.36
N GLU VA 162 21.44 -58.31 85.19
CA GLU VA 162 24.62 -52.15 80.41
CA GLU VA 162 22.13 -59.58 85.45
C GLU VA 162 24.94 -52.57 81.83
C GLU VA 162 22.46 -59.74 86.92
N SER VA 163 24.72 -51.68 82.82
N SER VA 163 23.21 -58.79 87.46
CA SER VA 163 25.09 -51.95 84.20
CA SER VA 163 23.63 -58.84 88.86
C SER VA 163 23.85 -51.86 85.08
C SER VA 163 22.43 -58.56 89.76
N GLY VA 164 23.43 -53.00 85.62
N GLY VA 164 21.87 -59.63 90.34
CA GLY VA 164 22.37 -52.98 86.63
CA GLY VA 164 20.87 -59.42 91.37
C GLY VA 164 22.81 -52.28 87.90
C GLY VA 164 21.40 -58.63 92.56
N LEU VA 165 24.12 -52.25 88.17
N LEU VA 165 22.71 -58.68 92.79
CA LEU VA 165 24.64 -51.49 89.30
CA LEU VA 165 23.31 -57.87 93.84
C LEU VA 165 24.44 -49.99 89.10
C LEU VA 165 23.14 -56.37 93.55
N ALA VA 166 24.54 -49.50 87.85
N ALA VA 166 23.16 -55.98 92.27
CA ALA VA 166 24.27 -48.10 87.61
CA ALA VA 166 23.09 -54.57 91.92
C ALA VA 166 22.87 -47.71 88.10
C ALA VA 166 21.72 -53.99 92.23
N GLU VA 167 21.83 -48.41 87.60
N GLU VA 167 20.65 -54.67 91.79
CA GLU VA 167 20.46 -48.03 87.96
CA GLU VA 167 19.31 -54.15 92.03
C GLU VA 167 20.19 -48.21 89.45
C GLU VA 167 19.00 -54.11 93.53
N TYR VA 168 20.86 -49.16 90.11
N TYR VA 168 19.45 -55.11 94.29
CA TYR VA 168 20.66 -49.35 91.55
CA TYR VA 168 19.32 -55.06 95.75
C TYR VA 168 21.26 -48.21 92.36
C TYR VA 168 19.98 -53.83 96.34
N LEU VA 169 22.49 -47.79 92.04
N LEU VA 169 21.20 -53.48 95.88
CA LEU VA 169 23.12 -46.69 92.78
CA LEU VA 169 21.91 -52.38 96.50
C LEU VA 169 22.42 -45.36 92.50
C LEU VA 169 21.34 -51.03 96.07
N PHE VA 170 22.09 -45.09 91.24
N PHE VA 170 20.89 -50.93 94.81
CA PHE VA 170 21.37 -43.86 90.91
CA PHE VA 170 20.26 -49.71 94.33
C PHE VA 170 20.06 -43.79 91.65
C PHE VA 170 18.91 -49.49 94.99
N ASP VA 171 19.30 -44.89 91.66
N ASP VA 171 18.15 -50.58 95.21
CA ASP VA 171 18.05 -44.95 92.41
CA ASP VA 171 17.00 -50.52 96.10
C ASP VA 171 18.27 -44.63 93.88
C ASP VA 171 17.36 -49.91 97.46
N LYS VA 172 19.36 -45.12 94.48
N LYS VA 172 18.48 -50.35 98.05
CA LYS VA 172 19.65 -44.82 95.88
CA LYS VA 172 18.77 -49.92 99.42
C LYS VA 172 20.15 -43.39 96.07
C LYS VA 172 19.39 -48.53 99.47
N HIS VA 173 21.20 -43.00 95.32
N HIS VA 173 20.37 -48.25 98.63
CA HIS VA 173 21.90 -41.74 95.57
CA HIS VA 173 21.17 -47.06 98.82
C HIS VA 173 21.22 -40.54 94.93
C HIS VA 173 20.70 -45.87 98.01
N THR VA 174 20.56 -40.71 93.79
N THR VA 174 20.04 -46.10 96.88
CA THR VA 174 19.90 -39.59 93.13
CA THR VA 174 19.52 -44.98 96.11
C THR VA 174 18.41 -39.49 93.46
C THR VA 174 18.05 -44.71 96.43
N LEU VA 175 17.64 -40.57 93.27
N LEU VA 175 17.19 -45.73 96.35
CA LEU VA 175 16.19 -40.51 93.47
CA LEU VA 175 15.77 -45.53 96.54
C LEU VA 175 15.77 -40.80 94.92
C LEU VA 175 15.31 -45.60 98.00
N GLY VA 176 16.71 -41.08 95.81
N GLY VA 176 16.21 -45.79 98.96
CA GLY VA 176 16.38 -41.08 97.23
CA GLY VA 176 15.78 -45.95 100.34
C GLY VA 176 17.07 -39.96 97.99
C GLY VA 176 16.11 -44.82 101.30
N ASP VA 177 16.91 -38.71 97.53
N ASP VA 177 15.97 -43.57 100.85
CA ASP VA 177 17.68 -37.54 98.00
CA ASP VA 177 16.36 -42.38 101.61
C ASP VA 177 19.19 -37.75 97.80
C ASP VA 177 17.86 -42.36 101.87
ZN ZN WA . -33.13 -34.98 -5.80
ZN ZN XA . -29.04 -47.78 -27.07
ZN ZN YA . -14.17 -37.26 21.17
ZN ZN ZA . -31.72 -36.82 -3.10
NA NA AB . -23.20 -38.18 -21.57
ZN ZN BB . -24.39 -24.18 -34.35
ZN ZN CB . -39.35 2.52 -22.08
ZN ZN DB . -27.24 -22.15 -33.66
C02 V9D EB . -30.14 -50.23 -27.91
C02 V9D EB . -28.34 -49.57 -29.13
C05 V9D EB . -31.17 -51.31 -28.32
C05 V9D EB . -27.62 -50.32 -30.25
C06 V9D EB . -32.07 -50.97 -29.31
C06 V9D EB . -26.71 -49.65 -31.06
C07 V9D EB . -33.02 -51.88 -29.74
C07 V9D EB . -26.08 -50.33 -32.10
C08 V9D EB . -33.08 -53.13 -29.18
C08 V9D EB . -26.32 -51.66 -32.33
C09 V9D EB . -32.18 -53.50 -28.19
C09 V9D EB . -27.24 -52.35 -31.54
C10 V9D EB . -32.30 -54.93 -27.63
C10 V9D EB . -27.52 -53.85 -31.77
C14 V9D EB . -31.21 -52.58 -27.76
C14 V9D EB . -27.88 -51.67 -30.50
N03 V9D EB . -28.94 -50.04 -28.69
N03 V9D EB . -29.72 -49.89 -28.80
N11 V9D EB . -31.62 -55.34 -26.40
N11 V9D EB . -27.04 -54.77 -30.78
O01 V9D EB . -30.31 -49.52 -26.97
O01 V9D EB . -27.80 -48.70 -28.50
O04 V9D EB . -28.02 -49.05 -28.31
O04 V9D EB . -30.37 -49.20 -27.77
O12 V9D EB . -31.79 -56.66 -25.97
O12 V9D EB . -27.28 -56.14 -30.99
O13 V9D EB . -32.97 -55.73 -28.19
O13 V9D EB . -28.10 -54.33 -32.71
ZN ZN FB . -5.58 -44.41 -18.62
ZN ZN GB . 17.02 -25.30 -33.31
ZN ZN HB . -3.48 -43.61 -21.34
ZN ZN IB . -8.62 -9.47 -46.90
ZN ZN JB . -6.55 11.47 -60.68
ZN ZN KB . -5.63 -11.33 -47.23
NA NA LB . -5.34 9.17 -48.75
ZN ZN MB . -18.26 20.13 -40.30
ZN ZN NB . -21.31 18.27 -39.83
C02 V9D OB . -6.42 11.48 -63.38
C02 V9D OB . -5.88 13.63 -62.35
C05 V9D OB . -6.88 11.29 -64.84
C05 V9D OB . -5.33 14.94 -62.92
C06 V9D OB . -8.17 11.67 -65.17
C06 V9D OB . -5.26 16.07 -62.11
C07 V9D OB . -8.63 11.53 -66.47
C07 V9D OB . -4.79 17.27 -62.63
C08 V9D OB . -7.80 11.03 -67.45
C08 V9D OB . -4.41 17.36 -63.96
C09 V9D OB . -6.49 10.66 -67.14
C09 V9D OB . -4.48 16.24 -64.78
C10 V9D OB . -5.60 10.10 -68.26
C10 V9D OB . -4.03 16.37 -66.25
C14 V9D OB . -6.04 10.79 -65.83
C14 V9D OB . -4.95 15.04 -64.26
N03 V9D OB . -5.98 12.79 -62.95
N03 V9D OB . -6.91 12.91 -63.07
N11 V9D OB . -4.68 9.02 -68.00
N11 V9D OB . -2.62 16.46 -66.54
O01 V9D OB . -6.42 10.58 -62.59
O01 V9D OB . -5.51 13.19 -61.30
O04 V9D OB . -5.57 12.99 -61.63
O04 V9D OB . -7.41 11.72 -62.52
O12 V9D OB . -3.88 8.49 -69.02
O12 V9D OB . -2.26 16.59 -67.89
O13 V9D OB . -5.68 10.54 -69.38
O13 V9D OB . -4.77 16.42 -67.19
ZN ZN PB . 12.59 14.11 -44.73
ZN ZN QB . 14.22 37.49 -21.36
ZN ZN RB . 12.69 17.50 -43.76
ZN ZN SB . -39.47 28.27 -1.32
ZN ZN TB . -33.37 51.75 -7.95
ZN ZN UB . -40.74 26.62 -4.15
NA NA VB . -26.84 41.55 -6.35
ZN ZN WB . -14.44 45.88 7.31
ZN ZN XB . -16.89 25.48 33.12
ZN ZN YB . -15.70 44.93 10.60
C02 V9D ZB . -35.21 53.73 -8.56
C02 V9D ZB . -32.88 54.27 -9.16
C05 V9D ZB . -36.40 54.69 -8.43
C05 V9D ZB . -32.24 55.46 -9.88
C06 V9D ZB . -36.58 55.40 -7.24
C06 V9D ZB . -30.87 55.68 -9.78
C07 V9D ZB . -37.64 56.28 -7.09
C07 V9D ZB . -30.31 56.77 -10.43
C08 V9D ZB . -38.53 56.47 -8.13
C08 V9D ZB . -31.09 57.65 -11.14
C09 V9D ZB . -38.37 55.77 -9.32
C09 V9D ZB . -32.47 57.45 -11.24
C10 V9D ZB . -39.38 55.99 -10.45
C10 V9D ZB . -33.30 58.45 -12.05
C14 V9D ZB . -37.30 54.89 -9.47
C14 V9D ZB . -33.04 56.35 -10.61
N03 V9D ZB . -33.96 54.20 -9.10
N03 V9D ZB . -34.00 54.49 -8.24
N11 V9D ZB . -39.76 54.90 -11.34
N11 V9D ZB . -32.99 58.70 -13.44
O01 V9D ZB . -35.28 52.59 -8.22
O01 V9D ZB . -32.46 53.16 -9.26
O04 V9D ZB . -32.88 53.31 -9.21
O04 V9D ZB . -34.54 53.39 -7.58
O12 V9D ZB . -40.70 55.13 -12.36
O12 V9D ZB . -33.82 59.64 -14.09
O13 V9D ZB . -39.88 57.06 -10.61
O13 V9D ZB . -34.22 59.09 -11.60
ZN ZN AC . -18.77 38.29 -23.25
ZN ZN BC . -15.66 39.89 -23.39
ZN ZN CC . -32.65 -12.71 33.53
ZN ZN DC . -55.96 -7.42 25.74
ZN ZN EC . -31.94 -16.23 32.98
NA NA FC . -44.87 -5.96 20.82
ZN ZN GC . -43.24 12.81 17.85
ZN ZN HC . -41.61 14.45 20.67
C02 V9D IC . -58.50 -7.95 26.87
C02 V9D IC . -58.58 -7.42 24.72
C05 V9D IC . -59.62 -8.26 27.88
C05 V9D IC . -59.85 -7.17 23.87
C06 V9D IC . -60.10 -7.19 28.61
C06 V9D IC . -59.85 -6.23 22.85
C07 V9D IC . -61.10 -7.38 29.55
C07 V9D IC . -61.00 -6.01 22.11
C08 V9D IC . -61.61 -8.65 29.77
C08 V9D IC . -62.16 -6.73 22.38
C09 V9D IC . -61.14 -9.74 29.05
C09 V9D IC . -62.18 -7.66 23.41
C10 V9D IC . -61.77 -11.12 29.37
C10 V9D IC . -63.44 -8.48 23.73
C14 V9D IC . -60.13 -9.55 28.09
C14 V9D IC . -61.01 -7.88 24.14
N03 V9D IC . -58.77 -7.64 25.48
N03 V9D IC . -58.71 -8.01 26.04
N11 V9D IC . -61.07 -12.38 29.14
N11 V9D IC . -63.34 -9.91 23.60
O01 V9D IC . -57.36 -7.91 27.22
O01 V9D IC . -57.49 -7.14 24.32
O04 V9D IC . -57.68 -7.34 24.64
O04 V9D IC . -57.53 -8.23 26.79
O12 V9D IC . -61.76 -13.56 29.48
O12 V9D IC . -64.48 -10.67 23.88
O13 V9D IC . -62.86 -11.18 29.85
O13 V9D IC . -64.50 -8.04 24.07
ZN ZN JC . -45.55 -15.98 4.61
ZN ZN KC . -46.59 -14.01 1.80
ZN ZN LC . 9.71 -47.52 0.80
ZN ZN MC . 7.66 -47.88 3.58
NA NA NC . 26.87 -41.47 6.17
ZN ZN OC . 36.12 -31.59 -7.18
ZN ZN PC . 34.67 -32.35 -10.43
ZN ZN QC . 26.91 -32.86 23.24
ZN ZN RC . 33.54 -51.55 7.89
ZN ZN SC . 39.46 -2.27 21.93
ZN ZN TC . 29.68 -30.51 23.50
C02 V9D UC . 36.01 -52.15 9.10
C02 V9D UC . 34.79 -53.99 8.63
C05 V9D UC . 37.37 -52.07 9.82
C05 V9D UC . 35.28 -55.44 8.55
C06 V9D UC . 38.15 -50.93 9.72
C06 V9D UC . 36.01 -55.81 7.43
C07 V9D UC . 39.38 -50.86 10.35
C07 V9D UC . 36.49 -57.11 7.30
C08 V9D UC . 39.85 -51.94 11.10
C08 V9D UC . 36.23 -58.05 8.28
C09 V9D UC . 39.09 -53.09 11.21
C09 V9D UC . 35.50 -57.70 9.42
C10 V9D UC . 39.61 -54.28 12.04
C10 V9D UC . 35.25 -58.79 10.47
C14 V9D UC . 37.85 -53.15 10.57
C14 V9D UC . 35.03 -56.39 9.55
N03 V9D UC . 35.61 -53.38 8.44
N03 V9D UC . 35.64 -52.94 9.14
N11 V9D UC . 38.92 -54.56 13.27
N11 V9D UC . 34.18 -58.66 11.46
O01 V9D UC . 35.27 -51.21 9.04
O01 V9D UC . 33.71 -53.67 8.23
O04 V9D UC . 34.38 -53.43 7.77
O04 V9D UC . 35.15 -51.62 9.17
O12 V9D UC . 39.36 -55.64 14.04
O12 V9D UC . 33.98 -59.69 12.39
O13 V9D UC . 40.54 -54.98 11.76
O13 V9D UC . 35.92 -59.78 10.50
ZN ZN VC . 46.69 -9.17 -9.60
ZN ZN WC . 55.85 7.62 -25.89
ZN ZN XC . 47.64 -8.14 -6.36
NA NA YC . 44.64 6.03 -20.76
ZN ZN ZC . 33.11 3.41 -35.41
ZN ZN AD . 32.65 -0.08 -36.05
C02 V9D BD . 57.09 9.70 -27.35
C02 V9D BD . 58.50 7.88 -26.36
C05 V9D BD . 57.42 11.01 -28.06
C05 V9D BD . 59.91 7.50 -26.84
C06 V9D BD . 56.41 11.74 -28.67
C06 V9D BD . 60.04 6.74 -27.99
C07 V9D BD . 56.72 12.92 -29.32
C07 V9D BD . 61.29 6.38 -28.46
C08 V9D BD . 58.03 13.37 -29.39
C08 V9D BD . 62.43 6.82 -27.81
C09 V9D BD . 59.06 12.65 -28.80
C09 V9D BD . 62.32 7.59 -26.66
C10 V9D BD . 60.49 13.19 -28.88
C10 V9D BD . 63.60 8.05 -25.96
C14 V9D BD . 58.74 11.46 -28.13
C14 V9D BD . 61.05 7.95 -26.18
N03 V9D BD . 57.92 8.52 -27.58
N03 V9D BD . 57.89 9.08 -26.89
N11 V9D BD . 60.89 14.23 -27.96
N11 V9D BD . 63.65 8.18 -24.51
O01 V9D BD . 56.13 9.58 -26.66
O01 V9D BD . 57.89 7.20 -25.59
O04 V9D BD . 57.58 7.32 -26.93
O04 V9D BD . 56.59 9.44 -26.48
O12 V9D BD . 62.20 14.73 -28.07
O12 V9D BD . 64.84 8.59 -23.89
O13 V9D BD . 61.31 12.82 -29.68
O13 V9D BD . 64.57 8.31 -26.59
ZN ZN CD . 41.68 22.19 -11.28
ZN ZN DD . 40.11 24.42 -13.28
ZN ZN ED . 15.84 28.59 36.01
ZN ZN FD . 29.06 47.94 26.84
ZN ZN GD . 12.52 29.68 36.69
NA NA HD . 23.37 38.41 21.61
ZN ZN ID . 36.95 29.16 12.20
ZN ZN JD . 38.30 26.49 14.28
C02 V9D KD . 30.15 50.36 25.87
C02 V9D KD . 29.84 50.14 28.33
C05 V9D KD . 30.63 51.54 25.00
C05 V9D KD . 30.51 50.97 29.44
C06 V9D KD . 31.01 51.33 23.68
C06 V9D KD . 31.80 50.63 29.84
C07 V9D KD . 31.45 52.42 22.92
C07 V9D KD . 32.44 51.35 30.84
C08 V9D KD . 31.52 53.69 23.45
C08 V9D KD . 31.79 52.42 31.45
C09 V9D KD . 31.16 53.90 24.78
C09 V9D KD . 30.51 52.77 31.06
C10 V9D KD . 31.23 55.32 25.37
C10 V9D KD . 29.83 53.94 31.76
C14 V9D KD . 30.71 52.82 25.54
C14 V9D KD . 29.87 52.04 30.06
N03 V9D KD . 30.46 50.34 27.29
N03 V9D KD . 29.97 50.54 26.94
N11 V9D KD . 30.07 56.17 25.30
N11 V9D KD . 28.42 53.88 32.11
O01 V9D KD . 29.56 49.43 25.42
O01 V9D KD . 29.24 49.14 28.57
O04 V9D KD . 30.04 49.25 28.08
O04 V9D KD . 29.37 49.76 25.93
O12 V9D KD . 30.18 57.45 25.85
O12 V9D KD . 27.83 54.96 32.76
O13 V9D KD . 32.20 55.76 25.89
O13 V9D KD . 30.46 54.91 32.05
ZN ZN LD . 10.34 46.34 10.25
ZN ZN MD . 11.72 46.86 7.06
ZN ZN ND . 10.20 -25.23 40.07
ZN ZN OD . 7.40 -27.26 39.56
NA NA PD . 5.39 -9.02 48.51
ZN ZN QD . 17.20 5.44 45.03
ZN ZN RD . 20.42 4.16 43.97
ZN ZN SD . -12.99 -4.48 46.48
ZN ZN TD . 6.57 -11.21 60.67
ZN ZN UD . -13.41 -0.88 46.70
C02 V9D VD . 5.61 -9.93 62.98
C02 V9D VD . 6.65 -11.88 63.41
C05 V9D VD . 5.09 -8.92 64.01
C05 V9D VD . 6.98 -12.54 64.75
C06 V9D VD . 5.09 -7.56 63.72
C06 V9D VD . 8.19 -12.20 65.32
C07 V9D VD . 4.64 -6.66 64.67
C07 V9D VD . 8.60 -12.74 66.53
C08 V9D VD . 4.18 -7.09 65.91
C08 V9D VD . 7.77 -13.65 67.18
C09 V9D VD . 4.17 -8.44 66.21
C09 V9D VD . 6.54 -14.01 66.64
C10 V9D VD . 3.66 -8.95 67.58
C10 V9D VD . 5.70 -15.02 67.45
C14 V9D VD . 4.63 -9.35 65.26
C14 V9D VD . 6.14 -13.45 65.42
N03 V9D VD . 5.98 -11.27 63.41
N03 V9D VD . 5.87 -10.64 63.34
N11 V9D VD . 2.50 -9.80 67.57
N11 V9D VD . 4.66 -15.84 66.84
O01 V9D VD . 5.71 -9.67 61.82
O01 V9D VD . 7.03 -12.35 62.38
O04 V9D VD . 6.46 -12.20 62.46
O04 V9D VD . 5.61 -10.07 62.08
O12 V9D VD . 2.05 -10.24 68.81
O12 V9D VD . 3.98 -16.73 67.69
O13 V9D VD . 4.12 -8.70 68.65
O13 V9D VD . 5.90 -15.17 68.61
ZN ZN WD . -51.08 -59.59 -44.84
ZN ZN WD . -46.34 -58.95 -49.86
ZN ZN XD . -33.21 -57.52 -27.20
ZN ZN XD . -28.44 -56.45 -32.63
ZN ZN YD . -49.69 -58.65 -47.79
ZN ZN YD . -44.70 -58.42 -53.09
NA NA ZD . -38.25 -67.14 -33.17
NA NA ZD . -33.90 -65.74 -37.01
ZN ZN AE . -45.60 -78.12 -19.58
ZN ZN AE . -42.21 -74.74 -22.59
ZN ZN BE . -48.87 -77.22 -18.82
ZN ZN BE . -45.41 -73.54 -22.09
ZN ZN CE . -23.48 -75.30 -42.32
ZN ZN CE . -20.10 -76.33 -45.49
ZN ZN DE . -22.03 -77.69 -40.36
ZN ZN DE . -18.96 -78.73 -43.12
ZN ZN EE . -23.92 15.81 -85.59
ZN ZN EE . -22.82 22.55 -84.33
ZN ZN FE . -4.45 9.53 -70.68
ZN ZN FE . -3.92 16.62 -69.11
ZN ZN GE . -29.02 45.84 -97.58
ZN ZN GE . -25.63 51.59 -99.97
ZN ZN HE . -24.55 19.16 -85.01
ZN ZN HE . -23.14 26.15 -84.23
NA NA IE . -5.47 12.13 -82.87
NA NA IE . -4.57 18.07 -80.95
ZN ZN JE . 0.86 -3.23 -91.69
ZN ZN JE . 0.24 1.01 -88.13
ZN ZN KE . -21.73 -15.84 -112.23
ZN ZN KE . -23.40 -12.08 -107.06
ZN ZN LE . -1.71 -5.42 -92.28
ZN ZN LE . -2.63 -0.96 -88.63
ZN ZN ME . 5.89 27.53 -85.10
ZN ZN ME . 7.51 31.89 -85.30
ZN ZN NE . 29.56 22.08 -107.41
ZN ZN NE . 30.74 22.26 -106.77
ZN ZN OE . 8.88 26.39 -86.05
ZN ZN OE . 10.66 30.44 -85.97
ZN ZN PE . -48.71 75.83 3.02
ZN ZN PE . -42.85 79.32 1.75
ZN ZN QE . -41.38 57.05 -12.09
ZN ZN QE . -35.07 60.64 -12.78
ZN ZN RE . -45.93 77.96 3.50
ZN ZN RE . -40.19 81.97 1.83
NA NA SE . -47.67 67.35 -14.08
NA NA SE . -42.13 69.98 -14.86
ZN ZN TE . -64.35 61.93 -21.03
ZN ZN TE . -58.84 62.44 -19.89
ZN ZN UE . -66.71 61.39 -18.38
ZN ZN UE . -60.87 62.10 -16.95
ZN ZN VE . -36.93 77.22 -26.66
ZN ZN VE . -33.74 79.91 -28.62
ZN ZN WE . -38.24 76.39 -29.83
ZN ZN WE . -34.87 78.81 -31.59
ZN ZN XE . -78.71 1.69 44.20
ZN ZN XE . -81.18 4.69 38.40
ZN ZN YE . -63.51 -13.05 30.47
ZN ZN YE . -65.95 -9.53 24.62
ZN ZN ZE . -79.95 4.08 42.02
ZN ZN ZE . -82.90 7.04 36.08
NA NA AF . -74.96 -14.36 34.82
NA NA AF . -76.24 -11.52 29.67
ZN ZN BF . -74.62 -29.84 45.83
ZN ZN BF . -73.84 -26.08 41.54
ZN ZN CF . -73.77 -28.99 49.04
ZN ZN CF . -72.96 -24.93 44.84
ZN ZN DF . -85.74 -16.63 18.98
ZN ZN DF . -88.32 -15.77 15.10
ZN ZN EF . -86.06 -19.97 18.31
ZN ZN EF . -88.50 -19.42 14.59
ZN ZN FF . 58.30 -63.14 29.85
ZN ZN FF . 54.71 -65.07 27.52
ZN ZN GF . 40.81 -56.66 13.11
ZN ZN GF . 35.23 -61.21 11.82
ZN ZN HF . 56.75 -63.99 33.06
ZN ZN HF . 53.32 -65.90 30.59
NA NA IF . 46.61 -66.60 14.85
NA NA IF . 42.68 -70.90 13.84
ZN ZN JF . 56.32 -70.05 -1.12
ZN ZN JF . 51.08 -74.38 -2.79
ZN ZN KF . 59.55 -68.37 -1.06
ZN ZN KF . 54.03 -72.41 -3.14
ZN ZN LF . 33.62 -79.91 18.85
ZN ZN LF . 31.06 -84.87 19.56
ZN ZN MF . 32.58 -81.51 15.88
ZN ZN MF . 29.74 -86.60 16.90
ZN ZN NF . 76.84 33.70 -36.06
ZN ZN NF . 77.43 29.50 -34.14
ZN ZN OF . 78.00 35.05 -33.27
ZN ZN OF . 78.97 31.01 -31.50
NA NA PF . 74.27 15.18 -33.70
NA NA PF . 77.33 10.68 -30.49
ZN ZN QF . 74.82 5.13 -49.93
ZN ZN QF . 77.47 -0.16 -46.18
ZN ZN RF . 63.25 13.72 -29.57
ZN ZN RF . 66.23 8.63 -25.39
ZN ZN SF . 73.94 7.32 -52.89
ZN ZN SF . 76.14 1.71 -49.00
ZN ZN TF . 85.38 7.66 -20.07
ZN ZN TF . 89.85 5.44 -17.39
ZN ZN UF . 86.01 4.13 -20.70
ZN ZN UF . 90.60 2.12 -17.82
ZN ZN VF . 35.58 81.69 20.53
ZN ZN VF . 34.61 79.13 24.32
ZN ZN WF . 32.57 83.47 21.06
ZN ZN WF . 31.80 81.11 24.71
NA NA XF . 36.90 66.98 32.40
NA NA XF . 34.85 65.94 38.22
ZN ZN YF . 54.91 61.88 36.15
ZN ZN YF . 52.56 59.89 42.45
ZN ZN ZF . 32.05 57.70 26.71
ZN ZN ZF . 29.36 56.17 33.31
ZN ZN AG . 57.07 63.08 33.41
ZN ZN AG . 54.75 60.28 39.64
ZN ZN BG . 26.32 69.02 48.18
ZN ZN BG . 24.61 70.58 53.35
ZN ZN CG . 27.64 67.17 50.92
ZN ZN CG . 25.77 68.96 56.09
ZN ZN DG . -9.91 -2.55 90.47
ZN ZN DG . -7.56 -6.38 88.95
ZN ZN EG . 3.31 -9.75 70.34
ZN ZN EG . 4.96 -16.77 69.51
ZN ZN FG . -29.50 -22.27 107.61
ZN ZN FG . -30.76 -22.30 106.86
ZN ZN GG . -13.07 -4.65 90.84
ZN ZN GG . -10.48 -8.11 89.20
NA NA HG . 4.21 -12.38 81.82
NA NA HG . 5.75 -18.22 81.74
ZN ZN IG . 21.48 -6.50 87.13
ZN ZN IG . 23.46 -13.08 86.16
ZN ZN JG . 20.76 15.86 111.65
ZN ZN JG . 24.46 12.02 107.63
ZN ZN KG . 21.44 -2.89 88.17
ZN ZN KG . 23.70 -9.64 86.73
ZN ZN LG . 1.89 -31.15 83.03
ZN ZN LG . 1.97 -36.54 84.91
ZN ZN MG . 27.75 -46.04 96.85
ZN ZN MG . 26.92 -51.69 100.85
ZN ZN NG . 5.06 -32.91 82.81
ZN ZN NG . 4.84 -38.32 84.80
#